data_8VK4
#
_entry.id   8VK4
#
_cell.length_a   1.00
_cell.length_b   1.00
_cell.length_c   1.00
_cell.angle_alpha   90.00
_cell.angle_beta   90.00
_cell.angle_gamma   90.00
#
_symmetry.space_group_name_H-M   'P 1'
#
loop_
_entity.id
_entity.type
_entity.pdbx_description
1 polymer 'Peptidyl-prolyl cis-trans isomerase FKBP1A'
2 polymer 'Protein S100A1'
3 polymer 'Ryanodine receptor 1'
4 non-polymer 'CALCIUM ION'
5 non-polymer 'ZINC ION'
6 non-polymer CAFFEINE
7 non-polymer "ADENOSINE-5'-TRIPHOSPHATE"
8 non-polymer 1,2-DIOLEOYL-SN-GLYCERO-3-PHOSPHOCHOLINE
#
loop_
_entity_poly.entity_id
_entity_poly.type
_entity_poly.pdbx_seq_one_letter_code
_entity_poly.pdbx_strand_id
1 'polypeptide(L)'
;MGVQVETISPGDGRTFPKRGQTCVVHYTGMLEDGKKFDSSRDRNKPFKFTLGKQEVIRGWEEGVAQMSVGQRAKLIISSD
YAYGATGHPGIIPPHATLVFDVELLKLE
;
E,F,G,H
2 'polypeptide(L)'
;MGSELESAMETLINVFHAHSGKEGDKYKLSKKELKDLLQTELSGFLDVQKDADAVDKVMKELDENGDGEVDFKEYVVLVA
ALTVACNNFFWETS
;
I,J,K,L,N,M,O,P
3 'polypeptide(L)'
;MGDGGGEGEDEVQFLRTDDEVVLQCSATVLKEQLKLCLAAEGFGNRLCFLEPTSNAQNVPPDLAICCFILEQSLSVRALQ
EMLANTVEAGVESSQGGGHRTLLYGHAILLRHAHSRMYLSCLTTSRSMTDKLAFDVGLQEDATGEACWWTMHPASKQRSE
GEKVRVGDDLILVSVSSERYLHLSTASGELQVDASFMQTLWNMNPICSGCEEGFVTGGHVLRLFHGHMDECLTISPSDSD
DQRRLVYYEGGPVCTHARSLWRLEPLRISWSGSHLRWGQPLRIRHVTTGRYLGLTEDQGLVVVDASKAHTKATSFCFRIS
KEKLDVAPKRDVEGMGPPEIKYGESLCFVQHVASGLWLTYAAPDPKALRLGVLKKKAMLHQEGHMDDALSLTRCQQEESQ
AARMIYSTAGLYNQFIKGLDSFSGKPRGSGPPAGSALPIEGVILSLQDLIGYFEPPSEELQHEEKQTKLRSLRNRQSLFQ
EEGMLSLVLNCIDRLNVYTTAAHFAEFAGEEAAESWKEIVNLLYELLASLIRGNRTNCALFSTNLDWLVSKLDRLEASSG
ILEVLYCVLIESPEVLNIIQENHIKSIISLLDKHGRNHKVLDVLCSLCVCNGVAVRSNQDLITENLLPGRELLLQTNLIN
YVTSIRPNIFVGRAEGSTQYGKWYFEVMVDEVAPFLTAQATHLRVGWALSEGYSPYPGGGEGWGGNGVGDDLYSYGFDGL
HLWTGHVARPVTSPGQHLLAPEDVVSCCLDLSVPSISFRINGCPVQGVFESFNLDGLFFPVVSFSAGIKVRFLLGGRHGE
FKFLPPPGYAPCHEAVLPRERLHLQPIKEYRREGPRGPHLVGPSRCLSHLDFVPCPVDTIQIVLPPHLERIREKLAENIH
ELWALTRIEQGWTYGPVRDDNKRLHPCLVNFHSLPEPERNYNLQMSGETLKTLLALGCHVGMADEKAEDNLKKTKLPKTY
MMSNGYKPAPLDLSHVRLTPAQTTLVDRLAENGHNVWARDRVAQGWSYSAVQDIPARRNPRLVPYRLLDEATKRSNRDSL
CQAVRTLLGYGYNIEPPDQEPSQVDSQSRGDRARIFRAEKSYAVQSGRWYFEFEAVTTGEMRVGWARPELRPDVELGADD
LAYVFNGHRGQRWHLGSEPFGRPWQSGDVVGCMIDLTENTIIFTLNGEVLMSDSGSETAFRDIEIGDGFLPVCSLGPGQV
GHLNLGQDVSSLRFFAICGLQEGFEPFAINMQRPVTTWFSKSLPQFEPVPLEHPHYEVARMDGTVDTPPCLRLTHRTWGS
QNSLVEMLFLRLSLPVQFHQHFRCTAGATPLASPGLQPPAEDEARAAEPDTDYENLRRSAGGWGEAEGGKDGTAKEGTPG
GTAQAGVEAQPARAENEKDATTEKNKKRGFLFKAKKVAMMTQPPSTPALPRLPRDVVPADNRDDPEIILNTTTYYYSVRV
FAGQEPSCVWVGWVTPDYHQHDMSFDLSKVRAVTVTMGDEQGNVHSSLKCSNCYMVWGGDFVSPGQQGRISHTDLVIGCL
VDLATGLMTFTANGKESNTFFQVEPNTKLFPAVFVLPTHQNVVQFELGKQKNIMPLSAAMFLSERKNPAPQCPPRLEVQM
LMPVSWSRMPNHFLQVDTRRAGERLGWAVQCQEPLMMMALHIPEENRCMDILELSERLDLQRFHSHTLSLYRSVCALGNN
RVAHALCSHVDQAQLLHALEDARLPGPLRAGYYDLLISIHLESACRSRRSMLSEYIVPLTPETRAITLFPPGRSAEDGPR
RHGLPGVGVTTSLRPPHHFSPPCFVVALPAAGATEAPARLSPAIPLEALRDKALRMLGEAVRDGGQHARDPVGGSVEFQF
VPVLKLVSTLLVMGVFSDEDVKQILKMIEPEVFREEEEVEEEGEEEEEDEEEKEEDEEEEAHEKEDEEKEEAEDAAEEEK
EELEEGLLQMKLPESVKLQMCHLLEYFCDQELQHRVESLAAFAECYVDKMQGNQRGRYGLLMKAFTMSAAETARRTREFR
SPPQEQINMLLHFKNGADEEECPLPEEIRQELVNFHQDLLAHCGIQLEGEEEEPEEESTLGSRLMSLLEKVKLVKKTEEK
PEEEPAPEEHKPQSLQELVSHTVVRWAQEDFVQSPELVRAMFSLLHRQYDGLGELLRALPRAYTISVSSVEDTMSLLECL
GQIRSLLIVQMGPQEENLMIQSIGNIMNNKVFYQHPNLMRALGMHETVMEVMVNVLGGGESKEIRFPKMVTSCCRFLCYF
CRISRQNQRSMFDHLSYLLENSGIGLGMQGSTPLDVAAASVIDNNELALALQEQDLEKVVSYLAGCGLQSCPMLLAKGYP
DIGWNPCGGERYLDFLRFAVFVNGESVEENANVVVRLLIRKPECFGPALRGEGGSGLLAAIEEAIRISEDPARDGPGVRR
DRRREHFGEEPPEENRVHLGHAIMSFYAALIDLLGRCAPETHLIQAGKGEALRIRAILRSLVPLDDLVGIISLPLQIPTL
GKDGALVQPKMSASFVPDHKASMVLFLDRVYGIENQDFLLHVLDVGFLPDMRAAASLDTATFSTTEMALALNRYLCLAVL
PLITKCAPLFAGTEHRAIMVDSMLHTVYRLSRGRSLTKAQRDVIEDCLMALCRYIRPSMLQHLLRRLVFDVPILNEFAKM
PLKLLTNHYERCWKYYCLPTGWANFGVTSEEELHLTRKLFWGIFDSLAHKKYDQELYRIAMPCLCAIAGALPPDYVDASY
SSKTEKKATVDAEGNFDPRPVETLNVIIPEKLDSFINKFAEYTHEKWAFDKIQNNWSYGENIDEELKTHPMLRPYKTFSE
KDKEIYRWPIKESLKAMIAWEWTVEKAREGEEEKTEKKKTRKISQTAQTYDPREGYNPQPPDLSVVTLSRELQAMAEQLA
ENYHNTWGRKKKQELEAKGGGSHPLLVPYDTLTAKEKARDREKAQELLKFLQMNGYAVTRGLKDMELDTSSIEKRFAFGF
LQQLLRWMDISQEFIAHLEAVVSSGRVEKSPHEQEIKFFAKILLPLINQYFTNHCLYFLSTPAKVLGSGGHASNKEKEMI
TSLFCKLAALVRHRVSLFGTDAPAVVNCLHILARSLDARTVMKSGPEIVKAGLRSFFESASEDIEKMVENLRLGKVSQAR
TQVKGVGQNLTYTTVALLPVLTTLFQHIAQHQFGDDVILDDVQVSCYRTLCSIYSLGTTRNPYVEKLRPALGECLARLAA
AMPVAFLEPELNEYNACSVYTTKSPRERAILGLPNSVEEMCPDIPVLERLMAEIGGLAESGARYTEMPHVIEITLPMLCS
YLPRWWERGPEAPPPALPAGAPPPCTAVTSDHLNSLLGNILRIIVNNLGIDEASWMKRLAVFAQPIVSRARPELLRSHFI
PTIGRLRKRAGKVVAEEEQLRLEAKAEAEEGELLVRDEFSVLCRDLYALYPLLIRYVDNNRAHWLTEPNPNAEELFRMVG
EIFIYWSKSHNFKREEQNFVVQNEINNMSFLTADNKSKMAKAGDVQSGGSDQERTKKKRRGDRYSVQTSLIVATLKKMLP
IGLNMCAPTDQDLIVLAKARYALKDTDEEVREFLQNNLNLQGKVEGSPSLRWQMALYRGVPGREEDADDPEKIVRRVQEV
SAVLYHLDQTEHPYKSKKAVWHKLLSKQRRRAVVACFRMTPLYNLPTHRACNMFLESYKASWILTEDHSFEDRMIDDLSK
AGEQEEEEEEVEEKKPDPLHQLVLHFSRTALTEKSKLDEDYLYMAYADIMAKSCHLEEGGENGEEGGEEEEVEVSFEEKE
MEKQRLLYQQSRLHNRGAAEMVLQMISACKGETGAMVSSTLKLGISILNGGNAEVQQKMLDYLKDKKEVGFFQSIQALMQ
TCSVLDLNAFERQNKAEGLGMVNEDGTVINRQNGEKVMADDEFTQDLFRFLQLLCEGHNNDFQNYLRTQTGNTTTINIII
CTVDYLLRLQESISDFYWYYSGKDVIEEQGKRNFSKAMSVAKQVFNSLTEYIQGPCTGNQQSLAHSRLWDAVVGFLHVFA
HMMMKLAQDSSQIELLKELLDLQKDMVVMLLSLLEGNVVNGMIARQMVDMLVESSSNVEMILKFFDMFLKLKDIVGSEAF
QDYVTDPRGLISKKDFQKAMDSQKQFTGPEIQFLLSCSEADENEMINCEEFANRFQEPARDIGFNVAVLLTNLSEHVPHD
PRLRNFLELAESILEYFRPYLGRIEIMGASRRIERIYFEISETNRAQWEMPQVKESKRQFIFDVVNEGGESEKMEMFVSF
CEDTIFEMQIAAQISEPEGEPEEDEDEGAEEAEEGAAGSDGSGSAAAAGVWVWLAATAGRTLRGLSYRSLRRRVRRLRRL
TAREAATAVAALLWALVTRAGGAGAGAAAGALRLLWGSLFGGGLVDSAKKVTVTELLAGMPDPTGDEVHGQQPSGAGSDA
EGEGEGEGEGDAADGAGDEEAAADQAGTGGADGAVAVADGSPFRPEGAGGLGDMGDTTPVEPPTPEGSPILKRKLGVDGE
EEEPPPEPEPEPEPEPEKADTENGEKEVPEPPPEPPKKTPPPPPPKKEEAGGAGLEEFWGELEVQRVKFLNYLSRNFYTL
RFLALFLAFAINFILLFYKVSDSPPGEDDIEGSGAGDMSGAGSGDGSGWGSRAGEEVEGDEDENMVYYFLEESTGYMEPA
LRCLSLLHTLVAFLCIIGYNCLKVPLVIFKREKELARKLEFDGLYITEQPEDDDVKGQWDRLVLNTPSFPSNYWDKFVKR
KVLDKHGDIFGRERIAELLGMDLASLEITAHNERKPDPPPGLLTWIMSIDVKYQIWKFGVIFTDNSFLYLGWYMVMSLLG
HYNNFFFAAHLLDIAMGVKTLRTILSSVTHNGKQLVMTVGLLAVVVYLYTVVAFNFFRKFYNKSEDEDEPDMKCDDMMTC
YLFHMYVGVRAGGGIGDEIEDPAGDEYELYRVVFDITFFFFVIVILLAIIQGLIIDAFGELRDQQEQVKEDMETKCFICG
IGSDYFDTTPHGFETHTLEEHNLANYMFFLMYLINKDETEHTGQESYVWKMYQERCWDFFPAGDCFRKQYEDQLS
;
D,A,B,C
#
loop_
_chem_comp.id
_chem_comp.type
_chem_comp.name
_chem_comp.formula
ATP non-polymer ADENOSINE-5'-TRIPHOSPHATE 'C10 H16 N5 O13 P3'
CA non-polymer 'CALCIUM ION' 'Ca 2'
CFF non-polymer CAFFEINE 'C8 H10 N4 O2'
PCW non-polymer 1,2-DIOLEOYL-SN-GLYCERO-3-PHOSPHOCHOLINE 'C44 H85 N O8 P 1'
ZN non-polymer 'ZINC ION' 'Zn 2'
#
# COMPACT_ATOMS: atom_id res chain seq x y z
CA GLY A 2 -22.05 -105.17 67.19
C GLY A 2 -23.14 -104.36 67.87
N VAL A 3 -24.37 -104.85 67.81
CA VAL A 3 -25.52 -104.18 68.39
C VAL A 3 -25.79 -104.77 69.77
N GLN A 4 -25.88 -103.90 70.77
CA GLN A 4 -26.15 -104.30 72.14
C GLN A 4 -27.45 -103.67 72.59
N VAL A 5 -28.30 -104.46 73.23
CA VAL A 5 -29.64 -104.03 73.65
C VAL A 5 -29.70 -104.07 75.17
N GLU A 6 -30.03 -102.93 75.77
CA GLU A 6 -30.30 -102.84 77.20
C GLU A 6 -31.75 -102.47 77.39
N THR A 7 -32.40 -103.07 78.38
CA THR A 7 -33.84 -102.89 78.59
C THR A 7 -34.08 -101.72 79.53
N ILE A 8 -34.48 -100.57 78.97
CA ILE A 8 -34.85 -99.44 79.81
C ILE A 8 -36.17 -99.71 80.51
N SER A 9 -37.16 -100.26 79.80
CA SER A 9 -38.43 -100.62 80.37
C SER A 9 -38.84 -102.00 79.88
N PRO A 10 -39.44 -102.82 80.73
CA PRO A 10 -39.85 -104.16 80.29
C PRO A 10 -41.04 -104.10 79.34
N GLY A 11 -41.10 -105.13 78.48
CA GLY A 11 -42.25 -105.31 77.61
C GLY A 11 -43.06 -106.52 78.03
N ASP A 12 -44.01 -106.89 77.18
CA ASP A 12 -44.79 -108.09 77.46
C ASP A 12 -43.89 -109.32 77.48
N GLY A 13 -42.88 -109.36 76.61
CA GLY A 13 -41.93 -110.43 76.58
C GLY A 13 -42.34 -111.64 75.77
N ARG A 14 -43.57 -111.65 75.24
CA ARG A 14 -44.08 -112.78 74.49
C ARG A 14 -44.11 -112.53 72.98
N THR A 15 -44.38 -111.31 72.55
CA THR A 15 -44.51 -110.98 71.14
C THR A 15 -43.20 -110.39 70.64
N PHE A 16 -42.57 -111.06 69.68
CA PHE A 16 -41.34 -110.60 69.08
C PHE A 16 -41.59 -110.29 67.61
N PRO A 17 -40.88 -109.33 67.03
CA PRO A 17 -41.02 -109.10 65.59
C PRO A 17 -40.61 -110.32 64.78
N LYS A 18 -41.32 -110.54 63.68
CA LYS A 18 -41.06 -111.64 62.76
C LYS A 18 -40.82 -111.07 61.37
N ARG A 19 -40.04 -111.77 60.57
CA ARG A 19 -39.67 -111.27 59.24
C ARG A 19 -40.91 -110.92 58.45
N GLY A 20 -40.87 -109.76 57.79
CA GLY A 20 -42.00 -109.30 57.02
C GLY A 20 -43.11 -108.68 57.83
N GLN A 21 -42.80 -108.10 58.99
CA GLN A 21 -43.78 -107.43 59.82
C GLN A 21 -43.41 -105.96 59.94
N THR A 22 -44.42 -105.09 60.02
CA THR A 22 -44.16 -103.68 60.24
C THR A 22 -43.98 -103.42 61.72
N CYS A 23 -42.92 -102.69 62.07
CA CYS A 23 -42.58 -102.41 63.46
C CYS A 23 -42.69 -100.90 63.68
N VAL A 24 -43.72 -100.48 64.41
CA VAL A 24 -43.90 -99.08 64.74
C VAL A 24 -43.04 -98.76 65.95
N VAL A 25 -42.13 -97.81 65.82
CA VAL A 25 -41.17 -97.48 66.87
C VAL A 25 -41.05 -95.97 66.97
N HIS A 26 -40.81 -95.49 68.19
CA HIS A 26 -40.35 -94.13 68.42
C HIS A 26 -38.88 -94.21 68.84
N TYR A 27 -38.02 -93.51 68.09
CA TYR A 27 -36.59 -93.57 68.35
C TYR A 27 -36.02 -92.18 68.56
N THR A 28 -35.11 -92.10 69.51
CA THR A 28 -34.33 -90.89 69.77
C THR A 28 -32.86 -91.24 69.56
N GLY A 29 -32.23 -90.60 68.58
CA GLY A 29 -30.90 -90.98 68.13
C GLY A 29 -29.85 -90.03 68.67
N MET A 30 -28.77 -90.61 69.20
CA MET A 30 -27.67 -89.85 69.76
C MET A 30 -26.36 -90.49 69.33
N LEU A 31 -25.32 -89.67 69.27
CA LEU A 31 -23.98 -90.18 69.00
C LEU A 31 -23.36 -90.71 70.28
N GLU A 32 -22.24 -91.41 70.13
CA GLU A 32 -21.51 -91.89 71.30
C GLU A 32 -21.07 -90.75 72.20
N ASP A 33 -20.98 -89.54 71.67
CA ASP A 33 -20.58 -88.38 72.45
C ASP A 33 -21.72 -87.80 73.28
N GLY A 34 -22.96 -88.24 73.02
CA GLY A 34 -24.13 -87.69 73.67
C GLY A 34 -24.90 -86.69 72.83
N LYS A 35 -24.37 -86.28 71.69
CA LYS A 35 -25.08 -85.35 70.82
C LYS A 35 -26.26 -86.04 70.16
N LYS A 36 -27.42 -85.40 70.19
CA LYS A 36 -28.60 -85.93 69.54
C LYS A 36 -28.63 -85.48 68.09
N PHE A 37 -28.88 -86.42 67.17
CA PHE A 37 -28.95 -86.07 65.75
C PHE A 37 -30.33 -86.32 65.16
N ASP A 38 -31.05 -87.35 65.62
CA ASP A 38 -32.38 -87.65 65.10
C ASP A 38 -33.28 -88.07 66.24
N SER A 39 -34.57 -87.75 66.11
CA SER A 39 -35.56 -88.10 67.11
C SER A 39 -36.94 -88.05 66.48
N SER A 40 -37.57 -89.21 66.33
CA SER A 40 -38.90 -89.27 65.71
C SER A 40 -39.96 -88.60 66.55
N ARG A 41 -39.75 -88.47 67.86
CA ARG A 41 -40.77 -87.85 68.70
C ARG A 41 -40.92 -86.36 68.39
N ASP A 42 -39.83 -85.68 68.06
CA ASP A 42 -39.95 -84.30 67.62
C ASP A 42 -40.80 -84.21 66.37
N ARG A 43 -40.60 -85.10 65.41
CA ARG A 43 -41.49 -85.17 64.26
C ARG A 43 -42.91 -85.53 64.68
N ASN A 44 -43.05 -86.18 65.83
CA ASN A 44 -44.32 -86.54 66.46
C ASN A 44 -45.05 -87.60 65.65
N LYS A 45 -44.40 -88.25 64.69
CA LYS A 45 -45.00 -89.33 63.93
C LYS A 45 -44.17 -90.59 64.09
N PRO A 46 -44.74 -91.70 64.55
CA PRO A 46 -43.92 -92.90 64.78
C PRO A 46 -43.31 -93.40 63.47
N PHE A 47 -42.10 -93.93 63.55
CA PHE A 47 -41.44 -94.49 62.38
C PHE A 47 -41.78 -95.97 62.24
N LYS A 48 -42.28 -96.35 61.08
CA LYS A 48 -42.66 -97.72 60.80
C LYS A 48 -41.82 -98.26 59.66
N PHE A 49 -41.21 -99.42 59.88
CA PHE A 49 -40.40 -100.09 58.87
C PHE A 49 -40.73 -101.57 58.86
N THR A 50 -40.62 -102.17 57.69
CA THR A 50 -40.87 -103.60 57.53
C THR A 50 -39.57 -104.37 57.76
N LEU A 51 -39.63 -105.35 58.65
CA LEU A 51 -38.44 -106.06 59.07
C LEU A 51 -37.87 -106.89 57.93
N GLY A 52 -36.54 -106.90 57.84
CA GLY A 52 -35.85 -107.76 56.90
C GLY A 52 -35.81 -107.23 55.48
N LYS A 53 -36.31 -106.03 55.26
CA LYS A 53 -36.32 -105.42 53.93
C LYS A 53 -35.18 -104.42 53.75
N GLN A 54 -34.22 -104.38 54.67
CA GLN A 54 -33.07 -103.49 54.57
C GLN A 54 -33.51 -102.02 54.51
N GLU A 55 -34.71 -101.73 55.00
CA GLU A 55 -35.15 -100.34 55.10
C GLU A 55 -34.27 -99.58 56.07
N VAL A 56 -33.93 -100.19 57.20
CA VAL A 56 -33.09 -99.59 58.22
C VAL A 56 -31.75 -100.30 58.20
N ILE A 57 -30.78 -99.79 58.98
CA ILE A 57 -29.47 -100.40 58.99
C ILE A 57 -29.49 -101.68 59.82
N ARG A 58 -28.44 -102.49 59.64
CA ARG A 58 -28.41 -103.82 60.24
C ARG A 58 -28.53 -103.74 61.76
N GLY A 59 -28.02 -102.66 62.35
CA GLY A 59 -28.17 -102.50 63.79
C GLY A 59 -29.61 -102.46 64.22
N TRP A 60 -30.42 -101.62 63.57
CA TRP A 60 -31.86 -101.65 63.80
C TRP A 60 -32.45 -103.01 63.51
N GLU A 61 -32.11 -103.60 62.36
CA GLU A 61 -32.66 -104.91 62.05
C GLU A 61 -32.54 -105.83 63.25
N GLU A 62 -31.30 -106.11 63.68
CA GLU A 62 -31.08 -107.08 64.74
C GLU A 62 -31.65 -106.61 66.07
N GLY A 63 -31.44 -105.35 66.45
CA GLY A 63 -31.89 -104.89 67.74
C GLY A 63 -33.40 -104.92 67.88
N VAL A 64 -34.12 -104.41 66.88
CA VAL A 64 -35.57 -104.45 66.93
C VAL A 64 -36.05 -105.90 66.89
N ALA A 65 -35.36 -106.74 66.12
CA ALA A 65 -35.73 -108.16 66.11
C ALA A 65 -35.68 -108.73 67.52
N GLN A 66 -34.61 -108.44 68.24
CA GLN A 66 -34.50 -108.94 69.62
C GLN A 66 -35.56 -108.33 70.53
N MET A 67 -35.85 -107.05 70.37
CA MET A 67 -36.82 -106.39 71.25
C MET A 67 -38.20 -107.04 71.11
N SER A 68 -38.97 -106.95 72.18
CA SER A 68 -40.36 -107.39 72.20
C SER A 68 -41.29 -106.17 72.18
N VAL A 69 -42.55 -106.41 71.84
CA VAL A 69 -43.49 -105.30 71.69
C VAL A 69 -43.64 -104.58 73.01
N GLY A 70 -44.01 -103.30 72.94
CA GLY A 70 -44.26 -102.52 74.14
C GLY A 70 -43.06 -102.43 75.06
N GLN A 71 -41.86 -102.34 74.52
CA GLN A 71 -40.65 -102.30 75.32
C GLN A 71 -39.81 -101.10 74.88
N ARG A 72 -39.13 -100.49 75.84
CA ARG A 72 -38.21 -99.40 75.60
C ARG A 72 -36.79 -99.91 75.89
N ALA A 73 -35.87 -99.63 74.98
CA ALA A 73 -34.52 -100.16 75.09
C ALA A 73 -33.52 -99.15 74.57
N LYS A 74 -32.26 -99.35 74.94
CA LYS A 74 -31.14 -98.61 74.40
C LYS A 74 -30.34 -99.55 73.50
N LEU A 75 -30.12 -99.13 72.27
CA LEU A 75 -29.36 -99.89 71.28
C LEU A 75 -28.05 -99.18 71.03
N ILE A 76 -26.95 -99.89 71.23
CA ILE A 76 -25.61 -99.33 70.96
C ILE A 76 -25.13 -99.96 69.66
N ILE A 77 -25.41 -99.26 68.56
CA ILE A 77 -24.99 -99.76 67.26
C ILE A 77 -23.53 -99.41 67.03
N SER A 78 -22.73 -100.41 66.68
CA SER A 78 -21.32 -100.21 66.42
C SER A 78 -21.13 -99.56 65.06
N SER A 79 -19.90 -99.11 64.80
CA SER A 79 -19.62 -98.35 63.58
C SER A 79 -19.91 -99.18 62.33
N ASP A 80 -19.38 -100.41 62.28
CA ASP A 80 -19.57 -101.22 61.08
C ASP A 80 -21.03 -101.57 60.86
N TYR A 81 -21.75 -101.90 61.92
CA TYR A 81 -23.19 -102.16 61.80
C TYR A 81 -23.95 -100.91 61.41
N ALA A 82 -23.38 -99.73 61.70
CA ALA A 82 -24.01 -98.45 61.39
C ALA A 82 -23.56 -97.97 60.02
N TYR A 83 -23.79 -96.70 59.72
CA TYR A 83 -23.46 -96.13 58.43
C TYR A 83 -22.00 -96.34 58.03
N GLY A 84 -21.16 -96.81 58.94
CA GLY A 84 -19.84 -97.25 58.54
C GLY A 84 -18.90 -96.10 58.17
N ALA A 85 -17.91 -96.46 57.35
CA ALA A 85 -16.85 -95.51 57.02
C ALA A 85 -17.40 -94.29 56.30
N THR A 86 -18.37 -94.48 55.40
CA THR A 86 -18.90 -93.35 54.65
C THR A 86 -19.52 -92.33 55.59
N GLY A 87 -20.43 -92.77 56.45
CA GLY A 87 -21.11 -91.85 57.35
C GLY A 87 -22.14 -91.05 56.62
N HIS A 88 -23.26 -90.74 57.25
CA HIS A 88 -24.30 -89.97 56.59
C HIS A 88 -23.82 -88.53 56.50
N PRO A 89 -23.41 -88.05 55.33
CA PRO A 89 -22.68 -86.78 55.27
C PRO A 89 -23.49 -85.64 55.86
N GLY A 90 -22.82 -84.82 56.68
CA GLY A 90 -23.43 -83.67 57.28
C GLY A 90 -24.17 -83.94 58.58
N ILE A 91 -24.32 -85.20 58.97
CA ILE A 91 -25.05 -85.55 60.18
C ILE A 91 -24.16 -86.37 61.10
N ILE A 92 -23.72 -87.51 60.62
CA ILE A 92 -22.97 -88.48 61.41
C ILE A 92 -21.52 -88.49 60.92
N PRO A 93 -20.55 -88.23 61.78
CA PRO A 93 -19.16 -88.27 61.33
C PRO A 93 -18.78 -89.68 60.91
N PRO A 94 -17.77 -89.82 60.06
CA PRO A 94 -17.34 -91.17 59.66
C PRO A 94 -16.92 -91.99 60.87
N HIS A 95 -17.18 -93.29 60.78
CA HIS A 95 -16.75 -94.25 61.80
C HIS A 95 -17.28 -93.87 63.18
N ALA A 96 -18.58 -93.63 63.27
CA ALA A 96 -19.22 -93.20 64.50
C ALA A 96 -20.19 -94.27 65.00
N THR A 97 -20.05 -94.65 66.26
CA THR A 97 -21.02 -95.56 66.88
C THR A 97 -22.22 -94.78 67.37
N LEU A 98 -23.40 -95.34 67.16
CA LEU A 98 -24.66 -94.65 67.43
C LEU A 98 -25.32 -95.25 68.66
N VAL A 99 -26.09 -94.43 69.37
CA VAL A 99 -26.88 -94.89 70.51
C VAL A 99 -28.32 -94.43 70.27
N PHE A 100 -29.25 -95.37 70.29
CA PHE A 100 -30.66 -95.10 70.02
C PHE A 100 -31.50 -95.50 71.22
N ASP A 101 -32.45 -94.66 71.59
CA ASP A 101 -33.45 -94.99 72.59
C ASP A 101 -34.74 -95.31 71.82
N VAL A 102 -35.12 -96.58 71.81
CA VAL A 102 -36.15 -97.09 70.91
C VAL A 102 -37.28 -97.69 71.73
N GLU A 103 -38.50 -97.24 71.46
CA GLU A 103 -39.70 -97.81 72.05
C GLU A 103 -40.50 -98.49 70.95
N LEU A 104 -40.81 -99.77 71.13
CA LEU A 104 -41.53 -100.56 70.13
C LEU A 104 -43.01 -100.53 70.46
N LEU A 105 -43.71 -99.57 69.86
CA LEU A 105 -45.10 -99.32 70.26
C LEU A 105 -46.01 -100.47 69.85
N LYS A 106 -45.93 -100.90 68.59
CA LYS A 106 -46.85 -101.92 68.11
C LYS A 106 -46.26 -102.57 66.86
N LEU A 107 -46.82 -103.73 66.52
CA LEU A 107 -46.42 -104.49 65.34
C LEU A 107 -47.61 -104.65 64.41
N GLU A 108 -47.35 -104.64 63.11
CA GLU A 108 -48.40 -104.82 62.12
C GLU A 108 -47.82 -105.22 60.78
N GLY B 2 -71.17 -111.97 -12.65
CA GLY B 2 -70.27 -113.01 -12.20
C GLY B 2 -68.96 -112.47 -11.67
N SER B 3 -68.08 -112.05 -12.59
CA SER B 3 -66.81 -111.44 -12.25
C SER B 3 -66.52 -110.20 -13.08
N GLU B 4 -67.57 -109.47 -13.47
CA GLU B 4 -67.40 -108.32 -14.34
C GLU B 4 -66.75 -107.15 -13.60
N LEU B 5 -67.09 -106.97 -12.32
CA LEU B 5 -66.39 -105.96 -11.53
C LEU B 5 -64.93 -106.33 -11.34
N GLU B 6 -64.62 -107.61 -11.15
CA GLU B 6 -63.24 -108.04 -11.14
C GLU B 6 -62.55 -107.73 -12.47
N SER B 7 -63.25 -107.91 -13.59
CA SER B 7 -62.66 -107.55 -14.88
C SER B 7 -62.36 -106.06 -14.94
N ALA B 8 -63.31 -105.22 -14.52
CA ALA B 8 -63.07 -103.79 -14.54
C ALA B 8 -61.89 -103.43 -13.63
N MET B 9 -61.84 -104.02 -12.44
CA MET B 9 -60.76 -103.74 -11.49
C MET B 9 -59.41 -104.16 -12.04
N GLU B 10 -59.33 -105.34 -12.67
CA GLU B 10 -58.06 -105.78 -13.20
C GLU B 10 -57.63 -104.93 -14.38
N THR B 11 -58.58 -104.49 -15.21
CA THR B 11 -58.24 -103.54 -16.26
C THR B 11 -57.67 -102.25 -15.67
N LEU B 12 -58.30 -101.75 -14.61
CA LEU B 12 -57.78 -100.57 -13.92
C LEU B 12 -56.34 -100.80 -13.49
N ILE B 13 -56.08 -101.95 -12.85
CA ILE B 13 -54.74 -102.26 -12.38
C ILE B 13 -53.76 -102.27 -13.53
N ASN B 14 -54.07 -102.99 -14.61
CA ASN B 14 -53.18 -103.02 -15.76
C ASN B 14 -52.86 -101.61 -16.21
N VAL B 15 -53.88 -100.77 -16.39
CA VAL B 15 -53.66 -99.46 -17.00
C VAL B 15 -52.78 -98.60 -16.10
N PHE B 16 -53.11 -98.45 -14.81
CA PHE B 16 -52.34 -97.48 -14.04
C PHE B 16 -50.96 -98.03 -13.69
N HIS B 17 -50.81 -99.34 -13.51
CA HIS B 17 -49.46 -99.85 -13.31
C HIS B 17 -48.60 -99.66 -14.56
N ALA B 18 -49.17 -99.92 -15.74
CA ALA B 18 -48.41 -99.72 -16.97
C ALA B 18 -48.02 -98.26 -17.14
N HIS B 19 -48.90 -97.34 -16.76
CA HIS B 19 -48.59 -95.93 -16.87
C HIS B 19 -47.60 -95.45 -15.81
N SER B 20 -47.53 -96.12 -14.65
CA SER B 20 -46.50 -95.84 -13.65
C SER B 20 -45.12 -96.33 -14.08
N GLY B 21 -45.04 -97.56 -14.58
CA GLY B 21 -43.74 -98.17 -14.81
C GLY B 21 -42.93 -97.45 -15.87
N LYS B 22 -43.56 -97.13 -17.00
CA LYS B 22 -42.82 -96.58 -18.13
C LYS B 22 -42.13 -95.28 -17.74
N GLU B 23 -42.73 -94.51 -16.82
CA GLU B 23 -42.26 -93.16 -16.59
C GLU B 23 -41.43 -93.06 -15.31
N GLY B 24 -41.74 -93.87 -14.30
CA GLY B 24 -40.99 -93.75 -13.06
C GLY B 24 -40.92 -95.02 -12.25
N ASP B 25 -41.03 -94.90 -10.93
CA ASP B 25 -41.03 -96.07 -10.07
C ASP B 25 -42.12 -97.02 -10.52
N LYS B 26 -41.79 -98.31 -10.53
CA LYS B 26 -42.54 -99.26 -11.36
C LYS B 26 -44.00 -99.36 -10.94
N TYR B 27 -44.32 -99.07 -9.67
CA TYR B 27 -45.64 -99.36 -9.15
C TYR B 27 -46.43 -98.10 -8.76
N LYS B 28 -45.91 -97.29 -7.86
CA LYS B 28 -46.69 -96.17 -7.37
C LYS B 28 -46.88 -95.12 -8.46
N LEU B 29 -47.52 -94.02 -8.09
CA LEU B 29 -47.86 -92.95 -9.02
C LEU B 29 -47.14 -91.67 -8.60
N SER B 30 -46.01 -91.39 -9.24
CA SER B 30 -45.30 -90.14 -9.04
C SER B 30 -46.05 -88.99 -9.73
N LYS B 31 -45.52 -87.77 -9.58
CA LYS B 31 -46.19 -86.62 -10.17
C LYS B 31 -46.17 -86.68 -11.69
N LYS B 32 -44.99 -86.87 -12.29
CA LYS B 32 -44.86 -86.98 -13.73
C LYS B 32 -45.61 -88.18 -14.26
N GLU B 33 -45.48 -89.32 -13.57
CA GLU B 33 -46.25 -90.50 -13.92
C GLU B 33 -47.73 -90.17 -13.99
N LEU B 34 -48.26 -89.52 -12.95
CA LEU B 34 -49.68 -89.22 -12.89
C LEU B 34 -50.09 -88.25 -13.97
N LYS B 35 -49.26 -87.24 -14.24
CA LYS B 35 -49.59 -86.26 -15.27
C LYS B 35 -49.72 -86.92 -16.64
N ASP B 36 -48.70 -87.68 -17.06
CA ASP B 36 -48.80 -88.38 -18.33
C ASP B 36 -49.91 -89.41 -18.30
N LEU B 37 -50.10 -90.07 -17.15
CA LEU B 37 -51.16 -91.05 -17.01
C LEU B 37 -52.50 -90.43 -17.31
N LEU B 38 -52.83 -89.32 -16.66
CA LEU B 38 -54.11 -88.67 -16.89
C LEU B 38 -54.26 -88.25 -18.35
N GLN B 39 -53.18 -87.70 -18.92
CA GLN B 39 -53.22 -87.40 -20.35
C GLN B 39 -53.67 -88.62 -21.14
N THR B 40 -53.07 -89.77 -20.83
CA THR B 40 -53.49 -91.01 -21.49
C THR B 40 -54.93 -91.38 -21.17
N GLU B 41 -55.35 -91.15 -19.92
CA GLU B 41 -56.62 -91.66 -19.42
C GLU B 41 -57.79 -90.95 -20.07
N LEU B 42 -57.90 -89.64 -19.85
CA LEU B 42 -59.11 -88.92 -20.23
C LEU B 42 -58.78 -87.74 -21.14
N SER B 43 -59.62 -87.57 -22.15
CA SER B 43 -59.52 -86.46 -23.09
C SER B 43 -60.92 -85.92 -23.37
N GLY B 44 -60.99 -84.61 -23.59
CA GLY B 44 -62.25 -83.94 -23.82
C GLY B 44 -63.07 -83.69 -22.57
N PHE B 45 -62.63 -84.19 -21.43
CA PHE B 45 -63.30 -83.99 -20.15
C PHE B 45 -62.42 -83.35 -19.10
N LEU B 46 -61.14 -83.69 -19.07
CA LEU B 46 -60.22 -83.16 -18.08
C LEU B 46 -59.96 -81.68 -18.32
N ASP B 47 -59.89 -80.91 -17.24
CA ASP B 47 -59.47 -79.51 -17.29
C ASP B 47 -58.05 -79.32 -16.78
N VAL B 48 -57.41 -80.40 -16.30
CA VAL B 48 -56.05 -80.29 -15.77
C VAL B 48 -55.02 -80.17 -16.88
N GLN B 49 -55.40 -80.42 -18.13
CA GLN B 49 -54.44 -80.42 -19.23
C GLN B 49 -53.73 -79.07 -19.34
N LYS B 50 -54.43 -77.98 -19.00
CA LYS B 50 -53.89 -76.65 -19.24
C LYS B 50 -52.59 -76.43 -18.47
N ASP B 51 -52.53 -76.88 -17.23
CA ASP B 51 -51.37 -76.63 -16.36
C ASP B 51 -50.95 -77.94 -15.70
N ALA B 52 -49.65 -78.25 -15.78
CA ALA B 52 -49.12 -79.38 -15.03
C ALA B 52 -48.90 -79.01 -13.57
N ASP B 53 -48.83 -77.71 -13.26
CA ASP B 53 -48.74 -77.30 -11.86
C ASP B 53 -50.04 -77.60 -11.12
N ALA B 54 -51.18 -77.53 -11.82
CA ALA B 54 -52.43 -77.98 -11.23
C ALA B 54 -52.35 -79.46 -10.90
N VAL B 55 -51.77 -80.26 -11.79
CA VAL B 55 -51.54 -81.68 -11.48
C VAL B 55 -50.66 -81.80 -10.26
N ASP B 56 -49.63 -80.95 -10.16
CA ASP B 56 -48.72 -81.00 -9.03
C ASP B 56 -49.45 -80.74 -7.72
N LYS B 57 -50.26 -79.69 -7.67
CA LYS B 57 -50.94 -79.35 -6.42
C LYS B 57 -52.02 -80.38 -6.09
N VAL B 58 -52.71 -80.88 -7.10
CA VAL B 58 -53.68 -81.95 -6.86
C VAL B 58 -52.97 -83.18 -6.32
N MET B 59 -51.77 -83.47 -6.83
CA MET B 59 -50.95 -84.53 -6.27
C MET B 59 -50.60 -84.24 -4.82
N LYS B 60 -50.24 -82.99 -4.52
CA LYS B 60 -49.89 -82.64 -3.15
C LYS B 60 -51.04 -82.94 -2.20
N GLU B 61 -52.25 -82.50 -2.56
CA GLU B 61 -53.41 -82.83 -1.73
C GLU B 61 -53.64 -84.34 -1.69
N LEU B 62 -53.74 -84.97 -2.85
CA LEU B 62 -53.94 -86.40 -3.01
C LEU B 62 -52.87 -87.22 -2.30
N ASP B 63 -51.81 -86.57 -1.80
CA ASP B 63 -50.80 -87.23 -0.99
C ASP B 63 -50.84 -86.71 0.44
N GLU B 64 -52.04 -86.65 1.02
CA GLU B 64 -52.19 -86.27 2.42
C GLU B 64 -51.16 -86.95 3.31
N ASN B 65 -50.65 -88.12 2.90
CA ASN B 65 -49.56 -88.77 3.61
C ASN B 65 -48.24 -88.03 3.46
N GLY B 66 -48.18 -87.02 2.59
CA GLY B 66 -47.01 -86.17 2.46
C GLY B 66 -45.77 -86.89 1.98
N ASP B 67 -45.91 -87.72 0.95
CA ASP B 67 -44.77 -88.44 0.38
C ASP B 67 -44.49 -88.09 -1.07
N GLY B 68 -45.36 -87.32 -1.72
CA GLY B 68 -45.14 -86.98 -3.11
C GLY B 68 -45.47 -88.08 -4.09
N GLU B 69 -46.03 -89.19 -3.63
CA GLU B 69 -46.38 -90.32 -4.48
C GLU B 69 -47.82 -90.72 -4.19
N VAL B 70 -48.62 -90.84 -5.23
CA VAL B 70 -50.04 -91.10 -5.07
C VAL B 70 -50.26 -92.59 -4.82
N ASP B 71 -50.83 -92.90 -3.66
CA ASP B 71 -51.16 -94.28 -3.32
C ASP B 71 -52.27 -94.80 -4.23
N PHE B 72 -52.28 -96.11 -4.43
CA PHE B 72 -53.27 -96.71 -5.30
C PHE B 72 -54.67 -96.52 -4.74
N LYS B 73 -54.82 -96.73 -3.43
CA LYS B 73 -56.13 -96.53 -2.80
C LYS B 73 -56.61 -95.10 -2.96
N GLU B 74 -55.73 -94.13 -2.73
CA GLU B 74 -56.12 -92.74 -2.89
C GLU B 74 -56.53 -92.45 -4.32
N TYR B 75 -55.74 -92.92 -5.29
CA TYR B 75 -56.05 -92.67 -6.69
C TYR B 75 -57.39 -93.29 -7.08
N VAL B 76 -57.64 -94.51 -6.62
CA VAL B 76 -58.88 -95.19 -6.99
C VAL B 76 -60.07 -94.49 -6.35
N VAL B 77 -59.92 -94.01 -5.11
CA VAL B 77 -61.03 -93.29 -4.49
C VAL B 77 -61.28 -91.98 -5.22
N LEU B 78 -60.23 -91.28 -5.64
CA LEU B 78 -60.42 -90.06 -6.41
C LEU B 78 -61.12 -90.34 -7.73
N VAL B 79 -60.68 -91.36 -8.47
CA VAL B 79 -61.36 -91.66 -9.73
C VAL B 79 -62.78 -92.16 -9.49
N ALA B 80 -63.06 -92.74 -8.32
CA ALA B 80 -64.45 -93.01 -7.97
C ALA B 80 -65.24 -91.72 -7.79
N ALA B 81 -64.62 -90.71 -7.15
CA ALA B 81 -65.24 -89.39 -7.11
C ALA B 81 -65.43 -88.81 -8.51
N LEU B 82 -64.55 -89.18 -9.44
CA LEU B 82 -64.72 -88.72 -10.81
C LEU B 82 -65.87 -89.45 -11.49
N THR B 83 -66.08 -90.72 -11.14
CA THR B 83 -67.28 -91.42 -11.56
C THR B 83 -68.51 -90.72 -11.01
N VAL B 84 -68.43 -90.27 -9.76
CA VAL B 84 -69.48 -89.45 -9.17
C VAL B 84 -69.73 -88.22 -10.03
N ALA B 85 -68.65 -87.52 -10.41
CA ALA B 85 -68.81 -86.32 -11.22
C ALA B 85 -69.43 -86.64 -12.57
N CYS B 86 -69.06 -87.78 -13.17
CA CYS B 86 -69.60 -88.15 -14.47
C CYS B 86 -71.07 -88.51 -14.39
N ASN B 87 -71.48 -89.20 -13.31
CA ASN B 87 -72.90 -89.46 -13.12
C ASN B 87 -73.67 -88.16 -12.92
N ASN B 88 -73.08 -87.21 -12.18
CA ASN B 88 -73.70 -85.90 -12.05
C ASN B 88 -73.81 -85.22 -13.40
N PHE B 89 -72.81 -85.40 -14.26
CA PHE B 89 -72.88 -84.90 -15.63
C PHE B 89 -74.04 -85.52 -16.38
N PHE B 90 -74.21 -86.83 -16.24
CA PHE B 90 -75.33 -87.51 -16.89
C PHE B 90 -76.66 -86.91 -16.45
N TRP B 91 -76.85 -86.70 -15.15
CA TRP B 91 -78.10 -86.12 -14.68
C TRP B 91 -78.25 -84.68 -15.16
N GLU B 92 -77.18 -83.89 -15.08
CA GLU B 92 -77.24 -82.50 -15.53
C GLU B 92 -77.68 -82.42 -16.98
N THR B 93 -77.28 -83.39 -17.80
CA THR B 93 -77.77 -83.43 -19.16
C THR B 93 -79.30 -83.47 -19.16
N SER B 94 -79.90 -82.58 -19.95
CA SER B 94 -81.35 -82.46 -19.98
C SER B 94 -81.80 -81.53 -21.10
N GLY C 2 -57.15 -95.02 -19.94
CA GLY C 2 -57.65 -94.53 -21.21
C GLY C 2 -59.15 -94.61 -21.31
N SER C 3 -59.64 -94.63 -22.55
CA SER C 3 -61.06 -94.90 -22.77
C SER C 3 -61.46 -96.25 -22.18
N GLU C 4 -60.51 -97.17 -22.04
CA GLU C 4 -60.80 -98.41 -21.33
C GLU C 4 -61.09 -98.16 -19.86
N LEU C 5 -60.36 -97.24 -19.22
CA LEU C 5 -60.64 -96.91 -17.84
C LEU C 5 -61.97 -96.17 -17.73
N GLU C 6 -62.27 -95.31 -18.71
CA GLU C 6 -63.59 -94.72 -18.81
C GLU C 6 -64.67 -95.80 -18.87
N SER C 7 -64.47 -96.81 -19.72
CA SER C 7 -65.42 -97.91 -19.81
C SER C 7 -65.50 -98.69 -18.51
N ALA C 8 -64.41 -98.71 -17.73
CA ALA C 8 -64.47 -99.35 -16.43
C ALA C 8 -65.44 -98.60 -15.51
N MET C 9 -65.34 -97.27 -15.48
CA MET C 9 -66.33 -96.52 -14.71
C MET C 9 -67.73 -96.78 -15.25
N GLU C 10 -67.85 -96.87 -16.58
CA GLU C 10 -69.16 -97.11 -17.18
C GLU C 10 -69.72 -98.44 -16.70
N THR C 11 -68.87 -99.46 -16.62
CA THR C 11 -69.31 -100.77 -16.13
C THR C 11 -69.77 -100.68 -14.68
N LEU C 12 -69.03 -99.93 -13.86
CA LEU C 12 -69.49 -99.72 -12.49
C LEU C 12 -70.88 -99.12 -12.47
N ILE C 13 -71.10 -98.07 -13.25
CA ILE C 13 -72.40 -97.40 -13.27
C ILE C 13 -73.48 -98.37 -13.75
N ASN C 14 -73.17 -99.15 -14.78
CA ASN C 14 -74.13 -100.13 -15.28
C ASN C 14 -74.56 -101.10 -14.19
N VAL C 15 -73.58 -101.71 -13.52
CA VAL C 15 -73.92 -102.69 -12.50
C VAL C 15 -74.69 -102.03 -11.36
N PHE C 16 -74.33 -100.80 -11.01
CA PHE C 16 -75.04 -100.13 -9.93
C PHE C 16 -76.50 -99.92 -10.28
N HIS C 17 -76.78 -99.32 -11.43
CA HIS C 17 -78.16 -99.01 -11.77
C HIS C 17 -78.96 -100.27 -11.99
N ALA C 18 -78.29 -101.36 -12.39
CA ALA C 18 -79.01 -102.62 -12.57
C ALA C 18 -79.69 -103.06 -11.28
N HIS C 19 -78.91 -103.17 -10.20
CA HIS C 19 -79.50 -103.65 -8.94
C HIS C 19 -80.20 -102.54 -8.17
N SER C 20 -79.99 -101.27 -8.53
CA SER C 20 -80.75 -100.22 -7.89
C SER C 20 -82.22 -100.29 -8.30
N GLY C 21 -82.48 -100.73 -9.53
CA GLY C 21 -83.83 -100.95 -10.01
C GLY C 21 -84.29 -102.39 -9.99
N LYS C 22 -83.38 -103.34 -9.70
CA LYS C 22 -83.79 -104.74 -9.61
C LYS C 22 -84.97 -104.92 -8.67
N GLU C 23 -84.88 -104.38 -7.45
CA GLU C 23 -86.01 -104.38 -6.53
C GLU C 23 -86.79 -103.07 -6.59
N GLY C 24 -86.44 -102.17 -7.51
CA GLY C 24 -87.16 -100.93 -7.65
C GLY C 24 -86.81 -99.87 -6.65
N ASP C 25 -85.66 -99.99 -5.98
CA ASP C 25 -85.26 -98.99 -4.99
C ASP C 25 -84.69 -97.76 -5.68
N LYS C 26 -85.50 -97.13 -6.54
CA LYS C 26 -85.14 -95.87 -7.18
C LYS C 26 -83.75 -96.02 -7.78
N TYR C 27 -82.73 -95.51 -7.09
CA TYR C 27 -81.35 -95.56 -7.55
C TYR C 27 -80.39 -95.86 -6.40
N LYS C 28 -80.85 -96.66 -5.44
CA LYS C 28 -80.19 -96.81 -4.16
C LYS C 28 -80.44 -98.21 -3.62
N LEU C 29 -79.39 -98.85 -3.11
CA LEU C 29 -79.38 -100.29 -2.89
C LEU C 29 -79.91 -100.62 -1.50
N SER C 30 -81.08 -101.26 -1.45
CA SER C 30 -81.59 -101.80 -0.20
C SER C 30 -80.67 -102.90 0.30
N LYS C 31 -81.00 -103.46 1.46
CA LYS C 31 -80.21 -104.57 1.98
C LYS C 31 -80.26 -105.77 1.03
N LYS C 32 -81.46 -106.10 0.55
CA LYS C 32 -81.62 -107.24 -0.35
C LYS C 32 -80.94 -106.99 -1.70
N GLU C 33 -81.20 -105.82 -2.30
CA GLU C 33 -80.52 -105.47 -3.54
C GLU C 33 -79.02 -105.53 -3.36
N LEU C 34 -78.52 -104.97 -2.25
CA LEU C 34 -77.09 -104.95 -1.99
C LEU C 34 -76.53 -106.37 -1.91
N LYS C 35 -77.20 -107.23 -1.15
CA LYS C 35 -76.72 -108.61 -1.02
C LYS C 35 -76.65 -109.29 -2.39
N ASP C 36 -77.76 -109.26 -3.13
CA ASP C 36 -77.80 -109.94 -4.41
C ASP C 36 -76.75 -109.37 -5.37
N LEU C 37 -76.70 -108.04 -5.48
CA LEU C 37 -75.62 -107.37 -6.18
C LEU C 37 -74.29 -108.00 -5.83
N LEU C 38 -73.91 -107.97 -4.54
CA LEU C 38 -72.58 -108.40 -4.14
C LEU C 38 -72.29 -109.82 -4.62
N GLN C 39 -73.16 -110.79 -4.32
CA GLN C 39 -72.82 -112.15 -4.70
C GLN C 39 -72.89 -112.33 -6.21
N THR C 40 -73.49 -111.36 -6.91
CA THR C 40 -73.47 -111.41 -8.37
C THR C 40 -72.14 -110.88 -8.93
N GLU C 41 -71.78 -109.66 -8.58
CA GLU C 41 -70.59 -109.05 -9.20
C GLU C 41 -69.32 -109.77 -8.78
N LEU C 42 -69.16 -110.05 -7.49
CA LEU C 42 -67.90 -110.62 -7.01
C LEU C 42 -68.18 -112.00 -6.44
N SER C 43 -68.17 -113.00 -7.33
CA SER C 43 -68.40 -114.40 -6.96
C SER C 43 -67.05 -114.98 -6.58
N GLY C 44 -66.91 -115.37 -5.32
CA GLY C 44 -65.62 -115.82 -4.82
C GLY C 44 -65.13 -115.00 -3.65
N PHE C 45 -64.11 -114.18 -3.90
CA PHE C 45 -63.46 -113.42 -2.84
C PHE C 45 -64.45 -112.73 -1.91
N LEU C 46 -65.65 -112.41 -2.41
CA LEU C 46 -66.66 -111.72 -1.62
C LEU C 46 -67.69 -112.71 -1.10
N ASP C 47 -68.26 -112.41 0.06
CA ASP C 47 -69.26 -113.25 0.70
C ASP C 47 -70.37 -112.38 1.29
N VAL C 48 -71.62 -112.69 0.93
CA VAL C 48 -72.78 -112.09 1.59
C VAL C 48 -73.67 -113.20 2.12
N GLN C 49 -74.03 -114.15 1.25
CA GLN C 49 -74.81 -115.30 1.71
C GLN C 49 -74.02 -116.10 2.75
N LYS C 50 -72.73 -116.31 2.50
CA LYS C 50 -71.91 -117.09 3.42
C LYS C 50 -71.71 -116.36 4.74
N ASP C 51 -71.73 -115.02 4.72
CA ASP C 51 -71.47 -114.21 5.90
C ASP C 51 -72.60 -113.18 6.05
N ALA C 52 -73.70 -113.60 6.68
CA ALA C 52 -74.84 -112.70 6.88
C ALA C 52 -74.56 -111.67 7.96
N ASP C 53 -73.81 -112.07 9.00
CA ASP C 53 -73.39 -111.08 9.99
C ASP C 53 -72.51 -110.02 9.35
N ALA C 54 -71.62 -110.43 8.44
CA ALA C 54 -70.84 -109.47 7.68
C ALA C 54 -71.75 -108.58 6.83
N VAL C 55 -72.80 -109.17 6.24
CA VAL C 55 -73.74 -108.35 5.46
C VAL C 55 -74.39 -107.30 6.35
N ASP C 56 -74.77 -107.67 7.57
CA ASP C 56 -75.42 -106.71 8.46
C ASP C 56 -74.44 -105.62 8.89
N LYS C 57 -73.23 -106.00 9.29
CA LYS C 57 -72.24 -105.01 9.67
C LYS C 57 -71.92 -104.09 8.50
N VAL C 58 -71.91 -104.65 7.28
CA VAL C 58 -71.65 -103.85 6.09
C VAL C 58 -72.84 -102.93 5.80
N MET C 59 -74.05 -103.38 6.13
CA MET C 59 -75.21 -102.50 6.02
C MET C 59 -75.04 -101.29 6.92
N LYS C 60 -74.63 -101.52 8.16
CA LYS C 60 -74.39 -100.40 9.06
C LYS C 60 -73.25 -99.51 8.58
N GLU C 61 -72.15 -100.12 8.13
CA GLU C 61 -70.97 -99.35 7.75
C GLU C 61 -71.21 -98.55 6.49
N LEU C 62 -71.73 -99.19 5.44
CA LEU C 62 -72.13 -98.49 4.23
C LEU C 62 -73.10 -97.36 4.56
N ASP C 63 -74.13 -97.67 5.34
CA ASP C 63 -75.11 -96.67 5.73
C ASP C 63 -74.70 -96.01 7.05
N GLU C 64 -73.57 -95.31 7.00
CA GLU C 64 -73.25 -94.41 8.11
C GLU C 64 -74.36 -93.40 8.31
N ASN C 65 -74.97 -92.94 7.21
CA ASN C 65 -76.16 -92.11 7.31
C ASN C 65 -77.30 -92.87 7.97
N GLY C 66 -77.24 -94.20 7.98
CA GLY C 66 -78.26 -95.01 8.58
C GLY C 66 -79.48 -95.23 7.70
N ASP C 67 -79.47 -94.73 6.47
CA ASP C 67 -80.63 -94.87 5.61
C ASP C 67 -80.92 -96.33 5.27
N GLY C 68 -79.90 -97.18 5.30
CA GLY C 68 -80.04 -98.56 4.89
C GLY C 68 -79.95 -98.77 3.40
N GLU C 69 -79.98 -97.70 2.61
CA GLU C 69 -79.80 -97.74 1.17
C GLU C 69 -78.48 -97.09 0.83
N VAL C 70 -77.85 -97.54 -0.25
CA VAL C 70 -76.53 -97.06 -0.64
C VAL C 70 -76.64 -96.40 -2.02
N ASP C 71 -76.14 -95.18 -2.12
CA ASP C 71 -76.00 -94.52 -3.41
C ASP C 71 -74.58 -94.75 -3.94
N PHE C 72 -74.28 -94.08 -5.04
CA PHE C 72 -73.05 -94.36 -5.78
C PHE C 72 -71.78 -94.04 -4.99
N LYS C 73 -71.73 -92.87 -4.33
CA LYS C 73 -70.48 -92.42 -3.70
C LYS C 73 -69.93 -93.46 -2.72
N GLU C 74 -70.77 -93.91 -1.79
CA GLU C 74 -70.26 -94.71 -0.67
C GLU C 74 -69.55 -95.97 -1.15
N TYR C 75 -70.28 -96.85 -1.84
CA TYR C 75 -69.67 -98.11 -2.22
C TYR C 75 -68.58 -97.87 -3.23
N VAL C 76 -68.74 -96.92 -4.18
CA VAL C 76 -67.66 -96.77 -5.13
C VAL C 76 -66.36 -96.52 -4.38
N VAL C 77 -66.38 -95.57 -3.44
CA VAL C 77 -65.17 -95.30 -2.66
C VAL C 77 -64.65 -96.59 -2.03
N LEU C 78 -65.45 -97.19 -1.13
CA LEU C 78 -64.89 -98.23 -0.27
C LEU C 78 -64.65 -99.54 -1.02
N VAL C 79 -65.61 -99.95 -1.85
CA VAL C 79 -65.47 -101.18 -2.61
C VAL C 79 -64.31 -101.08 -3.59
N ALA C 80 -64.20 -99.96 -4.31
CA ALA C 80 -63.06 -99.80 -5.20
C ALA C 80 -61.76 -99.89 -4.42
N ALA C 81 -61.69 -99.20 -3.28
CA ALA C 81 -60.47 -99.25 -2.48
C ALA C 81 -60.08 -100.68 -2.15
N LEU C 82 -61.01 -101.45 -1.60
CA LEU C 82 -60.65 -102.82 -1.18
C LEU C 82 -60.33 -103.70 -2.37
N THR C 83 -61.15 -103.64 -3.42
CA THR C 83 -61.02 -104.56 -4.54
C THR C 83 -59.73 -104.30 -5.32
N VAL C 84 -59.26 -103.06 -5.33
CA VAL C 84 -57.98 -102.79 -5.98
C VAL C 84 -56.82 -103.10 -5.04
N ALA C 85 -56.98 -102.81 -3.75
CA ALA C 85 -55.88 -103.02 -2.81
C ALA C 85 -55.56 -104.51 -2.65
N CYS C 86 -56.54 -105.37 -2.93
CA CYS C 86 -56.28 -106.81 -2.83
C CYS C 86 -55.08 -107.20 -3.69
N ASN C 87 -55.08 -106.80 -4.97
CA ASN C 87 -53.98 -107.20 -5.86
C ASN C 87 -52.69 -106.47 -5.52
N ASN C 88 -52.80 -105.25 -4.99
CA ASN C 88 -51.60 -104.56 -4.54
C ASN C 88 -50.90 -105.35 -3.44
N PHE C 89 -51.68 -105.85 -2.47
CA PHE C 89 -51.12 -106.75 -1.47
C PHE C 89 -50.59 -108.03 -2.12
N PHE C 90 -51.33 -108.57 -3.10
CA PHE C 90 -50.86 -109.77 -3.79
C PHE C 90 -49.45 -109.58 -4.32
N TRP C 91 -49.21 -108.48 -5.04
CA TRP C 91 -47.85 -108.23 -5.53
C TRP C 91 -46.89 -108.03 -4.36
N GLU C 92 -47.25 -107.18 -3.40
CA GLU C 92 -46.32 -106.86 -2.32
C GLU C 92 -45.84 -108.12 -1.63
N THR C 93 -46.74 -108.81 -0.92
CA THR C 93 -46.40 -110.10 -0.32
C THR C 93 -47.30 -111.20 -0.87
N SER C 94 -48.60 -110.99 -0.79
CA SER C 94 -49.60 -111.98 -1.19
C SER C 94 -50.99 -111.53 -0.79
CA GLY D 2 9.06 -78.58 -98.93
C GLY D 2 7.56 -78.56 -98.90
N VAL D 3 6.95 -78.20 -100.03
CA VAL D 3 5.49 -78.12 -100.17
C VAL D 3 5.01 -79.40 -100.81
N GLN D 4 4.09 -80.10 -100.14
CA GLN D 4 3.53 -81.35 -100.60
C GLN D 4 2.03 -81.17 -100.81
N VAL D 5 1.54 -81.65 -101.95
CA VAL D 5 0.14 -81.49 -102.34
C VAL D 5 -0.51 -82.87 -102.40
N GLU D 6 -1.56 -83.05 -101.61
CA GLU D 6 -2.41 -84.23 -101.68
C GLU D 6 -3.78 -83.81 -102.19
N THR D 7 -4.42 -84.68 -102.97
CA THR D 7 -5.68 -84.34 -103.61
C THR D 7 -6.83 -84.85 -102.76
N ILE D 8 -7.57 -83.94 -102.14
CA ILE D 8 -8.76 -84.33 -101.39
C ILE D 8 -9.92 -84.60 -102.34
N SER D 9 -10.09 -83.76 -103.36
CA SER D 9 -11.09 -83.96 -104.39
C SER D 9 -10.47 -83.71 -105.75
N PRO D 10 -10.90 -84.44 -106.78
CA PRO D 10 -10.35 -84.21 -108.11
C PRO D 10 -10.87 -82.91 -108.70
N GLY D 11 -10.08 -82.35 -109.63
CA GLY D 11 -10.45 -81.15 -110.34
C GLY D 11 -10.63 -81.43 -111.83
N ASP D 12 -10.68 -80.34 -112.59
CA ASP D 12 -10.75 -80.50 -114.04
C ASP D 12 -9.50 -81.17 -114.58
N GLY D 13 -8.33 -80.85 -114.02
CA GLY D 13 -7.09 -81.47 -114.42
C GLY D 13 -6.49 -80.93 -115.69
N ARG D 14 -7.20 -80.05 -116.39
CA ARG D 14 -6.71 -79.45 -117.63
C ARG D 14 -6.26 -78.02 -117.47
N THR D 15 -6.96 -77.24 -116.65
CA THR D 15 -6.65 -75.83 -116.45
C THR D 15 -5.73 -75.70 -115.23
N PHE D 16 -4.50 -75.26 -115.48
CA PHE D 16 -3.55 -75.02 -114.41
C PHE D 16 -3.30 -73.52 -114.31
N PRO D 17 -3.04 -73.00 -113.11
CA PRO D 17 -2.72 -71.57 -113.00
C PRO D 17 -1.43 -71.23 -113.74
N LYS D 18 -1.38 -70.03 -114.28
CA LYS D 18 -0.24 -69.54 -115.05
C LYS D 18 0.24 -68.21 -114.46
N ARG D 19 1.53 -67.94 -114.61
CA ARG D 19 2.12 -66.73 -114.04
C ARG D 19 1.34 -65.49 -114.47
N GLY D 20 1.07 -64.62 -113.52
CA GLY D 20 0.30 -63.42 -113.80
C GLY D 20 -1.19 -63.61 -113.85
N GLN D 21 -1.71 -64.63 -113.17
CA GLN D 21 -3.14 -64.88 -113.09
C GLN D 21 -3.59 -64.76 -111.64
N THR D 22 -4.81 -64.28 -111.45
CA THR D 22 -5.39 -64.24 -110.11
C THR D 22 -6.12 -65.54 -109.84
N CYS D 23 -5.81 -66.17 -108.71
CA CYS D 23 -6.38 -67.46 -108.34
C CYS D 23 -7.33 -67.24 -107.16
N VAL D 24 -8.61 -67.52 -107.37
CA VAL D 24 -9.59 -67.43 -106.30
C VAL D 24 -9.58 -68.75 -105.54
N VAL D 25 -9.31 -68.69 -104.24
CA VAL D 25 -9.15 -69.88 -103.42
C VAL D 25 -9.87 -69.67 -102.10
N HIS D 26 -10.41 -70.75 -101.55
CA HIS D 26 -10.82 -70.79 -100.15
C HIS D 26 -9.84 -71.66 -99.39
N TYR D 27 -9.26 -71.13 -98.32
CA TYR D 27 -8.26 -71.85 -97.57
C TYR D 27 -8.65 -71.93 -96.11
N THR D 28 -8.39 -73.09 -95.51
CA THR D 28 -8.51 -73.30 -94.08
C THR D 28 -7.14 -73.70 -93.55
N GLY D 29 -6.58 -72.86 -92.68
CA GLY D 29 -5.20 -72.99 -92.25
C GLY D 29 -5.11 -73.63 -90.87
N MET D 30 -4.22 -74.60 -90.75
CA MET D 30 -4.00 -75.31 -89.49
C MET D 30 -2.51 -75.52 -89.29
N LEU D 31 -2.10 -75.56 -88.03
CA LEU D 31 -0.72 -75.89 -87.71
C LEU D 31 -0.51 -77.39 -87.82
N GLU D 32 0.76 -77.80 -87.78
CA GLU D 32 1.08 -79.22 -87.79
C GLU D 32 0.47 -79.93 -86.59
N ASP D 33 0.12 -79.21 -85.54
CA ASP D 33 -0.49 -79.80 -84.36
C ASP D 33 -1.99 -80.02 -84.52
N GLY D 34 -2.58 -79.54 -85.61
CA GLY D 34 -4.01 -79.60 -85.81
C GLY D 34 -4.76 -78.36 -85.37
N LYS D 35 -4.08 -77.37 -84.79
CA LYS D 35 -4.73 -76.16 -84.35
C LYS D 35 -5.02 -75.26 -85.54
N LYS D 36 -6.26 -74.77 -85.64
CA LYS D 36 -6.65 -73.89 -86.73
C LYS D 36 -6.27 -72.46 -86.37
N PHE D 37 -5.62 -71.76 -87.30
CA PHE D 37 -5.27 -70.36 -87.08
C PHE D 37 -5.96 -69.42 -88.05
N ASP D 38 -6.11 -69.80 -89.31
CA ASP D 38 -6.75 -68.96 -90.30
C ASP D 38 -7.70 -69.81 -91.13
N SER D 39 -8.77 -69.19 -91.62
CA SER D 39 -9.75 -69.88 -92.45
C SER D 39 -10.57 -68.83 -93.20
N SER D 40 -10.45 -68.81 -94.52
CA SER D 40 -11.23 -67.89 -95.32
C SER D 40 -12.72 -68.21 -95.32
N ARG D 41 -13.10 -69.44 -94.96
CA ARG D 41 -14.52 -69.77 -94.92
C ARG D 41 -15.24 -68.88 -93.91
N ASP D 42 -14.66 -68.71 -92.72
CA ASP D 42 -15.30 -67.89 -91.70
C ASP D 42 -15.47 -66.46 -92.19
N ARG D 43 -14.43 -65.90 -92.81
CA ARG D 43 -14.57 -64.57 -93.40
C ARG D 43 -15.62 -64.57 -94.50
N ASN D 44 -15.87 -65.72 -95.11
CA ASN D 44 -16.91 -65.94 -96.12
C ASN D 44 -16.60 -65.20 -97.42
N LYS D 45 -15.39 -64.68 -97.59
CA LYS D 45 -14.99 -64.03 -98.82
C LYS D 45 -13.78 -64.74 -99.40
N PRO D 46 -13.83 -65.22 -100.64
CA PRO D 46 -12.70 -65.98 -101.18
C PRO D 46 -11.44 -65.12 -101.26
N PHE D 47 -10.30 -65.74 -101.03
CA PHE D 47 -9.03 -65.02 -101.12
C PHE D 47 -8.52 -65.04 -102.56
N LYS D 48 -8.17 -63.87 -103.07
CA LYS D 48 -7.70 -63.71 -104.44
C LYS D 48 -6.29 -63.18 -104.41
N PHE D 49 -5.39 -63.85 -105.12
CA PHE D 49 -3.98 -63.44 -105.19
C PHE D 49 -3.44 -63.73 -106.57
N THR D 50 -2.57 -62.85 -107.04
CA THR D 50 -1.93 -62.98 -108.34
C THR D 50 -0.63 -63.77 -108.20
N LEU D 51 -0.42 -64.71 -109.12
CA LEU D 51 0.75 -65.57 -109.04
C LEU D 51 2.02 -64.80 -109.39
N GLY D 52 3.12 -65.21 -108.75
CA GLY D 52 4.43 -64.70 -109.09
C GLY D 52 4.70 -63.31 -108.57
N LYS D 53 3.76 -62.73 -107.85
CA LYS D 53 3.90 -61.39 -107.30
C LYS D 53 4.27 -61.41 -105.82
N GLN D 54 4.63 -62.57 -105.28
CA GLN D 54 5.07 -62.69 -103.89
C GLN D 54 4.00 -62.21 -102.91
N GLU D 55 2.74 -62.20 -103.35
CA GLU D 55 1.65 -61.85 -102.44
C GLU D 55 1.54 -62.87 -101.31
N VAL D 56 1.63 -64.15 -101.66
CA VAL D 56 1.56 -65.23 -100.68
C VAL D 56 2.94 -65.84 -100.53
N ILE D 57 3.10 -66.75 -99.57
CA ILE D 57 4.40 -67.34 -99.36
C ILE D 57 4.69 -68.40 -100.43
N ARG D 58 5.96 -68.77 -100.52
CA ARG D 58 6.41 -69.63 -101.61
C ARG D 58 5.66 -70.97 -101.59
N GLY D 59 5.26 -71.43 -100.41
CA GLY D 59 4.49 -72.65 -100.34
C GLY D 59 3.19 -72.55 -101.11
N TRP D 60 2.42 -71.48 -100.88
CA TRP D 60 1.25 -71.22 -101.70
C TRP D 60 1.61 -71.07 -103.16
N GLU D 61 2.63 -70.28 -103.48
CA GLU D 61 2.98 -70.14 -104.88
C GLU D 61 3.07 -71.49 -105.56
N GLU D 62 3.99 -72.34 -105.09
CA GLU D 62 4.22 -73.62 -105.76
C GLU D 62 3.00 -74.52 -105.68
N GLY D 63 2.36 -74.64 -104.51
CA GLY D 63 1.26 -75.57 -104.37
C GLY D 63 0.07 -75.20 -105.23
N VAL D 64 -0.33 -73.93 -105.23
CA VAL D 64 -1.43 -73.50 -106.07
C VAL D 64 -1.06 -73.63 -107.53
N ALA D 65 0.21 -73.37 -107.87
CA ALA D 65 0.64 -73.57 -109.25
C ALA D 65 0.40 -75.00 -109.67
N GLN D 66 0.78 -75.96 -108.83
CA GLN D 66 0.57 -77.36 -109.17
C GLN D 66 -0.91 -77.70 -109.23
N MET D 67 -1.72 -77.16 -108.33
CA MET D 67 -3.15 -77.48 -108.33
C MET D 67 -3.80 -77.07 -109.65
N SER D 68 -4.90 -77.73 -109.97
CA SER D 68 -5.73 -77.39 -111.12
C SER D 68 -7.05 -76.79 -110.65
N VAL D 69 -7.76 -76.15 -111.58
CA VAL D 69 -8.98 -75.45 -111.21
C VAL D 69 -9.99 -76.42 -110.63
N GLY D 70 -10.88 -75.89 -109.79
CA GLY D 70 -11.95 -76.70 -109.24
C GLY D 70 -11.49 -77.91 -108.48
N GLN D 71 -10.39 -77.80 -107.74
CA GLN D 71 -9.83 -78.92 -107.02
C GLN D 71 -9.62 -78.53 -105.57
N ARG D 72 -9.80 -79.50 -104.68
CA ARG D 72 -9.54 -79.34 -103.26
C ARG D 72 -8.33 -80.18 -102.89
N ALA D 73 -7.40 -79.60 -102.16
CA ALA D 73 -6.15 -80.27 -101.86
C ALA D 73 -5.68 -79.88 -100.46
N LYS D 74 -4.77 -80.69 -99.93
CA LYS D 74 -4.07 -80.39 -98.69
C LYS D 74 -2.62 -80.07 -99.02
N LEU D 75 -2.16 -78.92 -98.56
CA LEU D 75 -0.80 -78.45 -98.77
C LEU D 75 -0.06 -78.50 -97.45
N ILE D 76 1.06 -79.19 -97.43
CA ILE D 76 1.90 -79.28 -96.22
C ILE D 76 3.11 -78.40 -96.47
N ILE D 77 3.01 -77.14 -96.05
CA ILE D 77 4.10 -76.20 -96.23
C ILE D 77 5.14 -76.42 -95.14
N SER D 78 6.38 -76.60 -95.55
CA SER D 78 7.49 -76.75 -94.60
C SER D 78 7.82 -75.40 -93.98
N SER D 79 8.59 -75.45 -92.88
CA SER D 79 8.87 -74.22 -92.14
C SER D 79 9.64 -73.22 -92.99
N ASP D 80 10.65 -73.69 -93.73
CA ASP D 80 11.46 -72.77 -94.52
C ASP D 80 10.64 -72.10 -95.62
N TYR D 81 9.76 -72.85 -96.29
CA TYR D 81 8.89 -72.23 -97.29
C TYR D 81 7.83 -71.36 -96.62
N ALA D 82 7.56 -71.59 -95.34
CA ALA D 82 6.58 -70.82 -94.61
C ALA D 82 7.24 -69.61 -93.96
N TYR D 83 6.55 -68.97 -93.02
CA TYR D 83 7.06 -67.79 -92.36
C TYR D 83 8.43 -67.99 -91.72
N GLY D 84 8.93 -69.23 -91.65
CA GLY D 84 10.30 -69.43 -91.29
C GLY D 84 10.59 -69.12 -89.82
N ALA D 85 11.86 -68.77 -89.58
CA ALA D 85 12.32 -68.58 -88.21
C ALA D 85 11.56 -67.45 -87.53
N THR D 86 11.29 -66.36 -88.25
CA THR D 86 10.60 -65.24 -87.63
C THR D 86 9.21 -65.65 -87.14
N GLY D 87 8.42 -66.25 -88.02
CA GLY D 87 7.08 -66.65 -87.64
C GLY D 87 6.18 -65.44 -87.53
N HIS D 88 4.92 -65.57 -87.93
CA HIS D 88 4.00 -64.45 -87.86
C HIS D 88 3.68 -64.19 -86.39
N PRO D 89 4.23 -63.14 -85.78
CA PRO D 89 4.16 -63.02 -84.31
C PRO D 89 2.72 -63.04 -83.81
N GLY D 90 2.51 -63.80 -82.75
CA GLY D 90 1.21 -63.89 -82.12
C GLY D 90 0.26 -64.88 -82.74
N ILE D 91 0.61 -65.49 -83.87
CA ILE D 91 -0.28 -66.41 -84.56
C ILE D 91 0.42 -67.74 -84.74
N ILE D 92 1.55 -67.73 -85.43
CA ILE D 92 2.28 -68.94 -85.80
C ILE D 92 3.59 -68.97 -85.01
N PRO D 93 3.86 -70.04 -84.26
CA PRO D 93 5.12 -70.11 -83.54
C PRO D 93 6.29 -70.15 -84.51
N PRO D 94 7.49 -69.78 -84.06
CA PRO D 94 8.65 -69.86 -84.94
C PRO D 94 8.90 -71.29 -85.39
N HIS D 95 9.40 -71.42 -86.62
CA HIS D 95 9.81 -72.71 -87.17
C HIS D 95 8.65 -73.71 -87.14
N ALA D 96 7.49 -73.27 -87.61
CA ALA D 96 6.27 -74.09 -87.59
C ALA D 96 5.87 -74.45 -89.02
N THR D 97 5.67 -75.74 -89.27
CA THR D 97 5.16 -76.19 -90.55
C THR D 97 3.65 -76.05 -90.58
N LEU D 98 3.12 -75.61 -91.71
CA LEU D 98 1.72 -75.26 -91.85
C LEU D 98 1.01 -76.32 -92.70
N VAL D 99 -0.29 -76.48 -92.45
CA VAL D 99 -1.13 -77.37 -93.25
C VAL D 99 -2.36 -76.58 -93.67
N PHE D 100 -2.60 -76.51 -94.98
CA PHE D 100 -3.70 -75.73 -95.53
C PHE D 100 -4.62 -76.63 -96.34
N ASP D 101 -5.92 -76.49 -96.13
CA ASP D 101 -6.92 -77.13 -96.97
C ASP D 101 -7.42 -76.08 -97.95
N VAL D 102 -7.05 -76.24 -99.23
CA VAL D 102 -7.20 -75.19 -100.23
C VAL D 102 -8.10 -75.70 -101.34
N GLU D 103 -9.14 -74.94 -101.66
CA GLU D 103 -10.00 -75.21 -102.80
C GLU D 103 -9.82 -74.10 -103.81
N LEU D 104 -9.49 -74.47 -105.04
CA LEU D 104 -9.25 -73.51 -106.13
C LEU D 104 -10.55 -73.34 -106.92
N LEU D 105 -11.28 -72.27 -106.61
CA LEU D 105 -12.62 -72.11 -107.16
C LEU D 105 -12.58 -71.69 -108.62
N LYS D 106 -11.81 -70.65 -108.94
CA LYS D 106 -11.79 -70.14 -110.30
C LYS D 106 -10.51 -69.36 -110.52
N LEU D 107 -10.18 -69.15 -111.80
CA LEU D 107 -9.01 -68.39 -112.21
C LEU D 107 -9.46 -67.19 -113.02
N GLU D 108 -8.73 -66.09 -112.90
CA GLU D 108 -9.05 -64.87 -113.65
C GLU D 108 -7.92 -63.86 -113.54
CA GLY E 2 86.98 69.01 -60.94
C GLY E 2 85.81 69.51 -61.77
N VAL E 3 85.62 70.82 -61.82
CA VAL E 3 84.54 71.45 -62.56
C VAL E 3 85.08 71.90 -63.90
N GLN E 4 84.45 71.43 -64.97
CA GLN E 4 84.85 71.76 -66.34
C GLN E 4 83.72 72.48 -67.03
N VAL E 5 84.03 73.58 -67.71
CA VAL E 5 83.05 74.44 -68.36
C VAL E 5 83.27 74.39 -69.86
N GLU E 6 82.24 73.99 -70.60
CA GLU E 6 82.23 74.05 -72.05
C GLU E 6 81.18 75.07 -72.49
N THR E 7 81.49 75.84 -73.53
CA THR E 7 80.63 76.93 -73.97
C THR E 7 79.66 76.43 -75.02
N ILE E 8 78.40 76.24 -74.65
CA ILE E 8 77.38 75.87 -75.62
C ILE E 8 77.04 77.06 -76.52
N SER E 9 76.89 78.23 -75.92
CA SER E 9 76.65 79.46 -76.66
C SER E 9 77.53 80.58 -76.12
N PRO E 10 77.98 81.48 -76.98
CA PRO E 10 78.82 82.59 -76.50
C PRO E 10 77.99 83.60 -75.71
N GLY E 11 78.70 84.32 -74.83
CA GLY E 11 78.09 85.38 -74.05
C GLY E 11 78.71 86.72 -74.38
N ASP E 12 78.44 87.69 -73.52
CA ASP E 12 79.06 89.00 -73.68
C ASP E 12 80.57 88.91 -73.54
N GLY E 13 81.05 88.08 -72.61
CA GLY E 13 82.47 87.88 -72.43
C GLY E 13 83.17 88.97 -71.64
N ARG E 14 82.47 90.05 -71.30
CA ARG E 14 83.04 91.15 -70.55
C ARG E 14 82.59 91.18 -69.10
N THR E 15 81.34 90.79 -68.83
CA THR E 15 80.78 90.83 -67.49
C THR E 15 80.89 89.45 -66.86
N PHE E 16 81.62 89.37 -65.75
CA PHE E 16 81.78 88.13 -65.01
C PHE E 16 81.17 88.31 -63.62
N PRO E 17 80.67 87.24 -63.01
CA PRO E 17 80.19 87.35 -61.63
C PRO E 17 81.32 87.74 -60.69
N LYS E 18 80.97 88.55 -59.68
CA LYS E 18 81.91 88.99 -58.66
C LYS E 18 81.37 88.63 -57.29
N ARG E 19 82.27 88.36 -56.35
CA ARG E 19 81.86 87.92 -55.02
C ARG E 19 80.80 88.85 -54.44
N GLY E 20 79.77 88.26 -53.87
CA GLY E 20 78.68 89.04 -53.32
C GLY E 20 77.69 89.56 -54.34
N GLN E 21 77.53 88.87 -55.46
CA GLN E 21 76.55 89.24 -56.48
C GLN E 21 75.57 88.10 -56.64
N THR E 22 74.31 88.43 -56.92
CA THR E 22 73.31 87.42 -57.21
C THR E 22 73.28 87.13 -58.70
N CYS E 23 73.36 85.86 -59.05
CA CYS E 23 73.37 85.42 -60.44
C CYS E 23 72.06 84.72 -60.74
N VAL E 24 71.31 85.24 -61.72
CA VAL E 24 70.08 84.60 -62.15
C VAL E 24 70.47 83.59 -63.23
N VAL E 25 70.14 82.32 -63.01
CA VAL E 25 70.54 81.24 -63.90
C VAL E 25 69.35 80.32 -64.11
N HIS E 26 69.27 79.73 -65.30
CA HIS E 26 68.41 78.58 -65.55
C HIS E 26 69.30 77.36 -65.73
N TYR E 27 69.05 76.32 -64.94
CA TYR E 27 69.87 75.13 -64.97
C TYR E 27 69.02 73.90 -65.26
N THR E 28 69.56 73.01 -66.08
CA THR E 28 68.99 71.69 -66.31
C THR E 28 70.00 70.66 -65.87
N GLY E 29 69.65 69.87 -64.85
CA GLY E 29 70.58 68.99 -64.19
C GLY E 29 70.41 67.55 -64.66
N MET E 30 71.53 66.91 -64.97
CA MET E 30 71.55 65.53 -65.42
C MET E 30 72.71 64.80 -64.77
N LEU E 31 72.53 63.50 -64.56
CA LEU E 31 73.61 62.68 -64.07
C LEU E 31 74.57 62.35 -65.20
N GLU E 32 75.73 61.80 -64.83
CA GLU E 32 76.69 61.36 -65.83
C GLU E 32 76.10 60.31 -66.77
N ASP E 33 75.04 59.63 -66.33
CA ASP E 33 74.39 58.63 -67.16
C ASP E 33 73.42 59.23 -68.18
N GLY E 34 73.20 60.53 -68.13
CA GLY E 34 72.22 61.18 -68.98
C GLY E 34 70.85 61.32 -68.36
N LYS E 35 70.63 60.76 -67.17
CA LYS E 35 69.34 60.87 -66.52
C LYS E 35 69.16 62.26 -65.94
N LYS E 36 68.00 62.86 -66.19
CA LYS E 36 67.70 64.21 -65.69
C LYS E 36 67.11 64.09 -64.29
N PHE E 37 67.62 64.89 -63.36
CA PHE E 37 67.10 64.90 -62.00
C PHE E 37 66.48 66.24 -61.61
N ASP E 38 67.09 67.35 -62.02
CA ASP E 38 66.57 68.67 -61.69
C ASP E 38 66.64 69.55 -62.92
N SER E 39 65.71 70.51 -63.00
CA SER E 39 65.65 71.43 -64.13
C SER E 39 64.79 72.62 -63.74
N SER E 40 65.41 73.80 -63.67
CA SER E 40 64.68 75.00 -63.34
C SER E 40 63.70 75.42 -64.43
N ARG E 41 63.88 74.93 -65.66
CA ARG E 41 62.95 75.30 -66.72
C ARG E 41 61.54 74.84 -66.38
N ASP E 42 61.40 73.60 -65.91
CA ASP E 42 60.08 73.09 -65.58
C ASP E 42 59.43 73.92 -64.48
N ARG E 43 60.20 74.26 -63.45
CA ARG E 43 59.67 75.15 -62.42
C ARG E 43 59.32 76.52 -63.00
N ASN E 44 59.95 76.88 -64.11
CA ASN E 44 59.70 78.08 -64.88
C ASN E 44 60.09 79.34 -64.11
N LYS E 45 60.79 79.21 -62.99
CA LYS E 45 61.28 80.36 -62.23
C LYS E 45 62.79 80.31 -62.16
N PRO E 46 63.51 81.35 -62.61
CA PRO E 46 64.97 81.29 -62.61
C PRO E 46 65.52 81.14 -61.19
N PHE E 47 66.62 80.39 -61.07
CA PHE E 47 67.26 80.22 -59.77
C PHE E 47 68.25 81.36 -59.52
N LYS E 48 68.14 81.97 -58.35
CA LYS E 48 68.99 83.09 -57.97
C LYS E 48 69.80 82.72 -56.73
N PHE E 49 71.11 82.88 -56.83
CA PHE E 49 72.01 82.59 -55.71
C PHE E 49 73.11 83.63 -55.68
N THR E 50 73.59 83.92 -54.47
CA THR E 50 74.65 84.89 -54.25
C THR E 50 75.99 84.19 -54.17
N LEU E 51 76.99 84.77 -54.84
CA LEU E 51 78.30 84.16 -54.87
C LEU E 51 78.96 84.16 -53.50
N GLY E 52 79.73 83.11 -53.24
CA GLY E 52 80.59 83.06 -52.07
C GLY E 52 79.86 82.83 -50.76
N LYS E 53 78.55 82.63 -50.81
CA LYS E 53 77.76 82.37 -49.62
C LYS E 53 77.45 80.91 -49.42
N GLN E 54 78.10 80.02 -50.17
CA GLN E 54 77.93 78.58 -50.03
C GLN E 54 76.48 78.16 -50.21
N GLU E 55 75.69 78.97 -50.91
CA GLU E 55 74.31 78.59 -51.20
C GLU E 55 74.27 77.36 -52.10
N VAL E 56 75.13 77.33 -53.12
CA VAL E 56 75.20 76.21 -54.04
C VAL E 56 76.53 75.50 -53.80
N ILE E 57 76.73 74.35 -54.44
CA ILE E 57 77.94 73.59 -54.20
C ILE E 57 79.12 74.24 -54.91
N ARG E 58 80.31 73.79 -54.53
CA ARG E 58 81.54 74.45 -55.01
C ARG E 58 81.64 74.37 -56.52
N GLY E 59 81.08 73.32 -57.12
CA GLY E 59 81.08 73.22 -58.57
C GLY E 59 80.36 74.39 -59.21
N TRP E 60 79.14 74.67 -58.74
CA TRP E 60 78.45 75.87 -59.20
C TRP E 60 79.24 77.12 -58.89
N GLU E 61 79.75 77.26 -57.67
CA GLU E 61 80.51 78.46 -57.36
C GLU E 61 81.55 78.73 -58.44
N GLU E 62 82.49 77.80 -58.64
CA GLU E 62 83.58 78.03 -59.57
C GLU E 62 83.07 78.15 -61.00
N GLY E 63 82.17 77.26 -61.44
CA GLY E 63 81.75 77.28 -62.83
C GLY E 63 81.01 78.56 -63.19
N VAL E 64 80.06 78.98 -62.36
CA VAL E 64 79.35 80.22 -62.64
C VAL E 64 80.30 81.39 -62.55
N ALA E 65 81.26 81.36 -61.62
CA ALA E 65 82.25 82.43 -61.55
C ALA E 65 82.97 82.56 -62.88
N GLN E 66 83.41 81.43 -63.45
CA GLN E 66 84.09 81.48 -64.74
C GLN E 66 83.15 81.96 -65.85
N MET E 67 81.90 81.54 -65.84
CA MET E 67 80.97 81.94 -66.91
C MET E 67 80.80 83.45 -66.93
N SER E 68 80.43 83.96 -68.10
CA SER E 68 80.11 85.36 -68.29
C SER E 68 78.61 85.53 -68.53
N VAL E 69 78.14 86.77 -68.40
CA VAL E 69 76.70 87.02 -68.49
C VAL E 69 76.19 86.57 -69.85
N GLY E 70 74.90 86.23 -69.89
CA GLY E 70 74.25 85.90 -71.14
C GLY E 70 74.90 84.76 -71.89
N GLN E 71 75.40 83.75 -71.18
CA GLN E 71 76.09 82.64 -71.80
C GLN E 71 75.47 81.34 -71.35
N ARG E 72 75.47 80.36 -72.25
CA ARG E 72 74.99 79.02 -71.97
C ARG E 72 76.19 78.08 -71.99
N ALA E 73 76.30 77.23 -70.98
CA ALA E 73 77.47 76.37 -70.84
C ALA E 73 77.05 75.03 -70.25
N LYS E 74 77.93 74.06 -70.41
CA LYS E 74 77.81 72.76 -69.76
C LYS E 74 78.88 72.66 -68.68
N LEU E 75 78.47 72.35 -67.47
CA LEU E 75 79.35 72.20 -66.32
C LEU E 75 79.39 70.73 -65.95
N ILE E 76 80.60 70.17 -65.89
CA ILE E 76 80.78 68.77 -65.49
C ILE E 76 81.36 68.81 -64.09
N ILE E 77 80.48 68.75 -63.10
CA ILE E 77 80.91 68.77 -61.71
C ILE E 77 81.35 67.38 -61.30
N SER E 78 82.56 67.28 -60.76
CA SER E 78 83.09 66.02 -60.26
C SER E 78 82.42 65.66 -58.95
N SER E 79 82.57 64.39 -58.56
CA SER E 79 81.87 63.89 -57.37
C SER E 79 82.29 64.65 -56.12
N ASP E 80 83.60 64.88 -55.95
CA ASP E 80 84.07 65.54 -54.75
C ASP E 80 83.55 66.98 -54.65
N TYR E 81 83.54 67.71 -55.76
CA TYR E 81 82.97 69.05 -55.75
C TYR E 81 81.45 69.00 -55.61
N ALA E 82 80.85 67.87 -55.95
CA ALA E 82 79.41 67.71 -55.84
C ALA E 82 79.03 67.17 -54.46
N TYR E 83 77.80 66.68 -54.32
CA TYR E 83 77.33 66.19 -53.03
C TYR E 83 78.21 65.10 -52.45
N GLY E 84 79.17 64.58 -53.19
CA GLY E 84 80.19 63.74 -52.60
C GLY E 84 79.66 62.38 -52.17
N ALA E 85 80.34 61.81 -51.18
CA ALA E 85 80.04 60.46 -50.74
C ALA E 85 78.61 60.34 -50.22
N THR E 86 78.15 61.36 -49.48
CA THR E 86 76.81 61.29 -48.92
C THR E 86 75.76 61.20 -50.01
N GLY E 87 75.81 62.13 -50.97
CA GLY E 87 74.83 62.14 -52.05
C GLY E 87 73.49 62.63 -51.55
N HIS E 88 72.77 63.38 -52.37
CA HIS E 88 71.48 63.88 -51.94
C HIS E 88 70.50 62.71 -51.88
N PRO E 89 70.13 62.22 -50.70
CA PRO E 89 69.42 60.93 -50.64
C PRO E 89 68.14 60.95 -51.45
N GLY E 90 67.93 59.88 -52.20
CA GLY E 90 66.73 59.71 -52.98
C GLY E 90 66.76 60.37 -54.35
N ILE E 91 67.79 61.14 -54.65
CA ILE E 91 67.86 61.85 -55.92
C ILE E 91 69.14 61.47 -56.65
N ILE E 92 70.27 61.72 -56.00
CA ILE E 92 71.59 61.53 -56.61
C ILE E 92 72.28 60.36 -55.91
N PRO E 93 72.73 59.35 -56.64
CA PRO E 93 73.43 58.25 -55.99
C PRO E 93 74.73 58.73 -55.38
N PRO E 94 75.26 58.01 -54.39
CA PRO E 94 76.55 58.41 -53.82
C PRO E 94 77.65 58.40 -54.88
N HIS E 95 78.60 59.32 -54.70
CA HIS E 95 79.79 59.38 -55.57
C HIS E 95 79.40 59.52 -57.03
N ALA E 96 78.48 60.44 -57.33
CA ALA E 96 77.97 60.63 -58.68
C ALA E 96 78.42 61.99 -59.21
N THR E 97 79.03 61.98 -60.39
CA THR E 97 79.39 63.22 -61.06
C THR E 97 78.18 63.79 -61.78
N LEU E 98 78.02 65.10 -61.72
CA LEU E 98 76.83 65.78 -62.22
C LEU E 98 77.17 66.54 -63.49
N VAL E 99 76.18 66.73 -64.36
CA VAL E 99 76.30 67.53 -65.56
C VAL E 99 75.14 68.51 -65.59
N PHE E 100 75.45 69.80 -65.70
CA PHE E 100 74.45 70.86 -65.65
C PHE E 100 74.53 71.70 -66.91
N ASP E 101 73.39 71.95 -67.54
CA ASP E 101 73.28 72.91 -68.63
C ASP E 101 72.78 74.22 -68.03
N VAL E 102 73.66 75.21 -67.97
CA VAL E 102 73.43 76.42 -67.19
C VAL E 102 73.45 77.62 -68.13
N GLU E 103 72.41 78.44 -68.07
CA GLU E 103 72.35 79.71 -68.78
C GLU E 103 72.34 80.83 -67.76
N LEU E 104 73.28 81.77 -67.91
CA LEU E 104 73.42 82.90 -66.99
C LEU E 104 72.66 84.09 -67.58
N LEU E 105 71.44 84.31 -67.09
CA LEU E 105 70.59 85.31 -67.73
C LEU E 105 71.00 86.73 -67.35
N LYS E 106 71.16 86.99 -66.06
CA LYS E 106 71.50 88.34 -65.62
C LYS E 106 72.16 88.28 -64.26
N LEU E 107 72.85 89.37 -63.91
CA LEU E 107 73.49 89.52 -62.61
C LEU E 107 72.89 90.71 -61.89
N GLU E 108 72.90 90.67 -60.57
CA GLU E 108 72.34 91.74 -59.77
C GLU E 108 72.75 91.61 -58.31
CA GLY F 2 56.06 42.54 105.32
C GLY F 2 55.25 43.79 105.06
N VAL F 3 54.49 44.22 106.07
CA VAL F 3 53.64 45.41 105.97
C VAL F 3 54.37 46.57 106.64
N GLN F 4 54.55 47.66 105.89
CA GLN F 4 55.25 48.84 106.37
C GLN F 4 54.30 50.01 106.34
N VAL F 5 54.26 50.79 107.41
CA VAL F 5 53.34 51.91 107.57
C VAL F 5 54.14 53.20 107.65
N GLU F 6 53.87 54.12 106.73
CA GLU F 6 54.43 55.47 106.77
C GLU F 6 53.30 56.45 107.02
N THR F 7 53.57 57.46 107.84
CA THR F 7 52.53 58.41 108.27
C THR F 7 52.48 59.57 107.30
N ILE F 8 51.47 59.58 106.43
CA ILE F 8 51.28 60.72 105.54
C ILE F 8 50.80 61.93 106.32
N SER F 9 49.84 61.72 107.23
CA SER F 9 49.35 62.77 108.11
C SER F 9 49.25 62.24 109.52
N PRO F 10 49.47 63.10 110.53
CA PRO F 10 49.34 62.64 111.92
C PRO F 10 47.89 62.41 112.29
N GLY F 11 47.69 61.58 113.31
CA GLY F 11 46.38 61.31 113.85
C GLY F 11 46.31 61.71 115.32
N ASP F 12 45.26 61.23 115.97
CA ASP F 12 45.12 61.47 117.41
C ASP F 12 46.27 60.82 118.17
N GLY F 13 46.67 59.62 117.76
CA GLY F 13 47.77 58.93 118.38
C GLY F 13 47.43 58.23 119.67
N ARG F 14 46.22 58.41 120.19
CA ARG F 14 45.80 57.78 121.43
C ARG F 14 44.84 56.62 121.22
N THR F 15 43.98 56.69 120.20
CA THR F 15 42.99 55.67 119.94
C THR F 15 43.50 54.74 118.86
N PHE F 16 43.64 53.46 119.20
CA PHE F 16 44.09 52.44 118.27
C PHE F 16 42.97 51.42 118.09
N PRO F 17 42.88 50.79 116.93
CA PRO F 17 41.90 49.71 116.76
C PRO F 17 42.17 48.56 117.72
N LYS F 18 41.10 47.95 118.21
CA LYS F 18 41.17 46.81 119.11
C LYS F 18 40.38 45.65 118.50
N ARG F 19 40.81 44.43 118.79
CA ARG F 19 40.19 43.24 118.21
C ARG F 19 38.68 43.29 118.41
N GLY F 20 37.95 42.98 117.35
CA GLY F 20 36.50 43.02 117.39
C GLY F 20 35.91 44.41 117.27
N GLN F 21 36.59 45.32 116.58
CA GLN F 21 36.07 46.67 116.34
C GLN F 21 35.97 46.88 114.84
N THR F 22 34.95 47.62 114.41
CA THR F 22 34.83 47.98 113.01
C THR F 22 35.57 49.29 112.76
N CYS F 23 36.41 49.30 111.73
CA CYS F 23 37.21 50.46 111.37
C CYS F 23 36.69 51.01 110.05
N VAL F 24 36.25 52.27 110.07
CA VAL F 24 35.83 52.94 108.84
C VAL F 24 37.07 53.56 108.21
N VAL F 25 37.37 53.17 106.97
CA VAL F 25 38.59 53.60 106.29
C VAL F 25 38.24 53.97 104.86
N HIS F 26 38.95 54.96 104.33
CA HIS F 26 38.98 55.21 102.89
C HIS F 26 40.34 54.79 102.38
N TYR F 27 40.35 53.93 101.37
CA TYR F 27 41.59 53.40 100.83
C TYR F 27 41.68 53.65 99.33
N THR F 28 42.88 54.00 98.89
CA THR F 28 43.20 54.10 97.48
C THR F 28 44.33 53.12 97.19
N GLY F 29 44.04 52.12 96.36
CA GLY F 29 44.94 51.01 96.14
C GLY F 29 45.72 51.15 94.85
N MET F 30 47.02 50.92 94.94
CA MET F 30 47.92 51.00 93.80
C MET F 30 48.90 49.84 93.84
N LEU F 31 49.33 49.42 92.66
CA LEU F 31 50.37 48.41 92.58
C LEU F 31 51.73 49.04 92.85
N GLU F 32 52.74 48.18 93.02
CA GLU F 32 54.10 48.67 93.19
C GLU F 32 54.56 49.48 91.99
N ASP F 33 53.93 49.29 90.83
CA ASP F 33 54.28 50.02 89.62
C ASP F 33 53.66 51.41 89.58
N GLY F 34 52.81 51.76 90.55
CA GLY F 34 52.08 53.01 90.53
C GLY F 34 50.71 52.93 89.88
N LYS F 35 50.35 51.79 89.31
CA LYS F 35 49.04 51.65 88.68
C LYS F 35 47.96 51.51 89.75
N LYS F 36 46.88 52.27 89.59
CA LYS F 36 45.78 52.22 90.55
C LYS F 36 44.81 51.12 90.14
N PHE F 37 44.42 50.28 91.09
CA PHE F 37 43.46 49.22 90.81
C PHE F 37 42.16 49.37 91.59
N ASP F 38 42.22 49.81 92.85
CA ASP F 38 41.04 49.98 93.66
C ASP F 38 41.14 51.29 94.42
N SER F 39 39.99 51.90 94.69
CA SER F 39 39.93 53.16 95.42
C SER F 39 38.51 53.38 95.94
N SER F 40 38.36 53.37 97.25
CA SER F 40 37.05 53.60 97.85
C SER F 40 36.55 55.02 97.65
N ARG F 41 37.44 55.97 97.34
CA ARG F 41 36.97 57.33 97.12
C ARG F 41 36.00 57.39 95.95
N ASP F 42 36.32 56.72 94.85
CA ASP F 42 35.44 56.75 93.69
C ASP F 42 34.08 56.16 94.02
N ARG F 43 34.06 55.03 94.74
CA ARG F 43 32.80 54.48 95.19
C ARG F 43 32.08 55.44 96.13
N ASN F 44 32.83 56.33 96.78
CA ASN F 44 32.34 57.40 97.63
C ASN F 44 31.68 56.85 98.90
N LYS F 45 31.83 55.57 99.19
CA LYS F 45 31.31 54.97 100.42
C LYS F 45 32.46 54.40 101.22
N PRO F 46 32.65 54.80 102.48
CA PRO F 46 33.81 54.30 103.24
C PRO F 46 33.72 52.79 103.44
N PHE F 47 34.88 52.13 103.43
CA PHE F 47 34.92 50.69 103.65
C PHE F 47 34.99 50.40 105.14
N LYS F 48 34.13 49.50 105.60
CA LYS F 48 34.05 49.13 107.01
C LYS F 48 34.36 47.66 107.16
N PHE F 49 35.29 47.33 108.04
CA PHE F 49 35.67 45.95 108.30
C PHE F 49 35.98 45.79 109.78
N THR F 50 35.68 44.59 110.29
CA THR F 50 35.91 44.26 111.69
C THR F 50 37.28 43.59 111.85
N LEU F 51 38.00 43.99 112.88
CA LEU F 51 39.33 43.44 113.11
C LEU F 51 39.26 41.96 113.48
N GLY F 52 40.27 41.21 113.04
CA GLY F 52 40.47 39.85 113.48
C GLY F 52 39.49 38.84 112.91
N LYS F 53 38.63 39.29 112.00
CA LYS F 53 37.66 38.41 111.36
C LYS F 53 38.10 37.98 109.97
N GLN F 54 39.35 38.25 109.59
CA GLN F 54 39.89 37.83 108.30
C GLN F 54 39.07 38.39 107.15
N GLU F 55 38.34 39.48 107.38
CA GLU F 55 37.62 40.13 106.29
C GLU F 55 38.57 40.67 105.24
N VAL F 56 39.65 41.32 105.68
CA VAL F 56 40.65 41.87 104.79
C VAL F 56 41.92 41.03 104.93
N ILE F 57 42.91 41.28 104.08
CA ILE F 57 44.12 40.48 104.12
C ILE F 57 44.98 40.89 105.31
N ARG F 58 45.96 40.04 105.62
CA ARG F 58 46.75 40.21 106.83
C ARG F 58 47.48 41.55 106.82
N GLY F 59 47.84 42.03 105.63
CA GLY F 59 48.48 43.33 105.54
C GLY F 59 47.60 44.43 106.10
N TRP F 60 46.34 44.48 105.66
CA TRP F 60 45.39 45.40 106.28
C TRP F 60 45.24 45.15 107.76
N GLU F 61 45.06 43.90 108.16
CA GLU F 61 44.90 43.64 109.58
C GLU F 61 45.99 44.34 110.38
N GLU F 62 47.26 43.99 110.12
CA GLU F 62 48.35 44.53 110.91
C GLU F 62 48.49 46.04 110.73
N GLY F 63 48.44 46.53 109.49
CA GLY F 63 48.67 47.94 109.25
C GLY F 63 47.61 48.83 109.91
N VAL F 64 46.34 48.48 109.73
CA VAL F 64 45.28 49.26 110.36
C VAL F 64 45.38 49.13 111.88
N ALA F 65 45.74 47.95 112.38
CA ALA F 65 45.92 47.81 113.81
C ALA F 65 46.96 48.81 114.32
N GLN F 66 48.08 48.92 113.61
CA GLN F 66 49.10 49.88 114.03
C GLN F 66 48.60 51.32 113.91
N MET F 67 47.86 51.63 112.85
CA MET F 67 47.38 53.00 112.66
C MET F 67 46.50 53.43 113.82
N SER F 68 46.44 54.74 114.03
CA SER F 68 45.56 55.36 115.02
C SER F 68 44.44 56.11 114.33
N VAL F 69 43.40 56.44 115.08
CA VAL F 69 42.22 57.06 114.50
C VAL F 69 42.61 58.37 113.83
N GLY F 70 41.83 58.77 112.83
CA GLY F 70 42.01 60.05 112.19
C GLY F 70 43.39 60.25 111.60
N GLN F 71 43.98 59.21 111.03
CA GLN F 71 45.32 59.28 110.49
C GLN F 71 45.32 58.77 109.06
N ARG F 72 46.18 59.37 108.24
CA ARG F 72 46.38 58.94 106.86
C ARG F 72 47.78 58.36 106.74
N ALA F 73 47.88 57.20 106.11
CA ALA F 73 49.14 56.48 106.04
C ALA F 73 49.27 55.77 104.70
N LYS F 74 50.50 55.39 104.38
CA LYS F 74 50.80 54.54 103.25
C LYS F 74 51.22 53.19 103.77
N LEU F 75 50.57 52.14 103.28
CA LEU F 75 50.84 50.76 103.67
C LEU F 75 51.47 50.06 102.48
N ILE F 76 52.65 49.47 102.68
CA ILE F 76 53.32 48.73 101.62
C ILE F 76 53.18 47.25 101.99
N ILE F 77 52.13 46.64 101.46
CA ILE F 77 51.88 45.23 101.73
C ILE F 77 52.76 44.38 100.82
N SER F 78 53.50 43.46 101.42
CA SER F 78 54.34 42.54 100.67
C SER F 78 53.47 41.47 100.00
N SER F 79 54.07 40.78 99.03
CA SER F 79 53.30 39.82 98.25
C SER F 79 52.73 38.71 99.11
N ASP F 80 53.54 38.17 100.02
CA ASP F 80 53.07 37.06 100.85
C ASP F 80 51.91 37.47 101.75
N TYR F 81 52.00 38.66 102.35
CA TYR F 81 50.87 39.15 103.15
C TYR F 81 49.69 39.52 102.27
N ALA F 82 49.93 39.77 100.98
CA ALA F 82 48.88 40.12 100.04
C ALA F 82 48.31 38.86 99.40
N TYR F 83 47.56 39.03 98.32
CA TYR F 83 46.93 37.91 97.65
C TYR F 83 47.91 36.82 97.24
N GLY F 84 49.21 37.06 97.34
CA GLY F 84 50.16 35.98 97.21
C GLY F 84 50.27 35.45 95.80
N ALA F 85 50.66 34.18 95.71
CA ALA F 85 50.95 33.57 94.41
C ALA F 85 49.70 33.53 93.53
N THR F 86 48.54 33.26 94.12
CA THR F 86 47.33 33.18 93.32
C THR F 86 47.02 34.52 92.66
N GLY F 87 46.98 35.58 93.44
CA GLY F 87 46.67 36.90 92.90
C GLY F 87 45.21 37.01 92.57
N HIS F 88 44.61 38.16 92.79
CA HIS F 88 43.20 38.33 92.48
C HIS F 88 43.03 38.33 90.97
N PRO F 89 42.52 37.27 90.36
CA PRO F 89 42.59 37.14 88.90
C PRO F 89 41.94 38.32 88.19
N GLY F 90 42.63 38.82 87.18
CA GLY F 90 42.13 39.91 86.37
C GLY F 90 42.37 41.29 86.92
N ILE F 91 42.89 41.41 88.14
CA ILE F 91 43.10 42.71 88.76
C ILE F 91 44.57 42.85 89.15
N ILE F 92 45.03 41.95 90.00
CA ILE F 92 46.38 42.01 90.57
C ILE F 92 47.20 40.87 89.99
N PRO F 93 48.36 41.14 89.38
CA PRO F 93 49.18 40.06 88.86
C PRO F 93 49.68 39.18 89.99
N PRO F 94 50.05 37.94 89.70
CA PRO F 94 50.59 37.07 90.74
C PRO F 94 51.86 37.66 91.35
N HIS F 95 52.05 37.41 92.65
CA HIS F 95 53.27 37.80 93.35
C HIS F 95 53.50 39.31 93.24
N ALA F 96 52.46 40.09 93.49
CA ALA F 96 52.52 41.54 93.35
C ALA F 96 52.40 42.20 94.72
N THR F 97 53.35 43.07 95.04
CA THR F 97 53.26 43.85 96.27
C THR F 97 52.35 45.05 96.06
N LEU F 98 51.54 45.35 97.08
CA LEU F 98 50.50 46.36 96.97
C LEU F 98 50.90 47.58 97.78
N VAL F 99 50.40 48.75 97.37
CA VAL F 99 50.58 49.99 98.09
C VAL F 99 49.22 50.64 98.26
N PHE F 100 48.84 50.93 99.51
CA PHE F 100 47.53 51.48 99.83
C PHE F 100 47.69 52.80 100.55
N ASP F 101 46.92 53.80 100.14
CA ASP F 101 46.81 55.06 100.86
C ASP F 101 45.52 54.99 101.68
N VAL F 102 45.65 54.86 103.00
CA VAL F 102 44.55 54.52 103.89
C VAL F 102 44.35 55.64 104.89
N GLU F 103 43.12 56.13 104.98
CA GLU F 103 42.73 57.10 106.00
C GLU F 103 41.73 56.43 106.93
N LEU F 104 42.03 56.46 108.23
CA LEU F 104 41.19 55.84 109.26
C LEU F 104 40.27 56.91 109.82
N LEU F 105 39.02 56.93 109.32
CA LEU F 105 38.12 58.02 109.67
C LEU F 105 37.56 57.87 111.08
N LYS F 106 37.02 56.70 111.41
CA LYS F 106 36.42 56.51 112.71
C LYS F 106 36.39 55.02 113.04
N LEU F 107 36.23 54.72 114.32
CA LEU F 107 36.12 53.36 114.83
C LEU F 107 34.76 53.19 115.48
N GLU F 108 34.25 51.96 115.46
CA GLU F 108 32.95 51.67 116.04
C GLU F 108 32.74 50.16 116.17
N GLU G 11 16.96 20.83 3.17
CA GLU G 11 17.74 22.06 3.09
C GLU G 11 18.95 21.99 4.02
N VAL G 12 20.12 22.31 3.47
CA VAL G 12 21.34 22.29 4.27
C VAL G 12 21.27 23.39 5.33
N GLN G 13 21.56 23.03 6.57
CA GLN G 13 21.34 23.93 7.68
C GLN G 13 22.25 25.15 7.60
N PHE G 14 21.76 26.26 8.13
CA PHE G 14 22.49 27.52 8.20
C PHE G 14 22.83 27.79 9.66
N LEU G 15 24.07 28.21 9.91
CA LEU G 15 24.42 28.64 11.25
C LEU G 15 23.53 29.81 11.63
N ARG G 16 23.06 29.80 12.88
CA ARG G 16 22.19 30.87 13.37
C ARG G 16 22.59 31.23 14.79
N THR G 17 22.27 32.46 15.18
CA THR G 17 22.66 32.96 16.49
C THR G 17 22.09 32.06 17.58
N ASP G 18 22.90 31.88 18.63
CA ASP G 18 22.61 31.02 19.78
C ASP G 18 22.87 29.56 19.48
N ASP G 19 23.43 29.24 18.31
CA ASP G 19 23.81 27.88 17.97
C ASP G 19 25.24 27.64 18.42
N GLU G 20 25.43 26.71 19.35
CA GLU G 20 26.79 26.41 19.79
C GLU G 20 27.63 25.95 18.61
N VAL G 21 28.86 26.45 18.55
CA VAL G 21 29.78 26.14 17.47
C VAL G 21 31.15 25.83 18.05
N VAL G 22 31.96 25.15 17.26
CA VAL G 22 33.37 24.94 17.57
C VAL G 22 34.17 25.38 16.36
N LEU G 23 35.17 26.22 16.58
CA LEU G 23 36.09 26.61 15.51
C LEU G 23 37.12 25.50 15.33
N GLN G 24 37.31 25.07 14.09
CA GLN G 24 38.20 23.98 13.77
C GLN G 24 39.15 24.42 12.66
N CYS G 25 40.43 24.13 12.85
CA CYS G 25 41.46 24.38 11.85
C CYS G 25 42.13 23.07 11.48
N SER G 26 42.76 23.06 10.31
CA SER G 26 43.40 21.87 9.79
C SER G 26 44.89 22.14 9.53
N ALA G 27 45.72 21.21 9.96
CA ALA G 27 47.13 21.23 9.67
C ALA G 27 47.52 19.92 9.02
N THR G 28 48.73 19.86 8.47
CA THR G 28 49.24 18.65 7.85
C THR G 28 50.64 18.39 8.41
N VAL G 29 50.68 17.68 9.54
CA VAL G 29 51.95 17.29 10.15
C VAL G 29 52.25 15.86 9.77
N LEU G 30 53.48 15.60 9.32
CA LEU G 30 53.91 14.26 8.93
C LEU G 30 53.03 13.71 7.80
N LYS G 31 52.48 14.62 7.00
CA LYS G 31 51.68 14.25 5.83
C LYS G 31 50.38 13.53 6.22
N GLU G 32 49.80 13.89 7.36
CA GLU G 32 48.45 13.46 7.71
C GLU G 32 47.66 14.69 8.14
N GLN G 33 46.36 14.70 7.83
CA GLN G 33 45.51 15.82 8.21
C GLN G 33 45.17 15.74 9.68
N LEU G 34 45.49 16.82 10.41
CA LEU G 34 45.20 16.92 11.83
C LEU G 34 44.18 18.04 12.04
N LYS G 35 43.10 17.72 12.73
CA LYS G 35 42.04 18.68 13.01
C LYS G 35 42.20 19.16 14.45
N LEU G 36 42.18 20.49 14.63
CA LEU G 36 42.41 21.11 15.93
C LEU G 36 41.24 22.02 16.23
N CYS G 37 40.61 21.84 17.38
CA CYS G 37 39.53 22.72 17.81
C CYS G 37 40.07 23.81 18.71
N LEU G 38 39.60 25.03 18.49
CA LEU G 38 39.93 26.13 19.39
C LEU G 38 39.42 25.83 20.78
N ALA G 39 40.20 26.23 21.79
CA ALA G 39 39.80 25.98 23.17
C ALA G 39 40.46 27.00 24.06
N ALA G 40 39.92 27.13 25.28
CA ALA G 40 40.50 28.01 26.27
C ALA G 40 39.88 27.70 27.62
N GLU G 41 40.72 27.50 28.63
CA GLU G 41 40.22 27.17 29.97
C GLU G 41 39.43 28.34 30.55
N GLY G 42 39.93 29.56 30.33
CA GLY G 42 39.24 30.76 30.75
C GLY G 42 39.49 31.19 32.17
N PHE G 43 39.51 30.27 33.12
CA PHE G 43 39.73 30.57 34.53
C PHE G 43 41.18 30.18 34.85
N GLY G 44 42.04 31.18 34.92
CA GLY G 44 43.45 30.99 35.18
C GLY G 44 44.31 31.00 33.94
N ASN G 45 43.73 30.71 32.77
CA ASN G 45 44.46 30.71 31.51
C ASN G 45 43.54 31.32 30.44
N ARG G 46 43.63 32.63 30.27
CA ARG G 46 42.79 33.30 29.28
C ARG G 46 43.26 33.01 27.86
N LEU G 47 44.53 32.65 27.70
CA LEU G 47 45.06 32.41 26.37
C LEU G 47 44.46 31.15 25.77
N CYS G 48 44.11 31.24 24.49
CA CYS G 48 43.51 30.12 23.77
C CYS G 48 44.60 29.18 23.26
N PHE G 49 44.25 27.90 23.14
CA PHE G 49 45.13 26.91 22.55
C PHE G 49 44.31 26.00 21.66
N LEU G 50 44.96 24.98 21.13
CA LEU G 50 44.38 24.10 20.12
C LEU G 50 44.32 22.68 20.67
N GLU G 51 43.11 22.12 20.75
CA GLU G 51 42.91 20.76 21.21
C GLU G 51 42.82 19.84 20.01
N PRO G 52 43.74 18.90 19.81
CA PRO G 52 43.61 17.99 18.68
C PRO G 52 42.41 17.07 18.84
N THR G 53 41.76 16.74 17.72
CA THR G 53 40.61 15.87 17.72
C THR G 53 40.68 14.75 16.70
N SER G 54 41.71 14.71 15.86
CA SER G 54 41.80 13.65 14.86
C SER G 54 41.87 12.29 15.51
N ASN G 55 42.67 12.16 16.57
CA ASN G 55 42.76 10.90 17.30
C ASN G 55 41.64 10.77 18.34
N ALA G 56 40.40 10.96 17.90
CA ALA G 56 39.29 10.91 18.82
C ALA G 56 39.05 9.50 19.34
N GLN G 57 39.03 8.51 18.45
CA GLN G 57 38.71 7.15 18.87
C GLN G 57 39.75 6.61 19.85
N ASN G 58 41.03 6.91 19.62
CA ASN G 58 42.06 6.44 20.54
C ASN G 58 42.02 7.25 21.84
N VAL G 59 41.90 8.56 21.73
CA VAL G 59 41.95 9.46 22.88
C VAL G 59 40.83 10.48 22.73
N PRO G 60 39.81 10.46 23.59
CA PRO G 60 38.72 11.43 23.44
C PRO G 60 39.22 12.84 23.62
N PRO G 61 38.69 13.80 22.86
CA PRO G 61 39.07 15.20 23.09
C PRO G 61 38.28 15.81 24.22
N ASP G 62 38.79 16.91 24.75
CA ASP G 62 38.14 17.65 25.83
C ASP G 62 37.30 18.76 25.22
N LEU G 63 36.03 18.49 24.97
CA LEU G 63 35.15 19.42 24.27
C LEU G 63 34.43 20.39 25.20
N ALA G 64 34.55 20.20 26.52
CA ALA G 64 33.86 21.09 27.44
C ALA G 64 34.29 22.54 27.24
N ILE G 65 35.58 22.75 27.01
CA ILE G 65 36.11 24.11 26.89
C ILE G 65 36.00 24.62 25.46
N CYS G 66 35.98 23.72 24.48
CA CYS G 66 36.00 24.15 23.08
C CYS G 66 34.68 24.78 22.65
N CYS G 67 33.57 24.40 23.28
CA CYS G 67 32.26 24.85 22.84
C CYS G 67 32.13 26.37 22.95
N PHE G 68 31.63 26.99 21.88
CA PHE G 68 31.39 28.43 21.84
C PHE G 68 29.95 28.68 21.40
N ILE G 69 29.39 29.80 21.84
CA ILE G 69 28.01 30.17 21.54
C ILE G 69 28.04 31.44 20.68
N LEU G 70 27.43 31.37 19.51
CA LEU G 70 27.21 32.57 18.72
C LEU G 70 26.09 33.38 19.35
N GLU G 71 26.44 34.50 20.00
CA GLU G 71 25.45 35.22 20.80
C GLU G 71 24.80 36.36 20.02
N GLN G 72 25.54 37.01 19.12
CA GLN G 72 24.99 38.13 18.38
C GLN G 72 25.77 38.34 17.09
N SER G 73 25.06 38.45 15.99
CA SER G 73 25.63 38.80 14.69
C SER G 73 25.06 40.14 14.27
N LEU G 74 25.94 41.06 13.89
CA LEU G 74 25.54 42.41 13.54
C LEU G 74 26.25 42.84 12.26
N SER G 75 25.62 43.77 11.54
CA SER G 75 26.29 44.40 10.42
C SER G 75 27.38 45.32 10.93
N VAL G 76 28.34 45.64 10.06
CA VAL G 76 29.49 46.44 10.50
C VAL G 76 29.03 47.83 10.95
N ARG G 77 28.13 48.46 10.18
CA ARG G 77 27.65 49.77 10.57
C ARG G 77 26.82 49.71 11.85
N ALA G 78 26.02 48.65 12.00
CA ALA G 78 25.28 48.47 13.24
C ALA G 78 26.25 48.35 14.42
N LEU G 79 27.37 47.64 14.21
CA LEU G 79 28.40 47.57 15.24
C LEU G 79 28.96 48.95 15.53
N GLN G 80 29.21 49.73 14.49
CA GLN G 80 29.72 51.09 14.70
C GLN G 80 28.77 51.91 15.56
N GLU G 81 27.47 51.83 15.31
CA GLU G 81 26.51 52.55 16.15
C GLU G 81 26.44 52.00 17.57
N MET G 82 26.37 50.67 17.72
CA MET G 82 26.22 50.09 19.05
C MET G 82 27.43 50.38 19.91
N LEU G 83 28.64 50.24 19.35
CA LEU G 83 29.85 50.58 20.09
C LEU G 83 29.88 52.04 20.48
N ALA G 84 29.47 52.92 19.56
CA ALA G 84 29.43 54.35 19.87
C ALA G 84 28.48 54.62 21.02
N ASN G 85 27.33 53.96 21.04
CA ASN G 85 26.37 54.10 22.13
C ASN G 85 27.04 53.82 23.47
N HIS G 99 17.32 35.42 17.63
CA HIS G 99 17.65 34.37 16.67
C HIS G 99 17.69 34.94 15.25
N ARG G 100 18.90 35.04 14.69
CA ARG G 100 19.10 35.63 13.38
C ARG G 100 20.18 34.85 12.65
N THR G 101 19.89 34.45 11.41
CA THR G 101 20.91 33.82 10.59
C THR G 101 22.02 34.83 10.31
N LEU G 102 23.27 34.36 10.39
CA LEU G 102 24.42 35.22 10.18
C LEU G 102 24.95 34.99 8.78
N LEU G 103 25.23 36.07 8.08
CA LEU G 103 25.65 36.04 6.69
C LEU G 103 27.00 36.71 6.52
N TYR G 104 27.71 36.31 5.46
CA TYR G 104 29.09 36.73 5.28
C TYR G 104 29.20 38.25 5.33
N GLY G 105 30.23 38.73 6.05
CA GLY G 105 30.49 40.15 6.20
C GLY G 105 29.99 40.72 7.51
N HIS G 106 29.07 40.02 8.17
CA HIS G 106 28.58 40.46 9.46
C HIS G 106 29.51 40.00 10.57
N ALA G 107 29.80 40.90 11.51
CA ALA G 107 30.60 40.53 12.67
C ALA G 107 29.78 39.67 13.62
N ILE G 108 30.48 38.85 14.40
CA ILE G 108 29.85 37.92 15.33
C ILE G 108 30.47 38.09 16.72
N LEU G 109 29.71 37.70 17.74
CA LEU G 109 30.19 37.69 19.11
C LEU G 109 30.17 36.25 19.62
N LEU G 110 31.36 35.66 19.75
CA LEU G 110 31.49 34.31 20.26
C LEU G 110 31.70 34.36 21.77
N ARG G 111 30.81 33.72 22.50
CA ARG G 111 30.86 33.69 23.96
C ARG G 111 31.20 32.28 24.40
N HIS G 112 32.25 32.15 25.21
CA HIS G 112 32.72 30.83 25.59
C HIS G 112 31.68 30.15 26.47
N ALA G 113 31.31 28.92 26.09
CA ALA G 113 30.23 28.22 26.75
C ALA G 113 30.47 27.99 28.23
N HIS G 114 31.66 27.54 28.61
CA HIS G 114 31.95 27.23 30.00
C HIS G 114 32.29 28.48 30.81
N SER G 115 33.37 29.16 30.45
CA SER G 115 33.85 30.26 31.28
C SER G 115 32.87 31.43 31.29
N ARG G 116 31.97 31.49 30.31
CA ARG G 116 31.01 32.57 30.12
C ARG G 116 31.69 33.85 29.70
N MET G 117 32.93 33.79 29.23
CA MET G 117 33.62 34.96 28.70
C MET G 117 33.51 34.98 27.18
N TYR G 118 34.04 36.05 26.58
CA TYR G 118 33.95 36.29 25.14
C TYR G 118 35.33 36.18 24.52
N LEU G 119 35.41 35.50 23.38
CA LEU G 119 36.67 35.42 22.66
C LEU G 119 37.05 36.77 22.10
N SER G 120 38.27 37.22 22.40
CA SER G 120 38.75 38.53 21.98
C SER G 120 40.19 38.43 21.54
N CYS G 121 40.67 39.50 20.91
CA CYS G 121 42.06 39.60 20.47
C CYS G 121 42.80 40.49 21.46
N LEU G 122 43.61 39.87 22.32
CA LEU G 122 44.29 40.60 23.38
C LEU G 122 45.38 41.50 22.78
N THR G 123 45.74 42.53 23.55
CA THR G 123 46.86 43.38 23.17
C THR G 123 48.20 42.74 23.46
N THR G 124 48.29 41.92 24.51
CA THR G 124 49.55 41.29 24.87
C THR G 124 49.96 40.28 23.80
N SER G 125 51.25 40.21 23.52
CA SER G 125 51.81 39.25 22.58
C SER G 125 52.74 38.31 23.33
N ARG G 126 52.66 37.03 22.99
CA ARG G 126 53.49 35.99 23.60
C ARG G 126 54.37 35.28 22.58
N SER G 127 54.07 35.41 21.30
CA SER G 127 54.83 34.75 20.26
C SER G 127 56.24 35.32 20.18
N MET G 128 57.23 34.43 20.04
CA MET G 128 58.61 34.85 19.84
C MET G 128 59.01 34.88 18.38
N THR G 129 58.15 34.44 17.46
CA THR G 129 58.48 34.45 16.04
C THR G 129 57.91 35.68 15.35
N ASP G 130 56.63 35.98 15.59
CA ASP G 130 55.94 37.10 14.94
C ASP G 130 55.89 38.27 15.90
N LYS G 131 56.32 39.44 15.42
CA LYS G 131 56.28 40.64 16.24
C LYS G 131 54.95 41.38 16.08
N LEU G 132 54.37 41.31 14.89
CA LEU G 132 53.11 41.99 14.62
C LEU G 132 51.92 41.22 15.15
N ALA G 133 52.08 39.94 15.46
CA ALA G 133 50.97 39.10 15.88
C ALA G 133 50.57 39.41 17.32
N PHE G 134 49.27 39.35 17.59
CA PHE G 134 48.72 39.50 18.92
C PHE G 134 48.13 38.18 19.36
N ASP G 135 48.40 37.79 20.61
CA ASP G 135 47.87 36.55 21.13
C ASP G 135 46.36 36.68 21.34
N VAL G 136 45.66 35.56 21.17
CA VAL G 136 44.21 35.51 21.24
C VAL G 136 43.80 34.82 22.53
N GLY G 137 42.80 35.37 23.20
CA GLY G 137 42.35 34.82 24.46
C GLY G 137 40.98 35.33 24.82
N LEU G 138 40.46 34.82 25.94
CA LEU G 138 39.12 35.19 26.36
C LEU G 138 39.13 36.52 27.09
N GLN G 139 37.96 37.16 27.16
CA GLN G 139 37.81 38.48 27.76
C GLN G 139 36.51 38.53 28.55
N GLU G 140 36.55 39.19 29.71
CA GLU G 140 35.41 39.18 30.61
C GLU G 140 34.22 39.96 30.04
N ASP G 141 34.48 41.15 29.50
CA ASP G 141 33.43 42.09 29.14
C ASP G 141 33.08 41.98 27.66
N ALA G 142 31.80 42.21 27.36
CA ALA G 142 31.35 42.21 25.97
C ALA G 142 31.74 43.51 25.28
N THR G 143 31.79 44.62 26.01
CA THR G 143 32.07 45.91 25.39
C THR G 143 33.48 45.94 24.83
N GLY G 144 33.63 46.62 23.69
CA GLY G 144 34.95 46.80 23.08
C GLY G 144 34.98 46.20 21.69
N GLU G 145 35.73 46.86 20.80
CA GLU G 145 35.92 46.32 19.46
C GLU G 145 36.67 45.00 19.47
N ALA G 146 37.41 44.71 20.54
CA ALA G 146 38.20 43.49 20.59
C ALA G 146 37.33 42.25 20.52
N CYS G 147 36.20 42.26 21.23
CA CYS G 147 35.37 41.07 21.32
C CYS G 147 34.82 40.67 19.95
N TRP G 148 34.40 41.64 19.15
CA TRP G 148 33.67 41.34 17.93
C TRP G 148 34.62 40.90 16.82
N TRP G 149 34.21 39.89 16.06
CA TRP G 149 35.00 39.34 14.96
C TRP G 149 34.19 39.42 13.67
N THR G 150 34.83 39.88 12.60
CA THR G 150 34.24 39.83 11.27
C THR G 150 34.61 38.52 10.60
N MET G 151 33.74 38.04 9.73
CA MET G 151 33.91 36.76 9.07
C MET G 151 33.78 36.95 7.57
N HIS G 152 34.72 36.37 6.80
CA HIS G 152 34.76 36.58 5.38
C HIS G 152 34.88 35.25 4.64
N PRO G 153 34.37 35.16 3.42
CA PRO G 153 34.40 33.88 2.71
C PRO G 153 35.80 33.46 2.36
N ALA G 154 36.09 32.18 2.55
CA ALA G 154 37.39 31.64 2.13
C ALA G 154 37.50 31.63 0.61
N SER G 155 36.48 31.12 -0.06
CA SER G 155 36.46 31.02 -1.51
C SER G 155 35.41 31.96 -2.09
N LYS G 156 35.68 32.44 -3.31
CA LYS G 156 34.74 33.31 -3.99
C LYS G 156 33.46 32.59 -4.38
N GLN G 157 33.41 31.26 -4.22
CA GLN G 157 32.17 30.52 -4.49
C GLN G 157 30.99 31.16 -3.78
N ARG G 158 31.17 31.50 -2.51
CA ARG G 158 30.17 32.21 -1.73
C ARG G 158 30.67 33.62 -1.49
N SER G 159 29.89 34.61 -1.91
CA SER G 159 30.30 36.00 -1.87
C SER G 159 29.79 36.67 -0.59
N GLU G 160 30.11 37.96 -0.46
CA GLU G 160 29.65 38.73 0.68
C GLU G 160 28.13 38.84 0.65
N GLY G 161 27.53 38.79 1.83
CA GLY G 161 26.09 38.91 1.96
C GLY G 161 25.32 37.63 1.77
N GLU G 162 25.99 36.49 1.67
CA GLU G 162 25.32 35.19 1.59
C GLU G 162 25.20 34.57 2.97
N LYS G 163 24.11 33.85 3.19
CA LYS G 163 23.99 33.08 4.42
C LYS G 163 25.11 32.05 4.50
N VAL G 164 25.67 31.90 5.69
CA VAL G 164 26.84 31.04 5.86
C VAL G 164 26.37 29.59 5.98
N ARG G 165 26.88 28.74 5.10
CA ARG G 165 26.51 27.33 5.13
C ARG G 165 27.40 26.56 6.10
N VAL G 166 26.80 25.55 6.74
CA VAL G 166 27.56 24.71 7.66
C VAL G 166 28.70 24.05 6.90
N GLY G 167 29.89 24.07 7.50
CA GLY G 167 31.06 23.46 6.92
C GLY G 167 31.87 24.36 6.01
N ASP G 168 31.39 25.58 5.74
CA ASP G 168 32.13 26.50 4.90
C ASP G 168 33.45 26.87 5.54
N ASP G 169 34.47 27.09 4.72
CA ASP G 169 35.72 27.66 5.19
C ASP G 169 35.58 29.17 5.22
N LEU G 170 35.95 29.77 6.35
CA LEU G 170 35.80 31.20 6.56
C LEU G 170 37.05 31.73 7.23
N ILE G 171 37.36 33.00 6.99
CA ILE G 171 38.51 33.65 7.61
C ILE G 171 38.00 34.75 8.53
N LEU G 172 38.51 34.77 9.75
CA LEU G 172 38.03 35.69 10.78
C LEU G 172 39.05 36.81 10.98
N VAL G 173 38.58 38.05 10.94
CA VAL G 173 39.39 39.23 11.15
C VAL G 173 38.81 40.01 12.32
N SER G 174 39.61 40.22 13.36
CA SER G 174 39.15 41.02 14.49
C SER G 174 39.08 42.48 14.08
N VAL G 175 38.01 43.16 14.53
CA VAL G 175 37.84 44.56 14.16
C VAL G 175 38.95 45.41 14.77
N SER G 176 39.28 45.16 16.03
CA SER G 176 40.22 46.04 16.73
C SER G 176 41.58 46.06 16.06
N SER G 177 42.07 44.90 15.63
CA SER G 177 43.42 44.79 15.11
C SER G 177 43.49 44.61 13.61
N GLU G 178 42.39 44.28 12.95
CA GLU G 178 42.39 44.00 11.51
C GLU G 178 43.41 42.91 11.19
N ARG G 179 43.47 41.90 12.07
CA ARG G 179 44.37 40.77 11.92
C ARG G 179 43.56 39.49 11.82
N TYR G 180 43.99 38.57 10.98
CA TYR G 180 43.29 37.30 10.82
C TYR G 180 43.59 36.39 12.00
N LEU G 181 42.66 35.48 12.27
CA LEU G 181 42.91 34.42 13.23
C LEU G 181 43.77 33.35 12.58
N HIS G 182 45.00 33.20 13.07
CA HIS G 182 46.03 32.47 12.35
C HIS G 182 46.54 31.30 13.18
N LEU G 183 46.59 30.12 12.56
CA LEU G 183 47.33 29.01 13.14
C LEU G 183 48.82 29.22 12.90
N SER G 184 49.61 29.14 13.97
CA SER G 184 51.04 29.43 13.91
C SER G 184 51.82 28.13 14.05
N THR G 185 52.40 27.67 12.94
CA THR G 185 53.32 26.55 12.95
C THR G 185 54.77 27.00 13.07
N ALA G 186 55.01 28.30 13.27
CA ALA G 186 56.38 28.80 13.30
C ALA G 186 57.26 28.01 14.25
N SER G 187 56.78 27.77 15.47
CA SER G 187 57.47 26.92 16.42
C SER G 187 57.13 25.46 16.13
N GLY G 188 57.87 24.56 16.78
CA GLY G 188 57.57 23.15 16.63
C GLY G 188 56.16 22.81 17.08
N GLU G 189 55.69 23.47 18.12
CA GLU G 189 54.34 23.25 18.64
C GLU G 189 53.37 24.22 17.99
N LEU G 190 52.14 23.77 17.79
CA LEU G 190 51.14 24.61 17.13
C LEU G 190 50.43 25.49 18.14
N GLN G 191 50.26 26.77 17.79
CA GLN G 191 49.53 27.72 18.61
C GLN G 191 48.65 28.56 17.70
N VAL G 192 47.61 29.16 18.30
CA VAL G 192 46.68 30.03 17.60
C VAL G 192 46.93 31.45 18.08
N ASP G 193 46.99 32.39 17.14
CA ASP G 193 47.14 33.79 17.46
C ASP G 193 46.72 34.64 16.27
N ALA G 194 46.41 35.90 16.55
CA ALA G 194 46.03 36.84 15.50
C ALA G 194 47.27 37.24 14.71
N SER G 195 47.14 37.24 13.38
CA SER G 195 48.27 37.54 12.52
C SER G 195 47.75 38.14 11.21
N PHE G 196 48.69 38.68 10.43
CA PHE G 196 48.32 39.26 9.15
C PHE G 196 48.19 38.18 8.08
N MET G 197 48.81 37.02 8.29
CA MET G 197 48.55 35.88 7.42
C MET G 197 47.21 35.25 7.79
N GLN G 198 46.78 34.29 6.99
CA GLN G 198 45.44 33.72 7.13
C GLN G 198 45.52 32.23 7.44
N THR G 199 44.50 31.75 8.14
CA THR G 199 44.27 30.33 8.34
C THR G 199 42.78 30.06 8.17
N LEU G 200 42.44 29.11 7.29
CA LEU G 200 41.05 28.80 7.04
C LEU G 200 40.44 28.08 8.23
N TRP G 201 39.28 28.54 8.66
CA TRP G 201 38.58 27.98 9.80
C TRP G 201 37.27 27.34 9.35
N ASN G 202 36.71 26.50 10.22
CA ASN G 202 35.41 25.89 9.99
C ASN G 202 34.61 25.97 11.27
N MET G 203 33.38 26.48 11.19
CA MET G 203 32.52 26.57 12.36
C MET G 203 31.60 25.36 12.37
N ASN G 204 32.03 24.30 13.05
CA ASN G 204 31.20 23.12 13.11
C ASN G 204 30.12 23.30 14.16
N PRO G 205 28.84 23.09 13.82
CA PRO G 205 27.78 23.33 14.80
C PRO G 205 27.74 22.24 15.86
N ILE G 206 27.57 22.63 17.12
CA ILE G 206 27.46 21.66 18.20
C ILE G 206 26.00 21.37 18.49
N CYS G 207 25.16 22.41 18.57
CA CYS G 207 23.73 22.23 18.72
C CYS G 207 23.05 23.51 18.27
N SER G 208 21.77 23.42 17.96
CA SER G 208 21.02 24.56 17.48
C SER G 208 20.00 25.03 18.51
N GLY G 209 19.15 24.12 18.96
CA GLY G 209 18.17 24.43 19.97
C GLY G 209 17.60 23.15 20.58
N CYS G 210 17.59 23.07 21.90
CA CYS G 210 17.21 21.84 22.59
C CYS G 210 15.72 21.88 22.90
N GLU G 211 15.03 20.80 22.54
CA GLU G 211 13.65 20.63 23.00
C GLU G 211 13.63 20.48 24.51
N GLU G 212 12.61 21.07 25.13
CA GLU G 212 12.58 21.14 26.59
C GLU G 212 12.67 19.76 27.21
N GLY G 213 13.52 19.63 28.22
CA GLY G 213 13.59 18.40 28.98
C GLY G 213 13.95 17.18 28.17
N PHE G 214 14.83 17.32 27.19
CA PHE G 214 15.29 16.22 26.37
C PHE G 214 16.81 16.15 26.41
N VAL G 215 17.33 14.97 26.70
CA VAL G 215 18.76 14.82 26.93
C VAL G 215 19.51 14.94 25.62
N THR G 216 20.64 15.63 25.65
CA THR G 216 21.48 15.81 24.48
C THR G 216 22.93 15.58 24.85
N GLY G 217 23.72 15.18 23.86
CA GLY G 217 25.14 14.99 24.11
C GLY G 217 25.78 16.29 24.57
N GLY G 218 26.75 16.17 25.47
CA GLY G 218 27.43 17.32 26.01
C GLY G 218 26.80 17.91 27.24
N HIS G 219 25.59 17.48 27.60
CA HIS G 219 24.98 17.93 28.85
C HIS G 219 25.70 17.31 30.04
N VAL G 220 25.58 17.96 31.18
CA VAL G 220 26.08 17.46 32.45
C VAL G 220 24.88 17.02 33.27
N LEU G 221 24.89 15.79 33.75
CA LEU G 221 23.75 15.21 34.44
C LEU G 221 24.21 14.19 35.45
N ARG G 222 23.25 13.73 36.26
CA ARG G 222 23.49 12.69 37.25
C ARG G 222 22.60 11.49 36.93
N LEU G 223 23.15 10.30 37.14
CA LEU G 223 22.46 9.05 36.86
C LEU G 223 21.92 8.48 38.17
N PHE G 224 20.61 8.54 38.34
CA PHE G 224 19.95 8.08 39.56
C PHE G 224 19.47 6.65 39.35
N HIS G 225 19.63 5.81 40.36
CA HIS G 225 19.19 4.42 40.27
C HIS G 225 17.68 4.34 40.33
N GLY G 226 17.04 4.35 39.16
CA GLY G 226 15.59 4.35 39.13
C GLY G 226 15.06 5.52 39.96
N HIS G 227 14.13 5.22 40.86
CA HIS G 227 13.67 6.17 41.85
C HIS G 227 14.16 5.83 43.24
N MET G 228 15.20 4.98 43.35
CA MET G 228 15.80 4.66 44.63
C MET G 228 16.53 5.84 45.24
N ASP G 229 16.74 6.93 44.50
CA ASP G 229 17.52 8.06 44.97
C ASP G 229 18.93 7.64 45.36
N GLU G 230 19.52 6.75 44.56
CA GLU G 230 20.92 6.37 44.68
C GLU G 230 21.60 6.73 43.36
N CYS G 231 22.53 7.67 43.42
CA CYS G 231 23.22 8.15 42.24
C CYS G 231 24.54 7.41 42.04
N LEU G 232 25.01 7.40 40.80
CA LEU G 232 26.28 6.77 40.45
C LEU G 232 27.41 7.76 40.68
N THR G 233 28.42 7.34 41.45
CA THR G 233 29.50 8.25 41.81
C THR G 233 30.77 7.46 42.08
N ILE G 234 31.90 8.15 41.97
CA ILE G 234 33.19 7.59 42.35
C ILE G 234 33.36 7.75 43.86
N SER G 235 34.38 7.10 44.42
CA SER G 235 34.65 7.22 45.83
C SER G 235 35.04 8.65 46.18
N PRO G 236 34.90 9.03 47.45
CA PRO G 236 35.20 10.42 47.83
C PRO G 236 36.65 10.76 47.52
N SER G 237 36.98 12.04 47.70
CA SER G 237 38.37 12.43 47.67
C SER G 237 39.08 11.88 48.90
N ASP G 238 40.37 11.61 48.76
CA ASP G 238 41.22 11.01 49.78
C ASP G 238 40.91 9.52 49.91
N SER G 239 40.06 8.99 49.04
CA SER G 239 39.74 7.57 49.10
C SER G 239 40.98 6.73 48.78
N ASP G 240 41.09 5.60 49.47
CA ASP G 240 42.24 4.72 49.27
C ASP G 240 42.20 4.01 47.92
N ASP G 241 41.01 3.76 47.37
CA ASP G 241 40.91 3.09 46.08
C ASP G 241 41.28 4.00 44.92
N GLN G 242 41.82 5.19 45.18
CA GLN G 242 42.30 6.12 44.16
C GLN G 242 41.18 6.68 43.29
N ARG G 243 39.92 6.58 43.73
CA ARG G 243 38.79 7.10 42.99
C ARG G 243 38.61 6.44 41.63
N ARG G 244 39.13 5.23 41.46
CA ARG G 244 39.01 4.51 40.20
C ARG G 244 37.82 3.57 40.15
N LEU G 245 37.01 3.51 41.22
CA LEU G 245 35.88 2.61 41.29
C LEU G 245 34.58 3.41 41.26
N VAL G 246 33.49 2.72 40.97
CA VAL G 246 32.18 3.35 40.80
C VAL G 246 31.18 2.64 41.72
N TYR G 247 30.41 3.42 42.45
CA TYR G 247 29.42 2.90 43.38
C TYR G 247 28.10 3.64 43.20
N TYR G 248 27.07 3.09 43.81
CA TYR G 248 25.78 3.73 43.99
C TYR G 248 25.72 4.20 45.43
N GLU G 249 25.45 5.49 45.63
CA GLU G 249 25.33 6.07 46.96
C GLU G 249 24.10 6.98 47.01
N GLY G 250 23.50 7.09 48.19
CA GLY G 250 22.25 7.84 48.32
C GLY G 250 22.23 8.86 49.44
N GLY G 251 23.35 9.53 49.68
CA GLY G 251 23.42 10.55 50.71
C GLY G 251 23.30 11.93 50.11
N PRO G 252 24.09 12.89 50.60
CA PRO G 252 24.19 14.19 49.92
C PRO G 252 25.03 14.15 48.65
N VAL G 253 25.53 12.98 48.27
CA VAL G 253 26.23 12.87 47.00
C VAL G 253 25.32 13.23 45.84
N CYS G 254 24.01 13.19 46.04
CA CYS G 254 23.10 13.66 45.01
C CYS G 254 23.35 15.13 44.69
N THR G 255 23.69 15.92 45.70
CA THR G 255 23.99 17.33 45.53
C THR G 255 25.47 17.62 45.33
N HIS G 256 26.35 16.72 45.75
CA HIS G 256 27.78 16.97 45.61
C HIS G 256 28.20 16.83 44.15
N ALA G 257 29.34 17.45 43.84
CA ALA G 257 29.84 17.48 42.46
C ALA G 257 30.56 16.21 42.07
N ARG G 258 30.95 15.37 43.04
CA ARG G 258 31.64 14.13 42.73
C ARG G 258 30.80 13.21 41.85
N SER G 259 29.48 13.38 41.82
CA SER G 259 28.59 12.50 41.10
C SER G 259 28.14 13.06 39.76
N LEU G 260 28.77 14.13 39.28
CA LEU G 260 28.36 14.77 38.03
C LEU G 260 29.05 14.10 36.86
N TRP G 261 28.28 13.60 35.90
CA TRP G 261 28.80 12.96 34.71
C TRP G 261 28.36 13.75 33.48
N ARG G 262 29.18 13.72 32.43
CA ARG G 262 28.90 14.42 31.20
C ARG G 262 28.94 13.41 30.06
N LEU G 263 27.99 13.53 29.12
CA LEU G 263 27.90 12.58 28.03
C LEU G 263 28.62 13.11 26.81
N GLU G 264 29.38 12.24 26.14
CA GLU G 264 30.18 12.61 24.97
C GLU G 264 29.88 11.63 23.85
N PRO G 265 29.11 12.01 22.84
CA PRO G 265 28.94 11.13 21.68
C PRO G 265 30.24 10.97 20.92
N LEU G 266 30.39 9.80 20.29
CA LEU G 266 31.62 9.49 19.57
C LEU G 266 31.88 10.47 18.44
N ARG G 267 30.84 11.15 17.97
CA ARG G 267 30.96 12.09 16.87
C ARG G 267 31.18 13.50 17.40
N ILE G 268 32.16 14.19 16.83
CA ILE G 268 32.46 15.54 17.28
C ILE G 268 31.41 16.53 16.80
N SER G 269 31.19 16.57 15.49
CA SER G 269 30.19 17.48 14.92
C SER G 269 28.79 17.04 15.34
N TRP G 270 27.96 18.04 15.63
CA TRP G 270 26.58 17.80 16.07
C TRP G 270 26.54 16.93 17.32
N SER G 271 27.58 17.05 18.14
CA SER G 271 27.63 16.30 19.39
C SER G 271 26.58 16.79 20.39
N GLY G 272 25.94 17.92 20.14
CA GLY G 272 24.91 18.41 21.02
C GLY G 272 23.52 17.99 20.59
N SER G 273 23.43 17.06 19.64
CA SER G 273 22.14 16.60 19.17
C SER G 273 21.44 15.81 20.26
N HIS G 274 20.13 15.61 20.07
CA HIS G 274 19.37 14.81 21.02
C HIS G 274 19.91 13.39 21.05
N LEU G 275 19.99 12.83 22.26
CA LEU G 275 20.48 11.47 22.42
C LEU G 275 19.49 10.49 21.81
N ARG G 276 20.01 9.33 21.39
CA ARG G 276 19.25 8.36 20.64
C ARG G 276 19.56 6.96 21.16
N TRP G 277 18.52 6.15 21.36
CA TRP G 277 18.73 4.80 21.83
C TRP G 277 19.64 4.06 20.85
N GLY G 278 20.64 3.36 21.41
CA GLY G 278 21.61 2.64 20.64
C GLY G 278 22.80 3.47 20.22
N GLN G 279 22.75 4.77 20.45
CA GLN G 279 23.87 5.63 20.10
C GLN G 279 25.06 5.33 21.01
N PRO G 280 26.25 5.08 20.46
CA PRO G 280 27.42 4.89 21.33
C PRO G 280 27.90 6.23 21.86
N LEU G 281 28.32 6.24 23.12
CA LEU G 281 28.82 7.44 23.78
C LEU G 281 29.70 7.04 24.95
N ARG G 282 30.52 7.98 25.40
CA ARG G 282 31.40 7.78 26.54
C ARG G 282 30.99 8.76 27.65
N ILE G 283 31.15 8.32 28.89
CA ILE G 283 30.69 9.09 30.04
C ILE G 283 31.90 9.60 30.81
N ARG G 284 32.05 10.92 30.88
CA ARG G 284 33.23 11.56 31.43
C ARG G 284 32.88 12.14 32.79
N HIS G 285 33.68 11.82 33.81
CA HIS G 285 33.50 12.40 35.12
C HIS G 285 34.13 13.79 35.14
N VAL G 286 33.31 14.82 35.34
CA VAL G 286 33.78 16.19 35.14
C VAL G 286 34.90 16.53 36.11
N THR G 287 34.69 16.28 37.40
CA THR G 287 35.67 16.72 38.39
C THR G 287 36.97 15.95 38.25
N THR G 288 36.88 14.62 38.18
CA THR G 288 38.08 13.81 38.02
C THR G 288 38.64 13.91 36.62
N GLY G 289 37.77 14.04 35.62
CA GLY G 289 38.21 14.08 34.24
C GLY G 289 38.51 12.72 33.64
N ARG G 290 38.06 11.63 34.28
CA ARG G 290 38.31 10.29 33.81
C ARG G 290 37.06 9.73 33.15
N TYR G 291 37.25 8.90 32.13
CA TYR G 291 36.12 8.33 31.41
C TYR G 291 35.78 6.95 31.95
N LEU G 292 34.48 6.69 32.09
CA LEU G 292 34.02 5.38 32.51
C LEU G 292 34.32 4.36 31.43
N GLY G 293 34.91 3.24 31.83
CA GLY G 293 35.32 2.24 30.86
C GLY G 293 35.43 0.88 31.48
N LEU G 294 35.63 -0.11 30.61
CA LEU G 294 35.72 -1.50 31.01
C LEU G 294 37.18 -1.95 30.90
N THR G 295 37.70 -2.53 31.97
CA THR G 295 39.05 -3.07 32.00
C THR G 295 38.98 -4.55 32.34
N GLU G 296 39.73 -5.36 31.59
CA GLU G 296 39.68 -6.81 31.80
C GLU G 296 40.11 -7.18 33.21
N ASP G 297 41.19 -6.57 33.70
CA ASP G 297 41.75 -6.96 34.99
C ASP G 297 40.76 -6.69 36.12
N GLN G 298 40.13 -5.51 36.12
CA GLN G 298 39.30 -5.07 37.24
C GLN G 298 37.92 -4.60 36.80
N GLY G 299 37.41 -5.10 35.68
CA GLY G 299 36.04 -4.80 35.30
C GLY G 299 35.81 -3.31 35.11
N LEU G 300 34.70 -2.82 35.66
CA LEU G 300 34.27 -1.45 35.46
C LEU G 300 35.07 -0.51 36.35
N VAL G 301 35.72 0.48 35.75
CA VAL G 301 36.48 1.49 36.49
C VAL G 301 36.57 2.73 35.62
N VAL G 302 36.56 3.90 36.27
CA VAL G 302 36.85 5.13 35.54
C VAL G 302 38.34 5.16 35.24
N VAL G 303 38.69 5.44 33.99
CA VAL G 303 40.06 5.36 33.53
C VAL G 303 40.48 6.70 32.95
N ASP G 304 41.79 6.92 32.85
CA ASP G 304 42.29 8.19 32.37
C ASP G 304 42.00 8.36 30.89
N ALA G 305 42.03 9.61 30.44
CA ALA G 305 41.71 9.90 29.05
C ALA G 305 42.68 9.23 28.09
N SER G 306 43.97 9.21 28.45
CA SER G 306 44.97 8.67 27.54
C SER G 306 44.69 7.21 27.21
N LYS G 307 44.30 6.42 28.20
CA LYS G 307 44.08 5.00 28.02
C LYS G 307 42.64 4.66 27.64
N ALA G 308 41.79 5.66 27.45
CA ALA G 308 40.37 5.44 27.19
C ALA G 308 40.13 5.42 25.69
N HIS G 309 40.24 4.23 25.08
CA HIS G 309 39.91 4.07 23.68
C HIS G 309 38.42 3.73 23.54
N THR G 310 37.94 3.80 22.29
CA THR G 310 36.51 3.70 22.06
C THR G 310 35.96 2.36 22.53
N LYS G 311 36.67 1.26 22.25
CA LYS G 311 36.16 -0.04 22.64
C LYS G 311 36.00 -0.13 24.15
N ALA G 312 36.94 0.44 24.90
CA ALA G 312 36.88 0.35 26.35
C ALA G 312 35.83 1.28 26.93
N THR G 313 35.66 2.46 26.34
CA THR G 313 34.83 3.52 26.93
C THR G 313 33.60 3.85 26.10
N SER G 314 33.08 2.88 25.36
CA SER G 314 31.84 3.05 24.59
C SER G 314 30.69 2.41 25.35
N PHE G 315 29.64 3.18 25.58
CA PHE G 315 28.41 2.69 26.18
C PHE G 315 27.23 3.18 25.35
N CYS G 316 26.05 2.62 25.63
CA CYS G 316 24.83 3.06 24.98
C CYS G 316 23.65 2.91 25.93
N PHE G 317 22.63 3.75 25.69
CA PHE G 317 21.39 3.73 26.45
C PHE G 317 20.36 2.91 25.69
N ARG G 318 19.81 1.89 26.34
CA ARG G 318 18.83 0.99 25.73
C ARG G 318 17.55 1.05 26.54
N ILE G 319 16.41 1.05 25.82
CA ILE G 319 15.12 1.08 26.50
C ILE G 319 14.84 -0.24 27.20
N SER G 320 15.20 -1.36 26.58
CA SER G 320 14.97 -2.69 27.12
C SER G 320 16.19 -3.56 26.88
N LYS G 321 16.26 -4.65 27.63
CA LYS G 321 17.40 -5.55 27.55
C LYS G 321 17.34 -6.47 26.33
N GLU G 322 16.23 -6.50 25.60
CA GLU G 322 16.17 -7.31 24.40
C GLU G 322 17.21 -6.82 23.39
N LYS G 323 17.78 -7.78 22.65
CA LYS G 323 18.84 -7.48 21.69
C LYS G 323 18.21 -6.99 20.39
N LEU G 324 17.78 -5.73 20.42
CA LEU G 324 17.29 -5.04 19.23
C LEU G 324 18.41 -4.31 18.50
N ASP G 325 19.63 -4.35 19.04
CA ASP G 325 20.78 -3.68 18.44
C ASP G 325 21.44 -4.51 17.35
N VAL G 326 20.73 -5.49 16.79
CA VAL G 326 21.26 -6.30 15.70
C VAL G 326 21.37 -5.43 14.44
N ALA G 327 20.75 -4.24 14.49
CA ALA G 327 20.80 -3.30 13.38
C ALA G 327 21.20 -1.94 13.92
N PRO G 328 22.23 -1.29 13.36
CA PRO G 328 22.60 0.05 13.84
C PRO G 328 21.62 1.10 13.35
N LYS G 329 21.91 2.37 13.64
CA LYS G 329 21.06 3.48 13.25
C LYS G 329 21.87 4.49 12.44
N ARG G 330 21.27 5.01 11.38
CA ARG G 330 21.95 5.99 10.54
C ARG G 330 22.16 7.29 11.32
N ASP G 331 23.36 7.84 11.23
CA ASP G 331 23.68 9.08 11.93
C ASP G 331 23.19 10.27 11.13
N VAL G 332 22.37 11.10 11.76
CA VAL G 332 21.70 12.23 11.11
C VAL G 332 22.37 13.51 11.55
N GLU G 333 22.59 14.42 10.60
CA GLU G 333 23.19 15.72 10.89
C GLU G 333 22.08 16.69 11.25
N GLY G 334 21.99 17.02 12.52
CA GLY G 334 20.92 17.86 13.04
C GLY G 334 20.53 17.39 14.44
N MET G 335 19.74 18.23 15.11
CA MET G 335 19.37 17.92 16.49
C MET G 335 18.66 16.57 16.59
N GLY G 336 17.98 16.17 15.52
CA GLY G 336 17.44 14.83 15.42
C GLY G 336 16.16 14.64 16.21
N PRO G 337 15.72 13.39 16.33
CA PRO G 337 14.45 13.11 17.00
C PRO G 337 14.62 13.11 18.51
N PRO G 338 13.85 13.93 19.23
CA PRO G 338 13.91 13.88 20.69
C PRO G 338 13.36 12.57 21.21
N GLU G 339 14.23 11.78 21.85
CA GLU G 339 13.83 10.47 22.33
C GLU G 339 13.93 10.35 23.84
N ILE G 340 15.10 10.67 24.39
CA ILE G 340 15.33 10.53 25.83
C ILE G 340 15.00 11.84 26.51
N LYS G 341 14.21 11.77 27.58
CA LYS G 341 13.77 12.94 28.31
C LYS G 341 14.09 12.78 29.78
N TYR G 342 14.47 13.88 30.43
CA TYR G 342 14.90 13.83 31.82
C TYR G 342 13.76 13.42 32.73
N GLY G 343 14.11 12.75 33.83
CA GLY G 343 13.15 12.46 34.88
C GLY G 343 12.27 11.26 34.62
N GLU G 344 11.55 11.28 33.50
CA GLU G 344 10.55 10.25 33.23
C GLU G 344 11.12 9.07 32.45
N SER G 345 11.98 9.35 31.47
CA SER G 345 12.57 8.27 30.69
C SER G 345 13.41 7.38 31.60
N LEU G 346 13.40 6.08 31.32
CA LEU G 346 14.23 5.11 32.01
C LEU G 346 15.07 4.38 30.97
N CYS G 347 16.33 4.10 31.31
CA CYS G 347 17.26 3.51 30.37
C CYS G 347 18.21 2.57 31.10
N PHE G 348 18.83 1.69 30.32
CA PHE G 348 19.86 0.78 30.80
C PHE G 348 21.15 1.05 30.05
N VAL G 349 22.26 1.03 30.75
CA VAL G 349 23.57 1.32 30.18
C VAL G 349 24.22 0.00 29.79
N GLN G 350 24.61 -0.13 28.52
CA GLN G 350 25.24 -1.34 28.02
C GLN G 350 26.56 -1.00 27.38
N HIS G 351 27.60 -1.75 27.73
CA HIS G 351 28.90 -1.60 27.10
C HIS G 351 28.89 -2.33 25.76
N VAL G 352 28.95 -1.57 24.66
CA VAL G 352 28.62 -2.12 23.35
C VAL G 352 29.50 -3.32 23.03
N ALA G 353 30.81 -3.19 23.22
CA ALA G 353 31.71 -4.26 22.79
C ALA G 353 31.43 -5.55 23.55
N SER G 354 31.37 -5.48 24.87
CA SER G 354 31.07 -6.68 25.65
C SER G 354 29.59 -7.01 25.62
N GLY G 355 28.73 -5.99 25.55
CA GLY G 355 27.31 -6.20 25.65
C GLY G 355 26.79 -6.33 27.06
N LEU G 356 27.66 -6.28 28.06
CA LEU G 356 27.23 -6.42 29.44
C LEU G 356 26.37 -5.23 29.85
N TRP G 357 25.61 -5.43 30.93
CA TRP G 357 24.68 -4.43 31.43
C TRP G 357 25.19 -3.86 32.75
N LEU G 358 25.22 -2.54 32.85
CA LEU G 358 25.60 -1.90 34.09
C LEU G 358 24.59 -2.26 35.18
N THR G 359 25.09 -2.65 36.35
CA THR G 359 24.22 -3.07 37.43
C THR G 359 24.98 -3.05 38.73
N TYR G 360 24.25 -2.88 39.82
CA TYR G 360 24.85 -2.93 41.14
C TYR G 360 25.30 -4.35 41.46
N ALA G 361 26.52 -4.48 41.98
CA ALA G 361 27.03 -5.77 42.39
C ALA G 361 26.23 -6.29 43.57
N ALA G 362 26.22 -7.61 43.72
CA ALA G 362 25.47 -8.22 44.81
C ALA G 362 25.99 -7.65 46.15
N PRO G 363 25.12 -7.42 47.12
CA PRO G 363 25.56 -6.79 48.37
C PRO G 363 26.81 -7.46 48.93
N ASP G 364 27.90 -6.71 48.98
CA ASP G 364 29.16 -7.25 49.44
C ASP G 364 29.10 -7.55 50.93
N PRO G 365 29.81 -8.58 51.39
CA PRO G 365 29.81 -8.89 52.83
C PRO G 365 30.41 -7.74 53.63
N LYS G 366 29.90 -7.57 54.84
CA LYS G 366 30.32 -6.56 55.81
C LYS G 366 29.93 -5.15 55.41
N ALA G 367 29.27 -4.96 54.27
CA ALA G 367 28.73 -3.63 53.96
C ALA G 367 27.69 -3.22 54.99
N LEU G 368 26.81 -4.15 55.35
CA LEU G 368 25.85 -3.88 56.43
C LEU G 368 26.58 -3.60 57.73
N ARG G 369 27.66 -4.33 58.00
CA ARG G 369 28.44 -4.08 59.20
C ARG G 369 28.98 -2.65 59.21
N LEU G 370 29.50 -2.19 58.08
CA LEU G 370 29.97 -0.82 57.98
C LEU G 370 28.81 0.16 58.18
N GLY G 371 27.65 -0.15 57.63
CA GLY G 371 26.54 0.78 57.59
C GLY G 371 26.56 1.71 56.41
N VAL G 372 27.62 1.67 55.60
CA VAL G 372 27.69 2.50 54.39
C VAL G 372 26.75 1.91 53.34
N LEU G 373 25.97 2.77 52.70
CA LEU G 373 25.03 2.36 51.67
C LEU G 373 25.70 2.18 50.32
N LYS G 374 27.01 2.38 50.23
CA LYS G 374 27.72 2.23 48.96
C LYS G 374 27.50 0.84 48.41
N LYS G 375 27.14 0.76 47.13
CA LYS G 375 27.08 -0.52 46.43
C LYS G 375 27.90 -0.43 45.15
N LYS G 376 29.01 -1.18 45.10
CA LYS G 376 29.86 -1.15 43.92
C LYS G 376 29.06 -1.57 42.69
N ALA G 377 29.34 -0.90 41.58
CA ALA G 377 28.65 -1.15 40.31
C ALA G 377 29.59 -1.92 39.40
N MET G 378 29.09 -3.01 38.83
CA MET G 378 29.85 -3.86 37.94
C MET G 378 29.01 -4.21 36.72
N LEU G 379 29.64 -4.88 35.76
CA LEU G 379 28.99 -5.24 34.50
C LEU G 379 28.65 -6.72 34.54
N HIS G 380 27.38 -7.03 34.32
CA HIS G 380 26.87 -8.40 34.40
C HIS G 380 26.02 -8.71 33.17
N GLN G 381 26.15 -9.94 32.68
CA GLN G 381 25.35 -10.35 31.52
C GLN G 381 23.87 -10.33 31.85
N GLU G 382 23.48 -10.99 32.94
CA GLU G 382 22.07 -11.03 33.31
C GLU G 382 21.61 -9.69 33.86
N GLY G 383 22.44 -9.06 34.68
CA GLY G 383 22.01 -7.82 35.30
C GLY G 383 20.89 -8.09 36.28
N HIS G 384 20.18 -7.02 36.60
CA HIS G 384 19.02 -7.09 37.48
C HIS G 384 17.87 -6.31 36.86
N MET G 385 16.65 -6.73 37.21
CA MET G 385 15.47 -6.11 36.60
C MET G 385 15.40 -4.62 36.92
N ASP G 386 15.72 -4.25 38.16
CA ASP G 386 15.62 -2.85 38.60
C ASP G 386 16.97 -2.16 38.38
N ASP G 387 17.48 -2.29 37.16
CA ASP G 387 18.72 -1.64 36.76
C ASP G 387 18.48 -0.34 36.01
N ALA G 388 17.23 0.09 35.90
CA ALA G 388 16.91 1.30 35.17
C ALA G 388 17.61 2.50 35.79
N LEU G 389 18.23 3.32 34.95
CA LEU G 389 18.83 4.58 35.38
C LEU G 389 18.03 5.74 34.81
N SER G 390 17.82 6.75 35.65
CA SER G 390 17.12 7.96 35.27
C SER G 390 18.13 9.10 35.17
N LEU G 391 18.02 9.89 34.10
CA LEU G 391 18.92 11.01 33.87
C LEU G 391 18.31 12.25 34.49
N THR G 392 19.09 12.96 35.31
CA THR G 392 18.63 14.20 35.92
C THR G 392 19.62 15.30 35.63
N ARG G 393 19.14 16.38 35.01
CA ARG G 393 20.02 17.48 34.63
C ARG G 393 20.47 18.25 35.87
N CYS G 394 21.69 18.77 35.80
CA CYS G 394 22.25 19.60 36.85
C CYS G 394 22.33 21.05 36.36
N GLN G 395 22.30 21.97 37.31
CA GLN G 395 22.23 23.39 36.97
C GLN G 395 23.55 23.86 36.35
N GLN G 396 23.45 24.98 35.63
CA GLN G 396 24.63 25.57 35.00
C GLN G 396 25.69 25.90 36.04
N GLU G 397 25.27 26.43 37.20
CA GLU G 397 26.24 26.78 38.23
C GLU G 397 26.99 25.54 38.70
N GLU G 398 26.28 24.42 38.90
CA GLU G 398 26.95 23.21 39.35
C GLU G 398 27.90 22.67 38.29
N SER G 399 27.48 22.69 37.03
CA SER G 399 28.36 22.21 35.96
C SER G 399 29.63 23.05 35.90
N GLN G 400 29.47 24.37 35.93
CA GLN G 400 30.63 25.26 35.89
C GLN G 400 31.52 25.04 37.10
N ALA G 401 30.93 24.87 38.28
CA ALA G 401 31.73 24.64 39.48
C ALA G 401 32.52 23.35 39.35
N ALA G 402 31.90 22.30 38.80
CA ALA G 402 32.61 21.03 38.65
C ALA G 402 33.80 21.18 37.71
N ARG G 403 33.59 21.82 36.56
CA ARG G 403 34.69 21.97 35.62
C ARG G 403 35.79 22.85 36.19
N MET G 404 35.42 23.94 36.88
CA MET G 404 36.42 24.78 37.52
C MET G 404 37.19 24.01 38.57
N ILE G 405 36.51 23.13 39.31
CA ILE G 405 37.20 22.32 40.31
C ILE G 405 38.21 21.41 39.63
N TYR G 406 37.81 20.79 38.52
CA TYR G 406 38.76 19.95 37.79
C TYR G 406 40.01 20.74 37.41
N SER G 407 39.81 21.90 36.77
CA SER G 407 40.96 22.68 36.33
C SER G 407 41.83 23.12 37.50
N THR G 408 41.19 23.61 38.57
CA THR G 408 41.95 24.10 39.71
C THR G 408 42.69 22.98 40.41
N ALA G 409 42.06 21.80 40.53
CA ALA G 409 42.75 20.68 41.14
C ALA G 409 43.98 20.30 40.34
N GLY G 410 43.84 20.21 39.01
CA GLY G 410 45.01 19.92 38.20
C GLY G 410 46.11 20.95 38.38
N LEU G 411 45.76 22.24 38.30
CA LEU G 411 46.77 23.29 38.41
C LEU G 411 47.47 23.27 39.76
N TYR G 412 46.70 23.20 40.85
CA TYR G 412 47.31 23.28 42.17
C TYR G 412 48.09 22.01 42.51
N ASN G 413 47.64 20.85 42.05
CA ASN G 413 48.47 19.66 42.22
C ASN G 413 49.78 19.79 41.47
N GLN G 414 49.75 20.35 40.26
CA GLN G 414 50.99 20.59 39.54
C GLN G 414 51.88 21.54 40.33
N PHE G 415 51.31 22.59 40.91
CA PHE G 415 52.09 23.54 41.70
C PHE G 415 52.72 22.87 42.91
N ILE G 416 51.96 22.03 43.61
CA ILE G 416 52.48 21.35 44.79
C ILE G 416 53.62 20.42 44.40
N LYS G 417 53.43 19.67 43.32
CA LYS G 417 54.51 18.79 42.86
C LYS G 417 55.75 19.61 42.49
N GLY G 418 55.55 20.76 41.85
CA GLY G 418 56.68 21.61 41.52
C GLY G 418 57.46 22.03 42.76
N LEU G 419 56.75 22.49 43.78
CA LEU G 419 57.43 22.89 45.01
C LEU G 419 58.16 21.70 45.64
N ASP G 420 57.51 20.55 45.71
CA ASP G 420 58.15 19.38 46.29
C ASP G 420 59.38 18.96 45.49
N SER G 421 59.40 19.30 44.20
CA SER G 421 60.55 18.94 43.37
C SER G 421 61.85 19.54 43.87
N PHE G 422 61.82 20.78 44.37
CA PHE G 422 63.03 21.43 44.88
C PHE G 422 62.94 21.70 46.38
N SER G 423 62.00 21.08 47.09
CA SER G 423 61.88 21.33 48.51
C SER G 423 63.22 21.17 49.22
N GLY G 424 63.96 20.11 48.91
CA GLY G 424 65.15 19.77 49.67
C GLY G 424 66.48 20.16 49.06
N LYS G 425 66.51 20.68 47.83
CA LYS G 425 67.76 20.94 47.13
C LYS G 425 68.03 22.44 47.08
N PRO G 426 68.98 22.96 47.87
CA PRO G 426 69.31 24.39 47.74
C PRO G 426 70.18 24.66 46.53
N ARG G 427 69.66 25.43 45.57
CA ARG G 427 70.44 25.73 44.37
C ARG G 427 71.73 26.45 44.70
N GLY G 428 71.73 27.24 45.78
CA GLY G 428 72.87 28.11 46.02
C GLY G 428 72.92 29.17 44.94
N SER G 429 73.98 29.11 44.14
CA SER G 429 74.09 29.92 42.93
C SER G 429 74.06 29.00 41.72
N GLY G 430 73.07 29.17 40.86
CA GLY G 430 72.90 28.30 39.71
C GLY G 430 71.44 28.11 39.36
N PRO G 431 71.14 27.04 38.62
CA PRO G 431 69.76 26.82 38.18
C PRO G 431 68.87 26.48 39.36
N PRO G 432 67.56 26.75 39.26
CA PRO G 432 66.66 26.34 40.35
C PRO G 432 66.69 24.86 40.63
N ALA G 433 66.98 24.03 39.63
CA ALA G 433 67.09 22.59 39.82
C ALA G 433 65.75 21.95 40.12
N GLY G 434 64.68 22.50 39.54
CA GLY G 434 63.35 21.94 39.73
C GLY G 434 62.42 22.38 38.62
N SER G 435 61.32 21.63 38.49
CA SER G 435 60.34 21.95 37.46
C SER G 435 59.82 23.37 37.65
N ALA G 436 59.77 24.11 36.55
CA ALA G 436 59.34 25.50 36.61
C ALA G 436 57.93 25.59 37.18
N LEU G 437 57.75 26.50 38.13
CA LEU G 437 56.45 26.65 38.77
C LEU G 437 55.50 27.41 37.85
N PRO G 438 54.21 27.06 37.84
CA PRO G 438 53.22 27.85 37.08
C PRO G 438 52.77 29.09 37.84
N ILE G 439 53.70 30.04 38.02
CA ILE G 439 53.44 31.18 38.89
C ILE G 439 52.28 32.02 38.37
N GLU G 440 52.35 32.39 37.09
CA GLU G 440 51.33 33.26 36.53
C GLU G 440 49.97 32.58 36.54
N GLY G 441 49.95 31.31 36.15
CA GLY G 441 48.70 30.57 36.14
C GLY G 441 48.08 30.47 37.52
N VAL G 442 48.90 30.19 38.53
CA VAL G 442 48.38 30.08 39.89
C VAL G 442 47.84 31.43 40.36
N ILE G 443 48.57 32.51 40.08
CA ILE G 443 48.12 33.82 40.51
C ILE G 443 46.77 34.15 39.87
N LEU G 444 46.65 33.94 38.56
CA LEU G 444 45.41 34.24 37.89
C LEU G 444 44.27 33.36 38.39
N SER G 445 44.55 32.08 38.63
CA SER G 445 43.52 31.19 39.13
C SER G 445 43.04 31.64 40.51
N LEU G 446 43.96 32.02 41.38
CA LEU G 446 43.57 32.48 42.71
C LEU G 446 42.73 33.75 42.62
N GLN G 447 43.14 34.69 41.77
CA GLN G 447 42.36 35.93 41.65
C GLN G 447 40.96 35.64 41.12
N ASP G 448 40.86 34.78 40.10
CA ASP G 448 39.55 34.46 39.54
C ASP G 448 38.68 33.74 40.56
N LEU G 449 39.28 32.84 41.35
CA LEU G 449 38.49 32.13 42.35
C LEU G 449 38.03 33.06 43.45
N ILE G 450 38.87 34.01 43.87
CA ILE G 450 38.42 34.97 44.86
C ILE G 450 37.26 35.79 44.31
N GLY G 451 37.37 36.26 43.06
CA GLY G 451 36.23 36.94 42.46
C GLY G 451 35.01 36.06 42.38
N TYR G 452 35.20 34.78 42.10
CA TYR G 452 34.09 33.84 42.05
C TYR G 452 33.37 33.74 43.39
N PHE G 453 34.14 33.68 44.47
CA PHE G 453 33.59 33.50 45.81
C PHE G 453 33.27 34.83 46.49
N GLU G 454 33.45 35.95 45.82
CA GLU G 454 33.26 37.24 46.47
C GLU G 454 31.86 37.31 47.07
N PRO G 455 31.70 37.67 48.34
CA PRO G 455 30.38 37.69 48.94
C PRO G 455 29.51 38.73 48.29
N PRO G 456 28.19 38.52 48.28
CA PRO G 456 27.30 39.48 47.62
C PRO G 456 27.35 40.84 48.28
N SER G 457 27.15 41.88 47.47
CA SER G 457 27.18 43.24 47.97
C SER G 457 26.01 43.50 48.90
N GLU G 458 26.27 44.23 49.99
CA GLU G 458 25.24 44.49 50.98
C GLU G 458 24.12 45.35 50.38
N GLU G 459 24.46 46.27 49.49
CA GLU G 459 23.48 47.21 48.97
C GLU G 459 22.34 46.53 48.23
N LEU G 460 22.54 45.29 47.79
CA LEU G 460 21.52 44.62 46.99
C LEU G 460 20.22 44.49 47.77
N GLN G 461 19.13 44.30 47.03
CA GLN G 461 17.84 44.06 47.66
C GLN G 461 17.86 42.73 48.41
N HIS G 462 16.93 42.58 49.35
CA HIS G 462 16.96 41.42 50.24
C HIS G 462 16.81 40.13 49.46
N GLU G 463 15.86 40.07 48.51
CA GLU G 463 15.63 38.83 47.78
C GLU G 463 16.87 38.42 46.98
N GLU G 464 17.44 39.36 46.23
CA GLU G 464 18.60 39.03 45.42
C GLU G 464 19.78 38.65 46.29
N LYS G 465 19.96 39.35 47.41
CA LYS G 465 21.05 39.01 48.32
C LYS G 465 20.87 37.60 48.85
N GLN G 466 19.64 37.22 49.21
CA GLN G 466 19.41 35.88 49.71
C GLN G 466 19.72 34.82 48.63
N THR G 467 19.28 35.08 47.40
CA THR G 467 19.57 34.11 46.34
C THR G 467 21.07 33.98 46.11
N LYS G 468 21.80 35.10 46.09
CA LYS G 468 23.24 35.04 45.88
C LYS G 468 23.93 34.34 47.04
N LEU G 469 23.45 34.57 48.27
CA LEU G 469 24.02 33.84 49.40
C LEU G 469 23.78 32.35 49.27
N ARG G 470 22.60 31.96 48.83
CA ARG G 470 22.33 30.54 48.60
C ARG G 470 23.33 29.97 47.60
N SER G 471 23.51 30.66 46.48
CA SER G 471 24.45 30.19 45.47
C SER G 471 25.86 30.09 46.03
N LEU G 472 26.28 31.10 46.80
CA LEU G 472 27.62 31.11 47.36
C LEU G 472 27.82 29.94 48.32
N ARG G 473 26.85 29.69 49.19
CA ARG G 473 26.97 28.58 50.11
C ARG G 473 27.06 27.26 49.35
N ASN G 474 26.24 27.10 48.31
CA ASN G 474 26.28 25.86 47.54
C ASN G 474 27.64 25.67 46.89
N ARG G 475 28.19 26.74 46.31
CA ARG G 475 29.49 26.62 45.66
C ARG G 475 30.59 26.31 46.66
N GLN G 476 30.58 26.96 47.82
CA GLN G 476 31.58 26.67 48.83
C GLN G 476 31.48 25.22 49.29
N SER G 477 30.26 24.73 49.48
CA SER G 477 30.09 23.33 49.87
C SER G 477 30.63 22.40 48.80
N LEU G 478 30.36 22.70 47.53
CA LEU G 478 30.89 21.87 46.45
C LEU G 478 32.40 21.81 46.50
N PHE G 479 33.05 22.98 46.60
CA PHE G 479 34.50 22.99 46.60
C PHE G 479 35.06 22.26 47.80
N GLN G 480 34.52 22.50 48.98
CA GLN G 480 35.04 21.82 50.17
C GLN G 480 34.84 20.31 50.06
N GLU G 481 33.67 19.87 49.59
CA GLU G 481 33.42 18.45 49.46
C GLU G 481 34.41 17.80 48.51
N GLU G 482 34.70 18.45 47.38
CA GLU G 482 35.65 17.86 46.47
C GLU G 482 37.08 18.02 46.99
N GLY G 483 37.26 18.85 48.02
CA GLY G 483 38.52 18.89 48.74
C GLY G 483 39.46 20.02 48.35
N MET G 484 39.04 20.98 47.54
CA MET G 484 39.94 22.08 47.19
C MET G 484 40.42 22.81 48.43
N LEU G 485 39.64 22.78 49.52
CA LEU G 485 40.07 23.44 50.75
C LEU G 485 41.32 22.79 51.30
N SER G 486 41.32 21.46 51.40
CA SER G 486 42.52 20.76 51.85
C SER G 486 43.68 20.96 50.87
N LEU G 487 43.39 21.07 49.58
CA LEU G 487 44.43 21.34 48.61
C LEU G 487 45.07 22.71 48.85
N VAL G 488 44.25 23.72 49.14
CA VAL G 488 44.78 25.03 49.45
C VAL G 488 45.61 24.98 50.73
N LEU G 489 45.15 24.23 51.73
CA LEU G 489 45.94 24.11 52.95
C LEU G 489 47.29 23.47 52.67
N ASN G 490 47.32 22.44 51.83
CA ASN G 490 48.58 21.81 51.49
C ASN G 490 49.51 22.77 50.77
N CYS G 491 48.97 23.54 49.82
CA CYS G 491 49.79 24.53 49.13
C CYS G 491 50.33 25.57 50.10
N ILE G 492 49.49 26.00 51.05
CA ILE G 492 49.95 26.96 52.05
C ILE G 492 51.07 26.36 52.89
N ASP G 493 50.95 25.10 53.27
CA ASP G 493 52.02 24.47 54.04
C ASP G 493 53.32 24.45 53.26
N ARG G 494 53.26 24.03 52.00
CA ARG G 494 54.48 23.97 51.19
C ARG G 494 55.11 25.35 51.08
N LEU G 495 54.31 26.38 50.84
CA LEU G 495 54.87 27.72 50.68
C LEU G 495 55.33 28.31 52.02
N ASN G 496 54.71 27.89 53.13
CA ASN G 496 55.04 28.44 54.43
C ASN G 496 56.24 27.75 55.06
N VAL G 497 56.66 26.60 54.54
CA VAL G 497 57.89 25.99 55.04
C VAL G 497 59.03 27.00 54.97
N TYR G 498 59.12 27.75 53.86
CA TYR G 498 60.12 28.79 53.74
C TYR G 498 59.69 30.03 54.53
N THR G 499 60.67 30.73 55.12
CA THR G 499 60.35 31.81 56.05
C THR G 499 60.03 33.10 55.32
N THR G 500 60.92 33.57 54.46
CA THR G 500 60.77 34.84 53.79
C THR G 500 61.08 34.69 52.31
N ALA G 501 60.92 35.78 51.57
CA ALA G 501 61.10 35.73 50.13
C ALA G 501 62.52 35.31 49.75
N ALA G 502 63.52 35.83 50.45
CA ALA G 502 64.90 35.43 50.17
C ALA G 502 65.11 33.96 50.49
N HIS G 503 64.54 33.48 51.59
CA HIS G 503 64.65 32.07 51.92
C HIS G 503 64.04 31.22 50.81
N PHE G 504 62.91 31.64 50.26
CA PHE G 504 62.33 30.94 49.12
C PHE G 504 63.27 30.99 47.93
N ALA G 505 63.84 32.16 47.66
CA ALA G 505 64.72 32.32 46.50
C ALA G 505 65.89 31.36 46.57
N GLU G 506 66.43 31.14 47.77
CA GLU G 506 67.58 30.25 47.89
C GLU G 506 67.27 28.86 47.34
N PHE G 507 65.99 28.48 47.30
CA PHE G 507 65.61 27.16 46.85
C PHE G 507 64.95 27.15 45.47
N ALA G 508 64.23 28.20 45.12
CA ALA G 508 63.38 28.21 43.93
C ALA G 508 63.85 29.14 42.83
N GLY G 509 64.44 30.28 43.19
CA GLY G 509 64.88 31.23 42.19
C GLY G 509 64.33 32.62 42.43
N GLU G 510 65.02 33.63 41.87
CA GLU G 510 64.61 35.01 42.11
C GLU G 510 63.24 35.30 41.51
N GLU G 511 62.98 34.79 40.30
CA GLU G 511 61.72 35.09 39.64
C GLU G 511 60.54 34.55 40.43
N ALA G 512 60.67 33.35 40.98
CA ALA G 512 59.60 32.79 41.81
C ALA G 512 59.54 33.50 43.15
N ALA G 513 60.69 33.89 43.68
CA ALA G 513 60.71 34.62 44.94
C ALA G 513 59.91 35.92 44.82
N GLU G 514 60.03 36.59 43.68
CA GLU G 514 59.29 37.84 43.49
C GLU G 514 57.81 37.65 43.77
N SER G 515 57.23 36.54 43.34
CA SER G 515 55.81 36.29 43.49
C SER G 515 55.48 35.45 44.72
N TRP G 516 56.48 35.01 45.49
CA TRP G 516 56.20 34.25 46.70
C TRP G 516 55.19 34.95 47.60
N LYS G 517 55.47 36.21 47.94
CA LYS G 517 54.61 36.92 48.89
C LYS G 517 53.20 37.08 48.34
N GLU G 518 53.08 37.45 47.07
CA GLU G 518 51.77 37.65 46.47
C GLU G 518 50.98 36.35 46.47
N ILE G 519 51.64 35.23 46.15
CA ILE G 519 50.95 33.96 46.15
C ILE G 519 50.48 33.61 47.55
N VAL G 520 51.31 33.85 48.56
CA VAL G 520 50.90 33.53 49.93
C VAL G 520 49.68 34.35 50.32
N ASN G 521 49.71 35.66 50.04
CA ASN G 521 48.58 36.51 50.38
C ASN G 521 47.32 36.06 49.66
N LEU G 522 47.43 35.74 48.37
CA LEU G 522 46.27 35.31 47.62
C LEU G 522 45.72 34.00 48.17
N LEU G 523 46.61 33.07 48.56
CA LEU G 523 46.14 31.81 49.12
C LEU G 523 45.35 32.05 50.40
N TYR G 524 45.86 32.93 51.27
CA TYR G 524 45.13 33.21 52.50
C TYR G 524 43.78 33.86 52.20
N GLU G 525 43.74 34.78 51.25
CA GLU G 525 42.48 35.42 50.90
C GLU G 525 41.49 34.41 50.33
N LEU G 526 41.97 33.49 49.49
CA LEU G 526 41.10 32.46 48.95
C LEU G 526 40.56 31.56 50.05
N LEU G 527 41.41 31.19 51.01
CA LEU G 527 40.94 30.39 52.12
C LEU G 527 39.84 31.11 52.89
N ALA G 528 40.05 32.40 53.16
CA ALA G 528 39.03 33.17 53.85
C ALA G 528 37.74 33.21 53.07
N SER G 529 37.82 33.41 51.75
CA SER G 529 36.61 33.44 50.93
C SER G 529 35.90 32.10 50.97
N LEU G 530 36.66 31.00 50.90
CA LEU G 530 36.05 29.68 50.92
C LEU G 530 35.31 29.43 52.21
N ILE G 531 35.90 29.81 53.35
CA ILE G 531 35.31 29.45 54.64
C ILE G 531 34.33 30.49 55.18
N ARG G 532 34.31 31.69 54.62
CA ARG G 532 33.48 32.75 55.20
C ARG G 532 32.01 32.35 55.16
N GLY G 533 31.35 32.39 56.31
CA GLY G 533 29.92 32.17 56.41
C GLY G 533 29.51 30.72 56.50
N ASN G 534 30.29 29.80 55.94
CA ASN G 534 29.92 28.40 55.88
C ASN G 534 30.35 27.72 57.17
N ARG G 535 29.38 27.39 58.03
CA ARG G 535 29.71 26.75 59.30
C ARG G 535 30.34 25.39 59.09
N THR G 536 29.85 24.64 58.11
CA THR G 536 30.42 23.31 57.86
C THR G 536 31.89 23.41 57.49
N ASN G 537 32.24 24.37 56.62
CA ASN G 537 33.65 24.58 56.29
C ASN G 537 34.44 25.03 57.50
N CYS G 538 33.89 25.97 58.27
CA CYS G 538 34.63 26.52 59.40
C CYS G 538 34.95 25.43 60.43
N ALA G 539 33.99 24.57 60.71
CA ALA G 539 34.16 23.55 61.75
C ALA G 539 35.37 22.67 61.43
N LEU G 540 35.72 22.56 60.15
CA LEU G 540 36.84 21.72 59.78
C LEU G 540 38.13 22.12 60.48
N PHE G 541 38.27 23.40 60.81
CA PHE G 541 39.50 23.86 61.43
C PHE G 541 39.61 23.37 62.88
N SER G 542 38.47 23.04 63.49
CA SER G 542 38.46 22.62 64.88
C SER G 542 39.58 21.63 65.19
N THR G 543 39.84 20.69 64.28
CA THR G 543 40.86 19.69 64.54
C THR G 543 42.26 20.27 64.44
N ASN G 544 42.51 21.09 63.41
CA ASN G 544 43.85 21.63 63.14
C ASN G 544 43.97 23.09 63.51
N LEU G 545 43.33 23.52 64.60
CA LEU G 545 43.37 24.91 64.99
C LEU G 545 44.79 25.37 65.25
N ASP G 546 45.61 24.52 65.87
CA ASP G 546 46.97 24.92 66.21
C ASP G 546 47.72 25.41 64.97
N TRP G 547 47.39 24.86 63.81
CA TRP G 547 48.06 25.26 62.57
C TRP G 547 47.86 26.75 62.30
N LEU G 548 46.60 27.21 62.31
CA LEU G 548 46.32 28.61 62.02
C LEU G 548 46.89 29.52 63.09
N VAL G 549 46.68 29.19 64.35
CA VAL G 549 47.12 30.09 65.42
C VAL G 549 48.64 30.18 65.44
N SER G 550 49.32 29.06 65.16
CA SER G 550 50.77 29.13 65.02
C SER G 550 51.17 30.04 63.86
N LYS G 551 50.50 29.92 62.72
CA LYS G 551 50.82 30.79 61.60
C LYS G 551 50.48 32.25 61.83
N LEU G 552 49.66 32.56 62.84
CA LEU G 552 49.27 33.95 63.06
C LEU G 552 50.46 34.89 63.12
N ASP G 553 51.53 34.50 63.81
CA ASP G 553 52.63 35.43 64.07
C ASP G 553 53.42 35.77 62.81
N ARG G 554 53.28 35.00 61.73
CA ARG G 554 54.00 35.30 60.52
C ARG G 554 53.54 36.61 59.92
N LEU G 555 54.49 37.41 59.42
CA LEU G 555 54.23 38.79 59.05
C LEU G 555 54.25 39.03 57.55
N GLU G 556 54.25 37.96 56.74
CA GLU G 556 54.14 38.15 55.30
C GLU G 556 52.70 38.32 54.86
N ALA G 557 51.77 37.65 55.56
CA ALA G 557 50.34 37.74 55.26
C ALA G 557 49.57 37.81 56.57
N SER G 558 50.03 38.65 57.50
CA SER G 558 49.43 38.69 58.83
C SER G 558 47.96 39.09 58.76
N SER G 559 47.63 40.10 57.96
CA SER G 559 46.24 40.53 57.86
C SER G 559 45.37 39.41 57.31
N GLY G 560 45.83 38.72 56.28
CA GLY G 560 45.06 37.62 55.73
C GLY G 560 44.84 36.51 56.74
N ILE G 561 45.88 36.17 57.48
CA ILE G 561 45.75 35.10 58.48
C ILE G 561 44.75 35.52 59.56
N LEU G 562 44.83 36.78 60.00
CA LEU G 562 43.87 37.26 60.99
C LEU G 562 42.45 37.20 60.44
N GLU G 563 42.27 37.55 59.17
CA GLU G 563 40.95 37.48 58.58
C GLU G 563 40.42 36.04 58.57
N VAL G 564 41.28 35.09 58.22
CA VAL G 564 40.86 33.69 58.22
C VAL G 564 40.43 33.28 59.61
N LEU G 565 41.24 33.62 60.63
CA LEU G 565 40.90 33.25 61.99
C LEU G 565 39.61 33.91 62.42
N TYR G 566 39.40 35.17 62.05
CA TYR G 566 38.18 35.88 62.42
C TYR G 566 36.96 35.18 61.84
N CYS G 567 37.01 34.83 60.56
CA CYS G 567 35.86 34.13 59.97
C CYS G 567 35.62 32.81 60.68
N VAL G 568 36.66 32.03 60.91
CA VAL G 568 36.49 30.74 61.58
C VAL G 568 35.84 30.94 62.94
N LEU G 569 36.33 31.90 63.72
CA LEU G 569 35.87 32.06 65.09
C LEU G 569 34.43 32.55 65.13
N ILE G 570 34.07 33.52 64.28
CA ILE G 570 32.71 34.02 64.30
C ILE G 570 31.73 32.93 63.88
N GLU G 571 32.15 32.07 62.94
CA GLU G 571 31.20 31.12 62.38
C GLU G 571 31.05 29.87 63.24
N SER G 572 32.17 29.28 63.69
CA SER G 572 32.11 27.96 64.32
C SER G 572 32.22 28.08 65.84
N PRO G 573 31.21 27.65 66.61
CA PRO G 573 31.40 27.57 68.07
C PRO G 573 32.23 26.39 68.53
N GLU G 574 32.38 25.35 67.71
CA GLU G 574 33.24 24.23 68.10
C GLU G 574 34.68 24.69 68.27
N VAL G 575 35.15 25.54 67.35
CA VAL G 575 36.48 26.11 67.50
C VAL G 575 36.59 26.84 68.83
N LEU G 576 35.55 27.61 69.18
CA LEU G 576 35.56 28.30 70.47
C LEU G 576 35.68 27.32 71.62
N ASN G 577 34.96 26.19 71.54
CA ASN G 577 35.04 25.20 72.60
C ASN G 577 36.46 24.65 72.72
N ILE G 578 37.16 24.48 71.59
CA ILE G 578 38.46 23.82 71.64
C ILE G 578 39.58 24.82 71.93
N ILE G 579 39.30 26.12 71.86
CA ILE G 579 40.32 27.13 72.15
C ILE G 579 41.01 26.81 73.47
N GLN G 580 42.31 27.10 73.57
CA GLN G 580 43.09 26.91 74.78
C GLN G 580 43.90 28.16 75.12
N GLU G 581 44.50 28.10 76.32
CA GLU G 581 45.28 29.23 76.82
C GLU G 581 46.42 29.57 75.88
N ASN G 582 47.00 28.57 75.22
CA ASN G 582 48.09 28.84 74.28
C ASN G 582 47.61 29.74 73.15
N HIS G 583 46.44 29.42 72.60
CA HIS G 583 45.91 30.23 71.51
C HIS G 583 45.54 31.62 72.00
N ILE G 584 44.97 31.72 73.20
CA ILE G 584 44.62 33.04 73.73
C ILE G 584 45.88 33.88 73.90
N LYS G 585 46.94 33.28 74.43
CA LYS G 585 48.19 34.01 74.61
C LYS G 585 48.77 34.44 73.27
N SER G 586 48.67 33.58 72.24
CA SER G 586 49.17 33.97 70.93
C SER G 586 48.39 35.16 70.37
N ILE G 587 47.06 35.12 70.51
CA ILE G 587 46.26 36.22 69.98
C ILE G 587 46.56 37.51 70.71
N ILE G 588 46.81 37.44 72.02
CA ILE G 588 47.20 38.64 72.75
C ILE G 588 48.59 39.10 72.32
N SER G 589 49.49 38.15 72.06
CA SER G 589 50.80 38.51 71.55
C SER G 589 50.69 39.24 70.23
N LEU G 590 49.64 38.99 69.47
CA LEU G 590 49.42 39.78 68.27
C LEU G 590 49.25 41.25 68.60
N LEU G 591 48.43 41.57 69.59
CA LEU G 591 48.34 42.95 70.04
C LEU G 591 49.69 43.46 70.48
N ASP G 592 50.43 42.64 71.22
CA ASP G 592 51.71 43.09 71.76
C ASP G 592 52.71 43.42 70.67
N LYS G 593 52.74 42.63 69.60
CA LYS G 593 53.81 42.71 68.61
C LYS G 593 53.45 43.51 67.38
N HIS G 594 52.18 43.48 66.95
CA HIS G 594 51.77 44.13 65.71
C HIS G 594 51.07 45.46 65.93
N GLY G 595 51.11 45.99 67.14
CA GLY G 595 50.48 47.27 67.42
C GLY G 595 49.02 47.12 67.77
N ARG G 596 48.37 48.28 67.90
CA ARG G 596 46.98 48.35 68.31
C ARG G 596 46.09 48.26 67.07
N ASN G 597 45.44 47.12 66.89
CA ASN G 597 44.55 46.89 65.77
C ASN G 597 43.21 46.41 66.29
N HIS G 598 42.13 47.11 65.91
CA HIS G 598 40.82 46.79 66.48
C HIS G 598 40.33 45.43 65.98
N LYS G 599 40.89 44.92 64.89
CA LYS G 599 40.48 43.61 64.42
C LYS G 599 40.88 42.52 65.39
N VAL G 600 42.04 42.68 66.04
CA VAL G 600 42.44 41.71 67.06
C VAL G 600 41.46 41.74 68.23
N LEU G 601 41.03 42.95 68.62
CA LEU G 601 40.03 43.05 69.67
C LEU G 601 38.72 42.40 69.25
N ASP G 602 38.32 42.55 67.99
CA ASP G 602 37.13 41.88 67.51
C ASP G 602 37.27 40.37 67.56
N VAL G 603 38.45 39.84 67.21
CA VAL G 603 38.68 38.42 67.34
C VAL G 603 38.53 37.98 68.79
N LEU G 604 39.11 38.74 69.73
CA LEU G 604 38.97 38.40 71.13
C LEU G 604 37.50 38.44 71.57
N CYS G 605 36.75 39.44 71.11
CA CYS G 605 35.32 39.49 71.42
C CYS G 605 34.60 38.27 70.90
N SER G 606 34.90 37.86 69.67
CA SER G 606 34.25 36.68 69.10
C SER G 606 34.60 35.42 69.88
N LEU G 607 35.79 35.38 70.47
CA LEU G 607 36.16 34.21 71.28
C LEU G 607 35.28 34.09 72.52
N CYS G 608 34.62 35.19 72.91
CA CYS G 608 33.89 35.17 74.18
C CYS G 608 32.50 34.58 74.01
N VAL G 609 31.74 35.05 73.03
CA VAL G 609 30.35 34.68 72.85
C VAL G 609 30.11 34.31 71.39
N CYS G 610 29.37 33.23 71.16
CA CYS G 610 28.97 32.81 69.83
C CYS G 610 27.51 32.39 69.85
N ASN G 611 26.70 33.02 69.00
CA ASN G 611 25.29 32.66 68.85
C ASN G 611 24.56 32.68 70.19
N GLY G 612 24.89 33.66 71.03
CA GLY G 612 24.16 33.87 72.26
C GLY G 612 24.55 32.97 73.40
N VAL G 613 25.56 32.12 73.25
CA VAL G 613 26.06 31.28 74.32
C VAL G 613 27.51 31.67 74.59
N ALA G 614 27.83 31.94 75.84
CA ALA G 614 29.14 32.45 76.23
C ALA G 614 30.01 31.31 76.74
N VAL G 615 31.30 31.37 76.43
CA VAL G 615 32.26 30.36 76.85
C VAL G 615 33.08 30.90 78.02
N ARG G 616 32.77 30.41 79.22
CA ARG G 616 33.35 30.97 80.43
C ARG G 616 34.85 30.77 80.48
N SER G 617 35.35 29.63 79.99
CA SER G 617 36.78 29.40 80.01
C SER G 617 37.51 30.47 79.20
N ASN G 618 37.02 30.74 77.99
CA ASN G 618 37.66 31.76 77.17
C ASN G 618 37.53 33.14 77.79
N GLN G 619 36.36 33.45 78.36
CA GLN G 619 36.21 34.75 79.00
C GLN G 619 37.24 34.91 80.12
N ASP G 620 37.34 33.91 81.00
CA ASP G 620 38.28 33.99 82.12
C ASP G 620 39.72 34.07 81.65
N LEU G 621 40.09 33.30 80.63
CA LEU G 621 41.46 33.35 80.15
C LEU G 621 41.80 34.69 79.53
N ILE G 622 40.89 35.23 78.71
CA ILE G 622 41.14 36.54 78.12
C ILE G 622 41.31 37.58 79.21
N THR G 623 40.44 37.56 80.22
CA THR G 623 40.62 38.47 81.33
C THR G 623 42.01 38.30 81.96
N GLU G 624 42.26 37.10 82.49
CA GLU G 624 43.49 36.88 83.26
C GLU G 624 44.72 37.32 82.49
N ASN G 625 44.77 37.05 81.19
CA ASN G 625 45.96 37.36 80.41
C ASN G 625 46.03 38.81 79.98
N LEU G 626 44.95 39.35 79.39
CA LEU G 626 45.02 40.68 78.81
C LEU G 626 44.96 41.77 79.86
N LEU G 627 44.02 41.69 80.80
CA LEU G 627 43.68 42.86 81.59
C LEU G 627 44.74 43.22 82.64
N PRO G 628 45.12 42.30 83.53
CA PRO G 628 45.91 42.72 84.69
C PRO G 628 47.23 43.38 84.34
N GLY G 629 47.78 43.08 83.15
CA GLY G 629 49.05 43.68 82.78
C GLY G 629 48.98 45.20 82.69
N ARG G 630 47.90 45.73 82.13
CA ARG G 630 47.73 47.16 81.94
C ARG G 630 48.89 47.75 81.16
N GLU G 631 49.25 47.10 80.05
CA GLU G 631 50.31 47.57 79.18
C GLU G 631 49.88 47.63 77.71
N LEU G 632 48.74 47.05 77.36
CA LEU G 632 48.28 47.03 75.97
C LEU G 632 47.02 47.86 75.79
N LEU G 633 45.96 47.57 76.52
CA LEU G 633 44.73 48.34 76.41
C LEU G 633 44.90 49.71 77.05
N LEU G 634 44.38 50.72 76.37
CA LEU G 634 44.45 52.08 76.89
C LEU G 634 43.71 52.15 78.22
N GLN G 635 44.32 52.84 79.19
CA GLN G 635 43.77 52.94 80.53
C GLN G 635 43.17 54.32 80.74
N THR G 636 42.09 54.38 81.53
CA THR G 636 41.39 55.62 81.79
C THR G 636 41.22 55.81 83.29
N ASN G 637 41.15 57.07 83.70
CA ASN G 637 40.95 57.40 85.11
C ASN G 637 40.61 58.88 85.21
N LEU G 638 40.03 59.25 86.35
CA LEU G 638 39.67 60.64 86.60
C LEU G 638 40.78 61.31 87.41
N ILE G 639 41.19 62.50 86.97
CA ILE G 639 42.32 63.19 87.57
C ILE G 639 41.98 64.66 87.76
N ASN G 640 42.42 65.24 88.87
CA ASN G 640 42.20 66.66 89.12
C ASN G 640 43.00 67.49 88.15
N TYR G 641 42.52 68.72 87.90
CA TYR G 641 43.33 69.70 87.21
C TYR G 641 44.36 70.28 88.17
N VAL G 642 45.53 70.62 87.64
CA VAL G 642 46.61 71.20 88.43
C VAL G 642 47.16 72.39 87.66
N THR G 643 47.34 73.51 88.37
CA THR G 643 47.88 74.71 87.77
C THR G 643 48.96 75.28 88.67
N SER G 644 49.89 76.02 88.06
CA SER G 644 51.05 76.55 88.76
C SER G 644 50.99 78.07 88.76
N ILE G 645 51.44 78.66 89.86
CA ILE G 645 51.47 80.11 90.04
C ILE G 645 52.86 80.51 90.49
N ARG G 646 53.36 81.62 89.94
CA ARG G 646 54.65 82.15 90.29
C ARG G 646 54.55 83.65 90.51
N PRO G 647 55.41 84.22 91.34
CA PRO G 647 55.63 85.67 91.27
C PRO G 647 56.51 85.98 90.07
N ASN G 648 56.43 87.23 89.59
CA ASN G 648 57.23 87.66 88.46
C ASN G 648 58.65 88.00 88.93
N ILE G 649 59.30 87.00 89.52
CA ILE G 649 60.65 87.12 90.06
C ILE G 649 61.52 86.10 89.31
N PHE G 650 62.62 86.57 88.73
CA PHE G 650 63.50 85.74 87.94
C PHE G 650 64.93 85.93 88.39
N VAL G 651 65.63 84.82 88.64
CA VAL G 651 67.01 84.83 89.09
C VAL G 651 67.77 83.75 88.33
N GLY G 652 68.99 84.05 87.91
CA GLY G 652 69.81 83.08 87.23
C GLY G 652 71.27 83.41 87.42
N ARG G 653 72.13 82.52 86.91
CA ARG G 653 73.57 82.69 86.97
C ARG G 653 74.14 82.59 85.57
N ALA G 654 74.81 83.64 85.11
CA ALA G 654 75.51 83.62 83.84
C ALA G 654 76.83 84.37 84.01
N GLU G 655 77.79 84.02 83.18
CA GLU G 655 79.12 84.61 83.30
C GLU G 655 79.04 86.13 83.19
N GLY G 656 79.52 86.82 84.23
CA GLY G 656 79.47 88.26 84.23
C GLY G 656 78.09 88.85 84.41
N SER G 657 77.10 88.04 84.76
CA SER G 657 75.75 88.55 84.95
C SER G 657 75.67 89.43 86.19
N THR G 658 74.76 90.40 86.16
CA THR G 658 74.60 91.31 87.28
C THR G 658 73.79 90.70 88.40
N GLN G 659 73.09 89.60 88.15
CA GLN G 659 72.22 89.00 89.16
C GLN G 659 73.03 88.44 90.32
N TYR G 660 72.43 88.51 91.51
CA TYR G 660 73.00 87.90 92.70
C TYR G 660 72.75 86.40 92.65
N GLY G 661 73.52 85.64 93.41
CA GLY G 661 73.53 84.20 93.27
C GLY G 661 72.69 83.40 94.24
N LYS G 662 72.21 84.05 95.31
CA LYS G 662 71.48 83.34 96.37
C LYS G 662 70.15 84.01 96.58
N TRP G 663 69.10 83.21 96.82
CA TRP G 663 67.77 83.73 97.03
C TRP G 663 66.99 82.82 97.96
N TYR G 664 65.91 83.37 98.52
CA TYR G 664 65.17 82.72 99.59
C TYR G 664 63.74 83.26 99.63
N PHE G 665 62.77 82.38 99.81
CA PHE G 665 61.38 82.82 99.97
C PHE G 665 60.62 81.81 100.82
N GLU G 666 59.36 82.12 101.10
CA GLU G 666 58.55 81.27 101.96
C GLU G 666 57.13 81.16 101.42
N VAL G 667 56.45 80.11 101.83
CA VAL G 667 55.03 79.93 101.53
C VAL G 667 54.35 79.44 102.81
N MET G 668 53.27 80.12 103.19
CA MET G 668 52.50 79.74 104.37
C MET G 668 51.15 79.23 103.92
N VAL G 669 50.74 78.10 104.46
CA VAL G 669 49.56 77.38 103.95
C VAL G 669 48.38 77.64 104.89
N ASP G 670 47.48 78.55 104.52
CA ASP G 670 46.36 78.86 105.40
C ASP G 670 45.36 77.70 105.45
N GLU G 671 44.97 77.17 104.29
CA GLU G 671 43.95 76.14 104.21
C GLU G 671 44.32 75.11 103.16
N VAL G 672 44.08 73.84 103.45
CA VAL G 672 44.18 72.75 102.49
C VAL G 672 43.09 71.74 102.79
N ALA G 673 42.38 71.31 101.75
CA ALA G 673 41.39 70.26 101.90
C ALA G 673 42.02 68.94 101.50
N PRO G 674 42.22 68.00 102.43
CA PRO G 674 42.94 66.77 102.07
C PRO G 674 42.33 66.07 100.87
N PHE G 675 41.01 66.02 100.79
CA PHE G 675 40.32 65.42 99.65
C PHE G 675 39.06 66.23 99.35
N LEU G 676 39.20 67.22 98.46
CA LEU G 676 38.03 67.89 97.93
C LEU G 676 37.35 67.05 96.87
N THR G 677 38.11 66.23 96.16
CA THR G 677 37.60 65.26 95.20
C THR G 677 38.19 63.90 95.52
N ALA G 678 37.92 62.92 94.67
CA ALA G 678 38.41 61.57 94.92
C ALA G 678 39.93 61.54 94.96
N GLN G 679 40.59 62.22 94.04
CA GLN G 679 42.04 62.24 94.00
C GLN G 679 42.57 63.19 95.07
N ALA G 680 43.67 62.80 95.69
CA ALA G 680 44.23 63.60 96.78
C ALA G 680 44.61 64.99 96.27
N THR G 681 44.40 65.99 97.13
CA THR G 681 44.72 67.36 96.77
C THR G 681 46.21 67.49 96.48
N HIS G 682 46.53 68.25 95.45
CA HIS G 682 47.90 68.46 95.00
C HIS G 682 48.37 69.82 95.47
N LEU G 683 49.52 69.87 96.13
CA LEU G 683 50.13 71.12 96.59
C LEU G 683 51.63 70.92 96.70
N ARG G 684 52.38 71.64 95.88
CA ARG G 684 53.84 71.52 95.84
C ARG G 684 54.43 72.91 95.74
N VAL G 685 55.57 73.11 96.39
CA VAL G 685 56.27 74.39 96.40
C VAL G 685 57.71 74.16 95.96
N GLY G 686 58.25 75.08 95.18
CA GLY G 686 59.63 74.95 94.76
C GLY G 686 60.02 75.99 93.76
N TRP G 687 61.03 75.65 92.97
CA TRP G 687 61.54 76.49 91.91
C TRP G 687 61.29 75.83 90.56
N ALA G 688 61.56 76.57 89.50
CA ALA G 688 61.38 76.07 88.14
C ALA G 688 62.19 76.92 87.17
N LEU G 689 62.64 76.29 86.09
CA LEU G 689 63.45 76.98 85.10
C LEU G 689 62.56 77.80 84.17
N SER G 690 63.04 78.97 83.78
CA SER G 690 62.21 79.86 82.98
C SER G 690 61.78 79.20 81.68
N GLU G 691 62.69 78.52 81.00
CA GLU G 691 62.41 77.87 79.75
C GLU G 691 62.25 76.37 79.99
N GLY G 692 61.17 75.80 79.46
CA GLY G 692 60.91 74.39 79.55
C GLY G 692 59.85 74.01 80.56
N TYR G 693 59.54 74.88 81.52
CA TYR G 693 58.47 74.62 82.47
C TYR G 693 57.17 75.18 81.90
N SER G 694 56.47 74.33 81.16
CA SER G 694 55.22 74.71 80.53
C SER G 694 54.14 73.70 80.87
N PRO G 695 53.64 73.70 82.09
CA PRO G 695 52.59 72.74 82.49
C PRO G 695 51.22 73.13 81.96
N TYR G 696 50.96 72.79 80.71
CA TYR G 696 49.69 73.12 80.10
C TYR G 696 48.57 72.40 80.83
N PRO G 697 47.46 73.08 81.17
CA PRO G 697 46.39 72.41 81.90
C PRO G 697 45.83 71.25 81.11
N GLY G 698 45.42 70.21 81.83
CA GLY G 698 44.84 69.04 81.21
C GLY G 698 45.78 67.86 81.26
N GLY G 699 45.79 67.06 80.19
CA GLY G 699 46.70 65.93 80.14
C GLY G 699 48.13 66.37 79.94
N GLY G 700 49.06 65.53 80.38
CA GLY G 700 50.48 65.81 80.24
C GLY G 700 51.29 64.57 80.45
N GLU G 701 52.40 64.71 81.18
CA GLU G 701 53.26 63.56 81.46
C GLU G 701 52.64 62.66 82.50
N GLY G 702 52.96 61.38 82.41
CA GLY G 702 52.48 60.43 83.40
C GLY G 702 50.97 60.36 83.42
N TRP G 703 50.39 60.50 84.60
CA TRP G 703 48.95 60.43 84.79
C TRP G 703 48.34 61.82 84.91
N GLY G 704 48.92 62.78 84.21
CA GLY G 704 48.38 64.13 84.23
C GLY G 704 48.69 64.84 85.54
N GLY G 705 48.05 65.99 85.71
CA GLY G 705 48.28 66.78 86.91
C GLY G 705 49.72 67.17 87.09
N ASN G 706 50.36 67.67 86.02
CA ASN G 706 51.77 68.03 86.11
C ASN G 706 51.91 69.35 86.86
N GLY G 707 52.73 69.35 87.91
CA GLY G 707 52.99 70.55 88.67
C GLY G 707 54.48 70.75 88.87
N VAL G 708 54.88 71.33 90.00
CA VAL G 708 56.29 71.53 90.27
C VAL G 708 56.94 70.16 90.48
N GLY G 709 58.07 69.94 89.83
CA GLY G 709 58.83 68.72 89.98
C GLY G 709 58.41 67.60 89.07
N ASP G 710 57.32 67.75 88.33
CA ASP G 710 56.84 66.70 87.44
C ASP G 710 57.62 66.65 86.13
N ASP G 711 58.60 67.52 85.94
CA ASP G 711 59.50 67.45 84.82
C ASP G 711 60.85 68.01 85.25
N LEU G 712 61.90 67.59 84.56
CA LEU G 712 63.26 67.93 84.96
C LEU G 712 63.57 69.41 84.84
N TYR G 713 62.60 70.23 84.46
CA TYR G 713 62.76 71.68 84.43
C TYR G 713 62.31 72.34 85.73
N SER G 714 61.85 71.57 86.70
CA SER G 714 61.33 72.12 87.95
C SER G 714 61.76 71.24 89.11
N TYR G 715 61.67 71.80 90.32
CA TYR G 715 62.10 71.11 91.54
C TYR G 715 61.18 71.54 92.67
N GLY G 716 60.47 70.59 93.27
CA GLY G 716 59.44 70.92 94.23
C GLY G 716 59.45 69.98 95.41
N PHE G 717 58.94 70.50 96.53
CA PHE G 717 58.84 69.78 97.79
C PHE G 717 57.40 69.82 98.25
N ASP G 718 56.83 68.65 98.51
CA ASP G 718 55.41 68.52 98.82
C ASP G 718 55.14 68.09 100.26
N GLY G 719 56.10 68.28 101.16
CA GLY G 719 55.93 67.94 102.55
C GLY G 719 56.52 66.59 102.92
N LEU G 720 56.50 65.64 101.99
CA LEU G 720 56.98 64.29 102.28
C LEU G 720 58.08 63.87 101.32
N HIS G 721 57.95 64.23 100.05
CA HIS G 721 58.84 63.78 99.00
C HIS G 721 59.49 64.97 98.31
N LEU G 722 60.67 64.75 97.77
CA LEU G 722 61.29 65.70 96.87
C LEU G 722 60.96 65.33 95.43
N TRP G 723 60.27 66.22 94.73
CA TRP G 723 59.70 65.92 93.43
C TRP G 723 60.60 66.51 92.35
N THR G 724 61.00 65.67 91.39
CA THR G 724 61.74 66.10 90.23
C THR G 724 61.77 64.97 89.23
N GLY G 725 61.70 65.30 87.95
CA GLY G 725 61.62 64.27 86.94
C GLY G 725 60.42 63.37 87.10
N HIS G 726 59.35 63.87 87.74
CA HIS G 726 58.15 63.08 88.00
C HIS G 726 58.46 61.80 88.76
N VAL G 727 59.30 61.89 89.78
CA VAL G 727 59.58 60.77 90.67
C VAL G 727 59.55 61.29 92.10
N ALA G 728 58.71 60.67 92.93
CA ALA G 728 58.55 61.11 94.32
C ALA G 728 59.55 60.36 95.18
N ARG G 729 60.58 61.07 95.65
CA ARG G 729 61.60 60.46 96.48
C ARG G 729 61.38 60.89 97.92
N PRO G 730 61.03 59.98 98.83
CA PRO G 730 60.75 60.40 100.21
C PRO G 730 61.96 61.07 100.83
N VAL G 731 61.70 62.05 101.69
CA VAL G 731 62.74 62.79 102.38
C VAL G 731 62.33 62.96 103.83
N THR G 732 63.28 62.74 104.74
CA THR G 732 63.00 62.77 106.17
C THR G 732 63.03 64.20 106.69
N SER G 733 62.16 64.48 107.66
CA SER G 733 62.14 65.75 108.35
C SER G 733 61.49 65.55 109.71
N PRO G 734 61.83 66.36 110.71
CA PRO G 734 61.17 66.25 112.01
C PRO G 734 59.68 66.48 111.89
N GLY G 735 58.89 65.70 112.62
CA GLY G 735 57.46 65.81 112.53
C GLY G 735 56.98 65.63 111.11
N GLN G 736 57.53 64.62 110.43
CA GLN G 736 57.25 64.43 109.02
C GLN G 736 55.74 64.30 108.77
N HIS G 737 55.25 65.06 107.80
CA HIS G 737 53.85 64.96 107.42
C HIS G 737 53.65 65.68 106.08
N LEU G 738 52.58 65.32 105.38
CA LEU G 738 52.19 66.04 104.19
C LEU G 738 51.81 67.47 104.55
N LEU G 739 51.99 68.38 103.59
CA LEU G 739 51.70 69.78 103.84
C LEU G 739 50.26 69.94 104.30
N ALA G 740 50.08 70.76 105.32
CA ALA G 740 48.79 70.96 105.98
C ALA G 740 48.69 72.40 106.43
N PRO G 741 47.50 72.83 106.86
CA PRO G 741 47.35 74.22 107.30
C PRO G 741 48.32 74.53 108.44
N GLU G 742 48.76 75.80 108.48
CA GLU G 742 49.73 76.29 109.44
C GLU G 742 51.12 75.71 109.20
N ASP G 743 51.48 75.47 107.94
CA ASP G 743 52.83 75.05 107.58
C ASP G 743 53.52 76.19 106.86
N VAL G 744 54.77 76.45 107.24
CA VAL G 744 55.60 77.47 106.60
C VAL G 744 56.77 76.75 105.95
N VAL G 745 56.80 76.78 104.62
CA VAL G 745 57.87 76.16 103.84
C VAL G 745 58.83 77.25 103.42
N SER G 746 60.11 77.06 103.68
CA SER G 746 61.15 78.00 103.32
C SER G 746 62.03 77.39 102.25
N CYS G 747 62.11 78.04 101.09
CA CYS G 747 62.89 77.55 99.96
C CYS G 747 64.11 78.43 99.76
N CYS G 748 65.27 77.79 99.59
CA CYS G 748 66.53 78.48 99.43
C CYS G 748 67.20 77.98 98.14
N LEU G 749 67.62 78.91 97.30
CA LEU G 749 68.34 78.61 96.07
C LEU G 749 69.72 79.23 96.14
N ASP G 750 70.75 78.38 96.07
CA ASP G 750 72.15 78.80 96.11
C ASP G 750 72.74 78.48 94.74
N LEU G 751 72.74 79.46 93.85
CA LEU G 751 73.15 79.19 92.48
C LEU G 751 74.61 78.79 92.39
N SER G 752 75.40 79.08 93.42
CA SER G 752 76.83 78.80 93.34
C SER G 752 77.09 77.30 93.21
N VAL G 753 76.41 76.48 94.02
CA VAL G 753 76.75 75.07 94.09
C VAL G 753 76.57 74.37 92.76
N PRO G 754 75.40 74.41 92.10
CA PRO G 754 74.11 74.96 92.51
C PRO G 754 73.35 74.02 93.42
N SER G 755 72.49 74.57 94.27
CA SER G 755 71.78 73.77 95.27
C SER G 755 70.42 74.37 95.55
N ILE G 756 69.46 73.51 95.85
CA ILE G 756 68.13 73.92 96.28
C ILE G 756 67.82 73.17 97.57
N SER G 757 67.44 73.92 98.61
CA SER G 757 67.18 73.33 99.91
C SER G 757 65.87 73.86 100.46
N PHE G 758 65.27 73.10 101.37
CA PHE G 758 63.99 73.45 101.96
C PHE G 758 64.08 73.36 103.47
N ARG G 759 63.16 74.04 104.15
CA ARG G 759 63.00 73.95 105.59
C ARG G 759 61.52 74.05 105.92
N ILE G 760 60.98 73.00 106.54
CA ILE G 760 59.58 72.94 106.92
C ILE G 760 59.48 73.40 108.37
N ASN G 761 58.67 74.43 108.60
CA ASN G 761 58.48 74.99 109.93
C ASN G 761 59.81 75.24 110.63
N GLY G 762 60.83 75.63 109.86
CA GLY G 762 62.12 75.94 110.43
C GLY G 762 63.00 74.73 110.70
N CYS G 763 62.52 73.52 110.44
CA CYS G 763 63.30 72.32 110.65
C CYS G 763 63.88 71.85 109.33
N PRO G 764 65.20 71.84 109.16
CA PRO G 764 65.76 71.50 107.84
C PRO G 764 65.32 70.13 107.37
N VAL G 765 64.95 70.04 106.10
CA VAL G 765 64.65 68.74 105.49
C VAL G 765 65.93 68.14 104.93
N GLN G 766 66.12 66.85 105.17
CA GLN G 766 67.38 66.19 104.81
C GLN G 766 67.35 65.75 103.34
N GLY G 767 67.47 66.73 102.46
CA GLY G 767 67.52 66.47 101.04
C GLY G 767 67.75 67.73 100.24
N VAL G 768 68.48 67.64 99.14
CA VAL G 768 68.84 68.82 98.35
C VAL G 768 68.98 68.42 96.89
N PHE G 769 68.60 69.32 95.99
CA PHE G 769 68.89 69.15 94.57
C PHE G 769 70.23 69.80 94.26
N GLU G 770 70.99 69.21 93.35
CA GLU G 770 72.32 69.69 93.03
C GLU G 770 72.62 69.48 91.55
N SER G 771 73.54 70.28 91.04
CA SER G 771 74.13 70.07 89.73
C SER G 771 73.08 70.11 88.63
N PHE G 772 71.97 70.78 88.89
CA PHE G 772 70.99 70.96 87.83
C PHE G 772 71.50 71.98 86.82
N ASN G 773 70.80 72.08 85.70
CA ASN G 773 71.24 72.97 84.63
C ASN G 773 70.88 74.41 84.96
N LEU G 774 71.75 75.34 84.57
CA LEU G 774 71.55 76.76 84.79
C LEU G 774 71.26 77.51 83.50
N ASP G 775 70.68 76.84 82.50
CA ASP G 775 70.43 77.43 81.20
C ASP G 775 69.04 78.08 81.18
N GLY G 776 68.89 79.10 82.00
CA GLY G 776 67.63 79.80 82.10
C GLY G 776 67.56 80.61 83.39
N LEU G 777 66.37 81.11 83.67
CA LEU G 777 66.10 81.91 84.85
C LEU G 777 65.17 81.13 85.77
N PHE G 778 65.53 81.07 87.05
CA PHE G 778 64.72 80.36 88.02
C PHE G 778 63.73 81.31 88.69
N PHE G 779 62.54 80.80 88.97
CA PHE G 779 61.52 81.59 89.64
C PHE G 779 60.79 80.74 90.66
N PRO G 780 60.30 81.35 91.75
CA PRO G 780 59.47 80.60 92.69
C PRO G 780 58.18 80.13 92.01
N VAL G 781 57.66 79.00 92.47
CA VAL G 781 56.46 78.43 91.88
C VAL G 781 55.78 77.54 92.89
N VAL G 782 54.46 77.50 92.82
CA VAL G 782 53.64 76.58 93.59
C VAL G 782 52.59 75.99 92.67
N SER G 783 52.48 74.67 92.66
CA SER G 783 51.53 73.96 91.82
C SER G 783 50.46 73.34 92.70
N PHE G 784 49.21 73.52 92.31
CA PHE G 784 48.10 73.13 93.16
C PHE G 784 46.93 72.66 92.34
N SER G 785 46.17 71.76 92.94
CA SER G 785 44.83 71.40 92.49
C SER G 785 43.83 72.29 93.22
N ALA G 786 42.52 72.03 93.17
CA ALA G 786 41.55 72.87 93.86
C ALA G 786 41.61 72.63 95.35
N GLY G 787 41.28 73.67 96.11
CA GLY G 787 41.15 73.55 97.55
C GLY G 787 42.34 74.00 98.37
N ILE G 788 42.98 75.11 98.02
CA ILE G 788 44.08 75.63 98.83
C ILE G 788 43.92 77.11 99.07
N LYS G 789 44.61 77.58 100.11
CA LYS G 789 44.64 78.97 100.53
C LYS G 789 46.09 79.35 100.86
N VAL G 790 47.01 79.18 99.92
CA VAL G 790 48.41 79.38 100.26
C VAL G 790 48.76 80.85 100.08
N ARG G 791 49.88 81.26 100.66
CA ARG G 791 50.34 82.64 100.61
C ARG G 791 51.84 82.67 100.37
N PHE G 792 52.26 83.52 99.44
CA PHE G 792 53.67 83.77 99.16
C PHE G 792 54.18 84.82 100.14
N LEU G 793 55.25 84.50 100.85
CA LEU G 793 55.97 85.45 101.69
C LEU G 793 57.33 85.68 101.03
N LEU G 794 57.46 86.80 100.33
CA LEU G 794 58.64 87.09 99.55
C LEU G 794 59.59 88.07 100.23
N GLY G 795 59.39 88.35 101.51
CA GLY G 795 60.27 89.21 102.26
C GLY G 795 60.06 90.68 101.93
N GLY G 796 60.64 91.53 102.78
CA GLY G 796 60.47 92.95 102.57
C GLY G 796 59.04 93.39 102.82
N ARG G 797 58.67 94.49 102.17
CA ARG G 797 57.33 95.02 102.36
C ARG G 797 56.27 94.04 101.89
N HIS G 798 56.53 93.35 100.77
CA HIS G 798 55.51 92.48 100.20
C HIS G 798 55.08 91.39 101.17
N GLY G 799 56.05 90.64 101.70
CA GLY G 799 55.74 89.55 102.60
C GLY G 799 56.65 89.57 103.80
N GLU G 800 56.12 89.10 104.92
CA GLU G 800 56.83 89.07 106.19
C GLU G 800 57.30 87.65 106.47
N PHE G 801 58.60 87.48 106.70
CA PHE G 801 59.16 86.17 106.95
C PHE G 801 58.84 85.71 108.36
N LYS G 802 58.35 84.48 108.49
CA LYS G 802 58.16 83.86 109.79
C LYS G 802 59.42 83.18 110.31
N PHE G 803 60.46 83.08 109.50
CA PHE G 803 61.71 82.45 109.90
C PHE G 803 62.88 83.27 109.40
N LEU G 804 64.01 83.14 110.08
CA LEU G 804 65.19 83.91 109.74
C LEU G 804 65.83 83.36 108.47
N PRO G 805 66.08 84.19 107.46
CA PRO G 805 66.72 83.70 106.24
C PRO G 805 68.12 83.19 106.54
N PRO G 806 68.57 82.14 105.86
CA PRO G 806 69.92 81.64 106.09
C PRO G 806 70.94 82.69 105.71
N PRO G 807 72.12 82.67 106.33
CA PRO G 807 73.11 83.73 106.07
C PRO G 807 73.47 83.82 104.60
N GLY G 808 73.63 85.06 104.13
CA GLY G 808 74.04 85.31 102.75
C GLY G 808 72.92 85.37 101.75
N TYR G 809 71.80 84.70 102.01
CA TYR G 809 70.70 84.68 101.07
C TYR G 809 69.89 85.97 101.16
N ALA G 810 69.29 86.36 100.04
CA ALA G 810 68.55 87.59 99.95
C ALA G 810 67.07 87.31 99.74
N PRO G 811 66.18 88.12 100.30
CA PRO G 811 64.75 87.94 100.03
C PRO G 811 64.45 88.12 98.55
N CYS G 812 63.44 87.39 98.08
CA CYS G 812 63.13 87.39 96.66
C CYS G 812 62.56 88.72 96.20
N HIS G 813 61.89 89.46 97.08
CA HIS G 813 61.29 90.72 96.65
C HIS G 813 62.34 91.67 96.09
N GLU G 814 63.60 91.50 96.50
CA GLU G 814 64.66 92.35 95.97
C GLU G 814 64.89 92.11 94.49
N ALA G 815 64.53 90.94 93.99
CA ALA G 815 64.86 90.53 92.63
C ALA G 815 63.89 91.08 91.59
N VAL G 816 62.81 91.74 92.00
CA VAL G 816 61.85 92.25 91.04
C VAL G 816 62.55 93.23 90.12
N LEU G 817 62.35 93.04 88.82
CA LEU G 817 63.04 93.86 87.84
C LEU G 817 62.57 95.31 87.93
N PRO G 818 63.40 96.26 87.49
CA PRO G 818 63.02 97.67 87.61
C PRO G 818 61.72 98.00 86.90
N ARG G 819 61.57 97.56 85.65
CA ARG G 819 60.41 97.95 84.86
C ARG G 819 59.12 97.40 85.47
N GLU G 820 59.13 96.14 85.87
CA GLU G 820 57.90 95.49 86.31
C GLU G 820 57.57 95.83 87.76
N ARG G 821 56.31 95.57 88.12
CA ARG G 821 55.85 95.62 89.49
C ARG G 821 55.47 94.21 89.92
N LEU G 822 55.88 93.84 91.13
CA LEU G 822 55.68 92.48 91.59
C LEU G 822 54.20 92.12 91.63
N HIS G 823 53.87 90.94 91.13
CA HIS G 823 52.49 90.47 91.11
C HIS G 823 52.47 89.02 90.68
N LEU G 824 51.58 88.23 91.27
CA LEU G 824 51.49 86.82 90.96
C LEU G 824 50.79 86.60 89.64
N GLN G 825 51.29 85.67 88.84
CA GLN G 825 50.79 85.42 87.51
C GLN G 825 50.80 83.92 87.22
N PRO G 826 49.98 83.45 86.30
CA PRO G 826 50.10 82.06 85.85
C PRO G 826 51.27 81.89 84.91
N ILE G 827 51.63 80.63 84.68
CA ILE G 827 52.78 80.30 83.84
C ILE G 827 52.30 79.78 82.50
N LYS G 828 52.87 80.31 81.42
CA LYS G 828 52.63 79.82 80.08
C LYS G 828 51.15 79.62 79.81
N GLU G 829 50.37 80.66 80.11
CA GLU G 829 48.93 80.62 79.89
C GLU G 829 48.63 80.98 78.44
N TYR G 830 47.67 80.25 77.86
CA TYR G 830 47.15 80.57 76.54
C TYR G 830 45.74 81.13 76.59
N ARG G 831 45.11 81.13 77.75
CA ARG G 831 43.77 81.67 77.93
C ARG G 831 43.75 82.62 79.10
N ARG G 832 42.91 83.64 79.00
CA ARG G 832 42.71 84.60 80.07
C ARG G 832 41.24 84.95 80.15
N GLU G 833 40.81 85.49 81.30
CA GLU G 833 39.46 85.99 81.43
C GLU G 833 39.45 87.48 81.11
N GLY G 834 38.33 87.96 80.56
CA GLY G 834 38.20 89.36 80.25
C GLY G 834 36.76 89.83 80.35
N PRO G 835 36.53 91.09 80.03
CA PRO G 835 35.18 91.65 80.20
C PRO G 835 34.13 90.92 79.38
N ARG G 836 34.36 90.78 78.08
CA ARG G 836 33.35 90.20 77.20
C ARG G 836 33.40 88.68 77.22
N GLY G 837 34.59 88.10 77.41
CA GLY G 837 34.73 86.67 77.42
C GLY G 837 36.15 86.19 77.62
N PRO G 838 36.44 84.97 77.17
CA PRO G 838 37.82 84.48 77.23
C PRO G 838 38.67 85.12 76.15
N HIS G 839 39.90 85.47 76.52
CA HIS G 839 40.89 86.00 75.59
C HIS G 839 41.90 84.91 75.28
N LEU G 840 42.17 84.72 73.99
CA LEU G 840 43.27 83.86 73.59
C LEU G 840 44.57 84.65 73.54
N VAL G 841 45.61 84.10 74.15
CA VAL G 841 46.88 84.79 74.33
C VAL G 841 47.98 84.01 73.66
N GLY G 842 48.81 84.70 72.89
CA GLY G 842 49.91 84.07 72.20
C GLY G 842 51.09 83.85 73.11
N PRO G 843 52.14 83.24 72.56
CA PRO G 843 53.32 82.95 73.35
C PRO G 843 53.93 84.23 73.91
N SER G 844 54.46 84.14 75.12
CA SER G 844 54.98 85.28 75.84
C SER G 844 56.49 85.38 75.66
N ARG G 845 56.97 86.60 75.45
CA ARG G 845 58.41 86.83 75.46
C ARG G 845 58.99 86.45 76.82
N CYS G 846 60.11 85.73 76.79
CA CYS G 846 60.76 85.25 77.99
C CYS G 846 62.18 85.80 78.08
N LEU G 847 62.53 86.27 79.26
CA LEU G 847 63.88 86.74 79.49
C LEU G 847 64.84 85.56 79.65
N SER G 848 66.06 85.75 79.19
CA SER G 848 67.08 84.72 79.24
C SER G 848 68.22 85.17 80.17
N HIS G 849 68.82 84.18 80.85
CA HIS G 849 69.88 84.50 81.80
C HIS G 849 70.96 85.36 81.14
N LEU G 850 71.25 85.10 79.87
CA LEU G 850 72.24 85.89 79.15
C LEU G 850 71.81 87.35 78.99
N ASP G 851 70.51 87.62 78.99
CA ASP G 851 70.04 89.00 78.83
C ASP G 851 70.57 89.89 79.95
N PHE G 852 70.91 89.30 81.09
CA PHE G 852 71.39 90.10 82.21
C PHE G 852 72.87 90.42 82.07
N VAL G 853 73.62 89.62 81.31
CA VAL G 853 75.03 89.93 81.13
C VAL G 853 75.18 91.23 80.36
N PRO G 854 75.85 92.24 80.89
CA PRO G 854 76.02 93.50 80.15
C PRO G 854 77.15 93.37 79.15
N CYS G 855 76.82 93.52 77.87
CA CYS G 855 77.80 93.39 76.80
C CYS G 855 77.95 94.72 76.08
N PRO G 856 78.94 95.53 76.40
CA PRO G 856 79.21 96.74 75.61
C PRO G 856 80.05 96.42 74.39
N VAL G 857 80.05 97.34 73.45
CA VAL G 857 80.84 97.18 72.23
C VAL G 857 82.31 97.35 72.57
N ASP G 858 83.14 96.44 72.07
CA ASP G 858 84.55 96.46 72.39
C ASP G 858 85.19 97.76 71.92
N THR G 859 86.13 98.27 72.71
CA THR G 859 86.80 99.53 72.38
C THR G 859 88.31 99.50 72.62
N ILE G 860 88.88 98.36 73.01
CA ILE G 860 90.30 98.31 73.32
C ILE G 860 91.13 98.67 72.08
N GLN G 861 90.72 98.15 70.93
CA GLN G 861 91.47 98.43 69.69
C GLN G 861 91.49 99.92 69.38
N ILE G 862 90.47 100.66 69.85
CA ILE G 862 90.38 102.07 69.52
C ILE G 862 91.44 102.86 70.27
N VAL G 863 92.16 103.70 69.55
CA VAL G 863 93.17 104.59 70.11
C VAL G 863 92.78 106.02 69.81
N LEU G 864 92.97 106.90 70.79
CA LEU G 864 92.45 108.25 70.69
C LEU G 864 93.37 109.11 69.84
N PRO G 865 92.87 109.72 68.75
CA PRO G 865 93.65 110.75 68.05
C PRO G 865 93.88 111.94 68.97
N PRO G 866 95.04 112.61 68.86
CA PRO G 866 95.34 113.71 69.78
C PRO G 866 94.30 114.82 69.74
N HIS G 867 93.83 115.13 68.52
CA HIS G 867 92.81 116.15 68.37
C HIS G 867 91.54 115.75 69.10
N LEU G 868 91.39 114.45 69.39
CA LEU G 868 90.25 114.01 70.19
C LEU G 868 90.62 113.90 71.66
N GLU G 869 91.89 113.67 71.98
CA GLU G 869 92.29 113.60 73.38
C GLU G 869 92.19 114.96 74.06
N ARG G 870 92.62 116.01 73.35
CA ARG G 870 92.52 117.36 73.92
C ARG G 870 91.06 117.68 74.23
N ILE G 871 90.15 117.26 73.35
CA ILE G 871 88.73 117.44 73.62
C ILE G 871 88.27 116.52 74.73
N ARG G 872 88.88 115.34 74.84
CA ARG G 872 88.50 114.39 75.88
C ARG G 872 88.65 114.98 77.27
N GLU G 873 89.82 115.58 77.54
CA GLU G 873 90.01 116.15 78.86
C GLU G 873 88.98 117.22 79.17
N LYS G 874 88.84 118.20 78.27
CA LYS G 874 87.91 119.29 78.50
C LYS G 874 86.47 118.78 78.57
N LEU G 875 86.18 117.68 77.88
CA LEU G 875 84.89 117.03 78.04
C LEU G 875 84.72 116.49 79.44
N ALA G 876 85.78 115.92 80.01
CA ALA G 876 85.70 115.49 81.40
C ALA G 876 85.31 116.65 82.31
N GLU G 877 86.02 117.78 82.19
CA GLU G 877 85.69 118.90 83.06
C GLU G 877 84.27 119.42 82.80
N ASN G 878 83.86 119.51 81.53
CA ASN G 878 82.54 120.08 81.24
C ASN G 878 81.42 119.14 81.65
N ILE G 879 81.62 117.84 81.50
CA ILE G 879 80.66 116.87 82.03
C ILE G 879 80.54 117.05 83.53
N HIS G 880 81.66 117.27 84.21
CA HIS G 880 81.60 117.52 85.64
C HIS G 880 80.85 118.81 85.97
N GLU G 881 81.01 119.86 85.14
CA GLU G 881 80.25 121.08 85.35
C GLU G 881 78.75 120.84 85.20
N LEU G 882 78.35 120.11 84.16
CA LEU G 882 76.93 119.79 84.01
C LEU G 882 76.44 118.95 85.18
N TRP G 883 77.28 118.01 85.64
CA TRP G 883 77.00 117.22 86.82
C TRP G 883 76.66 118.11 88.01
N ALA G 884 77.54 119.05 88.33
CA ALA G 884 77.29 119.94 89.47
C ALA G 884 76.05 120.79 89.26
N LEU G 885 75.85 121.27 88.03
CA LEU G 885 74.66 122.06 87.74
C LEU G 885 73.41 121.28 88.05
N THR G 886 73.30 120.04 87.57
CA THR G 886 72.12 119.23 87.83
C THR G 886 72.00 118.80 89.29
N ARG G 887 73.12 118.60 89.99
CA ARG G 887 73.03 118.30 91.42
C ARG G 887 72.44 119.46 92.19
N ILE G 888 72.87 120.69 91.90
CA ILE G 888 72.28 121.81 92.64
C ILE G 888 70.89 122.11 92.12
N GLU G 889 70.58 121.72 90.88
CA GLU G 889 69.20 121.81 90.40
C GLU G 889 68.28 120.91 91.21
N GLN G 890 68.67 119.64 91.37
CA GLN G 890 67.90 118.74 92.22
C GLN G 890 68.00 119.16 93.68
N GLY G 891 68.94 120.03 94.03
CA GLY G 891 69.03 120.61 95.35
C GLY G 891 70.10 120.04 96.25
N TRP G 892 70.94 119.14 95.75
CA TRP G 892 72.01 118.59 96.57
C TRP G 892 73.05 119.67 96.87
N THR G 893 73.48 119.72 98.13
CA THR G 893 74.51 120.66 98.58
C THR G 893 75.77 119.89 98.95
N TYR G 894 76.92 120.48 98.63
CA TYR G 894 78.18 119.83 98.92
C TYR G 894 78.33 119.58 100.41
N GLY G 895 78.90 118.43 100.75
CA GLY G 895 79.22 118.10 102.12
C GLY G 895 80.48 117.26 102.20
N PRO G 896 81.22 117.36 103.30
CA PRO G 896 82.47 116.60 103.41
C PRO G 896 82.28 115.10 103.23
N VAL G 897 81.11 114.57 103.58
CA VAL G 897 80.80 113.15 103.41
C VAL G 897 79.43 113.03 102.76
N ARG G 898 79.22 111.89 102.09
CA ARG G 898 77.96 111.63 101.41
C ARG G 898 76.92 111.12 102.39
N ASP G 899 75.74 111.71 102.35
CA ASP G 899 74.62 111.30 103.18
C ASP G 899 73.34 111.64 102.45
N ASP G 900 72.54 110.61 102.14
CA ASP G 900 71.39 110.81 101.27
C ASP G 900 70.37 111.78 101.88
N ASN G 901 69.97 111.53 103.13
CA ASN G 901 68.88 112.29 103.71
C ASN G 901 69.20 113.78 103.75
N LYS G 902 70.43 114.14 104.12
CA LYS G 902 70.82 115.55 104.19
C LYS G 902 71.33 116.07 102.85
N ARG G 903 71.34 115.25 101.80
CA ARG G 903 71.67 115.70 100.46
C ARG G 903 73.10 116.24 100.40
N LEU G 904 74.01 115.56 101.08
CA LEU G 904 75.42 115.96 101.11
C LEU G 904 76.20 115.08 100.14
N HIS G 905 77.10 115.70 99.38
CA HIS G 905 77.84 114.98 98.34
C HIS G 905 79.28 115.48 98.35
N PRO G 906 80.26 114.63 98.71
CA PRO G 906 81.64 115.14 98.81
C PRO G 906 82.27 115.45 97.46
N CYS G 907 81.83 114.80 96.38
CA CYS G 907 82.44 115.05 95.08
C CYS G 907 81.86 116.28 94.40
N LEU G 908 81.08 117.11 95.13
CA LEU G 908 80.56 118.36 94.59
C LEU G 908 81.65 119.42 94.68
N VAL G 909 82.73 119.17 93.94
CA VAL G 909 83.92 120.02 93.95
C VAL G 909 84.37 120.22 92.51
N ASN G 910 85.52 120.86 92.33
CA ASN G 910 86.11 120.99 91.00
C ASN G 910 86.66 119.64 90.56
N PHE G 911 86.70 119.43 89.23
CA PHE G 911 87.22 118.18 88.70
C PHE G 911 88.66 117.97 89.12
N HIS G 912 89.46 119.04 89.11
CA HIS G 912 90.82 118.94 89.61
C HIS G 912 90.82 118.78 91.13
N SER G 913 89.85 119.39 91.80
CA SER G 913 89.69 119.16 93.25
C SER G 913 89.00 117.83 93.51
N LEU G 914 88.32 117.29 92.50
CA LEU G 914 87.63 116.02 92.67
C LEU G 914 88.64 114.93 93.01
N PRO G 915 88.38 114.07 94.00
CA PRO G 915 89.39 113.10 94.42
C PRO G 915 90.00 112.37 93.24
N GLU G 916 91.23 111.89 93.43
CA GLU G 916 91.98 111.30 92.32
C GLU G 916 91.28 110.12 91.68
N PRO G 917 90.83 109.09 92.41
CA PRO G 917 90.19 107.96 91.73
C PRO G 917 88.98 108.37 90.91
N GLU G 918 88.11 109.22 91.47
CA GLU G 918 86.87 109.55 90.79
C GLU G 918 87.11 110.48 89.61
N ARG G 919 88.07 111.40 89.74
CA ARG G 919 88.41 112.26 88.61
C ARG G 919 89.03 111.44 87.49
N ASN G 920 89.90 110.48 87.83
CA ASN G 920 90.45 109.60 86.81
C ASN G 920 89.34 108.80 86.14
N TYR G 921 88.37 108.34 86.92
CA TYR G 921 87.27 107.55 86.38
C TYR G 921 86.43 108.38 85.42
N ASN G 922 86.13 109.63 85.77
CA ASN G 922 85.42 110.52 84.87
C ASN G 922 86.21 110.83 83.61
N LEU G 923 87.52 111.05 83.72
CA LEU G 923 88.34 111.26 82.52
C LEU G 923 88.30 110.02 81.64
N GLN G 924 88.31 108.84 82.27
CA GLN G 924 88.20 107.59 81.54
C GLN G 924 86.87 107.52 80.78
N MET G 925 85.77 107.90 81.42
CA MET G 925 84.49 107.96 80.70
C MET G 925 84.53 108.98 79.56
N SER G 926 85.17 110.13 79.80
CA SER G 926 85.27 111.12 78.74
C SER G 926 85.97 110.55 77.51
N GLY G 927 87.07 109.82 77.71
CA GLY G 927 87.72 109.17 76.59
C GLY G 927 86.87 108.08 75.98
N GLU G 928 86.17 107.31 76.82
CA GLU G 928 85.36 106.22 76.30
C GLU G 928 84.22 106.73 75.43
N THR G 929 83.75 107.95 75.68
CA THR G 929 82.74 108.52 74.80
C THR G 929 83.25 108.58 73.36
N LEU G 930 84.43 109.17 73.17
CA LEU G 930 85.00 109.26 71.84
C LEU G 930 85.34 107.89 71.29
N LYS G 931 85.85 107.00 72.13
CA LYS G 931 86.19 105.65 71.67
C LYS G 931 84.93 104.93 71.19
N THR G 932 83.83 105.08 71.91
CA THR G 932 82.55 104.54 71.48
C THR G 932 82.12 105.15 70.15
N LEU G 933 82.25 106.46 70.03
CA LEU G 933 81.92 107.11 68.76
C LEU G 933 82.67 106.46 67.61
N LEU G 934 83.98 106.27 67.78
CA LEU G 934 84.77 105.62 66.73
C LEU G 934 84.31 104.19 66.49
N ALA G 935 84.04 103.45 67.57
CA ALA G 935 83.70 102.04 67.43
C ALA G 935 82.39 101.86 66.66
N LEU G 936 81.39 102.70 66.94
CA LEU G 936 80.13 102.59 66.23
C LEU G 936 80.31 102.71 64.73
N GLY G 937 81.35 103.39 64.29
CA GLY G 937 81.65 103.54 62.89
C GLY G 937 81.52 104.96 62.34
N CYS G 938 81.25 105.94 63.19
CA CYS G 938 81.17 107.31 62.70
C CYS G 938 82.56 107.87 62.46
N HIS G 939 82.60 109.10 61.97
CA HIS G 939 83.84 109.83 61.77
C HIS G 939 83.67 111.23 62.34
N VAL G 940 84.76 111.81 62.81
CA VAL G 940 84.73 113.09 63.51
C VAL G 940 85.72 114.03 62.84
N GLY G 941 85.27 115.25 62.54
CA GLY G 941 86.16 116.23 61.96
C GLY G 941 85.88 117.64 62.46
N MET G 942 86.89 118.30 63.03
CA MET G 942 86.71 119.65 63.56
C MET G 942 86.51 120.61 62.39
N ALA G 943 85.26 121.01 62.15
CA ALA G 943 84.97 121.90 61.04
C ALA G 943 85.41 123.34 61.35
N ASP G 944 85.13 123.81 62.56
CA ASP G 944 85.38 125.19 62.95
C ASP G 944 86.07 125.21 64.30
N GLU G 945 87.35 125.60 64.32
CA GLU G 945 88.07 125.71 65.58
C GLU G 945 87.63 126.94 66.36
N LYS G 946 87.13 127.97 65.68
CA LYS G 946 86.77 129.21 66.34
C LYS G 946 85.71 128.97 67.43
N ALA G 947 84.78 128.05 67.17
CA ALA G 947 83.71 127.82 68.13
C ALA G 947 84.26 127.39 69.48
N GLU G 948 85.39 126.68 69.50
CA GLU G 948 85.94 126.19 70.76
C GLU G 948 86.26 127.36 71.69
N ASP G 949 86.92 128.39 71.17
CA ASP G 949 87.18 129.59 71.96
C ASP G 949 85.96 130.48 72.11
N ASN G 950 85.01 130.41 71.17
CA ASN G 950 83.81 131.24 71.27
C ASN G 950 82.89 130.78 72.39
N LEU G 951 82.87 129.48 72.67
CA LEU G 951 81.98 128.96 73.70
C LEU G 951 82.29 129.61 75.05
N LYS G 952 81.24 129.95 75.78
CA LYS G 952 81.35 130.60 77.08
C LYS G 952 80.62 129.77 78.13
N LYS G 953 81.23 129.64 79.31
CA LYS G 953 80.58 128.92 80.40
C LYS G 953 79.35 129.69 80.85
N THR G 954 78.28 128.95 81.14
CA THR G 954 77.05 129.59 81.59
C THR G 954 77.22 130.13 83.00
N LYS G 955 76.93 131.42 83.17
CA LYS G 955 76.97 132.02 84.50
C LYS G 955 75.84 131.48 85.35
N LEU G 956 76.13 131.18 86.62
CA LEU G 956 75.14 130.58 87.50
C LEU G 956 75.01 131.41 88.78
N PRO G 957 73.85 131.40 89.40
CA PRO G 957 73.62 132.25 90.58
C PRO G 957 74.30 131.68 91.82
N LYS G 958 74.24 132.46 92.90
CA LYS G 958 74.82 132.03 94.18
C LYS G 958 74.13 130.76 94.66
N THR G 959 72.81 130.67 94.50
CA THR G 959 72.11 129.45 94.88
C THR G 959 72.68 128.24 94.15
N TYR G 960 73.03 128.40 92.88
CA TYR G 960 73.67 127.32 92.15
C TYR G 960 75.11 127.11 92.61
N MET G 961 75.73 128.13 93.18
CA MET G 961 77.08 127.99 93.70
C MET G 961 77.09 127.09 94.93
N MET G 962 77.97 126.09 94.91
CA MET G 962 77.95 125.04 95.92
C MET G 962 78.51 125.54 97.26
N SER G 963 78.11 124.87 98.34
CA SER G 963 78.58 125.22 99.67
C SER G 963 80.10 125.19 99.79
N ASN G 964 80.78 124.41 98.95
CA ASN G 964 82.23 124.40 98.94
C ASN G 964 82.80 125.73 98.50
N GLY G 965 82.15 126.42 97.56
CA GLY G 965 82.62 127.66 97.00
C GLY G 965 82.77 127.62 95.49
N TYR G 966 83.11 126.46 94.94
CA TYR G 966 83.24 126.34 93.48
C TYR G 966 81.89 126.44 92.82
N LYS G 967 81.88 126.98 91.60
CA LYS G 967 80.65 127.16 90.83
C LYS G 967 80.69 126.26 89.59
N PRO G 968 79.57 125.63 89.21
CA PRO G 968 79.57 124.88 87.95
C PRO G 968 79.76 125.83 86.77
N ALA G 969 80.49 125.36 85.76
CA ALA G 969 80.78 126.15 84.57
C ALA G 969 80.51 125.32 83.32
N PRO G 970 79.25 124.92 83.11
CA PRO G 970 78.92 124.20 81.87
C PRO G 970 78.72 125.15 80.72
N LEU G 971 79.32 124.80 79.58
CA LEU G 971 79.28 125.67 78.42
C LEU G 971 77.88 125.71 77.82
N ASP G 972 77.48 126.90 77.38
CA ASP G 972 76.17 127.09 76.76
C ASP G 972 76.07 126.30 75.47
N LEU G 973 74.88 125.75 75.21
CA LEU G 973 74.64 124.89 74.06
C LEU G 973 73.38 125.28 73.31
N SER G 974 72.85 126.48 73.53
CA SER G 974 71.64 126.91 72.82
C SER G 974 71.87 126.91 71.32
N HIS G 975 73.03 127.39 70.88
CA HIS G 975 73.36 127.43 69.46
C HIS G 975 73.41 126.04 68.83
N VAL G 976 73.63 125.00 69.62
CA VAL G 976 73.84 123.66 69.08
C VAL G 976 72.51 123.08 68.62
N ARG G 977 72.52 122.44 67.45
CA ARG G 977 71.33 121.79 66.89
C ARG G 977 71.65 120.34 66.58
N LEU G 978 70.63 119.49 66.63
CA LEU G 978 70.79 118.05 66.50
C LEU G 978 70.08 117.52 65.26
N THR G 979 70.44 116.27 64.87
CA THR G 979 69.80 115.54 63.78
C THR G 979 69.18 114.25 64.29
N PRO G 980 68.14 113.72 63.63
CA PRO G 980 67.54 112.47 64.10
C PRO G 980 68.52 111.31 64.17
N ALA G 981 69.40 111.20 63.18
CA ALA G 981 70.44 110.18 63.24
C ALA G 981 71.33 110.41 64.45
N GLN G 982 71.62 111.67 64.76
CA GLN G 982 72.43 111.98 65.93
C GLN G 982 71.71 111.60 67.21
N THR G 983 70.37 111.69 67.24
CA THR G 983 69.63 111.27 68.41
C THR G 983 69.66 109.76 68.57
N THR G 984 69.50 109.03 67.46
CA THR G 984 69.70 107.58 67.49
C THR G 984 71.07 107.26 68.05
N LEU G 985 72.10 107.97 67.57
CA LEU G 985 73.45 107.78 68.08
C LEU G 985 73.51 108.06 69.57
N VAL G 986 72.82 109.10 70.03
CA VAL G 986 72.86 109.47 71.44
C VAL G 986 72.31 108.35 72.31
N ASP G 987 71.18 107.78 71.91
CA ASP G 987 70.65 106.68 72.71
C ASP G 987 71.57 105.47 72.65
N ARG G 988 72.22 105.23 71.52
CA ARG G 988 73.24 104.18 71.49
C ARG G 988 74.37 104.47 72.47
N LEU G 989 74.82 105.71 72.54
CA LEU G 989 75.88 106.05 73.49
C LEU G 989 75.43 105.83 74.92
N ALA G 990 74.19 106.21 75.23
CA ALA G 990 73.69 105.97 76.58
C ALA G 990 73.67 104.49 76.90
N GLU G 991 73.21 103.66 75.96
CA GLU G 991 73.24 102.22 76.15
C GLU G 991 74.65 101.73 76.43
N ASN G 992 75.60 102.13 75.60
CA ASN G 992 76.97 101.65 75.77
C ASN G 992 77.55 102.13 77.10
N GLY G 993 77.30 103.39 77.47
CA GLY G 993 77.83 103.90 78.71
C GLY G 993 77.30 103.14 79.91
N HIS G 994 75.99 102.89 79.94
CA HIS G 994 75.44 102.13 81.06
C HIS G 994 75.99 100.72 81.07
N ASN G 995 76.14 100.11 79.90
CA ASN G 995 76.70 98.76 79.86
C ASN G 995 78.11 98.74 80.41
N VAL G 996 78.91 99.75 80.06
CA VAL G 996 80.27 99.82 80.58
C VAL G 996 80.25 99.97 82.09
N TRP G 997 79.38 100.84 82.59
CA TRP G 997 79.28 101.03 84.04
C TRP G 997 78.89 99.73 84.72
N ALA G 998 77.94 99.01 84.15
CA ALA G 998 77.49 97.75 84.74
C ALA G 998 78.61 96.72 84.73
N ARG G 999 79.37 96.64 83.63
CA ARG G 999 80.48 95.70 83.57
C ARG G 999 81.51 96.04 84.63
N ASP G 1000 81.82 97.31 84.80
CA ASP G 1000 82.79 97.71 85.82
C ASP G 1000 82.30 97.33 87.21
N ARG G 1001 81.02 97.61 87.50
CA ARG G 1001 80.47 97.25 88.80
C ARG G 1001 80.49 95.76 89.02
N VAL G 1002 80.16 94.97 87.99
CA VAL G 1002 80.17 93.53 88.12
C VAL G 1002 81.58 93.03 88.43
N ALA G 1003 82.57 93.54 87.69
CA ALA G 1003 83.95 93.16 87.97
C ALA G 1003 84.33 93.53 89.39
N GLN G 1004 83.90 94.71 89.85
CA GLN G 1004 84.19 95.12 91.22
C GLN G 1004 83.39 94.29 92.23
N GLY G 1005 82.39 93.54 91.78
CA GLY G 1005 81.65 92.65 92.65
C GLY G 1005 80.23 93.08 92.97
N TRP G 1006 79.82 94.27 92.55
CA TRP G 1006 78.49 94.76 92.89
C TRP G 1006 77.41 93.93 92.21
N SER G 1007 76.20 93.95 92.79
CA SER G 1007 75.07 93.23 92.23
C SER G 1007 73.83 94.11 92.18
N TYR G 1008 72.71 93.55 91.74
CA TYR G 1008 71.47 94.31 91.56
C TYR G 1008 70.46 93.94 92.63
N SER G 1009 69.72 94.93 93.11
CA SER G 1009 68.67 94.71 94.09
C SER G 1009 67.78 95.94 94.11
N ALA G 1010 66.47 95.71 94.27
CA ALA G 1010 65.53 96.83 94.30
C ALA G 1010 65.82 97.74 95.48
N VAL G 1011 66.32 97.19 96.57
CA VAL G 1011 66.67 97.98 97.75
C VAL G 1011 68.14 98.35 97.70
N GLN G 1012 68.42 99.64 97.67
CA GLN G 1012 69.79 100.12 97.62
C GLN G 1012 70.50 99.81 98.93
N ASP G 1013 71.59 99.04 98.85
CA ASP G 1013 72.40 98.69 100.01
C ASP G 1013 73.86 98.97 99.67
N ILE G 1014 74.34 100.16 100.00
CA ILE G 1014 75.73 100.52 99.70
C ILE G 1014 76.69 99.59 100.40
N PRO G 1015 76.58 99.33 101.71
CA PRO G 1015 77.54 98.42 102.35
C PRO G 1015 77.55 97.05 101.72
N ALA G 1016 76.41 96.58 101.26
CA ALA G 1016 76.30 95.25 100.65
C ALA G 1016 76.64 95.25 99.18
N ARG G 1017 76.93 96.42 98.60
CA ARG G 1017 77.31 96.51 97.19
C ARG G 1017 76.16 96.04 96.30
N ARG G 1018 74.98 96.58 96.56
CA ARG G 1018 73.78 96.27 95.80
C ARG G 1018 73.18 97.56 95.29
N ASN G 1019 73.09 97.71 93.97
CA ASN G 1019 72.63 98.96 93.37
C ASN G 1019 71.44 98.69 92.46
N PRO G 1020 70.31 99.37 92.67
CA PRO G 1020 69.14 99.10 91.81
C PRO G 1020 69.39 99.37 90.34
N ARG G 1021 70.30 100.26 89.99
CA ARG G 1021 70.50 100.60 88.59
C ARG G 1021 71.41 99.62 87.87
N LEU G 1022 71.92 98.59 88.56
CA LEU G 1022 72.90 97.68 87.98
C LEU G 1022 72.20 96.63 87.13
N VAL G 1023 71.71 97.06 85.97
CA VAL G 1023 71.10 96.16 85.00
C VAL G 1023 71.43 96.70 83.61
N PRO G 1024 71.57 95.86 82.59
CA PRO G 1024 71.86 96.39 81.26
C PRO G 1024 70.78 97.33 80.78
N TYR G 1025 71.16 98.20 79.85
CA TYR G 1025 70.28 99.29 79.42
C TYR G 1025 68.89 98.80 79.04
N ARG G 1026 68.83 97.70 78.30
CA ARG G 1026 67.55 97.26 77.76
C ARG G 1026 66.49 97.11 78.83
N LEU G 1027 66.89 96.74 80.05
CA LEU G 1027 65.96 96.48 81.13
C LEU G 1027 65.85 97.63 82.12
N LEU G 1028 66.40 98.80 81.80
CA LEU G 1028 66.36 99.92 82.73
C LEU G 1028 64.97 100.54 82.79
N ASP G 1029 64.74 101.30 83.85
CA ASP G 1029 63.52 102.09 83.96
C ASP G 1029 63.55 103.24 82.97
N GLU G 1030 62.36 103.64 82.53
CA GLU G 1030 62.27 104.69 81.51
C GLU G 1030 62.84 106.00 82.01
N ALA G 1031 62.59 106.33 83.29
CA ALA G 1031 63.12 107.58 83.83
C ALA G 1031 64.64 107.59 83.82
N THR G 1032 65.27 106.48 84.24
CA THR G 1032 66.72 106.42 84.21
C THR G 1032 67.24 106.47 82.79
N LYS G 1033 66.55 105.81 81.86
CA LYS G 1033 66.92 105.92 80.46
C LYS G 1033 66.90 107.36 80.00
N ARG G 1034 65.86 108.10 80.38
CA ARG G 1034 65.77 109.51 79.99
C ARG G 1034 66.92 110.32 80.59
N SER G 1035 67.25 110.07 81.84
CA SER G 1035 68.34 110.81 82.47
C SER G 1035 69.67 110.55 81.76
N ASN G 1036 69.98 109.28 81.51
CA ASN G 1036 71.21 108.96 80.79
C ASN G 1036 71.21 109.55 79.40
N ARG G 1037 70.07 109.49 78.71
CA ARG G 1037 69.98 110.07 77.38
C ARG G 1037 70.21 111.57 77.41
N ASP G 1038 69.68 112.25 78.43
CA ASP G 1038 69.92 113.67 78.57
C ASP G 1038 71.41 113.95 78.74
N SER G 1039 72.07 113.17 79.60
CA SER G 1039 73.49 113.38 79.82
C SER G 1039 74.28 113.21 78.54
N LEU G 1040 74.03 112.11 77.82
CA LEU G 1040 74.78 111.86 76.59
C LEU G 1040 74.44 112.86 75.50
N CYS G 1041 73.17 113.30 75.43
CA CYS G 1041 72.80 114.30 74.45
C CYS G 1041 73.53 115.60 74.71
N GLN G 1042 73.64 115.98 75.98
CA GLN G 1042 74.40 117.18 76.32
C GLN G 1042 75.86 117.01 75.95
N ALA G 1043 76.43 115.83 76.18
CA ALA G 1043 77.82 115.61 75.82
C ALA G 1043 78.04 115.77 74.32
N VAL G 1044 77.16 115.18 73.51
CA VAL G 1044 77.31 115.30 72.07
C VAL G 1044 77.05 116.74 71.64
N ARG G 1045 76.17 117.44 72.35
CA ARG G 1045 75.98 118.86 72.09
C ARG G 1045 77.29 119.62 72.29
N THR G 1046 78.00 119.31 73.38
CA THR G 1046 79.27 119.98 73.64
C THR G 1046 80.29 119.65 72.55
N LEU G 1047 80.30 118.40 72.09
CA LEU G 1047 81.21 118.04 71.00
C LEU G 1047 80.91 118.83 69.73
N LEU G 1048 79.65 118.81 69.30
CA LEU G 1048 79.29 119.57 68.10
C LEU G 1048 79.56 121.05 68.28
N GLY G 1049 79.41 121.57 69.51
CA GLY G 1049 79.75 122.96 69.75
C GLY G 1049 81.22 123.23 69.60
N TYR G 1050 82.07 122.34 70.13
CA TYR G 1050 83.50 122.44 69.86
C TYR G 1050 83.77 122.39 68.37
N GLY G 1051 82.88 121.73 67.61
CA GLY G 1051 82.91 121.87 66.17
C GLY G 1051 82.89 120.57 65.41
N TYR G 1052 83.41 119.51 66.02
CA TYR G 1052 83.53 118.24 65.31
C TYR G 1052 82.19 117.83 64.72
N ASN G 1053 82.12 117.84 63.39
CA ASN G 1053 81.02 117.23 62.67
C ASN G 1053 81.18 115.73 62.78
N ILE G 1054 80.08 115.03 63.04
CA ILE G 1054 80.09 113.59 63.27
C ILE G 1054 79.23 112.93 62.20
N GLU G 1055 79.78 111.90 61.55
CA GLU G 1055 79.06 111.17 60.53
C GLU G 1055 78.47 109.91 61.15
N PRO G 1056 77.15 109.86 61.40
CA PRO G 1056 76.53 108.59 61.90
C PRO G 1056 76.84 107.43 60.97
N PRO G 1057 77.17 106.26 61.51
CA PRO G 1057 77.42 105.10 60.65
C PRO G 1057 76.12 104.58 60.05
N ASP G 1058 76.25 103.80 58.98
CA ASP G 1058 75.09 103.19 58.36
C ASP G 1058 74.34 102.36 59.38
N GLN G 1059 73.02 102.57 59.45
CA GLN G 1059 72.21 101.83 60.40
C GLN G 1059 72.23 100.34 60.07
N GLU G 1060 72.44 99.51 61.10
CA GLU G 1060 72.60 98.08 60.90
C GLU G 1060 71.33 97.33 61.27
N PRO G 1061 70.87 96.39 60.47
CA PRO G 1061 69.67 95.62 60.83
C PRO G 1061 69.97 94.57 61.89
N SER G 1062 68.88 94.04 62.46
CA SER G 1062 69.00 92.99 63.47
C SER G 1062 67.67 92.22 63.53
N GLN G 1063 67.74 91.02 64.11
CA GLN G 1063 66.58 90.16 64.28
C GLN G 1063 66.66 89.49 65.64
N VAL G 1064 65.55 89.46 66.36
CA VAL G 1064 65.53 88.91 67.71
C VAL G 1064 65.69 87.40 67.67
N ASP G 1065 64.97 86.73 66.76
CA ASP G 1065 64.99 85.27 66.61
C ASP G 1065 65.01 84.57 67.97
N SER G 1066 64.05 84.93 68.82
CA SER G 1066 63.96 84.33 70.15
C SER G 1066 63.69 82.83 70.04
N GLN G 1067 62.81 82.43 69.13
CA GLN G 1067 62.45 81.03 68.95
C GLN G 1067 62.17 80.78 67.48
N SER G 1068 62.15 79.51 67.10
CA SER G 1068 61.87 79.15 65.72
C SER G 1068 60.57 79.80 65.26
N ARG G 1069 60.63 80.44 64.10
CA ARG G 1069 59.47 81.19 63.61
C ARG G 1069 58.36 80.26 63.14
N GLY G 1070 58.73 79.07 62.65
CA GLY G 1070 57.70 78.11 62.26
C GLY G 1070 56.82 77.71 63.42
N ASP G 1071 57.30 77.90 64.65
CA ASP G 1071 56.58 77.54 65.86
C ASP G 1071 56.23 78.76 66.69
N ARG G 1072 56.60 79.96 66.24
CA ARG G 1072 56.60 81.11 67.12
C ARG G 1072 55.18 81.54 67.49
N ALA G 1073 54.23 81.35 66.59
CA ALA G 1073 52.87 81.83 66.78
C ALA G 1073 51.93 80.68 67.10
N ARG G 1074 51.07 80.88 68.11
CA ARG G 1074 50.09 79.87 68.46
C ARG G 1074 48.87 79.99 67.58
N ILE G 1075 48.36 78.84 67.13
CA ILE G 1075 47.17 78.77 66.29
C ILE G 1075 46.05 78.18 67.13
N PHE G 1076 44.90 78.84 67.15
CA PHE G 1076 43.68 78.32 67.76
C PHE G 1076 42.64 78.15 66.67
N ARG G 1077 42.07 76.94 66.56
CA ARG G 1077 41.05 76.68 65.58
C ARG G 1077 39.87 75.99 66.26
N ALA G 1078 38.74 75.98 65.57
CA ALA G 1078 37.61 75.19 66.06
C ALA G 1078 37.90 73.70 65.90
N GLU G 1079 37.09 72.88 66.56
CA GLU G 1079 37.26 71.44 66.42
C GLU G 1079 36.87 70.97 65.03
N LYS G 1080 37.48 69.87 64.59
CA LYS G 1080 37.23 69.36 63.24
C LYS G 1080 35.76 69.05 63.02
N SER G 1081 35.06 68.58 64.04
CA SER G 1081 33.68 68.16 63.87
C SER G 1081 32.73 69.31 63.59
N TYR G 1082 33.19 70.56 63.69
CA TYR G 1082 32.37 71.73 63.41
C TYR G 1082 32.61 72.29 62.02
N ALA G 1083 33.34 71.56 61.16
CA ALA G 1083 33.58 72.04 59.81
C ALA G 1083 32.27 72.28 59.08
N VAL G 1084 32.18 73.40 58.39
CA VAL G 1084 30.96 73.80 57.68
C VAL G 1084 31.14 73.42 56.22
N GLN G 1085 30.15 72.71 55.68
CA GLN G 1085 30.22 72.27 54.28
C GLN G 1085 29.49 73.23 53.36
N SER G 1086 28.46 73.91 53.87
CA SER G 1086 27.65 74.79 53.04
C SER G 1086 27.02 75.87 53.91
N GLY G 1087 26.59 76.94 53.26
CA GLY G 1087 25.89 78.02 53.92
C GLY G 1087 26.73 79.28 53.97
N ARG G 1088 26.22 80.26 54.73
CA ARG G 1088 26.88 81.54 54.92
C ARG G 1088 27.09 81.75 56.41
N TRP G 1089 28.36 81.82 56.81
CA TRP G 1089 28.74 81.82 58.22
C TRP G 1089 29.56 83.05 58.55
N TYR G 1090 29.48 83.48 59.81
CA TYR G 1090 30.06 84.72 60.27
C TYR G 1090 30.60 84.53 61.68
N PHE G 1091 31.72 85.20 61.95
CA PHE G 1091 32.23 85.27 63.32
C PHE G 1091 33.09 86.52 63.45
N GLU G 1092 33.50 86.83 64.68
CA GLU G 1092 34.18 88.09 64.96
C GLU G 1092 35.47 87.81 65.73
N PHE G 1093 36.45 88.68 65.55
CA PHE G 1093 37.75 88.56 66.18
C PHE G 1093 38.25 89.94 66.57
N GLU G 1094 38.22 90.24 67.86
CA GLU G 1094 38.65 91.54 68.37
C GLU G 1094 40.12 91.46 68.75
N ALA G 1095 40.90 92.42 68.28
CA ALA G 1095 42.35 92.41 68.47
C ALA G 1095 42.70 93.30 69.67
N VAL G 1096 42.85 92.70 70.85
CA VAL G 1096 43.14 93.50 72.03
C VAL G 1096 44.51 94.15 71.91
N THR G 1097 45.35 93.66 71.00
CA THR G 1097 46.65 94.24 70.72
C THR G 1097 46.84 94.35 69.22
N THR G 1098 47.68 95.30 68.80
CA THR G 1098 47.84 95.60 67.38
C THR G 1098 48.90 94.75 66.71
N GLY G 1099 49.62 93.93 67.46
CA GLY G 1099 50.74 93.19 66.90
C GLY G 1099 50.30 92.15 65.87
N GLU G 1100 51.20 91.21 65.63
CA GLU G 1100 51.02 90.28 64.53
C GLU G 1100 49.94 89.25 64.88
N MET G 1101 48.84 89.29 64.13
CA MET G 1101 47.73 88.40 64.38
C MET G 1101 47.00 88.15 63.07
N ARG G 1102 46.72 86.88 62.80
CA ARG G 1102 46.01 86.44 61.60
C ARG G 1102 44.70 85.82 62.03
N VAL G 1103 43.68 85.95 61.19
CA VAL G 1103 42.38 85.35 61.47
C VAL G 1103 41.70 85.00 60.16
N GLY G 1104 41.01 83.88 60.14
CA GLY G 1104 40.31 83.46 58.93
C GLY G 1104 39.77 82.05 59.07
N TRP G 1105 39.75 81.36 57.94
CA TRP G 1105 39.17 80.02 57.86
C TRP G 1105 40.22 79.02 57.39
N ALA G 1106 40.31 77.90 58.08
CA ALA G 1106 41.29 76.88 57.78
C ALA G 1106 40.61 75.54 57.55
N ARG G 1107 41.22 74.71 56.75
CA ARG G 1107 40.63 73.42 56.50
C ARG G 1107 40.91 72.47 57.67
N PRO G 1108 40.12 71.42 57.83
CA PRO G 1108 40.30 70.55 59.00
C PRO G 1108 41.68 69.94 59.09
N GLU G 1109 42.41 69.82 57.99
CA GLU G 1109 43.71 69.18 57.98
C GLU G 1109 44.84 70.19 58.13
N LEU G 1110 44.56 71.29 58.83
CA LEU G 1110 45.57 72.30 59.06
C LEU G 1110 46.73 71.74 59.87
N ARG G 1111 47.95 72.11 59.49
CA ARG G 1111 49.14 71.60 60.15
C ARG G 1111 49.63 72.58 61.20
N PRO G 1112 49.88 72.14 62.44
CA PRO G 1112 50.28 73.10 63.48
C PRO G 1112 51.58 73.83 63.18
N ASP G 1113 52.55 73.16 62.57
CA ASP G 1113 53.89 73.73 62.46
C ASP G 1113 53.96 74.79 61.36
N VAL G 1114 53.21 74.62 60.27
CA VAL G 1114 53.27 75.57 59.18
C VAL G 1114 52.48 76.83 59.54
N GLU G 1115 53.02 77.98 59.16
CA GLU G 1115 52.35 79.25 59.44
C GLU G 1115 51.03 79.33 58.69
N LEU G 1116 50.08 80.06 59.28
CA LEU G 1116 48.79 80.24 58.62
C LEU G 1116 48.95 80.99 57.32
N GLY G 1117 48.24 80.52 56.30
CA GLY G 1117 48.17 81.23 55.05
C GLY G 1117 49.41 81.12 54.20
N ALA G 1118 50.45 80.47 54.72
CA ALA G 1118 51.63 80.14 53.95
C ALA G 1118 51.48 78.80 53.24
N ASP G 1119 50.35 78.14 53.43
CA ASP G 1119 50.04 76.89 52.76
C ASP G 1119 48.59 76.93 52.29
N ASP G 1120 48.25 76.05 51.35
CA ASP G 1120 46.92 76.06 50.77
C ASP G 1120 45.84 75.74 51.79
N LEU G 1121 46.21 75.23 52.96
CA LEU G 1121 45.20 74.75 53.91
C LEU G 1121 44.37 75.87 54.51
N ALA G 1122 44.92 77.07 54.63
CA ALA G 1122 44.26 78.15 55.35
C ALA G 1122 44.19 79.42 54.52
N TYR G 1123 43.06 80.13 54.65
CA TYR G 1123 42.86 81.45 54.06
C TYR G 1123 42.64 82.41 55.21
N VAL G 1124 43.56 83.37 55.41
CA VAL G 1124 43.47 84.25 56.57
C VAL G 1124 43.81 85.68 56.19
N PHE G 1125 43.58 86.57 57.14
CA PHE G 1125 43.90 87.99 57.04
C PHE G 1125 44.80 88.35 58.21
N ASN G 1126 45.98 88.88 57.90
CA ASN G 1126 46.92 89.33 58.92
C ASN G 1126 46.77 90.84 59.10
N GLY G 1127 46.68 91.27 60.35
CA GLY G 1127 46.30 92.64 60.62
C GLY G 1127 47.44 93.64 60.76
N HIS G 1128 48.50 93.25 61.47
CA HIS G 1128 49.53 94.24 61.81
C HIS G 1128 50.10 94.89 60.55
N ARG G 1129 50.14 94.16 59.44
CA ARG G 1129 50.60 94.71 58.18
C ARG G 1129 49.46 95.02 57.21
N GLY G 1130 48.29 94.42 57.41
CA GLY G 1130 47.20 94.61 56.48
C GLY G 1130 47.40 93.77 55.23
N GLN G 1131 47.42 92.45 55.39
CA GLN G 1131 47.68 91.53 54.30
C GLN G 1131 46.67 90.40 54.33
N ARG G 1132 46.50 89.74 53.18
CA ARG G 1132 45.70 88.53 53.09
C ARG G 1132 46.62 87.38 52.70
N TRP G 1133 46.59 86.30 53.48
CA TRP G 1133 47.55 85.20 53.36
C TRP G 1133 46.83 83.95 52.89
N HIS G 1134 47.32 83.41 51.77
CA HIS G 1134 47.00 82.05 51.33
C HIS G 1134 48.05 81.65 50.32
N LEU G 1135 48.86 80.65 50.65
CA LEU G 1135 49.97 80.24 49.79
C LEU G 1135 50.90 81.41 49.51
N GLY G 1136 51.03 82.29 50.49
CA GLY G 1136 51.86 83.47 50.37
C GLY G 1136 51.15 84.66 50.97
N SER G 1137 51.56 85.85 50.55
CA SER G 1137 51.03 87.10 51.07
C SER G 1137 50.70 88.05 49.94
N GLU G 1138 49.66 88.84 50.13
CA GLU G 1138 49.29 89.89 49.20
C GLU G 1138 48.70 91.04 50.01
N PRO G 1139 49.14 92.28 49.77
CA PRO G 1139 48.56 93.40 50.51
C PRO G 1139 47.07 93.48 50.29
N PHE G 1140 46.34 93.78 51.36
CA PHE G 1140 44.88 93.81 51.30
C PHE G 1140 44.35 94.41 52.59
N GLY G 1141 43.38 95.30 52.47
CA GLY G 1141 42.83 95.95 53.63
C GLY G 1141 43.79 96.95 54.24
N ARG G 1142 43.53 97.28 55.50
CA ARG G 1142 44.33 98.22 56.27
C ARG G 1142 44.58 97.65 57.65
N PRO G 1143 45.67 98.07 58.30
CA PRO G 1143 45.94 97.58 59.66
C PRO G 1143 44.88 98.06 60.64
N TRP G 1144 44.64 97.24 61.66
CA TRP G 1144 43.71 97.60 62.73
C TRP G 1144 44.46 98.30 63.86
N GLN G 1145 43.72 99.07 64.65
CA GLN G 1145 44.20 99.57 65.93
C GLN G 1145 43.63 98.71 67.04
N SER G 1146 44.17 98.87 68.24
CA SER G 1146 43.74 98.08 69.37
C SER G 1146 42.25 98.24 69.60
N GLY G 1147 41.56 97.14 69.88
CA GLY G 1147 40.14 97.13 70.12
C GLY G 1147 39.30 96.94 68.87
N ASP G 1148 39.91 96.96 67.70
CA ASP G 1148 39.16 96.79 66.46
C ASP G 1148 38.71 95.34 66.30
N VAL G 1149 37.54 95.17 65.69
CA VAL G 1149 36.92 93.87 65.51
C VAL G 1149 36.91 93.53 64.03
N VAL G 1150 37.54 92.41 63.67
CA VAL G 1150 37.54 91.92 62.31
C VAL G 1150 36.42 90.88 62.22
N GLY G 1151 35.41 91.16 61.41
CA GLY G 1151 34.37 90.20 61.14
C GLY G 1151 34.74 89.36 59.93
N CYS G 1152 34.77 88.05 60.12
CA CYS G 1152 35.10 87.11 59.07
C CYS G 1152 33.82 86.44 58.59
N MET G 1153 33.58 86.50 57.29
CA MET G 1153 32.40 85.93 56.65
C MET G 1153 32.87 84.94 55.59
N ILE G 1154 32.18 83.81 55.51
CA ILE G 1154 32.39 82.86 54.42
C ILE G 1154 31.04 82.55 53.80
N ASP G 1155 30.96 82.67 52.48
CA ASP G 1155 29.77 82.32 51.72
C ASP G 1155 30.12 81.15 50.83
N LEU G 1156 29.65 79.95 51.20
CA LEU G 1156 29.97 78.74 50.47
C LEU G 1156 29.07 78.54 49.26
N THR G 1157 27.93 79.23 49.19
CA THR G 1157 27.12 79.20 47.98
C THR G 1157 27.82 79.94 46.84
N GLU G 1158 28.59 80.98 47.18
CA GLU G 1158 29.35 81.73 46.19
C GLU G 1158 30.85 81.44 46.28
N ASN G 1159 31.27 80.65 47.26
CA ASN G 1159 32.67 80.30 47.41
C ASN G 1159 33.53 81.55 47.56
N THR G 1160 33.24 82.36 48.57
CA THR G 1160 33.99 83.59 48.79
C THR G 1160 34.20 83.79 50.28
N ILE G 1161 35.21 84.58 50.62
CA ILE G 1161 35.54 84.95 51.99
C ILE G 1161 35.66 86.46 52.04
N ILE G 1162 34.98 87.08 53.00
CA ILE G 1162 34.98 88.53 53.16
C ILE G 1162 35.49 88.87 54.55
N PHE G 1163 36.26 89.95 54.64
CA PHE G 1163 36.78 90.44 55.90
C PHE G 1163 36.37 91.89 56.07
N THR G 1164 35.70 92.18 57.18
CA THR G 1164 35.21 93.52 57.47
C THR G 1164 35.89 94.02 58.72
N LEU G 1165 36.19 95.31 58.77
CA LEU G 1165 36.84 95.91 59.93
C LEU G 1165 35.91 96.98 60.51
N ASN G 1166 35.61 96.85 61.80
CA ASN G 1166 34.73 97.78 62.50
C ASN G 1166 33.38 97.89 61.81
N GLY G 1167 32.92 96.80 61.17
CA GLY G 1167 31.66 96.81 60.47
C GLY G 1167 31.73 97.30 59.04
N GLU G 1168 32.91 97.61 58.52
CA GLU G 1168 33.09 98.06 57.16
C GLU G 1168 33.85 97.01 56.38
N VAL G 1169 33.43 96.78 55.14
CA VAL G 1169 34.01 95.73 54.33
C VAL G 1169 35.37 96.19 53.81
N LEU G 1170 36.42 95.45 54.15
CA LEU G 1170 37.74 95.73 53.61
C LEU G 1170 37.77 95.39 52.12
N MET G 1171 38.54 96.16 51.37
CA MET G 1171 38.67 95.98 49.93
C MET G 1171 40.13 95.84 49.55
N SER G 1172 40.40 94.96 48.59
CA SER G 1172 41.76 94.81 48.09
C SER G 1172 42.13 96.01 47.23
N ASP G 1173 43.36 95.99 46.71
CA ASP G 1173 43.81 97.10 45.88
C ASP G 1173 42.95 97.24 44.64
N SER G 1174 42.57 96.12 44.02
CA SER G 1174 41.73 96.18 42.83
C SER G 1174 40.32 96.67 43.14
N GLY G 1175 39.96 96.78 44.41
CA GLY G 1175 38.64 97.19 44.80
C GLY G 1175 37.64 96.07 44.97
N SER G 1176 38.02 94.84 44.67
CA SER G 1176 37.12 93.71 44.85
C SER G 1176 36.71 93.59 46.32
N GLU G 1177 35.42 93.39 46.56
CA GLU G 1177 34.94 93.28 47.94
C GLU G 1177 35.30 91.93 48.53
N THR G 1178 35.25 90.87 47.74
CA THR G 1178 35.59 89.54 48.24
C THR G 1178 37.11 89.42 48.38
N ALA G 1179 37.56 89.11 49.60
CA ALA G 1179 38.99 88.95 49.84
C ALA G 1179 39.54 87.72 49.12
N PHE G 1180 38.81 86.61 49.16
CA PHE G 1180 39.22 85.39 48.49
C PHE G 1180 38.06 84.84 47.68
N ARG G 1181 38.37 84.22 46.56
CA ARG G 1181 37.38 83.80 45.59
C ARG G 1181 37.72 82.41 45.06
N ASP G 1182 36.69 81.73 44.57
CA ASP G 1182 36.87 80.44 43.90
C ASP G 1182 37.52 79.42 44.84
N ILE G 1183 36.85 79.15 45.95
CA ILE G 1183 37.33 78.20 46.94
C ILE G 1183 36.53 76.90 46.80
N GLU G 1184 37.24 75.78 46.69
CA GLU G 1184 36.59 74.49 46.63
C GLU G 1184 36.27 74.00 48.04
N ILE G 1185 35.04 73.53 48.24
CA ILE G 1185 34.57 73.23 49.58
C ILE G 1185 35.46 72.16 50.22
N GLY G 1186 35.68 71.06 49.52
CA GLY G 1186 36.56 70.03 50.04
C GLY G 1186 36.11 69.53 51.39
N ASP G 1187 37.06 69.46 52.33
CA ASP G 1187 36.76 68.93 53.66
C ASP G 1187 35.82 69.85 54.43
N GLY G 1188 35.94 71.15 54.22
CA GLY G 1188 35.14 72.10 54.95
C GLY G 1188 35.97 73.32 55.30
N PHE G 1189 35.53 74.03 56.35
CA PHE G 1189 36.23 75.22 56.81
C PHE G 1189 35.92 75.43 58.28
N LEU G 1190 36.91 75.93 59.02
CA LEU G 1190 36.80 76.15 60.45
C LEU G 1190 37.34 77.52 60.82
N PRO G 1191 36.75 78.20 61.79
CA PRO G 1191 37.36 79.43 62.30
C PRO G 1191 38.73 79.14 62.86
N VAL G 1192 39.67 80.05 62.60
CA VAL G 1192 41.06 79.90 63.02
C VAL G 1192 41.68 81.26 63.21
N CYS G 1193 42.61 81.34 64.16
CA CYS G 1193 43.38 82.55 64.42
C CYS G 1193 44.79 82.16 64.81
N SER G 1194 45.74 83.04 64.52
CA SER G 1194 47.14 82.86 64.86
C SER G 1194 47.61 84.12 65.58
N LEU G 1195 48.10 83.96 66.80
CA LEU G 1195 48.50 85.08 67.64
C LEU G 1195 50.01 85.04 67.82
N GLY G 1196 50.73 85.89 67.10
CA GLY G 1196 52.16 85.97 67.28
C GLY G 1196 52.50 86.25 68.72
N PRO G 1197 53.79 86.20 69.05
CA PRO G 1197 54.18 86.30 70.47
C PRO G 1197 53.70 87.61 71.07
N GLY G 1198 53.26 87.53 72.32
CA GLY G 1198 52.84 88.70 73.06
C GLY G 1198 51.63 89.42 72.50
N GLN G 1199 50.58 88.70 72.11
CA GLN G 1199 49.37 89.30 71.57
C GLN G 1199 48.14 88.67 72.20
N VAL G 1200 47.04 89.41 72.21
CA VAL G 1200 45.80 88.97 72.82
C VAL G 1200 44.64 89.24 71.88
N GLY G 1201 43.78 88.24 71.72
CA GLY G 1201 42.62 88.37 70.86
C GLY G 1201 41.39 87.79 71.53
N HIS G 1202 40.24 88.07 70.95
CA HIS G 1202 38.96 87.58 71.45
C HIS G 1202 38.14 87.06 70.28
N LEU G 1203 37.82 85.77 70.32
CA LEU G 1203 37.13 85.07 69.23
C LEU G 1203 35.68 84.88 69.63
N ASN G 1204 34.79 85.61 68.96
CA ASN G 1204 33.36 85.50 69.19
C ASN G 1204 32.76 84.66 68.06
N LEU G 1205 32.27 83.48 68.41
CA LEU G 1205 31.65 82.58 67.45
C LEU G 1205 30.13 82.68 67.45
N GLY G 1206 29.58 83.68 68.13
CA GLY G 1206 28.16 83.95 68.05
C GLY G 1206 27.28 83.00 68.83
N GLN G 1207 27.80 82.35 69.88
CA GLN G 1207 26.93 81.52 70.69
C GLN G 1207 25.89 82.38 71.40
N ASP G 1208 26.21 83.65 71.65
CA ASP G 1208 25.27 84.64 72.16
C ASP G 1208 25.19 85.75 71.13
N VAL G 1209 24.12 85.72 70.32
CA VAL G 1209 24.06 86.56 69.13
C VAL G 1209 24.16 88.04 69.51
N SER G 1210 23.55 88.42 70.63
CA SER G 1210 23.55 89.83 71.02
C SER G 1210 24.97 90.32 71.30
N SER G 1211 25.87 89.43 71.71
CA SER G 1211 27.21 89.87 72.09
C SER G 1211 27.98 90.41 70.89
N LEU G 1212 27.65 89.96 69.69
CA LEU G 1212 28.37 90.40 68.51
C LEU G 1212 28.27 91.91 68.35
N ARG G 1213 29.34 92.54 67.85
CA ARG G 1213 29.38 93.99 67.79
C ARG G 1213 28.86 94.51 66.45
N PHE G 1214 29.42 94.02 65.34
CA PHE G 1214 29.14 94.57 64.03
C PHE G 1214 28.31 93.62 63.16
N PHE G 1215 27.75 92.57 63.77
CA PHE G 1215 26.97 91.63 62.97
C PHE G 1215 25.75 92.31 62.36
N ALA G 1216 25.01 93.08 63.15
CA ALA G 1216 23.83 93.76 62.61
C ALA G 1216 24.22 94.76 61.53
N ILE G 1217 25.29 95.52 61.76
CA ILE G 1217 25.70 96.53 60.79
C ILE G 1217 26.09 95.86 59.47
N CYS G 1218 26.86 94.77 59.54
CA CYS G 1218 27.28 94.06 58.35
C CYS G 1218 27.07 92.57 58.55
N GLY G 1219 26.39 91.93 57.59
CA GLY G 1219 26.22 90.50 57.61
C GLY G 1219 24.82 90.03 57.92
N LEU G 1220 24.17 90.66 58.90
CA LEU G 1220 22.83 90.23 59.27
C LEU G 1220 21.88 90.32 58.09
N GLN G 1221 21.86 91.48 57.42
CA GLN G 1221 20.96 91.66 56.29
C GLN G 1221 21.41 90.82 55.10
N GLU G 1222 22.71 90.58 54.97
CA GLU G 1222 23.22 89.71 53.93
C GLU G 1222 22.87 88.25 54.17
N GLY G 1223 22.33 87.91 55.34
CA GLY G 1223 21.91 86.56 55.62
C GLY G 1223 22.99 85.66 56.19
N PHE G 1224 24.14 86.21 56.54
CA PHE G 1224 25.19 85.39 57.15
C PHE G 1224 24.79 84.97 58.56
N GLU G 1225 25.30 83.81 58.95
CA GLU G 1225 24.95 83.17 60.21
C GLU G 1225 26.10 83.25 61.21
N PRO G 1226 25.83 83.59 62.46
CA PRO G 1226 26.87 83.44 63.48
C PRO G 1226 27.30 81.98 63.57
N PHE G 1227 28.61 81.77 63.58
CA PHE G 1227 29.13 80.42 63.38
C PHE G 1227 28.56 79.44 64.39
N ALA G 1228 28.23 79.91 65.58
CA ALA G 1228 27.69 79.04 66.62
C ALA G 1228 26.33 79.54 67.10
N ILE G 1229 25.46 79.91 66.17
CA ILE G 1229 24.21 80.55 66.55
C ILE G 1229 23.32 79.60 67.35
N ASN G 1230 23.32 78.32 67.03
CA ASN G 1230 22.39 77.37 67.64
C ASN G 1230 23.11 76.26 68.42
N MET G 1231 24.38 76.44 68.73
CA MET G 1231 25.14 75.44 69.45
C MET G 1231 25.00 75.71 70.94
N GLN G 1232 24.16 74.91 71.60
CA GLN G 1232 23.83 75.16 73.00
C GLN G 1232 25.07 75.14 73.87
N ARG G 1233 26.08 74.36 73.49
CA ARG G 1233 27.31 74.31 74.27
C ARG G 1233 28.40 75.09 73.55
N PRO G 1234 29.34 75.69 74.29
CA PRO G 1234 30.40 76.47 73.63
C PRO G 1234 31.21 75.61 72.67
N VAL G 1235 31.68 76.24 71.60
CA VAL G 1235 32.45 75.52 70.60
C VAL G 1235 33.81 75.15 71.16
N THR G 1236 34.22 73.91 70.92
CA THR G 1236 35.50 73.43 71.42
C THR G 1236 36.63 73.85 70.48
N THR G 1237 37.75 74.22 71.07
CA THR G 1237 38.89 74.74 70.32
C THR G 1237 40.11 73.86 70.52
N TRP G 1238 40.96 73.84 69.51
CA TRP G 1238 42.23 73.13 69.55
C TRP G 1238 43.33 74.11 69.21
N PHE G 1239 44.41 74.08 69.98
CA PHE G 1239 45.52 75.01 69.80
C PHE G 1239 46.81 74.27 69.51
N SER G 1240 47.77 75.00 68.97
CA SER G 1240 49.05 74.44 68.55
C SER G 1240 49.97 74.36 69.76
N LYS G 1241 49.77 73.33 70.57
CA LYS G 1241 50.63 73.11 71.72
C LYS G 1241 52.07 72.91 71.26
N SER G 1242 52.98 73.68 71.83
CA SER G 1242 54.37 73.73 71.39
C SER G 1242 55.28 72.84 72.21
N LEU G 1243 54.76 71.77 72.79
CA LEU G 1243 55.59 70.82 73.53
C LEU G 1243 56.00 69.69 72.59
N PRO G 1244 57.28 69.59 72.23
CA PRO G 1244 57.68 68.55 71.28
C PRO G 1244 57.34 67.17 71.79
N GLN G 1245 56.89 66.30 70.88
CA GLN G 1245 56.60 64.92 71.18
C GLN G 1245 56.98 64.05 69.99
N PHE G 1246 57.24 62.78 70.25
CA PHE G 1246 57.69 61.89 69.20
C PHE G 1246 56.49 61.33 68.44
N GLU G 1247 56.58 61.35 67.12
CA GLU G 1247 55.54 60.82 66.26
C GLU G 1247 56.17 59.96 65.18
N PRO G 1248 55.45 58.95 64.69
CA PRO G 1248 56.03 58.06 63.68
C PRO G 1248 56.44 58.82 62.44
N VAL G 1249 57.51 58.35 61.81
CA VAL G 1249 57.97 59.00 60.59
C VAL G 1249 56.88 58.88 59.53
N PRO G 1250 56.40 59.98 58.95
CA PRO G 1250 55.39 59.86 57.90
C PRO G 1250 55.94 59.07 56.73
N LEU G 1251 55.09 58.21 56.15
CA LEU G 1251 55.50 57.40 55.03
C LEU G 1251 55.83 58.23 53.79
N GLU G 1252 55.31 59.45 53.70
CA GLU G 1252 55.54 60.32 52.56
C GLU G 1252 56.38 61.53 52.90
N HIS G 1253 57.16 61.47 53.97
CA HIS G 1253 57.95 62.61 54.38
C HIS G 1253 58.87 63.03 53.24
N PRO G 1254 58.90 64.30 52.86
CA PRO G 1254 59.69 64.68 51.68
C PRO G 1254 61.17 64.38 51.80
N HIS G 1255 61.74 64.46 53.01
CA HIS G 1255 63.19 64.41 53.17
C HIS G 1255 63.69 63.14 53.83
N TYR G 1256 63.00 62.60 54.82
CA TYR G 1256 63.51 61.48 55.61
C TYR G 1256 62.75 60.22 55.27
N GLU G 1257 63.49 59.16 54.96
CA GLU G 1257 62.93 57.87 54.58
C GLU G 1257 63.47 56.79 55.49
N VAL G 1258 62.58 55.99 56.06
CA VAL G 1258 62.94 54.87 56.91
C VAL G 1258 62.51 53.60 56.20
N ALA G 1259 63.46 52.70 55.95
CA ALA G 1259 63.21 51.44 55.27
C ALA G 1259 63.66 50.30 56.17
N ARG G 1260 62.81 49.28 56.29
CA ARG G 1260 63.09 48.13 57.13
C ARG G 1260 63.66 47.02 56.26
N MET G 1261 64.88 46.58 56.57
CA MET G 1261 65.54 45.53 55.83
C MET G 1261 65.56 44.26 56.68
N ASP G 1262 65.07 43.16 56.12
CA ASP G 1262 64.98 41.92 56.86
C ASP G 1262 66.36 41.37 57.16
N GLY G 1263 66.45 40.60 58.24
CA GLY G 1263 67.73 40.01 58.62
C GLY G 1263 68.17 38.94 57.64
N THR G 1264 69.48 38.82 57.50
CA THR G 1264 70.09 37.84 56.60
C THR G 1264 70.94 36.88 57.41
N VAL G 1265 71.68 36.03 56.71
CA VAL G 1265 72.53 35.03 57.35
C VAL G 1265 73.59 35.73 58.20
N ASP G 1266 74.03 36.90 57.75
CA ASP G 1266 75.12 37.62 58.40
C ASP G 1266 74.73 39.01 58.88
N THR G 1267 73.47 39.41 58.76
CA THR G 1267 73.04 40.73 59.18
C THR G 1267 71.78 40.62 60.03
N PRO G 1268 71.70 41.28 61.18
CA PRO G 1268 70.48 41.26 61.96
C PRO G 1268 69.44 42.21 61.36
N PRO G 1269 68.22 42.21 61.87
CA PRO G 1269 67.22 43.15 61.36
C PRO G 1269 67.69 44.59 61.54
N CYS G 1270 67.36 45.42 60.55
CA CYS G 1270 67.81 46.80 60.51
C CYS G 1270 66.65 47.74 60.22
N LEU G 1271 66.80 48.97 60.69
CA LEU G 1271 65.95 50.09 60.32
C LEU G 1271 66.85 51.23 59.90
N ARG G 1272 66.92 51.48 58.59
CA ARG G 1272 67.88 52.44 58.04
C ARG G 1272 67.17 53.75 57.74
N LEU G 1273 67.81 54.85 58.10
CA LEU G 1273 67.31 56.19 57.76
C LEU G 1273 68.12 56.75 56.60
N THR G 1274 67.42 57.28 55.60
CA THR G 1274 68.06 57.84 54.42
C THR G 1274 67.51 59.23 54.16
N HIS G 1275 68.40 60.15 53.81
CA HIS G 1275 68.00 61.51 53.47
C HIS G 1275 67.64 61.56 51.99
N ARG G 1276 66.36 61.75 51.70
CA ARG G 1276 65.90 61.65 50.31
C ARG G 1276 66.54 62.70 49.43
N THR G 1277 66.60 63.95 49.90
CA THR G 1277 66.95 65.08 49.05
C THR G 1277 68.34 65.64 49.36
N TRP G 1278 69.18 64.86 50.01
CA TRP G 1278 70.51 65.35 50.33
C TRP G 1278 71.30 65.64 49.06
N GLY G 1279 72.12 66.68 49.13
CA GLY G 1279 72.92 67.08 47.98
C GLY G 1279 72.16 67.82 46.91
N SER G 1280 70.89 68.17 47.16
CA SER G 1280 70.05 68.85 46.19
C SER G 1280 69.51 70.13 46.79
N GLN G 1281 69.09 71.04 45.92
CA GLN G 1281 68.47 72.27 46.39
C GLN G 1281 67.17 71.94 47.11
N ASN G 1282 66.80 72.83 48.04
CA ASN G 1282 65.66 72.68 48.93
C ASN G 1282 65.89 71.59 49.96
N SER G 1283 67.08 70.99 50.00
CA SER G 1283 67.37 69.98 51.01
C SER G 1283 67.28 70.59 52.41
N LEU G 1284 66.74 69.81 53.34
CA LEU G 1284 66.56 70.24 54.72
C LEU G 1284 67.67 69.63 55.56
N VAL G 1285 68.49 70.49 56.17
CA VAL G 1285 69.61 70.06 57.00
C VAL G 1285 69.35 70.59 58.40
N GLU G 1286 68.80 69.74 59.26
CA GLU G 1286 68.48 70.11 60.63
C GLU G 1286 68.72 68.92 61.53
N MET G 1287 68.84 69.18 62.83
CA MET G 1287 68.91 68.09 63.79
C MET G 1287 67.69 67.20 63.67
N LEU G 1288 67.92 65.90 63.78
CA LEU G 1288 66.85 64.91 63.77
C LEU G 1288 66.96 64.08 65.04
N PHE G 1289 65.88 64.03 65.80
CA PHE G 1289 65.80 63.26 67.03
C PHE G 1289 64.89 62.06 66.77
N LEU G 1290 65.45 60.86 66.84
CA LEU G 1290 64.75 59.64 66.50
C LEU G 1290 64.74 58.71 67.70
N ARG G 1291 63.67 57.94 67.84
CA ARG G 1291 63.62 56.88 68.84
C ARG G 1291 62.78 55.74 68.30
N LEU G 1292 63.04 54.54 68.83
CA LEU G 1292 62.20 53.41 68.51
C LEU G 1292 60.90 53.49 69.32
N SER G 1293 59.82 53.03 68.70
CA SER G 1293 58.49 53.26 69.24
C SER G 1293 58.18 52.47 70.50
N LEU G 1294 59.03 51.53 70.90
CA LEU G 1294 58.75 50.73 72.09
C LEU G 1294 59.84 50.91 73.13
N PRO G 1295 59.51 50.86 74.42
CA PRO G 1295 60.53 50.96 75.46
C PRO G 1295 60.99 49.61 75.98
N VAL G 1296 62.06 49.66 76.77
CA VAL G 1296 62.49 48.55 77.60
C VAL G 1296 62.40 49.00 79.05
N GLN G 1297 61.81 48.16 79.90
CA GLN G 1297 61.51 48.52 81.27
C GLN G 1297 62.41 47.73 82.21
N PHE G 1298 63.10 48.45 83.10
CA PHE G 1298 63.97 47.80 84.06
C PHE G 1298 63.17 47.08 85.13
N HIS G 1299 63.80 46.08 85.74
CA HIS G 1299 63.10 45.21 86.68
C HIS G 1299 62.71 45.99 87.93
N GLN G 1300 61.64 45.51 88.58
CA GLN G 1300 61.13 46.19 89.77
C GLN G 1300 62.13 46.11 90.91
N HIS G 1301 62.77 44.96 91.11
CA HIS G 1301 63.78 44.77 92.14
C HIS G 1301 65.10 44.43 91.47
N PHE G 1302 66.11 45.26 91.70
CA PHE G 1302 67.43 44.98 91.17
C PHE G 1302 68.09 43.85 91.93
N ARG G 1303 68.87 43.05 91.20
CA ARG G 1303 69.63 41.98 91.84
C ARG G 1303 70.57 42.57 92.87
N CYS G 1304 70.57 41.99 94.06
CA CYS G 1304 71.40 42.48 95.16
C CYS G 1304 72.79 41.89 95.03
N THR G 1305 73.76 42.73 94.70
CA THR G 1305 75.15 42.30 94.52
C THR G 1305 75.24 41.15 93.53
N ASP G 1420 82.79 27.99 69.51
CA ASP G 1420 82.99 29.40 69.74
C ASP G 1420 81.99 30.23 68.95
N ASN G 1421 81.75 31.45 69.40
CA ASN G 1421 80.82 32.40 68.78
C ASN G 1421 79.38 31.92 68.83
N ARG G 1422 79.10 30.84 69.57
CA ARG G 1422 77.75 30.32 69.74
C ARG G 1422 77.34 30.48 71.19
N ASP G 1423 76.11 30.95 71.41
CA ASP G 1423 75.65 31.24 72.75
C ASP G 1423 75.61 29.98 73.60
N ASP G 1424 76.13 30.09 74.83
CA ASP G 1424 75.95 29.03 75.80
C ASP G 1424 74.48 28.98 76.21
N PRO G 1425 73.84 27.80 76.17
CA PRO G 1425 72.39 27.77 76.48
C PRO G 1425 72.05 28.35 77.84
N GLU G 1426 72.72 27.90 78.90
CA GLU G 1426 72.36 28.37 80.24
C GLU G 1426 72.60 29.86 80.39
N ILE G 1427 73.72 30.35 79.86
CA ILE G 1427 74.03 31.76 80.00
C ILE G 1427 73.03 32.61 79.25
N ILE G 1428 72.74 32.26 78.00
CA ILE G 1428 71.81 33.06 77.20
C ILE G 1428 70.42 32.98 77.79
N LEU G 1429 70.08 31.87 78.44
CA LEU G 1429 68.76 31.73 79.04
C LEU G 1429 68.62 32.52 80.33
N ASN G 1430 69.67 32.62 81.13
CA ASN G 1430 69.62 33.35 82.39
C ASN G 1430 70.11 34.79 82.28
N THR G 1431 70.48 35.23 81.08
CA THR G 1431 71.03 36.57 80.92
C THR G 1431 69.93 37.63 81.06
N THR G 1432 70.28 38.73 81.72
CA THR G 1432 69.39 39.88 81.87
C THR G 1432 69.95 41.12 81.17
N THR G 1433 70.84 40.94 80.21
CA THR G 1433 71.44 42.02 79.46
C THR G 1433 70.96 41.98 78.02
N TYR G 1434 70.47 43.12 77.54
CA TYR G 1434 70.02 43.26 76.16
C TYR G 1434 70.72 44.48 75.58
N TYR G 1435 70.94 44.50 74.27
CA TYR G 1435 71.54 45.69 73.69
C TYR G 1435 71.00 45.91 72.30
N TYR G 1436 71.43 47.01 71.69
CA TYR G 1436 71.20 47.25 70.27
C TYR G 1436 72.35 48.09 69.73
N SER G 1437 72.65 47.94 68.45
CA SER G 1437 73.74 48.68 67.86
C SER G 1437 73.20 49.71 66.87
N VAL G 1438 74.00 50.73 66.63
CA VAL G 1438 73.68 51.77 65.66
C VAL G 1438 74.88 51.89 64.74
N ARG G 1439 74.62 51.80 63.44
CA ARG G 1439 75.66 51.92 62.42
C ARG G 1439 75.55 53.31 61.80
N VAL G 1440 76.61 54.09 61.96
CA VAL G 1440 76.78 55.35 61.24
C VAL G 1440 77.59 55.05 59.99
N PHE G 1441 76.95 55.23 58.84
CA PHE G 1441 77.58 54.88 57.57
C PHE G 1441 78.70 55.86 57.24
N ALA G 1442 79.60 55.43 56.36
CA ALA G 1442 80.66 56.31 55.90
C ALA G 1442 80.05 57.51 55.19
N GLY G 1443 80.67 58.66 55.36
CA GLY G 1443 80.17 59.91 54.81
C GLY G 1443 79.32 60.69 55.78
N GLN G 1444 78.78 60.04 56.81
CA GLN G 1444 78.07 60.72 57.88
C GLN G 1444 79.06 60.97 59.01
N GLU G 1445 79.40 62.24 59.23
CA GLU G 1445 80.43 62.55 60.20
C GLU G 1445 79.99 62.10 61.59
N PRO G 1446 80.73 61.22 62.25
CA PRO G 1446 80.31 60.77 63.59
C PRO G 1446 80.26 61.88 64.61
N SER G 1447 80.92 63.01 64.35
CA SER G 1447 80.85 64.11 65.29
C SER G 1447 79.43 64.64 65.45
N CYS G 1448 78.55 64.33 64.51
CA CYS G 1448 77.18 64.81 64.52
C CYS G 1448 76.18 63.78 65.00
N VAL G 1449 76.63 62.63 65.50
CA VAL G 1449 75.75 61.53 65.88
C VAL G 1449 75.84 61.29 67.38
N TRP G 1450 74.69 61.19 68.03
CA TRP G 1450 74.59 60.79 69.41
C TRP G 1450 73.70 59.55 69.47
N VAL G 1451 74.13 58.55 70.22
CA VAL G 1451 73.44 57.27 70.29
C VAL G 1451 73.22 56.90 71.76
N GLY G 1452 72.04 56.35 72.05
CA GLY G 1452 71.75 55.96 73.42
C GLY G 1452 70.27 55.78 73.65
N TRP G 1453 69.85 56.06 74.88
CA TRP G 1453 68.48 55.85 75.33
C TRP G 1453 67.90 57.16 75.85
N VAL G 1454 66.59 57.33 75.66
CA VAL G 1454 65.87 58.51 76.16
C VAL G 1454 64.67 58.04 76.94
N THR G 1455 64.48 58.58 78.14
CA THR G 1455 63.33 58.25 78.97
C THR G 1455 62.07 58.72 78.27
N PRO G 1456 60.88 58.40 78.78
CA PRO G 1456 59.66 58.73 78.05
C PRO G 1456 59.27 60.20 78.13
N ASP G 1457 60.11 61.04 78.74
CA ASP G 1457 59.78 62.45 78.91
C ASP G 1457 60.79 63.38 78.26
N TYR G 1458 61.52 62.93 77.25
CA TYR G 1458 62.43 63.81 76.53
C TYR G 1458 61.60 64.68 75.60
N HIS G 1459 61.55 65.98 75.88
CA HIS G 1459 60.75 66.92 75.11
C HIS G 1459 61.57 68.13 74.67
N GLN G 1460 62.87 67.97 74.48
CA GLN G 1460 63.75 69.07 74.14
C GLN G 1460 64.15 68.96 72.67
N HIS G 1461 63.65 69.87 71.85
CA HIS G 1461 63.97 69.94 70.43
C HIS G 1461 64.95 71.08 70.24
N ASP G 1462 66.24 70.79 70.45
CA ASP G 1462 67.29 71.80 70.46
C ASP G 1462 68.08 71.70 69.18
N MET G 1463 67.99 72.72 68.33
CA MET G 1463 68.74 72.72 67.08
C MET G 1463 70.23 72.66 67.33
N SER G 1464 70.70 73.26 68.42
CA SER G 1464 72.10 73.19 68.81
C SER G 1464 72.17 72.25 70.02
N PHE G 1465 72.38 70.97 69.76
CA PHE G 1465 72.32 69.95 70.80
C PHE G 1465 73.72 69.46 71.14
N ASP G 1466 74.00 69.40 72.44
CA ASP G 1466 75.24 68.83 72.96
C ASP G 1466 74.91 68.08 74.24
N LEU G 1467 75.80 67.16 74.62
CA LEU G 1467 75.56 66.41 75.85
C LEU G 1467 75.45 67.33 77.05
N SER G 1468 76.00 68.54 76.97
CA SER G 1468 75.80 69.51 78.05
C SER G 1468 74.34 69.92 78.15
N LYS G 1469 73.66 70.05 77.01
CA LYS G 1469 72.27 70.48 77.02
C LYS G 1469 71.38 69.49 77.74
N VAL G 1470 71.79 68.22 77.79
CA VAL G 1470 70.96 67.18 78.38
C VAL G 1470 70.59 67.55 79.81
N ARG G 1471 69.28 67.56 80.09
CA ARG G 1471 68.83 67.88 81.44
C ARG G 1471 69.35 66.83 82.42
N ALA G 1472 69.78 67.30 83.59
CA ALA G 1472 70.30 66.43 84.63
C ALA G 1472 70.08 67.08 85.99
N VAL G 1473 70.05 66.26 87.02
CA VAL G 1473 69.92 66.74 88.39
C VAL G 1473 70.43 65.65 89.32
N THR G 1474 70.76 66.03 90.55
CA THR G 1474 71.25 65.09 91.55
C THR G 1474 70.49 65.32 92.84
N VAL G 1475 69.65 64.36 93.21
CA VAL G 1475 68.96 64.41 94.49
C VAL G 1475 69.86 63.76 95.53
N THR G 1476 70.33 64.55 96.48
CA THR G 1476 71.24 64.09 97.53
C THR G 1476 70.48 64.12 98.85
N MET G 1477 70.40 62.96 99.48
CA MET G 1477 69.75 62.81 100.78
C MET G 1477 70.78 62.43 101.83
N GLY G 1478 70.70 63.08 102.98
CA GLY G 1478 71.62 62.82 104.08
C GLY G 1478 70.94 62.60 105.40
N ASP G 1479 71.72 62.69 106.49
CA ASP G 1479 71.23 62.50 107.83
C ASP G 1479 70.89 63.88 108.42
N GLU G 1480 70.52 63.91 109.71
CA GLU G 1480 70.27 65.19 110.36
C GLU G 1480 71.44 66.14 110.16
N GLN G 1481 72.66 65.62 110.23
CA GLN G 1481 73.87 66.38 109.93
C GLN G 1481 74.74 65.58 108.97
N GLY G 1482 75.06 66.17 107.83
CA GLY G 1482 75.91 65.51 106.86
C GLY G 1482 75.51 64.07 106.64
N ASN G 1483 76.51 63.19 106.48
CA ASN G 1483 76.28 61.76 106.34
C ASN G 1483 75.33 61.48 105.17
N VAL G 1484 75.77 61.84 103.97
CA VAL G 1484 74.94 61.64 102.79
C VAL G 1484 74.60 60.18 102.64
N HIS G 1485 73.29 59.88 102.65
CA HIS G 1485 72.81 58.52 102.48
C HIS G 1485 72.59 58.13 101.03
N SER G 1486 72.25 59.08 100.16
CA SER G 1486 71.93 58.78 98.77
C SER G 1486 72.33 59.94 97.89
N SER G 1487 72.78 59.63 96.67
CA SER G 1487 73.25 60.65 95.74
C SER G 1487 72.67 60.37 94.34
N LEU G 1488 71.37 60.16 94.27
CA LEU G 1488 70.76 59.69 93.03
C LEU G 1488 70.94 60.74 91.93
N LYS G 1489 71.24 60.27 90.73
CA LYS G 1489 71.38 61.11 89.56
C LYS G 1489 70.23 60.83 88.60
N CYS G 1490 69.50 61.88 88.22
CA CYS G 1490 68.32 61.76 87.39
C CYS G 1490 68.53 62.54 86.11
N SER G 1491 68.08 61.98 84.99
CA SER G 1491 68.17 62.61 83.69
C SER G 1491 67.17 61.98 82.75
N ASN G 1492 66.89 62.67 81.64
CA ASN G 1492 65.92 62.15 80.69
C ASN G 1492 66.60 61.55 79.47
N CYS G 1493 67.82 61.98 79.16
CA CYS G 1493 68.56 61.52 77.99
C CYS G 1493 69.87 60.90 78.44
N TYR G 1494 70.09 59.63 78.09
CA TYR G 1494 71.35 58.94 78.33
C TYR G 1494 71.95 58.60 76.97
N MET G 1495 73.11 59.18 76.67
CA MET G 1495 73.66 59.06 75.33
C MET G 1495 75.17 59.23 75.36
N VAL G 1496 75.79 58.87 74.25
CA VAL G 1496 77.23 59.04 74.04
C VAL G 1496 77.45 59.75 72.71
N TRP G 1497 78.57 60.43 72.59
CA TRP G 1497 78.85 61.23 71.40
C TRP G 1497 79.87 60.53 70.53
N GLY G 1498 79.54 60.35 69.24
CA GLY G 1498 80.45 59.64 68.36
C GLY G 1498 81.79 60.32 68.22
N GLY G 1499 81.85 61.62 68.48
CA GLY G 1499 83.13 62.31 68.45
C GLY G 1499 84.11 61.77 69.45
N ASP G 1500 83.60 61.29 70.60
CA ASP G 1500 84.49 60.66 71.57
C ASP G 1500 85.17 59.44 70.98
N PHE G 1501 84.42 58.63 70.24
CA PHE G 1501 84.98 57.39 69.71
C PHE G 1501 85.89 57.66 68.52
N VAL G 1502 85.57 58.67 67.71
CA VAL G 1502 86.38 58.96 66.54
C VAL G 1502 87.82 59.27 66.97
N SER G 1503 88.77 58.65 66.29
CA SER G 1503 90.17 58.84 66.62
C SER G 1503 90.61 60.26 66.23
N PRO G 1504 91.55 60.85 66.98
CA PRO G 1504 92.02 62.19 66.60
C PRO G 1504 92.67 62.24 65.24
N GLY G 1505 93.42 61.21 64.86
CA GLY G 1505 94.02 61.19 63.53
C GLY G 1505 92.99 61.16 62.43
N GLN G 1506 91.99 60.27 62.56
CA GLN G 1506 90.93 60.20 61.57
C GLN G 1506 90.09 61.47 61.58
N GLN G 1507 90.12 62.21 62.69
CA GLN G 1507 89.34 63.44 62.80
C GLN G 1507 89.73 64.41 61.71
N GLY G 1508 88.74 65.07 61.11
CA GLY G 1508 88.96 65.98 60.00
C GLY G 1508 89.04 65.32 58.65
N ARG G 1509 88.85 64.00 58.58
CA ARG G 1509 88.93 63.26 57.32
C ARG G 1509 87.63 62.51 57.11
N ILE G 1510 87.18 62.47 55.85
CA ILE G 1510 85.99 61.68 55.52
C ILE G 1510 86.35 60.21 55.63
N SER G 1511 85.87 59.57 56.69
CA SER G 1511 86.25 58.20 56.98
C SER G 1511 85.65 57.26 55.95
N HIS G 1512 86.47 56.32 55.47
CA HIS G 1512 85.99 55.30 54.54
C HIS G 1512 85.35 54.12 55.26
N THR G 1513 85.40 54.09 56.59
CA THR G 1513 84.80 53.01 57.37
C THR G 1513 83.44 53.42 57.90
N ASP G 1514 82.75 52.45 58.50
CA ASP G 1514 81.47 52.67 59.15
C ASP G 1514 81.64 52.48 60.65
N LEU G 1515 81.03 53.36 61.44
CA LEU G 1515 81.14 53.27 62.88
C LEU G 1515 79.96 52.47 63.44
N VAL G 1516 80.23 51.59 64.40
CA VAL G 1516 79.20 50.79 65.04
C VAL G 1516 79.27 51.05 66.54
N ILE G 1517 78.16 51.49 67.12
CA ILE G 1517 78.08 51.77 68.55
C ILE G 1517 77.01 50.88 69.14
N GLY G 1518 77.41 50.00 70.06
CA GLY G 1518 76.48 49.09 70.69
C GLY G 1518 76.16 49.48 72.12
N CYS G 1519 74.89 49.70 72.41
CA CYS G 1519 74.44 50.11 73.73
C CYS G 1519 73.86 48.92 74.46
N LEU G 1520 74.47 48.55 75.58
CA LEU G 1520 74.08 47.43 76.41
C LEU G 1520 73.41 47.93 77.67
N VAL G 1521 72.34 47.25 78.08
CA VAL G 1521 71.66 47.53 79.33
C VAL G 1521 71.44 46.21 80.05
N ASP G 1522 71.95 46.12 81.27
CA ASP G 1522 71.64 45.03 82.20
C ASP G 1522 70.47 45.50 83.05
N LEU G 1523 69.32 44.84 82.88
CA LEU G 1523 68.10 45.29 83.55
C LEU G 1523 68.14 44.95 85.03
N ALA G 1524 68.65 43.76 85.38
CA ALA G 1524 68.68 43.36 86.77
C ALA G 1524 69.52 44.31 87.60
N THR G 1525 70.69 44.70 87.09
CA THR G 1525 71.58 45.60 87.80
C THR G 1525 71.29 47.07 87.52
N GLY G 1526 70.35 47.37 86.63
CA GLY G 1526 70.07 48.76 86.29
C GLY G 1526 71.27 49.50 85.74
N LEU G 1527 72.07 48.84 84.91
CA LEU G 1527 73.35 49.38 84.48
C LEU G 1527 73.36 49.49 82.96
N MET G 1528 74.04 50.50 82.43
CA MET G 1528 74.15 50.69 80.98
C MET G 1528 75.59 50.99 80.61
N THR G 1529 76.06 50.37 79.53
CA THR G 1529 77.40 50.59 79.01
C THR G 1529 77.33 50.71 77.49
N PHE G 1530 78.41 51.20 76.89
CA PHE G 1530 78.47 51.46 75.46
C PHE G 1530 79.80 50.98 74.91
N THR G 1531 79.76 50.34 73.75
CA THR G 1531 80.94 49.80 73.11
C THR G 1531 81.07 50.37 71.70
N ALA G 1532 82.24 50.92 71.38
CA ALA G 1532 82.50 51.51 70.08
C ALA G 1532 83.34 50.55 69.26
N ASN G 1533 82.81 50.12 68.12
CA ASN G 1533 83.53 49.23 67.20
C ASN G 1533 84.04 47.99 67.93
N GLY G 1534 83.34 47.57 68.98
CA GLY G 1534 83.75 46.45 69.78
C GLY G 1534 84.63 46.79 70.97
N LYS G 1535 85.20 47.98 71.00
CA LYS G 1535 86.05 48.39 72.12
C LYS G 1535 85.21 49.09 73.17
N GLU G 1536 85.31 48.61 74.40
CA GLU G 1536 84.53 49.15 75.50
C GLU G 1536 84.85 50.63 75.70
N SER G 1537 83.84 51.41 76.07
CA SER G 1537 84.00 52.83 76.36
C SER G 1537 83.77 53.06 77.85
N ASN G 1538 84.46 54.06 78.40
CA ASN G 1538 84.35 54.33 79.83
C ASN G 1538 82.92 54.72 80.21
N THR G 1539 82.26 55.51 79.38
CA THR G 1539 80.94 56.04 79.70
C THR G 1539 79.98 54.95 80.15
N PHE G 1540 79.50 55.04 81.39
CA PHE G 1540 78.53 54.10 81.93
C PHE G 1540 77.48 54.87 82.70
N PHE G 1541 76.29 54.28 82.81
CA PHE G 1541 75.17 54.92 83.48
C PHE G 1541 74.49 53.94 84.42
N GLN G 1542 73.86 54.49 85.45
CA GLN G 1542 73.07 53.72 86.41
C GLN G 1542 71.68 54.32 86.47
N VAL G 1543 70.66 53.46 86.48
CA VAL G 1543 69.28 53.90 86.45
C VAL G 1543 68.51 53.25 87.60
N GLU G 1544 67.45 53.93 88.04
CA GLU G 1544 66.60 53.40 89.09
C GLU G 1544 65.74 52.27 88.54
N PRO G 1545 65.30 51.36 89.40
CA PRO G 1545 64.44 50.27 88.94
C PRO G 1545 63.10 50.80 88.44
N ASN G 1546 62.52 50.05 87.51
CA ASN G 1546 61.20 50.33 86.97
C ASN G 1546 61.21 51.50 85.98
N THR G 1547 62.38 51.85 85.46
CA THR G 1547 62.51 52.94 84.51
C THR G 1547 62.33 52.41 83.09
N LYS G 1548 61.65 53.20 82.25
CA LYS G 1548 61.45 52.85 80.85
C LYS G 1548 62.41 53.67 79.99
N LEU G 1549 63.10 53.00 79.08
CA LEU G 1549 64.08 53.62 78.21
C LEU G 1549 63.76 53.30 76.76
N PHE G 1550 63.78 54.32 75.92
CA PHE G 1550 63.55 54.15 74.49
C PHE G 1550 64.87 54.24 73.75
N PRO G 1551 65.22 53.28 72.89
CA PRO G 1551 66.39 53.45 72.04
C PRO G 1551 66.25 54.73 71.23
N ALA G 1552 67.34 55.49 71.11
CA ALA G 1552 67.25 56.80 70.49
C ALA G 1552 68.57 57.16 69.82
N VAL G 1553 68.48 58.09 68.88
CA VAL G 1553 69.62 58.58 68.11
C VAL G 1553 69.34 60.02 67.69
N PHE G 1554 70.27 60.91 67.99
CA PHE G 1554 70.19 62.31 67.58
C PHE G 1554 71.30 62.55 66.56
N VAL G 1555 70.91 62.99 65.36
CA VAL G 1555 71.86 63.08 64.25
C VAL G 1555 71.59 64.31 63.43
N LEU G 1556 72.67 64.95 62.97
CA LEU G 1556 72.58 65.99 61.98
C LEU G 1556 72.98 65.39 60.63
N PRO G 1557 72.07 65.26 59.67
CA PRO G 1557 72.42 64.56 58.44
C PRO G 1557 73.63 65.20 57.76
N THR G 1558 74.53 64.36 57.26
CA THR G 1558 75.70 64.81 56.52
C THR G 1558 75.93 63.98 55.26
N HIS G 1559 75.07 63.01 55.00
CA HIS G 1559 75.20 62.16 53.81
C HIS G 1559 73.86 61.49 53.55
N GLN G 1560 73.70 60.96 52.34
CA GLN G 1560 72.45 60.30 52.00
C GLN G 1560 72.13 59.18 53.00
N ASN G 1561 73.14 58.40 53.37
CA ASN G 1561 72.97 57.30 54.31
C ASN G 1561 73.29 57.81 55.70
N VAL G 1562 72.27 57.98 56.55
CA VAL G 1562 72.46 58.70 57.79
C VAL G 1562 72.83 57.75 58.93
N VAL G 1563 71.94 56.83 59.29
CA VAL G 1563 72.16 55.91 60.39
C VAL G 1563 71.33 54.65 60.17
N GLN G 1564 71.60 53.63 60.99
CA GLN G 1564 70.87 52.38 60.93
C GLN G 1564 70.77 51.77 62.31
N PHE G 1565 69.54 51.47 62.73
CA PHE G 1565 69.27 50.74 63.97
C PHE G 1565 69.42 49.26 63.67
N GLU G 1566 70.43 48.61 64.25
CA GLU G 1566 70.66 47.19 64.08
C GLU G 1566 70.25 46.48 65.36
N LEU G 1567 69.32 45.55 65.25
CA LEU G 1567 68.83 44.80 66.42
C LEU G 1567 69.50 43.43 66.48
N GLY G 1568 70.83 43.44 66.62
CA GLY G 1568 71.61 42.22 66.62
C GLY G 1568 71.75 41.63 68.01
N LYS G 1569 72.63 40.63 68.10
CA LYS G 1569 72.90 39.94 69.36
C LYS G 1569 74.31 39.40 69.34
N GLN G 1570 75.09 39.76 70.37
CA GLN G 1570 76.43 39.27 70.56
C GLN G 1570 76.38 37.96 71.34
N LYS G 1571 77.55 37.41 71.65
CA LYS G 1571 77.61 36.15 72.36
C LYS G 1571 76.98 36.29 73.74
N ASN G 1572 76.02 35.42 74.02
CA ASN G 1572 75.44 35.28 75.35
C ASN G 1572 74.75 36.56 75.81
N ILE G 1573 74.21 37.35 74.89
CA ILE G 1573 73.44 38.55 75.21
C ILE G 1573 72.16 38.53 74.38
N MET G 1574 71.02 38.69 75.06
CA MET G 1574 69.74 38.65 74.37
C MET G 1574 69.60 39.85 73.45
N PRO G 1575 68.81 39.74 72.38
CA PRO G 1575 68.54 40.90 71.54
C PRO G 1575 67.54 41.83 72.22
N LEU G 1576 67.21 42.91 71.51
CA LEU G 1576 66.31 43.91 72.08
C LEU G 1576 64.86 43.43 72.07
N SER G 1577 64.46 42.71 71.02
CA SER G 1577 63.07 42.29 70.91
C SER G 1577 62.65 41.47 72.12
N ALA G 1578 63.56 40.66 72.65
CA ALA G 1578 63.20 39.82 73.81
C ALA G 1578 62.80 40.68 74.99
N ALA G 1579 63.57 41.73 75.27
CA ALA G 1579 63.19 42.65 76.34
C ALA G 1579 61.91 43.39 75.99
N MET G 1580 61.75 43.76 74.72
CA MET G 1580 60.68 44.67 74.35
C MET G 1580 59.32 43.99 74.40
N PHE G 1581 59.25 42.74 73.97
CA PHE G 1581 57.99 41.99 73.92
C PHE G 1581 58.03 40.85 74.92
N LEU G 1582 56.94 40.68 75.68
CA LEU G 1582 56.88 39.61 76.67
C LEU G 1582 56.84 38.22 76.05
N SER G 1583 56.20 38.07 74.90
CA SER G 1583 56.12 36.75 74.27
C SER G 1583 57.52 36.22 73.94
N GLU G 1584 58.40 37.11 73.47
CA GLU G 1584 59.75 36.73 73.08
C GLU G 1584 60.72 36.81 74.25
N ARG G 1585 60.23 36.67 75.48
CA ARG G 1585 61.06 36.91 76.65
C ARG G 1585 62.26 35.98 76.67
N LYS G 1586 62.10 34.77 76.15
CA LYS G 1586 63.18 33.78 76.13
C LYS G 1586 63.62 33.42 74.72
N ASN G 1587 63.09 34.08 73.70
CA ASN G 1587 63.52 33.83 72.34
C ASN G 1587 64.82 34.57 72.08
N PRO G 1588 65.89 33.88 71.68
CA PRO G 1588 67.16 34.57 71.39
C PRO G 1588 67.32 35.05 69.95
N ALA G 1589 66.47 34.61 69.03
CA ALA G 1589 66.60 35.03 67.65
C ALA G 1589 66.15 36.49 67.51
N PRO G 1590 66.94 37.36 66.89
CA PRO G 1590 66.53 38.76 66.78
C PRO G 1590 65.23 38.89 65.99
N GLN G 1591 64.42 39.89 66.38
CA GLN G 1591 63.17 40.15 65.70
C GLN G 1591 62.94 41.66 65.64
N CYS G 1592 62.17 42.10 64.64
CA CYS G 1592 61.76 43.48 64.49
C CYS G 1592 60.30 43.49 64.05
N PRO G 1593 59.36 43.24 64.95
CA PRO G 1593 57.96 43.14 64.57
C PRO G 1593 57.43 44.47 64.05
N PRO G 1594 56.28 44.46 63.38
CA PRO G 1594 55.78 45.71 62.77
C PRO G 1594 55.59 46.84 63.76
N ARG G 1595 55.22 46.55 65.02
CA ARG G 1595 55.00 47.61 65.97
C ARG G 1595 56.25 48.46 66.17
N LEU G 1596 57.41 47.85 66.03
CA LEU G 1596 58.68 48.55 66.24
C LEU G 1596 58.99 49.39 65.00
N GLU G 1597 59.06 50.70 65.18
CA GLU G 1597 59.32 51.62 64.08
C GLU G 1597 60.01 52.86 64.60
N VAL G 1598 60.59 53.62 63.67
CA VAL G 1598 61.29 54.84 64.05
C VAL G 1598 60.29 55.99 64.16
N GLN G 1599 60.51 56.86 65.14
CA GLN G 1599 59.67 58.01 65.39
C GLN G 1599 60.57 59.23 65.55
N MET G 1600 60.19 60.33 64.93
CA MET G 1600 60.97 61.56 65.00
C MET G 1600 60.26 62.57 65.88
N LEU G 1601 61.05 63.47 66.46
CA LEU G 1601 60.49 64.50 67.33
C LEU G 1601 59.85 65.60 66.49
N MET G 1602 58.56 65.88 66.75
CA MET G 1602 57.83 66.89 66.03
C MET G 1602 57.72 68.15 66.88
N PRO G 1603 58.09 69.32 66.33
CA PRO G 1603 58.19 70.52 67.19
C PRO G 1603 56.88 70.90 67.86
N VAL G 1604 55.74 70.72 67.20
CA VAL G 1604 54.45 71.17 67.70
C VAL G 1604 53.41 70.10 67.46
N SER G 1605 52.22 70.30 68.04
CA SER G 1605 51.14 69.35 67.83
C SER G 1605 49.84 69.94 68.36
N TRP G 1606 48.73 69.49 67.80
CA TRP G 1606 47.42 69.98 68.23
C TRP G 1606 47.10 69.48 69.63
N SER G 1607 46.35 70.28 70.38
CA SER G 1607 45.91 69.90 71.71
C SER G 1607 44.62 70.62 72.05
N ARG G 1608 43.73 69.91 72.74
CA ARG G 1608 42.38 70.43 73.00
C ARG G 1608 42.39 71.40 74.17
N MET G 1609 41.80 72.57 73.97
CA MET G 1609 41.59 73.51 75.05
C MET G 1609 40.53 72.97 76.00
N PRO G 1610 40.84 72.82 77.29
CA PRO G 1610 39.80 72.40 78.24
C PRO G 1610 38.61 73.35 78.18
N ASN G 1611 37.41 72.79 78.29
CA ASN G 1611 36.21 73.61 78.20
C ASN G 1611 36.06 74.49 79.43
N HIS G 1612 36.42 73.97 80.60
CA HIS G 1612 36.34 74.72 81.85
C HIS G 1612 37.73 74.79 82.47
N PHE G 1613 38.06 75.95 83.02
CA PHE G 1613 39.39 76.19 83.57
C PHE G 1613 39.28 76.49 85.06
N LEU G 1614 40.33 76.16 85.80
CA LEU G 1614 40.35 76.43 87.22
C LEU G 1614 40.30 77.94 87.46
N GLN G 1615 39.56 78.34 88.50
CA GLN G 1615 39.45 79.74 88.88
C GLN G 1615 40.35 80.00 90.08
N VAL G 1616 41.35 80.85 89.88
CA VAL G 1616 42.37 81.14 90.88
C VAL G 1616 42.26 82.61 91.25
N ASP G 1617 42.26 82.90 92.55
CA ASP G 1617 42.23 84.27 93.03
C ASP G 1617 43.56 84.62 93.68
N THR G 1618 44.23 85.64 93.14
CA THR G 1618 45.54 86.05 93.61
C THR G 1618 45.49 87.53 93.96
N ARG G 1619 45.87 87.87 95.19
CA ARG G 1619 45.86 89.26 95.61
C ARG G 1619 46.83 89.47 96.75
N ARG G 1620 47.29 90.71 96.92
CA ARG G 1620 48.16 91.05 98.03
C ARG G 1620 47.30 91.23 99.27
N ALA G 1621 47.29 90.22 100.14
CA ALA G 1621 46.45 90.28 101.32
C ALA G 1621 46.82 91.46 102.21
N GLY G 1622 48.12 91.70 102.39
CA GLY G 1622 48.57 92.81 103.19
C GLY G 1622 50.08 92.86 103.20
N GLU G 1623 50.61 93.97 103.73
CA GLU G 1623 52.05 94.13 103.78
C GLU G 1623 52.68 93.03 104.61
N ARG G 1624 52.10 92.73 105.78
CA ARG G 1624 52.64 91.67 106.62
C ARG G 1624 52.19 90.30 106.11
N LEU G 1625 51.00 90.21 105.53
CA LEU G 1625 50.43 88.90 105.20
C LEU G 1625 51.12 88.29 103.99
N GLY G 1626 51.66 89.11 103.10
CA GLY G 1626 52.20 88.62 101.85
C GLY G 1626 51.13 88.48 100.79
N TRP G 1627 51.53 87.93 99.65
CA TRP G 1627 50.56 87.66 98.60
C TRP G 1627 49.80 86.38 98.93
N ALA G 1628 48.61 86.24 98.36
CA ALA G 1628 47.76 85.11 98.67
C ALA G 1628 47.13 84.58 97.40
N VAL G 1629 47.23 83.27 97.20
CA VAL G 1629 46.59 82.57 96.09
C VAL G 1629 45.64 81.54 96.66
N GLN G 1630 44.40 81.57 96.17
CA GLN G 1630 43.31 80.76 96.69
C GLN G 1630 42.62 80.07 95.53
N CYS G 1631 42.24 78.83 95.74
CA CYS G 1631 41.46 78.05 94.79
C CYS G 1631 40.51 77.18 95.59
N GLN G 1632 39.22 77.23 95.26
CA GLN G 1632 38.20 76.58 96.08
C GLN G 1632 37.16 75.81 95.27
N GLU G 1633 37.30 75.71 93.95
CA GLU G 1633 36.32 75.02 93.14
C GLU G 1633 36.93 73.79 92.50
N PRO G 1634 36.43 72.59 92.80
CA PRO G 1634 37.01 71.39 92.19
C PRO G 1634 36.73 71.33 90.71
N LEU G 1635 37.61 70.63 90.00
CA LEU G 1635 37.49 70.47 88.55
C LEU G 1635 38.26 69.22 88.14
N MET G 1636 37.59 68.31 87.43
CA MET G 1636 38.13 66.99 87.14
C MET G 1636 37.98 66.69 85.66
N MET G 1637 38.76 65.73 85.18
CA MET G 1637 38.69 65.32 83.80
C MET G 1637 38.93 63.82 83.69
N MET G 1638 38.45 63.24 82.61
CA MET G 1638 38.69 61.84 82.30
C MET G 1638 39.90 61.73 81.39
N ALA G 1639 40.95 61.06 81.87
CA ALA G 1639 42.23 61.01 81.18
C ALA G 1639 42.44 59.62 80.59
N LEU G 1640 42.92 59.58 79.35
CA LEU G 1640 43.27 58.33 78.66
C LEU G 1640 44.79 58.26 78.64
N HIS G 1641 45.34 57.19 79.18
CA HIS G 1641 46.77 57.07 79.39
C HIS G 1641 47.32 55.93 78.52
N ILE G 1642 48.32 56.24 77.71
CA ILE G 1642 48.99 55.23 76.90
C ILE G 1642 50.00 54.53 77.79
N PRO G 1643 49.85 53.23 78.05
CA PRO G 1643 50.76 52.58 79.02
C PRO G 1643 52.22 52.64 78.64
N GLU G 1644 52.57 52.49 77.36
CA GLU G 1644 53.96 52.37 76.97
C GLU G 1644 54.69 53.70 76.88
N GLU G 1645 54.00 54.79 76.58
CA GLU G 1645 54.61 56.11 76.49
C GLU G 1645 54.49 56.91 77.76
N ASN G 1646 53.82 56.37 78.79
CA ASN G 1646 53.70 57.05 80.06
C ASN G 1646 53.15 58.46 79.87
N ARG G 1647 52.14 58.60 79.00
CA ARG G 1647 51.61 59.88 78.61
C ARG G 1647 50.10 59.82 78.59
N CYS G 1648 49.44 60.84 79.13
CA CYS G 1648 47.98 60.88 79.22
C CYS G 1648 47.45 62.09 78.48
N MET G 1649 46.28 61.94 77.88
CA MET G 1649 45.59 63.01 77.18
C MET G 1649 44.13 63.03 77.60
N ASP G 1650 43.51 64.20 77.55
CA ASP G 1650 42.08 64.27 77.81
C ASP G 1650 41.34 63.32 76.86
N ILE G 1651 40.45 62.51 77.41
CA ILE G 1651 39.77 61.53 76.59
C ILE G 1651 38.98 62.18 75.47
N LEU G 1652 38.55 63.43 75.65
CA LEU G 1652 37.78 64.10 74.63
C LEU G 1652 38.60 64.41 73.39
N GLU G 1653 39.93 64.27 73.45
CA GLU G 1653 40.74 64.43 72.25
C GLU G 1653 40.48 63.32 71.25
N LEU G 1654 39.86 62.21 71.68
CA LEU G 1654 39.54 61.14 70.76
C LEU G 1654 38.45 61.53 69.77
N SER G 1655 37.83 62.69 69.95
CA SER G 1655 36.93 63.20 68.93
C SER G 1655 37.68 63.45 67.64
N GLU G 1656 38.91 63.97 67.74
CA GLU G 1656 39.72 64.19 66.55
C GLU G 1656 40.67 63.03 66.29
N ARG G 1657 41.31 62.51 67.34
CA ARG G 1657 42.24 61.38 67.18
C ARG G 1657 41.40 60.12 66.94
N LEU G 1658 41.04 59.91 65.67
CA LEU G 1658 40.06 58.90 65.34
C LEU G 1658 40.55 57.47 65.58
N ASP G 1659 41.78 57.14 65.15
CA ASP G 1659 42.26 55.77 65.31
C ASP G 1659 42.19 55.29 66.75
N LEU G 1660 42.71 56.09 67.69
CA LEU G 1660 42.57 55.73 69.09
C LEU G 1660 41.11 55.64 69.49
N GLN G 1661 40.25 56.46 68.86
CA GLN G 1661 38.82 56.37 69.17
C GLN G 1661 38.28 55.01 68.79
N ARG G 1662 38.64 54.51 67.60
CA ARG G 1662 38.20 53.19 67.19
C ARG G 1662 38.72 52.13 68.14
N PHE G 1663 40.02 52.21 68.47
CA PHE G 1663 40.60 51.19 69.33
C PHE G 1663 39.92 51.17 70.69
N HIS G 1664 39.63 52.35 71.25
CA HIS G 1664 39.01 52.37 72.57
C HIS G 1664 37.55 51.96 72.51
N SER G 1665 36.82 52.37 71.47
CA SER G 1665 35.45 51.96 71.35
C SER G 1665 35.32 50.46 71.12
N HIS G 1666 36.38 49.81 70.65
CA HIS G 1666 36.39 48.35 70.59
C HIS G 1666 36.93 47.70 71.86
N THR G 1667 37.81 48.40 72.58
CA THR G 1667 38.20 47.94 73.90
C THR G 1667 37.01 47.87 74.83
N LEU G 1668 36.11 48.85 74.74
CA LEU G 1668 34.90 48.81 75.54
C LEU G 1668 34.02 47.63 75.14
N SER G 1669 33.97 47.32 73.85
CA SER G 1669 33.21 46.15 73.42
C SER G 1669 33.82 44.88 73.98
N LEU G 1670 35.15 44.80 74.02
CA LEU G 1670 35.79 43.65 74.65
C LEU G 1670 35.47 43.58 76.14
N TYR G 1671 35.47 44.72 76.81
CA TYR G 1671 35.10 44.75 78.21
C TYR G 1671 33.69 44.21 78.41
N ARG G 1672 32.76 44.61 77.55
CA ARG G 1672 31.40 44.09 77.61
C ARG G 1672 31.33 42.60 77.33
N SER G 1673 32.09 42.12 76.33
CA SER G 1673 32.03 40.72 75.97
C SER G 1673 32.57 39.83 77.09
N VAL G 1674 33.70 40.21 77.70
CA VAL G 1674 34.31 39.34 78.69
C VAL G 1674 33.35 39.11 79.85
N CYS G 1675 32.56 40.12 80.21
CA CYS G 1675 31.60 40.02 81.29
C CYS G 1675 30.19 39.69 80.79
N ALA G 1676 30.02 39.45 79.50
CA ALA G 1676 28.71 39.19 78.94
C ALA G 1676 28.13 37.89 79.50
N LEU G 1677 26.80 37.85 79.56
CA LEU G 1677 26.05 36.64 79.89
C LEU G 1677 26.40 36.13 81.29
N GLY G 1678 26.37 37.03 82.27
CA GLY G 1678 26.40 36.64 83.66
C GLY G 1678 27.75 36.30 84.24
N ASN G 1679 28.84 36.74 83.62
CA ASN G 1679 30.17 36.50 84.17
C ASN G 1679 30.43 37.55 85.25
N ASN G 1680 29.80 37.35 86.39
CA ASN G 1680 29.87 38.33 87.47
C ASN G 1680 31.29 38.47 88.01
N ARG G 1681 32.06 37.39 88.06
CA ARG G 1681 33.45 37.51 88.50
C ARG G 1681 34.22 38.43 87.59
N VAL G 1682 34.05 38.28 86.27
CA VAL G 1682 34.72 39.15 85.33
C VAL G 1682 34.21 40.57 85.47
N ALA G 1683 32.93 40.74 85.79
CA ALA G 1683 32.40 42.08 86.02
C ALA G 1683 33.10 42.74 87.20
N HIS G 1684 33.27 42.00 88.30
CA HIS G 1684 34.01 42.54 89.43
C HIS G 1684 35.42 42.91 89.02
N ALA G 1685 36.06 42.05 88.24
CA ALA G 1685 37.40 42.37 87.75
C ALA G 1685 37.39 43.68 86.99
N LEU G 1686 36.43 43.85 86.09
CA LEU G 1686 36.36 45.07 85.29
C LEU G 1686 36.07 46.30 86.14
N CYS G 1687 35.45 46.11 87.30
CA CYS G 1687 35.17 47.26 88.16
C CYS G 1687 36.47 47.99 88.52
N SER G 1688 37.59 47.28 88.52
CA SER G 1688 38.87 47.92 88.81
C SER G 1688 39.34 48.76 87.63
N HIS G 1689 39.19 48.24 86.41
CA HIS G 1689 39.69 48.94 85.23
C HIS G 1689 38.81 50.12 84.86
N VAL G 1690 37.52 50.03 85.13
CA VAL G 1690 36.56 51.09 84.85
C VAL G 1690 35.74 51.30 86.12
N ASP G 1691 36.03 52.39 86.83
CA ASP G 1691 35.47 52.59 88.15
C ASP G 1691 34.06 53.17 88.07
N GLN G 1692 33.36 53.14 89.21
CA GLN G 1692 32.03 53.70 89.28
C GLN G 1692 32.03 55.19 88.96
N ALA G 1693 32.99 55.92 89.54
CA ALA G 1693 33.07 57.35 89.26
C ALA G 1693 33.34 57.60 87.79
N GLN G 1694 34.24 56.81 87.19
CA GLN G 1694 34.49 56.94 85.76
C GLN G 1694 33.20 56.74 84.97
N LEU G 1695 32.44 55.69 85.28
CA LEU G 1695 31.23 55.42 84.53
C LEU G 1695 30.23 56.55 84.66
N LEU G 1696 30.00 57.02 85.88
CA LEU G 1696 29.01 58.07 86.08
C LEU G 1696 29.42 59.35 85.38
N HIS G 1697 30.69 59.74 85.48
CA HIS G 1697 31.16 60.93 84.79
C HIS G 1697 31.05 60.75 83.27
N ALA G 1698 31.38 59.56 82.77
CA ALA G 1698 31.25 59.31 81.34
C ALA G 1698 29.82 59.45 80.88
N LEU G 1699 28.87 58.98 81.67
CA LEU G 1699 27.47 59.21 81.33
C LEU G 1699 27.18 60.70 81.28
N GLU G 1700 27.53 61.44 82.34
CA GLU G 1700 27.10 62.83 82.48
C GLU G 1700 27.97 63.79 81.69
N ASP G 1701 28.91 63.28 80.88
CA ASP G 1701 29.74 64.11 80.02
C ASP G 1701 28.97 64.41 78.74
N ALA G 1702 28.89 65.67 78.37
CA ALA G 1702 28.14 66.12 77.21
C ALA G 1702 29.01 66.34 75.98
N ARG G 1703 30.32 66.11 76.09
CA ARG G 1703 31.23 66.32 74.98
C ARG G 1703 31.80 65.02 74.43
N LEU G 1704 31.50 63.90 75.04
CA LEU G 1704 32.15 62.65 74.66
C LEU G 1704 31.72 62.25 73.25
N PRO G 1705 32.62 61.73 72.43
CA PRO G 1705 32.23 61.30 71.09
C PRO G 1705 31.18 60.21 71.16
N GLY G 1706 30.27 60.20 70.18
CA GLY G 1706 29.15 59.29 70.19
C GLY G 1706 29.51 57.83 70.39
N PRO G 1707 30.50 57.30 69.67
CA PRO G 1707 30.87 55.89 69.89
C PRO G 1707 31.30 55.62 71.32
N LEU G 1708 32.12 56.48 71.90
CA LEU G 1708 32.57 56.26 73.27
C LEU G 1708 31.42 56.40 74.26
N ARG G 1709 30.51 57.35 74.00
CA ARG G 1709 29.37 57.51 74.90
C ARG G 1709 28.49 56.27 74.88
N ALA G 1710 28.18 55.76 73.69
CA ALA G 1710 27.40 54.54 73.61
C ALA G 1710 28.14 53.38 74.27
N GLY G 1711 29.44 53.29 74.05
CA GLY G 1711 30.21 52.22 74.66
C GLY G 1711 30.16 52.28 76.17
N TYR G 1712 30.29 53.47 76.73
CA TYR G 1712 30.30 53.60 78.19
C TYR G 1712 28.93 53.31 78.79
N TYR G 1713 27.86 53.79 78.13
CA TYR G 1713 26.53 53.44 78.61
C TYR G 1713 26.34 51.94 78.61
N ASP G 1714 26.65 51.29 77.49
CA ASP G 1714 26.47 49.85 77.41
C ASP G 1714 27.39 49.13 78.39
N LEU G 1715 28.57 49.69 78.67
CA LEU G 1715 29.47 49.07 79.62
C LEU G 1715 28.90 49.12 81.03
N LEU G 1716 28.35 50.27 81.42
CA LEU G 1716 27.68 50.33 82.71
C LEU G 1716 26.55 49.31 82.78
N ILE G 1717 25.74 49.24 81.72
CA ILE G 1717 24.63 48.29 81.72
C ILE G 1717 25.16 46.87 81.88
N SER G 1718 26.20 46.52 81.13
CA SER G 1718 26.70 45.16 81.14
C SER G 1718 27.31 44.80 82.49
N ILE G 1719 28.10 45.72 83.05
CA ILE G 1719 28.79 45.43 84.31
C ILE G 1719 27.79 45.30 85.45
N HIS G 1720 26.89 46.28 85.59
CA HIS G 1720 26.14 46.42 86.83
C HIS G 1720 24.70 45.94 86.74
N LEU G 1721 24.07 46.02 85.57
CA LEU G 1721 22.64 45.82 85.47
C LEU G 1721 22.21 44.71 84.53
N GLU G 1722 23.07 44.29 83.60
CA GLU G 1722 22.60 43.39 82.55
C GLU G 1722 22.14 42.05 83.10
N SER G 1723 22.88 41.46 84.03
CA SER G 1723 22.49 40.15 84.55
C SER G 1723 21.19 40.21 85.34
N ALA G 1724 21.04 41.19 86.21
CA ALA G 1724 19.80 41.34 86.96
C ALA G 1724 18.63 41.59 86.01
N CYS G 1725 18.85 42.42 84.99
CA CYS G 1725 17.80 42.65 84.01
C CYS G 1725 17.42 41.36 83.31
N ARG G 1726 18.41 40.55 82.95
CA ARG G 1726 18.12 39.28 82.29
C ARG G 1726 17.26 38.39 83.17
N SER G 1727 17.65 38.25 84.44
CA SER G 1727 16.89 37.39 85.34
C SER G 1727 15.46 37.89 85.54
N ARG G 1728 15.32 39.20 85.79
CA ARG G 1728 13.98 39.75 85.97
C ARG G 1728 13.14 39.59 84.71
N ARG G 1729 13.74 39.79 83.54
CA ARG G 1729 13.01 39.58 82.30
C ARG G 1729 12.56 38.14 82.17
N SER G 1730 13.41 37.18 82.54
CA SER G 1730 13.02 35.79 82.48
C SER G 1730 11.83 35.48 83.38
N MET G 1731 11.82 36.00 84.61
CA MET G 1731 10.68 35.77 85.49
C MET G 1731 9.50 36.71 85.25
N LEU G 1732 9.64 37.67 84.34
CA LEU G 1732 8.60 38.68 84.14
C LEU G 1732 7.39 38.16 83.36
N SER G 1733 7.42 36.93 82.87
CA SER G 1733 6.34 36.39 82.06
C SER G 1733 5.35 35.56 82.88
N GLU G 1734 5.77 35.03 84.02
CA GLU G 1734 4.90 34.22 84.87
C GLU G 1734 4.39 35.07 86.03
N TYR G 1735 3.11 34.91 86.35
CA TYR G 1735 2.44 35.68 87.39
C TYR G 1735 2.03 34.73 88.51
N ILE G 1736 2.75 34.78 89.61
CA ILE G 1736 2.44 34.01 90.81
C ILE G 1736 1.93 35.00 91.84
N VAL G 1737 0.62 35.20 91.89
CA VAL G 1737 0.02 36.25 92.72
C VAL G 1737 -0.35 35.63 94.06
N PRO G 1738 0.26 36.05 95.16
CA PRO G 1738 -0.15 35.54 96.47
C PRO G 1738 -1.42 36.22 96.94
N LEU G 1739 -2.23 35.47 97.69
CA LEU G 1739 -3.53 35.94 98.15
C LEU G 1739 -3.38 36.70 99.47
N THR G 1740 -2.73 37.84 99.39
CA THR G 1740 -2.49 38.70 100.55
C THR G 1740 -3.52 39.84 100.58
N PRO G 1741 -3.54 40.61 101.67
CA PRO G 1741 -4.44 41.77 101.69
C PRO G 1741 -4.19 42.75 100.55
N GLU G 1742 -2.92 42.91 100.14
CA GLU G 1742 -2.65 43.76 99.00
C GLU G 1742 -3.33 43.24 97.74
N THR G 1743 -3.24 41.93 97.50
CA THR G 1743 -3.94 41.35 96.36
C THR G 1743 -5.43 41.57 96.47
N ARG G 1744 -6.00 41.34 97.65
CA ARG G 1744 -7.41 41.62 97.85
C ARG G 1744 -7.76 43.06 97.53
N ALA G 1745 -6.87 44.00 97.81
CA ALA G 1745 -7.11 45.41 97.52
C ALA G 1745 -6.99 45.73 96.04
N ILE G 1746 -6.15 45.01 95.31
CA ILE G 1746 -5.99 45.29 93.88
C ILE G 1746 -7.35 45.28 93.21
N THR G 1747 -7.56 46.23 92.28
CA THR G 1747 -8.80 46.36 91.53
C THR G 1747 -8.48 46.79 90.10
N LEU G 1748 -9.36 46.40 89.17
CA LEU G 1748 -9.13 46.75 87.77
C LEU G 1748 -8.99 48.26 87.60
N PHE G 1749 -10.05 48.99 87.89
CA PHE G 1749 -10.08 50.42 87.59
C PHE G 1749 -9.76 51.23 88.83
N PRO G 1750 -9.02 52.32 88.71
CA PRO G 1750 -8.64 53.09 89.89
C PRO G 1750 -9.86 53.60 90.62
N PRO G 1751 -9.84 53.62 91.96
CA PRO G 1751 -10.95 54.24 92.68
C PRO G 1751 -11.10 55.71 92.32
N GLY G 1752 -12.23 56.05 91.73
CA GLY G 1752 -12.46 57.40 91.27
C GLY G 1752 -13.80 57.91 91.75
N ARG G 1753 -13.89 59.23 91.87
CA ARG G 1753 -15.10 59.86 92.40
C ARG G 1753 -16.32 59.57 91.53
N SER G 1754 -16.17 59.63 90.21
CA SER G 1754 -17.31 59.32 89.34
C SER G 1754 -17.63 57.83 89.39
N ALA G 1755 -16.61 56.98 89.40
CA ALA G 1755 -16.82 55.54 89.45
C ALA G 1755 -15.57 54.89 90.02
N GLU G 1756 -15.76 54.09 91.07
CA GLU G 1756 -14.64 53.34 91.62
C GLU G 1756 -14.24 52.19 90.70
N ASP G 1757 -15.21 51.61 90.00
CA ASP G 1757 -14.96 50.56 89.02
C ASP G 1757 -15.75 50.85 87.76
N GLY G 1758 -15.09 50.68 86.61
CA GLY G 1758 -15.70 50.92 85.33
C GLY G 1758 -15.65 52.34 84.78
N PRO G 1759 -14.88 53.26 85.37
CA PRO G 1759 -14.75 54.57 84.73
C PRO G 1759 -13.99 54.47 83.43
N ARG G 1760 -14.31 55.36 82.50
CA ARG G 1760 -13.69 55.31 81.18
C ARG G 1760 -12.19 55.56 81.24
N ARG G 1761 -11.68 56.08 82.35
CA ARG G 1761 -10.25 56.37 82.48
C ARG G 1761 -9.54 55.23 83.19
N HIS G 1762 -8.52 54.69 82.56
CA HIS G 1762 -7.66 53.70 83.19
C HIS G 1762 -6.79 54.36 84.24
N GLY G 1763 -6.19 53.54 85.09
CA GLY G 1763 -5.12 54.00 85.94
C GLY G 1763 -3.83 54.17 85.16
N LEU G 1764 -2.92 54.94 85.71
CA LEU G 1764 -1.64 55.14 85.04
C LEU G 1764 -0.92 53.80 84.90
N PRO G 1765 -0.48 53.43 83.70
CA PRO G 1765 0.09 52.09 83.51
C PRO G 1765 1.38 51.92 84.32
N GLY G 1766 1.51 50.76 84.94
CA GLY G 1766 2.70 50.44 85.69
C GLY G 1766 2.82 51.14 87.02
N VAL G 1767 1.86 51.98 87.39
CA VAL G 1767 1.87 52.71 88.64
C VAL G 1767 0.80 52.10 89.54
N GLY G 1768 1.21 51.57 90.68
CA GLY G 1768 0.27 50.93 91.58
C GLY G 1768 0.97 49.81 92.34
N VAL G 1769 0.14 48.95 92.92
CA VAL G 1769 0.61 47.83 93.73
C VAL G 1769 0.54 46.57 92.87
N THR G 1770 1.66 45.86 92.77
CA THR G 1770 1.73 44.60 92.04
C THR G 1770 2.31 43.56 92.98
N THR G 1771 1.51 42.56 93.33
CA THR G 1771 1.89 41.53 94.27
C THR G 1771 2.52 40.30 93.61
N SER G 1772 2.59 40.26 92.29
CA SER G 1772 3.18 39.12 91.61
C SER G 1772 4.60 38.90 92.11
N LEU G 1773 4.97 37.64 92.28
CA LEU G 1773 6.26 37.32 92.89
C LEU G 1773 7.38 37.45 91.87
N ARG G 1774 8.42 38.19 92.24
CA ARG G 1774 9.66 38.27 91.50
C ARG G 1774 10.80 38.27 92.51
N PRO G 1775 11.81 37.43 92.33
CA PRO G 1775 12.91 37.37 93.31
C PRO G 1775 13.62 38.70 93.42
N PRO G 1776 14.07 39.08 94.60
CA PRO G 1776 14.78 40.36 94.74
C PRO G 1776 16.11 40.34 94.02
N HIS G 1777 16.68 41.54 93.85
CA HIS G 1777 17.99 41.67 93.23
C HIS G 1777 19.08 41.50 94.27
N HIS G 1778 20.11 40.73 93.92
CA HIS G 1778 21.25 40.50 94.80
C HIS G 1778 22.49 41.11 94.18
N PHE G 1779 23.17 41.96 94.94
CA PHE G 1779 24.39 42.62 94.50
C PHE G 1779 25.43 42.53 95.60
N SER G 1780 26.69 42.69 95.21
CA SER G 1780 27.80 42.65 96.14
C SER G 1780 28.71 43.86 95.92
N PRO G 1781 29.19 44.52 96.97
CA PRO G 1781 30.05 45.69 96.78
C PRO G 1781 31.32 45.31 96.03
N PRO G 1782 31.81 46.19 95.14
CA PRO G 1782 33.10 45.92 94.49
C PRO G 1782 34.28 46.30 95.36
N CYS G 1783 34.69 45.40 96.24
CA CYS G 1783 35.82 45.63 97.14
C CYS G 1783 36.94 44.66 96.79
N PHE G 1784 38.15 45.18 96.62
CA PHE G 1784 39.29 44.39 96.19
C PHE G 1784 40.36 44.24 97.27
N VAL G 1785 40.09 44.69 98.49
CA VAL G 1785 41.01 44.47 99.60
C VAL G 1785 40.55 43.36 100.51
N VAL G 1786 39.46 42.69 100.19
CA VAL G 1786 38.98 41.58 101.00
C VAL G 1786 39.84 40.34 100.73
N ALA G 1787 39.94 39.49 101.74
CA ALA G 1787 40.71 38.26 101.62
C ALA G 1787 39.93 37.25 100.80
N LEU G 1788 40.60 36.65 99.80
CA LEU G 1788 39.95 35.63 99.01
C LEU G 1788 39.71 34.38 99.86
N PRO G 1789 38.57 33.71 99.68
CA PRO G 1789 38.34 32.47 100.43
C PRO G 1789 39.38 31.42 100.08
N ALA G 1790 40.05 30.90 101.11
CA ALA G 1790 41.11 29.92 100.92
C ALA G 1790 40.56 28.55 100.51
N ALA G 1791 39.26 28.34 100.59
CA ALA G 1791 38.69 27.04 100.23
C ALA G 1791 38.90 26.75 98.75
N GLY G 1792 38.80 25.48 98.39
CA GLY G 1792 38.97 25.04 97.01
C GLY G 1792 38.14 25.85 96.03
N ALA G 1793 38.61 25.93 94.79
CA ALA G 1793 37.93 26.74 93.78
C ALA G 1793 36.54 26.18 93.49
N THR G 1794 35.62 27.08 93.15
CA THR G 1794 34.23 26.83 92.82
C THR G 1794 33.39 26.58 94.07
N GLU G 1795 33.98 26.50 95.26
CA GLU G 1795 33.20 26.25 96.46
C GLU G 1795 32.24 27.40 96.73
N ALA G 1796 32.74 28.63 96.70
CA ALA G 1796 31.91 29.78 96.99
C ALA G 1796 30.85 29.93 95.90
N PRO G 1797 29.65 30.41 96.22
CA PRO G 1797 28.66 30.65 95.17
C PRO G 1797 29.16 31.68 94.17
N ALA G 1798 28.73 31.52 92.92
CA ALA G 1798 29.13 32.45 91.87
C ALA G 1798 28.87 33.88 92.33
N ARG G 1799 29.89 34.72 92.21
CA ARG G 1799 29.82 36.06 92.76
C ARG G 1799 28.61 36.79 92.20
N LEU G 1800 27.97 37.58 93.06
CA LEU G 1800 26.88 38.43 92.61
C LEU G 1800 27.43 39.59 91.80
N SER G 1801 26.60 40.09 90.88
CA SER G 1801 27.04 41.19 90.04
C SER G 1801 27.40 42.40 90.90
N PRO G 1802 28.37 43.20 90.48
CA PRO G 1802 28.83 44.30 91.34
C PRO G 1802 27.72 45.28 91.62
N ALA G 1803 27.76 45.89 92.80
CA ALA G 1803 26.72 46.81 93.26
C ALA G 1803 27.07 48.23 92.85
N ILE G 1804 26.07 48.95 92.35
CA ILE G 1804 26.21 50.37 92.05
C ILE G 1804 25.04 51.11 92.70
N PRO G 1805 25.25 52.23 93.37
CA PRO G 1805 24.15 52.90 94.04
C PRO G 1805 23.01 53.21 93.07
N LEU G 1806 21.89 52.54 93.25
CA LEU G 1806 20.79 52.60 92.30
C LEU G 1806 19.96 53.88 92.42
N GLU G 1807 19.89 54.51 93.59
CA GLU G 1807 19.13 55.74 93.69
C GLU G 1807 19.76 56.86 92.90
N ALA G 1808 21.07 57.05 93.04
CA ALA G 1808 21.75 58.07 92.24
C ALA G 1808 21.65 57.76 90.76
N LEU G 1809 21.78 56.49 90.39
CA LEU G 1809 21.65 56.11 89.00
C LEU G 1809 20.26 56.42 88.47
N ARG G 1810 19.24 56.13 89.27
CA ARG G 1810 17.86 56.45 88.89
C ARG G 1810 17.71 57.93 88.62
N ASP G 1811 18.14 58.76 89.58
CA ASP G 1811 17.98 60.20 89.42
C ASP G 1811 18.77 60.72 88.22
N LYS G 1812 19.98 60.20 88.03
CA LYS G 1812 20.80 60.65 86.91
C LYS G 1812 20.14 60.30 85.59
N ALA G 1813 19.60 59.09 85.47
CA ALA G 1813 18.93 58.69 84.24
C ALA G 1813 17.73 59.58 83.96
N LEU G 1814 16.93 59.85 84.99
CA LEU G 1814 15.75 60.70 84.78
C LEU G 1814 16.16 62.10 84.36
N ARG G 1815 17.16 62.67 85.02
CA ARG G 1815 17.63 64.00 84.65
C ARG G 1815 18.12 64.02 83.22
N MET G 1816 18.84 62.96 82.82
CA MET G 1816 19.35 62.90 81.46
C MET G 1816 18.22 62.82 80.45
N LEU G 1817 17.19 62.04 80.74
CA LEU G 1817 16.08 61.91 79.81
C LEU G 1817 15.37 63.26 79.66
N GLY G 1818 15.18 63.96 80.77
CA GLY G 1818 14.59 65.28 80.68
C GLY G 1818 15.43 66.23 79.84
N GLU G 1819 16.74 66.24 80.08
CA GLU G 1819 17.62 67.13 79.33
C GLU G 1819 17.57 66.83 77.84
N ALA G 1820 17.61 65.54 77.49
CA ALA G 1820 17.56 65.18 76.07
C ALA G 1820 16.20 65.53 75.47
N VAL G 1821 15.12 65.36 76.22
CA VAL G 1821 13.81 65.72 75.72
C VAL G 1821 13.76 67.21 75.40
N ARG G 1822 14.29 68.04 76.29
CA ARG G 1822 14.30 69.48 76.01
C ARG G 1822 15.21 69.82 74.84
N ASP G 1823 16.40 69.22 74.78
CA ASP G 1823 17.34 69.53 73.71
C ASP G 1823 16.79 69.15 72.35
N GLY G 1824 16.13 67.99 72.25
CA GLY G 1824 15.54 67.61 70.98
C GLY G 1824 14.55 68.62 70.44
N GLY G 1825 13.74 69.20 71.33
CA GLY G 1825 12.87 70.28 70.91
C GLY G 1825 13.61 71.56 70.61
N GLN G 1826 14.76 71.78 71.25
CA GLN G 1826 15.56 72.95 70.93
C GLN G 1826 16.05 72.93 69.49
N HIS G 1827 16.42 71.76 68.98
CA HIS G 1827 16.94 71.61 67.61
C HIS G 1827 18.35 72.16 67.48
N ALA G 1828 19.15 72.01 68.54
CA ALA G 1828 20.50 72.53 68.54
C ALA G 1828 21.32 71.86 67.43
N ARG G 1829 22.23 72.63 66.83
CA ARG G 1829 23.02 72.10 65.72
C ARG G 1829 24.10 71.15 66.22
N ASP G 1830 24.29 71.06 67.53
CA ASP G 1830 25.34 70.22 68.09
C ASP G 1830 24.74 69.21 69.06
N PRO G 1831 24.14 68.14 68.58
CA PRO G 1831 23.56 67.15 69.49
C PRO G 1831 24.62 66.45 70.32
N VAL G 1832 24.22 66.06 71.52
CA VAL G 1832 25.15 65.39 72.41
C VAL G 1832 25.61 64.09 71.77
N GLY G 1833 26.92 63.89 71.74
CA GLY G 1833 27.47 62.69 71.12
C GLY G 1833 27.57 62.75 69.61
N GLY G 1834 27.21 63.87 69.00
CA GLY G 1834 27.35 64.04 67.57
C GLY G 1834 26.13 63.70 66.76
N SER G 1835 25.01 63.32 67.37
CA SER G 1835 23.80 63.02 66.62
C SER G 1835 22.66 62.75 67.59
N VAL G 1836 21.44 62.97 67.10
CA VAL G 1836 20.26 62.70 67.92
C VAL G 1836 20.20 61.23 68.29
N GLU G 1837 20.62 60.35 67.36
CA GLU G 1837 20.64 58.94 67.66
C GLU G 1837 21.56 58.65 68.84
N PHE G 1838 22.79 59.15 68.78
CA PHE G 1838 23.74 58.91 69.85
C PHE G 1838 23.37 59.66 71.12
N GLN G 1839 22.47 60.62 71.05
CA GLN G 1839 22.00 61.31 72.24
C GLN G 1839 20.85 60.58 72.93
N PHE G 1840 19.94 59.97 72.17
CA PHE G 1840 18.75 59.38 72.74
C PHE G 1840 18.82 57.87 72.92
N VAL G 1841 19.59 57.15 72.09
CA VAL G 1841 19.63 55.69 72.21
C VAL G 1841 20.22 55.26 73.55
N PRO G 1842 21.38 55.75 73.98
CA PRO G 1842 21.94 55.24 75.24
C PRO G 1842 21.09 55.56 76.45
N VAL G 1843 20.57 56.78 76.54
CA VAL G 1843 19.73 57.14 77.68
C VAL G 1843 18.49 56.26 77.73
N LEU G 1844 17.88 56.03 76.57
CA LEU G 1844 16.70 55.19 76.52
C LEU G 1844 17.04 53.75 76.91
N LYS G 1845 18.20 53.25 76.49
CA LYS G 1845 18.60 51.91 76.90
C LYS G 1845 18.72 51.84 78.42
N LEU G 1846 19.38 52.82 79.02
CA LEU G 1846 19.51 52.83 80.47
C LEU G 1846 18.17 52.87 81.16
N VAL G 1847 17.26 53.72 80.67
CA VAL G 1847 15.96 53.87 81.32
C VAL G 1847 15.14 52.60 81.18
N SER G 1848 15.15 51.99 80.00
CA SER G 1848 14.42 50.74 79.82
C SER G 1848 14.97 49.66 80.72
N THR G 1849 16.30 49.56 80.83
CA THR G 1849 16.88 48.56 81.70
C THR G 1849 16.47 48.77 83.15
N LEU G 1850 16.52 50.03 83.60
CA LEU G 1850 16.15 50.31 84.99
C LEU G 1850 14.68 49.99 85.23
N LEU G 1851 13.80 50.37 84.30
CA LEU G 1851 12.40 50.02 84.45
C LEU G 1851 12.21 48.52 84.56
N VAL G 1852 12.76 47.77 83.60
CA VAL G 1852 12.58 46.33 83.60
C VAL G 1852 13.07 45.73 84.91
N MET G 1853 14.21 46.22 85.42
CA MET G 1853 14.65 45.80 86.74
C MET G 1853 13.63 46.18 87.80
N GLY G 1854 12.88 47.25 87.57
CA GLY G 1854 11.86 47.69 88.51
C GLY G 1854 12.36 48.58 89.62
N VAL G 1855 13.55 49.15 89.51
CA VAL G 1855 14.07 50.02 90.56
C VAL G 1855 13.25 51.30 90.64
N PHE G 1856 12.75 51.78 89.51
CA PHE G 1856 12.05 53.05 89.48
C PHE G 1856 10.85 53.03 90.42
N SER G 1857 10.70 54.08 91.22
CA SER G 1857 9.56 54.21 92.09
C SER G 1857 8.35 54.71 91.31
N ASP G 1858 7.21 54.81 91.99
CA ASP G 1858 6.00 55.26 91.33
C ASP G 1858 6.14 56.69 90.82
N GLU G 1859 6.76 57.57 91.61
CA GLU G 1859 6.95 58.93 91.15
C GLU G 1859 7.80 58.96 89.89
N ASP G 1860 8.87 58.16 89.86
CA ASP G 1860 9.73 58.13 88.68
C ASP G 1860 8.99 57.57 87.47
N VAL G 1861 8.14 56.56 87.68
CA VAL G 1861 7.35 56.05 86.56
C VAL G 1861 6.43 57.13 86.04
N LYS G 1862 5.84 57.93 86.93
CA LYS G 1862 5.02 59.05 86.49
C LYS G 1862 5.84 60.04 85.68
N GLN G 1863 7.06 60.35 86.12
CA GLN G 1863 7.92 61.26 85.35
C GLN G 1863 8.20 60.68 83.97
N ILE G 1864 8.50 59.40 83.89
CA ILE G 1864 8.79 58.79 82.60
C ILE G 1864 7.58 58.85 81.70
N LEU G 1865 6.39 58.62 82.25
CA LEU G 1865 5.17 58.72 81.46
C LEU G 1865 4.98 60.14 80.95
N LYS G 1866 5.20 61.13 81.80
CA LYS G 1866 5.11 62.52 81.34
C LYS G 1866 6.08 62.78 80.19
N MET G 1867 7.31 62.29 80.31
CA MET G 1867 8.27 62.51 79.23
C MET G 1867 7.83 61.83 77.94
N ILE G 1868 7.31 60.61 78.05
CA ILE G 1868 6.89 59.89 76.84
C ILE G 1868 5.75 60.63 76.17
N GLU G 1869 4.72 61.00 76.93
CA GLU G 1869 3.60 61.73 76.37
C GLU G 1869 2.92 62.57 77.45
N PRO G 1870 3.10 63.89 77.45
CA PRO G 1870 2.52 64.69 78.54
C PRO G 1870 1.00 64.64 78.58
N GLU G 1871 0.34 64.76 77.44
CA GLU G 1871 -1.10 64.92 77.43
C GLU G 1871 -1.81 63.67 77.93
N VAL G 1872 -1.46 62.50 77.38
CA VAL G 1872 -2.23 61.30 77.67
C VAL G 1872 -2.11 60.92 79.13
N PHE G 1873 -0.88 60.85 79.64
CA PHE G 1873 -0.63 60.47 81.04
C PHE G 1873 -0.43 61.76 81.83
N ARG G 1874 -1.53 62.38 82.22
CA ARG G 1874 -1.50 63.63 82.97
C ARG G 1874 -2.17 63.43 84.32
N GLU G 1875 -1.51 63.91 85.37
CA GLU G 1875 -2.07 63.78 86.71
C GLU G 1875 -3.35 64.59 86.82
N GLU G 1876 -4.37 63.98 87.43
CA GLU G 1876 -5.67 64.63 87.57
C GLU G 1876 -5.59 65.80 88.54
N LEU G 1923 5.60 70.53 79.51
CA LEU G 1923 5.77 71.04 78.16
C LEU G 1923 4.93 70.24 77.19
N GLU G 1924 4.46 70.91 76.13
CA GLU G 1924 3.55 70.26 75.19
C GLU G 1924 4.26 69.20 74.35
N GLU G 1925 5.58 69.27 74.26
CA GLU G 1925 6.32 68.38 73.39
C GLU G 1925 6.57 67.04 74.09
N GLY G 1926 6.48 65.96 73.31
CA GLY G 1926 6.68 64.63 73.84
C GLY G 1926 7.49 63.77 72.89
N LEU G 1927 8.16 62.78 73.47
CA LEU G 1927 9.03 61.92 72.67
C LEU G 1927 8.26 61.24 71.54
N LEU G 1928 7.05 60.79 71.81
CA LEU G 1928 6.31 60.01 70.82
C LEU G 1928 6.02 60.83 69.58
N GLN G 1929 5.88 62.15 69.71
CA GLN G 1929 5.59 63.02 68.59
C GLN G 1929 6.80 63.86 68.17
N MET G 1930 7.96 63.62 68.79
CA MET G 1930 9.14 64.43 68.53
C MET G 1930 9.90 64.02 67.27
N LYS G 1931 9.40 63.05 66.51
CA LYS G 1931 9.97 62.72 65.20
C LYS G 1931 11.42 62.29 65.31
N LEU G 1932 11.61 61.14 65.94
CA LEU G 1932 12.93 60.59 66.22
C LEU G 1932 13.36 59.64 65.11
N PRO G 1933 14.65 59.26 65.08
CA PRO G 1933 15.11 58.31 64.08
C PRO G 1933 14.67 56.88 64.37
N GLU G 1934 15.15 55.96 63.53
CA GLU G 1934 14.71 54.57 63.60
C GLU G 1934 15.14 53.90 64.90
N SER G 1935 16.41 54.08 65.28
CA SER G 1935 16.89 53.43 66.49
C SER G 1935 16.17 53.95 67.73
N VAL G 1936 15.97 55.27 67.80
CA VAL G 1936 15.24 55.83 68.93
C VAL G 1936 13.80 55.35 68.92
N LYS G 1937 13.21 55.18 67.74
CA LYS G 1937 11.87 54.62 67.66
C LYS G 1937 11.86 53.20 68.22
N LEU G 1938 12.90 52.42 67.93
CA LEU G 1938 12.97 51.06 68.48
C LEU G 1938 13.05 51.08 70.00
N GLN G 1939 13.87 51.96 70.57
CA GLN G 1939 13.94 52.06 72.01
C GLN G 1939 12.60 52.49 72.60
N MET G 1940 11.92 53.40 71.90
CA MET G 1940 10.60 53.84 72.36
C MET G 1940 9.62 52.68 72.34
N CYS G 1941 9.70 51.83 71.32
CA CYS G 1941 8.86 50.65 71.28
C CYS G 1941 9.19 49.72 72.45
N HIS G 1942 10.46 49.64 72.84
CA HIS G 1942 10.79 48.84 74.02
C HIS G 1942 10.10 49.39 75.26
N LEU G 1943 10.15 50.70 75.46
CA LEU G 1943 9.46 51.28 76.62
C LEU G 1943 7.96 51.01 76.58
N LEU G 1944 7.35 51.20 75.41
CA LEU G 1944 5.92 50.97 75.30
C LEU G 1944 5.57 49.51 75.54
N GLU G 1945 6.44 48.59 75.09
CA GLU G 1945 6.21 47.18 75.38
C GLU G 1945 6.25 46.93 76.87
N TYR G 1946 7.18 47.57 77.59
CA TYR G 1946 7.22 47.39 79.04
C TYR G 1946 5.92 47.87 79.67
N PHE G 1947 5.44 49.03 79.23
CA PHE G 1947 4.22 49.56 79.86
C PHE G 1947 3.02 48.69 79.54
N CYS G 1948 2.94 48.16 78.32
CA CYS G 1948 1.84 47.25 77.99
C CYS G 1948 1.94 45.97 78.81
N ASP G 1949 3.16 45.48 79.05
CA ASP G 1949 3.31 44.32 79.92
C ASP G 1949 2.84 44.61 81.34
N GLN G 1950 3.16 45.79 81.86
CA GLN G 1950 2.63 46.17 83.17
C GLN G 1950 1.11 46.24 83.17
N GLU G 1951 0.51 46.75 82.11
CA GLU G 1951 -0.95 46.75 82.01
C GLU G 1951 -1.50 45.34 82.07
N LEU G 1952 -0.89 44.41 81.32
CA LEU G 1952 -1.35 43.03 81.34
C LEU G 1952 -1.19 42.41 82.72
N GLN G 1953 -0.08 42.70 83.39
CA GLN G 1953 0.10 42.19 84.75
C GLN G 1953 -0.97 42.73 85.67
N HIS G 1954 -1.32 44.01 85.52
CA HIS G 1954 -2.40 44.56 86.33
C HIS G 1954 -3.71 43.83 86.08
N ARG G 1955 -4.01 43.56 84.81
CA ARG G 1955 -5.24 42.83 84.49
C ARG G 1955 -5.25 41.46 85.15
N VAL G 1956 -4.13 40.74 85.04
CA VAL G 1956 -4.09 39.38 85.58
C VAL G 1956 -4.21 39.41 87.11
N GLU G 1957 -3.51 40.33 87.76
CA GLU G 1957 -3.59 40.41 89.22
C GLU G 1957 -4.99 40.79 89.67
N SER G 1958 -5.63 41.72 88.98
CA SER G 1958 -6.98 42.10 89.35
C SER G 1958 -7.93 40.93 89.17
N LEU G 1959 -7.75 40.16 88.09
CA LEU G 1959 -8.55 38.96 87.89
C LEU G 1959 -8.34 37.97 89.04
N ALA G 1960 -7.10 37.78 89.47
CA ALA G 1960 -6.83 36.89 90.59
C ALA G 1960 -7.50 37.36 91.87
N ALA G 1961 -7.44 38.66 92.17
CA ALA G 1961 -8.11 39.18 93.36
C ALA G 1961 -9.61 39.00 93.30
N PHE G 1962 -10.21 39.30 92.15
CA PHE G 1962 -11.64 39.06 92.00
C PHE G 1962 -11.97 37.59 92.18
N ALA G 1963 -11.10 36.70 91.69
CA ALA G 1963 -11.29 35.28 91.93
C ALA G 1963 -11.24 34.97 93.41
N GLU G 1964 -10.30 35.57 94.13
CA GLU G 1964 -10.21 35.35 95.57
C GLU G 1964 -11.53 35.70 96.25
N CYS G 1965 -12.13 36.82 95.85
CA CYS G 1965 -13.41 37.19 96.45
C CYS G 1965 -14.53 36.25 96.02
N TYR G 1966 -14.65 35.99 94.72
CA TYR G 1966 -15.82 35.29 94.19
C TYR G 1966 -15.83 33.83 94.60
N VAL G 1967 -14.66 33.19 94.62
CA VAL G 1967 -14.62 31.79 95.02
C VAL G 1967 -15.01 31.65 96.48
N ASP G 1968 -14.58 32.58 97.32
CA ASP G 1968 -15.01 32.55 98.72
C ASP G 1968 -16.52 32.73 98.81
N LYS G 1969 -17.09 33.66 98.04
CA LYS G 1969 -18.53 33.83 98.06
C LYS G 1969 -19.24 32.55 97.62
N MET G 1970 -18.76 31.93 96.55
CA MET G 1970 -19.38 30.71 96.05
C MET G 1970 -19.29 29.59 97.08
N GLN G 1971 -18.14 29.44 97.74
CA GLN G 1971 -17.99 28.39 98.73
C GLN G 1971 -18.92 28.62 99.92
N GLY G 1972 -19.02 29.87 100.40
CA GLY G 1972 -19.95 30.15 101.47
C GLY G 1972 -21.38 29.83 101.08
N ASN G 1973 -21.78 30.25 99.88
CA ASN G 1973 -23.12 29.92 99.41
C ASN G 1973 -23.33 28.42 99.34
N GLN G 1974 -22.35 27.68 98.82
CA GLN G 1974 -22.55 26.24 98.65
C GLN G 1974 -22.64 25.54 100.00
N ARG G 1975 -21.84 25.98 100.97
CA ARG G 1975 -21.95 25.42 102.31
C ARG G 1975 -23.34 25.68 102.89
N GLY G 1976 -23.84 26.91 102.74
CA GLY G 1976 -25.18 27.21 103.22
C GLY G 1976 -26.24 26.35 102.53
N ARG G 1977 -26.12 26.21 101.22
CA ARG G 1977 -27.11 25.43 100.47
C ARG G 1977 -27.07 23.96 100.86
N TYR G 1978 -25.87 23.41 101.04
CA TYR G 1978 -25.76 22.02 101.47
C TYR G 1978 -26.36 21.84 102.86
N GLY G 1979 -26.10 22.78 103.77
CA GLY G 1979 -26.75 22.73 105.07
C GLY G 1979 -28.26 22.73 104.93
N LEU G 1980 -28.79 23.61 104.07
CA LEU G 1980 -30.23 23.64 103.83
C LEU G 1980 -30.74 22.29 103.35
N LEU G 1981 -30.11 21.72 102.33
CA LEU G 1981 -30.60 20.49 101.74
C LEU G 1981 -30.55 19.35 102.75
N MET G 1982 -29.44 19.22 103.48
CA MET G 1982 -29.34 18.14 104.46
C MET G 1982 -30.34 18.33 105.59
N LYS G 1983 -30.52 19.57 106.05
CA LYS G 1983 -31.47 19.82 107.13
C LYS G 1983 -32.89 19.47 106.69
N ALA G 1984 -33.25 19.80 105.46
CA ALA G 1984 -34.57 19.47 104.96
C ALA G 1984 -34.81 17.96 105.05
N PHE G 1985 -35.99 17.59 105.53
CA PHE G 1985 -36.31 16.17 105.66
C PHE G 1985 -36.25 15.47 104.30
N THR G 1986 -36.67 16.16 103.24
CA THR G 1986 -36.57 15.65 101.87
C THR G 1986 -37.09 14.22 101.77
N MET G 1987 -38.40 14.08 102.00
CA MET G 1987 -39.03 12.78 101.92
C MET G 1987 -38.76 12.12 100.58
N SER G 1988 -38.64 12.92 99.52
CA SER G 1988 -38.36 12.40 98.19
C SER G 1988 -36.86 12.14 98.07
N ALA G 1989 -36.48 10.86 98.04
CA ALA G 1989 -35.07 10.52 97.89
C ALA G 1989 -34.53 10.96 96.52
N ALA G 1990 -35.35 10.81 95.48
CA ALA G 1990 -34.89 11.17 94.14
C ALA G 1990 -34.61 12.66 94.03
N GLU G 1991 -35.45 13.50 94.63
CA GLU G 1991 -35.22 14.94 94.56
C GLU G 1991 -33.94 15.33 95.28
N THR G 1992 -33.78 14.87 96.53
CA THR G 1992 -32.53 15.12 97.24
C THR G 1992 -31.37 14.44 96.52
N ALA G 1993 -31.63 13.34 95.82
CA ALA G 1993 -30.57 12.69 95.07
C ALA G 1993 -30.05 13.58 93.95
N ARG G 1994 -30.95 14.16 93.16
CA ARG G 1994 -30.52 15.05 92.10
C ARG G 1994 -29.89 16.32 92.68
N ARG G 1995 -30.38 16.77 93.83
CA ARG G 1995 -29.75 17.92 94.48
C ARG G 1995 -28.32 17.60 94.89
N THR G 1996 -28.08 16.39 95.41
CA THR G 1996 -26.76 15.99 95.88
C THR G 1996 -25.85 15.52 94.75
N ARG G 1997 -26.39 15.32 93.56
CA ARG G 1997 -25.54 15.01 92.42
C ARG G 1997 -24.44 16.06 92.27
N GLU G 1998 -24.79 17.32 92.47
CA GLU G 1998 -23.80 18.40 92.37
C GLU G 1998 -22.64 18.14 93.34
N PHE G 1999 -22.95 17.93 94.61
CA PHE G 1999 -21.90 17.71 95.59
C PHE G 1999 -21.15 16.41 95.32
N ARG G 2000 -21.79 15.47 94.63
CA ARG G 2000 -21.10 14.24 94.24
C ARG G 2000 -20.09 14.50 93.13
N SER G 2001 -20.35 15.50 92.30
CA SER G 2001 -19.45 15.81 91.20
C SER G 2001 -18.10 16.30 91.74
N PRO G 2002 -17.02 16.08 91.01
CA PRO G 2002 -15.71 16.56 91.46
C PRO G 2002 -15.68 18.08 91.60
N PRO G 2003 -14.68 18.64 92.28
CA PRO G 2003 -14.68 20.09 92.51
C PRO G 2003 -14.59 20.92 91.25
N GLN G 2004 -13.77 20.51 90.29
CA GLN G 2004 -13.65 21.30 89.06
C GLN G 2004 -14.97 21.35 88.32
N GLU G 2005 -15.67 20.22 88.22
CA GLU G 2005 -16.99 20.22 87.60
C GLU G 2005 -18.01 20.98 88.41
N GLN G 2006 -17.92 20.95 89.74
CA GLN G 2006 -18.78 21.81 90.55
C GLN G 2006 -18.58 23.26 90.17
N ILE G 2007 -17.32 23.69 90.03
CA ILE G 2007 -17.03 25.07 89.65
C ILE G 2007 -17.61 25.37 88.27
N ASN G 2008 -17.38 24.47 87.30
CA ASN G 2008 -17.86 24.71 85.95
C ASN G 2008 -19.38 24.85 85.94
N MET G 2009 -20.08 23.92 86.59
CA MET G 2009 -21.53 23.96 86.60
C MET G 2009 -22.04 25.20 87.33
N LEU G 2010 -21.35 25.61 88.39
CA LEU G 2010 -21.77 26.81 89.11
C LEU G 2010 -21.60 28.06 88.25
N LEU G 2011 -20.52 28.14 87.49
CA LEU G 2011 -20.24 29.32 86.69
C LEU G 2011 -20.98 29.34 85.36
N HIS G 2012 -21.53 28.21 84.91
CA HIS G 2012 -22.17 28.14 83.61
C HIS G 2012 -23.53 28.84 83.63
N PHE G 2013 -23.48 30.17 83.71
CA PHE G 2013 -24.68 30.99 83.67
C PHE G 2013 -24.47 32.28 82.88
N LYS G 2014 -23.51 32.27 81.96
CA LYS G 2014 -23.25 33.48 81.18
C LYS G 2014 -24.47 33.88 80.35
N ASN G 2015 -25.06 32.93 79.65
CA ASN G 2015 -26.19 33.21 78.78
C ASN G 2015 -27.53 33.20 79.50
N GLY G 2016 -27.52 32.91 80.81
CA GLY G 2016 -28.76 32.87 81.56
C GLY G 2016 -29.25 31.45 81.79
N ALA G 2017 -29.23 31.02 83.04
CA ALA G 2017 -29.70 29.70 83.43
C ALA G 2017 -30.58 29.79 84.66
N ASP G 2018 -31.57 28.91 84.74
CA ASP G 2018 -32.51 28.95 85.83
C ASP G 2018 -31.86 28.45 87.13
N GLU G 2019 -32.63 28.54 88.22
CA GLU G 2019 -32.10 28.14 89.52
C GLU G 2019 -31.72 26.67 89.53
N GLU G 2020 -32.55 25.82 88.93
CA GLU G 2020 -32.25 24.40 88.90
C GLU G 2020 -30.95 24.12 88.16
N GLU G 2021 -30.76 24.77 87.00
CA GLU G 2021 -29.58 24.49 86.19
C GLU G 2021 -28.32 25.05 86.85
N CYS G 2022 -28.41 26.25 87.40
CA CYS G 2022 -27.29 26.88 88.11
C CYS G 2022 -27.73 27.31 89.50
N PRO G 2023 -27.52 26.51 90.54
CA PRO G 2023 -27.97 26.90 91.90
C PRO G 2023 -27.14 28.05 92.46
N LEU G 2024 -27.23 29.22 91.83
CA LEU G 2024 -26.45 30.37 92.23
C LEU G 2024 -27.37 31.58 92.33
N PRO G 2025 -27.32 32.34 93.43
CA PRO G 2025 -28.25 33.47 93.58
C PRO G 2025 -28.00 34.56 92.56
N GLU G 2026 -29.06 35.30 92.24
CA GLU G 2026 -28.94 36.34 91.23
C GLU G 2026 -28.00 37.44 91.67
N GLU G 2027 -28.05 37.81 92.95
CA GLU G 2027 -27.15 38.87 93.43
C GLU G 2027 -25.70 38.45 93.31
N ILE G 2028 -25.40 37.16 93.56
CA ILE G 2028 -24.04 36.68 93.40
C ILE G 2028 -23.66 36.67 91.92
N ARG G 2029 -24.58 36.22 91.06
CA ARG G 2029 -24.31 36.25 89.62
C ARG G 2029 -23.97 37.66 89.16
N GLN G 2030 -24.64 38.66 89.75
CA GLN G 2030 -24.45 40.03 89.29
C GLN G 2030 -23.03 40.51 89.52
N GLU G 2031 -22.39 40.04 90.59
CA GLU G 2031 -20.99 40.40 90.81
C GLU G 2031 -20.12 39.96 89.64
N LEU G 2032 -20.27 38.70 89.22
CA LEU G 2032 -19.49 38.21 88.09
C LEU G 2032 -19.85 38.96 86.81
N VAL G 2033 -21.14 39.25 86.61
CA VAL G 2033 -21.52 39.98 85.39
C VAL G 2033 -20.85 41.35 85.36
N ASN G 2034 -20.91 42.07 86.47
CA ASN G 2034 -20.29 43.39 86.53
C ASN G 2034 -18.80 43.31 86.33
N PHE G 2035 -18.16 42.31 86.95
CA PHE G 2035 -16.71 42.19 86.79
C PHE G 2035 -16.35 41.84 85.36
N HIS G 2036 -17.15 41.02 84.70
CA HIS G 2036 -16.88 40.71 83.29
C HIS G 2036 -17.01 41.96 82.45
N GLN G 2037 -18.01 42.79 82.71
CA GLN G 2037 -18.14 44.05 81.99
C GLN G 2037 -16.92 44.93 82.23
N ASP G 2038 -16.46 45.01 83.48
CA ASP G 2038 -15.29 45.83 83.78
C ASP G 2038 -14.05 45.30 83.09
N LEU G 2039 -13.88 43.98 83.06
CA LEU G 2039 -12.72 43.40 82.41
C LEU G 2039 -12.74 43.67 80.91
N LEU G 2040 -13.92 43.55 80.29
CA LEU G 2040 -14.01 43.86 78.86
C LEU G 2040 -13.69 45.32 78.61
N ALA G 2041 -14.21 46.22 79.44
CA ALA G 2041 -13.90 47.63 79.26
C ALA G 2041 -12.41 47.89 79.40
N HIS G 2042 -11.77 47.26 80.39
CA HIS G 2042 -10.33 47.42 80.57
C HIS G 2042 -9.57 46.92 79.36
N CYS G 2043 -9.95 45.76 78.84
CA CYS G 2043 -9.33 45.24 77.64
C CYS G 2043 -9.66 46.06 76.41
N GLY G 2044 -10.62 46.97 76.50
CA GLY G 2044 -10.98 47.80 75.38
C GLY G 2044 -11.97 47.18 74.42
N ILE G 2045 -12.46 45.98 74.72
CA ILE G 2045 -13.40 45.31 73.81
C ILE G 2045 -14.63 46.18 73.59
N GLN G 2046 -15.17 46.74 74.66
CA GLN G 2046 -16.32 47.62 74.54
C GLN G 2046 -15.94 48.81 73.66
N LEU G 2047 -16.85 49.18 72.77
CA LEU G 2047 -16.63 50.30 71.86
C LEU G 2047 -17.92 51.08 71.62
N GLU G 2089 -10.89 58.95 70.15
CA GLU G 2089 -11.13 60.34 69.79
C GLU G 2089 -9.94 60.89 69.01
N HIS G 2090 -9.95 62.20 68.76
CA HIS G 2090 -8.78 62.83 68.14
C HIS G 2090 -7.53 62.58 68.96
N LYS G 2091 -7.59 62.85 70.24
CA LYS G 2091 -6.47 62.56 71.13
C LYS G 2091 -6.70 61.20 71.80
N PRO G 2092 -5.65 60.45 72.12
CA PRO G 2092 -5.87 59.09 72.63
C PRO G 2092 -6.68 59.01 73.91
N GLN G 2093 -6.20 59.64 74.99
CA GLN G 2093 -6.75 59.54 76.33
C GLN G 2093 -6.61 58.14 76.93
N SER G 2094 -5.86 57.24 76.30
CA SER G 2094 -5.68 55.89 76.82
C SER G 2094 -4.38 55.33 76.29
N LEU G 2095 -3.81 54.38 77.06
CA LEU G 2095 -2.58 53.75 76.60
C LEU G 2095 -2.83 52.93 75.33
N GLN G 2096 -3.94 52.20 75.30
CA GLN G 2096 -4.25 51.40 74.12
C GLN G 2096 -4.28 52.26 72.87
N GLU G 2097 -5.05 53.34 72.91
CA GLU G 2097 -5.20 54.19 71.75
C GLU G 2097 -3.91 54.95 71.45
N LEU G 2098 -3.18 55.36 72.48
CA LEU G 2098 -1.91 56.04 72.22
C LEU G 2098 -0.97 55.15 71.45
N VAL G 2099 -0.80 53.90 71.90
CA VAL G 2099 0.12 53.00 71.21
C VAL G 2099 -0.35 52.71 69.80
N SER G 2100 -1.64 52.39 69.64
CA SER G 2100 -2.14 52.08 68.30
C SER G 2100 -1.95 53.25 67.37
N HIS G 2101 -2.39 54.44 67.78
CA HIS G 2101 -2.31 55.61 66.92
C HIS G 2101 -0.87 55.96 66.60
N THR G 2102 0.03 55.87 67.58
CA THR G 2102 1.42 56.20 67.32
C THR G 2102 2.05 55.24 66.32
N VAL G 2103 1.81 53.94 66.48
CA VAL G 2103 2.38 52.96 65.56
C VAL G 2103 1.85 53.21 64.15
N VAL G 2104 0.55 53.42 64.02
CA VAL G 2104 -0.03 53.66 62.71
C VAL G 2104 0.54 54.94 62.11
N ARG G 2105 0.72 55.97 62.95
CA ARG G 2105 1.25 57.23 62.45
C ARG G 2105 2.66 57.07 61.93
N TRP G 2106 3.51 56.34 62.66
CA TRP G 2106 4.86 56.10 62.16
C TRP G 2106 4.84 55.35 60.84
N ALA G 2107 4.08 54.25 60.77
CA ALA G 2107 4.03 53.47 59.55
C ALA G 2107 3.51 54.29 58.38
N GLN G 2108 2.58 55.22 58.63
CA GLN G 2108 2.08 56.06 57.55
C GLN G 2108 3.10 57.11 57.15
N GLU G 2109 3.77 57.72 58.13
CA GLU G 2109 4.68 58.81 57.83
C GLU G 2109 5.87 58.32 57.01
N ASP G 2110 6.42 57.16 57.37
CA ASP G 2110 7.65 56.73 56.73
C ASP G 2110 7.59 55.25 56.37
N PHE G 2111 8.36 54.88 55.36
CA PHE G 2111 8.53 53.48 54.98
C PHE G 2111 9.61 52.88 55.86
N VAL G 2112 9.21 52.33 57.01
CA VAL G 2112 10.18 51.84 57.98
C VAL G 2112 11.05 50.78 57.32
N GLN G 2113 12.37 50.95 57.45
CA GLN G 2113 13.33 50.04 56.83
C GLN G 2113 14.03 49.13 57.82
N SER G 2114 13.89 49.36 59.11
CA SER G 2114 14.53 48.50 60.08
C SER G 2114 13.62 47.32 60.40
N PRO G 2115 13.99 46.09 60.02
CA PRO G 2115 13.07 44.97 60.28
C PRO G 2115 12.78 44.78 61.76
N GLU G 2116 13.75 44.99 62.63
CA GLU G 2116 13.51 44.86 64.06
C GLU G 2116 12.48 45.88 64.53
N LEU G 2117 12.61 47.12 64.06
CA LEU G 2117 11.63 48.14 64.41
C LEU G 2117 10.24 47.75 63.92
N VAL G 2118 10.15 47.27 62.67
CA VAL G 2118 8.84 46.91 62.12
C VAL G 2118 8.21 45.80 62.95
N ARG G 2119 9.01 44.78 63.26
CA ARG G 2119 8.51 43.69 64.09
C ARG G 2119 8.00 44.21 65.42
N ALA G 2120 8.77 45.10 66.05
CA ALA G 2120 8.37 45.63 67.35
C ALA G 2120 7.04 46.37 67.25
N MET G 2121 6.93 47.30 66.30
CA MET G 2121 5.74 48.13 66.26
C MET G 2121 4.51 47.29 65.92
N PHE G 2122 4.66 46.32 65.03
CA PHE G 2122 3.48 45.53 64.66
C PHE G 2122 3.08 44.57 65.78
N SER G 2123 4.06 44.05 66.53
CA SER G 2123 3.70 43.27 67.71
C SER G 2123 2.93 44.14 68.71
N LEU G 2124 3.40 45.37 68.93
CA LEU G 2124 2.69 46.26 69.83
C LEU G 2124 1.28 46.52 69.35
N LEU G 2125 1.11 46.78 68.05
CA LEU G 2125 -0.21 47.05 67.52
C LEU G 2125 -1.13 45.85 67.70
N HIS G 2126 -0.61 44.64 67.45
CA HIS G 2126 -1.42 43.45 67.64
C HIS G 2126 -1.87 43.33 69.08
N ARG G 2127 -0.96 43.56 70.03
CA ARG G 2127 -1.34 43.47 71.44
C ARG G 2127 -2.42 44.48 71.77
N GLN G 2128 -2.27 45.72 71.30
CA GLN G 2128 -3.28 46.73 71.60
C GLN G 2128 -4.63 46.38 70.99
N TYR G 2129 -4.65 45.89 69.75
CA TYR G 2129 -5.93 45.59 69.12
C TYR G 2129 -6.61 44.39 69.78
N ASP G 2130 -5.87 43.31 69.99
CA ASP G 2130 -6.45 42.10 70.59
C ASP G 2130 -6.16 42.05 72.10
N GLY G 2131 -6.83 42.93 72.84
CA GLY G 2131 -6.66 42.96 74.27
C GLY G 2131 -7.04 41.66 74.95
N LEU G 2132 -8.19 41.09 74.61
CA LEU G 2132 -8.65 39.87 75.26
C LEU G 2132 -7.73 38.70 74.93
N GLY G 2133 -7.22 38.65 73.71
CA GLY G 2133 -6.37 37.53 73.32
C GLY G 2133 -5.11 37.45 74.17
N GLU G 2134 -4.50 38.59 74.48
CA GLU G 2134 -3.30 38.57 75.31
C GLU G 2134 -3.61 38.05 76.70
N LEU G 2135 -4.72 38.49 77.29
CA LEU G 2135 -5.10 37.97 78.59
C LEU G 2135 -5.35 36.47 78.53
N LEU G 2136 -6.01 36.01 77.46
CA LEU G 2136 -6.29 34.59 77.32
C LEU G 2136 -5.00 33.79 77.23
N ARG G 2137 -4.01 34.28 76.49
CA ARG G 2137 -2.74 33.57 76.37
C ARG G 2137 -1.91 33.68 77.63
N ALA G 2138 -2.13 34.73 78.43
CA ALA G 2138 -1.31 34.94 79.61
C ALA G 2138 -1.82 34.13 80.80
N LEU G 2139 -3.14 33.95 80.90
CA LEU G 2139 -3.70 33.28 82.07
C LEU G 2139 -3.09 31.92 82.35
N PRO G 2140 -2.79 31.08 81.35
CA PRO G 2140 -2.19 29.79 81.66
C PRO G 2140 -0.95 29.90 82.54
N ARG G 2141 -0.16 30.95 82.35
CA ARG G 2141 1.05 31.11 83.15
C ARG G 2141 0.73 31.69 84.53
N ALA G 2142 -0.51 32.11 84.75
CA ALA G 2142 -0.89 32.65 86.04
C ALA G 2142 -1.05 31.55 87.08
N TYR G 2143 -0.92 31.91 88.34
CA TYR G 2143 -1.15 30.97 89.43
C TYR G 2143 -1.37 31.76 90.71
N THR G 2144 -2.09 31.14 91.65
CA THR G 2144 -2.34 31.72 92.96
C THR G 2144 -1.81 30.78 94.02
N ILE G 2145 -1.15 31.34 95.04
CA ILE G 2145 -0.55 30.56 96.11
C ILE G 2145 -0.95 31.18 97.44
N SER G 2146 -1.02 30.34 98.47
CA SER G 2146 -1.32 30.83 99.80
C SER G 2146 -0.13 31.58 100.38
N VAL G 2147 -0.41 32.39 101.40
CA VAL G 2147 0.63 33.22 101.99
C VAL G 2147 1.76 32.35 102.55
N SER G 2148 1.40 31.23 103.18
CA SER G 2148 2.41 30.41 103.85
C SER G 2148 3.39 29.81 102.85
N SER G 2149 3.03 29.75 101.57
CA SER G 2149 3.91 29.20 100.56
C SER G 2149 4.81 30.24 99.91
N VAL G 2150 4.71 31.50 100.32
CA VAL G 2150 5.43 32.57 99.62
C VAL G 2150 6.93 32.38 99.73
N GLU G 2151 7.42 32.07 100.94
CA GLU G 2151 8.86 31.98 101.13
C GLU G 2151 9.44 30.83 100.31
N ASP G 2152 8.79 29.67 100.36
CA ASP G 2152 9.27 28.54 99.58
C ASP G 2152 9.21 28.84 98.10
N THR G 2153 8.15 29.51 97.65
CA THR G 2153 8.05 29.85 96.24
C THR G 2153 9.18 30.80 95.83
N MET G 2154 9.52 31.75 96.68
CA MET G 2154 10.62 32.65 96.36
C MET G 2154 11.94 31.91 96.26
N SER G 2155 12.22 31.01 97.19
CA SER G 2155 13.44 30.21 97.09
C SER G 2155 13.45 29.43 95.77
N LEU G 2156 12.33 28.80 95.44
CA LEU G 2156 12.25 28.01 94.22
C LEU G 2156 12.44 28.88 92.99
N LEU G 2157 11.88 30.08 93.00
CA LEU G 2157 12.05 30.98 91.86
C LEU G 2157 13.50 31.39 91.70
N GLU G 2158 14.20 31.64 92.80
CA GLU G 2158 15.63 31.95 92.69
C GLU G 2158 16.40 30.79 92.08
N CYS G 2159 16.11 29.57 92.53
CA CYS G 2159 16.81 28.41 91.94
C CYS G 2159 16.49 28.28 90.46
N LEU G 2160 15.23 28.47 90.09
CA LEU G 2160 14.85 28.39 88.68
C LEU G 2160 15.54 29.46 87.87
N GLY G 2161 15.69 30.66 88.43
CA GLY G 2161 16.43 31.70 87.74
C GLY G 2161 17.89 31.31 87.54
N GLN G 2162 18.48 30.66 88.53
CA GLN G 2162 19.85 30.17 88.36
C GLN G 2162 19.92 29.18 87.19
N ILE G 2163 18.97 28.25 87.12
CA ILE G 2163 18.97 27.29 86.02
C ILE G 2163 18.81 28.00 84.68
N ARG G 2164 17.88 28.95 84.61
CA ARG G 2164 17.66 29.68 83.37
C ARG G 2164 18.91 30.42 82.95
N SER G 2165 19.63 31.00 83.91
CA SER G 2165 20.90 31.66 83.60
C SER G 2165 21.91 30.66 83.08
N LEU G 2166 21.98 29.48 83.69
CA LEU G 2166 22.88 28.45 83.20
C LEU G 2166 22.57 28.07 81.76
N LEU G 2167 21.30 28.20 81.36
CA LEU G 2167 20.92 27.81 80.00
C LEU G 2167 21.84 28.46 78.96
N ILE G 2168 22.05 29.77 79.06
CA ILE G 2168 22.74 30.50 77.99
C ILE G 2168 24.22 30.12 77.91
N VAL G 2169 24.90 30.02 79.05
CA VAL G 2169 26.33 29.77 79.02
C VAL G 2169 26.59 28.38 78.46
N GLN G 2170 27.84 28.17 78.02
CA GLN G 2170 28.32 26.83 77.72
C GLN G 2170 28.79 26.19 79.02
N MET G 2171 29.11 24.91 78.96
CA MET G 2171 29.18 24.12 80.19
C MET G 2171 30.60 24.06 80.73
N GLY G 2172 30.71 24.09 82.06
CA GLY G 2172 31.97 23.93 82.75
C GLY G 2172 31.75 23.45 84.17
N PRO G 2173 32.83 23.08 84.87
CA PRO G 2173 32.67 22.50 86.22
C PRO G 2173 31.92 23.40 87.19
N GLN G 2174 32.17 24.71 87.15
CA GLN G 2174 31.43 25.62 88.01
C GLN G 2174 29.93 25.55 87.72
N GLU G 2175 29.57 25.54 86.44
CA GLU G 2175 28.17 25.41 86.08
C GLU G 2175 27.61 24.08 86.54
N GLU G 2176 28.41 23.01 86.46
CA GLU G 2176 27.93 21.72 86.91
C GLU G 2176 27.60 21.76 88.40
N ASN G 2177 28.51 22.31 89.20
CA ASN G 2177 28.24 22.42 90.63
C ASN G 2177 26.98 23.22 90.89
N LEU G 2178 26.89 24.41 90.29
CA LEU G 2178 25.71 25.25 90.50
C LEU G 2178 24.44 24.53 90.10
N MET G 2179 24.47 23.84 88.95
CA MET G 2179 23.29 23.18 88.44
C MET G 2179 22.85 22.07 89.39
N ILE G 2180 23.82 21.33 89.93
CA ILE G 2180 23.49 20.26 90.88
C ILE G 2180 22.86 20.85 92.14
N GLN G 2181 23.46 21.90 92.70
CA GLN G 2181 22.86 22.43 93.93
C GLN G 2181 21.48 23.03 93.65
N SER G 2182 21.28 23.64 92.48
CA SER G 2182 19.97 24.17 92.15
C SER G 2182 18.93 23.06 92.06
N ILE G 2183 19.27 21.96 91.38
CA ILE G 2183 18.33 20.85 91.29
C ILE G 2183 18.03 20.28 92.66
N GLY G 2184 19.06 20.11 93.48
CA GLY G 2184 18.82 19.62 94.83
C GLY G 2184 17.91 20.51 95.63
N ASN G 2185 18.13 21.82 95.59
CA ASN G 2185 17.28 22.74 96.32
C ASN G 2185 15.85 22.68 95.80
N ILE G 2186 15.69 22.61 94.47
CA ILE G 2186 14.34 22.55 93.91
C ILE G 2186 13.61 21.31 94.41
N MET G 2187 14.25 20.15 94.32
CA MET G 2187 13.55 18.93 94.76
C MET G 2187 13.31 18.95 96.26
N ASN G 2188 14.17 19.61 97.04
CA ASN G 2188 13.93 19.70 98.46
C ASN G 2188 12.80 20.67 98.79
N ASN G 2189 12.52 21.61 97.89
CA ASN G 2189 11.43 22.55 98.13
C ASN G 2189 10.09 21.82 98.19
N LYS G 2190 9.26 22.21 99.16
CA LYS G 2190 7.96 21.56 99.34
C LYS G 2190 7.03 21.87 98.18
N VAL G 2191 7.13 23.08 97.64
CA VAL G 2191 6.22 23.49 96.56
C VAL G 2191 6.33 22.52 95.40
N PHE G 2192 7.52 21.98 95.17
CA PHE G 2192 7.69 21.01 94.09
C PHE G 2192 6.75 19.83 94.27
N TYR G 2193 6.39 19.51 95.50
CA TYR G 2193 5.39 18.47 95.73
C TYR G 2193 3.98 19.03 95.69
N GLN G 2194 3.75 20.17 96.36
CA GLN G 2194 2.37 20.61 96.58
C GLN G 2194 1.79 21.44 95.45
N HIS G 2195 2.51 21.69 94.36
CA HIS G 2195 2.02 22.55 93.29
C HIS G 2195 2.58 22.11 91.94
N PRO G 2196 2.32 20.88 91.52
CA PRO G 2196 2.83 20.44 90.21
C PRO G 2196 2.33 21.29 89.06
N ASN G 2197 1.08 21.75 89.12
CA ASN G 2197 0.55 22.60 88.06
C ASN G 2197 1.38 23.87 87.94
N LEU G 2198 1.67 24.51 89.08
CA LEU G 2198 2.58 25.64 89.07
C LEU G 2198 3.90 25.28 88.42
N MET G 2199 4.37 24.05 88.62
CA MET G 2199 5.69 23.70 88.12
C MET G 2199 5.66 23.54 86.61
N ARG G 2200 4.62 22.92 86.06
CA ARG G 2200 4.46 22.90 84.61
C ARG G 2200 4.30 24.30 84.04
N ALA G 2201 3.57 25.17 84.75
CA ALA G 2201 3.41 26.55 84.28
C ALA G 2201 4.76 27.24 84.21
N LEU G 2202 5.55 27.16 85.27
CA LEU G 2202 6.91 27.69 85.22
C LEU G 2202 7.72 27.00 84.14
N GLY G 2203 7.31 25.79 83.76
CA GLY G 2203 7.97 25.05 82.72
C GLY G 2203 9.38 24.61 83.04
N MET G 2204 9.63 24.07 84.24
CA MET G 2204 10.98 23.61 84.54
C MET G 2204 11.37 22.47 83.63
N HIS G 2205 10.51 21.47 83.46
CA HIS G 2205 10.92 20.26 82.77
C HIS G 2205 11.52 20.59 81.41
N GLU G 2206 10.95 21.56 80.70
CA GLU G 2206 11.57 22.00 79.44
C GLU G 2206 12.97 22.55 79.70
N THR G 2207 13.13 23.34 80.76
CA THR G 2207 14.45 23.93 81.02
C THR G 2207 15.49 22.87 81.33
N VAL G 2208 15.16 21.97 82.26
CA VAL G 2208 16.10 20.92 82.64
C VAL G 2208 16.39 20.02 81.44
N MET G 2209 15.37 19.71 80.65
CA MET G 2209 15.59 18.90 79.47
C MET G 2209 16.49 19.62 78.48
N GLU G 2210 16.34 20.93 78.35
CA GLU G 2210 17.20 21.69 77.45
C GLU G 2210 18.64 21.64 77.91
N VAL G 2211 18.89 21.82 79.19
CA VAL G 2211 20.26 21.75 79.69
C VAL G 2211 20.83 20.35 79.47
N MET G 2212 20.04 19.32 79.79
CA MET G 2212 20.51 17.95 79.66
C MET G 2212 20.84 17.63 78.20
N VAL G 2213 19.99 18.10 77.28
CA VAL G 2213 20.20 17.76 75.88
C VAL G 2213 21.34 18.59 75.30
N ASN G 2214 21.58 19.77 75.86
CA ASN G 2214 22.79 20.50 75.48
C ASN G 2214 24.04 19.71 75.85
N VAL G 2215 24.11 19.23 77.11
CA VAL G 2215 25.29 18.46 77.50
C VAL G 2215 25.38 17.13 76.75
N LEU G 2216 24.24 16.54 76.37
CA LEU G 2216 24.29 15.32 75.57
C LEU G 2216 24.77 15.58 74.15
N GLY G 2217 24.26 16.64 73.51
CA GLY G 2217 24.74 16.98 72.19
C GLY G 2217 26.21 17.35 72.19
N GLY G 2218 26.70 17.86 73.31
CA GLY G 2218 28.13 18.07 73.45
C GLY G 2218 28.89 16.79 73.19
N GLY G 2219 29.61 16.73 72.07
CA GLY G 2219 30.31 15.52 71.68
C GLY G 2219 29.36 14.40 71.27
N GLU G 2220 28.61 14.61 70.18
CA GLU G 2220 27.60 13.65 69.77
C GLU G 2220 28.20 12.25 69.60
N SER G 2221 29.26 12.13 68.82
CA SER G 2221 29.94 10.86 68.61
C SER G 2221 31.35 10.84 69.18
N LYS G 2222 31.78 11.94 69.81
CA LYS G 2222 33.13 12.03 70.36
C LYS G 2222 33.21 11.50 71.78
N GLU G 2223 32.49 12.13 72.71
CA GLU G 2223 32.52 11.69 74.11
C GLU G 2223 31.48 12.46 74.91
N ILE G 2224 30.93 11.81 75.94
CA ILE G 2224 29.93 12.47 76.78
C ILE G 2224 30.63 13.18 77.94
N ARG G 2225 30.18 14.40 78.22
CA ARG G 2225 30.77 15.23 79.26
C ARG G 2225 29.75 15.51 80.35
N PHE G 2226 30.26 15.65 81.57
CA PHE G 2226 29.46 15.96 82.74
C PHE G 2226 28.43 14.86 83.05
N PRO G 2227 28.89 13.62 83.24
CA PRO G 2227 27.96 12.56 83.64
C PRO G 2227 27.22 12.88 84.92
N LYS G 2228 27.85 13.62 85.84
CA LYS G 2228 27.16 13.96 87.07
C LYS G 2228 25.93 14.82 86.79
N MET G 2229 26.06 15.85 85.97
CA MET G 2229 24.89 16.63 85.62
C MET G 2229 23.87 15.79 84.88
N VAL G 2230 24.31 14.97 83.92
CA VAL G 2230 23.33 14.22 83.14
C VAL G 2230 22.53 13.30 84.07
N THR G 2231 23.22 12.65 85.01
CA THR G 2231 22.53 11.82 85.99
C THR G 2231 21.57 12.64 86.84
N SER G 2232 22.00 13.82 87.30
CA SER G 2232 21.12 14.63 88.12
C SER G 2232 19.88 15.06 87.35
N CYS G 2233 20.06 15.46 86.09
CA CYS G 2233 18.93 15.87 85.27
C CYS G 2233 17.95 14.72 85.08
N CYS G 2234 18.47 13.52 84.76
CA CYS G 2234 17.59 12.38 84.55
C CYS G 2234 16.85 12.02 85.83
N ARG G 2235 17.54 12.07 86.98
CA ARG G 2235 16.88 11.79 88.24
C ARG G 2235 15.79 12.80 88.53
N PHE G 2236 16.07 14.08 88.29
CA PHE G 2236 15.07 15.11 88.51
C PHE G 2236 13.85 14.88 87.62
N LEU G 2237 14.08 14.56 86.36
CA LEU G 2237 12.96 14.34 85.45
C LEU G 2237 12.15 13.12 85.85
N CYS G 2238 12.82 12.06 86.30
CA CYS G 2238 12.08 10.88 86.76
C CYS G 2238 11.21 11.23 87.96
N TYR G 2239 11.77 11.99 88.92
CA TYR G 2239 10.98 12.38 90.07
C TYR G 2239 9.82 13.28 89.65
N PHE G 2240 10.06 14.17 88.68
CA PHE G 2240 9.00 15.00 88.14
C PHE G 2240 7.88 14.16 87.55
N CYS G 2241 8.24 13.12 86.80
CA CYS G 2241 7.23 12.20 86.28
C CYS G 2241 6.45 11.55 87.40
N ARG G 2242 7.13 11.16 88.48
CA ARG G 2242 6.45 10.48 89.57
C ARG G 2242 5.55 11.39 90.38
N ILE G 2243 5.78 12.71 90.37
CA ILE G 2243 4.97 13.61 91.20
C ILE G 2243 3.49 13.46 90.87
N SER G 2244 3.13 13.56 89.59
CA SER G 2244 1.74 13.56 89.20
C SER G 2244 1.62 13.15 87.74
N ARG G 2245 0.51 12.48 87.42
CA ARG G 2245 0.37 11.90 86.10
C ARG G 2245 0.29 12.95 85.00
N GLN G 2246 -0.18 14.16 85.31
CA GLN G 2246 -0.13 15.22 84.31
C GLN G 2246 1.30 15.49 83.89
N ASN G 2247 2.22 15.57 84.87
CA ASN G 2247 3.63 15.71 84.55
C ASN G 2247 4.09 14.56 83.67
N GLN G 2248 3.59 13.36 83.95
CA GLN G 2248 3.98 12.20 83.16
C GLN G 2248 3.54 12.35 81.72
N ARG G 2249 2.33 12.87 81.49
CA ARG G 2249 1.89 13.16 80.14
C ARG G 2249 2.77 14.21 79.48
N SER G 2250 3.13 15.24 80.24
CA SER G 2250 3.97 16.30 79.68
C SER G 2250 5.30 15.73 79.21
N MET G 2251 5.91 14.84 80.00
CA MET G 2251 7.18 14.25 79.57
C MET G 2251 6.97 13.26 78.44
N PHE G 2252 5.86 12.53 78.45
CA PHE G 2252 5.55 11.66 77.33
C PHE G 2252 5.52 12.44 76.03
N ASP G 2253 5.09 13.69 76.08
CA ASP G 2253 5.07 14.51 74.87
C ASP G 2253 6.46 14.59 74.23
N HIS G 2254 7.50 14.76 75.04
CA HIS G 2254 8.88 14.79 74.55
C HIS G 2254 9.52 13.41 74.51
N LEU G 2255 8.78 12.37 74.85
CA LEU G 2255 9.32 11.01 74.84
C LEU G 2255 10.25 10.77 73.66
N SER G 2256 9.75 10.91 72.43
CA SER G 2256 10.53 10.52 71.26
C SER G 2256 11.88 11.19 71.25
N TYR G 2257 11.96 12.44 71.70
CA TYR G 2257 13.22 13.16 71.71
C TYR G 2257 14.21 12.51 72.68
N LEU G 2258 13.71 12.07 73.84
CA LEU G 2258 14.57 11.36 74.77
C LEU G 2258 15.11 10.07 74.17
N LEU G 2259 14.26 9.32 73.47
CA LEU G 2259 14.76 8.13 72.79
C LEU G 2259 15.77 8.51 71.72
N GLU G 2260 15.59 9.68 71.08
CA GLU G 2260 16.57 10.13 70.12
C GLU G 2260 17.93 10.34 70.76
N ASN G 2261 17.96 10.93 71.94
CA ASN G 2261 19.22 11.20 72.63
C ASN G 2261 19.70 10.02 73.47
N SER G 2262 18.92 8.95 73.56
CA SER G 2262 19.30 7.78 74.33
C SER G 2262 20.37 6.93 73.65
N GLY G 2263 20.99 7.43 72.59
CA GLY G 2263 21.99 6.65 71.87
C GLY G 2263 23.14 6.17 72.73
N ILE G 2264 23.44 6.89 73.81
CA ILE G 2264 24.51 6.51 74.73
C ILE G 2264 23.95 5.52 75.73
N GLY G 2265 24.65 4.39 75.89
CA GLY G 2265 24.25 3.38 76.84
C GLY G 2265 25.35 3.03 77.82
N LEU G 2266 25.00 2.91 79.09
CA LEU G 2266 25.89 2.53 80.19
C LEU G 2266 26.88 3.64 80.55
N GLY G 2267 26.91 4.74 79.79
CA GLY G 2267 27.85 5.81 80.11
C GLY G 2267 27.62 6.39 81.49
N MET G 2268 26.36 6.68 81.82
CA MET G 2268 26.05 7.28 83.12
C MET G 2268 26.38 6.33 84.25
N GLN G 2269 25.96 5.07 84.15
CA GLN G 2269 25.98 4.12 85.24
C GLN G 2269 24.88 4.46 86.26
N GLY G 2270 24.18 5.57 86.04
CA GLY G 2270 23.08 5.97 86.90
C GLY G 2270 21.80 6.16 86.11
N SER G 2271 21.15 7.31 86.28
CA SER G 2271 19.96 7.61 85.50
C SER G 2271 20.33 8.10 84.11
N THR G 2272 19.49 7.78 83.15
CA THR G 2272 19.71 8.07 81.74
C THR G 2272 18.42 8.53 81.09
N PRO G 2273 18.50 9.21 79.94
CA PRO G 2273 17.26 9.59 79.25
C PRO G 2273 16.37 8.40 78.97
N LEU G 2274 16.95 7.21 78.79
CA LEU G 2274 16.13 6.02 78.67
C LEU G 2274 15.35 5.78 79.96
N ASP G 2275 15.98 5.97 81.12
CA ASP G 2275 15.25 5.87 82.37
C ASP G 2275 14.16 6.92 82.46
N VAL G 2276 14.43 8.12 81.95
CA VAL G 2276 13.40 9.16 81.93
C VAL G 2276 12.20 8.70 81.12
N ALA G 2277 12.46 8.14 79.94
CA ALA G 2277 11.35 7.66 79.10
C ALA G 2277 10.59 6.53 79.79
N ALA G 2278 11.31 5.60 80.41
CA ALA G 2278 10.64 4.52 81.12
C ALA G 2278 9.75 5.06 82.23
N ALA G 2279 10.25 6.01 83.02
CA ALA G 2279 9.43 6.62 84.05
C ALA G 2279 8.26 7.37 83.44
N SER G 2280 8.45 7.91 82.24
CA SER G 2280 7.37 8.63 81.57
C SER G 2280 6.23 7.70 81.18
N VAL G 2281 6.55 6.48 80.76
CA VAL G 2281 5.54 5.58 80.24
C VAL G 2281 5.15 4.49 81.23
N ILE G 2282 5.70 4.50 82.44
CA ILE G 2282 5.48 3.41 83.38
C ILE G 2282 4.10 3.54 84.02
N ASP G 2283 3.43 2.40 84.18
CA ASP G 2283 2.17 2.31 84.92
C ASP G 2283 1.19 3.41 84.51
N ASN G 2284 0.83 3.41 83.23
CA ASN G 2284 -0.16 4.36 82.73
C ASN G 2284 -0.78 3.74 81.48
N ASN G 2285 -1.99 3.20 81.62
CA ASN G 2285 -2.65 2.57 80.48
C ASN G 2285 -2.82 3.56 79.34
N GLU G 2286 -3.28 4.77 79.65
CA GLU G 2286 -3.55 5.75 78.61
C GLU G 2286 -2.30 6.06 77.81
N LEU G 2287 -1.20 6.39 78.48
CA LEU G 2287 0.03 6.72 77.80
C LEU G 2287 0.66 5.53 77.08
N ALA G 2288 0.63 4.35 77.70
CA ALA G 2288 1.16 3.17 77.02
C ALA G 2288 0.40 2.89 75.73
N LEU G 2289 -0.92 3.08 75.74
CA LEU G 2289 -1.69 2.95 74.52
C LEU G 2289 -1.32 4.02 73.52
N ALA G 2290 -1.12 5.26 74.00
CA ALA G 2290 -0.71 6.35 73.13
C ALA G 2290 0.69 6.19 72.58
N LEU G 2291 1.47 5.25 73.10
CA LEU G 2291 2.85 5.08 72.65
C LEU G 2291 2.89 4.82 71.15
N GLN G 2292 3.95 5.33 70.50
CA GLN G 2292 4.00 5.33 69.04
C GLN G 2292 4.83 4.18 68.50
N GLU G 2293 4.32 3.62 67.39
CA GLU G 2293 5.01 2.52 66.74
C GLU G 2293 6.41 2.94 66.29
N GLN G 2294 6.58 4.20 65.88
CA GLN G 2294 7.91 4.65 65.47
C GLN G 2294 8.88 4.65 66.62
N ASP G 2295 8.43 5.08 67.81
CA ASP G 2295 9.31 5.05 68.98
C ASP G 2295 9.65 3.62 69.35
N LEU G 2296 8.67 2.72 69.30
CA LEU G 2296 8.96 1.32 69.55
C LEU G 2296 9.99 0.80 68.55
N GLU G 2297 9.86 1.19 67.29
CA GLU G 2297 10.83 0.79 66.27
C GLU G 2297 12.22 1.33 66.60
N LYS G 2298 12.30 2.58 67.06
CA LYS G 2298 13.61 3.13 67.41
C LYS G 2298 14.26 2.34 68.52
N VAL G 2299 13.50 2.01 69.57
CA VAL G 2299 14.06 1.25 70.68
C VAL G 2299 14.49 -0.13 70.19
N VAL G 2300 13.66 -0.76 69.36
CA VAL G 2300 14.01 -2.08 68.83
C VAL G 2300 15.27 -2.01 68.00
N SER G 2301 15.44 -0.93 67.23
CA SER G 2301 16.64 -0.78 66.40
C SER G 2301 17.88 -0.60 67.25
N TYR G 2302 17.77 0.19 68.32
CA TYR G 2302 18.90 0.31 69.25
C TYR G 2302 19.25 -1.05 69.83
N LEU G 2303 18.24 -1.82 70.22
CA LEU G 2303 18.51 -3.16 70.74
C LEU G 2303 19.16 -4.05 69.70
N ALA G 2304 18.73 -3.92 68.44
CA ALA G 2304 19.34 -4.70 67.37
C ALA G 2304 20.81 -4.34 67.22
N GLY G 2305 21.13 -3.05 67.27
CA GLY G 2305 22.53 -2.65 67.23
C GLY G 2305 23.32 -3.24 68.39
N CYS G 2306 22.73 -3.19 69.59
CA CYS G 2306 23.42 -3.76 70.75
C CYS G 2306 23.70 -5.24 70.57
N GLY G 2307 22.71 -5.97 70.07
CA GLY G 2307 22.91 -7.39 69.84
C GLY G 2307 23.91 -7.68 68.73
N LEU G 2308 23.97 -6.79 67.74
CA LEU G 2308 24.84 -7.04 66.59
C LEU G 2308 26.30 -6.73 66.93
N GLN G 2309 26.56 -5.68 67.71
CA GLN G 2309 27.92 -5.22 67.93
C GLN G 2309 28.20 -5.09 69.42
N SER G 2310 29.48 -5.25 69.78
CA SER G 2310 29.92 -5.11 71.16
C SER G 2310 30.18 -3.64 71.48
N CYS G 2311 30.32 -3.35 72.77
CA CYS G 2311 30.43 -1.97 73.20
C CYS G 2311 31.86 -1.47 73.05
N PRO G 2312 32.09 -0.44 72.22
CA PRO G 2312 33.46 0.09 72.10
C PRO G 2312 34.00 0.58 73.43
N MET G 2313 33.14 1.07 74.32
CA MET G 2313 33.60 1.49 75.63
C MET G 2313 34.21 0.33 76.40
N LEU G 2314 33.52 -0.81 76.42
CA LEU G 2314 34.06 -1.99 77.10
C LEU G 2314 35.34 -2.46 76.41
N LEU G 2315 35.36 -2.44 75.08
CA LEU G 2315 36.60 -2.83 74.39
C LEU G 2315 37.76 -1.94 74.79
N ALA G 2316 37.54 -0.62 74.85
CA ALA G 2316 38.59 0.29 75.27
C ALA G 2316 39.03 0.01 76.70
N LYS G 2317 38.07 -0.23 77.60
CA LYS G 2317 38.43 -0.64 78.95
C LYS G 2317 39.28 -1.90 78.93
N GLY G 2318 39.11 -2.72 77.90
CA GLY G 2318 39.94 -3.89 77.72
C GLY G 2318 39.17 -5.19 77.84
N TYR G 2319 37.86 -5.09 77.98
CA TYR G 2319 37.04 -6.28 78.12
C TYR G 2319 37.13 -7.12 76.85
N PRO G 2320 37.39 -8.43 76.95
CA PRO G 2320 37.47 -9.25 75.74
C PRO G 2320 36.19 -9.17 74.92
N ASP G 2321 36.35 -9.15 73.60
CA ASP G 2321 35.20 -9.01 72.71
C ASP G 2321 34.28 -10.21 72.81
N ILE G 2322 32.98 -9.95 72.86
CA ILE G 2322 31.96 -10.98 72.71
C ILE G 2322 31.09 -10.76 71.49
N GLY G 2323 31.22 -9.63 70.82
CA GLY G 2323 30.49 -9.36 69.60
C GLY G 2323 29.14 -8.71 69.79
N TRP G 2324 28.68 -8.51 71.02
CA TRP G 2324 27.38 -7.91 71.25
C TRP G 2324 27.38 -7.26 72.63
N ASN G 2325 26.52 -6.25 72.79
CA ASN G 2325 26.47 -5.48 74.02
C ASN G 2325 25.27 -5.88 74.87
N PRO G 2326 25.41 -6.90 75.73
CA PRO G 2326 24.31 -7.28 76.61
C PRO G 2326 23.89 -6.20 77.59
N CYS G 2327 24.80 -5.32 78.01
CA CYS G 2327 24.42 -4.23 78.91
C CYS G 2327 23.39 -3.31 78.26
N GLY G 2328 23.70 -2.80 77.08
CA GLY G 2328 22.73 -1.96 76.38
C GLY G 2328 21.49 -2.73 76.00
N GLY G 2329 21.65 -4.00 75.63
CA GLY G 2329 20.48 -4.80 75.33
C GLY G 2329 19.52 -4.87 76.50
N GLU G 2330 20.06 -5.14 77.69
CA GLU G 2330 19.22 -5.20 78.88
C GLU G 2330 18.61 -3.84 79.19
N ARG G 2331 19.39 -2.77 79.01
CA ARG G 2331 18.87 -1.44 79.28
C ARG G 2331 17.67 -1.14 78.41
N TYR G 2332 17.72 -1.53 77.14
CA TYR G 2332 16.58 -1.28 76.25
C TYR G 2332 15.43 -2.24 76.51
N LEU G 2333 15.75 -3.49 76.88
CA LEU G 2333 14.70 -4.46 77.17
C LEU G 2333 13.89 -4.01 78.39
N ASP G 2334 14.53 -3.31 79.33
CA ASP G 2334 13.77 -2.78 80.45
C ASP G 2334 12.71 -1.81 79.99
N PHE G 2335 13.06 -0.89 79.09
CA PHE G 2335 12.07 0.05 78.59
C PHE G 2335 10.97 -0.67 77.81
N LEU G 2336 11.33 -1.67 77.02
CA LEU G 2336 10.30 -2.41 76.31
C LEU G 2336 9.37 -3.13 77.27
N ARG G 2337 9.92 -3.67 78.36
CA ARG G 2337 9.08 -4.31 79.37
C ARG G 2337 8.09 -3.31 79.95
N PHE G 2338 8.57 -2.12 80.31
CA PHE G 2338 7.67 -1.12 80.86
C PHE G 2338 6.63 -0.69 79.83
N ALA G 2339 6.99 -0.73 78.54
CA ALA G 2339 6.06 -0.31 77.51
C ALA G 2339 4.96 -1.34 77.30
N VAL G 2340 5.30 -2.64 77.36
CA VAL G 2340 4.32 -3.67 77.04
C VAL G 2340 3.46 -3.99 78.27
N PHE G 2341 4.07 -4.12 79.44
CA PHE G 2341 3.39 -4.62 80.63
C PHE G 2341 3.00 -3.46 81.52
N VAL G 2342 1.69 -3.32 81.77
CA VAL G 2342 1.16 -2.19 82.53
C VAL G 2342 0.20 -2.72 83.59
N ASN G 2343 0.35 -2.23 84.82
CA ASN G 2343 -0.57 -2.53 85.92
C ASN G 2343 -0.87 -4.01 86.03
N GLY G 2344 0.13 -4.86 85.85
CA GLY G 2344 -0.05 -6.28 86.00
C GLY G 2344 -0.69 -6.97 84.82
N GLU G 2345 -1.15 -6.23 83.82
CA GLU G 2345 -1.82 -6.80 82.66
C GLU G 2345 -1.09 -6.40 81.40
N SER G 2346 -0.90 -7.36 80.50
CA SER G 2346 -0.19 -7.09 79.25
C SER G 2346 -1.02 -6.18 78.37
N VAL G 2347 -0.37 -5.19 77.77
CA VAL G 2347 -1.03 -4.31 76.80
C VAL G 2347 -0.97 -4.99 75.44
N GLU G 2348 -2.15 -5.34 74.90
CA GLU G 2348 -2.18 -6.22 73.73
C GLU G 2348 -1.51 -5.57 72.52
N GLU G 2349 -1.86 -4.33 72.21
CA GLU G 2349 -1.35 -3.70 71.00
C GLU G 2349 0.16 -3.57 71.05
N ASN G 2350 0.68 -3.04 72.16
CA ASN G 2350 2.12 -2.86 72.30
C ASN G 2350 2.84 -4.20 72.27
N ALA G 2351 2.27 -5.22 72.92
CA ALA G 2351 2.90 -6.52 72.92
C ALA G 2351 3.00 -7.06 71.50
N ASN G 2352 1.92 -6.98 70.74
CA ASN G 2352 1.95 -7.48 69.36
C ASN G 2352 2.98 -6.72 68.53
N VAL G 2353 2.99 -5.40 68.65
CA VAL G 2353 3.93 -4.60 67.86
C VAL G 2353 5.35 -4.97 68.21
N VAL G 2354 5.64 -5.09 69.52
CA VAL G 2354 7.01 -5.37 69.95
C VAL G 2354 7.44 -6.74 69.46
N VAL G 2355 6.56 -7.74 69.55
CA VAL G 2355 6.94 -9.08 69.11
C VAL G 2355 7.19 -9.09 67.61
N ARG G 2356 6.32 -8.42 66.84
CA ARG G 2356 6.54 -8.36 65.40
C ARG G 2356 7.88 -7.72 65.07
N LEU G 2357 8.20 -6.60 65.71
CA LEU G 2357 9.46 -5.93 65.43
C LEU G 2357 10.64 -6.82 65.79
N LEU G 2358 10.56 -7.49 66.94
CA LEU G 2358 11.66 -8.35 67.37
C LEU G 2358 11.88 -9.49 66.39
N ILE G 2359 10.81 -10.13 65.92
CA ILE G 2359 11.00 -11.23 64.98
C ILE G 2359 11.53 -10.68 63.65
N ARG G 2360 11.08 -9.50 63.25
CA ARG G 2360 11.56 -8.93 61.99
C ARG G 2360 13.06 -8.64 62.05
N LYS G 2361 13.54 -8.15 63.20
CA LYS G 2361 14.97 -7.92 63.37
C LYS G 2361 15.54 -9.01 64.28
N PRO G 2362 15.95 -10.16 63.76
CA PRO G 2362 16.28 -11.30 64.63
C PRO G 2362 17.43 -11.04 65.60
N GLU G 2363 18.41 -10.21 65.24
CA GLU G 2363 19.60 -10.09 66.06
C GLU G 2363 19.26 -9.65 67.48
N CYS G 2364 18.10 -9.02 67.67
CA CYS G 2364 17.70 -8.59 69.01
C CYS G 2364 17.65 -9.77 69.97
N PHE G 2365 17.22 -10.93 69.48
CA PHE G 2365 17.05 -12.10 70.35
C PHE G 2365 18.36 -12.58 70.94
N GLY G 2366 19.48 -11.95 70.63
CA GLY G 2366 20.75 -12.33 71.20
C GLY G 2366 21.42 -13.42 70.40
N PRO G 2367 22.75 -13.49 70.47
CA PRO G 2367 23.45 -14.47 69.62
C PRO G 2367 22.98 -15.89 69.83
N ALA G 2368 22.68 -16.28 71.07
CA ALA G 2368 22.31 -17.67 71.33
C ALA G 2368 21.03 -18.05 70.60
N LEU G 2369 20.03 -17.18 70.61
CA LEU G 2369 18.74 -17.48 70.00
C LEU G 2369 18.78 -17.36 68.47
N ARG G 2370 19.96 -17.22 67.87
CA ARG G 2370 20.04 -17.13 66.42
C ARG G 2370 19.71 -18.47 65.80
N GLY G 2371 18.75 -18.47 64.87
CA GLY G 2371 18.31 -19.73 64.27
C GLY G 2371 19.44 -20.47 63.57
N GLU G 2372 20.24 -19.77 62.78
CA GLU G 2372 21.28 -20.41 61.99
C GLU G 2372 22.24 -21.20 62.87
N GLY G 2373 22.97 -20.51 63.75
CA GLY G 2373 23.99 -21.16 64.55
C GLY G 2373 23.77 -21.01 66.04
N GLY G 2374 22.54 -20.72 66.45
CA GLY G 2374 22.28 -20.53 67.87
C GLY G 2374 22.65 -21.75 68.68
N SER G 2375 23.32 -21.51 69.81
CA SER G 2375 23.63 -22.60 70.73
C SER G 2375 22.38 -23.03 71.50
N GLY G 2376 21.39 -22.14 71.58
CA GLY G 2376 20.20 -22.40 72.35
C GLY G 2376 20.22 -21.62 73.64
N LEU G 2377 19.05 -21.26 74.17
CA LEU G 2377 19.01 -20.49 75.41
C LEU G 2377 19.74 -21.22 76.52
N LEU G 2378 19.46 -22.51 76.69
CA LEU G 2378 20.14 -23.27 77.71
C LEU G 2378 21.66 -23.23 77.52
N ALA G 2379 22.12 -23.64 76.34
CA ALA G 2379 23.57 -23.69 76.09
C ALA G 2379 24.20 -22.33 76.35
N ALA G 2380 23.51 -21.26 75.97
CA ALA G 2380 24.03 -19.92 76.25
C ALA G 2380 24.21 -19.73 77.75
N ILE G 2381 23.23 -20.16 78.55
CA ILE G 2381 23.35 -19.96 79.99
C ILE G 2381 24.48 -20.79 80.57
N GLU G 2382 24.62 -22.06 80.15
CA GLU G 2382 25.77 -22.82 80.68
C GLU G 2382 27.10 -22.19 80.27
N GLU G 2383 27.23 -21.80 79.00
CA GLU G 2383 28.49 -21.19 78.57
C GLU G 2383 28.76 -19.91 79.34
N ALA G 2384 27.70 -19.17 79.67
CA ALA G 2384 27.89 -17.91 80.37
C ALA G 2384 28.28 -18.13 81.82
N ILE G 2385 27.69 -19.13 82.47
CA ILE G 2385 28.10 -19.43 83.85
C ILE G 2385 29.54 -19.94 83.85
N ARG G 2386 29.94 -20.67 82.81
CA ARG G 2386 31.34 -21.03 82.67
C ARG G 2386 32.22 -19.79 82.54
N ILE G 2387 31.77 -18.82 81.74
CA ILE G 2387 32.48 -17.55 81.64
C ILE G 2387 32.64 -16.93 83.01
N SER G 2388 31.56 -16.87 83.77
CA SER G 2388 31.62 -16.31 85.12
C SER G 2388 32.64 -17.04 85.97
N GLU G 2389 32.62 -18.38 85.92
CA GLU G 2389 33.56 -19.15 86.70
C GLU G 2389 35.00 -18.84 86.33
N ASP G 2390 35.26 -18.71 85.03
CA ASP G 2390 36.62 -18.45 84.57
C ASP G 2390 36.93 -16.97 84.67
N PRO G 2391 37.94 -16.56 85.45
CA PRO G 2391 38.40 -15.17 85.38
C PRO G 2391 39.18 -14.91 84.12
N ALA G 2392 39.35 -13.62 83.81
CA ALA G 2392 40.05 -13.08 82.65
C ALA G 2392 39.23 -13.24 81.38
N ARG G 2393 38.10 -13.93 81.42
CA ARG G 2393 37.13 -13.92 80.32
C ARG G 2393 35.97 -12.99 80.61
N ASP G 2394 35.58 -12.89 81.89
CA ASP G 2394 34.55 -11.93 82.26
C ASP G 2394 35.12 -10.53 82.43
N GLY G 2395 36.34 -10.42 82.97
CA GLY G 2395 36.93 -9.14 83.26
C GLY G 2395 38.30 -8.97 82.66
N PRO G 2396 38.75 -7.72 82.53
CA PRO G 2396 40.07 -7.49 81.92
C PRO G 2396 41.21 -8.13 82.70
N GLY G 2397 41.14 -8.15 84.02
CA GLY G 2397 42.18 -8.78 84.82
C GLY G 2397 43.53 -8.10 84.67
N VAL G 2398 43.53 -6.83 84.29
CA VAL G 2398 44.77 -6.08 84.13
C VAL G 2398 45.34 -5.73 85.50
N PRO G 2411 37.49 1.68 89.01
CA PRO G 2411 36.07 1.46 88.75
C PRO G 2411 35.20 1.84 89.95
N PRO G 2412 34.20 2.71 89.76
CA PRO G 2412 33.38 3.11 90.93
C PRO G 2412 32.70 1.94 91.63
N GLU G 2413 32.30 0.90 90.89
CA GLU G 2413 31.59 -0.21 91.52
C GLU G 2413 31.85 -1.50 90.77
N GLU G 2414 32.06 -2.56 91.53
CA GLU G 2414 31.97 -3.96 91.07
C GLU G 2414 32.51 -4.14 89.66
N ASN G 2415 33.73 -3.66 89.45
CA ASN G 2415 34.54 -4.00 88.27
C ASN G 2415 33.70 -3.92 86.99
N ARG G 2416 33.11 -2.75 86.77
CA ARG G 2416 32.22 -2.55 85.64
C ARG G 2416 31.17 -3.64 85.60
N VAL G 2417 31.23 -4.52 84.60
CA VAL G 2417 30.23 -5.56 84.40
C VAL G 2417 30.96 -6.86 84.13
N HIS G 2418 30.67 -7.88 84.91
CA HIS G 2418 31.18 -9.21 84.62
C HIS G 2418 30.40 -9.80 83.45
N LEU G 2419 31.11 -10.11 82.36
CA LEU G 2419 30.42 -10.45 81.11
C LEU G 2419 29.42 -11.58 81.33
N GLY G 2420 29.75 -12.54 82.18
CA GLY G 2420 28.83 -13.62 82.46
C GLY G 2420 27.52 -13.11 83.04
N HIS G 2421 27.62 -12.28 84.07
CA HIS G 2421 26.41 -11.71 84.64
C HIS G 2421 25.66 -10.85 83.64
N ALA G 2422 26.36 -10.08 82.82
CA ALA G 2422 25.69 -9.27 81.82
C ALA G 2422 24.89 -10.14 80.86
N ILE G 2423 25.48 -11.26 80.43
CA ILE G 2423 24.80 -12.10 79.44
C ILE G 2423 23.60 -12.81 80.08
N MET G 2424 23.76 -13.36 81.29
CA MET G 2424 22.58 -13.92 81.95
C MET G 2424 21.51 -12.86 82.11
N SER G 2425 21.90 -11.65 82.52
CA SER G 2425 20.91 -10.60 82.72
C SER G 2425 20.18 -10.29 81.44
N PHE G 2426 20.90 -10.18 80.33
CA PHE G 2426 20.25 -9.89 79.06
C PHE G 2426 19.27 -10.99 78.68
N TYR G 2427 19.70 -12.26 78.79
CA TYR G 2427 18.80 -13.33 78.39
C TYR G 2427 17.58 -13.40 79.28
N ALA G 2428 17.77 -13.22 80.58
CA ALA G 2428 16.63 -13.20 81.50
C ALA G 2428 15.69 -12.07 81.19
N ALA G 2429 16.23 -10.89 80.88
CA ALA G 2429 15.39 -9.75 80.54
C ALA G 2429 14.62 -10.00 79.26
N LEU G 2430 15.26 -10.62 78.27
CA LEU G 2430 14.57 -10.93 77.02
C LEU G 2430 13.43 -11.92 77.27
N ILE G 2431 13.69 -12.96 78.06
CA ILE G 2431 12.64 -13.92 78.34
C ILE G 2431 11.50 -13.28 79.12
N ASP G 2432 11.84 -12.41 80.08
CA ASP G 2432 10.81 -11.70 80.82
C ASP G 2432 9.97 -10.83 79.89
N LEU G 2433 10.61 -10.12 78.97
CA LEU G 2433 9.89 -9.28 78.04
C LEU G 2433 8.94 -10.11 77.19
N LEU G 2434 9.40 -11.24 76.68
CA LEU G 2434 8.53 -12.10 75.88
C LEU G 2434 7.36 -12.61 76.72
N GLY G 2435 7.64 -13.08 77.94
CA GLY G 2435 6.56 -13.56 78.79
C GLY G 2435 5.53 -12.50 79.07
N ARG G 2436 5.98 -11.27 79.32
CA ARG G 2436 5.04 -10.17 79.50
C ARG G 2436 4.24 -9.94 78.23
N CYS G 2437 4.88 -10.06 77.07
CA CYS G 2437 4.17 -9.88 75.80
C CYS G 2437 3.10 -10.95 75.62
N ALA G 2438 3.29 -12.12 76.24
CA ALA G 2438 2.35 -13.22 76.11
C ALA G 2438 0.91 -12.74 76.29
N PRO G 2439 -0.06 -13.29 75.54
CA PRO G 2439 -1.43 -12.79 75.66
C PRO G 2439 -2.08 -13.21 76.97
N GLU G 2440 -3.12 -12.48 77.36
CA GLU G 2440 -3.83 -12.76 78.59
C GLU G 2440 -4.71 -14.00 78.47
N THR G 2441 -4.97 -14.63 79.61
CA THR G 2441 -5.69 -15.90 79.61
C THR G 2441 -7.11 -15.72 79.07
N HIS G 2442 -7.75 -14.59 79.35
CA HIS G 2442 -9.13 -14.42 78.87
C HIS G 2442 -9.15 -14.31 77.34
N LEU G 2443 -8.17 -13.61 76.76
CA LEU G 2443 -8.08 -13.59 75.30
C LEU G 2443 -7.82 -14.98 74.75
N ILE G 2444 -6.90 -15.72 75.38
CA ILE G 2444 -6.63 -17.07 74.91
C ILE G 2444 -7.88 -17.93 74.94
N GLN G 2445 -8.66 -17.85 76.02
CA GLN G 2445 -9.91 -18.60 76.12
C GLN G 2445 -10.92 -18.17 75.07
N ALA G 2446 -11.07 -16.85 74.88
CA ALA G 2446 -11.99 -16.37 73.84
C ALA G 2446 -11.56 -16.84 72.47
N GLY G 2447 -10.28 -17.15 72.30
CA GLY G 2447 -9.79 -17.71 71.06
C GLY G 2447 -9.36 -16.70 70.02
N LYS G 2448 -9.11 -15.45 70.40
CA LYS G 2448 -8.68 -14.44 69.44
C LYS G 2448 -7.51 -14.98 68.61
N GLY G 2449 -7.71 -15.02 67.30
CA GLY G 2449 -6.69 -15.60 66.43
C GLY G 2449 -5.34 -14.91 66.58
N GLU G 2450 -5.36 -13.59 66.72
CA GLU G 2450 -4.10 -12.86 66.89
C GLU G 2450 -3.40 -13.29 68.18
N ALA G 2451 -4.15 -13.43 69.26
CA ALA G 2451 -3.56 -13.85 70.53
C ALA G 2451 -2.97 -15.25 70.42
N LEU G 2452 -3.72 -16.18 69.81
CA LEU G 2452 -3.19 -17.53 69.65
C LEU G 2452 -1.93 -17.53 68.79
N ARG G 2453 -1.92 -16.74 67.72
CA ARG G 2453 -0.75 -16.66 66.87
C ARG G 2453 0.46 -16.14 67.65
N ILE G 2454 0.26 -15.10 68.47
CA ILE G 2454 1.36 -14.54 69.24
C ILE G 2454 1.88 -15.56 70.23
N ARG G 2455 0.98 -16.28 70.90
CA ARG G 2455 1.43 -17.29 71.85
C ARG G 2455 2.22 -18.38 71.14
N ALA G 2456 1.76 -18.79 69.96
CA ALA G 2456 2.50 -19.79 69.19
C ALA G 2456 3.89 -19.29 68.81
N ILE G 2457 3.98 -18.04 68.38
CA ILE G 2457 5.29 -17.48 68.04
C ILE G 2457 6.22 -17.51 69.25
N LEU G 2458 5.71 -17.11 70.41
CA LEU G 2458 6.54 -17.11 71.60
C LEU G 2458 6.97 -18.53 71.98
N ARG G 2459 6.05 -19.48 71.90
CA ARG G 2459 6.39 -20.86 72.20
C ARG G 2459 7.47 -21.38 71.26
N SER G 2460 7.37 -21.08 69.98
CA SER G 2460 8.42 -21.45 69.04
C SER G 2460 9.75 -20.77 69.34
N LEU G 2461 9.73 -19.50 69.72
CA LEU G 2461 10.96 -18.79 70.01
C LEU G 2461 11.68 -19.39 71.21
N VAL G 2462 10.94 -19.72 72.27
CA VAL G 2462 11.53 -20.23 73.50
C VAL G 2462 11.08 -21.67 73.70
N PRO G 2463 11.96 -22.65 73.61
CA PRO G 2463 11.56 -24.03 73.90
C PRO G 2463 11.31 -24.25 75.39
N LEU G 2464 10.28 -25.05 75.67
CA LEU G 2464 9.90 -25.31 77.06
C LEU G 2464 11.01 -26.03 77.81
N ASP G 2465 11.60 -27.05 77.18
CA ASP G 2465 12.60 -27.86 77.86
C ASP G 2465 13.80 -27.01 78.29
N ASP G 2466 14.15 -26.01 77.48
CA ASP G 2466 15.22 -25.11 77.89
C ASP G 2466 14.86 -24.34 79.15
N LEU G 2467 13.61 -23.89 79.26
CA LEU G 2467 13.18 -23.22 80.47
C LEU G 2467 13.26 -24.16 81.66
N VAL G 2468 12.82 -25.41 81.49
CA VAL G 2468 12.91 -26.35 82.60
C VAL G 2468 14.37 -26.56 82.99
N GLY G 2469 15.27 -26.68 82.02
CA GLY G 2469 16.68 -26.83 82.33
C GLY G 2469 17.23 -25.64 83.10
N ILE G 2470 16.88 -24.44 82.66
CA ILE G 2470 17.38 -23.25 83.35
C ILE G 2470 16.88 -23.21 84.78
N ILE G 2471 15.60 -23.50 84.98
CA ILE G 2471 15.09 -23.55 86.34
C ILE G 2471 15.82 -24.60 87.15
N SER G 2472 16.17 -25.72 86.52
CA SER G 2472 16.86 -26.79 87.24
C SER G 2472 18.26 -26.35 87.65
N LEU G 2473 18.90 -25.52 86.83
CA LEU G 2473 20.31 -25.21 87.05
C LEU G 2473 20.52 -24.76 88.49
N PRO G 2474 21.61 -25.19 89.14
CA PRO G 2474 21.79 -24.89 90.55
C PRO G 2474 22.45 -23.53 90.77
N LEU G 2475 22.10 -22.91 91.89
CA LEU G 2475 22.68 -21.64 92.31
C LEU G 2475 23.64 -21.90 93.45
N GLN G 2476 24.85 -21.37 93.33
CA GLN G 2476 25.80 -21.49 94.41
C GLN G 2476 25.23 -20.83 95.67
N ILE G 2477 25.32 -21.53 96.79
CA ILE G 2477 24.75 -21.04 98.04
C ILE G 2477 25.88 -20.73 99.02
N PRO G 2478 25.76 -19.71 99.86
CA PRO G 2478 26.85 -19.42 100.79
C PRO G 2478 27.12 -20.59 101.73
N THR G 2479 28.39 -20.74 102.10
CA THR G 2479 28.82 -21.80 103.00
C THR G 2479 29.68 -21.22 104.10
N LEU G 2480 29.76 -21.94 105.22
CA LEU G 2480 30.49 -21.50 106.40
C LEU G 2480 31.93 -22.04 106.39
N GLY G 2481 32.52 -22.15 105.21
CA GLY G 2481 33.84 -22.72 105.06
C GLY G 2481 34.94 -21.74 105.39
N LYS G 2482 36.17 -22.18 105.14
CA LYS G 2482 37.38 -21.41 105.44
C LYS G 2482 37.32 -20.93 106.89
N ASP G 2483 37.44 -21.89 107.81
CA ASP G 2483 37.56 -21.60 109.25
C ASP G 2483 36.36 -20.81 109.75
N GLY G 2484 35.16 -21.23 109.36
CA GLY G 2484 33.95 -20.59 109.84
C GLY G 2484 33.59 -19.31 109.13
N ALA G 2485 34.30 -18.95 108.07
CA ALA G 2485 33.99 -17.72 107.34
C ALA G 2485 32.82 -17.93 106.39
N LEU G 2486 32.25 -16.82 105.93
CA LEU G 2486 31.13 -16.86 105.00
C LEU G 2486 31.65 -16.73 103.56
N VAL G 2487 31.43 -17.77 102.76
CA VAL G 2487 31.82 -17.75 101.34
C VAL G 2487 30.56 -17.39 100.56
N GLN G 2488 30.34 -16.09 100.38
CA GLN G 2488 29.16 -15.60 99.68
C GLN G 2488 29.53 -15.26 98.25
N PRO G 2489 28.92 -15.90 97.25
CA PRO G 2489 29.29 -15.59 95.86
C PRO G 2489 28.97 -14.15 95.53
N LYS G 2490 29.81 -13.58 94.65
CA LYS G 2490 29.64 -12.19 94.25
C LYS G 2490 28.35 -12.07 93.45
N MET G 2491 27.34 -11.45 94.05
CA MET G 2491 26.02 -11.39 93.42
C MET G 2491 26.11 -10.86 91.99
N SER G 2492 26.84 -9.77 91.80
CA SER G 2492 26.86 -9.14 90.48
C SER G 2492 27.67 -9.95 89.48
N ALA G 2493 28.37 -10.98 89.93
CA ALA G 2493 29.26 -11.75 89.07
C ALA G 2493 28.88 -13.22 88.96
N SER G 2494 27.63 -13.57 89.26
CA SER G 2494 27.23 -14.99 89.22
C SER G 2494 25.81 -15.16 88.75
N PHE G 2495 25.30 -16.39 88.85
CA PHE G 2495 23.95 -16.73 88.45
C PHE G 2495 23.02 -16.49 89.65
N VAL G 2496 21.98 -15.70 89.45
CA VAL G 2496 21.19 -15.18 90.57
C VAL G 2496 19.73 -15.61 90.45
N PRO G 2497 19.00 -15.71 91.56
CA PRO G 2497 17.59 -16.13 91.46
C PRO G 2497 16.74 -15.23 90.60
N ASP G 2498 17.05 -13.93 90.56
CA ASP G 2498 16.27 -13.03 89.71
C ASP G 2498 16.29 -13.51 88.26
N HIS G 2499 17.40 -14.12 87.83
CA HIS G 2499 17.45 -14.66 86.48
C HIS G 2499 16.42 -15.77 86.29
N LYS G 2500 16.30 -16.66 87.27
CA LYS G 2500 15.29 -17.70 87.18
C LYS G 2500 13.88 -17.13 87.28
N ALA G 2501 13.74 -15.98 87.91
CA ALA G 2501 12.41 -15.39 88.06
C ALA G 2501 11.79 -15.10 86.70
N SER G 2502 12.58 -14.55 85.77
CA SER G 2502 12.09 -14.29 84.43
C SER G 2502 11.68 -15.59 83.75
N MET G 2503 12.48 -16.64 83.93
CA MET G 2503 12.15 -17.92 83.32
C MET G 2503 10.82 -18.43 83.85
N VAL G 2504 10.60 -18.31 85.16
CA VAL G 2504 9.34 -18.76 85.75
C VAL G 2504 8.18 -17.95 85.19
N LEU G 2505 8.35 -16.64 85.10
CA LEU G 2505 7.28 -15.80 84.57
C LEU G 2505 6.92 -16.22 83.16
N PHE G 2506 7.93 -16.42 82.31
CA PHE G 2506 7.66 -16.86 80.94
C PHE G 2506 6.97 -18.21 80.91
N LEU G 2507 7.47 -19.17 81.69
CA LEU G 2507 6.88 -20.50 81.73
C LEU G 2507 5.42 -20.47 82.15
N ASP G 2508 5.07 -19.64 83.14
CA ASP G 2508 3.69 -19.52 83.57
C ASP G 2508 2.82 -18.85 82.52
N ARG G 2509 3.24 -17.69 82.01
CA ARG G 2509 2.37 -16.92 81.13
C ARG G 2509 2.17 -17.61 79.79
N VAL G 2510 3.24 -18.17 79.23
CA VAL G 2510 3.17 -18.69 77.86
C VAL G 2510 2.78 -20.16 77.87
N TYR G 2511 3.62 -21.01 78.42
CA TYR G 2511 3.36 -22.45 78.33
C TYR G 2511 2.27 -22.87 79.30
N GLY G 2512 2.24 -22.29 80.49
CA GLY G 2512 1.23 -22.64 81.47
C GLY G 2512 1.41 -24.06 81.98
N ILE G 2513 0.85 -24.36 83.14
CA ILE G 2513 0.95 -25.67 83.75
C ILE G 2513 -0.46 -26.24 83.82
N GLU G 2514 -0.67 -27.37 83.16
CA GLU G 2514 -1.96 -28.04 83.15
C GLU G 2514 -1.87 -29.54 83.42
N ASN G 2515 -0.72 -30.15 83.19
CA ASN G 2515 -0.55 -31.59 83.35
C ASN G 2515 0.03 -31.87 84.73
N GLN G 2516 -0.60 -32.79 85.45
CA GLN G 2516 -0.11 -33.15 86.78
C GLN G 2516 1.30 -33.73 86.70
N ASP G 2517 1.55 -34.59 85.72
CA ASP G 2517 2.88 -35.17 85.58
C ASP G 2517 3.93 -34.09 85.32
N PHE G 2518 3.62 -33.14 84.43
CA PHE G 2518 4.56 -32.05 84.17
C PHE G 2518 4.78 -31.21 85.43
N LEU G 2519 3.70 -30.94 86.17
CA LEU G 2519 3.83 -30.19 87.40
C LEU G 2519 4.81 -30.88 88.34
N LEU G 2520 4.61 -32.18 88.57
CA LEU G 2520 5.50 -32.90 89.46
C LEU G 2520 6.93 -32.91 88.92
N HIS G 2521 7.08 -33.08 87.62
CA HIS G 2521 8.42 -33.15 87.04
C HIS G 2521 9.18 -31.84 87.26
N VAL G 2522 8.58 -30.71 86.88
CA VAL G 2522 9.27 -29.44 87.07
C VAL G 2522 9.46 -29.16 88.55
N LEU G 2523 8.45 -29.41 89.37
CA LEU G 2523 8.55 -29.20 90.80
C LEU G 2523 9.77 -29.93 91.37
N ASP G 2524 9.88 -31.22 91.08
CA ASP G 2524 10.98 -32.00 91.63
C ASP G 2524 12.32 -31.55 91.07
N VAL G 2525 12.41 -31.31 89.76
CA VAL G 2525 13.72 -31.08 89.16
C VAL G 2525 14.25 -29.70 89.54
N GLY G 2526 13.40 -28.67 89.49
CA GLY G 2526 13.90 -27.31 89.57
C GLY G 2526 13.49 -26.48 90.77
N PHE G 2527 12.26 -26.66 91.26
CA PHE G 2527 11.77 -25.81 92.34
C PHE G 2527 12.18 -26.35 93.71
N LEU G 2528 11.91 -27.62 93.95
CA LEU G 2528 12.04 -28.23 95.26
C LEU G 2528 13.47 -28.09 95.77
N PRO G 2529 14.48 -28.31 94.91
CA PRO G 2529 15.85 -28.01 95.36
C PRO G 2529 16.01 -26.57 95.81
N ASP G 2530 15.35 -25.62 95.13
CA ASP G 2530 15.49 -24.23 95.51
C ASP G 2530 14.89 -23.96 96.88
N MET G 2531 13.68 -24.45 97.14
CA MET G 2531 13.11 -24.22 98.46
C MET G 2531 13.89 -24.97 99.54
N ARG G 2532 14.42 -26.16 99.22
CA ARG G 2532 15.30 -26.80 100.19
C ARG G 2532 16.49 -25.91 100.53
N ALA G 2533 17.14 -25.34 99.51
CA ALA G 2533 18.28 -24.48 99.74
C ALA G 2533 17.92 -23.25 100.55
N ALA G 2534 16.78 -22.62 100.26
CA ALA G 2534 16.38 -21.45 101.03
C ALA G 2534 16.13 -21.83 102.49
N ALA G 2535 15.42 -22.94 102.72
CA ALA G 2535 15.19 -23.38 104.09
C ALA G 2535 16.50 -23.62 104.81
N SER G 2536 17.45 -24.28 104.15
CA SER G 2536 18.74 -24.54 104.78
C SER G 2536 19.47 -23.23 105.10
N LEU G 2537 19.46 -22.28 104.18
CA LEU G 2537 20.13 -21.00 104.39
C LEU G 2537 19.44 -20.14 105.43
N ASP G 2538 18.20 -20.46 105.80
CA ASP G 2538 17.47 -19.65 106.79
C ASP G 2538 18.17 -19.56 108.14
N THR G 2539 19.22 -20.34 108.39
CA THR G 2539 19.87 -20.32 109.69
C THR G 2539 20.48 -18.94 109.97
N ALA G 2540 20.98 -18.78 111.20
CA ALA G 2540 21.35 -17.45 111.70
C ALA G 2540 22.48 -16.81 110.91
N THR G 2541 23.60 -17.52 110.75
CA THR G 2541 24.73 -16.95 110.04
C THR G 2541 24.36 -16.63 108.59
N PHE G 2542 23.59 -17.51 107.96
CA PHE G 2542 23.23 -17.37 106.56
C PHE G 2542 21.94 -16.58 106.36
N SER G 2543 21.27 -16.18 107.43
CA SER G 2543 19.94 -15.59 107.31
C SER G 2543 19.96 -14.30 106.49
N THR G 2544 20.91 -13.42 106.75
CA THR G 2544 20.92 -12.09 106.15
C THR G 2544 21.76 -12.02 104.88
N THR G 2545 22.29 -13.13 104.40
CA THR G 2545 23.14 -13.10 103.22
C THR G 2545 22.37 -12.61 102.01
N GLU G 2546 23.07 -11.91 101.11
CA GLU G 2546 22.43 -11.39 99.92
C GLU G 2546 21.80 -12.51 99.11
N MET G 2547 22.48 -13.64 98.98
CA MET G 2547 21.93 -14.75 98.23
C MET G 2547 20.66 -15.29 98.91
N ALA G 2548 20.66 -15.35 100.23
CA ALA G 2548 19.46 -15.82 100.93
C ALA G 2548 18.28 -14.88 100.69
N LEU G 2549 18.52 -13.57 100.80
CA LEU G 2549 17.45 -12.61 100.55
C LEU G 2549 16.97 -12.70 99.10
N ALA G 2550 17.88 -12.87 98.15
CA ALA G 2550 17.49 -13.01 96.76
C ALA G 2550 16.66 -14.27 96.56
N LEU G 2551 17.02 -15.37 97.23
CA LEU G 2551 16.23 -16.59 97.12
C LEU G 2551 14.83 -16.38 97.69
N ASN G 2552 14.73 -15.70 98.83
CA ASN G 2552 13.41 -15.39 99.38
C ASN G 2552 12.58 -14.59 98.39
N ARG G 2553 13.19 -13.57 97.79
CA ARG G 2553 12.48 -12.76 96.81
C ARG G 2553 12.02 -13.61 95.63
N TYR G 2554 12.94 -14.37 95.06
CA TYR G 2554 12.62 -15.18 93.89
C TYR G 2554 11.47 -16.13 94.19
N LEU G 2555 11.57 -16.86 95.31
CA LEU G 2555 10.49 -17.76 95.68
C LEU G 2555 9.18 -16.99 95.80
N CYS G 2556 9.10 -16.05 96.75
CA CYS G 2556 7.82 -15.43 97.07
C CYS G 2556 7.25 -14.65 95.88
N LEU G 2557 8.08 -14.29 94.90
CA LEU G 2557 7.57 -13.53 93.77
C LEU G 2557 7.17 -14.38 92.59
N ALA G 2558 7.86 -15.49 92.34
CA ALA G 2558 7.59 -16.27 91.13
C ALA G 2558 7.11 -17.68 91.45
N VAL G 2559 7.79 -18.37 92.36
CA VAL G 2559 7.58 -19.80 92.51
C VAL G 2559 6.33 -20.08 93.33
N LEU G 2560 6.28 -19.53 94.55
CA LEU G 2560 5.17 -19.84 95.44
C LEU G 2560 3.83 -19.49 94.79
N PRO G 2561 3.64 -18.30 94.21
CA PRO G 2561 2.34 -18.00 93.59
C PRO G 2561 1.95 -19.01 92.52
N LEU G 2562 2.92 -19.48 91.73
CA LEU G 2562 2.61 -20.46 90.71
C LEU G 2562 2.08 -21.75 91.32
N ILE G 2563 2.73 -22.22 92.39
CA ILE G 2563 2.26 -23.43 93.05
C ILE G 2563 0.88 -23.21 93.65
N THR G 2564 0.64 -22.03 94.22
CA THR G 2564 -0.69 -21.76 94.76
C THR G 2564 -1.74 -21.83 93.67
N LYS G 2565 -1.43 -21.26 92.50
CA LYS G 2565 -2.38 -21.30 91.39
C LYS G 2565 -2.62 -22.73 90.93
N CYS G 2566 -1.56 -23.54 90.88
CA CYS G 2566 -1.66 -24.90 90.38
C CYS G 2566 -2.00 -25.91 91.48
N ALA G 2567 -2.34 -25.44 92.67
CA ALA G 2567 -2.58 -26.34 93.78
C ALA G 2567 -3.59 -27.44 93.46
N PRO G 2568 -4.72 -27.17 92.83
CA PRO G 2568 -5.73 -28.23 92.65
C PRO G 2568 -5.21 -29.45 91.92
N LEU G 2569 -4.14 -29.31 91.14
CA LEU G 2569 -3.61 -30.45 90.39
C LEU G 2569 -3.06 -31.52 91.32
N PHE G 2570 -2.84 -31.17 92.59
CA PHE G 2570 -2.16 -32.08 93.51
C PHE G 2570 -3.05 -33.24 93.94
N ALA G 2571 -4.33 -33.19 93.60
CA ALA G 2571 -5.23 -34.28 93.93
C ALA G 2571 -4.80 -35.57 93.24
N GLY G 2572 -4.93 -36.69 93.95
CA GLY G 2572 -4.60 -37.97 93.36
C GLY G 2572 -3.15 -38.12 92.95
N THR G 2573 -2.23 -37.72 93.81
CA THR G 2573 -0.79 -37.80 93.53
C THR G 2573 -0.08 -38.82 94.41
N GLU G 2574 -0.78 -39.88 94.81
CA GLU G 2574 -0.18 -40.84 95.74
C GLU G 2574 1.09 -41.46 95.19
N HIS G 2575 1.23 -41.55 93.87
CA HIS G 2575 2.38 -42.23 93.30
C HIS G 2575 3.68 -41.52 93.66
N ARG G 2576 3.63 -40.21 93.90
CA ARG G 2576 4.79 -39.43 94.31
C ARG G 2576 4.60 -38.88 95.72
N ALA G 2577 4.05 -39.73 96.59
CA ALA G 2577 3.68 -39.28 97.93
C ALA G 2577 4.87 -38.78 98.72
N ILE G 2578 6.01 -39.47 98.61
CA ILE G 2578 7.19 -39.04 99.36
C ILE G 2578 7.59 -37.64 98.93
N MET G 2579 7.61 -37.37 97.63
CA MET G 2579 8.00 -36.04 97.16
C MET G 2579 6.99 -34.99 97.60
N VAL G 2580 5.69 -35.30 97.53
CA VAL G 2580 4.68 -34.32 97.95
C VAL G 2580 4.86 -34.00 99.43
N ASP G 2581 5.07 -35.03 100.24
CA ASP G 2581 5.25 -34.81 101.68
C ASP G 2581 6.50 -33.98 101.93
N SER G 2582 7.57 -34.25 101.17
CA SER G 2582 8.77 -33.45 101.29
C SER G 2582 8.50 -31.99 100.96
N MET G 2583 7.72 -31.75 99.92
CA MET G 2583 7.36 -30.38 99.57
C MET G 2583 6.61 -29.71 100.72
N LEU G 2584 5.64 -30.40 101.30
CA LEU G 2584 4.87 -29.82 102.38
C LEU G 2584 5.77 -29.47 103.56
N HIS G 2585 6.64 -30.40 103.96
CA HIS G 2585 7.56 -30.13 105.06
C HIS G 2585 8.45 -28.94 104.75
N THR G 2586 8.99 -28.89 103.53
CA THR G 2586 9.89 -27.80 103.17
C THR G 2586 9.18 -26.46 103.20
N VAL G 2587 7.96 -26.40 102.65
CA VAL G 2587 7.22 -25.15 102.63
C VAL G 2587 6.90 -24.71 104.05
N TYR G 2588 6.51 -25.64 104.91
CA TYR G 2588 6.23 -25.26 106.30
C TYR G 2588 7.48 -24.73 106.99
N ARG G 2589 8.63 -25.38 106.79
CA ARG G 2589 9.85 -24.89 107.39
C ARG G 2589 10.18 -23.49 106.89
N LEU G 2590 10.05 -23.28 105.58
CA LEU G 2590 10.32 -21.96 105.04
C LEU G 2590 9.38 -20.92 105.61
N SER G 2591 8.10 -21.28 105.79
CA SER G 2591 7.15 -20.38 106.42
C SER G 2591 7.62 -19.99 107.81
N ARG G 2592 8.04 -20.96 108.62
CA ARG G 2592 8.59 -20.63 109.92
C ARG G 2592 9.83 -19.76 109.83
N GLY G 2593 10.62 -19.90 108.76
CA GLY G 2593 11.86 -19.18 108.64
C GLY G 2593 11.76 -17.71 108.98
N ARG G 2594 12.80 -17.17 109.60
CA ARG G 2594 12.84 -15.77 109.97
C ARG G 2594 13.45 -14.93 108.84
N SER G 2595 13.58 -13.64 109.10
CA SER G 2595 14.13 -12.64 108.20
C SER G 2595 13.20 -12.37 107.02
N LEU G 2596 12.02 -12.99 106.97
CA LEU G 2596 11.10 -12.76 105.89
C LEU G 2596 10.34 -11.46 106.09
N THR G 2597 10.07 -10.77 104.99
CA THR G 2597 9.15 -9.65 105.01
C THR G 2597 7.74 -10.16 105.23
N LYS G 2598 6.87 -9.27 105.74
CA LYS G 2598 5.51 -9.70 106.06
C LYS G 2598 4.79 -10.19 104.82
N ALA G 2599 4.97 -9.50 103.68
CA ALA G 2599 4.37 -9.96 102.44
C ALA G 2599 4.88 -11.34 102.06
N GLN G 2600 6.19 -11.57 102.20
CA GLN G 2600 6.75 -12.87 101.88
C GLN G 2600 6.13 -13.97 102.74
N ARG G 2601 6.01 -13.70 104.04
CA ARG G 2601 5.40 -14.69 104.93
C ARG G 2601 3.95 -14.94 104.54
N ASP G 2602 3.23 -13.88 104.18
CA ASP G 2602 1.84 -14.06 103.77
C ASP G 2602 1.75 -14.93 102.53
N VAL G 2603 2.63 -14.71 101.55
CA VAL G 2603 2.62 -15.53 100.34
C VAL G 2603 2.88 -16.98 100.67
N ILE G 2604 3.88 -17.24 101.53
CA ILE G 2604 4.20 -18.62 101.87
C ILE G 2604 3.02 -19.27 102.58
N GLU G 2605 2.40 -18.57 103.51
CA GLU G 2605 1.27 -19.13 104.23
C GLU G 2605 0.10 -19.40 103.29
N ASP G 2606 -0.17 -18.49 102.35
CA ASP G 2606 -1.22 -18.73 101.39
C ASP G 2606 -0.94 -19.97 100.57
N CYS G 2607 0.31 -20.16 100.14
CA CYS G 2607 0.65 -21.38 99.42
C CYS G 2607 0.39 -22.61 100.29
N LEU G 2608 0.75 -22.53 101.58
CA LEU G 2608 0.54 -23.69 102.45
C LEU G 2608 -0.94 -24.04 102.56
N MET G 2609 -1.79 -23.05 102.81
CA MET G 2609 -3.22 -23.36 102.89
C MET G 2609 -3.75 -23.87 101.55
N ALA G 2610 -3.31 -23.26 100.44
CA ALA G 2610 -3.79 -23.72 99.14
C ALA G 2610 -3.44 -25.18 98.90
N LEU G 2611 -2.20 -25.57 99.22
CA LEU G 2611 -1.81 -26.96 99.07
C LEU G 2611 -2.63 -27.87 99.98
N CYS G 2612 -2.80 -27.46 101.24
CA CYS G 2612 -3.45 -28.35 102.19
C CYS G 2612 -4.95 -28.46 101.94
N ARG G 2613 -5.53 -27.50 101.23
CA ARG G 2613 -6.94 -27.59 100.90
C ARG G 2613 -7.22 -28.74 99.93
N TYR G 2614 -6.43 -28.82 98.87
CA TYR G 2614 -6.69 -29.77 97.80
C TYR G 2614 -5.97 -31.10 97.96
N ILE G 2615 -4.84 -31.13 98.65
CA ILE G 2615 -4.13 -32.40 98.82
C ILE G 2615 -4.98 -33.36 99.64
N ARG G 2616 -4.74 -34.66 99.44
CA ARG G 2616 -5.51 -35.68 100.13
C ARG G 2616 -5.23 -35.65 101.63
N PRO G 2617 -6.15 -36.14 102.46
CA PRO G 2617 -5.90 -36.14 103.90
C PRO G 2617 -4.74 -37.02 104.32
N SER G 2618 -4.68 -38.25 103.82
CA SER G 2618 -3.63 -39.18 104.25
C SER G 2618 -2.25 -38.59 104.01
N MET G 2619 -2.13 -37.68 103.04
CA MET G 2619 -0.85 -37.05 102.79
C MET G 2619 -0.38 -36.26 104.00
N LEU G 2620 -1.31 -35.59 104.67
CA LEU G 2620 -0.96 -34.69 105.77
C LEU G 2620 -0.44 -35.39 107.01
N GLN G 2621 -0.25 -36.72 106.98
CA GLN G 2621 0.12 -37.41 108.20
C GLN G 2621 1.41 -36.85 108.79
N HIS G 2622 2.48 -36.78 108.00
CA HIS G 2622 3.75 -36.35 108.54
C HIS G 2622 3.74 -34.87 108.91
N LEU G 2623 3.14 -34.03 108.07
CA LEU G 2623 3.06 -32.61 108.40
C LEU G 2623 2.32 -32.41 109.72
N LEU G 2624 1.14 -33.02 109.84
CA LEU G 2624 0.41 -32.97 111.09
C LEU G 2624 1.24 -33.48 112.25
N ARG G 2625 2.06 -34.51 112.01
CA ARG G 2625 2.92 -35.01 113.07
C ARG G 2625 3.90 -33.94 113.54
N ARG G 2626 4.50 -33.21 112.59
CA ARG G 2626 5.35 -32.08 112.97
C ARG G 2626 4.56 -31.05 113.76
N LEU G 2627 3.32 -30.76 113.31
CA LEU G 2627 2.55 -29.71 113.95
C LEU G 2627 2.18 -30.08 115.37
N VAL G 2628 1.93 -31.37 115.64
CA VAL G 2628 1.62 -31.79 117.00
C VAL G 2628 2.65 -31.26 117.98
N PHE G 2629 3.92 -31.24 117.57
CA PHE G 2629 4.97 -30.71 118.42
C PHE G 2629 5.16 -29.22 118.27
N ASP G 2630 4.90 -28.68 117.08
CA ASP G 2630 5.19 -27.27 116.84
C ASP G 2630 4.16 -26.35 117.51
N VAL G 2631 2.89 -26.70 117.43
CA VAL G 2631 1.79 -25.78 117.77
C VAL G 2631 1.62 -25.59 119.27
N PRO G 2632 1.62 -26.66 120.08
CA PRO G 2632 1.21 -26.50 121.49
C PRO G 2632 1.89 -25.35 122.22
N ILE G 2633 3.10 -24.96 121.80
CA ILE G 2633 3.76 -23.83 122.44
C ILE G 2633 2.93 -22.56 122.31
N LEU G 2634 2.11 -22.46 121.27
CA LEU G 2634 1.23 -21.32 121.08
C LEU G 2634 2.01 -20.01 121.04
N ASN G 2635 3.05 -19.98 120.22
CA ASN G 2635 3.85 -18.78 120.01
C ASN G 2635 3.30 -18.01 118.81
N GLU G 2636 3.89 -16.85 118.54
CA GLU G 2636 3.49 -16.08 117.37
C GLU G 2636 3.62 -16.90 116.09
N PHE G 2637 4.72 -17.64 115.93
CA PHE G 2637 4.88 -18.45 114.74
C PHE G 2637 3.86 -19.57 114.68
N ALA G 2638 3.17 -19.83 115.80
CA ALA G 2638 2.24 -20.95 115.86
C ALA G 2638 0.85 -20.59 115.37
N LYS G 2639 0.55 -19.31 115.15
CA LYS G 2639 -0.83 -18.93 114.83
C LYS G 2639 -1.28 -19.50 113.49
N MET G 2640 -0.45 -19.40 112.45
CA MET G 2640 -0.84 -19.93 111.15
C MET G 2640 -1.20 -21.41 111.23
N PRO G 2641 -0.43 -22.27 111.90
CA PRO G 2641 -0.87 -23.66 112.08
C PRO G 2641 -2.27 -23.79 112.62
N LEU G 2642 -2.72 -22.88 113.49
CA LEU G 2642 -4.09 -23.00 113.99
C LEU G 2642 -5.10 -22.93 112.86
N LYS G 2643 -4.96 -21.93 111.99
CA LYS G 2643 -5.85 -21.83 110.84
C LYS G 2643 -5.71 -23.04 109.94
N LEU G 2644 -4.47 -23.48 109.70
CA LEU G 2644 -4.27 -24.62 108.82
C LEU G 2644 -4.99 -25.85 109.33
N LEU G 2645 -4.81 -26.17 110.62
CA LEU G 2645 -5.46 -27.32 111.21
C LEU G 2645 -6.97 -27.16 111.21
N THR G 2646 -7.46 -25.97 111.52
CA THR G 2646 -8.90 -25.74 111.47
C THR G 2646 -9.46 -26.10 110.10
N ASN G 2647 -8.86 -25.54 109.05
CA ASN G 2647 -9.36 -25.81 107.70
C ASN G 2647 -9.27 -27.28 107.38
N HIS G 2648 -8.13 -27.92 107.65
CA HIS G 2648 -7.95 -29.31 107.26
C HIS G 2648 -8.96 -30.20 107.97
N TYR G 2649 -9.08 -30.06 109.29
CA TYR G 2649 -10.01 -30.90 110.04
C TYR G 2649 -11.45 -30.63 109.65
N GLU G 2650 -11.81 -29.36 109.43
CA GLU G 2650 -13.17 -29.06 109.01
C GLU G 2650 -13.48 -29.73 107.68
N ARG G 2651 -12.53 -29.69 106.74
CA ARG G 2651 -12.76 -30.29 105.44
C ARG G 2651 -12.87 -31.81 105.54
N CYS G 2652 -12.02 -32.43 106.36
CA CYS G 2652 -11.88 -33.88 106.37
C CYS G 2652 -12.50 -34.52 107.62
N TRP G 2653 -13.46 -33.86 108.26
CA TRP G 2653 -14.05 -34.46 109.46
C TRP G 2653 -14.68 -35.81 109.15
N LYS G 2654 -15.29 -35.94 107.97
CA LYS G 2654 -15.83 -37.23 107.56
C LYS G 2654 -14.76 -38.32 107.65
N TYR G 2655 -13.55 -38.02 107.18
CA TYR G 2655 -12.51 -39.03 107.08
C TYR G 2655 -11.99 -39.45 108.44
N TYR G 2656 -12.25 -38.66 109.48
CA TYR G 2656 -11.65 -38.91 110.77
C TYR G 2656 -12.59 -39.59 111.77
N CYS G 2657 -13.89 -39.32 111.69
CA CYS G 2657 -14.85 -39.85 112.65
C CYS G 2657 -15.68 -41.00 112.12
N LEU G 2658 -16.15 -40.94 110.88
CA LEU G 2658 -17.02 -41.97 110.37
C LEU G 2658 -16.30 -43.31 110.36
N PRO G 2659 -16.90 -44.38 110.88
CA PRO G 2659 -16.24 -45.69 110.79
C PRO G 2659 -15.97 -46.10 109.35
N THR G 2660 -16.87 -45.76 108.43
CA THR G 2660 -16.68 -46.12 107.03
C THR G 2660 -15.55 -45.33 106.39
N GLY G 2661 -15.40 -44.07 106.76
CA GLY G 2661 -14.43 -43.20 106.16
C GLY G 2661 -15.02 -42.38 105.03
N TRP G 2662 -14.39 -41.23 104.79
CA TRP G 2662 -14.90 -40.31 103.76
C TRP G 2662 -14.78 -40.96 102.39
N ALA G 2663 -15.79 -40.74 101.55
CA ALA G 2663 -15.90 -41.48 100.30
C ALA G 2663 -14.64 -41.34 99.47
N ASN G 2664 -14.13 -42.48 99.00
CA ASN G 2664 -12.99 -42.60 98.09
C ASN G 2664 -11.67 -42.22 98.74
N PHE G 2665 -11.66 -41.79 100.00
CA PHE G 2665 -10.45 -41.33 100.65
C PHE G 2665 -10.03 -42.22 101.81
N GLY G 2666 -10.59 -43.43 101.91
CA GLY G 2666 -10.18 -44.32 102.95
C GLY G 2666 -10.69 -43.89 104.31
N VAL G 2667 -10.01 -44.37 105.35
CA VAL G 2667 -10.35 -44.08 106.73
C VAL G 2667 -9.07 -43.74 107.49
N THR G 2668 -9.25 -42.99 108.58
CA THR G 2668 -8.11 -42.58 109.39
C THR G 2668 -7.40 -43.78 109.99
N SER G 2669 -6.15 -43.57 110.38
CA SER G 2669 -5.36 -44.60 111.03
C SER G 2669 -5.34 -44.39 112.53
N GLU G 2670 -5.02 -45.47 113.25
CA GLU G 2670 -4.94 -45.38 114.71
C GLU G 2670 -3.90 -44.34 115.13
N GLU G 2671 -2.73 -44.36 114.50
CA GLU G 2671 -1.70 -43.40 114.85
C GLU G 2671 -2.15 -41.98 114.53
N GLU G 2672 -2.84 -41.80 113.39
CA GLU G 2672 -3.31 -40.47 113.04
C GLU G 2672 -4.31 -39.96 114.06
N LEU G 2673 -5.22 -40.82 114.52
CA LEU G 2673 -6.15 -40.41 115.56
C LEU G 2673 -5.44 -40.10 116.86
N HIS G 2674 -4.40 -40.87 117.18
CA HIS G 2674 -3.60 -40.58 118.37
C HIS G 2674 -2.98 -39.19 118.27
N LEU G 2675 -2.41 -38.87 117.10
CA LEU G 2675 -1.87 -37.53 116.90
C LEU G 2675 -2.96 -36.48 117.06
N THR G 2676 -4.15 -36.75 116.53
CA THR G 2676 -5.24 -35.80 116.67
C THR G 2676 -5.56 -35.53 118.14
N ARG G 2677 -5.68 -36.59 118.94
CA ARG G 2677 -5.98 -36.42 120.36
C ARG G 2677 -4.85 -35.69 121.07
N LYS G 2678 -3.61 -36.04 120.77
CA LYS G 2678 -2.47 -35.37 121.39
C LYS G 2678 -2.53 -33.87 121.10
N LEU G 2679 -2.77 -33.53 119.84
CA LEU G 2679 -2.86 -32.12 119.46
C LEU G 2679 -3.99 -31.43 120.19
N PHE G 2680 -5.16 -32.06 120.25
CA PHE G 2680 -6.30 -31.45 120.93
C PHE G 2680 -5.95 -31.15 122.37
N TRP G 2681 -5.46 -32.13 123.10
CA TRP G 2681 -5.17 -31.92 124.51
C TRP G 2681 -4.02 -30.93 124.73
N GLY G 2682 -3.00 -30.95 123.88
CA GLY G 2682 -1.93 -29.98 124.01
C GLY G 2682 -2.45 -28.57 123.86
N ILE G 2683 -3.25 -28.34 122.82
CA ILE G 2683 -3.81 -27.00 122.62
C ILE G 2683 -4.68 -26.62 123.81
N PHE G 2684 -5.52 -27.55 124.27
CA PHE G 2684 -6.42 -27.24 125.37
C PHE G 2684 -5.64 -26.81 126.60
N ASP G 2685 -4.65 -27.59 127.01
CA ASP G 2685 -3.90 -27.29 128.21
C ASP G 2685 -3.10 -25.99 128.05
N SER G 2686 -2.44 -25.81 126.91
CA SER G 2686 -1.66 -24.60 126.73
C SER G 2686 -2.53 -23.36 126.74
N LEU G 2687 -3.68 -23.42 126.08
CA LEU G 2687 -4.60 -22.28 126.07
C LEU G 2687 -5.12 -22.00 127.47
N ALA G 2688 -5.46 -23.05 128.22
CA ALA G 2688 -5.96 -22.83 129.58
C ALA G 2688 -4.90 -22.15 130.44
N HIS G 2689 -3.65 -22.60 130.34
CA HIS G 2689 -2.61 -22.01 131.18
C HIS G 2689 -2.28 -20.58 130.75
N LYS G 2690 -2.23 -20.33 129.45
CA LYS G 2690 -1.79 -19.02 128.97
C LYS G 2690 -2.74 -17.92 129.40
N LYS G 2691 -2.19 -16.74 129.68
CA LYS G 2691 -3.00 -15.57 129.97
C LYS G 2691 -3.84 -15.20 128.74
N TYR G 2692 -4.74 -14.26 128.93
CA TYR G 2692 -5.68 -13.91 127.87
C TYR G 2692 -4.96 -13.27 126.68
N ASP G 2693 -5.49 -13.51 125.48
CA ASP G 2693 -5.07 -12.84 124.27
C ASP G 2693 -6.23 -12.90 123.29
N GLN G 2694 -6.77 -11.73 122.93
CA GLN G 2694 -7.96 -11.71 122.08
C GLN G 2694 -7.73 -12.45 120.77
N GLU G 2695 -6.67 -12.10 120.05
CA GLU G 2695 -6.41 -12.71 118.74
C GLU G 2695 -6.19 -14.20 118.87
N LEU G 2696 -5.34 -14.62 119.82
CA LEU G 2696 -5.03 -16.03 119.95
C LEU G 2696 -6.27 -16.84 120.32
N TYR G 2697 -7.08 -16.34 121.25
CA TYR G 2697 -8.28 -17.07 121.64
C TYR G 2697 -9.28 -17.15 120.49
N ARG G 2698 -9.47 -16.05 119.77
CA ARG G 2698 -10.42 -16.05 118.66
C ARG G 2698 -9.95 -17.00 117.56
N ILE G 2699 -8.65 -17.12 117.36
CA ILE G 2699 -8.14 -18.06 116.37
C ILE G 2699 -8.21 -19.49 116.90
N ALA G 2700 -8.06 -19.69 118.20
CA ALA G 2700 -8.03 -21.03 118.75
C ALA G 2700 -9.42 -21.67 118.74
N MET G 2701 -10.42 -20.94 119.22
CA MET G 2701 -11.73 -21.57 119.45
C MET G 2701 -12.24 -22.30 118.22
N PRO G 2702 -12.19 -21.75 117.01
CA PRO G 2702 -12.59 -22.54 115.84
C PRO G 2702 -11.77 -23.81 115.70
N CYS G 2703 -10.47 -23.73 115.97
CA CYS G 2703 -9.62 -24.90 115.82
C CYS G 2703 -10.01 -25.98 116.82
N LEU G 2704 -10.16 -25.61 118.09
CA LEU G 2704 -10.52 -26.60 119.09
C LEU G 2704 -11.86 -27.23 118.74
N CYS G 2705 -12.82 -26.41 118.30
CA CYS G 2705 -14.11 -26.97 117.89
C CYS G 2705 -13.93 -27.95 116.75
N ALA G 2706 -13.09 -27.62 115.77
CA ALA G 2706 -12.92 -28.47 114.61
C ALA G 2706 -12.33 -29.83 114.99
N ILE G 2707 -11.24 -29.83 115.77
CA ILE G 2707 -10.66 -31.11 116.18
C ILE G 2707 -11.63 -31.88 117.08
N ALA G 2708 -12.36 -31.18 117.95
CA ALA G 2708 -13.32 -31.86 118.79
C ALA G 2708 -14.36 -32.59 117.95
N GLY G 2709 -14.87 -31.93 116.92
CA GLY G 2709 -15.81 -32.57 116.03
C GLY G 2709 -15.20 -33.74 115.27
N ALA G 2710 -13.99 -33.53 114.74
CA ALA G 2710 -13.38 -34.56 113.90
C ALA G 2710 -13.07 -35.82 114.69
N LEU G 2711 -12.55 -35.67 115.90
CA LEU G 2711 -12.11 -36.84 116.66
C LEU G 2711 -13.31 -37.70 117.02
N PRO G 2712 -13.24 -39.02 116.86
CA PRO G 2712 -14.40 -39.86 117.18
C PRO G 2712 -14.76 -39.75 118.64
N PRO G 2713 -16.06 -39.78 118.97
CA PRO G 2713 -16.44 -39.70 120.40
C PRO G 2713 -15.89 -40.84 121.22
N ASP G 2714 -15.98 -42.06 120.73
CA ASP G 2714 -15.64 -43.25 121.51
C ASP G 2714 -14.21 -43.72 121.26
N TYR G 2715 -13.42 -42.99 120.50
CA TYR G 2715 -12.06 -43.43 120.20
C TYR G 2715 -11.27 -43.64 121.49
N VAL G 2716 -10.47 -44.71 121.50
CA VAL G 2716 -9.61 -45.03 122.63
C VAL G 2716 -8.18 -45.20 122.11
N ASP G 2717 -7.24 -44.52 122.73
CA ASP G 2717 -5.84 -44.63 122.31
C ASP G 2717 -5.31 -46.02 122.59
N ALA G 2718 -4.47 -46.53 121.68
CA ALA G 2718 -3.83 -47.81 121.91
C ALA G 2718 -2.93 -47.77 123.14
N SER G 2719 -2.19 -46.68 123.30
CA SER G 2719 -1.29 -46.49 124.44
C SER G 2719 -1.68 -45.20 125.15
N TYR G 2720 -1.69 -45.25 126.48
CA TYR G 2720 -2.03 -44.10 127.31
C TYR G 2720 -0.90 -43.85 128.30
N SER G 2721 -0.56 -42.58 128.51
CA SER G 2721 0.50 -42.18 129.42
C SER G 2721 -0.11 -41.39 130.56
N SER G 2722 -0.18 -42.01 131.74
CA SER G 2722 -0.69 -41.30 132.92
C SER G 2722 0.21 -40.13 133.28
N LYS G 2723 1.53 -40.33 133.20
CA LYS G 2723 2.46 -39.25 133.52
C LYS G 2723 2.35 -38.07 132.57
N THR G 2724 1.90 -38.30 131.34
CA THR G 2724 1.76 -37.26 130.32
C THR G 2724 2.95 -36.30 130.35
N GLU G 2725 4.14 -36.86 130.16
CA GLU G 2725 5.36 -36.07 130.20
C GLU G 2725 5.31 -34.95 129.15
N LYS G 2726 6.05 -33.88 129.42
CA LYS G 2726 6.10 -32.73 128.53
C LYS G 2726 4.71 -32.16 128.32
N ASN G 2735 13.88 -25.04 120.20
CA ASN G 2735 12.59 -25.55 119.75
C ASN G 2735 12.34 -26.95 120.29
N PHE G 2736 13.36 -27.80 120.21
CA PHE G 2736 13.29 -29.16 120.70
C PHE G 2736 14.45 -29.42 121.65
N ASP G 2737 14.21 -30.31 122.62
CA ASP G 2737 15.23 -30.68 123.58
C ASP G 2737 15.75 -32.07 123.25
N PRO G 2738 16.94 -32.21 122.68
CA PRO G 2738 17.48 -33.54 122.35
C PRO G 2738 18.38 -34.15 123.41
N ARG G 2739 18.57 -33.49 124.55
CA ARG G 2739 19.44 -34.04 125.57
C ARG G 2739 18.88 -35.38 126.07
N PRO G 2740 19.71 -36.41 126.17
CA PRO G 2740 19.21 -37.71 126.61
C PRO G 2740 18.99 -37.76 128.12
N VAL G 2741 18.21 -38.76 128.53
CA VAL G 2741 18.05 -39.01 129.95
C VAL G 2741 19.41 -39.31 130.55
N GLU G 2742 19.72 -38.66 131.67
CA GLU G 2742 21.04 -38.78 132.27
C GLU G 2742 21.21 -40.16 132.88
N THR G 2743 22.19 -40.91 132.35
CA THR G 2743 22.53 -42.22 132.87
C THR G 2743 23.95 -42.32 133.41
N LEU G 2744 24.88 -41.55 132.86
CA LEU G 2744 26.28 -41.66 133.27
C LEU G 2744 26.45 -41.29 134.73
N ASN G 2745 25.56 -40.46 135.28
CA ASN G 2745 25.71 -40.01 136.65
C ASN G 2745 25.64 -41.18 137.63
N VAL G 2746 24.69 -42.10 137.44
CA VAL G 2746 24.52 -43.20 138.38
C VAL G 2746 25.54 -44.29 138.07
N ILE G 2747 25.74 -45.20 139.03
CA ILE G 2747 26.71 -46.28 138.89
C ILE G 2747 25.96 -47.57 138.58
N ILE G 2748 26.71 -48.61 138.20
CA ILE G 2748 26.12 -49.89 137.80
C ILE G 2748 26.49 -50.96 138.82
N PRO G 2749 25.51 -51.66 139.41
CA PRO G 2749 25.85 -52.74 140.33
C PRO G 2749 26.51 -53.91 139.62
N GLU G 2750 27.14 -54.79 140.40
CA GLU G 2750 27.74 -55.99 139.84
C GLU G 2750 26.68 -56.95 139.33
N LYS G 2751 25.53 -56.99 139.99
CA LYS G 2751 24.39 -57.76 139.49
C LYS G 2751 24.02 -57.31 138.08
N LEU G 2752 23.87 -56.01 137.89
CA LEU G 2752 23.51 -55.50 136.58
C LEU G 2752 24.67 -55.62 135.60
N ASP G 2753 25.90 -55.69 136.11
CA ASP G 2753 27.04 -55.96 135.23
C ASP G 2753 27.00 -57.39 134.71
N SER G 2754 26.61 -58.34 135.57
CA SER G 2754 26.41 -59.70 135.10
C SER G 2754 25.31 -59.75 134.04
N PHE G 2755 24.20 -59.04 134.27
CA PHE G 2755 23.20 -58.94 133.22
C PHE G 2755 23.76 -58.30 131.95
N ILE G 2756 24.65 -57.32 132.11
CA ILE G 2756 25.23 -56.66 130.95
C ILE G 2756 26.03 -57.65 130.12
N ASN G 2757 26.85 -58.47 130.78
CA ASN G 2757 27.59 -59.49 130.07
C ASN G 2757 26.66 -60.50 129.39
N LYS G 2758 25.60 -60.92 130.09
CA LYS G 2758 24.67 -61.88 129.49
C LYS G 2758 23.98 -61.30 128.26
N PHE G 2759 23.55 -60.04 128.34
CA PHE G 2759 22.88 -59.43 127.19
C PHE G 2759 23.88 -59.12 126.09
N ALA G 2760 25.14 -58.85 126.44
CA ALA G 2760 26.16 -58.63 125.42
C ALA G 2760 26.41 -59.90 124.62
N GLU G 2761 26.57 -61.03 125.30
CA GLU G 2761 26.72 -62.30 124.58
C GLU G 2761 25.45 -62.65 123.82
N TYR G 2762 24.27 -62.39 124.37
CA TYR G 2762 23.04 -62.65 123.63
C TYR G 2762 22.97 -61.80 122.37
N THR G 2763 23.35 -60.52 122.47
CA THR G 2763 23.30 -59.64 121.30
C THR G 2763 24.30 -60.07 120.26
N HIS G 2764 25.50 -60.50 120.70
CA HIS G 2764 26.47 -61.05 119.75
C HIS G 2764 25.90 -62.26 119.04
N GLU G 2765 25.26 -63.16 119.78
CA GLU G 2765 24.68 -64.36 119.19
C GLU G 2765 23.53 -64.01 118.24
N LYS G 2766 22.70 -63.04 118.60
CA LYS G 2766 21.59 -62.65 117.73
C LYS G 2766 22.10 -61.96 116.46
N TRP G 2767 23.16 -61.17 116.58
CA TRP G 2767 23.79 -60.60 115.39
C TRP G 2767 24.36 -61.69 114.50
N ALA G 2768 24.98 -62.72 115.10
CA ALA G 2768 25.45 -63.85 114.31
C ALA G 2768 24.29 -64.61 113.68
N PHE G 2769 23.13 -64.65 114.35
CA PHE G 2769 21.94 -65.25 113.76
C PHE G 2769 21.46 -64.45 112.56
N ASP G 2770 21.47 -63.12 112.66
CA ASP G 2770 21.17 -62.29 111.50
C ASP G 2770 22.17 -62.57 110.39
N LYS G 2771 23.44 -62.78 110.74
CA LYS G 2771 24.45 -63.11 109.74
C LYS G 2771 24.15 -64.43 109.05
N ILE G 2772 23.73 -65.45 109.82
CA ILE G 2772 23.42 -66.72 109.19
C ILE G 2772 22.18 -66.59 108.30
N GLN G 2773 21.21 -65.76 108.71
CA GLN G 2773 20.10 -65.47 107.82
C GLN G 2773 20.56 -64.80 106.52
N ASN G 2774 21.49 -63.86 106.61
CA ASN G 2774 22.05 -63.20 105.44
C ASN G 2774 23.06 -64.08 104.69
N ASN G 2775 23.37 -65.25 105.21
CA ASN G 2775 24.36 -66.19 104.69
C ASN G 2775 25.78 -65.77 105.02
N TRP G 2776 25.97 -64.83 105.94
CA TRP G 2776 27.31 -64.46 106.37
C TRP G 2776 27.88 -65.50 107.32
N SER G 2777 29.21 -65.66 107.27
CA SER G 2777 29.92 -66.63 108.09
C SER G 2777 31.13 -65.95 108.74
N TYR G 2778 32.00 -66.77 109.34
CA TYR G 2778 33.21 -66.26 109.96
C TYR G 2778 34.29 -66.07 108.89
N GLY G 2779 35.13 -65.06 109.10
CA GLY G 2779 36.19 -64.76 108.16
C GLY G 2779 37.35 -64.03 108.82
N GLU G 2780 38.26 -63.56 107.98
CA GLU G 2780 39.38 -62.77 108.47
C GLU G 2780 39.05 -61.28 108.48
N ASN G 2781 38.13 -60.86 107.64
CA ASN G 2781 37.73 -59.46 107.54
C ASN G 2781 36.32 -59.37 106.99
N ILE G 2782 35.71 -58.20 107.13
CA ILE G 2782 34.36 -57.95 106.66
C ILE G 2782 34.43 -57.53 105.20
N ASP G 2783 33.76 -58.29 104.33
CA ASP G 2783 33.62 -57.95 102.91
C ASP G 2783 32.25 -58.39 102.44
N GLU G 2784 31.54 -57.48 101.76
CA GLU G 2784 30.18 -57.78 101.35
C GLU G 2784 30.14 -58.98 100.41
N GLU G 2785 31.01 -59.01 99.41
CA GLU G 2785 31.02 -60.13 98.47
C GLU G 2785 31.47 -61.42 99.16
N LEU G 2786 32.45 -61.32 100.05
CA LEU G 2786 32.95 -62.52 100.72
C LEU G 2786 31.92 -63.09 101.68
N LYS G 2787 31.08 -62.24 102.26
CA LYS G 2787 30.05 -62.67 103.20
C LYS G 2787 30.65 -63.41 104.39
N THR G 2788 31.77 -62.89 104.90
CA THR G 2788 32.41 -63.42 106.09
C THR G 2788 32.77 -62.28 107.03
N HIS G 2789 32.86 -62.59 108.32
CA HIS G 2789 33.02 -61.59 109.35
C HIS G 2789 34.10 -62.03 110.34
N PRO G 2790 34.99 -61.12 110.77
CA PRO G 2790 36.05 -61.53 111.71
C PRO G 2790 35.59 -61.56 113.15
N MET G 2791 34.61 -60.72 113.50
CA MET G 2791 34.10 -60.70 114.86
C MET G 2791 33.08 -61.79 115.11
N LEU G 2792 32.65 -62.52 114.07
CA LEU G 2792 31.76 -63.66 114.22
C LEU G 2792 32.57 -64.81 114.81
N ARG G 2793 32.92 -64.64 116.07
CA ARG G 2793 33.73 -65.60 116.81
C ARG G 2793 33.10 -65.84 118.18
N PRO G 2794 33.40 -66.97 118.81
CA PRO G 2794 32.77 -67.27 120.12
C PRO G 2794 32.96 -66.15 121.13
N TYR G 2795 32.04 -66.05 122.09
CA TYR G 2795 32.13 -64.99 123.10
C TYR G 2795 33.43 -65.08 123.87
N LYS G 2796 33.97 -66.29 124.04
CA LYS G 2796 35.25 -66.46 124.71
C LYS G 2796 36.39 -65.79 123.96
N THR G 2797 36.47 -65.97 122.65
CA THR G 2797 37.46 -65.29 121.82
C THR G 2797 36.98 -63.92 121.35
N PHE G 2798 35.76 -63.54 121.70
CA PHE G 2798 35.23 -62.25 121.30
C PHE G 2798 36.08 -61.13 121.86
N SER G 2799 36.60 -60.27 120.98
CA SER G 2799 37.56 -59.26 121.39
C SER G 2799 36.96 -58.33 122.43
N GLU G 2800 37.80 -57.89 123.37
CA GLU G 2800 37.37 -57.05 124.48
C GLU G 2800 36.84 -55.71 123.98
N LYS G 2801 37.52 -55.12 122.99
CA LYS G 2801 37.07 -53.83 122.47
C LYS G 2801 35.63 -53.91 121.96
N ASP G 2802 35.35 -54.89 121.11
CA ASP G 2802 33.97 -55.09 120.66
C ASP G 2802 33.08 -55.53 121.82
N LYS G 2803 33.65 -56.23 122.80
CA LYS G 2803 32.89 -56.59 123.99
C LYS G 2803 32.45 -55.35 124.74
N GLU G 2804 33.36 -54.38 124.92
CA GLU G 2804 32.99 -53.12 125.56
C GLU G 2804 31.98 -52.35 124.71
N ILE G 2805 32.14 -52.40 123.38
CA ILE G 2805 31.19 -51.72 122.50
C ILE G 2805 29.79 -52.27 122.70
N TYR G 2806 29.68 -53.60 122.77
CA TYR G 2806 28.38 -54.22 122.97
C TYR G 2806 27.84 -53.96 124.37
N ARG G 2807 28.70 -53.92 125.37
CA ARG G 2807 28.25 -53.75 126.75
C ARG G 2807 27.82 -52.32 127.06
N TRP G 2808 28.51 -51.32 126.52
CA TRP G 2808 28.27 -49.94 126.93
C TRP G 2808 26.82 -49.51 126.72
N PRO G 2809 26.16 -49.82 125.60
CA PRO G 2809 24.73 -49.50 125.51
C PRO G 2809 23.91 -50.13 126.62
N ILE G 2810 24.26 -51.35 127.02
CA ILE G 2810 23.53 -52.02 128.09
C ILE G 2810 23.80 -51.34 129.42
N LYS G 2811 25.06 -50.96 129.66
CA LYS G 2811 25.38 -50.18 130.85
C LYS G 2811 24.54 -48.91 130.91
N GLU G 2812 24.46 -48.19 129.79
CA GLU G 2812 23.69 -46.96 129.75
C GLU G 2812 22.21 -47.22 130.00
N SER G 2813 21.68 -48.31 129.42
CA SER G 2813 20.27 -48.63 129.60
C SER G 2813 19.95 -48.92 131.06
N LEU G 2814 20.80 -49.72 131.71
CA LEU G 2814 20.54 -50.07 133.11
C LEU G 2814 20.73 -48.85 134.02
N LYS G 2815 21.72 -48.01 133.73
CA LYS G 2815 21.87 -46.77 134.47
C LYS G 2815 20.67 -45.86 134.27
N ALA G 2816 20.10 -45.85 133.05
CA ALA G 2816 18.88 -45.11 132.81
C ALA G 2816 17.73 -45.65 133.65
N MET G 2817 17.63 -46.98 133.75
CA MET G 2817 16.61 -47.58 134.60
C MET G 2817 16.76 -47.11 136.03
N ILE G 2818 17.98 -47.17 136.57
CA ILE G 2818 18.22 -46.75 137.94
C ILE G 2818 17.89 -45.28 138.12
N ALA G 2819 18.31 -44.42 137.19
CA ALA G 2819 17.99 -43.00 137.26
C ALA G 2819 16.49 -42.74 137.22
N TRP G 2820 15.76 -43.48 136.39
CA TRP G 2820 14.30 -43.45 136.40
C TRP G 2820 13.72 -44.05 137.67
N GLU G 2821 14.55 -44.71 138.48
CA GLU G 2821 14.20 -45.36 139.75
C GLU G 2821 13.59 -46.72 139.50
N TRP G 2822 13.66 -47.24 138.28
CA TRP G 2822 13.24 -48.61 138.02
C TRP G 2822 14.19 -49.57 138.73
N THR G 2823 13.62 -50.45 139.55
CA THR G 2823 14.39 -51.35 140.40
C THR G 2823 14.23 -52.77 139.91
N VAL G 2824 15.35 -53.42 139.58
CA VAL G 2824 15.36 -54.76 139.00
C VAL G 2824 15.92 -55.71 140.05
N GLU G 2825 15.20 -56.81 140.29
CA GLU G 2825 15.59 -57.80 141.28
C GLU G 2825 15.66 -59.17 140.62
N LYS G 2826 16.77 -59.89 140.87
CA LYS G 2826 16.94 -61.25 140.35
C LYS G 2826 16.02 -62.20 141.11
N ALA G 2827 15.02 -62.75 140.40
CA ALA G 2827 14.30 -63.90 140.94
C ALA G 2827 15.17 -65.16 140.86
N ARG G 2828 15.95 -65.29 139.79
CA ARG G 2828 16.87 -66.40 139.61
C ARG G 2828 17.88 -66.04 138.52
N GLU G 2829 18.98 -66.78 138.48
CA GLU G 2829 20.02 -66.51 137.49
C GLU G 2829 19.54 -66.91 136.10
N GLY G 2830 20.04 -66.20 135.09
CA GLY G 2830 19.63 -66.48 133.73
C GLY G 2830 20.22 -67.81 133.26
N GLU G 2831 19.54 -68.43 132.30
CA GLU G 2831 19.98 -69.69 131.73
C GLU G 2831 21.21 -69.48 130.85
N TYR G 2856 31.61 -69.09 114.24
CA TYR G 2856 30.98 -69.98 115.21
C TYR G 2856 29.50 -70.17 114.89
N ASN G 2857 28.82 -70.96 115.72
CA ASN G 2857 27.40 -71.22 115.54
C ASN G 2857 26.61 -70.36 116.51
N PRO G 2858 25.77 -69.44 116.05
CA PRO G 2858 25.01 -68.61 116.99
C PRO G 2858 24.09 -69.45 117.87
N GLN G 2859 23.96 -69.03 119.13
CA GLN G 2859 23.06 -69.68 120.08
C GLN G 2859 22.28 -68.60 120.84
N PRO G 2860 21.42 -67.86 120.16
CA PRO G 2860 20.69 -66.78 120.83
C PRO G 2860 19.54 -67.34 121.66
N PRO G 2861 19.45 -66.98 122.93
CA PRO G 2861 18.23 -67.31 123.70
C PRO G 2861 17.02 -66.70 123.03
N ASP G 2862 15.92 -67.46 123.02
CA ASP G 2862 14.73 -67.05 122.29
C ASP G 2862 13.96 -65.99 123.08
N LEU G 2863 13.55 -64.93 122.40
CA LEU G 2863 12.75 -63.88 123.00
C LEU G 2863 11.29 -63.89 122.55
N SER G 2864 10.98 -64.59 121.46
CA SER G 2864 9.60 -64.61 120.96
C SER G 2864 8.66 -65.22 121.99
N VAL G 2865 9.08 -66.31 122.62
CA VAL G 2865 8.24 -66.96 123.62
C VAL G 2865 8.01 -66.04 124.81
N VAL G 2866 9.06 -65.35 125.25
CA VAL G 2866 8.94 -64.46 126.39
C VAL G 2866 8.15 -63.23 125.98
N THR G 2867 7.17 -62.85 126.80
CA THR G 2867 6.31 -61.70 126.55
C THR G 2867 6.57 -60.63 127.60
N LEU G 2868 5.82 -59.53 127.51
CA LEU G 2868 5.95 -58.40 128.41
C LEU G 2868 4.57 -57.92 128.82
N SER G 2869 4.40 -57.70 130.13
CA SER G 2869 3.14 -57.17 130.64
C SER G 2869 2.96 -55.73 130.16
N ARG G 2870 1.86 -55.10 130.58
CA ARG G 2870 1.66 -53.70 130.22
C ARG G 2870 2.77 -52.83 130.80
N GLU G 2871 3.15 -53.08 132.05
CA GLU G 2871 4.27 -52.38 132.65
C GLU G 2871 5.52 -52.51 131.80
N LEU G 2872 5.85 -53.74 131.39
CA LEU G 2872 7.10 -53.97 130.70
C LEU G 2872 7.05 -53.43 129.27
N GLN G 2873 5.89 -53.47 128.62
CA GLN G 2873 5.73 -52.79 127.34
C GLN G 2873 5.98 -51.30 127.48
N ALA G 2874 5.41 -50.68 128.51
CA ALA G 2874 5.67 -49.27 128.74
C ALA G 2874 7.15 -49.01 128.98
N MET G 2875 7.79 -49.86 129.77
CA MET G 2875 9.22 -49.70 130.04
C MET G 2875 10.03 -49.80 128.76
N ALA G 2876 9.69 -50.74 127.88
CA ALA G 2876 10.35 -50.82 126.59
C ALA G 2876 10.13 -49.54 125.80
N GLU G 2877 8.93 -48.97 125.90
CA GLU G 2877 8.66 -47.71 125.22
C GLU G 2877 9.58 -46.60 125.73
N GLN G 2878 9.72 -46.48 127.05
CA GLN G 2878 10.57 -45.40 127.57
C GLN G 2878 12.05 -45.67 127.30
N LEU G 2879 12.46 -46.94 127.28
CA LEU G 2879 13.84 -47.25 126.93
C LEU G 2879 14.13 -46.88 125.49
N ALA G 2880 13.20 -47.20 124.58
CA ALA G 2880 13.33 -46.76 123.20
C ALA G 2880 13.32 -45.23 123.12
N GLU G 2881 12.55 -44.58 124.00
CA GLU G 2881 12.55 -43.12 124.04
C GLU G 2881 13.93 -42.58 124.42
N ASN G 2882 14.57 -43.20 125.42
CA ASN G 2882 15.90 -42.76 125.82
C ASN G 2882 16.92 -43.01 124.72
N TYR G 2883 16.83 -44.16 124.06
CA TYR G 2883 17.70 -44.44 122.92
C TYR G 2883 17.51 -43.41 121.82
N HIS G 2884 16.25 -43.07 121.53
CA HIS G 2884 15.95 -42.08 120.51
C HIS G 2884 16.46 -40.70 120.93
N ASN G 2885 16.43 -40.40 122.22
CA ASN G 2885 16.95 -39.12 122.70
C ASN G 2885 18.47 -39.08 122.55
N THR G 2886 19.14 -40.20 122.78
CA THR G 2886 20.57 -40.28 122.51
C THR G 2886 20.86 -40.07 121.03
N TRP G 2887 20.06 -40.71 120.18
CA TRP G 2887 20.18 -40.51 118.73
C TRP G 2887 19.98 -39.05 118.37
N GLY G 2888 18.98 -38.41 118.97
CA GLY G 2888 18.73 -37.01 118.69
C GLY G 2888 19.84 -36.11 119.20
N ARG G 2889 20.48 -36.49 120.30
CA ARG G 2889 21.63 -35.74 120.78
C ARG G 2889 22.78 -35.82 119.78
N LYS G 2890 23.02 -37.01 119.22
CA LYS G 2890 24.03 -37.12 118.17
C LYS G 2890 23.66 -36.26 116.97
N LYS G 2891 22.40 -36.35 116.53
CA LYS G 2891 21.93 -35.50 115.44
C LYS G 2891 22.06 -34.02 115.79
N LYS G 2892 21.97 -33.70 117.08
CA LYS G 2892 22.10 -32.31 117.51
C LYS G 2892 23.52 -31.82 117.32
N GLN G 2893 24.50 -32.63 117.71
CA GLN G 2893 25.89 -32.26 117.41
C GLN G 2893 26.12 -32.13 115.91
N GLU G 2894 25.59 -33.04 115.10
CA GLU G 2894 25.75 -32.90 113.65
C GLU G 2894 25.09 -31.64 113.10
N LEU G 2895 23.88 -31.31 113.55
CA LEU G 2895 23.19 -30.12 113.06
C LEU G 2895 23.88 -28.86 113.53
N GLU G 2896 24.46 -28.88 114.74
CA GLU G 2896 25.24 -27.74 115.21
C GLU G 2896 26.43 -27.49 114.30
N ALA G 2897 27.14 -28.56 113.92
CA ALA G 2897 28.27 -28.41 113.01
C ALA G 2897 27.82 -27.89 111.66
N LYS G 2898 26.70 -28.41 111.14
CA LYS G 2898 26.27 -28.00 109.81
C LYS G 2898 25.74 -26.57 109.83
N GLY G 2899 25.25 -26.10 110.97
CA GLY G 2899 24.81 -24.73 111.14
C GLY G 2899 23.31 -24.51 111.19
N GLY G 2900 22.51 -25.57 111.20
CA GLY G 2900 21.07 -25.40 111.27
C GLY G 2900 20.34 -26.65 110.83
N GLY G 2901 19.04 -26.49 110.64
CA GLY G 2901 18.21 -27.58 110.14
C GLY G 2901 17.71 -28.48 111.24
N SER G 2902 16.75 -29.32 110.88
CA SER G 2902 16.17 -30.30 111.80
C SER G 2902 16.12 -31.66 111.12
N HIS G 2903 16.70 -32.66 111.77
CA HIS G 2903 16.63 -34.01 111.25
C HIS G 2903 15.19 -34.51 111.30
N PRO G 2904 14.71 -35.23 110.28
CA PRO G 2904 13.31 -35.66 110.30
C PRO G 2904 12.95 -36.49 111.52
N LEU G 2905 13.89 -37.24 112.09
CA LEU G 2905 13.65 -38.06 113.27
C LEU G 2905 13.82 -37.28 114.57
N LEU G 2906 14.19 -36.00 114.49
CA LEU G 2906 14.31 -35.16 115.67
C LEU G 2906 12.99 -35.00 116.41
N VAL G 2907 11.86 -35.24 115.73
CA VAL G 2907 10.53 -35.11 116.33
C VAL G 2907 10.41 -36.18 117.41
N PRO G 2908 9.63 -35.95 118.48
CA PRO G 2908 9.66 -36.89 119.60
C PRO G 2908 9.31 -38.31 119.20
N TYR G 2909 9.89 -39.27 119.92
CA TYR G 2909 9.71 -40.69 119.64
C TYR G 2909 8.24 -41.08 119.68
N ASP G 2910 7.52 -40.66 120.72
CA ASP G 2910 6.09 -40.98 120.80
C ASP G 2910 5.35 -40.47 119.57
N THR G 2911 5.67 -39.25 119.13
CA THR G 2911 5.05 -38.70 117.93
C THR G 2911 5.44 -39.49 116.68
N LEU G 2912 6.61 -40.13 116.70
CA LEU G 2912 7.03 -40.91 115.54
C LEU G 2912 6.01 -42.00 115.26
N THR G 2913 5.86 -42.33 113.97
CA THR G 2913 4.90 -43.36 113.57
C THR G 2913 5.19 -44.66 114.30
N ALA G 2914 4.16 -45.51 114.38
CA ALA G 2914 4.31 -46.78 115.10
C ALA G 2914 5.41 -47.62 114.48
N LYS G 2915 5.45 -47.71 113.15
CA LYS G 2915 6.52 -48.46 112.49
C LYS G 2915 7.89 -47.85 112.78
N GLU G 2916 7.99 -46.52 112.70
CA GLU G 2916 9.25 -45.86 112.97
C GLU G 2916 9.66 -46.03 114.44
N LYS G 2917 8.69 -45.90 115.35
CA LYS G 2917 8.97 -46.19 116.76
C LYS G 2917 9.50 -47.61 116.92
N ALA G 2918 8.97 -48.55 116.14
CA ALA G 2918 9.40 -49.93 116.25
C ALA G 2918 10.90 -50.06 116.06
N ARG G 2919 11.51 -49.19 115.27
CA ARG G 2919 12.93 -49.29 114.95
C ARG G 2919 13.79 -49.27 116.22
N ASP G 2920 13.48 -48.37 117.15
CA ASP G 2920 14.18 -48.33 118.42
C ASP G 2920 13.53 -49.30 119.40
N ARG G 2921 12.25 -49.60 119.19
CA ARG G 2921 11.57 -50.49 120.11
C ARG G 2921 12.16 -51.89 120.06
N GLU G 2922 12.70 -52.33 118.91
CA GLU G 2922 13.24 -53.69 118.89
C GLU G 2922 14.30 -53.85 119.97
N LYS G 2923 15.29 -52.95 120.00
CA LYS G 2923 16.34 -53.05 121.01
C LYS G 2923 15.78 -52.83 122.41
N ALA G 2924 14.87 -51.86 122.57
CA ALA G 2924 14.30 -51.63 123.90
C ALA G 2924 13.62 -52.89 124.44
N GLN G 2925 12.73 -53.49 123.65
CA GLN G 2925 11.96 -54.64 124.10
C GLN G 2925 12.82 -55.88 124.18
N GLU G 2926 13.86 -55.98 123.37
CA GLU G 2926 14.83 -57.07 123.53
C GLU G 2926 15.49 -57.00 124.90
N LEU G 2927 15.96 -55.80 125.29
CA LEU G 2927 16.57 -55.67 126.60
C LEU G 2927 15.56 -55.98 127.70
N LEU G 2928 14.32 -55.51 127.57
CA LEU G 2928 13.33 -55.77 128.59
C LEU G 2928 13.10 -57.28 128.76
N LYS G 2929 12.95 -58.00 127.64
CA LYS G 2929 12.70 -59.44 127.74
C LYS G 2929 13.91 -60.18 128.26
N PHE G 2930 15.12 -59.73 127.92
CA PHE G 2930 16.29 -60.40 128.48
C PHE G 2930 16.38 -60.16 129.98
N LEU G 2931 16.01 -58.96 130.43
CA LEU G 2931 15.86 -58.73 131.86
C LEU G 2931 14.92 -59.76 132.47
N GLN G 2932 13.74 -59.92 131.87
CA GLN G 2932 12.75 -60.84 132.42
C GLN G 2932 13.28 -62.27 132.48
N MET G 2933 13.86 -62.76 131.39
CA MET G 2933 14.35 -64.14 131.39
C MET G 2933 15.49 -64.33 132.39
N ASN G 2934 16.46 -63.41 132.41
CA ASN G 2934 17.53 -63.52 133.39
C ASN G 2934 17.02 -63.34 134.82
N GLY G 2935 15.76 -62.94 134.99
CA GLY G 2935 15.10 -63.00 136.26
C GLY G 2935 14.82 -61.65 136.89
N TYR G 2936 15.02 -60.58 136.15
CA TYR G 2936 14.80 -59.25 136.71
C TYR G 2936 13.31 -58.91 136.73
N ALA G 2937 12.76 -58.87 137.93
CA ALA G 2937 11.43 -58.32 138.18
C ALA G 2937 11.61 -56.84 138.50
N VAL G 2938 10.84 -56.01 137.82
CA VAL G 2938 11.00 -54.56 137.88
C VAL G 2938 9.60 -53.93 137.85
N THR G 2939 9.39 -52.94 138.71
CA THR G 2939 8.09 -52.27 138.84
C THR G 2939 8.31 -50.92 139.50
N ARG G 2940 7.55 -49.91 139.05
CA ARG G 2940 7.61 -48.57 139.62
C ARG G 2940 6.26 -48.10 140.15
N GLY G 2941 5.27 -48.98 140.20
CA GLY G 2941 3.93 -48.58 140.61
C GLY G 2941 3.24 -47.75 139.55
N LEU G 2942 2.92 -48.38 138.42
CA LEU G 2942 2.33 -47.66 137.29
C LEU G 2942 0.96 -47.08 137.66
N LYS G 2943 0.88 -45.76 137.66
CA LYS G 2943 -0.43 -45.12 137.68
C LYS G 2943 -1.28 -45.55 136.49
N ASP G 2944 -0.64 -45.95 135.39
CA ASP G 2944 -1.39 -46.45 134.25
C ASP G 2944 -2.13 -47.74 134.59
N MET G 2945 -1.44 -48.71 135.21
CA MET G 2945 -2.15 -49.93 135.60
C MET G 2945 -3.16 -49.63 136.68
N GLU G 2946 -2.81 -48.74 137.62
CA GLU G 2946 -3.77 -48.34 138.64
C GLU G 2946 -5.07 -47.86 137.99
N LEU G 2947 -4.96 -47.05 136.93
CA LEU G 2947 -6.14 -46.68 136.16
C LEU G 2947 -6.75 -47.89 135.47
N ASP G 2948 -5.91 -48.88 135.13
CA ASP G 2948 -6.34 -50.08 134.42
C ASP G 2948 -6.84 -49.72 133.03
N THR G 2949 -7.16 -50.72 132.21
CA THR G 2949 -7.57 -50.46 130.84
C THR G 2949 -8.75 -49.50 130.81
N SER G 2950 -9.82 -49.83 131.55
CA SER G 2950 -10.96 -48.93 131.72
C SER G 2950 -11.29 -48.21 130.42
N SER G 2951 -11.60 -48.98 129.39
CA SER G 2951 -11.83 -48.42 128.06
C SER G 2951 -12.85 -47.29 128.11
N ILE G 2952 -13.87 -47.44 128.97
CA ILE G 2952 -14.89 -46.40 129.09
C ILE G 2952 -14.24 -45.11 129.56
N GLU G 2953 -13.38 -45.18 130.58
CA GLU G 2953 -12.68 -43.98 131.03
C GLU G 2953 -11.75 -43.45 129.96
N LYS G 2954 -11.14 -44.33 129.17
CA LYS G 2954 -10.16 -43.93 128.17
C LYS G 2954 -10.81 -43.36 126.91
N ARG G 2955 -12.12 -43.50 126.75
CA ARG G 2955 -12.78 -42.85 125.63
C ARG G 2955 -12.53 -41.35 125.68
N PHE G 2956 -12.23 -40.78 124.50
CA PHE G 2956 -11.90 -39.36 124.44
C PHE G 2956 -13.00 -38.52 125.07
N ALA G 2957 -14.27 -38.81 124.74
CA ALA G 2957 -15.36 -38.06 125.33
C ALA G 2957 -15.31 -38.09 126.85
N PHE G 2958 -14.89 -39.22 127.42
CA PHE G 2958 -14.81 -39.33 128.87
C PHE G 2958 -13.85 -38.28 129.43
N GLY G 2959 -12.63 -38.22 128.90
CA GLY G 2959 -11.67 -37.24 129.39
C GLY G 2959 -12.14 -35.82 129.14
N PHE G 2960 -12.71 -35.58 127.97
CA PHE G 2960 -13.23 -34.25 127.67
C PHE G 2960 -14.25 -33.83 128.71
N LEU G 2961 -15.19 -34.71 129.04
CA LEU G 2961 -16.23 -34.37 130.00
C LEU G 2961 -15.66 -34.23 131.40
N GLN G 2962 -14.70 -35.06 131.79
CA GLN G 2962 -14.10 -34.91 133.11
C GLN G 2962 -13.41 -33.55 133.24
N GLN G 2963 -12.65 -33.16 132.22
CA GLN G 2963 -12.03 -31.83 132.23
C GLN G 2963 -13.10 -30.74 132.27
N LEU G 2964 -14.19 -30.94 131.54
CA LEU G 2964 -15.27 -29.96 131.56
C LEU G 2964 -15.84 -29.82 132.96
N LEU G 2965 -16.02 -30.93 133.68
CA LEU G 2965 -16.56 -30.86 135.03
C LEU G 2965 -15.59 -30.17 135.99
N ARG G 2966 -14.29 -30.44 135.85
CA ARG G 2966 -13.33 -29.72 136.68
C ARG G 2966 -13.40 -28.23 136.41
N TRP G 2967 -13.44 -27.85 135.13
CA TRP G 2967 -13.61 -26.43 134.80
C TRP G 2967 -14.93 -25.92 135.34
N MET G 2968 -15.92 -26.78 135.47
CA MET G 2968 -17.20 -26.37 136.04
C MET G 2968 -17.05 -26.01 137.51
N ASP G 2969 -16.29 -26.81 138.25
CA ASP G 2969 -16.01 -26.45 139.63
C ASP G 2969 -15.27 -25.12 139.70
N ILE G 2970 -14.30 -24.92 138.80
CA ILE G 2970 -13.61 -23.63 138.75
C ILE G 2970 -14.60 -22.51 138.45
N SER G 2971 -15.58 -22.77 137.59
CA SER G 2971 -16.59 -21.78 137.28
C SER G 2971 -17.40 -21.43 138.50
N GLN G 2972 -17.81 -22.43 139.27
CA GLN G 2972 -18.51 -22.15 140.52
C GLN G 2972 -17.67 -21.27 141.42
N GLU G 2973 -16.38 -21.60 141.56
CA GLU G 2973 -15.51 -20.81 142.42
C GLU G 2973 -15.45 -19.35 141.98
N PHE G 2974 -15.11 -19.10 140.72
CA PHE G 2974 -14.90 -17.70 140.37
C PHE G 2974 -16.21 -16.95 140.18
N ILE G 2975 -17.33 -17.65 139.92
CA ILE G 2975 -18.60 -16.94 139.93
C ILE G 2975 -18.96 -16.53 141.35
N ALA G 2976 -18.67 -17.38 142.34
CA ALA G 2976 -18.87 -16.97 143.72
C ALA G 2976 -18.01 -15.75 144.05
N HIS G 2977 -16.76 -15.76 143.62
CA HIS G 2977 -15.89 -14.61 143.88
C HIS G 2977 -16.43 -13.35 143.22
N LEU G 2978 -16.86 -13.45 141.95
CA LEU G 2978 -17.39 -12.29 141.26
C LEU G 2978 -18.66 -11.78 141.92
N GLU G 2979 -19.53 -12.69 142.35
CA GLU G 2979 -20.74 -12.29 143.04
C GLU G 2979 -20.41 -11.55 144.33
N ALA G 2980 -19.45 -12.07 145.09
CA ALA G 2980 -19.07 -11.39 146.33
C ALA G 2980 -18.55 -9.99 146.05
N VAL G 2981 -17.65 -9.86 145.07
CA VAL G 2981 -17.06 -8.55 144.82
C VAL G 2981 -18.09 -7.56 144.30
N VAL G 2982 -19.00 -8.00 143.42
CA VAL G 2982 -20.03 -7.08 142.93
C VAL G 2982 -20.98 -6.70 144.06
N SER G 2983 -21.30 -7.65 144.95
CA SER G 2983 -22.17 -7.33 146.08
C SER G 2983 -21.52 -6.29 146.99
N SER G 2984 -20.23 -6.45 147.27
CA SER G 2984 -19.54 -5.50 148.13
C SER G 2984 -18.06 -5.50 147.80
N GLY G 2985 -17.38 -4.42 148.17
CA GLY G 2985 -15.96 -4.30 147.91
C GLY G 2985 -15.61 -4.41 146.45
N ARG G 2986 -16.35 -3.70 145.60
CA ARG G 2986 -16.11 -3.77 144.17
C ARG G 2986 -14.67 -3.39 143.86
N VAL G 2987 -14.01 -4.22 143.04
CA VAL G 2987 -12.61 -4.02 142.69
C VAL G 2987 -12.34 -4.73 141.38
N GLU G 2988 -11.29 -4.28 140.68
CA GLU G 2988 -11.04 -4.71 139.31
C GLU G 2988 -9.90 -5.72 139.18
N LYS G 2989 -9.29 -6.17 140.27
CA LYS G 2989 -8.21 -7.13 140.16
C LYS G 2989 -8.66 -8.39 139.43
N SER G 2990 -9.75 -8.99 139.89
CA SER G 2990 -10.30 -10.20 139.29
C SER G 2990 -9.21 -11.23 139.02
N PRO G 2991 -8.63 -11.82 140.06
CA PRO G 2991 -7.55 -12.80 139.83
C PRO G 2991 -7.97 -13.94 138.92
N HIS G 2992 -9.24 -14.31 138.96
CA HIS G 2992 -9.71 -15.42 138.12
C HIS G 2992 -9.98 -14.95 136.70
N GLU G 2993 -9.84 -13.66 136.44
CA GLU G 2993 -10.12 -13.08 135.13
C GLU G 2993 -9.64 -13.96 133.99
N GLN G 2994 -8.43 -14.51 134.11
CA GLN G 2994 -7.94 -15.43 133.09
C GLN G 2994 -8.89 -16.60 132.91
N GLU G 2995 -9.27 -17.25 134.02
CA GLU G 2995 -10.19 -18.36 133.96
C GLU G 2995 -11.56 -17.95 133.43
N ILE G 2996 -12.04 -16.78 133.83
CA ILE G 2996 -13.34 -16.31 133.36
C ILE G 2996 -13.32 -16.17 131.84
N LYS G 2997 -12.28 -15.52 131.32
CA LYS G 2997 -12.19 -15.30 129.88
C LYS G 2997 -12.04 -16.61 129.15
N PHE G 2998 -11.20 -17.51 129.66
CA PHE G 2998 -11.11 -18.82 129.03
C PHE G 2998 -12.46 -19.50 129.00
N PHE G 2999 -13.13 -19.61 130.14
CA PHE G 2999 -14.46 -20.19 130.19
C PHE G 2999 -15.33 -19.63 129.07
N ALA G 3000 -15.61 -18.33 129.14
CA ALA G 3000 -16.59 -17.74 128.23
C ALA G 3000 -16.16 -17.88 126.77
N LYS G 3001 -14.89 -17.62 126.47
CA LYS G 3001 -14.47 -17.53 125.08
C LYS G 3001 -14.37 -18.91 124.43
N ILE G 3002 -13.86 -19.90 125.16
CA ILE G 3002 -13.53 -21.19 124.59
C ILE G 3002 -14.54 -22.26 125.03
N LEU G 3003 -14.70 -22.45 126.33
CA LEU G 3003 -15.40 -23.65 126.80
C LEU G 3003 -16.85 -23.64 126.34
N LEU G 3004 -17.53 -22.51 126.50
CA LEU G 3004 -18.95 -22.48 126.12
C LEU G 3004 -19.14 -22.72 124.63
N PRO G 3005 -18.45 -22.02 123.72
CA PRO G 3005 -18.56 -22.38 122.30
C PRO G 3005 -18.13 -23.80 122.03
N LEU G 3006 -17.10 -24.29 122.72
CA LEU G 3006 -16.70 -25.68 122.55
C LEU G 3006 -17.81 -26.62 122.97
N ILE G 3007 -18.44 -26.35 124.11
CA ILE G 3007 -19.56 -27.16 124.55
C ILE G 3007 -20.63 -27.17 123.48
N ASN G 3008 -21.00 -25.98 122.98
CA ASN G 3008 -22.07 -25.90 121.99
C ASN G 3008 -21.74 -26.72 120.75
N GLN G 3009 -20.57 -26.47 120.15
CA GLN G 3009 -20.24 -27.15 118.90
C GLN G 3009 -20.13 -28.65 119.11
N TYR G 3010 -19.41 -29.09 120.15
CA TYR G 3010 -19.20 -30.51 120.33
C TYR G 3010 -20.51 -31.24 120.59
N PHE G 3011 -21.33 -30.72 121.50
CA PHE G 3011 -22.55 -31.44 121.83
C PHE G 3011 -23.67 -31.21 120.83
N THR G 3012 -23.51 -30.29 119.88
CA THR G 3012 -24.39 -30.25 118.72
C THR G 3012 -23.97 -31.25 117.66
N ASN G 3013 -22.65 -31.37 117.43
CA ASN G 3013 -22.18 -32.28 116.40
C ASN G 3013 -22.35 -33.73 116.81
N HIS G 3014 -22.15 -34.05 118.08
CA HIS G 3014 -22.19 -35.43 118.56
C HIS G 3014 -23.37 -35.68 119.50
N CYS G 3015 -24.46 -34.95 119.35
CA CYS G 3015 -25.62 -35.19 120.21
C CYS G 3015 -26.13 -36.62 120.06
N LEU G 3016 -26.09 -37.15 118.84
CA LEU G 3016 -26.64 -38.48 118.59
C LEU G 3016 -25.90 -39.54 119.41
N TYR G 3017 -24.57 -39.47 119.44
CA TYR G 3017 -23.80 -40.50 120.14
C TYR G 3017 -24.14 -40.53 121.62
N PHE G 3018 -24.41 -39.37 122.22
CA PHE G 3018 -24.76 -39.31 123.63
C PHE G 3018 -26.16 -39.80 123.93
N LEU G 3019 -27.04 -39.89 122.92
CA LEU G 3019 -28.41 -40.32 123.13
C LEU G 3019 -28.66 -41.76 122.74
N SER G 3020 -27.92 -42.29 121.77
CA SER G 3020 -28.15 -43.67 121.35
C SER G 3020 -27.92 -44.63 122.51
N THR G 3021 -28.87 -45.53 122.71
CA THR G 3021 -28.77 -46.52 123.76
C THR G 3021 -27.95 -47.71 123.28
N PRO G 3022 -27.37 -48.48 124.20
CA PRO G 3022 -26.66 -49.70 123.78
C PRO G 3022 -27.56 -50.65 123.00
N ALA G 3023 -28.83 -50.76 123.40
CA ALA G 3023 -29.74 -51.68 122.70
C ALA G 3023 -30.04 -51.19 121.29
N LYS G 3024 -30.41 -49.91 121.15
CA LYS G 3024 -30.76 -49.32 119.87
C LYS G 3024 -29.81 -48.16 119.59
N VAL G 3025 -29.18 -48.18 118.42
CA VAL G 3025 -28.18 -47.19 118.04
C VAL G 3025 -28.86 -46.23 117.07
N LEU G 3026 -29.30 -45.08 117.59
CA LEU G 3026 -29.90 -44.07 116.72
C LEU G 3026 -28.87 -43.48 115.78
N GLY G 3027 -27.66 -43.23 116.27
CA GLY G 3027 -26.64 -42.60 115.46
C GLY G 3027 -26.03 -43.56 114.47
N SER G 3028 -25.05 -43.04 113.72
CA SER G 3028 -24.38 -43.86 112.71
C SER G 3028 -23.69 -45.06 113.36
N GLY G 3029 -22.99 -44.84 114.46
CA GLY G 3029 -22.31 -45.91 115.14
C GLY G 3029 -21.80 -45.45 116.48
N GLY G 3030 -21.62 -46.39 117.39
CA GLY G 3030 -21.11 -46.06 118.71
C GLY G 3030 -22.19 -45.50 119.61
N HIS G 3031 -22.09 -45.84 120.90
CA HIS G 3031 -23.04 -45.40 121.89
C HIS G 3031 -22.31 -45.04 123.17
N ALA G 3032 -22.72 -43.96 123.80
CA ALA G 3032 -22.06 -43.48 125.01
C ALA G 3032 -22.30 -44.45 126.16
N SER G 3033 -21.42 -44.37 127.15
CA SER G 3033 -21.57 -45.19 128.35
C SER G 3033 -22.58 -44.58 129.29
N ASN G 3034 -23.09 -45.41 130.20
CA ASN G 3034 -23.96 -44.90 131.26
C ASN G 3034 -23.23 -43.84 132.07
N LYS G 3035 -21.94 -44.04 132.34
CA LYS G 3035 -21.16 -43.02 133.04
C LYS G 3035 -21.08 -41.74 132.24
N GLU G 3036 -20.89 -41.85 130.92
CA GLU G 3036 -20.84 -40.65 130.09
C GLU G 3036 -22.15 -39.89 130.17
N LYS G 3037 -23.28 -40.61 130.08
CA LYS G 3037 -24.57 -39.96 130.24
C LYS G 3037 -24.69 -39.30 131.61
N GLU G 3038 -24.13 -39.95 132.63
CA GLU G 3038 -24.19 -39.38 133.97
C GLU G 3038 -23.43 -38.06 134.04
N MET G 3039 -22.25 -37.99 133.43
CA MET G 3039 -21.51 -36.72 133.48
C MET G 3039 -22.20 -35.68 132.61
N ILE G 3040 -22.87 -36.09 131.52
CA ILE G 3040 -23.66 -35.13 130.75
C ILE G 3040 -24.72 -34.51 131.65
N THR G 3041 -25.44 -35.35 132.39
CA THR G 3041 -26.47 -34.84 133.29
C THR G 3041 -25.86 -33.94 134.35
N SER G 3042 -24.71 -34.35 134.89
CA SER G 3042 -24.05 -33.55 135.92
C SER G 3042 -23.68 -32.18 135.38
N LEU G 3043 -23.15 -32.14 134.16
CA LEU G 3043 -22.82 -30.86 133.54
C LEU G 3043 -24.06 -30.01 133.35
N PHE G 3044 -25.16 -30.62 132.90
CA PHE G 3044 -26.38 -29.86 132.70
C PHE G 3044 -26.85 -29.24 134.01
N CYS G 3045 -26.93 -30.04 135.07
CA CYS G 3045 -27.37 -29.51 136.36
C CYS G 3045 -26.42 -28.45 136.90
N LYS G 3046 -25.11 -28.67 136.77
CA LYS G 3046 -24.15 -27.70 137.27
C LYS G 3046 -24.28 -26.37 136.52
N LEU G 3047 -24.50 -26.43 135.20
CA LEU G 3047 -24.64 -25.21 134.44
C LEU G 3047 -25.94 -24.48 134.81
N ALA G 3048 -27.02 -25.25 135.02
CA ALA G 3048 -28.26 -24.62 135.46
C ALA G 3048 -28.06 -23.91 136.78
N ALA G 3049 -27.40 -24.57 137.74
CA ALA G 3049 -27.09 -23.93 139.00
C ALA G 3049 -26.20 -22.71 138.83
N LEU G 3050 -25.21 -22.78 137.95
CA LEU G 3050 -24.32 -21.66 137.71
C LEU G 3050 -25.08 -20.44 137.21
N VAL G 3051 -26.00 -20.65 136.26
CA VAL G 3051 -26.75 -19.53 135.69
C VAL G 3051 -27.94 -19.14 136.55
N ARG G 3052 -28.30 -19.94 137.55
CA ARG G 3052 -29.45 -19.63 138.39
C ARG G 3052 -29.31 -18.25 139.04
N HIS G 3053 -30.22 -17.35 138.70
CA HIS G 3053 -30.32 -16.03 139.32
C HIS G 3053 -29.09 -15.18 139.10
N ARG G 3054 -28.14 -15.63 138.28
CA ARG G 3054 -26.90 -14.91 138.08
C ARG G 3054 -26.70 -14.50 136.63
N VAL G 3055 -27.80 -14.40 135.87
CA VAL G 3055 -27.68 -14.09 134.45
C VAL G 3055 -27.06 -12.72 134.24
N SER G 3056 -27.45 -11.74 135.05
CA SER G 3056 -26.95 -10.38 134.85
C SER G 3056 -25.44 -10.32 134.94
N LEU G 3057 -24.85 -11.12 135.84
CA LEU G 3057 -23.39 -11.14 135.95
C LEU G 3057 -22.76 -11.58 134.63
N PHE G 3058 -23.32 -12.63 134.01
CA PHE G 3058 -22.79 -13.08 132.73
C PHE G 3058 -23.00 -12.04 131.65
N GLY G 3059 -24.15 -11.38 131.66
CA GLY G 3059 -24.42 -10.31 130.71
C GLY G 3059 -24.36 -10.77 129.28
N THR G 3060 -23.49 -10.13 128.49
CA THR G 3060 -23.37 -10.46 127.07
C THR G 3060 -23.01 -11.92 126.84
N ASP G 3061 -22.44 -12.60 127.84
CA ASP G 3061 -22.16 -14.02 127.71
C ASP G 3061 -23.36 -14.87 128.08
N ALA G 3062 -24.37 -14.28 128.70
CA ALA G 3062 -25.56 -15.05 129.09
C ALA G 3062 -26.27 -15.68 127.91
N PRO G 3063 -26.46 -15.00 126.78
CA PRO G 3063 -27.10 -15.70 125.64
C PRO G 3063 -26.34 -16.93 125.19
N ALA G 3064 -25.00 -16.85 125.15
CA ALA G 3064 -24.22 -18.04 124.80
C ALA G 3064 -24.40 -19.13 125.85
N VAL G 3065 -24.43 -18.75 127.12
CA VAL G 3065 -24.65 -19.73 128.17
C VAL G 3065 -25.98 -20.43 127.96
N VAL G 3066 -27.03 -19.66 127.66
CA VAL G 3066 -28.36 -20.24 127.49
C VAL G 3066 -28.39 -21.15 126.27
N ASN G 3067 -27.69 -20.77 125.20
CA ASN G 3067 -27.59 -21.66 124.05
C ASN G 3067 -26.93 -22.98 124.43
N CYS G 3068 -25.87 -22.91 125.24
CA CYS G 3068 -25.24 -24.14 125.73
C CYS G 3068 -26.22 -24.95 126.56
N LEU G 3069 -27.02 -24.29 127.39
CA LEU G 3069 -28.05 -25.00 128.13
C LEU G 3069 -28.99 -25.74 127.19
N HIS G 3070 -29.44 -25.07 126.13
CA HIS G 3070 -30.35 -25.71 125.19
C HIS G 3070 -29.70 -26.94 124.56
N ILE G 3071 -28.44 -26.81 124.14
CA ILE G 3071 -27.78 -27.92 123.46
C ILE G 3071 -27.61 -29.09 124.42
N LEU G 3072 -27.19 -28.82 125.66
CA LEU G 3072 -27.03 -29.89 126.63
C LEU G 3072 -28.37 -30.55 126.92
N ALA G 3073 -29.43 -29.77 127.01
CA ALA G 3073 -30.75 -30.36 127.22
C ALA G 3073 -31.11 -31.27 126.05
N ARG G 3074 -30.83 -30.83 124.82
CA ARG G 3074 -31.12 -31.67 123.67
C ARG G 3074 -30.35 -32.99 123.74
N SER G 3075 -29.07 -32.93 124.10
CA SER G 3075 -28.25 -34.13 124.11
C SER G 3075 -28.41 -34.96 125.37
N LEU G 3076 -29.15 -34.47 126.36
CA LEU G 3076 -29.30 -35.21 127.62
C LEU G 3076 -30.10 -36.49 127.41
N ASP G 3077 -29.71 -37.54 128.12
CA ASP G 3077 -30.43 -38.81 128.13
C ASP G 3077 -30.87 -39.09 129.56
N ALA G 3078 -32.10 -38.70 129.89
CA ALA G 3078 -32.61 -38.82 131.25
C ALA G 3078 -33.03 -40.25 131.61
N ARG G 3079 -33.58 -41.01 130.67
CA ARG G 3079 -34.14 -42.30 131.01
C ARG G 3079 -33.08 -43.24 131.58
N THR G 3080 -31.92 -43.32 130.93
CA THR G 3080 -30.89 -44.24 131.39
C THR G 3080 -30.40 -43.87 132.78
N VAL G 3081 -30.13 -42.59 133.01
CA VAL G 3081 -29.63 -42.17 134.31
C VAL G 3081 -30.68 -42.44 135.39
N MET G 3082 -31.95 -42.17 135.09
CA MET G 3082 -32.99 -42.43 136.08
C MET G 3082 -33.12 -43.91 136.39
N LYS G 3083 -33.05 -44.77 135.36
CA LYS G 3083 -33.10 -46.20 135.61
C LYS G 3083 -31.92 -46.64 136.47
N SER G 3084 -30.73 -46.17 136.14
CA SER G 3084 -29.52 -46.49 136.90
C SER G 3084 -28.58 -45.31 136.84
N GLY G 3085 -28.05 -44.91 137.99
CA GLY G 3085 -27.13 -43.81 138.06
C GLY G 3085 -26.86 -43.40 139.50
N PRO G 3086 -25.78 -42.66 139.73
CA PRO G 3086 -25.47 -42.24 141.09
C PRO G 3086 -26.62 -41.42 141.69
N GLU G 3087 -26.88 -41.68 142.97
CA GLU G 3087 -27.93 -40.93 143.66
C GLU G 3087 -27.61 -39.45 143.67
N ILE G 3088 -26.33 -39.09 143.63
CA ILE G 3088 -25.96 -37.68 143.64
C ILE G 3088 -26.43 -37.00 142.36
N VAL G 3089 -26.18 -37.63 141.20
CA VAL G 3089 -26.61 -37.02 139.95
C VAL G 3089 -28.13 -37.05 139.85
N LYS G 3090 -28.76 -38.13 140.33
CA LYS G 3090 -30.21 -38.17 140.39
C LYS G 3090 -30.75 -36.98 141.17
N ALA G 3091 -30.16 -36.73 142.35
CA ALA G 3091 -30.60 -35.61 143.17
C ALA G 3091 -30.29 -34.28 142.50
N GLY G 3092 -29.22 -34.22 141.72
CA GLY G 3092 -28.93 -33.01 140.97
C GLY G 3092 -30.02 -32.69 139.97
N LEU G 3093 -30.45 -33.70 139.21
CA LEU G 3093 -31.54 -33.48 138.26
C LEU G 3093 -32.82 -33.10 138.98
N ARG G 3094 -33.16 -33.83 140.04
CA ARG G 3094 -34.36 -33.51 140.80
C ARG G 3094 -34.28 -32.11 141.41
N SER G 3095 -33.10 -31.69 141.84
CA SER G 3095 -32.93 -30.36 142.41
C SER G 3095 -33.09 -29.30 141.34
N PHE G 3096 -32.57 -29.55 140.14
CA PHE G 3096 -32.83 -28.63 139.04
C PHE G 3096 -34.32 -28.46 138.82
N PHE G 3097 -35.05 -29.57 138.75
CA PHE G 3097 -36.50 -29.47 138.56
C PHE G 3097 -37.18 -28.73 139.70
N GLU G 3098 -36.82 -29.05 140.95
CA GLU G 3098 -37.45 -28.43 142.10
C GLU G 3098 -37.16 -26.92 142.15
N SER G 3099 -35.92 -26.54 141.88
CA SER G 3099 -35.56 -25.13 141.88
C SER G 3099 -36.26 -24.40 140.74
N ALA G 3100 -36.41 -25.06 139.59
CA ALA G 3100 -37.17 -24.46 138.50
C ALA G 3100 -38.61 -24.20 138.94
N SER G 3101 -39.22 -25.17 139.62
CA SER G 3101 -40.58 -24.97 140.12
C SER G 3101 -40.63 -23.82 141.11
N GLU G 3102 -39.66 -23.75 142.02
CA GLU G 3102 -39.64 -22.65 142.98
C GLU G 3102 -39.53 -21.30 142.27
N ASP G 3103 -38.63 -21.21 141.27
CA ASP G 3103 -38.46 -19.96 140.56
C ASP G 3103 -39.72 -19.55 139.82
N ILE G 3104 -40.37 -20.50 139.15
CA ILE G 3104 -41.55 -20.14 138.37
C ILE G 3104 -42.71 -19.77 139.28
N GLU G 3105 -42.88 -20.45 140.42
CA GLU G 3105 -43.92 -20.02 141.34
C GLU G 3105 -43.60 -18.65 141.92
N LYS G 3106 -42.32 -18.40 142.24
CA LYS G 3106 -41.92 -17.09 142.73
C LYS G 3106 -42.27 -16.02 141.72
N MET G 3107 -41.96 -16.25 140.45
CA MET G 3107 -42.55 -15.46 139.38
C MET G 3107 -44.02 -15.25 139.66
N VAL G 3108 -44.79 -16.34 139.64
CA VAL G 3108 -46.25 -16.22 139.69
C VAL G 3108 -46.67 -15.19 140.73
N GLU G 3109 -46.20 -15.31 141.98
CA GLU G 3109 -46.73 -14.38 142.97
C GLU G 3109 -46.19 -12.96 142.74
N ASN G 3110 -44.91 -12.81 142.37
CA ASN G 3110 -44.41 -11.47 142.13
C ASN G 3110 -45.15 -10.79 140.99
N LEU G 3111 -45.37 -11.53 139.90
CA LEU G 3111 -46.21 -11.06 138.80
C LEU G 3111 -47.57 -10.64 139.30
N ARG G 3112 -48.20 -11.46 140.14
CA ARG G 3112 -49.49 -11.07 140.71
C ARG G 3112 -49.37 -9.78 141.50
N LEU G 3113 -48.19 -9.51 142.05
CA LEU G 3113 -47.95 -8.30 142.83
C LEU G 3113 -48.88 -8.25 144.04
N LYS G 3124 -34.71 -5.75 144.46
CA LYS G 3124 -33.79 -6.11 143.40
C LYS G 3124 -33.84 -7.61 143.12
N GLY G 3125 -34.00 -8.40 144.18
CA GLY G 3125 -34.06 -9.84 144.02
C GLY G 3125 -35.24 -10.27 143.15
N VAL G 3126 -36.38 -9.60 143.32
CA VAL G 3126 -37.56 -9.94 142.53
C VAL G 3126 -37.31 -9.69 141.06
N GLY G 3127 -36.73 -8.54 140.73
CA GLY G 3127 -36.43 -8.25 139.33
C GLY G 3127 -35.39 -9.20 138.77
N GLN G 3128 -34.38 -9.54 139.58
CA GLN G 3128 -33.38 -10.50 139.13
C GLN G 3128 -34.02 -11.83 138.82
N ASN G 3129 -34.90 -12.32 139.70
CA ASN G 3129 -35.61 -13.56 139.42
C ASN G 3129 -36.45 -13.46 138.17
N LEU G 3130 -37.14 -12.33 137.99
CA LEU G 3130 -37.99 -12.15 136.82
C LEU G 3130 -37.16 -12.26 135.55
N THR G 3131 -36.07 -11.50 135.45
CA THR G 3131 -35.25 -11.53 134.25
C THR G 3131 -34.58 -12.88 134.05
N TYR G 3132 -34.08 -13.52 135.11
CA TYR G 3132 -33.49 -14.84 134.97
C TYR G 3132 -34.49 -15.83 134.40
N THR G 3133 -35.71 -15.86 134.95
CA THR G 3133 -36.71 -16.79 134.45
C THR G 3133 -37.13 -16.44 133.03
N THR G 3134 -37.25 -15.15 132.71
CA THR G 3134 -37.66 -14.76 131.38
C THR G 3134 -36.63 -15.16 130.34
N VAL G 3135 -35.35 -15.08 130.68
CA VAL G 3135 -34.29 -15.28 129.71
C VAL G 3135 -33.87 -16.73 129.62
N ALA G 3136 -33.66 -17.42 130.74
CA ALA G 3136 -33.04 -18.73 130.71
C ALA G 3136 -33.98 -19.84 131.16
N LEU G 3137 -34.56 -19.72 132.35
CA LEU G 3137 -35.25 -20.85 132.96
C LEU G 3137 -36.42 -21.32 132.10
N LEU G 3138 -37.22 -20.39 131.59
CA LEU G 3138 -38.39 -20.80 130.84
C LEU G 3138 -37.99 -21.44 129.52
N PRO G 3139 -37.18 -20.78 128.68
CA PRO G 3139 -36.79 -21.43 127.42
C PRO G 3139 -36.04 -22.74 127.61
N VAL G 3140 -35.14 -22.82 128.58
CA VAL G 3140 -34.37 -24.06 128.77
C VAL G 3140 -35.30 -25.17 129.24
N LEU G 3141 -36.21 -24.87 130.16
CA LEU G 3141 -37.17 -25.85 130.62
C LEU G 3141 -38.08 -26.30 129.47
N THR G 3142 -38.46 -25.36 128.61
CA THR G 3142 -39.25 -25.70 127.44
C THR G 3142 -38.51 -26.69 126.55
N THR G 3143 -37.23 -26.42 126.29
CA THR G 3143 -36.45 -27.32 125.45
C THR G 3143 -36.32 -28.70 126.10
N LEU G 3144 -36.09 -28.72 127.41
CA LEU G 3144 -35.98 -30.00 128.10
C LEU G 3144 -37.26 -30.81 127.98
N PHE G 3145 -38.41 -30.16 128.21
CA PHE G 3145 -39.67 -30.87 128.10
C PHE G 3145 -39.91 -31.34 126.67
N GLN G 3146 -39.55 -30.53 125.68
CA GLN G 3146 -39.74 -30.94 124.30
C GLN G 3146 -38.90 -32.18 123.99
N HIS G 3147 -37.65 -32.21 124.45
CA HIS G 3147 -36.82 -33.38 124.24
C HIS G 3147 -37.42 -34.60 124.92
N ILE G 3148 -37.90 -34.43 126.16
CA ILE G 3148 -38.53 -35.54 126.86
C ILE G 3148 -39.70 -36.08 126.06
N ALA G 3149 -40.56 -35.19 125.56
CA ALA G 3149 -41.72 -35.61 124.79
C ALA G 3149 -41.30 -36.33 123.52
N GLN G 3150 -40.31 -35.79 122.80
CA GLN G 3150 -39.90 -36.41 121.55
C GLN G 3150 -39.37 -37.81 121.78
N HIS G 3151 -38.56 -38.01 122.81
CA HIS G 3151 -37.97 -39.31 123.07
C HIS G 3151 -38.84 -40.20 123.95
N GLN G 3152 -40.01 -39.73 124.35
CA GLN G 3152 -40.96 -40.55 125.11
C GLN G 3152 -40.37 -40.97 126.45
N PHE G 3153 -39.38 -40.23 126.92
CA PHE G 3153 -38.75 -40.49 128.21
C PHE G 3153 -39.65 -40.12 129.39
N GLY G 3154 -40.79 -39.47 129.14
CA GLY G 3154 -41.54 -38.87 130.22
C GLY G 3154 -41.90 -39.87 131.32
N ASP G 3155 -42.39 -41.04 130.92
CA ASP G 3155 -42.85 -42.02 131.92
C ASP G 3155 -41.72 -42.39 132.88
N ASP G 3156 -40.52 -42.59 132.36
CA ASP G 3156 -39.40 -42.99 133.20
C ASP G 3156 -38.88 -41.81 134.00
N VAL G 3157 -38.78 -40.64 133.37
CA VAL G 3157 -38.04 -39.54 133.99
C VAL G 3157 -38.91 -38.80 135.01
N ILE G 3158 -40.13 -38.45 134.65
CA ILE G 3158 -41.02 -37.68 135.52
C ILE G 3158 -41.67 -38.65 136.48
N LEU G 3159 -41.08 -38.78 137.67
CA LEU G 3159 -41.64 -39.62 138.72
C LEU G 3159 -41.36 -38.97 140.08
N ASP G 3160 -42.28 -39.18 141.00
CA ASP G 3160 -42.09 -38.85 142.42
C ASP G 3160 -41.86 -37.35 142.55
N ASP G 3161 -40.76 -36.91 143.19
CA ASP G 3161 -40.54 -35.48 143.39
C ASP G 3161 -40.57 -34.73 142.07
N VAL G 3162 -40.11 -35.38 141.00
CA VAL G 3162 -40.19 -34.74 139.69
C VAL G 3162 -41.65 -34.48 139.33
N GLN G 3163 -42.52 -35.46 139.58
CA GLN G 3163 -43.94 -35.27 139.30
C GLN G 3163 -44.51 -34.14 140.15
N VAL G 3164 -44.13 -34.09 141.43
CA VAL G 3164 -44.65 -33.03 142.30
C VAL G 3164 -44.23 -31.66 141.78
N SER G 3165 -42.95 -31.53 141.42
CA SER G 3165 -42.47 -30.26 140.90
C SER G 3165 -43.20 -29.89 139.61
N CYS G 3166 -43.44 -30.88 138.74
CA CYS G 3166 -44.17 -30.61 137.51
C CYS G 3166 -45.59 -30.14 137.79
N TYR G 3167 -46.28 -30.77 138.75
CA TYR G 3167 -47.60 -30.29 139.13
C TYR G 3167 -47.56 -28.85 139.60
N ARG G 3168 -46.62 -28.53 140.48
CA ARG G 3168 -46.53 -27.15 140.97
C ARG G 3168 -46.31 -26.19 139.81
N THR G 3169 -45.40 -26.53 138.91
CA THR G 3169 -45.15 -25.65 137.75
C THR G 3169 -46.40 -25.46 136.92
N LEU G 3170 -47.07 -26.56 136.55
CA LEU G 3170 -48.27 -26.48 135.74
C LEU G 3170 -49.31 -25.58 136.40
N CYS G 3171 -49.60 -25.83 137.68
CA CYS G 3171 -50.72 -25.15 138.32
C CYS G 3171 -50.40 -23.68 138.55
N SER G 3172 -49.14 -23.36 138.89
CA SER G 3172 -48.75 -21.98 139.02
C SER G 3172 -48.87 -21.25 137.70
N ILE G 3173 -48.44 -21.88 136.60
CA ILE G 3173 -48.56 -21.23 135.30
C ILE G 3173 -50.02 -20.97 134.98
N TYR G 3174 -50.88 -21.95 135.23
CA TYR G 3174 -52.29 -21.78 134.91
C TYR G 3174 -52.90 -20.64 135.73
N SER G 3175 -52.58 -20.57 137.01
CA SER G 3175 -53.09 -19.49 137.84
C SER G 3175 -52.62 -18.14 137.32
N LEU G 3176 -51.33 -18.05 136.95
CA LEU G 3176 -50.85 -16.81 136.36
C LEU G 3176 -51.64 -16.46 135.12
N GLY G 3177 -51.87 -17.44 134.25
CA GLY G 3177 -52.64 -17.18 133.04
C GLY G 3177 -54.03 -16.65 133.34
N THR G 3178 -54.70 -17.23 134.33
CA THR G 3178 -56.00 -16.72 134.73
C THR G 3178 -55.90 -15.28 135.21
N THR G 3179 -54.80 -14.95 135.90
CA THR G 3179 -54.60 -13.57 136.32
C THR G 3179 -54.42 -12.65 135.11
N ARG G 3180 -54.78 -11.38 135.28
CA ARG G 3180 -54.76 -10.40 134.19
C ARG G 3180 -53.81 -9.25 134.55
N ASN G 3181 -52.94 -8.89 133.60
CA ASN G 3181 -52.04 -7.75 133.71
C ASN G 3181 -51.36 -7.52 132.37
N PRO G 3182 -50.86 -6.30 132.12
CA PRO G 3182 -50.19 -6.05 130.83
C PRO G 3182 -48.86 -6.79 130.69
N TYR G 3183 -47.99 -6.67 131.68
CA TYR G 3183 -46.79 -7.51 131.72
C TYR G 3183 -47.13 -9.00 131.70
N VAL G 3184 -48.26 -9.38 132.30
CA VAL G 3184 -48.65 -10.79 132.20
C VAL G 3184 -48.95 -11.18 130.76
N GLU G 3185 -49.74 -10.39 130.04
CA GLU G 3185 -50.00 -10.71 128.65
C GLU G 3185 -48.74 -10.61 127.80
N LYS G 3186 -47.76 -9.81 128.22
CA LYS G 3186 -46.45 -9.86 127.57
C LYS G 3186 -45.82 -11.24 127.74
N LEU G 3187 -45.88 -11.78 128.97
CA LEU G 3187 -45.21 -13.05 129.23
C LEU G 3187 -45.99 -14.25 128.68
N ARG G 3188 -47.27 -14.07 128.39
CA ARG G 3188 -48.14 -15.22 128.09
C ARG G 3188 -47.59 -16.17 127.05
N PRO G 3189 -47.05 -15.70 125.91
CA PRO G 3189 -46.63 -16.65 124.86
C PRO G 3189 -45.66 -17.70 125.35
N ALA G 3190 -44.58 -17.26 125.99
CA ALA G 3190 -43.58 -18.19 126.47
C ALA G 3190 -44.16 -19.14 127.51
N LEU G 3191 -44.99 -18.61 128.40
CA LEU G 3191 -45.63 -19.46 129.41
C LEU G 3191 -46.48 -20.53 128.73
N GLY G 3192 -47.23 -20.16 127.70
CA GLY G 3192 -48.04 -21.13 127.00
C GLY G 3192 -47.22 -22.22 126.34
N GLU G 3193 -46.14 -21.82 125.67
CA GLU G 3193 -45.28 -22.83 125.05
C GLU G 3193 -44.69 -23.76 126.11
N CYS G 3194 -44.21 -23.21 127.21
CA CYS G 3194 -43.62 -24.03 128.26
C CYS G 3194 -44.65 -25.00 128.82
N LEU G 3195 -45.86 -24.52 129.09
CA LEU G 3195 -46.88 -25.38 129.66
C LEU G 3195 -47.33 -26.45 128.67
N ALA G 3196 -47.37 -26.10 127.38
CA ALA G 3196 -47.70 -27.12 126.38
C ALA G 3196 -46.65 -28.23 126.37
N ARG G 3197 -45.38 -27.85 126.39
CA ARG G 3197 -44.32 -28.86 126.44
C ARG G 3197 -44.45 -29.70 127.72
N LEU G 3198 -44.76 -29.05 128.83
CA LEU G 3198 -44.92 -29.78 130.09
C LEU G 3198 -46.07 -30.76 130.00
N ALA G 3199 -47.18 -30.36 129.38
CA ALA G 3199 -48.30 -31.25 129.20
C ALA G 3199 -47.90 -32.46 128.36
N ALA G 3200 -47.14 -32.21 127.30
CA ALA G 3200 -46.66 -33.30 126.47
C ALA G 3200 -45.82 -34.27 127.29
N ALA G 3201 -44.95 -33.72 128.15
CA ALA G 3201 -44.02 -34.56 128.91
C ALA G 3201 -44.73 -35.30 130.03
N MET G 3202 -45.78 -34.72 130.59
CA MET G 3202 -46.40 -35.22 131.80
C MET G 3202 -46.88 -36.65 131.61
N PRO G 3203 -46.49 -37.59 132.48
CA PRO G 3203 -47.03 -38.96 132.39
C PRO G 3203 -48.24 -39.23 133.27
N VAL G 3204 -48.78 -38.23 133.97
CA VAL G 3204 -49.98 -38.39 134.79
C VAL G 3204 -51.10 -37.56 134.18
N ALA G 3205 -52.25 -38.20 133.97
CA ALA G 3205 -53.38 -37.55 133.33
C ALA G 3205 -53.97 -36.54 134.31
N PHE G 3206 -53.31 -35.39 134.43
CA PHE G 3206 -53.74 -34.40 135.41
C PHE G 3206 -55.15 -33.91 135.12
N LEU G 3207 -55.56 -33.93 133.86
CA LEU G 3207 -56.90 -33.48 133.51
C LEU G 3207 -57.97 -34.51 133.83
N GLU G 3208 -57.58 -35.73 134.22
CA GLU G 3208 -58.52 -36.82 134.47
C GLU G 3208 -58.18 -37.45 135.82
N PRO G 3209 -58.32 -36.69 136.91
CA PRO G 3209 -58.06 -37.28 138.23
C PRO G 3209 -59.00 -38.43 138.56
N GLU G 3210 -60.24 -38.38 138.09
CA GLU G 3210 -61.20 -39.43 138.40
C GLU G 3210 -60.71 -40.82 138.00
N LEU G 3211 -59.96 -40.93 136.91
CA LEU G 3211 -59.44 -42.21 136.44
C LEU G 3211 -57.96 -42.39 136.76
N ASN G 3212 -57.40 -41.52 137.61
CA ASN G 3212 -55.97 -41.57 137.88
C ASN G 3212 -55.54 -42.90 138.46
N GLU G 3213 -56.38 -43.51 139.30
CA GLU G 3213 -55.97 -44.71 140.03
C GLU G 3213 -55.48 -45.80 139.08
N TYR G 3214 -56.01 -45.84 137.85
CA TYR G 3214 -55.57 -46.85 136.89
C TYR G 3214 -54.13 -46.61 136.47
N ASN G 3215 -53.73 -45.35 136.35
CA ASN G 3215 -52.37 -45.04 135.88
C ASN G 3215 -51.33 -45.65 136.79
N ALA G 3216 -50.56 -46.59 136.25
CA ALA G 3216 -49.44 -47.16 137.00
C ALA G 3216 -48.40 -46.09 137.30
N CYS G 3217 -48.09 -45.25 136.32
CA CYS G 3217 -47.08 -44.21 136.47
C CYS G 3217 -47.71 -42.95 137.06
N SER G 3218 -47.97 -43.03 138.37
CA SER G 3218 -48.50 -41.91 139.12
C SER G 3218 -47.85 -41.87 140.50
N VAL G 3219 -47.73 -40.67 141.06
CA VAL G 3219 -47.11 -40.55 142.37
C VAL G 3219 -47.90 -41.30 143.42
N TYR G 3220 -49.22 -41.16 143.42
CA TYR G 3220 -50.03 -41.80 144.44
C TYR G 3220 -49.93 -43.32 144.36
N THR G 3221 -50.00 -43.86 143.14
CA THR G 3221 -49.94 -45.31 142.98
C THR G 3221 -48.56 -45.84 143.31
N THR G 3222 -47.50 -45.12 142.91
CA THR G 3222 -46.15 -45.59 143.18
C THR G 3222 -45.82 -45.53 144.67
N LYS G 3223 -46.12 -44.41 145.32
CA LYS G 3223 -45.81 -44.25 146.72
C LYS G 3223 -46.90 -44.85 147.60
N SER G 3224 -46.49 -45.39 148.73
CA SER G 3224 -47.40 -46.07 149.64
C SER G 3224 -48.21 -45.06 150.44
N PRO G 3225 -49.38 -45.47 150.96
CA PRO G 3225 -50.14 -44.56 151.82
C PRO G 3225 -49.33 -44.06 153.01
N ARG G 3226 -48.52 -44.93 153.63
CA ARG G 3226 -47.62 -44.46 154.67
C ARG G 3226 -46.64 -43.45 154.12
N GLU G 3227 -46.23 -43.63 152.87
CA GLU G 3227 -45.43 -42.64 152.19
C GLU G 3227 -46.33 -41.48 151.75
N ARG G 3228 -45.71 -40.44 151.18
CA ARG G 3228 -46.38 -39.25 150.67
C ARG G 3228 -47.13 -38.51 151.77
N ALA G 3229 -47.05 -39.00 153.01
CA ALA G 3229 -47.49 -38.22 154.15
C ALA G 3229 -46.29 -37.53 154.79
N ILE G 3230 -45.16 -38.24 154.85
CA ILE G 3230 -43.91 -37.59 155.23
C ILE G 3230 -43.57 -36.50 154.22
N LEU G 3231 -43.84 -36.75 152.95
CA LEU G 3231 -43.69 -35.73 151.92
C LEU G 3231 -44.90 -34.80 151.94
N GLY G 3232 -44.72 -33.64 151.30
CA GLY G 3232 -45.77 -32.65 151.25
C GLY G 3232 -46.77 -32.91 150.14
N LEU G 3233 -47.38 -34.09 150.16
CA LEU G 3233 -48.34 -34.47 149.12
C LEU G 3233 -49.76 -34.45 149.69
N PRO G 3234 -50.72 -33.83 149.01
CA PRO G 3234 -52.11 -33.92 149.47
C PRO G 3234 -52.61 -35.35 149.47
N ASN G 3235 -53.54 -35.63 150.38
CA ASN G 3235 -54.07 -36.99 150.49
C ASN G 3235 -54.74 -37.44 149.20
N SER G 3236 -55.49 -36.54 148.56
CA SER G 3236 -56.22 -36.84 147.35
C SER G 3236 -55.59 -36.15 146.16
N VAL G 3237 -55.64 -36.82 145.00
CA VAL G 3237 -55.04 -36.28 143.79
C VAL G 3237 -55.72 -34.99 143.36
N GLU G 3238 -57.04 -34.89 143.59
CA GLU G 3238 -57.75 -33.69 143.18
C GLU G 3238 -57.13 -32.45 143.79
N GLU G 3239 -56.56 -32.58 144.98
CA GLU G 3239 -55.94 -31.46 145.67
C GLU G 3239 -54.46 -31.29 145.34
N MET G 3240 -53.93 -32.06 144.39
CA MET G 3240 -52.60 -31.76 143.87
C MET G 3240 -52.60 -30.30 143.47
N CYS G 3241 -53.64 -29.87 142.76
CA CYS G 3241 -54.02 -28.47 142.65
C CYS G 3241 -55.44 -28.39 142.11
N PRO G 3242 -56.38 -27.74 142.81
CA PRO G 3242 -57.77 -27.75 142.34
C PRO G 3242 -58.03 -26.74 141.23
N ASP G 3243 -57.16 -25.74 141.11
CA ASP G 3243 -57.41 -24.66 140.16
C ASP G 3243 -57.61 -25.19 138.74
N ILE G 3244 -56.82 -26.18 138.35
CA ILE G 3244 -56.91 -26.74 137.00
C ILE G 3244 -58.29 -27.38 136.85
N PRO G 3245 -59.08 -27.00 135.84
CA PRO G 3245 -60.38 -27.67 135.66
C PRO G 3245 -60.22 -29.08 135.12
N VAL G 3246 -61.29 -29.87 135.26
CA VAL G 3246 -61.30 -31.20 134.69
C VAL G 3246 -61.50 -31.10 133.18
N LEU G 3247 -61.16 -32.19 132.47
CA LEU G 3247 -61.21 -32.16 131.02
C LEU G 3247 -62.62 -31.87 130.52
N GLU G 3248 -63.63 -32.51 131.12
CA GLU G 3248 -64.99 -32.32 130.63
C GLU G 3248 -65.44 -30.87 130.76
N ARG G 3249 -65.16 -30.25 131.91
CA ARG G 3249 -65.56 -28.87 132.10
C ARG G 3249 -64.78 -27.94 131.19
N LEU G 3250 -63.48 -28.22 131.00
CA LEU G 3250 -62.71 -27.43 130.06
C LEU G 3250 -63.30 -27.51 128.66
N MET G 3251 -63.67 -28.71 128.23
CA MET G 3251 -64.24 -28.88 126.90
C MET G 3251 -65.57 -28.15 126.77
N ALA G 3252 -66.45 -28.30 127.76
CA ALA G 3252 -67.74 -27.63 127.72
C ALA G 3252 -67.56 -26.12 127.66
N GLU G 3253 -66.65 -25.59 128.49
CA GLU G 3253 -66.37 -24.16 128.44
C GLU G 3253 -65.89 -23.76 127.06
N ILE G 3254 -64.75 -24.30 126.64
CA ILE G 3254 -64.14 -23.84 125.39
C ILE G 3254 -65.17 -23.90 124.26
N GLY G 3255 -66.01 -24.93 124.25
CA GLY G 3255 -67.12 -24.94 123.31
C GLY G 3255 -68.05 -23.75 123.48
N GLY G 3256 -68.39 -23.42 124.73
CA GLY G 3256 -69.31 -22.31 124.96
C GLY G 3256 -68.74 -20.97 124.50
N LEU G 3257 -67.49 -20.71 124.87
CA LEU G 3257 -66.85 -19.47 124.40
C LEU G 3257 -66.72 -19.45 122.88
N ALA G 3258 -66.36 -20.59 122.27
CA ALA G 3258 -66.26 -20.62 120.82
C ALA G 3258 -67.60 -20.28 120.18
N GLU G 3259 -68.69 -20.87 120.68
CA GLU G 3259 -70.00 -20.56 120.13
C GLU G 3259 -70.36 -19.09 120.34
N SER G 3260 -70.05 -18.55 121.52
CA SER G 3260 -70.25 -17.12 121.74
C SER G 3260 -69.47 -16.30 120.73
N GLY G 3261 -68.35 -16.83 120.25
CA GLY G 3261 -67.52 -16.12 119.29
C GLY G 3261 -66.93 -14.85 119.85
N ALA G 3262 -66.61 -14.87 121.13
CA ALA G 3262 -66.02 -13.70 121.77
C ALA G 3262 -64.59 -13.47 121.23
N ARG G 3263 -64.00 -12.37 121.67
CA ARG G 3263 -62.77 -11.88 121.08
C ARG G 3263 -61.55 -12.36 121.86
N TYR G 3264 -60.39 -12.26 121.19
CA TYR G 3264 -59.14 -12.60 121.85
C TYR G 3264 -58.93 -11.78 123.11
N THR G 3265 -59.21 -10.47 123.03
CA THR G 3265 -59.17 -9.64 124.22
C THR G 3265 -60.15 -10.13 125.26
N GLU G 3266 -61.31 -10.61 124.83
CA GLU G 3266 -62.31 -11.10 125.78
C GLU G 3266 -61.78 -12.29 126.55
N MET G 3267 -61.01 -13.15 125.88
CA MET G 3267 -60.50 -14.39 126.48
C MET G 3267 -59.02 -14.53 126.15
N PRO G 3268 -58.19 -13.58 126.62
CA PRO G 3268 -56.76 -13.62 126.24
C PRO G 3268 -56.05 -14.85 126.79
N HIS G 3269 -56.37 -15.22 128.03
CA HIS G 3269 -55.74 -16.36 128.66
C HIS G 3269 -56.02 -17.65 127.90
N VAL G 3270 -57.27 -17.83 127.50
CA VAL G 3270 -57.69 -19.12 126.93
C VAL G 3270 -56.81 -19.48 125.75
N ILE G 3271 -56.84 -18.68 124.68
CA ILE G 3271 -56.10 -19.03 123.47
C ILE G 3271 -54.62 -19.18 123.79
N GLU G 3272 -54.05 -18.28 124.59
CA GLU G 3272 -52.61 -18.27 124.76
C GLU G 3272 -52.09 -19.44 125.56
N ILE G 3273 -52.85 -19.95 126.54
CA ILE G 3273 -52.38 -21.01 127.43
C ILE G 3273 -53.23 -22.27 127.30
N THR G 3274 -54.53 -22.17 127.54
CA THR G 3274 -55.35 -23.37 127.62
C THR G 3274 -55.36 -24.12 126.30
N LEU G 3275 -55.49 -23.39 125.19
CA LEU G 3275 -55.55 -24.06 123.89
C LEU G 3275 -54.27 -24.83 123.59
N PRO G 3276 -53.07 -24.25 123.68
CA PRO G 3276 -51.86 -25.06 123.52
C PRO G 3276 -51.83 -26.25 124.45
N MET G 3277 -52.17 -26.03 125.72
CA MET G 3277 -52.20 -27.13 126.68
C MET G 3277 -53.05 -28.26 126.17
N LEU G 3278 -54.29 -27.95 125.79
CA LEU G 3278 -55.25 -29.00 125.46
C LEU G 3278 -54.92 -29.69 124.14
N CYS G 3279 -54.46 -28.93 123.14
CA CYS G 3279 -54.15 -29.56 121.85
C CYS G 3279 -52.89 -30.40 121.94
N SER G 3280 -51.94 -30.04 122.82
CA SER G 3280 -50.83 -30.93 123.10
C SER G 3280 -51.21 -32.08 124.02
N TYR G 3281 -52.28 -31.92 124.80
CA TYR G 3281 -52.68 -32.96 125.73
C TYR G 3281 -53.39 -34.11 125.01
N LEU G 3282 -54.37 -33.79 124.17
CA LEU G 3282 -55.16 -34.84 123.53
C LEU G 3282 -54.28 -35.85 122.80
N PRO G 3283 -53.33 -35.42 121.95
CA PRO G 3283 -52.54 -36.42 121.22
C PRO G 3283 -51.75 -37.35 122.14
N ARG G 3284 -51.12 -36.81 123.17
CA ARG G 3284 -50.27 -37.63 124.03
C ARG G 3284 -51.06 -38.71 124.72
N TRP G 3285 -52.26 -38.39 125.21
CA TRP G 3285 -53.07 -39.31 125.97
C TRP G 3285 -54.03 -40.11 125.10
N TRP G 3286 -54.14 -39.79 123.81
CA TRP G 3286 -55.06 -40.55 122.97
C TRP G 3286 -54.64 -42.01 122.87
N GLU G 3287 -53.35 -42.26 122.66
CA GLU G 3287 -52.86 -43.64 122.58
C GLU G 3287 -53.01 -44.35 123.92
N ARG G 3288 -52.70 -43.65 125.02
CA ARG G 3288 -52.87 -44.26 126.33
C ARG G 3288 -54.33 -44.59 126.61
N GLY G 3289 -55.25 -43.83 126.03
CA GLY G 3289 -56.66 -44.06 126.24
C GLY G 3289 -57.21 -45.12 125.33
N PRO G 3290 -58.51 -45.37 125.46
CA PRO G 3290 -59.16 -46.36 124.60
C PRO G 3290 -59.29 -45.85 123.18
N GLU G 3291 -59.91 -46.68 122.34
CA GLU G 3291 -60.18 -46.34 120.95
C GLU G 3291 -58.89 -46.15 120.15
N ALA G 3292 -57.77 -46.64 120.68
CA ALA G 3292 -56.48 -46.54 120.03
C ALA G 3292 -55.93 -47.93 119.73
N PRO G 3293 -54.99 -48.05 118.80
CA PRO G 3293 -54.38 -49.36 118.53
C PRO G 3293 -53.94 -50.00 119.83
N PRO G 3294 -54.56 -51.10 120.23
CA PRO G 3294 -54.20 -51.75 121.50
C PRO G 3294 -53.16 -52.83 121.30
N PRO G 3295 -51.86 -52.50 121.23
CA PRO G 3295 -50.87 -53.55 121.03
C PRO G 3295 -50.94 -54.64 122.09
N ALA G 3296 -51.31 -54.29 123.32
CA ALA G 3296 -51.40 -55.25 124.42
C ALA G 3296 -52.80 -55.83 124.57
N LEU G 3297 -53.61 -55.79 123.52
CA LEU G 3297 -54.96 -56.34 123.63
C LEU G 3297 -54.97 -57.81 124.03
N PRO G 3298 -54.17 -58.69 123.44
CA PRO G 3298 -54.26 -60.12 123.83
C PRO G 3298 -54.02 -60.34 125.31
N ALA G 3299 -53.09 -59.61 125.92
CA ALA G 3299 -52.84 -59.77 127.33
C ALA G 3299 -53.86 -58.96 128.15
N GLY G 3300 -53.97 -59.32 129.42
CA GLY G 3300 -54.85 -58.58 130.31
C GLY G 3300 -54.47 -57.11 130.35
N ALA G 3301 -55.42 -56.25 129.99
CA ALA G 3301 -55.16 -54.82 129.88
C ALA G 3301 -55.91 -54.07 130.96
N PRO G 3302 -55.23 -53.36 131.85
CA PRO G 3302 -55.95 -52.54 132.83
C PRO G 3302 -56.70 -51.44 132.12
N PRO G 3303 -57.83 -50.99 132.67
CA PRO G 3303 -58.59 -49.92 132.02
C PRO G 3303 -57.72 -48.69 131.83
N PRO G 3304 -57.84 -48.01 130.68
CA PRO G 3304 -56.97 -46.87 130.42
C PRO G 3304 -57.13 -45.79 131.48
N CYS G 3305 -56.00 -45.18 131.85
CA CYS G 3305 -56.05 -44.11 132.85
C CYS G 3305 -56.81 -42.90 132.32
N THR G 3306 -56.73 -42.65 131.02
CA THR G 3306 -57.44 -41.55 130.40
C THR G 3306 -58.64 -42.07 129.62
N ALA G 3307 -59.64 -41.19 129.47
CA ALA G 3307 -60.85 -41.50 128.73
C ALA G 3307 -60.93 -40.74 127.41
N VAL G 3308 -59.79 -40.21 126.94
CA VAL G 3308 -59.80 -39.41 125.72
C VAL G 3308 -60.31 -40.24 124.55
N THR G 3309 -61.08 -39.61 123.68
CA THR G 3309 -61.60 -40.24 122.48
C THR G 3309 -61.49 -39.28 121.31
N SER G 3310 -61.45 -39.83 120.10
CA SER G 3310 -61.26 -39.02 118.92
C SER G 3310 -62.35 -37.97 118.75
N ASP G 3311 -63.56 -38.22 119.27
CA ASP G 3311 -64.61 -37.21 119.18
C ASP G 3311 -64.27 -35.97 119.98
N HIS G 3312 -63.60 -36.12 121.13
CA HIS G 3312 -63.13 -34.96 121.86
C HIS G 3312 -62.19 -34.12 121.01
N LEU G 3313 -61.24 -34.77 120.33
CA LEU G 3313 -60.31 -34.05 119.48
C LEU G 3313 -61.03 -33.36 118.32
N ASN G 3314 -61.99 -34.05 117.72
CA ASN G 3314 -62.76 -33.45 116.64
C ASN G 3314 -63.51 -32.21 117.10
N SER G 3315 -64.20 -32.30 118.25
CA SER G 3315 -64.90 -31.14 118.78
C SER G 3315 -63.92 -30.03 119.08
N LEU G 3316 -62.77 -30.35 119.66
CA LEU G 3316 -61.77 -29.34 119.94
C LEU G 3316 -61.37 -28.61 118.67
N LEU G 3317 -60.99 -29.35 117.63
CA LEU G 3317 -60.59 -28.74 116.38
C LEU G 3317 -61.67 -27.87 115.77
N GLY G 3318 -62.92 -28.33 115.79
CA GLY G 3318 -64.01 -27.47 115.39
C GLY G 3318 -64.05 -26.20 116.20
N ASN G 3319 -63.77 -26.28 117.50
CA ASN G 3319 -63.77 -25.08 118.31
C ASN G 3319 -62.69 -24.11 117.82
N ILE G 3320 -61.45 -24.58 117.70
CA ILE G 3320 -60.37 -23.69 117.24
C ILE G 3320 -60.76 -23.05 115.91
N LEU G 3321 -61.27 -23.84 114.98
CA LEU G 3321 -61.71 -23.26 113.71
C LEU G 3321 -62.72 -22.15 113.96
N ARG G 3322 -63.64 -22.37 114.90
CA ARG G 3322 -64.64 -21.35 115.19
C ARG G 3322 -64.01 -20.08 115.74
N ILE G 3323 -63.05 -20.21 116.66
CA ILE G 3323 -62.40 -19.02 117.22
C ILE G 3323 -61.69 -18.24 116.14
N ILE G 3324 -60.89 -18.90 115.29
CA ILE G 3324 -60.20 -18.17 114.24
C ILE G 3324 -61.19 -17.53 113.27
N VAL G 3325 -62.22 -18.27 112.85
CA VAL G 3325 -63.14 -17.71 111.87
C VAL G 3325 -63.84 -16.48 112.47
N ASN G 3326 -64.16 -16.54 113.77
CA ASN G 3326 -64.73 -15.38 114.44
C ASN G 3326 -63.75 -14.22 114.45
N ASN G 3327 -62.47 -14.50 114.71
CA ASN G 3327 -61.48 -13.46 114.85
C ASN G 3327 -60.93 -12.97 113.50
N LEU G 3328 -61.40 -13.53 112.39
CA LEU G 3328 -60.94 -13.06 111.09
C LEU G 3328 -61.19 -11.57 110.92
N GLY G 3329 -60.26 -10.90 110.23
CA GLY G 3329 -60.43 -9.51 109.88
C GLY G 3329 -59.94 -8.52 110.91
N ILE G 3330 -59.51 -8.97 112.09
CA ILE G 3330 -59.03 -8.05 113.10
C ILE G 3330 -57.65 -7.54 112.72
N ASP G 3331 -57.33 -6.34 113.19
CA ASP G 3331 -56.09 -5.68 112.77
C ASP G 3331 -54.85 -6.47 113.17
N GLU G 3332 -54.83 -6.98 114.41
CA GLU G 3332 -53.66 -7.70 114.92
C GLU G 3332 -54.11 -8.95 115.66
N ALA G 3333 -53.59 -10.11 115.23
CA ALA G 3333 -53.90 -11.40 115.82
C ALA G 3333 -52.62 -12.23 115.88
N SER G 3334 -51.53 -11.62 116.33
CA SER G 3334 -50.24 -12.29 116.33
C SER G 3334 -50.31 -13.65 117.03
N TRP G 3335 -51.17 -13.76 118.04
CA TRP G 3335 -51.36 -15.04 118.72
C TRP G 3335 -51.82 -16.12 117.74
N MET G 3336 -52.40 -15.72 116.61
CA MET G 3336 -53.08 -16.66 115.73
C MET G 3336 -52.09 -17.66 115.12
N LYS G 3337 -50.93 -17.19 114.70
CA LYS G 3337 -49.95 -18.09 114.09
C LYS G 3337 -49.45 -19.10 115.11
N ARG G 3338 -49.20 -18.66 116.35
CA ARG G 3338 -48.80 -19.58 117.39
C ARG G 3338 -49.89 -20.62 117.64
N LEU G 3339 -51.15 -20.17 117.67
CA LEU G 3339 -52.25 -21.10 117.87
C LEU G 3339 -52.29 -22.13 116.74
N ALA G 3340 -52.09 -21.68 115.50
CA ALA G 3340 -52.13 -22.60 114.37
C ALA G 3340 -51.04 -23.65 114.47
N VAL G 3341 -49.82 -23.22 114.78
CA VAL G 3341 -48.73 -24.19 114.88
C VAL G 3341 -48.97 -25.15 116.05
N PHE G 3342 -49.49 -24.65 117.17
CA PHE G 3342 -49.78 -25.52 118.30
C PHE G 3342 -50.89 -26.50 117.97
N ALA G 3343 -51.82 -26.11 117.10
CA ALA G 3343 -52.96 -26.94 116.78
C ALA G 3343 -52.72 -27.86 115.60
N GLN G 3344 -51.62 -27.70 114.88
CA GLN G 3344 -51.34 -28.63 113.79
C GLN G 3344 -51.40 -30.09 114.23
N PRO G 3345 -50.82 -30.50 115.35
CA PRO G 3345 -50.76 -31.94 115.65
C PRO G 3345 -52.13 -32.61 115.70
N ILE G 3346 -53.15 -31.94 116.21
CA ILE G 3346 -54.42 -32.62 116.43
C ILE G 3346 -55.09 -32.96 115.10
N VAL G 3347 -54.88 -32.13 114.08
CA VAL G 3347 -55.66 -32.26 112.85
C VAL G 3347 -55.54 -33.65 112.25
N SER G 3348 -54.44 -34.35 112.53
CA SER G 3348 -54.17 -35.62 111.89
C SER G 3348 -55.36 -36.58 112.04
N ARG G 3349 -56.01 -36.57 113.20
CA ARG G 3349 -57.08 -37.50 113.50
C ARG G 3349 -58.47 -36.90 113.28
N ALA G 3350 -58.56 -35.74 112.65
CA ALA G 3350 -59.84 -35.09 112.47
C ALA G 3350 -60.78 -35.98 111.66
N ARG G 3351 -62.05 -35.99 112.06
CA ARG G 3351 -63.05 -36.80 111.37
C ARG G 3351 -63.48 -36.11 110.08
N PRO G 3352 -63.85 -36.88 109.05
CA PRO G 3352 -64.10 -36.27 107.73
C PRO G 3352 -65.16 -35.18 107.73
N GLU G 3353 -66.22 -35.31 108.53
CA GLU G 3353 -67.34 -34.38 108.44
C GLU G 3353 -66.92 -32.95 108.79
N LEU G 3354 -65.76 -32.77 109.42
CA LEU G 3354 -65.28 -31.43 109.71
C LEU G 3354 -65.18 -30.59 108.45
N LEU G 3355 -64.78 -31.18 107.32
CA LEU G 3355 -64.62 -30.40 106.10
C LEU G 3355 -65.92 -29.68 105.74
N ARG G 3356 -67.05 -30.38 105.79
CA ARG G 3356 -68.33 -29.77 105.47
C ARG G 3356 -68.84 -28.89 106.61
N SER G 3357 -68.60 -29.27 107.86
CA SER G 3357 -69.19 -28.53 108.96
C SER G 3357 -68.51 -27.17 109.15
N HIS G 3358 -67.18 -27.12 109.10
CA HIS G 3358 -66.42 -25.95 109.49
C HIS G 3358 -65.58 -25.36 108.37
N PHE G 3359 -64.78 -26.20 107.69
CA PHE G 3359 -63.79 -25.67 106.76
C PHE G 3359 -64.44 -24.89 105.63
N ILE G 3360 -65.39 -25.51 104.94
CA ILE G 3360 -65.91 -24.92 103.71
C ILE G 3360 -66.48 -23.53 103.95
N PRO G 3361 -67.40 -23.31 104.91
CA PRO G 3361 -67.82 -21.94 105.17
C PRO G 3361 -66.67 -21.04 105.62
N THR G 3362 -65.74 -21.61 106.39
CA THR G 3362 -64.63 -20.82 106.90
C THR G 3362 -63.77 -20.26 105.76
N ILE G 3363 -63.33 -21.14 104.85
CA ILE G 3363 -62.51 -20.70 103.74
C ILE G 3363 -63.34 -19.88 102.77
N GLY G 3364 -64.64 -20.14 102.70
CA GLY G 3364 -65.50 -19.35 101.83
C GLY G 3364 -65.63 -17.91 102.25
N ARG G 3365 -65.74 -17.65 103.54
CA ARG G 3365 -65.74 -16.26 104.01
C ARG G 3365 -64.46 -15.57 103.58
N LEU G 3366 -63.32 -16.24 103.69
CA LEU G 3366 -62.06 -15.65 103.29
C LEU G 3366 -62.02 -15.44 101.78
N ARG G 3367 -62.62 -16.35 101.02
CA ARG G 3367 -62.70 -16.16 99.57
C ARG G 3367 -63.51 -14.91 99.24
N LYS G 3368 -64.63 -14.71 99.92
CA LYS G 3368 -65.43 -13.51 99.71
C LYS G 3368 -64.64 -12.26 100.07
N ARG G 3369 -63.91 -12.31 101.17
CA ARG G 3369 -63.07 -11.18 101.56
C ARG G 3369 -62.02 -10.89 100.50
N ALA G 3370 -61.41 -11.94 99.94
CA ALA G 3370 -60.45 -11.76 98.87
C ALA G 3370 -61.10 -11.09 97.66
N GLY G 3371 -62.30 -11.55 97.30
CA GLY G 3371 -63.01 -10.90 96.21
C GLY G 3371 -63.24 -9.42 96.46
N LYS G 3372 -63.71 -9.09 97.66
CA LYS G 3372 -63.97 -7.69 97.98
C LYS G 3372 -62.69 -6.86 97.92
N VAL G 3373 -61.60 -7.38 98.49
CA VAL G 3373 -60.37 -6.60 98.55
C VAL G 3373 -59.78 -6.43 97.15
N VAL G 3374 -59.86 -7.46 96.31
CA VAL G 3374 -59.38 -7.30 94.95
C VAL G 3374 -60.26 -6.31 94.18
N ALA G 3375 -61.56 -6.30 94.46
CA ALA G 3375 -62.42 -5.28 93.85
C ALA G 3375 -61.94 -3.89 94.23
N GLU G 3376 -61.66 -3.68 95.52
CA GLU G 3376 -61.05 -2.43 95.94
C GLU G 3376 -59.76 -2.17 95.17
N GLU G 3377 -58.99 -3.23 94.91
CA GLU G 3377 -57.73 -3.06 94.21
C GLU G 3377 -57.93 -2.58 92.78
N GLU G 3378 -58.90 -3.15 92.05
CA GLU G 3378 -59.14 -2.69 90.69
C GLU G 3378 -59.67 -1.26 90.68
N GLN G 3379 -60.54 -0.92 91.65
CA GLN G 3379 -61.02 0.46 91.71
C GLN G 3379 -59.86 1.41 91.97
N LEU G 3380 -58.95 1.04 92.87
CA LEU G 3380 -57.77 1.85 93.11
C LEU G 3380 -56.92 1.98 91.85
N ARG G 3381 -56.74 0.88 91.12
CA ARG G 3381 -55.99 0.95 89.87
C ARG G 3381 -56.62 1.95 88.91
N LEU G 3382 -57.95 1.92 88.80
CA LEU G 3382 -58.63 2.92 87.98
C LEU G 3382 -58.34 4.32 88.48
N GLU G 3383 -58.35 4.52 89.79
CA GLU G 3383 -57.93 5.80 90.36
C GLU G 3383 -56.47 6.06 90.03
N ALA G 3384 -56.11 7.32 89.87
CA ALA G 3384 -54.80 7.71 89.38
C ALA G 3384 -54.21 8.86 90.19
N LYS G 3385 -52.88 8.93 90.18
CA LYS G 3385 -52.11 10.05 90.77
C LYS G 3385 -52.39 10.08 92.27
N ALA G 3386 -52.79 11.22 92.84
CA ALA G 3386 -53.01 11.28 94.29
C ALA G 3386 -54.14 10.35 94.70
N GLU G 3387 -55.14 10.17 93.84
CA GLU G 3387 -56.20 9.22 94.14
C GLU G 3387 -55.65 7.81 94.27
N ALA G 3388 -54.73 7.44 93.38
CA ALA G 3388 -54.09 6.12 93.49
C ALA G 3388 -53.25 6.02 94.76
N GLU G 3389 -52.47 7.06 95.06
CA GLU G 3389 -51.59 7.00 96.23
C GLU G 3389 -52.41 6.87 97.51
N GLU G 3390 -53.46 7.66 97.64
CA GLU G 3390 -54.38 7.49 98.77
C GLU G 3390 -55.16 6.21 98.58
N GLY G 3391 -55.23 5.40 99.64
CA GLY G 3391 -55.84 4.09 99.56
C GLY G 3391 -54.90 2.99 99.10
N GLU G 3392 -53.73 3.34 98.57
CA GLU G 3392 -52.75 2.31 98.23
C GLU G 3392 -52.26 1.61 99.49
N LEU G 3393 -51.85 2.39 100.50
CA LEU G 3393 -51.49 1.80 101.78
C LEU G 3393 -52.69 1.10 102.41
N LEU G 3394 -53.89 1.62 102.18
CA LEU G 3394 -55.09 0.97 102.69
C LEU G 3394 -55.20 -0.46 102.15
N VAL G 3395 -55.28 -0.58 100.82
CA VAL G 3395 -55.40 -1.90 100.20
C VAL G 3395 -54.21 -2.78 100.59
N ARG G 3396 -53.04 -2.16 100.77
CA ARG G 3396 -51.89 -2.92 101.27
C ARG G 3396 -52.20 -3.51 102.63
N ASP G 3397 -52.81 -2.74 103.51
CA ASP G 3397 -53.13 -3.24 104.85
C ASP G 3397 -54.17 -4.36 104.79
N GLU G 3398 -55.20 -4.20 103.96
CA GLU G 3398 -56.18 -5.28 103.83
C GLU G 3398 -55.53 -6.54 103.29
N PHE G 3399 -54.64 -6.40 102.30
CA PHE G 3399 -53.91 -7.56 101.81
C PHE G 3399 -53.10 -8.20 102.92
N SER G 3400 -52.45 -7.38 103.75
CA SER G 3400 -51.63 -7.93 104.83
C SER G 3400 -52.46 -8.72 105.82
N VAL G 3401 -53.60 -8.16 106.26
CA VAL G 3401 -54.42 -8.87 107.24
C VAL G 3401 -55.02 -10.13 106.62
N LEU G 3402 -55.43 -10.04 105.35
CA LEU G 3402 -55.95 -11.23 104.67
C LEU G 3402 -54.88 -12.30 104.57
N CYS G 3403 -53.64 -11.91 104.27
CA CYS G 3403 -52.55 -12.88 104.21
C CYS G 3403 -52.30 -13.52 105.56
N ARG G 3404 -52.36 -12.71 106.62
CA ARG G 3404 -52.20 -13.26 107.96
C ARG G 3404 -53.25 -14.33 108.23
N ASP G 3405 -54.52 -14.00 107.98
CA ASP G 3405 -55.59 -14.98 108.17
C ASP G 3405 -55.36 -16.20 107.29
N LEU G 3406 -54.84 -15.97 106.08
CA LEU G 3406 -54.72 -17.04 105.10
C LEU G 3406 -53.67 -18.07 105.53
N TYR G 3407 -52.49 -17.58 105.92
CA TYR G 3407 -51.51 -18.48 106.52
C TYR G 3407 -52.05 -19.12 107.78
N ALA G 3408 -52.79 -18.38 108.60
CA ALA G 3408 -53.33 -19.00 109.80
C ALA G 3408 -54.19 -20.20 109.46
N LEU G 3409 -55.06 -20.06 108.46
CA LEU G 3409 -56.00 -21.13 108.16
C LEU G 3409 -55.34 -22.30 107.45
N TYR G 3410 -54.49 -22.06 106.46
CA TYR G 3410 -54.02 -23.17 105.65
C TYR G 3410 -53.39 -24.33 106.41
N PRO G 3411 -52.31 -24.17 107.18
CA PRO G 3411 -51.58 -25.36 107.64
C PRO G 3411 -52.50 -26.44 108.19
N LEU G 3412 -53.51 -26.06 108.96
CA LEU G 3412 -54.53 -27.01 109.36
C LEU G 3412 -55.16 -27.67 108.15
N LEU G 3413 -55.54 -26.86 107.15
CA LEU G 3413 -56.19 -27.39 105.96
C LEU G 3413 -55.26 -28.32 105.20
N ILE G 3414 -53.98 -27.96 105.09
CA ILE G 3414 -53.02 -28.81 104.39
C ILE G 3414 -52.92 -30.16 105.07
N ARG G 3415 -52.71 -30.16 106.38
CA ARG G 3415 -52.56 -31.42 107.10
C ARG G 3415 -53.84 -32.24 107.02
N TYR G 3416 -55.00 -31.58 107.06
CA TYR G 3416 -56.26 -32.29 106.89
C TYR G 3416 -56.34 -32.93 105.51
N VAL G 3417 -55.93 -32.19 104.48
CA VAL G 3417 -55.99 -32.71 103.11
C VAL G 3417 -55.11 -33.94 102.97
N ASP G 3418 -53.89 -33.86 103.50
CA ASP G 3418 -52.98 -35.00 103.43
C ASP G 3418 -53.66 -36.26 103.95
N ASN G 3419 -54.37 -36.13 105.07
CA ASN G 3419 -55.01 -37.30 105.67
C ASN G 3419 -56.14 -37.82 104.81
N ASN G 3420 -56.97 -36.94 104.27
CA ASN G 3420 -58.19 -37.32 103.58
C ASN G 3420 -58.07 -37.29 102.06
N ARG G 3421 -56.90 -36.91 101.53
CA ARG G 3421 -56.72 -37.00 100.09
C ARG G 3421 -56.93 -38.40 99.58
N ALA G 3422 -56.47 -39.42 100.31
CA ALA G 3422 -56.70 -40.80 99.88
C ALA G 3422 -58.19 -41.05 99.71
N HIS G 3423 -58.99 -40.68 100.71
CA HIS G 3423 -60.42 -40.88 100.62
C HIS G 3423 -61.01 -40.17 99.41
N TRP G 3424 -60.71 -38.86 99.28
CA TRP G 3424 -61.33 -38.08 98.22
C TRP G 3424 -60.94 -38.61 96.85
N LEU G 3425 -59.67 -38.92 96.63
CA LEU G 3425 -59.23 -39.40 95.33
C LEU G 3425 -59.68 -40.82 95.06
N THR G 3426 -59.95 -41.60 96.11
CA THR G 3426 -60.49 -42.94 95.91
C THR G 3426 -61.96 -42.89 95.50
N GLU G 3427 -62.72 -42.00 96.13
CA GLU G 3427 -64.14 -41.89 95.84
C GLU G 3427 -64.50 -40.43 95.57
N PRO G 3428 -65.24 -40.13 94.50
CA PRO G 3428 -65.57 -38.72 94.21
C PRO G 3428 -66.34 -38.08 95.37
N ASN G 3429 -66.08 -36.79 95.58
CA ASN G 3429 -66.69 -36.04 96.67
C ASN G 3429 -67.12 -34.67 96.17
N PRO G 3430 -68.43 -34.37 96.08
CA PRO G 3430 -68.83 -33.02 95.66
C PRO G 3430 -68.31 -31.94 96.56
N ASN G 3431 -68.27 -32.19 97.88
CA ASN G 3431 -67.73 -31.20 98.80
C ASN G 3431 -66.25 -30.96 98.54
N ALA G 3432 -65.50 -32.02 98.28
CA ALA G 3432 -64.08 -31.87 97.95
C ALA G 3432 -63.92 -31.07 96.66
N GLU G 3433 -64.75 -31.33 95.67
CA GLU G 3433 -64.68 -30.58 94.42
C GLU G 3433 -64.96 -29.10 94.66
N GLU G 3434 -65.95 -28.81 95.50
CA GLU G 3434 -66.23 -27.42 95.84
C GLU G 3434 -65.04 -26.78 96.54
N LEU G 3435 -64.41 -27.49 97.47
CA LEU G 3435 -63.24 -26.96 98.13
C LEU G 3435 -62.13 -26.67 97.12
N PHE G 3436 -61.97 -27.56 96.13
CA PHE G 3436 -61.01 -27.33 95.08
C PHE G 3436 -61.31 -26.05 94.33
N ARG G 3437 -62.58 -25.87 93.94
CA ARG G 3437 -62.97 -24.65 93.24
C ARG G 3437 -62.60 -23.43 94.07
N MET G 3438 -62.88 -23.49 95.37
CA MET G 3438 -62.67 -22.33 96.24
C MET G 3438 -61.19 -22.00 96.36
N VAL G 3439 -60.36 -23.00 96.66
CA VAL G 3439 -58.92 -22.77 96.79
C VAL G 3439 -58.35 -22.31 95.46
N GLY G 3440 -58.84 -22.87 94.35
CA GLY G 3440 -58.38 -22.43 93.05
C GLY G 3440 -58.70 -20.97 92.80
N GLU G 3441 -59.90 -20.53 93.16
CA GLU G 3441 -60.24 -19.12 93.01
C GLU G 3441 -59.31 -18.26 93.84
N ILE G 3442 -59.01 -18.69 95.07
CA ILE G 3442 -58.07 -17.93 95.89
C ILE G 3442 -56.72 -17.83 95.18
N PHE G 3443 -56.25 -18.92 94.59
CA PHE G 3443 -54.98 -18.86 93.88
C PHE G 3443 -55.07 -17.96 92.66
N ILE G 3444 -56.23 -17.94 91.99
CA ILE G 3444 -56.40 -17.04 90.86
C ILE G 3444 -56.23 -15.59 91.31
N TYR G 3445 -56.84 -15.24 92.43
CA TYR G 3445 -56.66 -13.89 92.96
C TYR G 3445 -55.19 -13.65 93.28
N TRP G 3446 -54.53 -14.63 93.90
CA TRP G 3446 -53.11 -14.50 94.21
C TRP G 3446 -52.30 -14.17 92.96
N SER G 3447 -52.48 -14.95 91.91
CA SER G 3447 -51.72 -14.74 90.68
C SER G 3447 -52.06 -13.40 90.04
N LYS G 3448 -53.34 -13.04 90.05
CA LYS G 3448 -53.75 -11.80 89.40
C LYS G 3448 -53.15 -10.59 90.10
N SER G 3449 -53.16 -10.57 91.43
CA SER G 3449 -52.76 -9.41 92.19
C SER G 3449 -51.27 -9.50 92.55
N HIS G 3450 -50.47 -8.63 91.94
CA HIS G 3450 -49.06 -8.54 92.31
C HIS G 3450 -48.90 -8.01 93.73
N ASN G 3451 -49.70 -7.00 94.11
CA ASN G 3451 -49.65 -6.49 95.47
C ASN G 3451 -49.92 -7.61 96.47
N PHE G 3452 -50.84 -8.51 96.13
CA PHE G 3452 -51.14 -9.63 97.00
C PHE G 3452 -49.89 -10.48 97.24
N LYS G 3453 -49.12 -10.73 96.18
CA LYS G 3453 -47.92 -11.55 96.31
C LYS G 3453 -46.88 -10.85 97.18
N ARG G 3454 -46.65 -9.56 96.93
CA ARG G 3454 -45.64 -8.85 97.71
C ARG G 3454 -46.03 -8.84 99.19
N GLU G 3455 -47.31 -8.64 99.48
CA GLU G 3455 -47.74 -8.67 100.88
C GLU G 3455 -47.61 -10.07 101.47
N GLU G 3456 -47.87 -11.10 100.66
CA GLU G 3456 -47.58 -12.46 101.08
C GLU G 3456 -46.13 -12.58 101.54
N GLN G 3457 -45.20 -12.13 100.71
CA GLN G 3457 -43.79 -12.19 101.07
C GLN G 3457 -43.50 -11.34 102.30
N ASN G 3458 -44.09 -10.15 102.38
CA ASN G 3458 -43.85 -9.29 103.52
C ASN G 3458 -44.26 -9.96 104.82
N PHE G 3459 -45.43 -10.59 104.83
CA PHE G 3459 -45.87 -11.27 106.04
C PHE G 3459 -44.94 -12.42 106.38
N VAL G 3460 -44.68 -13.30 105.40
CA VAL G 3460 -43.89 -14.49 105.70
C VAL G 3460 -42.51 -14.10 106.21
N VAL G 3461 -41.97 -12.98 105.73
CA VAL G 3461 -40.66 -12.54 106.18
C VAL G 3461 -40.73 -11.88 107.54
N GLN G 3462 -41.62 -10.90 107.69
CA GLN G 3462 -41.68 -10.11 108.92
C GLN G 3462 -42.01 -10.99 110.13
N ASN G 3463 -42.96 -11.91 109.98
CA ASN G 3463 -43.40 -12.72 111.10
C ASN G 3463 -42.52 -13.95 111.32
N GLU G 3464 -41.39 -14.05 110.62
CA GLU G 3464 -40.42 -15.12 110.84
C GLU G 3464 -41.06 -16.50 110.70
N ILE G 3465 -42.09 -16.61 109.86
CA ILE G 3465 -42.74 -17.90 109.68
C ILE G 3465 -41.83 -18.84 108.92
N ASN G 3466 -41.63 -20.03 109.47
CA ASN G 3466 -40.91 -21.10 108.78
C ASN G 3466 -41.92 -21.84 107.90
N ASN G 3467 -41.93 -21.51 106.61
CA ASN G 3467 -43.02 -21.94 105.75
C ASN G 3467 -42.95 -23.44 105.47
N MET G 3468 -41.74 -23.99 105.36
CA MET G 3468 -41.60 -25.40 105.05
C MET G 3468 -41.98 -26.29 106.24
N SER G 3469 -41.83 -25.78 107.46
CA SER G 3469 -42.16 -26.57 108.64
C SER G 3469 -43.64 -26.96 108.63
N PHE G 3470 -44.51 -26.00 108.28
CA PHE G 3470 -45.94 -26.31 108.22
C PHE G 3470 -46.21 -27.37 107.15
N LEU G 3471 -45.55 -27.26 106.01
CA LEU G 3471 -45.73 -28.26 104.95
C LEU G 3471 -45.32 -29.64 105.43
N THR G 3472 -44.20 -29.74 106.13
CA THR G 3472 -43.74 -31.01 106.66
C THR G 3472 -44.39 -31.31 108.01
N TYR G 3504 -38.30 -16.30 101.55
CA TYR G 3504 -38.87 -17.62 101.25
C TYR G 3504 -39.43 -17.64 99.83
N SER G 3505 -39.34 -18.79 99.17
CA SER G 3505 -39.63 -18.89 97.75
C SER G 3505 -41.13 -19.03 97.50
N VAL G 3506 -41.52 -18.73 96.27
CA VAL G 3506 -42.91 -18.89 95.86
C VAL G 3506 -43.34 -20.34 96.01
N GLN G 3507 -42.49 -21.27 95.58
CA GLN G 3507 -42.79 -22.70 95.79
C GLN G 3507 -43.11 -22.96 97.25
N THR G 3508 -42.37 -22.32 98.16
CA THR G 3508 -42.65 -22.46 99.58
C THR G 3508 -43.94 -21.76 99.97
N SER G 3509 -44.38 -20.77 99.21
CA SER G 3509 -45.60 -20.05 99.55
C SER G 3509 -46.77 -21.02 99.75
N LEU G 3510 -47.52 -20.82 100.82
CA LEU G 3510 -48.59 -21.76 101.16
C LEU G 3510 -49.65 -21.80 100.09
N ILE G 3511 -50.04 -20.63 99.56
CA ILE G 3511 -51.17 -20.59 98.62
C ILE G 3511 -50.91 -21.52 97.45
N VAL G 3512 -49.75 -21.40 96.81
CA VAL G 3512 -49.44 -22.29 95.70
C VAL G 3512 -49.28 -23.71 96.20
N ALA G 3513 -48.72 -23.88 97.40
CA ALA G 3513 -48.61 -25.22 97.96
C ALA G 3513 -49.98 -25.83 98.17
N THR G 3514 -50.92 -25.07 98.74
CA THR G 3514 -52.27 -25.57 98.94
C THR G 3514 -52.91 -25.94 97.61
N LEU G 3515 -52.77 -25.07 96.61
CA LEU G 3515 -53.35 -25.36 95.32
C LEU G 3515 -52.78 -26.63 94.72
N LYS G 3516 -51.46 -26.81 94.83
CA LYS G 3516 -50.85 -28.02 94.29
C LYS G 3516 -51.34 -29.24 95.04
N LYS G 3517 -51.49 -29.13 96.35
CA LYS G 3517 -51.92 -30.27 97.14
C LYS G 3517 -53.34 -30.69 96.81
N MET G 3518 -54.22 -29.73 96.52
CA MET G 3518 -55.59 -30.05 96.14
C MET G 3518 -55.79 -30.31 94.66
N LEU G 3519 -54.86 -29.89 93.81
CA LEU G 3519 -55.08 -30.00 92.37
C LEU G 3519 -55.38 -31.42 91.92
N PRO G 3520 -54.72 -32.46 92.45
CA PRO G 3520 -55.06 -33.82 92.02
C PRO G 3520 -56.54 -34.11 92.12
N ILE G 3521 -57.23 -33.58 93.12
CA ILE G 3521 -58.68 -33.78 93.21
C ILE G 3521 -59.37 -33.10 92.03
N GLY G 3522 -58.93 -31.89 91.68
CA GLY G 3522 -59.52 -31.21 90.54
C GLY G 3522 -59.35 -32.00 89.26
N LEU G 3523 -58.15 -32.55 89.04
CA LEU G 3523 -57.94 -33.37 87.86
C LEU G 3523 -58.79 -34.63 87.91
N ASN G 3524 -58.87 -35.27 89.08
CA ASN G 3524 -59.61 -36.52 89.21
C ASN G 3524 -61.08 -36.32 88.89
N MET G 3525 -61.68 -35.26 89.41
CA MET G 3525 -63.10 -35.04 89.19
C MET G 3525 -63.40 -34.73 87.73
N CYS G 3526 -62.39 -34.46 86.92
CA CYS G 3526 -62.59 -34.26 85.49
C CYS G 3526 -62.52 -35.58 84.74
N ALA G 3527 -63.07 -35.59 83.52
CA ALA G 3527 -63.01 -36.78 82.70
C ALA G 3527 -61.74 -36.77 81.85
N PRO G 3528 -61.12 -37.93 81.64
CA PRO G 3528 -59.88 -37.96 80.83
C PRO G 3528 -60.07 -37.42 79.43
N THR G 3529 -61.23 -37.70 78.82
CA THR G 3529 -61.46 -37.26 77.45
C THR G 3529 -61.31 -35.75 77.31
N ASP G 3530 -61.73 -35.01 78.32
CA ASP G 3530 -61.85 -33.56 78.23
C ASP G 3530 -60.51 -32.84 78.31
N GLN G 3531 -59.40 -33.57 78.32
CA GLN G 3531 -58.10 -32.93 78.47
C GLN G 3531 -57.76 -32.02 77.30
N ASP G 3532 -58.18 -32.38 76.08
CA ASP G 3532 -57.95 -31.50 74.93
C ASP G 3532 -58.66 -30.17 75.13
N LEU G 3533 -59.85 -30.20 75.73
CA LEU G 3533 -60.55 -28.95 76.01
C LEU G 3533 -59.74 -28.09 76.97
N ILE G 3534 -59.10 -28.70 77.97
CA ILE G 3534 -58.23 -27.94 78.86
C ILE G 3534 -57.04 -27.38 78.08
N VAL G 3535 -56.50 -28.16 77.16
CA VAL G 3535 -55.38 -27.70 76.35
C VAL G 3535 -55.77 -26.45 75.58
N LEU G 3536 -56.99 -26.42 75.05
CA LEU G 3536 -57.46 -25.24 74.32
C LEU G 3536 -57.75 -24.09 75.28
N ALA G 3537 -58.31 -24.39 76.45
CA ALA G 3537 -58.64 -23.34 77.40
C ALA G 3537 -57.38 -22.64 77.91
N LYS G 3538 -56.31 -23.39 78.12
CA LYS G 3538 -55.05 -22.77 78.52
C LYS G 3538 -54.52 -21.84 77.44
N ALA G 3539 -54.68 -22.21 76.17
CA ALA G 3539 -54.30 -21.30 75.08
C ALA G 3539 -55.15 -20.04 75.12
N ARG G 3540 -56.45 -20.18 75.36
CA ARG G 3540 -57.31 -19.00 75.44
C ARG G 3540 -56.87 -18.09 76.59
N TYR G 3541 -56.55 -18.68 77.74
CA TYR G 3541 -56.06 -17.90 78.87
C TYR G 3541 -54.75 -17.20 78.56
N ALA G 3542 -53.84 -17.88 77.85
CA ALA G 3542 -52.65 -17.19 77.36
C ALA G 3542 -53.05 -16.02 76.48
N LEU G 3543 -54.09 -16.20 75.66
CA LEU G 3543 -54.67 -15.09 74.90
C LEU G 3543 -55.29 -14.03 75.79
N LYS G 3544 -55.51 -14.34 77.07
CA LYS G 3544 -56.03 -13.38 78.05
C LYS G 3544 -57.51 -13.11 77.85
N ASP G 3545 -58.26 -14.09 77.37
CA ASP G 3545 -59.69 -13.93 77.20
C ASP G 3545 -60.38 -13.94 78.56
N THR G 3546 -61.56 -13.33 78.60
CA THR G 3546 -62.34 -13.27 79.83
C THR G 3546 -62.88 -14.66 80.18
N ASP G 3547 -63.25 -14.81 81.46
CA ASP G 3547 -63.77 -16.10 81.90
C ASP G 3547 -65.03 -16.48 81.14
N GLU G 3548 -65.96 -15.54 80.99
CA GLU G 3548 -67.17 -15.82 80.22
C GLU G 3548 -66.82 -16.13 78.78
N GLU G 3549 -65.80 -15.44 78.25
CA GLU G 3549 -65.40 -15.69 76.88
C GLU G 3549 -64.90 -17.11 76.70
N VAL G 3550 -64.10 -17.61 77.64
CA VAL G 3550 -63.59 -18.98 77.52
C VAL G 3550 -64.70 -19.99 77.74
N ARG G 3551 -65.63 -19.70 78.66
CA ARG G 3551 -66.79 -20.58 78.79
C ARG G 3551 -67.55 -20.68 77.48
N GLU G 3552 -67.78 -19.54 76.81
CA GLU G 3552 -68.50 -19.56 75.54
C GLU G 3552 -67.69 -20.24 74.45
N PHE G 3553 -66.37 -20.08 74.47
CA PHE G 3553 -65.51 -20.79 73.53
C PHE G 3553 -65.70 -22.30 73.66
N LEU G 3554 -65.60 -22.81 74.89
CA LEU G 3554 -65.81 -24.24 75.09
C LEU G 3554 -67.24 -24.63 74.73
N GLN G 3555 -68.21 -23.77 75.03
CA GLN G 3555 -69.59 -24.09 74.70
C GLN G 3555 -69.78 -24.28 73.21
N ASN G 3556 -69.21 -23.38 72.40
CA ASN G 3556 -69.39 -23.49 70.95
C ASN G 3556 -68.53 -24.62 70.39
N ASN G 3557 -67.42 -24.93 71.04
CA ASN G 3557 -66.55 -26.03 70.63
C ASN G 3557 -66.87 -27.33 71.37
N LEU G 3558 -68.07 -27.42 71.95
CA LEU G 3558 -68.41 -28.55 72.81
C LEU G 3558 -68.22 -29.90 72.12
N ASN G 3559 -68.41 -29.97 70.81
CA ASN G 3559 -68.30 -31.23 70.09
C ASN G 3559 -66.87 -31.51 69.61
N LEU G 3560 -65.87 -30.92 70.26
CA LEU G 3560 -64.46 -31.20 69.97
C LEU G 3560 -63.87 -32.19 70.96
N GLN G 3561 -64.69 -33.06 71.52
CA GLN G 3561 -64.23 -34.01 72.52
C GLN G 3561 -63.23 -34.99 71.93
N GLY G 3562 -62.32 -35.46 72.77
CA GLY G 3562 -61.36 -36.46 72.34
C GLY G 3562 -62.02 -37.79 72.06
N LYS G 3563 -61.39 -38.59 71.21
CA LYS G 3563 -61.92 -39.88 70.79
C LYS G 3563 -61.08 -41.00 71.38
N VAL G 3564 -61.77 -41.98 71.99
CA VAL G 3564 -61.06 -43.13 72.56
C VAL G 3564 -60.33 -43.91 71.47
N GLU G 3565 -60.98 -44.12 70.32
CA GLU G 3565 -60.34 -44.82 69.23
C GLU G 3565 -59.11 -44.08 68.73
N GLY G 3566 -59.09 -42.75 68.90
CA GLY G 3566 -57.99 -41.97 68.37
C GLY G 3566 -56.65 -42.36 68.94
N SER G 3567 -56.59 -42.56 70.27
CA SER G 3567 -55.34 -42.91 70.94
C SER G 3567 -55.59 -44.06 71.91
N PRO G 3568 -54.60 -44.92 72.15
CA PRO G 3568 -54.82 -46.01 73.10
C PRO G 3568 -54.85 -45.57 74.54
N SER G 3569 -54.00 -44.62 74.94
CA SER G 3569 -53.95 -44.19 76.33
C SER G 3569 -55.34 -43.85 76.85
N LEU G 3570 -56.13 -43.16 76.03
CA LEU G 3570 -57.50 -42.86 76.40
C LEU G 3570 -58.29 -44.13 76.72
N ARG G 3571 -57.91 -45.27 76.14
CA ARG G 3571 -58.63 -46.50 76.43
C ARG G 3571 -58.52 -46.90 77.90
N TRP G 3572 -57.31 -46.98 78.46
CA TRP G 3572 -57.21 -47.38 79.86
C TRP G 3572 -57.59 -46.22 80.78
N GLN G 3573 -57.39 -44.98 80.32
CA GLN G 3573 -57.98 -43.86 81.05
C GLN G 3573 -59.48 -44.09 81.25
N MET G 3574 -60.18 -44.37 80.14
CA MET G 3574 -61.61 -44.64 80.17
C MET G 3574 -61.92 -45.83 81.05
N ALA G 3575 -61.06 -46.87 80.99
CA ALA G 3575 -61.29 -48.06 81.79
C ALA G 3575 -61.30 -47.73 83.28
N LEU G 3576 -60.27 -47.03 83.76
CA LEU G 3576 -60.21 -46.66 85.17
C LEU G 3576 -61.37 -45.74 85.53
N TYR G 3577 -61.68 -44.80 84.63
CA TYR G 3577 -62.75 -43.84 84.90
C TYR G 3577 -64.07 -44.55 85.11
N ARG G 3578 -64.41 -45.50 84.23
CA ARG G 3578 -65.60 -46.32 84.43
C ARG G 3578 -65.49 -47.18 85.67
N GLY G 3579 -64.33 -47.77 85.93
CA GLY G 3579 -64.19 -48.64 87.08
C GLY G 3579 -64.54 -47.94 88.37
N VAL G 3580 -64.14 -46.68 88.51
CA VAL G 3580 -64.61 -45.91 89.66
C VAL G 3580 -66.12 -45.75 89.56
N PRO G 3581 -66.88 -45.95 90.65
CA PRO G 3581 -68.35 -45.95 90.52
C PRO G 3581 -68.91 -44.55 90.34
N GLY G 3582 -70.22 -44.49 90.12
CA GLY G 3582 -70.96 -43.25 90.09
C GLY G 3582 -70.67 -42.35 88.91
N ARG G 3583 -69.90 -42.82 87.93
CA ARG G 3583 -69.52 -41.94 86.84
C ARG G 3583 -70.43 -42.11 85.63
N GLU G 3584 -71.38 -43.04 85.69
CA GLU G 3584 -72.38 -43.12 84.63
C GLU G 3584 -73.19 -41.85 84.53
N GLU G 3585 -73.36 -41.15 85.65
CA GLU G 3585 -74.03 -39.86 85.67
C GLU G 3585 -73.09 -38.69 85.36
N ASP G 3586 -71.79 -38.94 85.27
CA ASP G 3586 -70.85 -37.89 84.92
C ASP G 3586 -70.97 -37.54 83.44
N ALA G 3587 -70.58 -36.32 83.10
CA ALA G 3587 -70.54 -35.84 81.72
C ALA G 3587 -71.91 -35.88 81.06
N ASP G 3588 -72.99 -35.82 81.84
CA ASP G 3588 -74.32 -35.85 81.26
C ASP G 3588 -74.67 -34.51 80.61
N ASP G 3589 -74.07 -33.42 81.09
CA ASP G 3589 -74.45 -32.10 80.61
C ASP G 3589 -73.25 -31.36 80.04
N PRO G 3590 -73.35 -30.88 78.80
CA PRO G 3590 -72.23 -30.06 78.27
C PRO G 3590 -71.94 -28.84 79.12
N GLU G 3591 -72.95 -28.29 79.81
CA GLU G 3591 -72.67 -27.19 80.73
C GLU G 3591 -71.73 -27.64 81.85
N LYS G 3592 -71.98 -28.83 82.40
CA LYS G 3592 -71.04 -29.39 83.37
C LYS G 3592 -69.67 -29.55 82.76
N ILE G 3593 -69.61 -30.08 81.53
CA ILE G 3593 -68.32 -30.28 80.88
C ILE G 3593 -67.55 -28.96 80.81
N VAL G 3594 -68.20 -27.93 80.28
CA VAL G 3594 -67.51 -26.67 80.06
C VAL G 3594 -67.14 -25.98 81.37
N ARG G 3595 -68.03 -25.96 82.36
CA ARG G 3595 -67.66 -25.34 83.63
C ARG G 3595 -66.49 -26.05 84.28
N ARG G 3596 -66.51 -27.39 84.26
CA ARG G 3596 -65.42 -28.16 84.85
C ARG G 3596 -64.10 -27.86 84.13
N VAL G 3597 -64.12 -27.91 82.80
CA VAL G 3597 -62.90 -27.65 82.04
C VAL G 3597 -62.40 -26.25 82.30
N GLN G 3598 -63.31 -25.28 82.34
CA GLN G 3598 -62.89 -23.90 82.57
C GLN G 3598 -62.23 -23.75 83.93
N GLU G 3599 -62.84 -24.32 84.98
CA GLU G 3599 -62.23 -24.24 86.30
C GLU G 3599 -60.83 -24.81 86.29
N VAL G 3600 -60.68 -26.05 85.79
CA VAL G 3600 -59.38 -26.69 85.84
C VAL G 3600 -58.37 -25.90 85.02
N SER G 3601 -58.79 -25.41 83.86
CA SER G 3601 -57.87 -24.66 83.00
C SER G 3601 -57.42 -23.37 83.67
N ALA G 3602 -58.36 -22.68 84.33
CA ALA G 3602 -57.98 -21.48 85.06
C ALA G 3602 -56.96 -21.79 86.12
N VAL G 3603 -57.11 -22.91 86.82
CA VAL G 3603 -56.09 -23.30 87.79
C VAL G 3603 -54.74 -23.58 87.13
N LEU G 3604 -54.73 -24.39 86.07
CA LEU G 3604 -53.46 -24.79 85.46
C LEU G 3604 -52.73 -23.61 84.83
N TYR G 3605 -53.44 -22.70 84.19
CA TYR G 3605 -52.75 -21.61 83.51
C TYR G 3605 -51.96 -20.76 84.50
N HIS G 3606 -52.60 -20.40 85.62
CA HIS G 3606 -51.91 -19.58 86.61
C HIS G 3606 -50.84 -20.38 87.32
N LEU G 3607 -51.06 -21.68 87.52
CA LEU G 3607 -50.01 -22.52 88.07
C LEU G 3607 -48.78 -22.51 87.18
N ASP G 3608 -48.99 -22.58 85.86
CA ASP G 3608 -47.89 -22.54 84.92
C ASP G 3608 -47.19 -21.18 84.97
N GLN G 3609 -47.96 -20.10 85.04
CA GLN G 3609 -47.35 -18.78 85.18
C GLN G 3609 -46.44 -18.75 86.40
N THR G 3610 -46.92 -19.29 87.53
CA THR G 3610 -46.12 -19.25 88.74
C THR G 3610 -44.85 -20.09 88.62
N GLU G 3611 -44.98 -21.34 88.16
CA GLU G 3611 -43.82 -22.22 88.10
C GLU G 3611 -42.79 -21.70 87.12
N HIS G 3612 -43.23 -21.17 85.98
CA HIS G 3612 -42.32 -20.66 84.96
C HIS G 3612 -42.66 -19.21 84.65
N PRO G 3613 -41.75 -18.25 84.93
CA PRO G 3613 -42.06 -16.85 84.63
C PRO G 3613 -41.92 -16.52 83.14
N ARG G 3629 -30.54 0.23 98.72
CA ARG G 3629 -30.59 1.59 99.23
C ARG G 3629 -29.25 1.92 99.90
N ARG G 3630 -28.60 0.87 100.41
CA ARG G 3630 -27.27 1.05 101.01
C ARG G 3630 -26.29 1.58 99.96
N ARG G 3631 -26.31 1.00 98.76
CA ARG G 3631 -25.48 1.51 97.68
C ARG G 3631 -25.84 2.96 97.36
N ALA G 3632 -27.13 3.27 97.32
CA ALA G 3632 -27.55 4.63 97.00
C ALA G 3632 -27.01 5.62 98.01
N VAL G 3633 -27.08 5.31 99.29
CA VAL G 3633 -26.63 6.25 100.31
C VAL G 3633 -25.11 6.37 100.31
N VAL G 3634 -24.39 5.26 100.11
CA VAL G 3634 -22.93 5.37 100.05
C VAL G 3634 -22.50 6.13 98.81
N ALA G 3635 -23.32 6.13 97.76
CA ALA G 3635 -22.98 6.88 96.56
C ALA G 3635 -22.79 8.36 96.88
N CYS G 3636 -23.47 8.86 97.91
CA CYS G 3636 -23.41 10.27 98.29
C CYS G 3636 -22.68 10.52 99.59
N PHE G 3637 -22.43 9.50 100.41
CA PHE G 3637 -21.67 9.72 101.63
C PHE G 3637 -20.32 10.35 101.34
N ARG G 3638 -19.72 10.05 100.17
CA ARG G 3638 -18.46 10.68 99.82
C ARG G 3638 -18.58 12.20 99.83
N MET G 3639 -19.40 12.74 98.92
CA MET G 3639 -19.88 14.11 98.97
C MET G 3639 -18.83 15.14 98.54
N THR G 3640 -17.56 14.74 98.47
CA THR G 3640 -16.48 15.44 97.78
C THR G 3640 -16.73 16.96 97.69
N PRO G 3641 -16.91 17.64 98.83
CA PRO G 3641 -17.44 19.00 98.78
C PRO G 3641 -16.43 20.01 98.27
N LEU G 3642 -16.94 20.99 97.52
CA LEU G 3642 -16.10 22.11 97.10
C LEU G 3642 -15.88 23.12 98.21
N TYR G 3643 -16.88 23.36 99.05
CA TYR G 3643 -16.78 24.40 100.07
C TYR G 3643 -15.67 24.14 101.07
N ASN G 3644 -15.24 22.88 101.23
CA ASN G 3644 -14.17 22.57 102.16
C ASN G 3644 -12.79 22.76 101.56
N LEU G 3645 -12.72 23.02 100.26
CA LEU G 3645 -11.44 23.03 99.56
C LEU G 3645 -10.63 24.27 99.96
N PRO G 3646 -9.31 24.18 100.00
CA PRO G 3646 -8.51 25.36 100.33
C PRO G 3646 -8.70 26.48 99.31
N THR G 3647 -8.55 27.71 99.80
CA THR G 3647 -8.90 28.87 98.98
C THR G 3647 -8.02 28.96 97.75
N HIS G 3648 -6.71 28.73 97.89
CA HIS G 3648 -5.81 28.93 96.75
C HIS G 3648 -6.11 27.93 95.64
N ARG G 3649 -6.32 26.66 95.98
CA ARG G 3649 -6.64 25.67 94.96
C ARG G 3649 -7.96 26.00 94.26
N ALA G 3650 -8.95 26.42 95.05
CA ALA G 3650 -10.25 26.78 94.47
C ALA G 3650 -10.10 27.95 93.52
N CYS G 3651 -9.29 28.95 93.91
CA CYS G 3651 -9.05 30.09 93.02
C CYS G 3651 -8.35 29.66 91.75
N ASN G 3652 -7.36 28.77 91.87
CA ASN G 3652 -6.65 28.32 90.69
C ASN G 3652 -7.58 27.61 89.72
N MET G 3653 -8.52 26.81 90.22
CA MET G 3653 -9.46 26.18 89.30
C MET G 3653 -10.52 27.17 88.83
N PHE G 3654 -10.84 28.18 89.63
CA PHE G 3654 -11.82 29.16 89.18
C PHE G 3654 -11.30 29.95 88.01
N LEU G 3655 -10.02 30.30 88.03
CA LEU G 3655 -9.44 30.99 86.88
C LEU G 3655 -9.55 30.13 85.63
N GLU G 3656 -9.26 28.83 85.76
CA GLU G 3656 -9.39 27.94 84.62
C GLU G 3656 -10.83 27.89 84.11
N SER G 3657 -11.79 27.76 85.01
CA SER G 3657 -13.18 27.66 84.58
C SER G 3657 -13.65 28.96 83.93
N TYR G 3658 -13.30 30.09 84.53
CA TYR G 3658 -13.69 31.38 83.98
C TYR G 3658 -13.10 31.59 82.60
N LYS G 3659 -11.81 31.29 82.44
CA LYS G 3659 -11.19 31.39 81.13
C LYS G 3659 -11.87 30.47 80.14
N ALA G 3660 -12.17 29.24 80.56
CA ALA G 3660 -12.77 28.27 79.66
C ALA G 3660 -14.13 28.69 79.17
N SER G 3661 -14.97 29.24 80.05
CA SER G 3661 -16.33 29.58 79.64
C SER G 3661 -16.44 31.03 79.20
N TRP G 3662 -16.25 31.97 80.12
CA TRP G 3662 -16.64 33.35 79.84
C TRP G 3662 -15.74 33.98 78.79
N ILE G 3663 -14.44 34.08 79.08
CA ILE G 3663 -13.53 34.78 78.19
C ILE G 3663 -13.49 34.10 76.82
N LEU G 3664 -13.44 32.77 76.81
CA LEU G 3664 -13.38 32.06 75.53
C LEU G 3664 -14.65 32.26 74.72
N THR G 3665 -15.82 32.19 75.35
CA THR G 3665 -17.06 32.39 74.62
C THR G 3665 -17.14 33.81 74.07
N GLU G 3666 -16.69 34.79 74.85
CA GLU G 3666 -16.74 36.18 74.41
C GLU G 3666 -16.16 36.31 73.02
N ASP G 3667 -16.91 36.93 72.12
CA ASP G 3667 -16.55 37.06 70.72
C ASP G 3667 -16.23 38.51 70.42
N HIS G 3668 -15.03 38.77 69.91
CA HIS G 3668 -14.61 40.09 69.47
C HIS G 3668 -14.19 40.01 68.02
N SER G 3669 -14.77 40.88 67.20
CA SER G 3669 -14.47 40.95 65.77
C SER G 3669 -13.73 42.27 65.53
N PHE G 3670 -12.40 42.18 65.50
CA PHE G 3670 -11.55 43.34 65.26
C PHE G 3670 -10.78 43.24 63.96
N GLU G 3671 -10.88 42.12 63.24
CA GLU G 3671 -10.07 41.94 62.05
C GLU G 3671 -10.39 42.98 60.99
N ASP G 3672 -11.68 43.22 60.76
CA ASP G 3672 -12.06 44.20 59.74
C ASP G 3672 -11.56 45.58 60.10
N ARG G 3673 -11.77 46.02 61.34
CA ARG G 3673 -11.30 47.32 61.76
C ARG G 3673 -9.79 47.42 61.59
N MET G 3674 -9.07 46.41 62.05
CA MET G 3674 -7.62 46.47 62.03
C MET G 3674 -7.10 46.53 60.60
N ILE G 3675 -7.64 45.70 59.71
CA ILE G 3675 -7.21 45.74 58.32
C ILE G 3675 -7.55 47.07 57.66
N ASP G 3676 -8.74 47.62 57.89
CA ASP G 3676 -9.07 48.90 57.30
C ASP G 3676 -8.14 50.01 57.79
N ASP G 3677 -7.90 50.05 59.10
CA ASP G 3677 -7.04 51.09 59.67
C ASP G 3677 -5.61 50.96 59.14
N LEU G 3678 -5.12 49.73 59.05
CA LEU G 3678 -3.77 49.53 58.50
C LEU G 3678 -3.71 49.92 57.04
N SER G 3679 -4.75 49.60 56.27
CA SER G 3679 -4.73 49.90 54.85
C SER G 3679 -4.75 51.40 54.59
N LYS G 3680 -5.53 52.15 55.39
CA LYS G 3680 -5.64 53.58 55.14
C LYS G 3680 -4.26 54.24 55.12
N ALA G 3681 -4.00 55.00 54.06
CA ALA G 3681 -2.80 55.82 53.98
C ALA G 3681 -3.11 57.24 54.44
N GLY G 3682 -2.12 57.89 55.01
CA GLY G 3682 -2.35 59.13 55.72
C GLY G 3682 -1.57 60.30 55.13
N GLU G 3683 -2.03 61.50 55.48
CA GLU G 3683 -1.34 62.76 55.20
C GLU G 3683 -0.77 62.81 53.78
N GLN G 3684 -1.56 62.32 52.82
CA GLN G 3684 -1.14 62.43 51.43
C GLN G 3684 -1.08 63.90 51.00
N GLU G 3685 -2.04 64.70 51.44
CA GLU G 3685 -2.06 66.12 51.10
C GLU G 3685 -0.95 66.89 51.80
N GLU G 3686 -0.30 66.27 52.80
CA GLU G 3686 0.94 66.83 53.33
C GLU G 3686 2.14 66.32 52.55
N GLU G 3687 2.06 65.08 52.03
CA GLU G 3687 3.13 64.55 51.20
C GLU G 3687 3.31 65.40 49.95
N GLU G 3688 2.23 65.62 49.20
CA GLU G 3688 2.26 66.46 48.00
C GLU G 3688 3.48 66.14 47.13
N GLU G 3689 3.70 64.84 46.90
CA GLU G 3689 4.80 64.38 46.07
C GLU G 3689 4.26 63.96 44.71
N GLU G 3690 4.72 64.62 43.66
CA GLU G 3690 4.38 64.24 42.29
C GLU G 3690 5.19 63.05 41.81
N VAL G 3691 6.15 62.58 42.61
CA VAL G 3691 6.90 61.39 42.25
C VAL G 3691 5.95 60.21 42.13
N GLU G 3692 6.09 59.46 41.04
CA GLU G 3692 5.19 58.33 40.81
C GLU G 3692 5.29 57.30 41.93
N GLU G 3693 6.51 57.08 42.45
CA GLU G 3693 6.69 56.12 43.53
C GLU G 3693 5.83 56.50 44.73
N LYS G 3694 5.17 55.51 45.30
CA LYS G 3694 4.37 55.68 46.50
C LYS G 3694 4.95 54.81 47.61
N LYS G 3695 5.15 55.39 48.78
CA LYS G 3695 5.63 54.60 49.90
C LYS G 3695 4.55 53.61 50.33
N PRO G 3696 4.91 52.37 50.64
CA PRO G 3696 3.89 51.41 51.07
C PRO G 3696 3.19 51.87 52.35
N ASP G 3697 1.88 51.62 52.40
CA ASP G 3697 1.09 51.91 53.57
C ASP G 3697 1.27 50.78 54.59
N PRO G 3698 0.82 50.98 55.84
CA PRO G 3698 1.21 50.05 56.90
C PRO G 3698 0.94 48.58 56.59
N LEU G 3699 -0.21 48.26 56.00
CA LEU G 3699 -0.49 46.87 55.67
C LEU G 3699 0.50 46.34 54.65
N HIS G 3700 0.82 47.16 53.64
CA HIS G 3700 1.83 46.78 52.67
C HIS G 3700 3.17 46.54 53.34
N GLN G 3701 3.54 47.40 54.28
CA GLN G 3701 4.80 47.22 54.99
C GLN G 3701 4.82 45.91 55.76
N LEU G 3702 3.70 45.59 56.42
CA LEU G 3702 3.61 44.33 57.16
C LEU G 3702 3.79 43.14 56.24
N VAL G 3703 3.07 43.13 55.11
CA VAL G 3703 3.19 42.02 54.18
C VAL G 3703 4.60 41.91 53.65
N LEU G 3704 5.24 43.05 53.34
CA LEU G 3704 6.61 43.02 52.86
C LEU G 3704 7.55 42.48 53.93
N HIS G 3705 7.31 42.82 55.19
CA HIS G 3705 8.15 42.30 56.26
C HIS G 3705 8.04 40.78 56.36
N PHE G 3706 6.81 40.26 56.29
CA PHE G 3706 6.66 38.82 56.33
C PHE G 3706 7.30 38.16 55.12
N SER G 3707 7.22 38.78 53.95
CA SER G 3707 7.92 38.24 52.79
C SER G 3707 9.42 38.24 53.00
N ARG G 3708 9.98 39.29 53.58
CA ARG G 3708 11.40 39.29 53.93
C ARG G 3708 11.72 38.10 54.82
N THR G 3709 10.96 37.92 55.89
CA THR G 3709 11.21 36.81 56.80
C THR G 3709 11.18 35.48 56.06
N ALA G 3710 10.21 35.31 55.17
CA ALA G 3710 10.12 34.07 54.40
C ALA G 3710 11.36 33.89 53.52
N LEU G 3711 11.81 34.96 52.86
CA LEU G 3711 12.88 34.82 51.90
C LEU G 3711 14.23 34.55 52.58
N THR G 3712 14.44 35.09 53.78
CA THR G 3712 15.69 34.82 54.49
C THR G 3712 16.00 33.34 54.47
N GLU G 3713 17.14 32.98 53.89
CA GLU G 3713 17.50 31.57 53.80
C GLU G 3713 17.67 31.00 55.19
N LYS G 3714 17.09 29.83 55.43
CA LYS G 3714 17.11 29.22 56.75
C LYS G 3714 16.85 27.73 56.62
N SER G 3715 17.44 26.96 57.52
CA SER G 3715 17.27 25.51 57.48
C SER G 3715 15.81 25.13 57.70
N LYS G 3716 15.13 25.78 58.66
CA LYS G 3716 13.74 25.50 58.95
C LYS G 3716 13.01 26.81 59.20
N LEU G 3717 11.69 26.78 59.01
CA LEU G 3717 10.85 27.95 59.24
C LEU G 3717 10.40 27.96 60.69
N ASP G 3718 11.02 28.82 61.50
CA ASP G 3718 10.67 28.89 62.91
C ASP G 3718 9.23 29.34 63.09
N GLU G 3719 8.57 28.78 64.09
CA GLU G 3719 7.19 29.17 64.38
C GLU G 3719 7.16 30.58 64.92
N ASP G 3720 6.29 31.42 64.35
CA ASP G 3720 6.22 32.84 64.66
C ASP G 3720 4.80 33.19 65.03
N TYR G 3721 4.55 33.36 66.33
CA TYR G 3721 3.18 33.63 66.78
C TYR G 3721 2.64 34.89 66.13
N LEU G 3722 3.50 35.87 65.88
CA LEU G 3722 3.05 37.09 65.23
C LEU G 3722 2.53 36.82 63.84
N TYR G 3723 3.28 36.07 63.03
CA TYR G 3723 2.81 35.72 61.70
C TYR G 3723 1.53 34.91 61.79
N MET G 3724 1.48 33.98 62.74
CA MET G 3724 0.25 33.21 62.93
C MET G 3724 -0.94 34.13 63.12
N ALA G 3725 -0.83 35.08 64.05
CA ALA G 3725 -1.95 35.94 64.38
C ALA G 3725 -2.30 36.85 63.21
N TYR G 3726 -1.30 37.38 62.53
CA TYR G 3726 -1.57 38.33 61.46
C TYR G 3726 -2.15 37.63 60.23
N ALA G 3727 -1.70 36.41 59.96
CA ALA G 3727 -2.32 35.63 58.90
C ALA G 3727 -3.76 35.31 59.24
N ASP G 3728 -4.03 34.98 60.51
CA ASP G 3728 -5.42 34.74 60.90
C ASP G 3728 -6.26 35.99 60.71
N ILE G 3729 -5.73 37.16 61.08
CA ILE G 3729 -6.48 38.39 60.92
C ILE G 3729 -6.75 38.67 59.45
N MET G 3730 -5.73 38.57 58.60
CA MET G 3730 -5.92 38.83 57.19
C MET G 3730 -6.91 37.85 56.59
N ALA G 3731 -6.86 36.58 57.00
CA ALA G 3731 -7.81 35.59 56.50
C ALA G 3731 -9.23 35.94 56.91
N LYS G 3732 -9.45 36.24 58.18
CA LYS G 3732 -10.79 36.57 58.63
C LYS G 3732 -11.32 37.82 57.96
N SER G 3733 -10.42 38.74 57.57
CA SER G 3733 -10.88 39.97 56.94
C SER G 3733 -11.73 39.67 55.71
N CYS G 3734 -11.42 38.59 54.99
CA CYS G 3734 -12.21 38.18 53.83
C CYS G 3734 -13.29 37.22 54.28
N HIS G 3735 -14.49 37.73 54.49
CA HIS G 3735 -15.50 36.98 55.24
C HIS G 3735 -16.01 35.77 54.47
N LEU G 3736 -16.48 35.97 53.24
CA LEU G 3736 -17.19 34.90 52.51
C LEU G 3736 -18.38 34.40 53.32
N GLU G 3737 -19.18 35.35 53.81
CA GLU G 3737 -20.34 35.01 54.61
C GLU G 3737 -21.40 34.30 53.76
N VAL G 3752 -33.87 32.19 52.39
CA VAL G 3752 -34.51 31.95 51.11
C VAL G 3752 -33.51 32.17 49.98
N GLU G 3753 -33.97 31.97 48.75
CA GLU G 3753 -33.12 32.23 47.59
C GLU G 3753 -32.65 33.68 47.59
N VAL G 3754 -31.38 33.90 47.29
CA VAL G 3754 -30.84 35.24 47.21
C VAL G 3754 -31.08 35.81 45.82
N SER G 3755 -31.37 37.12 45.75
CA SER G 3755 -31.58 37.78 44.44
C SER G 3755 -30.27 37.83 43.64
N PHE G 3756 -30.37 37.85 42.32
CA PHE G 3756 -29.16 37.93 41.45
C PHE G 3756 -28.34 39.14 41.88
N GLU G 3757 -28.99 40.29 42.03
CA GLU G 3757 -28.29 41.52 42.47
C GLU G 3757 -27.54 41.26 43.77
N GLU G 3758 -28.21 40.67 44.77
CA GLU G 3758 -27.60 40.48 46.07
C GLU G 3758 -26.39 39.56 46.00
N LYS G 3759 -26.50 38.46 45.25
CA LYS G 3759 -25.35 37.59 45.07
C LYS G 3759 -24.21 38.36 44.41
N GLU G 3760 -24.53 39.18 43.40
CA GLU G 3760 -23.49 39.94 42.73
C GLU G 3760 -22.85 40.95 43.65
N MET G 3761 -23.64 41.63 44.48
CA MET G 3761 -23.06 42.57 45.43
C MET G 3761 -22.15 41.84 46.43
N GLU G 3762 -22.58 40.68 46.90
CA GLU G 3762 -21.75 39.93 47.84
C GLU G 3762 -20.42 39.55 47.18
N LYS G 3763 -20.47 39.06 45.94
CA LYS G 3763 -19.23 38.76 45.23
C LYS G 3763 -18.35 39.98 45.06
N GLN G 3764 -18.93 41.13 44.70
CA GLN G 3764 -18.12 42.34 44.54
C GLN G 3764 -17.45 42.72 45.85
N ARG G 3765 -18.19 42.61 46.96
CA ARG G 3765 -17.62 42.94 48.26
C ARG G 3765 -16.46 42.02 48.60
N LEU G 3766 -16.63 40.72 48.34
CA LEU G 3766 -15.55 39.79 48.63
C LEU G 3766 -14.33 40.07 47.77
N LEU G 3767 -14.55 40.38 46.49
CA LEU G 3767 -13.41 40.73 45.63
C LEU G 3767 -12.70 41.97 46.12
N TYR G 3768 -13.44 42.96 46.61
CA TYR G 3768 -12.79 44.15 47.16
C TYR G 3768 -11.98 43.81 48.41
N GLN G 3769 -12.54 42.96 49.27
CA GLN G 3769 -11.81 42.56 50.47
C GLN G 3769 -10.52 41.84 50.10
N GLN G 3770 -10.57 40.97 49.09
CA GLN G 3770 -9.36 40.29 48.63
C GLN G 3770 -8.42 41.26 47.93
N SER G 3771 -8.97 42.32 47.34
CA SER G 3771 -8.14 43.34 46.72
C SER G 3771 -7.28 44.02 47.76
N ARG G 3772 -7.86 44.34 48.91
CA ARG G 3772 -7.08 44.97 49.97
C ARG G 3772 -5.82 44.16 50.23
N LEU G 3773 -5.92 42.83 50.21
CA LEU G 3773 -4.77 42.00 50.56
C LEU G 3773 -3.83 41.80 49.39
N HIS G 3774 -4.34 41.34 48.24
CA HIS G 3774 -3.40 40.94 47.19
C HIS G 3774 -2.91 42.15 46.39
N ASN G 3775 -3.41 43.34 46.68
CA ASN G 3775 -2.77 44.54 46.15
C ASN G 3775 -1.52 44.90 46.93
N ARG G 3776 -1.38 44.38 48.15
CA ARG G 3776 -0.18 44.62 48.96
C ARG G 3776 0.83 43.49 48.87
N GLY G 3777 0.52 42.40 48.17
CA GLY G 3777 1.44 41.30 48.02
C GLY G 3777 1.14 40.06 48.83
N ALA G 3778 -0.07 39.94 49.38
CA ALA G 3778 -0.39 38.79 50.21
C ALA G 3778 -0.23 37.49 49.45
N ALA G 3779 -0.52 37.48 48.15
CA ALA G 3779 -0.40 36.24 47.37
C ALA G 3779 1.05 35.78 47.31
N GLU G 3780 1.95 36.68 46.96
CA GLU G 3780 3.37 36.35 46.96
C GLU G 3780 3.86 35.97 48.34
N MET G 3781 3.37 36.63 49.39
CA MET G 3781 3.79 36.24 50.73
C MET G 3781 3.32 34.83 51.06
N VAL G 3782 2.11 34.47 50.64
CA VAL G 3782 1.61 33.12 50.88
C VAL G 3782 2.48 32.10 50.16
N LEU G 3783 2.79 32.35 48.89
CA LEU G 3783 3.65 31.42 48.17
C LEU G 3783 5.02 31.30 48.81
N GLN G 3784 5.60 32.42 49.25
CA GLN G 3784 6.91 32.37 49.87
C GLN G 3784 6.87 31.58 51.16
N MET G 3785 5.83 31.77 51.98
CA MET G 3785 5.73 31.02 53.22
C MET G 3785 5.58 29.52 52.95
N ILE G 3786 4.75 29.16 51.97
CA ILE G 3786 4.59 27.74 51.65
C ILE G 3786 5.91 27.15 51.15
N SER G 3787 6.66 27.91 50.36
CA SER G 3787 7.96 27.41 49.91
C SER G 3787 8.96 27.30 51.05
N ALA G 3788 8.89 28.23 52.01
CA ALA G 3788 9.85 28.23 53.09
C ALA G 3788 9.56 27.16 54.12
N CYS G 3789 8.31 26.71 54.22
CA CYS G 3789 8.01 25.65 55.18
C CYS G 3789 8.81 24.39 54.88
N LYS G 3790 9.25 24.24 53.63
CA LYS G 3790 10.13 23.13 53.24
C LYS G 3790 9.48 21.77 53.49
N GLY G 3791 8.15 21.73 53.49
CA GLY G 3791 7.44 20.49 53.66
C GLY G 3791 7.19 20.06 55.09
N GLU G 3792 7.61 20.86 56.07
CA GLU G 3792 7.36 20.53 57.47
C GLU G 3792 5.94 20.92 57.85
N THR G 3793 5.07 19.93 58.00
CA THR G 3793 3.70 20.18 58.41
C THR G 3793 3.69 20.85 59.78
N GLY G 3794 2.84 21.86 59.94
CA GLY G 3794 2.81 22.59 61.19
C GLY G 3794 1.82 23.74 61.15
N ALA G 3795 1.80 24.48 62.27
CA ALA G 3795 0.85 25.58 62.39
C ALA G 3795 1.15 26.68 61.39
N MET G 3796 2.44 26.93 61.11
CA MET G 3796 2.79 27.98 60.17
C MET G 3796 2.23 27.70 58.79
N VAL G 3797 2.48 26.50 58.27
CA VAL G 3797 1.94 26.14 56.96
C VAL G 3797 0.42 26.07 57.00
N SER G 3798 -0.16 25.63 58.12
CA SER G 3798 -1.62 25.64 58.20
C SER G 3798 -2.17 27.05 58.05
N SER G 3799 -1.59 28.01 58.75
CA SER G 3799 -2.06 29.39 58.66
C SER G 3799 -1.85 29.94 57.26
N THR G 3800 -0.72 29.61 56.64
CA THR G 3800 -0.47 30.08 55.28
C THR G 3800 -1.51 29.53 54.31
N LEU G 3801 -1.83 28.24 54.43
CA LEU G 3801 -2.84 27.65 53.57
C LEU G 3801 -4.21 28.30 53.79
N LYS G 3802 -4.55 28.57 55.05
CA LYS G 3802 -5.82 29.22 55.32
C LYS G 3802 -5.87 30.62 54.71
N LEU G 3803 -4.77 31.36 54.80
CA LEU G 3803 -4.73 32.67 54.19
C LEU G 3803 -4.88 32.58 52.67
N GLY G 3804 -4.19 31.62 52.05
CA GLY G 3804 -4.33 31.46 50.62
C GLY G 3804 -5.75 31.13 50.22
N ILE G 3805 -6.40 30.24 50.97
CA ILE G 3805 -7.79 29.92 50.68
C ILE G 3805 -8.67 31.14 50.84
N SER G 3806 -8.41 31.95 51.87
CA SER G 3806 -9.22 33.13 52.11
C SER G 3806 -9.12 34.11 50.94
N ILE G 3807 -7.91 34.32 50.43
CA ILE G 3807 -7.75 35.29 49.34
C ILE G 3807 -8.02 34.68 47.97
N LEU G 3808 -8.22 33.37 47.87
CA LEU G 3808 -8.59 32.74 46.61
C LEU G 3808 -10.06 32.34 46.53
N ASN G 3809 -10.80 32.40 47.63
CA ASN G 3809 -12.18 31.94 47.63
C ASN G 3809 -12.95 32.57 46.49
N GLY G 3810 -13.88 31.81 45.92
CA GLY G 3810 -14.65 32.29 44.79
C GLY G 3810 -13.94 32.22 43.46
N GLY G 3811 -12.79 31.55 43.39
CA GLY G 3811 -12.05 31.45 42.14
C GLY G 3811 -11.54 32.79 41.68
N ASN G 3812 -10.94 33.55 42.57
CA ASN G 3812 -10.39 34.85 42.20
C ASN G 3812 -9.41 34.70 41.05
N ALA G 3813 -9.54 35.56 40.04
CA ALA G 3813 -8.73 35.45 38.84
C ALA G 3813 -7.45 36.27 38.94
N GLU G 3814 -7.53 37.47 39.50
CA GLU G 3814 -6.33 38.29 39.62
C GLU G 3814 -5.31 37.64 40.53
N VAL G 3815 -5.76 37.06 41.65
CA VAL G 3815 -4.85 36.39 42.56
C VAL G 3815 -4.22 35.18 41.89
N GLN G 3816 -5.01 34.41 41.14
CA GLN G 3816 -4.46 33.29 40.40
C GLN G 3816 -3.37 33.75 39.43
N GLN G 3817 -3.65 34.81 38.68
CA GLN G 3817 -2.66 35.31 37.73
C GLN G 3817 -1.40 35.75 38.45
N LYS G 3818 -1.54 36.46 39.57
CA LYS G 3818 -0.36 36.92 40.30
C LYS G 3818 0.46 35.74 40.80
N MET G 3819 -0.20 34.75 41.40
CA MET G 3819 0.52 33.58 41.91
C MET G 3819 1.26 32.88 40.79
N LEU G 3820 0.58 32.63 39.68
CA LEU G 3820 1.19 31.88 38.58
C LEU G 3820 2.35 32.65 37.97
N ASP G 3821 2.18 33.96 37.79
CA ASP G 3821 3.26 34.77 37.23
C ASP G 3821 4.47 34.78 38.16
N TYR G 3822 4.22 34.92 39.47
CA TYR G 3822 5.32 34.89 40.42
C TYR G 3822 6.06 33.57 40.35
N LEU G 3823 5.33 32.46 40.34
CA LEU G 3823 5.97 31.16 40.25
C LEU G 3823 6.79 31.01 38.97
N LYS G 3824 6.22 31.40 37.83
CA LYS G 3824 6.93 31.26 36.57
C LYS G 3824 8.18 32.14 36.53
N ASP G 3825 8.11 33.33 37.12
CA ASP G 3825 9.25 34.23 37.09
C ASP G 3825 10.37 33.73 38.01
N LYS G 3826 10.02 33.30 39.23
CA LYS G 3826 11.06 32.91 40.17
C LYS G 3826 11.64 31.54 39.82
N LYS G 3827 10.84 30.65 39.26
CA LYS G 3827 11.31 29.35 38.78
C LYS G 3827 11.84 28.47 39.91
N GLU G 3828 11.48 28.76 41.15
CA GLU G 3828 11.96 27.94 42.25
C GLU G 3828 11.17 26.64 42.33
N VAL G 3829 11.88 25.53 42.56
CA VAL G 3829 11.23 24.24 42.75
C VAL G 3829 10.68 24.08 44.16
N GLY G 3830 11.09 24.95 45.08
CA GLY G 3830 10.74 24.75 46.48
C GLY G 3830 9.25 24.66 46.71
N PHE G 3831 8.47 25.48 46.01
CA PHE G 3831 7.03 25.50 46.25
C PHE G 3831 6.42 24.12 46.03
N PHE G 3832 6.65 23.54 44.86
CA PHE G 3832 6.01 22.26 44.56
C PHE G 3832 6.67 21.12 45.30
N GLN G 3833 7.97 21.22 45.58
CA GLN G 3833 8.59 20.21 46.43
C GLN G 3833 7.95 20.19 47.81
N SER G 3834 7.70 21.37 48.38
CA SER G 3834 7.05 21.44 49.68
C SER G 3834 5.61 20.92 49.61
N ILE G 3835 4.89 21.26 48.54
CA ILE G 3835 3.53 20.77 48.41
C ILE G 3835 3.52 19.25 48.36
N GLN G 3836 4.42 18.66 47.58
CA GLN G 3836 4.52 17.20 47.50
C GLN G 3836 4.86 16.58 48.85
N ALA G 3837 5.81 17.18 49.58
CA ALA G 3837 6.14 16.65 50.89
C ALA G 3837 4.93 16.70 51.82
N LEU G 3838 4.19 17.81 51.81
CA LEU G 3838 3.02 17.91 52.66
C LEU G 3838 1.98 16.86 52.31
N MET G 3839 1.73 16.67 51.01
CA MET G 3839 0.79 15.63 50.60
C MET G 3839 1.24 14.25 51.03
N GLN G 3840 2.54 13.97 50.98
CA GLN G 3840 3.04 12.70 51.49
C GLN G 3840 2.86 12.55 52.98
N THR G 3841 3.01 13.63 53.74
CA THR G 3841 2.79 13.55 55.19
C THR G 3841 1.32 13.35 55.53
N CYS G 3842 0.41 13.92 54.74
CA CYS G 3842 -1.02 13.81 55.01
C CYS G 3842 -1.40 12.38 55.33
N SER G 3843 -2.26 12.22 56.34
CA SER G 3843 -2.58 10.92 56.88
C SER G 3843 -3.96 10.45 56.42
N VAL G 3844 -4.28 9.19 56.75
CA VAL G 3844 -5.53 8.55 56.37
C VAL G 3844 -6.06 7.79 57.57
N LEU G 3845 -7.18 7.09 57.36
CA LEU G 3845 -7.75 6.26 58.41
C LEU G 3845 -6.76 5.18 58.82
N ASP G 3846 -6.64 4.97 60.13
CA ASP G 3846 -5.67 4.02 60.68
C ASP G 3846 -6.36 3.11 61.68
N LEU G 3847 -6.39 1.81 61.36
CA LEU G 3847 -7.10 0.86 62.23
C LEU G 3847 -6.39 0.63 63.55
N ASN G 3848 -5.06 0.58 63.55
CA ASN G 3848 -4.36 0.40 64.83
C ASN G 3848 -4.62 1.58 65.74
N ALA G 3849 -4.56 2.80 65.19
CA ALA G 3849 -4.87 3.98 65.99
C ALA G 3849 -6.32 3.95 66.47
N PHE G 3850 -7.24 3.53 65.59
CA PHE G 3850 -8.64 3.45 66.01
C PHE G 3850 -8.83 2.49 67.16
N GLU G 3851 -8.18 1.32 67.09
CA GLU G 3851 -8.34 0.33 68.15
C GLU G 3851 -7.72 0.83 69.45
N ARG G 3852 -6.56 1.47 69.37
CA ARG G 3852 -5.96 2.05 70.56
C ARG G 3852 -6.89 3.07 71.19
N GLN G 3853 -7.46 3.96 70.37
CA GLN G 3853 -8.35 4.98 70.88
C GLN G 3853 -9.61 4.36 71.48
N ASN G 3854 -10.16 3.34 70.83
CA ASN G 3854 -11.34 2.67 71.36
C ASN G 3854 -11.05 2.05 72.72
N LYS G 3855 -9.91 1.37 72.85
CA LYS G 3855 -9.57 0.75 74.12
C LYS G 3855 -9.35 1.82 75.18
N ALA G 3856 -8.69 2.91 74.84
CA ALA G 3856 -8.50 3.99 75.80
C ALA G 3856 -9.82 4.56 76.28
N GLU G 3857 -10.73 4.85 75.34
CA GLU G 3857 -12.03 5.39 75.72
C GLU G 3857 -12.79 4.41 76.59
N GLY G 3858 -12.79 3.12 76.22
CA GLY G 3858 -13.47 2.13 77.05
C GLY G 3858 -12.89 2.08 78.45
N LEU G 3859 -11.56 2.15 78.57
CA LEU G 3859 -10.94 2.22 79.87
C LEU G 3859 -11.42 3.45 80.62
N GLY G 3860 -11.82 3.25 81.87
CA GLY G 3860 -12.27 4.36 82.68
C GLY G 3860 -11.12 5.10 83.32
N MET G 3861 -11.28 6.43 83.40
CA MET G 3861 -10.31 7.24 84.11
C MET G 3861 -10.25 6.83 85.59
N VAL G 3862 -9.03 6.68 86.09
CA VAL G 3862 -8.85 6.16 87.44
C VAL G 3862 -9.48 7.09 88.47
N ASN G 3863 -9.23 8.40 88.35
CA ASN G 3863 -9.79 9.40 89.24
C ASN G 3863 -10.77 10.25 88.45
N GLU G 3864 -11.49 11.14 89.14
CA GLU G 3864 -12.56 11.89 88.50
C GLU G 3864 -12.04 12.63 87.28
N ASP G 3865 -12.98 13.00 86.40
CA ASP G 3865 -12.61 13.66 85.14
C ASP G 3865 -11.92 14.99 85.38
N GLY G 3866 -12.33 15.75 86.39
CA GLY G 3866 -11.67 17.00 86.70
C GLY G 3866 -10.24 16.81 87.15
N THR G 3867 -10.02 15.79 88.00
CA THR G 3867 -8.67 15.51 88.48
C THR G 3867 -7.78 15.01 87.36
N VAL G 3868 -8.26 14.06 86.56
CA VAL G 3868 -7.51 13.53 85.43
C VAL G 3868 -7.69 14.47 84.24
N ILE G 3869 -6.90 14.24 83.19
CA ILE G 3869 -7.03 15.04 81.97
C ILE G 3869 -8.39 14.84 81.31
N ASN G 3870 -9.17 13.85 81.77
CA ASN G 3870 -10.46 13.54 81.18
C ASN G 3870 -10.28 12.86 79.83
N ARG G 3871 -9.17 12.15 79.67
CA ARG G 3871 -8.89 11.42 78.42
C ARG G 3871 -8.98 12.35 77.22
N GLN G 3872 -8.47 13.57 77.38
CA GLN G 3872 -8.52 14.58 76.34
C GLN G 3872 -7.23 14.53 75.54
N ASN G 3873 -7.32 14.05 74.31
CA ASN G 3873 -6.16 13.97 73.42
C ASN G 3873 -6.65 14.19 72.00
N GLY G 3874 -5.77 14.76 71.18
CA GLY G 3874 -6.06 14.88 69.77
C GLY G 3874 -6.32 13.51 69.19
N GLU G 3875 -7.47 13.35 68.52
CA GLU G 3875 -7.86 12.03 68.04
C GLU G 3875 -6.76 11.45 67.17
N LYS G 3876 -6.36 10.22 67.48
CA LYS G 3876 -5.27 9.59 66.74
C LYS G 3876 -5.67 9.31 65.29
N VAL G 3877 -6.94 8.99 65.06
CA VAL G 3877 -7.39 8.68 63.72
C VAL G 3877 -7.64 9.97 62.95
N MET G 3878 -6.95 10.12 61.82
CA MET G 3878 -7.13 11.28 60.94
C MET G 3878 -6.99 12.57 61.74
N ALA G 3879 -5.88 12.68 62.47
CA ALA G 3879 -5.69 13.84 63.34
C ALA G 3879 -5.61 15.14 62.56
N ASP G 3880 -5.18 15.08 61.30
CA ASP G 3880 -4.96 16.26 60.48
C ASP G 3880 -5.95 16.37 59.33
N ASP G 3881 -7.21 15.99 59.56
CA ASP G 3881 -8.20 16.07 58.51
C ASP G 3881 -8.41 17.52 58.07
N GLU G 3882 -8.43 18.45 59.03
CA GLU G 3882 -8.63 19.85 58.68
C GLU G 3882 -7.50 20.36 57.81
N PHE G 3883 -6.26 20.03 58.17
CA PHE G 3883 -5.13 20.48 57.36
C PHE G 3883 -5.17 19.85 55.98
N THR G 3884 -5.53 18.57 55.89
CA THR G 3884 -5.62 17.94 54.58
C THR G 3884 -6.67 18.63 53.72
N GLN G 3885 -7.83 18.91 54.30
CA GLN G 3885 -8.88 19.60 53.56
C GLN G 3885 -8.41 20.97 53.10
N ASP G 3886 -7.69 21.69 53.97
CA ASP G 3886 -7.19 23.00 53.56
C ASP G 3886 -6.18 22.89 52.43
N LEU G 3887 -5.28 21.91 52.51
CA LEU G 3887 -4.30 21.73 51.44
C LEU G 3887 -4.99 21.48 50.11
N PHE G 3888 -5.91 20.53 50.07
CA PHE G 3888 -6.57 20.23 48.81
C PHE G 3888 -7.53 21.33 48.37
N ARG G 3889 -8.11 22.08 49.30
CA ARG G 3889 -8.92 23.22 48.93
C ARG G 3889 -8.07 24.30 48.29
N PHE G 3890 -6.87 24.52 48.82
CA PHE G 3890 -5.95 25.48 48.19
C PHE G 3890 -5.58 25.03 46.79
N LEU G 3891 -5.24 23.76 46.64
CA LEU G 3891 -4.87 23.26 45.32
C LEU G 3891 -6.02 23.41 44.34
N GLN G 3892 -7.25 23.09 44.78
CA GLN G 3892 -8.40 23.30 43.92
C GLN G 3892 -8.56 24.77 43.57
N LEU G 3893 -8.58 25.64 44.58
CA LEU G 3893 -8.90 27.04 44.36
C LEU G 3893 -7.92 27.69 43.41
N LEU G 3894 -6.67 27.21 43.39
CA LEU G 3894 -5.73 27.75 42.41
C LEU G 3894 -6.21 27.48 40.99
N CYS G 3895 -6.80 26.32 40.74
CA CYS G 3895 -7.32 25.95 39.43
C CYS G 3895 -8.77 26.36 39.24
N GLU G 3896 -9.40 26.91 40.26
CA GLU G 3896 -10.84 27.18 40.19
C GLU G 3896 -11.15 28.14 39.05
N GLY G 3897 -12.33 27.99 38.48
CA GLY G 3897 -12.73 28.82 37.36
C GLY G 3897 -12.22 28.36 36.02
N HIS G 3898 -11.70 27.14 35.93
CA HIS G 3898 -11.16 26.62 34.68
C HIS G 3898 -10.02 27.49 34.17
N ASN G 3899 -8.96 27.56 34.98
CA ASN G 3899 -7.75 28.30 34.63
C ASN G 3899 -6.80 27.34 33.93
N ASN G 3900 -6.83 27.33 32.60
CA ASN G 3900 -6.06 26.35 31.85
C ASN G 3900 -4.57 26.51 32.09
N ASP G 3901 -4.09 27.75 32.15
CA ASP G 3901 -2.65 27.96 32.33
C ASP G 3901 -2.17 27.31 33.62
N PHE G 3902 -2.85 27.59 34.72
CA PHE G 3902 -2.37 27.05 36.00
C PHE G 3902 -2.65 25.55 36.07
N GLN G 3903 -3.72 25.09 35.43
CA GLN G 3903 -3.99 23.66 35.41
C GLN G 3903 -2.87 22.90 34.72
N ASN G 3904 -2.35 23.44 33.62
CA ASN G 3904 -1.21 22.82 32.97
C ASN G 3904 0.06 22.97 33.81
N TYR G 3905 0.22 24.12 34.47
CA TYR G 3905 1.39 24.32 35.30
C TYR G 3905 1.47 23.26 36.40
N LEU G 3906 0.33 22.96 37.03
CA LEU G 3906 0.34 21.93 38.06
C LEU G 3906 0.89 20.62 37.51
N ARG G 3907 0.43 20.23 36.31
CA ARG G 3907 0.87 18.96 35.75
C ARG G 3907 2.38 18.98 35.47
N THR G 3908 2.86 20.02 34.80
CA THR G 3908 4.28 20.09 34.48
C THR G 3908 4.76 21.54 34.51
N GLN G 3909 5.70 21.82 35.41
CA GLN G 3909 6.34 23.12 35.47
C GLN G 3909 7.43 23.18 34.42
N THR G 3910 7.21 23.98 33.38
CA THR G 3910 8.12 24.04 32.23
C THR G 3910 9.44 24.75 32.54
N GLY G 3911 9.38 25.92 33.16
CA GLY G 3911 10.61 26.66 33.42
C GLY G 3911 11.55 25.93 34.35
N ASN G 3912 11.00 25.33 35.41
CA ASN G 3912 11.84 24.73 36.44
C ASN G 3912 12.71 23.62 35.86
N THR G 3913 13.82 23.35 36.53
CA THR G 3913 14.68 22.26 36.11
C THR G 3913 14.00 20.91 36.31
N THR G 3914 13.41 20.70 37.49
CA THR G 3914 12.75 19.46 37.83
C THR G 3914 11.25 19.71 38.00
N THR G 3915 10.44 18.81 37.44
CA THR G 3915 9.00 18.96 37.48
C THR G 3915 8.38 17.98 38.46
N ILE G 3916 7.28 18.40 39.07
CA ILE G 3916 6.53 17.58 40.01
C ILE G 3916 5.09 17.52 39.53
N ASN G 3917 4.54 16.30 39.41
CA ASN G 3917 3.21 16.12 38.85
C ASN G 3917 2.19 16.09 39.99
N ILE G 3918 1.69 17.26 40.37
CA ILE G 3918 0.75 17.34 41.46
C ILE G 3918 -0.53 16.58 41.12
N ILE G 3919 -0.87 16.52 39.84
CA ILE G 3919 -2.09 15.82 39.44
C ILE G 3919 -1.99 14.34 39.82
N ILE G 3920 -0.81 13.76 39.69
CA ILE G 3920 -0.61 12.37 40.09
C ILE G 3920 -0.36 12.23 41.58
N CYS G 3921 0.21 13.25 42.22
CA CYS G 3921 0.33 13.21 43.68
C CYS G 3921 -1.04 13.14 44.33
N THR G 3922 -2.00 13.91 43.81
CA THR G 3922 -3.36 13.86 44.33
C THR G 3922 -3.96 12.47 44.16
N VAL G 3923 -3.76 11.86 43.00
CA VAL G 3923 -4.26 10.51 42.78
C VAL G 3923 -3.62 9.52 43.73
N ASP G 3924 -2.32 9.64 43.99
CA ASP G 3924 -1.68 8.74 44.94
C ASP G 3924 -2.28 8.88 46.33
N TYR G 3925 -2.49 10.11 46.79
CA TYR G 3925 -3.10 10.28 48.10
C TYR G 3925 -4.50 9.71 48.11
N LEU G 3926 -5.26 9.92 47.03
CA LEU G 3926 -6.60 9.36 46.97
C LEU G 3926 -6.57 7.84 47.05
N LEU G 3927 -5.59 7.22 46.40
CA LEU G 3927 -5.47 5.77 46.48
C LEU G 3927 -5.18 5.31 47.90
N ARG G 3928 -4.29 6.02 48.59
CA ARG G 3928 -4.02 5.67 49.98
C ARG G 3928 -5.30 5.77 50.82
N LEU G 3929 -6.04 6.86 50.65
CA LEU G 3929 -7.27 7.05 51.40
C LEU G 3929 -8.29 5.96 51.07
N GLN G 3930 -8.39 5.58 49.80
CA GLN G 3930 -9.32 4.54 49.42
C GLN G 3930 -8.96 3.22 50.06
N GLU G 3931 -7.67 2.88 50.09
CA GLU G 3931 -7.26 1.65 50.74
C GLU G 3931 -7.60 1.69 52.23
N SER G 3932 -7.38 2.84 52.87
CA SER G 3932 -7.72 2.95 54.29
C SER G 3932 -9.22 2.75 54.50
N ILE G 3933 -10.04 3.35 53.65
CA ILE G 3933 -11.49 3.21 53.81
C ILE G 3933 -11.92 1.77 53.59
N SER G 3934 -11.33 1.10 52.61
CA SER G 3934 -11.66 -0.30 52.40
C SER G 3934 -11.29 -1.14 53.60
N ASP G 3935 -10.13 -0.86 54.20
CA ASP G 3935 -9.74 -1.58 55.40
C ASP G 3935 -10.72 -1.33 56.53
N PHE G 3936 -11.18 -0.10 56.68
CA PHE G 3936 -12.11 0.24 57.76
C PHE G 3936 -13.45 -0.45 57.55
N TYR G 3937 -13.91 -0.51 56.30
CA TYR G 3937 -15.10 -1.30 56.00
C TYR G 3937 -14.91 -2.77 56.33
N TRP G 3938 -13.77 -3.34 55.94
CA TRP G 3938 -13.57 -4.75 56.24
C TRP G 3938 -13.55 -4.98 57.74
N TYR G 3939 -13.02 -4.02 58.50
CA TYR G 3939 -13.07 -4.11 59.95
C TYR G 3939 -14.50 -4.14 60.45
N TYR G 3940 -15.34 -3.26 59.92
CA TYR G 3940 -16.71 -3.12 60.43
C TYR G 3940 -17.73 -4.02 59.74
N SER G 3941 -17.31 -4.88 58.81
CA SER G 3941 -18.27 -5.67 58.06
C SER G 3941 -19.01 -6.65 58.98
N GLY G 3942 -18.28 -7.34 59.85
CA GLY G 3942 -18.91 -8.35 60.68
C GLY G 3942 -19.92 -7.74 61.65
N LYS G 3943 -19.55 -6.64 62.30
CA LYS G 3943 -20.42 -6.03 63.28
C LYS G 3943 -21.72 -5.57 62.62
N ASP G 3944 -22.82 -5.71 63.35
CA ASP G 3944 -24.12 -5.39 62.79
C ASP G 3944 -24.36 -3.89 62.72
N VAL G 3945 -23.89 -3.13 63.71
CA VAL G 3945 -24.14 -1.70 63.80
C VAL G 3945 -22.81 -1.00 64.04
N ILE G 3946 -22.58 0.09 63.29
CA ILE G 3946 -21.38 0.89 63.48
C ILE G 3946 -21.56 1.81 64.68
N GLU G 3947 -20.62 1.76 65.61
CA GLU G 3947 -20.70 2.60 66.79
C GLU G 3947 -20.52 4.07 66.41
N GLU G 3948 -20.78 4.94 67.37
CA GLU G 3948 -20.76 6.37 67.10
C GLU G 3948 -19.38 6.86 66.67
N GLN G 3949 -18.32 6.39 67.34
CA GLN G 3949 -16.98 6.82 66.94
C GLN G 3949 -16.65 6.31 65.55
N GLY G 3950 -17.05 5.08 65.23
CA GLY G 3950 -16.86 4.59 63.88
C GLY G 3950 -17.57 5.44 62.84
N LYS G 3951 -18.81 5.86 63.14
CA LYS G 3951 -19.51 6.74 62.22
C LYS G 3951 -18.78 8.07 62.09
N ARG G 3952 -18.27 8.61 63.19
CA ARG G 3952 -17.53 9.87 63.13
C ARG G 3952 -16.30 9.74 62.24
N ASN G 3953 -15.57 8.64 62.36
CA ASN G 3953 -14.39 8.46 61.52
C ASN G 3953 -14.78 8.27 60.07
N PHE G 3954 -15.87 7.53 59.82
CA PHE G 3954 -16.44 7.50 58.47
C PHE G 3954 -16.65 8.89 57.94
N SER G 3955 -17.27 9.76 58.73
CA SER G 3955 -17.63 11.09 58.24
C SER G 3955 -16.40 11.92 57.95
N LYS G 3956 -15.40 11.84 58.81
CA LYS G 3956 -14.16 12.57 58.56
C LYS G 3956 -13.50 12.11 57.27
N ALA G 3957 -13.38 10.79 57.10
CA ALA G 3957 -12.77 10.28 55.87
C ALA G 3957 -13.59 10.68 54.66
N MET G 3958 -14.91 10.67 54.77
CA MET G 3958 -15.75 11.01 53.64
C MET G 3958 -15.60 12.48 53.27
N SER G 3959 -15.49 13.37 54.26
CA SER G 3959 -15.27 14.77 53.96
C SER G 3959 -13.95 14.97 53.25
N VAL G 3960 -12.89 14.32 53.74
CA VAL G 3960 -11.59 14.48 53.10
C VAL G 3960 -11.63 13.93 51.67
N ALA G 3961 -12.26 12.78 51.48
CA ALA G 3961 -12.35 12.21 50.14
C ALA G 3961 -13.18 13.08 49.21
N LYS G 3962 -14.24 13.70 49.72
CA LYS G 3962 -15.03 14.61 48.92
C LYS G 3962 -14.19 15.79 48.47
N GLN G 3963 -13.38 16.34 49.38
CA GLN G 3963 -12.50 17.44 48.99
C GLN G 3963 -11.51 16.99 47.93
N VAL G 3964 -10.95 15.80 48.07
CA VAL G 3964 -10.00 15.31 47.07
C VAL G 3964 -10.68 15.14 45.72
N PHE G 3965 -11.89 14.59 45.73
CA PHE G 3965 -12.62 14.44 44.46
C PHE G 3965 -12.90 15.79 43.83
N ASN G 3966 -13.29 16.78 44.61
CA ASN G 3966 -13.48 18.12 44.06
C ASN G 3966 -12.21 18.69 43.47
N SER G 3967 -11.07 18.50 44.13
CA SER G 3967 -9.81 18.96 43.56
C SER G 3967 -9.52 18.27 42.24
N LEU G 3968 -9.67 16.94 42.20
CA LEU G 3968 -9.43 16.21 40.96
C LEU G 3968 -10.39 16.61 39.86
N THR G 3969 -11.61 16.99 40.21
CA THR G 3969 -12.57 17.49 39.23
C THR G 3969 -12.13 18.83 38.67
N GLU G 3970 -11.72 19.75 39.54
CA GLU G 3970 -11.30 21.07 39.06
C GLU G 3970 -10.03 20.98 38.23
N TYR G 3971 -9.19 19.98 38.50
CA TYR G 3971 -8.00 19.81 37.68
C TYR G 3971 -8.36 19.58 36.22
N ILE G 3972 -9.40 18.79 35.97
CA ILE G 3972 -9.66 18.34 34.60
C ILE G 3972 -10.70 19.19 33.91
N GLN G 3973 -11.64 19.77 34.65
CA GLN G 3973 -12.71 20.51 34.01
C GLN G 3973 -12.16 21.68 33.20
N GLY G 3974 -12.87 22.02 32.13
CA GLY G 3974 -12.55 23.17 31.33
C GLY G 3974 -12.67 22.96 29.82
N PRO G 3975 -12.28 21.78 29.31
CA PRO G 3975 -11.46 20.68 29.85
C PRO G 3975 -9.98 20.94 29.64
N CYS G 3976 -9.13 20.34 30.47
CA CYS G 3976 -7.70 20.39 30.28
C CYS G 3976 -7.24 19.03 29.75
N THR G 3977 -6.87 18.99 28.48
CA THR G 3977 -6.58 17.71 27.83
C THR G 3977 -5.40 17.02 28.48
N GLY G 3978 -4.35 17.77 28.82
CA GLY G 3978 -3.19 17.16 29.44
C GLY G 3978 -3.51 16.49 30.75
N ASN G 3979 -4.24 17.19 31.61
CA ASN G 3979 -4.63 16.61 32.89
C ASN G 3979 -5.55 15.41 32.69
N GLN G 3980 -6.49 15.52 31.76
CA GLN G 3980 -7.35 14.38 31.48
C GLN G 3980 -6.52 13.15 31.13
N GLN G 3981 -5.58 13.30 30.20
CA GLN G 3981 -4.79 12.14 29.79
C GLN G 3981 -3.93 11.62 30.93
N SER G 3982 -3.33 12.51 31.71
CA SER G 3982 -2.48 12.08 32.82
C SER G 3982 -3.28 11.26 33.81
N LEU G 3983 -4.46 11.75 34.19
CA LEU G 3983 -5.30 10.98 35.11
C LEU G 3983 -5.72 9.66 34.46
N ALA G 3984 -6.06 9.68 33.19
CA ALA G 3984 -6.49 8.46 32.51
C ALA G 3984 -5.41 7.39 32.60
N HIS G 3985 -4.15 7.77 32.45
CA HIS G 3985 -3.06 6.82 32.51
C HIS G 3985 -2.59 6.55 33.94
N SER G 3986 -3.01 7.35 34.91
CA SER G 3986 -2.57 7.15 36.29
C SER G 3986 -3.33 5.99 36.92
N ARG G 3987 -3.20 5.84 38.23
CA ARG G 3987 -3.84 4.77 38.98
C ARG G 3987 -5.25 5.12 39.41
N LEU G 3988 -5.82 6.22 38.92
CA LEU G 3988 -7.15 6.63 39.35
C LEU G 3988 -8.15 5.50 39.14
N TRP G 3989 -7.98 4.71 38.08
CA TRP G 3989 -8.98 3.70 37.75
C TRP G 3989 -9.11 2.65 38.84
N ASP G 3990 -8.03 2.32 39.54
CA ASP G 3990 -8.11 1.39 40.66
C ASP G 3990 -8.74 2.01 41.89
N ALA G 3991 -8.44 3.28 42.15
CA ALA G 3991 -9.10 3.97 43.26
C ALA G 3991 -10.61 4.00 43.03
N VAL G 3992 -11.03 4.21 41.78
CA VAL G 3992 -12.47 4.23 41.50
C VAL G 3992 -13.09 2.87 41.74
N VAL G 3993 -12.38 1.79 41.37
CA VAL G 3993 -12.92 0.45 41.60
C VAL G 3993 -13.08 0.20 43.10
N GLY G 3994 -12.04 0.51 43.87
CA GLY G 3994 -12.14 0.34 45.31
C GLY G 3994 -13.29 1.15 45.90
N PHE G 3995 -13.43 2.40 45.47
CA PHE G 3995 -14.48 3.24 46.01
C PHE G 3995 -15.85 2.70 45.62
N LEU G 3996 -15.99 2.16 44.41
CA LEU G 3996 -17.26 1.57 44.02
C LEU G 3996 -17.62 0.40 44.92
N HIS G 3997 -16.65 -0.47 45.20
CA HIS G 3997 -16.91 -1.61 46.06
C HIS G 3997 -17.33 -1.14 47.45
N VAL G 3998 -16.58 -0.21 48.04
CA VAL G 3998 -16.91 0.30 49.37
C VAL G 3998 -18.29 0.92 49.35
N PHE G 3999 -18.60 1.72 48.33
CA PHE G 3999 -19.88 2.40 48.30
C PHE G 3999 -21.03 1.41 48.22
N ALA G 4000 -20.89 0.38 47.39
CA ALA G 4000 -21.97 -0.59 47.30
C ALA G 4000 -22.23 -1.26 48.64
N HIS G 4001 -21.17 -1.78 49.27
CA HIS G 4001 -21.41 -2.51 50.51
C HIS G 4001 -21.87 -1.57 51.62
N MET G 4002 -21.34 -0.35 51.66
CA MET G 4002 -21.83 0.66 52.59
C MET G 4002 -23.31 0.94 52.39
N MET G 4003 -23.74 1.18 51.16
CA MET G 4003 -25.15 1.48 50.98
C MET G 4003 -25.99 0.35 51.52
N MET G 4004 -25.64 -0.89 51.18
CA MET G 4004 -26.43 -2.00 51.68
C MET G 4004 -26.47 -2.00 53.22
N LYS G 4005 -25.30 -1.97 53.84
CA LYS G 4005 -25.22 -2.15 55.28
C LYS G 4005 -25.88 -1.00 56.03
N LEU G 4006 -25.58 0.24 55.65
CA LEU G 4006 -26.16 1.40 56.30
C LEU G 4006 -27.65 1.55 56.04
N ALA G 4007 -28.14 1.12 54.88
CA ALA G 4007 -29.58 1.13 54.65
C ALA G 4007 -30.28 0.12 55.52
N GLN G 4008 -29.60 -0.97 55.88
CA GLN G 4008 -30.26 -1.95 56.75
C GLN G 4008 -30.70 -1.35 58.08
N ASP G 4009 -30.13 -0.22 58.50
CA ASP G 4009 -30.45 0.39 59.79
C ASP G 4009 -30.82 1.86 59.61
N SER G 4010 -31.68 2.36 60.51
CA SER G 4010 -32.13 3.75 60.42
C SER G 4010 -31.13 4.72 61.05
N SER G 4011 -30.53 4.36 62.18
CA SER G 4011 -29.72 5.31 62.91
C SER G 4011 -28.58 5.85 62.07
N GLN G 4012 -28.19 5.13 61.02
CA GLN G 4012 -27.11 5.54 60.14
C GLN G 4012 -27.60 6.33 58.93
N ILE G 4013 -28.76 6.95 59.01
CA ILE G 4013 -29.33 7.64 57.86
C ILE G 4013 -28.47 8.82 57.46
N GLU G 4014 -27.95 9.56 58.45
CA GLU G 4014 -27.08 10.69 58.13
C GLU G 4014 -25.79 10.22 57.47
N LEU G 4015 -25.23 9.10 57.94
CA LEU G 4015 -24.05 8.56 57.30
C LEU G 4015 -24.33 8.14 55.88
N LEU G 4016 -25.50 7.52 55.64
CA LEU G 4016 -25.87 7.15 54.28
C LEU G 4016 -26.00 8.38 53.40
N LYS G 4017 -26.63 9.43 53.92
CA LYS G 4017 -26.77 10.66 53.15
C LYS G 4017 -25.42 11.25 52.78
N GLU G 4018 -24.47 11.28 53.72
CA GLU G 4018 -23.14 11.78 53.41
C GLU G 4018 -22.43 10.91 52.38
N LEU G 4019 -22.56 9.58 52.51
CA LEU G 4019 -21.93 8.69 51.55
C LEU G 4019 -22.49 8.91 50.16
N LEU G 4020 -23.80 9.11 50.04
CA LEU G 4020 -24.38 9.32 48.72
C LEU G 4020 -23.83 10.59 48.08
N ASP G 4021 -23.62 11.64 48.88
CA ASP G 4021 -23.01 12.85 48.35
C ASP G 4021 -21.57 12.59 47.89
N LEU G 4022 -20.82 11.80 48.66
CA LEU G 4022 -19.47 11.44 48.22
C LEU G 4022 -19.52 10.70 46.90
N GLN G 4023 -20.46 9.77 46.76
CA GLN G 4023 -20.61 9.02 45.52
C GLN G 4023 -20.96 9.95 44.37
N LYS G 4024 -21.82 10.93 44.62
CA LYS G 4024 -22.13 11.92 43.60
C LYS G 4024 -20.88 12.65 43.16
N ASP G 4025 -20.03 13.02 44.12
CA ASP G 4025 -18.80 13.71 43.76
C ASP G 4025 -17.91 12.84 42.90
N MET G 4026 -17.80 11.55 43.25
CA MET G 4026 -17.00 10.64 42.43
C MET G 4026 -17.56 10.56 41.02
N VAL G 4027 -18.88 10.45 40.90
CA VAL G 4027 -19.50 10.37 39.57
C VAL G 4027 -19.28 11.66 38.81
N VAL G 4028 -19.28 12.79 39.50
CA VAL G 4028 -19.03 14.06 38.84
C VAL G 4028 -17.61 14.10 38.29
N MET G 4029 -16.65 13.60 39.06
CA MET G 4029 -15.29 13.50 38.54
C MET G 4029 -15.24 12.61 37.30
N LEU G 4030 -15.91 11.45 37.37
CA LEU G 4030 -15.91 10.56 36.21
C LEU G 4030 -16.50 11.25 35.00
N LEU G 4031 -17.59 11.98 35.18
CA LEU G 4031 -18.20 12.72 34.09
C LEU G 4031 -17.26 13.78 33.54
N SER G 4032 -16.55 14.49 34.42
CA SER G 4032 -15.61 15.50 33.96
C SER G 4032 -14.51 14.86 33.11
N LEU G 4033 -14.13 13.62 33.43
CA LEU G 4033 -13.13 12.95 32.60
C LEU G 4033 -13.64 12.75 31.17
N LEU G 4034 -14.96 12.80 30.96
CA LEU G 4034 -15.53 12.61 29.65
C LEU G 4034 -15.78 13.91 28.90
N GLU G 4035 -15.43 15.05 29.47
CA GLU G 4035 -15.61 16.32 28.78
C GLU G 4035 -14.82 16.32 27.47
N GLY G 4036 -15.46 16.81 26.41
CA GLY G 4036 -14.81 16.89 25.12
C GLY G 4036 -14.32 15.53 24.65
N ASN G 4037 -15.16 14.51 24.79
CA ASN G 4037 -14.81 13.14 24.46
C ASN G 4037 -15.42 12.75 23.13
N VAL G 4038 -14.59 12.26 22.21
CA VAL G 4038 -15.09 11.84 20.91
C VAL G 4038 -15.71 10.45 21.03
N VAL G 4039 -16.55 10.12 20.05
CA VAL G 4039 -17.16 8.79 20.01
C VAL G 4039 -16.05 7.75 19.98
N ASN G 4040 -16.25 6.67 20.72
CA ASN G 4040 -15.22 5.63 20.86
C ASN G 4040 -13.91 6.24 21.35
N GLY G 4041 -14.01 7.23 22.23
CA GLY G 4041 -12.83 7.84 22.78
C GLY G 4041 -12.06 6.91 23.69
N MET G 4042 -10.76 7.19 23.82
CA MET G 4042 -9.92 6.36 24.66
C MET G 4042 -10.39 6.42 26.12
N ILE G 4043 -10.72 7.61 26.59
CA ILE G 4043 -11.23 7.75 27.95
C ILE G 4043 -12.50 6.96 28.13
N ALA G 4044 -13.42 7.06 27.17
CA ALA G 4044 -14.67 6.34 27.27
C ALA G 4044 -14.44 4.84 27.34
N ARG G 4045 -13.59 4.31 26.46
CA ARG G 4045 -13.35 2.87 26.47
C ARG G 4045 -12.71 2.45 27.78
N GLN G 4046 -11.77 3.23 28.30
CA GLN G 4046 -11.14 2.88 29.56
C GLN G 4046 -12.18 2.88 30.70
N MET G 4047 -13.09 3.84 30.67
CA MET G 4047 -14.11 3.91 31.72
C MET G 4047 -15.04 2.71 31.64
N VAL G 4048 -15.43 2.32 30.43
CA VAL G 4048 -16.26 1.13 30.29
C VAL G 4048 -15.53 -0.10 30.79
N ASP G 4049 -14.24 -0.21 30.48
CA ASP G 4049 -13.45 -1.34 30.99
C ASP G 4049 -13.43 -1.34 32.51
N MET G 4050 -13.25 -0.17 33.12
CA MET G 4050 -13.26 -0.10 34.58
C MET G 4050 -14.60 -0.54 35.15
N LEU G 4051 -15.70 -0.10 34.53
CA LEU G 4051 -17.01 -0.51 35.02
C LEU G 4051 -17.19 -2.02 34.90
N VAL G 4052 -16.79 -2.59 33.76
CA VAL G 4052 -16.89 -4.04 33.59
C VAL G 4052 -16.07 -4.75 34.65
N GLU G 4053 -14.89 -4.22 34.96
CA GLU G 4053 -14.06 -4.80 36.02
C GLU G 4053 -14.79 -4.77 37.35
N SER G 4054 -15.46 -3.66 37.64
CA SER G 4054 -16.23 -3.50 38.88
C SER G 4054 -17.68 -3.91 38.69
N SER G 4055 -17.94 -4.83 37.76
CA SER G 4055 -19.32 -5.18 37.42
C SER G 4055 -20.15 -5.53 38.65
N SER G 4056 -19.64 -6.41 39.50
CA SER G 4056 -20.45 -6.86 40.64
C SER G 4056 -20.87 -5.67 41.51
N ASN G 4057 -19.92 -4.82 41.88
CA ASN G 4057 -20.25 -3.67 42.70
C ASN G 4057 -21.17 -2.71 41.97
N VAL G 4058 -20.93 -2.47 40.68
CA VAL G 4058 -21.80 -1.58 39.92
C VAL G 4058 -23.20 -2.17 39.82
N GLU G 4059 -23.29 -3.48 39.61
CA GLU G 4059 -24.60 -4.11 39.56
C GLU G 4059 -25.34 -3.91 40.89
N MET G 4060 -24.63 -4.09 42.00
CA MET G 4060 -25.29 -3.88 43.29
C MET G 4060 -25.69 -2.42 43.47
N ILE G 4061 -24.85 -1.49 43.01
CA ILE G 4061 -25.19 -0.07 43.12
C ILE G 4061 -26.49 0.22 42.37
N LEU G 4062 -26.60 -0.28 41.14
CA LEU G 4062 -27.82 -0.06 40.38
C LEU G 4062 -29.01 -0.75 41.04
N LYS G 4063 -28.79 -1.96 41.56
CA LYS G 4063 -29.88 -2.68 42.21
C LYS G 4063 -30.40 -1.91 43.41
N PHE G 4064 -29.52 -1.23 44.13
CA PHE G 4064 -29.98 -0.48 45.30
C PHE G 4064 -31.04 0.55 44.91
N PHE G 4065 -30.74 1.37 43.91
CA PHE G 4065 -31.72 2.36 43.46
C PHE G 4065 -32.94 1.70 42.84
N ASP G 4066 -32.74 0.62 42.08
CA ASP G 4066 -33.86 -0.03 41.41
C ASP G 4066 -34.88 -0.55 42.41
N MET G 4067 -34.40 -1.22 43.46
CA MET G 4067 -35.31 -1.76 44.46
C MET G 4067 -36.21 -0.68 45.03
N PHE G 4068 -35.64 0.46 45.39
CA PHE G 4068 -36.44 1.48 46.07
C PHE G 4068 -37.32 2.24 45.11
N LEU G 4069 -36.86 2.47 43.87
CA LEU G 4069 -37.72 3.13 42.90
C LEU G 4069 -38.90 2.25 42.54
N LYS G 4070 -38.73 0.93 42.57
CA LYS G 4070 -39.88 0.04 42.39
C LYS G 4070 -40.73 -0.03 43.66
N LEU G 4071 -40.08 0.03 44.82
CA LEU G 4071 -40.79 -0.05 46.09
C LEU G 4071 -41.77 1.10 46.25
N LYS G 4072 -41.35 2.31 45.89
CA LYS G 4072 -42.25 3.44 46.07
C LYS G 4072 -43.52 3.26 45.26
N ASP G 4073 -43.41 2.79 44.03
CA ASP G 4073 -44.60 2.53 43.23
C ASP G 4073 -45.42 1.40 43.83
N ILE G 4074 -44.76 0.32 44.28
CA ILE G 4074 -45.50 -0.82 44.82
C ILE G 4074 -46.32 -0.40 46.03
N VAL G 4075 -45.75 0.47 46.87
CA VAL G 4075 -46.46 0.92 48.07
C VAL G 4075 -47.75 1.62 47.69
N GLY G 4076 -47.71 2.47 46.66
CA GLY G 4076 -48.92 3.11 46.21
C GLY G 4076 -49.84 2.16 45.46
N SER G 4077 -49.38 0.95 45.17
CA SER G 4077 -50.16 -0.01 44.42
C SER G 4077 -51.42 -0.40 45.19
N GLU G 4078 -52.51 -0.61 44.45
CA GLU G 4078 -53.78 -0.94 45.09
C GLU G 4078 -53.73 -2.33 45.72
N ALA G 4079 -52.97 -3.25 45.14
CA ALA G 4079 -52.81 -4.55 45.78
C ALA G 4079 -52.16 -4.41 47.15
N PHE G 4080 -51.08 -3.62 47.23
CA PHE G 4080 -50.45 -3.40 48.52
C PHE G 4080 -51.39 -2.71 49.49
N GLN G 4081 -52.15 -1.73 49.01
CA GLN G 4081 -53.10 -1.05 49.89
C GLN G 4081 -54.15 -2.03 50.40
N ASP G 4082 -54.60 -2.94 49.54
CA ASP G 4082 -55.53 -3.96 49.98
C ASP G 4082 -54.93 -4.83 51.07
N TYR G 4083 -53.67 -5.23 50.89
CA TYR G 4083 -53.00 -6.02 51.92
C TYR G 4083 -52.90 -5.23 53.22
N VAL G 4084 -52.76 -3.91 53.13
CA VAL G 4084 -52.81 -3.08 54.31
C VAL G 4084 -54.19 -3.14 54.93
N THR G 4085 -54.25 -3.43 56.24
CA THR G 4085 -55.52 -3.57 56.94
C THR G 4085 -55.55 -2.85 58.28
N ASP G 4086 -54.42 -2.43 58.81
CA ASP G 4086 -54.40 -1.77 60.11
C ASP G 4086 -54.89 -0.33 59.96
N PRO G 4087 -55.79 0.14 60.84
CA PRO G 4087 -56.28 1.52 60.70
C PRO G 4087 -55.17 2.56 60.72
N ARG G 4088 -54.08 2.29 61.44
CA ARG G 4088 -53.00 3.27 61.53
C ARG G 4088 -52.23 3.40 60.23
N GLY G 4089 -52.49 2.55 59.25
CA GLY G 4089 -51.74 2.53 58.01
C GLY G 4089 -50.48 1.71 58.04
N LEU G 4090 -50.11 1.18 59.20
CA LEU G 4090 -48.93 0.34 59.30
C LEU G 4090 -49.17 -0.97 58.56
N ILE G 4091 -48.09 -1.68 58.24
CA ILE G 4091 -48.17 -3.03 57.68
C ILE G 4091 -47.26 -3.94 58.49
N SER G 4092 -47.79 -5.10 58.89
CA SER G 4092 -47.00 -6.09 59.59
C SER G 4092 -46.02 -6.77 58.63
N LYS G 4093 -44.99 -7.40 59.20
CA LYS G 4093 -43.96 -8.00 58.38
C LYS G 4093 -44.52 -9.10 57.49
N LYS G 4094 -45.38 -9.96 58.05
CA LYS G 4094 -45.93 -11.06 57.26
C LYS G 4094 -46.79 -10.54 56.11
N ASP G 4095 -47.64 -9.55 56.39
CA ASP G 4095 -48.46 -8.98 55.33
C ASP G 4095 -47.60 -8.31 54.27
N PHE G 4096 -46.53 -7.63 54.69
CA PHE G 4096 -45.62 -7.00 53.74
C PHE G 4096 -44.98 -8.04 52.83
N GLN G 4097 -44.49 -9.13 53.42
CA GLN G 4097 -43.89 -10.18 52.61
C GLN G 4097 -44.90 -10.77 51.64
N LYS G 4098 -46.13 -11.01 52.11
CA LYS G 4098 -47.15 -11.58 51.24
C LYS G 4098 -47.46 -10.62 50.09
N ALA G 4099 -47.53 -9.32 50.38
CA ALA G 4099 -47.80 -8.34 49.34
C ALA G 4099 -46.69 -8.35 48.29
N MET G 4100 -45.44 -8.38 48.73
CA MET G 4100 -44.35 -8.42 47.76
C MET G 4100 -44.38 -9.70 46.94
N ASP G 4101 -44.69 -10.83 47.58
CA ASP G 4101 -44.80 -12.08 46.84
C ASP G 4101 -45.88 -12.00 45.78
N SER G 4102 -47.04 -11.44 46.13
CA SER G 4102 -48.10 -11.26 45.14
C SER G 4102 -47.64 -10.34 44.02
N GLN G 4103 -46.91 -9.28 44.36
CA GLN G 4103 -46.46 -8.34 43.34
C GLN G 4103 -45.49 -9.00 42.38
N LYS G 4104 -44.68 -9.94 42.86
CA LYS G 4104 -43.77 -10.72 42.01
C LYS G 4104 -42.70 -9.87 41.35
N GLN G 4105 -42.47 -8.65 41.85
CA GLN G 4105 -41.43 -7.79 41.30
C GLN G 4105 -40.11 -7.90 42.05
N PHE G 4106 -40.03 -8.75 43.06
CA PHE G 4106 -38.80 -8.93 43.82
C PHE G 4106 -38.54 -10.42 44.06
N THR G 4107 -37.27 -10.76 44.21
CA THR G 4107 -36.89 -12.10 44.61
C THR G 4107 -36.99 -12.26 46.12
N GLY G 4108 -36.89 -13.51 46.59
CA GLY G 4108 -36.93 -13.78 48.01
C GLY G 4108 -35.82 -13.13 48.80
N PRO G 4109 -34.56 -13.24 48.39
CA PRO G 4109 -33.49 -12.54 49.12
C PRO G 4109 -33.69 -11.02 49.13
N GLU G 4110 -34.16 -10.46 48.02
CA GLU G 4110 -34.42 -9.02 47.98
C GLU G 4110 -35.53 -8.65 48.95
N ILE G 4111 -36.57 -9.48 49.03
CA ILE G 4111 -37.65 -9.21 49.98
C ILE G 4111 -37.12 -9.29 51.41
N GLN G 4112 -36.20 -10.22 51.67
CA GLN G 4112 -35.60 -10.31 52.99
C GLN G 4112 -34.80 -9.04 53.30
N PHE G 4113 -34.05 -8.54 52.33
CA PHE G 4113 -33.33 -7.29 52.54
C PHE G 4113 -34.30 -6.15 52.83
N LEU G 4114 -35.41 -6.08 52.09
CA LEU G 4114 -36.39 -5.05 52.32
C LEU G 4114 -36.98 -5.15 53.73
N LEU G 4115 -37.27 -6.38 54.16
CA LEU G 4115 -37.77 -6.57 55.51
C LEU G 4115 -36.76 -6.08 56.55
N SER G 4116 -35.49 -6.39 56.33
CA SER G 4116 -34.46 -5.93 57.26
C SER G 4116 -34.39 -4.40 57.31
N CYS G 4117 -34.50 -3.76 56.15
CA CYS G 4117 -34.49 -2.30 56.09
C CYS G 4117 -35.78 -1.67 56.58
N SER G 4118 -36.85 -2.46 56.71
CA SER G 4118 -38.16 -1.89 57.02
C SER G 4118 -38.15 -1.06 58.30
N GLU G 4119 -37.28 -1.39 59.25
CA GLU G 4119 -37.23 -0.69 60.53
C GLU G 4119 -38.53 -0.89 61.30
N ALA G 4120 -39.00 -2.14 61.35
CA ALA G 4120 -40.24 -2.45 62.04
C ALA G 4120 -40.05 -2.34 63.55
N ASP G 4121 -41.14 -2.02 64.24
CA ASP G 4121 -41.12 -1.86 65.68
C ASP G 4121 -41.23 -3.23 66.34
N GLU G 4122 -41.27 -3.26 67.68
CA GLU G 4122 -41.28 -4.52 68.40
C GLU G 4122 -42.44 -5.42 67.99
N ASN G 4123 -43.55 -4.84 67.55
CA ASN G 4123 -44.67 -5.64 67.09
C ASN G 4123 -44.47 -6.18 65.68
N GLU G 4124 -43.25 -6.11 65.14
CA GLU G 4124 -42.99 -6.57 63.77
C GLU G 4124 -43.91 -5.85 62.80
N MET G 4125 -44.01 -4.53 62.96
CA MET G 4125 -45.06 -3.75 62.32
C MET G 4125 -44.38 -2.60 61.59
N ILE G 4126 -44.68 -2.44 60.30
CA ILE G 4126 -43.91 -1.56 59.41
C ILE G 4126 -44.76 -0.38 58.98
N ASN G 4127 -44.11 0.76 58.74
CA ASN G 4127 -44.76 1.96 58.22
C ASN G 4127 -44.38 2.11 56.76
N CYS G 4128 -45.31 1.75 55.87
CA CYS G 4128 -45.00 1.68 54.44
C CYS G 4128 -44.60 3.04 53.89
N GLU G 4129 -45.33 4.10 54.26
CA GLU G 4129 -45.06 5.40 53.69
C GLU G 4129 -43.66 5.89 54.04
N GLU G 4130 -43.31 5.85 55.32
CA GLU G 4130 -41.97 6.24 55.73
C GLU G 4130 -40.93 5.35 55.09
N PHE G 4131 -41.20 4.04 55.03
CA PHE G 4131 -40.25 3.12 54.44
C PHE G 4131 -39.96 3.50 52.99
N ALA G 4132 -41.00 3.85 52.23
CA ALA G 4132 -40.81 4.18 50.82
C ALA G 4132 -40.10 5.52 50.67
N ASN G 4133 -40.50 6.53 51.46
CA ASN G 4133 -39.96 7.86 51.26
C ASN G 4133 -38.59 8.08 51.91
N ARG G 4134 -38.11 7.12 52.70
CA ARG G 4134 -36.84 7.33 53.40
C ARG G 4134 -35.70 7.61 52.44
N PHE G 4135 -35.51 6.74 51.44
CA PHE G 4135 -34.34 6.81 50.56
C PHE G 4135 -34.63 7.47 49.23
N GLN G 4136 -35.78 8.12 49.07
CA GLN G 4136 -36.05 8.77 47.80
C GLN G 4136 -35.18 10.02 47.62
N GLU G 4137 -35.29 10.97 48.55
CA GLU G 4137 -34.52 12.20 48.40
C GLU G 4137 -33.01 11.96 48.47
N PRO G 4138 -32.48 11.20 49.43
CA PRO G 4138 -31.03 11.04 49.50
C PRO G 4138 -30.42 10.49 48.23
N ALA G 4139 -31.10 9.55 47.57
CA ALA G 4139 -30.55 8.87 46.41
C ALA G 4139 -30.92 9.50 45.08
N ARG G 4140 -31.75 10.55 45.08
CA ARG G 4140 -32.17 11.13 43.81
C ARG G 4140 -30.99 11.72 43.06
N ASP G 4141 -30.16 12.50 43.76
CA ASP G 4141 -29.07 13.20 43.08
C ASP G 4141 -28.08 12.19 42.50
N ILE G 4142 -27.59 11.26 43.32
CA ILE G 4142 -26.66 10.25 42.83
C ILE G 4142 -27.33 9.40 41.77
N GLY G 4143 -28.61 9.10 41.93
CA GLY G 4143 -29.31 8.34 40.91
C GLY G 4143 -29.30 9.05 39.58
N PHE G 4144 -29.60 10.35 39.57
CA PHE G 4144 -29.58 11.11 38.34
C PHE G 4144 -28.18 11.13 37.73
N ASN G 4145 -27.16 11.32 38.56
CA ASN G 4145 -25.81 11.38 38.03
C ASN G 4145 -25.40 10.04 37.44
N VAL G 4146 -25.79 8.94 38.07
CA VAL G 4146 -25.47 7.62 37.53
C VAL G 4146 -26.18 7.42 36.20
N ALA G 4147 -27.44 7.83 36.11
CA ALA G 4147 -28.15 7.77 34.85
C ALA G 4147 -27.48 8.60 33.77
N VAL G 4148 -27.02 9.80 34.12
CA VAL G 4148 -26.31 10.63 33.15
C VAL G 4148 -25.03 9.95 32.69
N LEU G 4149 -24.29 9.36 33.63
CA LEU G 4149 -23.05 8.68 33.28
C LEU G 4149 -23.32 7.54 32.30
N LEU G 4150 -24.31 6.70 32.62
CA LEU G 4150 -24.63 5.58 31.75
C LEU G 4150 -25.12 6.05 30.38
N THR G 4151 -25.95 7.08 30.33
CA THR G 4151 -26.41 7.60 29.06
C THR G 4151 -25.25 8.14 28.23
N ASN G 4152 -24.36 8.90 28.87
CA ASN G 4152 -23.20 9.45 28.17
C ASN G 4152 -22.35 8.34 27.60
N LEU G 4153 -22.02 7.34 28.40
CA LEU G 4153 -21.17 6.25 27.92
C LEU G 4153 -21.86 5.49 26.80
N SER G 4154 -23.17 5.23 26.94
CA SER G 4154 -23.87 4.49 25.91
C SER G 4154 -23.87 5.25 24.59
N GLU G 4155 -24.08 6.57 24.64
CA GLU G 4155 -24.13 7.34 23.41
C GLU G 4155 -22.76 7.55 22.80
N HIS G 4156 -21.70 7.54 23.61
CA HIS G 4156 -20.37 7.80 23.06
C HIS G 4156 -19.61 6.52 22.77
N VAL G 4157 -20.17 5.36 23.12
CA VAL G 4157 -19.61 4.09 22.70
C VAL G 4157 -20.76 3.24 22.18
N PRO G 4158 -21.32 3.57 21.01
CA PRO G 4158 -22.60 2.94 20.63
C PRO G 4158 -22.52 1.43 20.51
N HIS G 4159 -21.38 0.90 20.09
CA HIS G 4159 -21.26 -0.51 19.75
C HIS G 4159 -20.42 -1.19 20.83
N ASP G 4160 -21.07 -1.62 21.90
CA ASP G 4160 -20.42 -2.32 22.98
C ASP G 4160 -21.41 -3.31 23.58
N PRO G 4161 -21.09 -4.59 23.63
CA PRO G 4161 -21.99 -5.56 24.27
C PRO G 4161 -21.87 -5.64 25.78
N ARG G 4162 -20.87 -4.99 26.38
CA ARG G 4162 -20.72 -4.96 27.82
C ARG G 4162 -21.55 -3.88 28.48
N LEU G 4163 -21.54 -2.66 27.94
CA LEU G 4163 -22.29 -1.58 28.55
C LEU G 4163 -23.79 -1.78 28.37
N ARG G 4164 -24.20 -2.53 27.35
CA ARG G 4164 -25.61 -2.80 27.12
C ARG G 4164 -26.20 -3.71 28.18
N ASN G 4165 -25.37 -4.33 29.02
CA ASN G 4165 -25.85 -5.07 30.18
C ASN G 4165 -26.13 -4.14 31.35
N PHE G 4166 -25.21 -3.20 31.61
CA PHE G 4166 -25.45 -2.21 32.64
C PHE G 4166 -26.68 -1.38 32.31
N LEU G 4167 -26.84 -1.01 31.04
CA LEU G 4167 -28.04 -0.24 30.66
C LEU G 4167 -29.30 -1.05 30.94
N GLU G 4168 -29.29 -2.33 30.61
CA GLU G 4168 -30.47 -3.17 30.86
C GLU G 4168 -30.76 -3.24 32.35
N LEU G 4169 -29.73 -3.42 33.18
CA LEU G 4169 -29.97 -3.49 34.62
C LEU G 4169 -30.45 -2.15 35.17
N ALA G 4170 -30.02 -1.04 34.57
CA ALA G 4170 -30.39 0.29 35.03
C ALA G 4170 -31.59 0.84 34.28
N GLU G 4171 -32.31 -0.01 33.54
CA GLU G 4171 -33.47 0.45 32.79
C GLU G 4171 -34.41 1.29 33.65
N SER G 4172 -34.73 0.82 34.85
CA SER G 4172 -35.70 1.54 35.68
C SER G 4172 -35.22 2.94 36.01
N ILE G 4173 -33.93 3.09 36.36
CA ILE G 4173 -33.40 4.40 36.71
C ILE G 4173 -33.49 5.35 35.52
N LEU G 4174 -33.08 4.89 34.35
CA LEU G 4174 -33.14 5.73 33.16
C LEU G 4174 -34.56 6.09 32.77
N GLU G 4175 -35.50 5.15 32.86
CA GLU G 4175 -36.89 5.51 32.60
C GLU G 4175 -37.40 6.53 33.60
N TYR G 4176 -37.08 6.36 34.88
CA TYR G 4176 -37.55 7.31 35.88
C TYR G 4176 -36.99 8.70 35.61
N PHE G 4177 -35.71 8.80 35.27
CA PHE G 4177 -35.06 10.10 35.11
C PHE G 4177 -35.13 10.64 33.70
N ARG G 4178 -35.76 9.93 32.76
CA ARG G 4178 -35.89 10.45 31.41
C ARG G 4178 -36.54 11.83 31.38
N PRO G 4179 -37.65 12.08 32.07
CA PRO G 4179 -38.22 13.43 32.01
C PRO G 4179 -37.30 14.51 32.54
N TYR G 4180 -36.45 14.19 33.51
CA TYR G 4180 -35.58 15.18 34.13
C TYR G 4180 -34.18 15.22 33.53
N LEU G 4181 -33.84 14.32 32.62
CA LEU G 4181 -32.53 14.31 32.00
C LEU G 4181 -32.61 15.03 30.66
N GLY G 4182 -32.13 16.26 30.62
CA GLY G 4182 -32.15 17.05 29.39
C GLY G 4182 -30.80 16.94 28.70
N ARG G 4183 -30.82 16.98 27.38
CA ARG G 4183 -29.60 16.93 26.59
C ARG G 4183 -29.67 17.97 25.49
N ILE G 4184 -28.53 18.57 25.16
CA ILE G 4184 -28.44 19.49 24.05
C ILE G 4184 -27.12 19.24 23.33
N GLU G 4185 -26.96 19.90 22.19
CA GLU G 4185 -25.71 19.88 21.44
C GLU G 4185 -25.22 21.30 21.24
N ILE G 4186 -23.93 21.52 21.44
CA ILE G 4186 -23.33 22.83 21.31
C ILE G 4186 -22.09 22.73 20.43
N MET G 4187 -21.62 23.87 19.94
CA MET G 4187 -20.43 23.93 19.11
C MET G 4187 -19.24 24.22 20.01
N GLY G 4188 -18.62 23.18 20.55
CA GLY G 4188 -17.64 23.36 21.60
C GLY G 4188 -16.43 24.16 21.17
N ALA G 4189 -15.64 24.56 22.17
CA ALA G 4189 -14.43 25.33 21.90
C ALA G 4189 -13.46 24.55 21.02
N SER G 4190 -13.46 23.23 21.13
CA SER G 4190 -12.58 22.40 20.32
C SER G 4190 -13.01 22.36 18.86
N ARG G 4191 -14.00 23.14 18.46
CA ARG G 4191 -14.51 23.18 17.10
C ARG G 4191 -15.17 21.89 16.69
N ARG G 4192 -15.72 21.14 17.64
CA ARG G 4192 -16.48 19.93 17.36
C ARG G 4192 -17.81 20.00 18.10
N ILE G 4193 -18.85 19.43 17.51
CA ILE G 4193 -20.14 19.37 18.18
C ILE G 4193 -20.03 18.46 19.38
N GLU G 4194 -20.48 18.95 20.53
CA GLU G 4194 -20.46 18.20 21.77
C GLU G 4194 -21.88 18.09 22.32
N ARG G 4195 -22.13 17.01 23.05
CA ARG G 4195 -23.42 16.78 23.67
C ARG G 4195 -23.31 17.04 25.17
N ILE G 4196 -24.22 17.85 25.70
CA ILE G 4196 -24.25 18.23 27.10
C ILE G 4196 -25.48 17.60 27.73
N TYR G 4197 -25.30 16.94 28.87
CA TYR G 4197 -26.38 16.38 29.65
C TYR G 4197 -26.52 17.16 30.95
N PHE G 4198 -27.74 17.57 31.27
CA PHE G 4198 -28.01 18.36 32.46
C PHE G 4198 -29.35 17.96 33.04
N GLU G 4199 -29.70 18.60 34.14
CA GLU G 4199 -30.91 18.29 34.89
C GLU G 4199 -31.97 19.36 34.65
N ILE G 4200 -33.18 18.92 34.32
CA ILE G 4200 -34.33 19.79 34.19
C ILE G 4200 -35.19 19.60 35.43
N SER G 4201 -35.32 20.65 36.23
CA SER G 4201 -36.09 20.55 37.44
C SER G 4201 -37.58 20.34 37.13
N GLU G 4202 -38.26 19.66 38.05
CA GLU G 4202 -39.68 19.37 37.84
C GLU G 4202 -40.49 20.65 37.74
N THR G 4203 -40.19 21.64 38.57
CA THR G 4203 -40.92 22.90 38.50
C THR G 4203 -40.69 23.58 37.16
N ASN G 4204 -39.45 23.55 36.65
CA ASN G 4204 -39.18 24.12 35.34
C ASN G 4204 -39.98 23.42 34.26
N ARG G 4205 -40.02 22.10 34.29
CA ARG G 4205 -40.79 21.37 33.29
C ARG G 4205 -42.27 21.70 33.38
N ALA G 4206 -42.82 21.76 34.60
CA ALA G 4206 -44.23 22.09 34.75
C ALA G 4206 -44.54 23.48 34.21
N GLN G 4207 -43.72 24.46 34.57
CA GLN G 4207 -43.94 25.82 34.07
C GLN G 4207 -43.86 25.86 32.56
N TRP G 4208 -42.92 25.14 31.97
CA TRP G 4208 -42.85 25.06 30.51
C TRP G 4208 -44.13 24.47 29.94
N GLU G 4209 -44.64 23.42 30.57
CA GLU G 4209 -45.87 22.78 30.09
C GLU G 4209 -47.11 23.63 30.33
N MET G 4210 -47.02 24.68 31.13
CA MET G 4210 -48.18 25.52 31.36
C MET G 4210 -48.76 26.00 30.03
N PRO G 4211 -50.09 25.98 29.86
CA PRO G 4211 -50.65 26.28 28.53
C PRO G 4211 -50.29 27.65 27.98
N GLN G 4212 -50.21 28.68 28.82
CA GLN G 4212 -49.88 30.01 28.32
C GLN G 4212 -48.50 30.00 27.67
N VAL G 4213 -47.55 29.30 28.28
CA VAL G 4213 -46.22 29.22 27.70
C VAL G 4213 -46.25 28.50 26.36
N LYS G 4214 -47.10 27.48 26.25
CA LYS G 4214 -47.22 26.78 24.97
C LYS G 4214 -47.78 27.71 23.89
N GLU G 4215 -48.78 28.51 24.23
CA GLU G 4215 -49.32 29.45 23.27
C GLU G 4215 -48.26 30.47 22.86
N SER G 4216 -47.50 30.97 23.82
CA SER G 4216 -46.41 31.89 23.50
C SER G 4216 -45.39 31.24 22.58
N LYS G 4217 -45.06 29.97 22.85
CA LYS G 4217 -44.08 29.28 22.03
C LYS G 4217 -44.59 29.12 20.60
N ARG G 4218 -45.86 28.76 20.43
CA ARG G 4218 -46.40 28.66 19.08
C ARG G 4218 -46.41 30.00 18.37
N GLN G 4219 -46.79 31.08 19.06
CA GLN G 4219 -46.77 32.40 18.43
C GLN G 4219 -45.36 32.79 18.01
N PHE G 4220 -44.38 32.53 18.89
CA PHE G 4220 -42.99 32.85 18.56
C PHE G 4220 -42.51 32.06 17.36
N ILE G 4221 -42.83 30.77 17.31
CA ILE G 4221 -42.38 29.97 16.18
C ILE G 4221 -43.01 30.49 14.89
N PHE G 4222 -44.30 30.81 14.93
CA PHE G 4222 -44.93 31.41 13.75
C PHE G 4222 -44.20 32.67 13.33
N ASP G 4223 -43.90 33.55 14.28
CA ASP G 4223 -43.25 34.81 13.95
C ASP G 4223 -41.89 34.58 13.29
N VAL G 4224 -41.05 33.75 13.91
CA VAL G 4224 -39.71 33.55 13.37
C VAL G 4224 -39.79 32.91 11.99
N VAL G 4225 -40.65 31.90 11.83
CA VAL G 4225 -40.69 31.20 10.55
C VAL G 4225 -41.16 32.14 9.45
N ASN G 4226 -42.21 32.92 9.71
CA ASN G 4226 -42.77 33.75 8.65
C ASN G 4226 -42.04 35.07 8.51
N GLU G 4227 -42.06 35.90 9.56
CA GLU G 4227 -41.48 37.24 9.44
C GLU G 4227 -39.96 37.20 9.54
N GLY G 4228 -39.43 36.63 10.62
CA GLY G 4228 -38.01 36.77 10.88
C GLY G 4228 -37.15 36.11 9.84
N GLY G 4229 -35.90 36.55 9.77
CA GLY G 4229 -34.91 35.98 8.88
C GLY G 4229 -34.19 34.81 9.54
N GLU G 4230 -33.09 34.40 8.90
CA GLU G 4230 -32.32 33.27 9.40
C GLU G 4230 -31.09 33.74 10.19
N SER G 4231 -30.53 34.90 9.84
CA SER G 4231 -29.33 35.37 10.53
C SER G 4231 -29.60 35.64 12.00
N GLU G 4232 -30.76 36.21 12.31
CA GLU G 4232 -31.10 36.60 13.67
C GLU G 4232 -32.02 35.61 14.35
N LYS G 4233 -32.20 34.41 13.78
CA LYS G 4233 -33.12 33.45 14.36
C LYS G 4233 -32.71 33.07 15.77
N MET G 4234 -31.42 32.81 15.99
CA MET G 4234 -30.95 32.46 17.33
C MET G 4234 -31.07 33.62 18.30
N GLU G 4235 -30.81 34.85 17.83
CA GLU G 4235 -30.98 35.99 18.71
C GLU G 4235 -32.43 36.12 19.15
N MET G 4236 -33.37 35.96 18.22
CA MET G 4236 -34.77 36.04 18.57
C MET G 4236 -35.16 34.88 19.49
N PHE G 4237 -34.57 33.71 19.28
CA PHE G 4237 -34.87 32.58 20.15
C PHE G 4237 -34.40 32.84 21.57
N VAL G 4238 -33.21 33.41 21.73
CA VAL G 4238 -32.73 33.70 23.08
C VAL G 4238 -33.57 34.80 23.72
N SER G 4239 -34.00 35.78 22.93
CA SER G 4239 -34.89 36.80 23.48
C SER G 4239 -36.20 36.17 23.93
N PHE G 4240 -36.73 35.22 23.16
CA PHE G 4240 -37.94 34.53 23.57
C PHE G 4240 -37.71 33.75 24.85
N CYS G 4241 -36.53 33.12 24.97
CA CYS G 4241 -36.20 32.36 26.20
C CYS G 4241 -36.24 33.32 27.39
N GLU G 4242 -35.61 34.50 27.25
CA GLU G 4242 -35.57 35.48 28.37
C GLU G 4242 -36.99 35.91 28.73
N ASP G 4243 -37.82 36.20 27.73
CA ASP G 4243 -39.21 36.63 27.98
C ASP G 4243 -39.97 35.53 28.69
N THR G 4244 -39.77 34.27 28.27
CA THR G 4244 -40.48 33.13 28.90
C THR G 4244 -40.05 33.03 30.37
N ILE G 4245 -38.75 33.17 30.65
CA ILE G 4245 -38.25 33.05 32.04
C ILE G 4245 -38.91 34.15 32.88
N PHE G 4246 -39.09 35.34 32.32
CA PHE G 4246 -39.80 36.42 33.06
C PHE G 4246 -41.26 36.02 33.26
N GLU G 4247 -41.92 35.53 32.21
CA GLU G 4247 -43.32 35.17 32.33
C GLU G 4247 -43.52 34.07 33.36
N MET G 4248 -42.60 33.10 33.41
CA MET G 4248 -42.66 32.08 34.45
C MET G 4248 -42.51 32.70 35.83
N GLN G 4249 -41.62 33.67 36.00
CA GLN G 4249 -41.54 34.36 37.27
C GLN G 4249 -42.86 35.02 37.65
N ILE G 4250 -43.49 35.69 36.69
CA ILE G 4250 -44.78 36.34 36.96
C ILE G 4250 -45.82 35.31 37.35
N ALA G 4251 -45.89 34.20 36.62
CA ALA G 4251 -46.88 33.17 36.91
C ALA G 4251 -46.65 32.58 38.29
N ALA G 4252 -45.39 32.34 38.65
CA ALA G 4252 -45.09 31.84 39.98
C ALA G 4252 -45.51 32.82 41.05
N GLN G 4253 -45.27 34.12 40.81
CA GLN G 4253 -45.69 35.11 41.80
C GLN G 4253 -47.20 35.09 41.99
N ILE G 4254 -47.96 35.02 40.89
CA ILE G 4254 -49.42 35.09 41.00
C ILE G 4254 -50.07 33.74 41.31
N SER G 4255 -49.31 32.66 41.34
CA SER G 4255 -49.90 31.35 41.58
C SER G 4255 -50.56 31.30 42.94
N GLU G 4256 -51.66 30.54 43.02
CA GLU G 4256 -52.38 30.40 44.27
C GLU G 4256 -51.47 29.75 45.31
N PRO G 4257 -51.34 30.31 46.53
CA PRO G 4257 -50.49 29.69 47.53
C PRO G 4257 -51.10 28.43 48.15
N PHE G 4538 -53.22 47.34 61.30
CA PHE G 4538 -54.08 46.76 60.27
C PHE G 4538 -53.51 46.98 58.87
N TRP G 4539 -52.53 47.88 58.76
CA TRP G 4539 -51.99 48.24 57.45
C TRP G 4539 -51.29 47.05 56.80
N GLY G 4540 -50.58 46.24 57.58
CA GLY G 4540 -49.96 45.06 57.01
C GLY G 4540 -50.98 44.07 56.49
N GLU G 4541 -52.06 43.87 57.24
CA GLU G 4541 -53.14 43.00 56.78
C GLU G 4541 -53.78 43.55 55.50
N LEU G 4542 -53.94 44.87 55.44
CA LEU G 4542 -54.48 45.50 54.24
C LEU G 4542 -53.56 45.25 53.05
N GLU G 4543 -52.25 45.37 53.25
CA GLU G 4543 -51.31 45.09 52.17
C GLU G 4543 -51.39 43.64 51.72
N VAL G 4544 -51.51 42.71 52.68
CA VAL G 4544 -51.62 41.31 52.32
C VAL G 4544 -52.89 41.07 51.50
N GLN G 4545 -54.01 41.67 51.93
CA GLN G 4545 -55.26 41.50 51.19
C GLN G 4545 -55.16 42.14 49.81
N ARG G 4546 -54.49 43.28 49.70
CA ARG G 4546 -54.32 43.91 48.39
C ARG G 4546 -53.53 43.01 47.46
N VAL G 4547 -52.44 42.41 47.95
CA VAL G 4547 -51.65 41.52 47.11
C VAL G 4547 -52.48 40.32 46.70
N LYS G 4548 -53.25 39.76 47.65
CA LYS G 4548 -54.08 38.61 47.31
C LYS G 4548 -55.11 38.96 46.25
N PHE G 4549 -55.74 40.13 46.37
CA PHE G 4549 -56.74 40.56 45.39
C PHE G 4549 -56.12 40.75 44.02
N LEU G 4550 -54.96 41.41 43.96
CA LEU G 4550 -54.30 41.61 42.68
C LEU G 4550 -53.90 40.28 42.06
N ASN G 4551 -53.41 39.35 42.87
CA ASN G 4551 -53.06 38.03 42.34
C ASN G 4551 -54.31 37.33 41.81
N TYR G 4552 -55.43 37.46 42.52
CA TYR G 4552 -56.67 36.87 42.03
C TYR G 4552 -57.06 37.44 40.68
N LEU G 4553 -57.00 38.77 40.54
CA LEU G 4553 -57.35 39.38 39.27
C LEU G 4553 -56.41 38.93 38.16
N SER G 4554 -55.11 38.87 38.45
CA SER G 4554 -54.15 38.44 37.44
C SER G 4554 -54.41 37.00 37.02
N ARG G 4555 -54.69 36.14 37.98
CA ARG G 4555 -54.96 34.74 37.65
C ARG G 4555 -56.22 34.61 36.80
N ASN G 4556 -57.27 35.35 37.15
CA ASN G 4556 -58.57 35.22 36.48
C ASN G 4556 -58.81 36.30 35.44
N PHE G 4557 -57.74 36.89 34.90
CA PHE G 4557 -57.90 37.95 33.92
C PHE G 4557 -58.76 37.52 32.75
N TYR G 4558 -58.44 36.38 32.14
CA TYR G 4558 -59.17 35.95 30.95
C TYR G 4558 -60.62 35.60 31.26
N THR G 4559 -60.88 34.93 32.37
CA THR G 4559 -62.27 34.69 32.76
C THR G 4559 -63.01 36.00 32.96
N LEU G 4560 -62.32 37.02 33.48
CA LEU G 4560 -62.95 38.32 33.63
C LEU G 4560 -63.29 38.93 32.27
N ARG G 4561 -62.41 38.76 31.29
CA ARG G 4561 -62.72 39.26 29.95
C ARG G 4561 -63.93 38.55 29.37
N PHE G 4562 -63.98 37.23 29.50
CA PHE G 4562 -65.15 36.50 29.00
C PHE G 4562 -66.41 36.93 29.74
N LEU G 4563 -66.30 37.17 31.05
CA LEU G 4563 -67.46 37.64 31.81
C LEU G 4563 -67.92 39.00 31.31
N ALA G 4564 -66.97 39.88 30.98
CA ALA G 4564 -67.34 41.18 30.43
C ALA G 4564 -68.08 41.01 29.12
N LEU G 4565 -67.60 40.11 28.26
CA LEU G 4565 -68.29 39.86 27.00
C LEU G 4565 -69.71 39.35 27.22
N PHE G 4566 -69.86 38.40 28.15
CA PHE G 4566 -71.17 37.84 28.43
C PHE G 4566 -72.11 38.90 28.98
N LEU G 4567 -71.61 39.77 29.86
CA LEU G 4567 -72.42 40.85 30.38
C LEU G 4567 -72.83 41.81 29.28
N ALA G 4568 -71.93 42.08 28.34
CA ALA G 4568 -72.28 42.93 27.20
C ALA G 4568 -73.41 42.33 26.39
N PHE G 4569 -73.33 41.03 26.09
CA PHE G 4569 -74.40 40.39 25.35
C PHE G 4569 -75.72 40.42 26.12
N ALA G 4570 -75.67 40.18 27.43
CA ALA G 4570 -76.90 40.24 28.22
C ALA G 4570 -77.51 41.64 28.18
N ILE G 4571 -76.67 42.66 28.37
CA ILE G 4571 -77.17 44.03 28.38
C ILE G 4571 -77.80 44.37 27.04
N ASN G 4572 -77.16 43.97 25.94
CA ASN G 4572 -77.70 44.29 24.63
C ASN G 4572 -78.98 43.52 24.34
N PHE G 4573 -79.05 42.26 24.77
CA PHE G 4573 -80.31 41.54 24.64
C PHE G 4573 -81.43 42.28 25.36
N ILE G 4574 -81.15 42.81 26.54
CA ILE G 4574 -82.15 43.61 27.24
C ILE G 4574 -82.48 44.86 26.43
N LEU G 4575 -81.45 45.53 25.91
CA LEU G 4575 -81.69 46.75 25.13
C LEU G 4575 -82.64 46.50 23.97
N LEU G 4576 -82.57 45.32 23.37
CA LEU G 4576 -83.46 45.03 22.24
C LEU G 4576 -84.91 45.31 22.54
N PHE G 4577 -85.30 45.40 23.82
CA PHE G 4577 -86.69 45.58 24.19
C PHE G 4577 -87.08 47.05 24.37
N TYR G 4578 -86.17 47.99 24.14
CA TYR G 4578 -86.54 49.39 24.23
C TYR G 4578 -87.62 49.75 23.22
N LYS G 4579 -88.35 50.82 23.55
CA LYS G 4579 -89.40 51.35 22.70
C LYS G 4579 -89.48 52.84 22.95
N VAL G 4580 -89.93 53.57 21.93
CA VAL G 4580 -90.00 55.02 21.98
C VAL G 4580 -91.45 55.44 21.82
N SER G 4581 -91.91 56.33 22.69
CA SER G 4581 -93.28 56.81 22.61
C SER G 4581 -93.30 58.30 22.95
N ASP G 4582 -94.13 59.05 22.24
CA ASP G 4582 -94.25 60.47 22.55
C ASP G 4582 -94.81 60.68 23.95
N SER G 4583 -95.81 59.90 24.33
CA SER G 4583 -96.34 59.97 25.68
C SER G 4583 -95.37 59.31 26.67
N PRO G 4584 -95.33 59.78 27.91
CA PRO G 4584 -94.46 59.15 28.90
C PRO G 4584 -95.04 57.82 29.36
N PRO G 4585 -94.22 56.92 29.89
CA PRO G 4585 -94.70 55.61 30.36
C PRO G 4585 -95.39 55.69 31.72
N ASN G 4624 -93.60 67.34 24.30
CA ASN G 4624 -93.53 66.90 22.91
C ASN G 4624 -92.36 65.95 22.69
N MET G 4625 -91.34 66.05 23.55
CA MET G 4625 -90.17 65.21 23.41
C MET G 4625 -90.54 63.75 23.64
N VAL G 4626 -89.91 62.86 22.88
CA VAL G 4626 -90.19 61.43 23.00
C VAL G 4626 -89.52 60.86 24.24
N TYR G 4627 -90.03 59.73 24.71
CA TYR G 4627 -89.47 59.02 25.84
C TYR G 4627 -89.05 57.63 25.38
N TYR G 4628 -87.82 57.24 25.72
CA TYR G 4628 -87.32 55.89 25.49
C TYR G 4628 -87.50 55.10 26.78
N PHE G 4629 -88.07 53.91 26.67
CA PHE G 4629 -88.30 53.10 27.86
C PHE G 4629 -88.46 51.64 27.48
N LEU G 4630 -88.14 50.77 28.42
CA LEU G 4630 -88.29 49.34 28.20
C LEU G 4630 -89.76 48.98 28.09
N GLU G 4631 -90.06 48.06 27.18
CA GLU G 4631 -91.41 47.53 27.00
C GLU G 4631 -91.38 46.03 27.27
N GLU G 4632 -91.89 45.63 28.43
CA GLU G 4632 -91.85 44.23 28.82
C GLU G 4632 -93.00 43.97 29.79
N SER G 4633 -93.41 42.70 29.83
CA SER G 4633 -94.48 42.27 30.71
C SER G 4633 -93.97 41.81 32.07
N THR G 4634 -92.86 41.08 32.09
CA THR G 4634 -92.33 40.56 33.36
C THR G 4634 -91.98 41.69 34.32
N GLY G 4635 -91.33 42.73 33.83
CA GLY G 4635 -90.90 43.83 34.67
C GLY G 4635 -89.57 43.63 35.34
N TYR G 4636 -88.96 42.45 35.21
CA TYR G 4636 -87.66 42.20 35.82
C TYR G 4636 -86.51 42.73 34.98
N MET G 4637 -86.72 43.00 33.69
CA MET G 4637 -85.63 43.46 32.86
C MET G 4637 -85.13 44.83 33.30
N GLU G 4638 -86.04 45.74 33.63
CA GLU G 4638 -85.61 47.11 33.90
C GLU G 4638 -84.66 47.18 35.09
N PRO G 4639 -84.93 46.54 36.23
CA PRO G 4639 -83.92 46.50 37.30
C PRO G 4639 -82.67 45.75 36.90
N ALA G 4640 -82.85 44.62 36.21
CA ALA G 4640 -81.72 43.85 35.74
C ALA G 4640 -80.81 44.70 34.87
N LEU G 4641 -81.37 45.70 34.18
CA LEU G 4641 -80.52 46.56 33.36
C LEU G 4641 -79.53 47.33 34.20
N ARG G 4642 -79.99 47.99 35.27
CA ARG G 4642 -79.06 48.70 36.14
C ARG G 4642 -78.07 47.73 36.77
N CYS G 4643 -78.56 46.59 37.25
CA CYS G 4643 -77.66 45.63 37.88
C CYS G 4643 -76.55 45.22 36.91
N LEU G 4644 -76.92 44.86 35.69
CA LEU G 4644 -75.94 44.38 34.72
C LEU G 4644 -75.00 45.50 34.29
N SER G 4645 -75.51 46.73 34.18
CA SER G 4645 -74.64 47.84 33.78
C SER G 4645 -73.58 48.12 34.85
N LEU G 4646 -74.00 48.19 36.11
CA LEU G 4646 -73.02 48.41 37.17
C LEU G 4646 -72.02 47.27 37.25
N LEU G 4647 -72.51 46.02 37.14
CA LEU G 4647 -71.60 44.88 37.18
C LEU G 4647 -70.64 44.91 36.01
N HIS G 4648 -71.10 45.36 34.83
CA HIS G 4648 -70.23 45.46 33.68
C HIS G 4648 -69.12 46.47 33.89
N THR G 4649 -69.47 47.64 34.43
CA THR G 4649 -68.42 48.62 34.69
C THR G 4649 -67.42 48.10 35.71
N LEU G 4650 -67.91 47.44 36.76
CA LEU G 4650 -67.00 46.85 37.73
C LEU G 4650 -66.07 45.83 37.08
N VAL G 4651 -66.62 44.96 36.25
CA VAL G 4651 -65.81 43.92 35.62
C VAL G 4651 -64.79 44.54 34.67
N ALA G 4652 -65.17 45.62 34.00
CA ALA G 4652 -64.21 46.31 33.13
C ALA G 4652 -63.06 46.87 33.97
N PHE G 4653 -63.36 47.44 35.13
CA PHE G 4653 -62.30 47.97 35.97
C PHE G 4653 -61.38 46.86 36.44
N LEU G 4654 -61.96 45.73 36.84
CA LEU G 4654 -61.15 44.60 37.27
C LEU G 4654 -60.31 44.06 36.11
N CYS G 4655 -60.85 44.12 34.89
CA CYS G 4655 -60.08 43.68 33.73
C CYS G 4655 -58.87 44.58 33.51
N ILE G 4656 -59.06 45.89 33.63
CA ILE G 4656 -57.93 46.81 33.46
C ILE G 4656 -56.88 46.55 34.52
N ILE G 4657 -57.30 46.39 35.77
CA ILE G 4657 -56.34 46.15 36.85
C ILE G 4657 -55.61 44.84 36.61
N GLY G 4658 -56.33 43.80 36.19
CA GLY G 4658 -55.69 42.53 35.92
C GLY G 4658 -54.68 42.63 34.80
N TYR G 4659 -55.01 43.36 33.74
CA TYR G 4659 -54.04 43.57 32.67
C TYR G 4659 -52.80 44.27 33.21
N ASN G 4660 -52.99 45.33 33.99
CA ASN G 4660 -51.85 46.06 34.54
C ASN G 4660 -50.97 45.14 35.37
N CYS G 4661 -51.59 44.25 36.15
CA CYS G 4661 -50.81 43.40 37.04
C CYS G 4661 -50.14 42.25 36.30
N LEU G 4662 -50.74 41.78 35.21
CA LEU G 4662 -50.29 40.56 34.54
C LEU G 4662 -49.45 40.83 33.30
N LYS G 4663 -49.97 41.59 32.35
CA LYS G 4663 -49.37 41.70 31.02
C LYS G 4663 -48.41 42.87 30.90
N VAL G 4664 -48.67 43.98 31.59
CA VAL G 4664 -47.83 45.17 31.51
C VAL G 4664 -46.40 44.84 31.92
N PRO G 4665 -46.18 44.08 33.00
CA PRO G 4665 -44.80 43.80 33.42
C PRO G 4665 -43.94 43.26 32.30
N LEU G 4666 -44.48 42.39 31.45
CA LEU G 4666 -43.71 41.91 30.32
C LEU G 4666 -43.37 43.03 29.35
N VAL G 4667 -44.31 43.96 29.14
CA VAL G 4667 -44.05 45.08 28.24
C VAL G 4667 -42.90 45.92 28.78
N ILE G 4668 -42.94 46.26 30.06
CA ILE G 4668 -41.87 47.06 30.65
C ILE G 4668 -40.56 46.29 30.61
N PHE G 4669 -40.60 44.99 30.88
CA PHE G 4669 -39.39 44.19 30.84
C PHE G 4669 -38.76 44.21 29.45
N LYS G 4670 -39.58 44.02 28.41
CA LYS G 4670 -39.04 44.02 27.06
C LYS G 4670 -38.50 45.39 26.68
N ARG G 4671 -39.20 46.46 27.07
CA ARG G 4671 -38.72 47.80 26.77
C ARG G 4671 -37.37 48.06 27.41
N GLU G 4672 -37.25 47.74 28.71
CA GLU G 4672 -35.99 47.93 29.40
C GLU G 4672 -34.89 47.05 28.81
N LYS G 4673 -35.22 45.82 28.44
CA LYS G 4673 -34.24 44.94 27.83
C LYS G 4673 -33.69 45.53 26.53
N GLU G 4674 -34.59 45.96 25.64
CA GLU G 4674 -34.14 46.53 24.38
C GLU G 4674 -33.28 47.77 24.62
N LEU G 4675 -33.72 48.64 25.53
CA LEU G 4675 -32.95 49.85 25.78
C LEU G 4675 -31.59 49.54 26.36
N ALA G 4676 -31.51 48.59 27.29
CA ALA G 4676 -30.24 48.23 27.88
C ALA G 4676 -29.29 47.66 26.84
N ARG G 4677 -29.80 46.79 25.97
CA ARG G 4677 -28.95 46.26 24.91
C ARG G 4677 -28.47 47.36 23.98
N LYS G 4678 -29.35 48.29 23.61
CA LYS G 4678 -28.95 49.37 22.73
C LYS G 4678 -27.87 50.23 23.37
N LEU G 4679 -28.01 50.53 24.67
CA LEU G 4679 -26.97 51.29 25.35
C LEU G 4679 -25.66 50.55 25.37
N GLU G 4680 -25.67 49.30 25.83
CA GLU G 4680 -24.41 48.59 26.06
C GLU G 4680 -23.69 48.29 24.76
N PHE G 4681 -24.42 47.87 23.72
CA PHE G 4681 -23.81 47.34 22.50
C PHE G 4681 -23.83 48.33 21.35
N ASP G 4682 -24.86 49.16 21.24
CA ASP G 4682 -24.95 50.10 20.15
C ASP G 4682 -24.54 51.52 20.55
N GLY G 4683 -24.43 51.81 21.84
CA GLY G 4683 -24.12 53.15 22.27
C GLY G 4683 -25.15 54.14 21.75
N LEU G 4684 -26.43 53.77 21.90
CA LEU G 4684 -27.49 54.54 21.25
C LEU G 4684 -27.48 56.00 21.69
N TYR G 4685 -27.32 56.24 22.99
CA TYR G 4685 -27.31 57.59 23.52
C TYR G 4685 -25.92 58.08 23.88
N ILE G 4686 -24.89 57.29 23.62
CA ILE G 4686 -23.51 57.67 23.90
C ILE G 4686 -22.78 58.07 22.63
N THR G 4687 -22.64 57.14 21.68
CA THR G 4687 -22.00 57.42 20.41
C THR G 4687 -23.00 57.89 19.36
N GLU G 4688 -24.11 57.19 19.21
CA GLU G 4688 -25.14 57.56 18.26
C GLU G 4688 -26.19 58.42 18.96
N GLN G 4689 -27.29 58.67 18.26
CA GLN G 4689 -28.45 59.33 18.82
C GLN G 4689 -29.70 58.79 18.13
N PRO G 4690 -30.85 58.87 18.79
CA PRO G 4690 -32.09 58.47 18.13
C PRO G 4690 -32.34 59.34 16.90
N GLU G 4691 -33.04 58.76 15.93
CA GLU G 4691 -33.21 59.45 14.64
C GLU G 4691 -33.95 60.77 14.80
N ASP G 4692 -34.62 60.96 15.94
CA ASP G 4692 -35.42 62.14 16.34
C ASP G 4692 -36.79 62.08 15.68
N ASP G 4693 -37.00 61.13 14.78
CA ASP G 4693 -38.33 60.71 14.39
C ASP G 4693 -38.72 59.40 15.04
N ASP G 4694 -37.88 58.88 15.93
CA ASP G 4694 -38.13 57.64 16.66
C ASP G 4694 -38.66 58.00 18.04
N VAL G 4695 -39.98 58.08 18.15
CA VAL G 4695 -40.59 58.45 19.42
C VAL G 4695 -40.19 57.46 20.50
N LYS G 4696 -39.97 56.20 20.12
CA LYS G 4696 -39.54 55.21 21.11
C LYS G 4696 -38.25 55.65 21.79
N GLY G 4697 -37.23 55.98 21.00
CA GLY G 4697 -35.97 56.40 21.58
C GLY G 4697 -36.08 57.74 22.29
N GLN G 4698 -36.83 58.68 21.70
CA GLN G 4698 -36.95 59.99 22.34
C GLN G 4698 -37.60 59.87 23.71
N TRP G 4699 -38.65 59.06 23.83
CA TRP G 4699 -39.26 58.82 25.12
C TRP G 4699 -38.32 58.06 26.04
N ASP G 4700 -37.63 57.05 25.51
CA ASP G 4700 -36.70 56.28 26.32
C ASP G 4700 -35.63 57.16 26.94
N ARG G 4701 -35.30 58.28 26.30
CA ARG G 4701 -34.29 59.17 26.87
C ARG G 4701 -34.64 59.55 28.30
N LEU G 4702 -35.93 59.63 28.63
CA LEU G 4702 -36.31 60.11 29.96
C LEU G 4702 -35.74 59.24 31.07
N VAL G 4703 -35.86 57.92 30.92
CA VAL G 4703 -35.62 57.01 32.04
C VAL G 4703 -34.15 56.75 32.30
N LEU G 4704 -33.25 57.23 31.45
CA LEU G 4704 -31.84 56.86 31.58
C LEU G 4704 -31.30 57.20 32.96
N ASN G 4705 -31.49 58.43 33.41
CA ASN G 4705 -30.87 58.89 34.65
C ASN G 4705 -31.72 58.61 35.88
N THR G 4706 -32.82 57.87 35.73
CA THR G 4706 -33.65 57.56 36.88
C THR G 4706 -32.93 56.58 37.80
N PRO G 4707 -33.12 56.68 39.12
CA PRO G 4707 -32.46 55.73 40.02
C PRO G 4707 -32.88 54.30 39.81
N SER G 4708 -34.05 54.07 39.21
CA SER G 4708 -34.57 52.71 39.07
C SER G 4708 -34.77 52.34 37.62
N PHE G 4709 -33.75 52.53 36.78
CA PHE G 4709 -33.86 52.11 35.40
C PHE G 4709 -34.13 50.61 35.25
N PRO G 4710 -33.25 49.71 35.64
CA PRO G 4710 -33.54 48.29 35.38
C PRO G 4710 -34.43 47.72 36.47
N SER G 4711 -35.72 48.05 36.42
CA SER G 4711 -36.64 47.60 37.45
C SER G 4711 -37.17 46.20 37.17
N ASN G 4712 -37.61 45.94 35.94
CA ASN G 4712 -38.07 44.61 35.55
C ASN G 4712 -37.00 43.80 34.85
N TYR G 4713 -36.05 44.44 34.18
CA TYR G 4713 -34.93 43.73 33.52
C TYR G 4713 -34.04 43.08 34.57
N TRP G 4714 -33.54 41.88 34.31
CA TRP G 4714 -32.71 41.13 35.29
C TRP G 4714 -31.39 41.86 35.56
N ASP G 4715 -30.74 42.39 34.51
CA ASP G 4715 -29.40 42.99 34.70
C ASP G 4715 -29.49 44.32 35.42
N LYS G 4716 -29.24 44.32 36.73
CA LYS G 4716 -29.22 45.55 37.50
C LYS G 4716 -27.88 46.26 37.41
N PHE G 4717 -26.91 45.71 36.69
CA PHE G 4717 -25.60 46.32 36.51
C PHE G 4717 -25.41 46.85 35.09
N VAL G 4718 -26.50 47.09 34.37
CA VAL G 4718 -26.37 47.68 33.04
C VAL G 4718 -25.70 49.05 33.14
N LYS G 4719 -25.99 49.81 34.19
CA LYS G 4719 -25.34 51.09 34.37
C LYS G 4719 -23.82 50.94 34.38
N ARG G 4720 -23.31 50.08 35.24
CA ARG G 4720 -21.86 49.89 35.34
C ARG G 4720 -21.26 49.29 34.09
N LYS G 4721 -21.95 48.34 33.45
CA LYS G 4721 -21.41 47.75 32.23
C LYS G 4721 -21.37 48.73 31.07
N VAL G 4722 -22.33 49.66 30.98
CA VAL G 4722 -22.26 50.73 30.00
C VAL G 4722 -21.19 51.74 30.35
N LEU G 4723 -21.01 52.07 31.63
CA LEU G 4723 -19.94 52.96 32.03
C LEU G 4723 -18.58 52.39 31.68
N ASP G 4724 -18.28 51.16 32.07
CA ASP G 4724 -16.95 50.62 31.83
C ASP G 4724 -16.62 50.60 30.35
N LYS G 4725 -17.60 50.31 29.50
CA LYS G 4725 -17.32 50.13 28.09
C LYS G 4725 -17.01 51.46 27.39
N HIS G 4726 -17.82 52.49 27.66
CA HIS G 4726 -17.75 53.74 26.91
C HIS G 4726 -17.18 54.92 27.71
N GLY G 4727 -16.73 54.70 28.94
CA GLY G 4727 -16.22 55.82 29.72
C GLY G 4727 -14.94 56.39 29.14
N ASP G 4728 -14.01 55.52 28.73
CA ASP G 4728 -12.74 56.00 28.21
C ASP G 4728 -12.92 56.85 26.96
N ILE G 4729 -13.97 56.60 26.19
CA ILE G 4729 -14.16 57.34 24.94
C ILE G 4729 -15.01 58.58 25.17
N PHE G 4730 -16.15 58.43 25.85
CA PHE G 4730 -17.11 59.51 25.98
C PHE G 4730 -16.93 60.33 27.26
N GLY G 4731 -15.90 60.05 28.05
CA GLY G 4731 -15.73 60.74 29.31
C GLY G 4731 -16.52 60.07 30.40
N ARG G 4732 -15.86 59.67 31.49
CA ARG G 4732 -16.56 58.96 32.56
C ARG G 4732 -17.59 59.86 33.22
N GLU G 4733 -17.26 61.14 33.42
CA GLU G 4733 -18.20 62.04 34.06
C GLU G 4733 -19.44 62.27 33.21
N ARG G 4734 -19.28 62.39 31.89
CA ARG G 4734 -20.44 62.60 31.04
C ARG G 4734 -21.33 61.37 31.00
N ILE G 4735 -20.72 60.17 30.98
CA ILE G 4735 -21.52 58.95 31.06
C ILE G 4735 -22.26 58.89 32.38
N ALA G 4736 -21.59 59.24 33.48
CA ALA G 4736 -22.24 59.23 34.78
C ALA G 4736 -23.40 60.19 34.82
N GLU G 4737 -23.24 61.38 34.23
CA GLU G 4737 -24.34 62.33 34.18
C GLU G 4737 -25.49 61.80 33.33
N LEU G 4738 -25.16 61.18 32.19
CA LEU G 4738 -26.20 60.66 31.32
C LEU G 4738 -27.00 59.58 32.01
N LEU G 4739 -26.33 58.70 32.75
CA LEU G 4739 -26.98 57.55 33.38
C LEU G 4739 -27.39 57.82 34.83
N GLY G 4740 -27.20 59.05 35.32
CA GLY G 4740 -27.65 59.40 36.65
C GLY G 4740 -27.06 58.52 37.74
N MET G 4741 -25.75 58.30 37.68
CA MET G 4741 -25.06 57.44 38.62
C MET G 4741 -23.87 58.18 39.22
N ASP G 4742 -23.64 57.96 40.51
CA ASP G 4742 -22.57 58.65 41.22
C ASP G 4742 -21.36 57.73 41.38
N LEU G 4743 -20.22 58.15 40.81
CA LEU G 4743 -19.03 57.31 40.87
C LEU G 4743 -18.58 57.09 42.31
N ALA G 4744 -18.65 58.13 43.13
CA ALA G 4744 -18.33 57.95 44.54
C ALA G 4744 -19.23 56.89 45.16
N SER G 4745 -20.54 56.97 44.91
CA SER G 4745 -21.46 56.00 45.47
C SER G 4745 -21.10 54.58 45.02
N LEU G 4746 -20.71 54.43 43.75
CA LEU G 4746 -20.21 53.13 43.30
C LEU G 4746 -19.04 52.68 44.16
N GLU G 4747 -18.10 53.59 44.41
CA GLU G 4747 -16.92 53.22 45.18
C GLU G 4747 -17.29 52.75 46.59
N ILE G 4748 -18.20 53.47 47.26
CA ILE G 4748 -18.59 53.09 48.62
C ILE G 4748 -19.38 51.78 48.60
N THR G 4749 -20.23 51.59 47.60
CA THR G 4749 -20.96 50.32 47.51
C THR G 4749 -20.00 49.15 47.37
N ALA G 4750 -18.97 49.30 46.54
CA ALA G 4750 -17.93 48.27 46.46
C ALA G 4750 -17.19 48.15 47.78
N HIS G 4751 -16.99 49.27 48.47
CA HIS G 4751 -16.23 49.27 49.72
C HIS G 4751 -16.93 48.44 50.79
N ASN G 4752 -18.19 48.70 51.06
CA ASN G 4752 -18.87 48.11 52.22
C ASN G 4752 -20.38 48.15 51.95
N GLU G 4753 -21.13 47.57 52.89
CA GLU G 4753 -22.57 47.35 52.72
C GLU G 4753 -23.34 48.04 53.83
N ARG G 4754 -24.50 48.60 53.48
CA ARG G 4754 -25.44 49.16 54.44
C ARG G 4754 -26.85 48.83 53.97
N LYS G 4755 -27.68 48.32 54.88
CA LYS G 4755 -29.06 47.95 54.57
C LYS G 4755 -30.01 48.54 55.60
N PRO G 4756 -30.21 49.86 55.59
CA PRO G 4756 -31.31 50.43 56.39
C PRO G 4756 -32.65 50.24 55.70
N ASP G 4757 -33.49 49.36 56.24
CA ASP G 4757 -34.80 49.09 55.65
C ASP G 4757 -35.86 49.80 56.46
N PRO G 4758 -36.47 50.86 55.97
CA PRO G 4758 -37.48 51.58 56.75
C PRO G 4758 -38.80 50.84 56.76
N PRO G 4759 -39.69 51.14 57.71
CA PRO G 4759 -41.02 50.52 57.68
C PRO G 4759 -41.76 50.94 56.43
N PRO G 4760 -42.67 50.09 55.93
CA PRO G 4760 -43.42 50.42 54.71
C PRO G 4760 -44.56 51.39 54.97
N GLY G 4761 -44.25 52.49 55.66
CA GLY G 4761 -45.26 53.50 55.90
C GLY G 4761 -45.64 54.23 54.63
N LEU G 4762 -46.85 54.81 54.65
CA LEU G 4762 -47.33 55.51 53.47
C LEU G 4762 -46.43 56.69 53.11
N LEU G 4763 -45.99 57.46 54.11
CA LEU G 4763 -45.12 58.58 53.83
C LEU G 4763 -43.79 58.10 53.25
N THR G 4764 -43.23 57.03 53.81
CA THR G 4764 -41.97 56.50 53.29
C THR G 4764 -42.13 56.04 51.84
N TRP G 4765 -43.24 55.36 51.54
CA TRP G 4765 -43.49 54.94 50.17
C TRP G 4765 -43.62 56.14 49.24
N ILE G 4766 -44.29 57.20 49.71
CA ILE G 4766 -44.44 58.40 48.89
C ILE G 4766 -43.07 59.01 48.60
N MET G 4767 -42.19 59.06 49.60
CA MET G 4767 -40.83 59.53 49.34
C MET G 4767 -40.13 58.62 48.35
N SER G 4768 -40.35 57.31 48.45
CA SER G 4768 -39.65 56.36 47.59
C SER G 4768 -40.06 56.53 46.13
N ILE G 4769 -41.33 56.84 45.88
CA ILE G 4769 -41.83 56.92 44.51
C ILE G 4769 -40.87 57.73 43.66
N ASP G 4770 -40.59 57.22 42.46
CA ASP G 4770 -39.67 57.87 41.52
C ASP G 4770 -40.48 58.46 40.37
N VAL G 4771 -40.67 59.78 40.39
CA VAL G 4771 -41.63 60.41 39.50
C VAL G 4771 -41.24 60.22 38.05
N LYS G 4772 -39.96 60.41 37.73
CA LYS G 4772 -39.55 60.33 36.33
C LYS G 4772 -39.74 58.92 35.78
N TYR G 4773 -39.32 57.91 36.53
CA TYR G 4773 -39.49 56.53 36.07
C TYR G 4773 -40.96 56.19 35.93
N GLN G 4774 -41.79 56.64 36.87
CA GLN G 4774 -43.21 56.36 36.78
C GLN G 4774 -43.83 57.04 35.56
N ILE G 4775 -43.40 58.26 35.26
CA ILE G 4775 -43.90 58.94 34.07
C ILE G 4775 -43.52 58.17 32.82
N TRP G 4776 -42.27 57.71 32.75
CA TRP G 4776 -41.86 56.92 31.59
C TRP G 4776 -42.68 55.64 31.47
N LYS G 4777 -42.90 54.96 32.59
CA LYS G 4777 -43.66 53.71 32.56
C LYS G 4777 -45.09 53.97 32.09
N PHE G 4778 -45.71 55.04 32.58
CA PHE G 4778 -47.08 55.34 32.18
C PHE G 4778 -47.15 55.72 30.72
N GLY G 4779 -46.13 56.43 30.22
CA GLY G 4779 -46.08 56.68 28.79
C GLY G 4779 -46.03 55.40 27.99
N VAL G 4780 -45.18 54.45 28.39
CA VAL G 4780 -45.12 53.17 27.69
C VAL G 4780 -46.47 52.48 27.73
N ILE G 4781 -47.11 52.46 28.90
CA ILE G 4781 -48.39 51.76 29.04
C ILE G 4781 -49.43 52.39 28.13
N PHE G 4782 -49.58 53.71 28.19
CA PHE G 4782 -50.58 54.37 27.36
C PHE G 4782 -50.27 54.20 25.88
N THR G 4783 -49.00 54.00 25.53
CA THR G 4783 -48.67 53.70 24.15
C THR G 4783 -49.05 52.26 23.79
N ASP G 4784 -49.10 51.37 24.77
CA ASP G 4784 -49.48 49.99 24.51
C ASP G 4784 -50.86 49.92 23.87
N ASN G 4785 -51.02 49.06 22.85
CA ASN G 4785 -52.29 48.96 22.15
C ASN G 4785 -53.35 48.28 23.01
N SER G 4786 -53.00 47.15 23.63
CA SER G 4786 -53.99 46.40 24.39
C SER G 4786 -54.51 47.21 25.57
N PHE G 4787 -53.61 47.89 26.28
CA PHE G 4787 -54.06 48.75 27.37
C PHE G 4787 -54.96 49.86 26.85
N LEU G 4788 -54.64 50.39 25.68
CA LEU G 4788 -55.49 51.44 25.11
C LEU G 4788 -56.89 50.89 24.81
N TYR G 4789 -56.95 49.67 24.29
CA TYR G 4789 -58.26 49.06 24.01
C TYR G 4789 -59.04 48.86 25.30
N LEU G 4790 -58.38 48.39 26.35
CA LEU G 4790 -59.08 48.21 27.62
C LEU G 4790 -59.55 49.55 28.19
N GLY G 4791 -58.73 50.59 28.05
CA GLY G 4791 -59.16 51.91 28.48
C GLY G 4791 -60.36 52.41 27.70
N TRP G 4792 -60.38 52.15 26.40
CA TRP G 4792 -61.56 52.48 25.61
C TRP G 4792 -62.78 51.71 26.09
N TYR G 4793 -62.59 50.43 26.44
CA TYR G 4793 -63.67 49.64 27.00
C TYR G 4793 -64.25 50.33 28.23
N MET G 4794 -63.38 50.77 29.15
CA MET G 4794 -63.86 51.48 30.33
C MET G 4794 -64.55 52.78 30.00
N VAL G 4795 -63.95 53.60 29.12
CA VAL G 4795 -64.60 54.87 28.81
C VAL G 4795 -65.97 54.63 28.23
N MET G 4796 -66.11 53.57 27.43
CA MET G 4796 -67.37 53.32 26.77
C MET G 4796 -68.40 52.76 27.75
N SER G 4797 -67.96 51.97 28.72
CA SER G 4797 -68.88 51.53 29.77
C SER G 4797 -69.36 52.69 30.62
N LEU G 4798 -68.44 53.58 31.00
CA LEU G 4798 -68.85 54.76 31.76
C LEU G 4798 -69.83 55.59 30.97
N LEU G 4799 -69.60 55.74 29.67
CA LEU G 4799 -70.57 56.43 28.82
C LEU G 4799 -71.89 55.66 28.76
N GLY G 4800 -71.83 54.33 28.79
CA GLY G 4800 -73.06 53.55 28.82
C GLY G 4800 -73.90 53.88 30.03
N HIS G 4801 -73.25 54.13 31.16
CA HIS G 4801 -74.01 54.57 32.34
C HIS G 4801 -74.71 55.89 32.06
N TYR G 4802 -74.15 56.72 31.17
CA TYR G 4802 -74.82 57.95 30.76
C TYR G 4802 -76.01 57.64 29.87
N ASN G 4803 -75.78 56.93 28.78
CA ASN G 4803 -76.84 56.45 27.90
C ASN G 4803 -76.65 54.96 27.69
N ASN G 4804 -77.68 54.19 28.01
CA ASN G 4804 -77.57 52.73 28.00
C ASN G 4804 -77.17 52.17 26.65
N PHE G 4805 -77.41 52.90 25.56
CA PHE G 4805 -77.14 52.35 24.24
C PHE G 4805 -75.65 52.27 23.94
N PHE G 4806 -74.82 53.04 24.66
CA PHE G 4806 -73.39 52.96 24.43
C PHE G 4806 -72.84 51.59 24.76
N PHE G 4807 -73.60 50.76 25.49
CA PHE G 4807 -73.16 49.40 25.74
C PHE G 4807 -73.17 48.58 24.46
N ALA G 4808 -73.77 49.10 23.39
CA ALA G 4808 -73.74 48.42 22.11
C ALA G 4808 -72.30 48.30 21.59
N ALA G 4809 -71.52 49.36 21.76
CA ALA G 4809 -70.15 49.35 21.24
C ALA G 4809 -69.35 48.19 21.79
N HIS G 4810 -69.64 47.76 23.02
CA HIS G 4810 -68.88 46.66 23.61
C HIS G 4810 -69.08 45.35 22.87
N LEU G 4811 -70.17 45.24 22.11
CA LEU G 4811 -70.38 44.04 21.31
C LEU G 4811 -69.26 43.85 20.31
N LEU G 4812 -68.57 44.93 19.94
CA LEU G 4812 -67.44 44.83 19.03
C LEU G 4812 -66.32 44.00 19.64
N ASP G 4813 -66.36 43.75 20.95
CA ASP G 4813 -65.28 43.03 21.61
C ASP G 4813 -65.15 41.62 21.05
N ILE G 4814 -66.19 41.09 20.41
CA ILE G 4814 -66.18 39.71 19.95
C ILE G 4814 -65.00 39.48 19.02
N ALA G 4815 -64.63 40.53 18.28
CA ALA G 4815 -63.51 40.39 17.34
C ALA G 4815 -62.27 39.88 18.04
N MET G 4816 -61.92 40.46 19.19
CA MET G 4816 -60.76 40.00 19.94
C MET G 4816 -61.11 38.82 20.84
N GLY G 4817 -62.38 38.69 21.21
CA GLY G 4817 -62.77 37.59 22.09
C GLY G 4817 -62.65 36.23 21.43
N VAL G 4818 -63.04 36.14 20.16
CA VAL G 4818 -63.09 34.87 19.46
C VAL G 4818 -61.94 34.81 18.45
N LYS G 4819 -61.16 33.74 18.51
CA LYS G 4819 -60.05 33.60 17.57
C LYS G 4819 -60.55 33.48 16.15
N THR G 4820 -61.66 32.77 15.94
CA THR G 4820 -62.16 32.57 14.58
C THR G 4820 -62.49 33.91 13.93
N LEU G 4821 -63.25 34.76 14.63
CA LEU G 4821 -63.57 36.08 14.12
C LEU G 4821 -62.34 36.96 14.01
N ARG G 4822 -61.32 36.73 14.84
CA ARG G 4822 -60.08 37.46 14.71
C ARG G 4822 -59.34 37.13 13.42
N THR G 4823 -59.25 35.84 13.05
CA THR G 4823 -58.68 35.47 11.77
C THR G 4823 -59.52 35.92 10.58
N ILE G 4824 -60.85 35.79 10.67
CA ILE G 4824 -61.69 36.25 9.58
C ILE G 4824 -61.49 37.74 9.35
N LEU G 4825 -61.42 38.53 10.43
CA LEU G 4825 -61.20 39.96 10.29
C LEU G 4825 -59.78 40.26 9.83
N SER G 4826 -58.81 39.43 10.25
CA SER G 4826 -57.45 39.61 9.76
C SER G 4826 -57.41 39.42 8.24
N SER G 4827 -58.32 38.59 7.71
CA SER G 4827 -58.41 38.46 6.26
C SER G 4827 -58.67 39.82 5.62
N VAL G 4828 -59.60 40.60 6.19
CA VAL G 4828 -59.88 41.92 5.66
C VAL G 4828 -58.71 42.86 5.90
N THR G 4829 -58.20 42.90 7.14
CA THR G 4829 -57.20 43.91 7.49
C THR G 4829 -55.85 43.60 6.86
N HIS G 4830 -55.67 42.42 6.28
CA HIS G 4830 -54.39 42.09 5.67
C HIS G 4830 -54.07 43.05 4.54
N ASN G 4831 -55.06 43.36 3.71
CA ASN G 4831 -54.91 44.31 2.62
C ASN G 4831 -55.67 45.59 2.86
N GLY G 4832 -55.70 46.07 4.11
CA GLY G 4832 -56.46 47.27 4.43
C GLY G 4832 -55.98 48.48 3.66
N LYS G 4833 -54.66 48.63 3.51
CA LYS G 4833 -54.14 49.76 2.76
C LYS G 4833 -54.61 49.71 1.32
N GLN G 4834 -54.55 48.54 0.70
CA GLN G 4834 -55.00 48.41 -0.67
C GLN G 4834 -56.50 48.67 -0.80
N LEU G 4835 -57.28 48.21 0.18
CA LEU G 4835 -58.72 48.46 0.13
C LEU G 4835 -59.02 49.95 0.23
N VAL G 4836 -58.33 50.66 1.13
CA VAL G 4836 -58.55 52.09 1.26
C VAL G 4836 -58.16 52.81 -0.03
N MET G 4837 -57.02 52.42 -0.62
CA MET G 4837 -56.61 53.06 -1.86
C MET G 4837 -57.58 52.75 -2.99
N THR G 4838 -58.15 51.54 -3.00
CA THR G 4838 -59.15 51.20 -4.01
C THR G 4838 -60.39 52.06 -3.86
N VAL G 4839 -60.82 52.30 -2.62
CA VAL G 4839 -61.96 53.19 -2.42
C VAL G 4839 -61.63 54.60 -2.87
N GLY G 4840 -60.40 55.08 -2.62
CA GLY G 4840 -60.01 56.38 -3.13
C GLY G 4840 -60.04 56.45 -4.64
N LEU G 4841 -59.57 55.39 -5.30
CA LEU G 4841 -59.62 55.34 -6.76
C LEU G 4841 -61.06 55.35 -7.25
N LEU G 4842 -61.94 54.63 -6.56
CA LEU G 4842 -63.36 54.67 -6.90
C LEU G 4842 -63.90 56.08 -6.78
N ALA G 4843 -63.52 56.80 -5.72
CA ALA G 4843 -63.96 58.18 -5.58
C ALA G 4843 -63.47 59.06 -6.72
N VAL G 4844 -62.21 58.90 -7.13
CA VAL G 4844 -61.69 59.71 -8.23
C VAL G 4844 -62.43 59.39 -9.53
N VAL G 4845 -62.66 58.11 -9.82
CA VAL G 4845 -63.36 57.74 -11.04
C VAL G 4845 -64.76 58.32 -11.04
N VAL G 4846 -65.46 58.21 -9.91
CA VAL G 4846 -66.80 58.75 -9.81
C VAL G 4846 -66.77 60.27 -9.99
N TYR G 4847 -65.71 60.91 -9.50
CA TYR G 4847 -65.60 62.35 -9.70
C TYR G 4847 -65.46 62.70 -11.17
N LEU G 4848 -64.66 61.93 -11.91
CA LEU G 4848 -64.55 62.19 -13.35
C LEU G 4848 -65.88 61.98 -14.05
N TYR G 4849 -66.61 60.92 -13.71
CA TYR G 4849 -67.93 60.73 -14.27
C TYR G 4849 -68.84 61.90 -13.92
N THR G 4850 -68.72 62.42 -12.71
CA THR G 4850 -69.52 63.57 -12.31
C THR G 4850 -69.18 64.78 -13.15
N VAL G 4851 -67.90 65.00 -13.43
CA VAL G 4851 -67.50 66.13 -14.27
C VAL G 4851 -68.15 66.01 -15.64
N VAL G 4852 -68.08 64.82 -16.24
CA VAL G 4852 -68.68 64.64 -17.56
C VAL G 4852 -70.17 64.91 -17.51
N ALA G 4853 -70.86 64.33 -16.53
CA ALA G 4853 -72.31 64.50 -16.43
C ALA G 4853 -72.69 65.96 -16.22
N PHE G 4854 -71.97 66.65 -15.34
CA PHE G 4854 -72.26 68.06 -15.08
C PHE G 4854 -72.07 68.89 -16.33
N ASN G 4855 -71.05 68.58 -17.12
CA ASN G 4855 -70.80 69.39 -18.31
C ASN G 4855 -71.80 69.11 -19.41
N PHE G 4856 -72.21 67.85 -19.59
CA PHE G 4856 -73.01 67.50 -20.76
C PHE G 4856 -74.38 66.92 -20.45
N PHE G 4857 -74.49 65.95 -19.54
CA PHE G 4857 -75.74 65.21 -19.33
C PHE G 4857 -76.55 65.78 -18.18
N ARG G 4858 -76.51 67.09 -18.00
CA ARG G 4858 -77.15 67.69 -16.84
C ARG G 4858 -78.67 67.56 -16.90
N LYS G 4859 -79.25 67.62 -18.11
CA LYS G 4859 -80.70 67.64 -18.22
C LYS G 4859 -81.33 66.34 -17.74
N PHE G 4860 -80.58 65.24 -17.76
CA PHE G 4860 -81.13 63.94 -17.44
C PHE G 4860 -81.26 63.68 -15.94
N TYR G 4861 -80.74 64.58 -15.10
CA TYR G 4861 -80.68 64.33 -13.66
C TYR G 4861 -81.85 64.93 -12.91
N ASN G 4862 -83.03 64.99 -13.54
CA ASN G 4862 -84.22 65.46 -12.85
C ASN G 4862 -84.83 64.31 -12.05
N LYS G 4863 -84.88 64.46 -10.74
CA LYS G 4863 -85.41 63.44 -9.85
C LYS G 4863 -86.76 63.80 -9.25
N SER G 4864 -87.46 64.77 -9.83
CA SER G 4864 -88.76 65.21 -9.32
C SER G 4864 -89.82 64.88 -10.35
N GLU G 4865 -90.85 64.14 -9.92
CA GLU G 4865 -91.97 63.86 -10.81
C GLU G 4865 -92.85 65.08 -10.98
N ASP G 4866 -93.08 65.84 -9.90
CA ASP G 4866 -93.87 67.06 -9.97
C ASP G 4866 -93.19 68.06 -10.89
N GLU G 4867 -93.85 68.42 -11.99
CA GLU G 4867 -93.26 69.31 -12.97
C GLU G 4867 -92.96 70.67 -12.37
N ASP G 4868 -93.80 71.11 -11.43
CA ASP G 4868 -93.65 72.46 -10.90
C ASP G 4868 -92.35 72.62 -10.11
N GLU G 4869 -91.83 71.52 -9.56
CA GLU G 4869 -90.66 71.59 -8.69
C GLU G 4869 -89.57 70.64 -9.19
N PRO G 4870 -88.74 71.06 -10.15
CA PRO G 4870 -87.65 70.18 -10.59
C PRO G 4870 -86.54 70.09 -9.56
N ASP G 4871 -86.18 68.86 -9.20
CA ASP G 4871 -85.10 68.61 -8.23
C ASP G 4871 -83.79 68.30 -8.93
N MET G 4872 -83.26 69.26 -9.67
CA MET G 4872 -82.02 69.06 -10.40
C MET G 4872 -80.94 68.54 -9.45
N LYS G 4873 -80.47 67.32 -9.70
CA LYS G 4873 -79.42 66.73 -8.89
C LYS G 4873 -78.02 67.03 -9.41
N CYS G 4874 -77.89 67.68 -10.57
CA CYS G 4874 -76.59 68.00 -11.13
C CYS G 4874 -76.49 69.45 -11.58
N ASP G 4875 -77.11 70.37 -10.84
CA ASP G 4875 -76.97 71.79 -11.18
C ASP G 4875 -75.75 72.40 -10.51
N ASP G 4876 -75.14 71.69 -9.57
CA ASP G 4876 -73.88 72.11 -8.97
C ASP G 4876 -72.98 70.89 -8.82
N MET G 4877 -71.67 71.11 -8.87
CA MET G 4877 -70.74 69.99 -8.87
C MET G 4877 -70.80 69.23 -7.56
N MET G 4878 -70.93 69.93 -6.43
CA MET G 4878 -71.00 69.24 -5.15
C MET G 4878 -72.23 68.34 -5.07
N THR G 4879 -73.39 68.86 -5.45
CA THR G 4879 -74.60 68.04 -5.42
C THR G 4879 -74.50 66.88 -6.38
N CYS G 4880 -73.95 67.11 -7.58
CA CYS G 4880 -73.84 66.04 -8.56
C CYS G 4880 -72.90 64.96 -8.07
N TYR G 4881 -71.78 65.34 -7.46
CA TYR G 4881 -70.83 64.37 -6.96
C TYR G 4881 -71.43 63.57 -5.82
N LEU G 4882 -72.15 64.23 -4.92
CA LEU G 4882 -72.83 63.49 -3.86
C LEU G 4882 -73.85 62.52 -4.44
N PHE G 4883 -74.64 62.98 -5.41
CA PHE G 4883 -75.63 62.11 -6.02
C PHE G 4883 -74.98 60.89 -6.64
N HIS G 4884 -73.91 61.08 -7.41
CA HIS G 4884 -73.21 59.94 -7.99
C HIS G 4884 -72.71 59.01 -6.90
N MET G 4885 -71.81 59.50 -6.03
CA MET G 4885 -71.18 58.63 -5.05
C MET G 4885 -72.22 57.94 -4.17
N TYR G 4886 -73.40 58.53 -4.02
CA TYR G 4886 -74.38 57.97 -3.10
C TYR G 4886 -75.29 56.97 -3.78
N VAL G 4887 -75.93 57.34 -4.89
CA VAL G 4887 -76.92 56.47 -5.51
C VAL G 4887 -76.33 55.66 -6.65
N GLY G 4888 -75.45 56.25 -7.47
CA GLY G 4888 -74.95 55.51 -8.61
C GLY G 4888 -74.10 54.32 -8.21
N VAL G 4889 -73.19 54.53 -7.24
CA VAL G 4889 -72.34 53.43 -6.81
C VAL G 4889 -73.17 52.32 -6.19
N ARG G 4890 -74.16 52.67 -5.39
CA ARG G 4890 -74.99 51.65 -4.74
C ARG G 4890 -75.90 50.94 -5.72
N ALA G 4891 -76.34 51.62 -6.78
CA ALA G 4891 -77.28 51.03 -7.71
C ALA G 4891 -76.70 49.78 -8.35
N GLY G 4892 -77.57 48.80 -8.59
CA GLY G 4892 -77.12 47.56 -9.19
C GLY G 4892 -76.62 47.72 -10.61
N GLY G 4893 -77.27 48.58 -11.40
CA GLY G 4893 -76.90 48.80 -12.77
C GLY G 4893 -76.12 50.07 -13.04
N GLY G 4894 -75.68 50.77 -12.02
CA GLY G 4894 -74.98 52.03 -12.22
C GLY G 4894 -75.93 53.21 -12.22
N ILE G 4895 -75.38 54.37 -12.59
CA ILE G 4895 -76.15 55.60 -12.56
C ILE G 4895 -77.32 55.58 -13.54
N GLY G 4896 -77.19 54.85 -14.64
CA GLY G 4896 -78.26 54.79 -15.62
C GLY G 4896 -79.56 54.28 -15.03
N ASP G 4897 -79.48 53.50 -13.96
CA ASP G 4897 -80.71 53.04 -13.29
C ASP G 4897 -81.48 54.23 -12.73
N GLU G 4898 -80.77 55.20 -12.15
CA GLU G 4898 -81.45 56.31 -11.49
C GLU G 4898 -81.81 57.41 -12.48
N ILE G 4899 -80.85 57.84 -13.29
CA ILE G 4899 -81.09 59.00 -14.15
C ILE G 4899 -82.05 58.66 -15.28
N GLU G 4900 -82.59 59.68 -15.95
CA GLU G 4900 -83.71 59.53 -16.86
C GLU G 4900 -83.33 58.69 -18.08
N ASP G 4901 -84.34 58.14 -18.73
CA ASP G 4901 -84.09 57.33 -19.92
C ASP G 4901 -83.53 58.19 -21.04
N PRO G 4902 -82.57 57.69 -21.81
CA PRO G 4902 -81.97 58.49 -22.89
C PRO G 4902 -82.57 58.28 -24.27
N ALA G 4903 -83.61 57.46 -24.40
CA ALA G 4903 -84.12 57.13 -25.73
C ALA G 4903 -84.59 58.37 -26.46
N GLY G 4904 -84.36 58.39 -27.77
CA GLY G 4904 -84.82 59.47 -28.61
C GLY G 4904 -84.19 60.80 -28.26
N ASP G 4905 -82.87 60.82 -28.08
CA ASP G 4905 -82.15 62.04 -27.78
C ASP G 4905 -80.89 62.10 -28.63
N GLU G 4906 -80.43 63.33 -28.89
CA GLU G 4906 -79.25 63.51 -29.72
C GLU G 4906 -78.02 62.87 -29.10
N TYR G 4907 -77.93 62.91 -27.77
CA TYR G 4907 -76.81 62.34 -27.03
C TYR G 4907 -77.08 60.90 -26.60
N GLU G 4908 -77.97 60.20 -27.29
CA GLU G 4908 -78.33 58.85 -26.84
C GLU G 4908 -77.13 57.92 -26.83
N LEU G 4909 -76.35 57.92 -27.92
CA LEU G 4909 -75.20 57.02 -27.97
C LEU G 4909 -74.12 57.43 -26.98
N TYR G 4910 -73.82 58.73 -26.90
CA TYR G 4910 -72.85 59.19 -25.93
C TYR G 4910 -73.22 58.72 -24.53
N ARG G 4911 -74.51 58.84 -24.17
CA ARG G 4911 -74.90 58.52 -22.82
C ARG G 4911 -75.01 57.02 -22.58
N VAL G 4912 -75.40 56.24 -23.59
CA VAL G 4912 -75.40 54.80 -23.36
C VAL G 4912 -73.99 54.33 -23.12
N VAL G 4913 -73.02 54.89 -23.84
CA VAL G 4913 -71.62 54.64 -23.52
C VAL G 4913 -71.27 55.10 -22.11
N PHE G 4914 -71.74 56.29 -21.71
CA PHE G 4914 -71.51 56.78 -20.35
C PHE G 4914 -71.96 55.76 -19.31
N ASP G 4915 -73.22 55.30 -19.41
CA ASP G 4915 -73.77 54.37 -18.43
C ASP G 4915 -73.08 53.02 -18.48
N ILE G 4916 -72.81 52.49 -19.67
CA ILE G 4916 -72.15 51.19 -19.75
C ILE G 4916 -70.76 51.24 -19.15
N THR G 4917 -69.99 52.29 -19.46
CA THR G 4917 -68.65 52.40 -18.89
C THR G 4917 -68.73 52.55 -17.38
N PHE G 4918 -69.67 53.36 -16.88
CA PHE G 4918 -69.85 53.47 -15.44
C PHE G 4918 -70.10 52.10 -14.83
N PHE G 4919 -71.04 51.34 -15.40
CA PHE G 4919 -71.38 50.05 -14.84
C PHE G 4919 -70.18 49.10 -14.86
N PHE G 4920 -69.42 49.11 -15.95
CA PHE G 4920 -68.33 48.15 -16.08
C PHE G 4920 -67.15 48.50 -15.21
N PHE G 4921 -66.82 49.78 -15.07
CA PHE G 4921 -65.65 50.17 -14.28
C PHE G 4921 -65.97 50.22 -12.80
N VAL G 4922 -67.03 50.93 -12.42
CA VAL G 4922 -67.32 51.10 -11.00
C VAL G 4922 -67.99 49.85 -10.45
N ILE G 4923 -69.14 49.48 -11.00
CA ILE G 4923 -69.94 48.42 -10.38
C ILE G 4923 -69.27 47.07 -10.55
N VAL G 4924 -68.73 46.78 -11.72
CA VAL G 4924 -68.24 45.43 -12.02
C VAL G 4924 -66.78 45.27 -11.59
N ILE G 4925 -65.92 46.18 -12.02
CA ILE G 4925 -64.49 45.99 -11.83
C ILE G 4925 -64.07 46.32 -10.40
N LEU G 4926 -64.28 47.58 -9.98
CA LEU G 4926 -63.74 48.01 -8.70
C LEU G 4926 -64.26 47.15 -7.56
N LEU G 4927 -65.56 46.83 -7.57
CA LEU G 4927 -66.08 45.91 -6.57
C LEU G 4927 -65.43 44.54 -6.71
N ALA G 4928 -65.18 44.12 -7.95
CA ALA G 4928 -64.44 42.88 -8.16
C ALA G 4928 -63.03 42.98 -7.59
N ILE G 4929 -62.41 44.15 -7.71
CA ILE G 4929 -61.08 44.32 -7.12
C ILE G 4929 -61.14 44.17 -5.60
N ILE G 4930 -62.17 44.74 -4.97
CA ILE G 4930 -62.29 44.62 -3.52
C ILE G 4930 -62.47 43.17 -3.12
N GLN G 4931 -63.40 42.47 -3.77
CA GLN G 4931 -63.62 41.07 -3.43
C GLN G 4931 -62.38 40.23 -3.68
N GLY G 4932 -61.64 40.54 -4.76
CA GLY G 4932 -60.43 39.81 -5.03
C GLY G 4932 -59.35 40.07 -3.99
N LEU G 4933 -59.27 41.30 -3.49
CA LEU G 4933 -58.33 41.58 -2.42
C LEU G 4933 -58.65 40.75 -1.19
N ILE G 4934 -59.93 40.67 -0.82
CA ILE G 4934 -60.29 39.85 0.33
C ILE G 4934 -59.95 38.38 0.10
N ILE G 4935 -60.28 37.85 -1.07
CA ILE G 4935 -60.01 36.44 -1.36
C ILE G 4935 -58.50 36.17 -1.33
N ASP G 4936 -57.70 37.06 -1.92
CA ASP G 4936 -56.26 36.86 -1.92
C ASP G 4936 -55.71 36.95 -0.50
N ALA G 4937 -56.29 37.81 0.34
CA ALA G 4937 -55.86 37.84 1.74
C ALA G 4937 -56.12 36.50 2.41
N PHE G 4938 -57.30 35.92 2.18
CA PHE G 4938 -57.56 34.58 2.70
C PHE G 4938 -56.50 33.60 2.25
N GLY G 4939 -56.25 33.55 0.94
CA GLY G 4939 -55.29 32.59 0.41
C GLY G 4939 -53.91 32.78 0.99
N GLU G 4940 -53.47 34.03 1.10
CA GLU G 4940 -52.12 34.30 1.62
C GLU G 4940 -51.99 33.93 3.09
N LEU G 4941 -53.01 34.21 3.91
CA LEU G 4941 -52.93 33.81 5.30
C LEU G 4941 -52.87 32.29 5.44
N ARG G 4942 -53.69 31.58 4.67
CA ARG G 4942 -53.64 30.13 4.72
C ARG G 4942 -52.27 29.62 4.28
N ASP G 4943 -51.69 30.25 3.24
CA ASP G 4943 -50.36 29.84 2.79
C ASP G 4943 -49.32 30.09 3.86
N GLN G 4944 -49.43 31.20 4.59
CA GLN G 4944 -48.48 31.47 5.67
C GLN G 4944 -48.55 30.39 6.74
N GLN G 4945 -49.76 30.02 7.16
CA GLN G 4945 -49.87 28.96 8.15
C GLN G 4945 -49.30 27.64 7.64
N GLU G 4946 -49.61 27.29 6.39
CA GLU G 4946 -49.10 26.05 5.83
C GLU G 4946 -47.58 26.09 5.75
N GLN G 4947 -47.01 27.24 5.40
CA GLN G 4947 -45.55 27.37 5.34
C GLN G 4947 -44.94 27.17 6.70
N VAL G 4948 -45.54 27.74 7.75
CA VAL G 4948 -45.03 27.51 9.10
C VAL G 4948 -45.01 26.02 9.41
N LYS G 4949 -46.13 25.34 9.16
CA LYS G 4949 -46.18 23.91 9.45
C LYS G 4949 -45.16 23.13 8.65
N GLU G 4950 -45.02 23.41 7.37
CA GLU G 4950 -44.07 22.67 6.54
C GLU G 4950 -42.64 22.90 7.00
N ASP G 4951 -42.28 24.15 7.31
CA ASP G 4951 -40.93 24.44 7.76
C ASP G 4951 -40.63 23.72 9.07
N MET G 4952 -41.60 23.70 9.98
CA MET G 4952 -41.37 23.00 11.24
C MET G 4952 -41.26 21.50 11.02
N GLU G 4953 -42.03 20.96 10.09
CA GLU G 4953 -42.05 19.51 9.90
C GLU G 4953 -40.86 18.98 9.11
N THR G 4954 -40.28 19.78 8.21
CA THR G 4954 -39.27 19.28 7.30
C THR G 4954 -37.85 19.74 7.61
N LYS G 4955 -37.68 20.62 8.59
CA LYS G 4955 -36.37 21.21 8.86
C LYS G 4955 -36.20 21.42 10.35
N CYS G 4956 -35.05 21.03 10.88
CA CYS G 4956 -34.78 21.21 12.30
C CYS G 4956 -34.72 22.69 12.64
N PHE G 4957 -35.36 23.07 13.74
CA PHE G 4957 -35.45 24.48 14.09
C PHE G 4957 -34.08 25.06 14.42
N ILE G 4958 -33.25 24.28 15.11
CA ILE G 4958 -31.99 24.83 15.63
C ILE G 4958 -30.89 24.76 14.57
N CYS G 4959 -30.54 23.55 14.14
CA CYS G 4959 -29.42 23.36 13.24
C CYS G 4959 -29.78 23.63 11.79
N GLY G 4960 -31.05 23.54 11.43
CA GLY G 4960 -31.48 23.88 10.08
C GLY G 4960 -31.25 22.78 9.07
N ILE G 4961 -30.74 21.64 9.51
CA ILE G 4961 -30.54 20.53 8.58
C ILE G 4961 -31.89 19.97 8.17
N GLY G 4962 -31.97 19.49 6.93
CA GLY G 4962 -33.21 18.96 6.41
C GLY G 4962 -33.62 17.69 7.11
N SER G 4963 -34.92 17.38 6.99
CA SER G 4963 -35.45 16.21 7.69
C SER G 4963 -35.05 14.91 7.01
N ASP G 4964 -34.77 14.96 5.71
CA ASP G 4964 -34.42 13.74 4.99
C ASP G 4964 -33.11 13.15 5.48
N TYR G 4965 -32.08 13.98 5.64
CA TYR G 4965 -30.82 13.49 6.18
C TYR G 4965 -31.01 12.75 7.50
N PHE G 4966 -31.80 13.30 8.40
CA PHE G 4966 -32.08 12.63 9.66
C PHE G 4966 -32.90 11.37 9.47
N ASP G 4967 -33.89 11.40 8.59
CA ASP G 4967 -34.73 10.24 8.33
C ASP G 4967 -33.98 9.10 7.67
N THR G 4968 -32.75 9.34 7.21
CA THR G 4968 -31.89 8.23 6.82
C THR G 4968 -31.93 7.12 7.85
N THR G 4969 -31.88 7.48 9.12
CA THR G 4969 -32.08 6.51 10.20
C THR G 4969 -33.58 6.39 10.49
N PRO G 4970 -34.05 5.22 10.92
CA PRO G 4970 -35.48 5.09 11.21
C PRO G 4970 -35.92 6.06 12.29
N HIS G 4971 -36.99 6.81 12.01
CA HIS G 4971 -37.52 7.82 12.92
C HIS G 4971 -36.45 8.84 13.28
N GLY G 4972 -35.50 9.06 12.37
CA GLY G 4972 -34.35 9.87 12.69
C GLY G 4972 -34.71 11.31 13.00
N PHE G 4973 -35.56 11.91 12.16
CA PHE G 4973 -35.94 13.29 12.40
C PHE G 4973 -36.73 13.43 13.69
N GLU G 4974 -37.66 12.50 13.94
CA GLU G 4974 -38.43 12.58 15.17
C GLU G 4974 -37.53 12.52 16.39
N THR G 4975 -36.62 11.54 16.42
CA THR G 4975 -35.74 11.43 17.58
C THR G 4975 -34.80 12.62 17.67
N HIS G 4976 -34.32 13.16 16.54
CA HIS G 4976 -33.44 14.31 16.57
C HIS G 4976 -34.13 15.52 17.18
N THR G 4977 -35.36 15.81 16.75
CA THR G 4977 -36.06 16.96 17.25
C THR G 4977 -36.68 16.74 18.63
N LEU G 4978 -36.78 15.50 19.08
CA LEU G 4978 -37.33 15.25 20.42
C LEU G 4978 -36.23 15.19 21.47
N GLU G 4979 -35.05 14.71 21.11
CA GLU G 4979 -33.98 14.50 22.07
C GLU G 4979 -32.72 15.30 21.77
N GLU G 4980 -32.26 15.27 20.52
CA GLU G 4980 -30.93 15.81 20.22
C GLU G 4980 -30.94 17.34 20.18
N HIS G 4981 -31.95 17.95 19.56
CA HIS G 4981 -31.95 19.39 19.28
C HIS G 4981 -33.30 19.99 19.70
N ASN G 4982 -33.74 19.68 20.91
CA ASN G 4982 -35.02 20.16 21.39
C ASN G 4982 -34.89 21.58 21.92
N LEU G 4983 -35.65 22.50 21.33
CA LEU G 4983 -35.58 23.89 21.80
C LEU G 4983 -36.05 24.01 23.24
N ALA G 4984 -36.96 23.15 23.67
CA ALA G 4984 -37.33 23.12 25.08
C ALA G 4984 -36.11 22.82 25.93
N ASN G 4985 -35.30 21.86 25.51
CA ASN G 4985 -34.06 21.58 26.22
C ASN G 4985 -33.10 22.74 26.17
N TYR G 4986 -33.02 23.46 25.04
CA TYR G 4986 -32.12 24.60 24.97
C TYR G 4986 -32.54 25.70 25.93
N MET G 4987 -33.84 25.88 26.14
CA MET G 4987 -34.27 26.88 27.12
C MET G 4987 -34.08 26.39 28.55
N PHE G 4988 -34.34 25.10 28.78
CA PHE G 4988 -34.09 24.55 30.11
C PHE G 4988 -32.62 24.67 30.47
N PHE G 4989 -31.74 24.64 29.47
CA PHE G 4989 -30.30 24.83 29.78
C PHE G 4989 -30.09 26.22 30.38
N LEU G 4990 -30.58 27.25 29.72
CA LEU G 4990 -30.36 28.63 30.21
C LEU G 4990 -30.89 28.72 31.64
N MET G 4991 -32.11 28.23 31.88
CA MET G 4991 -32.69 28.27 33.25
C MET G 4991 -31.75 27.54 34.21
N TYR G 4992 -31.23 26.37 33.81
CA TYR G 4992 -30.35 25.60 34.67
C TYR G 4992 -29.04 26.33 34.92
N LEU G 4993 -28.50 26.96 33.88
CA LEU G 4993 -27.22 27.69 34.01
C LEU G 4993 -27.41 28.89 34.96
N ILE G 4994 -28.50 29.62 34.83
CA ILE G 4994 -28.77 30.81 35.69
C ILE G 4994 -28.83 30.35 37.13
N ASN G 4995 -29.60 29.29 37.41
CA ASN G 4995 -29.80 28.83 38.81
C ASN G 4995 -28.49 28.26 39.37
N LYS G 4996 -27.72 27.54 38.55
CA LYS G 4996 -26.52 26.91 39.07
C LYS G 4996 -25.50 27.96 39.51
N ASP G 4997 -24.74 27.63 40.55
CA ASP G 4997 -23.70 28.53 41.04
C ASP G 4997 -22.49 28.49 40.12
N GLU G 4998 -21.96 29.66 39.78
CA GLU G 4998 -20.91 29.74 38.77
C GLU G 4998 -19.72 28.85 39.11
N THR G 4999 -19.40 28.74 40.40
CA THR G 4999 -18.25 27.91 40.78
C THR G 4999 -18.48 26.46 40.43
N GLU G 5000 -19.74 26.02 40.36
CA GLU G 5000 -20.05 24.63 40.05
C GLU G 5000 -20.18 24.37 38.56
N HIS G 5001 -20.13 25.40 37.73
CA HIS G 5001 -20.26 25.21 36.29
C HIS G 5001 -19.16 24.29 35.78
N THR G 5002 -19.55 23.29 34.99
CA THR G 5002 -18.57 22.44 34.33
C THR G 5002 -17.88 23.23 33.23
N GLY G 5003 -16.98 22.56 32.50
CA GLY G 5003 -16.30 23.23 31.42
C GLY G 5003 -17.23 23.71 30.33
N GLN G 5004 -18.07 22.80 29.81
CA GLN G 5004 -18.98 23.17 28.74
C GLN G 5004 -20.02 24.18 29.24
N GLU G 5005 -20.52 23.98 30.46
CA GLU G 5005 -21.49 24.91 31.01
C GLU G 5005 -20.90 26.30 31.15
N SER G 5006 -19.65 26.39 31.61
CA SER G 5006 -19.01 27.69 31.74
C SER G 5006 -18.79 28.33 30.38
N TYR G 5007 -18.39 27.53 29.38
CA TYR G 5007 -18.23 28.05 28.03
C TYR G 5007 -19.53 28.66 27.53
N VAL G 5008 -20.62 27.90 27.58
CA VAL G 5008 -21.91 28.42 27.03
C VAL G 5008 -22.33 29.65 27.82
N TRP G 5009 -22.05 29.66 29.13
CA TRP G 5009 -22.45 30.80 29.99
C TRP G 5009 -21.73 32.06 29.54
N LYS G 5010 -20.43 31.98 29.33
CA LYS G 5010 -19.63 33.15 28.89
C LYS G 5010 -20.24 33.69 27.60
N MET G 5011 -20.59 32.80 26.67
CA MET G 5011 -21.13 33.24 25.36
C MET G 5011 -22.52 33.85 25.56
N TYR G 5012 -23.33 33.33 26.48
CA TYR G 5012 -24.66 33.94 26.76
C TYR G 5012 -24.45 35.35 27.28
N GLN G 5013 -23.52 35.54 28.21
CA GLN G 5013 -23.28 36.87 28.81
C GLN G 5013 -22.68 37.81 27.76
N GLU G 5014 -21.83 37.30 26.86
CA GLU G 5014 -21.19 38.14 25.82
C GLU G 5014 -22.09 38.22 24.58
N ARG G 5015 -23.26 37.58 24.63
CA ARG G 5015 -24.21 37.64 23.52
C ARG G 5015 -23.58 37.15 22.21
N CYS G 5016 -22.85 36.05 22.30
CA CYS G 5016 -22.35 35.34 21.13
C CYS G 5016 -23.09 34.02 21.00
N TRP G 5017 -23.77 33.82 19.87
CA TRP G 5017 -24.63 32.67 19.67
C TRP G 5017 -23.95 31.59 18.83
N ASP G 5018 -22.62 31.52 18.86
CA ASP G 5018 -21.91 30.53 18.09
C ASP G 5018 -22.00 29.13 18.69
N PHE G 5019 -22.36 29.01 19.97
CA PHE G 5019 -22.46 27.69 20.57
C PHE G 5019 -23.67 26.95 20.03
N PHE G 5020 -24.67 27.66 19.55
CA PHE G 5020 -25.80 27.01 18.91
C PHE G 5020 -25.32 26.28 17.66
N PRO G 5021 -25.58 24.99 17.52
CA PRO G 5021 -25.18 24.30 16.30
C PRO G 5021 -25.92 24.86 15.10
N ALA G 5022 -25.22 24.93 13.97
CA ALA G 5022 -25.80 25.45 12.74
C ALA G 5022 -25.21 24.69 11.57
N GLY G 5023 -26.07 23.95 10.86
CA GLY G 5023 -25.58 23.12 9.78
C GLY G 5023 -24.74 21.95 10.22
N ASP G 5024 -24.79 21.58 11.50
CA ASP G 5024 -23.98 20.50 12.02
C ASP G 5024 -24.73 19.82 13.16
N CYS G 5025 -24.32 18.60 13.48
CA CYS G 5025 -24.95 17.84 14.55
C CYS G 5025 -23.99 16.75 14.99
N PHE G 5026 -24.33 16.10 16.10
CA PHE G 5026 -23.53 14.98 16.57
C PHE G 5026 -23.46 13.87 15.53
N ARG G 5027 -24.60 13.55 14.93
CA ARG G 5027 -24.64 12.47 13.94
C ARG G 5027 -23.77 12.80 12.74
N LYS G 5028 -23.87 14.02 12.23
CA LYS G 5028 -23.05 14.41 11.09
C LYS G 5028 -21.58 14.42 11.46
N GLN G 5029 -21.26 14.88 12.68
CA GLN G 5029 -19.87 14.90 13.12
C GLN G 5029 -19.28 13.50 13.14
N TYR G 5030 -19.97 12.56 13.79
CA TYR G 5030 -19.45 11.22 14.01
C TYR G 5030 -20.17 10.20 13.14
N GLU G 5031 -20.48 10.60 11.90
CA GLU G 5031 -21.24 9.73 11.00
C GLU G 5031 -20.58 8.37 10.86
N ASP G 5032 -19.29 8.34 10.52
CA ASP G 5032 -18.62 7.07 10.32
C ASP G 5032 -18.50 6.29 11.62
N GLN G 5033 -18.00 6.93 12.68
CA GLN G 5033 -17.82 6.22 13.94
C GLN G 5033 -19.15 5.72 14.48
N LEU G 5034 -20.19 6.55 14.45
CA LEU G 5034 -21.49 6.10 14.91
C LEU G 5034 -22.00 4.94 14.07
N SER G 5035 -21.82 5.02 12.75
CA SER G 5035 -22.23 3.95 11.85
C SER G 5035 -21.15 2.89 11.77
N GLU H 11 1.07 -3.72 26.84
CA GLU H 11 1.08 -3.62 28.30
C GLU H 11 1.66 -4.89 28.92
N VAL H 12 2.60 -4.72 29.85
CA VAL H 12 3.21 -5.86 30.51
C VAL H 12 2.18 -6.54 31.39
N GLN H 13 2.07 -7.86 31.25
CA GLN H 13 0.98 -8.59 31.89
C GLN H 13 1.10 -8.53 33.41
N PHE H 14 -0.06 -8.59 34.06
CA PHE H 14 -0.17 -8.61 35.51
C PHE H 14 -0.63 -10.00 35.94
N LEU H 15 0.00 -10.55 36.98
CA LEU H 15 -0.52 -11.79 37.55
C LEU H 15 -1.95 -11.57 38.02
N ARG H 16 -2.80 -12.55 37.75
CA ARG H 16 -4.20 -12.46 38.15
C ARG H 16 -4.66 -13.80 38.69
N THR H 17 -5.68 -13.77 39.54
CA THR H 17 -6.17 -14.98 40.17
C THR H 17 -6.60 -15.99 39.13
N ASP H 18 -6.32 -17.26 39.42
CA ASP H 18 -6.58 -18.41 38.57
C ASP H 18 -5.51 -18.56 37.49
N ASP H 19 -4.45 -17.76 37.53
CA ASP H 19 -3.33 -17.90 36.61
C ASP H 19 -2.31 -18.84 37.21
N GLU H 20 -2.08 -19.97 36.55
CA GLU H 20 -1.07 -20.90 37.05
C GLU H 20 0.28 -20.20 37.15
N VAL H 21 0.99 -20.45 38.23
CA VAL H 21 2.29 -19.84 38.48
C VAL H 21 3.24 -20.91 39.00
N VAL H 22 4.53 -20.62 38.88
CA VAL H 22 5.59 -21.42 39.49
C VAL H 22 6.46 -20.48 40.29
N LEU H 23 6.71 -20.82 41.55
CA LEU H 23 7.63 -20.06 42.38
C LEU H 23 9.05 -20.50 42.03
N GLN H 24 9.93 -19.53 41.78
CA GLN H 24 11.29 -19.79 41.36
C GLN H 24 12.23 -19.01 42.25
N CYS H 25 13.28 -19.66 42.72
CA CYS H 25 14.34 -19.04 43.49
C CYS H 25 15.67 -19.23 42.79
N SER H 26 16.62 -18.38 43.12
CA SER H 26 17.93 -18.39 42.48
C SER H 26 19.02 -18.60 43.53
N ALA H 27 19.96 -19.49 43.22
CA ALA H 27 21.14 -19.69 44.04
C ALA H 27 22.36 -19.53 43.16
N THR H 28 23.53 -19.44 43.78
CA THR H 28 24.79 -19.33 43.05
C THR H 28 25.75 -20.37 43.61
N VAL H 29 25.69 -21.59 43.05
CA VAL H 29 26.59 -22.66 43.45
C VAL H 29 27.70 -22.74 42.42
N LEU H 30 28.95 -22.81 42.89
CA LEU H 30 30.11 -22.91 42.02
C LEU H 30 30.19 -21.71 41.07
N LYS H 31 29.64 -20.58 41.50
CA LYS H 31 29.68 -19.33 40.74
C LYS H 31 28.91 -19.41 39.43
N GLU H 32 27.82 -20.18 39.41
CA GLU H 32 26.87 -20.14 38.31
C GLU H 32 25.48 -19.99 38.88
N GLN H 33 24.61 -19.27 38.18
CA GLN H 33 23.25 -19.06 38.63
C GLN H 33 22.42 -20.31 38.38
N LEU H 34 21.82 -20.84 39.46
CA LEU H 34 20.97 -22.01 39.40
C LEU H 34 19.55 -21.60 39.76
N LYS H 35 18.60 -21.94 38.88
CA LYS H 35 17.19 -21.63 39.10
C LYS H 35 16.49 -22.88 39.60
N LEU H 36 15.73 -22.74 40.69
CA LEU H 36 15.06 -23.84 41.34
C LEU H 36 13.58 -23.51 41.44
N CYS H 37 12.72 -24.41 40.95
CA CYS H 37 11.29 -24.22 41.08
C CYS H 37 10.77 -24.97 42.30
N LEU H 38 9.88 -24.33 43.04
CA LEU H 38 9.22 -25.00 44.15
C LEU H 38 8.42 -26.18 43.62
N ALA H 39 8.39 -27.26 44.40
CA ALA H 39 7.65 -28.44 43.97
C ALA H 39 7.27 -29.25 45.20
N ALA H 40 6.29 -30.15 45.01
CA ALA H 40 5.89 -31.05 46.07
C ALA H 40 5.03 -32.14 45.47
N GLU H 41 5.36 -33.40 45.77
CA GLU H 41 4.59 -34.51 45.24
C GLU H 41 3.17 -34.51 45.78
N GLY H 42 3.01 -34.20 47.06
CA GLY H 42 1.71 -34.07 47.67
C GLY H 42 1.10 -35.36 48.19
N PHE H 43 1.21 -36.45 47.43
CA PHE H 43 0.64 -37.74 47.82
C PHE H 43 1.80 -38.61 48.30
N GLY H 44 1.92 -38.73 49.62
CA GLY H 44 2.98 -39.48 50.24
C GLY H 44 4.14 -38.63 50.72
N ASN H 45 4.33 -37.44 50.14
CA ASN H 45 5.39 -36.53 50.55
C ASN H 45 4.82 -35.11 50.53
N ARG H 46 4.30 -34.67 51.68
CA ARG H 46 3.72 -33.34 51.76
C ARG H 46 4.81 -32.27 51.77
N LEU H 47 6.03 -32.62 52.18
CA LEU H 47 7.10 -31.64 52.27
C LEU H 47 7.51 -31.18 50.88
N CYS H 48 7.72 -29.88 50.75
CA CYS H 48 8.13 -29.29 49.48
C CYS H 48 9.64 -29.40 49.30
N PHE H 49 10.06 -29.48 48.05
CA PHE H 49 11.48 -29.46 47.72
C PHE H 49 11.68 -28.57 46.49
N LEU H 50 12.92 -28.55 46.00
CA LEU H 50 13.33 -27.65 44.94
C LEU H 50 13.78 -28.45 43.73
N GLU H 51 13.11 -28.25 42.60
CA GLU H 51 13.46 -28.91 41.36
C GLU H 51 14.35 -28.00 40.53
N PRO H 52 15.60 -28.35 40.26
CA PRO H 52 16.43 -27.48 39.43
C PRO H 52 15.91 -27.44 38.00
N THR H 53 16.05 -26.27 37.37
CA THR H 53 15.60 -26.09 35.99
C THR H 53 16.65 -25.44 35.10
N SER H 54 17.80 -25.03 35.64
CA SER H 54 18.81 -24.38 34.81
C SER H 54 19.29 -25.33 33.71
N ASN H 55 19.52 -26.59 34.05
CA ASN H 55 19.94 -27.59 33.07
C ASN H 55 18.73 -28.19 32.34
N ALA H 56 17.87 -27.32 31.80
CA ALA H 56 16.67 -27.80 31.14
C ALA H 56 17.00 -28.53 29.85
N GLN H 57 17.84 -27.93 29.00
CA GLN H 57 18.12 -28.52 27.70
C GLN H 57 18.79 -29.89 27.84
N ASN H 58 19.71 -30.05 28.79
CA ASN H 58 20.33 -31.34 28.99
C ASN H 58 19.37 -32.32 29.65
N VAL H 59 18.66 -31.88 30.67
CA VAL H 59 17.77 -32.74 31.45
C VAL H 59 16.47 -31.99 31.67
N PRO H 60 15.35 -32.43 31.10
CA PRO H 60 14.09 -31.71 31.29
C PRO H 60 13.68 -31.72 32.75
N PRO H 61 13.11 -30.62 33.24
CA PRO H 61 12.60 -30.62 34.61
C PRO H 61 11.22 -31.26 34.68
N ASP H 62 10.84 -31.65 35.89
CA ASP H 62 9.53 -32.25 36.15
C ASP H 62 8.58 -31.16 36.60
N LEU H 63 7.86 -30.56 35.66
CA LEU H 63 6.99 -29.41 35.95
C LEU H 63 5.58 -29.81 36.34
N ALA H 64 5.23 -31.09 36.27
CA ALA H 64 3.87 -31.49 36.63
C ALA H 64 3.55 -31.12 38.07
N ILE H 65 4.52 -31.29 38.97
CA ILE H 65 4.27 -31.04 40.38
C ILE H 65 4.52 -29.58 40.75
N CYS H 66 5.37 -28.88 39.98
CA CYS H 66 5.73 -27.52 40.33
C CYS H 66 4.59 -26.53 40.12
N CYS H 67 3.68 -26.83 39.19
CA CYS H 67 2.63 -25.87 38.83
C CYS H 67 1.72 -25.59 40.02
N PHE H 68 1.46 -24.30 40.25
CA PHE H 68 0.56 -23.85 41.31
C PHE H 68 -0.47 -22.91 40.71
N ILE H 69 -1.65 -22.86 41.34
CA ILE H 69 -2.76 -22.03 40.88
C ILE H 69 -3.03 -20.97 41.93
N LEU H 70 -2.98 -19.70 41.53
CA LEU H 70 -3.45 -18.63 42.40
C LEU H 70 -4.96 -18.65 42.46
N GLU H 71 -5.52 -19.09 43.58
CA GLU H 71 -6.97 -19.32 43.64
C GLU H 71 -7.72 -18.13 44.21
N GLN H 72 -7.12 -17.41 45.17
CA GLN H 72 -7.79 -16.29 45.77
C GLN H 72 -6.78 -15.33 46.39
N SER H 73 -6.93 -14.05 46.07
CA SER H 73 -6.14 -12.98 46.67
C SER H 73 -7.08 -12.10 47.47
N LEU H 74 -6.73 -11.83 48.72
CA LEU H 74 -7.57 -11.06 49.62
C LEU H 74 -6.73 -10.03 50.36
N SER H 75 -7.38 -8.95 50.77
CA SER H 75 -6.74 -7.99 51.66
C SER H 75 -6.58 -8.62 53.05
N VAL H 76 -5.66 -8.08 53.84
CA VAL H 76 -5.38 -8.68 55.14
C VAL H 76 -6.61 -8.62 56.03
N ARG H 77 -7.29 -7.47 56.05
CA ARG H 77 -8.49 -7.36 56.88
C ARG H 77 -9.61 -8.25 56.38
N ALA H 78 -9.73 -8.37 55.05
CA ALA H 78 -10.71 -9.30 54.50
C ALA H 78 -10.40 -10.72 54.93
N LEU H 79 -9.11 -11.08 54.97
CA LEU H 79 -8.72 -12.38 55.50
C LEU H 79 -9.10 -12.51 56.96
N GLN H 80 -8.89 -11.46 57.75
CA GLN H 80 -9.27 -11.51 59.15
C GLN H 80 -10.76 -11.79 59.32
N GLU H 81 -11.61 -11.14 58.52
CA GLU H 81 -13.04 -11.41 58.58
C GLU H 81 -13.39 -12.81 58.10
N MET H 82 -12.83 -13.24 56.96
CA MET H 82 -13.20 -14.54 56.40
C MET H 82 -12.77 -15.67 57.33
N LEU H 83 -11.56 -15.59 57.88
CA LEU H 83 -11.11 -16.60 58.83
C LEU H 83 -11.99 -16.61 60.07
N ALA H 84 -12.37 -15.44 60.58
CA ALA H 84 -13.25 -15.39 61.73
C ALA H 84 -14.59 -16.05 61.44
N ASN H 85 -15.12 -15.82 60.25
CA ASN H 85 -16.37 -16.47 59.84
C ASN H 85 -16.27 -17.99 59.98
N HIS H 99 -11.94 -13.65 39.25
CA HIS H 99 -10.77 -13.14 38.57
C HIS H 99 -10.45 -11.73 39.04
N ARG H 100 -9.36 -11.59 39.80
CA ARG H 100 -8.96 -10.32 40.39
C ARG H 100 -7.45 -10.20 40.34
N THR H 101 -6.97 -9.07 39.84
CA THR H 101 -5.54 -8.80 39.89
C THR H 101 -5.09 -8.69 41.34
N LEU H 102 -3.94 -9.29 41.65
CA LEU H 102 -3.41 -9.30 43.01
C LEU H 102 -2.32 -8.24 43.09
N LEU H 103 -2.37 -7.44 44.14
CA LEU H 103 -1.47 -6.32 44.34
C LEU H 103 -0.71 -6.47 45.65
N TYR H 104 0.45 -5.83 45.71
CA TYR H 104 1.37 -6.03 46.82
C TYR H 104 0.67 -5.76 48.15
N GLY H 105 0.91 -6.65 49.12
CA GLY H 105 0.33 -6.55 50.45
C GLY H 105 -0.88 -7.44 50.64
N HIS H 106 -1.49 -7.90 49.55
CA HIS H 106 -2.62 -8.82 49.66
C HIS H 106 -2.13 -10.25 49.80
N ALA H 107 -2.75 -10.99 50.71
CA ALA H 107 -2.42 -12.40 50.86
C ALA H 107 -2.99 -13.20 49.70
N ILE H 108 -2.37 -14.34 49.42
CA ILE H 108 -2.76 -15.19 48.29
C ILE H 108 -2.94 -16.62 48.79
N LEU H 109 -3.74 -17.39 48.05
CA LEU H 109 -3.93 -18.80 48.32
C LEU H 109 -3.41 -19.60 47.12
N LEU H 110 -2.27 -20.25 47.29
CA LEU H 110 -1.69 -21.08 46.24
C LEU H 110 -2.17 -22.51 46.41
N ARG H 111 -2.84 -23.03 45.38
CA ARG H 111 -3.38 -24.38 45.40
C ARG H 111 -2.57 -25.23 44.42
N HIS H 112 -2.04 -26.34 44.90
CA HIS H 112 -1.17 -27.16 44.07
C HIS H 112 -1.98 -27.77 42.93
N ALA H 113 -1.48 -27.59 41.71
CA ALA H 113 -2.22 -27.98 40.51
C ALA H 113 -2.52 -29.47 40.47
N HIS H 114 -1.53 -30.32 40.76
CA HIS H 114 -1.73 -31.76 40.68
C HIS H 114 -2.44 -32.32 41.91
N SER H 115 -1.82 -32.20 43.08
CA SER H 115 -2.35 -32.86 44.26
C SER H 115 -3.69 -32.26 44.70
N ARG H 116 -4.00 -31.06 44.22
CA ARG H 116 -5.20 -30.33 44.58
C ARG H 116 -5.16 -29.86 46.04
N MET H 117 -4.00 -29.86 46.67
CA MET H 117 -3.85 -29.34 48.02
C MET H 117 -3.31 -27.91 47.98
N TYR H 118 -3.21 -27.29 49.15
CA TYR H 118 -2.82 -25.90 49.28
C TYR H 118 -1.46 -25.81 49.96
N LEU H 119 -0.59 -24.96 49.44
CA LEU H 119 0.70 -24.75 50.06
C LEU H 119 0.53 -24.05 51.40
N SER H 120 1.11 -24.63 52.45
CA SER H 120 0.98 -24.11 53.80
C SER H 120 2.31 -24.22 54.52
N CYS H 121 2.39 -23.55 55.67
CA CYS H 121 3.56 -23.59 56.52
C CYS H 121 3.27 -24.53 57.68
N LEU H 122 3.86 -25.73 57.62
CA LEU H 122 3.57 -26.75 58.62
C LEU H 122 4.19 -26.37 59.96
N THR H 123 3.63 -26.95 61.03
CA THR H 123 4.20 -26.78 62.36
C THR H 123 5.43 -27.65 62.56
N THR H 124 5.48 -28.83 61.95
CA THR H 124 6.61 -29.72 62.12
C THR H 124 7.86 -29.12 61.51
N SER H 125 8.99 -29.31 62.18
CA SER H 125 10.29 -28.87 61.69
C SER H 125 11.17 -30.08 61.43
N ARG H 126 11.90 -30.03 60.31
CA ARG H 126 12.80 -31.12 59.92
C ARG H 126 14.25 -30.65 59.82
N SER H 127 14.47 -29.34 59.74
CA SER H 127 15.82 -28.80 59.61
C SER H 127 16.63 -29.06 60.87
N MET H 128 17.88 -29.48 60.68
CA MET H 128 18.81 -29.67 61.79
C MET H 128 19.69 -28.45 62.04
N THR H 129 19.63 -27.44 61.18
CA THR H 129 20.45 -26.25 61.37
C THR H 129 19.68 -25.14 62.06
N ASP H 130 18.46 -24.85 61.60
CA ASP H 130 17.64 -23.78 62.14
C ASP H 130 16.61 -24.37 63.09
N LYS H 131 16.54 -23.80 64.30
CA LYS H 131 15.57 -24.26 65.29
C LYS H 131 14.25 -23.49 65.16
N LEU H 132 14.33 -22.22 64.78
CA LEU H 132 13.13 -21.41 64.63
C LEU H 132 12.41 -21.66 63.32
N ALA H 133 13.06 -22.30 62.35
CA ALA H 133 12.46 -22.50 61.04
C ALA H 133 11.42 -23.61 61.09
N PHE H 134 10.35 -23.42 60.32
CA PHE H 134 9.30 -24.43 60.14
C PHE H 134 9.35 -24.94 58.71
N ASP H 135 9.24 -26.25 58.56
CA ASP H 135 9.25 -26.85 57.23
C ASP H 135 7.96 -26.50 56.50
N VAL H 136 8.06 -26.37 55.18
CA VAL H 136 6.96 -25.95 54.33
C VAL H 136 6.48 -27.16 53.54
N GLY H 137 5.16 -27.30 53.44
CA GLY H 137 4.59 -28.43 52.73
C GLY H 137 3.14 -28.18 52.41
N LEU H 138 2.55 -29.14 51.70
CA LEU H 138 1.17 -29.00 51.26
C LEU H 138 0.20 -29.36 52.38
N GLN H 139 -1.04 -28.89 52.26
CA GLN H 139 -2.06 -29.07 53.26
C GLN H 139 -3.40 -29.34 52.59
N GLU H 140 -4.17 -30.27 53.18
CA GLU H 140 -5.41 -30.71 52.54
C GLU H 140 -6.46 -29.61 52.52
N ASP H 141 -6.66 -28.93 53.65
CA ASP H 141 -7.78 -28.02 53.83
C ASP H 141 -7.39 -26.58 53.54
N ALA H 142 -8.35 -25.83 53.01
CA ALA H 142 -8.14 -24.41 52.76
C ALA H 142 -8.21 -23.60 54.05
N THR H 143 -9.03 -24.03 55.01
CA THR H 143 -9.22 -23.27 56.23
C THR H 143 -7.93 -23.21 57.04
N GLY H 144 -7.70 -22.07 57.68
CA GLY H 144 -6.54 -21.91 58.56
C GLY H 144 -5.65 -20.79 58.08
N GLU H 145 -5.05 -20.08 59.03
CA GLU H 145 -4.09 -19.05 58.68
C GLU H 145 -2.86 -19.61 58.00
N ALA H 146 -2.58 -20.91 58.18
CA ALA H 146 -1.38 -21.50 57.61
C ALA H 146 -1.39 -21.42 56.08
N CYS H 147 -2.54 -21.69 55.47
CA CYS H 147 -2.59 -21.77 54.02
C CYS H 147 -2.26 -20.43 53.37
N TRP H 148 -2.74 -19.34 53.94
CA TRP H 148 -2.65 -18.04 53.28
C TRP H 148 -1.25 -17.45 53.44
N TRP H 149 -0.74 -16.85 52.36
CA TRP H 149 0.58 -16.25 52.34
C TRP H 149 0.46 -14.79 51.95
N THR H 150 1.15 -13.91 52.68
CA THR H 150 1.26 -12.51 52.30
C THR H 150 2.49 -12.33 51.42
N MET H 151 2.42 -11.35 50.53
CA MET H 151 3.46 -11.09 49.55
C MET H 151 3.89 -9.64 49.63
N HIS H 152 5.20 -9.40 49.66
CA HIS H 152 5.71 -8.05 49.85
C HIS H 152 6.78 -7.74 48.82
N PRO H 153 6.93 -6.47 48.45
CA PRO H 153 7.89 -6.12 47.39
C PRO H 153 9.32 -6.37 47.83
N ALA H 154 10.11 -6.94 46.93
CA ALA H 154 11.53 -7.13 47.20
C ALA H 154 12.25 -5.78 47.24
N SER H 155 12.00 -4.93 46.25
CA SER H 155 12.63 -3.62 46.15
C SER H 155 11.60 -2.53 46.34
N LYS H 156 12.05 -1.39 46.88
CA LYS H 156 11.17 -0.25 47.07
C LYS H 156 10.73 0.37 45.75
N GLN H 157 11.29 -0.07 44.62
CA GLN H 157 10.85 0.42 43.33
C GLN H 157 9.34 0.32 43.20
N ARG H 158 8.78 -0.83 43.59
CA ARG H 158 7.34 -1.03 43.62
C ARG H 158 6.90 -1.10 45.08
N SER H 159 5.98 -0.22 45.46
CA SER H 159 5.57 -0.08 46.85
C SER H 159 4.33 -0.92 47.13
N GLU H 160 3.87 -0.84 48.38
CA GLU H 160 2.66 -1.55 48.77
C GLU H 160 1.46 -0.99 48.01
N GLY H 161 0.55 -1.88 47.64
CA GLY H 161 -0.66 -1.48 46.94
C GLY H 161 -0.52 -1.35 45.44
N GLU H 162 0.61 -1.75 44.87
CA GLU H 162 0.80 -1.75 43.43
C GLU H 162 0.46 -3.12 42.86
N LYS H 163 -0.09 -3.12 41.64
CA LYS H 163 -0.30 -4.37 40.95
C LYS H 163 1.03 -5.06 40.72
N VAL H 164 1.06 -6.38 40.90
CA VAL H 164 2.31 -7.14 40.85
C VAL H 164 2.63 -7.41 39.39
N ARG H 165 3.82 -6.98 38.95
CA ARG H 165 4.24 -7.21 37.58
C ARG H 165 4.90 -8.56 37.44
N VAL H 166 4.69 -9.19 36.28
CA VAL H 166 5.33 -10.47 36.02
C VAL H 166 6.84 -10.32 36.09
N GLY H 167 7.48 -11.26 36.77
CA GLY H 167 8.92 -11.26 36.92
C GLY H 167 9.45 -10.49 38.10
N ASP H 168 8.58 -9.80 38.84
CA ASP H 168 9.01 -9.07 40.02
C ASP H 168 9.57 -10.02 41.07
N ASP H 169 10.56 -9.56 41.80
CA ASP H 169 11.04 -10.27 42.98
C ASP H 169 10.15 -9.91 44.16
N LEU H 170 9.67 -10.92 44.87
CA LEU H 170 8.74 -10.73 45.98
C LEU H 170 9.16 -11.64 47.12
N ILE H 171 8.85 -11.23 48.35
CA ILE H 171 9.14 -12.03 49.53
C ILE H 171 7.82 -12.44 50.16
N LEU H 172 7.69 -13.72 50.48
CA LEU H 172 6.44 -14.29 50.98
C LEU H 172 6.57 -14.56 52.47
N VAL H 173 5.59 -14.07 53.23
CA VAL H 173 5.53 -14.28 54.68
C VAL H 173 4.22 -14.96 55.00
N SER H 174 4.29 -16.13 55.63
CA SER H 174 3.09 -16.82 56.05
C SER H 174 2.45 -16.09 57.22
N VAL H 175 1.13 -15.97 57.19
CA VAL H 175 0.42 -15.26 58.26
C VAL H 175 0.59 -15.98 59.58
N SER H 176 0.45 -17.31 59.58
CA SER H 176 0.43 -18.06 60.82
C SER H 176 1.73 -17.89 61.59
N SER H 177 2.86 -17.94 60.91
CA SER H 177 4.16 -17.95 61.56
C SER H 177 4.92 -16.64 61.45
N GLU H 178 4.52 -15.74 60.54
CA GLU H 178 5.25 -14.51 60.30
C GLU H 178 6.70 -14.80 59.97
N ARG H 179 6.90 -15.85 59.16
CA ARG H 179 8.22 -16.28 58.73
C ARG H 179 8.29 -16.22 57.22
N TYR H 180 9.44 -15.81 56.69
CA TYR H 180 9.60 -15.72 55.25
C TYR H 180 9.81 -17.11 54.66
N LEU H 181 9.45 -17.25 53.39
CA LEU H 181 9.78 -18.47 52.65
C LEU H 181 11.26 -18.41 52.24
N HIS H 182 12.06 -19.30 52.80
CA HIS H 182 13.51 -19.15 52.76
C HIS H 182 14.15 -20.35 52.09
N LEU H 183 15.03 -20.09 51.13
CA LEU H 183 15.93 -21.11 50.62
C LEU H 183 17.05 -21.35 51.62
N SER H 184 17.25 -22.60 52.01
CA SER H 184 18.21 -22.96 53.05
C SER H 184 19.40 -23.66 52.39
N THR H 185 20.53 -22.95 52.33
CA THR H 185 21.80 -23.53 51.92
C THR H 185 22.63 -24.03 53.10
N ALA H 186 22.07 -23.99 54.32
CA ALA H 186 22.85 -24.34 55.50
C ALA H 186 23.52 -25.69 55.32
N SER H 187 22.78 -26.69 54.88
CA SER H 187 23.34 -28.00 54.56
C SER H 187 23.95 -27.96 53.16
N GLY H 188 24.70 -29.01 52.82
CA GLY H 188 25.25 -29.11 51.48
C GLY H 188 24.18 -29.11 50.42
N GLU H 189 23.05 -29.75 50.71
CA GLU H 189 21.93 -29.84 49.77
C GLU H 189 20.96 -28.69 50.04
N LEU H 190 20.34 -28.19 48.99
CA LEU H 190 19.42 -27.06 49.11
C LEU H 190 18.02 -27.54 49.45
N GLN H 191 17.39 -26.87 50.43
CA GLN H 191 16.02 -27.15 50.80
C GLN H 191 15.29 -25.82 51.01
N VAL H 192 13.97 -25.89 50.93
CA VAL H 192 13.10 -24.74 51.14
C VAL H 192 12.38 -24.93 52.45
N ASP H 193 12.32 -23.87 53.26
CA ASP H 193 11.60 -23.90 54.52
C ASP H 193 11.34 -22.46 54.98
N ALA H 194 10.35 -22.31 55.85
CA ALA H 194 10.02 -21.02 56.41
C ALA H 194 11.07 -20.62 57.43
N SER H 195 11.52 -19.37 57.36
CA SER H 195 12.57 -18.89 58.23
C SER H 195 12.41 -17.39 58.43
N PHE H 196 13.18 -16.86 59.39
CA PHE H 196 13.13 -15.43 59.66
C PHE H 196 14.00 -14.65 58.68
N MET H 197 14.97 -15.32 58.07
CA MET H 197 15.71 -14.72 56.98
C MET H 197 14.86 -14.74 55.71
N GLN H 198 15.35 -14.10 54.66
CA GLN H 198 14.57 -13.90 53.44
C GLN H 198 15.24 -14.56 52.26
N THR H 199 14.43 -14.97 51.29
CA THR H 199 14.90 -15.40 49.98
C THR H 199 13.97 -14.80 48.92
N LEU H 200 14.56 -14.11 47.96
CA LEU H 200 13.76 -13.48 46.91
C LEU H 200 13.17 -14.54 45.98
N TRP H 201 11.87 -14.44 45.73
CA TRP H 201 11.16 -15.38 44.87
C TRP H 201 10.68 -14.67 43.61
N ASN H 202 10.33 -15.46 42.61
CA ASN H 202 9.74 -14.96 41.37
C ASN H 202 8.56 -15.85 41.00
N MET H 203 7.42 -15.24 40.75
CA MET H 203 6.23 -15.99 40.35
C MET H 203 6.15 -15.97 38.83
N ASN H 204 6.73 -16.99 38.19
CA ASN H 204 6.68 -17.05 36.73
C ASN H 204 5.33 -17.59 36.31
N PRO H 205 4.60 -16.91 35.41
CA PRO H 205 3.28 -17.38 35.02
C PRO H 205 3.37 -18.59 34.10
N ILE H 206 2.52 -19.59 34.34
CA ILE H 206 2.50 -20.77 33.48
C ILE H 206 1.42 -20.61 32.41
N CYS H 207 0.23 -20.17 32.82
CA CYS H 207 -0.83 -19.85 31.88
C CYS H 207 -1.82 -18.93 32.57
N SER H 208 -2.62 -18.23 31.76
CA SER H 208 -3.58 -17.27 32.30
C SER H 208 -5.00 -17.77 32.12
N GLY H 209 -5.37 -18.11 30.89
CA GLY H 209 -6.69 -18.63 30.61
C GLY H 209 -6.72 -19.28 29.25
N CYS H 210 -7.23 -20.51 29.18
CA CYS H 210 -7.18 -21.30 27.95
C CYS H 210 -8.45 -21.08 27.15
N GLU H 211 -8.28 -20.77 25.86
CA GLU H 211 -9.43 -20.75 24.96
C GLU H 211 -9.99 -22.17 24.83
N GLU H 212 -11.31 -22.26 24.75
CA GLU H 212 -11.97 -23.55 24.81
C GLU H 212 -11.45 -24.47 23.71
N GLY H 213 -11.16 -25.71 24.09
CA GLY H 213 -10.78 -26.72 23.11
C GLY H 213 -9.57 -26.37 22.28
N PHE H 214 -8.57 -25.75 22.90
CA PHE H 214 -7.33 -25.40 22.22
C PHE H 214 -6.16 -25.97 23.02
N VAL H 215 -5.28 -26.69 22.33
CA VAL H 215 -4.21 -27.41 23.00
C VAL H 215 -3.17 -26.43 23.51
N THR H 216 -2.67 -26.68 24.72
CA THR H 216 -1.65 -25.85 25.32
C THR H 216 -0.58 -26.73 25.95
N GLY H 217 0.62 -26.20 26.05
CA GLY H 217 1.70 -26.93 26.69
C GLY H 217 1.35 -27.27 28.13
N GLY H 218 1.77 -28.45 28.57
CA GLY H 218 1.49 -28.90 29.90
C GLY H 218 0.20 -29.67 30.05
N HIS H 219 -0.64 -29.70 29.02
CA HIS H 219 -1.84 -30.53 29.06
C HIS H 219 -1.47 -31.99 28.95
N VAL H 220 -2.36 -32.85 29.44
CA VAL H 220 -2.24 -34.29 29.30
C VAL H 220 -3.27 -34.74 28.29
N LEU H 221 -2.82 -35.47 27.26
CA LEU H 221 -3.68 -35.84 26.16
C LEU H 221 -3.23 -37.16 25.58
N ARG H 222 -4.05 -37.68 24.66
CA ARG H 222 -3.74 -38.90 23.93
C ARG H 222 -3.68 -38.60 22.44
N LEU H 223 -2.74 -39.26 21.76
CA LEU H 223 -2.52 -39.05 20.33
C LEU H 223 -3.18 -40.20 19.57
N PHE H 224 -4.28 -39.90 18.89
CA PHE H 224 -5.04 -40.90 18.14
C PHE H 224 -4.59 -40.87 16.69
N HIS H 225 -4.47 -42.06 16.09
CA HIS H 225 -4.06 -42.15 14.69
C HIS H 225 -5.19 -41.70 13.79
N GLY H 226 -5.21 -40.43 13.43
CA GLY H 226 -6.30 -39.91 12.63
C GLY H 226 -7.62 -40.22 13.30
N HIS H 227 -8.54 -40.80 12.54
CA HIS H 227 -9.78 -41.33 13.08
C HIS H 227 -9.80 -42.85 13.08
N MET H 228 -8.63 -43.48 12.95
CA MET H 228 -8.52 -44.93 13.03
C MET H 228 -8.83 -45.46 14.43
N ASP H 229 -8.92 -44.60 15.43
CA ASP H 229 -9.09 -45.03 16.82
C ASP H 229 -7.95 -45.95 17.25
N GLU H 230 -6.74 -45.63 16.83
CA GLU H 230 -5.53 -46.29 17.30
C GLU H 230 -4.66 -45.24 17.96
N CYS H 231 -4.44 -45.39 19.27
CA CYS H 231 -3.68 -44.42 20.04
C CYS H 231 -2.23 -44.87 20.16
N LEU H 232 -1.36 -43.89 20.41
CA LEU H 232 0.06 -44.14 20.60
C LEU H 232 0.33 -44.50 22.05
N THR H 233 1.00 -45.64 22.27
CA THR H 233 1.20 -46.12 23.62
C THR H 233 2.45 -46.99 23.68
N ILE H 234 3.02 -47.10 24.88
CA ILE H 234 4.12 -48.01 25.13
C ILE H 234 3.55 -49.41 25.37
N SER H 235 4.43 -50.40 25.40
CA SER H 235 4.00 -51.76 25.65
C SER H 235 3.43 -51.88 27.07
N PRO H 236 2.61 -52.90 27.31
CA PRO H 236 1.98 -53.04 28.63
C PRO H 236 3.03 -53.16 29.73
N SER H 237 2.56 -53.13 30.97
CA SER H 237 3.44 -53.49 32.07
C SER H 237 3.74 -54.97 32.01
N ASP H 238 4.93 -55.34 32.52
CA ASP H 238 5.45 -56.69 32.50
C ASP H 238 5.92 -57.05 31.09
N SER H 239 5.91 -56.10 30.17
CA SER H 239 6.36 -56.37 28.81
C SER H 239 7.85 -56.69 28.80
N ASP H 240 8.23 -57.62 27.93
CA ASP H 240 9.63 -58.03 27.84
C ASP H 240 10.51 -56.95 27.22
N ASP H 241 9.96 -56.11 26.35
CA ASP H 241 10.74 -55.05 25.72
C ASP H 241 11.04 -53.89 26.67
N GLN H 242 10.75 -54.04 27.96
CA GLN H 242 11.05 -53.06 29.00
C GLN H 242 10.27 -51.77 28.84
N ARG H 243 9.19 -51.76 28.06
CA ARG H 243 8.36 -50.58 27.85
C ARG H 243 9.11 -49.45 27.20
N ARG H 244 10.19 -49.73 26.47
CA ARG H 244 10.99 -48.72 25.81
C ARG H 244 10.57 -48.49 24.37
N LEU H 245 9.57 -49.21 23.87
CA LEU H 245 9.12 -49.09 22.49
C LEU H 245 7.74 -48.45 22.44
N VAL H 246 7.38 -47.97 21.25
CA VAL H 246 6.14 -47.24 21.04
C VAL H 246 5.36 -47.90 19.90
N TYR H 247 4.08 -48.14 20.13
CA TYR H 247 3.22 -48.77 19.15
C TYR H 247 1.91 -48.00 19.03
N TYR H 248 1.15 -48.33 17.99
CA TYR H 248 -0.22 -47.91 17.81
C TYR H 248 -1.08 -49.10 18.18
N GLU H 249 -2.03 -48.89 19.10
CA GLU H 249 -2.96 -49.92 19.52
C GLU H 249 -4.37 -49.35 19.59
N GLY H 250 -5.37 -50.20 19.36
CA GLY H 250 -6.74 -49.73 19.29
C GLY H 250 -7.73 -50.50 20.13
N GLY H 251 -7.32 -50.95 21.31
CA GLY H 251 -8.20 -51.67 22.20
C GLY H 251 -8.75 -50.76 23.28
N PRO H 252 -8.83 -51.26 24.52
CA PRO H 252 -9.15 -50.38 25.65
C PRO H 252 -7.98 -49.50 26.08
N VAL H 253 -6.84 -49.59 25.38
CA VAL H 253 -5.73 -48.70 25.66
C VAL H 253 -6.13 -47.24 25.46
N CYS H 254 -7.19 -47.00 24.69
CA CYS H 254 -7.71 -45.63 24.57
C CYS H 254 -8.12 -45.10 25.93
N THR H 255 -8.68 -45.95 26.78
CA THR H 255 -9.10 -45.56 28.12
C THR H 255 -8.03 -45.80 29.18
N HIS H 256 -7.09 -46.70 28.92
CA HIS H 256 -6.06 -46.99 29.93
C HIS H 256 -5.08 -45.83 30.05
N ALA H 257 -4.40 -45.78 31.19
CA ALA H 257 -3.48 -44.69 31.49
C ALA H 257 -2.12 -44.87 30.83
N ARG H 258 -1.80 -46.08 30.36
CA ARG H 258 -0.53 -46.32 29.70
C ARG H 258 -0.33 -45.45 28.47
N SER H 259 -1.41 -44.94 27.88
CA SER H 259 -1.34 -44.18 26.64
C SER H 259 -1.43 -42.68 26.84
N LEU H 260 -1.30 -42.20 28.08
CA LEU H 260 -1.43 -40.78 28.38
C LEU H 260 -0.08 -40.10 28.21
N TRP H 261 -0.03 -39.08 27.36
CA TRP H 261 1.18 -38.31 27.10
C TRP H 261 0.95 -36.86 27.51
N ARG H 262 2.01 -36.19 27.93
CA ARG H 262 1.96 -34.80 28.34
C ARG H 262 2.96 -34.01 27.52
N LEU H 263 2.56 -32.81 27.09
CA LEU H 263 3.41 -32.00 26.24
C LEU H 263 4.20 -31.00 27.07
N GLU H 264 5.49 -30.86 26.77
CA GLU H 264 6.38 -29.97 27.51
C GLU H 264 7.12 -29.07 26.53
N PRO H 265 6.74 -27.80 26.42
CA PRO H 265 7.53 -26.88 25.58
C PRO H 265 8.91 -26.67 26.17
N LEU H 266 9.87 -26.41 25.27
CA LEU H 266 11.25 -26.24 25.69
C LEU H 266 11.42 -25.07 26.65
N ARG H 267 10.48 -24.14 26.63
CA ARG H 267 10.55 -22.95 27.46
C ARG H 267 9.79 -23.19 28.77
N ILE H 268 10.40 -22.82 29.89
CA ILE H 268 9.77 -23.04 31.19
C ILE H 268 8.67 -22.00 31.41
N SER H 269 9.01 -20.72 31.31
CA SER H 269 8.02 -19.67 31.51
C SER H 269 7.01 -19.68 30.37
N TRP H 270 5.75 -19.43 30.73
CA TRP H 270 4.65 -19.42 29.76
C TRP H 270 4.55 -20.75 29.03
N SER H 271 4.94 -21.82 29.72
CA SER H 271 4.85 -23.15 29.14
C SER H 271 3.40 -23.60 28.96
N GLY H 272 2.45 -22.90 29.54
CA GLY H 272 1.05 -23.24 29.38
C GLY H 272 0.39 -22.48 28.24
N SER H 273 1.18 -21.81 27.43
CA SER H 273 0.63 -21.05 26.32
C SER H 273 0.05 -21.99 25.28
N HIS H 274 -0.76 -21.43 24.39
CA HIS H 274 -1.33 -22.21 23.30
C HIS H 274 -0.21 -22.77 22.43
N LEU H 275 -0.37 -24.01 22.00
CA LEU H 275 0.63 -24.64 21.15
C LEU H 275 0.64 -23.98 19.79
N ARG H 276 1.77 -24.03 19.12
CA ARG H 276 2.00 -23.33 17.87
C ARG H 276 2.73 -24.23 16.89
N TRP H 277 2.26 -24.25 15.65
CA TRP H 277 2.93 -25.06 14.64
C TRP H 277 4.39 -24.66 14.53
N GLY H 278 5.27 -25.66 14.50
CA GLY H 278 6.70 -25.44 14.44
C GLY H 278 7.35 -25.26 15.79
N GLN H 279 6.55 -25.16 16.85
CA GLN H 279 7.11 -25.02 18.18
C GLN H 279 7.80 -26.32 18.60
N PRO H 280 9.05 -26.28 19.05
CA PRO H 280 9.69 -27.50 19.55
C PRO H 280 9.16 -27.84 20.94
N LEU H 281 8.95 -29.13 21.18
CA LEU H 281 8.46 -29.61 22.45
C LEU H 281 8.85 -31.07 22.62
N ARG H 282 8.81 -31.54 23.88
CA ARG H 282 9.11 -32.93 24.20
C ARG H 282 7.87 -33.57 24.79
N ILE H 283 7.70 -34.87 24.52
CA ILE H 283 6.48 -35.58 24.90
C ILE H 283 6.83 -36.56 26.01
N ARG H 284 6.25 -36.36 27.19
CA ARG H 284 6.59 -37.13 28.38
C ARG H 284 5.48 -38.13 28.68
N HIS H 285 5.84 -39.39 28.87
CA HIS H 285 4.87 -40.40 29.26
C HIS H 285 4.64 -40.31 30.76
N VAL H 286 3.41 -39.97 31.16
CA VAL H 286 3.15 -39.63 32.56
C VAL H 286 3.43 -40.81 33.48
N THR H 287 2.89 -41.98 33.16
CA THR H 287 3.00 -43.10 34.08
C THR H 287 4.44 -43.60 34.16
N THR H 288 5.06 -43.81 33.00
CA THR H 288 6.46 -44.26 33.00
C THR H 288 7.40 -43.14 33.39
N GLY H 289 7.08 -41.90 33.00
CA GLY H 289 7.96 -40.79 33.27
C GLY H 289 9.11 -40.66 32.30
N ARG H 290 9.07 -41.33 31.16
CA ARG H 290 10.13 -41.30 30.18
C ARG H 290 9.73 -40.41 29.01
N TYR H 291 10.71 -39.74 28.42
CA TYR H 291 10.44 -38.83 27.32
C TYR H 291 10.65 -39.53 25.98
N LEU H 292 9.75 -39.28 25.05
CA LEU H 292 9.88 -39.81 23.70
C LEU H 292 11.08 -39.16 23.02
N GLY H 293 11.92 -39.98 22.42
CA GLY H 293 13.14 -39.47 21.82
C GLY H 293 13.66 -40.39 20.74
N LEU H 294 14.66 -39.89 20.03
CA LEU H 294 15.28 -40.62 18.93
C LEU H 294 16.65 -41.10 19.37
N THR H 295 16.91 -42.40 19.18
CA THR H 295 18.21 -42.99 19.48
C THR H 295 18.76 -43.62 18.23
N GLU H 296 20.04 -43.38 17.95
CA GLU H 296 20.65 -43.89 16.72
C GLU H 296 20.59 -45.42 16.67
N ASP H 297 20.91 -46.08 17.78
CA ASP H 297 20.99 -47.53 17.77
C ASP H 297 19.64 -48.18 17.46
N GLN H 298 18.57 -47.68 18.08
CA GLN H 298 17.27 -48.33 17.99
C GLN H 298 16.16 -47.36 17.62
N GLY H 299 16.48 -46.28 16.91
CA GLY H 299 15.44 -45.41 16.39
C GLY H 299 14.59 -44.80 17.50
N LEU H 300 13.27 -44.82 17.28
CA LEU H 300 12.34 -44.17 18.19
C LEU H 300 12.11 -45.05 19.42
N VAL H 301 12.34 -44.49 20.60
CA VAL H 301 12.11 -45.18 21.86
C VAL H 301 11.90 -44.13 22.94
N VAL H 302 11.03 -44.44 23.90
CA VAL H 302 10.93 -43.60 25.10
C VAL H 302 12.18 -43.81 25.95
N VAL H 303 12.80 -42.72 26.36
CA VAL H 303 14.08 -42.77 27.06
C VAL H 303 13.94 -42.07 28.41
N ASP H 304 14.87 -42.38 29.30
CA ASP H 304 14.82 -41.81 30.64
C ASP H 304 15.11 -40.32 30.61
N ALA H 305 14.67 -39.63 31.66
CA ALA H 305 14.85 -38.18 31.72
C ALA H 305 16.32 -37.80 31.70
N SER H 306 17.16 -38.55 32.40
CA SER H 306 18.57 -38.18 32.51
C SER H 306 19.24 -38.13 31.14
N LYS H 307 18.93 -39.09 30.27
CA LYS H 307 19.56 -39.18 28.95
C LYS H 307 18.79 -38.43 27.88
N ALA H 308 17.71 -37.73 28.24
CA ALA H 308 16.85 -37.07 27.25
C ALA H 308 17.30 -35.63 27.09
N HIS H 309 18.22 -35.39 26.17
CA HIS H 309 18.62 -34.02 25.84
C HIS H 309 17.72 -33.48 24.74
N THR H 310 17.83 -32.17 24.52
CA THR H 310 16.89 -31.50 23.62
C THR H 310 16.96 -32.07 22.21
N LYS H 311 18.17 -32.28 21.70
CA LYS H 311 18.29 -32.78 20.33
C LYS H 311 17.59 -34.12 20.17
N ALA H 312 17.71 -34.99 21.18
CA ALA H 312 17.12 -36.32 21.08
C ALA H 312 15.61 -36.27 21.28
N THR H 313 15.12 -35.40 22.15
CA THR H 313 13.73 -35.43 22.58
C THR H 313 12.96 -34.17 22.17
N SER H 314 13.36 -33.54 21.06
CA SER H 314 12.65 -32.39 20.51
C SER H 314 11.78 -32.86 19.34
N PHE H 315 10.49 -32.52 19.39
CA PHE H 315 9.57 -32.78 18.30
C PHE H 315 8.76 -31.52 18.05
N CYS H 316 8.04 -31.50 16.93
CA CYS H 316 7.15 -30.39 16.61
C CYS H 316 5.94 -30.89 15.84
N PHE H 317 4.85 -30.14 15.95
CA PHE H 317 3.61 -30.42 15.26
C PHE H 317 3.55 -29.56 14.00
N ARG H 318 3.38 -30.22 12.85
CA ARG H 318 3.34 -29.55 11.56
C ARG H 318 2.01 -29.83 10.89
N ILE H 319 1.44 -28.80 10.25
CA ILE H 319 0.16 -28.98 9.56
C ILE H 319 0.35 -29.84 8.32
N SER H 320 1.43 -29.64 7.59
CA SER H 320 1.70 -30.37 6.35
C SER H 320 3.17 -30.77 6.31
N LYS H 321 3.47 -31.73 5.44
CA LYS H 321 4.84 -32.23 5.33
C LYS H 321 5.75 -31.32 4.53
N GLU H 322 5.22 -30.29 3.89
CA GLU H 322 6.06 -29.35 3.17
C GLU H 322 7.03 -28.68 4.14
N LYS H 323 8.24 -28.42 3.67
CA LYS H 323 9.29 -27.82 4.50
C LYS H 323 9.08 -26.32 4.54
N LEU H 324 8.12 -25.89 5.35
CA LEU H 324 7.89 -24.49 5.65
C LEU H 324 8.66 -24.02 6.88
N ASP H 325 9.39 -24.93 7.52
CA ASP H 325 10.16 -24.62 8.72
C ASP H 325 11.53 -24.04 8.39
N VAL H 326 11.72 -23.53 7.17
CA VAL H 326 12.97 -22.88 6.80
C VAL H 326 13.12 -21.58 7.57
N ALA H 327 12.03 -21.13 8.20
CA ALA H 327 12.06 -19.93 9.01
C ALA H 327 11.44 -20.24 10.38
N PRO H 328 12.13 -19.92 11.47
CA PRO H 328 11.53 -20.16 12.79
C PRO H 328 10.45 -19.15 13.13
N LYS H 329 9.91 -19.22 14.35
CA LYS H 329 8.87 -18.31 14.78
C LYS H 329 9.30 -17.62 16.07
N ARG H 330 9.02 -16.33 16.16
CA ARG H 330 9.37 -15.57 17.35
C ARG H 330 8.56 -16.04 18.55
N ASP H 331 9.24 -16.23 19.68
CA ASP H 331 8.56 -16.69 20.89
C ASP H 331 7.91 -15.52 21.59
N VAL H 332 6.60 -15.64 21.84
CA VAL H 332 5.80 -14.55 22.39
C VAL H 332 5.47 -14.88 23.84
N GLU H 333 5.57 -13.88 24.71
CA GLU H 333 5.26 -14.03 26.12
C GLU H 333 3.76 -13.77 26.32
N GLY H 334 3.01 -14.83 26.55
CA GLY H 334 1.56 -14.76 26.65
C GLY H 334 0.93 -15.99 26.05
N MET H 335 -0.37 -16.16 26.31
CA MET H 335 -1.06 -17.36 25.85
C MET H 335 -0.95 -17.52 24.34
N GLY H 336 -0.83 -16.42 23.62
CA GLY H 336 -0.53 -16.45 22.21
C GLY H 336 -1.72 -16.78 21.33
N PRO H 337 -1.47 -17.04 20.06
CA PRO H 337 -2.56 -17.29 19.12
C PRO H 337 -3.06 -18.72 19.23
N PRO H 338 -4.34 -18.93 19.49
CA PRO H 338 -4.87 -20.31 19.49
C PRO H 338 -4.83 -20.90 18.10
N GLU H 339 -4.04 -21.95 17.93
CA GLU H 339 -3.86 -22.56 16.61
C GLU H 339 -4.35 -24.00 16.59
N ILE H 340 -3.85 -24.82 17.51
CA ILE H 340 -4.19 -26.24 17.52
C ILE H 340 -5.38 -26.46 18.44
N LYS H 341 -6.38 -27.17 17.94
CA LYS H 341 -7.61 -27.42 18.67
C LYS H 341 -7.89 -28.93 18.73
N TYR H 342 -8.41 -29.38 19.86
CA TYR H 342 -8.63 -30.80 20.06
C TYR H 342 -9.67 -31.35 19.09
N GLY H 343 -9.51 -32.62 18.74
CA GLY H 343 -10.50 -33.33 17.98
C GLY H 343 -10.47 -33.06 16.48
N GLU H 344 -10.57 -31.80 16.08
CA GLU H 344 -10.70 -31.46 14.67
C GLU H 344 -9.36 -31.21 14.01
N SER H 345 -8.45 -30.54 14.71
CA SER H 345 -7.13 -30.29 14.14
C SER H 345 -6.41 -31.60 13.88
N LEU H 346 -5.66 -31.64 12.79
CA LEU H 346 -4.80 -32.78 12.45
C LEU H 346 -3.37 -32.28 12.30
N CYS H 347 -2.42 -33.08 12.78
CA CYS H 347 -1.03 -32.67 12.80
C CYS H 347 -0.12 -33.87 12.55
N PHE H 348 1.11 -33.57 12.16
CA PHE H 348 2.16 -34.56 11.98
C PHE H 348 3.31 -34.24 12.93
N VAL H 349 3.88 -35.28 13.53
CA VAL H 349 4.96 -35.12 14.49
C VAL H 349 6.28 -35.29 13.76
N GLN H 350 7.16 -34.28 13.86
CA GLN H 350 8.45 -34.33 13.20
C GLN H 350 9.55 -34.10 14.22
N HIS H 351 10.57 -34.95 14.18
CA HIS H 351 11.75 -34.77 15.02
C HIS H 351 12.66 -33.71 14.40
N VAL H 352 12.76 -32.56 15.06
CA VAL H 352 13.32 -31.38 14.42
C VAL H 352 14.73 -31.66 13.89
N ALA H 353 15.58 -32.24 14.75
CA ALA H 353 16.98 -32.41 14.36
C ALA H 353 17.12 -33.29 13.13
N SER H 354 16.50 -34.47 13.16
CA SER H 354 16.55 -35.36 12.01
C SER H 354 15.61 -34.91 10.90
N GLY H 355 14.47 -34.32 11.27
CA GLY H 355 13.46 -33.98 10.30
C GLY H 355 12.55 -35.13 9.91
N LEU H 356 12.78 -36.32 10.45
CA LEU H 356 11.96 -37.47 10.11
C LEU H 356 10.54 -37.28 10.61
N TRP H 357 9.61 -38.05 10.03
CA TRP H 357 8.20 -37.96 10.35
C TRP H 357 7.77 -39.21 11.10
N LEU H 358 7.08 -39.01 12.23
CA LEU H 358 6.53 -40.13 12.98
C LEU H 358 5.51 -40.85 12.13
N THR H 359 5.61 -42.19 12.08
CA THR H 359 4.72 -42.97 11.25
C THR H 359 4.75 -44.41 11.71
N TYR H 360 3.66 -45.13 11.44
CA TYR H 360 3.61 -46.55 11.75
C TYR H 360 4.55 -47.32 10.82
N ALA H 361 5.32 -48.23 11.40
CA ALA H 361 6.19 -49.07 10.61
C ALA H 361 5.37 -50.00 9.74
N ALA H 362 5.97 -50.45 8.63
CA ALA H 362 5.27 -51.33 7.72
C ALA H 362 4.82 -52.59 8.49
N PRO H 363 3.65 -53.12 8.20
CA PRO H 363 3.16 -54.27 8.99
C PRO H 363 4.22 -55.36 9.11
N ASP H 364 4.64 -55.60 10.35
CA ASP H 364 5.68 -56.56 10.61
C ASP H 364 5.19 -57.98 10.34
N PRO H 365 6.06 -58.88 9.88
CA PRO H 365 5.63 -60.26 9.64
C PRO H 365 5.18 -60.93 10.92
N LYS H 366 4.20 -61.82 10.79
CA LYS H 366 3.62 -62.62 11.87
C LYS H 366 2.77 -61.78 12.83
N ALA H 367 2.64 -60.48 12.61
CA ALA H 367 1.69 -59.70 13.40
C ALA H 367 0.27 -60.20 13.17
N LEU H 368 -0.08 -60.46 11.91
CA LEU H 368 -1.38 -61.05 11.61
C LEU H 368 -1.51 -62.43 12.25
N ARG H 369 -0.42 -63.20 12.26
CA ARG H 369 -0.45 -64.51 12.91
C ARG H 369 -0.77 -64.37 14.39
N LEU H 370 -0.14 -63.39 15.05
CA LEU H 370 -0.44 -63.14 16.45
C LEU H 370 -1.89 -62.71 16.63
N GLY H 371 -2.40 -61.89 15.71
CA GLY H 371 -3.69 -61.27 15.87
C GLY H 371 -3.66 -59.98 16.65
N VAL H 372 -2.51 -59.60 17.21
CA VAL H 372 -2.39 -58.34 17.91
C VAL H 372 -2.37 -57.20 16.90
N LEU H 373 -3.13 -56.14 17.18
CA LEU H 373 -3.23 -54.99 16.30
C LEU H 373 -2.08 -54.02 16.51
N LYS H 374 -1.15 -54.34 17.42
CA LYS H 374 -0.02 -53.46 17.67
C LYS H 374 0.75 -53.19 16.39
N LYS H 375 1.05 -51.92 16.12
CA LYS H 375 1.93 -51.56 15.02
C LYS H 375 3.03 -50.65 15.54
N LYS H 376 4.26 -51.15 15.54
CA LYS H 376 5.38 -50.35 16.03
C LYS H 376 5.50 -49.06 15.23
N ALA H 377 5.81 -47.98 15.93
CA ALA H 377 5.93 -46.65 15.33
C ALA H 377 7.41 -46.31 15.22
N MET H 378 7.81 -45.87 14.02
CA MET H 378 9.19 -45.52 13.74
C MET H 378 9.22 -44.21 12.97
N LEU H 379 10.43 -43.69 12.77
CA LEU H 379 10.64 -42.41 12.10
C LEU H 379 11.12 -42.66 10.68
N HIS H 380 10.39 -42.12 9.70
CA HIS H 380 10.66 -42.34 8.28
C HIS H 380 10.68 -41.00 7.55
N GLN H 381 11.60 -40.87 6.60
CA GLN H 381 11.68 -39.65 5.82
C GLN H 381 10.41 -39.44 5.00
N GLU H 382 10.00 -40.45 4.24
CA GLU H 382 8.80 -40.32 3.42
C GLU H 382 7.55 -40.38 4.28
N GLY H 383 7.53 -41.26 5.28
CA GLY H 383 6.33 -41.40 6.07
C GLY H 383 5.20 -41.98 5.23
N HIS H 384 3.98 -41.78 5.73
CA HIS H 384 2.78 -42.22 5.03
C HIS H 384 1.77 -41.08 5.02
N MET H 385 0.91 -41.07 4.00
CA MET H 385 -0.05 -39.99 3.85
C MET H 385 -0.99 -39.92 5.05
N ASP H 386 -1.44 -41.06 5.55
CA ASP H 386 -2.39 -41.10 6.65
C ASP H 386 -1.63 -41.20 7.98
N ASP H 387 -0.68 -40.29 8.15
CA ASP H 387 0.09 -40.18 9.37
C ASP H 387 -0.46 -39.12 10.32
N ALA H 388 -1.58 -38.50 9.97
CA ALA H 388 -2.13 -37.44 10.80
C ALA H 388 -2.46 -37.98 12.19
N LEU H 389 -2.06 -37.22 13.21
CA LEU H 389 -2.42 -37.52 14.59
C LEU H 389 -3.38 -36.47 15.11
N SER H 390 -4.39 -36.93 15.83
CA SER H 390 -5.38 -36.06 16.45
C SER H 390 -5.15 -36.04 17.96
N LEU H 391 -5.20 -34.86 18.54
CA LEU H 391 -4.99 -34.68 19.97
C LEU H 391 -6.33 -34.77 20.67
N THR H 392 -6.44 -35.60 21.70
CA THR H 392 -7.66 -35.73 22.47
C THR H 392 -7.35 -35.53 23.95
N ARG H 393 -8.00 -34.55 24.56
CA ARG H 393 -7.74 -34.25 25.96
C ARG H 393 -8.29 -35.35 26.87
N CYS H 394 -7.60 -35.58 27.98
CA CYS H 394 -8.03 -36.52 28.99
C CYS H 394 -8.50 -35.77 30.22
N GLN H 395 -9.38 -36.42 30.98
CA GLN H 395 -10.00 -35.75 32.11
C GLN H 395 -8.99 -35.52 33.24
N GLN H 396 -9.34 -34.57 34.11
CA GLN H 396 -8.49 -34.27 35.25
C GLN H 396 -8.28 -35.49 36.13
N GLU H 397 -9.33 -36.28 36.34
CA GLU H 397 -9.19 -37.46 37.17
C GLU H 397 -8.19 -38.44 36.56
N GLU H 398 -8.25 -38.64 35.24
CA GLU H 398 -7.31 -39.56 34.61
C GLU H 398 -5.89 -39.03 34.69
N SER H 399 -5.69 -37.72 34.46
CA SER H 399 -4.34 -37.17 34.55
C SER H 399 -3.78 -37.34 35.95
N GLN H 400 -4.59 -37.01 36.96
CA GLN H 400 -4.14 -37.15 38.35
C GLN H 400 -3.84 -38.61 38.67
N ALA H 401 -4.69 -39.52 38.20
CA ALA H 401 -4.44 -40.93 38.46
C ALA H 401 -3.14 -41.38 37.82
N ALA H 402 -2.86 -40.93 36.61
CA ALA H 402 -1.62 -41.32 35.95
C ALA H 402 -0.41 -40.83 36.74
N ARG H 403 -0.43 -39.55 37.14
CA ARG H 403 0.73 -39.03 37.88
C ARG H 403 0.89 -39.73 39.23
N MET H 404 -0.23 -39.97 39.92
CA MET H 404 -0.16 -40.69 41.18
C MET H 404 0.39 -42.09 40.97
N ILE H 405 0.01 -42.75 39.87
CA ILE H 405 0.54 -44.07 39.60
C ILE H 405 2.04 -44.01 39.38
N TYR H 406 2.51 -42.99 38.65
CA TYR H 406 3.94 -42.85 38.48
C TYR H 406 4.66 -42.74 39.83
N SER H 407 4.18 -41.83 40.67
CA SER H 407 4.84 -41.61 41.97
C SER H 407 4.79 -42.88 42.81
N THR H 408 3.63 -43.53 42.89
CA THR H 408 3.48 -44.71 43.71
C THR H 408 4.35 -45.85 43.19
N ALA H 409 4.40 -46.03 41.87
CA ALA H 409 5.24 -47.07 41.32
C ALA H 409 6.70 -46.85 41.68
N GLY H 410 7.19 -45.62 41.53
CA GLY H 410 8.55 -45.32 41.94
C GLY H 410 8.79 -45.62 43.40
N LEU H 411 7.90 -45.14 44.28
CA LEU H 411 8.09 -45.32 45.71
C LEU H 411 8.08 -46.80 46.10
N TYR H 412 7.09 -47.55 45.62
CA TYR H 412 6.98 -48.95 46.02
C TYR H 412 8.07 -49.81 45.42
N ASN H 413 8.50 -49.51 44.19
CA ASN H 413 9.66 -50.22 43.67
C ASN H 413 10.90 -49.95 44.50
N GLN H 414 11.09 -48.69 44.93
CA GLN H 414 12.20 -48.40 45.83
C GLN H 414 12.09 -49.21 47.12
N PHE H 415 10.87 -49.29 47.68
CA PHE H 415 10.66 -50.06 48.90
C PHE H 415 11.00 -51.53 48.71
N ILE H 416 10.55 -52.11 47.59
CA ILE H 416 10.81 -53.52 47.33
C ILE H 416 12.30 -53.76 47.17
N LYS H 417 12.99 -52.89 46.45
CA LYS H 417 14.44 -53.04 46.33
C LYS H 417 15.11 -52.92 47.69
N GLY H 418 14.64 -52.00 48.52
CA GLY H 418 15.21 -51.89 49.86
C GLY H 418 15.08 -53.17 50.65
N LEU H 419 13.88 -53.78 50.64
CA LEU H 419 13.70 -55.03 51.36
C LEU H 419 14.60 -56.11 50.79
N ASP H 420 14.66 -56.23 49.46
CA ASP H 420 15.51 -57.25 48.86
C ASP H 420 16.97 -57.03 49.19
N SER H 421 17.35 -55.78 49.47
CA SER H 421 18.74 -55.48 49.81
C SER H 421 19.22 -56.25 51.03
N PHE H 422 18.37 -56.40 52.06
CA PHE H 422 18.73 -57.12 53.26
C PHE H 422 17.93 -58.40 53.45
N SER H 423 17.24 -58.88 52.41
CA SER H 423 16.44 -60.09 52.56
C SER H 423 17.25 -61.21 53.19
N GLY H 424 18.48 -61.42 52.71
CA GLY H 424 19.25 -62.59 53.10
C GLY H 424 20.31 -62.39 54.15
N LYS H 425 20.57 -61.16 54.59
CA LYS H 425 21.67 -60.88 55.51
C LYS H 425 21.13 -60.59 56.90
N PRO H 426 21.26 -61.49 57.87
CA PRO H 426 20.85 -61.16 59.24
C PRO H 426 21.87 -60.29 59.95
N ARG H 427 21.48 -59.05 60.29
CA ARG H 427 22.41 -58.14 60.96
C ARG H 427 22.88 -58.72 62.28
N GLY H 428 22.05 -59.51 62.94
CA GLY H 428 22.36 -59.92 64.30
C GLY H 428 22.32 -58.71 65.20
N SER H 429 23.47 -58.33 65.75
CA SER H 429 23.63 -57.08 66.47
C SER H 429 24.58 -56.19 65.69
N GLY H 430 24.09 -55.03 65.26
CA GLY H 430 24.87 -54.13 64.45
C GLY H 430 24.01 -53.35 63.47
N PRO H 431 24.62 -52.83 62.41
CA PRO H 431 23.86 -52.02 61.47
C PRO H 431 22.87 -52.87 60.68
N PRO H 432 21.79 -52.28 60.18
CA PRO H 432 20.86 -53.07 59.35
C PRO H 432 21.52 -53.69 58.13
N ALA H 433 22.57 -53.06 57.59
CA ALA H 433 23.31 -53.59 56.47
C ALA H 433 22.49 -53.56 55.19
N GLY H 434 21.64 -52.55 55.05
CA GLY H 434 20.83 -52.42 53.85
C GLY H 434 20.36 -50.99 53.67
N SER H 435 19.95 -50.67 52.45
CA SER H 435 19.46 -49.33 52.15
C SER H 435 18.28 -48.99 53.05
N ALA H 436 18.31 -47.80 53.63
CA ALA H 436 17.25 -47.38 54.54
C ALA H 436 15.91 -47.41 53.83
N LEU H 437 14.92 -48.00 54.50
CA LEU H 437 13.60 -48.12 53.89
C LEU H 437 12.87 -46.78 53.99
N PRO H 438 12.06 -46.43 52.99
CA PRO H 438 11.21 -45.23 53.08
C PRO H 438 9.93 -45.47 53.88
N ILE H 439 10.10 -45.73 55.17
CA ILE H 439 8.97 -46.18 55.99
C ILE H 439 7.88 -45.12 56.03
N GLU H 440 8.26 -43.89 56.38
CA GLU H 440 7.27 -42.83 56.52
C GLU H 440 6.58 -42.54 55.20
N GLY H 441 7.37 -42.47 54.12
CA GLY H 441 6.79 -42.22 52.82
C GLY H 441 5.81 -43.29 52.41
N VAL H 442 6.16 -44.55 52.62
CA VAL H 442 5.27 -45.65 52.26
C VAL H 442 3.99 -45.58 53.09
N ILE H 443 4.11 -45.31 54.38
CA ILE H 443 2.91 -45.25 55.22
C ILE H 443 1.99 -44.14 54.75
N LEU H 444 2.55 -42.96 54.49
CA LEU H 444 1.72 -41.85 54.05
C LEU H 444 1.10 -42.14 52.69
N SER H 445 1.87 -42.74 51.78
CA SER H 445 1.32 -43.06 50.47
C SER H 445 0.17 -44.05 50.58
N LEU H 446 0.32 -45.07 51.42
CA LEU H 446 -0.75 -46.05 51.59
C LEU H 446 -1.99 -45.39 52.17
N GLN H 447 -1.82 -44.53 53.18
CA GLN H 447 -2.98 -43.87 53.77
C GLN H 447 -3.68 -42.99 52.74
N ASP H 448 -2.91 -42.22 51.98
CA ASP H 448 -3.51 -41.35 50.98
C ASP H 448 -4.22 -42.15 49.90
N LEU H 449 -3.63 -43.28 49.49
CA LEU H 449 -4.28 -44.09 48.47
C LEU H 449 -5.56 -44.73 48.98
N ILE H 450 -5.57 -45.17 50.24
CA ILE H 450 -6.80 -45.70 50.81
C ILE H 450 -7.87 -44.63 50.84
N GLY H 451 -7.52 -43.42 51.28
CA GLY H 451 -8.48 -42.32 51.21
C GLY H 451 -8.94 -42.05 49.80
N TYR H 452 -8.03 -42.15 48.84
CA TYR H 452 -8.37 -41.94 47.43
C TYR H 452 -9.41 -42.95 46.96
N PHE H 453 -9.24 -44.22 47.34
CA PHE H 453 -10.11 -45.29 46.90
C PHE H 453 -11.30 -45.50 47.82
N GLU H 454 -11.46 -44.69 48.86
CA GLU H 454 -12.52 -44.93 49.82
C GLU H 454 -13.88 -44.97 49.09
N PRO H 455 -14.69 -46.01 49.32
CA PRO H 455 -15.95 -46.10 48.60
C PRO H 455 -16.87 -44.97 48.97
N PRO H 456 -17.77 -44.57 48.07
CA PRO H 456 -18.65 -43.45 48.37
C PRO H 456 -19.58 -43.75 49.54
N SER H 457 -19.93 -42.70 50.27
CA SER H 457 -20.79 -42.85 51.43
C SER H 457 -22.19 -43.25 50.99
N GLU H 458 -22.81 -44.16 51.75
CA GLU H 458 -24.14 -44.65 51.40
C GLU H 458 -25.18 -43.54 51.48
N GLU H 459 -25.02 -42.62 52.43
CA GLU H 459 -26.03 -41.61 52.68
C GLU H 459 -26.25 -40.70 51.46
N LEU H 460 -25.29 -40.64 50.55
CA LEU H 460 -25.39 -39.75 49.41
C LEU H 460 -26.63 -40.04 48.59
N GLN H 461 -27.06 -39.05 47.81
CA GLN H 461 -28.17 -39.25 46.90
C GLN H 461 -27.79 -40.24 45.82
N HIS H 462 -28.80 -40.82 45.18
CA HIS H 462 -28.56 -41.91 44.24
C HIS H 462 -27.71 -41.45 43.06
N GLU H 463 -28.01 -40.29 42.50
CA GLU H 463 -27.26 -39.83 41.33
C GLU H 463 -25.79 -39.60 41.66
N GLU H 464 -25.52 -38.90 42.77
CA GLU H 464 -24.14 -38.62 43.14
C GLU H 464 -23.41 -39.90 43.49
N LYS H 465 -24.08 -40.82 44.17
CA LYS H 465 -23.46 -42.10 44.50
C LYS H 465 -23.09 -42.86 43.23
N GLN H 466 -23.97 -42.85 42.23
CA GLN H 466 -23.67 -43.54 40.99
C GLN H 466 -22.47 -42.91 40.29
N THR H 467 -22.42 -41.57 40.25
CA THR H 467 -21.28 -40.92 39.60
C THR H 467 -19.99 -41.25 40.32
N LYS H 468 -20.00 -41.22 41.66
CA LYS H 468 -18.78 -41.52 42.40
C LYS H 468 -18.38 -42.98 42.23
N LEU H 469 -19.35 -43.88 42.15
CA LEU H 469 -19.02 -45.28 41.87
C LEU H 469 -18.39 -45.43 40.50
N ARG H 470 -18.91 -44.71 39.50
CA ARG H 470 -18.30 -44.74 38.18
C ARG H 470 -16.85 -44.30 38.25
N SER H 471 -16.59 -43.18 38.93
CA SER H 471 -15.23 -42.67 39.04
C SER H 471 -14.34 -43.69 39.75
N LEU H 472 -14.85 -44.29 40.83
CA LEU H 472 -14.07 -45.26 41.59
C LEU H 472 -13.71 -46.47 40.74
N ARG H 473 -14.68 -47.00 40.00
CA ARG H 473 -14.40 -48.14 39.14
C ARG H 473 -13.36 -47.78 38.09
N ASN H 474 -13.48 -46.60 37.50
CA ASN H 474 -12.50 -46.20 36.49
C ASN H 474 -11.10 -46.10 37.09
N ARG H 475 -10.99 -45.51 38.28
CA ARG H 475 -9.68 -45.37 38.90
C ARG H 475 -9.08 -46.73 39.25
N GLN H 476 -9.91 -47.63 39.79
CA GLN H 476 -9.41 -48.96 40.11
C GLN H 476 -8.95 -49.68 38.87
N SER H 477 -9.69 -49.55 37.77
CA SER H 477 -9.28 -50.18 36.53
C SER H 477 -7.96 -49.60 36.05
N LEU H 478 -7.79 -48.27 36.14
CA LEU H 478 -6.53 -47.66 35.73
C LEU H 478 -5.37 -48.23 36.53
N PHE H 479 -5.51 -48.28 37.85
CA PHE H 479 -4.41 -48.76 38.69
C PHE H 479 -4.10 -50.21 38.39
N GLN H 480 -5.13 -51.05 38.29
CA GLN H 480 -4.87 -52.46 38.02
C GLN H 480 -4.21 -52.65 36.67
N GLU H 481 -4.69 -51.93 35.65
CA GLU H 481 -4.11 -52.05 34.32
C GLU H 481 -2.64 -51.67 34.33
N GLU H 482 -2.29 -50.59 35.02
CA GLU H 482 -0.88 -50.21 35.07
C GLU H 482 -0.09 -51.13 35.99
N GLY H 483 -0.80 -51.95 36.78
CA GLY H 483 -0.16 -53.02 37.53
C GLY H 483 0.14 -52.71 38.98
N MET H 484 -0.33 -51.60 39.54
CA MET H 484 -0.07 -51.33 40.95
C MET H 484 -0.58 -52.46 41.83
N LEU H 485 -1.60 -53.19 41.38
CA LEU H 485 -2.11 -54.30 42.19
C LEU H 485 -1.05 -55.38 42.34
N SER H 486 -0.41 -55.78 41.24
CA SER H 486 0.67 -56.75 41.33
C SER H 486 1.84 -56.21 42.13
N LEU H 487 2.09 -54.91 42.05
CA LEU H 487 3.14 -54.31 42.86
C LEU H 487 2.84 -54.43 44.35
N VAL H 488 1.59 -54.17 44.73
CA VAL H 488 1.19 -54.34 46.12
C VAL H 488 1.33 -55.79 46.54
N LEU H 489 0.95 -56.73 45.68
CA LEU H 489 1.12 -58.14 46.03
C LEU H 489 2.58 -58.48 46.24
N ASN H 490 3.47 -57.96 45.39
CA ASN H 490 4.88 -58.23 45.57
C ASN H 490 5.40 -57.65 46.89
N CYS H 491 4.98 -56.43 47.22
CA CYS H 491 5.39 -55.84 48.49
C CYS H 491 4.88 -56.67 49.66
N ILE H 492 3.63 -57.15 49.57
CA ILE H 492 3.08 -58.00 50.61
C ILE H 492 3.89 -59.27 50.75
N ASP H 493 4.29 -59.88 49.63
CA ASP H 493 5.11 -61.10 49.71
C ASP H 493 6.43 -60.82 50.41
N ARG H 494 7.11 -59.74 50.02
CA ARG H 494 8.39 -59.43 50.66
C ARG H 494 8.22 -59.22 52.15
N LEU H 495 7.19 -58.49 52.56
CA LEU H 495 7.00 -58.23 53.98
C LEU H 495 6.51 -59.46 54.72
N ASN H 496 5.80 -60.36 54.05
CA ASN H 496 5.24 -61.53 54.69
C ASN H 496 6.24 -62.68 54.79
N VAL H 497 7.34 -62.61 54.07
CA VAL H 497 8.39 -63.61 54.25
C VAL H 497 8.77 -63.70 55.73
N TYR H 498 8.91 -62.55 56.39
CA TYR H 498 9.19 -62.53 57.82
C TYR H 498 7.91 -62.83 58.60
N THR H 499 8.06 -63.52 59.73
CA THR H 499 6.89 -64.02 60.46
C THR H 499 6.29 -62.95 61.35
N THR H 500 7.09 -62.35 62.22
CA THR H 500 6.60 -61.39 63.19
C THR H 500 7.52 -60.17 63.23
N ALA H 501 7.14 -59.20 64.05
CA ALA H 501 7.90 -57.94 64.10
C ALA H 501 9.34 -58.18 64.54
N ALA H 502 9.55 -59.04 65.53
CA ALA H 502 10.91 -59.34 65.97
C ALA H 502 11.69 -60.04 64.87
N HIS H 503 11.04 -60.97 64.16
CA HIS H 503 11.71 -61.62 63.05
C HIS H 503 12.14 -60.61 62.00
N PHE H 504 11.28 -59.63 61.71
CA PHE H 504 11.66 -58.56 60.80
C PHE H 504 12.83 -57.77 61.36
N ALA H 505 12.79 -57.44 62.64
CA ALA H 505 13.85 -56.64 63.26
C ALA H 505 15.20 -57.33 63.12
N GLU H 506 15.24 -58.65 63.24
CA GLU H 506 16.51 -59.35 63.15
C GLU H 506 17.20 -59.07 61.82
N PHE H 507 16.43 -58.69 60.79
CA PHE H 507 17.00 -58.46 59.47
C PHE H 507 17.07 -56.98 59.09
N ALA H 508 16.12 -56.17 59.55
CA ALA H 508 15.96 -54.80 59.08
C ALA H 508 16.28 -53.75 60.12
N GLY H 509 16.02 -54.00 61.39
CA GLY H 509 16.29 -53.02 62.43
C GLY H 509 15.07 -52.73 63.28
N GLU H 510 15.30 -52.22 64.49
CA GLU H 510 14.19 -51.98 65.41
C GLU H 510 13.25 -50.89 64.89
N GLU H 511 13.81 -49.83 64.31
CA GLU H 511 12.97 -48.73 63.86
C GLU H 511 12.02 -49.17 62.75
N ALA H 512 12.51 -50.01 61.82
CA ALA H 512 11.64 -50.53 60.78
C ALA H 512 10.69 -51.58 61.33
N ALA H 513 11.14 -52.37 62.31
CA ALA H 513 10.27 -53.34 62.93
C ALA H 513 9.07 -52.67 63.56
N GLU H 514 9.27 -51.50 64.18
CA GLU H 514 8.15 -50.80 64.81
C GLU H 514 7.01 -50.60 63.82
N SER H 515 7.32 -50.27 62.58
CA SER H 515 6.30 -49.99 61.57
C SER H 515 5.97 -51.19 60.69
N TRP H 516 6.64 -52.32 60.90
CA TRP H 516 6.32 -53.51 60.11
C TRP H 516 4.83 -53.84 60.14
N LYS H 517 4.26 -53.95 61.35
CA LYS H 517 2.87 -54.37 61.46
C LYS H 517 1.94 -53.35 60.81
N GLU H 518 2.19 -52.07 61.04
CA GLU H 518 1.33 -51.04 60.47
C GLU H 518 1.39 -51.07 58.95
N ILE H 519 2.58 -51.27 58.40
CA ILE H 519 2.71 -51.33 56.95
C ILE H 519 1.95 -52.53 56.40
N VAL H 520 2.05 -53.67 57.07
CA VAL H 520 1.34 -54.85 56.59
C VAL H 520 -0.17 -54.61 56.59
N ASN H 521 -0.69 -54.06 57.70
CA ASN H 521 -2.11 -53.81 57.77
C ASN H 521 -2.55 -52.83 56.70
N LEU H 522 -1.77 -51.76 56.48
CA LEU H 522 -2.14 -50.78 55.46
C LEU H 522 -2.11 -51.40 54.07
N LEU H 523 -1.13 -52.26 53.81
CA LEU H 523 -1.07 -52.92 52.51
C LEU H 523 -2.31 -53.76 52.27
N TYR H 524 -2.72 -54.53 53.28
CA TYR H 524 -3.93 -55.34 53.12
C TYR H 524 -5.16 -54.46 52.91
N GLU H 525 -5.26 -53.37 53.66
CA GLU H 525 -6.40 -52.48 53.47
C GLU H 525 -6.41 -51.87 52.08
N LEU H 526 -5.24 -51.47 51.58
CA LEU H 526 -5.16 -50.92 50.23
C LEU H 526 -5.57 -51.95 49.20
N LEU H 527 -5.12 -53.19 49.37
CA LEU H 527 -5.52 -54.24 48.43
C LEU H 527 -7.04 -54.41 48.44
N ALA H 528 -7.64 -54.42 49.62
CA ALA H 528 -9.09 -54.53 49.71
C ALA H 528 -9.77 -53.37 49.01
N SER H 529 -9.28 -52.15 49.22
CA SER H 529 -9.88 -51.00 48.56
C SER H 529 -9.75 -51.09 47.05
N LEU H 530 -8.59 -51.55 46.57
CA LEU H 530 -8.38 -51.67 45.12
C LEU H 530 -9.35 -52.66 44.51
N ILE H 531 -9.56 -53.81 45.16
CA ILE H 531 -10.35 -54.87 44.54
C ILE H 531 -11.84 -54.79 44.87
N ARG H 532 -12.24 -54.00 45.85
CA ARG H 532 -13.64 -54.00 46.26
C ARG H 532 -14.54 -53.55 45.12
N GLY H 533 -15.54 -54.38 44.79
CA GLY H 533 -16.55 -54.05 43.82
C GLY H 533 -16.16 -54.34 42.38
N ASN H 534 -14.87 -54.28 42.05
CA ASN H 534 -14.42 -54.44 40.67
C ASN H 534 -14.27 -55.92 40.36
N ARG H 535 -15.20 -56.45 39.55
CA ARG H 535 -15.16 -57.87 39.21
C ARG H 535 -13.89 -58.20 38.43
N THR H 536 -13.47 -57.32 37.52
CA THR H 536 -12.27 -57.59 36.75
C THR H 536 -11.06 -57.72 37.64
N ASN H 537 -10.93 -56.83 38.63
CA ASN H 537 -9.82 -56.95 39.57
C ASN H 537 -9.95 -58.21 40.41
N CYS H 538 -11.15 -58.51 40.88
CA CYS H 538 -11.32 -59.67 41.76
C CYS H 538 -10.95 -60.96 41.05
N ALA H 539 -11.37 -61.10 39.79
CA ALA H 539 -11.13 -62.33 39.05
C ALA H 539 -9.65 -62.66 38.98
N LEU H 540 -8.80 -61.64 39.08
CA LEU H 540 -7.36 -61.87 39.01
C LEU H 540 -6.89 -62.84 40.06
N PHE H 541 -7.56 -62.89 41.21
CA PHE H 541 -7.11 -63.78 42.28
C PHE H 541 -7.37 -65.24 41.93
N SER H 542 -8.31 -65.49 41.03
CA SER H 542 -8.68 -66.87 40.69
C SER H 542 -7.46 -67.75 40.49
N THR H 543 -6.42 -67.22 39.85
CA THR H 543 -5.23 -68.03 39.59
C THR H 543 -4.42 -68.27 40.86
N ASN H 544 -4.22 -67.23 41.66
CA ASN H 544 -3.37 -67.31 42.85
C ASN H 544 -4.18 -67.36 44.15
N LEU H 545 -5.33 -68.03 44.14
CA LEU H 545 -6.16 -68.07 45.33
C LEU H 545 -5.41 -68.69 46.51
N ASP H 546 -4.62 -69.72 46.26
CA ASP H 546 -3.92 -70.39 47.36
C ASP H 546 -3.09 -69.41 48.17
N TRP H 547 -2.59 -68.36 47.52
CA TRP H 547 -1.79 -67.36 48.21
C TRP H 547 -2.58 -66.70 49.34
N LEU H 548 -3.76 -66.18 49.02
CA LEU H 548 -4.57 -65.50 50.02
C LEU H 548 -5.04 -66.44 51.11
N VAL H 549 -5.55 -67.62 50.72
CA VAL H 549 -6.10 -68.54 51.72
C VAL H 549 -5.00 -69.04 52.64
N SER H 550 -3.81 -69.26 52.10
CA SER H 550 -2.68 -69.61 52.96
C SER H 550 -2.37 -68.48 53.93
N LYS H 551 -2.36 -67.23 53.45
CA LYS H 551 -2.09 -66.12 54.34
C LYS H 551 -3.19 -65.88 55.37
N LEU H 552 -4.38 -66.45 55.17
CA LEU H 552 -5.47 -66.20 56.11
C LEU H 552 -5.06 -66.44 57.56
N ASP H 553 -4.33 -67.52 57.82
CA ASP H 553 -4.07 -67.90 59.22
C ASP H 553 -3.13 -66.94 59.93
N ARG H 554 -2.42 -66.09 59.20
CA ARG H 554 -1.50 -65.16 59.85
C ARG H 554 -2.29 -64.15 60.68
N LEU H 555 -1.77 -63.83 61.87
CA LEU H 555 -2.52 -63.08 62.87
C LEU H 555 -2.00 -61.66 63.06
N GLU H 556 -1.14 -61.18 62.18
CA GLU H 556 -0.73 -59.77 62.26
C GLU H 556 -1.73 -58.85 61.59
N ALA H 557 -2.38 -59.32 60.53
CA ALA H 557 -3.39 -58.56 59.82
C ALA H 557 -4.55 -59.48 59.45
N SER H 558 -5.00 -60.30 60.40
CA SER H 558 -6.02 -61.30 60.10
C SER H 558 -7.31 -60.64 59.62
N SER H 559 -7.75 -59.57 60.27
CA SER H 559 -8.98 -58.91 59.86
C SER H 559 -8.85 -58.37 58.43
N GLY H 560 -7.72 -57.75 58.12
CA GLY H 560 -7.54 -57.24 56.77
C GLY H 560 -7.55 -58.35 55.73
N ILE H 561 -6.89 -59.46 56.03
CA ILE H 561 -6.86 -60.56 55.08
C ILE H 561 -8.26 -61.11 54.88
N LEU H 562 -9.02 -61.25 55.96
CA LEU H 562 -10.39 -61.73 55.84
C LEU H 562 -11.22 -60.78 55.00
N GLU H 563 -11.01 -59.46 55.17
CA GLU H 563 -11.75 -58.49 54.37
C GLU H 563 -11.41 -58.65 52.90
N VAL H 564 -10.14 -58.82 52.57
CA VAL H 564 -9.74 -59.02 51.18
C VAL H 564 -10.43 -60.25 50.60
N LEU H 565 -10.41 -61.35 51.35
CA LEU H 565 -11.03 -62.58 50.86
C LEU H 565 -12.53 -62.38 50.69
N TYR H 566 -13.16 -61.68 51.62
CA TYR H 566 -14.59 -61.44 51.52
C TYR H 566 -14.94 -60.68 50.26
N CYS H 567 -14.20 -59.60 49.98
CA CYS H 567 -14.47 -58.84 48.77
C CYS H 567 -14.30 -59.71 47.53
N VAL H 568 -13.19 -60.45 47.47
CA VAL H 568 -12.95 -61.30 46.32
C VAL H 568 -14.10 -62.28 46.13
N LEU H 569 -14.52 -62.93 47.21
CA LEU H 569 -15.52 -63.99 47.09
C LEU H 569 -16.87 -63.43 46.70
N ILE H 570 -17.29 -62.32 47.29
CA ILE H 570 -18.59 -61.76 46.94
C ILE H 570 -18.60 -61.29 45.50
N GLU H 571 -17.46 -60.78 45.01
CA GLU H 571 -17.49 -60.17 43.68
C GLU H 571 -17.32 -61.20 42.57
N SER H 572 -16.35 -62.11 42.70
CA SER H 572 -15.98 -62.98 41.59
C SER H 572 -16.58 -64.36 41.75
N PRO H 573 -17.43 -64.84 40.84
CA PRO H 573 -17.85 -66.25 40.89
C PRO H 573 -16.81 -67.23 40.37
N GLU H 574 -15.83 -66.77 39.59
CA GLU H 574 -14.77 -67.67 39.14
C GLU H 574 -13.98 -68.21 40.32
N VAL H 575 -13.68 -67.33 41.29
CA VAL H 575 -13.01 -67.78 42.50
C VAL H 575 -13.85 -68.86 43.17
N LEU H 576 -15.17 -68.66 43.25
CA LEU H 576 -16.04 -69.67 43.82
C LEU H 576 -15.91 -70.99 43.08
N ASN H 577 -15.86 -70.93 41.75
CA ASN H 577 -15.72 -72.16 40.98
C ASN H 577 -14.42 -72.87 41.32
N ILE H 578 -13.35 -72.11 41.55
CA ILE H 578 -12.05 -72.74 41.72
C ILE H 578 -11.82 -73.16 43.17
N ILE H 579 -12.66 -72.71 44.11
CA ILE H 579 -12.52 -73.09 45.51
C ILE H 579 -12.38 -74.59 45.65
N GLN H 580 -11.57 -75.04 46.61
CA GLN H 580 -11.37 -76.45 46.89
C GLN H 580 -11.53 -76.76 48.38
N GLU H 581 -11.54 -78.05 48.68
CA GLU H 581 -11.72 -78.51 50.04
C GLU H 581 -10.64 -77.96 50.96
N ASN H 582 -9.43 -77.79 50.45
CA ASN H 582 -8.36 -77.24 51.28
C ASN H 582 -8.72 -75.83 51.74
N HIS H 583 -9.21 -75.01 50.83
CA HIS H 583 -9.58 -73.64 51.20
C HIS H 583 -10.77 -73.64 52.15
N ILE H 584 -11.74 -74.53 51.92
CA ILE H 584 -12.88 -74.59 52.83
C ILE H 584 -12.43 -74.97 54.23
N LYS H 585 -11.52 -75.95 54.33
CA LYS H 585 -11.02 -76.36 55.63
C LYS H 585 -10.25 -75.23 56.30
N SER H 586 -9.48 -74.47 55.53
CA SER H 586 -8.76 -73.34 56.12
C SER H 586 -9.73 -72.30 56.66
N ILE H 587 -10.78 -71.99 55.90
CA ILE H 587 -11.72 -70.98 56.35
C ILE H 587 -12.45 -71.45 57.60
N ILE H 588 -12.75 -72.75 57.69
CA ILE H 588 -13.37 -73.27 58.92
C ILE H 588 -12.37 -73.23 60.07
N SER H 589 -11.11 -73.51 59.78
CA SER H 589 -10.07 -73.41 60.80
C SER H 589 -9.99 -72.00 61.34
N LEU H 590 -10.35 -71.01 60.53
CA LEU H 590 -10.43 -69.65 61.06
C LEU H 590 -11.44 -69.55 62.19
N LEU H 591 -12.64 -70.12 62.00
CA LEU H 591 -13.59 -70.17 63.11
C LEU H 591 -12.99 -70.92 64.29
N ASP H 592 -12.32 -72.02 64.02
CA ASP H 592 -11.80 -72.85 65.11
C ASP H 592 -10.75 -72.11 65.93
N LYS H 593 -9.90 -71.32 65.29
CA LYS H 593 -8.72 -70.76 65.94
C LYS H 593 -8.90 -69.32 66.40
N HIS H 594 -9.67 -68.51 65.67
CA HIS H 594 -9.81 -67.10 65.96
C HIS H 594 -11.10 -66.76 66.68
N GLY H 595 -11.84 -67.75 67.15
CA GLY H 595 -13.07 -67.50 67.87
C GLY H 595 -14.25 -67.36 66.94
N ARG H 596 -15.39 -66.99 67.53
CA ARG H 596 -16.65 -66.88 66.81
C ARG H 596 -16.76 -65.48 66.26
N ASN H 597 -16.61 -65.35 64.93
CA ASN H 597 -16.71 -64.08 64.24
C ASN H 597 -17.70 -64.22 63.09
N HIS H 598 -18.72 -63.36 63.07
CA HIS H 598 -19.78 -63.50 62.08
C HIS H 598 -19.26 -63.21 60.68
N LYS H 599 -18.13 -62.52 60.56
CA LYS H 599 -17.59 -62.24 59.24
C LYS H 599 -17.13 -63.52 58.56
N VAL H 600 -16.60 -64.47 59.34
CA VAL H 600 -16.22 -65.76 58.77
C VAL H 600 -17.46 -66.49 58.26
N LEU H 601 -18.55 -66.42 59.02
CA LEU H 601 -19.79 -67.03 58.55
C LEU H 601 -20.29 -66.35 57.29
N ASP H 602 -20.15 -65.04 57.18
CA ASP H 602 -20.51 -64.34 55.96
C ASP H 602 -19.66 -64.78 54.78
N VAL H 603 -18.36 -65.00 55.00
CA VAL H 603 -17.51 -65.52 53.94
C VAL H 603 -18.00 -66.89 53.51
N LEU H 604 -18.33 -67.76 54.47
CA LEU H 604 -18.84 -69.08 54.12
C LEU H 604 -20.15 -68.97 53.34
N CYS H 605 -21.04 -68.07 53.74
CA CYS H 605 -22.27 -67.87 53.00
C CYS H 605 -21.99 -67.43 51.56
N SER H 606 -21.05 -66.50 51.38
CA SER H 606 -20.73 -66.04 50.05
C SER H 606 -20.14 -67.16 49.20
N LEU H 607 -19.44 -68.11 49.84
CA LEU H 607 -18.91 -69.24 49.07
C LEU H 607 -20.02 -70.10 48.49
N CYS H 608 -21.23 -70.00 49.03
CA CYS H 608 -22.30 -70.90 48.63
C CYS H 608 -22.99 -70.42 47.35
N VAL H 609 -23.40 -69.16 47.32
CA VAL H 609 -24.20 -68.62 46.23
C VAL H 609 -23.61 -67.30 45.79
N CYS H 610 -23.52 -67.08 44.48
CA CYS H 610 -23.07 -65.83 43.90
C CYS H 610 -23.96 -65.45 42.74
N ASN H 611 -24.56 -64.26 42.80
CA ASN H 611 -25.38 -63.74 41.72
C ASN H 611 -26.50 -64.72 41.34
N GLY H 612 -27.09 -65.36 42.34
CA GLY H 612 -28.24 -66.19 42.11
C GLY H 612 -27.97 -67.57 41.58
N VAL H 613 -26.71 -67.97 41.44
CA VAL H 613 -26.34 -69.31 41.04
C VAL H 613 -25.54 -69.94 42.16
N ALA H 614 -25.95 -71.15 42.57
CA ALA H 614 -25.36 -71.81 43.73
C ALA H 614 -24.34 -72.83 43.27
N VAL H 615 -23.26 -72.97 44.05
CA VAL H 615 -22.19 -73.91 43.74
C VAL H 615 -22.32 -75.13 44.64
N ARG H 616 -22.80 -76.23 44.07
CA ARG H 616 -23.14 -77.41 44.87
C ARG H 616 -21.91 -78.00 45.54
N SER H 617 -20.76 -77.99 44.87
CA SER H 617 -19.56 -78.54 45.48
C SER H 617 -19.22 -77.80 46.76
N ASN H 618 -19.24 -76.46 46.71
CA ASN H 618 -18.93 -75.69 47.91
C ASN H 618 -19.98 -75.90 48.98
N GLN H 619 -21.26 -75.95 48.60
CA GLN H 619 -22.30 -76.19 49.60
C GLN H 619 -22.06 -77.52 50.32
N ASP H 620 -21.82 -78.58 49.54
CA ASP H 620 -21.61 -79.90 50.13
C ASP H 620 -20.36 -79.94 51.00
N LEU H 621 -19.27 -79.31 50.56
CA LEU H 621 -18.06 -79.32 51.36
C LEU H 621 -18.25 -78.55 52.66
N ILE H 622 -18.86 -77.38 52.60
CA ILE H 622 -19.10 -76.62 53.82
C ILE H 622 -19.93 -77.43 54.78
N THR H 623 -21.00 -78.06 54.29
CA THR H 623 -21.79 -78.93 55.16
C THR H 623 -20.90 -80.00 55.78
N GLU H 624 -20.31 -80.86 54.95
CA GLU H 624 -19.58 -82.02 55.44
C GLU H 624 -18.55 -81.63 56.49
N ASN H 625 -17.85 -80.52 56.29
CA ASN H 625 -16.78 -80.14 57.20
C ASN H 625 -17.30 -79.42 58.45
N LEU H 626 -18.15 -78.41 58.28
CA LEU H 626 -18.53 -77.59 59.42
C LEU H 626 -19.56 -78.28 60.30
N LEU H 627 -20.61 -78.84 59.72
CA LEU H 627 -21.79 -79.17 60.51
C LEU H 627 -21.59 -80.40 61.40
N PRO H 628 -21.20 -81.55 60.85
CA PRO H 628 -21.29 -82.79 61.65
C PRO H 628 -20.47 -82.75 62.94
N GLY H 629 -19.42 -81.94 62.99
CA GLY H 629 -18.61 -81.88 64.20
C GLY H 629 -19.40 -81.42 65.41
N ARG H 630 -20.26 -80.42 65.23
CA ARG H 630 -21.03 -79.86 66.34
C ARG H 630 -20.13 -79.39 67.46
N GLU H 631 -19.08 -78.66 67.11
CA GLU H 631 -18.15 -78.10 68.09
C GLU H 631 -17.91 -76.61 67.89
N LEU H 632 -18.34 -76.03 66.78
CA LEU H 632 -18.11 -74.62 66.50
C LEU H 632 -19.41 -73.84 66.49
N LEU H 633 -20.37 -74.23 65.66
CA LEU H 633 -21.65 -73.53 65.61
C LEU H 633 -22.48 -73.85 66.85
N LEU H 634 -23.11 -72.82 67.40
CA LEU H 634 -23.96 -73.01 68.56
C LEU H 634 -25.09 -73.95 68.23
N GLN H 635 -25.37 -74.88 69.13
CA GLN H 635 -26.39 -75.90 68.92
C GLN H 635 -27.63 -75.57 69.73
N THR H 636 -28.80 -75.92 69.18
CA THR H 636 -30.07 -75.63 69.83
C THR H 636 -30.91 -76.89 69.90
N ASN H 637 -31.77 -76.96 70.92
CA ASN H 637 -32.66 -78.10 71.08
C ASN H 637 -33.71 -77.74 72.12
N LEU H 638 -34.81 -78.49 72.11
CA LEU H 638 -35.88 -78.27 73.06
C LEU H 638 -35.71 -79.22 74.24
N ILE H 639 -35.82 -78.70 75.46
CA ILE H 639 -35.55 -79.46 76.67
C ILE H 639 -36.64 -79.17 77.70
N ASN H 640 -37.05 -80.21 78.43
CA ASN H 640 -38.04 -80.03 79.49
C ASN H 640 -37.45 -79.21 80.63
N TYR H 641 -38.33 -78.55 81.37
CA TYR H 641 -37.94 -77.97 82.63
C TYR H 641 -37.85 -79.05 83.70
N VAL H 642 -36.90 -78.88 84.62
CA VAL H 642 -36.71 -79.82 85.71
C VAL H 642 -36.58 -79.04 87.00
N THR H 643 -37.30 -79.49 88.03
CA THR H 643 -37.25 -78.84 89.33
C THR H 643 -37.09 -79.89 90.42
N SER H 644 -36.51 -79.48 91.54
CA SER H 644 -36.18 -80.38 92.63
C SER H 644 -36.99 -80.01 93.86
N ILE H 645 -37.41 -81.03 94.60
CA ILE H 645 -38.18 -80.86 95.82
C ILE H 645 -37.51 -81.65 96.94
N ARG H 646 -37.48 -81.06 98.13
CA ARG H 646 -36.90 -81.68 99.30
C ARG H 646 -37.83 -81.50 100.49
N PRO H 647 -37.82 -82.43 101.45
CA PRO H 647 -38.34 -82.10 102.77
C PRO H 647 -37.35 -81.23 103.52
N ASN H 648 -37.85 -80.47 104.49
CA ASN H 648 -36.98 -79.61 105.30
C ASN H 648 -36.28 -80.44 106.37
N ILE H 649 -35.52 -81.42 105.91
CA ILE H 649 -34.77 -82.33 106.76
C ILE H 649 -33.30 -82.18 106.40
N PHE H 650 -32.46 -81.91 107.40
CA PHE H 650 -31.05 -81.67 107.20
C PHE H 650 -30.24 -82.53 108.15
N VAL H 651 -29.25 -83.25 107.62
CA VAL H 651 -28.39 -84.11 108.40
C VAL H 651 -26.96 -83.93 107.92
N GLY H 652 -26.01 -83.89 108.85
CA GLY H 652 -24.61 -83.76 108.50
C GLY H 652 -23.74 -84.36 109.58
N ARG H 653 -22.44 -84.38 109.33
CA ARG H 653 -21.46 -84.87 110.27
C ARG H 653 -20.39 -83.82 110.49
N ALA H 654 -20.24 -83.38 111.74
CA ALA H 654 -19.18 -82.46 112.11
C ALA H 654 -18.63 -82.89 113.46
N GLU H 655 -17.37 -82.54 113.70
CA GLU H 655 -16.71 -82.95 114.93
C GLU H 655 -17.50 -82.47 116.15
N GLY H 656 -17.91 -83.41 116.99
CA GLY H 656 -18.68 -83.07 118.16
C GLY H 656 -20.10 -82.64 117.88
N SER H 657 -20.59 -82.81 116.66
CA SER H 657 -21.95 -82.41 116.33
C SER H 657 -22.95 -83.31 117.03
N THR H 658 -24.12 -82.74 117.33
CA THR H 658 -25.17 -83.52 118.00
C THR H 658 -25.93 -84.41 117.05
N GLN H 659 -25.80 -84.19 115.74
CA GLN H 659 -26.57 -84.96 114.77
C GLN H 659 -26.15 -86.43 114.76
N TYR H 660 -27.12 -87.30 114.50
CA TYR H 660 -26.87 -88.72 114.31
C TYR H 660 -26.26 -88.93 112.92
N GLY H 661 -25.61 -90.06 112.72
CA GLY H 661 -24.81 -90.26 111.53
C GLY H 661 -25.46 -91.06 110.42
N LYS H 662 -26.58 -91.72 110.68
CA LYS H 662 -27.20 -92.60 109.70
C LYS H 662 -28.65 -92.20 109.51
N TRP H 663 -29.13 -92.26 108.27
CA TRP H 663 -30.49 -91.87 107.95
C TRP H 663 -31.00 -92.68 106.78
N TYR H 664 -32.33 -92.71 106.63
CA TYR H 664 -33.00 -93.58 105.68
C TYR H 664 -34.37 -93.00 105.35
N PHE H 665 -34.74 -93.05 104.07
CA PHE H 665 -36.07 -92.63 103.66
C PHE H 665 -36.50 -93.39 102.41
N GLU H 666 -37.73 -93.16 101.96
CA GLU H 666 -38.25 -93.85 100.81
C GLU H 666 -39.06 -92.91 99.94
N VAL H 667 -39.21 -93.29 98.68
CA VAL H 667 -40.08 -92.60 97.73
C VAL H 667 -40.87 -93.64 96.96
N MET H 668 -42.19 -93.48 96.92
CA MET H 668 -43.07 -94.38 96.20
C MET H 668 -43.65 -93.63 95.00
N VAL H 669 -43.61 -94.25 93.83
CA VAL H 669 -43.93 -93.56 92.59
C VAL H 669 -45.33 -93.97 92.14
N ASP H 670 -46.34 -93.11 92.40
CA ASP H 670 -47.71 -93.47 92.03
C ASP H 670 -47.89 -93.44 90.51
N GLU H 671 -47.45 -92.37 89.85
CA GLU H 671 -47.66 -92.20 88.42
C GLU H 671 -46.43 -91.60 87.78
N VAL H 672 -46.10 -92.08 86.58
CA VAL H 672 -45.07 -91.49 85.73
C VAL H 672 -45.51 -91.64 84.28
N ALA H 673 -45.41 -90.55 83.52
CA ALA H 673 -45.69 -90.59 82.11
C ALA H 673 -44.38 -90.75 81.36
N PRO H 674 -44.13 -91.88 80.69
CA PRO H 674 -42.82 -92.08 80.07
C PRO H 674 -42.43 -90.94 79.15
N PHE H 675 -43.38 -90.44 78.36
CA PHE H 675 -43.14 -89.31 77.47
C PHE H 675 -44.38 -88.41 77.45
N LEU H 676 -44.41 -87.43 78.34
CA LEU H 676 -45.42 -86.39 78.24
C LEU H 676 -45.08 -85.39 77.15
N THR H 677 -43.79 -85.19 76.90
CA THR H 677 -43.31 -84.36 75.80
C THR H 677 -42.29 -85.18 75.01
N ALA H 678 -41.66 -84.52 74.03
CA ALA H 678 -40.71 -85.23 73.18
C ALA H 678 -39.55 -85.79 74.01
N GLN H 679 -39.02 -85.01 74.93
CA GLN H 679 -37.91 -85.46 75.76
C GLN H 679 -38.43 -86.39 76.85
N ALA H 680 -37.65 -87.43 77.15
CA ALA H 680 -38.06 -88.41 78.13
C ALA H 680 -38.28 -87.75 79.49
N THR H 681 -39.30 -88.24 80.21
CA THR H 681 -39.60 -87.70 81.52
C THR H 681 -38.42 -87.91 82.46
N HIS H 682 -38.13 -86.89 83.26
CA HIS H 682 -37.01 -86.89 84.20
C HIS H 682 -37.55 -87.16 85.60
N LEU H 683 -36.96 -88.15 86.28
CA LEU H 683 -37.32 -88.47 87.66
C LEU H 683 -36.12 -89.13 88.33
N ARG H 684 -35.58 -88.46 89.33
CA ARG H 684 -34.40 -88.95 90.06
C ARG H 684 -34.62 -88.74 91.53
N VAL H 685 -34.12 -89.66 92.35
CA VAL H 685 -34.24 -89.62 93.80
C VAL H 685 -32.85 -89.74 94.40
N GLY H 686 -32.59 -89.00 95.46
CA GLY H 686 -31.30 -89.12 96.12
C GLY H 686 -31.12 -88.08 97.19
N TRP H 687 -29.85 -87.79 97.47
CA TRP H 687 -29.46 -86.79 98.45
C TRP H 687 -28.78 -85.62 97.75
N ALA H 688 -28.51 -84.57 98.51
CA ALA H 688 -27.83 -83.40 97.99
C ALA H 688 -27.26 -82.59 99.14
N LEU H 689 -26.16 -81.90 98.86
CA LEU H 689 -25.49 -81.10 99.88
C LEU H 689 -26.21 -79.76 100.05
N SER H 690 -26.27 -79.29 101.29
CA SER H 690 -27.03 -78.07 101.56
C SER H 690 -26.49 -76.91 100.77
N GLU H 691 -25.17 -76.75 100.71
CA GLU H 691 -24.54 -75.66 99.99
C GLU H 691 -24.01 -76.17 98.67
N GLY H 692 -24.32 -75.46 97.59
CA GLY H 692 -23.85 -75.79 96.27
C GLY H 692 -24.87 -76.45 95.37
N TYR H 693 -25.93 -77.01 95.94
CA TYR H 693 -27.01 -77.58 95.12
C TYR H 693 -28.04 -76.49 94.87
N SER H 694 -27.83 -75.77 93.76
CA SER H 694 -28.72 -74.69 93.38
C SER H 694 -29.17 -74.88 91.93
N PRO H 695 -30.06 -75.83 91.66
CA PRO H 695 -30.52 -76.06 90.29
C PRO H 695 -31.54 -75.03 89.85
N TYR H 696 -31.05 -73.88 89.41
CA TYR H 696 -31.94 -72.81 88.97
C TYR H 696 -32.73 -73.28 87.75
N PRO H 697 -34.04 -73.06 87.71
CA PRO H 697 -34.82 -73.52 86.57
C PRO H 697 -34.35 -72.88 85.27
N GLY H 698 -34.42 -73.64 84.18
CA GLY H 698 -34.00 -73.15 82.89
C GLY H 698 -32.71 -73.79 82.43
N GLY H 699 -31.87 -73.00 81.76
CA GLY H 699 -30.59 -73.51 81.33
C GLY H 699 -29.64 -73.71 82.51
N GLY H 700 -28.69 -74.62 82.33
CA GLY H 700 -27.70 -74.90 83.35
C GLY H 700 -26.53 -75.66 82.77
N GLU H 701 -26.06 -76.66 83.49
CA GLU H 701 -24.94 -77.46 83.03
C GLU H 701 -25.39 -78.42 81.94
N GLY H 702 -24.45 -78.75 81.06
CA GLY H 702 -24.74 -79.71 80.01
C GLY H 702 -25.86 -79.23 79.11
N TRP H 703 -26.86 -80.08 78.92
CA TRP H 703 -27.99 -79.80 78.05
C TRP H 703 -29.21 -79.38 78.86
N GLY H 704 -28.98 -78.70 79.98
CA GLY H 704 -30.07 -78.23 80.80
C GLY H 704 -30.72 -79.37 81.58
N GLY H 705 -31.86 -79.04 82.17
CA GLY H 705 -32.58 -80.03 82.96
C GLY H 705 -31.75 -80.59 84.10
N ASN H 706 -31.08 -79.72 84.86
CA ASN H 706 -30.24 -80.18 85.95
C ASN H 706 -31.11 -80.60 87.13
N GLY H 707 -30.90 -81.84 87.58
CA GLY H 707 -31.63 -82.36 88.73
C GLY H 707 -30.69 -82.98 89.73
N VAL H 708 -31.13 -84.01 90.43
CA VAL H 708 -30.27 -84.68 91.38
C VAL H 708 -29.18 -85.42 90.62
N GLY H 709 -27.94 -85.25 91.06
CA GLY H 709 -26.81 -85.92 90.48
C GLY H 709 -26.17 -85.21 89.30
N ASP H 710 -26.79 -84.13 88.82
CA ASP H 710 -26.25 -83.41 87.68
C ASP H 710 -25.10 -82.48 88.06
N ASP H 711 -24.72 -82.44 89.32
CA ASP H 711 -23.54 -81.73 89.76
C ASP H 711 -22.98 -82.45 90.98
N LEU H 712 -21.69 -82.26 91.21
CA LEU H 712 -20.99 -83.01 92.25
C LEU H 712 -21.45 -82.66 93.66
N TYR H 713 -22.45 -81.79 93.79
CA TYR H 713 -23.05 -81.49 95.09
C TYR H 713 -24.25 -82.37 95.39
N SER H 714 -24.62 -83.29 94.50
CA SER H 714 -25.80 -84.12 94.68
C SER H 714 -25.50 -85.53 94.20
N TYR H 715 -26.35 -86.47 94.61
CA TYR H 715 -26.17 -87.89 94.29
C TYR H 715 -27.55 -88.51 94.14
N GLY H 716 -27.85 -89.04 92.96
CA GLY H 716 -29.19 -89.49 92.67
C GLY H 716 -29.18 -90.80 91.90
N PHE H 717 -30.29 -91.53 92.05
CA PHE H 717 -30.51 -92.81 91.41
C PHE H 717 -31.82 -92.74 90.63
N ASP H 718 -31.77 -93.06 89.34
CA ASP H 718 -32.91 -92.89 88.45
C ASP H 718 -33.47 -94.21 87.95
N GLY H 719 -33.22 -95.31 88.66
CA GLY H 719 -33.73 -96.61 88.29
C GLY H 719 -32.75 -97.45 87.49
N LEU H 720 -31.90 -96.82 86.69
CA LEU H 720 -30.98 -97.56 85.84
C LEU H 720 -29.54 -97.15 86.09
N HIS H 721 -29.32 -95.86 86.32
CA HIS H 721 -27.97 -95.31 86.43
C HIS H 721 -27.80 -94.62 87.77
N LEU H 722 -26.57 -94.57 88.25
CA LEU H 722 -26.21 -93.73 89.38
C LEU H 722 -25.69 -92.40 88.88
N TRP H 723 -26.38 -91.33 89.22
CA TRP H 723 -26.12 -90.01 88.65
C TRP H 723 -25.30 -89.19 89.63
N THR H 724 -24.19 -88.66 89.15
CA THR H 724 -23.35 -87.74 89.93
C THR H 724 -22.37 -87.10 88.98
N GLY H 725 -22.05 -85.82 89.22
CA GLY H 725 -21.19 -85.11 88.31
C GLY H 725 -21.70 -85.07 86.89
N HIS H 726 -23.02 -85.18 86.72
CA HIS H 726 -23.65 -85.19 85.39
C HIS H 726 -23.08 -86.29 84.51
N VAL H 727 -22.90 -87.49 85.07
CA VAL H 727 -22.48 -88.65 84.30
C VAL H 727 -23.35 -89.82 84.71
N ALA H 728 -24.03 -90.44 83.74
CA ALA H 728 -24.92 -91.55 84.02
C ALA H 728 -24.13 -92.86 83.96
N ARG H 729 -23.90 -93.46 85.12
CA ARG H 729 -23.16 -94.70 85.19
C ARG H 729 -24.14 -95.85 85.43
N PRO H 730 -24.32 -96.77 84.49
CA PRO H 730 -25.31 -97.84 84.69
C PRO H 730 -24.97 -98.65 85.92
N VAL H 731 -26.02 -99.12 86.61
CA VAL H 731 -25.89 -99.93 87.81
C VAL H 731 -26.87 -101.08 87.72
N THR H 732 -26.41 -102.28 88.08
CA THR H 732 -27.22 -103.47 87.95
C THR H 732 -28.14 -103.64 89.15
N SER H 733 -29.33 -104.16 88.90
CA SER H 733 -30.28 -104.50 89.96
C SER H 733 -31.22 -105.57 89.44
N PRO H 734 -31.78 -106.40 90.32
CA PRO H 734 -32.75 -107.40 89.86
C PRO H 734 -33.96 -106.73 89.22
N GLY H 735 -34.45 -107.32 88.14
CA GLY H 735 -35.57 -106.73 87.42
C GLY H 735 -35.26 -105.31 87.00
N GLN H 736 -34.06 -105.11 86.48
CA GLN H 736 -33.59 -103.77 86.13
C GLN H 736 -34.57 -103.07 85.19
N HIS H 737 -34.94 -101.84 85.53
CA HIS H 737 -35.80 -101.03 84.68
C HIS H 737 -35.77 -99.59 85.16
N LEU H 738 -36.11 -98.68 84.26
CA LEU H 738 -36.28 -97.29 84.64
C LEU H 738 -37.45 -97.15 85.61
N LEU H 739 -37.37 -96.14 86.46
CA LEU H 739 -38.41 -95.94 87.46
C LEU H 739 -39.77 -95.83 86.80
N ALA H 740 -40.75 -96.51 87.37
CA ALA H 740 -42.09 -96.65 86.83
C ALA H 740 -43.09 -96.68 87.97
N PRO H 741 -44.37 -96.57 87.67
CA PRO H 741 -45.37 -96.61 88.75
C PRO H 741 -45.27 -97.89 89.55
N GLU H 742 -45.59 -97.79 90.84
CA GLU H 742 -45.48 -98.88 91.80
C GLU H 742 -44.04 -99.25 92.11
N ASP H 743 -43.13 -98.30 92.09
CA ASP H 743 -41.75 -98.51 92.49
C ASP H 743 -41.50 -97.81 93.82
N VAL H 744 -40.84 -98.52 94.74
CA VAL H 744 -40.47 -97.99 96.03
C VAL H 744 -38.96 -97.95 96.09
N VAL H 745 -38.39 -96.74 96.13
CA VAL H 745 -36.96 -96.53 96.20
C VAL H 745 -36.60 -96.21 97.64
N SER H 746 -35.64 -96.94 98.19
CA SER H 746 -35.19 -96.72 99.56
C SER H 746 -33.76 -96.19 99.52
N CYS H 747 -33.56 -95.01 100.11
CA CYS H 747 -32.27 -94.35 100.13
C CYS H 747 -31.71 -94.38 101.53
N CYS H 748 -30.42 -94.75 101.66
CA CYS H 748 -29.74 -94.87 102.93
C CYS H 748 -28.47 -94.03 102.87
N LEU H 749 -28.26 -93.19 103.88
CA LEU H 749 -27.07 -92.38 104.01
C LEU H 749 -26.36 -92.78 105.30
N ASP H 750 -25.13 -93.25 105.17
CA ASP H 750 -24.29 -93.65 106.30
C ASP H 750 -23.13 -92.67 106.35
N LEU H 751 -23.25 -91.64 107.16
CA LEU H 751 -22.25 -90.58 107.16
C LEU H 751 -20.90 -91.09 107.64
N SER H 752 -20.87 -92.22 108.34
CA SER H 752 -19.61 -92.71 108.89
C SER H 752 -18.60 -93.00 107.79
N VAL H 753 -19.03 -93.71 106.73
CA VAL H 753 -18.08 -94.22 105.75
C VAL H 753 -17.32 -93.11 105.06
N PRO H 754 -17.97 -92.10 104.44
CA PRO H 754 -19.40 -91.92 104.19
C PRO H 754 -19.87 -92.71 102.98
N SER H 755 -21.14 -93.07 102.97
CA SER H 755 -21.67 -93.92 101.91
C SER H 755 -23.13 -93.58 101.65
N ILE H 756 -23.55 -93.73 100.41
CA ILE H 756 -24.94 -93.59 100.00
C ILE H 756 -25.32 -94.84 99.22
N SER H 757 -26.41 -95.49 99.64
CA SER H 757 -26.84 -96.73 99.02
C SER H 757 -28.34 -96.66 98.73
N PHE H 758 -28.78 -97.47 97.77
CA PHE H 758 -30.17 -97.49 97.35
C PHE H 758 -30.68 -98.92 97.33
N ARG H 759 -31.99 -99.08 97.38
CA ARG H 759 -32.66 -100.37 97.23
C ARG H 759 -33.97 -100.15 96.49
N ILE H 760 -34.08 -100.77 95.32
CA ILE H 760 -35.29 -100.66 94.49
C ILE H 760 -36.19 -101.84 94.83
N ASN H 761 -37.42 -101.54 95.25
CA ASN H 761 -38.39 -102.57 95.61
C ASN H 761 -37.78 -103.59 96.56
N GLY H 762 -36.90 -103.14 97.45
CA GLY H 762 -36.30 -104.02 98.42
C GLY H 762 -35.13 -104.84 97.93
N CYS H 763 -34.78 -104.73 96.65
CA CYS H 763 -33.67 -105.46 96.07
C CYS H 763 -32.45 -104.55 96.00
N PRO H 764 -31.37 -104.84 96.72
CA PRO H 764 -30.23 -103.90 96.76
C PRO H 764 -29.68 -103.65 95.37
N VAL H 765 -29.39 -102.39 95.07
CA VAL H 765 -28.72 -102.03 93.82
C VAL H 765 -27.22 -102.09 94.04
N GLN H 766 -26.51 -102.67 93.08
CA GLN H 766 -25.07 -102.92 93.22
C GLN H 766 -24.28 -101.67 92.83
N GLY H 767 -24.32 -100.68 93.71
CA GLY H 767 -23.57 -99.45 93.51
C GLY H 767 -23.72 -98.51 94.68
N VAL H 768 -22.67 -97.77 95.01
CA VAL H 768 -22.67 -96.90 96.19
C VAL H 768 -21.75 -95.71 95.92
N PHE H 769 -22.14 -94.54 96.45
CA PHE H 769 -21.25 -93.40 96.46
C PHE H 769 -20.44 -93.41 97.75
N GLU H 770 -19.19 -92.96 97.67
CA GLU H 770 -18.29 -93.00 98.81
C GLU H 770 -17.37 -91.81 98.79
N SER H 771 -16.85 -91.47 99.97
CA SER H 771 -15.76 -90.52 100.11
C SER H 771 -16.14 -89.14 99.55
N PHE H 772 -17.43 -88.86 99.49
CA PHE H 772 -17.82 -87.52 99.09
C PHE H 772 -17.54 -86.53 100.22
N ASN H 773 -17.65 -85.25 99.91
CA ASN H 773 -17.35 -84.22 100.88
C ASN H 773 -18.48 -84.07 101.88
N LEU H 774 -18.13 -83.78 103.13
CA LEU H 774 -19.10 -83.58 104.20
C LEU H 774 -19.17 -82.13 104.65
N ASP H 775 -18.86 -81.19 103.76
CA ASP H 775 -18.82 -79.78 104.11
C ASP H 775 -20.20 -79.15 103.87
N GLY H 776 -21.16 -79.62 104.65
CA GLY H 776 -22.52 -79.11 104.53
C GLY H 776 -23.50 -80.07 105.17
N LEU H 777 -24.78 -79.82 104.91
CA LEU H 777 -25.87 -80.62 105.45
C LEU H 777 -26.56 -81.33 104.29
N PHE H 778 -26.77 -82.63 104.44
CA PHE H 778 -27.42 -83.42 103.41
C PHE H 778 -28.92 -83.47 103.66
N PHE H 779 -29.70 -83.45 102.56
CA PHE H 779 -31.14 -83.53 102.65
C PHE H 779 -31.69 -84.41 101.54
N PRO H 780 -32.80 -85.10 101.79
CA PRO H 780 -33.45 -85.85 100.71
C PRO H 780 -33.90 -84.92 99.60
N VAL H 781 -33.91 -85.43 98.37
CA VAL H 781 -34.29 -84.61 97.23
C VAL H 781 -34.77 -85.52 96.11
N VAL H 782 -35.73 -85.01 95.34
CA VAL H 782 -36.20 -85.66 94.13
C VAL H 782 -36.33 -84.60 93.05
N SER H 783 -35.73 -84.86 91.89
CA SER H 783 -35.75 -83.94 90.77
C SER H 783 -36.61 -84.52 89.66
N PHE H 784 -37.50 -83.70 89.11
CA PHE H 784 -38.48 -84.21 88.17
C PHE H 784 -38.80 -83.17 87.12
N SER H 785 -39.17 -83.67 85.95
CA SER H 785 -39.82 -82.89 84.91
C SER H 785 -41.32 -83.01 85.10
N ALA H 786 -42.17 -82.59 84.17
CA ALA H 786 -43.61 -82.70 84.31
C ALA H 786 -44.05 -84.15 84.16
N GLY H 787 -45.14 -84.49 84.84
CA GLY H 787 -45.76 -85.78 84.68
C GLY H 787 -45.42 -86.83 85.72
N ILE H 788 -45.36 -86.47 87.00
CA ILE H 788 -45.11 -87.44 88.05
C ILE H 788 -46.10 -87.27 89.18
N LYS H 789 -46.23 -88.34 89.97
CA LYS H 789 -47.07 -88.41 91.14
C LYS H 789 -46.30 -89.12 92.27
N VAL H 790 -45.13 -88.60 92.63
CA VAL H 790 -44.31 -89.34 93.59
C VAL H 790 -44.72 -88.95 95.00
N ARG H 791 -44.30 -89.77 95.97
CA ARG H 791 -44.64 -89.54 97.37
C ARG H 791 -43.42 -89.82 98.23
N PHE H 792 -43.15 -88.93 99.16
CA PHE H 792 -42.10 -89.08 100.15
C PHE H 792 -42.64 -89.89 101.32
N LEU H 793 -41.96 -90.99 101.65
CA LEU H 793 -42.23 -91.77 102.84
C LEU H 793 -41.05 -91.58 103.79
N LEU H 794 -41.23 -90.72 104.79
CA LEU H 794 -40.15 -90.34 105.68
C LEU H 794 -40.21 -91.05 107.02
N GLY H 795 -41.03 -92.09 107.14
CA GLY H 795 -41.09 -92.86 108.37
C GLY H 795 -41.86 -92.16 109.46
N GLY H 796 -42.21 -92.92 110.49
CA GLY H 796 -42.96 -92.36 111.58
C GLY H 796 -44.37 -92.00 111.15
N ARG H 797 -44.95 -91.03 111.85
CA ARG H 797 -46.32 -90.62 111.55
C ARG H 797 -46.44 -90.06 110.14
N HIS H 798 -45.44 -89.29 109.71
CA HIS H 798 -45.53 -88.62 108.42
C HIS H 798 -45.70 -89.63 107.29
N GLY H 799 -44.80 -90.60 107.20
CA GLY H 799 -44.85 -91.57 106.13
C GLY H 799 -44.66 -92.97 106.67
N GLU H 800 -45.28 -93.93 105.97
CA GLU H 800 -45.24 -95.33 106.35
C GLU H 800 -44.28 -96.08 105.43
N PHE H 801 -43.32 -96.76 106.03
CA PHE H 801 -42.31 -97.48 105.26
C PHE H 801 -42.90 -98.77 104.69
N LYS H 802 -42.70 -99.01 103.41
CA LYS H 802 -43.06 -100.28 102.79
C LYS H 802 -41.97 -101.33 102.93
N PHE H 803 -40.80 -100.96 103.42
CA PHE H 803 -39.70 -101.89 103.60
C PHE H 803 -39.01 -101.63 104.93
N LEU H 804 -38.38 -102.67 105.45
CA LEU H 804 -37.72 -102.57 106.75
C LEU H 804 -36.44 -101.76 106.64
N PRO H 805 -36.27 -100.72 107.47
CA PRO H 805 -35.03 -99.94 107.40
C PRO H 805 -33.83 -100.81 107.76
N PRO H 806 -32.68 -100.57 107.14
CA PRO H 806 -31.50 -101.37 107.47
C PRO H 806 -31.10 -101.11 108.91
N PRO H 807 -30.44 -102.07 109.56
CA PRO H 807 -30.13 -101.92 110.98
C PRO H 807 -29.29 -100.68 111.26
N GLY H 808 -29.60 -100.01 112.37
CA GLY H 808 -28.86 -98.85 112.80
C GLY H 808 -29.34 -97.54 112.22
N TYR H 809 -29.96 -97.55 111.05
CA TYR H 809 -30.40 -96.33 110.41
C TYR H 809 -31.70 -95.84 111.02
N ALA H 810 -31.89 -94.52 111.00
CA ALA H 810 -33.04 -93.91 111.62
C ALA H 810 -33.94 -93.29 110.56
N PRO H 811 -35.26 -93.32 110.75
CA PRO H 811 -36.14 -92.64 109.80
C PRO H 811 -35.86 -91.14 109.76
N CYS H 812 -36.06 -90.54 108.59
CA CYS H 812 -35.72 -89.13 108.41
C CYS H 812 -36.64 -88.21 109.19
N HIS H 813 -37.88 -88.62 109.45
CA HIS H 813 -38.80 -87.73 110.15
C HIS H 813 -38.26 -87.35 111.52
N GLU H 814 -37.39 -88.19 112.09
CA GLU H 814 -36.80 -87.87 113.38
C GLU H 814 -35.89 -86.64 113.30
N ALA H 815 -35.36 -86.34 112.11
CA ALA H 815 -34.35 -85.31 111.96
C ALA H 815 -34.95 -83.91 111.87
N VAL H 816 -36.26 -83.77 111.81
CA VAL H 816 -36.86 -82.45 111.70
C VAL H 816 -36.45 -81.61 112.89
N LEU H 817 -35.98 -80.40 112.63
CA LEU H 817 -35.47 -79.55 113.69
C LEU H 817 -36.60 -79.15 114.63
N PRO H 818 -36.26 -78.80 115.87
CA PRO H 818 -37.32 -78.44 116.83
C PRO H 818 -38.18 -77.29 116.37
N ARG H 819 -37.56 -76.20 115.91
CA ARG H 819 -38.32 -75.00 115.59
C ARG H 819 -39.27 -75.25 114.42
N GLU H 820 -38.80 -75.92 113.38
CA GLU H 820 -39.58 -76.06 112.16
C GLU H 820 -40.59 -77.18 112.27
N ARG H 821 -41.56 -77.15 111.36
CA ARG H 821 -42.50 -78.24 111.14
C ARG H 821 -42.24 -78.83 109.76
N LEU H 822 -42.24 -80.16 109.70
CA LEU H 822 -41.89 -80.83 108.45
C LEU H 822 -42.85 -80.45 107.34
N HIS H 823 -42.30 -80.15 106.16
CA HIS H 823 -43.11 -79.79 105.01
C HIS H 823 -42.20 -79.72 103.79
N LEU H 824 -42.73 -80.14 102.64
CA LEU H 824 -41.94 -80.16 101.42
C LEU H 824 -41.83 -78.76 100.84
N GLN H 825 -40.65 -78.42 100.34
CA GLN H 825 -40.36 -77.10 99.84
C GLN H 825 -39.47 -77.19 98.61
N PRO H 826 -39.48 -76.17 97.75
CA PRO H 826 -38.51 -76.12 96.66
C PRO H 826 -37.14 -75.70 97.16
N ILE H 827 -36.14 -75.90 96.32
CA ILE H 827 -34.76 -75.60 96.67
C ILE H 827 -34.31 -74.33 95.96
N LYS H 828 -33.71 -73.43 96.73
CA LYS H 828 -33.09 -72.22 96.17
C LYS H 828 -34.02 -71.54 95.18
N GLU H 829 -35.25 -71.31 95.62
CA GLU H 829 -36.22 -70.62 94.78
C GLU H 829 -36.05 -69.12 94.89
N TYR H 830 -36.18 -68.44 93.76
CA TYR H 830 -36.19 -66.98 93.72
C TYR H 830 -37.57 -66.43 93.41
N ARG H 831 -38.52 -67.27 93.06
CA ARG H 831 -39.88 -66.86 92.76
C ARG H 831 -40.86 -67.70 93.55
N ARG H 832 -41.97 -67.09 93.93
CA ARG H 832 -43.05 -67.78 94.62
C ARG H 832 -44.38 -67.28 94.09
N GLU H 833 -45.44 -68.06 94.30
CA GLU H 833 -46.77 -67.61 93.97
C GLU H 833 -47.42 -66.97 95.20
N GLY H 834 -48.27 -65.98 94.96
CA GLY H 834 -48.96 -65.33 96.06
C GLY H 834 -50.33 -64.83 95.64
N PRO H 835 -51.02 -64.17 96.56
CA PRO H 835 -52.39 -63.74 96.28
C PRO H 835 -52.48 -62.81 95.07
N ARG H 836 -51.71 -61.73 95.09
CA ARG H 836 -51.83 -60.73 94.04
C ARG H 836 -51.02 -61.11 92.80
N GLY H 837 -49.91 -61.82 92.99
CA GLY H 837 -49.08 -62.20 91.87
C GLY H 837 -47.84 -62.97 92.28
N PRO H 838 -46.82 -62.95 91.41
CA PRO H 838 -45.54 -63.58 91.77
C PRO H 838 -44.78 -62.73 92.77
N HIS H 839 -44.18 -63.39 93.75
CA HIS H 839 -43.32 -62.76 94.74
C HIS H 839 -41.87 -63.06 94.40
N LEU H 840 -41.04 -62.03 94.39
CA LEU H 840 -39.60 -62.22 94.27
C LEU H 840 -39.01 -62.43 95.66
N VAL H 841 -38.18 -63.47 95.79
CA VAL H 841 -37.64 -63.90 97.06
C VAL H 841 -36.12 -63.83 97.02
N GLY H 842 -35.54 -63.25 98.06
CA GLY H 842 -34.10 -63.13 98.14
C GLY H 842 -33.46 -64.41 98.62
N PRO H 843 -32.13 -64.40 98.69
CA PRO H 843 -31.41 -65.59 99.13
C PRO H 843 -31.83 -66.00 100.52
N SER H 844 -31.87 -67.31 100.75
CA SER H 844 -32.35 -67.87 101.99
C SER H 844 -31.18 -68.20 102.91
N ARG H 845 -31.35 -67.89 104.20
CA ARG H 845 -30.37 -68.33 105.19
C ARG H 845 -30.29 -69.85 105.20
N CYS H 846 -29.07 -70.36 105.22
CA CYS H 846 -28.83 -71.79 105.20
C CYS H 846 -28.06 -72.21 106.44
N LEU H 847 -28.50 -73.30 107.05
CA LEU H 847 -27.81 -73.86 108.19
C LEU H 847 -26.56 -74.60 107.74
N SER H 848 -25.52 -74.55 108.58
CA SER H 848 -24.25 -75.19 108.30
C SER H 848 -24.00 -76.30 109.29
N HIS H 849 -23.32 -77.35 108.82
CA HIS H 849 -23.07 -78.49 109.69
C HIS H 849 -22.41 -78.06 110.99
N LEU H 850 -21.54 -77.07 110.93
CA LEU H 850 -20.90 -76.56 112.14
C LEU H 850 -21.90 -75.92 113.10
N ASP H 851 -23.03 -75.43 112.61
CA ASP H 851 -24.00 -74.81 113.48
C ASP H 851 -24.51 -75.79 114.52
N PHE H 852 -24.43 -77.09 114.24
CA PHE H 852 -24.93 -78.09 115.18
C PHE H 852 -23.90 -78.38 116.26
N VAL H 853 -22.62 -78.12 116.01
CA VAL H 853 -21.62 -78.37 117.06
C VAL H 853 -21.87 -77.41 118.21
N PRO H 854 -22.08 -77.89 119.44
CA PRO H 854 -22.29 -76.97 120.55
C PRO H 854 -20.96 -76.46 121.08
N CYS H 855 -20.76 -75.16 121.02
CA CYS H 855 -19.52 -74.54 121.45
C CYS H 855 -19.79 -73.62 122.63
N PRO H 856 -19.57 -74.06 123.87
CA PRO H 856 -19.66 -73.15 125.00
C PRO H 856 -18.36 -72.40 125.21
N VAL H 857 -18.44 -71.31 125.96
CA VAL H 857 -17.26 -70.50 126.26
C VAL H 857 -16.37 -71.27 127.22
N ASP H 858 -15.08 -71.31 126.92
CA ASP H 858 -14.15 -72.07 127.72
C ASP H 858 -14.12 -71.55 129.16
N THR H 859 -13.99 -72.47 130.12
CA THR H 859 -13.99 -72.11 131.53
C THR H 859 -12.93 -72.83 132.34
N ILE H 860 -12.08 -73.64 131.72
CA ILE H 860 -11.10 -74.41 132.49
C ILE H 860 -10.15 -73.48 133.22
N GLN H 861 -9.71 -72.40 132.56
CA GLN H 861 -8.80 -71.47 133.20
C GLN H 861 -9.40 -70.85 134.45
N ILE H 862 -10.73 -70.76 134.50
CA ILE H 862 -11.40 -70.10 135.61
C ILE H 862 -11.29 -70.97 136.87
N VAL H 863 -10.88 -70.34 137.97
CA VAL H 863 -10.78 -71.00 139.27
C VAL H 863 -11.69 -70.26 140.24
N LEU H 864 -12.38 -71.01 141.08
CA LEU H 864 -13.43 -70.44 141.92
C LEU H 864 -12.82 -69.76 143.14
N PRO H 865 -13.06 -68.46 143.35
CA PRO H 865 -12.71 -67.85 144.64
C PRO H 865 -13.51 -68.49 145.76
N PRO H 866 -12.92 -68.61 146.96
CA PRO H 866 -13.62 -69.30 148.05
C PRO H 866 -14.95 -68.65 148.39
N HIS H 867 -14.96 -67.32 148.38
CA HIS H 867 -16.21 -66.60 148.65
C HIS H 867 -17.27 -66.94 147.62
N LEU H 868 -16.84 -67.45 146.46
CA LEU H 868 -17.81 -67.90 145.46
C LEU H 868 -18.07 -69.39 145.58
N GLU H 869 -17.12 -70.17 146.11
CA GLU H 869 -17.35 -71.59 146.28
C GLU H 869 -18.39 -71.87 147.37
N ARG H 870 -18.31 -71.12 148.48
CA ARG H 870 -19.30 -71.29 149.52
C ARG H 870 -20.70 -71.01 148.99
N ILE H 871 -20.82 -70.00 148.13
CA ILE H 871 -22.10 -69.72 147.49
C ILE H 871 -22.44 -70.80 146.47
N ARG H 872 -21.42 -71.38 145.83
CA ARG H 872 -21.65 -72.42 144.83
C ARG H 872 -22.40 -73.60 145.43
N GLU H 873 -21.92 -74.09 146.57
CA GLU H 873 -22.61 -75.24 147.16
C GLU H 873 -24.06 -74.93 147.49
N LYS H 874 -24.29 -73.83 148.21
CA LYS H 874 -25.66 -73.48 148.60
C LYS H 874 -26.51 -73.18 147.38
N LEU H 875 -25.90 -72.70 146.29
CA LEU H 875 -26.61 -72.57 145.03
C LEU H 875 -27.04 -73.92 144.51
N ALA H 876 -26.18 -74.93 144.62
CA ALA H 876 -26.58 -76.27 144.22
C ALA H 876 -27.84 -76.69 144.98
N GLU H 877 -27.82 -76.56 146.31
CA GLU H 877 -29.00 -76.98 147.06
C GLU H 877 -30.23 -76.15 146.71
N ASN H 878 -30.07 -74.83 146.54
CA ASN H 878 -31.25 -73.99 146.28
C ASN H 878 -31.80 -74.20 144.88
N ILE H 879 -30.91 -74.43 143.90
CA ILE H 879 -31.37 -74.82 142.58
C ILE H 879 -32.16 -76.10 142.66
N HIS H 880 -31.70 -77.06 143.47
CA HIS H 880 -32.46 -78.29 143.66
C HIS H 880 -33.82 -78.03 144.31
N GLU H 881 -33.89 -77.10 145.26
CA GLU H 881 -35.17 -76.75 145.86
C GLU H 881 -36.13 -76.17 144.82
N LEU H 882 -35.64 -75.25 143.99
CA LEU H 882 -36.48 -74.70 142.93
C LEU H 882 -36.91 -75.81 141.96
N TRP H 883 -35.98 -76.72 141.66
CA TRP H 883 -36.28 -77.90 140.85
C TRP H 883 -37.48 -78.65 141.40
N ALA H 884 -37.42 -79.02 142.68
CA ALA H 884 -38.52 -79.78 143.28
C ALA H 884 -39.81 -78.97 143.29
N LEU H 885 -39.70 -77.66 143.58
CA LEU H 885 -40.88 -76.82 143.57
C LEU H 885 -41.58 -76.86 142.22
N THR H 886 -40.82 -76.68 141.14
CA THR H 886 -41.42 -76.70 139.81
C THR H 886 -41.88 -78.10 139.39
N ARG H 887 -41.22 -79.16 139.85
CA ARG H 887 -41.72 -80.51 139.57
C ARG H 887 -43.07 -80.74 140.21
N ILE H 888 -43.25 -80.33 141.46
CA ILE H 888 -44.56 -80.55 142.06
C ILE H 888 -45.56 -79.54 141.54
N GLU H 889 -45.10 -78.40 141.03
CA GLU H 889 -45.99 -77.47 140.34
C GLU H 889 -46.56 -78.12 139.08
N GLN H 890 -45.70 -78.69 138.24
CA GLN H 890 -46.17 -79.41 137.08
C GLN H 890 -46.91 -80.69 137.48
N GLY H 891 -46.76 -81.11 138.73
CA GLY H 891 -47.53 -82.21 139.27
C GLY H 891 -46.80 -83.53 139.41
N TRP H 892 -45.50 -83.57 139.12
CA TRP H 892 -44.75 -84.80 139.27
C TRP H 892 -44.63 -85.17 140.74
N THR H 893 -44.84 -86.45 141.04
CA THR H 893 -44.71 -86.98 142.38
C THR H 893 -43.53 -87.94 142.45
N TYR H 894 -42.82 -87.89 143.58
CA TYR H 894 -41.64 -88.73 143.75
C TYR H 894 -42.01 -90.20 143.64
N GLY H 895 -41.13 -90.97 142.99
CA GLY H 895 -41.28 -92.40 142.91
C GLY H 895 -39.93 -93.09 142.92
N PRO H 896 -39.88 -94.32 143.42
CA PRO H 896 -38.58 -95.01 143.48
C PRO H 896 -37.90 -95.13 142.13
N VAL H 897 -38.66 -95.18 141.04
CA VAL H 897 -38.10 -95.26 139.70
C VAL H 897 -38.81 -94.23 138.82
N ARG H 898 -38.13 -93.82 137.75
CA ARG H 898 -38.67 -92.83 136.84
C ARG H 898 -39.61 -93.50 135.84
N ASP H 899 -40.80 -92.93 135.67
CA ASP H 899 -41.77 -93.40 134.70
C ASP H 899 -42.62 -92.22 134.27
N ASP H 900 -42.57 -91.91 132.97
CA ASP H 900 -43.20 -90.68 132.48
C ASP H 900 -44.70 -90.68 132.72
N ASN H 901 -45.39 -91.75 132.31
CA ASN H 901 -46.85 -91.73 132.34
C ASN H 901 -47.37 -91.52 133.76
N LYS H 902 -46.78 -92.19 134.73
CA LYS H 902 -47.21 -92.05 136.12
C LYS H 902 -46.55 -90.88 136.84
N ARG H 903 -45.69 -90.13 136.15
CA ARG H 903 -45.12 -88.90 136.70
C ARG H 903 -44.29 -89.20 137.95
N LEU H 904 -43.52 -90.29 137.90
CA LEU H 904 -42.67 -90.70 139.01
C LEU H 904 -41.24 -90.29 138.71
N HIS H 905 -40.55 -89.74 139.71
CA HIS H 905 -39.21 -89.21 139.53
C HIS H 905 -38.37 -89.59 140.75
N PRO H 906 -37.35 -90.45 140.59
CA PRO H 906 -36.59 -90.87 141.78
C PRO H 906 -35.73 -89.78 142.38
N CYS H 907 -35.29 -88.80 141.59
CA CYS H 907 -34.43 -87.76 142.13
C CYS H 907 -35.22 -86.66 142.83
N LEU H 908 -36.51 -86.87 143.08
CA LEU H 908 -37.32 -85.91 143.82
C LEU H 908 -37.07 -86.12 145.32
N VAL H 909 -35.82 -85.87 145.71
CA VAL H 909 -35.36 -86.07 147.07
C VAL H 909 -34.53 -84.87 147.49
N ASN H 910 -33.91 -84.93 148.66
CA ASN H 910 -32.97 -83.90 149.07
C ASN H 910 -31.69 -83.98 148.26
N PHE H 911 -31.02 -82.84 148.10
CA PHE H 911 -29.77 -82.81 147.35
C PHE H 911 -28.74 -83.73 147.98
N HIS H 912 -28.68 -83.74 149.31
CA HIS H 912 -27.80 -84.68 149.99
C HIS H 912 -28.33 -86.10 149.88
N SER H 913 -29.66 -86.25 149.84
CA SER H 913 -30.24 -87.56 149.57
C SER H 913 -30.21 -87.88 148.09
N LEU H 914 -30.03 -86.87 147.25
CA LEU H 914 -29.99 -87.08 145.81
C LEU H 914 -28.80 -87.98 145.47
N PRO H 915 -28.98 -88.99 144.62
CA PRO H 915 -27.89 -89.94 144.38
C PRO H 915 -26.57 -89.24 144.10
N GLU H 916 -25.47 -89.93 144.39
CA GLU H 916 -24.15 -89.31 144.32
C GLU H 916 -23.81 -88.76 142.94
N PRO H 917 -23.94 -89.52 141.85
CA PRO H 917 -23.58 -88.95 140.54
C PRO H 917 -24.37 -87.69 140.20
N GLU H 918 -25.69 -87.72 140.43
CA GLU H 918 -26.52 -86.61 140.01
C GLU H 918 -26.33 -85.40 140.90
N ARG H 919 -26.12 -85.62 142.21
CA ARG H 919 -25.83 -84.50 143.10
C ARG H 919 -24.49 -83.87 142.75
N ASN H 920 -23.48 -84.70 142.45
CA ASN H 920 -22.20 -84.17 142.01
C ASN H 920 -22.36 -83.36 140.73
N TYR H 921 -23.19 -83.86 139.81
CA TYR H 921 -23.40 -83.18 138.54
C TYR H 921 -24.07 -81.83 138.74
N ASN H 922 -25.07 -81.76 139.64
CA ASN H 922 -25.70 -80.49 139.96
C ASN H 922 -24.74 -79.53 140.66
N LEU H 923 -23.90 -80.02 141.57
CA LEU H 923 -22.90 -79.16 142.19
C LEU H 923 -21.94 -78.62 141.13
N GLN H 924 -21.59 -79.47 140.16
CA GLN H 924 -20.74 -79.05 139.06
C GLN H 924 -21.39 -77.94 138.26
N MET H 925 -22.69 -78.06 137.97
CA MET H 925 -23.40 -76.97 137.30
C MET H 925 -23.43 -75.70 138.16
N SER H 926 -23.61 -75.87 139.47
CA SER H 926 -23.61 -74.71 140.35
C SER H 926 -22.29 -73.95 140.25
N GLY H 927 -21.17 -74.68 140.26
CA GLY H 927 -19.89 -74.02 140.08
C GLY H 927 -19.73 -73.43 138.69
N GLU H 928 -20.22 -74.13 137.68
CA GLU H 928 -20.07 -73.64 136.31
C GLU H 928 -20.83 -72.35 136.10
N THR H 929 -21.91 -72.14 136.85
CA THR H 929 -22.62 -70.86 136.75
C THR H 929 -21.68 -69.71 137.09
N LEU H 930 -20.99 -69.79 138.23
CA LEU H 930 -20.05 -68.74 138.61
C LEU H 930 -18.88 -68.67 137.65
N LYS H 931 -18.39 -69.83 137.20
CA LYS H 931 -17.27 -69.82 136.27
C LYS H 931 -17.66 -69.13 134.96
N THR H 932 -18.87 -69.39 134.49
CA THR H 932 -19.39 -68.68 133.32
C THR H 932 -19.48 -67.19 133.57
N LEU H 933 -20.00 -66.81 134.74
CA LEU H 933 -20.05 -65.40 135.08
C LEU H 933 -18.69 -64.76 134.95
N LEU H 934 -17.66 -65.39 135.53
CA LEU H 934 -16.31 -64.85 135.43
C LEU H 934 -15.85 -64.81 133.98
N ALA H 935 -16.10 -65.87 133.22
CA ALA H 935 -15.60 -65.96 131.85
C ALA H 935 -16.18 -64.86 130.97
N LEU H 936 -17.48 -64.59 131.12
CA LEU H 936 -18.09 -63.53 130.32
C LEU H 936 -17.40 -62.20 130.51
N GLY H 937 -16.78 -61.99 131.66
CA GLY H 937 -16.06 -60.77 131.94
C GLY H 937 -16.65 -59.90 133.04
N CYS H 938 -17.70 -60.35 133.71
CA CYS H 938 -18.26 -59.56 134.80
C CYS H 938 -17.39 -59.69 136.03
N HIS H 939 -17.78 -58.96 137.08
CA HIS H 939 -17.13 -59.03 138.37
C HIS H 939 -18.20 -59.17 139.44
N VAL H 940 -17.85 -59.84 140.54
CA VAL H 940 -18.80 -60.17 141.59
C VAL H 940 -18.25 -59.66 142.91
N GLY H 941 -19.10 -58.95 143.68
CA GLY H 941 -18.69 -58.50 144.99
C GLY H 941 -19.81 -58.53 146.00
N MET H 942 -19.61 -59.24 147.11
CA MET H 942 -20.65 -59.34 148.13
C MET H 942 -20.81 -57.99 148.81
N ALA H 943 -21.86 -57.27 148.45
CA ALA H 943 -22.08 -55.94 149.02
C ALA H 943 -22.61 -56.04 150.46
N ASP H 944 -23.55 -56.95 150.71
CA ASP H 944 -24.22 -57.06 152.00
C ASP H 944 -24.25 -58.52 152.40
N GLU H 945 -23.49 -58.88 153.44
CA GLU H 945 -23.52 -60.25 153.94
C GLU H 945 -24.79 -60.53 154.73
N LYS H 946 -25.41 -59.49 155.30
CA LYS H 946 -26.59 -59.70 156.13
C LYS H 946 -27.70 -60.38 155.35
N ALA H 947 -27.84 -60.05 154.07
CA ALA H 947 -28.93 -60.62 153.27
C ALA H 947 -28.85 -62.14 153.23
N GLU H 948 -27.63 -62.69 153.27
CA GLU H 948 -27.49 -64.14 153.19
C GLU H 948 -28.21 -64.84 154.34
N ASP H 949 -28.03 -64.34 155.56
CA ASP H 949 -28.75 -64.88 156.70
C ASP H 949 -30.20 -64.39 156.76
N ASN H 950 -30.50 -63.23 156.17
CA ASN H 950 -31.86 -62.73 156.20
C ASN H 950 -32.79 -63.55 155.31
N LEU H 951 -32.27 -64.10 154.21
CA LEU H 951 -33.09 -64.87 153.29
C LEU H 951 -33.75 -66.05 154.01
N LYS H 952 -35.02 -66.29 153.71
CA LYS H 952 -35.80 -67.35 154.32
C LYS H 952 -36.34 -68.26 153.24
N LYS H 953 -36.30 -69.57 153.47
CA LYS H 953 -36.87 -70.51 152.52
C LYS H 953 -38.38 -70.34 152.48
N THR H 954 -38.94 -70.41 151.27
CA THR H 954 -40.38 -70.26 151.12
C THR H 954 -41.10 -71.48 151.67
N LYS H 955 -42.04 -71.24 152.58
CA LYS H 955 -42.85 -72.34 153.11
C LYS H 955 -43.80 -72.85 152.03
N LEU H 956 -43.92 -74.17 151.95
CA LEU H 956 -44.75 -74.79 150.92
C LEU H 956 -45.78 -75.71 151.54
N PRO H 957 -46.92 -75.90 150.89
CA PRO H 957 -48.01 -76.70 151.47
C PRO H 957 -47.70 -78.20 151.38
N LYS H 958 -48.58 -78.98 152.01
CA LYS H 958 -48.44 -80.43 151.97
C LYS H 958 -48.52 -80.95 150.54
N THR H 959 -49.41 -80.38 149.73
CA THR H 959 -49.49 -80.77 148.32
C THR H 959 -48.14 -80.58 147.64
N TYR H 960 -47.43 -79.50 147.97
CA TYR H 960 -46.11 -79.30 147.41
C TYR H 960 -45.08 -80.24 148.04
N MET H 961 -45.37 -80.74 149.24
CA MET H 961 -44.48 -81.70 149.89
C MET H 961 -44.52 -83.04 149.15
N MET H 962 -43.34 -83.55 148.80
CA MET H 962 -43.24 -84.72 147.93
C MET H 962 -43.61 -85.99 148.67
N SER H 963 -44.01 -87.01 147.89
CA SER H 963 -44.37 -88.30 148.45
C SER H 963 -43.26 -88.92 149.27
N ASN H 964 -42.00 -88.56 148.99
CA ASN H 964 -40.89 -89.04 149.79
C ASN H 964 -40.95 -88.53 151.22
N GLY H 965 -41.41 -87.29 151.42
CA GLY H 965 -41.45 -86.65 152.72
C GLY H 965 -40.70 -85.34 152.76
N TYR H 966 -39.63 -85.20 151.98
CA TYR H 966 -38.88 -83.96 151.94
C TYR H 966 -39.69 -82.86 151.27
N LYS H 967 -39.47 -81.62 151.71
CA LYS H 967 -40.17 -80.47 151.17
C LYS H 967 -39.20 -79.57 150.43
N PRO H 968 -39.57 -78.99 149.29
CA PRO H 968 -38.68 -78.01 148.65
C PRO H 968 -38.52 -76.78 149.54
N ALA H 969 -37.33 -76.21 149.55
CA ALA H 969 -37.02 -75.03 150.36
C ALA H 969 -36.30 -73.99 149.50
N PRO H 970 -36.96 -73.48 148.47
CA PRO H 970 -36.35 -72.41 147.68
C PRO H 970 -36.50 -71.05 148.36
N LEU H 971 -35.41 -70.30 148.39
CA LEU H 971 -35.40 -69.02 149.09
C LEU H 971 -36.24 -67.99 148.33
N ASP H 972 -36.97 -67.19 149.10
CA ASP H 972 -37.81 -66.14 148.52
C ASP H 972 -36.96 -65.11 147.80
N LEU H 973 -37.48 -64.60 146.68
CA LEU H 973 -36.75 -63.66 145.83
C LEU H 973 -37.60 -62.46 145.44
N SER H 974 -38.70 -62.22 146.15
CA SER H 974 -39.55 -61.07 145.82
C SER H 974 -38.76 -59.77 145.94
N HIS H 975 -37.95 -59.64 146.99
CA HIS H 975 -37.14 -58.45 147.20
C HIS H 975 -36.14 -58.22 146.07
N VAL H 976 -35.76 -59.25 145.33
CA VAL H 976 -34.71 -59.13 144.33
C VAL H 976 -35.24 -58.40 143.10
N ARG H 977 -34.43 -57.49 142.56
CA ARG H 977 -34.77 -56.72 141.37
C ARG H 977 -33.66 -56.89 140.33
N LEU H 978 -34.03 -56.79 139.06
CA LEU H 978 -33.12 -57.06 137.96
C LEU H 978 -32.89 -55.81 137.12
N THR H 979 -31.83 -55.87 136.27
CA THR H 979 -31.51 -54.83 135.31
C THR H 979 -31.52 -55.39 133.89
N PRO H 980 -31.77 -54.55 132.88
CA PRO H 980 -31.80 -55.08 131.50
C PRO H 980 -30.49 -55.73 131.08
N ALA H 981 -29.35 -55.15 131.48
CA ALA H 981 -28.08 -55.79 131.21
C ALA H 981 -28.01 -57.14 131.90
N GLN H 982 -28.56 -57.22 133.11
CA GLN H 982 -28.58 -58.50 133.82
C GLN H 982 -29.46 -59.51 133.11
N THR H 983 -30.53 -59.07 132.46
CA THR H 983 -31.35 -59.99 131.69
C THR H 983 -30.63 -60.49 130.45
N THR H 984 -29.93 -59.59 129.75
CA THR H 984 -29.07 -60.02 128.66
C THR H 984 -28.08 -61.07 129.16
N LEU H 985 -27.47 -60.81 130.32
CA LEU H 985 -26.56 -61.77 130.92
C LEU H 985 -27.26 -63.09 131.19
N VAL H 986 -28.51 -63.04 131.68
CA VAL H 986 -29.23 -64.26 132.02
C VAL H 986 -29.43 -65.11 130.79
N ASP H 987 -29.84 -64.52 129.68
CA ASP H 987 -30.01 -65.33 128.48
C ASP H 987 -28.67 -65.86 127.98
N ARG H 988 -27.59 -65.10 128.15
CA ARG H 988 -26.27 -65.65 127.83
C ARG H 988 -25.96 -66.87 128.70
N LEU H 989 -26.28 -66.79 130.01
CA LEU H 989 -26.04 -67.94 130.87
C LEU H 989 -26.85 -69.14 130.44
N ALA H 990 -28.12 -68.92 130.07
CA ALA H 990 -28.93 -70.04 129.60
C ALA H 990 -28.31 -70.67 128.36
N GLU H 991 -27.86 -69.85 127.41
CA GLU H 991 -27.19 -70.36 126.23
C GLU H 991 -25.98 -71.21 126.61
N ASN H 992 -25.12 -70.68 127.48
CA ASN H 992 -23.92 -71.41 127.84
C ASN H 992 -24.25 -72.70 128.57
N GLY H 993 -25.24 -72.66 129.47
CA GLY H 993 -25.60 -73.85 130.20
C GLY H 993 -26.10 -74.95 129.28
N HIS H 994 -26.99 -74.59 128.35
CA HIS H 994 -27.47 -75.61 127.42
C HIS H 994 -26.35 -76.12 126.55
N ASN H 995 -25.44 -75.25 126.11
CA ASN H 995 -24.33 -75.71 125.31
C ASN H 995 -23.46 -76.70 126.09
N VAL H 996 -23.22 -76.41 127.36
CA VAL H 996 -22.43 -77.33 128.19
C VAL H 996 -23.15 -78.66 128.31
N TRP H 997 -24.46 -78.62 128.55
CA TRP H 997 -25.21 -79.88 128.66
C TRP H 997 -25.13 -80.67 127.36
N ALA H 998 -25.26 -79.99 126.22
CA ALA H 998 -25.19 -80.67 124.94
C ALA H 998 -23.81 -81.27 124.71
N ARG H 999 -22.76 -80.53 125.06
CA ARG H 999 -21.42 -81.08 124.91
C ARG H 999 -21.23 -82.32 125.76
N ASP H 1000 -21.72 -82.28 127.00
CA ASP H 1000 -21.59 -83.45 127.86
C ASP H 1000 -22.35 -84.63 127.29
N ARG H 1001 -23.56 -84.40 126.81
CA ARG H 1001 -24.34 -85.49 126.22
C ARG H 1001 -23.65 -86.05 124.98
N VAL H 1002 -23.09 -85.18 124.14
CA VAL H 1002 -22.40 -85.65 122.95
C VAL H 1002 -21.20 -86.50 123.33
N ALA H 1003 -20.42 -86.05 124.29
CA ALA H 1003 -19.28 -86.85 124.75
C ALA H 1003 -19.76 -88.19 125.28
N GLN H 1004 -20.87 -88.20 126.01
CA GLN H 1004 -21.41 -89.45 126.52
C GLN H 1004 -22.01 -90.30 125.41
N GLY H 1005 -22.21 -89.72 124.22
CA GLY H 1005 -22.68 -90.47 123.08
C GLY H 1005 -24.11 -90.19 122.65
N TRP H 1006 -24.85 -89.39 123.39
CA TRP H 1006 -26.25 -89.14 123.06
C TRP H 1006 -26.38 -88.35 121.77
N SER H 1007 -27.54 -88.47 121.13
CA SER H 1007 -27.80 -87.75 119.89
C SER H 1007 -29.17 -87.08 119.92
N TYR H 1008 -29.57 -86.43 118.82
CA TYR H 1008 -30.81 -85.67 118.77
C TYR H 1008 -31.82 -86.40 117.90
N SER H 1009 -33.08 -86.36 118.33
CA SER H 1009 -34.18 -86.94 117.56
C SER H 1009 -35.49 -86.38 118.08
N ALA H 1010 -36.42 -86.14 117.17
CA ALA H 1010 -37.71 -85.60 117.57
C ALA H 1010 -38.44 -86.56 118.51
N VAL H 1011 -38.22 -87.85 118.34
CA VAL H 1011 -38.84 -88.87 119.19
C VAL H 1011 -37.88 -89.22 120.31
N GLN H 1012 -38.32 -88.99 121.54
CA GLN H 1012 -37.50 -89.30 122.71
C GLN H 1012 -37.34 -90.80 122.84
N ASP H 1013 -36.10 -91.27 122.82
CA ASP H 1013 -35.76 -92.69 122.99
C ASP H 1013 -34.65 -92.80 124.02
N ILE H 1014 -35.04 -92.99 125.28
CA ILE H 1014 -34.05 -93.09 126.35
C ILE H 1014 -33.12 -94.28 126.12
N PRO H 1015 -33.62 -95.50 125.85
CA PRO H 1015 -32.69 -96.61 125.64
C PRO H 1015 -31.72 -96.37 124.50
N ALA H 1016 -32.16 -95.66 123.46
CA ALA H 1016 -31.33 -95.38 122.30
C ALA H 1016 -30.46 -94.15 122.49
N ARG H 1017 -30.60 -93.45 123.61
CA ARG H 1017 -29.79 -92.27 123.89
C ARG H 1017 -30.05 -91.17 122.86
N ARG H 1018 -31.33 -90.89 122.65
CA ARG H 1018 -31.78 -89.86 121.71
C ARG H 1018 -32.68 -88.90 122.46
N ASN H 1019 -32.29 -87.63 122.52
CA ASN H 1019 -33.02 -86.64 123.29
C ASN H 1019 -33.42 -85.47 122.40
N PRO H 1020 -34.71 -85.13 122.33
CA PRO H 1020 -35.11 -84.00 121.46
C PRO H 1020 -34.46 -82.68 121.80
N ARG H 1021 -34.07 -82.46 123.06
CA ARG H 1021 -33.52 -81.18 123.45
C ARG H 1021 -32.04 -81.05 123.12
N LEU H 1022 -31.42 -82.09 122.57
CA LEU H 1022 -29.97 -82.10 122.35
C LEU H 1022 -29.63 -81.33 121.07
N VAL H 1023 -29.74 -80.01 121.16
CA VAL H 1023 -29.35 -79.13 120.06
C VAL H 1023 -28.81 -77.85 120.69
N PRO H 1024 -27.87 -77.17 120.06
CA PRO H 1024 -27.36 -75.92 120.66
C PRO H 1024 -28.47 -74.90 120.84
N TYR H 1025 -28.24 -73.98 121.77
CA TYR H 1025 -29.29 -73.04 122.17
C TYR H 1025 -29.93 -72.34 120.98
N ARG H 1026 -29.12 -71.90 120.03
CA ARG H 1026 -29.65 -71.07 118.95
C ARG H 1026 -30.82 -71.74 118.25
N LEU H 1027 -30.82 -73.07 118.16
CA LEU H 1027 -31.84 -73.80 117.45
C LEU H 1027 -32.91 -74.40 118.34
N LEU H 1028 -32.95 -74.02 119.62
CA LEU H 1028 -33.93 -74.60 120.53
C LEU H 1028 -35.32 -74.04 120.27
N ASP H 1029 -36.32 -74.76 120.78
CA ASP H 1029 -37.68 -74.26 120.75
C ASP H 1029 -37.84 -73.09 121.72
N GLU H 1030 -38.77 -72.20 121.39
CA GLU H 1030 -38.96 -71.00 122.20
C GLU H 1030 -39.40 -71.36 123.62
N ALA H 1031 -40.26 -72.35 123.76
CA ALA H 1031 -40.72 -72.74 125.09
C ALA H 1031 -39.56 -73.23 125.95
N THR H 1032 -38.70 -74.08 125.39
CA THR H 1032 -37.56 -74.57 126.14
C THR H 1032 -36.60 -73.43 126.46
N LYS H 1033 -36.42 -72.51 125.52
CA LYS H 1033 -35.61 -71.32 125.80
C LYS H 1033 -36.18 -70.56 127.00
N ARG H 1034 -37.50 -70.38 127.03
CA ARG H 1034 -38.12 -69.68 128.15
C ARG H 1034 -37.91 -70.41 129.46
N SER H 1035 -38.04 -71.74 129.45
CA SER H 1035 -37.84 -72.50 130.68
C SER H 1035 -36.41 -72.35 131.20
N ASN H 1036 -35.43 -72.52 130.31
CA ASN H 1036 -34.04 -72.36 130.73
C ASN H 1036 -33.78 -70.95 131.22
N ARG H 1037 -34.33 -69.95 130.52
CA ARG H 1037 -34.13 -68.57 130.95
C ARG H 1037 -34.73 -68.33 132.31
N ASP H 1038 -35.90 -68.93 132.59
CA ASP H 1038 -36.49 -68.79 133.91
C ASP H 1038 -35.58 -69.40 134.97
N SER H 1039 -35.03 -70.59 134.70
CA SER H 1039 -34.14 -71.22 135.67
C SER H 1039 -32.93 -70.34 135.96
N LEU H 1040 -32.27 -69.86 134.90
CA LEU H 1040 -31.08 -69.05 135.09
C LEU H 1040 -31.41 -67.71 135.74
N CYS H 1041 -32.55 -67.12 135.39
CA CYS H 1041 -32.95 -65.86 136.00
C CYS H 1041 -33.16 -66.05 137.50
N GLN H 1042 -33.79 -67.16 137.88
CA GLN H 1042 -33.96 -67.44 139.30
C GLN H 1042 -32.61 -67.63 139.98
N ALA H 1043 -31.68 -68.31 139.32
CA ALA H 1043 -30.35 -68.50 139.90
C ALA H 1043 -29.66 -67.16 140.15
N VAL H 1044 -29.69 -66.28 139.16
CA VAL H 1044 -29.05 -64.97 139.34
C VAL H 1044 -29.80 -64.17 140.39
N ARG H 1045 -31.12 -64.35 140.48
CA ARG H 1045 -31.87 -63.72 141.56
C ARG H 1045 -31.35 -64.16 142.91
N THR H 1046 -31.10 -65.47 143.06
CA THR H 1046 -30.58 -65.98 144.33
C THR H 1046 -29.19 -65.39 144.61
N LEU H 1047 -28.36 -65.27 143.58
CA LEU H 1047 -27.04 -64.68 143.78
C LEU H 1047 -27.16 -63.23 144.26
N LEU H 1048 -27.92 -62.42 143.54
CA LEU H 1048 -28.10 -61.02 143.96
C LEU H 1048 -28.72 -60.93 145.35
N GLY H 1049 -29.59 -61.89 145.70
CA GLY H 1049 -30.14 -61.90 147.04
C GLY H 1049 -29.09 -62.19 148.09
N TYR H 1050 -28.22 -63.17 147.83
CA TYR H 1050 -27.07 -63.38 148.69
C TYR H 1050 -26.23 -62.12 148.80
N GLY H 1051 -26.25 -61.28 147.76
CA GLY H 1051 -25.73 -59.94 147.88
C GLY H 1051 -24.77 -59.54 146.78
N TYR H 1052 -24.08 -60.52 146.20
CA TYR H 1052 -23.07 -60.21 145.20
C TYR H 1052 -23.64 -59.31 144.11
N ASN H 1053 -23.15 -58.07 144.07
CA ASN H 1053 -23.38 -57.19 142.94
C ASN H 1053 -22.54 -57.69 141.79
N ILE H 1054 -23.13 -57.73 140.60
CA ILE H 1054 -22.49 -58.27 139.42
C ILE H 1054 -22.38 -57.15 138.38
N GLU H 1055 -21.18 -56.99 137.83
CA GLU H 1055 -20.93 -55.98 136.81
C GLU H 1055 -20.99 -56.64 135.45
N PRO H 1056 -22.07 -56.45 134.67
CA PRO H 1056 -22.10 -56.98 133.27
C PRO H 1056 -20.90 -56.51 132.48
N PRO H 1057 -20.28 -57.39 131.69
CA PRO H 1057 -19.15 -56.95 130.86
C PRO H 1057 -19.63 -56.09 129.70
N ASP H 1058 -18.70 -55.33 129.13
CA ASP H 1058 -19.02 -54.52 127.97
C ASP H 1058 -19.59 -55.40 126.86
N GLN H 1059 -20.71 -54.96 126.30
CA GLN H 1059 -21.35 -55.73 125.24
C GLN H 1059 -20.44 -55.78 124.02
N GLU H 1060 -20.29 -56.98 123.45
CA GLU H 1060 -19.35 -57.20 122.35
C GLU H 1060 -20.10 -57.27 121.02
N PRO H 1061 -19.64 -56.61 119.97
CA PRO H 1061 -20.31 -56.71 118.67
C PRO H 1061 -19.97 -58.02 117.97
N SER H 1062 -20.76 -58.31 116.92
CA SER H 1062 -20.56 -59.50 116.13
C SER H 1062 -21.20 -59.29 114.75
N GLN H 1063 -20.77 -60.12 113.80
CA GLN H 1063 -21.30 -60.09 112.44
C GLN H 1063 -21.44 -61.52 111.93
N VAL H 1064 -22.58 -61.80 111.30
CA VAL H 1064 -22.85 -63.16 110.83
C VAL H 1064 -21.95 -63.53 109.66
N ASP H 1065 -21.79 -62.61 108.70
CA ASP H 1065 -20.97 -62.82 107.50
C ASP H 1065 -21.16 -64.23 106.94
N SER H 1066 -22.42 -64.60 106.72
CA SER H 1066 -22.71 -65.91 106.17
C SER H 1066 -22.12 -66.08 104.77
N GLN H 1067 -22.22 -65.05 103.94
CA GLN H 1067 -21.71 -65.09 102.58
C GLN H 1067 -21.20 -63.71 102.22
N SER H 1068 -20.41 -63.65 101.14
CA SER H 1068 -19.88 -62.38 100.68
C SER H 1068 -21.01 -61.37 100.50
N ARG H 1069 -20.81 -60.17 101.05
CA ARG H 1069 -21.88 -59.17 101.03
C ARG H 1069 -22.05 -58.58 99.63
N GLY H 1070 -20.97 -58.53 98.84
CA GLY H 1070 -21.11 -58.06 97.47
C GLY H 1070 -22.05 -58.91 96.65
N ASP H 1071 -22.28 -60.16 97.09
CA ASP H 1071 -23.14 -61.10 96.40
C ASP H 1071 -24.37 -61.47 97.22
N ARG H 1072 -24.50 -60.89 98.42
CA ARG H 1072 -25.45 -61.43 99.38
C ARG H 1072 -26.90 -61.19 98.95
N ALA H 1073 -27.16 -60.09 98.25
CA ALA H 1073 -28.51 -59.69 97.90
C ALA H 1073 -28.77 -59.95 96.42
N ARG H 1074 -29.93 -60.53 96.12
CA ARG H 1074 -30.31 -60.77 94.73
C ARG H 1074 -30.94 -59.51 94.14
N ILE H 1075 -30.56 -59.20 92.91
CA ILE H 1075 -31.09 -58.05 92.18
C ILE H 1075 -31.97 -58.58 91.07
N PHE H 1076 -33.19 -58.05 90.97
CA PHE H 1076 -34.10 -58.33 89.87
C PHE H 1076 -34.36 -57.02 89.13
N ARG H 1077 -34.15 -57.01 87.82
CA ARG H 1077 -34.39 -55.82 87.02
C ARG H 1077 -35.21 -56.21 85.80
N ALA H 1078 -35.78 -55.21 85.15
CA ALA H 1078 -36.44 -55.46 83.89
C ALA H 1078 -35.40 -55.76 82.81
N GLU H 1079 -35.86 -56.28 81.67
CA GLU H 1079 -34.96 -56.54 80.57
C GLU H 1079 -34.44 -55.25 79.96
N LYS H 1080 -33.24 -55.31 79.38
CA LYS H 1080 -32.62 -54.11 78.81
C LYS H 1080 -33.49 -53.48 77.73
N SER H 1081 -34.20 -54.29 76.96
CA SER H 1081 -34.97 -53.78 75.83
C SER H 1081 -36.16 -52.93 76.26
N TYR H 1082 -36.48 -52.89 77.56
CA TYR H 1082 -37.58 -52.09 78.07
C TYR H 1082 -37.11 -50.76 78.66
N ALA H 1083 -35.84 -50.39 78.45
CA ALA H 1083 -35.35 -49.13 78.98
C ALA H 1083 -36.17 -47.98 78.44
N VAL H 1084 -36.53 -47.05 79.31
CA VAL H 1084 -37.37 -45.91 78.96
C VAL H 1084 -36.45 -44.72 78.74
N GLN H 1085 -36.60 -44.06 77.60
CA GLN H 1085 -35.76 -42.91 77.27
C GLN H 1085 -36.44 -41.60 77.65
N SER H 1086 -37.77 -41.55 77.64
CA SER H 1086 -38.49 -40.32 77.92
C SER H 1086 -39.86 -40.66 78.47
N GLY H 1087 -40.48 -39.68 79.12
CA GLY H 1087 -41.83 -39.79 79.63
C GLY H 1087 -41.85 -39.82 81.15
N ARG H 1088 -43.03 -40.12 81.67
CA ARG H 1088 -43.26 -40.21 83.09
C ARG H 1088 -43.82 -41.60 83.41
N TRP H 1089 -43.06 -42.37 84.18
CA TRP H 1089 -43.34 -43.78 84.39
C TRP H 1089 -43.47 -44.08 85.88
N TYR H 1090 -44.26 -45.10 86.18
CA TYR H 1090 -44.65 -45.43 87.55
C TYR H 1090 -44.71 -46.95 87.71
N PHE H 1091 -44.31 -47.42 88.89
CA PHE H 1091 -44.51 -48.82 89.24
C PHE H 1091 -44.55 -48.93 90.75
N GLU H 1092 -44.90 -50.12 91.25
CA GLU H 1092 -45.12 -50.32 92.66
C GLU H 1092 -44.33 -51.51 93.17
N PHE H 1093 -43.95 -51.47 94.44
CA PHE H 1093 -43.15 -52.52 95.06
C PHE H 1093 -43.64 -52.72 96.49
N GLU H 1094 -44.34 -53.82 96.73
CA GLU H 1094 -44.88 -54.13 98.04
C GLU H 1094 -43.87 -54.98 98.80
N ALA H 1095 -43.58 -54.60 100.04
CA ALA H 1095 -42.54 -55.27 100.84
C ALA H 1095 -43.22 -56.26 101.77
N VAL H 1096 -43.29 -57.53 101.36
CA VAL H 1096 -43.95 -58.52 102.20
C VAL H 1096 -43.19 -58.72 103.49
N THR H 1097 -41.93 -58.28 103.55
CA THR H 1097 -41.13 -58.34 104.76
C THR H 1097 -40.42 -57.00 104.94
N THR H 1098 -40.10 -56.67 106.20
CA THR H 1098 -39.55 -55.38 106.53
C THR H 1098 -38.03 -55.31 106.41
N GLY H 1099 -37.37 -56.42 106.14
CA GLY H 1099 -35.92 -56.46 106.14
C GLY H 1099 -35.32 -55.62 105.04
N GLU H 1100 -34.05 -55.92 104.75
CA GLU H 1100 -33.27 -55.06 103.87
C GLU H 1100 -33.71 -55.26 102.42
N MET H 1101 -34.26 -54.20 101.83
CA MET H 1101 -34.76 -54.26 100.47
C MET H 1101 -34.66 -52.88 99.85
N ARG H 1102 -34.11 -52.83 98.65
CA ARG H 1102 -33.94 -51.60 97.88
C ARG H 1102 -34.80 -51.69 96.64
N VAL H 1103 -35.30 -50.56 96.16
CA VAL H 1103 -36.09 -50.52 94.94
C VAL H 1103 -35.90 -49.18 94.26
N GLY H 1104 -35.85 -49.18 92.95
CA GLY H 1104 -35.68 -47.95 92.21
C GLY H 1104 -35.42 -48.22 90.74
N TRP H 1105 -34.63 -47.34 90.13
CA TRP H 1105 -34.35 -47.37 88.71
C TRP H 1105 -32.87 -47.53 88.47
N ALA H 1106 -32.51 -48.46 87.59
CA ALA H 1106 -31.12 -48.74 87.28
C ALA H 1106 -30.86 -48.62 85.78
N ARG H 1107 -29.66 -48.27 85.44
CA ARG H 1107 -29.35 -48.16 84.03
C ARG H 1107 -29.14 -49.54 83.42
N PRO H 1108 -29.27 -49.66 82.09
CA PRO H 1108 -29.17 -50.99 81.48
C PRO H 1108 -27.84 -51.69 81.74
N GLU H 1109 -26.79 -50.95 82.04
CA GLU H 1109 -25.46 -51.52 82.24
C GLU H 1109 -25.18 -51.81 83.70
N LEU H 1110 -26.24 -52.10 84.47
CA LEU H 1110 -26.07 -52.41 85.88
C LEU H 1110 -25.24 -53.67 86.05
N ARG H 1111 -24.34 -53.64 87.03
CA ARG H 1111 -23.45 -54.77 87.28
C ARG H 1111 -24.02 -55.66 88.38
N PRO H 1112 -24.10 -56.97 88.16
CA PRO H 1112 -24.70 -57.84 89.19
C PRO H 1112 -23.96 -57.83 90.51
N ASP H 1113 -22.63 -57.76 90.48
CA ASP H 1113 -21.86 -57.97 91.71
C ASP H 1113 -21.89 -56.76 92.62
N VAL H 1114 -21.94 -55.55 92.05
CA VAL H 1114 -21.94 -54.34 92.87
C VAL H 1114 -23.31 -54.13 93.48
N GLU H 1115 -23.34 -53.69 94.74
CA GLU H 1115 -24.60 -53.43 95.42
C GLU H 1115 -25.34 -52.29 94.75
N LEU H 1116 -26.67 -52.33 94.83
CA LEU H 1116 -27.47 -51.26 94.25
C LEU H 1116 -27.20 -49.94 94.95
N GLY H 1117 -27.09 -48.88 94.16
CA GLY H 1117 -26.99 -47.55 94.70
C GLY H 1117 -25.63 -47.22 95.29
N ALA H 1118 -24.74 -48.20 95.35
CA ALA H 1118 -23.36 -47.96 95.73
C ALA H 1118 -22.50 -47.58 94.53
N ASP H 1119 -23.10 -47.52 93.35
CA ASP H 1119 -22.43 -47.09 92.13
C ASP H 1119 -23.36 -46.17 91.36
N ASP H 1120 -22.79 -45.41 90.43
CA ASP H 1120 -23.57 -44.42 89.70
C ASP H 1120 -24.65 -45.07 88.82
N LEU H 1121 -24.59 -46.37 88.61
CA LEU H 1121 -25.50 -47.02 87.66
C LEU H 1121 -26.93 -47.02 88.15
N ALA H 1122 -27.17 -47.04 89.45
CA ALA H 1122 -28.51 -47.23 89.98
C ALA H 1122 -28.88 -46.15 90.99
N TYR H 1123 -30.14 -45.73 90.94
CA TYR H 1123 -30.72 -44.82 91.93
C TYR H 1123 -31.86 -45.57 92.61
N VAL H 1124 -31.72 -45.84 93.91
CA VAL H 1124 -32.70 -46.67 94.60
C VAL H 1124 -33.02 -46.10 95.98
N PHE H 1125 -34.04 -46.68 96.60
CA PHE H 1125 -34.46 -46.37 97.95
C PHE H 1125 -34.45 -47.66 98.77
N ASN H 1126 -33.70 -47.65 99.85
CA ASN H 1126 -33.61 -48.79 100.76
C ASN H 1126 -34.56 -48.55 101.93
N GLY H 1127 -35.36 -49.56 102.25
CA GLY H 1127 -36.46 -49.37 103.17
C GLY H 1127 -36.16 -49.64 104.63
N HIS H 1128 -35.45 -50.74 104.92
CA HIS H 1128 -35.30 -51.16 106.30
C HIS H 1128 -34.69 -50.06 107.16
N ARG H 1129 -33.84 -49.23 106.57
CA ARG H 1129 -33.25 -48.10 107.28
C ARG H 1129 -33.87 -46.77 106.89
N GLY H 1130 -34.54 -46.69 105.74
CA GLY H 1130 -35.08 -45.42 105.29
C GLY H 1130 -34.00 -44.55 104.69
N GLN H 1131 -33.38 -45.02 103.61
CA GLN H 1131 -32.27 -44.31 102.98
C GLN H 1131 -32.48 -44.25 101.48
N ARG H 1132 -31.80 -43.32 100.83
CA ARG H 1132 -31.75 -43.25 99.38
C ARG H 1132 -30.32 -43.46 98.93
N TRP H 1133 -30.11 -44.42 98.04
CA TRP H 1133 -28.79 -44.87 97.66
C TRP H 1133 -28.49 -44.49 96.21
N HIS H 1134 -27.40 -43.77 96.03
CA HIS H 1134 -26.77 -43.58 94.71
C HIS H 1134 -25.36 -43.09 94.96
N LEU H 1135 -24.37 -43.90 94.58
CA LEU H 1135 -22.97 -43.58 94.85
C LEU H 1135 -22.74 -43.38 96.35
N GLY H 1136 -23.49 -44.11 97.15
CA GLY H 1136 -23.41 -43.99 98.59
C GLY H 1136 -24.80 -44.04 99.20
N SER H 1137 -24.91 -43.51 100.41
CA SER H 1137 -26.17 -43.52 101.14
C SER H 1137 -26.44 -42.16 101.75
N GLU H 1138 -27.71 -41.79 101.83
CA GLU H 1138 -28.14 -40.57 102.48
C GLU H 1138 -29.50 -40.85 103.12
N PRO H 1139 -29.69 -40.50 104.39
CA PRO H 1139 -31.00 -40.72 105.01
C PRO H 1139 -32.09 -39.99 104.24
N PHE H 1140 -33.23 -40.65 104.08
CA PHE H 1140 -34.33 -40.10 103.30
C PHE H 1140 -35.56 -40.96 103.51
N GLY H 1141 -36.69 -40.33 103.71
CA GLY H 1141 -37.92 -41.05 103.94
C GLY H 1141 -37.94 -41.70 105.32
N ARG H 1142 -38.82 -42.68 105.45
CA ARG H 1142 -39.00 -43.43 106.68
C ARG H 1142 -39.09 -44.92 106.37
N PRO H 1143 -38.74 -45.78 107.32
CA PRO H 1143 -38.84 -47.22 107.07
C PRO H 1143 -40.29 -47.65 106.89
N TRP H 1144 -40.48 -48.69 106.08
CA TRP H 1144 -41.79 -49.27 105.87
C TRP H 1144 -42.05 -50.38 106.87
N GLN H 1145 -43.32 -50.68 107.10
CA GLN H 1145 -43.74 -51.90 107.79
C GLN H 1145 -44.19 -52.92 106.76
N SER H 1146 -44.33 -54.16 107.22
CA SER H 1146 -44.72 -55.23 106.31
C SER H 1146 -46.05 -54.91 105.63
N GLY H 1147 -46.11 -55.18 104.32
CA GLY H 1147 -47.29 -54.93 103.53
C GLY H 1147 -47.33 -53.55 102.90
N ASP H 1148 -46.39 -52.68 103.26
CA ASP H 1148 -46.37 -51.34 102.67
C ASP H 1148 -45.92 -51.38 101.22
N VAL H 1149 -46.46 -50.46 100.43
CA VAL H 1149 -46.21 -50.40 99.00
C VAL H 1149 -45.44 -49.12 98.72
N VAL H 1150 -44.25 -49.27 98.13
CA VAL H 1150 -43.44 -48.13 97.70
C VAL H 1150 -43.73 -47.92 96.21
N GLY H 1151 -44.31 -46.77 95.88
CA GLY H 1151 -44.50 -46.41 94.50
C GLY H 1151 -43.30 -45.62 94.00
N CYS H 1152 -42.69 -46.10 92.94
CA CYS H 1152 -41.52 -45.47 92.34
C CYS H 1152 -41.97 -44.76 91.06
N MET H 1153 -41.65 -43.47 90.97
CA MET H 1153 -41.99 -42.63 89.84
C MET H 1153 -40.71 -42.06 89.26
N ILE H 1154 -40.62 -42.01 87.94
CA ILE H 1154 -39.54 -41.30 87.27
C ILE H 1154 -40.15 -40.36 86.25
N ASP H 1155 -39.74 -39.10 86.30
CA ASP H 1155 -40.16 -38.08 85.34
C ASP H 1155 -38.93 -37.67 84.56
N LEU H 1156 -38.83 -38.12 83.31
CA LEU H 1156 -37.69 -37.83 82.48
C LEU H 1156 -37.76 -36.48 81.80
N THR H 1157 -38.95 -35.88 81.73
CA THR H 1157 -39.06 -34.50 81.26
C THR H 1157 -38.45 -33.52 82.25
N GLU H 1158 -38.52 -33.84 83.54
CA GLU H 1158 -37.92 -33.03 84.59
C GLU H 1158 -36.68 -33.68 85.18
N ASN H 1159 -36.35 -34.91 84.76
CA ASN H 1159 -35.17 -35.59 85.26
C ASN H 1159 -35.21 -35.73 86.78
N THR H 1160 -36.26 -36.37 87.29
CA THR H 1160 -36.40 -36.54 88.73
C THR H 1160 -36.95 -37.92 89.02
N ILE H 1161 -36.72 -38.38 90.25
CA ILE H 1161 -37.22 -39.65 90.75
C ILE H 1161 -37.91 -39.40 92.07
N ILE H 1162 -39.13 -39.90 92.21
CA ILE H 1162 -39.93 -39.70 93.41
C ILE H 1162 -40.29 -41.06 93.99
N PHE H 1163 -40.29 -41.15 95.31
CA PHE H 1163 -40.65 -42.37 96.02
C PHE H 1163 -41.76 -42.05 97.00
N THR H 1164 -42.88 -42.77 96.87
CA THR H 1164 -44.05 -42.55 97.71
C THR H 1164 -44.29 -43.82 98.52
N LEU H 1165 -44.73 -43.66 99.75
CA LEU H 1165 -45.03 -44.80 100.62
C LEU H 1165 -46.50 -44.77 100.98
N ASN H 1166 -47.19 -45.88 100.73
CA ASN H 1166 -48.62 -46.01 101.00
C ASN H 1166 -49.42 -44.89 100.34
N GLY H 1167 -48.96 -44.41 99.18
CA GLY H 1167 -49.63 -43.34 98.48
C GLY H 1167 -49.25 -41.95 98.91
N GLU H 1168 -48.30 -41.81 99.83
CA GLU H 1168 -47.83 -40.51 100.31
C GLU H 1168 -46.40 -40.30 99.84
N VAL H 1169 -46.10 -39.08 99.41
CA VAL H 1169 -44.78 -38.78 98.86
C VAL H 1169 -43.78 -38.66 100.00
N LEU H 1170 -42.75 -39.49 99.96
CA LEU H 1170 -41.67 -39.37 100.93
C LEU H 1170 -40.87 -38.10 100.66
N MET H 1171 -40.36 -37.50 101.72
CA MET H 1171 -39.59 -36.26 101.64
C MET H 1171 -38.25 -36.45 102.33
N SER H 1172 -37.21 -35.86 101.74
CA SER H 1172 -35.90 -35.89 102.37
C SER H 1172 -35.88 -34.96 103.57
N ASP H 1173 -34.72 -34.90 104.23
CA ASP H 1173 -34.59 -34.04 105.40
C ASP H 1173 -34.82 -32.57 105.04
N SER H 1174 -34.28 -32.14 103.89
CA SER H 1174 -34.47 -30.76 103.46
C SER H 1174 -35.91 -30.46 103.09
N GLY H 1175 -36.76 -31.48 102.98
CA GLY H 1175 -38.14 -31.29 102.60
C GLY H 1175 -38.40 -31.36 101.11
N SER H 1176 -37.35 -31.52 100.29
CA SER H 1176 -37.54 -31.65 98.85
C SER H 1176 -38.39 -32.87 98.55
N GLU H 1177 -39.37 -32.70 97.65
CA GLU H 1177 -40.23 -33.82 97.30
C GLU H 1177 -39.53 -34.81 96.38
N THR H 1178 -38.69 -34.31 95.48
CA THR H 1178 -37.97 -35.19 94.56
C THR H 1178 -36.82 -35.86 95.30
N ALA H 1179 -36.82 -37.19 95.31
CA ALA H 1179 -35.75 -37.93 95.97
C ALA H 1179 -34.42 -37.73 95.26
N PHE H 1180 -34.42 -37.79 93.93
CA PHE H 1180 -33.21 -37.60 93.14
C PHE H 1180 -33.49 -36.60 92.03
N ARG H 1181 -32.47 -35.82 91.68
CA ARG H 1181 -32.62 -34.69 90.78
C ARG H 1181 -31.45 -34.66 89.81
N ASP H 1182 -31.68 -34.02 88.66
CA ASP H 1182 -30.63 -33.77 87.68
C ASP H 1182 -29.99 -35.07 87.21
N ILE H 1183 -30.82 -35.92 86.62
CA ILE H 1183 -30.37 -37.22 86.10
C ILE H 1183 -30.27 -37.12 84.58
N GLU H 1184 -29.12 -37.51 84.05
CA GLU H 1184 -28.94 -37.54 82.61
C GLU H 1184 -29.49 -38.83 82.04
N ILE H 1185 -30.28 -38.71 80.96
CA ILE H 1185 -31.03 -39.86 80.46
C ILE H 1185 -30.08 -40.98 80.07
N GLY H 1186 -29.07 -40.67 79.27
CA GLY H 1186 -28.09 -41.68 78.90
C GLY H 1186 -28.73 -42.88 78.25
N ASP H 1187 -28.36 -44.07 78.72
CA ASP H 1187 -28.86 -45.31 78.13
C ASP H 1187 -30.35 -45.48 78.37
N GLY H 1188 -30.83 -45.02 79.52
CA GLY H 1188 -32.22 -45.21 79.87
C GLY H 1188 -32.35 -45.52 81.35
N PHE H 1189 -33.47 -46.16 81.68
CA PHE H 1189 -33.73 -46.55 83.07
C PHE H 1189 -34.67 -47.74 83.09
N LEU H 1190 -34.48 -48.63 84.06
CA LEU H 1190 -35.25 -49.84 84.19
C LEU H 1190 -35.69 -50.04 85.63
N PRO H 1191 -36.88 -50.58 85.87
CA PRO H 1191 -37.24 -50.95 87.23
C PRO H 1191 -36.29 -52.01 87.77
N VAL H 1192 -35.93 -51.86 89.05
CA VAL H 1192 -34.97 -52.75 89.69
C VAL H 1192 -35.26 -52.82 91.17
N CYS H 1193 -34.98 -53.98 91.76
CA CYS H 1193 -35.12 -54.19 93.19
C CYS H 1193 -34.00 -55.12 93.66
N SER H 1194 -33.61 -54.95 94.91
CA SER H 1194 -32.60 -55.78 95.55
C SER H 1194 -33.17 -56.30 96.86
N LEU H 1195 -33.22 -57.62 97.00
CA LEU H 1195 -33.82 -58.26 98.16
C LEU H 1195 -32.74 -58.95 98.98
N GLY H 1196 -32.32 -58.33 100.08
CA GLY H 1196 -31.35 -58.95 100.94
C GLY H 1196 -31.82 -60.33 101.37
N PRO H 1197 -30.95 -61.08 102.05
CA PRO H 1197 -31.27 -62.47 102.36
C PRO H 1197 -32.55 -62.56 103.19
N GLY H 1198 -33.36 -63.56 102.88
CA GLY H 1198 -34.58 -63.82 103.63
C GLY H 1198 -35.63 -62.75 103.54
N GLN H 1199 -35.90 -62.21 102.35
CA GLN H 1199 -36.90 -61.16 102.18
C GLN H 1199 -37.76 -61.47 100.98
N VAL H 1200 -38.99 -60.95 100.98
CA VAL H 1200 -39.96 -61.19 99.92
C VAL H 1200 -40.59 -59.87 99.49
N GLY H 1201 -40.67 -59.67 98.19
CA GLY H 1201 -41.27 -58.47 97.64
C GLY H 1201 -42.18 -58.80 96.47
N HIS H 1202 -42.96 -57.81 96.06
CA HIS H 1202 -43.89 -57.95 94.95
C HIS H 1202 -43.77 -56.74 94.05
N LEU H 1203 -43.37 -56.97 92.80
CA LEU H 1203 -43.10 -55.92 91.84
C LEU H 1203 -44.27 -55.82 90.87
N ASN H 1204 -45.04 -54.75 90.97
CA ASN H 1204 -46.17 -54.50 90.08
C ASN H 1204 -45.74 -53.46 89.05
N LEU H 1205 -45.65 -53.89 87.80
CA LEU H 1205 -45.27 -53.01 86.70
C LEU H 1205 -46.47 -52.49 85.94
N GLY H 1206 -47.68 -52.69 86.47
CA GLY H 1206 -48.86 -52.08 85.89
C GLY H 1206 -49.37 -52.71 84.63
N GLN H 1207 -49.08 -53.99 84.38
CA GLN H 1207 -49.65 -54.64 83.21
C GLN H 1207 -51.16 -54.74 83.35
N ASP H 1208 -51.66 -54.78 84.58
CA ASP H 1208 -53.08 -54.71 84.88
C ASP H 1208 -53.29 -53.47 85.76
N VAL H 1209 -53.76 -52.38 85.13
CA VAL H 1209 -53.75 -51.08 85.80
C VAL H 1209 -54.57 -51.11 87.07
N SER H 1210 -55.69 -51.84 87.06
CA SER H 1210 -56.55 -51.88 88.23
C SER H 1210 -55.85 -52.49 89.43
N SER H 1211 -54.88 -53.38 89.20
CA SER H 1211 -54.23 -54.07 90.30
C SER H 1211 -53.44 -53.11 91.18
N LEU H 1212 -52.96 -52.00 90.61
CA LEU H 1212 -52.15 -51.07 91.38
C LEU H 1212 -52.94 -50.54 92.57
N ARG H 1213 -52.24 -50.30 93.68
CA ARG H 1213 -52.92 -49.92 94.91
C ARG H 1213 -53.03 -48.41 95.06
N PHE H 1214 -51.91 -47.70 94.95
CA PHE H 1214 -51.86 -46.27 95.23
C PHE H 1214 -51.65 -45.43 93.99
N PHE H 1215 -51.80 -46.03 92.80
CA PHE H 1215 -51.60 -45.26 91.58
C PHE H 1215 -52.60 -44.13 91.46
N ALA H 1216 -53.88 -44.43 91.69
CA ALA H 1216 -54.90 -43.39 91.60
C ALA H 1216 -54.68 -42.31 92.64
N ILE H 1217 -54.35 -42.69 93.86
CA ILE H 1217 -54.14 -41.70 94.92
C ILE H 1217 -52.97 -40.80 94.58
N CYS H 1218 -51.87 -41.36 94.11
CA CYS H 1218 -50.69 -40.58 93.75
C CYS H 1218 -50.18 -41.03 92.39
N GLY H 1219 -49.99 -40.09 91.48
CA GLY H 1219 -49.39 -40.38 90.19
C GLY H 1219 -50.35 -40.29 89.02
N LEU H 1220 -51.56 -40.83 89.19
CA LEU H 1220 -52.51 -40.82 88.09
C LEU H 1220 -52.80 -39.39 87.63
N GLN H 1221 -53.13 -38.50 88.58
CA GLN H 1221 -53.44 -37.13 88.22
C GLN H 1221 -52.19 -36.39 87.77
N GLU H 1222 -51.03 -36.77 88.29
CA GLU H 1222 -49.77 -36.19 87.85
C GLU H 1222 -49.39 -36.63 86.44
N GLY H 1223 -50.12 -37.60 85.87
CA GLY H 1223 -49.86 -38.02 84.51
C GLY H 1223 -48.82 -39.11 84.36
N PHE H 1224 -48.37 -39.69 85.47
CA PHE H 1224 -47.41 -40.78 85.38
C PHE H 1224 -48.06 -42.04 84.81
N GLU H 1225 -47.26 -42.84 84.13
CA GLU H 1225 -47.72 -44.01 83.41
C GLU H 1225 -47.29 -45.30 84.12
N PRO H 1226 -48.17 -46.27 84.27
CA PRO H 1226 -47.72 -47.59 84.73
C PRO H 1226 -46.70 -48.16 83.76
N PHE H 1227 -45.60 -48.66 84.31
CA PHE H 1227 -44.43 -48.95 83.48
C PHE H 1227 -44.79 -49.91 82.35
N ALA H 1228 -45.77 -50.78 82.56
CA ALA H 1228 -46.15 -51.75 81.54
C ALA H 1228 -47.63 -51.61 81.21
N ILE H 1229 -48.10 -50.39 81.04
CA ILE H 1229 -49.54 -50.17 80.86
C ILE H 1229 -50.06 -50.82 79.58
N ASN H 1230 -49.27 -50.83 78.51
CA ASN H 1230 -49.75 -51.30 77.21
C ASN H 1230 -48.97 -52.49 76.71
N MET H 1231 -48.21 -53.16 77.56
CA MET H 1231 -47.42 -54.31 77.17
C MET H 1231 -48.28 -55.57 77.31
N GLN H 1232 -48.77 -56.07 76.18
CA GLN H 1232 -49.72 -57.18 76.22
C GLN H 1232 -49.13 -58.40 76.91
N ARG H 1233 -47.82 -58.56 76.80
CA ARG H 1233 -47.17 -59.69 77.46
C ARG H 1233 -46.44 -59.23 78.71
N PRO H 1234 -46.34 -60.08 79.74
CA PRO H 1234 -45.65 -59.66 80.97
C PRO H 1234 -44.22 -59.25 80.70
N VAL H 1235 -43.73 -58.29 81.49
CA VAL H 1235 -42.37 -57.79 81.31
C VAL H 1235 -41.39 -58.85 81.75
N THR H 1236 -40.34 -59.06 80.95
CA THR H 1236 -39.34 -60.06 81.28
C THR H 1236 -38.32 -59.48 82.24
N THR H 1237 -37.88 -60.31 83.19
CA THR H 1237 -36.98 -59.88 84.25
C THR H 1237 -35.69 -60.69 84.19
N TRP H 1238 -34.61 -60.05 84.64
CA TRP H 1238 -33.31 -60.68 84.76
C TRP H 1238 -32.82 -60.51 86.20
N PHE H 1239 -32.31 -61.58 86.77
CA PHE H 1239 -31.87 -61.57 88.15
C PHE H 1239 -30.40 -61.91 88.26
N SER H 1240 -29.82 -61.57 89.40
CA SER H 1240 -28.39 -61.75 89.64
C SER H 1240 -28.14 -63.18 90.10
N LYS H 1241 -28.09 -64.09 89.14
CA LYS H 1241 -27.80 -65.48 89.44
C LYS H 1241 -26.42 -65.58 90.08
N SER H 1242 -26.36 -66.23 91.23
CA SER H 1242 -25.14 -66.29 92.03
C SER H 1242 -24.33 -67.55 91.81
N LEU H 1243 -24.42 -68.15 90.63
CA LEU H 1243 -23.62 -69.32 90.31
C LEU H 1243 -22.35 -68.87 89.60
N PRO H 1244 -21.18 -68.99 90.22
CA PRO H 1244 -19.95 -68.50 89.58
C PRO H 1244 -19.72 -69.17 88.24
N GLN H 1245 -19.25 -68.39 87.27
CA GLN H 1245 -18.90 -68.89 85.95
C GLN H 1245 -17.68 -68.13 85.45
N PHE H 1246 -16.95 -68.76 84.53
CA PHE H 1246 -15.72 -68.15 84.04
C PHE H 1246 -16.04 -67.19 82.90
N GLU H 1247 -15.44 -66.00 82.96
CA GLU H 1247 -15.62 -64.99 81.94
C GLU H 1247 -14.27 -64.42 81.56
N PRO H 1248 -14.10 -63.96 80.33
CA PRO H 1248 -12.80 -63.44 79.91
C PRO H 1248 -12.37 -62.26 80.75
N VAL H 1249 -11.06 -62.16 80.95
CA VAL H 1249 -10.54 -61.05 81.74
C VAL H 1249 -10.88 -59.75 81.03
N PRO H 1250 -11.56 -58.80 81.67
CA PRO H 1250 -11.84 -57.53 81.01
C PRO H 1250 -10.54 -56.82 80.64
N LEU H 1251 -10.52 -56.22 79.46
CA LEU H 1251 -9.32 -55.52 79.00
C LEU H 1251 -9.00 -54.32 79.87
N GLU H 1252 -9.98 -53.77 80.59
CA GLU H 1252 -9.78 -52.60 81.43
C GLU H 1252 -9.89 -52.91 82.91
N HIS H 1253 -9.71 -54.16 83.30
CA HIS H 1253 -9.86 -54.54 84.70
C HIS H 1253 -8.90 -53.71 85.55
N PRO H 1254 -9.36 -53.08 86.62
CA PRO H 1254 -8.48 -52.18 87.37
C PRO H 1254 -7.25 -52.86 87.94
N HIS H 1255 -7.35 -54.13 88.34
CA HIS H 1255 -6.29 -54.78 89.09
C HIS H 1255 -5.52 -55.85 88.33
N TYR H 1256 -6.19 -56.65 87.50
CA TYR H 1256 -5.56 -57.80 86.86
C TYR H 1256 -5.36 -57.52 85.39
N GLU H 1257 -4.12 -57.74 84.92
CA GLU H 1257 -3.75 -57.50 83.53
C GLU H 1257 -3.17 -58.77 82.95
N VAL H 1258 -3.68 -59.17 81.79
CA VAL H 1258 -3.18 -60.32 81.05
C VAL H 1258 -2.56 -59.83 79.76
N ALA H 1259 -1.29 -60.13 79.55
CA ALA H 1259 -0.56 -59.72 78.36
C ALA H 1259 -0.01 -60.95 77.66
N ARG H 1260 -0.18 -61.01 76.34
CA ARG H 1260 0.27 -62.14 75.55
C ARG H 1260 1.62 -61.79 74.94
N MET H 1261 2.63 -62.58 75.26
CA MET H 1261 3.98 -62.38 74.74
C MET H 1261 4.30 -63.45 73.71
N ASP H 1262 4.69 -63.03 72.52
CA ASP H 1262 4.96 -63.96 71.44
C ASP H 1262 6.17 -64.83 71.77
N GLY H 1263 6.19 -66.02 71.17
CA GLY H 1263 7.29 -66.93 71.39
C GLY H 1263 8.57 -66.43 70.75
N THR H 1264 9.70 -66.77 71.38
CA THR H 1264 11.01 -66.39 70.91
C THR H 1264 11.81 -67.64 70.57
N VAL H 1265 13.09 -67.45 70.27
CA VAL H 1265 13.98 -68.54 69.93
C VAL H 1265 14.08 -69.50 71.11
N ASP H 1266 14.01 -68.98 72.33
CA ASP H 1266 14.20 -69.77 73.53
C ASP H 1266 13.02 -69.76 74.48
N THR H 1267 11.90 -69.13 74.11
CA THR H 1267 10.74 -69.07 74.96
C THR H 1267 9.49 -69.44 74.17
N PRO H 1268 8.63 -70.31 74.68
CA PRO H 1268 7.39 -70.61 73.99
C PRO H 1268 6.37 -69.51 74.20
N PRO H 1269 5.23 -69.55 73.51
CA PRO H 1269 4.20 -68.54 73.74
C PRO H 1269 3.76 -68.53 75.20
N CYS H 1270 3.49 -67.32 75.70
CA CYS H 1270 3.15 -67.13 77.10
C CYS H 1270 1.91 -66.25 77.23
N LEU H 1271 1.22 -66.44 78.34
CA LEU H 1271 0.15 -65.55 78.78
C LEU H 1271 0.42 -65.20 80.23
N ARG H 1272 0.89 -63.98 80.49
CA ARG H 1272 1.35 -63.57 81.80
C ARG H 1272 0.27 -62.75 82.49
N LEU H 1273 0.05 -63.04 83.78
CA LEU H 1273 -0.86 -62.26 84.60
C LEU H 1273 -0.06 -61.35 85.51
N THR H 1274 -0.45 -60.07 85.55
CA THR H 1274 0.22 -59.08 86.36
C THR H 1274 -0.79 -58.34 87.21
N HIS H 1275 -0.44 -58.10 88.46
CA HIS H 1275 -1.29 -57.34 89.38
C HIS H 1275 -0.98 -55.86 89.21
N ARG H 1276 -1.93 -55.11 88.64
CA ARG H 1276 -1.67 -53.72 88.30
C ARG H 1276 -1.35 -52.88 89.54
N THR H 1277 -2.13 -53.04 90.59
CA THR H 1277 -2.10 -52.13 91.72
C THR H 1277 -1.45 -52.74 92.96
N TRP H 1278 -0.68 -53.80 92.79
CA TRP H 1278 -0.05 -54.43 93.94
C TRP H 1278 0.93 -53.47 94.62
N GLY H 1279 1.00 -53.56 95.94
CA GLY H 1279 1.86 -52.69 96.71
C GLY H 1279 1.35 -51.29 96.87
N SER H 1280 0.11 -51.00 96.47
CA SER H 1280 -0.47 -49.68 96.56
C SER H 1280 -1.79 -49.76 97.33
N GLN H 1281 -2.21 -48.60 97.85
CA GLN H 1281 -3.49 -48.55 98.53
C GLN H 1281 -4.61 -48.83 97.54
N ASN H 1282 -5.72 -49.36 98.06
CA ASN H 1282 -6.88 -49.81 97.32
C ASN H 1282 -6.56 -51.09 96.54
N SER H 1283 -5.38 -51.67 96.71
CA SER H 1283 -5.06 -52.92 96.04
C SER H 1283 -6.00 -54.02 96.50
N LEU H 1284 -6.40 -54.87 95.56
CA LEU H 1284 -7.32 -55.97 95.83
C LEU H 1284 -6.51 -57.26 95.95
N VAL H 1285 -6.57 -57.88 97.11
CA VAL H 1285 -5.83 -59.11 97.39
C VAL H 1285 -6.87 -60.19 97.70
N GLU H 1286 -7.21 -60.98 96.69
CA GLU H 1286 -8.20 -62.03 96.82
C GLU H 1286 -7.78 -63.22 95.97
N MET H 1287 -8.36 -64.38 96.27
CA MET H 1287 -8.15 -65.54 95.41
C MET H 1287 -8.57 -65.23 93.99
N LEU H 1288 -7.78 -65.71 93.03
CA LEU H 1288 -8.08 -65.57 91.61
C LEU H 1288 -8.10 -66.96 91.00
N PHE H 1289 -9.21 -67.30 90.35
CA PHE H 1289 -9.37 -68.58 89.68
C PHE H 1289 -9.35 -68.31 88.18
N LEU H 1290 -8.35 -68.84 87.49
CA LEU H 1290 -8.14 -68.58 86.08
C LEU H 1290 -8.15 -69.89 85.32
N ARG H 1291 -8.63 -69.83 84.08
CA ARG H 1291 -8.54 -70.97 83.18
C ARG H 1291 -8.38 -70.47 81.76
N LEU H 1292 -7.79 -71.31 80.92
CA LEU H 1292 -7.73 -71.00 79.51
C LEU H 1292 -9.08 -71.28 78.85
N SER H 1293 -9.42 -70.47 77.86
CA SER H 1293 -10.77 -70.46 77.32
C SER H 1293 -11.12 -71.69 76.51
N LEU H 1294 -10.16 -72.56 76.20
CA LEU H 1294 -10.45 -73.73 75.39
C LEU H 1294 -10.14 -75.01 76.15
N PRO H 1295 -10.88 -76.09 75.92
CA PRO H 1295 -10.59 -77.35 76.59
C PRO H 1295 -9.77 -78.30 75.72
N VAL H 1296 -9.31 -79.37 76.36
CA VAL H 1296 -8.75 -80.54 75.69
C VAL H 1296 -9.64 -81.71 76.02
N GLN H 1297 -10.01 -82.49 75.00
CA GLN H 1297 -10.98 -83.56 75.13
C GLN H 1297 -10.28 -84.91 74.99
N PHE H 1298 -10.48 -85.78 75.97
CA PHE H 1298 -9.88 -87.10 75.94
C PHE H 1298 -10.56 -87.97 74.88
N HIS H 1299 -9.83 -88.97 74.41
CA HIS H 1299 -10.30 -89.79 73.32
C HIS H 1299 -11.50 -90.62 73.74
N GLN H 1300 -12.33 -90.97 72.75
CA GLN H 1300 -13.55 -91.73 73.04
C GLN H 1300 -13.22 -93.12 73.54
N HIS H 1301 -12.24 -93.78 72.94
CA HIS H 1301 -11.79 -95.11 73.35
C HIS H 1301 -10.35 -95.01 73.81
N PHE H 1302 -10.09 -95.39 75.06
CA PHE H 1302 -8.73 -95.40 75.57
C PHE H 1302 -7.96 -96.58 74.99
N ARG H 1303 -6.67 -96.36 74.75
CA ARG H 1303 -5.81 -97.45 74.30
C ARG H 1303 -5.81 -98.57 75.32
N CYS H 1304 -6.00 -99.79 74.84
CA CYS H 1304 -6.07 -100.95 75.72
C CYS H 1304 -4.66 -101.45 76.00
N THR H 1305 -4.21 -101.27 77.24
CA THR H 1305 -2.87 -101.68 77.65
C THR H 1305 -1.81 -101.07 76.74
N ASP H 1420 20.39 -84.72 69.87
CA ASP H 1420 19.72 -84.67 71.16
C ASP H 1420 18.86 -83.42 71.28
N ASN H 1421 17.88 -83.46 72.17
CA ASN H 1421 16.95 -82.37 72.42
C ASN H 1421 16.07 -82.05 71.23
N ARG H 1422 16.10 -82.88 70.19
CA ARG H 1422 15.28 -82.69 69.00
C ARG H 1422 14.29 -83.85 68.91
N ASP H 1423 13.04 -83.53 68.62
CA ASP H 1423 11.99 -84.54 68.61
C ASP H 1423 12.26 -85.59 67.56
N ASP H 1424 12.08 -86.85 67.94
CA ASP H 1424 12.09 -87.92 66.96
C ASP H 1424 10.83 -87.82 66.10
N PRO H 1425 10.95 -87.85 64.77
CA PRO H 1425 9.75 -87.65 63.95
C PRO H 1425 8.64 -88.63 64.24
N GLU H 1426 8.94 -89.93 64.24
CA GLU H 1426 7.89 -90.94 64.44
C GLU H 1426 7.25 -90.80 65.82
N ILE H 1427 8.07 -90.58 66.85
CA ILE H 1427 7.54 -90.49 68.19
C ILE H 1427 6.65 -89.27 68.33
N ILE H 1428 7.13 -88.11 67.87
CA ILE H 1428 6.35 -86.88 68.01
C ILE H 1428 5.07 -86.97 67.17
N LEU H 1429 5.12 -87.72 66.07
CA LEU H 1429 3.94 -87.85 65.22
C LEU H 1429 2.90 -88.80 65.80
N ASN H 1430 3.33 -89.86 66.48
CA ASN H 1430 2.40 -90.83 67.06
C ASN H 1430 2.09 -90.54 68.52
N THR H 1431 2.64 -89.47 69.10
CA THR H 1431 2.45 -89.20 70.51
C THR H 1431 1.02 -88.72 70.78
N THR H 1432 0.46 -89.18 71.91
CA THR H 1432 -0.86 -88.75 72.36
C THR H 1432 -0.78 -88.02 73.69
N THR H 1433 0.38 -87.48 74.03
CA THR H 1433 0.60 -86.74 75.27
C THR H 1433 0.83 -85.28 74.95
N TYR H 1434 0.09 -84.41 75.62
CA TYR H 1434 0.23 -82.97 75.48
C TYR H 1434 0.39 -82.39 76.88
N TYR H 1435 1.08 -81.26 77.01
CA TYR H 1435 1.16 -80.66 78.33
C TYR H 1435 1.22 -79.15 78.21
N TYR H 1436 1.23 -78.49 79.35
CA TYR H 1436 1.52 -77.06 79.41
C TYR H 1436 2.18 -76.76 80.74
N SER H 1437 3.00 -75.72 80.77
CA SER H 1437 3.70 -75.37 82.01
C SER H 1437 3.17 -74.06 82.54
N VAL H 1438 3.36 -73.87 83.85
CA VAL H 1438 2.99 -72.64 84.52
C VAL H 1438 4.22 -72.17 85.29
N ARG H 1439 4.60 -70.91 85.05
CA ARG H 1439 5.74 -70.31 85.73
C ARG H 1439 5.20 -69.39 86.81
N VAL H 1440 5.55 -69.70 88.06
CA VAL H 1440 5.33 -68.81 89.19
C VAL H 1440 6.60 -68.01 89.39
N PHE H 1441 6.51 -66.70 89.18
CA PHE H 1441 7.67 -65.84 89.23
C PHE H 1441 8.16 -65.68 90.66
N ALA H 1442 9.43 -65.29 90.80
CA ALA H 1442 9.97 -65.02 92.12
C ALA H 1442 9.19 -63.88 92.77
N GLY H 1443 9.01 -63.97 94.08
CA GLY H 1443 8.22 -63.03 94.83
C GLY H 1443 6.77 -63.44 95.01
N GLN H 1444 6.28 -64.35 94.18
CA GLN H 1444 4.96 -64.94 94.36
C GLN H 1444 5.13 -66.24 95.12
N GLU H 1445 4.64 -66.26 96.36
CA GLU H 1445 4.88 -67.41 97.21
C GLU H 1445 4.20 -68.63 96.59
N PRO H 1446 4.95 -69.70 96.28
CA PRO H 1446 4.30 -70.87 95.67
C PRO H 1446 3.30 -71.54 96.57
N SER H 1447 3.32 -71.26 97.87
CA SER H 1447 2.34 -71.85 98.78
C SER H 1447 0.93 -71.39 98.43
N CYS H 1448 0.80 -70.31 97.65
CA CYS H 1448 -0.50 -69.75 97.29
C CYS H 1448 -0.93 -70.09 95.88
N VAL H 1449 -0.21 -70.97 95.18
CA VAL H 1449 -0.47 -71.26 93.78
C VAL H 1449 -0.89 -72.72 93.65
N TRP H 1450 -1.98 -72.94 92.93
CA TRP H 1450 -2.42 -74.28 92.54
C TRP H 1450 -2.50 -74.32 91.02
N VAL H 1451 -1.98 -75.38 90.43
CA VAL H 1451 -1.87 -75.51 88.98
C VAL H 1451 -2.45 -76.85 88.56
N GLY H 1452 -3.18 -76.86 87.46
CA GLY H 1452 -3.76 -78.10 86.96
C GLY H 1452 -4.90 -77.85 86.00
N TRP H 1453 -5.86 -78.77 86.00
CA TRP H 1453 -6.97 -78.77 85.07
C TRP H 1453 -8.28 -78.74 85.84
N VAL H 1454 -9.29 -78.10 85.26
CA VAL H 1454 -10.64 -78.04 85.83
C VAL H 1454 -11.63 -78.46 84.77
N THR H 1455 -12.55 -79.36 85.13
CA THR H 1455 -13.59 -79.81 84.22
C THR H 1455 -14.50 -78.63 83.91
N PRO H 1456 -15.45 -78.78 82.98
CA PRO H 1456 -16.25 -77.61 82.57
C PRO H 1456 -17.32 -77.24 83.57
N ASP H 1457 -17.35 -77.87 84.74
CA ASP H 1457 -18.39 -77.59 85.73
C ASP H 1457 -17.83 -77.12 87.06
N TYR H 1458 -16.62 -76.55 87.09
CA TYR H 1458 -16.09 -75.99 88.32
C TYR H 1458 -16.78 -74.66 88.58
N HIS H 1459 -17.59 -74.60 89.63
CA HIS H 1459 -18.35 -73.41 89.96
C HIS H 1459 -18.18 -72.99 91.41
N GLN H 1460 -17.03 -73.30 92.00
CA GLN H 1460 -16.77 -73.03 93.41
C GLN H 1460 -15.82 -71.85 93.54
N HIS H 1461 -16.34 -70.72 93.99
CA HIS H 1461 -15.54 -69.52 94.23
C HIS H 1461 -15.29 -69.42 95.73
N ASP H 1462 -14.26 -70.10 96.20
CA ASP H 1462 -13.98 -70.23 97.62
C ASP H 1462 -12.78 -69.34 97.97
N MET H 1463 -13.04 -68.30 98.77
CA MET H 1463 -11.96 -67.41 99.18
C MET H 1463 -10.89 -68.16 99.97
N SER H 1464 -11.29 -69.16 100.73
CA SER H 1464 -10.35 -70.02 101.44
C SER H 1464 -10.31 -71.35 100.72
N PHE H 1465 -9.40 -71.49 99.76
CA PHE H 1465 -9.35 -72.65 98.89
C PHE H 1465 -8.18 -73.55 99.27
N ASP H 1466 -8.46 -74.84 99.38
CA ASP H 1466 -7.45 -75.86 99.60
C ASP H 1466 -7.84 -77.10 98.81
N LEU H 1467 -6.86 -77.96 98.54
CA LEU H 1467 -7.16 -79.17 97.79
C LEU H 1467 -8.20 -80.02 98.49
N SER H 1468 -8.37 -79.86 99.82
CA SER H 1468 -9.44 -80.54 100.51
C SER H 1468 -10.80 -80.05 100.05
N LYS H 1469 -10.91 -78.75 99.76
CA LYS H 1469 -12.20 -78.20 99.34
C LYS H 1469 -12.67 -78.78 98.03
N VAL H 1470 -11.74 -79.26 97.20
CA VAL H 1470 -12.08 -79.76 95.88
C VAL H 1470 -13.13 -80.85 95.99
N ARG H 1471 -14.24 -80.68 95.28
CA ARG H 1471 -15.29 -81.68 95.29
C ARG H 1471 -14.78 -83.00 94.72
N ALA H 1472 -15.16 -84.10 95.37
CA ALA H 1472 -14.75 -85.42 94.92
C ALA H 1472 -15.80 -86.43 95.35
N VAL H 1473 -15.83 -87.56 94.65
CA VAL H 1473 -16.73 -88.65 94.99
C VAL H 1473 -16.17 -89.93 94.38
N THR H 1474 -16.61 -91.07 94.89
CA THR H 1474 -16.17 -92.37 94.40
C THR H 1474 -17.39 -93.23 94.16
N VAL H 1475 -17.69 -93.52 92.90
CA VAL H 1475 -18.76 -94.44 92.56
C VAL H 1475 -18.18 -95.84 92.53
N THR H 1476 -18.60 -96.69 93.46
CA THR H 1476 -18.12 -98.05 93.59
C THR H 1476 -19.23 -99.00 93.19
N MET H 1477 -18.97 -99.82 92.19
CA MET H 1477 -19.91 -100.82 91.71
C MET H 1477 -19.37 -102.21 91.98
N GLY H 1478 -20.24 -103.09 92.48
CA GLY H 1478 -19.85 -104.45 92.79
C GLY H 1478 -20.80 -105.50 92.24
N ASP H 1479 -20.69 -106.72 92.74
CA ASP H 1479 -21.51 -107.83 92.33
C ASP H 1479 -22.71 -107.93 93.28
N GLU H 1480 -23.54 -108.97 93.11
CA GLU H 1480 -24.63 -109.19 94.04
C GLU H 1480 -24.14 -109.18 95.48
N GLN H 1481 -22.98 -109.77 95.73
CA GLN H 1481 -22.33 -109.73 97.03
C GLN H 1481 -20.88 -109.33 96.83
N GLY H 1482 -20.46 -108.25 97.50
CA GLY H 1482 -19.09 -107.81 97.43
C GLY H 1482 -18.57 -107.82 96.00
N ASN H 1483 -17.31 -108.20 95.83
CA ASN H 1483 -16.69 -108.34 94.52
C ASN H 1483 -16.80 -107.02 93.74
N VAL H 1484 -16.15 -105.98 94.28
CA VAL H 1484 -16.20 -104.67 93.66
C VAL H 1484 -15.66 -104.76 92.23
N HIS H 1485 -16.51 -104.40 91.27
CA HIS H 1485 -16.12 -104.38 89.86
C HIS H 1485 -15.49 -103.08 89.41
N SER H 1486 -15.88 -101.95 90.00
CA SER H 1486 -15.40 -100.66 89.56
C SER H 1486 -15.33 -99.71 90.75
N SER H 1487 -14.33 -98.82 90.74
CA SER H 1487 -14.11 -97.89 91.83
C SER H 1487 -13.84 -96.49 91.28
N LEU H 1488 -14.69 -96.04 90.37
CA LEU H 1488 -14.41 -94.80 89.65
C LEU H 1488 -14.35 -93.62 90.59
N LYS H 1489 -13.39 -92.73 90.37
CA LYS H 1489 -13.24 -91.51 91.14
C LYS H 1489 -13.59 -90.32 90.27
N CYS H 1490 -14.51 -89.49 90.73
CA CYS H 1490 -15.01 -88.36 89.96
C CYS H 1490 -14.73 -87.08 90.72
N SER H 1491 -14.33 -86.04 90.00
CA SER H 1491 -14.03 -84.73 90.57
C SER H 1491 -14.10 -83.68 89.47
N ASN H 1492 -14.21 -82.42 89.89
CA ASN H 1492 -14.30 -81.34 88.90
C ASN H 1492 -12.97 -80.60 88.78
N CYS H 1493 -12.15 -80.63 89.83
CA CYS H 1493 -10.87 -79.92 89.84
C CYS H 1493 -9.74 -80.91 90.07
N TYR H 1494 -8.80 -80.96 89.13
CA TYR H 1494 -7.58 -81.76 89.26
C TYR H 1494 -6.40 -80.80 89.30
N MET H 1495 -5.69 -80.77 90.42
CA MET H 1495 -4.67 -79.76 90.62
C MET H 1495 -3.62 -80.26 91.60
N VAL H 1496 -2.51 -79.54 91.66
CA VAL H 1496 -1.42 -79.79 92.59
C VAL H 1496 -1.07 -78.49 93.28
N TRP H 1497 -0.51 -78.59 94.47
CA TRP H 1497 -0.22 -77.41 95.29
C TRP H 1497 1.27 -77.13 95.28
N GLY H 1498 1.64 -75.89 94.93
CA GLY H 1498 3.04 -75.54 94.85
C GLY H 1498 3.78 -75.71 96.15
N GLY H 1499 3.05 -75.67 97.27
CA GLY H 1499 3.68 -75.91 98.56
C GLY H 1499 4.28 -77.28 98.66
N ASP H 1500 3.69 -78.27 97.99
CA ASP H 1500 4.27 -79.60 97.97
C ASP H 1500 5.66 -79.57 97.32
N PHE H 1501 5.80 -78.83 96.23
CA PHE H 1501 7.07 -78.82 95.51
C PHE H 1501 8.11 -77.98 96.23
N VAL H 1502 7.68 -76.89 96.88
CA VAL H 1502 8.64 -76.04 97.58
C VAL H 1502 9.39 -76.84 98.63
N SER H 1503 10.71 -76.68 98.64
CA SER H 1503 11.54 -77.40 99.59
C SER H 1503 11.31 -76.87 101.01
N PRO H 1504 11.41 -77.73 102.03
CA PRO H 1504 11.25 -77.23 103.40
C PRO H 1504 12.28 -76.19 103.79
N GLY H 1505 13.53 -76.33 103.35
CA GLY H 1505 14.53 -75.33 103.67
C GLY H 1505 14.21 -73.98 103.04
N GLN H 1506 13.86 -73.99 101.77
CA GLN H 1506 13.48 -72.74 101.11
C GLN H 1506 12.20 -72.17 101.70
N GLN H 1507 11.40 -73.02 102.33
CA GLN H 1507 10.13 -72.57 102.92
C GLN H 1507 10.39 -71.48 103.95
N GLY H 1508 9.54 -70.46 103.93
CA GLY H 1508 9.71 -69.31 104.80
C GLY H 1508 10.65 -68.25 104.28
N ARG H 1509 11.20 -68.43 103.09
CA ARG H 1509 12.15 -67.49 102.50
C ARG H 1509 11.63 -67.01 101.15
N ILE H 1510 11.82 -65.73 100.87
CA ILE H 1510 11.46 -65.21 99.55
C ILE H 1510 12.43 -65.77 98.53
N SER H 1511 11.96 -66.73 97.73
CA SER H 1511 12.81 -67.44 96.81
C SER H 1511 13.25 -66.51 95.68
N HIS H 1512 14.55 -66.56 95.36
CA HIS H 1512 15.08 -65.80 94.25
C HIS H 1512 14.90 -66.52 92.92
N THR H 1513 14.41 -67.76 92.92
CA THR H 1513 14.19 -68.51 91.70
C THR H 1513 12.73 -68.45 91.29
N ASP H 1514 12.45 -68.99 90.10
CA ASP H 1514 11.10 -69.10 89.57
C ASP H 1514 10.72 -70.57 89.52
N LEU H 1515 9.49 -70.88 89.90
CA LEU H 1515 9.02 -72.26 89.90
C LEU H 1515 8.31 -72.55 88.59
N VAL H 1516 8.57 -73.73 88.01
CA VAL H 1516 7.93 -74.15 86.78
C VAL H 1516 7.24 -75.48 87.04
N ILE H 1517 5.93 -75.54 86.79
CA ILE H 1517 5.15 -76.75 87.00
C ILE H 1517 4.54 -77.15 85.66
N GLY H 1518 4.92 -78.31 85.15
CA GLY H 1518 4.42 -78.79 83.89
C GLY H 1518 3.40 -79.90 84.05
N CYS H 1519 2.20 -79.69 83.52
CA CYS H 1519 1.11 -80.65 83.62
C CYS H 1519 0.98 -81.39 82.31
N LEU H 1520 1.17 -82.71 82.35
CA LEU H 1520 1.11 -83.59 81.20
C LEU H 1520 -0.17 -84.40 81.25
N VAL H 1521 -0.81 -84.58 80.10
CA VAL H 1521 -1.98 -85.43 79.96
C VAL H 1521 -1.76 -86.31 78.75
N ASP H 1522 -1.84 -87.63 78.96
CA ASP H 1522 -1.89 -88.61 77.89
C ASP H 1522 -3.37 -88.89 77.63
N LEU H 1523 -3.84 -88.50 76.45
CA LEU H 1523 -5.26 -88.59 76.14
C LEU H 1523 -5.67 -90.04 75.88
N ALA H 1524 -4.82 -90.80 75.19
CA ALA H 1524 -5.16 -92.18 74.88
C ALA H 1524 -5.35 -93.00 76.15
N THR H 1525 -4.44 -92.83 77.11
CA THR H 1525 -4.53 -93.58 78.36
C THR H 1525 -5.37 -92.88 79.42
N GLY H 1526 -5.86 -91.68 79.15
CA GLY H 1526 -6.64 -90.96 80.13
C GLY H 1526 -5.88 -90.70 81.42
N LEU H 1527 -4.61 -90.34 81.31
CA LEU H 1527 -3.73 -90.25 82.46
C LEU H 1527 -3.16 -88.85 82.56
N MET H 1528 -2.93 -88.36 83.78
CA MET H 1528 -2.36 -87.04 83.97
C MET H 1528 -1.26 -87.11 85.03
N THR H 1529 -0.16 -86.42 84.78
CA THR H 1529 0.97 -86.34 85.69
C THR H 1529 1.47 -84.90 85.75
N PHE H 1530 2.29 -84.62 86.76
CA PHE H 1530 2.78 -83.27 86.99
C PHE H 1530 4.26 -83.32 87.33
N THR H 1531 5.03 -82.40 86.77
CA THR H 1531 6.47 -82.33 86.98
C THR H 1531 6.85 -80.95 87.51
N ALA H 1532 7.58 -80.93 88.62
CA ALA H 1532 8.00 -79.69 89.25
C ALA H 1532 9.48 -79.45 88.91
N ASN H 1533 9.76 -78.33 88.26
CA ASN H 1533 11.12 -77.94 87.91
C ASN H 1533 11.85 -79.05 87.16
N GLY H 1534 11.10 -79.88 86.44
CA GLY H 1534 11.65 -81.01 85.73
C GLY H 1534 11.65 -82.31 86.51
N LYS H 1535 11.48 -82.26 87.83
CA LYS H 1535 11.46 -83.47 88.65
C LYS H 1535 10.04 -83.98 88.77
N GLU H 1536 9.85 -85.26 88.43
CA GLU H 1536 8.53 -85.87 88.45
C GLU H 1536 7.96 -85.83 89.86
N SER H 1537 6.64 -85.64 89.95
CA SER H 1537 5.92 -85.62 91.21
C SER H 1537 5.03 -86.86 91.29
N ASN H 1538 4.81 -87.35 92.50
CA ASN H 1538 4.01 -88.56 92.68
C ASN H 1538 2.58 -88.34 92.21
N THR H 1539 2.01 -87.17 92.49
CA THR H 1539 0.61 -86.90 92.20
C THR H 1539 0.25 -87.24 90.76
N PHE H 1540 -0.66 -88.19 90.58
CA PHE H 1540 -1.15 -88.57 89.26
C PHE H 1540 -2.66 -88.75 89.32
N PHE H 1541 -3.31 -88.59 88.17
CA PHE H 1541 -4.75 -88.67 88.08
C PHE H 1541 -5.16 -89.53 86.90
N GLN H 1542 -6.34 -90.13 87.00
CA GLN H 1542 -6.92 -90.92 85.93
C GLN H 1542 -8.31 -90.36 85.65
N VAL H 1543 -8.65 -90.24 84.37
CA VAL H 1543 -9.92 -89.65 83.97
C VAL H 1543 -10.64 -90.59 83.01
N GLU H 1544 -11.97 -90.47 82.99
CA GLU H 1544 -12.77 -91.27 82.08
C GLU H 1544 -12.63 -90.75 80.65
N PRO H 1545 -12.85 -91.59 79.66
CA PRO H 1545 -12.77 -91.14 78.26
C PRO H 1545 -13.85 -90.11 77.96
N ASN H 1546 -13.53 -89.24 77.01
CA ASN H 1546 -14.46 -88.23 76.50
C ASN H 1546 -14.64 -87.06 77.47
N THR H 1547 -13.71 -86.90 78.42
CA THR H 1547 -13.77 -85.83 79.39
C THR H 1547 -13.08 -84.59 78.84
N LYS H 1548 -13.64 -83.42 79.11
CA LYS H 1548 -13.05 -82.15 78.70
C LYS H 1548 -12.38 -81.50 79.90
N LEU H 1549 -11.14 -81.05 79.73
CA LEU H 1549 -10.36 -80.45 80.79
C LEU H 1549 -9.85 -79.09 80.34
N PHE H 1550 -10.01 -78.08 81.18
CA PHE H 1550 -9.52 -76.75 80.91
C PHE H 1550 -8.26 -76.50 81.71
N PRO H 1551 -7.17 -76.04 81.10
CA PRO H 1551 -6.01 -75.63 81.90
C PRO H 1551 -6.44 -74.54 82.87
N ALA H 1552 -5.94 -74.62 84.10
CA ALA H 1552 -6.42 -73.73 85.15
C ALA H 1552 -5.32 -73.47 86.18
N VAL H 1553 -5.48 -72.36 86.89
CA VAL H 1553 -4.55 -71.93 87.92
C VAL H 1553 -5.32 -71.13 88.96
N PHE H 1554 -5.18 -71.50 90.23
CA PHE H 1554 -5.78 -70.77 91.34
C PHE H 1554 -4.66 -70.16 92.15
N VAL H 1555 -4.67 -68.83 92.30
CA VAL H 1555 -3.56 -68.12 92.88
C VAL H 1555 -4.05 -66.98 93.76
N LEU H 1556 -3.36 -66.79 94.88
CA LEU H 1556 -3.55 -65.60 95.70
C LEU H 1556 -2.40 -64.65 95.41
N PRO H 1557 -2.63 -63.50 94.79
CA PRO H 1557 -1.50 -62.65 94.40
C PRO H 1557 -0.64 -62.28 95.59
N THR H 1558 0.68 -62.34 95.40
CA THR H 1558 1.64 -61.95 96.42
C THR H 1558 2.75 -61.07 95.85
N HIS H 1559 2.70 -60.76 94.55
CA HIS H 1559 3.71 -59.92 93.93
C HIS H 1559 3.13 -59.39 92.62
N GLN H 1560 3.78 -58.36 92.09
CA GLN H 1560 3.31 -57.77 90.83
C GLN H 1560 3.22 -58.84 89.74
N ASN H 1561 4.23 -59.69 89.65
CA ASN H 1561 4.27 -60.75 88.65
C ASN H 1561 3.69 -62.02 89.27
N VAL H 1562 2.49 -62.40 88.84
CA VAL H 1562 1.76 -63.44 89.55
C VAL H 1562 2.06 -64.82 88.98
N VAL H 1563 1.70 -65.06 87.72
CA VAL H 1563 1.89 -66.36 87.08
C VAL H 1563 1.98 -66.17 85.57
N GLN H 1564 2.37 -67.24 84.88
CA GLN H 1564 2.47 -67.23 83.43
C GLN H 1564 2.13 -68.60 82.89
N PHE H 1565 1.19 -68.64 81.95
CA PHE H 1565 0.85 -69.85 81.20
C PHE H 1565 1.84 -69.97 80.05
N GLU H 1566 2.69 -70.99 80.09
CA GLU H 1566 3.66 -71.24 79.02
C GLU H 1566 3.18 -72.44 78.22
N LEU H 1567 2.99 -72.24 76.92
CA LEU H 1567 2.53 -73.31 76.03
C LEU H 1567 3.70 -73.92 75.26
N GLY H 1568 4.65 -74.48 76.01
CA GLY H 1568 5.85 -75.03 75.45
C GLY H 1568 5.71 -76.48 75.04
N LYS H 1569 6.84 -77.09 74.69
CA LYS H 1569 6.88 -78.49 74.28
C LYS H 1569 8.23 -79.09 74.63
N GLN H 1570 8.22 -80.19 75.37
CA GLN H 1570 9.41 -80.93 75.70
C GLN H 1570 9.72 -81.93 74.59
N LYS H 1571 10.76 -82.72 74.80
CA LYS H 1571 11.15 -83.70 73.79
C LYS H 1571 10.04 -84.71 73.55
N ASN H 1572 9.64 -84.85 72.29
CA ASN H 1572 8.72 -85.90 71.87
C ASN H 1572 7.35 -85.79 72.54
N ILE H 1573 6.93 -84.58 72.90
CA ILE H 1573 5.61 -84.35 73.46
C ILE H 1573 4.98 -83.16 72.74
N MET H 1574 3.77 -83.35 72.23
CA MET H 1574 3.09 -82.31 71.49
C MET H 1574 2.74 -81.14 72.40
N PRO H 1575 2.64 -79.93 71.86
CA PRO H 1575 2.19 -78.80 72.67
C PRO H 1575 0.68 -78.86 72.88
N LEU H 1576 0.17 -77.86 73.60
CA LEU H 1576 -1.25 -77.85 73.93
C LEU H 1576 -2.10 -77.46 72.72
N SER H 1577 -1.62 -76.54 71.90
CA SER H 1577 -2.41 -76.06 70.77
C SER H 1577 -2.81 -77.21 69.86
N ALA H 1578 -1.93 -78.20 69.70
CA ALA H 1578 -2.24 -79.32 68.82
C ALA H 1578 -3.46 -80.08 69.31
N ALA H 1579 -3.53 -80.35 70.62
CA ALA H 1579 -4.71 -80.98 71.17
C ALA H 1579 -5.92 -80.05 71.07
N MET H 1580 -5.71 -78.76 71.28
CA MET H 1580 -6.84 -77.84 71.44
C MET H 1580 -7.55 -77.60 70.11
N PHE H 1581 -6.80 -77.47 69.03
CA PHE H 1581 -7.34 -77.18 67.71
C PHE H 1581 -7.14 -78.37 66.79
N LEU H 1582 -8.19 -78.74 66.05
CA LEU H 1582 -8.11 -79.87 65.14
C LEU H 1582 -7.18 -79.62 63.96
N SER H 1583 -7.12 -78.37 63.46
CA SER H 1583 -6.25 -78.10 62.32
C SER H 1583 -4.80 -78.37 62.66
N GLU H 1584 -4.38 -78.04 63.87
CA GLU H 1584 -3.00 -78.22 64.32
C GLU H 1584 -2.78 -79.60 64.94
N ARG H 1585 -3.60 -80.59 64.55
CA ARG H 1585 -3.55 -81.88 65.22
C ARG H 1585 -2.17 -82.52 65.11
N LYS H 1586 -1.46 -82.26 64.01
CA LYS H 1586 -0.15 -82.84 63.79
C LYS H 1586 0.95 -81.78 63.73
N ASN H 1587 0.62 -80.53 63.97
CA ASN H 1587 1.63 -79.47 64.01
C ASN H 1587 2.36 -79.51 65.35
N PRO H 1588 3.68 -79.66 65.36
CA PRO H 1588 4.40 -79.67 66.65
C PRO H 1588 4.86 -78.30 67.12
N ALA H 1589 4.83 -77.28 66.28
CA ALA H 1589 5.27 -75.95 66.70
C ALA H 1589 4.25 -75.33 67.64
N PRO H 1590 4.67 -74.85 68.80
CA PRO H 1590 3.68 -74.27 69.74
C PRO H 1590 2.96 -73.09 69.13
N GLN H 1591 1.69 -72.94 69.50
CA GLN H 1591 0.87 -71.83 69.02
C GLN H 1591 -0.04 -71.35 70.14
N CYS H 1592 -0.44 -70.09 70.06
CA CYS H 1592 -1.39 -69.48 71.00
C CYS H 1592 -2.33 -68.59 70.19
N PRO H 1593 -3.27 -69.16 69.46
CA PRO H 1593 -4.14 -68.36 68.59
C PRO H 1593 -4.99 -67.41 69.40
N PRO H 1594 -5.60 -66.40 68.75
CA PRO H 1594 -6.36 -65.40 69.51
C PRO H 1594 -7.49 -65.97 70.33
N ARG H 1595 -8.12 -67.06 69.90
CA ARG H 1595 -9.23 -67.61 70.67
C ARG H 1595 -8.79 -68.02 72.07
N LEU H 1596 -7.53 -68.42 72.21
CA LEU H 1596 -7.02 -68.87 73.50
C LEU H 1596 -6.70 -67.65 74.35
N GLU H 1597 -7.38 -67.53 75.49
CA GLU H 1597 -7.20 -66.40 76.39
C GLU H 1597 -7.52 -66.83 77.81
N VAL H 1598 -7.08 -66.00 78.76
CA VAL H 1598 -7.32 -66.29 80.16
C VAL H 1598 -8.70 -65.80 80.56
N GLN H 1599 -9.38 -66.56 81.40
CA GLN H 1599 -10.71 -66.24 81.89
C GLN H 1599 -10.70 -66.40 83.40
N MET H 1600 -11.30 -65.46 84.11
CA MET H 1600 -11.36 -65.49 85.56
C MET H 1600 -12.77 -65.83 86.01
N LEU H 1601 -12.86 -66.42 87.21
CA LEU H 1601 -14.16 -66.78 87.76
C LEU H 1601 -14.87 -65.55 88.31
N MET H 1602 -16.08 -65.29 87.81
CA MET H 1602 -16.87 -64.14 88.25
C MET H 1602 -17.93 -64.58 89.25
N PRO H 1603 -18.02 -63.95 90.42
CA PRO H 1603 -18.90 -64.48 91.46
C PRO H 1603 -20.36 -64.57 91.06
N VAL H 1604 -20.87 -63.62 90.27
CA VAL H 1604 -22.28 -63.55 89.94
C VAL H 1604 -22.43 -63.22 88.46
N SER H 1605 -23.67 -63.31 87.96
CA SER H 1605 -23.93 -62.97 86.58
C SER H 1605 -25.43 -62.89 86.35
N TRP H 1606 -25.82 -62.10 85.35
CA TRP H 1606 -27.23 -61.94 85.03
C TRP H 1606 -27.79 -63.23 84.44
N SER H 1607 -29.08 -63.48 84.70
CA SER H 1607 -29.76 -64.64 84.14
C SER H 1607 -31.25 -64.34 84.02
N ARG H 1608 -31.85 -64.84 82.94
CA ARG H 1608 -33.23 -64.50 82.63
C ARG H 1608 -34.19 -65.35 83.45
N MET H 1609 -35.15 -64.70 84.08
CA MET H 1609 -36.23 -65.39 84.76
C MET H 1609 -37.15 -66.04 83.72
N PRO H 1610 -37.37 -67.34 83.78
CA PRO H 1610 -38.33 -67.96 82.85
C PRO H 1610 -39.69 -67.30 82.97
N ASN H 1611 -40.36 -67.13 81.84
CA ASN H 1611 -41.65 -66.44 81.86
C ASN H 1611 -42.72 -67.31 82.51
N HIS H 1612 -42.66 -68.62 82.29
CA HIS H 1612 -43.60 -69.56 82.87
C HIS H 1612 -42.84 -70.58 83.71
N PHE H 1613 -43.39 -70.92 84.86
CA PHE H 1613 -42.75 -71.81 85.80
C PHE H 1613 -43.58 -73.07 86.00
N LEU H 1614 -42.91 -74.16 86.31
CA LEU H 1614 -43.62 -75.41 86.57
C LEU H 1614 -44.52 -75.27 87.79
N GLN H 1615 -45.70 -75.87 87.71
CA GLN H 1615 -46.65 -75.86 88.81
C GLN H 1615 -46.59 -77.19 89.55
N VAL H 1616 -46.18 -77.15 90.80
CA VAL H 1616 -45.96 -78.34 91.62
C VAL H 1616 -46.94 -78.30 92.78
N ASP H 1617 -47.63 -79.42 93.04
CA ASP H 1617 -48.54 -79.53 94.15
C ASP H 1617 -47.96 -80.49 95.19
N THR H 1618 -47.75 -79.98 96.40
CA THR H 1618 -47.16 -80.77 97.48
C THR H 1618 -48.08 -80.72 98.68
N ARG H 1619 -48.48 -81.88 99.19
CA ARG H 1619 -49.36 -81.95 100.33
C ARG H 1619 -49.19 -83.27 101.06
N ARG H 1620 -49.54 -83.28 102.34
CA ARG H 1620 -49.50 -84.51 103.12
C ARG H 1620 -50.75 -85.31 102.79
N ALA H 1621 -50.61 -86.34 101.96
CA ALA H 1621 -51.76 -87.12 101.55
C ALA H 1621 -52.43 -87.78 102.74
N GLY H 1622 -51.64 -88.32 103.66
CA GLY H 1622 -52.19 -88.95 104.85
C GLY H 1622 -51.07 -89.45 105.73
N GLU H 1623 -51.45 -89.86 106.95
CA GLU H 1623 -50.46 -90.35 107.88
C GLU H 1623 -49.76 -91.58 107.32
N ARG H 1624 -50.52 -92.52 106.77
CA ARG H 1624 -49.91 -93.71 106.17
C ARG H 1624 -49.35 -93.42 104.80
N LEU H 1625 -49.98 -92.51 104.05
CA LEU H 1625 -49.62 -92.32 102.65
C LEU H 1625 -48.29 -91.59 102.51
N GLY H 1626 -47.93 -90.76 103.49
CA GLY H 1626 -46.76 -89.92 103.38
C GLY H 1626 -47.07 -88.62 102.65
N TRP H 1627 -46.03 -87.85 102.41
CA TRP H 1627 -46.19 -86.62 101.64
C TRP H 1627 -46.25 -86.97 100.16
N ALA H 1628 -46.86 -86.09 99.37
CA ALA H 1628 -47.07 -86.35 97.96
C ALA H 1628 -46.74 -85.09 97.17
N VAL H 1629 -45.93 -85.25 96.13
CA VAL H 1629 -45.60 -84.17 95.19
C VAL H 1629 -46.05 -84.62 93.81
N GLN H 1630 -46.80 -83.75 93.14
CA GLN H 1630 -47.43 -84.05 91.87
C GLN H 1630 -47.13 -82.92 90.91
N CYS H 1631 -46.87 -83.28 89.65
CA CYS H 1631 -46.68 -82.32 88.57
C CYS H 1631 -47.29 -82.93 87.32
N GLN H 1632 -48.16 -82.18 86.64
CA GLN H 1632 -48.93 -82.74 85.54
C GLN H 1632 -49.01 -81.84 84.32
N GLU H 1633 -48.32 -80.70 84.31
CA GLU H 1633 -48.38 -79.79 83.18
C GLU H 1633 -47.04 -79.70 82.50
N PRO H 1634 -46.93 -80.09 81.22
CA PRO H 1634 -45.63 -80.00 80.55
C PRO H 1634 -45.21 -78.56 80.33
N LEU H 1635 -43.89 -78.37 80.24
CA LEU H 1635 -43.32 -77.05 80.02
C LEU H 1635 -41.94 -77.22 79.42
N MET H 1636 -41.69 -76.56 78.28
CA MET H 1636 -40.48 -76.79 77.49
C MET H 1636 -39.86 -75.45 77.15
N MET H 1637 -38.58 -75.49 76.78
CA MET H 1637 -37.85 -74.30 76.39
C MET H 1637 -36.87 -74.65 75.28
N MET H 1638 -36.49 -73.62 74.52
CA MET H 1638 -35.48 -73.75 73.49
C MET H 1638 -34.13 -73.35 74.07
N ALA H 1639 -33.19 -74.30 74.09
CA ALA H 1639 -31.91 -74.10 74.76
C ALA H 1639 -30.81 -73.95 73.73
N LEU H 1640 -29.92 -72.99 73.95
CA LEU H 1640 -28.74 -72.77 73.11
C LEU H 1640 -27.55 -73.27 73.89
N HIS H 1641 -26.80 -74.21 73.31
CA HIS H 1641 -25.74 -74.92 74.01
C HIS H 1641 -24.39 -74.57 73.38
N ILE H 1642 -23.46 -74.08 74.18
CA ILE H 1642 -22.11 -73.81 73.70
C ILE H 1642 -21.34 -75.12 73.69
N PRO H 1643 -20.90 -75.62 72.53
CA PRO H 1643 -20.29 -76.95 72.51
C PRO H 1643 -19.05 -77.08 73.37
N GLU H 1644 -18.20 -76.07 73.43
CA GLU H 1644 -16.91 -76.21 74.10
C GLU H 1644 -16.99 -76.06 75.62
N GLU H 1645 -17.95 -75.29 76.13
CA GLU H 1645 -18.10 -75.11 77.56
C GLU H 1645 -19.13 -76.06 78.17
N ASN H 1646 -19.78 -76.89 77.36
CA ASN H 1646 -20.75 -77.85 77.85
C ASN H 1646 -21.78 -77.16 78.72
N ARG H 1647 -22.27 -76.01 78.27
CA ARG H 1647 -23.17 -75.16 79.04
C ARG H 1647 -24.28 -74.65 78.14
N CYS H 1648 -25.51 -74.68 78.63
CA CYS H 1648 -26.67 -74.27 77.85
C CYS H 1648 -27.39 -73.14 78.56
N MET H 1649 -27.96 -72.23 77.77
CA MET H 1649 -28.75 -71.12 78.28
C MET H 1649 -30.03 -71.01 77.48
N ASP H 1650 -31.07 -70.49 78.10
CA ASP H 1650 -32.30 -70.23 77.37
C ASP H 1650 -32.01 -69.33 76.18
N ILE H 1651 -32.49 -69.72 75.00
CA ILE H 1651 -32.17 -68.96 73.79
C ILE H 1651 -32.65 -67.53 73.88
N LEU H 1652 -33.68 -67.27 74.68
CA LEU H 1652 -34.19 -65.91 74.82
C LEU H 1652 -33.21 -64.98 75.52
N GLU H 1653 -32.17 -65.51 76.14
CA GLU H 1653 -31.14 -64.67 76.72
C GLU H 1653 -30.36 -63.91 75.65
N LEU H 1654 -30.45 -64.36 74.39
CA LEU H 1654 -29.77 -63.66 73.31
C LEU H 1654 -30.39 -62.30 73.02
N SER H 1655 -31.53 -61.99 73.64
CA SER H 1655 -32.06 -60.63 73.56
C SER H 1655 -31.08 -59.64 74.18
N GLU H 1656 -30.45 -60.03 75.30
CA GLU H 1656 -29.46 -59.17 75.92
C GLU H 1656 -28.05 -59.53 75.48
N ARG H 1657 -27.73 -60.81 75.41
CA ARG H 1657 -26.39 -61.24 74.99
C ARG H 1657 -26.27 -61.03 73.48
N LEU H 1658 -25.93 -59.81 73.10
CA LEU H 1658 -26.02 -59.40 71.70
C LEU H 1658 -25.03 -60.12 70.80
N ASP H 1659 -23.76 -60.22 71.20
CA ASP H 1659 -22.76 -60.83 70.33
C ASP H 1659 -23.16 -62.24 69.91
N LEU H 1660 -23.55 -63.08 70.86
CA LEU H 1660 -24.05 -64.41 70.50
C LEU H 1660 -25.28 -64.29 69.61
N GLN H 1661 -26.09 -63.26 69.81
CA GLN H 1661 -27.24 -63.07 68.95
C GLN H 1661 -26.82 -62.85 67.51
N ARG H 1662 -25.81 -62.00 67.29
CA ARG H 1662 -25.30 -61.79 65.94
C ARG H 1662 -24.75 -63.08 65.36
N PHE H 1663 -23.95 -63.80 66.15
CA PHE H 1663 -23.35 -65.01 65.63
C PHE H 1663 -24.40 -66.03 65.25
N HIS H 1664 -25.45 -66.18 66.06
CA HIS H 1664 -26.47 -67.17 65.75
C HIS H 1664 -27.35 -66.72 64.60
N SER H 1665 -27.68 -65.43 64.53
CA SER H 1665 -28.47 -64.95 63.40
C SER H 1665 -27.72 -65.04 62.09
N HIS H 1666 -26.39 -65.12 62.13
CA HIS H 1666 -25.62 -65.41 60.93
C HIS H 1666 -25.40 -66.90 60.72
N THR H 1667 -25.38 -67.69 61.78
CA THR H 1667 -25.37 -69.14 61.62
C THR H 1667 -26.63 -69.61 60.91
N LEU H 1668 -27.76 -68.99 61.23
CA LEU H 1668 -29.00 -69.32 60.52
C LEU H 1668 -28.90 -68.94 59.05
N SER H 1669 -28.27 -67.80 58.75
CA SER H 1669 -28.07 -67.44 57.35
C SER H 1669 -27.19 -68.44 56.64
N LEU H 1670 -26.16 -68.96 57.32
CA LEU H 1670 -25.34 -70.01 56.72
C LEU H 1670 -26.15 -71.27 56.49
N TYR H 1671 -27.01 -71.63 57.45
CA TYR H 1671 -27.89 -72.77 57.27
C TYR H 1671 -28.76 -72.60 56.04
N ARG H 1672 -29.32 -71.41 55.85
CA ARG H 1672 -30.11 -71.14 54.66
C ARG H 1672 -29.29 -71.20 53.39
N SER H 1673 -28.07 -70.65 53.40
CA SER H 1673 -27.25 -70.63 52.20
C SER H 1673 -26.85 -72.04 51.77
N VAL H 1674 -26.43 -72.88 52.72
CA VAL H 1674 -25.94 -74.20 52.34
C VAL H 1674 -27.02 -74.98 51.62
N CYS H 1675 -28.27 -74.81 52.04
CA CYS H 1675 -29.41 -75.50 51.41
C CYS H 1675 -30.10 -74.65 50.36
N ALA H 1676 -29.57 -73.47 50.05
CA ALA H 1676 -30.22 -72.58 49.10
C ALA H 1676 -30.23 -73.20 47.70
N LEU H 1677 -31.24 -72.81 46.93
CA LEU H 1677 -31.32 -73.15 45.51
C LEU H 1677 -31.38 -74.65 45.29
N GLY H 1678 -32.25 -75.33 46.03
CA GLY H 1678 -32.60 -76.70 45.72
C GLY H 1678 -31.64 -77.77 46.20
N ASN H 1679 -30.78 -77.46 47.17
CA ASN H 1679 -29.88 -78.47 47.71
C ASN H 1679 -30.65 -79.29 48.74
N ASN H 1680 -31.50 -80.18 48.23
CA ASN H 1680 -32.38 -80.95 49.10
C ASN H 1680 -31.60 -81.90 50.00
N ARG H 1681 -30.48 -82.45 49.53
CA ARG H 1681 -29.67 -83.29 50.40
C ARG H 1681 -29.18 -82.50 51.59
N VAL H 1682 -28.70 -81.28 51.37
CA VAL H 1682 -28.24 -80.44 52.46
C VAL H 1682 -29.40 -80.06 53.36
N ALA H 1683 -30.59 -79.89 52.78
CA ALA H 1683 -31.76 -79.61 53.60
C ALA H 1683 -32.06 -80.77 54.55
N HIS H 1684 -32.00 -82.00 54.03
CA HIS H 1684 -32.17 -83.16 54.89
C HIS H 1684 -31.12 -83.18 55.99
N ALA H 1685 -29.88 -82.88 55.63
CA ALA H 1685 -28.83 -82.81 56.64
C ALA H 1685 -29.17 -81.80 57.72
N LEU H 1686 -29.64 -80.61 57.32
CA LEU H 1686 -29.97 -79.58 58.29
C LEU H 1686 -31.16 -79.99 59.15
N CYS H 1687 -32.02 -80.87 58.65
CA CYS H 1687 -33.15 -81.29 59.46
C CYS H 1687 -32.69 -81.89 60.79
N SER H 1688 -31.47 -82.44 60.82
CA SER H 1688 -30.95 -82.97 62.07
C SER H 1688 -30.53 -81.86 63.02
N HIS H 1689 -29.89 -80.82 62.50
CA HIS H 1689 -29.37 -79.75 63.35
C HIS H 1689 -30.50 -78.83 63.83
N VAL H 1690 -31.55 -78.68 63.04
CA VAL H 1690 -32.70 -77.85 63.39
C VAL H 1690 -33.94 -78.69 63.12
N ASP H 1691 -34.56 -79.18 64.19
CA ASP H 1691 -35.63 -80.15 64.05
C ASP H 1691 -36.96 -79.46 63.75
N GLN H 1692 -37.94 -80.28 63.34
CA GLN H 1692 -39.26 -79.76 63.06
C GLN H 1692 -39.89 -79.14 64.30
N ALA H 1693 -39.76 -79.82 65.44
CA ALA H 1693 -40.31 -79.26 66.68
C ALA H 1693 -39.63 -77.95 67.02
N GLN H 1694 -38.31 -77.89 66.86
CA GLN H 1694 -37.60 -76.63 67.09
C GLN H 1694 -38.15 -75.52 66.22
N LEU H 1695 -38.33 -75.80 64.93
CA LEU H 1695 -38.79 -74.77 64.02
C LEU H 1695 -40.19 -74.28 64.40
N LEU H 1696 -41.10 -75.21 64.67
CA LEU H 1696 -42.46 -74.82 64.99
C LEU H 1696 -42.52 -74.01 66.29
N HIS H 1697 -41.79 -74.46 67.31
CA HIS H 1697 -41.75 -73.69 68.55
C HIS H 1697 -41.13 -72.32 68.33
N ALA H 1698 -40.07 -72.25 67.52
CA ALA H 1698 -39.45 -70.96 67.25
C ALA H 1698 -40.43 -70.02 66.55
N LEU H 1699 -41.23 -70.54 65.63
CA LEU H 1699 -42.28 -69.71 65.06
C LEU H 1699 -43.24 -69.22 66.13
N GLU H 1700 -43.78 -70.13 66.93
CA GLU H 1700 -44.86 -69.80 67.85
C GLU H 1700 -44.36 -69.14 69.14
N ASP H 1701 -43.07 -68.84 69.23
CA ASP H 1701 -42.50 -68.14 70.38
C ASP H 1701 -42.71 -66.64 70.17
N ALA H 1702 -43.26 -65.98 71.19
CA ALA H 1702 -43.59 -64.57 71.13
C ALA H 1702 -42.53 -63.68 71.79
N ARG H 1703 -41.46 -64.27 72.34
CA ARG H 1703 -40.42 -63.51 73.01
C ARG H 1703 -39.11 -63.50 72.25
N LEU H 1704 -39.02 -64.23 71.15
CA LEU H 1704 -37.74 -64.39 70.48
C LEU H 1704 -37.29 -63.05 69.89
N PRO H 1705 -36.00 -62.72 69.97
CA PRO H 1705 -35.54 -61.46 69.37
C PRO H 1705 -35.81 -61.44 67.88
N GLY H 1706 -36.11 -60.23 67.36
CA GLY H 1706 -36.49 -60.08 65.98
C GLY H 1706 -35.56 -60.72 64.97
N PRO H 1707 -34.25 -60.52 65.08
CA PRO H 1707 -33.34 -61.17 64.12
C PRO H 1707 -33.46 -62.68 64.14
N LEU H 1708 -33.51 -63.30 65.33
CA LEU H 1708 -33.62 -64.75 65.40
C LEU H 1708 -34.97 -65.22 64.88
N ARG H 1709 -36.04 -64.47 65.16
CA ARG H 1709 -37.34 -64.86 64.66
C ARG H 1709 -37.37 -64.84 63.14
N ALA H 1710 -36.87 -63.78 62.53
CA ALA H 1710 -36.81 -63.71 61.08
C ALA H 1710 -35.94 -64.83 60.53
N GLY H 1711 -34.80 -65.09 61.18
CA GLY H 1711 -33.93 -66.15 60.73
C GLY H 1711 -34.61 -67.50 60.76
N TYR H 1712 -35.36 -67.78 61.83
CA TYR H 1712 -36.00 -69.09 61.94
C TYR H 1712 -37.14 -69.23 60.95
N TYR H 1713 -37.93 -68.18 60.75
CA TYR H 1713 -38.96 -68.24 59.72
C TYR H 1713 -38.34 -68.52 58.36
N ASP H 1714 -37.31 -67.76 58.00
CA ASP H 1714 -36.69 -67.96 56.70
C ASP H 1714 -36.02 -69.33 56.61
N LEU H 1715 -35.54 -69.84 57.74
CA LEU H 1715 -34.92 -71.16 57.73
C LEU H 1715 -35.95 -72.24 57.47
N LEU H 1716 -37.12 -72.16 58.12
CA LEU H 1716 -38.18 -73.09 57.80
C LEU H 1716 -38.54 -73.01 56.33
N ILE H 1717 -38.70 -71.80 55.81
CA ILE H 1717 -39.06 -71.64 54.40
C ILE H 1717 -38.00 -72.29 53.52
N SER H 1718 -36.73 -72.03 53.80
CA SER H 1718 -35.66 -72.53 52.95
C SER H 1718 -35.56 -74.05 53.01
N ILE H 1719 -35.67 -74.62 54.21
CA ILE H 1719 -35.51 -76.06 54.35
C ILE H 1719 -36.67 -76.79 53.70
N HIS H 1720 -37.90 -76.40 54.02
CA HIS H 1720 -39.05 -77.24 53.72
C HIS H 1720 -39.85 -76.79 52.52
N LEU H 1721 -39.90 -75.49 52.24
CA LEU H 1721 -40.86 -74.97 51.27
C LEU H 1721 -40.23 -74.22 50.10
N GLU H 1722 -38.99 -73.75 50.22
CA GLU H 1722 -38.45 -72.85 49.20
C GLU H 1722 -38.36 -73.51 47.84
N SER H 1723 -37.87 -74.75 47.77
CA SER H 1723 -37.71 -75.39 46.47
C SER H 1723 -39.05 -75.66 45.79
N ALA H 1724 -40.02 -76.17 46.54
CA ALA H 1724 -41.34 -76.40 45.97
C ALA H 1724 -41.97 -75.10 45.53
N CYS H 1725 -41.81 -74.05 46.33
CA CYS H 1725 -42.33 -72.75 45.93
C CYS H 1725 -41.67 -72.27 44.64
N ARG H 1726 -40.36 -72.46 44.51
CA ARG H 1726 -39.67 -72.06 43.30
C ARG H 1726 -40.23 -72.79 42.09
N SER H 1727 -40.39 -74.11 42.19
CA SER H 1727 -40.88 -74.87 41.06
C SER H 1727 -42.31 -74.47 40.69
N ARG H 1728 -43.18 -74.33 41.69
CA ARG H 1728 -44.56 -73.93 41.41
C ARG H 1728 -44.60 -72.53 40.79
N ARG H 1729 -43.77 -71.61 41.29
CA ARG H 1729 -43.71 -70.29 40.70
C ARG H 1729 -43.26 -70.35 39.24
N SER H 1730 -42.29 -71.19 38.93
CA SER H 1730 -41.84 -71.34 37.56
C SER H 1730 -42.96 -71.83 36.65
N MET H 1731 -43.74 -72.83 37.07
CA MET H 1731 -44.85 -73.30 36.26
C MET H 1731 -46.12 -72.46 36.38
N LEU H 1732 -46.13 -71.46 37.25
CA LEU H 1732 -47.36 -70.70 37.51
C LEU H 1732 -47.68 -69.70 36.41
N SER H 1733 -46.83 -69.55 35.40
CA SER H 1733 -47.07 -68.57 34.33
C SER H 1733 -47.73 -69.17 33.10
N GLU H 1734 -47.60 -70.49 32.89
CA GLU H 1734 -48.20 -71.17 31.75
C GLU H 1734 -49.50 -71.85 32.16
N TYR H 1735 -50.51 -71.74 31.32
CA TYR H 1735 -51.84 -72.29 31.59
C TYR H 1735 -52.13 -73.40 30.59
N ILE H 1736 -52.05 -74.64 31.05
CA ILE H 1736 -52.39 -75.80 30.23
C ILE H 1736 -53.70 -76.34 30.78
N VAL H 1737 -54.82 -75.90 30.22
CA VAL H 1737 -56.14 -76.20 30.76
C VAL H 1737 -56.66 -77.45 30.05
N PRO H 1738 -56.85 -78.57 30.75
CA PRO H 1738 -57.43 -79.74 30.10
C PRO H 1738 -58.94 -79.59 29.95
N LEU H 1739 -59.48 -80.17 28.88
CA LEU H 1739 -60.89 -80.05 28.56
C LEU H 1739 -61.70 -81.13 29.28
N THR H 1740 -61.75 -81.01 30.59
CA THR H 1740 -62.49 -81.95 31.44
C THR H 1740 -63.85 -81.37 31.81
N PRO H 1741 -64.70 -82.17 32.45
CA PRO H 1741 -65.98 -81.63 32.92
C PRO H 1741 -65.82 -80.44 33.86
N GLU H 1742 -64.77 -80.46 34.69
CA GLU H 1742 -64.53 -79.31 35.56
C GLU H 1742 -64.27 -78.06 34.73
N THR H 1743 -63.45 -78.16 33.69
CA THR H 1743 -63.21 -77.03 32.81
C THR H 1743 -64.51 -76.57 32.16
N ARG H 1744 -65.30 -77.51 31.66
CA ARG H 1744 -66.60 -77.16 31.11
C ARG H 1744 -67.46 -76.40 32.10
N ALA H 1745 -67.38 -76.75 33.39
CA ALA H 1745 -68.15 -76.09 34.42
C ALA H 1745 -67.62 -74.69 34.74
N ILE H 1746 -66.32 -74.47 34.61
CA ILE H 1746 -65.76 -73.16 34.92
C ILE H 1746 -66.51 -72.09 34.16
N THR H 1747 -66.77 -70.96 34.82
CA THR H 1747 -67.46 -69.82 34.23
C THR H 1747 -66.86 -68.53 34.75
N LEU H 1748 -66.95 -67.47 33.95
CA LEU H 1748 -66.39 -66.19 34.35
C LEU H 1748 -66.98 -65.73 35.68
N PHE H 1749 -68.27 -65.47 35.71
CA PHE H 1749 -68.89 -64.85 36.86
C PHE H 1749 -69.57 -65.91 37.73
N PRO H 1750 -69.51 -65.79 39.05
CA PRO H 1750 -70.09 -66.82 39.90
C PRO H 1750 -71.58 -66.96 39.65
N PRO H 1751 -72.12 -68.17 39.69
CA PRO H 1751 -73.57 -68.33 39.58
C PRO H 1751 -74.28 -67.61 40.72
N GLY H 1752 -75.07 -66.61 40.37
CA GLY H 1752 -75.75 -65.79 41.36
C GLY H 1752 -77.21 -65.65 41.04
N ARG H 1753 -78.01 -65.44 42.09
CA ARG H 1753 -79.45 -65.38 41.94
C ARG H 1753 -79.87 -64.24 41.01
N SER H 1754 -79.26 -63.07 41.14
CA SER H 1754 -79.61 -61.96 40.25
C SER H 1754 -79.13 -62.24 38.83
N ALA H 1755 -77.91 -62.78 38.69
CA ALA H 1755 -77.38 -63.10 37.38
C ALA H 1755 -76.32 -64.19 37.54
N GLU H 1756 -76.49 -65.27 36.77
CA GLU H 1756 -75.48 -66.32 36.77
C GLU H 1756 -74.22 -65.89 36.04
N ASP H 1757 -74.37 -65.05 35.01
CA ASP H 1757 -73.25 -64.49 34.27
C ASP H 1757 -73.49 -63.00 34.08
N GLY H 1758 -72.44 -62.22 34.29
CA GLY H 1758 -72.50 -60.79 34.14
C GLY H 1758 -72.96 -59.97 35.34
N PRO H 1759 -73.08 -60.56 36.54
CA PRO H 1759 -73.38 -59.72 37.70
C PRO H 1759 -72.21 -58.81 38.02
N ARG H 1760 -72.53 -57.64 38.59
CA ARG H 1760 -71.50 -56.65 38.88
C ARG H 1760 -70.50 -57.15 39.92
N ARG H 1761 -70.83 -58.22 40.64
CA ARG H 1761 -69.95 -58.75 41.67
C ARG H 1761 -69.13 -59.91 41.14
N HIS H 1762 -67.82 -59.79 41.25
CA HIS H 1762 -66.92 -60.89 40.91
C HIS H 1762 -67.02 -61.99 41.96
N GLY H 1763 -66.50 -63.15 41.60
CA GLY H 1763 -66.27 -64.18 42.60
C GLY H 1763 -65.05 -63.86 43.44
N LEU H 1764 -64.98 -64.49 44.61
CA LEU H 1764 -63.84 -64.26 45.47
C LEU H 1764 -62.55 -64.69 44.76
N PRO H 1765 -61.54 -63.83 44.69
CA PRO H 1765 -60.35 -64.16 43.90
C PRO H 1765 -59.63 -65.36 44.47
N GLY H 1766 -59.18 -66.24 43.59
CA GLY H 1766 -58.42 -67.41 43.99
C GLY H 1766 -59.23 -68.50 44.66
N VAL H 1767 -60.53 -68.31 44.82
CA VAL H 1767 -61.41 -69.30 45.43
C VAL H 1767 -62.28 -69.89 44.34
N GLY H 1768 -62.15 -71.19 44.13
CA GLY H 1768 -62.91 -71.85 43.09
C GLY H 1768 -62.13 -73.04 42.55
N VAL H 1769 -62.56 -73.49 41.38
CA VAL H 1769 -61.96 -74.64 40.71
C VAL H 1769 -61.03 -74.13 39.62
N THR H 1770 -59.79 -74.58 39.66
CA THR H 1770 -58.80 -74.24 38.65
C THR H 1770 -58.21 -75.53 38.11
N THR H 1771 -58.45 -75.80 36.83
CA THR H 1771 -58.02 -77.04 36.20
C THR H 1771 -56.67 -76.92 35.52
N SER H 1772 -56.04 -75.74 35.52
CA SER H 1772 -54.74 -75.60 34.89
C SER H 1772 -53.76 -76.57 35.51
N LEU H 1773 -52.90 -77.15 34.67
CA LEU H 1773 -52.01 -78.21 35.13
C LEU H 1773 -50.81 -77.64 35.85
N ARG H 1774 -50.55 -78.15 37.05
CA ARG H 1774 -49.34 -77.87 37.80
C ARG H 1774 -48.89 -79.17 38.44
N PRO H 1775 -47.62 -79.54 38.30
CA PRO H 1775 -47.16 -80.81 38.87
C PRO H 1775 -47.34 -80.84 40.38
N PRO H 1776 -47.67 -81.99 40.95
CA PRO H 1776 -47.84 -82.05 42.41
C PRO H 1776 -46.52 -81.84 43.13
N HIS H 1777 -46.62 -81.60 44.44
CA HIS H 1777 -45.44 -81.44 45.27
C HIS H 1777 -44.95 -82.80 45.75
N HIS H 1778 -43.64 -83.02 45.68
CA HIS H 1778 -43.01 -84.25 46.12
C HIS H 1778 -42.13 -83.96 47.33
N PHE H 1779 -42.35 -84.69 48.41
CA PHE H 1779 -41.59 -84.54 49.63
C PHE H 1779 -41.19 -85.92 50.15
N SER H 1780 -40.16 -85.95 50.98
CA SER H 1780 -39.68 -87.18 51.58
C SER H 1780 -39.51 -87.00 53.08
N PRO H 1781 -39.91 -87.97 53.90
CA PRO H 1781 -39.76 -87.81 55.36
C PRO H 1781 -38.31 -87.64 55.75
N PRO H 1782 -38.02 -86.79 56.74
CA PRO H 1782 -36.63 -86.68 57.23
C PRO H 1782 -36.29 -87.80 58.21
N CYS H 1783 -35.88 -88.94 57.69
CA CYS H 1783 -35.50 -90.09 58.52
C CYS H 1783 -34.01 -90.38 58.33
N PHE H 1784 -33.30 -90.50 59.45
CA PHE H 1784 -31.85 -90.67 59.42
C PHE H 1784 -31.40 -92.05 59.90
N VAL H 1785 -32.34 -92.98 60.13
CA VAL H 1785 -31.98 -94.34 60.48
C VAL H 1785 -32.13 -95.28 59.29
N VAL H 1786 -32.49 -94.78 58.12
CA VAL H 1786 -32.62 -95.62 56.94
C VAL H 1786 -31.24 -95.94 56.39
N ALA H 1787 -31.14 -97.10 55.75
CA ALA H 1787 -29.87 -97.53 55.16
C ALA H 1787 -29.62 -96.76 53.88
N LEU H 1788 -28.42 -96.21 53.75
CA LEU H 1788 -28.07 -95.50 52.53
C LEU H 1788 -27.96 -96.48 51.36
N PRO H 1789 -28.41 -96.10 50.17
CA PRO H 1789 -28.27 -96.99 49.01
C PRO H 1789 -26.79 -97.27 48.73
N ALA H 1790 -26.44 -98.56 48.67
CA ALA H 1790 -25.07 -98.96 48.44
C ALA H 1790 -24.62 -98.73 47.00
N ALA H 1791 -25.53 -98.40 46.10
CA ALA H 1791 -25.16 -98.18 44.70
C ALA H 1791 -24.26 -96.97 44.57
N GLY H 1792 -23.54 -96.90 43.45
CA GLY H 1792 -22.64 -95.80 43.18
C GLY H 1792 -23.26 -94.45 43.39
N ALA H 1793 -22.44 -93.45 43.71
CA ALA H 1793 -22.96 -92.12 43.99
C ALA H 1793 -23.61 -91.52 42.75
N THR H 1794 -24.63 -90.69 42.99
CA THR H 1794 -25.42 -89.97 42.00
C THR H 1794 -26.45 -90.89 41.33
N GLU H 1795 -26.44 -92.19 41.59
CA GLU H 1795 -27.40 -93.09 40.96
C GLU H 1795 -28.82 -92.74 41.39
N ALA H 1796 -29.04 -92.60 42.68
CA ALA H 1796 -30.38 -92.32 43.17
C ALA H 1796 -30.82 -90.93 42.71
N PRO H 1797 -32.10 -90.71 42.45
CA PRO H 1797 -32.55 -89.36 42.08
C PRO H 1797 -32.28 -88.38 43.21
N ALA H 1798 -32.02 -87.13 42.83
CA ALA H 1798 -31.76 -86.09 43.81
C ALA H 1798 -32.86 -86.10 44.86
N ARG H 1799 -32.46 -86.13 46.12
CA ARG H 1799 -33.43 -86.29 47.20
C ARG H 1799 -34.49 -85.21 47.14
N LEU H 1800 -35.72 -85.59 47.44
CA LEU H 1800 -36.79 -84.63 47.53
C LEU H 1800 -36.63 -83.79 48.80
N SER H 1801 -37.14 -82.57 48.76
CA SER H 1801 -37.02 -81.69 49.90
C SER H 1801 -37.72 -82.31 51.11
N PRO H 1802 -37.22 -82.07 52.31
CA PRO H 1802 -37.77 -82.77 53.48
C PRO H 1802 -39.24 -82.41 53.69
N ALA H 1803 -39.99 -83.37 54.22
CA ALA H 1803 -41.42 -83.22 54.40
C ALA H 1803 -41.71 -82.62 55.77
N ILE H 1804 -42.64 -81.68 55.83
CA ILE H 1804 -43.13 -81.11 57.08
C ILE H 1804 -44.65 -81.14 57.03
N PRO H 1805 -45.33 -81.57 58.10
CA PRO H 1805 -46.79 -81.66 58.04
C PRO H 1805 -47.40 -80.32 57.66
N LEU H 1806 -48.00 -80.26 56.47
CA LEU H 1806 -48.48 -79.01 55.91
C LEU H 1806 -49.79 -78.54 56.50
N GLU H 1807 -50.65 -79.45 56.99
CA GLU H 1807 -51.90 -79.01 57.60
C GLU H 1807 -51.66 -78.22 58.88
N ALA H 1808 -50.82 -78.75 59.77
CA ALA H 1808 -50.49 -78.02 60.98
C ALA H 1808 -49.81 -76.70 60.66
N LEU H 1809 -48.91 -76.70 59.67
CA LEU H 1809 -48.25 -75.47 59.28
C LEU H 1809 -49.25 -74.45 58.76
N ARG H 1810 -50.20 -74.90 57.95
CA ARG H 1810 -51.25 -74.02 57.45
C ARG H 1810 -52.02 -73.38 58.60
N ASP H 1811 -52.49 -74.20 59.53
CA ASP H 1811 -53.29 -73.67 60.64
C ASP H 1811 -52.46 -72.73 61.50
N LYS H 1812 -51.20 -73.07 61.75
CA LYS H 1812 -50.34 -72.23 62.56
C LYS H 1812 -50.13 -70.87 61.90
N ALA H 1813 -49.88 -70.87 60.59
CA ALA H 1813 -49.68 -69.61 59.88
C ALA H 1813 -50.94 -68.75 59.95
N LEU H 1814 -52.10 -69.35 59.73
CA LEU H 1814 -53.34 -68.57 59.78
C LEU H 1814 -53.57 -68.00 61.17
N ARG H 1815 -53.37 -68.82 62.21
CA ARG H 1815 -53.54 -68.32 63.56
C ARG H 1815 -52.58 -67.17 63.84
N MET H 1816 -51.34 -67.29 63.37
CA MET H 1816 -50.36 -66.24 63.59
C MET H 1816 -50.77 -64.96 62.90
N LEU H 1817 -51.27 -65.06 61.67
CA LEU H 1817 -51.67 -63.86 60.94
C LEU H 1817 -52.83 -63.18 61.66
N GLY H 1818 -53.78 -63.96 62.15
CA GLY H 1818 -54.87 -63.38 62.92
C GLY H 1818 -54.37 -62.68 64.17
N GLU H 1819 -53.47 -63.33 64.91
CA GLU H 1819 -52.95 -62.73 66.13
C GLU H 1819 -52.23 -61.43 65.84
N ALA H 1820 -51.41 -61.41 64.79
CA ALA H 1820 -50.68 -60.20 64.45
C ALA H 1820 -51.63 -59.10 63.99
N VAL H 1821 -52.68 -59.47 63.25
CA VAL H 1821 -53.66 -58.48 62.82
C VAL H 1821 -54.33 -57.83 64.02
N ARG H 1822 -54.71 -58.63 65.01
CA ARG H 1822 -55.31 -58.04 66.20
C ARG H 1822 -54.31 -57.20 66.99
N ASP H 1823 -53.08 -57.70 67.15
CA ASP H 1823 -52.10 -56.96 67.93
C ASP H 1823 -51.76 -55.61 67.29
N GLY H 1824 -51.64 -55.57 65.97
CA GLY H 1824 -51.36 -54.30 65.31
C GLY H 1824 -52.41 -53.25 65.60
N GLY H 1825 -53.68 -53.64 65.64
CA GLY H 1825 -54.72 -52.72 66.04
C GLY H 1825 -54.68 -52.39 67.52
N GLN H 1826 -54.18 -53.32 68.34
CA GLN H 1826 -54.04 -53.02 69.77
C GLN H 1826 -53.07 -51.88 70.01
N HIS H 1827 -51.99 -51.81 69.24
CA HIS H 1827 -50.96 -50.77 69.39
C HIS H 1827 -50.12 -51.00 70.65
N ALA H 1828 -49.86 -52.27 70.96
CA ALA H 1828 -49.10 -52.60 72.15
C ALA H 1828 -47.69 -52.02 72.05
N ARG H 1829 -47.14 -51.59 73.19
CA ARG H 1829 -45.82 -50.97 73.18
C ARG H 1829 -44.72 -52.00 73.00
N ASP H 1830 -45.07 -53.29 73.04
CA ASP H 1830 -44.07 -54.35 72.93
C ASP H 1830 -44.41 -55.27 71.77
N PRO H 1831 -44.13 -54.87 70.53
CA PRO H 1831 -44.43 -55.73 69.39
C PRO H 1831 -43.62 -57.01 69.41
N VAL H 1832 -44.21 -58.07 68.86
CA VAL H 1832 -43.52 -59.36 68.84
C VAL H 1832 -42.25 -59.22 68.01
N GLY H 1833 -41.14 -59.69 68.57
CA GLY H 1833 -39.87 -59.57 67.88
C GLY H 1833 -39.22 -58.23 67.98
N GLY H 1834 -39.81 -57.28 68.71
CA GLY H 1834 -39.21 -55.99 68.91
C GLY H 1834 -39.62 -54.90 67.94
N SER H 1835 -40.53 -55.18 67.02
CA SER H 1835 -40.99 -54.16 66.09
C SER H 1835 -42.12 -54.72 65.23
N VAL H 1836 -42.95 -53.82 64.73
CA VAL H 1836 -44.05 -54.23 63.85
C VAL H 1836 -43.49 -54.89 62.60
N GLU H 1837 -42.36 -54.38 62.10
CA GLU H 1837 -41.74 -54.99 60.93
C GLU H 1837 -41.38 -56.45 61.22
N PHE H 1838 -40.68 -56.69 62.31
CA PHE H 1838 -40.27 -58.04 62.65
C PHE H 1838 -41.44 -58.90 63.08
N GLN H 1839 -42.60 -58.31 63.37
CA GLN H 1839 -43.79 -59.08 63.68
C GLN H 1839 -44.57 -59.49 62.45
N PHE H 1840 -44.63 -58.64 61.43
CA PHE H 1840 -45.48 -58.89 60.28
C PHE H 1840 -44.74 -59.43 59.07
N VAL H 1841 -43.46 -59.10 58.89
CA VAL H 1841 -42.73 -59.56 57.72
C VAL H 1841 -42.61 -61.08 57.68
N PRO H 1842 -42.15 -61.75 58.74
CA PRO H 1842 -41.98 -63.21 58.64
C PRO H 1842 -43.28 -63.96 58.43
N VAL H 1843 -44.34 -63.59 59.15
CA VAL H 1843 -45.61 -64.26 59.00
C VAL H 1843 -46.12 -64.09 57.58
N LEU H 1844 -46.00 -62.88 57.04
CA LEU H 1844 -46.46 -62.64 55.68
C LEU H 1844 -45.63 -63.43 54.67
N LYS H 1845 -44.32 -63.54 54.91
CA LYS H 1845 -43.50 -64.38 54.03
C LYS H 1845 -43.99 -65.82 54.03
N LEU H 1846 -44.24 -66.36 55.22
CA LEU H 1846 -44.73 -67.74 55.32
C LEU H 1846 -46.06 -67.89 54.60
N VAL H 1847 -46.98 -66.95 54.80
CA VAL H 1847 -48.31 -67.06 54.21
C VAL H 1847 -48.23 -66.96 52.69
N SER H 1848 -47.43 -66.02 52.18
CA SER H 1848 -47.28 -65.90 50.74
C SER H 1848 -46.68 -67.17 50.15
N THR H 1849 -45.66 -67.73 50.81
CA THR H 1849 -45.06 -68.95 50.30
C THR H 1849 -46.09 -70.09 50.26
N LEU H 1850 -46.86 -70.24 51.34
CA LEU H 1850 -47.85 -71.31 51.37
C LEU H 1850 -48.92 -71.11 50.30
N LEU H 1851 -49.39 -69.88 50.12
CA LEU H 1851 -50.35 -69.63 49.05
C LEU H 1851 -49.76 -70.01 47.69
N VAL H 1852 -48.57 -69.50 47.37
CA VAL H 1852 -47.99 -69.77 46.07
C VAL H 1852 -47.85 -71.27 45.86
N MET H 1853 -47.43 -72.00 46.90
CA MET H 1853 -47.42 -73.45 46.81
C MET H 1853 -48.82 -73.99 46.56
N GLY H 1854 -49.84 -73.28 47.03
CA GLY H 1854 -51.22 -73.69 46.83
C GLY H 1854 -51.75 -74.66 47.85
N VAL H 1855 -51.07 -74.83 48.99
CA VAL H 1855 -51.57 -75.77 50.01
C VAL H 1855 -52.87 -75.27 50.61
N PHE H 1856 -53.03 -73.95 50.73
CA PHE H 1856 -54.20 -73.39 51.39
C PHE H 1856 -55.47 -73.86 50.70
N SER H 1857 -56.44 -74.30 51.51
CA SER H 1857 -57.73 -74.68 50.98
C SER H 1857 -58.58 -73.44 50.72
N ASP H 1858 -59.79 -73.66 50.18
CA ASP H 1858 -60.66 -72.54 49.87
C ASP H 1858 -61.07 -71.78 51.13
N GLU H 1859 -61.37 -72.52 52.20
CA GLU H 1859 -61.72 -71.85 53.45
C GLU H 1859 -60.58 -70.98 53.94
N ASP H 1860 -59.35 -71.49 53.87
CA ASP H 1860 -58.20 -70.71 54.31
C ASP H 1860 -57.99 -69.48 53.43
N VAL H 1861 -58.21 -69.63 52.12
CA VAL H 1861 -58.08 -68.46 51.25
C VAL H 1861 -59.13 -67.42 51.63
N LYS H 1862 -60.34 -67.86 51.97
CA LYS H 1862 -61.35 -66.92 52.44
C LYS H 1862 -60.91 -66.22 53.72
N GLN H 1863 -60.31 -66.96 54.66
CA GLN H 1863 -59.80 -66.34 55.88
C GLN H 1863 -58.74 -65.30 55.56
N ILE H 1864 -57.82 -65.63 54.66
CA ILE H 1864 -56.76 -64.70 54.30
C ILE H 1864 -57.36 -63.44 53.67
N LEU H 1865 -58.37 -63.61 52.82
CA LEU H 1865 -59.01 -62.45 52.22
C LEU H 1865 -59.68 -61.59 53.29
N LYS H 1866 -60.35 -62.21 54.26
CA LYS H 1866 -60.93 -61.44 55.35
C LYS H 1866 -59.87 -60.65 56.09
N MET H 1867 -58.73 -61.28 56.37
CA MET H 1867 -57.67 -60.59 57.08
C MET H 1867 -57.15 -59.41 56.26
N ILE H 1868 -56.96 -59.61 54.96
CA ILE H 1868 -56.42 -58.54 54.12
C ILE H 1868 -57.38 -57.36 54.09
N GLU H 1869 -58.66 -57.64 53.84
CA GLU H 1869 -59.65 -56.58 53.82
C GLU H 1869 -61.03 -57.14 54.14
N PRO H 1870 -61.57 -56.89 55.33
CA PRO H 1870 -62.87 -57.51 55.69
C PRO H 1870 -64.01 -57.06 54.79
N GLU H 1871 -64.10 -55.76 54.52
CA GLU H 1871 -65.29 -55.23 53.85
C GLU H 1871 -65.39 -55.74 52.42
N VAL H 1872 -64.31 -55.62 51.64
CA VAL H 1872 -64.39 -55.91 50.21
C VAL H 1872 -64.71 -57.38 49.97
N PHE H 1873 -63.94 -58.27 50.61
CA PHE H 1873 -64.13 -59.71 50.44
C PHE H 1873 -64.96 -60.21 51.62
N ARG H 1874 -66.27 -60.05 51.53
CA ARG H 1874 -67.18 -60.46 52.59
C ARG H 1874 -68.14 -61.51 52.06
N GLU H 1875 -68.32 -62.57 52.83
CA GLU H 1875 -69.21 -63.64 52.42
C GLU H 1875 -70.65 -63.13 52.38
N GLU H 1876 -71.36 -63.48 51.31
CA GLU H 1876 -72.73 -63.03 51.12
C GLU H 1876 -73.66 -63.67 52.15
N LEU H 1923 -63.88 -58.08 62.26
CA LEU H 1923 -63.45 -56.78 62.77
C LEU H 1923 -63.30 -55.79 61.63
N GLU H 1924 -63.56 -54.52 61.90
CA GLU H 1924 -63.54 -53.50 60.85
C GLU H 1924 -62.13 -53.23 60.37
N GLU H 1925 -61.12 -53.57 61.18
CA GLU H 1925 -59.74 -53.23 60.83
C GLU H 1925 -59.16 -54.25 59.87
N GLY H 1926 -58.37 -53.77 58.91
CA GLY H 1926 -57.75 -54.63 57.92
C GLY H 1926 -56.32 -54.22 57.65
N LEU H 1927 -55.54 -55.21 57.20
CA LEU H 1927 -54.12 -54.98 56.98
C LEU H 1927 -53.89 -53.85 55.99
N LEU H 1928 -54.71 -53.79 54.93
CA LEU H 1928 -54.46 -52.82 53.87
C LEU H 1928 -54.59 -51.39 54.38
N GLN H 1929 -55.43 -51.16 55.39
CA GLN H 1929 -55.63 -49.84 55.95
C GLN H 1929 -54.97 -49.68 57.31
N MET H 1930 -54.22 -50.68 57.77
CA MET H 1930 -53.62 -50.66 59.10
C MET H 1930 -52.33 -49.85 59.17
N LYS H 1931 -51.90 -49.22 58.07
CA LYS H 1931 -50.77 -48.28 58.11
C LYS H 1931 -49.48 -48.98 58.58
N LEU H 1932 -49.02 -49.90 57.72
CA LEU H 1932 -47.85 -50.71 58.00
C LEU H 1932 -46.59 -50.06 57.45
N PRO H 1933 -45.41 -50.56 57.85
CA PRO H 1933 -44.16 -50.01 57.31
C PRO H 1933 -43.90 -50.45 55.88
N GLU H 1934 -42.72 -50.07 55.38
CA GLU H 1934 -42.38 -50.31 53.98
C GLU H 1934 -42.25 -51.80 53.68
N SER H 1935 -41.53 -52.53 54.53
CA SER H 1935 -41.33 -53.95 54.27
C SER H 1935 -42.64 -54.71 54.31
N VAL H 1936 -43.50 -54.41 55.28
CA VAL H 1936 -44.80 -55.06 55.35
C VAL H 1936 -45.64 -54.68 54.16
N LYS H 1937 -45.52 -53.44 53.68
CA LYS H 1937 -46.22 -53.06 52.46
C LYS H 1937 -45.74 -53.89 51.28
N LEU H 1938 -44.44 -54.16 51.21
CA LEU H 1938 -43.92 -54.99 50.13
C LEU H 1938 -44.49 -56.40 50.19
N GLN H 1939 -44.54 -56.99 51.39
CA GLN H 1939 -45.13 -58.32 51.52
C GLN H 1939 -46.60 -58.29 51.13
N MET H 1940 -47.30 -57.23 51.50
CA MET H 1940 -48.70 -57.10 51.14
C MET H 1940 -48.86 -57.03 49.63
N CYS H 1941 -47.95 -56.31 48.96
CA CYS H 1941 -47.97 -56.27 47.51
C CYS H 1941 -47.73 -57.66 46.93
N HIS H 1942 -46.88 -58.46 47.57
CA HIS H 1942 -46.71 -59.83 47.10
C HIS H 1942 -48.02 -60.61 47.17
N LEU H 1943 -48.73 -60.51 48.30
CA LEU H 1943 -50.02 -61.20 48.41
C LEU H 1943 -51.00 -60.72 47.35
N LEU H 1944 -51.08 -59.41 47.16
CA LEU H 1944 -52.01 -58.88 46.17
C LEU H 1944 -51.63 -59.32 44.76
N GLU H 1945 -50.33 -59.41 44.48
CA GLU H 1945 -49.89 -59.93 43.20
C GLU H 1945 -50.35 -61.36 43.01
N TYR H 1946 -50.25 -62.18 44.06
CA TYR H 1946 -50.73 -63.55 43.94
C TYR H 1946 -52.22 -63.58 43.62
N PHE H 1947 -53.00 -62.76 44.31
CA PHE H 1947 -54.44 -62.79 44.08
C PHE H 1947 -54.79 -62.30 42.68
N CYS H 1948 -54.08 -61.28 42.19
CA CYS H 1948 -54.31 -60.83 40.82
C CYS H 1948 -53.93 -61.91 39.82
N ASP H 1949 -52.86 -62.65 40.09
CA ASP H 1949 -52.50 -63.76 39.22
C ASP H 1949 -53.58 -64.83 39.20
N GLN H 1950 -54.16 -65.14 40.36
CA GLN H 1950 -55.28 -66.06 40.39
C GLN H 1950 -56.48 -65.54 39.60
N GLU H 1951 -56.76 -64.25 39.69
CA GLU H 1951 -57.82 -63.67 38.88
C GLU H 1951 -57.55 -63.87 37.40
N LEU H 1952 -56.32 -63.61 36.96
CA LEU H 1952 -55.97 -63.79 35.56
C LEU H 1952 -56.11 -65.25 35.14
N GLN H 1953 -55.68 -66.17 36.00
CA GLN H 1953 -55.83 -67.58 35.69
C GLN H 1953 -57.30 -67.94 35.55
N HIS H 1954 -58.15 -67.39 36.40
CA HIS H 1954 -59.58 -67.64 36.28
C HIS H 1954 -60.10 -67.13 34.94
N ARG H 1955 -59.67 -65.94 34.53
CA ARG H 1955 -60.12 -65.41 33.25
C ARG H 1955 -59.69 -66.33 32.11
N VAL H 1956 -58.43 -66.77 32.12
CA VAL H 1956 -57.93 -67.60 31.03
C VAL H 1956 -58.67 -68.94 30.99
N GLU H 1957 -58.87 -69.56 32.16
CA GLU H 1957 -59.56 -70.84 32.18
C GLU H 1957 -61.00 -70.70 31.72
N SER H 1958 -61.68 -69.63 32.14
CA SER H 1958 -63.05 -69.43 31.69
C SER H 1958 -63.10 -69.21 30.19
N LEU H 1959 -62.13 -68.47 29.65
CA LEU H 1959 -62.05 -68.31 28.21
C LEU H 1959 -61.87 -69.65 27.52
N ALA H 1960 -60.99 -70.51 28.05
CA ALA H 1960 -60.80 -71.81 27.47
C ALA H 1960 -62.07 -72.66 27.49
N ALA H 1961 -62.80 -72.65 28.59
CA ALA H 1961 -64.05 -73.40 28.67
C ALA H 1961 -65.09 -72.87 27.68
N PHE H 1962 -65.23 -71.55 27.59
CA PHE H 1962 -66.13 -70.99 26.59
C PHE H 1962 -65.70 -71.39 25.20
N ALA H 1963 -64.39 -71.44 24.94
CA ALA H 1963 -63.91 -71.91 23.65
C ALA H 1963 -64.33 -73.36 23.43
N GLU H 1964 -64.21 -74.19 24.46
CA GLU H 1964 -64.62 -75.58 24.33
C GLU H 1964 -66.07 -75.68 23.89
N CYS H 1965 -66.94 -74.86 24.49
CA CYS H 1965 -68.34 -74.89 24.08
C CYS H 1965 -68.54 -74.34 22.67
N TYR H 1966 -67.96 -73.18 22.38
CA TYR H 1966 -68.29 -72.46 21.16
C TYR H 1966 -67.72 -73.16 19.94
N VAL H 1967 -66.52 -73.73 20.05
CA VAL H 1967 -65.93 -74.44 18.91
C VAL H 1967 -66.75 -75.67 18.59
N ASP H 1968 -67.24 -76.37 19.61
CA ASP H 1968 -68.14 -77.50 19.35
C ASP H 1968 -69.40 -77.03 18.65
N LYS H 1969 -69.99 -75.94 19.11
CA LYS H 1969 -71.19 -75.42 18.44
C LYS H 1969 -70.90 -75.08 16.99
N MET H 1970 -69.77 -74.41 16.73
CA MET H 1970 -69.42 -74.03 15.36
C MET H 1970 -69.21 -75.26 14.50
N GLN H 1971 -68.53 -76.28 15.03
CA GLN H 1971 -68.29 -77.48 14.24
C GLN H 1971 -69.59 -78.19 13.92
N GLY H 1972 -70.49 -78.31 14.90
CA GLY H 1972 -71.79 -78.92 14.62
C GLY H 1972 -72.55 -78.15 13.56
N ASN H 1973 -72.57 -76.82 13.67
CA ASN H 1973 -73.24 -76.02 12.65
C ASN H 1973 -72.61 -76.23 11.29
N GLN H 1974 -71.28 -76.27 11.21
CA GLN H 1974 -70.63 -76.38 9.92
C GLN H 1974 -70.90 -77.73 9.29
N ARG H 1975 -70.90 -78.79 10.11
CA ARG H 1975 -71.26 -80.10 9.58
C ARG H 1975 -72.67 -80.10 9.04
N GLY H 1976 -73.61 -79.51 9.78
CA GLY H 1976 -74.98 -79.44 9.28
C GLY H 1976 -75.07 -78.66 7.98
N ARG H 1977 -74.37 -77.53 7.90
CA ARG H 1977 -74.42 -76.69 6.71
C ARG H 1977 -73.80 -77.40 5.51
N TYR H 1978 -72.69 -78.09 5.73
CA TYR H 1978 -72.08 -78.85 4.64
C TYR H 1978 -73.01 -79.96 4.16
N GLY H 1979 -73.66 -80.65 5.10
CA GLY H 1979 -74.65 -81.63 4.69
C GLY H 1979 -75.75 -81.00 3.86
N LEU H 1980 -76.25 -79.84 4.28
CA LEU H 1980 -77.26 -79.13 3.50
C LEU H 1980 -76.77 -78.83 2.09
N LEU H 1981 -75.58 -78.24 1.97
CA LEU H 1981 -75.09 -77.83 0.66
C LEU H 1981 -74.89 -79.03 -0.25
N MET H 1982 -74.28 -80.10 0.26
CA MET H 1982 -74.05 -81.28 -0.56
C MET H 1982 -75.37 -81.93 -0.96
N LYS H 1983 -76.32 -82.00 -0.02
CA LYS H 1983 -77.61 -82.61 -0.34
C LYS H 1983 -78.33 -81.82 -1.42
N ALA H 1984 -78.27 -80.49 -1.36
CA ALA H 1984 -78.91 -79.67 -2.38
C ALA H 1984 -78.36 -80.02 -3.75
N PHE H 1985 -79.27 -80.15 -4.73
CA PHE H 1985 -78.83 -80.48 -6.08
C PHE H 1985 -77.88 -79.44 -6.63
N THR H 1986 -78.11 -78.16 -6.30
CA THR H 1986 -77.23 -77.06 -6.67
C THR H 1986 -76.86 -77.12 -8.16
N MET H 1987 -77.88 -76.93 -9.00
CA MET H 1987 -77.66 -76.96 -10.43
C MET H 1987 -76.58 -75.96 -10.84
N SER H 1988 -76.46 -74.85 -10.12
CA SER H 1988 -75.44 -73.85 -10.39
C SER H 1988 -74.12 -74.31 -9.77
N ALA H 1989 -73.17 -74.70 -10.62
CA ALA H 1989 -71.86 -75.12 -10.12
C ALA H 1989 -71.13 -73.96 -9.47
N ALA H 1990 -71.24 -72.76 -10.05
CA ALA H 1990 -70.53 -71.61 -9.51
C ALA H 1990 -71.02 -71.26 -8.11
N GLU H 1991 -72.33 -71.33 -7.89
CA GLU H 1991 -72.87 -71.00 -6.57
C GLU H 1991 -72.38 -72.01 -5.53
N THR H 1992 -72.53 -73.30 -5.81
CA THR H 1992 -72.00 -74.30 -4.89
C THR H 1992 -70.48 -74.20 -4.80
N ALA H 1993 -69.84 -73.74 -5.88
CA ALA H 1993 -68.39 -73.56 -5.83
C ALA H 1993 -68.00 -72.50 -4.81
N ARG H 1994 -68.66 -71.34 -4.83
CA ARG H 1994 -68.34 -70.30 -3.86
C ARG H 1994 -68.75 -70.75 -2.45
N ARG H 1995 -69.82 -71.54 -2.35
CA ARG H 1995 -70.18 -72.08 -1.04
C ARG H 1995 -69.10 -73.02 -0.50
N THR H 1996 -68.52 -73.84 -1.37
CA THR H 1996 -67.51 -74.80 -0.97
C THR H 1996 -66.12 -74.20 -0.86
N ARG H 1997 -65.93 -72.97 -1.34
CA ARG H 1997 -64.66 -72.28 -1.12
C ARG H 1997 -64.30 -72.28 0.36
N GLU H 1998 -65.29 -72.04 1.23
CA GLU H 1998 -65.04 -72.05 2.67
C GLU H 1998 -64.43 -73.37 3.11
N PHE H 1999 -65.07 -74.48 2.76
CA PHE H 1999 -64.56 -75.78 3.18
C PHE H 1999 -63.23 -76.08 2.51
N ARG H 2000 -62.96 -75.45 1.37
CA ARG H 2000 -61.65 -75.62 0.73
C ARG H 2000 -60.57 -74.88 1.50
N SER H 2001 -60.93 -73.80 2.18
CA SER H 2001 -59.95 -73.03 2.93
C SER H 2001 -59.40 -73.86 4.08
N PRO H 2002 -58.16 -73.60 4.52
CA PRO H 2002 -57.59 -74.36 5.65
C PRO H 2002 -58.40 -74.12 6.91
N PRO H 2003 -58.19 -74.96 7.94
CA PRO H 2003 -59.04 -74.84 9.14
C PRO H 2003 -58.87 -73.52 9.88
N GLN H 2004 -57.65 -73.01 9.99
CA GLN H 2004 -57.46 -71.75 10.70
C GLN H 2004 -58.18 -70.61 10.01
N GLU H 2005 -58.10 -70.56 8.69
CA GLU H 2005 -58.85 -69.55 7.94
C GLU H 2005 -60.34 -69.77 8.02
N GLN H 2006 -60.79 -71.02 8.04
CA GLN H 2006 -62.21 -71.27 8.28
C GLN H 2006 -62.64 -70.65 9.60
N ILE H 2007 -61.84 -70.85 10.65
CA ILE H 2007 -62.18 -70.27 11.96
C ILE H 2007 -62.20 -68.75 11.88
N ASN H 2008 -61.18 -68.16 11.25
CA ASN H 2008 -61.11 -66.71 11.17
C ASN H 2008 -62.33 -66.15 10.45
N MET H 2009 -62.66 -66.72 9.29
CA MET H 2009 -63.78 -66.24 8.51
C MET H 2009 -65.10 -66.45 9.26
N LEU H 2010 -65.22 -67.55 9.99
CA LEU H 2010 -66.43 -67.79 10.75
C LEU H 2010 -66.59 -66.78 11.88
N LEU H 2011 -65.50 -66.42 12.55
CA LEU H 2011 -65.55 -65.52 13.68
C LEU H 2011 -65.59 -64.05 13.28
N HIS H 2012 -65.24 -63.72 12.03
CA HIS H 2012 -65.17 -62.33 11.60
C HIS H 2012 -66.56 -61.73 11.43
N PHE H 2013 -67.24 -61.52 12.57
CA PHE H 2013 -68.55 -60.88 12.57
C PHE H 2013 -68.71 -59.93 13.75
N LYS H 2014 -67.60 -59.41 14.29
CA LYS H 2014 -67.70 -58.51 15.43
C LYS H 2014 -68.50 -57.26 15.08
N ASN H 2015 -68.18 -56.63 13.95
CA ASN H 2015 -68.82 -55.39 13.56
C ASN H 2015 -70.12 -55.61 12.81
N GLY H 2016 -70.51 -56.86 12.57
CA GLY H 2016 -71.73 -57.15 11.85
C GLY H 2016 -71.48 -57.52 10.40
N ALA H 2017 -71.76 -58.77 10.06
CA ALA H 2017 -71.60 -59.27 8.70
C ALA H 2017 -72.83 -60.08 8.31
N ASP H 2018 -73.16 -60.02 7.02
CA ASP H 2018 -74.34 -60.69 6.53
C ASP H 2018 -74.12 -62.21 6.49
N GLU H 2019 -75.19 -62.93 6.15
CA GLU H 2019 -75.12 -64.39 6.12
C GLU H 2019 -74.09 -64.87 5.10
N GLU H 2020 -74.05 -64.23 3.93
CA GLU H 2020 -73.08 -64.63 2.91
C GLU H 2020 -71.66 -64.46 3.42
N GLU H 2021 -71.37 -63.33 4.04
CA GLU H 2021 -70.00 -63.04 4.47
C GLU H 2021 -69.59 -63.94 5.63
N CYS H 2022 -70.50 -64.14 6.59
CA CYS H 2022 -70.25 -65.01 7.73
C CYS H 2022 -71.38 -66.03 7.85
N PRO H 2023 -71.24 -67.24 7.31
CA PRO H 2023 -72.32 -68.23 7.41
C PRO H 2023 -72.51 -68.77 8.82
N LEU H 2024 -72.91 -67.88 9.73
CA LEU H 2024 -73.06 -68.25 11.13
C LEU H 2024 -74.42 -67.75 11.62
N PRO H 2025 -75.22 -68.59 12.29
CA PRO H 2025 -76.56 -68.16 12.70
C PRO H 2025 -76.49 -67.06 13.74
N GLU H 2026 -77.54 -66.23 13.77
CA GLU H 2026 -77.57 -65.10 14.69
C GLU H 2026 -77.59 -65.57 16.14
N GLU H 2027 -78.34 -66.63 16.42
CA GLU H 2027 -78.40 -67.13 17.79
C GLU H 2027 -77.03 -67.61 18.25
N ILE H 2028 -76.26 -68.23 17.36
CA ILE H 2028 -74.91 -68.65 17.71
C ILE H 2028 -74.02 -67.44 17.91
N ARG H 2029 -74.13 -66.45 17.02
CA ARG H 2029 -73.35 -65.22 17.19
C ARG H 2029 -73.63 -64.59 18.54
N GLN H 2030 -74.87 -64.66 19.00
CA GLN H 2030 -75.24 -63.99 20.24
C GLN H 2030 -74.50 -64.57 21.43
N GLU H 2031 -74.20 -65.88 21.41
CA GLU H 2031 -73.42 -66.45 22.49
C GLU H 2031 -72.06 -65.78 22.59
N LEU H 2032 -71.36 -65.64 21.47
CA LEU H 2032 -70.06 -64.98 21.50
C LEU H 2032 -70.19 -63.52 21.90
N VAL H 2033 -71.23 -62.83 21.43
CA VAL H 2033 -71.40 -61.43 21.80
C VAL H 2033 -71.57 -61.31 23.31
N ASN H 2034 -72.43 -62.13 23.90
CA ASN H 2034 -72.66 -62.08 25.33
C ASN H 2034 -71.39 -62.43 26.10
N PHE H 2035 -70.66 -63.44 25.63
CA PHE H 2035 -69.44 -63.81 26.33
C PHE H 2035 -68.40 -62.71 26.24
N HIS H 2036 -68.32 -62.02 25.11
CA HIS H 2036 -67.40 -60.90 25.00
C HIS H 2036 -67.78 -59.79 25.96
N GLN H 2037 -69.07 -59.50 26.08
CA GLN H 2037 -69.50 -58.51 27.06
C GLN H 2037 -69.12 -58.94 28.46
N ASP H 2038 -69.32 -60.20 28.80
CA ASP H 2038 -68.98 -60.69 30.13
C ASP H 2038 -67.48 -60.59 30.38
N LEU H 2039 -66.67 -60.94 29.38
CA LEU H 2039 -65.23 -60.85 29.54
C LEU H 2039 -64.78 -59.42 29.74
N LEU H 2040 -65.34 -58.49 28.97
CA LEU H 2040 -65.00 -57.09 29.17
C LEU H 2040 -65.40 -56.62 30.57
N ALA H 2041 -66.58 -57.01 31.03
CA ALA H 2041 -66.99 -56.62 32.37
C ALA H 2041 -66.04 -57.18 33.41
N HIS H 2042 -65.65 -58.45 33.26
CA HIS H 2042 -64.71 -59.05 34.20
C HIS H 2042 -63.39 -58.32 34.20
N CYS H 2043 -62.87 -57.99 33.01
CA CYS H 2043 -61.63 -57.22 32.92
C CYS H 2043 -61.81 -55.79 33.41
N GLY H 2044 -63.04 -55.34 33.63
CA GLY H 2044 -63.28 -54.01 34.11
C GLY H 2044 -63.32 -52.95 33.04
N ILE H 2045 -63.20 -53.33 31.77
CA ILE H 2045 -63.20 -52.35 30.69
C ILE H 2045 -64.49 -51.53 30.73
N GLN H 2046 -65.62 -52.20 30.89
CA GLN H 2046 -66.89 -51.49 30.99
C GLN H 2046 -66.85 -50.54 32.17
N LEU H 2047 -67.37 -49.32 31.97
CA LEU H 2047 -67.39 -48.33 33.03
C LEU H 2047 -68.67 -47.50 32.95
N GLU H 2089 -66.71 -46.68 43.39
CA GLU H 2089 -67.45 -45.94 44.41
C GLU H 2089 -66.51 -45.52 45.53
N HIS H 2090 -67.08 -44.98 46.62
CA HIS H 2090 -66.26 -44.65 47.78
C HIS H 2090 -65.51 -45.88 48.27
N LYS H 2091 -66.24 -46.97 48.48
CA LYS H 2091 -65.59 -48.22 48.85
C LYS H 2091 -65.36 -49.08 47.61
N PRO H 2092 -64.30 -49.88 47.58
CA PRO H 2092 -63.98 -50.59 46.32
C PRO H 2092 -65.08 -51.51 45.82
N GLN H 2093 -65.48 -52.51 46.60
CA GLN H 2093 -66.40 -53.58 46.23
C GLN H 2093 -65.82 -54.50 45.15
N SER H 2094 -64.54 -54.38 44.82
CA SER H 2094 -63.93 -55.23 43.79
C SER H 2094 -62.45 -55.31 44.04
N LEU H 2095 -61.85 -56.42 43.59
CA LEU H 2095 -60.41 -56.57 43.74
C LEU H 2095 -59.66 -55.51 42.93
N GLN H 2096 -60.11 -55.28 41.69
CA GLN H 2096 -59.47 -54.28 40.84
C GLN H 2096 -59.42 -52.94 41.55
N GLU H 2097 -60.57 -52.46 42.01
CA GLU H 2097 -60.64 -51.15 42.63
C GLU H 2097 -59.92 -51.14 43.97
N LEU H 2098 -59.99 -52.23 44.73
CA LEU H 2098 -59.27 -52.26 45.99
C LEU H 2098 -57.78 -52.08 45.77
N VAL H 2099 -57.20 -52.84 44.84
CA VAL H 2099 -55.78 -52.73 44.60
C VAL H 2099 -55.41 -51.34 44.09
N SER H 2100 -56.17 -50.85 43.10
CA SER H 2100 -55.84 -49.54 42.55
C SER H 2100 -55.91 -48.45 43.62
N HIS H 2101 -57.01 -48.41 44.37
CA HIS H 2101 -57.20 -47.39 45.38
C HIS H 2101 -56.15 -47.50 46.47
N THR H 2102 -55.82 -48.71 46.91
CA THR H 2102 -54.81 -48.87 47.95
C THR H 2102 -53.45 -48.39 47.49
N VAL H 2103 -53.04 -48.76 46.28
CA VAL H 2103 -51.74 -48.33 45.79
C VAL H 2103 -51.69 -46.81 45.69
N VAL H 2104 -52.73 -46.20 45.14
CA VAL H 2104 -52.75 -44.76 45.01
C VAL H 2104 -52.73 -44.10 46.38
N ARG H 2105 -53.45 -44.70 47.34
CA ARG H 2105 -53.49 -44.12 48.69
C ARG H 2105 -52.12 -44.16 49.34
N TRP H 2106 -51.40 -45.28 49.21
CA TRP H 2106 -50.05 -45.33 49.76
C TRP H 2106 -49.15 -44.29 49.11
N ALA H 2107 -49.15 -44.23 47.78
CA ALA H 2107 -48.29 -43.28 47.10
C ALA H 2107 -48.61 -41.84 47.47
N GLN H 2108 -49.89 -41.54 47.73
CA GLN H 2108 -50.27 -40.21 48.14
C GLN H 2108 -49.86 -39.93 49.58
N GLU H 2109 -50.06 -40.91 50.47
CA GLU H 2109 -49.79 -40.70 51.88
C GLU H 2109 -48.31 -40.46 52.13
N ASP H 2110 -47.44 -41.24 51.49
CA ASP H 2110 -46.03 -41.18 51.81
C ASP H 2110 -45.20 -41.16 50.54
N PHE H 2111 -44.00 -40.58 50.65
CA PHE H 2111 -43.01 -40.62 49.58
C PHE H 2111 -42.24 -41.92 49.70
N VAL H 2112 -42.74 -42.97 49.02
CA VAL H 2112 -42.15 -44.29 49.15
C VAL H 2112 -40.67 -44.22 48.76
N GLN H 2113 -39.82 -44.74 49.63
CA GLN H 2113 -38.38 -44.71 49.41
C GLN H 2113 -37.79 -46.07 49.05
N SER H 2114 -38.53 -47.15 49.17
CA SER H 2114 -38.00 -48.45 48.81
C SER H 2114 -38.23 -48.70 47.33
N PRO H 2115 -37.18 -48.76 46.51
CA PRO H 2115 -37.40 -48.96 45.07
C PRO H 2115 -38.14 -50.25 44.76
N GLU H 2116 -37.86 -51.32 45.49
CA GLU H 2116 -38.56 -52.58 45.25
C GLU H 2116 -40.05 -52.42 45.52
N LEU H 2117 -40.40 -51.75 46.63
CA LEU H 2117 -41.80 -51.51 46.92
C LEU H 2117 -42.44 -50.68 45.83
N VAL H 2118 -41.77 -49.63 45.37
CA VAL H 2118 -42.35 -48.77 44.35
C VAL H 2118 -42.61 -49.57 43.07
N ARG H 2119 -41.62 -50.35 42.66
CA ARG H 2119 -41.77 -51.19 41.49
C ARG H 2119 -42.98 -52.12 41.65
N ALA H 2120 -43.10 -52.75 42.82
CA ALA H 2120 -44.20 -53.67 43.04
C ALA H 2120 -45.55 -52.97 42.92
N MET H 2121 -45.71 -51.85 43.63
CA MET H 2121 -47.03 -51.23 43.65
C MET H 2121 -47.39 -50.68 42.27
N PHE H 2122 -46.42 -50.15 41.53
CA PHE H 2122 -46.77 -49.60 40.23
C PHE H 2122 -47.03 -50.72 39.22
N SER H 2123 -46.34 -51.85 39.33
CA SER H 2123 -46.69 -52.99 38.50
C SER H 2123 -48.12 -53.44 38.78
N LEU H 2124 -48.49 -53.51 40.07
CA LEU H 2124 -49.85 -53.90 40.42
C LEU H 2124 -50.86 -52.91 39.85
N LEU H 2125 -50.57 -51.62 39.97
CA LEU H 2125 -51.50 -50.62 39.44
C LEU H 2125 -51.66 -50.76 37.94
N HIS H 2126 -50.55 -50.98 37.22
CA HIS H 2126 -50.66 -51.16 35.78
C HIS H 2126 -51.52 -52.36 35.45
N ARG H 2127 -51.32 -53.48 36.15
CA ARG H 2127 -52.14 -54.65 35.87
C ARG H 2127 -53.61 -54.35 36.11
N GLN H 2128 -53.94 -53.68 37.21
CA GLN H 2128 -55.34 -53.39 37.50
C GLN H 2128 -55.94 -52.46 36.45
N TYR H 2129 -55.20 -51.44 36.03
CA TYR H 2129 -55.75 -50.50 35.05
C TYR H 2129 -55.95 -51.16 33.69
N ASP H 2130 -54.92 -51.84 33.19
CA ASP H 2130 -54.99 -52.49 31.88
C ASP H 2130 -55.36 -53.96 32.01
N GLY H 2131 -56.62 -54.21 32.37
CA GLY H 2131 -57.08 -55.58 32.50
C GLY H 2131 -56.99 -56.37 31.22
N LEU H 2132 -57.45 -55.80 30.10
CA LEU H 2132 -57.43 -56.53 28.84
C LEU H 2132 -56.01 -56.80 28.37
N GLY H 2133 -55.09 -55.87 28.60
CA GLY H 2133 -53.72 -56.06 28.16
C GLY H 2133 -53.07 -57.28 28.78
N GLU H 2134 -53.31 -57.50 30.07
CA GLU H 2134 -52.73 -58.66 30.73
C GLU H 2134 -53.27 -59.96 30.14
N LEU H 2135 -54.58 -60.02 29.88
CA LEU H 2135 -55.14 -61.21 29.24
C LEU H 2135 -54.54 -61.41 27.87
N LEU H 2136 -54.37 -60.32 27.11
CA LEU H 2136 -53.80 -60.42 25.78
C LEU H 2136 -52.39 -60.96 25.82
N ARG H 2137 -51.58 -60.50 26.78
CA ARG H 2137 -50.20 -60.98 26.88
C ARG H 2137 -50.15 -62.39 27.46
N ALA H 2138 -51.17 -62.79 28.21
CA ALA H 2138 -51.14 -64.11 28.85
C ALA H 2138 -51.60 -65.20 27.89
N LEU H 2139 -52.56 -64.90 27.03
CA LEU H 2139 -53.12 -65.93 26.16
C LEU H 2139 -52.08 -66.70 25.37
N PRO H 2140 -51.02 -66.08 24.83
CA PRO H 2140 -50.03 -66.87 24.09
C PRO H 2140 -49.50 -68.06 24.89
N ARG H 2141 -49.35 -67.91 26.19
CA ARG H 2141 -48.85 -69.02 27.01
C ARG H 2141 -49.94 -70.03 27.32
N ALA H 2142 -51.19 -69.71 26.98
CA ALA H 2142 -52.28 -70.64 27.23
C ALA H 2142 -52.25 -71.79 26.22
N TYR H 2143 -52.87 -72.91 26.61
CA TYR H 2143 -53.01 -74.04 25.71
C TYR H 2143 -54.10 -74.95 26.24
N THR H 2144 -54.71 -75.71 25.34
CA THR H 2144 -55.73 -76.70 25.69
C THR H 2144 -55.28 -78.06 25.21
N ILE H 2145 -55.48 -79.08 26.04
CA ILE H 2145 -55.06 -80.44 25.74
C ILE H 2145 -56.23 -81.37 26.04
N SER H 2146 -56.27 -82.48 25.31
CA SER H 2146 -57.30 -83.48 25.55
C SER H 2146 -57.01 -84.24 26.85
N VAL H 2147 -58.05 -84.89 27.37
CA VAL H 2147 -57.92 -85.59 28.64
C VAL H 2147 -56.85 -86.68 28.55
N SER H 2148 -56.82 -87.40 27.43
CA SER H 2148 -55.91 -88.52 27.31
C SER H 2148 -54.45 -88.08 27.36
N SER H 2149 -54.17 -86.82 27.10
CA SER H 2149 -52.80 -86.31 27.12
C SER H 2149 -52.38 -85.79 28.48
N VAL H 2150 -53.27 -85.82 29.48
CA VAL H 2150 -52.99 -85.19 30.76
C VAL H 2150 -51.79 -85.83 31.43
N GLU H 2151 -51.76 -87.17 31.47
CA GLU H 2151 -50.69 -87.85 32.19
C GLU H 2151 -49.34 -87.57 31.56
N ASP H 2152 -49.26 -87.66 30.24
CA ASP H 2152 -48.00 -87.38 29.54
C ASP H 2152 -47.60 -85.92 29.76
N THR H 2153 -48.56 -85.00 29.73
CA THR H 2153 -48.24 -83.60 29.95
C THR H 2153 -47.69 -83.39 31.35
N MET H 2154 -48.26 -84.06 32.34
CA MET H 2154 -47.75 -83.93 33.70
C MET H 2154 -46.33 -84.45 33.82
N SER H 2155 -46.05 -85.61 33.24
CA SER H 2155 -44.67 -86.11 33.24
C SER H 2155 -43.73 -85.09 32.60
N LEU H 2156 -44.13 -84.55 31.45
CA LEU H 2156 -43.29 -83.60 30.74
C LEU H 2156 -43.07 -82.34 31.56
N LEU H 2157 -44.12 -81.87 32.24
CA LEU H 2157 -43.98 -80.69 33.08
C LEU H 2157 -43.03 -80.93 34.23
N GLU H 2158 -43.07 -82.12 34.83
CA GLU H 2158 -42.09 -82.42 35.89
C GLU H 2158 -40.67 -82.39 35.34
N CYS H 2159 -40.45 -82.99 34.18
CA CYS H 2159 -39.10 -82.95 33.60
C CYS H 2159 -38.67 -81.52 33.30
N LEU H 2160 -39.57 -80.72 32.75
CA LEU H 2160 -39.25 -79.33 32.46
C LEU H 2160 -38.94 -78.57 33.74
N GLY H 2161 -39.66 -78.85 34.82
CA GLY H 2161 -39.33 -78.23 36.10
C GLY H 2161 -37.95 -78.62 36.59
N GLN H 2162 -37.58 -79.89 36.38
CA GLN H 2162 -36.22 -80.29 36.73
C GLN H 2162 -35.18 -79.49 35.95
N ILE H 2163 -35.41 -79.31 34.65
CA ILE H 2163 -34.47 -78.54 33.84
C ILE H 2163 -34.41 -77.09 34.33
N ARG H 2164 -35.57 -76.51 34.60
CA ARG H 2164 -35.59 -75.12 35.08
C ARG H 2164 -34.84 -74.99 36.39
N SER H 2165 -34.99 -75.97 37.27
CA SER H 2165 -34.24 -75.96 38.52
C SER H 2165 -32.74 -76.06 38.26
N LEU H 2166 -32.35 -76.91 37.31
CA LEU H 2166 -30.93 -77.00 36.95
C LEU H 2166 -30.40 -75.67 36.46
N LEU H 2167 -31.25 -74.85 35.87
CA LEU H 2167 -30.80 -73.58 35.33
C LEU H 2167 -30.01 -72.78 36.37
N ILE H 2168 -30.56 -72.64 37.58
CA ILE H 2168 -29.96 -71.73 38.55
C ILE H 2168 -28.62 -72.23 39.06
N VAL H 2169 -28.51 -73.53 39.37
CA VAL H 2169 -27.28 -74.04 39.95
C VAL H 2169 -26.14 -73.94 38.94
N GLN H 2170 -24.92 -74.00 39.46
CA GLN H 2170 -23.76 -74.20 38.61
C GLN H 2170 -23.60 -75.70 38.35
N MET H 2171 -22.69 -76.05 37.46
CA MET H 2171 -22.73 -77.37 36.85
C MET H 2171 -21.84 -78.36 37.61
N GLY H 2172 -22.32 -79.60 37.70
CA GLY H 2172 -21.56 -80.69 38.27
C GLY H 2172 -22.06 -82.03 37.74
N PRO H 2173 -21.35 -83.11 38.06
CA PRO H 2173 -21.73 -84.43 37.49
C PRO H 2173 -23.15 -84.85 37.84
N GLN H 2174 -23.59 -84.59 39.06
CA GLN H 2174 -24.98 -84.92 39.41
C GLN H 2174 -25.95 -84.18 38.51
N GLU H 2175 -25.70 -82.89 38.29
CA GLU H 2175 -26.55 -82.11 37.41
C GLU H 2175 -26.49 -82.65 35.99
N GLU H 2176 -25.31 -83.10 35.55
CA GLU H 2176 -25.20 -83.65 34.21
C GLU H 2176 -26.09 -84.88 34.07
N ASN H 2177 -26.01 -85.80 35.04
CA ASN H 2177 -26.83 -86.98 34.98
C ASN H 2177 -28.31 -86.61 34.95
N LEU H 2178 -28.74 -85.75 35.88
CA LEU H 2178 -30.15 -85.36 35.93
C LEU H 2178 -30.58 -84.73 34.61
N MET H 2179 -29.75 -83.85 34.06
CA MET H 2179 -30.09 -83.14 32.84
C MET H 2179 -30.26 -84.13 31.69
N ILE H 2180 -29.36 -85.12 31.61
CA ILE H 2180 -29.47 -86.12 30.56
C ILE H 2180 -30.74 -86.93 30.70
N GLN H 2181 -31.06 -87.39 31.91
CA GLN H 2181 -32.29 -88.18 32.02
C GLN H 2181 -33.51 -87.32 31.74
N SER H 2182 -33.49 -86.05 32.13
CA SER H 2182 -34.64 -85.19 31.84
C SER H 2182 -34.82 -85.02 30.34
N ILE H 2183 -33.73 -84.77 29.61
CA ILE H 2183 -33.85 -84.61 28.16
C ILE H 2183 -34.34 -85.90 27.53
N GLY H 2184 -33.81 -87.05 27.96
CA GLY H 2184 -34.29 -88.30 27.44
C GLY H 2184 -35.77 -88.52 27.68
N ASN H 2185 -36.24 -88.27 28.90
CA ASN H 2185 -37.66 -88.42 29.18
C ASN H 2185 -38.50 -87.47 28.33
N ILE H 2186 -38.04 -86.24 28.16
CA ILE H 2186 -38.81 -85.28 27.36
C ILE H 2186 -38.94 -85.79 25.94
N MET H 2187 -37.83 -86.18 25.32
CA MET H 2187 -37.91 -86.64 23.93
C MET H 2187 -38.73 -87.92 23.82
N ASN H 2188 -38.73 -88.76 24.85
CA ASN H 2188 -39.54 -89.96 24.80
C ASN H 2188 -41.02 -89.66 24.98
N ASN H 2189 -41.34 -88.52 25.59
CA ASN H 2189 -42.74 -88.15 25.77
C ASN H 2189 -43.42 -87.93 24.43
N LYS H 2190 -44.64 -88.45 24.29
CA LYS H 2190 -45.36 -88.33 23.02
C LYS H 2190 -45.77 -86.88 22.75
N VAL H 2191 -46.08 -86.14 23.82
CA VAL H 2191 -46.54 -84.77 23.64
C VAL H 2191 -45.49 -83.95 22.89
N PHE H 2192 -44.21 -84.27 23.10
CA PHE H 2192 -43.15 -83.57 22.39
C PHE H 2192 -43.34 -83.69 20.88
N TYR H 2193 -43.95 -84.77 20.43
CA TYR H 2193 -44.27 -84.89 19.01
C TYR H 2193 -45.62 -84.25 18.69
N GLN H 2194 -46.64 -84.52 19.50
CA GLN H 2194 -48.00 -84.16 19.11
C GLN H 2194 -48.41 -82.73 19.47
N HIS H 2195 -47.54 -81.92 20.06
CA HIS H 2195 -47.92 -80.57 20.49
C HIS H 2195 -46.71 -79.65 20.45
N PRO H 2196 -46.11 -79.46 19.26
CA PRO H 2196 -44.98 -78.54 19.18
C PRO H 2196 -45.32 -77.11 19.59
N ASN H 2197 -46.53 -76.65 19.28
CA ASN H 2197 -46.92 -75.30 19.69
C ASN H 2197 -46.89 -75.17 21.21
N LEU H 2198 -47.45 -76.16 21.90
CA LEU H 2198 -47.33 -76.20 23.35
C LEU H 2198 -45.88 -76.13 23.79
N MET H 2199 -44.98 -76.76 23.03
CA MET H 2199 -43.60 -76.82 23.47
C MET H 2199 -42.91 -75.47 23.32
N ARG H 2200 -43.18 -74.77 22.21
CA ARG H 2200 -42.70 -73.40 22.09
C ARG H 2200 -43.30 -72.50 23.17
N ALA H 2201 -44.58 -72.70 23.49
CA ALA H 2201 -45.20 -71.90 24.54
C ALA H 2201 -44.50 -72.12 25.87
N LEU H 2202 -44.30 -73.38 26.25
CA LEU H 2202 -43.52 -73.67 27.45
C LEU H 2202 -42.10 -73.11 27.31
N GLY H 2203 -41.65 -72.91 26.08
CA GLY H 2203 -40.35 -72.36 25.83
C GLY H 2203 -39.18 -73.22 26.24
N MET H 2204 -39.21 -74.52 25.96
CA MET H 2204 -38.07 -75.35 26.32
C MET H 2204 -36.82 -74.91 25.59
N HIS H 2205 -36.91 -74.71 24.27
CA HIS H 2205 -35.70 -74.50 23.50
C HIS H 2205 -34.86 -73.37 24.10
N GLU H 2206 -35.49 -72.31 24.58
CA GLU H 2206 -34.73 -71.28 25.28
C GLU H 2206 -34.05 -71.84 26.51
N THR H 2207 -34.76 -72.69 27.27
CA THR H 2207 -34.18 -73.22 28.51
C THR H 2207 -32.98 -74.12 28.20
N VAL H 2208 -33.13 -75.06 27.28
CA VAL H 2208 -32.04 -75.95 26.93
C VAL H 2208 -30.88 -75.18 26.33
N MET H 2209 -31.18 -74.18 25.50
CA MET H 2209 -30.12 -73.36 24.94
C MET H 2209 -29.39 -72.60 26.04
N GLU H 2210 -30.12 -72.13 27.04
CA GLU H 2210 -29.48 -71.41 28.15
C GLU H 2210 -28.54 -72.32 28.91
N VAL H 2211 -28.99 -73.55 29.21
CA VAL H 2211 -28.10 -74.47 29.91
C VAL H 2211 -26.87 -74.79 29.07
N MET H 2212 -27.08 -75.06 27.78
CA MET H 2212 -25.97 -75.41 26.91
C MET H 2212 -24.98 -74.26 26.81
N VAL H 2213 -25.48 -73.03 26.72
CA VAL H 2213 -24.58 -71.90 26.54
C VAL H 2213 -23.89 -71.56 27.87
N ASN H 2214 -24.53 -71.88 28.99
CA ASN H 2214 -23.83 -71.78 30.27
C ASN H 2214 -22.63 -72.71 30.30
N VAL H 2215 -22.85 -73.99 29.95
CA VAL H 2215 -21.72 -74.92 29.97
C VAL H 2215 -20.68 -74.59 28.92
N LEU H 2216 -21.09 -73.99 27.79
CA LEU H 2216 -20.11 -73.56 26.79
C LEU H 2216 -19.30 -72.36 27.27
N GLY H 2217 -19.96 -71.36 27.87
CA GLY H 2217 -19.23 -70.24 28.41
C GLY H 2217 -18.30 -70.64 29.52
N GLY H 2218 -18.64 -71.71 30.23
CA GLY H 2218 -17.72 -72.27 31.21
C GLY H 2218 -16.38 -72.58 30.57
N GLY H 2219 -15.35 -71.81 30.91
CA GLY H 2219 -14.05 -71.98 30.29
C GLY H 2219 -14.03 -71.54 28.84
N GLU H 2220 -14.27 -70.25 28.59
CA GLU H 2220 -14.38 -69.77 27.22
C GLU H 2220 -13.15 -70.13 26.39
N SER H 2221 -11.95 -69.81 26.89
CA SER H 2221 -10.71 -70.13 26.20
C SER H 2221 -9.87 -71.13 26.98
N LYS H 2222 -10.35 -71.60 28.13
CA LYS H 2222 -9.60 -72.53 28.96
C LYS H 2222 -9.85 -73.98 28.58
N GLU H 2223 -11.09 -74.44 28.69
CA GLU H 2223 -11.42 -75.82 28.36
C GLU H 2223 -12.93 -76.03 28.42
N ILE H 2224 -13.44 -76.94 27.59
CA ILE H 2224 -14.87 -77.22 27.58
C ILE H 2224 -15.18 -78.34 28.57
N ARG H 2225 -16.24 -78.17 29.34
CA ARG H 2225 -16.64 -79.12 30.36
C ARG H 2225 -18.00 -79.71 30.03
N PHE H 2226 -18.18 -80.96 30.44
CA PHE H 2226 -19.43 -81.69 30.25
C PHE H 2226 -19.78 -81.88 28.77
N PRO H 2227 -18.88 -82.50 28.00
CA PRO H 2227 -19.21 -82.79 26.60
C PRO H 2227 -20.45 -83.64 26.46
N LYS H 2228 -20.72 -84.51 27.43
CA LYS H 2228 -21.93 -85.34 27.33
C LYS H 2228 -23.18 -84.47 27.35
N MET H 2229 -23.26 -83.51 28.29
CA MET H 2229 -24.42 -82.63 28.27
C MET H 2229 -24.46 -81.81 27.01
N VAL H 2230 -23.32 -81.28 26.57
CA VAL H 2230 -23.37 -80.40 25.40
C VAL H 2230 -23.88 -81.19 24.19
N THR H 2231 -23.43 -82.43 24.04
CA THR H 2231 -23.91 -83.29 22.98
C THR H 2231 -25.41 -83.55 23.13
N SER H 2232 -25.87 -83.85 24.34
CA SER H 2232 -27.29 -84.12 24.53
C SER H 2232 -28.13 -82.90 24.20
N CYS H 2233 -27.68 -81.72 24.62
CA CYS H 2233 -28.41 -80.49 24.32
C CYS H 2233 -28.49 -80.25 22.83
N CYS H 2234 -27.36 -80.41 22.12
CA CYS H 2234 -27.37 -80.19 20.68
C CYS H 2234 -28.27 -81.19 19.98
N ARG H 2235 -28.24 -82.46 20.41
CA ARG H 2235 -29.11 -83.46 19.81
C ARG H 2235 -30.57 -83.12 20.05
N PHE H 2236 -30.91 -82.70 21.27
CA PHE H 2236 -32.28 -82.33 21.56
C PHE H 2236 -32.73 -81.16 20.70
N LEU H 2237 -31.87 -80.15 20.54
CA LEU H 2237 -32.25 -79.00 19.74
C LEU H 2237 -32.40 -79.37 18.27
N CYS H 2238 -31.54 -80.25 17.76
CA CYS H 2238 -31.70 -80.70 16.38
C CYS H 2238 -33.02 -81.43 16.19
N TYR H 2239 -33.37 -82.31 17.14
CA TYR H 2239 -34.64 -83.01 17.03
C TYR H 2239 -35.80 -82.02 17.12
N PHE H 2240 -35.68 -81.02 18.00
CA PHE H 2240 -36.68 -79.98 18.10
C PHE H 2240 -36.87 -79.26 16.77
N CYS H 2241 -35.76 -78.93 16.10
CA CYS H 2241 -35.85 -78.33 14.78
C CYS H 2241 -36.57 -79.25 13.80
N ARG H 2242 -36.30 -80.54 13.86
CA ARG H 2242 -36.91 -81.47 12.92
C ARG H 2242 -38.39 -81.69 13.18
N ILE H 2243 -38.87 -81.45 14.41
CA ILE H 2243 -40.28 -81.73 14.71
C ILE H 2243 -41.20 -80.97 13.76
N SER H 2244 -41.00 -79.66 13.64
CA SER H 2244 -41.91 -78.84 12.86
C SER H 2244 -41.19 -77.56 12.43
N ARG H 2245 -41.56 -77.06 11.26
CA ARG H 2245 -40.83 -75.94 10.70
C ARG H 2245 -40.98 -74.66 11.51
N GLN H 2246 -42.08 -74.50 12.25
CA GLN H 2246 -42.17 -73.37 13.16
C GLN H 2246 -41.04 -73.39 14.19
N ASN H 2247 -40.79 -74.57 14.76
CA ASN H 2247 -39.65 -74.72 15.66
C ASN H 2247 -38.36 -74.35 14.96
N GLN H 2248 -38.25 -74.71 13.69
CA GLN H 2248 -37.05 -74.39 12.94
C GLN H 2248 -36.87 -72.89 12.81
N ARG H 2249 -37.96 -72.16 12.57
CA ARG H 2249 -37.89 -70.70 12.55
C ARG H 2249 -37.48 -70.17 13.91
N SER H 2250 -38.04 -70.73 14.97
CA SER H 2250 -37.70 -70.27 16.32
C SER H 2250 -36.21 -70.41 16.58
N MET H 2251 -35.62 -71.53 16.19
CA MET H 2251 -34.20 -71.72 16.40
C MET H 2251 -33.39 -70.83 15.45
N PHE H 2252 -33.86 -70.65 14.23
CA PHE H 2252 -33.20 -69.72 13.32
C PHE H 2252 -33.09 -68.34 13.95
N ASP H 2253 -34.08 -67.96 14.76
CA ASP H 2253 -34.01 -66.65 15.42
C ASP H 2253 -32.74 -66.52 16.25
N HIS H 2254 -32.36 -67.57 16.97
CA HIS H 2254 -31.13 -67.57 17.77
C HIS H 2254 -29.92 -68.07 16.98
N LEU H 2255 -30.10 -68.38 15.70
CA LEU H 2255 -28.99 -68.86 14.87
C LEU H 2255 -27.68 -68.15 15.19
N SER H 2256 -27.64 -66.83 15.01
CA SER H 2256 -26.37 -66.11 15.11
C SER H 2256 -25.66 -66.40 16.43
N TYR H 2257 -26.43 -66.55 17.50
CA TYR H 2257 -25.84 -66.82 18.81
C TYR H 2257 -25.16 -68.18 18.84
N LEU H 2258 -25.79 -69.18 18.19
CA LEU H 2258 -25.16 -70.49 18.10
C LEU H 2258 -23.85 -70.42 17.32
N LEU H 2259 -23.83 -69.66 16.21
CA LEU H 2259 -22.57 -69.48 15.50
C LEU H 2259 -21.55 -68.76 16.38
N GLU H 2260 -22.02 -67.86 17.24
CA GLU H 2260 -21.11 -67.19 18.16
C GLU H 2260 -20.44 -68.19 19.09
N ASN H 2261 -21.21 -69.13 19.61
CA ASN H 2261 -20.67 -70.13 20.54
C ASN H 2261 -20.05 -71.33 19.83
N SER H 2262 -20.13 -71.39 18.51
CA SER H 2262 -19.56 -72.50 17.74
C SER H 2262 -18.05 -72.43 17.64
N GLY H 2263 -17.40 -71.55 18.40
CA GLY H 2263 -15.95 -71.42 18.29
C GLY H 2263 -15.19 -72.70 18.55
N ILE H 2264 -15.77 -73.62 19.32
CA ILE H 2264 -15.14 -74.90 19.60
C ILE H 2264 -15.46 -75.87 18.47
N GLY H 2265 -14.44 -76.51 17.92
CA GLY H 2265 -14.61 -77.47 16.86
C GLY H 2265 -13.99 -78.81 17.19
N LEU H 2266 -14.71 -79.89 16.91
CA LEU H 2266 -14.29 -81.28 17.11
C LEU H 2266 -14.25 -81.68 18.58
N GLY H 2267 -14.48 -80.75 19.50
CA GLY H 2267 -14.43 -81.10 20.91
C GLY H 2267 -15.47 -82.15 21.27
N MET H 2268 -16.70 -81.96 20.82
CA MET H 2268 -17.77 -82.89 21.15
C MET H 2268 -17.51 -84.28 20.55
N GLN H 2269 -17.14 -84.32 19.27
CA GLN H 2269 -17.10 -85.55 18.50
C GLN H 2269 -18.51 -86.03 18.18
N GLY H 2270 -19.52 -85.33 18.71
CA GLY H 2270 -20.91 -85.65 18.43
C GLY H 2270 -21.65 -84.47 17.87
N SER H 2271 -22.80 -84.14 18.46
CA SER H 2271 -23.55 -82.96 18.04
C SER H 2271 -22.94 -81.70 18.65
N THR H 2272 -23.02 -80.61 17.91
CA THR H 2272 -22.43 -79.33 18.28
C THR H 2272 -23.38 -78.20 17.93
N PRO H 2273 -23.19 -77.03 18.53
CA PRO H 2273 -24.05 -75.88 18.14
C PRO H 2273 -24.00 -75.61 16.66
N LEU H 2274 -22.89 -75.91 16.00
CA LEU H 2274 -22.85 -75.81 14.55
C LEU H 2274 -23.86 -76.77 13.92
N ASP H 2275 -23.95 -78.00 14.44
CA ASP H 2275 -24.95 -78.93 13.95
C ASP H 2275 -26.35 -78.39 14.22
N VAL H 2276 -26.55 -77.73 15.36
CA VAL H 2276 -27.85 -77.14 15.66
C VAL H 2276 -28.20 -76.10 14.60
N ALA H 2277 -27.24 -75.23 14.27
CA ALA H 2277 -27.49 -74.21 13.25
C ALA H 2277 -27.78 -74.84 11.89
N ALA H 2278 -27.02 -75.88 11.53
CA ALA H 2278 -27.25 -76.55 10.26
C ALA H 2278 -28.66 -77.13 10.21
N ALA H 2279 -29.09 -77.80 11.28
CA ALA H 2279 -30.44 -78.33 11.35
C ALA H 2279 -31.47 -77.20 11.31
N SER H 2280 -31.10 -76.04 11.85
CA SER H 2280 -32.02 -74.90 11.85
C SER H 2280 -32.25 -74.39 10.44
N VAL H 2281 -31.22 -74.40 9.61
CA VAL H 2281 -31.31 -73.79 8.29
C VAL H 2281 -31.46 -74.81 7.17
N ILE H 2282 -31.54 -76.10 7.50
CA ILE H 2282 -31.56 -77.14 6.48
C ILE H 2282 -32.92 -77.22 5.81
N ASP H 2283 -32.92 -77.41 4.50
CA ASP H 2283 -34.13 -77.68 3.71
C ASP H 2283 -35.26 -76.73 4.09
N ASN H 2284 -35.02 -75.44 3.88
CA ASN H 2284 -36.04 -74.42 4.12
C ASN H 2284 -35.69 -73.22 3.24
N ASN H 2285 -36.39 -73.07 2.12
CA ASN H 2285 -36.11 -71.95 1.23
C ASN H 2285 -36.27 -70.62 1.96
N GLU H 2286 -37.36 -70.47 2.70
CA GLU H 2286 -37.64 -69.20 3.36
C GLU H 2286 -36.51 -68.82 4.31
N LEU H 2287 -36.13 -69.73 5.20
CA LEU H 2287 -35.08 -69.44 6.16
C LEU H 2287 -33.72 -69.28 5.51
N ALA H 2288 -33.38 -70.10 4.52
CA ALA H 2288 -32.11 -69.93 3.84
C ALA H 2288 -32.02 -68.56 3.16
N LEU H 2289 -33.12 -68.09 2.59
CA LEU H 2289 -33.14 -66.74 2.04
C LEU H 2289 -32.99 -65.71 3.15
N ALA H 2290 -33.66 -65.93 4.28
CA ALA H 2290 -33.56 -65.01 5.41
C ALA H 2290 -32.19 -65.02 6.06
N LEU H 2291 -31.33 -65.97 5.71
CA LEU H 2291 -30.01 -66.07 6.33
C LEU H 2291 -29.24 -64.77 6.14
N GLN H 2292 -28.43 -64.41 7.14
CA GLN H 2292 -27.80 -63.10 7.16
C GLN H 2292 -26.36 -63.14 6.66
N GLU H 2293 -26.00 -62.10 5.91
CA GLU H 2293 -24.66 -61.99 5.38
C GLU H 2293 -23.63 -61.96 6.50
N GLN H 2294 -23.97 -61.35 7.63
CA GLN H 2294 -23.02 -61.30 8.75
C GLN H 2294 -22.76 -62.70 9.30
N ASP H 2295 -23.79 -63.52 9.41
CA ASP H 2295 -23.59 -64.89 9.88
C ASP H 2295 -22.76 -65.68 8.88
N LEU H 2296 -23.03 -65.51 7.59
CA LEU H 2296 -22.20 -66.17 6.59
C LEU H 2296 -20.75 -65.72 6.72
N GLU H 2297 -20.53 -64.43 6.98
CA GLU H 2297 -19.18 -63.92 7.19
C GLU H 2297 -18.52 -64.55 8.40
N LYS H 2298 -19.28 -64.72 9.49
CA LYS H 2298 -18.71 -65.35 10.67
C LYS H 2298 -18.27 -66.77 10.39
N VAL H 2299 -19.12 -67.54 9.70
CA VAL H 2299 -18.75 -68.92 9.38
C VAL H 2299 -17.52 -68.94 8.48
N VAL H 2300 -17.49 -68.04 7.48
CA VAL H 2300 -16.36 -67.99 6.58
C VAL H 2300 -15.09 -67.63 7.34
N SER H 2301 -15.19 -66.74 8.32
CA SER H 2301 -14.02 -66.35 9.10
C SER H 2301 -13.52 -67.50 9.96
N TYR H 2302 -14.44 -68.25 10.56
CA TYR H 2302 -14.01 -69.45 11.29
C TYR H 2302 -13.30 -70.42 10.36
N LEU H 2303 -13.83 -70.61 9.15
CA LEU H 2303 -13.17 -71.50 8.20
C LEU H 2303 -11.79 -70.96 7.83
N ALA H 2304 -11.68 -69.65 7.68
CA ALA H 2304 -10.38 -69.05 7.37
C ALA H 2304 -9.38 -69.33 8.48
N GLY H 2305 -9.81 -69.18 9.74
CA GLY H 2305 -8.94 -69.52 10.83
C GLY H 2305 -8.52 -70.98 10.80
N CYS H 2306 -9.47 -71.87 10.52
CA CYS H 2306 -9.15 -73.29 10.44
C CYS H 2306 -8.10 -73.55 9.37
N GLY H 2307 -8.28 -72.94 8.20
CA GLY H 2307 -7.31 -73.12 7.13
C GLY H 2307 -5.95 -72.52 7.45
N LEU H 2308 -5.95 -71.43 8.21
CA LEU H 2308 -4.70 -70.73 8.49
C LEU H 2308 -3.88 -71.45 9.55
N GLN H 2309 -4.53 -72.01 10.57
CA GLN H 2309 -3.83 -72.56 11.72
C GLN H 2309 -4.28 -73.99 11.98
N SER H 2310 -3.38 -74.78 12.56
CA SER H 2310 -3.69 -76.15 12.94
C SER H 2310 -4.36 -76.20 14.31
N CYS H 2311 -4.91 -77.36 14.63
CA CYS H 2311 -5.72 -77.47 15.85
C CYS H 2311 -4.82 -77.69 17.06
N PRO H 2312 -4.82 -76.76 18.03
CA PRO H 2312 -4.01 -77.01 19.24
C PRO H 2312 -4.39 -78.28 19.96
N MET H 2313 -5.66 -78.69 19.90
CA MET H 2313 -6.05 -79.95 20.50
C MET H 2313 -5.30 -81.11 19.88
N LEU H 2314 -5.27 -81.17 18.54
CA LEU H 2314 -4.54 -82.24 17.88
C LEU H 2314 -3.04 -82.16 18.20
N LEU H 2315 -2.49 -80.94 18.22
CA LEU H 2315 -1.09 -80.81 18.57
C LEU H 2315 -0.82 -81.37 19.96
N ALA H 2316 -1.68 -81.04 20.94
CA ALA H 2316 -1.51 -81.56 22.28
C ALA H 2316 -1.62 -83.08 22.30
N LYS H 2317 -2.59 -83.64 21.57
CA LYS H 2317 -2.66 -85.09 21.45
C LYS H 2317 -1.37 -85.65 20.87
N GLY H 2318 -0.66 -84.83 20.08
CA GLY H 2318 0.64 -85.23 19.57
C GLY H 2318 0.67 -85.38 18.06
N TYR H 2319 -0.43 -85.04 17.43
CA TYR H 2319 -0.51 -85.17 15.98
C TYR H 2319 0.49 -84.23 15.33
N PRO H 2320 1.31 -84.72 14.38
CA PRO H 2320 2.28 -83.83 13.74
C PRO H 2320 1.61 -82.63 13.09
N ASP H 2321 2.25 -81.48 13.19
CA ASP H 2321 1.67 -80.25 12.66
C ASP H 2321 1.55 -80.31 11.14
N ILE H 2322 0.40 -79.86 10.64
CA ILE H 2322 0.21 -79.63 9.21
C ILE H 2322 -0.06 -78.17 8.90
N GLY H 2323 -0.26 -77.33 9.91
CA GLY H 2323 -0.46 -75.92 9.72
C GLY H 2323 -1.89 -75.47 9.51
N TRP H 2324 -2.84 -76.40 9.43
CA TRP H 2324 -4.23 -76.04 9.21
C TRP H 2324 -5.12 -77.14 9.76
N ASN H 2325 -6.35 -76.77 10.11
CA ASN H 2325 -7.28 -77.70 10.73
C ASN H 2325 -8.34 -78.17 9.74
N PRO H 2326 -8.06 -79.24 8.98
CA PRO H 2326 -9.07 -79.75 8.05
C PRO H 2326 -10.33 -80.26 8.72
N CYS H 2327 -10.26 -80.73 9.96
CA CYS H 2327 -11.46 -81.18 10.65
C CYS H 2327 -12.45 -80.04 10.84
N GLY H 2328 -11.99 -78.93 11.43
CA GLY H 2328 -12.85 -77.78 11.58
C GLY H 2328 -13.27 -77.19 10.25
N GLY H 2329 -12.35 -77.19 9.28
CA GLY H 2329 -12.70 -76.72 7.97
C GLY H 2329 -13.88 -77.49 7.38
N GLU H 2330 -13.82 -78.82 7.46
CA GLU H 2330 -14.91 -79.64 6.96
C GLU H 2330 -16.19 -79.40 7.75
N ARG H 2331 -16.06 -79.25 9.07
CA ARG H 2331 -17.24 -79.01 9.89
C ARG H 2331 -17.96 -77.74 9.46
N TYR H 2332 -17.21 -76.68 9.15
CA TYR H 2332 -17.83 -75.44 8.72
C TYR H 2332 -18.32 -75.52 7.29
N LEU H 2333 -17.60 -76.24 6.42
CA LEU H 2333 -18.03 -76.38 5.05
C LEU H 2333 -19.35 -77.12 4.97
N ASP H 2334 -19.61 -78.03 5.91
CA ASP H 2334 -20.91 -78.68 5.94
C ASP H 2334 -22.03 -77.67 6.15
N PHE H 2335 -21.85 -76.76 7.10
CA PHE H 2335 -22.88 -75.75 7.33
C PHE H 2335 -23.04 -74.85 6.12
N LEU H 2336 -21.93 -74.47 5.49
CA LEU H 2336 -22.05 -73.65 4.29
C LEU H 2336 -22.78 -74.39 3.18
N ARG H 2337 -22.54 -75.69 3.04
CA ARG H 2337 -23.26 -76.47 2.04
C ARG H 2337 -24.76 -76.44 2.33
N PHE H 2338 -25.14 -76.65 3.58
CA PHE H 2338 -26.57 -76.62 3.92
C PHE H 2338 -27.14 -75.23 3.69
N ALA H 2339 -26.33 -74.18 3.85
CA ALA H 2339 -26.83 -72.82 3.66
C ALA H 2339 -27.05 -72.51 2.19
N VAL H 2340 -26.15 -72.97 1.32
CA VAL H 2340 -26.26 -72.60 -0.09
C VAL H 2340 -27.25 -73.50 -0.82
N PHE H 2341 -27.19 -74.80 -0.58
CA PHE H 2341 -27.94 -75.78 -1.37
C PHE H 2341 -29.19 -76.19 -0.62
N VAL H 2342 -30.35 -75.96 -1.23
CA VAL H 2342 -31.64 -76.21 -0.60
C VAL H 2342 -32.54 -76.97 -1.56
N ASN H 2343 -33.17 -78.04 -1.05
CA ASN H 2343 -34.17 -78.80 -1.80
C ASN H 2343 -33.69 -79.14 -3.22
N GLY H 2344 -32.42 -79.51 -3.35
CA GLY H 2344 -31.90 -79.92 -4.64
C GLY H 2344 -31.56 -78.78 -5.58
N GLU H 2345 -31.88 -77.55 -5.22
CA GLU H 2345 -31.62 -76.39 -6.08
C GLU H 2345 -30.75 -75.39 -5.34
N SER H 2346 -29.76 -74.86 -6.05
CA SER H 2346 -28.85 -73.90 -5.43
C SER H 2346 -29.58 -72.60 -5.14
N VAL H 2347 -29.34 -72.04 -3.96
CA VAL H 2347 -29.89 -70.73 -3.60
C VAL H 2347 -28.95 -69.66 -4.14
N GLU H 2348 -29.44 -68.86 -5.09
CA GLU H 2348 -28.56 -67.99 -5.84
C GLU H 2348 -27.87 -66.96 -4.95
N GLU H 2349 -28.64 -66.27 -4.11
CA GLU H 2349 -28.07 -65.18 -3.31
C GLU H 2349 -27.01 -65.72 -2.36
N ASN H 2350 -27.35 -66.78 -1.62
CA ASN H 2350 -26.40 -67.34 -0.67
C ASN H 2350 -25.17 -67.87 -1.38
N ALA H 2351 -25.35 -68.51 -2.54
CA ALA H 2351 -24.20 -69.01 -3.27
C ALA H 2351 -23.27 -67.89 -3.67
N ASN H 2352 -23.83 -66.80 -4.22
CA ASN H 2352 -22.99 -65.68 -4.62
C ASN H 2352 -22.26 -65.09 -3.42
N VAL H 2353 -22.97 -64.89 -2.31
CA VAL H 2353 -22.34 -64.31 -1.13
C VAL H 2353 -21.20 -65.20 -0.65
N VAL H 2354 -21.46 -66.51 -0.57
CA VAL H 2354 -20.46 -67.42 -0.05
C VAL H 2354 -19.23 -67.43 -0.95
N VAL H 2355 -19.44 -67.46 -2.26
CA VAL H 2355 -18.29 -67.49 -3.17
C VAL H 2355 -17.48 -66.20 -3.05
N ARG H 2356 -18.16 -65.06 -2.98
CA ARG H 2356 -17.43 -63.81 -2.83
C ARG H 2356 -16.61 -63.80 -1.55
N LEU H 2357 -17.21 -64.24 -0.43
CA LEU H 2357 -16.47 -64.25 0.83
C LEU H 2357 -15.28 -65.18 0.75
N LEU H 2358 -15.47 -66.36 0.15
CA LEU H 2358 -14.37 -67.32 0.06
C LEU H 2358 -13.22 -66.76 -0.77
N ILE H 2359 -13.52 -66.12 -1.90
CA ILE H 2359 -12.43 -65.57 -2.72
C ILE H 2359 -11.76 -64.43 -1.98
N ARG H 2360 -12.54 -63.62 -1.25
CA ARG H 2360 -11.95 -62.51 -0.52
C ARG H 2360 -10.99 -63.00 0.56
N LYS H 2361 -11.33 -64.10 1.24
CA LYS H 2361 -10.43 -64.68 2.22
C LYS H 2361 -9.83 -65.96 1.66
N PRO H 2362 -8.72 -65.88 0.91
CA PRO H 2362 -8.25 -67.05 0.16
C PRO H 2362 -7.89 -68.25 1.02
N GLU H 2363 -7.43 -68.06 2.26
CA GLU H 2363 -6.92 -69.20 3.03
C GLU H 2363 -7.98 -70.27 3.21
N CYS H 2364 -9.26 -69.91 3.09
CA CYS H 2364 -10.32 -70.90 3.23
C CYS H 2364 -10.15 -72.03 2.23
N PHE H 2365 -9.69 -71.71 1.02
CA PHE H 2365 -9.58 -72.71 -0.03
C PHE H 2365 -8.58 -73.82 0.30
N GLY H 2366 -7.93 -73.75 1.44
CA GLY H 2366 -7.01 -74.80 1.84
C GLY H 2366 -5.61 -74.53 1.30
N PRO H 2367 -4.60 -75.06 1.98
CA PRO H 2367 -3.22 -74.76 1.56
C PRO H 2367 -2.94 -75.11 0.12
N ALA H 2368 -3.49 -76.23 -0.37
CA ALA H 2368 -3.17 -76.66 -1.72
C ALA H 2368 -3.65 -75.66 -2.76
N LEU H 2369 -4.86 -75.14 -2.60
CA LEU H 2369 -5.42 -74.21 -3.57
C LEU H 2369 -4.83 -72.81 -3.45
N ARG H 2370 -3.76 -72.62 -2.69
CA ARG H 2370 -3.16 -71.31 -2.57
C ARG H 2370 -2.48 -70.93 -3.87
N GLY H 2371 -2.83 -69.76 -4.42
CA GLY H 2371 -2.28 -69.37 -5.70
C GLY H 2371 -0.77 -69.27 -5.69
N GLU H 2372 -0.19 -68.65 -4.67
CA GLU H 2372 1.25 -68.43 -4.64
C GLU H 2372 2.02 -69.75 -4.75
N GLY H 2373 1.87 -70.63 -3.77
CA GLY H 2373 2.63 -71.86 -3.73
C GLY H 2373 1.79 -73.11 -3.72
N GLY H 2374 0.55 -73.01 -4.16
CA GLY H 2374 -0.33 -74.16 -4.14
C GLY H 2374 0.24 -75.32 -4.94
N SER H 2375 0.16 -76.51 -4.36
CA SER H 2375 0.57 -77.71 -5.09
C SER H 2375 -0.47 -78.09 -6.13
N GLY H 2376 -1.70 -77.63 -5.95
CA GLY H 2376 -2.79 -77.99 -6.83
C GLY H 2376 -3.70 -78.99 -6.16
N LEU H 2377 -4.99 -79.00 -6.52
CA LEU H 2377 -5.90 -79.94 -5.88
C LEU H 2377 -5.43 -81.37 -6.07
N LEU H 2378 -5.07 -81.73 -7.30
CA LEU H 2378 -4.57 -83.07 -7.55
C LEU H 2378 -3.37 -83.38 -6.67
N ALA H 2379 -2.32 -82.57 -6.75
CA ALA H 2379 -1.11 -82.84 -6.00
C ALA H 2379 -1.41 -82.97 -4.52
N ALA H 2380 -2.33 -82.15 -4.01
CA ALA H 2380 -2.73 -82.27 -2.61
C ALA H 2380 -3.29 -83.65 -2.34
N ILE H 2381 -4.15 -84.14 -3.23
CA ILE H 2381 -4.75 -85.45 -3.00
C ILE H 2381 -3.70 -86.57 -3.05
N GLU H 2382 -2.78 -86.52 -4.03
CA GLU H 2382 -1.75 -87.56 -4.02
C GLU H 2382 -0.89 -87.48 -2.76
N GLU H 2383 -0.46 -86.28 -2.36
CA GLU H 2383 0.36 -86.17 -1.16
C GLU H 2383 -0.40 -86.67 0.05
N ALA H 2384 -1.71 -86.44 0.08
CA ALA H 2384 -2.50 -86.85 1.24
C ALA H 2384 -2.69 -88.36 1.28
N ILE H 2385 -2.89 -88.99 0.13
CA ILE H 2385 -2.98 -90.44 0.12
C ILE H 2385 -1.63 -91.06 0.50
N ARG H 2386 -0.54 -90.41 0.10
CA ARG H 2386 0.77 -90.84 0.59
C ARG H 2386 0.86 -90.72 2.10
N ILE H 2387 0.35 -89.62 2.65
CA ILE H 2387 0.30 -89.46 4.10
C ILE H 2387 -0.46 -90.63 4.72
N SER H 2388 -1.62 -90.95 4.17
CA SER H 2388 -2.41 -92.06 4.68
C SER H 2388 -1.61 -93.36 4.64
N GLU H 2389 -0.92 -93.61 3.53
CA GLU H 2389 -0.14 -94.83 3.41
C GLU H 2389 0.95 -94.89 4.47
N ASP H 2390 1.61 -93.77 4.71
CA ASP H 2390 2.70 -93.75 5.68
C ASP H 2390 2.14 -93.60 7.09
N PRO H 2391 2.38 -94.54 7.99
CA PRO H 2391 2.05 -94.32 9.39
C PRO H 2391 3.03 -93.36 10.04
N ALA H 2392 2.63 -92.84 11.20
CA ALA H 2392 3.36 -91.89 12.04
C ALA H 2392 3.34 -90.49 11.44
N ARG H 2393 2.81 -90.31 10.23
CA ARG H 2393 2.53 -88.99 9.70
C ARG H 2393 1.05 -88.65 9.83
N ASP H 2394 0.18 -89.65 9.70
CA ASP H 2394 -1.23 -89.43 9.92
C ASP H 2394 -1.58 -89.44 11.41
N GLY H 2395 -0.94 -90.32 12.17
CA GLY H 2395 -1.26 -90.49 13.57
C GLY H 2395 -0.05 -90.36 14.48
N PRO H 2396 -0.28 -90.10 15.77
CA PRO H 2396 0.85 -89.94 16.70
C PRO H 2396 1.73 -91.18 16.79
N GLY H 2397 1.14 -92.37 16.74
CA GLY H 2397 1.91 -93.59 16.82
C GLY H 2397 2.66 -93.75 18.12
N VAL H 2398 2.17 -93.11 19.18
CA VAL H 2398 2.80 -93.20 20.49
C VAL H 2398 2.50 -94.56 21.10
N PRO H 2411 -8.65 -93.42 22.91
CA PRO H 2411 -9.51 -92.76 21.93
C PRO H 2411 -10.86 -93.47 21.76
N PRO H 2412 -11.98 -92.77 21.94
CA PRO H 2412 -13.28 -93.46 21.81
C PRO H 2412 -13.48 -94.14 20.47
N GLU H 2413 -12.96 -93.58 19.38
CA GLU H 2413 -13.19 -94.18 18.07
C GLU H 2413 -12.04 -93.87 17.13
N GLU H 2414 -11.66 -94.88 16.36
CA GLU H 2414 -10.83 -94.76 15.16
C GLU H 2414 -9.75 -93.69 15.30
N ASN H 2415 -8.98 -93.79 16.39
CA ASN H 2415 -7.72 -93.08 16.53
C ASN H 2415 -7.87 -91.60 16.13
N ARG H 2416 -8.82 -90.93 16.79
CA ARG H 2416 -9.14 -89.55 16.44
C ARG H 2416 -9.36 -89.43 14.94
N VAL H 2417 -8.47 -88.73 14.24
CA VAL H 2417 -8.62 -88.46 12.82
C VAL H 2417 -7.29 -88.75 12.15
N HIS H 2418 -7.31 -89.61 11.14
CA HIS H 2418 -6.13 -89.82 10.32
C HIS H 2418 -5.95 -88.63 9.39
N LEU H 2419 -4.82 -87.94 9.53
CA LEU H 2419 -4.65 -86.66 8.86
C LEU H 2419 -4.93 -86.77 7.36
N GLY H 2420 -4.54 -87.88 6.75
CA GLY H 2420 -4.81 -88.08 5.34
C GLY H 2420 -6.29 -88.05 5.03
N HIS H 2421 -7.06 -88.83 5.78
CA HIS H 2421 -8.50 -88.82 5.59
C HIS H 2421 -9.10 -87.45 5.88
N ALA H 2422 -8.63 -86.76 6.90
CA ALA H 2422 -9.15 -85.43 7.20
C ALA H 2422 -8.90 -84.49 6.02
N ILE H 2423 -7.72 -84.56 5.42
CA ILE H 2423 -7.41 -83.62 4.33
C ILE H 2423 -8.22 -83.96 3.09
N MET H 2424 -8.31 -85.25 2.73
CA MET H 2424 -9.19 -85.59 1.61
C MET H 2424 -10.61 -85.13 1.89
N SER H 2425 -11.09 -85.35 3.11
CA SER H 2425 -12.46 -84.97 3.44
C SER H 2425 -12.65 -83.48 3.27
N PHE H 2426 -11.70 -82.67 3.76
CA PHE H 2426 -11.82 -81.23 3.63
C PHE H 2426 -11.86 -80.81 2.18
N TYR H 2427 -10.94 -81.35 1.37
CA TYR H 2427 -10.90 -80.93 -0.03
C TYR H 2427 -12.17 -81.36 -0.77
N ALA H 2428 -12.64 -82.57 -0.50
CA ALA H 2428 -13.88 -83.03 -1.12
C ALA H 2428 -15.05 -82.15 -0.70
N ALA H 2429 -15.11 -81.78 0.58
CA ALA H 2429 -16.19 -80.92 1.05
C ALA H 2429 -16.12 -79.55 0.41
N LEU H 2430 -14.92 -79.00 0.25
CA LEU H 2430 -14.78 -77.70 -0.41
C LEU H 2430 -15.25 -77.78 -1.86
N ILE H 2431 -14.85 -78.83 -2.57
CA ILE H 2431 -15.27 -78.95 -3.97
C ILE H 2431 -16.78 -79.14 -4.05
N ASP H 2432 -17.35 -79.92 -3.13
CA ASP H 2432 -18.80 -80.09 -3.12
C ASP H 2432 -19.49 -78.75 -2.87
N LEU H 2433 -18.98 -77.97 -1.92
CA LEU H 2433 -19.59 -76.68 -1.64
C LEU H 2433 -19.55 -75.78 -2.86
N LEU H 2434 -18.40 -75.74 -3.55
CA LEU H 2434 -18.32 -74.91 -4.75
C LEU H 2434 -19.29 -75.40 -5.82
N GLY H 2435 -19.34 -76.72 -6.05
CA GLY H 2435 -20.24 -77.24 -7.04
C GLY H 2435 -21.69 -76.90 -6.73
N ARG H 2436 -22.07 -76.99 -5.46
CA ARG H 2436 -23.42 -76.59 -5.07
C ARG H 2436 -23.62 -75.10 -5.33
N CYS H 2437 -22.60 -74.29 -5.08
CA CYS H 2437 -22.72 -72.86 -5.33
C CYS H 2437 -22.91 -72.59 -6.82
N ALA H 2438 -22.44 -73.49 -7.68
CA ALA H 2438 -22.53 -73.29 -9.12
C ALA H 2438 -23.95 -72.87 -9.52
N PRO H 2439 -24.10 -71.99 -10.52
CA PRO H 2439 -25.45 -71.53 -10.88
C PRO H 2439 -26.25 -72.61 -11.57
N GLU H 2440 -27.56 -72.43 -11.55
CA GLU H 2440 -28.47 -73.40 -12.16
C GLU H 2440 -28.46 -73.26 -13.69
N THR H 2441 -28.80 -74.37 -14.35
CA THR H 2441 -28.72 -74.42 -15.80
C THR H 2441 -29.66 -73.41 -16.45
N HIS H 2442 -30.83 -73.19 -15.87
CA HIS H 2442 -31.76 -72.24 -16.49
C HIS H 2442 -31.21 -70.83 -16.43
N LEU H 2443 -30.59 -70.45 -15.30
CA LEU H 2443 -29.94 -69.15 -15.25
C LEU H 2443 -28.81 -69.06 -16.25
N ILE H 2444 -27.99 -70.12 -16.37
CA ILE H 2444 -26.91 -70.09 -17.33
C ILE H 2444 -27.44 -69.89 -18.74
N GLN H 2445 -28.51 -70.60 -19.10
CA GLN H 2445 -29.12 -70.45 -20.42
C GLN H 2445 -29.68 -69.04 -20.62
N ALA H 2446 -30.38 -68.51 -19.63
CA ALA H 2446 -30.91 -67.15 -19.74
C ALA H 2446 -29.77 -66.14 -19.90
N GLY H 2447 -28.58 -66.50 -19.45
CA GLY H 2447 -27.41 -65.66 -19.64
C GLY H 2447 -27.18 -64.62 -18.58
N LYS H 2448 -27.77 -64.76 -17.40
CA LYS H 2448 -27.57 -63.80 -16.32
C LYS H 2448 -26.08 -63.56 -16.12
N GLY H 2449 -25.66 -62.30 -16.27
CA GLY H 2449 -24.24 -61.98 -16.19
C GLY H 2449 -23.63 -62.42 -14.87
N GLU H 2450 -24.37 -62.23 -13.78
CA GLU H 2450 -23.85 -62.64 -12.48
C GLU H 2450 -23.62 -64.14 -12.43
N ALA H 2451 -24.57 -64.92 -12.96
CA ALA H 2451 -24.42 -66.36 -12.97
C ALA H 2451 -23.23 -66.79 -13.81
N LEU H 2452 -23.07 -66.19 -14.99
CA LEU H 2452 -21.92 -66.54 -15.83
C LEU H 2452 -20.62 -66.19 -15.13
N ARG H 2453 -20.57 -65.02 -14.47
CA ARG H 2453 -19.37 -64.63 -13.75
C ARG H 2453 -19.04 -65.62 -12.65
N ILE H 2454 -20.06 -66.05 -11.90
CA ILE H 2454 -19.81 -67.00 -10.82
C ILE H 2454 -19.30 -68.32 -11.37
N ARG H 2455 -19.89 -68.80 -12.46
CA ARG H 2455 -19.43 -70.05 -13.04
C ARG H 2455 -17.99 -69.92 -13.51
N ALA H 2456 -17.64 -68.78 -14.11
CA ALA H 2456 -16.27 -68.56 -14.53
C ALA H 2456 -15.32 -68.56 -13.35
N ILE H 2457 -15.70 -67.92 -12.26
CA ILE H 2457 -14.85 -67.90 -11.07
C ILE H 2457 -14.62 -69.32 -10.58
N LEU H 2458 -15.68 -70.13 -10.52
CA LEU H 2458 -15.53 -71.50 -10.04
C LEU H 2458 -14.65 -72.30 -10.97
N ARG H 2459 -14.82 -72.14 -12.29
CA ARG H 2459 -13.99 -72.87 -13.24
C ARG H 2459 -12.53 -72.49 -13.08
N SER H 2460 -12.23 -71.21 -12.89
CA SER H 2460 -10.87 -70.79 -12.62
C SER H 2460 -10.33 -71.36 -11.32
N LEU H 2461 -11.14 -71.40 -10.27
CA LEU H 2461 -10.67 -71.92 -8.99
C LEU H 2461 -10.32 -73.39 -9.08
N VAL H 2462 -11.14 -74.19 -9.76
CA VAL H 2462 -10.94 -75.63 -9.84
C VAL H 2462 -10.64 -75.99 -11.29
N PRO H 2463 -9.42 -76.43 -11.62
CA PRO H 2463 -9.15 -76.88 -12.98
C PRO H 2463 -9.85 -78.20 -13.29
N LEU H 2464 -10.34 -78.32 -14.53
CA LEU H 2464 -11.06 -79.51 -14.95
C LEU H 2464 -10.15 -80.74 -14.93
N ASP H 2465 -8.93 -80.59 -15.44
CA ASP H 2465 -8.04 -81.74 -15.56
C ASP H 2465 -7.73 -82.33 -14.19
N ASP H 2466 -7.64 -81.49 -13.16
CA ASP H 2466 -7.45 -82.00 -11.82
C ASP H 2466 -8.64 -82.85 -11.38
N LEU H 2467 -9.86 -82.42 -11.69
CA LEU H 2467 -11.02 -83.24 -11.37
C LEU H 2467 -10.97 -84.57 -12.09
N VAL H 2468 -10.59 -84.55 -13.37
CA VAL H 2468 -10.50 -85.82 -14.10
C VAL H 2468 -9.45 -86.72 -13.46
N GLY H 2469 -8.31 -86.16 -13.07
CA GLY H 2469 -7.29 -86.95 -12.41
C GLY H 2469 -7.79 -87.55 -11.11
N ILE H 2470 -8.48 -86.77 -10.29
CA ILE H 2470 -8.99 -87.27 -9.03
C ILE H 2470 -9.96 -88.41 -9.27
N ILE H 2471 -10.88 -88.24 -10.23
CA ILE H 2471 -11.80 -89.31 -10.54
C ILE H 2471 -11.04 -90.55 -11.00
N SER H 2472 -9.95 -90.34 -11.75
CA SER H 2472 -9.18 -91.48 -12.23
C SER H 2472 -8.51 -92.22 -11.09
N LEU H 2473 -8.11 -91.50 -10.05
CA LEU H 2473 -7.28 -92.10 -9.01
C LEU H 2473 -7.93 -93.39 -8.50
N PRO H 2474 -7.16 -94.44 -8.26
CA PRO H 2474 -7.75 -95.72 -7.89
C PRO H 2474 -8.02 -95.82 -6.40
N LEU H 2475 -9.06 -96.58 -6.07
CA LEU H 2475 -9.43 -96.87 -4.69
C LEU H 2475 -9.03 -98.28 -4.36
N GLN H 2476 -8.33 -98.46 -3.25
CA GLN H 2476 -7.99 -99.80 -2.81
C GLN H 2476 -9.27 -100.60 -2.57
N ILE H 2477 -9.31 -101.82 -3.10
CA ILE H 2477 -10.50 -102.65 -3.00
C ILE H 2477 -10.19 -103.85 -2.11
N PRO H 2478 -11.15 -104.35 -1.33
CA PRO H 2478 -10.85 -105.49 -0.46
C PRO H 2478 -10.44 -106.71 -1.27
N THR H 2479 -9.55 -107.51 -0.71
CA THR H 2479 -9.05 -108.72 -1.34
C THR H 2479 -9.14 -109.89 -0.36
N LEU H 2480 -9.17 -111.10 -0.91
CA LEU H 2480 -9.31 -112.32 -0.14
C LEU H 2480 -7.95 -112.92 0.23
N GLY H 2481 -6.96 -112.06 0.44
CA GLY H 2481 -5.61 -112.51 0.71
C GLY H 2481 -5.41 -112.95 2.14
N LYS H 2482 -4.15 -113.24 2.46
CA LYS H 2482 -3.74 -113.74 3.77
C LYS H 2482 -4.61 -114.94 4.14
N ASP H 2483 -4.41 -116.03 3.42
CA ASP H 2483 -5.06 -117.31 3.74
C ASP H 2483 -6.58 -117.20 3.73
N GLY H 2484 -7.11 -116.54 2.71
CA GLY H 2484 -8.55 -116.42 2.57
C GLY H 2484 -9.19 -115.36 3.43
N ALA H 2485 -8.40 -114.54 4.11
CA ALA H 2485 -8.96 -113.48 4.96
C ALA H 2485 -9.34 -112.27 4.13
N LEU H 2486 -10.16 -111.40 4.72
CA LEU H 2486 -10.61 -110.18 4.07
C LEU H 2486 -9.71 -109.01 4.45
N VAL H 2487 -9.01 -108.45 3.47
CA VAL H 2487 -8.14 -107.28 3.69
C VAL H 2487 -8.97 -106.06 3.28
N GLN H 2488 -9.72 -105.53 4.24
CA GLN H 2488 -10.57 -104.37 3.99
C GLN H 2488 -9.89 -103.12 4.46
N PRO H 2489 -9.61 -102.15 3.58
CA PRO H 2489 -8.92 -100.93 4.03
C PRO H 2489 -9.75 -100.18 5.07
N LYS H 2490 -9.06 -99.53 5.99
CA LYS H 2490 -9.73 -98.78 7.05
C LYS H 2490 -10.43 -97.60 6.42
N MET H 2491 -11.77 -97.66 6.37
CA MET H 2491 -12.53 -96.63 5.69
C MET H 2491 -12.16 -95.23 6.17
N SER H 2492 -12.08 -95.04 7.49
CA SER H 2492 -11.85 -93.71 8.02
C SER H 2492 -10.41 -93.25 7.78
N ALA H 2493 -9.53 -94.14 7.32
CA ALA H 2493 -8.12 -93.82 7.17
C ALA H 2493 -7.62 -93.94 5.73
N SER H 2494 -8.51 -93.88 4.75
CA SER H 2494 -8.08 -94.04 3.36
C SER H 2494 -8.89 -93.16 2.41
N PHE H 2495 -8.69 -93.37 1.12
CA PHE H 2495 -9.39 -92.63 0.07
C PHE H 2495 -10.69 -93.36 -0.24
N VAL H 2496 -11.81 -92.65 -0.16
CA VAL H 2496 -13.12 -93.28 -0.18
C VAL H 2496 -13.97 -92.78 -1.34
N PRO H 2497 -14.92 -93.57 -1.82
CA PRO H 2497 -15.75 -93.11 -2.96
C PRO H 2497 -16.50 -91.83 -2.69
N ASP H 2498 -16.91 -91.60 -1.44
CA ASP H 2498 -17.60 -90.34 -1.13
C ASP H 2498 -16.75 -89.15 -1.52
N HIS H 2499 -15.42 -89.26 -1.42
CA HIS H 2499 -14.56 -88.17 -1.83
C HIS H 2499 -14.70 -87.91 -3.33
N LYS H 2500 -14.74 -88.97 -4.14
CA LYS H 2500 -14.95 -88.79 -5.57
C LYS H 2500 -16.34 -88.28 -5.88
N ALA H 2501 -17.30 -88.54 -4.99
CA ALA H 2501 -18.66 -88.09 -5.24
C ALA H 2501 -18.73 -86.57 -5.36
N SER H 2502 -18.03 -85.87 -4.47
CA SER H 2502 -17.99 -84.41 -4.53
C SER H 2502 -17.36 -83.95 -5.85
N MET H 2503 -16.30 -84.63 -6.27
CA MET H 2503 -15.65 -84.26 -7.52
C MET H 2503 -16.62 -84.42 -8.69
N VAL H 2504 -17.37 -85.52 -8.70
CA VAL H 2504 -18.34 -85.73 -9.78
C VAL H 2504 -19.41 -84.66 -9.75
N LEU H 2505 -19.91 -84.32 -8.56
CA LEU H 2505 -20.93 -83.28 -8.46
C LEU H 2505 -20.41 -81.97 -9.02
N PHE H 2506 -19.20 -81.58 -8.64
CA PHE H 2506 -18.63 -80.34 -9.16
C PHE H 2506 -18.45 -80.40 -10.66
N LEU H 2507 -17.90 -81.50 -11.18
CA LEU H 2507 -17.70 -81.64 -12.61
C LEU H 2507 -19.00 -81.53 -13.38
N ASP H 2508 -20.07 -82.12 -12.89
CA ASP H 2508 -21.36 -82.02 -13.57
C ASP H 2508 -21.93 -80.61 -13.49
N ARG H 2509 -21.99 -80.03 -12.30
CA ARG H 2509 -22.69 -78.75 -12.16
C ARG H 2509 -21.94 -77.63 -12.85
N VAL H 2510 -20.61 -77.59 -12.72
CA VAL H 2510 -19.84 -76.45 -13.20
C VAL H 2510 -19.41 -76.65 -14.64
N TYR H 2511 -18.56 -77.66 -14.87
CA TYR H 2511 -18.00 -77.81 -16.21
C TYR H 2511 -19.00 -78.43 -17.17
N GLY H 2512 -19.81 -79.38 -16.69
CA GLY H 2512 -20.80 -80.01 -17.54
C GLY H 2512 -20.15 -80.85 -18.61
N ILE H 2513 -20.90 -81.80 -19.16
CA ILE H 2513 -20.40 -82.70 -20.19
C ILE H 2513 -21.22 -82.42 -21.45
N GLU H 2514 -20.52 -82.01 -22.52
CA GLU H 2514 -21.17 -81.72 -23.79
C GLU H 2514 -20.45 -82.34 -24.98
N ASN H 2515 -19.17 -82.66 -24.85
CA ASN H 2515 -18.38 -83.20 -25.94
C ASN H 2515 -18.36 -84.71 -25.85
N GLN H 2516 -18.67 -85.39 -26.96
CA GLN H 2516 -18.66 -86.84 -26.98
C GLN H 2516 -17.26 -87.38 -26.67
N ASP H 2517 -16.24 -86.77 -27.25
CA ASP H 2517 -14.87 -87.22 -26.99
C ASP H 2517 -14.52 -87.08 -25.53
N PHE H 2518 -14.87 -85.95 -24.91
CA PHE H 2518 -14.60 -85.77 -23.48
C PHE H 2518 -15.38 -86.79 -22.66
N LEU H 2519 -16.63 -87.04 -23.03
CA LEU H 2519 -17.42 -88.05 -22.31
C LEU H 2519 -16.71 -89.39 -22.34
N LEU H 2520 -16.30 -89.82 -23.53
CA LEU H 2520 -15.61 -91.12 -23.63
C LEU H 2520 -14.31 -91.10 -22.84
N HIS H 2521 -13.57 -90.00 -22.91
CA HIS H 2521 -12.28 -89.94 -22.22
C HIS H 2521 -12.46 -90.10 -20.71
N VAL H 2522 -13.33 -89.28 -20.11
CA VAL H 2522 -13.53 -89.39 -18.67
C VAL H 2522 -14.13 -90.74 -18.31
N LEU H 2523 -15.10 -91.21 -19.09
CA LEU H 2523 -15.72 -92.51 -18.85
C LEU H 2523 -14.66 -93.60 -18.77
N ASP H 2524 -13.79 -93.67 -19.78
CA ASP H 2524 -12.78 -94.72 -19.82
C ASP H 2524 -11.77 -94.56 -18.69
N VAL H 2525 -11.30 -93.34 -18.46
CA VAL H 2525 -10.18 -93.18 -17.55
C VAL H 2525 -10.62 -93.38 -16.10
N GLY H 2526 -11.76 -92.81 -15.71
CA GLY H 2526 -12.11 -92.74 -14.30
C GLY H 2526 -13.34 -93.50 -13.84
N PHE H 2527 -14.38 -93.58 -14.67
CA PHE H 2527 -15.62 -94.20 -14.23
C PHE H 2527 -15.59 -95.71 -14.44
N LEU H 2528 -15.24 -96.14 -15.65
CA LEU H 2528 -15.38 -97.52 -16.07
C LEU H 2528 -14.57 -98.43 -15.16
N PRO H 2529 -13.34 -98.05 -14.78
CA PRO H 2529 -12.64 -98.84 -13.76
C PRO H 2529 -13.43 -98.97 -12.48
N ASP H 2530 -14.13 -97.91 -12.07
CA ASP H 2530 -14.89 -97.97 -10.82
C ASP H 2530 -16.04 -98.97 -10.93
N MET H 2531 -16.81 -98.90 -12.02
CA MET H 2531 -17.91 -99.88 -12.12
C MET H 2531 -17.37 -101.29 -12.31
N ARG H 2532 -16.24 -101.46 -13.00
CA ARG H 2532 -15.64 -102.78 -13.03
C ARG H 2532 -15.32 -103.28 -11.64
N ALA H 2533 -14.71 -102.44 -10.81
CA ALA H 2533 -14.37 -102.83 -9.45
C ALA H 2533 -15.60 -103.17 -8.63
N ALA H 2534 -16.66 -102.37 -8.73
CA ALA H 2534 -17.87 -102.67 -7.99
C ALA H 2534 -18.47 -104.01 -8.43
N ALA H 2535 -18.53 -104.24 -9.74
CA ALA H 2535 -19.04 -105.52 -10.22
C ALA H 2535 -18.22 -106.67 -9.70
N SER H 2536 -16.89 -106.53 -9.73
CA SER H 2536 -16.04 -107.60 -9.20
C SER H 2536 -16.29 -107.85 -7.72
N LEU H 2537 -16.39 -106.77 -6.94
CA LEU H 2537 -16.62 -106.90 -5.51
C LEU H 2537 -18.02 -107.41 -5.17
N ASP H 2538 -18.94 -107.41 -6.12
CA ASP H 2538 -20.30 -107.87 -5.85
C ASP H 2538 -20.37 -109.33 -5.38
N THR H 2539 -19.27 -110.08 -5.44
CA THR H 2539 -19.32 -111.49 -5.04
C THR H 2539 -19.67 -111.64 -3.57
N ALA H 2540 -19.88 -112.88 -3.14
CA ALA H 2540 -20.48 -113.16 -1.84
C ALA H 2540 -19.62 -112.66 -0.68
N THR H 2541 -18.35 -113.06 -0.65
CA THR H 2541 -17.49 -112.65 0.45
C THR H 2541 -17.34 -111.14 0.50
N PHE H 2542 -17.21 -110.51 -0.65
CA PHE H 2542 -16.99 -109.08 -0.74
C PHE H 2542 -18.28 -108.28 -0.81
N SER H 2543 -19.43 -108.94 -0.84
CA SER H 2543 -20.70 -108.24 -1.10
C SER H 2543 -21.01 -107.20 -0.03
N THR H 2544 -20.83 -107.55 1.23
CA THR H 2544 -21.25 -106.70 2.34
C THR H 2544 -20.14 -105.80 2.86
N THR H 2545 -18.97 -105.81 2.23
CA THR H 2545 -17.86 -105.01 2.73
C THR H 2545 -18.21 -103.53 2.70
N GLU H 2546 -17.65 -102.78 3.66
CA GLU H 2546 -17.92 -101.35 3.73
C GLU H 2546 -17.50 -100.66 2.44
N MET H 2547 -16.35 -101.04 1.88
CA MET H 2547 -15.90 -100.43 0.64
C MET H 2547 -16.87 -100.74 -0.49
N ALA H 2548 -17.39 -101.96 -0.55
CA ALA H 2548 -18.35 -102.32 -1.60
C ALA H 2548 -19.62 -101.48 -1.47
N LEU H 2549 -20.14 -101.35 -0.25
CA LEU H 2549 -21.33 -100.54 -0.06
C LEU H 2549 -21.07 -99.08 -0.42
N ALA H 2550 -19.90 -98.57 -0.04
CA ALA H 2550 -19.56 -97.19 -0.39
C ALA H 2550 -19.47 -97.01 -1.90
N LEU H 2551 -18.91 -98.00 -2.60
CA LEU H 2551 -18.86 -97.93 -4.06
C LEU H 2551 -20.26 -97.92 -4.65
N ASN H 2552 -21.15 -98.77 -4.13
CA ASN H 2552 -22.52 -98.76 -4.63
C ASN H 2552 -23.15 -97.40 -4.43
N ARG H 2553 -22.97 -96.82 -3.24
CA ARG H 2553 -23.52 -95.49 -2.97
C ARG H 2553 -22.95 -94.46 -3.93
N TYR H 2554 -21.63 -94.42 -4.06
CA TYR H 2554 -20.99 -93.43 -4.93
C TYR H 2554 -21.51 -93.55 -6.34
N LEU H 2555 -21.51 -94.77 -6.89
CA LEU H 2555 -22.03 -94.96 -8.24
C LEU H 2555 -23.47 -94.45 -8.33
N CYS H 2556 -24.38 -95.07 -7.60
CA CYS H 2556 -25.80 -94.78 -7.78
C CYS H 2556 -26.15 -93.33 -7.46
N LEU H 2557 -25.31 -92.62 -6.71
CA LEU H 2557 -25.61 -91.25 -6.36
C LEU H 2557 -25.00 -90.23 -7.30
N ALA H 2558 -23.81 -90.49 -7.84
CA ALA H 2558 -23.14 -89.48 -8.65
C ALA H 2558 -22.91 -89.94 -10.08
N VAL H 2559 -22.42 -91.17 -10.27
CA VAL H 2559 -21.91 -91.56 -11.57
C VAL H 2559 -23.06 -91.96 -12.49
N LEU H 2560 -23.87 -92.92 -12.06
CA LEU H 2560 -24.92 -93.43 -12.93
C LEU H 2560 -25.86 -92.31 -13.39
N PRO H 2561 -26.37 -91.44 -12.52
CA PRO H 2561 -27.25 -90.37 -13.00
C PRO H 2561 -26.60 -89.49 -14.06
N LEU H 2562 -25.29 -89.21 -13.91
CA LEU H 2562 -24.62 -88.39 -14.90
C LEU H 2562 -24.61 -89.08 -16.26
N ILE H 2563 -24.33 -90.38 -16.29
CA ILE H 2563 -24.34 -91.11 -17.54
C ILE H 2563 -25.74 -91.14 -18.13
N THR H 2564 -26.75 -91.31 -17.28
CA THR H 2564 -28.12 -91.29 -17.79
C THR H 2564 -28.43 -89.96 -18.45
N LYS H 2565 -28.02 -88.86 -17.80
CA LYS H 2565 -28.27 -87.54 -18.37
C LYS H 2565 -27.54 -87.37 -19.70
N CYS H 2566 -26.30 -87.86 -19.78
CA CYS H 2566 -25.47 -87.70 -20.97
C CYS H 2566 -25.67 -88.81 -21.99
N ALA H 2567 -26.66 -89.68 -21.78
CA ALA H 2567 -26.84 -90.82 -22.67
C ALA H 2567 -26.92 -90.45 -24.14
N PRO H 2568 -27.66 -89.42 -24.55
CA PRO H 2568 -27.81 -89.17 -25.99
C PRO H 2568 -26.50 -88.97 -26.72
N LEU H 2569 -25.44 -88.57 -26.01
CA LEU H 2569 -24.16 -88.32 -26.67
C LEU H 2569 -23.57 -89.61 -27.24
N PHE H 2570 -24.10 -90.76 -26.82
CA PHE H 2570 -23.51 -92.04 -27.19
C PHE H 2570 -23.76 -92.41 -28.64
N ALA H 2571 -24.63 -91.65 -29.32
CA ALA H 2571 -24.89 -91.92 -30.73
C ALA H 2571 -23.63 -91.73 -31.56
N GLY H 2572 -23.44 -92.59 -32.55
CA GLY H 2572 -22.31 -92.46 -33.45
C GLY H 2572 -20.97 -92.61 -32.76
N THR H 2573 -20.82 -93.61 -31.91
CA THR H 2573 -19.57 -93.85 -31.18
C THR H 2573 -18.87 -95.12 -31.62
N GLU H 2574 -19.03 -95.51 -32.89
CA GLU H 2574 -18.47 -96.78 -33.35
C GLU H 2574 -16.97 -96.85 -33.16
N HIS H 2575 -16.28 -95.71 -33.17
CA HIS H 2575 -14.82 -95.74 -33.09
C HIS H 2575 -14.34 -96.34 -31.78
N ARG H 2576 -15.15 -96.23 -30.72
CA ARG H 2576 -14.82 -96.81 -29.42
C ARG H 2576 -15.82 -97.91 -29.06
N ALA H 2577 -16.16 -98.73 -30.06
CA ALA H 2577 -17.22 -99.72 -29.90
C ALA H 2577 -16.88 -100.72 -28.80
N ILE H 2578 -15.63 -101.15 -28.74
CA ILE H 2578 -15.25 -102.13 -27.73
C ILE H 2578 -15.49 -101.57 -26.34
N MET H 2579 -15.08 -100.32 -26.12
CA MET H 2579 -15.27 -99.71 -24.81
C MET H 2579 -16.75 -99.54 -24.48
N VAL H 2580 -17.55 -99.10 -25.46
CA VAL H 2580 -18.97 -98.92 -25.21
C VAL H 2580 -19.62 -100.24 -24.84
N ASP H 2581 -19.27 -101.31 -25.57
CA ASP H 2581 -19.82 -102.62 -25.28
C ASP H 2581 -19.39 -103.08 -23.89
N SER H 2582 -18.13 -102.81 -23.53
CA SER H 2582 -17.67 -103.14 -22.19
C SER H 2582 -18.49 -102.41 -21.13
N MET H 2583 -18.78 -101.13 -21.37
CA MET H 2583 -19.61 -100.38 -20.43
C MET H 2583 -20.98 -101.03 -20.28
N LEU H 2584 -21.59 -101.39 -21.40
CA LEU H 2584 -22.92 -102.00 -21.34
C LEU H 2584 -22.90 -103.28 -20.54
N HIS H 2585 -21.92 -104.14 -20.83
CA HIS H 2585 -21.82 -105.40 -20.09
C HIS H 2585 -21.62 -105.15 -18.60
N THR H 2586 -20.73 -104.19 -18.27
CA THR H 2586 -20.45 -103.92 -16.87
C THR H 2586 -21.68 -103.40 -16.15
N VAL H 2587 -22.41 -102.48 -16.79
CA VAL H 2587 -23.60 -101.93 -16.15
C VAL H 2587 -24.65 -103.00 -15.95
N TYR H 2588 -24.83 -103.87 -16.94
CA TYR H 2588 -25.80 -104.95 -16.78
C TYR H 2588 -25.40 -105.88 -15.63
N ARG H 2589 -24.12 -106.24 -15.54
CA ARG H 2589 -23.69 -107.09 -14.44
C ARG H 2589 -23.94 -106.41 -13.11
N LEU H 2590 -23.61 -105.13 -13.01
CA LEU H 2590 -23.84 -104.41 -11.76
C LEU H 2590 -25.33 -104.38 -11.42
N SER H 2591 -26.18 -104.20 -12.43
CA SER H 2591 -27.62 -104.25 -12.20
C SER H 2591 -28.03 -105.58 -11.62
N ARG H 2592 -27.55 -106.68 -12.19
CA ARG H 2592 -27.83 -107.98 -11.60
C ARG H 2592 -27.28 -108.11 -10.19
N GLY H 2593 -26.18 -107.44 -9.87
CA GLY H 2593 -25.55 -107.58 -8.57
C GLY H 2593 -26.52 -107.51 -7.41
N ARG H 2594 -26.26 -108.30 -6.38
CA ARG H 2594 -27.09 -108.32 -5.18
C ARG H 2594 -26.59 -107.30 -4.17
N SER H 2595 -27.26 -107.29 -3.01
CA SER H 2595 -26.96 -106.41 -1.88
C SER H 2595 -27.34 -104.97 -2.19
N LEU H 2596 -27.89 -104.67 -3.35
CA LEU H 2596 -28.27 -103.31 -3.69
C LEU H 2596 -29.59 -102.94 -3.02
N THR H 2597 -29.69 -101.68 -2.62
CA THR H 2597 -30.97 -101.15 -2.19
C THR H 2597 -31.87 -100.98 -3.40
N LYS H 2598 -33.18 -100.96 -3.14
CA LYS H 2598 -34.13 -100.89 -4.25
C LYS H 2598 -33.92 -99.63 -5.07
N ALA H 2599 -33.67 -98.50 -4.41
CA ALA H 2599 -33.39 -97.26 -5.13
C ALA H 2599 -32.15 -97.40 -5.99
N GLN H 2600 -31.10 -98.02 -5.46
CA GLN H 2600 -29.88 -98.22 -6.23
C GLN H 2600 -30.15 -99.05 -7.48
N ARG H 2601 -30.90 -100.15 -7.32
CA ARG H 2601 -31.24 -100.98 -8.47
C ARG H 2601 -32.04 -100.19 -9.48
N ASP H 2602 -32.98 -99.37 -9.01
CA ASP H 2602 -33.78 -98.58 -9.93
C ASP H 2602 -32.89 -97.61 -10.72
N VAL H 2603 -31.94 -96.97 -10.05
CA VAL H 2603 -31.04 -96.05 -10.75
C VAL H 2603 -30.24 -96.79 -11.80
N ILE H 2604 -29.70 -97.95 -11.45
CA ILE H 2604 -28.90 -98.69 -12.41
C ILE H 2604 -29.75 -99.10 -13.62
N GLU H 2605 -30.97 -99.58 -13.36
CA GLU H 2605 -31.83 -99.99 -14.46
C GLU H 2605 -32.20 -98.79 -15.34
N ASP H 2606 -32.48 -97.64 -14.74
CA ASP H 2606 -32.77 -96.45 -15.53
C ASP H 2606 -31.59 -96.09 -16.41
N CYS H 2607 -30.37 -96.17 -15.87
CA CYS H 2607 -29.19 -95.92 -16.70
C CYS H 2607 -29.13 -96.90 -17.87
N LEU H 2608 -29.42 -98.17 -17.59
CA LEU H 2608 -29.35 -99.17 -18.66
C LEU H 2608 -30.34 -98.85 -19.78
N MET H 2609 -31.60 -98.57 -19.43
CA MET H 2609 -32.55 -98.23 -20.48
C MET H 2609 -32.15 -96.94 -21.20
N ALA H 2610 -31.67 -95.94 -20.47
CA ALA H 2610 -31.28 -94.71 -21.12
C ALA H 2610 -30.16 -94.94 -22.13
N LEU H 2611 -29.16 -95.74 -21.77
CA LEU H 2611 -28.09 -96.05 -22.71
C LEU H 2611 -28.63 -96.82 -23.91
N CYS H 2612 -29.47 -97.82 -23.67
CA CYS H 2612 -29.91 -98.68 -24.77
C CYS H 2612 -30.89 -97.97 -25.68
N ARG H 2613 -31.53 -96.90 -25.22
CA ARG H 2613 -32.43 -96.15 -26.09
C ARG H 2613 -31.65 -95.44 -27.19
N TYR H 2614 -30.57 -94.75 -26.84
CA TYR H 2614 -29.86 -93.90 -27.77
C TYR H 2614 -28.69 -94.60 -28.47
N ILE H 2615 -28.11 -95.62 -27.87
CA ILE H 2615 -27.00 -96.30 -28.52
C ILE H 2615 -27.50 -97.00 -29.79
N ARG H 2616 -26.57 -97.19 -30.73
CA ARG H 2616 -26.93 -97.79 -32.01
C ARG H 2616 -27.33 -99.25 -31.81
N PRO H 2617 -28.12 -99.82 -32.73
CA PRO H 2617 -28.53 -101.22 -32.57
C PRO H 2617 -27.37 -102.21 -32.66
N SER H 2618 -26.49 -102.05 -33.66
CA SER H 2618 -25.41 -103.00 -33.84
C SER H 2618 -24.55 -103.11 -32.58
N MET H 2619 -24.53 -102.06 -31.77
CA MET H 2619 -23.78 -102.10 -30.53
C MET H 2619 -24.31 -103.19 -29.61
N LEU H 2620 -25.63 -103.34 -29.56
CA LEU H 2620 -26.27 -104.24 -28.61
C LEU H 2620 -26.02 -105.71 -28.90
N GLN H 2621 -25.19 -106.05 -29.89
CA GLN H 2621 -25.07 -107.46 -30.25
C GLN H 2621 -24.61 -108.30 -29.07
N HIS H 2622 -23.51 -107.92 -28.43
CA HIS H 2622 -22.97 -108.74 -27.35
C HIS H 2622 -23.89 -108.73 -26.13
N LEU H 2623 -24.43 -107.57 -25.76
CA LEU H 2623 -25.34 -107.52 -24.63
C LEU H 2623 -26.54 -108.42 -24.87
N LEU H 2624 -27.18 -108.29 -26.04
CA LEU H 2624 -28.27 -109.17 -26.40
C LEU H 2624 -27.85 -110.62 -26.35
N ARG H 2625 -26.61 -110.92 -26.74
CA ARG H 2625 -26.14 -112.30 -26.68
C ARG H 2625 -26.13 -112.80 -25.23
N ARG H 2626 -25.66 -111.96 -24.31
CA ARG H 2626 -25.74 -112.33 -22.89
C ARG H 2626 -27.18 -112.54 -22.47
N LEU H 2627 -28.07 -111.67 -22.92
CA LEU H 2627 -29.46 -111.74 -22.47
C LEU H 2627 -30.14 -113.01 -22.98
N VAL H 2628 -29.79 -113.46 -24.18
CA VAL H 2628 -30.37 -114.70 -24.70
C VAL H 2628 -30.24 -115.81 -23.68
N PHE H 2629 -29.13 -115.86 -22.96
CA PHE H 2629 -28.94 -116.87 -21.93
C PHE H 2629 -29.49 -116.45 -20.59
N ASP H 2630 -29.47 -115.15 -20.29
CA ASP H 2630 -29.87 -114.70 -18.96
C ASP H 2630 -31.39 -114.75 -18.77
N VAL H 2631 -32.16 -114.33 -19.77
CA VAL H 2631 -33.58 -114.06 -19.61
C VAL H 2631 -34.42 -115.33 -19.54
N PRO H 2632 -34.21 -116.31 -20.42
CA PRO H 2632 -35.18 -117.43 -20.51
C PRO H 2632 -35.55 -118.05 -19.17
N ILE H 2633 -34.66 -117.99 -18.18
CA ILE H 2633 -34.98 -118.53 -16.88
C ILE H 2633 -36.20 -117.85 -16.27
N LEU H 2634 -36.46 -116.59 -16.65
CA LEU H 2634 -37.64 -115.86 -16.20
C LEU H 2634 -37.68 -115.79 -14.68
N ASN H 2635 -36.56 -115.38 -14.08
CA ASN H 2635 -36.49 -115.17 -12.64
C ASN H 2635 -36.79 -113.72 -12.31
N GLU H 2636 -36.83 -113.40 -11.01
CA GLU H 2636 -37.05 -112.02 -10.60
C GLU H 2636 -36.02 -111.09 -11.23
N PHE H 2637 -34.75 -111.48 -11.23
CA PHE H 2637 -33.71 -110.63 -11.82
C PHE H 2637 -33.90 -110.49 -13.32
N ALA H 2638 -34.74 -111.35 -13.91
CA ALA H 2638 -34.91 -111.35 -15.37
C ALA H 2638 -35.96 -110.35 -15.85
N LYS H 2639 -36.74 -109.75 -14.95
CA LYS H 2639 -37.85 -108.91 -15.40
C LYS H 2639 -37.35 -107.66 -16.13
N MET H 2640 -36.35 -106.98 -15.59
CA MET H 2640 -35.85 -105.78 -16.26
C MET H 2640 -35.40 -106.07 -17.69
N PRO H 2641 -34.66 -107.15 -17.96
CA PRO H 2641 -34.36 -107.48 -19.36
C PRO H 2641 -35.58 -107.54 -20.25
N LEU H 2642 -36.73 -107.96 -19.75
CA LEU H 2642 -37.92 -108.00 -20.60
C LEU H 2642 -38.26 -106.61 -21.11
N LYS H 2643 -38.31 -105.62 -20.20
CA LYS H 2643 -38.57 -104.26 -20.63
C LYS H 2643 -37.48 -103.76 -21.56
N LEU H 2644 -36.22 -104.06 -21.25
CA LEU H 2644 -35.13 -103.58 -22.08
C LEU H 2644 -35.26 -104.10 -23.50
N LEU H 2645 -35.48 -105.41 -23.65
CA LEU H 2645 -35.63 -106.00 -24.97
C LEU H 2645 -36.86 -105.46 -25.67
N THR H 2646 -37.97 -105.29 -24.96
CA THR H 2646 -39.16 -104.71 -25.58
C THR H 2646 -38.84 -103.37 -26.19
N ASN H 2647 -38.25 -102.47 -25.40
CA ASN H 2647 -37.94 -101.13 -25.91
C ASN H 2647 -36.98 -101.21 -27.09
N HIS H 2648 -35.92 -101.99 -26.98
CA HIS H 2648 -34.91 -102.03 -28.04
C HIS H 2648 -35.52 -102.54 -29.34
N TYR H 2649 -36.22 -103.66 -29.28
CA TYR H 2649 -36.80 -104.23 -30.49
C TYR H 2649 -37.87 -103.33 -31.07
N GLU H 2650 -38.70 -102.72 -30.21
CA GLU H 2650 -39.71 -101.80 -30.72
C GLU H 2650 -39.06 -100.64 -31.47
N ARG H 2651 -37.99 -100.09 -30.90
CA ARG H 2651 -37.33 -98.97 -31.53
C ARG H 2651 -36.68 -99.38 -32.86
N CYS H 2652 -36.05 -100.55 -32.89
CA CYS H 2652 -35.22 -100.95 -34.02
C CYS H 2652 -35.87 -102.03 -34.90
N TRP H 2653 -37.19 -102.14 -34.87
CA TRP H 2653 -37.84 -103.17 -35.69
C TRP H 2653 -37.50 -102.99 -37.17
N LYS H 2654 -37.42 -101.74 -37.63
CA LYS H 2654 -37.00 -101.48 -39.01
C LYS H 2654 -35.68 -102.17 -39.30
N TYR H 2655 -34.72 -102.08 -38.38
CA TYR H 2655 -33.37 -102.57 -38.64
C TYR H 2655 -33.32 -104.09 -38.70
N TYR H 2656 -34.35 -104.77 -38.18
CA TYR H 2656 -34.29 -106.21 -38.04
C TYR H 2656 -35.06 -106.96 -39.12
N CYS H 2657 -36.15 -106.38 -39.63
CA CYS H 2657 -37.01 -107.06 -40.59
C CYS H 2657 -36.85 -106.57 -42.02
N LEU H 2658 -36.72 -105.26 -42.23
CA LEU H 2658 -36.66 -104.74 -43.58
C LEU H 2658 -35.41 -105.29 -44.29
N PRO H 2659 -35.55 -105.82 -45.51
CA PRO H 2659 -34.34 -106.25 -46.24
C PRO H 2659 -33.34 -105.13 -46.43
N THR H 2660 -33.83 -103.90 -46.65
CA THR H 2660 -32.93 -102.77 -46.86
C THR H 2660 -32.21 -102.38 -45.58
N GLY H 2661 -32.89 -102.48 -44.45
CA GLY H 2661 -32.35 -102.06 -43.18
C GLY H 2661 -32.75 -100.63 -42.84
N TRP H 2662 -32.76 -100.35 -41.54
CA TRP H 2662 -33.19 -99.04 -41.06
C TRP H 2662 -32.21 -97.98 -41.54
N ALA H 2663 -32.75 -96.83 -41.93
CA ALA H 2663 -31.95 -95.81 -42.61
C ALA H 2663 -30.72 -95.45 -41.80
N ASN H 2664 -29.56 -95.45 -42.46
CA ASN H 2664 -28.27 -95.03 -41.93
C ASN H 2664 -27.72 -95.98 -40.87
N PHE H 2665 -28.44 -97.03 -40.51
CA PHE H 2665 -28.03 -97.93 -39.44
C PHE H 2665 -27.73 -99.34 -39.94
N GLY H 2666 -27.58 -99.51 -41.26
CA GLY H 2666 -27.23 -100.82 -41.77
C GLY H 2666 -28.41 -101.79 -41.69
N VAL H 2667 -28.05 -103.08 -41.70
CA VAL H 2667 -29.03 -104.16 -41.64
C VAL H 2667 -28.55 -105.19 -40.64
N THR H 2668 -29.50 -105.95 -40.10
CA THR H 2668 -29.18 -106.98 -39.12
C THR H 2668 -28.28 -108.05 -39.73
N SER H 2669 -27.60 -108.78 -38.85
CA SER H 2669 -26.74 -109.87 -39.27
C SER H 2669 -27.44 -111.21 -39.07
N GLU H 2670 -26.94 -112.22 -39.78
CA GLU H 2670 -27.52 -113.56 -39.66
C GLU H 2670 -27.43 -114.05 -38.22
N GLU H 2671 -26.27 -113.87 -37.58
CA GLU H 2671 -26.12 -114.31 -36.20
C GLU H 2671 -27.05 -113.54 -35.28
N GLU H 2672 -27.19 -112.23 -35.52
CA GLU H 2672 -28.09 -111.44 -34.68
C GLU H 2672 -29.52 -111.92 -34.81
N LEU H 2673 -29.97 -112.23 -36.02
CA LEU H 2673 -31.31 -112.76 -36.20
C LEU H 2673 -31.45 -114.13 -35.53
N HIS H 2674 -30.40 -114.95 -35.59
CA HIS H 2674 -30.43 -116.23 -34.90
C HIS H 2674 -30.62 -116.03 -33.39
N LEU H 2675 -29.88 -115.08 -32.83
CA LEU H 2675 -30.06 -114.76 -31.41
C LEU H 2675 -31.49 -114.30 -31.15
N THR H 2676 -32.04 -113.48 -32.04
CA THR H 2676 -33.41 -113.02 -31.85
C THR H 2676 -34.37 -114.20 -31.80
N ARG H 2677 -34.26 -115.12 -32.75
CA ARG H 2677 -35.15 -116.28 -32.76
C ARG H 2677 -34.96 -117.14 -31.52
N LYS H 2678 -33.70 -117.37 -31.12
CA LYS H 2678 -33.44 -118.16 -29.93
C LYS H 2678 -34.12 -117.53 -28.72
N LEU H 2679 -33.97 -116.22 -28.57
CA LEU H 2679 -34.59 -115.51 -27.45
C LEU H 2679 -36.11 -115.65 -27.51
N PHE H 2680 -36.70 -115.45 -28.69
CA PHE H 2680 -38.14 -115.55 -28.81
C PHE H 2680 -38.63 -116.91 -28.35
N TRP H 2681 -38.05 -117.97 -28.88
CA TRP H 2681 -38.52 -119.31 -28.54
C TRP H 2681 -38.23 -119.66 -27.08
N GLY H 2682 -37.10 -119.24 -26.54
CA GLY H 2682 -36.83 -119.48 -25.14
C GLY H 2682 -37.88 -118.85 -24.25
N ILE H 2683 -38.18 -117.57 -24.52
CA ILE H 2683 -39.20 -116.89 -23.72
C ILE H 2683 -40.54 -117.60 -23.89
N PHE H 2684 -40.90 -117.95 -25.11
CA PHE H 2684 -42.19 -118.58 -25.35
C PHE H 2684 -42.31 -119.87 -24.54
N ASP H 2685 -41.32 -120.75 -24.65
CA ASP H 2685 -41.40 -122.03 -23.96
C ASP H 2685 -41.40 -121.85 -22.45
N SER H 2686 -40.52 -120.99 -21.94
CA SER H 2686 -40.45 -120.81 -20.49
C SER H 2686 -41.75 -120.25 -19.96
N LEU H 2687 -42.33 -119.26 -20.65
CA LEU H 2687 -43.60 -118.69 -20.21
C LEU H 2687 -44.71 -119.72 -20.26
N ALA H 2688 -44.75 -120.53 -21.32
CA ALA H 2688 -45.78 -121.56 -21.41
C ALA H 2688 -45.68 -122.54 -20.25
N HIS H 2689 -44.46 -122.97 -19.92
CA HIS H 2689 -44.30 -123.95 -18.85
C HIS H 2689 -44.61 -123.34 -17.48
N LYS H 2690 -44.17 -122.11 -17.25
CA LYS H 2690 -44.29 -121.53 -15.92
C LYS H 2690 -45.76 -121.34 -15.54
N LYS H 2691 -46.05 -121.50 -14.25
CA LYS H 2691 -47.37 -121.22 -13.74
C LYS H 2691 -47.70 -119.74 -13.90
N TYR H 2692 -48.94 -119.38 -13.61
CA TYR H 2692 -49.39 -118.02 -13.85
C TYR H 2692 -48.69 -117.03 -12.93
N ASP H 2693 -48.48 -115.82 -13.44
CA ASP H 2693 -48.00 -114.70 -12.64
C ASP H 2693 -48.46 -113.42 -13.34
N GLN H 2694 -49.31 -112.64 -12.69
CA GLN H 2694 -49.87 -111.46 -13.33
C GLN H 2694 -48.79 -110.51 -13.83
N GLU H 2695 -47.87 -110.13 -12.95
CA GLU H 2695 -46.84 -109.17 -13.31
C GLU H 2695 -45.96 -109.70 -14.44
N LEU H 2696 -45.51 -110.95 -14.30
CA LEU H 2696 -44.60 -111.51 -15.30
C LEU H 2696 -45.28 -111.61 -16.66
N TYR H 2697 -46.53 -112.06 -16.69
CA TYR H 2697 -47.24 -112.20 -17.97
C TYR H 2697 -47.47 -110.83 -18.59
N ARG H 2698 -47.88 -109.85 -17.79
CA ARG H 2698 -48.15 -108.52 -18.33
C ARG H 2698 -46.87 -107.89 -18.86
N ILE H 2699 -45.74 -108.18 -18.23
CA ILE H 2699 -44.47 -107.67 -18.74
C ILE H 2699 -44.01 -108.45 -19.97
N ALA H 2700 -44.33 -109.74 -20.03
CA ALA H 2700 -43.85 -110.56 -21.13
C ALA H 2700 -44.58 -110.23 -22.43
N MET H 2701 -45.91 -110.16 -22.40
CA MET H 2701 -46.67 -110.08 -23.63
C MET H 2701 -46.19 -108.95 -24.54
N PRO H 2702 -45.94 -107.74 -24.05
CA PRO H 2702 -45.37 -106.72 -24.95
C PRO H 2702 -44.04 -107.16 -25.54
N CYS H 2703 -43.20 -107.83 -24.75
CA CYS H 2703 -41.91 -108.25 -25.26
C CYS H 2703 -42.05 -109.29 -26.36
N LEU H 2704 -42.88 -110.31 -26.13
CA LEU H 2704 -43.07 -111.32 -27.15
C LEU H 2704 -43.62 -110.71 -28.42
N CYS H 2705 -44.59 -109.80 -28.27
CA CYS H 2705 -45.12 -109.12 -29.45
C CYS H 2705 -44.01 -108.35 -30.18
N ALA H 2706 -43.14 -107.68 -29.44
CA ALA H 2706 -42.11 -106.86 -30.07
C ALA H 2706 -41.13 -107.72 -30.86
N ILE H 2707 -40.62 -108.80 -30.25
CA ILE H 2707 -39.70 -109.67 -30.98
C ILE H 2707 -40.41 -110.33 -32.16
N ALA H 2708 -41.67 -110.73 -31.98
CA ALA H 2708 -42.40 -111.34 -33.08
C ALA H 2708 -42.48 -110.38 -34.26
N GLY H 2709 -42.78 -109.12 -34.00
CA GLY H 2709 -42.81 -108.14 -35.07
C GLY H 2709 -41.44 -107.93 -35.70
N ALA H 2710 -40.41 -107.79 -34.86
CA ALA H 2710 -39.08 -107.47 -35.38
C ALA H 2710 -38.54 -108.59 -36.25
N LEU H 2711 -38.71 -109.83 -35.83
CA LEU H 2711 -38.09 -110.94 -36.54
C LEU H 2711 -38.72 -111.07 -37.93
N PRO H 2712 -37.92 -111.25 -38.98
CA PRO H 2712 -38.50 -111.35 -40.33
C PRO H 2712 -39.44 -112.54 -40.44
N PRO H 2713 -40.54 -112.42 -41.17
CA PRO H 2713 -41.45 -113.56 -41.31
C PRO H 2713 -40.81 -114.77 -41.95
N ASP H 2714 -40.04 -114.58 -43.02
CA ASP H 2714 -39.50 -115.68 -43.81
C ASP H 2714 -38.08 -116.05 -43.41
N TYR H 2715 -37.53 -115.44 -42.36
CA TYR H 2715 -36.16 -115.73 -41.98
C TYR H 2715 -35.97 -117.21 -41.69
N VAL H 2716 -34.84 -117.74 -42.13
CA VAL H 2716 -34.47 -119.14 -41.91
C VAL H 2716 -33.10 -119.17 -41.27
N ASP H 2717 -32.97 -119.91 -40.18
CA ASP H 2717 -31.69 -120.02 -39.48
C ASP H 2717 -30.69 -120.78 -40.35
N ALA H 2718 -29.43 -120.34 -40.30
CA ALA H 2718 -28.39 -121.07 -41.02
C ALA H 2718 -28.22 -122.47 -40.47
N SER H 2719 -28.28 -122.62 -39.15
CA SER H 2719 -28.16 -123.91 -38.48
C SER H 2719 -29.39 -124.14 -37.62
N TYR H 2720 -29.92 -125.36 -37.66
CA TYR H 2720 -31.09 -125.74 -36.89
C TYR H 2720 -30.78 -126.97 -36.06
N SER H 2721 -31.24 -126.97 -34.81
CA SER H 2721 -31.00 -128.07 -33.88
C SER H 2721 -32.35 -128.72 -33.56
N SER H 2722 -32.57 -129.92 -34.10
CA SER H 2722 -33.79 -130.66 -33.78
C SER H 2722 -33.84 -131.02 -32.31
N LYS H 2723 -32.71 -131.44 -31.74
CA LYS H 2723 -32.68 -131.80 -30.33
C LYS H 2723 -32.97 -130.62 -29.41
N THR H 2724 -32.70 -129.39 -29.87
CA THR H 2724 -32.92 -128.17 -29.08
C THR H 2724 -32.51 -128.38 -27.63
N GLU H 2725 -31.24 -128.73 -27.43
CA GLU H 2725 -30.74 -128.99 -26.09
C GLU H 2725 -30.91 -127.77 -25.20
N LYS H 2726 -31.00 -128.01 -23.90
CA LYS H 2726 -31.18 -126.95 -22.92
C LYS H 2726 -32.45 -126.15 -23.22
N ASN H 2735 -25.78 -120.17 -12.25
CA ASN H 2735 -26.32 -119.44 -13.39
C ASN H 2735 -26.01 -120.17 -14.69
N PHE H 2736 -24.77 -120.64 -14.82
CA PHE H 2736 -24.33 -121.38 -16.00
C PHE H 2736 -23.71 -122.70 -15.56
N ASP H 2737 -23.83 -123.71 -16.42
CA ASP H 2737 -23.26 -125.02 -16.16
C ASP H 2737 -22.03 -125.21 -17.02
N PRO H 2738 -20.82 -125.12 -16.48
CA PRO H 2738 -19.62 -125.31 -17.28
C PRO H 2738 -19.04 -126.72 -17.28
N ARG H 2739 -19.70 -127.67 -16.63
CA ARG H 2739 -19.17 -129.03 -16.60
C ARG H 2739 -19.13 -129.60 -18.01
N PRO H 2740 -18.02 -130.21 -18.40
CA PRO H 2740 -17.92 -130.75 -19.77
C PRO H 2740 -18.67 -132.05 -19.92
N VAL H 2741 -18.93 -132.40 -21.18
CA VAL H 2741 -19.51 -133.71 -21.48
C VAL H 2741 -18.56 -134.79 -20.95
N GLU H 2742 -19.11 -135.76 -20.24
CA GLU H 2742 -18.30 -136.78 -19.59
C GLU H 2742 -17.70 -137.70 -20.64
N THR H 2743 -16.38 -137.74 -20.72
CA THR H 2743 -15.66 -138.63 -21.63
C THR H 2743 -14.76 -139.61 -20.90
N LEU H 2744 -14.21 -139.24 -19.75
CA LEU H 2744 -13.27 -140.11 -19.06
C LEU H 2744 -13.92 -141.43 -18.64
N ASN H 2745 -15.24 -141.42 -18.46
CA ASN H 2745 -15.92 -142.63 -17.99
C ASN H 2745 -15.76 -143.78 -18.99
N VAL H 2746 -15.96 -143.50 -20.28
CA VAL H 2746 -15.90 -144.55 -21.29
C VAL H 2746 -14.44 -144.86 -21.63
N ILE H 2747 -14.23 -146.01 -22.26
CA ILE H 2747 -12.89 -146.47 -22.62
C ILE H 2747 -12.67 -146.23 -24.11
N ILE H 2748 -11.43 -146.38 -24.57
CA ILE H 2748 -11.06 -146.10 -25.95
C ILE H 2748 -10.66 -147.41 -26.64
N PRO H 2749 -11.28 -147.78 -27.75
CA PRO H 2749 -10.86 -148.99 -28.47
C PRO H 2749 -9.47 -148.82 -29.07
N GLU H 2750 -8.87 -149.96 -29.44
CA GLU H 2750 -7.57 -149.93 -30.10
C GLU H 2750 -7.69 -149.32 -31.50
N LYS H 2751 -8.82 -149.55 -32.17
CA LYS H 2751 -9.08 -148.89 -33.43
C LYS H 2751 -9.02 -147.38 -33.29
N LEU H 2752 -9.71 -146.85 -32.28
CA LEU H 2752 -9.71 -145.41 -32.08
C LEU H 2752 -8.37 -144.95 -31.54
N ASP H 2753 -7.60 -145.83 -30.91
CA ASP H 2753 -6.24 -145.48 -30.50
C ASP H 2753 -5.34 -145.32 -31.71
N SER H 2754 -5.50 -146.19 -32.71
CA SER H 2754 -4.78 -146.01 -33.96
C SER H 2754 -5.14 -144.69 -34.62
N PHE H 2755 -6.44 -144.36 -34.64
CA PHE H 2755 -6.83 -143.04 -35.13
C PHE H 2755 -6.20 -141.93 -34.29
N ILE H 2756 -6.10 -142.13 -32.98
CA ILE H 2756 -5.52 -141.12 -32.12
C ILE H 2756 -4.07 -140.87 -32.50
N ASN H 2757 -3.31 -141.93 -32.72
CA ASN H 2757 -1.92 -141.77 -33.16
C ASN H 2757 -1.85 -141.07 -34.52
N LYS H 2758 -2.73 -141.45 -35.46
CA LYS H 2758 -2.71 -140.82 -36.77
C LYS H 2758 -3.02 -139.33 -36.67
N PHE H 2759 -4.02 -138.95 -35.87
CA PHE H 2759 -4.36 -137.55 -35.75
C PHE H 2759 -3.30 -136.80 -34.94
N ALA H 2760 -2.63 -137.48 -34.01
CA ALA H 2760 -1.56 -136.83 -33.27
C ALA H 2760 -0.39 -136.49 -34.18
N GLU H 2761 0.02 -137.43 -35.03
CA GLU H 2761 1.07 -137.11 -36.00
C GLU H 2761 0.61 -136.07 -37.02
N TYR H 2762 -0.66 -136.13 -37.44
CA TYR H 2762 -1.17 -135.10 -38.35
C TYR H 2762 -1.14 -133.73 -37.69
N THR H 2763 -1.54 -133.64 -36.42
CA THR H 2763 -1.54 -132.36 -35.72
C THR H 2763 -0.12 -131.85 -35.53
N HIS H 2764 0.82 -132.74 -35.21
CA HIS H 2764 2.21 -132.33 -35.13
C HIS H 2764 2.69 -131.77 -36.46
N GLU H 2765 2.35 -132.45 -37.56
CA GLU H 2765 2.76 -131.99 -38.89
C GLU H 2765 2.10 -130.66 -39.24
N LYS H 2766 0.84 -130.47 -38.89
CA LYS H 2766 0.15 -129.22 -39.19
C LYS H 2766 0.70 -128.08 -38.35
N TRP H 2767 1.06 -128.36 -37.10
CA TRP H 2767 1.73 -127.35 -36.28
C TRP H 2767 3.09 -126.98 -36.88
N ALA H 2768 3.82 -127.98 -37.37
CA ALA H 2768 5.08 -127.67 -38.07
C ALA H 2768 4.84 -126.89 -39.34
N PHE H 2769 3.71 -127.11 -40.02
CA PHE H 2769 3.35 -126.32 -41.18
C PHE H 2769 3.07 -124.87 -40.80
N ASP H 2770 2.36 -124.67 -39.69
CA ASP H 2770 2.19 -123.32 -39.17
C ASP H 2770 3.54 -122.69 -38.84
N LYS H 2771 4.47 -123.50 -38.32
CA LYS H 2771 5.81 -122.99 -38.03
C LYS H 2771 6.53 -122.57 -39.30
N ILE H 2772 6.42 -123.36 -40.37
CA ILE H 2772 7.08 -122.98 -41.62
C ILE H 2772 6.44 -121.73 -42.20
N GLN H 2773 5.13 -121.58 -42.04
CA GLN H 2773 4.48 -120.33 -42.42
C GLN H 2773 5.02 -119.15 -41.63
N ASN H 2774 5.22 -119.32 -40.33
CA ASN H 2774 5.79 -118.28 -39.47
C ASN H 2774 7.30 -118.14 -39.65
N ASN H 2775 7.93 -119.00 -40.44
CA ASN H 2775 9.37 -119.06 -40.68
C ASN H 2775 10.10 -119.75 -39.53
N TRP H 2776 9.39 -120.44 -38.64
CA TRP H 2776 10.04 -121.19 -37.58
C TRP H 2776 10.63 -122.49 -38.12
N SER H 2777 11.73 -122.92 -37.52
CA SER H 2777 12.42 -124.14 -37.92
C SER H 2777 12.73 -124.98 -36.68
N TYR H 2778 13.55 -126.01 -36.87
CA TYR H 2778 13.98 -126.86 -35.77
C TYR H 2778 15.12 -126.21 -35.01
N GLY H 2779 15.17 -126.45 -33.70
CA GLY H 2779 16.21 -125.88 -32.87
C GLY H 2779 16.44 -126.69 -31.62
N GLU H 2780 17.25 -126.13 -30.72
CA GLU H 2780 17.50 -126.77 -29.44
C GLU H 2780 16.49 -126.32 -28.38
N ASN H 2781 15.91 -125.14 -28.56
CA ASN H 2781 14.95 -124.60 -27.62
C ASN H 2781 14.06 -123.59 -28.34
N ILE H 2782 12.95 -123.25 -27.69
CA ILE H 2782 11.99 -122.31 -28.25
C ILE H 2782 12.42 -120.90 -27.87
N ASP H 2783 12.64 -120.06 -28.87
CA ASP H 2783 12.95 -118.65 -28.68
C ASP H 2783 12.32 -117.85 -29.81
N GLU H 2784 11.61 -116.78 -29.46
CA GLU H 2784 10.89 -116.01 -30.46
C GLU H 2784 11.84 -115.43 -31.50
N GLU H 2785 12.93 -114.81 -31.04
CA GLU H 2785 13.89 -114.22 -31.97
C GLU H 2785 14.60 -115.30 -32.78
N LEU H 2786 14.93 -116.43 -32.15
CA LEU H 2786 15.65 -117.48 -32.85
C LEU H 2786 14.76 -118.14 -33.90
N LYS H 2787 13.45 -118.19 -33.67
CA LYS H 2787 12.50 -118.81 -34.59
C LYS H 2787 12.86 -120.26 -34.85
N THR H 2788 13.23 -120.98 -33.80
CA THR H 2788 13.50 -122.41 -33.88
C THR H 2788 12.81 -123.12 -32.72
N HIS H 2789 12.51 -124.40 -32.93
CA HIS H 2789 11.71 -125.17 -31.99
C HIS H 2789 12.34 -126.53 -31.76
N PRO H 2790 12.39 -127.01 -30.50
CA PRO H 2790 13.02 -128.32 -30.24
C PRO H 2790 12.10 -129.49 -30.53
N MET H 2791 10.79 -129.28 -30.37
CA MET H 2791 9.83 -130.34 -30.63
C MET H 2791 9.50 -130.49 -32.10
N LEU H 2792 9.98 -129.56 -32.94
CA LEU H 2792 9.81 -129.66 -34.39
C LEU H 2792 10.77 -130.75 -34.89
N ARG H 2793 10.44 -131.98 -34.55
CA ARG H 2793 11.24 -133.15 -34.88
C ARG H 2793 10.32 -134.22 -35.43
N PRO H 2794 10.85 -135.17 -36.20
CA PRO H 2794 10.01 -136.22 -36.78
C PRO H 2794 9.16 -136.95 -35.75
N TYR H 2795 8.02 -137.49 -36.17
CA TYR H 2795 7.15 -138.19 -35.23
C TYR H 2795 7.87 -139.37 -34.59
N LYS H 2796 8.83 -139.99 -35.29
CA LYS H 2796 9.60 -141.07 -34.71
C LYS H 2796 10.44 -140.61 -33.52
N THR H 2797 11.13 -139.47 -33.63
CA THR H 2797 11.87 -138.90 -32.52
C THR H 2797 11.01 -137.99 -31.65
N PHE H 2798 9.74 -137.81 -32.02
CA PHE H 2798 8.84 -136.96 -31.25
C PHE H 2798 8.70 -137.51 -29.83
N SER H 2799 9.01 -136.67 -28.84
CA SER H 2799 9.07 -137.14 -27.46
C SER H 2799 7.72 -137.68 -27.02
N GLU H 2800 7.75 -138.72 -26.18
CA GLU H 2800 6.54 -139.38 -25.72
C GLU H 2800 5.66 -138.44 -24.91
N LYS H 2801 6.28 -137.62 -24.04
CA LYS H 2801 5.51 -136.70 -23.22
C LYS H 2801 4.66 -135.77 -24.09
N ASP H 2802 5.29 -135.12 -25.08
CA ASP H 2802 4.52 -134.30 -26.01
C ASP H 2802 3.60 -135.17 -26.85
N LYS H 2803 3.99 -136.41 -27.11
CA LYS H 2803 3.11 -137.33 -27.83
C LYS H 2803 1.83 -137.58 -27.04
N GLU H 2804 1.97 -137.82 -25.74
CA GLU H 2804 0.79 -137.98 -24.89
C GLU H 2804 -0.01 -136.69 -24.82
N ILE H 2805 0.66 -135.54 -24.77
CA ILE H 2805 -0.03 -134.26 -24.73
C ILE H 2805 -0.91 -134.11 -25.97
N TYR H 2806 -0.35 -134.44 -27.15
CA TYR H 2806 -1.11 -134.33 -28.38
C TYR H 2806 -2.23 -135.37 -28.46
N ARG H 2807 -1.99 -136.57 -27.93
CA ARG H 2807 -2.99 -137.62 -28.04
C ARG H 2807 -4.17 -137.43 -27.09
N TRP H 2808 -3.91 -136.94 -25.88
CA TRP H 2808 -4.97 -136.92 -24.87
C TRP H 2808 -6.21 -136.14 -25.32
N PRO H 2809 -6.10 -134.97 -25.94
CA PRO H 2809 -7.30 -134.33 -26.48
C PRO H 2809 -8.07 -135.21 -27.45
N ILE H 2810 -7.34 -135.98 -28.27
CA ILE H 2810 -7.99 -136.87 -29.22
C ILE H 2810 -8.67 -138.01 -28.50
N LYS H 2811 -8.01 -138.56 -27.48
CA LYS H 2811 -8.65 -139.59 -26.65
C LYS H 2811 -9.95 -139.05 -26.07
N GLU H 2812 -9.92 -137.85 -25.51
CA GLU H 2812 -11.11 -137.27 -24.92
C GLU H 2812 -12.20 -137.05 -25.97
N SER H 2813 -11.82 -136.59 -27.16
CA SER H 2813 -12.80 -136.36 -28.22
C SER H 2813 -13.48 -137.66 -28.62
N LEU H 2814 -12.71 -138.73 -28.82
CA LEU H 2814 -13.30 -139.99 -29.24
C LEU H 2814 -14.15 -140.60 -28.12
N LYS H 2815 -13.70 -140.48 -26.87
CA LYS H 2815 -14.52 -140.92 -25.75
C LYS H 2815 -15.81 -140.12 -25.66
N ALA H 2816 -15.75 -138.83 -25.99
CA ALA H 2816 -16.96 -138.01 -26.04
C ALA H 2816 -17.89 -138.52 -27.14
N MET H 2817 -17.33 -138.88 -28.28
CA MET H 2817 -18.15 -139.46 -29.36
C MET H 2817 -18.86 -140.71 -28.87
N ILE H 2818 -18.11 -141.62 -28.24
CA ILE H 2818 -18.71 -142.85 -27.75
C ILE H 2818 -19.78 -142.57 -26.70
N ALA H 2819 -19.52 -141.66 -25.77
CA ALA H 2819 -20.51 -141.29 -24.77
C ALA H 2819 -21.76 -140.69 -25.39
N TRP H 2820 -21.60 -139.86 -26.42
CA TRP H 2820 -22.73 -139.36 -27.20
C TRP H 2820 -23.39 -140.47 -28.01
N GLU H 2821 -22.76 -141.65 -28.09
CA GLU H 2821 -23.21 -142.83 -28.82
C GLU H 2821 -22.88 -142.72 -30.30
N TRP H 2822 -22.07 -141.75 -30.69
CA TRP H 2822 -21.59 -141.69 -32.07
C TRP H 2822 -20.67 -142.87 -32.34
N THR H 2823 -20.99 -143.64 -33.37
CA THR H 2823 -20.29 -144.88 -33.68
C THR H 2823 -19.49 -144.71 -34.97
N VAL H 2824 -18.18 -144.93 -34.87
CA VAL H 2824 -17.26 -144.72 -35.98
C VAL H 2824 -16.79 -146.09 -36.46
N GLU H 2825 -16.86 -146.32 -37.77
CA GLU H 2825 -16.48 -147.59 -38.38
C GLU H 2825 -15.45 -147.34 -39.47
N LYS H 2826 -14.36 -148.09 -39.46
CA LYS H 2826 -13.33 -147.99 -40.50
C LYS H 2826 -13.85 -148.60 -41.79
N ALA H 2827 -14.05 -147.74 -42.80
CA ALA H 2827 -14.22 -148.26 -44.16
C ALA H 2827 -12.89 -148.76 -44.71
N ARG H 2828 -11.80 -148.08 -44.40
CA ARG H 2828 -10.46 -148.48 -44.80
C ARG H 2828 -9.43 -147.74 -43.95
N GLU H 2829 -8.21 -148.25 -43.95
CA GLU H 2829 -7.15 -147.64 -43.16
C GLU H 2829 -6.75 -146.29 -43.76
N GLY H 2830 -6.33 -145.37 -42.89
CA GLY H 2830 -5.92 -144.06 -43.37
C GLY H 2830 -4.62 -144.13 -44.15
N GLU H 2831 -4.44 -143.17 -45.05
CA GLU H 2831 -3.21 -143.10 -45.86
C GLU H 2831 -2.04 -142.66 -45.00
N TYR H 2856 12.44 -130.90 -38.98
CA TYR H 2856 12.03 -131.77 -40.07
C TYR H 2856 11.12 -131.03 -41.05
N ASN H 2857 10.67 -131.74 -42.09
CA ASN H 2857 9.79 -131.16 -43.09
C ASN H 2857 8.37 -131.57 -42.81
N PRO H 2858 7.44 -130.66 -42.52
CA PRO H 2858 6.06 -131.08 -42.24
C PRO H 2858 5.44 -131.76 -43.45
N GLN H 2859 4.61 -132.77 -43.17
CA GLN H 2859 3.86 -133.50 -44.20
C GLN H 2859 2.42 -133.68 -43.74
N PRO H 2860 1.66 -132.59 -43.61
CA PRO H 2860 0.29 -132.71 -43.11
C PRO H 2860 -0.64 -133.21 -44.21
N PRO H 2861 -1.41 -134.27 -43.96
CA PRO H 2861 -2.47 -134.62 -44.90
C PRO H 2861 -3.44 -133.47 -45.07
N ASP H 2862 -3.88 -133.26 -46.31
CA ASP H 2862 -4.70 -132.10 -46.64
C ASP H 2862 -6.14 -132.32 -46.18
N LEU H 2863 -6.70 -131.31 -45.54
CA LEU H 2863 -8.10 -131.35 -45.10
C LEU H 2863 -9.01 -130.45 -45.93
N SER H 2864 -8.45 -129.51 -46.70
CA SER H 2864 -9.28 -128.60 -47.48
C SER H 2864 -10.11 -129.36 -48.51
N VAL H 2865 -9.49 -130.34 -49.18
CA VAL H 2865 -10.22 -131.12 -50.18
C VAL H 2865 -11.34 -131.91 -49.54
N VAL H 2866 -11.07 -132.51 -48.38
CA VAL H 2866 -12.08 -133.30 -47.69
C VAL H 2866 -13.15 -132.37 -47.11
N THR H 2867 -14.41 -132.72 -47.34
CA THR H 2867 -15.54 -131.93 -46.87
C THR H 2867 -16.31 -132.72 -45.83
N LEU H 2868 -17.40 -132.13 -45.34
CA LEU H 2868 -18.24 -132.74 -44.31
C LEU H 2868 -19.70 -132.53 -44.68
N SER H 2869 -20.48 -133.61 -44.59
CA SER H 2869 -21.91 -133.55 -44.84
C SER H 2869 -22.58 -132.70 -43.76
N ARG H 2870 -23.90 -132.57 -43.84
CA ARG H 2870 -24.63 -131.86 -42.79
C ARG H 2870 -24.46 -132.56 -41.45
N GLU H 2871 -24.56 -133.89 -41.44
CA GLU H 2871 -24.30 -134.65 -40.22
C GLU H 2871 -22.94 -134.31 -39.64
N LEU H 2872 -21.91 -134.34 -40.48
CA LEU H 2872 -20.54 -134.17 -39.99
C LEU H 2872 -20.27 -132.74 -39.56
N GLN H 2873 -20.88 -131.77 -40.26
CA GLN H 2873 -20.81 -130.39 -39.79
C GLN H 2873 -21.44 -130.24 -38.41
N ALA H 2874 -22.61 -130.85 -38.20
CA ALA H 2874 -23.23 -130.82 -36.88
C ALA H 2874 -22.33 -131.49 -35.84
N MET H 2875 -21.72 -132.62 -36.19
CA MET H 2875 -20.84 -133.31 -35.26
C MET H 2875 -19.64 -132.44 -34.89
N ALA H 2876 -19.06 -131.74 -35.88
CA ALA H 2876 -17.99 -130.80 -35.59
C ALA H 2876 -18.49 -129.71 -34.64
N GLU H 2877 -19.74 -129.26 -34.84
CA GLU H 2877 -20.30 -128.25 -33.94
C GLU H 2877 -20.37 -128.77 -32.51
N GLN H 2878 -20.87 -130.00 -32.32
CA GLN H 2878 -20.97 -130.51 -30.95
C GLN H 2878 -19.61 -130.82 -30.36
N LEU H 2879 -18.65 -131.24 -31.18
CA LEU H 2879 -17.30 -131.45 -30.67
C LEU H 2879 -16.67 -130.14 -30.21
N ALA H 2880 -16.85 -129.08 -31.00
CA ALA H 2880 -16.42 -127.76 -30.57
C ALA H 2880 -17.16 -127.33 -29.31
N GLU H 2881 -18.43 -127.72 -29.19
CA GLU H 2881 -19.18 -127.42 -27.97
C GLU H 2881 -18.56 -128.11 -26.76
N ASN H 2882 -18.19 -129.38 -26.91
CA ASN H 2882 -17.55 -130.09 -25.79
C ASN H 2882 -16.21 -129.48 -25.44
N TYR H 2883 -15.42 -129.11 -26.46
CA TYR H 2883 -14.15 -128.44 -26.21
C TYR H 2883 -14.37 -127.12 -25.47
N HIS H 2884 -15.38 -126.36 -25.90
CA HIS H 2884 -15.69 -125.09 -25.24
C HIS H 2884 -16.17 -125.33 -23.81
N ASN H 2885 -16.88 -126.43 -23.57
CA ASN H 2885 -17.32 -126.74 -22.22
C ASN H 2885 -16.13 -127.11 -21.34
N THR H 2886 -15.15 -127.81 -21.90
CA THR H 2886 -13.91 -128.06 -21.17
C THR H 2886 -13.20 -126.75 -20.83
N TRP H 2887 -13.13 -125.85 -21.82
CA TRP H 2887 -12.55 -124.54 -21.60
C TRP H 2887 -13.29 -123.79 -20.49
N GLY H 2888 -14.62 -123.85 -20.51
CA GLY H 2888 -15.41 -123.20 -19.50
C GLY H 2888 -15.24 -123.82 -18.13
N ARG H 2889 -14.99 -125.13 -18.09
CA ARG H 2889 -14.69 -125.78 -16.80
C ARG H 2889 -13.38 -125.27 -16.24
N LYS H 2890 -12.36 -125.12 -17.10
CA LYS H 2890 -11.11 -124.52 -16.64
C LYS H 2890 -11.34 -123.10 -16.13
N LYS H 2891 -12.08 -122.29 -16.91
CA LYS H 2891 -12.41 -120.95 -16.47
C LYS H 2891 -13.21 -120.97 -15.18
N LYS H 2892 -13.97 -122.05 -14.95
CA LYS H 2892 -14.75 -122.15 -13.72
C LYS H 2892 -13.84 -122.35 -12.52
N GLN H 2893 -12.84 -123.23 -12.65
CA GLN H 2893 -11.86 -123.32 -11.57
C GLN H 2893 -11.14 -122.01 -11.34
N GLU H 2894 -10.75 -121.30 -12.39
CA GLU H 2894 -10.11 -120.00 -12.21
C GLU H 2894 -11.01 -118.97 -11.52
N LEU H 2895 -12.28 -118.91 -11.92
CA LEU H 2895 -13.21 -117.95 -11.32
C LEU H 2895 -13.52 -118.32 -9.89
N GLU H 2896 -13.56 -119.62 -9.58
CA GLU H 2896 -13.75 -120.05 -8.19
C GLU H 2896 -12.59 -119.57 -7.33
N ALA H 2897 -11.35 -119.70 -7.82
CA ALA H 2897 -10.21 -119.22 -7.07
C ALA H 2897 -10.26 -117.70 -6.90
N LYS H 2898 -10.63 -116.98 -7.96
CA LYS H 2898 -10.63 -115.52 -7.86
C LYS H 2898 -11.75 -115.03 -6.96
N GLY H 2899 -12.84 -115.81 -6.85
CA GLY H 2899 -13.93 -115.49 -5.95
C GLY H 2899 -15.20 -114.99 -6.60
N GLY H 2900 -15.27 -114.97 -7.94
CA GLY H 2900 -16.48 -114.51 -8.60
C GLY H 2900 -16.23 -114.14 -10.04
N GLY H 2901 -17.22 -113.51 -10.63
CA GLY H 2901 -17.09 -113.02 -12.00
C GLY H 2901 -17.47 -114.07 -13.02
N SER H 2902 -17.62 -113.62 -14.26
CA SER H 2902 -17.94 -114.48 -15.39
C SER H 2902 -17.01 -114.16 -16.55
N HIS H 2903 -16.34 -115.19 -17.05
CA HIS H 2903 -15.48 -114.99 -18.22
C HIS H 2903 -16.35 -114.68 -19.43
N PRO H 2904 -15.93 -113.76 -20.30
CA PRO H 2904 -16.79 -113.40 -21.44
C PRO H 2904 -17.14 -114.58 -22.33
N LEU H 2905 -16.27 -115.60 -22.42
CA LEU H 2905 -16.52 -116.78 -23.22
C LEU H 2905 -17.31 -117.84 -22.48
N LEU H 2906 -17.65 -117.59 -21.21
CA LEU H 2906 -18.47 -118.52 -20.45
C LEU H 2906 -19.85 -118.71 -21.04
N VAL H 2907 -20.31 -117.78 -21.88
CA VAL H 2907 -21.63 -117.84 -22.49
C VAL H 2907 -21.63 -119.04 -23.44
N PRO H 2908 -22.76 -119.70 -23.68
CA PRO H 2908 -22.72 -120.95 -24.44
C PRO H 2908 -22.12 -120.80 -25.83
N TYR H 2909 -21.48 -121.88 -26.29
CA TYR H 2909 -20.79 -121.89 -27.57
C TYR H 2909 -21.72 -121.51 -28.71
N ASP H 2910 -22.91 -122.13 -28.75
CA ASP H 2910 -23.86 -121.80 -29.82
C ASP H 2910 -24.18 -120.31 -29.81
N THR H 2911 -24.37 -119.73 -28.62
CA THR H 2911 -24.63 -118.30 -28.53
C THR H 2911 -23.42 -117.48 -28.97
N LEU H 2912 -22.21 -118.03 -28.84
CA LEU H 2912 -21.03 -117.29 -29.26
C LEU H 2912 -21.14 -116.94 -30.75
N THR H 2913 -20.56 -115.79 -31.11
CA THR H 2913 -20.61 -115.35 -32.50
C THR H 2913 -20.03 -116.41 -33.42
N ALA H 2914 -20.41 -116.34 -34.69
CA ALA H 2914 -19.94 -117.33 -35.66
C ALA H 2914 -18.43 -117.34 -35.76
N LYS H 2915 -17.81 -116.16 -35.80
CA LYS H 2915 -16.35 -116.09 -35.84
C LYS H 2915 -15.74 -116.66 -34.57
N GLU H 2916 -16.31 -116.32 -33.41
CA GLU H 2916 -15.79 -116.85 -32.16
C GLU H 2916 -16.00 -118.35 -32.07
N LYS H 2917 -17.17 -118.84 -32.50
CA LYS H 2917 -17.38 -120.28 -32.56
C LYS H 2917 -16.33 -120.94 -33.44
N ALA H 2918 -15.94 -120.26 -34.53
CA ALA H 2918 -14.96 -120.82 -35.44
C ALA H 2918 -13.67 -121.19 -34.71
N ARG H 2919 -13.33 -120.47 -33.65
CA ARG H 2919 -12.06 -120.68 -32.94
C ARG H 2919 -11.94 -122.12 -32.44
N ASP H 2920 -13.01 -122.65 -31.86
CA ASP H 2920 -13.02 -124.05 -31.43
C ASP H 2920 -13.42 -124.96 -32.59
N ARG H 2921 -14.15 -124.41 -33.55
CA ARG H 2921 -14.59 -125.22 -34.68
C ARG H 2921 -13.41 -125.69 -35.51
N GLU H 2922 -12.31 -124.92 -35.58
CA GLU H 2922 -11.20 -125.40 -36.40
C GLU H 2922 -10.76 -126.78 -35.93
N LYS H 2923 -10.48 -126.93 -34.65
CA LYS H 2923 -10.04 -128.23 -34.13
C LYS H 2923 -11.15 -129.26 -34.25
N ALA H 2924 -12.40 -128.89 -33.95
CA ALA H 2924 -13.48 -129.85 -34.07
C ALA H 2924 -13.59 -130.42 -35.49
N GLN H 2925 -13.65 -129.53 -36.49
CA GLN H 2925 -13.83 -129.95 -37.87
C GLN H 2925 -12.57 -130.60 -38.43
N GLU H 2926 -11.39 -130.23 -37.93
CA GLU H 2926 -10.18 -130.95 -38.29
C GLU H 2926 -10.27 -132.41 -37.85
N LEU H 2927 -10.69 -132.64 -36.60
CA LEU H 2927 -10.83 -134.01 -36.14
C LEU H 2927 -11.87 -134.76 -36.95
N LEU H 2928 -13.00 -134.11 -37.25
CA LEU H 2928 -14.04 -134.78 -38.03
C LEU H 2928 -13.52 -135.20 -39.40
N LYS H 2929 -12.82 -134.29 -40.09
CA LYS H 2929 -12.33 -134.63 -41.42
C LYS H 2929 -11.23 -135.69 -41.36
N PHE H 2930 -10.40 -135.68 -40.31
CA PHE H 2930 -9.40 -136.73 -40.21
C PHE H 2930 -10.07 -138.08 -39.96
N LEU H 2931 -11.14 -138.09 -39.16
CA LEU H 2931 -11.96 -139.29 -39.05
C LEU H 2931 -12.39 -139.77 -40.43
N GLN H 2932 -12.97 -138.86 -41.21
CA GLN H 2932 -13.48 -139.24 -42.52
C GLN H 2932 -12.37 -139.82 -43.42
N MET H 2933 -11.24 -139.12 -43.51
CA MET H 2933 -10.17 -139.61 -44.38
C MET H 2933 -9.62 -140.94 -43.90
N ASN H 2934 -9.35 -141.09 -42.60
CA ASN H 2934 -8.88 -142.37 -42.09
C ASN H 2934 -9.94 -143.45 -42.22
N GLY H 2935 -11.17 -143.09 -42.57
CA GLY H 2935 -12.17 -144.04 -43.00
C GLY H 2935 -13.31 -144.21 -42.03
N TYR H 2936 -13.42 -143.35 -41.02
CA TYR H 2936 -14.48 -143.48 -40.04
C TYR H 2936 -15.78 -142.93 -40.59
N ALA H 2937 -16.73 -143.83 -40.86
CA ALA H 2937 -18.10 -143.48 -41.14
C ALA H 2937 -18.84 -143.48 -39.81
N VAL H 2938 -19.58 -142.41 -39.54
CA VAL H 2938 -20.22 -142.18 -38.26
C VAL H 2938 -21.58 -141.54 -38.51
N THR H 2939 -22.60 -142.03 -37.81
CA THR H 2939 -23.97 -141.55 -37.97
C THR H 2939 -24.77 -141.92 -36.73
N ARG H 2940 -25.66 -141.02 -36.32
CA ARG H 2940 -26.54 -141.25 -35.16
C ARG H 2940 -28.01 -141.17 -35.52
N GLY H 2941 -28.34 -141.09 -36.80
CA GLY H 2941 -29.73 -140.92 -37.21
C GLY H 2941 -30.24 -139.53 -36.92
N LEU H 2942 -29.70 -138.53 -37.62
CA LEU H 2942 -30.06 -137.14 -37.36
C LEU H 2942 -31.53 -136.89 -37.64
N LYS H 2943 -32.27 -136.55 -36.59
CA LYS H 2943 -33.60 -135.98 -36.78
C LYS H 2943 -33.54 -134.71 -37.63
N ASP H 2944 -32.41 -134.01 -37.60
CA ASP H 2944 -32.25 -132.83 -38.44
C ASP H 2944 -32.30 -133.20 -39.93
N MET H 2945 -31.54 -134.22 -40.35
CA MET H 2945 -31.61 -134.61 -41.75
C MET H 2945 -32.99 -135.20 -42.06
N GLU H 2946 -33.55 -135.97 -41.11
CA GLU H 2946 -34.90 -136.47 -41.31
C GLU H 2946 -35.86 -135.35 -41.65
N LEU H 2947 -35.76 -134.23 -40.93
CA LEU H 2947 -36.53 -133.04 -41.27
C LEU H 2947 -36.09 -132.49 -42.63
N ASP H 2948 -34.82 -132.69 -42.98
CA ASP H 2948 -34.25 -132.17 -44.23
C ASP H 2948 -34.24 -130.65 -44.20
N THR H 2949 -33.63 -130.03 -45.23
CA THR H 2949 -33.53 -128.58 -45.25
C THR H 2949 -34.90 -127.94 -45.10
N SER H 2950 -35.84 -128.32 -45.97
CA SER H 2950 -37.23 -127.89 -45.86
C SER H 2950 -37.33 -126.42 -45.44
N SER H 2951 -36.75 -125.55 -46.27
CA SER H 2951 -36.67 -124.13 -45.94
C SER H 2951 -38.03 -123.59 -45.56
N ILE H 2952 -39.07 -124.05 -46.26
CA ILE H 2952 -40.43 -123.59 -45.95
C ILE H 2952 -40.79 -123.93 -44.52
N GLU H 2953 -40.51 -125.17 -44.09
CA GLU H 2953 -40.76 -125.53 -42.71
C GLU H 2953 -39.89 -124.75 -41.75
N LYS H 2954 -38.65 -124.44 -42.15
CA LYS H 2954 -37.72 -123.75 -41.28
C LYS H 2954 -37.98 -122.26 -41.17
N ARG H 2955 -38.84 -121.71 -42.02
CA ARG H 2955 -39.21 -120.31 -41.85
C ARG H 2955 -39.80 -120.09 -40.47
N PHE H 2956 -39.38 -118.98 -39.84
CA PHE H 2956 -39.83 -118.70 -38.48
C PHE H 2956 -41.35 -118.71 -38.38
N ALA H 2957 -42.03 -118.07 -39.33
CA ALA H 2957 -43.48 -118.05 -39.32
C ALA H 2957 -44.05 -119.46 -39.30
N PHE H 2958 -43.39 -120.38 -40.01
CA PHE H 2958 -43.86 -121.76 -40.04
C PHE H 2958 -43.89 -122.36 -38.63
N GLY H 2959 -42.78 -122.27 -37.91
CA GLY H 2959 -42.75 -122.81 -36.56
C GLY H 2959 -43.72 -122.10 -35.65
N PHE H 2960 -43.80 -120.77 -35.76
CA PHE H 2960 -44.74 -120.02 -34.95
C PHE H 2960 -46.16 -120.53 -35.16
N LEU H 2961 -46.55 -120.72 -36.41
CA LEU H 2961 -47.91 -121.17 -36.72
C LEU H 2961 -48.13 -122.61 -36.27
N GLN H 2962 -47.13 -123.48 -36.41
CA GLN H 2962 -47.29 -124.85 -35.95
C GLN H 2962 -47.50 -124.88 -34.44
N GLN H 2963 -46.71 -124.11 -33.69
CA GLN H 2963 -46.92 -124.03 -32.25
C GLN H 2963 -48.30 -123.46 -31.94
N LEU H 2964 -48.73 -122.47 -32.72
CA LEU H 2964 -50.05 -121.90 -32.51
C LEU H 2964 -51.13 -122.95 -32.69
N LEU H 2965 -51.00 -123.80 -33.71
CA LEU H 2965 -52.00 -124.84 -33.94
C LEU H 2965 -51.99 -125.88 -32.82
N ARG H 2966 -50.82 -126.25 -32.33
CA ARG H 2966 -50.79 -127.17 -31.19
C ARG H 2966 -51.49 -126.56 -29.99
N TRP H 2967 -51.19 -125.28 -29.71
CA TRP H 2967 -51.90 -124.59 -28.63
C TRP H 2967 -53.39 -124.51 -28.93
N MET H 2968 -53.75 -124.51 -30.21
CA MET H 2968 -55.16 -124.51 -30.57
C MET H 2968 -55.84 -125.81 -30.18
N ASP H 2969 -55.15 -126.93 -30.42
CA ASP H 2969 -55.69 -128.21 -29.94
C ASP H 2969 -55.82 -128.21 -28.43
N ILE H 2970 -54.83 -127.66 -27.74
CA ILE H 2970 -54.93 -127.55 -26.28
C ILE H 2970 -56.13 -126.69 -25.89
N SER H 2971 -56.39 -125.64 -26.67
CA SER H 2971 -57.53 -124.77 -26.41
C SER H 2971 -58.83 -125.54 -26.56
N GLN H 2972 -58.94 -126.34 -27.61
CA GLN H 2972 -60.13 -127.17 -27.76
C GLN H 2972 -60.30 -128.09 -26.56
N GLU H 2973 -59.21 -128.71 -26.11
CA GLU H 2973 -59.30 -129.61 -24.97
C GLU H 2973 -59.82 -128.89 -23.73
N PHE H 2974 -59.18 -127.79 -23.34
CA PHE H 2974 -59.58 -127.22 -22.06
C PHE H 2974 -60.88 -126.43 -22.17
N ILE H 2975 -61.27 -125.99 -23.37
CA ILE H 2975 -62.60 -125.40 -23.50
C ILE H 2975 -63.66 -126.48 -23.34
N ALA H 2976 -63.41 -127.67 -23.88
CA ALA H 2976 -64.33 -128.77 -23.65
C ALA H 2976 -64.44 -129.09 -22.16
N HIS H 2977 -63.29 -129.11 -21.47
CA HIS H 2977 -63.32 -129.37 -20.03
C HIS H 2977 -64.11 -128.30 -19.29
N LEU H 2978 -63.87 -127.02 -19.62
CA LEU H 2978 -64.56 -125.93 -18.95
C LEU H 2978 -66.06 -126.00 -19.24
N GLU H 2979 -66.44 -126.31 -20.47
CA GLU H 2979 -67.84 -126.44 -20.82
C GLU H 2979 -68.49 -127.56 -20.01
N ALA H 2980 -67.82 -128.70 -19.90
CA ALA H 2980 -68.38 -129.80 -19.11
C ALA H 2980 -68.57 -129.40 -17.65
N VAL H 2981 -67.56 -128.77 -17.05
CA VAL H 2981 -67.66 -128.44 -15.64
C VAL H 2981 -68.75 -127.39 -15.41
N VAL H 2982 -68.85 -126.38 -16.27
CA VAL H 2982 -69.90 -125.38 -16.08
C VAL H 2982 -71.27 -126.00 -16.31
N SER H 2983 -71.40 -126.92 -17.26
CA SER H 2983 -72.68 -127.58 -17.46
C SER H 2983 -73.09 -128.40 -16.24
N SER H 2984 -72.15 -129.12 -15.64
CA SER H 2984 -72.45 -129.92 -14.47
C SER H 2984 -71.18 -130.11 -13.65
N GLY H 2985 -71.37 -130.42 -12.37
CA GLY H 2985 -70.26 -130.64 -11.47
C GLY H 2985 -69.33 -129.46 -11.39
N ARG H 2986 -69.90 -128.26 -11.22
CA ARG H 2986 -69.10 -127.05 -11.15
C ARG H 2986 -68.08 -127.15 -10.03
N VAL H 2987 -66.82 -126.82 -10.35
CA VAL H 2987 -65.72 -126.94 -9.41
C VAL H 2987 -64.60 -125.99 -9.86
N GLU H 2988 -63.76 -125.60 -8.91
CA GLU H 2988 -62.79 -124.53 -9.13
C GLU H 2988 -61.36 -125.03 -9.33
N LYS H 2989 -61.13 -126.34 -9.37
CA LYS H 2989 -59.76 -126.83 -9.56
C LYS H 2989 -59.17 -126.30 -10.86
N SER H 2990 -59.88 -126.49 -11.96
CA SER H 2990 -59.45 -126.04 -13.28
C SER H 2990 -57.98 -126.40 -13.53
N PRO H 2991 -57.67 -127.69 -13.69
CA PRO H 2991 -56.26 -128.06 -13.89
C PRO H 2991 -55.63 -127.36 -15.09
N HIS H 2992 -56.42 -127.04 -16.11
CA HIS H 2992 -55.87 -126.38 -17.29
C HIS H 2992 -55.74 -124.88 -17.07
N GLU H 2993 -56.18 -124.39 -15.90
CA GLU H 2993 -56.15 -122.96 -15.59
C GLU H 2993 -54.88 -122.29 -16.07
N GLN H 2994 -53.73 -122.93 -15.85
CA GLN H 2994 -52.47 -122.38 -16.35
C GLN H 2994 -52.53 -122.17 -17.85
N GLU H 2995 -52.94 -123.20 -18.58
CA GLU H 2995 -53.05 -123.10 -20.04
C GLU H 2995 -54.08 -122.07 -20.45
N ILE H 2996 -55.21 -121.99 -19.74
CA ILE H 2996 -56.24 -121.01 -20.08
C ILE H 2996 -55.67 -119.61 -19.96
N LYS H 2997 -55.01 -119.33 -18.84
CA LYS H 2997 -54.47 -118.00 -18.62
C LYS H 2997 -53.39 -117.68 -19.64
N PHE H 2998 -52.49 -118.64 -19.91
CA PHE H 2998 -51.50 -118.41 -20.96
C PHE H 2998 -52.17 -118.07 -22.27
N PHE H 2999 -53.10 -118.92 -22.72
CA PHE H 2999 -53.83 -118.65 -23.95
C PHE H 2999 -54.32 -117.21 -23.97
N ALA H 3000 -55.22 -116.87 -23.04
CA ALA H 3000 -55.89 -115.58 -23.10
C ALA H 3000 -54.89 -114.42 -23.00
N LYS H 3001 -53.94 -114.51 -22.08
CA LYS H 3001 -53.09 -113.36 -21.77
C LYS H 3001 -52.07 -113.13 -22.86
N ILE H 3002 -51.47 -114.20 -23.39
CA ILE H 3002 -50.33 -114.09 -24.30
C ILE H 3002 -50.74 -114.38 -25.74
N LEU H 3003 -51.29 -115.57 -25.99
CA LEU H 3003 -51.40 -116.04 -27.36
C LEU H 3003 -52.32 -115.13 -28.18
N LEU H 3004 -53.48 -114.78 -27.61
CA LEU H 3004 -54.42 -113.96 -28.37
C LEU H 3004 -53.84 -112.59 -28.69
N PRO H 3005 -53.29 -111.83 -27.72
CA PRO H 3005 -52.62 -110.58 -28.10
C PRO H 3005 -51.45 -110.80 -29.05
N LEU H 3006 -50.71 -111.89 -28.87
CA LEU H 3006 -49.63 -112.19 -29.80
C LEU H 3006 -50.17 -112.43 -31.20
N ILE H 3007 -51.25 -113.20 -31.31
CA ILE H 3007 -51.87 -113.40 -32.61
C ILE H 3007 -52.24 -112.07 -33.22
N ASN H 3008 -52.92 -111.22 -32.45
CA ASN H 3008 -53.37 -109.94 -32.97
C ASN H 3008 -52.21 -109.10 -33.47
N GLN H 3009 -51.20 -108.89 -32.63
CA GLN H 3009 -50.10 -108.03 -33.01
C GLN H 3009 -49.32 -108.59 -34.20
N TYR H 3010 -48.99 -109.89 -34.16
CA TYR H 3010 -48.18 -110.45 -35.21
C TYR H 3010 -48.91 -110.42 -36.55
N PHE H 3011 -50.17 -110.85 -36.58
CA PHE H 3011 -50.87 -110.91 -37.85
C PHE H 3011 -51.42 -109.57 -38.29
N THR H 3012 -51.38 -108.54 -37.44
CA THR H 3012 -51.59 -107.18 -37.90
C THR H 3012 -50.33 -106.58 -38.49
N ASN H 3013 -49.18 -106.84 -37.88
CA ASN H 3013 -47.94 -106.27 -38.36
C ASN H 3013 -47.50 -106.92 -39.68
N HIS H 3014 -47.71 -108.24 -39.81
CA HIS H 3014 -47.24 -108.97 -40.98
C HIS H 3014 -48.38 -109.50 -41.83
N CYS H 3015 -49.53 -108.82 -41.84
CA CYS H 3015 -50.63 -109.27 -42.69
C CYS H 3015 -50.23 -109.29 -44.15
N LEU H 3016 -49.43 -108.32 -44.58
CA LEU H 3016 -49.08 -108.22 -45.99
C LEU H 3016 -48.32 -109.45 -46.46
N TYR H 3017 -47.35 -109.91 -45.66
CA TYR H 3017 -46.54 -111.04 -46.07
C TYR H 3017 -47.39 -112.29 -46.29
N PHE H 3018 -48.41 -112.48 -45.47
CA PHE H 3018 -49.28 -113.64 -45.60
C PHE H 3018 -50.23 -113.55 -46.79
N LEU H 3019 -50.43 -112.36 -47.36
CA LEU H 3019 -51.35 -112.18 -48.47
C LEU H 3019 -50.66 -112.08 -49.82
N SER H 3020 -49.42 -111.57 -49.85
CA SER H 3020 -48.72 -111.42 -51.12
C SER H 3020 -48.54 -112.78 -51.78
N THR H 3021 -48.89 -112.85 -53.07
CA THR H 3021 -48.74 -114.09 -53.82
C THR H 3021 -47.31 -114.20 -54.36
N PRO H 3022 -46.86 -115.41 -54.67
CA PRO H 3022 -45.54 -115.55 -55.29
C PRO H 3022 -45.42 -114.76 -56.58
N ALA H 3023 -46.48 -114.71 -57.38
CA ALA H 3023 -46.43 -113.99 -58.65
C ALA H 3023 -46.33 -112.48 -58.42
N LYS H 3024 -47.21 -111.94 -57.57
CA LYS H 3024 -47.24 -110.52 -57.27
C LYS H 3024 -46.99 -110.32 -55.79
N VAL H 3025 -46.03 -109.46 -55.47
CA VAL H 3025 -45.61 -109.21 -54.09
C VAL H 3025 -46.22 -107.88 -53.67
N LEU H 3026 -47.35 -107.94 -52.97
CA LEU H 3026 -47.97 -106.71 -52.46
C LEU H 3026 -47.09 -106.06 -51.39
N GLY H 3027 -46.51 -106.86 -50.51
CA GLY H 3027 -45.72 -106.32 -49.43
C GLY H 3027 -44.36 -105.83 -49.90
N SER H 3028 -43.58 -105.36 -48.93
CA SER H 3028 -42.24 -104.85 -49.24
C SER H 3028 -41.37 -105.95 -49.84
N GLY H 3029 -41.41 -107.14 -49.26
CA GLY H 3029 -40.62 -108.25 -49.78
C GLY H 3029 -41.01 -109.53 -49.09
N GLY H 3030 -40.77 -110.64 -49.78
CA GLY H 3030 -41.08 -111.93 -49.21
C GLY H 3030 -42.56 -112.27 -49.33
N HIS H 3031 -42.84 -113.55 -49.56
CA HIS H 3031 -44.20 -114.04 -49.71
C HIS H 3031 -44.33 -115.37 -48.99
N ALA H 3032 -45.46 -115.56 -48.32
CA ALA H 3032 -45.68 -116.77 -47.55
C ALA H 3032 -45.85 -117.97 -48.49
N SER H 3033 -45.63 -119.15 -47.93
CA SER H 3033 -45.81 -120.38 -48.68
C SER H 3033 -47.29 -120.76 -48.73
N ASN H 3034 -47.61 -121.62 -49.70
CA ASN H 3034 -48.96 -122.17 -49.75
C ASN H 3034 -49.28 -122.91 -48.46
N LYS H 3035 -48.31 -123.63 -47.91
CA LYS H 3035 -48.52 -124.30 -46.63
C LYS H 3035 -48.78 -123.29 -45.52
N GLU H 3036 -48.03 -122.19 -45.51
CA GLU H 3036 -48.27 -121.17 -44.49
C GLU H 3036 -49.69 -120.62 -44.59
N LYS H 3037 -50.13 -120.33 -45.82
CA LYS H 3037 -51.51 -119.89 -46.00
C LYS H 3037 -52.49 -120.95 -45.51
N GLU H 3038 -52.17 -122.22 -45.74
CA GLU H 3038 -53.04 -123.29 -45.29
C GLU H 3038 -53.16 -123.30 -43.76
N MET H 3039 -52.04 -123.13 -43.05
CA MET H 3039 -52.15 -123.11 -41.59
C MET H 3039 -52.86 -121.85 -41.11
N ILE H 3040 -52.69 -120.73 -41.82
CA ILE H 3040 -53.47 -119.55 -41.48
C ILE H 3040 -54.96 -119.85 -41.55
N THR H 3041 -55.39 -120.49 -42.64
CA THR H 3041 -56.80 -120.84 -42.78
C THR H 3041 -57.22 -121.81 -41.70
N SER H 3042 -56.36 -122.78 -41.38
CA SER H 3042 -56.68 -123.75 -40.36
C SER H 3042 -56.88 -123.07 -39.01
N LEU H 3043 -56.00 -122.13 -38.68
CA LEU H 3043 -56.14 -121.38 -37.44
C LEU H 3043 -57.44 -120.59 -37.43
N PHE H 3044 -57.78 -119.96 -38.55
CA PHE H 3044 -59.01 -119.18 -38.60
C PHE H 3044 -60.22 -120.07 -38.34
N CYS H 3045 -60.31 -121.21 -39.04
CA CYS H 3045 -61.43 -122.11 -38.84
C CYS H 3045 -61.47 -122.68 -37.43
N LYS H 3046 -60.31 -123.06 -36.88
CA LYS H 3046 -60.29 -123.60 -35.54
C LYS H 3046 -60.74 -122.57 -34.51
N LEU H 3047 -60.34 -121.31 -34.69
CA LEU H 3047 -60.75 -120.27 -33.76
C LEU H 3047 -62.25 -120.00 -33.89
N ALA H 3048 -62.77 -120.01 -35.11
CA ALA H 3048 -64.21 -119.85 -35.29
C ALA H 3048 -64.96 -120.97 -34.58
N ALA H 3049 -64.52 -122.21 -34.75
CA ALA H 3049 -65.12 -123.33 -34.03
C ALA H 3049 -65.00 -123.18 -32.52
N LEU H 3050 -63.84 -122.73 -32.04
CA LEU H 3050 -63.64 -122.54 -30.61
C LEU H 3050 -64.63 -121.55 -30.03
N VAL H 3051 -64.84 -120.42 -30.72
CA VAL H 3051 -65.74 -119.39 -30.21
C VAL H 3051 -67.20 -119.68 -30.54
N ARG H 3052 -67.47 -120.67 -31.40
CA ARG H 3052 -68.84 -120.97 -31.78
C ARG H 3052 -69.69 -121.29 -30.56
N HIS H 3053 -70.72 -120.47 -30.32
CA HIS H 3053 -71.71 -120.69 -29.28
C HIS H 3053 -71.12 -120.71 -27.88
N ARG H 3054 -69.83 -120.40 -27.73
CA ARG H 3054 -69.17 -120.46 -26.44
C ARG H 3054 -68.64 -119.09 -26.00
N VAL H 3055 -69.20 -118.01 -26.53
CA VAL H 3055 -68.69 -116.68 -26.22
C VAL H 3055 -68.83 -116.38 -24.74
N SER H 3056 -69.96 -116.76 -24.14
CA SER H 3056 -70.19 -116.43 -22.73
C SER H 3056 -69.10 -117.01 -21.84
N LEU H 3057 -68.62 -118.22 -22.16
CA LEU H 3057 -67.54 -118.81 -21.38
C LEU H 3057 -66.31 -117.92 -21.39
N PHE H 3058 -65.96 -117.41 -22.58
CA PHE H 3058 -64.79 -116.53 -22.67
C PHE H 3058 -65.05 -115.22 -21.93
N GLY H 3059 -66.26 -114.70 -22.02
CA GLY H 3059 -66.62 -113.50 -21.29
C GLY H 3059 -65.75 -112.30 -21.64
N THR H 3060 -65.08 -111.74 -20.64
CA THR H 3060 -64.26 -110.55 -20.86
C THR H 3060 -63.15 -110.80 -21.87
N ASP H 3061 -62.77 -112.07 -22.09
CA ASP H 3061 -61.79 -112.38 -23.12
C ASP H 3061 -62.42 -112.50 -24.50
N ALA H 3062 -63.75 -112.59 -24.57
CA ALA H 3062 -64.41 -112.74 -25.87
C ALA H 3062 -64.15 -111.56 -26.80
N PRO H 3063 -64.19 -110.30 -26.35
CA PRO H 3063 -63.85 -109.21 -27.28
C PRO H 3063 -62.47 -109.35 -27.88
N ALA H 3064 -61.47 -109.74 -27.08
CA ALA H 3064 -60.13 -109.95 -27.63
C ALA H 3064 -60.14 -111.10 -28.63
N VAL H 3065 -60.87 -112.17 -28.32
CA VAL H 3065 -60.97 -113.28 -29.25
C VAL H 3065 -61.55 -112.81 -30.58
N VAL H 3066 -62.61 -112.00 -30.52
CA VAL H 3066 -63.26 -111.52 -31.75
C VAL H 3066 -62.32 -110.62 -32.52
N ASN H 3067 -61.55 -109.79 -31.83
CA ASN H 3067 -60.55 -108.97 -32.53
C ASN H 3067 -59.54 -109.85 -33.24
N CYS H 3068 -59.10 -110.93 -32.59
CA CYS H 3068 -58.20 -111.87 -33.26
C CYS H 3068 -58.87 -112.49 -34.48
N LEU H 3069 -60.15 -112.82 -34.36
CA LEU H 3069 -60.88 -113.32 -35.52
C LEU H 3069 -60.83 -112.32 -36.68
N HIS H 3070 -61.08 -111.05 -36.37
CA HIS H 3070 -61.06 -110.03 -37.42
C HIS H 3070 -59.69 -109.96 -38.08
N ILE H 3071 -58.63 -109.97 -37.26
CA ILE H 3071 -57.29 -109.84 -37.83
C ILE H 3071 -56.95 -111.04 -38.71
N LEU H 3072 -57.28 -112.24 -38.23
CA LEU H 3072 -57.01 -113.43 -39.03
C LEU H 3072 -57.80 -113.40 -40.32
N ALA H 3073 -59.06 -112.94 -40.27
CA ALA H 3073 -59.83 -112.82 -41.48
C ALA H 3073 -59.18 -111.85 -42.45
N ARG H 3074 -58.68 -110.73 -41.94
CA ARG H 3074 -58.00 -109.77 -42.80
C ARG H 3074 -56.79 -110.39 -43.47
N SER H 3075 -55.99 -111.14 -42.71
CA SER H 3075 -54.76 -111.71 -43.24
C SER H 3075 -54.97 -113.00 -44.01
N LEU H 3076 -56.19 -113.54 -44.01
CA LEU H 3076 -56.45 -114.80 -44.70
C LEU H 3076 -56.32 -114.64 -46.21
N ASP H 3077 -55.78 -115.67 -46.86
CA ASP H 3077 -55.69 -115.72 -48.32
C ASP H 3077 -56.46 -116.96 -48.78
N ALA H 3078 -57.72 -116.75 -49.15
CA ALA H 3078 -58.60 -117.85 -49.53
C ALA H 3078 -58.35 -118.37 -50.94
N ARG H 3079 -58.00 -117.50 -51.89
CA ARG H 3079 -57.91 -117.92 -53.28
C ARG H 3079 -56.87 -119.01 -53.46
N THR H 3080 -55.68 -118.84 -52.88
CA THR H 3080 -54.62 -119.81 -53.07
C THR H 3080 -55.00 -121.16 -52.48
N VAL H 3081 -55.54 -121.15 -51.26
CA VAL H 3081 -55.91 -122.41 -50.63
C VAL H 3081 -57.00 -123.12 -51.43
N MET H 3082 -57.98 -122.35 -51.92
CA MET H 3082 -59.04 -122.96 -52.71
C MET H 3082 -58.51 -123.55 -54.00
N LYS H 3083 -57.61 -122.83 -54.68
CA LYS H 3083 -57.02 -123.37 -55.90
C LYS H 3083 -56.26 -124.66 -55.60
N SER H 3084 -55.45 -124.65 -54.54
CA SER H 3084 -54.68 -125.82 -54.14
C SER H 3084 -54.53 -125.80 -52.63
N GLY H 3085 -54.82 -126.93 -52.00
CA GLY H 3085 -54.70 -127.06 -50.56
C GLY H 3085 -55.29 -128.36 -50.08
N PRO H 3086 -54.93 -128.77 -48.86
CA PRO H 3086 -55.47 -130.02 -48.32
C PRO H 3086 -57.00 -130.00 -48.28
N GLU H 3087 -57.60 -131.13 -48.64
CA GLU H 3087 -59.05 -131.24 -48.60
C GLU H 3087 -59.56 -131.00 -47.19
N ILE H 3088 -58.76 -131.32 -46.17
CA ILE H 3088 -59.20 -131.13 -44.79
C ILE H 3088 -59.37 -129.64 -44.50
N VAL H 3089 -58.39 -128.82 -44.89
CA VAL H 3089 -58.52 -127.38 -44.63
C VAL H 3089 -59.61 -126.78 -45.51
N LYS H 3090 -59.73 -127.28 -46.75
CA LYS H 3090 -60.84 -126.85 -47.59
C LYS H 3090 -62.17 -127.11 -46.89
N ALA H 3091 -62.34 -128.32 -46.35
CA ALA H 3091 -63.57 -128.67 -45.66
C ALA H 3091 -63.74 -127.84 -44.40
N GLY H 3092 -62.64 -127.48 -43.75
CA GLY H 3092 -62.73 -126.61 -42.59
C GLY H 3092 -63.31 -125.25 -42.94
N LEU H 3093 -62.81 -124.65 -44.01
CA LEU H 3093 -63.36 -123.36 -44.44
C LEU H 3093 -64.82 -123.50 -44.84
N ARG H 3094 -65.14 -124.54 -45.63
CA ARG H 3094 -66.52 -124.74 -46.03
C ARG H 3094 -67.42 -125.00 -44.82
N SER H 3095 -66.91 -125.70 -43.81
CA SER H 3095 -67.69 -125.97 -42.61
C SER H 3095 -67.91 -124.69 -41.81
N PHE H 3096 -66.90 -123.83 -41.75
CA PHE H 3096 -67.11 -122.52 -41.13
C PHE H 3096 -68.24 -121.78 -41.82
N PHE H 3097 -68.21 -121.73 -43.15
CA PHE H 3097 -69.29 -121.04 -43.87
C PHE H 3097 -70.64 -121.70 -43.63
N GLU H 3098 -70.72 -123.02 -43.70
CA GLU H 3098 -71.98 -123.71 -43.52
C GLU H 3098 -72.54 -123.51 -42.12
N SER H 3099 -71.67 -123.59 -41.10
CA SER H 3099 -72.12 -123.38 -39.74
C SER H 3099 -72.56 -121.94 -39.52
N ALA H 3100 -71.87 -120.99 -40.17
CA ALA H 3100 -72.31 -119.61 -40.09
C ALA H 3100 -73.71 -119.46 -40.68
N SER H 3101 -73.96 -120.11 -41.82
CA SER H 3101 -75.29 -120.06 -42.41
C SER H 3101 -76.32 -120.67 -41.47
N GLU H 3102 -76.00 -121.82 -40.87
CA GLU H 3102 -76.93 -122.45 -39.93
C GLU H 3102 -77.23 -121.52 -38.76
N ASP H 3103 -76.19 -120.90 -38.21
CA ASP H 3103 -76.40 -120.01 -37.06
C ASP H 3103 -77.26 -118.81 -37.43
N ILE H 3104 -77.00 -118.20 -38.59
CA ILE H 3104 -77.77 -117.02 -38.94
C ILE H 3104 -79.21 -117.37 -39.28
N GLU H 3105 -79.45 -118.51 -39.93
CA GLU H 3105 -80.84 -118.90 -40.16
C GLU H 3105 -81.53 -119.23 -38.83
N LYS H 3106 -80.81 -119.89 -37.91
CA LYS H 3106 -81.37 -120.16 -36.60
C LYS H 3106 -81.78 -118.87 -35.91
N MET H 3107 -80.89 -117.87 -35.93
CA MET H 3107 -81.31 -116.52 -35.62
C MET H 3107 -82.64 -116.23 -36.26
N VAL H 3108 -82.68 -116.22 -37.59
CA VAL H 3108 -83.86 -115.73 -38.31
C VAL H 3108 -85.13 -116.31 -37.68
N GLU H 3109 -85.21 -117.63 -37.51
CA GLU H 3109 -86.49 -118.14 -37.01
C GLU H 3109 -86.72 -117.78 -35.55
N ASN H 3110 -85.67 -117.83 -34.72
CA ASN H 3110 -85.86 -117.48 -33.32
C ASN H 3110 -86.31 -116.02 -33.18
N LEU H 3111 -85.65 -115.13 -33.92
CA LEU H 3111 -86.08 -113.74 -33.99
C LEU H 3111 -87.54 -113.64 -34.41
N ARG H 3112 -87.94 -114.39 -35.43
CA ARG H 3112 -89.35 -114.38 -35.83
C ARG H 3112 -90.24 -114.85 -34.68
N LEU H 3113 -89.70 -115.68 -33.80
CA LEU H 3113 -90.45 -116.19 -32.66
C LEU H 3113 -91.66 -116.97 -33.13
N LYS H 3124 -82.35 -121.53 -23.15
CA LYS H 3124 -81.04 -120.96 -22.95
C LYS H 3124 -80.19 -121.03 -24.22
N GLY H 3125 -80.35 -122.14 -24.95
CA GLY H 3125 -79.60 -122.29 -26.18
C GLY H 3125 -79.93 -121.22 -27.21
N VAL H 3126 -81.20 -120.82 -27.28
CA VAL H 3126 -81.61 -119.79 -28.24
C VAL H 3126 -80.93 -118.47 -27.89
N GLY H 3127 -80.95 -118.09 -26.61
CA GLY H 3127 -80.30 -116.86 -26.22
C GLY H 3127 -78.80 -116.90 -26.43
N GLN H 3128 -78.19 -118.06 -26.15
CA GLN H 3128 -76.76 -118.22 -26.38
C GLN H 3128 -76.43 -118.03 -27.86
N ASN H 3129 -77.23 -118.64 -28.74
CA ASN H 3129 -77.01 -118.45 -30.17
C ASN H 3129 -77.20 -116.98 -30.55
N LEU H 3130 -78.23 -116.34 -30.01
CA LEU H 3130 -78.47 -114.94 -30.33
C LEU H 3130 -77.28 -114.08 -29.97
N THR H 3131 -76.80 -114.18 -28.73
CA THR H 3131 -75.66 -113.37 -28.31
C THR H 3131 -74.39 -113.72 -29.06
N TYR H 3132 -74.13 -115.00 -29.30
CA TYR H 3132 -72.95 -115.38 -30.08
C TYR H 3132 -72.98 -114.76 -31.46
N THR H 3133 -74.10 -114.86 -32.15
CA THR H 3133 -74.19 -114.28 -33.49
C THR H 3133 -74.10 -112.77 -33.44
N THR H 3134 -74.72 -112.14 -32.46
CA THR H 3134 -74.68 -110.68 -32.36
C THR H 3134 -73.27 -110.18 -32.12
N VAL H 3135 -72.48 -110.90 -31.34
CA VAL H 3135 -71.18 -110.41 -30.91
C VAL H 3135 -70.08 -110.81 -31.89
N ALA H 3136 -70.04 -112.06 -32.34
CA ALA H 3136 -68.89 -112.55 -33.09
C ALA H 3136 -69.22 -112.89 -34.53
N LEU H 3137 -70.21 -113.76 -34.73
CA LEU H 3137 -70.41 -114.35 -36.06
C LEU H 3137 -70.71 -113.28 -37.11
N LEU H 3138 -71.58 -112.33 -36.78
CA LEU H 3138 -71.96 -111.35 -37.78
C LEU H 3138 -70.79 -110.43 -38.10
N PRO H 3139 -70.17 -109.77 -37.11
CA PRO H 3139 -69.03 -108.91 -37.43
C PRO H 3139 -67.88 -109.64 -38.10
N VAL H 3140 -67.54 -110.85 -37.66
CA VAL H 3140 -66.42 -111.57 -38.27
C VAL H 3140 -66.74 -111.94 -39.71
N LEU H 3141 -67.97 -112.41 -39.94
CA LEU H 3141 -68.38 -112.73 -41.30
C LEU H 3141 -68.37 -111.48 -42.18
N THR H 3142 -68.80 -110.35 -41.62
CA THR H 3142 -68.74 -109.09 -42.35
C THR H 3142 -67.32 -108.77 -42.76
N THR H 3143 -66.37 -108.89 -41.83
CA THR H 3143 -64.98 -108.59 -42.15
C THR H 3143 -64.46 -109.54 -43.21
N LEU H 3144 -64.80 -110.82 -43.10
CA LEU H 3144 -64.36 -111.80 -44.09
C LEU H 3144 -64.86 -111.44 -45.47
N PHE H 3145 -66.15 -111.12 -45.59
CA PHE H 3145 -66.71 -110.76 -46.88
C PHE H 3145 -66.07 -109.48 -47.41
N GLN H 3146 -65.82 -108.51 -46.53
CA GLN H 3146 -65.17 -107.28 -46.99
C GLN H 3146 -63.80 -107.57 -47.56
N HIS H 3147 -63.02 -108.41 -46.89
CA HIS H 3147 -61.71 -108.77 -47.39
C HIS H 3147 -61.82 -109.47 -48.74
N ILE H 3148 -62.77 -110.40 -48.85
CA ILE H 3148 -62.97 -111.09 -50.12
C ILE H 3148 -63.26 -110.09 -51.23
N ALA H 3149 -64.16 -109.14 -50.96
CA ALA H 3149 -64.52 -108.16 -51.98
C ALA H 3149 -63.32 -107.30 -52.35
N GLN H 3150 -62.56 -106.84 -51.36
CA GLN H 3150 -61.41 -105.98 -51.64
C GLN H 3150 -60.39 -106.69 -52.51
N HIS H 3151 -60.09 -107.96 -52.21
CA HIS H 3151 -59.09 -108.69 -52.97
C HIS H 3151 -59.66 -109.41 -54.18
N GLN H 3152 -60.96 -109.27 -54.44
CA GLN H 3152 -61.56 -109.83 -55.65
C GLN H 3152 -61.45 -111.35 -55.67
N PHE H 3153 -61.28 -111.95 -54.49
CA PHE H 3153 -61.20 -113.40 -54.35
C PHE H 3153 -62.53 -114.08 -54.54
N GLY H 3154 -63.63 -113.32 -54.63
CA GLY H 3154 -64.94 -113.93 -54.55
C GLY H 3154 -65.16 -115.03 -55.56
N ASP H 3155 -64.78 -114.78 -56.82
CA ASP H 3155 -65.04 -115.76 -57.87
C ASP H 3155 -64.40 -117.10 -57.55
N ASP H 3156 -63.16 -117.07 -57.05
CA ASP H 3156 -62.45 -118.32 -56.76
C ASP H 3156 -62.97 -118.94 -55.47
N VAL H 3157 -63.24 -118.14 -54.45
CA VAL H 3157 -63.49 -118.68 -53.12
C VAL H 3157 -64.94 -119.16 -53.00
N ILE H 3158 -65.90 -118.34 -53.39
CA ILE H 3158 -67.31 -118.66 -53.23
C ILE H 3158 -67.71 -119.54 -54.40
N LEU H 3159 -67.68 -120.86 -54.17
CA LEU H 3159 -68.11 -121.82 -55.16
C LEU H 3159 -68.78 -123.00 -54.47
N ASP H 3160 -69.76 -123.58 -55.16
CA ASP H 3160 -70.35 -124.87 -54.77
C ASP H 3160 -70.98 -124.72 -53.39
N ASP H 3161 -70.64 -125.57 -52.41
CA ASP H 3161 -71.27 -125.50 -51.10
C ASP H 3161 -71.14 -124.10 -50.49
N VAL H 3162 -70.03 -123.42 -50.77
CA VAL H 3162 -69.88 -122.05 -50.31
C VAL H 3162 -70.97 -121.18 -50.91
N GLN H 3163 -71.23 -121.33 -52.20
CA GLN H 3163 -72.30 -120.58 -52.83
C GLN H 3163 -73.65 -120.90 -52.21
N VAL H 3164 -73.92 -122.18 -51.94
CA VAL H 3164 -75.20 -122.55 -51.36
C VAL H 3164 -75.36 -121.91 -50.00
N SER H 3165 -74.31 -121.97 -49.17
CA SER H 3165 -74.37 -121.35 -47.85
C SER H 3165 -74.59 -119.85 -47.96
N CYS H 3166 -73.92 -119.21 -48.91
CA CYS H 3166 -74.11 -117.78 -49.10
C CYS H 3166 -75.54 -117.45 -49.51
N TYR H 3167 -76.13 -118.24 -50.40
CA TYR H 3167 -77.53 -118.03 -50.74
C TYR H 3167 -78.43 -118.15 -49.53
N ARG H 3168 -78.22 -119.19 -48.72
CA ARG H 3168 -79.06 -119.34 -47.53
C ARG H 3168 -78.91 -118.13 -46.62
N THR H 3169 -77.68 -117.69 -46.39
CA THR H 3169 -77.45 -116.52 -45.53
C THR H 3169 -78.17 -115.30 -46.08
N LEU H 3170 -77.96 -114.99 -47.36
CA LEU H 3170 -78.60 -113.83 -47.97
C LEU H 3170 -80.11 -113.87 -47.80
N CYS H 3171 -80.72 -114.99 -48.16
CA CYS H 3171 -82.18 -115.05 -48.21
C CYS H 3171 -82.77 -115.03 -46.82
N SER H 3172 -82.11 -115.70 -45.86
CA SER H 3172 -82.57 -115.62 -44.48
C SER H 3172 -82.49 -114.20 -43.95
N ILE H 3173 -81.39 -113.49 -44.24
CA ILE H 3173 -81.28 -112.11 -43.78
C ILE H 3173 -82.39 -111.26 -44.38
N TYR H 3174 -82.66 -111.43 -45.67
CA TYR H 3174 -83.69 -110.62 -46.31
C TYR H 3174 -85.06 -110.90 -45.71
N SER H 3175 -85.38 -112.18 -45.46
CA SER H 3175 -86.65 -112.51 -44.84
C SER H 3175 -86.76 -111.88 -43.46
N LEU H 3176 -85.68 -111.95 -42.67
CA LEU H 3176 -85.70 -111.29 -41.38
C LEU H 3176 -85.97 -109.80 -41.53
N GLY H 3177 -85.29 -109.16 -42.48
CA GLY H 3177 -85.52 -107.74 -42.70
C GLY H 3177 -86.96 -107.42 -43.03
N THR H 3178 -87.57 -108.24 -43.90
CA THR H 3178 -88.99 -108.05 -44.18
C THR H 3178 -89.83 -108.18 -42.93
N THR H 3179 -89.46 -109.10 -42.04
CA THR H 3179 -90.17 -109.24 -40.78
C THR H 3179 -90.00 -107.98 -39.93
N ARG H 3180 -90.99 -107.72 -39.06
CA ARG H 3180 -91.03 -106.51 -38.24
C ARG H 3180 -91.05 -106.87 -36.76
N ASN H 3181 -90.17 -106.23 -35.99
CA ASN H 3181 -90.11 -106.37 -34.53
C ASN H 3181 -89.16 -105.31 -33.97
N PRO H 3182 -89.29 -104.97 -32.69
CA PRO H 3182 -88.39 -103.97 -32.11
C PRO H 3182 -86.96 -104.44 -31.98
N TYR H 3183 -86.75 -105.63 -31.40
CA TYR H 3183 -85.44 -106.25 -31.42
C TYR H 3183 -84.93 -106.46 -32.84
N VAL H 3184 -85.83 -106.73 -33.79
CA VAL H 3184 -85.39 -106.83 -35.17
C VAL H 3184 -84.83 -105.51 -35.67
N GLU H 3185 -85.54 -104.40 -35.46
CA GLU H 3185 -84.99 -103.11 -35.88
C GLU H 3185 -83.74 -102.74 -35.11
N LYS H 3186 -83.57 -103.26 -33.89
CA LYS H 3186 -82.30 -103.13 -33.21
C LYS H 3186 -81.19 -103.82 -33.99
N LEU H 3187 -81.46 -105.03 -34.48
CA LEU H 3187 -80.41 -105.79 -35.17
C LEU H 3187 -80.17 -105.31 -36.59
N ARG H 3188 -81.12 -104.57 -37.16
CA ARG H 3188 -81.07 -104.28 -38.59
C ARG H 3188 -79.74 -103.73 -39.08
N PRO H 3189 -79.11 -102.76 -38.41
CA PRO H 3189 -77.89 -102.16 -38.97
C PRO H 3189 -76.80 -103.18 -39.30
N ALA H 3190 -76.47 -104.02 -38.32
CA ALA H 3190 -75.43 -105.02 -38.53
C ALA H 3190 -75.82 -105.99 -39.64
N LEU H 3191 -77.09 -106.40 -39.66
CA LEU H 3191 -77.56 -107.30 -40.71
C LEU H 3191 -77.37 -106.65 -42.08
N GLY H 3192 -77.72 -105.37 -42.19
CA GLY H 3192 -77.56 -104.69 -43.46
C GLY H 3192 -76.11 -104.61 -43.90
N GLU H 3193 -75.21 -104.27 -42.98
CA GLU H 3193 -73.80 -104.23 -43.34
C GLU H 3193 -73.31 -105.60 -43.78
N CYS H 3194 -73.67 -106.64 -43.04
CA CYS H 3194 -73.25 -107.99 -43.39
C CYS H 3194 -73.77 -108.38 -44.77
N LEU H 3195 -75.03 -108.11 -45.04
CA LEU H 3195 -75.61 -108.50 -46.32
C LEU H 3195 -75.00 -107.69 -47.46
N ALA H 3196 -74.69 -106.41 -47.22
CA ALA H 3196 -74.01 -105.63 -48.24
C ALA H 3196 -72.66 -106.22 -48.57
N ARG H 3197 -71.88 -106.58 -47.55
CA ARG H 3197 -70.60 -107.21 -47.81
C ARG H 3197 -70.79 -108.52 -48.57
N LEU H 3198 -71.81 -109.30 -48.19
CA LEU H 3198 -72.07 -110.56 -48.87
C LEU H 3198 -72.40 -110.33 -50.34
N ALA H 3199 -73.20 -109.29 -50.63
CA ALA H 3199 -73.53 -108.96 -52.00
C ALA H 3199 -72.27 -108.59 -52.77
N ALA H 3200 -71.39 -107.82 -52.15
CA ALA H 3200 -70.12 -107.49 -52.80
C ALA H 3200 -69.33 -108.74 -53.12
N ALA H 3201 -69.30 -109.69 -52.18
CA ALA H 3201 -68.48 -110.88 -52.35
C ALA H 3201 -69.09 -111.85 -53.37
N MET H 3202 -70.42 -111.87 -53.46
CA MET H 3202 -71.13 -112.89 -54.21
C MET H 3202 -70.70 -112.88 -55.67
N PRO H 3203 -70.27 -114.02 -56.24
CA PRO H 3203 -69.96 -114.07 -57.67
C PRO H 3203 -71.10 -114.54 -58.56
N VAL H 3204 -72.29 -114.77 -58.03
CA VAL H 3204 -73.46 -115.15 -58.81
C VAL H 3204 -74.48 -114.02 -58.76
N ALA H 3205 -74.94 -113.59 -59.93
CA ALA H 3205 -75.88 -112.48 -60.03
C ALA H 3205 -77.23 -112.95 -59.51
N PHE H 3206 -77.36 -113.01 -58.19
CA PHE H 3206 -78.59 -113.53 -57.59
C PHE H 3206 -79.79 -112.68 -57.98
N LEU H 3207 -79.58 -111.39 -58.23
CA LEU H 3207 -80.68 -110.52 -58.61
C LEU H 3207 -81.10 -110.69 -60.06
N GLU H 3208 -80.35 -111.46 -60.85
CA GLU H 3208 -80.62 -111.63 -62.28
C GLU H 3208 -80.59 -113.12 -62.61
N PRO H 3209 -81.52 -113.89 -62.04
CA PRO H 3209 -81.58 -115.31 -62.39
C PRO H 3209 -81.83 -115.57 -63.86
N GLU H 3210 -82.61 -114.71 -64.51
CA GLU H 3210 -82.94 -114.92 -65.92
C GLU H 3210 -81.69 -115.04 -66.79
N LEU H 3211 -80.62 -114.31 -66.48
CA LEU H 3211 -79.39 -114.37 -67.27
C LEU H 3211 -78.31 -115.20 -66.58
N ASN H 3212 -78.67 -115.96 -65.54
CA ASN H 3212 -77.66 -116.69 -64.79
C ASN H 3212 -76.90 -117.68 -65.64
N GLU H 3213 -77.57 -118.30 -66.62
CA GLU H 3213 -76.95 -119.38 -67.38
C GLU H 3213 -75.64 -118.93 -68.02
N TYR H 3214 -75.52 -117.64 -68.35
CA TYR H 3214 -74.29 -117.15 -68.95
C TYR H 3214 -73.14 -117.19 -67.95
N ASN H 3215 -73.41 -116.93 -66.68
CA ASN H 3215 -72.36 -116.88 -65.67
C ASN H 3215 -71.62 -118.21 -65.59
N ALA H 3216 -70.34 -118.19 -65.95
CA ALA H 3216 -69.52 -119.38 -65.79
C ALA H 3216 -69.39 -119.75 -64.32
N CYS H 3217 -69.18 -118.76 -63.46
CA CYS H 3217 -68.99 -119.00 -62.02
C CYS H 3217 -70.36 -119.04 -61.33
N SER H 3218 -71.05 -120.16 -61.53
CA SER H 3218 -72.33 -120.42 -60.89
C SER H 3218 -72.41 -121.88 -60.50
N VAL H 3219 -73.16 -122.15 -59.43
CA VAL H 3219 -73.28 -123.53 -58.96
C VAL H 3219 -73.93 -124.40 -60.03
N TYR H 3220 -75.01 -123.93 -60.64
CA TYR H 3220 -75.71 -124.73 -61.63
C TYR H 3220 -74.83 -125.04 -62.83
N THR H 3221 -74.11 -124.03 -63.33
CA THR H 3221 -73.27 -124.24 -64.50
C THR H 3221 -72.08 -125.13 -64.17
N THR H 3222 -71.48 -124.96 -62.99
CA THR H 3222 -70.32 -125.76 -62.61
C THR H 3222 -70.72 -127.22 -62.38
N LYS H 3223 -71.77 -127.45 -61.61
CA LYS H 3223 -72.19 -128.80 -61.29
C LYS H 3223 -73.07 -129.37 -62.39
N SER H 3224 -72.95 -130.67 -62.61
CA SER H 3224 -73.67 -131.34 -63.68
C SER H 3224 -75.13 -131.58 -63.28
N PRO H 3225 -76.01 -131.76 -64.27
CA PRO H 3225 -77.40 -132.08 -63.93
C PRO H 3225 -77.53 -133.32 -63.05
N ARG H 3226 -76.73 -134.34 -63.32
CA ARG H 3226 -76.71 -135.50 -62.43
C ARG H 3226 -76.25 -135.09 -61.04
N GLU H 3227 -75.33 -134.13 -60.97
CA GLU H 3227 -74.95 -133.55 -59.70
C GLU H 3227 -76.04 -132.57 -59.25
N ARG H 3228 -75.87 -132.03 -58.05
CA ARG H 3228 -76.77 -131.05 -57.43
C ARG H 3228 -78.17 -131.63 -57.23
N ALA H 3229 -78.36 -132.90 -57.60
CA ALA H 3229 -79.56 -133.62 -57.17
C ALA H 3229 -79.26 -134.45 -55.93
N ILE H 3230 -78.07 -135.05 -55.89
CA ILE H 3230 -77.60 -135.66 -54.65
C ILE H 3230 -77.48 -134.60 -53.57
N LEU H 3231 -77.04 -133.41 -53.93
CA LEU H 3231 -77.02 -132.29 -53.01
C LEU H 3231 -78.41 -131.67 -52.90
N GLY H 3232 -78.61 -130.88 -51.85
CA GLY H 3232 -79.90 -130.25 -51.62
C GLY H 3232 -80.07 -128.97 -52.40
N LEU H 3233 -79.94 -129.05 -53.71
CA LEU H 3233 -80.05 -127.87 -54.57
C LEU H 3233 -81.37 -127.91 -55.34
N PRO H 3234 -82.14 -126.82 -55.36
CA PRO H 3234 -83.34 -126.80 -56.20
C PRO H 3234 -82.99 -126.96 -57.67
N ASN H 3235 -83.92 -127.54 -58.43
CA ASN H 3235 -83.69 -127.78 -59.84
C ASN H 3235 -83.45 -126.48 -60.59
N SER H 3236 -84.20 -125.45 -60.27
CA SER H 3236 -84.11 -124.16 -60.94
C SER H 3236 -83.50 -123.12 -60.01
N VAL H 3237 -82.72 -122.21 -60.61
CA VAL H 3237 -82.05 -121.19 -59.84
C VAL H 3237 -83.05 -120.26 -59.15
N GLU H 3238 -84.18 -119.98 -59.80
CA GLU H 3238 -85.18 -119.11 -59.20
C GLU H 3238 -85.58 -119.58 -57.81
N GLU H 3239 -85.56 -120.90 -57.59
CA GLU H 3239 -85.95 -121.48 -56.32
C GLU H 3239 -84.77 -121.63 -55.36
N MET H 3240 -83.58 -121.12 -55.71
CA MET H 3240 -82.52 -121.02 -54.72
C MET H 3240 -83.10 -120.32 -53.50
N CYS H 3241 -83.81 -119.21 -53.74
CA CYS H 3241 -84.77 -118.68 -52.79
C CYS H 3241 -85.66 -117.68 -53.51
N PRO H 3242 -86.99 -117.85 -53.50
CA PRO H 3242 -87.85 -116.95 -54.28
C PRO H 3242 -88.10 -115.62 -53.60
N ASP H 3243 -87.90 -115.57 -52.28
CA ASP H 3243 -88.25 -114.37 -51.53
C ASP H 3243 -87.55 -113.14 -52.08
N ILE H 3244 -86.29 -113.27 -52.48
CA ILE H 3244 -85.54 -112.13 -53.00
C ILE H 3244 -86.20 -111.68 -54.29
N PRO H 3245 -86.58 -110.42 -54.43
CA PRO H 3245 -87.15 -109.96 -55.71
C PRO H 3245 -86.09 -109.85 -56.80
N VAL H 3246 -86.56 -109.80 -58.04
CA VAL H 3246 -85.67 -109.58 -59.17
C VAL H 3246 -85.25 -108.12 -59.20
N LEU H 3247 -84.15 -107.84 -59.91
CA LEU H 3247 -83.61 -106.49 -59.93
C LEU H 3247 -84.62 -105.49 -60.48
N GLU H 3248 -85.31 -105.85 -61.55
CA GLU H 3248 -86.24 -104.90 -62.17
C GLU H 3248 -87.37 -104.54 -61.21
N ARG H 3249 -87.94 -105.54 -60.55
CA ARG H 3249 -89.04 -105.25 -59.61
C ARG H 3249 -88.53 -104.48 -58.40
N LEU H 3250 -87.33 -104.79 -57.92
CA LEU H 3250 -86.75 -104.01 -56.84
C LEU H 3250 -86.60 -102.56 -57.25
N MET H 3251 -86.10 -102.31 -58.46
CA MET H 3251 -85.90 -100.95 -58.92
C MET H 3251 -87.23 -100.22 -59.05
N ALA H 3252 -88.22 -100.86 -59.67
CA ALA H 3252 -89.51 -100.22 -59.83
C ALA H 3252 -90.12 -99.89 -58.47
N GLU H 3253 -90.04 -100.83 -57.52
CA GLU H 3253 -90.53 -100.55 -56.18
C GLU H 3253 -89.81 -99.36 -55.58
N ILE H 3254 -88.49 -99.48 -55.40
CA ILE H 3254 -87.76 -98.44 -54.69
C ILE H 3254 -88.04 -97.08 -55.31
N GLY H 3255 -88.16 -97.03 -56.64
CA GLY H 3255 -88.61 -95.79 -57.27
C GLY H 3255 -89.99 -95.36 -56.80
N GLY H 3256 -90.93 -96.32 -56.71
CA GLY H 3256 -92.28 -95.96 -56.30
C GLY H 3256 -92.34 -95.42 -54.88
N LEU H 3257 -91.68 -96.10 -53.96
CA LEU H 3257 -91.62 -95.61 -52.58
C LEU H 3257 -90.92 -94.27 -52.50
N ALA H 3258 -89.82 -94.10 -53.24
CA ALA H 3258 -89.13 -92.80 -53.22
C ALA H 3258 -90.06 -91.70 -53.69
N GLU H 3259 -90.80 -91.93 -54.78
CA GLU H 3259 -91.73 -90.91 -55.26
C GLU H 3259 -92.82 -90.64 -54.23
N SER H 3260 -93.34 -91.69 -53.61
CA SER H 3260 -94.31 -91.49 -52.54
C SER H 3260 -93.72 -90.65 -51.42
N GLY H 3261 -92.41 -90.70 -51.24
CA GLY H 3261 -91.75 -89.94 -50.20
C GLY H 3261 -92.18 -90.35 -48.81
N ALA H 3262 -92.45 -91.64 -48.64
CA ALA H 3262 -92.83 -92.15 -47.33
C ALA H 3262 -91.67 -92.08 -46.36
N ARG H 3263 -91.94 -92.43 -45.11
CA ARG H 3263 -91.02 -92.18 -44.01
C ARG H 3263 -90.16 -93.42 -43.73
N TYR H 3264 -89.07 -93.18 -43.00
CA TYR H 3264 -88.20 -94.28 -42.59
C TYR H 3264 -88.98 -95.30 -41.79
N THR H 3265 -89.81 -94.84 -40.86
CA THR H 3265 -90.70 -95.74 -40.12
C THR H 3265 -91.62 -96.48 -41.08
N GLU H 3266 -92.08 -95.81 -42.13
CA GLU H 3266 -92.98 -96.45 -43.08
C GLU H 3266 -92.29 -97.61 -43.77
N MET H 3267 -91.00 -97.46 -44.07
CA MET H 3267 -90.23 -98.45 -44.80
C MET H 3267 -88.89 -98.70 -44.09
N PRO H 3268 -88.93 -99.18 -42.84
CA PRO H 3268 -87.68 -99.32 -42.08
C PRO H 3268 -86.74 -100.35 -42.70
N HIS H 3269 -87.31 -101.45 -43.18
CA HIS H 3269 -86.49 -102.51 -43.77
C HIS H 3269 -85.76 -102.02 -45.01
N VAL H 3270 -86.45 -101.26 -45.87
CA VAL H 3270 -85.88 -100.91 -47.16
C VAL H 3270 -84.54 -100.21 -46.98
N ILE H 3271 -84.54 -99.05 -46.34
CA ILE H 3271 -83.30 -98.28 -46.22
C ILE H 3271 -82.23 -99.09 -45.52
N GLU H 3272 -82.58 -99.79 -44.46
CA GLU H 3272 -81.56 -100.44 -43.63
C GLU H 3272 -80.90 -101.63 -44.31
N ILE H 3273 -81.62 -102.36 -45.16
CA ILE H 3273 -81.09 -103.58 -45.77
C ILE H 3273 -81.04 -103.48 -47.29
N THR H 3274 -82.18 -103.23 -47.93
CA THR H 3274 -82.23 -103.31 -49.39
C THR H 3274 -81.31 -102.28 -50.02
N LEU H 3275 -81.34 -101.05 -49.50
CA LEU H 3275 -80.51 -100.01 -50.09
C LEU H 3275 -79.03 -100.34 -50.02
N PRO H 3276 -78.45 -100.69 -48.86
CA PRO H 3276 -77.05 -101.13 -48.87
C PRO H 3276 -76.81 -102.27 -49.84
N MET H 3277 -77.69 -103.27 -49.82
CA MET H 3277 -77.55 -104.39 -50.75
C MET H 3277 -77.41 -103.90 -52.17
N LEU H 3278 -78.35 -103.07 -52.61
CA LEU H 3278 -78.42 -102.69 -54.01
C LEU H 3278 -77.28 -101.75 -54.41
N CYS H 3279 -76.91 -100.81 -53.54
CA CYS H 3279 -75.83 -99.90 -53.89
C CYS H 3279 -74.48 -100.59 -53.89
N SER H 3280 -74.31 -101.62 -53.06
CA SER H 3280 -73.12 -102.46 -53.17
C SER H 3280 -73.20 -103.43 -54.33
N TYR H 3281 -74.41 -103.76 -54.79
CA TYR H 3281 -74.57 -104.71 -55.88
C TYR H 3281 -74.23 -104.08 -57.23
N LEU H 3282 -74.80 -102.91 -57.51
CA LEU H 3282 -74.60 -102.30 -58.83
C LEU H 3282 -73.12 -102.16 -59.17
N PRO H 3283 -72.27 -101.61 -58.31
CA PRO H 3283 -70.86 -101.44 -58.69
C PRO H 3283 -70.18 -102.76 -59.02
N ARG H 3284 -70.39 -103.79 -58.21
CA ARG H 3284 -69.68 -105.05 -58.42
C ARG H 3284 -70.01 -105.66 -59.76
N TRP H 3285 -71.29 -105.63 -60.14
CA TRP H 3285 -71.74 -106.27 -61.36
C TRP H 3285 -71.72 -105.34 -62.57
N TRP H 3286 -71.44 -104.05 -62.38
CA TRP H 3286 -71.40 -103.15 -63.51
C TRP H 3286 -70.31 -103.55 -64.49
N GLU H 3287 -69.12 -103.83 -63.99
CA GLU H 3287 -68.02 -104.25 -64.86
C GLU H 3287 -68.32 -105.58 -65.53
N ARG H 3288 -68.87 -106.53 -64.76
CA ARG H 3288 -69.24 -107.82 -65.35
C ARG H 3288 -70.29 -107.65 -66.44
N GLY H 3289 -71.14 -106.65 -66.33
CA GLY H 3289 -72.18 -106.42 -67.31
C GLY H 3289 -71.69 -105.65 -68.50
N PRO H 3290 -72.60 -105.39 -69.43
CA PRO H 3290 -72.24 -104.62 -70.62
C PRO H 3290 -72.02 -103.15 -70.28
N GLU H 3291 -71.74 -102.36 -71.32
CA GLU H 3291 -71.54 -100.92 -71.18
C GLU H 3291 -70.33 -100.60 -70.32
N ALA H 3292 -69.44 -101.57 -70.11
CA ALA H 3292 -68.25 -101.38 -69.30
C ALA H 3292 -67.00 -101.60 -70.15
N PRO H 3293 -65.85 -101.10 -69.74
CA PRO H 3293 -64.62 -101.37 -70.47
C PRO H 3293 -64.48 -102.85 -70.75
N PRO H 3294 -64.56 -103.27 -72.01
CA PRO H 3294 -64.48 -104.69 -72.35
C PRO H 3294 -63.06 -105.11 -72.67
N PRO H 3295 -62.21 -105.41 -71.67
CA PRO H 3295 -60.85 -105.81 -71.98
C PRO H 3295 -60.78 -107.00 -72.93
N ALA H 3296 -61.73 -107.92 -72.84
CA ALA H 3296 -61.77 -109.10 -73.68
C ALA H 3296 -62.60 -108.92 -74.94
N LEU H 3297 -62.81 -107.67 -75.36
CA LEU H 3297 -63.60 -107.44 -76.58
C LEU H 3297 -63.03 -108.15 -77.79
N PRO H 3298 -61.72 -108.08 -78.09
CA PRO H 3298 -61.23 -108.74 -79.31
C PRO H 3298 -61.55 -110.23 -79.37
N ALA H 3299 -61.45 -110.92 -78.24
CA ALA H 3299 -61.76 -112.34 -78.20
C ALA H 3299 -63.27 -112.55 -78.11
N GLY H 3300 -63.70 -113.75 -78.45
CA GLY H 3300 -65.11 -114.10 -78.33
C GLY H 3300 -65.58 -113.93 -76.91
N ALA H 3301 -66.59 -113.08 -76.70
CA ALA H 3301 -67.06 -112.74 -75.39
C ALA H 3301 -68.46 -113.30 -75.17
N PRO H 3302 -68.68 -114.18 -74.19
CA PRO H 3302 -70.03 -114.63 -73.92
C PRO H 3302 -70.88 -113.47 -73.42
N PRO H 3303 -72.19 -113.50 -73.66
CA PRO H 3303 -73.03 -112.40 -73.21
C PRO H 3303 -72.92 -112.22 -71.71
N PRO H 3304 -72.88 -110.99 -71.22
CA PRO H 3304 -72.69 -110.78 -69.78
C PRO H 3304 -73.80 -111.43 -68.97
N CYS H 3305 -73.41 -112.02 -67.83
CA CYS H 3305 -74.37 -112.66 -66.96
C CYS H 3305 -75.35 -111.65 -66.39
N THR H 3306 -74.88 -110.43 -66.13
CA THR H 3306 -75.75 -109.37 -65.63
C THR H 3306 -76.08 -108.38 -66.73
N ALA H 3307 -77.21 -107.71 -66.56
CA ALA H 3307 -77.68 -106.69 -67.50
C ALA H 3307 -77.58 -105.29 -66.92
N VAL H 3308 -76.80 -105.11 -65.85
CA VAL H 3308 -76.72 -103.81 -65.19
C VAL H 3308 -76.19 -102.76 -66.17
N THR H 3309 -76.75 -101.56 -66.09
CA THR H 3309 -76.33 -100.44 -66.91
C THR H 3309 -76.26 -99.18 -66.05
N SER H 3310 -75.45 -98.22 -66.50
CA SER H 3310 -75.24 -97.01 -65.73
C SER H 3310 -76.54 -96.26 -65.46
N ASP H 3311 -77.53 -96.38 -66.34
CA ASP H 3311 -78.80 -95.72 -66.10
C ASP H 3311 -79.51 -96.27 -64.85
N HIS H 3312 -79.39 -97.57 -64.61
CA HIS H 3312 -79.92 -98.13 -63.38
C HIS H 3312 -79.28 -97.48 -62.16
N LEU H 3313 -77.96 -97.33 -62.18
CA LEU H 3313 -77.27 -96.70 -61.06
C LEU H 3313 -77.70 -95.24 -60.91
N ASN H 3314 -77.83 -94.53 -62.02
CA ASN H 3314 -78.27 -93.13 -61.95
C ASN H 3314 -79.66 -93.02 -61.33
N SER H 3315 -80.59 -93.85 -61.78
CA SER H 3315 -81.94 -93.84 -61.21
C SER H 3315 -81.89 -94.19 -59.74
N LEU H 3316 -81.07 -95.18 -59.37
CA LEU H 3316 -80.95 -95.54 -57.97
C LEU H 3316 -80.50 -94.33 -57.14
N LEU H 3317 -79.41 -93.68 -57.56
CA LEU H 3317 -78.89 -92.54 -56.83
C LEU H 3317 -79.91 -91.42 -56.72
N GLY H 3318 -80.64 -91.13 -57.80
CA GLY H 3318 -81.74 -90.19 -57.69
C GLY H 3318 -82.75 -90.62 -56.65
N ASN H 3319 -83.02 -91.92 -56.55
CA ASN H 3319 -83.95 -92.39 -55.55
C ASN H 3319 -83.43 -92.08 -54.15
N ILE H 3320 -82.20 -92.49 -53.85
CA ILE H 3320 -81.64 -92.23 -52.52
C ILE H 3320 -81.71 -90.74 -52.20
N LEU H 3321 -81.32 -89.89 -53.15
CA LEU H 3321 -81.44 -88.46 -52.92
C LEU H 3321 -82.87 -88.09 -52.56
N ARG H 3322 -83.85 -88.69 -53.24
CA ARG H 3322 -85.24 -88.38 -52.96
C ARG H 3322 -85.62 -88.80 -51.54
N ILE H 3323 -85.20 -89.99 -51.12
CA ILE H 3323 -85.54 -90.45 -49.77
C ILE H 3323 -84.95 -89.51 -48.71
N ILE H 3324 -83.67 -89.16 -48.85
CA ILE H 3324 -83.08 -88.26 -47.85
C ILE H 3324 -83.76 -86.90 -47.88
N VAL H 3325 -84.00 -86.33 -49.07
CA VAL H 3325 -84.60 -85.00 -49.12
C VAL H 3325 -85.99 -85.03 -48.49
N ASN H 3326 -86.73 -86.13 -48.70
CA ASN H 3326 -88.02 -86.27 -48.06
C ASN H 3326 -87.87 -86.36 -46.54
N ASN H 3327 -86.87 -87.08 -46.07
CA ASN H 3327 -86.68 -87.30 -44.64
C ASN H 3327 -85.98 -86.14 -43.94
N LEU H 3328 -85.61 -85.10 -44.67
CA LEU H 3328 -84.96 -83.96 -44.03
C LEU H 3328 -85.83 -83.38 -42.94
N GLY H 3329 -85.18 -82.90 -41.87
CA GLY H 3329 -85.87 -82.20 -40.81
C GLY H 3329 -86.42 -83.07 -39.70
N ILE H 3330 -86.35 -84.40 -39.84
CA ILE H 3330 -86.87 -85.27 -38.80
C ILE H 3330 -85.92 -85.26 -37.60
N ASP H 3331 -86.47 -85.53 -36.42
CA ASP H 3331 -85.69 -85.40 -35.19
C ASP H 3331 -84.52 -86.37 -35.17
N GLU H 3332 -84.74 -87.63 -35.56
CA GLU H 3332 -83.70 -88.65 -35.51
C GLU H 3332 -83.71 -89.47 -36.79
N ALA H 3333 -82.56 -89.51 -37.47
CA ALA H 3333 -82.37 -90.25 -38.71
C ALA H 3333 -81.00 -90.92 -38.69
N SER H 3334 -80.68 -91.56 -37.56
CA SER H 3334 -79.35 -92.16 -37.40
C SER H 3334 -79.00 -93.09 -38.56
N TRP H 3335 -80.01 -93.73 -39.14
CA TRP H 3335 -79.78 -94.59 -40.30
C TRP H 3335 -79.18 -93.81 -41.46
N MET H 3336 -79.38 -92.48 -41.45
CA MET H 3336 -79.05 -91.67 -42.62
C MET H 3336 -77.55 -91.67 -42.91
N LYS H 3337 -76.72 -91.56 -41.87
CA LYS H 3337 -75.29 -91.55 -42.08
C LYS H 3337 -74.80 -92.89 -42.63
N ARG H 3338 -75.34 -93.98 -42.11
CA ARG H 3338 -75.00 -95.30 -42.65
C ARG H 3338 -75.40 -95.40 -44.11
N LEU H 3339 -76.59 -94.90 -44.45
CA LEU H 3339 -77.04 -94.93 -45.84
C LEU H 3339 -76.09 -94.12 -46.71
N ALA H 3340 -75.66 -92.96 -46.25
CA ALA H 3340 -74.78 -92.11 -47.03
C ALA H 3340 -73.45 -92.82 -47.29
N VAL H 3341 -72.87 -93.42 -46.26
CA VAL H 3341 -71.59 -94.10 -46.45
C VAL H 3341 -71.76 -95.29 -47.38
N PHE H 3342 -72.87 -96.03 -47.24
CA PHE H 3342 -73.10 -97.17 -48.12
C PHE H 3342 -73.32 -96.73 -49.56
N ALA H 3343 -73.87 -95.53 -49.75
CA ALA H 3343 -74.18 -95.06 -51.09
C ALA H 3343 -73.05 -94.26 -51.73
N GLN H 3344 -72.00 -93.93 -50.98
CA GLN H 3344 -70.87 -93.24 -51.60
C GLN H 3344 -70.36 -93.96 -52.84
N PRO H 3345 -70.17 -95.28 -52.85
CA PRO H 3345 -69.52 -95.91 -54.01
C PRO H 3345 -70.23 -95.66 -55.34
N ILE H 3346 -71.56 -95.63 -55.35
CA ILE H 3346 -72.28 -95.55 -56.62
C ILE H 3346 -72.06 -94.20 -57.28
N VAL H 3347 -71.91 -93.14 -56.49
CA VAL H 3347 -71.94 -91.79 -57.03
C VAL H 3347 -70.90 -91.60 -58.12
N SER H 3348 -69.82 -92.39 -58.08
CA SER H 3348 -68.71 -92.19 -59.00
C SER H 3348 -69.19 -92.16 -60.45
N ARG H 3349 -70.16 -93.00 -60.80
CA ARG H 3349 -70.63 -93.12 -62.17
C ARG H 3349 -71.89 -92.31 -62.44
N ALA H 3350 -72.30 -91.44 -61.53
CA ALA H 3350 -73.53 -90.69 -61.71
C ALA H 3350 -73.46 -89.83 -62.97
N ARG H 3351 -74.58 -89.79 -63.70
CA ARG H 3351 -74.64 -89.01 -64.93
C ARG H 3351 -74.80 -87.53 -64.61
N PRO H 3352 -74.27 -86.64 -65.46
CA PRO H 3352 -74.22 -85.21 -65.09
C PRO H 3352 -75.58 -84.60 -64.77
N GLU H 3353 -76.65 -85.01 -65.48
CA GLU H 3353 -77.93 -84.34 -65.31
C GLU H 3353 -78.48 -84.46 -63.90
N LEU H 3354 -77.94 -85.38 -63.10
CA LEU H 3354 -78.38 -85.49 -61.72
C LEU H 3354 -78.22 -84.18 -60.96
N LEU H 3355 -77.15 -83.43 -61.24
CA LEU H 3355 -76.93 -82.18 -60.53
C LEU H 3355 -78.13 -81.26 -60.64
N ARG H 3356 -78.65 -81.08 -61.85
CA ARG H 3356 -79.81 -80.23 -62.06
C ARG H 3356 -81.10 -80.88 -61.61
N SER H 3357 -81.24 -82.19 -61.79
CA SER H 3357 -82.52 -82.83 -61.49
C SER H 3357 -82.77 -82.91 -59.98
N HIS H 3358 -81.75 -83.31 -59.21
CA HIS H 3358 -81.94 -83.64 -57.81
C HIS H 3358 -81.13 -82.76 -56.86
N PHE H 3359 -79.83 -82.61 -57.11
CA PHE H 3359 -78.96 -81.98 -56.13
C PHE H 3359 -79.38 -80.54 -55.85
N ILE H 3360 -79.52 -79.73 -56.91
CA ILE H 3360 -79.71 -78.29 -56.71
C ILE H 3360 -80.95 -78.00 -55.86
N PRO H 3361 -82.13 -78.52 -56.19
CA PRO H 3361 -83.27 -78.31 -55.28
C PRO H 3361 -83.03 -78.89 -53.91
N THR H 3362 -82.35 -80.03 -53.84
CA THR H 3362 -82.12 -80.69 -52.55
C THR H 3362 -81.28 -79.81 -51.64
N ILE H 3363 -80.14 -79.34 -52.12
CA ILE H 3363 -79.28 -78.50 -51.30
C ILE H 3363 -79.92 -77.13 -51.09
N GLY H 3364 -80.76 -76.70 -52.04
CA GLY H 3364 -81.45 -75.43 -51.86
C GLY H 3364 -82.44 -75.44 -50.72
N ARG H 3365 -83.20 -76.53 -50.57
CA ARG H 3365 -84.09 -76.62 -49.42
C ARG H 3365 -83.29 -76.49 -48.12
N LEU H 3366 -82.13 -77.15 -48.05
CA LEU H 3366 -81.31 -77.06 -46.86
C LEU H 3366 -80.77 -75.64 -46.67
N ARG H 3367 -80.46 -74.95 -47.76
CA ARG H 3367 -80.02 -73.56 -47.66
C ARG H 3367 -81.13 -72.69 -47.07
N LYS H 3368 -82.36 -72.90 -47.54
CA LYS H 3368 -83.50 -72.16 -46.99
C LYS H 3368 -83.67 -72.47 -45.51
N ARG H 3369 -83.54 -73.74 -45.13
CA ARG H 3369 -83.64 -74.10 -43.72
C ARG H 3369 -82.55 -73.42 -42.90
N ALA H 3370 -81.34 -73.35 -43.44
CA ALA H 3370 -80.25 -72.66 -42.76
C ALA H 3370 -80.59 -71.19 -42.58
N GLY H 3371 -81.13 -70.56 -43.61
CA GLY H 3371 -81.54 -69.17 -43.48
C GLY H 3371 -82.58 -68.98 -42.39
N LYS H 3372 -83.59 -69.84 -42.36
CA LYS H 3372 -84.63 -69.73 -41.34
C LYS H 3372 -84.05 -69.91 -39.94
N VAL H 3373 -83.19 -70.92 -39.76
CA VAL H 3373 -82.68 -71.20 -38.43
C VAL H 3373 -81.74 -70.09 -37.98
N VAL H 3374 -80.94 -69.53 -38.88
CA VAL H 3374 -80.09 -68.40 -38.48
C VAL H 3374 -80.95 -67.18 -38.16
N ALA H 3375 -82.07 -67.00 -38.87
CA ALA H 3375 -82.98 -65.92 -38.51
C ALA H 3375 -83.49 -66.10 -37.09
N GLU H 3376 -83.90 -67.32 -36.75
CA GLU H 3376 -84.23 -67.62 -35.36
C GLU H 3376 -83.09 -67.29 -34.44
N GLU H 3377 -81.85 -67.56 -34.88
CA GLU H 3377 -80.69 -67.30 -34.05
C GLU H 3377 -80.51 -65.81 -33.77
N GLU H 3378 -80.65 -64.96 -34.78
CA GLU H 3378 -80.52 -63.52 -34.54
C GLU H 3378 -81.65 -63.01 -33.65
N GLN H 3379 -82.86 -63.52 -33.85
CA GLN H 3379 -83.95 -63.10 -32.97
C GLN H 3379 -83.68 -63.51 -31.54
N LEU H 3380 -83.15 -64.72 -31.34
CA LEU H 3380 -82.76 -65.15 -30.00
C LEU H 3380 -81.67 -64.25 -29.42
N ARG H 3381 -80.68 -63.90 -30.23
CA ARG H 3381 -79.63 -63.00 -29.78
C ARG H 3381 -80.22 -61.68 -29.31
N LEU H 3382 -81.18 -61.13 -30.06
CA LEU H 3382 -81.87 -59.92 -29.62
C LEU H 3382 -82.55 -60.16 -28.28
N GLU H 3383 -83.21 -61.31 -28.13
CA GLU H 3383 -83.77 -61.67 -26.84
C GLU H 3383 -82.65 -61.80 -25.81
N ALA H 3384 -82.96 -61.47 -24.55
CA ALA H 3384 -81.95 -61.38 -23.50
C ALA H 3384 -82.42 -62.05 -22.21
N LYS H 3385 -81.44 -62.47 -21.42
CA LYS H 3385 -81.67 -63.01 -20.06
C LYS H 3385 -82.51 -64.28 -20.18
N ALA H 3386 -83.62 -64.40 -19.45
CA ALA H 3386 -84.41 -65.62 -19.51
C ALA H 3386 -84.96 -65.84 -20.91
N GLU H 3387 -85.27 -64.76 -21.62
CA GLU H 3387 -85.73 -64.90 -23.00
C GLU H 3387 -84.64 -65.54 -23.86
N ALA H 3388 -83.39 -65.12 -23.67
CA ALA H 3388 -82.29 -65.74 -24.40
C ALA H 3388 -82.12 -67.19 -24.01
N GLU H 3389 -82.17 -67.49 -22.71
CA GLU H 3389 -81.95 -68.87 -22.27
C GLU H 3389 -83.03 -69.79 -22.82
N GLU H 3390 -84.29 -69.38 -22.75
CA GLU H 3390 -85.35 -70.14 -23.39
C GLU H 3390 -85.21 -70.01 -24.90
N GLY H 3391 -85.30 -71.13 -25.59
CA GLY H 3391 -85.06 -71.17 -27.02
C GLY H 3391 -83.61 -71.31 -27.41
N GLU H 3392 -82.68 -71.13 -26.48
CA GLU H 3392 -81.28 -71.40 -26.79
C GLU H 3392 -81.07 -72.88 -27.10
N LEU H 3393 -81.56 -73.75 -26.22
CA LEU H 3393 -81.50 -75.18 -26.49
C LEU H 3393 -82.32 -75.52 -27.73
N LEU H 3394 -83.40 -74.79 -27.98
CA LEU H 3394 -84.18 -75.00 -29.19
C LEU H 3394 -83.33 -74.79 -30.43
N VAL H 3395 -82.78 -73.59 -30.59
CA VAL H 3395 -81.95 -73.29 -31.76
C VAL H 3395 -80.78 -74.24 -31.81
N ARG H 3396 -80.26 -74.66 -30.65
CA ARG H 3396 -79.22 -75.67 -30.63
C ARG H 3396 -79.69 -76.96 -31.29
N ASP H 3397 -80.92 -77.38 -30.99
CA ASP H 3397 -81.45 -78.60 -31.57
C ASP H 3397 -81.65 -78.46 -33.08
N GLU H 3398 -82.17 -77.32 -33.52
CA GLU H 3398 -82.32 -77.13 -34.96
C GLU H 3398 -80.96 -77.14 -35.66
N PHE H 3399 -79.96 -76.50 -35.05
CA PHE H 3399 -78.62 -76.57 -35.62
C PHE H 3399 -78.12 -78.01 -35.68
N SER H 3400 -78.39 -78.79 -34.64
CA SER H 3400 -77.92 -80.17 -34.63
C SER H 3400 -78.57 -80.99 -35.74
N VAL H 3401 -79.88 -80.88 -35.91
CA VAL H 3401 -80.55 -81.65 -36.96
C VAL H 3401 -80.11 -81.18 -38.33
N LEU H 3402 -79.95 -79.87 -38.50
CA LEU H 3402 -79.48 -79.35 -39.77
C LEU H 3402 -78.08 -79.87 -40.07
N CYS H 3403 -77.21 -79.92 -39.06
CA CYS H 3403 -75.86 -80.44 -39.26
C CYS H 3403 -75.90 -81.91 -39.63
N ARG H 3404 -76.79 -82.67 -38.99
CA ARG H 3404 -76.94 -84.08 -39.36
C ARG H 3404 -77.30 -84.21 -40.82
N ASP H 3405 -78.34 -83.49 -41.26
CA ASP H 3405 -78.72 -83.53 -42.67
C ASP H 3405 -77.57 -83.08 -43.56
N LEU H 3406 -76.80 -82.10 -43.09
CA LEU H 3406 -75.77 -81.50 -43.91
C LEU H 3406 -74.63 -82.48 -44.17
N TYR H 3407 -74.13 -83.12 -43.11
CA TYR H 3407 -73.18 -84.21 -43.30
C TYR H 3407 -73.78 -85.32 -44.14
N ALA H 3408 -75.05 -85.65 -43.93
CA ALA H 3408 -75.64 -86.71 -44.73
C ALA H 3408 -75.55 -86.39 -46.21
N LEU H 3409 -75.87 -85.15 -46.59
CA LEU H 3409 -75.92 -84.81 -48.01
C LEU H 3409 -74.54 -84.66 -48.62
N TYR H 3410 -73.60 -83.98 -47.94
CA TYR H 3410 -72.35 -83.65 -48.61
C TYR H 3410 -71.60 -84.83 -49.21
N PRO H 3411 -71.17 -85.85 -48.47
CA PRO H 3411 -70.21 -86.80 -49.06
C PRO H 3411 -70.58 -87.24 -50.46
N LEU H 3412 -71.86 -87.53 -50.70
CA LEU H 3412 -72.31 -87.76 -52.06
C LEU H 3412 -71.97 -86.59 -52.96
N LEU H 3413 -72.26 -85.38 -52.51
CA LEU H 3413 -71.99 -84.19 -53.32
C LEU H 3413 -70.50 -84.03 -53.59
N ILE H 3414 -69.67 -84.27 -52.57
CA ILE H 3414 -68.23 -84.15 -52.74
C ILE H 3414 -67.74 -85.11 -53.80
N ARG H 3415 -68.13 -86.39 -53.68
CA ARG H 3415 -67.67 -87.38 -54.64
C ARG H 3415 -68.18 -87.06 -56.03
N TYR H 3416 -69.41 -86.57 -56.13
CA TYR H 3416 -69.94 -86.14 -57.42
C TYR H 3416 -69.11 -85.01 -58.01
N VAL H 3417 -68.75 -84.03 -57.18
CA VAL H 3417 -67.98 -82.88 -57.64
C VAL H 3417 -66.63 -83.34 -58.17
N ASP H 3418 -65.96 -84.22 -57.42
CA ASP H 3418 -64.67 -84.71 -57.87
C ASP H 3418 -64.76 -85.27 -59.28
N ASN H 3419 -65.82 -86.01 -59.57
CA ASN H 3419 -65.95 -86.62 -60.89
C ASN H 3419 -66.20 -85.57 -61.96
N ASN H 3420 -67.06 -84.60 -61.69
CA ASN H 3420 -67.52 -83.65 -62.70
C ASN H 3420 -66.82 -82.30 -62.61
N ARG H 3421 -65.90 -82.12 -61.65
CA ARG H 3421 -65.14 -80.88 -61.64
C ARG H 3421 -64.37 -80.67 -62.93
N ALA H 3422 -63.80 -81.72 -63.50
CA ALA H 3422 -63.11 -81.58 -64.77
C ALA H 3422 -64.04 -80.98 -65.82
N HIS H 3423 -65.24 -81.54 -65.95
CA HIS H 3423 -66.19 -81.03 -66.92
C HIS H 3423 -66.51 -79.56 -66.65
N TRP H 3424 -66.89 -79.24 -65.41
CA TRP H 3424 -67.32 -77.88 -65.11
C TRP H 3424 -66.20 -76.88 -65.35
N LEU H 3425 -64.99 -77.18 -64.89
CA LEU H 3425 -63.88 -76.25 -65.05
C LEU H 3425 -63.40 -76.19 -66.49
N THR H 3426 -63.63 -77.23 -67.29
CA THR H 3426 -63.28 -77.18 -68.70
C THR H 3426 -64.25 -76.29 -69.47
N GLU H 3427 -65.54 -76.41 -69.16
CA GLU H 3427 -66.56 -75.64 -69.85
C GLU H 3427 -67.45 -74.94 -68.84
N PRO H 3428 -67.75 -73.65 -69.01
CA PRO H 3428 -68.59 -72.94 -68.04
C PRO H 3428 -69.97 -73.59 -67.91
N ASN H 3429 -70.51 -73.57 -66.70
CA ASN H 3429 -71.80 -74.19 -66.40
C ASN H 3429 -72.61 -73.27 -65.52
N PRO H 3430 -73.72 -72.68 -66.00
CA PRO H 3430 -74.54 -71.84 -65.11
C PRO H 3430 -75.06 -72.60 -63.90
N ASN H 3431 -75.43 -73.86 -64.09
CA ASN H 3431 -75.91 -74.67 -62.96
C ASN H 3431 -74.80 -74.86 -61.93
N ALA H 3432 -73.58 -75.13 -62.40
CA ALA H 3432 -72.45 -75.26 -61.48
C ALA H 3432 -72.20 -73.96 -60.74
N GLU H 3433 -72.30 -72.83 -61.43
CA GLU H 3433 -72.11 -71.54 -60.77
C GLU H 3433 -73.17 -71.32 -59.70
N GLU H 3434 -74.42 -71.70 -60.00
CA GLU H 3434 -75.48 -71.59 -59.00
C GLU H 3434 -75.18 -72.48 -57.80
N LEU H 3435 -74.72 -73.70 -58.04
CA LEU H 3435 -74.36 -74.58 -56.94
C LEU H 3435 -73.26 -73.96 -56.10
N PHE H 3436 -72.30 -73.32 -56.75
CA PHE H 3436 -71.24 -72.63 -56.02
C PHE H 3436 -71.82 -71.53 -55.13
N ARG H 3437 -72.71 -70.72 -55.70
CA ARG H 3437 -73.34 -69.67 -54.91
C ARG H 3437 -74.01 -70.26 -53.68
N MET H 3438 -74.72 -71.37 -53.87
CA MET H 3438 -75.50 -71.97 -52.79
C MET H 3438 -74.60 -72.50 -51.69
N VAL H 3439 -73.59 -73.29 -52.06
CA VAL H 3439 -72.67 -73.82 -51.06
C VAL H 3439 -71.92 -72.69 -50.37
N GLY H 3440 -71.55 -71.66 -51.12
CA GLY H 3440 -70.91 -70.51 -50.50
C GLY H 3440 -71.78 -69.84 -49.47
N GLU H 3441 -73.07 -69.67 -49.77
CA GLU H 3441 -73.97 -69.09 -48.79
C GLU H 3441 -74.05 -69.96 -47.55
N ILE H 3442 -74.09 -71.28 -47.74
CA ILE H 3442 -74.10 -72.17 -46.58
C ILE H 3442 -72.85 -71.95 -45.74
N PHE H 3443 -71.69 -71.82 -46.39
CA PHE H 3443 -70.46 -71.59 -45.64
C PHE H 3443 -70.49 -70.22 -44.95
N ILE H 3444 -71.11 -69.23 -45.57
CA ILE H 3444 -71.24 -67.93 -44.94
C ILE H 3444 -72.01 -68.06 -43.64
N TYR H 3445 -73.13 -68.80 -43.68
CA TYR H 3445 -73.88 -69.03 -42.45
C TYR H 3445 -73.03 -69.77 -41.42
N TRP H 3446 -72.27 -70.77 -41.88
CA TRP H 3446 -71.39 -71.51 -40.97
C TRP H 3446 -70.44 -70.56 -40.25
N SER H 3447 -69.75 -69.72 -41.01
CA SER H 3447 -68.78 -68.81 -40.42
C SER H 3447 -69.45 -67.80 -39.51
N LYS H 3448 -70.61 -67.29 -39.91
CA LYS H 3448 -71.28 -66.27 -39.12
C LYS H 3448 -71.72 -66.83 -37.77
N SER H 3449 -72.28 -68.04 -37.76
CA SER H 3449 -72.88 -68.60 -36.56
C SER H 3449 -71.85 -69.44 -35.80
N HIS H 3450 -71.43 -68.96 -34.64
CA HIS H 3450 -70.56 -69.75 -33.78
C HIS H 3450 -71.29 -70.97 -33.24
N ASN H 3451 -72.55 -70.82 -32.85
CA ASN H 3451 -73.35 -71.96 -32.39
C ASN H 3451 -73.39 -73.04 -33.46
N PHE H 3452 -73.48 -72.64 -34.72
CA PHE H 3452 -73.50 -73.60 -35.81
C PHE H 3452 -72.22 -74.43 -35.82
N LYS H 3453 -71.07 -73.77 -35.62
CA LYS H 3453 -69.80 -74.48 -35.62
C LYS H 3453 -69.71 -75.46 -34.45
N ARG H 3454 -70.10 -75.02 -33.26
CA ARG H 3454 -70.01 -75.91 -32.11
C ARG H 3454 -70.92 -77.11 -32.29
N GLU H 3455 -72.11 -76.91 -32.85
CA GLU H 3455 -72.98 -78.05 -33.10
C GLU H 3455 -72.42 -78.95 -34.20
N GLU H 3456 -71.76 -78.37 -35.19
CA GLU H 3456 -71.02 -79.16 -36.16
C GLU H 3456 -70.05 -80.10 -35.46
N GLN H 3457 -69.24 -79.54 -34.56
CA GLN H 3457 -68.28 -80.36 -33.82
C GLN H 3457 -68.99 -81.39 -32.95
N ASN H 3458 -70.08 -80.99 -32.29
CA ASN H 3458 -70.80 -81.91 -31.43
C ASN H 3458 -71.29 -83.11 -32.21
N PHE H 3459 -71.87 -82.87 -33.39
CA PHE H 3459 -72.36 -84.00 -34.19
C PHE H 3459 -71.21 -84.87 -34.63
N VAL H 3460 -70.16 -84.28 -35.21
CA VAL H 3460 -69.09 -85.10 -35.76
C VAL H 3460 -68.43 -85.93 -34.66
N VAL H 3461 -68.41 -85.41 -33.43
CA VAL H 3461 -67.81 -86.16 -32.34
C VAL H 3461 -68.76 -87.22 -31.81
N GLN H 3462 -69.99 -86.83 -31.50
CA GLN H 3462 -70.93 -87.75 -30.88
C GLN H 3462 -71.23 -88.95 -31.77
N ASN H 3463 -71.43 -88.71 -33.07
CA ASN H 3463 -71.81 -89.78 -33.98
C ASN H 3463 -70.61 -90.55 -34.52
N GLU H 3464 -69.41 -90.32 -33.97
CA GLU H 3464 -68.22 -91.09 -34.32
C GLU H 3464 -67.95 -91.07 -35.82
N ILE H 3465 -68.33 -89.98 -36.49
CA ILE H 3465 -68.10 -89.90 -37.93
C ILE H 3465 -66.63 -89.73 -38.21
N ASN H 3466 -66.09 -90.58 -39.08
CA ASN H 3466 -64.73 -90.43 -39.57
C ASN H 3466 -64.75 -89.47 -40.75
N ASN H 3467 -64.41 -88.20 -40.49
CA ASN H 3467 -64.67 -87.16 -41.46
C ASN H 3467 -63.74 -87.27 -42.66
N MET H 3468 -62.50 -87.70 -42.45
CA MET H 3468 -61.55 -87.80 -43.55
C MET H 3468 -61.87 -88.96 -44.49
N SER H 3469 -62.51 -90.01 -43.97
CA SER H 3469 -62.85 -91.16 -44.81
C SER H 3469 -63.77 -90.75 -45.95
N PHE H 3470 -64.77 -89.91 -45.65
CA PHE H 3470 -65.68 -89.45 -46.70
C PHE H 3470 -64.91 -88.63 -47.74
N LEU H 3471 -63.99 -87.77 -47.29
CA LEU H 3471 -63.20 -86.98 -48.22
C LEU H 3471 -62.39 -87.88 -49.14
N THR H 3472 -61.77 -88.92 -48.59
CA THR H 3472 -60.99 -89.85 -49.40
C THR H 3472 -61.88 -90.93 -49.99
N TYR H 3504 -62.22 -83.60 -34.18
CA TYR H 3504 -61.87 -83.44 -35.59
C TYR H 3504 -61.71 -81.96 -35.93
N SER H 3505 -60.78 -81.66 -36.84
CA SER H 3505 -60.38 -80.29 -37.08
C SER H 3505 -61.34 -79.58 -38.04
N VAL H 3506 -61.28 -78.25 -38.02
CA VAL H 3506 -62.10 -77.46 -38.93
C VAL H 3506 -61.74 -77.78 -40.37
N GLN H 3507 -60.45 -77.91 -40.68
CA GLN H 3507 -60.04 -78.31 -42.02
C GLN H 3507 -60.74 -79.61 -42.41
N THR H 3508 -60.88 -80.53 -41.47
CA THR H 3508 -61.60 -81.77 -41.72
C THR H 3508 -63.10 -81.54 -41.86
N SER H 3509 -63.62 -80.45 -41.29
CA SER H 3509 -65.05 -80.19 -41.36
C SER H 3509 -65.52 -80.20 -42.82
N LEU H 3510 -66.64 -80.89 -43.07
CA LEU H 3510 -67.12 -81.06 -44.44
C LEU H 3510 -67.46 -79.73 -45.07
N ILE H 3511 -68.14 -78.85 -44.33
CA ILE H 3511 -68.63 -77.60 -44.92
C ILE H 3511 -67.49 -76.83 -45.56
N VAL H 3512 -66.41 -76.61 -44.81
CA VAL H 3512 -65.26 -75.91 -45.39
C VAL H 3512 -64.62 -76.75 -46.48
N ALA H 3513 -64.60 -78.06 -46.30
CA ALA H 3513 -64.07 -78.93 -47.34
C ALA H 3513 -64.90 -78.80 -48.62
N THR H 3514 -66.23 -78.82 -48.50
CA THR H 3514 -67.08 -78.68 -49.67
C THR H 3514 -66.84 -77.33 -50.34
N LEU H 3515 -66.75 -76.27 -49.54
CA LEU H 3515 -66.53 -74.94 -50.12
C LEU H 3515 -65.20 -74.90 -50.85
N LYS H 3516 -64.16 -75.47 -50.27
CA LYS H 3516 -62.86 -75.47 -50.94
C LYS H 3516 -62.90 -76.28 -52.23
N LYS H 3517 -63.63 -77.40 -52.21
CA LYS H 3517 -63.69 -78.25 -53.40
C LYS H 3517 -64.42 -77.55 -54.53
N MET H 3518 -65.46 -76.77 -54.22
CA MET H 3518 -66.19 -76.05 -55.26
C MET H 3518 -65.60 -74.69 -55.59
N LEU H 3519 -64.76 -74.12 -54.73
CA LEU H 3519 -64.28 -72.76 -54.96
C LEU H 3519 -63.60 -72.58 -56.31
N PRO H 3520 -62.79 -73.52 -56.80
CA PRO H 3520 -62.19 -73.34 -58.12
C PRO H 3520 -63.21 -72.99 -59.19
N ILE H 3521 -64.41 -73.55 -59.12
CA ILE H 3521 -65.44 -73.19 -60.09
C ILE H 3521 -65.83 -71.73 -59.92
N GLY H 3522 -65.97 -71.28 -58.68
CA GLY H 3522 -66.29 -69.88 -58.44
C GLY H 3522 -65.24 -68.95 -59.01
N LEU H 3523 -63.97 -69.28 -58.80
CA LEU H 3523 -62.91 -68.47 -59.37
C LEU H 3523 -62.94 -68.52 -60.90
N ASN H 3524 -63.15 -69.71 -61.45
CA ASN H 3524 -63.13 -69.87 -62.91
C ASN H 3524 -64.22 -69.03 -63.56
N MET H 3525 -65.43 -69.06 -63.02
CA MET H 3525 -66.52 -68.33 -63.63
C MET H 3525 -66.32 -66.82 -63.55
N CYS H 3526 -65.34 -66.37 -62.77
CA CYS H 3526 -65.02 -64.95 -62.72
C CYS H 3526 -63.99 -64.59 -63.78
N ALA H 3527 -63.91 -63.31 -64.10
CA ALA H 3527 -62.92 -62.84 -65.05
C ALA H 3527 -61.62 -62.49 -64.35
N PRO H 3528 -60.47 -62.78 -64.97
CA PRO H 3528 -59.20 -62.46 -64.31
C PRO H 3528 -59.05 -60.99 -63.97
N THR H 3529 -59.52 -60.10 -64.85
CA THR H 3529 -59.37 -58.68 -64.63
C THR H 3529 -59.95 -58.26 -63.30
N ASP H 3530 -61.07 -58.86 -62.90
CA ASP H 3530 -61.86 -58.40 -61.77
C ASP H 3530 -61.23 -58.76 -60.42
N GLN H 3531 -60.02 -59.31 -60.41
CA GLN H 3531 -59.41 -59.74 -59.16
C GLN H 3531 -59.15 -58.56 -58.21
N ASP H 3532 -58.78 -57.40 -58.76
CA ASP H 3532 -58.59 -56.23 -57.91
C ASP H 3532 -59.89 -55.86 -57.19
N LEU H 3533 -61.02 -56.01 -57.87
CA LEU H 3533 -62.30 -55.75 -57.23
C LEU H 3533 -62.51 -56.69 -56.06
N ILE H 3534 -62.12 -57.95 -56.20
CA ILE H 3534 -62.20 -58.88 -55.08
C ILE H 3534 -61.27 -58.45 -53.96
N VAL H 3535 -60.08 -57.97 -54.32
CA VAL H 3535 -59.13 -57.50 -53.30
C VAL H 3535 -59.76 -56.37 -52.50
N LEU H 3536 -60.48 -55.47 -53.15
CA LEU H 3536 -61.14 -54.38 -52.44
C LEU H 3536 -62.34 -54.88 -51.64
N ALA H 3537 -63.09 -55.84 -52.19
CA ALA H 3537 -64.25 -56.35 -51.49
C ALA H 3537 -63.86 -57.08 -50.21
N LYS H 3538 -62.75 -57.81 -50.23
CA LYS H 3538 -62.27 -58.45 -49.01
C LYS H 3538 -61.91 -57.42 -47.95
N ALA H 3539 -61.32 -56.30 -48.35
CA ALA H 3539 -61.05 -55.22 -47.40
C ALA H 3539 -62.35 -54.68 -46.82
N ARG H 3540 -63.36 -54.49 -47.66
CA ARG H 3540 -64.64 -54.00 -47.16
C ARG H 3540 -65.25 -54.99 -46.16
N TYR H 3541 -65.16 -56.28 -46.47
CA TYR H 3541 -65.65 -57.30 -45.54
C TYR H 3541 -64.87 -57.29 -44.23
N ALA H 3542 -63.55 -57.11 -44.29
CA ALA H 3542 -62.80 -56.90 -43.05
C ALA H 3542 -63.34 -55.69 -42.30
N LEU H 3543 -63.71 -54.64 -43.05
CA LEU H 3543 -64.39 -53.49 -42.46
C LEU H 3543 -65.78 -53.85 -41.92
N LYS H 3544 -66.31 -55.01 -42.28
CA LYS H 3544 -67.58 -55.52 -41.76
C LYS H 3544 -68.77 -54.78 -42.37
N ASP H 3545 -68.63 -54.31 -43.61
CA ASP H 3545 -69.73 -53.64 -44.27
C ASP H 3545 -70.81 -54.65 -44.66
N THR H 3546 -72.04 -54.15 -44.81
CA THR H 3546 -73.17 -54.99 -45.18
C THR H 3546 -73.02 -55.45 -46.63
N ASP H 3547 -73.73 -56.53 -46.97
CA ASP H 3547 -73.65 -57.06 -48.32
C ASP H 3547 -74.11 -56.04 -49.34
N GLU H 3548 -75.23 -55.37 -49.08
CA GLU H 3548 -75.69 -54.33 -49.99
C GLU H 3548 -74.68 -53.19 -50.05
N GLU H 3549 -74.05 -52.89 -48.93
CA GLU H 3549 -73.05 -51.82 -48.91
C GLU H 3549 -71.87 -52.16 -49.82
N VAL H 3550 -71.41 -53.41 -49.78
CA VAL H 3550 -70.27 -53.79 -50.63
C VAL H 3550 -70.70 -53.85 -52.10
N ARG H 3551 -71.92 -54.32 -52.37
CA ARG H 3551 -72.41 -54.25 -53.74
C ARG H 3551 -72.40 -52.81 -54.25
N GLU H 3552 -72.88 -51.87 -53.44
CA GLU H 3552 -72.90 -50.48 -53.86
C GLU H 3552 -71.49 -49.91 -53.99
N PHE H 3553 -70.58 -50.33 -53.11
CA PHE H 3553 -69.19 -49.92 -53.24
C PHE H 3553 -68.62 -50.33 -54.59
N LEU H 3554 -68.78 -51.60 -54.95
CA LEU H 3554 -68.30 -52.05 -56.26
C LEU H 3554 -69.04 -51.33 -57.38
N GLN H 3555 -70.34 -51.07 -57.20
CA GLN H 3555 -71.09 -50.38 -58.24
C GLN H 3555 -70.53 -49.00 -58.51
N ASN H 3556 -70.23 -48.25 -57.46
CA ASN H 3556 -69.72 -46.90 -57.66
C ASN H 3556 -68.26 -46.92 -58.12
N ASN H 3557 -67.53 -47.98 -57.76
CA ASN H 3557 -66.14 -48.14 -58.18
C ASN H 3557 -66.03 -49.01 -59.43
N LEU H 3558 -67.13 -49.15 -60.18
CA LEU H 3558 -67.17 -50.09 -61.30
C LEU H 3558 -66.06 -49.84 -62.32
N ASN H 3559 -65.63 -48.59 -62.49
CA ASN H 3559 -64.61 -48.27 -63.47
C ASN H 3559 -63.19 -48.38 -62.92
N LEU H 3560 -62.99 -49.17 -61.86
CA LEU H 3560 -61.67 -49.43 -61.31
C LEU H 3560 -61.12 -50.78 -61.80
N GLN H 3561 -61.53 -51.21 -62.98
CA GLN H 3561 -61.11 -52.51 -63.50
C GLN H 3561 -59.61 -52.52 -63.76
N GLY H 3562 -59.02 -53.71 -63.64
CA GLY H 3562 -57.61 -53.86 -63.93
C GLY H 3562 -57.32 -53.69 -65.41
N LYS H 3563 -56.09 -53.32 -65.72
CA LYS H 3563 -55.67 -53.05 -67.09
C LYS H 3563 -54.71 -54.13 -67.57
N VAL H 3564 -54.97 -54.68 -68.76
CA VAL H 3564 -54.09 -55.71 -69.31
C VAL H 3564 -52.70 -55.13 -69.55
N GLU H 3565 -52.62 -53.92 -70.09
CA GLU H 3565 -51.33 -53.30 -70.34
C GLU H 3565 -50.57 -53.09 -69.03
N GLY H 3566 -51.30 -52.94 -67.92
CA GLY H 3566 -50.64 -52.65 -66.66
C GLY H 3566 -49.65 -53.72 -66.24
N SER H 3567 -50.04 -54.98 -66.35
CA SER H 3567 -49.20 -56.10 -65.95
C SER H 3567 -49.20 -57.17 -67.03
N PRO H 3568 -48.11 -57.92 -67.19
CA PRO H 3568 -48.11 -58.97 -68.22
C PRO H 3568 -48.96 -60.17 -67.86
N SER H 3569 -48.95 -60.60 -66.59
CA SER H 3569 -49.69 -61.79 -66.21
C SER H 3569 -51.13 -61.72 -66.70
N LEU H 3570 -51.74 -60.55 -66.58
CA LEU H 3570 -53.09 -60.35 -67.08
C LEU H 3570 -53.18 -60.67 -68.57
N ARG H 3571 -52.08 -60.53 -69.31
CA ARG H 3571 -52.12 -60.85 -70.73
C ARG H 3571 -52.44 -62.31 -70.99
N TRP H 3572 -51.70 -63.25 -70.38
CA TRP H 3572 -51.99 -64.65 -70.64
C TRP H 3572 -53.24 -65.10 -69.90
N GLN H 3573 -53.54 -64.47 -68.76
CA GLN H 3573 -54.85 -64.67 -68.15
C GLN H 3573 -55.95 -64.39 -69.17
N MET H 3574 -55.89 -63.23 -69.81
CA MET H 3574 -56.85 -62.83 -70.83
C MET H 3574 -56.84 -63.81 -71.99
N ALA H 3575 -55.65 -64.28 -72.37
CA ALA H 3575 -55.53 -65.21 -73.47
C ALA H 3575 -56.32 -66.48 -73.20
N LEU H 3576 -56.08 -67.11 -72.05
CA LEU H 3576 -56.81 -68.33 -71.69
C LEU H 3576 -58.30 -68.05 -71.56
N TYR H 3577 -58.64 -66.91 -70.97
CA TYR H 3577 -60.05 -66.57 -70.76
C TYR H 3577 -60.79 -66.49 -72.09
N ARG H 3578 -60.20 -65.80 -73.07
CA ARG H 3578 -60.77 -65.76 -74.41
C ARG H 3578 -60.75 -67.14 -75.07
N GLY H 3579 -59.68 -67.90 -74.90
CA GLY H 3579 -59.60 -69.20 -75.54
C GLY H 3579 -60.75 -70.10 -75.15
N VAL H 3580 -61.14 -70.05 -73.88
CA VAL H 3580 -62.36 -70.78 -73.49
C VAL H 3580 -63.56 -70.14 -74.20
N PRO H 3581 -64.47 -70.92 -74.78
CA PRO H 3581 -65.53 -70.31 -75.59
C PRO H 3581 -66.59 -69.64 -74.75
N GLY H 3582 -67.53 -68.98 -75.44
CA GLY H 3582 -68.70 -68.42 -74.82
C GLY H 3582 -68.45 -67.24 -73.92
N ARG H 3583 -67.24 -66.70 -73.88
CA ARG H 3583 -66.94 -65.63 -72.95
C ARG H 3583 -67.07 -64.26 -73.59
N GLU H 3584 -67.34 -64.21 -74.91
CA GLU H 3584 -67.61 -62.93 -75.54
C GLU H 3584 -68.84 -62.27 -74.94
N GLU H 3585 -69.77 -63.08 -74.44
CA GLU H 3585 -70.95 -62.57 -73.74
C GLU H 3585 -70.70 -62.33 -72.25
N ASP H 3586 -69.55 -62.74 -71.73
CA ASP H 3586 -69.23 -62.49 -70.33
C ASP H 3586 -68.88 -61.02 -70.13
N ALA H 3587 -69.07 -60.56 -68.89
CA ALA H 3587 -68.73 -59.20 -68.48
C ALA H 3587 -69.47 -58.15 -69.28
N ASP H 3588 -70.64 -58.49 -69.83
CA ASP H 3588 -71.41 -57.51 -70.59
C ASP H 3588 -72.08 -56.49 -69.69
N ASP H 3589 -72.38 -56.88 -68.44
CA ASP H 3589 -73.14 -56.01 -67.56
C ASP H 3589 -72.37 -55.73 -66.29
N PRO H 3590 -72.19 -54.45 -65.93
CA PRO H 3590 -71.54 -54.14 -64.64
C PRO H 3590 -72.28 -54.74 -63.46
N GLU H 3591 -73.60 -54.91 -63.56
CA GLU H 3591 -74.32 -55.58 -62.49
C GLU H 3591 -73.83 -57.01 -62.34
N LYS H 3592 -73.64 -57.72 -63.46
CA LYS H 3592 -73.05 -59.04 -63.40
C LYS H 3592 -71.67 -58.98 -62.77
N ILE H 3593 -70.86 -58.01 -63.18
CA ILE H 3593 -69.51 -57.90 -62.64
C ILE H 3593 -69.57 -57.78 -61.11
N VAL H 3594 -70.37 -56.84 -60.62
CA VAL H 3594 -70.39 -56.58 -59.18
C VAL H 3594 -70.99 -57.73 -58.40
N ARG H 3595 -72.09 -58.34 -58.87
CA ARG H 3595 -72.63 -59.48 -58.14
C ARG H 3595 -71.64 -60.63 -58.08
N ARG H 3596 -70.98 -60.92 -59.21
CA ARG H 3596 -70.00 -62.00 -59.23
C ARG H 3596 -68.86 -61.72 -58.25
N VAL H 3597 -68.30 -60.51 -58.31
CA VAL H 3597 -67.20 -60.16 -57.43
C VAL H 3597 -67.64 -60.24 -55.98
N GLN H 3598 -68.84 -59.75 -55.68
CA GLN H 3598 -69.30 -59.78 -54.30
C GLN H 3598 -69.44 -61.20 -53.79
N GLU H 3599 -70.03 -62.09 -54.60
CA GLU H 3599 -70.15 -63.48 -54.19
C GLU H 3599 -68.80 -64.08 -53.89
N VAL H 3600 -67.86 -63.96 -54.83
CA VAL H 3600 -66.56 -64.59 -54.64
C VAL H 3600 -65.86 -64.00 -53.43
N SER H 3601 -65.95 -62.68 -53.26
CA SER H 3601 -65.29 -62.03 -52.13
C SER H 3601 -65.87 -62.50 -50.81
N ALA H 3602 -67.20 -62.62 -50.74
CA ALA H 3602 -67.82 -63.14 -49.54
C ALA H 3602 -67.32 -64.53 -49.22
N VAL H 3603 -67.15 -65.37 -50.23
CA VAL H 3603 -66.58 -66.69 -49.99
C VAL H 3603 -65.15 -66.60 -49.46
N LEU H 3604 -64.28 -65.83 -50.14
CA LEU H 3604 -62.87 -65.79 -49.77
C LEU H 3604 -62.65 -65.19 -48.38
N TYR H 3605 -63.40 -64.15 -48.02
CA TYR H 3605 -63.15 -63.51 -46.74
C TYR H 3605 -63.38 -64.49 -45.59
N HIS H 3606 -64.50 -65.20 -45.64
CA HIS H 3606 -64.81 -66.15 -44.57
C HIS H 3606 -63.87 -67.35 -44.63
N LEU H 3607 -63.46 -67.75 -45.84
CA LEU H 3607 -62.47 -68.81 -45.94
C LEU H 3607 -61.17 -68.40 -45.25
N ASP H 3608 -60.76 -67.14 -45.44
CA ASP H 3608 -59.57 -66.64 -44.79
C ASP H 3608 -59.73 -66.61 -43.28
N GLN H 3609 -60.90 -66.16 -42.82
CA GLN H 3609 -61.16 -66.20 -41.38
C GLN H 3609 -60.99 -67.61 -40.83
N THR H 3610 -61.54 -68.59 -41.53
CA THR H 3610 -61.45 -69.97 -41.06
C THR H 3610 -60.00 -70.46 -41.05
N GLU H 3611 -59.29 -70.29 -42.16
CA GLU H 3611 -57.94 -70.84 -42.24
C GLU H 3611 -57.01 -70.17 -41.24
N HIS H 3612 -57.14 -68.85 -41.06
CA HIS H 3612 -56.30 -68.12 -40.13
C HIS H 3612 -57.17 -67.38 -39.12
N PRO H 3613 -57.08 -67.71 -37.82
CA PRO H 3613 -57.90 -67.01 -36.83
C PRO H 3613 -57.35 -65.63 -36.47
N ARG H 3629 -63.55 -79.79 -16.14
CA ARG H 3629 -64.48 -79.92 -15.03
C ARG H 3629 -63.91 -80.91 -14.01
N ARG H 3630 -63.09 -81.84 -14.51
CA ARG H 3630 -62.41 -82.77 -13.63
C ARG H 3630 -61.51 -82.03 -12.64
N ARG H 3631 -60.74 -81.06 -13.14
CA ARG H 3631 -59.93 -80.24 -12.26
C ARG H 3631 -60.80 -79.49 -11.27
N ALA H 3632 -61.92 -78.94 -11.73
CA ALA H 3632 -62.80 -78.19 -10.84
C ALA H 3632 -63.31 -79.06 -9.70
N VAL H 3633 -63.73 -80.29 -10.00
CA VAL H 3633 -64.28 -81.15 -8.96
C VAL H 3633 -63.18 -81.63 -8.00
N VAL H 3634 -62.00 -81.95 -8.53
CA VAL H 3634 -60.92 -82.37 -7.63
C VAL H 3634 -60.47 -81.20 -6.75
N ALA H 3635 -60.66 -79.96 -7.22
CA ALA H 3635 -60.29 -78.81 -6.41
C ALA H 3635 -61.03 -78.82 -5.08
N CYS H 3636 -62.22 -79.43 -5.04
CA CYS H 3636 -63.04 -79.45 -3.83
C CYS H 3636 -63.15 -80.83 -3.21
N PHE H 3637 -62.77 -81.89 -3.92
CA PHE H 3637 -62.80 -83.22 -3.30
C PHE H 3637 -61.97 -83.26 -2.02
N ARG H 3638 -60.91 -82.46 -1.95
CA ARG H 3638 -60.12 -82.42 -0.72
C ARG H 3638 -60.98 -82.03 0.47
N MET H 3639 -61.51 -80.81 0.46
CA MET H 3639 -62.59 -80.37 1.33
C MET H 3639 -62.13 -80.09 2.76
N THR H 3640 -60.93 -80.56 3.14
CA THR H 3640 -60.19 -80.12 4.31
C THR H 3640 -61.12 -79.61 5.44
N PRO H 3641 -62.06 -80.42 5.91
CA PRO H 3641 -63.13 -79.89 6.74
C PRO H 3641 -62.67 -79.53 8.15
N LEU H 3642 -63.25 -78.45 8.68
CA LEU H 3642 -63.01 -78.07 10.06
C LEU H 3642 -63.80 -78.93 11.03
N TYR H 3643 -65.03 -79.30 10.68
CA TYR H 3643 -65.89 -80.03 11.61
C TYR H 3643 -65.32 -81.38 12.01
N ASN H 3644 -64.44 -81.96 11.20
CA ASN H 3644 -63.84 -83.25 11.55
C ASN H 3644 -62.64 -83.10 12.47
N LEU H 3645 -62.18 -81.88 12.72
CA LEU H 3645 -60.94 -81.68 13.44
C LEU H 3645 -61.11 -82.03 14.91
N PRO H 3646 -60.08 -82.53 15.59
CA PRO H 3646 -60.21 -82.83 17.01
C PRO H 3646 -60.50 -81.58 17.83
N THR H 3647 -61.21 -81.78 18.93
CA THR H 3647 -61.73 -80.65 19.70
C THR H 3647 -60.60 -79.79 20.26
N HIS H 3648 -59.56 -80.41 20.80
CA HIS H 3648 -58.51 -79.63 21.46
C HIS H 3648 -57.77 -78.75 20.46
N ARG H 3649 -57.43 -79.29 19.29
CA ARG H 3649 -56.76 -78.47 18.28
C ARG H 3649 -57.64 -77.33 17.82
N ALA H 3650 -58.93 -77.60 17.61
CA ALA H 3650 -59.85 -76.56 17.19
C ALA H 3650 -59.95 -75.48 18.25
N CYS H 3651 -60.00 -75.86 19.52
CA CYS H 3651 -60.04 -74.87 20.58
C CYS H 3651 -58.76 -74.04 20.62
N ASN H 3652 -57.61 -74.69 20.43
CA ASN H 3652 -56.36 -73.96 20.44
C ASN H 3652 -56.31 -72.93 19.33
N MET H 3653 -56.82 -73.26 18.15
CA MET H 3653 -56.84 -72.25 17.09
C MET H 3653 -57.95 -71.22 17.33
N PHE H 3654 -59.04 -71.62 17.98
CA PHE H 3654 -60.11 -70.66 18.25
C PHE H 3654 -59.62 -69.58 19.19
N LEU H 3655 -58.83 -69.94 20.20
CA LEU H 3655 -58.28 -68.93 21.09
C LEU H 3655 -57.42 -67.94 20.30
N GLU H 3656 -56.59 -68.46 19.39
CA GLU H 3656 -55.77 -67.59 18.56
C GLU H 3656 -56.63 -66.65 17.73
N SER H 3657 -57.67 -67.18 17.08
CA SER H 3657 -58.50 -66.35 16.22
C SER H 3657 -59.24 -65.29 17.03
N TYR H 3658 -59.79 -65.69 18.18
CA TYR H 3658 -60.52 -64.76 19.03
C TYR H 3658 -59.61 -63.66 19.52
N LYS H 3659 -58.42 -64.00 19.99
CA LYS H 3659 -57.46 -62.99 20.42
C LYS H 3659 -57.11 -62.07 19.26
N ALA H 3660 -56.88 -62.64 18.07
CA ALA H 3660 -56.48 -61.85 16.92
C ALA H 3660 -57.54 -60.85 16.51
N SER H 3661 -58.81 -61.25 16.50
CA SER H 3661 -59.84 -60.33 16.04
C SER H 3661 -60.49 -59.56 17.17
N TRP H 3662 -61.19 -60.23 18.07
CA TRP H 3662 -62.07 -59.53 18.99
C TRP H 3662 -61.28 -58.74 20.02
N ILE H 3663 -60.46 -59.41 20.81
CA ILE H 3663 -59.75 -58.74 21.90
C ILE H 3663 -58.83 -57.67 21.35
N LEU H 3664 -58.10 -57.97 20.27
CA LEU H 3664 -57.18 -57.00 19.71
C LEU H 3664 -57.92 -55.78 19.17
N THR H 3665 -59.03 -55.98 18.46
CA THR H 3665 -59.77 -54.84 17.93
C THR H 3665 -60.34 -53.99 19.06
N GLU H 3666 -60.80 -54.63 20.13
CA GLU H 3666 -61.38 -53.89 21.25
C GLU H 3666 -60.42 -52.79 21.68
N ASP H 3667 -60.94 -51.56 21.77
CA ASP H 3667 -60.16 -50.38 22.07
C ASP H 3667 -60.53 -49.87 23.46
N HIS H 3668 -59.54 -49.76 24.33
CA HIS H 3668 -59.72 -49.19 25.66
C HIS H 3668 -58.76 -48.02 25.82
N SER H 3669 -59.31 -46.87 26.21
CA SER H 3669 -58.54 -45.66 26.43
C SER H 3669 -58.54 -45.37 27.93
N PHE H 3670 -57.47 -45.82 28.60
CA PHE H 3670 -57.32 -45.62 30.04
C PHE H 3670 -56.15 -44.71 30.37
N GLU H 3671 -55.37 -44.28 29.39
CA GLU H 3671 -54.18 -43.51 29.67
C GLU H 3671 -54.51 -42.19 30.35
N ASP H 3672 -55.52 -41.49 29.83
CA ASP H 3672 -55.89 -40.20 30.43
C ASP H 3672 -56.35 -40.38 31.86
N ARG H 3673 -57.24 -41.34 32.11
CA ARG H 3673 -57.71 -41.58 33.46
C ARG H 3673 -56.55 -41.91 34.39
N MET H 3674 -55.67 -42.80 33.95
CA MET H 3674 -54.60 -43.25 34.81
C MET H 3674 -53.65 -42.12 35.14
N ILE H 3675 -53.28 -41.32 34.13
CA ILE H 3675 -52.41 -40.17 34.40
C ILE H 3675 -53.06 -39.15 35.31
N ASP H 3676 -54.34 -38.83 35.11
CA ASP H 3676 -55.00 -37.89 35.99
C ASP H 3676 -55.06 -38.40 37.43
N ASP H 3677 -55.43 -39.66 37.61
CA ASP H 3677 -55.53 -40.22 38.95
C ASP H 3677 -54.17 -40.26 39.63
N LEU H 3678 -53.12 -40.62 38.89
CA LEU H 3678 -51.79 -40.63 39.46
C LEU H 3678 -51.34 -39.21 39.82
N SER H 3679 -51.65 -38.23 38.97
CA SER H 3679 -51.22 -36.87 39.22
C SER H 3679 -51.89 -36.30 40.45
N LYS H 3680 -53.17 -36.58 40.65
CA LYS H 3680 -53.89 -35.99 41.77
C LYS H 3680 -53.17 -36.28 43.09
N ALA H 3681 -52.93 -35.23 43.86
CA ALA H 3681 -52.39 -35.35 45.20
C ALA H 3681 -53.53 -35.33 46.21
N GLY H 3682 -53.35 -36.04 47.32
CA GLY H 3682 -54.43 -36.33 48.22
C GLY H 3682 -54.19 -35.78 49.62
N GLU H 3683 -55.30 -35.67 50.36
CA GLU H 3683 -55.30 -35.35 51.79
C GLU H 3683 -54.31 -34.24 52.13
N GLN H 3684 -54.26 -33.21 51.29
CA GLN H 3684 -53.44 -32.05 51.61
C GLN H 3684 -53.95 -31.34 52.85
N GLU H 3685 -55.28 -31.24 52.99
CA GLU H 3685 -55.87 -30.59 54.16
C GLU H 3685 -55.71 -31.43 55.41
N GLU H 3686 -55.31 -32.70 55.27
CA GLU H 3686 -54.87 -33.47 56.43
C GLU H 3686 -53.37 -33.26 56.67
N GLU H 3687 -52.60 -33.07 55.59
CA GLU H 3687 -51.18 -32.79 55.74
C GLU H 3687 -50.95 -31.51 56.54
N GLU H 3688 -51.59 -30.41 56.12
CA GLU H 3688 -51.49 -29.13 56.82
C GLU H 3688 -50.05 -28.82 57.23
N GLU H 3689 -49.14 -28.98 56.28
CA GLU H 3689 -47.72 -28.71 56.50
C GLU H 3689 -47.37 -27.38 55.83
N GLU H 3690 -46.93 -26.42 56.64
CA GLU H 3690 -46.43 -25.15 56.13
C GLU H 3690 -45.02 -25.25 55.59
N VAL H 3691 -44.38 -26.42 55.74
CA VAL H 3691 -43.05 -26.62 55.17
C VAL H 3691 -43.14 -26.46 53.65
N GLU H 3692 -42.20 -25.68 53.09
CA GLU H 3692 -42.23 -25.43 51.66
C GLU H 3692 -42.08 -26.73 50.87
N GLU H 3693 -41.26 -27.66 51.37
CA GLU H 3693 -41.07 -28.93 50.68
C GLU H 3693 -42.41 -29.65 50.53
N LYS H 3694 -42.64 -30.18 49.34
CA LYS H 3694 -43.83 -30.97 49.03
C LYS H 3694 -43.39 -32.38 48.65
N LYS H 3695 -44.02 -33.38 49.24
CA LYS H 3695 -43.71 -34.75 48.87
C LYS H 3695 -44.21 -35.00 47.45
N PRO H 3696 -43.43 -35.69 46.62
CA PRO H 3696 -43.89 -35.97 45.25
C PRO H 3696 -45.17 -36.79 45.25
N ASP H 3697 -46.06 -36.47 44.31
CA ASP H 3697 -47.29 -37.21 44.12
C ASP H 3697 -47.00 -38.45 43.28
N PRO H 3698 -47.95 -39.39 43.22
CA PRO H 3698 -47.61 -40.71 42.65
C PRO H 3698 -46.94 -40.67 41.29
N LEU H 3699 -47.42 -39.83 40.38
CA LEU H 3699 -46.80 -39.77 39.06
C LEU H 3699 -45.36 -39.28 39.18
N HIS H 3700 -45.12 -38.28 40.03
CA HIS H 3700 -43.77 -37.81 40.26
C HIS H 3700 -42.90 -38.93 40.82
N GLN H 3701 -43.44 -39.72 41.74
CA GLN H 3701 -42.67 -40.83 42.31
C GLN H 3701 -42.32 -41.85 41.23
N LEU H 3702 -43.27 -42.14 40.34
CA LEU H 3702 -43.00 -43.08 39.26
C LEU H 3702 -41.88 -42.57 38.36
N VAL H 3703 -41.97 -41.30 37.95
CA VAL H 3703 -40.93 -40.75 37.09
C VAL H 3703 -39.59 -40.77 37.78
N LEU H 3704 -39.56 -40.44 39.08
CA LEU H 3704 -38.30 -40.47 39.81
C LEU H 3704 -37.75 -41.88 39.90
N HIS H 3705 -38.62 -42.88 40.05
CA HIS H 3705 -38.16 -44.26 40.10
C HIS H 3705 -37.52 -44.66 38.77
N PHE H 3706 -38.15 -44.30 37.66
CA PHE H 3706 -37.55 -44.63 36.37
C PHE H 3706 -36.24 -43.89 36.16
N SER H 3707 -36.13 -42.65 36.64
CA SER H 3707 -34.86 -41.95 36.58
C SER H 3707 -33.80 -42.65 37.41
N ARG H 3708 -34.15 -43.12 38.60
CA ARG H 3708 -33.21 -43.91 39.38
C ARG H 3708 -32.72 -45.11 38.60
N THR H 3709 -33.65 -45.87 38.02
CA THR H 3709 -33.27 -47.05 37.24
C THR H 3709 -32.32 -46.67 36.12
N ALA H 3710 -32.61 -45.56 35.43
CA ALA H 3710 -31.73 -45.13 34.35
C ALA H 3710 -30.34 -44.78 34.88
N LEU H 3711 -30.27 -44.09 36.00
CA LEU H 3711 -29.00 -43.60 36.50
C LEU H 3711 -28.11 -44.73 37.02
N THR H 3712 -28.71 -45.76 37.60
CA THR H 3712 -27.92 -46.90 38.08
C THR H 3712 -26.93 -47.34 37.01
N GLU H 3713 -25.64 -47.27 37.34
CA GLU H 3713 -24.61 -47.63 36.38
C GLU H 3713 -24.76 -49.10 36.00
N LYS H 3714 -24.71 -49.39 34.70
CA LYS H 3714 -24.92 -50.74 34.22
C LYS H 3714 -24.31 -50.88 32.84
N SER H 3715 -23.84 -52.08 32.54
CA SER H 3715 -23.22 -52.32 31.23
C SER H 3715 -24.23 -52.12 30.10
N LYS H 3716 -25.46 -52.61 30.28
CA LYS H 3716 -26.49 -52.48 29.28
C LYS H 3716 -27.82 -52.16 29.96
N LEU H 3717 -28.73 -51.56 29.20
CA LEU H 3717 -30.04 -51.21 29.70
C LEU H 3717 -30.99 -52.38 29.47
N ASP H 3718 -31.28 -53.12 30.53
CA ASP H 3718 -32.16 -54.27 30.40
C ASP H 3718 -33.56 -53.85 29.97
N GLU H 3719 -34.19 -54.68 29.14
CA GLU H 3719 -35.54 -54.39 28.70
C GLU H 3719 -36.50 -54.54 29.88
N ASP H 3720 -37.35 -53.53 30.07
CA ASP H 3720 -38.25 -53.47 31.22
C ASP H 3720 -39.67 -53.25 30.72
N TYR H 3721 -40.47 -54.31 30.73
CA TYR H 3721 -41.83 -54.20 30.19
C TYR H 3721 -42.61 -53.13 30.93
N LEU H 3722 -42.35 -52.97 32.22
CA LEU H 3722 -43.05 -51.94 32.98
C LEU H 3722 -42.74 -50.55 32.45
N TYR H 3723 -41.46 -50.25 32.25
CA TYR H 3723 -41.10 -48.96 31.69
C TYR H 3723 -41.69 -48.79 30.30
N MET H 3724 -41.65 -49.86 29.50
CA MET H 3724 -42.28 -49.81 28.19
C MET H 3724 -43.72 -49.35 28.29
N ALA H 3725 -44.50 -50.03 29.14
CA ALA H 3725 -45.92 -49.74 29.24
C ALA H 3725 -46.17 -48.34 29.78
N TYR H 3726 -45.39 -47.94 30.79
CA TYR H 3726 -45.65 -46.65 31.41
C TYR H 3726 -45.24 -45.51 30.50
N ALA H 3727 -44.16 -45.68 29.74
CA ALA H 3727 -43.80 -44.69 28.74
C ALA H 3727 -44.88 -44.59 27.67
N ASP H 3728 -45.44 -45.74 27.24
CA ASP H 3728 -46.52 -45.69 26.28
C ASP H 3728 -47.72 -44.94 26.85
N ILE H 3729 -48.06 -45.18 28.12
CA ILE H 3729 -49.19 -44.50 28.73
C ILE H 3729 -48.93 -43.00 28.80
N MET H 3730 -47.76 -42.61 29.28
CA MET H 3730 -47.45 -41.18 29.38
C MET H 3730 -47.47 -40.53 28.01
N ALA H 3731 -46.96 -41.22 26.98
CA ALA H 3731 -46.97 -40.66 25.64
C ALA H 3731 -48.40 -40.48 25.12
N LYS H 3732 -49.23 -41.50 25.27
CA LYS H 3732 -50.61 -41.39 24.79
C LYS H 3732 -51.36 -40.31 25.54
N SER H 3733 -50.99 -40.04 26.79
CA SER H 3733 -51.71 -39.02 27.56
C SER H 3733 -51.70 -37.68 26.83
N CYS H 3734 -50.62 -37.38 26.10
CA CYS H 3734 -50.53 -36.15 25.32
C CYS H 3734 -51.05 -36.43 23.92
N HIS H 3735 -52.32 -36.09 23.67
CA HIS H 3735 -53.01 -36.61 22.49
C HIS H 3735 -52.47 -36.01 21.20
N LEU H 3736 -52.42 -34.70 21.09
CA LEU H 3736 -52.13 -34.04 19.81
C LEU H 3736 -53.11 -34.49 18.74
N GLU H 3737 -54.39 -34.46 19.07
CA GLU H 3737 -55.44 -34.87 18.15
C GLU H 3737 -55.53 -33.91 16.98
N VAL H 3752 -63.37 -28.96 8.25
CA VAL H 3752 -63.21 -27.63 7.70
C VAL H 3752 -62.09 -26.89 8.43
N GLU H 3753 -61.85 -25.64 8.01
CA GLU H 3753 -60.86 -24.82 8.69
C GLU H 3753 -61.24 -24.63 10.15
N VAL H 3754 -60.26 -24.73 11.03
CA VAL H 3754 -60.50 -24.54 12.46
C VAL H 3754 -60.41 -23.06 12.78
N SER H 3755 -61.26 -22.59 13.71
CA SER H 3755 -61.22 -21.17 14.13
C SER H 3755 -59.92 -20.87 14.90
N PHE H 3756 -59.47 -19.62 14.85
CA PHE H 3756 -58.24 -19.22 15.58
C PHE H 3756 -58.40 -19.60 17.05
N GLU H 3757 -59.55 -19.26 17.65
CA GLU H 3757 -59.81 -19.60 19.07
C GLU H 3757 -59.65 -21.11 19.27
N GLU H 3758 -60.27 -21.92 18.40
CA GLU H 3758 -60.24 -23.37 18.61
C GLU H 3758 -58.82 -23.92 18.50
N LYS H 3759 -58.04 -23.46 17.53
CA LYS H 3759 -56.64 -23.88 17.46
C LYS H 3759 -55.91 -23.48 18.73
N GLU H 3760 -56.15 -22.26 19.22
CA GLU H 3760 -55.47 -21.82 20.42
C GLU H 3760 -55.87 -22.65 21.63
N MET H 3761 -57.15 -22.98 21.76
CA MET H 3761 -57.57 -23.83 22.86
C MET H 3761 -56.94 -25.21 22.77
N GLU H 3762 -56.85 -25.76 21.56
CA GLU H 3762 -56.22 -27.08 21.42
C GLU H 3762 -54.76 -27.02 21.83
N LYS H 3763 -54.05 -25.98 21.41
CA LYS H 3763 -52.66 -25.82 21.84
C LYS H 3763 -52.54 -25.67 23.34
N GLN H 3764 -53.41 -24.88 23.97
CA GLN H 3764 -53.34 -24.73 25.41
C GLN H 3764 -53.57 -26.07 26.11
N ARG H 3765 -54.52 -26.85 25.61
CA ARG H 3765 -54.80 -28.15 26.22
C ARG H 3765 -53.58 -29.06 26.10
N LEU H 3766 -52.94 -29.07 24.93
CA LEU H 3766 -51.78 -29.92 24.76
C LEU H 3766 -50.64 -29.47 25.67
N LEU H 3767 -50.43 -28.16 25.80
CA LEU H 3767 -49.41 -27.68 26.71
C LEU H 3767 -49.70 -28.07 28.14
N TYR H 3768 -50.96 -28.04 28.55
CA TYR H 3768 -51.28 -28.49 29.90
C TYR H 3768 -51.00 -29.98 30.08
N GLN H 3769 -51.35 -30.77 29.07
CA GLN H 3769 -51.09 -32.20 29.15
C GLN H 3769 -49.59 -32.47 29.27
N GLN H 3770 -48.78 -31.73 28.52
CA GLN H 3770 -47.33 -31.88 28.62
C GLN H 3770 -46.82 -31.33 29.94
N SER H 3771 -47.53 -30.35 30.52
CA SER H 3771 -47.16 -29.84 31.82
C SER H 3771 -47.27 -30.92 32.88
N ARG H 3772 -48.36 -31.70 32.82
CA ARG H 3772 -48.51 -32.78 33.79
C ARG H 3772 -47.24 -33.63 33.83
N LEU H 3773 -46.65 -33.88 32.66
CA LEU H 3773 -45.50 -34.78 32.61
C LEU H 3773 -44.20 -34.07 32.96
N HIS H 3774 -43.89 -32.96 32.30
CA HIS H 3774 -42.54 -32.41 32.48
C HIS H 3774 -42.45 -31.56 33.74
N ASN H 3775 -43.56 -31.38 34.46
CA ASN H 3775 -43.45 -30.83 35.80
C ASN H 3775 -43.01 -31.88 36.81
N ARG H 3776 -43.14 -33.17 36.47
CA ARG H 3776 -42.69 -34.24 37.33
C ARG H 3776 -41.30 -34.77 36.96
N GLY H 3777 -40.71 -34.29 35.87
CA GLY H 3777 -39.38 -34.71 35.48
C GLY H 3777 -39.32 -35.63 34.28
N ALA H 3778 -40.40 -35.75 33.51
CA ALA H 3778 -40.39 -36.67 32.38
C ALA H 3778 -39.29 -36.33 31.38
N ALA H 3779 -38.99 -35.05 31.20
CA ALA H 3779 -37.96 -34.67 30.24
C ALA H 3779 -36.60 -35.21 30.66
N GLU H 3780 -36.22 -34.98 31.92
CA GLU H 3780 -34.98 -35.54 32.43
C GLU H 3780 -34.98 -37.05 32.39
N MET H 3781 -36.10 -37.69 32.68
CA MET H 3781 -36.14 -39.14 32.61
C MET H 3781 -35.91 -39.62 31.18
N VAL H 3782 -36.48 -38.92 30.19
CA VAL H 3782 -36.27 -39.28 28.79
C VAL H 3782 -34.81 -39.15 28.42
N LEU H 3783 -34.18 -38.03 28.80
CA LEU H 3783 -32.76 -37.87 28.50
C LEU H 3783 -31.93 -38.95 29.17
N GLN H 3784 -32.23 -39.28 30.42
CA GLN H 3784 -31.45 -40.30 31.12
C GLN H 3784 -31.62 -41.66 30.45
N MET H 3785 -32.83 -41.99 30.03
CA MET H 3785 -33.04 -43.27 29.36
C MET H 3785 -32.29 -43.33 28.04
N ILE H 3786 -32.32 -42.24 27.26
CA ILE H 3786 -31.59 -42.23 25.99
C ILE H 3786 -30.10 -42.35 26.23
N SER H 3787 -29.58 -41.71 27.27
CA SER H 3787 -28.17 -41.83 27.58
C SER H 3787 -27.82 -43.24 28.05
N ALA H 3788 -28.73 -43.88 28.79
CA ALA H 3788 -28.44 -45.20 29.35
C ALA H 3788 -28.55 -46.29 28.29
N CYS H 3789 -29.31 -46.05 27.22
CA CYS H 3789 -29.39 -47.07 26.18
C CYS H 3789 -28.03 -47.36 25.59
N LYS H 3790 -27.09 -46.42 25.70
CA LYS H 3790 -25.71 -46.61 25.26
C LYS H 3790 -25.62 -46.92 23.77
N GLY H 3791 -26.60 -46.50 22.99
CA GLY H 3791 -26.59 -46.70 21.57
C GLY H 3791 -27.14 -48.03 21.09
N GLU H 3792 -27.63 -48.87 21.98
CA GLU H 3792 -28.22 -50.14 21.58
C GLU H 3792 -29.66 -49.92 21.12
N THR H 3793 -29.87 -50.00 19.81
CA THR H 3793 -31.21 -49.85 19.26
C THR H 3793 -32.11 -50.94 19.82
N GLY H 3794 -33.34 -50.58 20.18
CA GLY H 3794 -34.24 -51.53 20.78
C GLY H 3794 -35.55 -50.90 21.18
N ALA H 3795 -36.40 -51.73 21.79
CA ALA H 3795 -37.73 -51.28 22.17
C ALA H 3795 -37.65 -50.20 23.26
N MET H 3796 -36.69 -50.33 24.17
CA MET H 3796 -36.57 -49.35 25.25
C MET H 3796 -36.28 -47.96 24.68
N VAL H 3797 -35.27 -47.84 23.82
CA VAL H 3797 -34.98 -46.55 23.23
C VAL H 3797 -36.10 -46.09 22.32
N SER H 3798 -36.78 -47.02 21.63
CA SER H 3798 -37.92 -46.61 20.83
C SER H 3798 -39.00 -45.95 21.69
N SER H 3799 -39.34 -46.57 22.81
CA SER H 3799 -40.34 -46.01 23.69
C SER H 3799 -39.90 -44.67 24.26
N THR H 3800 -38.62 -44.56 24.62
CA THR H 3800 -38.11 -43.30 25.14
C THR H 3800 -38.23 -42.19 24.10
N LEU H 3801 -37.87 -42.50 22.84
CA LEU H 3801 -37.98 -41.50 21.78
C LEU H 3801 -39.44 -41.10 21.57
N LYS H 3802 -40.35 -42.07 21.61
CA LYS H 3802 -41.77 -41.75 21.44
C LYS H 3802 -42.25 -40.85 22.57
N LEU H 3803 -41.82 -41.13 23.80
CA LEU H 3803 -42.22 -40.27 24.92
C LEU H 3803 -41.67 -38.85 24.75
N GLY H 3804 -40.41 -38.74 24.33
CA GLY H 3804 -39.84 -37.42 24.09
C GLY H 3804 -40.60 -36.66 23.03
N ILE H 3805 -40.94 -37.33 21.93
CA ILE H 3805 -41.72 -36.68 20.89
C ILE H 3805 -43.07 -36.25 21.43
N SER H 3806 -43.70 -37.10 22.24
CA SER H 3806 -45.02 -36.75 22.77
C SER H 3806 -44.95 -35.50 23.63
N ILE H 3807 -43.93 -35.39 24.49
CA ILE H 3807 -43.85 -34.23 25.37
C ILE H 3807 -43.20 -33.02 24.71
N LEU H 3808 -42.65 -33.17 23.51
CA LEU H 3808 -42.09 -32.04 22.77
C LEU H 3808 -42.97 -31.57 21.62
N ASN H 3809 -44.01 -32.31 21.26
CA ASN H 3809 -44.82 -31.95 20.11
C ASN H 3809 -45.27 -30.50 20.20
N GLY H 3810 -45.35 -29.84 19.05
CA GLY H 3810 -45.72 -28.45 19.00
C GLY H 3810 -44.60 -27.49 19.34
N GLY H 3811 -43.36 -27.97 19.42
CA GLY H 3811 -42.25 -27.10 19.74
C GLY H 3811 -42.35 -26.52 21.14
N ASN H 3812 -42.63 -27.38 22.11
CA ASN H 3812 -42.73 -26.93 23.49
C ASN H 3812 -41.43 -26.24 23.90
N ALA H 3813 -41.57 -25.06 24.53
CA ALA H 3813 -40.40 -24.27 24.90
C ALA H 3813 -39.88 -24.61 26.29
N GLU H 3814 -40.77 -24.80 27.25
CA GLU H 3814 -40.34 -25.12 28.60
C GLU H 3814 -39.60 -26.46 28.63
N VAL H 3815 -40.11 -27.45 27.89
CA VAL H 3815 -39.45 -28.75 27.86
C VAL H 3815 -38.08 -28.63 27.21
N GLN H 3816 -37.99 -27.85 26.12
CA GLN H 3816 -36.69 -27.63 25.49
C GLN H 3816 -35.71 -27.01 26.47
N GLN H 3817 -36.15 -25.98 27.19
CA GLN H 3817 -35.27 -25.33 28.15
C GLN H 3817 -34.82 -26.30 29.22
N LYS H 3818 -35.75 -27.12 29.75
CA LYS H 3818 -35.38 -28.06 30.78
C LYS H 3818 -34.37 -29.07 30.27
N MET H 3819 -34.61 -29.64 29.08
CA MET H 3819 -33.68 -30.61 28.52
C MET H 3819 -32.30 -29.99 28.34
N LEU H 3820 -32.24 -28.81 27.74
CA LEU H 3820 -30.95 -28.20 27.46
C LEU H 3820 -30.21 -27.84 28.73
N ASP H 3821 -30.92 -27.31 29.73
CA ASP H 3821 -30.29 -26.98 31.00
C ASP H 3821 -29.77 -28.24 31.68
N TYR H 3822 -30.56 -29.31 31.66
CA TYR H 3822 -30.09 -30.56 32.27
C TYR H 3822 -28.83 -31.06 31.59
N LEU H 3823 -28.82 -31.06 30.25
CA LEU H 3823 -27.63 -31.49 29.53
C LEU H 3823 -26.43 -30.63 29.85
N LYS H 3824 -26.58 -29.31 29.86
CA LYS H 3824 -25.45 -28.42 30.13
C LYS H 3824 -24.94 -28.61 31.55
N ASP H 3825 -25.84 -28.85 32.50
CA ASP H 3825 -25.40 -29.00 33.88
C ASP H 3825 -24.69 -30.32 34.10
N LYS H 3826 -25.23 -31.42 33.56
CA LYS H 3826 -24.62 -32.72 33.81
C LYS H 3826 -23.34 -32.91 33.01
N LYS H 3827 -23.27 -32.33 31.82
CA LYS H 3827 -22.07 -32.36 30.99
C LYS H 3827 -21.68 -33.76 30.57
N GLU H 3828 -22.60 -34.72 30.61
CA GLU H 3828 -22.27 -36.08 30.21
C GLU H 3828 -22.25 -36.18 28.69
N VAL H 3829 -21.23 -36.89 28.17
CA VAL H 3829 -21.15 -37.14 26.74
C VAL H 3829 -22.06 -38.28 26.30
N GLY H 3830 -22.58 -39.06 27.26
CA GLY H 3830 -23.30 -40.26 26.90
C GLY H 3830 -24.49 -40.00 26.00
N PHE H 3831 -25.20 -38.90 26.24
CA PHE H 3831 -26.41 -38.63 25.45
C PHE H 3831 -26.09 -38.54 23.98
N PHE H 3832 -25.13 -37.69 23.61
CA PHE H 3832 -24.85 -37.50 22.19
C PHE H 3832 -24.08 -38.67 21.62
N GLN H 3833 -23.25 -39.33 22.43
CA GLN H 3833 -22.61 -40.55 21.93
C GLN H 3833 -23.65 -41.60 21.57
N SER H 3834 -24.68 -41.76 22.42
CA SER H 3834 -25.74 -42.71 22.12
C SER H 3834 -26.54 -42.29 20.90
N ILE H 3835 -26.81 -40.99 20.76
CA ILE H 3835 -27.55 -40.53 19.58
C ILE H 3835 -26.77 -40.83 18.32
N GLN H 3836 -25.47 -40.56 18.33
CA GLN H 3836 -24.62 -40.85 17.17
C GLN H 3836 -24.60 -42.34 16.86
N ALA H 3837 -24.48 -43.19 17.89
CA ALA H 3837 -24.50 -44.62 17.64
C ALA H 3837 -25.82 -45.06 17.01
N LEU H 3838 -26.94 -44.53 17.52
CA LEU H 3838 -28.23 -44.91 16.96
C LEU H 3838 -28.34 -44.47 15.51
N MET H 3839 -27.90 -43.25 15.20
CA MET H 3839 -27.93 -42.80 13.81
C MET H 3839 -27.06 -43.66 12.92
N GLN H 3840 -25.91 -44.12 13.41
CA GLN H 3840 -25.09 -45.04 12.64
C GLN H 3840 -25.77 -46.38 12.42
N THR H 3841 -26.51 -46.88 13.41
CA THR H 3841 -27.22 -48.14 13.23
C THR H 3841 -28.37 -48.00 12.24
N CYS H 3842 -29.03 -46.84 12.21
CA CYS H 3842 -30.17 -46.64 11.32
C CYS H 3842 -29.88 -47.14 9.92
N SER H 3843 -30.85 -47.81 9.32
CA SER H 3843 -30.66 -48.50 8.04
C SER H 3843 -31.29 -47.71 6.90
N VAL H 3844 -31.02 -48.20 5.68
CA VAL H 3844 -31.48 -47.59 4.45
C VAL H 3844 -32.01 -48.68 3.52
N LEU H 3845 -32.41 -48.27 2.32
CA LEU H 3845 -32.86 -49.23 1.33
C LEU H 3845 -31.72 -50.19 0.99
N ASP H 3846 -32.05 -51.48 0.88
CA ASP H 3846 -31.06 -52.52 0.64
C ASP H 3846 -31.53 -53.42 -0.51
N LEU H 3847 -30.77 -53.43 -1.60
CA LEU H 3847 -31.17 -54.19 -2.78
C LEU H 3847 -31.06 -55.69 -2.56
N ASN H 3848 -30.03 -56.15 -1.87
CA ASN H 3848 -29.93 -57.58 -1.62
C ASN H 3848 -31.10 -58.06 -0.78
N ALA H 3849 -31.44 -57.30 0.26
CA ALA H 3849 -32.60 -57.65 1.08
C ALA H 3849 -33.87 -57.61 0.24
N PHE H 3850 -34.00 -56.61 -0.62
CA PHE H 3850 -35.19 -56.52 -1.46
C PHE H 3850 -35.33 -57.73 -2.37
N GLU H 3851 -34.22 -58.16 -2.97
CA GLU H 3851 -34.27 -59.30 -3.87
C GLU H 3851 -34.58 -60.58 -3.11
N ARG H 3852 -33.99 -60.75 -1.93
CA ARG H 3852 -34.31 -61.92 -1.11
C ARG H 3852 -35.80 -61.93 -0.76
N GLN H 3853 -36.34 -60.78 -0.36
CA GLN H 3853 -37.75 -60.72 0.00
C GLN H 3853 -38.63 -60.98 -1.21
N ASN H 3854 -38.27 -60.44 -2.37
CA ASN H 3854 -39.04 -60.69 -3.58
C ASN H 3854 -39.06 -62.17 -3.93
N LYS H 3855 -37.90 -62.82 -3.86
CA LYS H 3855 -37.86 -64.24 -4.17
C LYS H 3855 -38.66 -65.05 -3.16
N ALA H 3856 -38.57 -64.69 -1.88
CA ALA H 3856 -39.36 -65.39 -0.87
C ALA H 3856 -40.85 -65.24 -1.14
N GLU H 3857 -41.30 -64.02 -1.41
CA GLU H 3857 -42.72 -63.80 -1.69
C GLU H 3857 -43.16 -64.57 -2.92
N GLY H 3858 -42.36 -64.54 -3.99
CA GLY H 3858 -42.71 -65.30 -5.18
C GLY H 3858 -42.81 -66.78 -4.90
N LEU H 3859 -41.88 -67.30 -4.09
CA LEU H 3859 -41.98 -68.69 -3.69
C LEU H 3859 -43.28 -68.93 -2.92
N GLY H 3860 -43.99 -69.99 -3.30
CA GLY H 3860 -45.23 -70.32 -2.64
C GLY H 3860 -44.99 -71.11 -1.37
N MET H 3861 -45.81 -70.83 -0.36
CA MET H 3861 -45.78 -71.61 0.86
C MET H 3861 -46.13 -73.07 0.57
N VAL H 3862 -45.32 -73.98 1.12
CA VAL H 3862 -45.48 -75.40 0.80
C VAL H 3862 -46.84 -75.91 1.23
N ASN H 3863 -47.27 -75.58 2.46
CA ASN H 3863 -48.56 -75.98 2.96
C ASN H 3863 -49.42 -74.71 3.14
N GLU H 3864 -50.69 -74.90 3.47
CA GLU H 3864 -51.63 -73.79 3.49
C GLU H 3864 -51.12 -72.67 4.40
N ASP H 3865 -51.66 -71.46 4.17
CA ASP H 3865 -51.20 -70.30 4.91
C ASP H 3865 -51.44 -70.43 6.42
N GLY H 3866 -52.55 -71.03 6.82
CA GLY H 3866 -52.81 -71.26 8.23
C GLY H 3866 -51.80 -72.20 8.86
N THR H 3867 -51.47 -73.28 8.15
CA THR H 3867 -50.50 -74.24 8.67
C THR H 3867 -49.11 -73.62 8.75
N VAL H 3868 -48.68 -72.96 7.68
CA VAL H 3868 -47.38 -72.30 7.64
C VAL H 3868 -47.50 -70.94 8.32
N ILE H 3869 -46.36 -70.29 8.57
CA ILE H 3869 -46.37 -68.95 9.16
C ILE H 3869 -47.02 -67.94 8.23
N ASN H 3870 -47.30 -68.33 6.98
CA ASN H 3870 -47.88 -67.42 5.99
C ASN H 3870 -46.85 -66.41 5.52
N ARG H 3871 -45.58 -66.80 5.54
CA ARG H 3871 -44.49 -65.92 5.10
C ARG H 3871 -44.54 -64.58 5.81
N GLN H 3872 -44.84 -64.62 7.11
CA GLN H 3872 -44.97 -63.41 7.92
C GLN H 3872 -43.63 -63.13 8.59
N ASN H 3873 -42.95 -62.09 8.13
CA ASN H 3873 -41.68 -61.68 8.69
C ASN H 3873 -41.57 -60.17 8.61
N GLY H 3874 -40.86 -59.58 9.56
CA GLY H 3874 -40.56 -58.17 9.49
C GLY H 3874 -39.84 -57.87 8.20
N GLU H 3875 -40.35 -56.92 7.43
CA GLU H 3875 -39.79 -56.65 6.11
C GLU H 3875 -38.30 -56.36 6.23
N LYS H 3876 -37.50 -57.06 5.43
CA LYS H 3876 -36.05 -56.90 5.52
C LYS H 3876 -35.63 -55.51 5.06
N VAL H 3877 -36.33 -54.95 4.07
CA VAL H 3877 -35.97 -53.64 3.56
C VAL H 3877 -36.49 -52.55 4.49
N MET H 3878 -35.59 -51.72 4.98
CA MET H 3878 -35.96 -50.60 5.84
C MET H 3878 -36.83 -51.07 7.00
N ALA H 3879 -36.34 -52.08 7.72
CA ALA H 3879 -37.14 -52.67 8.79
C ALA H 3879 -37.41 -51.67 9.91
N ASP H 3880 -36.54 -50.69 10.10
CA ASP H 3880 -36.65 -49.73 11.19
C ASP H 3880 -36.98 -48.33 10.72
N ASP H 3881 -37.84 -48.21 9.70
CA ASP H 3881 -38.21 -46.89 9.22
C ASP H 3881 -38.91 -46.09 10.31
N GLU H 3882 -39.80 -46.75 11.06
CA GLU H 3882 -40.52 -46.03 12.12
C GLU H 3882 -39.55 -45.50 13.17
N PHE H 3883 -38.60 -46.33 13.58
CA PHE H 3883 -37.65 -45.86 14.58
C PHE H 3883 -36.78 -44.73 14.03
N THR H 3884 -36.38 -44.82 12.77
CA THR H 3884 -35.58 -43.74 12.18
C THR H 3884 -36.38 -42.45 12.16
N GLN H 3885 -37.65 -42.53 11.76
CA GLN H 3885 -38.48 -41.33 11.74
C GLN H 3885 -38.64 -40.76 13.14
N ASP H 3886 -38.81 -41.62 14.15
CA ASP H 3886 -38.93 -41.12 15.50
C ASP H 3886 -37.64 -40.45 15.96
N LEU H 3887 -36.50 -41.04 15.65
CA LEU H 3887 -35.23 -40.44 16.04
C LEU H 3887 -35.07 -39.05 15.45
N PHE H 3888 -35.28 -38.93 14.14
CA PHE H 3888 -35.12 -37.62 13.51
C PHE H 3888 -36.22 -36.65 13.90
N ARG H 3889 -37.42 -37.13 14.20
CA ARG H 3889 -38.47 -36.25 14.70
C ARG H 3889 -38.10 -35.70 16.06
N PHE H 3890 -37.52 -36.54 16.92
CA PHE H 3890 -37.05 -36.06 18.22
C PHE H 3890 -35.97 -35.00 18.05
N LEU H 3891 -35.00 -35.27 17.18
CA LEU H 3891 -33.93 -34.31 16.97
C LEU H 3891 -34.48 -32.99 16.43
N GLN H 3892 -35.43 -33.05 15.49
CA GLN H 3892 -36.07 -31.83 15.02
C GLN H 3892 -36.79 -31.12 16.15
N LEU H 3893 -37.66 -31.84 16.86
CA LEU H 3893 -38.51 -31.20 17.85
C LEU H 3893 -37.71 -30.51 18.93
N LEU H 3894 -36.51 -31.02 19.22
CA LEU H 3894 -35.68 -30.32 20.19
C LEU H 3894 -35.32 -28.92 19.69
N CYS H 3895 -35.07 -28.78 18.40
CA CYS H 3895 -34.76 -27.49 17.79
C CYS H 3895 -35.99 -26.72 17.33
N GLU H 3896 -37.17 -27.32 17.43
CA GLU H 3896 -38.36 -26.71 16.87
C GLU H 3896 -38.62 -25.34 17.48
N GLY H 3897 -39.20 -24.45 16.69
CA GLY H 3897 -39.48 -23.12 17.14
C GLY H 3897 -38.31 -22.16 17.05
N HIS H 3898 -37.26 -22.54 16.32
CA HIS H 3898 -36.08 -21.69 16.18
C HIS H 3898 -35.43 -21.43 17.53
N ASN H 3899 -35.00 -22.50 18.19
CA ASN H 3899 -34.32 -22.41 19.47
C ASN H 3899 -32.82 -22.32 19.21
N ASN H 3900 -32.30 -21.09 19.17
CA ASN H 3900 -30.91 -20.89 18.77
C ASN H 3900 -29.95 -21.58 19.75
N ASP H 3901 -30.23 -21.51 21.04
CA ASP H 3901 -29.33 -22.10 22.02
C ASP H 3901 -29.16 -23.59 21.77
N PHE H 3902 -30.27 -24.31 21.61
CA PHE H 3902 -30.16 -25.76 21.44
C PHE H 3902 -29.64 -26.08 20.04
N GLN H 3903 -29.96 -25.24 19.06
CA GLN H 3903 -29.43 -25.46 17.72
C GLN H 3903 -27.91 -25.39 17.72
N ASN H 3904 -27.34 -24.44 18.44
CA ASN H 3904 -25.89 -24.36 18.56
C ASN H 3904 -25.35 -25.52 19.40
N TYR H 3905 -26.08 -25.90 20.45
CA TYR H 3905 -25.63 -27.02 21.27
C TYR H 3905 -25.48 -28.28 20.44
N LEU H 3906 -26.45 -28.55 19.57
CA LEU H 3906 -26.34 -29.73 18.72
C LEU H 3906 -25.04 -29.71 17.93
N ARG H 3907 -24.69 -28.57 17.34
CA ARG H 3907 -23.48 -28.50 16.54
C ARG H 3907 -22.25 -28.75 17.38
N THR H 3908 -22.12 -28.05 18.51
CA THR H 3908 -20.95 -28.21 19.36
C THR H 3908 -21.34 -28.07 20.83
N GLN H 3909 -21.13 -29.13 21.59
CA GLN H 3909 -21.33 -29.12 23.03
C GLN H 3909 -20.10 -28.50 23.68
N THR H 3910 -20.25 -27.29 24.22
CA THR H 3910 -19.13 -26.55 24.76
C THR H 3910 -18.61 -27.10 26.08
N GLY H 3911 -19.50 -27.38 27.03
CA GLY H 3911 -19.05 -27.85 28.33
C GLY H 3911 -18.34 -29.19 28.26
N ASN H 3912 -18.88 -30.11 27.46
CA ASN H 3912 -18.37 -31.46 27.43
C ASN H 3912 -16.91 -31.48 27.00
N THR H 3913 -16.20 -32.53 27.39
CA THR H 3913 -14.82 -32.70 26.96
C THR H 3913 -14.74 -32.97 25.47
N THR H 3914 -15.56 -33.89 24.98
CA THR H 3914 -15.57 -34.26 23.57
C THR H 3914 -16.91 -33.86 22.95
N THR H 3915 -16.84 -33.29 21.76
CA THR H 3915 -18.03 -32.80 21.07
C THR H 3915 -18.40 -33.72 19.91
N ILE H 3916 -19.70 -33.81 19.65
CA ILE H 3916 -20.24 -34.61 18.56
C ILE H 3916 -21.11 -33.70 17.71
N ASN H 3917 -20.86 -33.68 16.39
CA ASN H 3917 -21.55 -32.77 15.49
C ASN H 3917 -22.76 -33.47 14.90
N ILE H 3918 -23.89 -33.38 15.60
CA ILE H 3918 -25.10 -34.05 15.15
C ILE H 3918 -25.55 -33.48 13.81
N ILE H 3919 -25.24 -32.20 13.56
CA ILE H 3919 -25.64 -31.60 12.29
C ILE H 3919 -24.99 -32.33 11.13
N ILE H 3920 -23.74 -32.74 11.30
CA ILE H 3920 -23.06 -33.48 10.26
C ILE H 3920 -23.40 -34.97 10.29
N CYS H 3921 -23.74 -35.51 11.46
CA CYS H 3921 -24.22 -36.88 11.51
C CYS H 3921 -25.50 -37.03 10.68
N THR H 3922 -26.40 -36.06 10.79
CA THR H 3922 -27.62 -36.09 9.99
C THR H 3922 -27.31 -36.06 8.51
N VAL H 3923 -26.37 -35.20 8.10
CA VAL H 3923 -25.99 -35.16 6.69
C VAL H 3923 -25.37 -36.47 6.23
N ASP H 3924 -24.56 -37.11 7.07
CA ASP H 3924 -23.99 -38.40 6.68
C ASP H 3924 -25.09 -39.44 6.47
N TYR H 3925 -26.06 -39.50 7.38
CA TYR H 3925 -27.15 -40.44 7.19
C TYR H 3925 -27.93 -40.12 5.93
N LEU H 3926 -28.16 -38.84 5.67
CA LEU H 3926 -28.88 -38.46 4.46
C LEU H 3926 -28.12 -38.90 3.22
N LEU H 3927 -26.79 -38.77 3.25
CA LEU H 3927 -25.99 -39.21 2.11
C LEU H 3927 -26.14 -40.72 1.90
N ARG H 3928 -26.10 -41.49 2.99
CA ARG H 3928 -26.28 -42.93 2.85
C ARG H 3928 -27.64 -43.24 2.23
N LEU H 3929 -28.69 -42.58 2.72
CA LEU H 3929 -30.02 -42.81 2.19
C LEU H 3929 -30.11 -42.43 0.73
N GLN H 3930 -29.48 -41.31 0.35
CA GLN H 3930 -29.50 -40.90 -1.04
C GLN H 3930 -28.82 -41.91 -1.94
N GLU H 3931 -27.68 -42.45 -1.49
CA GLU H 3931 -27.01 -43.47 -2.28
C GLU H 3931 -27.90 -44.70 -2.43
N SER H 3932 -28.58 -45.10 -1.34
CA SER H 3932 -29.47 -46.24 -1.44
C SER H 3932 -30.59 -45.99 -2.44
N ILE H 3933 -31.18 -44.79 -2.40
CA ILE H 3933 -32.28 -44.48 -3.32
C ILE H 3933 -31.77 -44.48 -4.75
N SER H 3934 -30.59 -43.93 -5.00
CA SER H 3934 -30.04 -43.95 -6.35
C SER H 3934 -29.83 -45.37 -6.82
N ASP H 3935 -29.33 -46.24 -5.95
CA ASP H 3935 -29.16 -47.64 -6.32
C ASP H 3935 -30.50 -48.28 -6.66
N PHE H 3936 -31.54 -47.98 -5.88
CA PHE H 3936 -32.84 -48.57 -6.11
C PHE H 3936 -33.43 -48.09 -7.43
N TYR H 3937 -33.24 -46.81 -7.75
CA TYR H 3937 -33.62 -46.32 -9.06
C TYR H 3937 -32.87 -47.02 -10.18
N TRP H 3938 -31.55 -47.19 -10.02
CA TRP H 3938 -30.80 -47.86 -11.07
C TRP H 3938 -31.29 -49.29 -11.25
N TYR H 3939 -31.68 -49.93 -10.16
CA TYR H 3939 -32.26 -51.26 -10.25
C TYR H 3939 -33.54 -51.24 -11.07
N TYR H 3940 -34.42 -50.27 -10.81
CA TYR H 3940 -35.72 -50.25 -11.45
C TYR H 3940 -35.76 -49.48 -12.77
N SER H 3941 -34.64 -48.98 -13.25
CA SER H 3941 -34.66 -48.15 -14.45
C SER H 3941 -35.09 -48.97 -15.67
N GLY H 3942 -34.55 -50.17 -15.83
CA GLY H 3942 -34.86 -50.95 -17.01
C GLY H 3942 -36.32 -51.35 -17.07
N LYS H 3943 -36.85 -51.82 -15.94
CA LYS H 3943 -38.23 -52.28 -15.90
C LYS H 3943 -39.18 -51.14 -16.26
N ASP H 3944 -40.25 -51.47 -16.99
CA ASP H 3944 -41.17 -50.44 -17.45
C ASP H 3944 -42.08 -49.94 -16.34
N VAL H 3945 -42.51 -50.83 -15.45
CA VAL H 3945 -43.47 -50.51 -14.39
C VAL H 3945 -42.91 -51.00 -13.07
N ILE H 3946 -42.98 -50.15 -12.04
CA ILE H 3946 -42.56 -50.53 -10.71
C ILE H 3946 -43.65 -51.35 -10.05
N GLU H 3947 -43.28 -52.53 -9.54
CA GLU H 3947 -44.26 -53.38 -8.89
C GLU H 3947 -44.71 -52.76 -7.57
N GLU H 3948 -45.74 -53.35 -6.98
CA GLU H 3948 -46.34 -52.78 -5.78
C GLU H 3948 -45.36 -52.73 -4.62
N GLN H 3949 -44.59 -53.81 -4.40
CA GLN H 3949 -43.63 -53.79 -3.30
C GLN H 3949 -42.54 -52.75 -3.55
N GLY H 3950 -42.10 -52.61 -4.80
CA GLY H 3950 -41.16 -51.56 -5.12
C GLY H 3950 -41.70 -50.18 -4.81
N LYS H 3951 -42.97 -49.94 -5.14
CA LYS H 3951 -43.58 -48.66 -4.80
C LYS H 3951 -43.65 -48.46 -3.30
N ARG H 3952 -43.97 -49.53 -2.57
CA ARG H 3952 -44.03 -49.42 -1.11
C ARG H 3952 -42.67 -49.04 -0.54
N ASN H 3953 -41.60 -49.67 -1.03
CA ASN H 3953 -40.28 -49.33 -0.54
C ASN H 3953 -39.89 -47.91 -0.92
N PHE H 3954 -40.24 -47.50 -2.13
CA PHE H 3954 -40.10 -46.09 -2.49
C PHE H 3954 -40.75 -45.20 -1.45
N SER H 3955 -41.99 -45.51 -1.07
CA SER H 3955 -42.74 -44.64 -0.18
C SER H 3955 -42.09 -44.59 1.20
N LYS H 3956 -41.64 -45.75 1.69
CA LYS H 3956 -40.98 -45.75 2.99
C LYS H 3956 -39.72 -44.90 2.96
N ALA H 3957 -38.88 -45.09 1.94
CA ALA H 3957 -37.67 -44.30 1.83
C ALA H 3957 -37.99 -42.82 1.72
N MET H 3958 -39.03 -42.49 0.97
CA MET H 3958 -39.39 -41.08 0.78
C MET H 3958 -39.86 -40.46 2.09
N SER H 3959 -40.64 -41.20 2.87
CA SER H 3959 -41.06 -40.67 4.17
C SER H 3959 -39.86 -40.43 5.07
N VAL H 3960 -38.93 -41.38 5.12
CA VAL H 3960 -37.76 -41.20 5.97
C VAL H 3960 -36.94 -40.00 5.49
N ALA H 3961 -36.75 -39.87 4.18
CA ALA H 3961 -35.98 -38.76 3.64
C ALA H 3961 -36.67 -37.43 3.90
N LYS H 3962 -38.01 -37.41 3.82
CA LYS H 3962 -38.74 -36.19 4.14
C LYS H 3962 -38.52 -35.79 5.59
N GLN H 3963 -38.55 -36.76 6.50
CA GLN H 3963 -38.29 -36.45 7.90
C GLN H 3963 -36.87 -35.91 8.08
N VAL H 3964 -35.90 -36.51 7.40
CA VAL H 3964 -34.52 -36.03 7.51
C VAL H 3964 -34.39 -34.61 6.98
N PHE H 3965 -35.05 -34.33 5.85
CA PHE H 3965 -35.01 -32.97 5.31
C PHE H 3965 -35.65 -31.98 6.27
N ASN H 3966 -36.76 -32.33 6.89
CA ASN H 3966 -37.36 -31.47 7.88
C ASN H 3966 -36.44 -31.22 9.07
N SER H 3967 -35.74 -32.24 9.55
CA SER H 3967 -34.79 -32.04 10.64
C SER H 3967 -33.67 -31.09 10.21
N LEU H 3968 -33.11 -31.31 9.02
CA LEU H 3968 -32.04 -30.44 8.55
C LEU H 3968 -32.53 -29.01 8.33
N THR H 3969 -33.80 -28.83 7.96
CA THR H 3969 -34.37 -27.51 7.84
C THR H 3969 -34.49 -26.83 9.20
N GLU H 3970 -35.00 -27.55 10.20
CA GLU H 3970 -35.16 -26.94 11.51
C GLU H 3970 -33.81 -26.63 12.14
N TYR H 3971 -32.77 -27.39 11.79
CA TYR H 3971 -31.45 -27.08 12.31
C TYR H 3971 -31.00 -25.68 11.91
N ILE H 3972 -31.29 -25.29 10.67
CA ILE H 3972 -30.70 -24.05 10.14
C ILE H 3972 -31.66 -22.88 10.25
N GLN H 3973 -32.96 -23.10 10.23
CA GLN H 3973 -33.89 -21.98 10.24
C GLN H 3973 -33.73 -21.17 11.51
N GLY H 3974 -34.00 -19.87 11.39
CA GLY H 3974 -34.02 -18.97 12.52
C GLY H 3974 -33.38 -17.62 12.27
N PRO H 3975 -32.28 -17.55 11.50
CA PRO H 3975 -31.33 -18.56 11.05
C PRO H 3975 -30.24 -18.82 12.08
N CYS H 3976 -29.64 -19.99 12.07
CA CYS H 3976 -28.49 -20.30 12.92
C CYS H 3976 -27.24 -20.28 12.04
N THR H 3977 -26.42 -19.25 12.20
CA THR H 3977 -25.29 -19.05 11.29
C THR H 3977 -24.30 -20.21 11.38
N GLY H 3978 -24.03 -20.69 12.59
CA GLY H 3978 -23.08 -21.79 12.74
C GLY H 3978 -23.53 -23.03 12.01
N ASN H 3979 -24.79 -23.42 12.18
CA ASN H 3979 -25.31 -24.59 11.49
C ASN H 3979 -25.32 -24.37 9.99
N GLN H 3980 -25.70 -23.17 9.55
CA GLN H 3980 -25.67 -22.90 8.12
C GLN H 3980 -24.28 -23.13 7.55
N GLN H 3981 -23.26 -22.58 8.20
CA GLN H 3981 -21.90 -22.73 7.69
C GLN H 3981 -21.45 -24.19 7.72
N SER H 3982 -21.78 -24.89 8.81
CA SER H 3982 -21.35 -26.28 8.93
C SER H 3982 -21.96 -27.12 7.81
N LEU H 3983 -23.25 -26.95 7.56
CA LEU H 3983 -23.87 -27.69 6.46
C LEU H 3983 -23.26 -27.27 5.13
N ALA H 3984 -23.01 -25.97 4.95
CA ALA H 3984 -22.44 -25.51 3.69
C ALA H 3984 -21.12 -26.20 3.40
N HIS H 3985 -20.30 -26.38 4.42
CA HIS H 3985 -19.01 -27.04 4.24
C HIS H 3985 -19.09 -28.56 4.28
N SER H 3986 -20.21 -29.12 4.72
CA SER H 3986 -20.34 -30.57 4.82
C SER H 3986 -20.59 -31.16 3.42
N ARG H 3987 -20.95 -32.44 3.39
CA ARG H 3987 -21.20 -33.16 2.14
C ARG H 3987 -22.62 -33.00 1.65
N LEU H 3988 -23.41 -32.10 2.25
CA LEU H 3988 -24.80 -31.95 1.84
C LEU H 3988 -24.91 -31.68 0.34
N TRP H 3989 -23.95 -30.96 -0.22
CA TRP H 3989 -24.06 -30.55 -1.61
C TRP H 3989 -24.07 -31.74 -2.56
N ASP H 3990 -23.36 -32.82 -2.22
CA ASP H 3990 -23.41 -34.03 -3.02
C ASP H 3990 -24.71 -34.80 -2.86
N ALA H 3991 -25.23 -34.85 -1.63
CA ALA H 3991 -26.53 -35.47 -1.43
C ALA H 3991 -27.60 -34.76 -2.24
N VAL H 3992 -27.52 -33.43 -2.32
CA VAL H 3992 -28.51 -32.68 -3.09
C VAL H 3992 -28.39 -33.01 -4.58
N VAL H 3993 -27.16 -33.16 -5.08
CA VAL H 3993 -26.98 -33.50 -6.48
C VAL H 3993 -27.58 -34.86 -6.78
N GLY H 3994 -27.27 -35.85 -5.94
CA GLY H 3994 -27.84 -37.17 -6.12
C GLY H 3994 -29.36 -37.14 -6.09
N PHE H 3995 -29.93 -36.41 -5.13
CA PHE H 3995 -31.37 -36.35 -5.01
C PHE H 3995 -31.98 -35.66 -6.23
N LEU H 3996 -31.32 -34.64 -6.76
CA LEU H 3996 -31.83 -33.99 -7.96
C LEU H 3996 -31.88 -34.97 -9.13
N HIS H 3997 -30.80 -35.75 -9.31
CA HIS H 3997 -30.79 -36.72 -10.39
C HIS H 3997 -31.91 -37.73 -10.24
N VAL H 3998 -32.04 -38.30 -9.04
CA VAL H 3998 -33.10 -39.29 -8.79
C VAL H 3998 -34.46 -38.66 -9.05
N PHE H 3999 -34.68 -37.45 -8.56
CA PHE H 3999 -35.99 -36.82 -8.70
C PHE H 3999 -36.33 -36.60 -10.17
N ALA H 4000 -35.36 -36.13 -10.95
CA ALA H 4000 -35.63 -35.90 -12.36
C ALA H 4000 -36.05 -37.20 -13.05
N HIS H 4001 -35.24 -38.25 -12.90
CA HIS H 4001 -35.55 -39.48 -13.61
C HIS H 4001 -36.84 -40.12 -13.09
N MET H 4002 -37.07 -40.05 -11.78
CA MET H 4002 -38.33 -40.49 -11.21
C MET H 4002 -39.52 -39.76 -11.80
N MET H 4003 -39.47 -38.43 -11.84
CA MET H 4003 -40.62 -37.72 -12.39
C MET H 4003 -40.91 -38.20 -13.79
N MET H 4004 -39.87 -38.29 -14.63
CA MET H 4004 -40.12 -38.74 -15.99
C MET H 4004 -40.76 -40.12 -16.00
N LYS H 4005 -40.15 -41.08 -15.32
CA LYS H 4005 -40.58 -42.47 -15.41
C LYS H 4005 -41.97 -42.66 -14.83
N LEU H 4006 -42.22 -42.13 -13.64
CA LEU H 4006 -43.51 -42.25 -12.99
C LEU H 4006 -44.61 -41.48 -13.69
N ALA H 4007 -44.29 -40.35 -14.34
CA ALA H 4007 -45.30 -39.66 -15.12
C ALA H 4007 -45.67 -40.45 -16.36
N GLN H 4008 -44.76 -41.28 -16.88
CA GLN H 4008 -45.12 -42.06 -18.05
C GLN H 4008 -46.30 -43.00 -17.78
N ASP H 4009 -46.61 -43.31 -16.52
CA ASP H 4009 -47.68 -44.23 -16.19
C ASP H 4009 -48.64 -43.61 -15.18
N SER H 4010 -49.90 -44.02 -15.23
CA SER H 4010 -50.91 -43.47 -14.32
C SER H 4010 -50.91 -44.15 -12.97
N SER H 4011 -50.72 -45.47 -12.93
CA SER H 4011 -50.90 -46.19 -11.67
C SER H 4011 -49.96 -45.68 -10.60
N GLN H 4012 -48.87 -45.02 -10.99
CA GLN H 4012 -47.90 -44.48 -10.06
C GLN H 4012 -48.17 -43.04 -9.68
N ILE H 4013 -49.41 -42.57 -9.80
CA ILE H 4013 -49.73 -41.17 -9.57
C ILE H 4013 -49.50 -40.82 -8.10
N GLU H 4014 -49.88 -41.73 -7.19
CA GLU H 4014 -49.66 -41.47 -5.78
C GLU H 4014 -48.18 -41.39 -5.45
N LEU H 4015 -47.38 -42.27 -6.06
CA LEU H 4015 -45.94 -42.23 -5.85
C LEU H 4015 -45.37 -40.91 -6.38
N LEU H 4016 -45.84 -40.46 -7.54
CA LEU H 4016 -45.38 -39.19 -8.06
C LEU H 4016 -45.74 -38.05 -7.13
N LYS H 4017 -46.96 -38.06 -6.59
CA LYS H 4017 -47.37 -37.02 -5.66
C LYS H 4017 -46.50 -37.01 -4.41
N GLU H 4018 -46.19 -38.17 -3.86
CA GLU H 4018 -45.29 -38.23 -2.70
C GLU H 4018 -43.89 -37.73 -3.04
N LEU H 4019 -43.38 -38.11 -4.21
CA LEU H 4019 -42.06 -37.65 -4.61
C LEU H 4019 -42.02 -36.14 -4.74
N LEU H 4020 -43.07 -35.55 -5.30
CA LEU H 4020 -43.08 -34.10 -5.47
C LEU H 4020 -43.05 -33.40 -4.11
N ASP H 4021 -43.74 -33.96 -3.11
CA ASP H 4021 -43.67 -33.39 -1.77
C ASP H 4021 -42.27 -33.51 -1.20
N LEU H 4022 -41.62 -34.66 -1.42
CA LEU H 4022 -40.23 -34.79 -0.97
C LEU H 4022 -39.33 -33.75 -1.63
N GLN H 4023 -39.54 -33.52 -2.92
CA GLN H 4023 -38.75 -32.51 -3.63
C GLN H 4023 -39.02 -31.12 -3.06
N LYS H 4024 -40.28 -30.84 -2.73
CA LYS H 4024 -40.61 -29.57 -2.08
C LYS H 4024 -39.84 -29.43 -0.78
N ASP H 4025 -39.77 -30.49 0.01
CA ASP H 4025 -39.05 -30.41 1.27
C ASP H 4025 -37.56 -30.14 1.03
N MET H 4026 -36.98 -30.79 0.02
CA MET H 4026 -35.58 -30.52 -0.28
C MET H 4026 -35.38 -29.06 -0.69
N VAL H 4027 -36.28 -28.53 -1.51
CA VAL H 4027 -36.17 -27.14 -1.93
C VAL H 4027 -36.34 -26.21 -0.75
N VAL H 4028 -37.21 -26.59 0.21
CA VAL H 4028 -37.39 -25.77 1.40
C VAL H 4028 -36.10 -25.73 2.22
N MET H 4029 -35.43 -26.88 2.34
CA MET H 4029 -34.14 -26.89 3.00
C MET H 4029 -33.15 -25.97 2.29
N LEU H 4030 -33.09 -26.08 0.96
CA LEU H 4030 -32.17 -25.24 0.21
C LEU H 4030 -32.47 -23.77 0.45
N LEU H 4031 -33.75 -23.40 0.45
CA LEU H 4031 -34.13 -22.02 0.72
C LEU H 4031 -33.74 -21.59 2.12
N SER H 4032 -33.92 -22.47 3.10
CA SER H 4032 -33.52 -22.13 4.46
C SER H 4032 -32.02 -21.87 4.54
N LEU H 4033 -31.24 -22.58 3.72
CA LEU H 4033 -29.79 -22.31 3.71
C LEU H 4033 -29.50 -20.88 3.26
N LEU H 4034 -30.44 -20.24 2.58
CA LEU H 4034 -30.24 -18.89 2.08
C LEU H 4034 -30.79 -17.82 3.02
N GLU H 4035 -31.33 -18.20 4.17
CA GLU H 4035 -31.82 -17.21 5.11
C GLU H 4035 -30.70 -16.28 5.54
N GLY H 4036 -30.99 -14.98 5.59
CA GLY H 4036 -30.01 -14.01 6.01
C GLY H 4036 -28.76 -14.05 5.15
N ASN H 4037 -28.94 -14.14 3.83
CA ASN H 4037 -27.85 -14.28 2.90
C ASN H 4037 -27.57 -12.94 2.22
N VAL H 4038 -26.33 -12.50 2.28
CA VAL H 4038 -25.96 -11.25 1.63
C VAL H 4038 -25.76 -11.46 0.14
N VAL H 4039 -25.85 -10.36 -0.61
CA VAL H 4039 -25.61 -10.44 -2.05
C VAL H 4039 -24.23 -11.02 -2.31
N ASN H 4040 -24.13 -11.88 -3.31
CA ASN H 4040 -22.89 -12.59 -3.59
C ASN H 4040 -22.40 -13.34 -2.36
N GLY H 4041 -23.34 -13.87 -1.58
CA GLY H 4041 -22.96 -14.63 -0.41
C GLY H 4041 -22.28 -15.93 -0.75
N MET H 4042 -21.49 -16.43 0.20
CA MET H 4042 -20.78 -17.68 -0.02
C MET H 4042 -21.75 -18.83 -0.22
N ILE H 4043 -22.81 -18.87 0.60
CA ILE H 4043 -23.82 -19.92 0.44
C ILE H 4043 -24.46 -19.84 -0.92
N ALA H 4044 -24.81 -18.63 -1.36
CA ALA H 4044 -25.45 -18.47 -2.66
C ALA H 4044 -24.54 -18.95 -3.78
N ARG H 4045 -23.27 -18.56 -3.75
CA ARG H 4045 -22.36 -18.98 -4.81
C ARG H 4045 -22.19 -20.50 -4.80
N GLN H 4046 -22.08 -21.09 -3.61
CA GLN H 4046 -21.95 -22.55 -3.55
C GLN H 4046 -23.19 -23.22 -4.12
N MET H 4047 -24.37 -22.68 -3.84
CA MET H 4047 -25.60 -23.27 -4.34
C MET H 4047 -25.67 -23.17 -5.86
N VAL H 4048 -25.27 -22.03 -6.41
CA VAL H 4048 -25.25 -21.89 -7.86
C VAL H 4048 -24.27 -22.88 -8.48
N ASP H 4049 -23.10 -23.06 -7.84
CA ASP H 4049 -22.15 -24.04 -8.33
C ASP H 4049 -22.75 -25.45 -8.32
N MET H 4050 -23.46 -25.79 -7.24
CA MET H 4050 -24.09 -27.10 -7.17
C MET H 4050 -25.12 -27.27 -8.29
N LEU H 4051 -25.93 -26.24 -8.54
CA LEU H 4051 -26.91 -26.34 -9.61
C LEU H 4051 -26.23 -26.51 -10.96
N VAL H 4052 -25.17 -25.75 -11.22
CA VAL H 4052 -24.46 -25.90 -12.48
C VAL H 4052 -23.89 -27.30 -12.60
N GLU H 4053 -23.39 -27.86 -11.50
CA GLU H 4053 -22.91 -29.23 -11.52
C GLU H 4053 -24.02 -30.20 -11.89
N SER H 4054 -25.22 -29.99 -11.33
CA SER H 4054 -26.37 -30.83 -11.63
C SER H 4054 -27.20 -30.26 -12.78
N SER H 4055 -26.55 -29.52 -13.70
CA SER H 4055 -27.27 -28.84 -14.77
C SER H 4055 -28.23 -29.77 -15.49
N SER H 4056 -27.76 -30.92 -15.95
CA SER H 4056 -28.61 -31.79 -16.75
C SER H 4056 -29.87 -32.16 -16.00
N ASN H 4057 -29.73 -32.62 -14.76
CA ASN H 4057 -30.91 -33.00 -13.99
C ASN H 4057 -31.80 -31.80 -13.71
N VAL H 4058 -31.21 -30.65 -13.38
CA VAL H 4058 -32.02 -29.46 -13.13
C VAL H 4058 -32.74 -29.03 -14.40
N GLU H 4059 -32.05 -29.12 -15.54
CA GLU H 4059 -32.72 -28.78 -16.79
C GLU H 4059 -33.91 -29.69 -17.04
N MET H 4060 -33.74 -30.99 -16.78
CA MET H 4060 -34.86 -31.90 -16.96
C MET H 4060 -35.99 -31.58 -15.98
N ILE H 4061 -35.64 -31.23 -14.74
CA ILE H 4061 -36.65 -30.88 -13.76
C ILE H 4061 -37.48 -29.70 -14.24
N LEU H 4062 -36.81 -28.66 -14.72
CA LEU H 4062 -37.54 -27.50 -15.23
C LEU H 4062 -38.36 -27.86 -16.45
N LYS H 4063 -37.80 -28.69 -17.34
CA LYS H 4063 -38.51 -29.09 -18.54
C LYS H 4063 -39.80 -29.82 -18.18
N PHE H 4064 -39.77 -30.62 -17.12
CA PHE H 4064 -40.97 -31.36 -16.75
C PHE H 4064 -42.14 -30.43 -16.47
N PHE H 4065 -41.92 -29.41 -15.64
CA PHE H 4065 -42.97 -28.44 -15.37
C PHE H 4065 -43.31 -27.62 -16.59
N ASP H 4066 -42.31 -27.25 -17.39
CA ASP H 4066 -42.56 -26.40 -18.55
C ASP H 4066 -43.47 -27.10 -19.54
N MET H 4067 -43.21 -28.38 -19.84
CA MET H 4067 -44.02 -29.11 -20.78
C MET H 4067 -45.48 -29.06 -20.38
N PHE H 4068 -45.79 -29.33 -19.12
CA PHE H 4068 -47.18 -29.45 -18.71
C PHE H 4068 -47.85 -28.08 -18.58
N LEU H 4069 -47.10 -27.07 -18.13
CA LEU H 4069 -47.70 -25.74 -18.07
C LEU H 4069 -48.01 -25.21 -19.47
N LYS H 4070 -47.22 -25.61 -20.47
CA LYS H 4070 -47.58 -25.27 -21.84
C LYS H 4070 -48.70 -26.16 -22.36
N LEU H 4071 -48.71 -27.42 -21.94
CA LEU H 4071 -49.72 -28.36 -22.41
C LEU H 4071 -51.11 -27.91 -22.00
N LYS H 4072 -51.26 -27.45 -20.75
CA LYS H 4072 -52.59 -27.05 -20.31
C LYS H 4072 -53.14 -25.93 -21.18
N ASP H 4073 -52.30 -24.94 -21.51
CA ASP H 4073 -52.75 -23.88 -22.40
C ASP H 4073 -53.05 -24.41 -23.79
N ILE H 4074 -52.19 -25.28 -24.31
CA ILE H 4074 -52.40 -25.79 -25.67
C ILE H 4074 -53.72 -26.53 -25.76
N VAL H 4075 -54.07 -27.29 -24.73
CA VAL H 4075 -55.32 -28.04 -24.74
C VAL H 4075 -56.50 -27.10 -24.88
N GLY H 4076 -56.48 -25.98 -24.16
CA GLY H 4076 -57.54 -25.00 -24.31
C GLY H 4076 -57.46 -24.23 -25.61
N SER H 4077 -56.38 -24.41 -26.36
CA SER H 4077 -56.19 -23.68 -27.60
C SER H 4077 -57.25 -24.05 -28.62
N GLU H 4078 -57.67 -23.06 -29.41
CA GLU H 4078 -58.72 -23.29 -30.38
C GLU H 4078 -58.25 -24.20 -31.51
N ALA H 4079 -56.97 -24.15 -31.85
CA ALA H 4079 -56.45 -25.09 -32.84
C ALA H 4079 -56.58 -26.52 -32.35
N PHE H 4080 -56.20 -26.78 -31.10
CA PHE H 4080 -56.35 -28.11 -30.54
C PHE H 4080 -57.82 -28.52 -30.50
N GLN H 4081 -58.69 -27.60 -30.10
CA GLN H 4081 -60.11 -27.93 -30.07
C GLN H 4081 -60.63 -28.27 -31.46
N ASP H 4082 -60.15 -27.55 -32.48
CA ASP H 4082 -60.53 -27.87 -33.85
C ASP H 4082 -60.07 -29.27 -34.23
N TYR H 4083 -58.83 -29.62 -33.85
CA TYR H 4083 -58.35 -30.97 -34.13
C TYR H 4083 -59.20 -32.01 -33.41
N VAL H 4084 -59.73 -31.66 -32.24
CA VAL H 4084 -60.67 -32.54 -31.56
C VAL H 4084 -61.94 -32.65 -32.39
N THR H 4085 -62.37 -33.90 -32.65
CA THR H 4085 -63.55 -34.14 -33.46
C THR H 4085 -64.48 -35.19 -32.88
N ASP H 4086 -64.05 -35.95 -31.89
CA ASP H 4086 -64.91 -36.98 -31.32
C ASP H 4086 -65.95 -36.36 -30.41
N PRO H 4087 -67.22 -36.76 -30.51
CA PRO H 4087 -68.24 -36.13 -29.64
C PRO H 4087 -67.94 -36.29 -28.16
N ARG H 4088 -67.27 -37.37 -27.77
CA ARG H 4088 -66.98 -37.59 -26.36
C ARG H 4088 -65.93 -36.63 -25.82
N GLY H 4089 -65.28 -35.85 -26.69
CA GLY H 4089 -64.22 -34.97 -26.29
C GLY H 4089 -62.85 -35.60 -26.28
N LEU H 4090 -62.77 -36.91 -26.50
CA LEU H 4090 -61.49 -37.60 -26.54
C LEU H 4090 -60.71 -37.15 -27.77
N ILE H 4091 -59.40 -37.38 -27.75
CA ILE H 4091 -58.55 -37.15 -28.92
C ILE H 4091 -57.73 -38.41 -29.17
N SER H 4092 -57.70 -38.86 -30.42
CA SER H 4092 -56.88 -40.01 -30.79
C SER H 4092 -55.41 -39.61 -30.82
N LYS H 4093 -54.54 -40.63 -30.76
CA LYS H 4093 -53.11 -40.36 -30.70
C LYS H 4093 -52.62 -39.61 -31.94
N LYS H 4094 -53.07 -40.03 -33.12
CA LYS H 4094 -52.60 -39.38 -34.34
C LYS H 4094 -53.05 -37.92 -34.39
N ASP H 4095 -54.31 -37.66 -34.04
CA ASP H 4095 -54.79 -36.29 -34.04
C ASP H 4095 -54.04 -35.45 -33.00
N PHE H 4096 -53.76 -36.04 -31.84
CA PHE H 4096 -53.00 -35.33 -30.83
C PHE H 4096 -51.61 -34.96 -31.33
N GLN H 4097 -50.92 -35.91 -31.95
CA GLN H 4097 -49.60 -35.63 -32.51
C GLN H 4097 -49.68 -34.54 -33.57
N LYS H 4098 -50.68 -34.61 -34.44
CA LYS H 4098 -50.82 -33.60 -35.48
C LYS H 4098 -51.07 -32.23 -34.88
N ALA H 4099 -51.89 -32.17 -33.84
CA ALA H 4099 -52.17 -30.89 -33.18
C ALA H 4099 -50.91 -30.31 -32.57
N MET H 4100 -50.11 -31.14 -31.89
CA MET H 4100 -48.87 -30.63 -31.33
C MET H 4100 -47.91 -30.17 -32.42
N ASP H 4101 -47.83 -30.91 -33.52
CA ASP H 4101 -46.98 -30.49 -34.62
C ASP H 4101 -47.40 -29.14 -35.17
N SER H 4102 -48.71 -28.94 -35.34
CA SER H 4102 -49.21 -27.64 -35.79
C SER H 4102 -48.87 -26.55 -34.78
N GLN H 4103 -48.99 -26.86 -33.49
CA GLN H 4103 -48.70 -25.87 -32.45
C GLN H 4103 -47.24 -25.46 -32.49
N LYS H 4104 -46.35 -26.40 -32.80
CA LYS H 4104 -44.93 -26.11 -32.95
C LYS H 4104 -44.27 -25.67 -31.65
N GLN H 4105 -44.91 -25.92 -30.51
CA GLN H 4105 -44.33 -25.56 -29.22
C GLN H 4105 -43.58 -26.71 -28.57
N PHE H 4106 -43.50 -27.87 -29.22
CA PHE H 4106 -42.78 -29.01 -28.69
C PHE H 4106 -41.93 -29.66 -29.78
N THR H 4107 -40.87 -30.31 -29.36
CA THR H 4107 -40.05 -31.11 -30.25
C THR H 4107 -40.66 -32.50 -30.42
N GLY H 4108 -40.14 -33.24 -31.41
CA GLY H 4108 -40.62 -34.59 -31.64
C GLY H 4108 -40.43 -35.54 -30.48
N PRO H 4109 -39.24 -35.61 -29.87
CA PRO H 4109 -39.10 -36.47 -28.68
C PRO H 4109 -40.01 -36.07 -27.54
N GLU H 4110 -40.20 -34.76 -27.34
CA GLU H 4110 -41.11 -34.31 -26.30
C GLU H 4110 -42.54 -34.72 -26.59
N ILE H 4111 -42.95 -34.64 -27.87
CA ILE H 4111 -44.28 -35.09 -28.23
C ILE H 4111 -44.42 -36.59 -27.99
N GLN H 4112 -43.36 -37.35 -28.26
CA GLN H 4112 -43.40 -38.79 -27.98
C GLN H 4112 -43.57 -39.04 -26.50
N PHE H 4113 -42.84 -38.29 -25.67
CA PHE H 4113 -43.02 -38.42 -24.22
C PHE H 4113 -44.45 -38.11 -23.81
N LEU H 4114 -45.02 -37.04 -24.38
CA LEU H 4114 -46.40 -36.68 -24.06
C LEU H 4114 -47.35 -37.79 -24.48
N LEU H 4115 -47.13 -38.38 -25.64
CA LEU H 4115 -47.97 -39.49 -26.08
C LEU H 4115 -47.88 -40.65 -25.11
N SER H 4116 -46.66 -40.96 -24.64
CA SER H 4116 -46.49 -42.05 -23.69
C SER H 4116 -47.24 -41.75 -22.39
N CYS H 4117 -47.17 -40.51 -21.92
CA CYS H 4117 -47.87 -40.13 -20.69
C CYS H 4117 -49.38 -40.00 -20.90
N SER H 4118 -49.84 -39.93 -22.15
CA SER H 4118 -51.25 -39.66 -22.40
C SER H 4118 -52.18 -40.63 -21.70
N GLU H 4119 -51.74 -41.86 -21.47
CA GLU H 4119 -52.59 -42.89 -20.87
C GLU H 4119 -53.79 -43.20 -21.76
N ALA H 4120 -53.52 -43.38 -23.05
CA ALA H 4120 -54.59 -43.67 -23.99
C ALA H 4120 -55.12 -45.08 -23.78
N ASP H 4121 -56.40 -45.27 -24.12
CA ASP H 4121 -57.06 -46.55 -23.96
C ASP H 4121 -56.71 -47.44 -25.16
N GLU H 4122 -57.27 -48.65 -25.20
CA GLU H 4122 -56.94 -49.61 -26.25
C GLU H 4122 -57.19 -49.05 -27.64
N ASN H 4123 -58.14 -48.14 -27.79
CA ASN H 4123 -58.41 -47.52 -29.08
C ASN H 4123 -57.40 -46.43 -29.42
N GLU H 4124 -56.29 -46.33 -28.69
CA GLU H 4124 -55.30 -45.29 -28.93
C GLU H 4124 -55.97 -43.91 -28.86
N MET H 4125 -56.78 -43.71 -27.81
CA MET H 4125 -57.71 -42.61 -27.76
C MET H 4125 -57.48 -41.89 -26.43
N ILE H 4126 -57.27 -40.58 -26.47
CA ILE H 4126 -56.76 -39.83 -25.32
C ILE H 4126 -57.83 -38.86 -24.82
N ASN H 4127 -57.82 -38.61 -23.51
CA ASN H 4127 -58.71 -37.63 -22.88
C ASN H 4127 -57.90 -36.39 -22.54
N CYS H 4128 -58.06 -35.36 -23.37
CA CYS H 4128 -57.21 -34.18 -23.26
C CYS H 4128 -57.36 -33.48 -21.92
N GLU H 4129 -58.61 -33.34 -21.43
CA GLU H 4129 -58.83 -32.59 -20.20
C GLU H 4129 -58.15 -33.27 -19.03
N GLU H 4130 -58.40 -34.57 -18.85
CA GLU H 4130 -57.74 -35.32 -17.78
C GLU H 4130 -56.24 -35.28 -17.94
N PHE H 4131 -55.76 -35.44 -19.19
CA PHE H 4131 -54.32 -35.42 -19.43
C PHE H 4131 -53.71 -34.12 -18.95
N ALA H 4132 -54.36 -32.99 -19.25
CA ALA H 4132 -53.82 -31.69 -18.87
C ALA H 4132 -53.90 -31.48 -17.37
N ASN H 4133 -55.02 -31.83 -16.75
CA ASN H 4133 -55.21 -31.53 -15.33
C ASN H 4133 -54.55 -32.54 -14.40
N ARG H 4134 -54.02 -33.64 -14.92
CA ARG H 4134 -53.45 -34.65 -14.04
C ARG H 4134 -52.32 -34.08 -13.17
N PHE H 4135 -51.34 -33.44 -13.79
CA PHE H 4135 -50.13 -33.02 -13.09
C PHE H 4135 -50.13 -31.55 -12.70
N GLN H 4136 -51.27 -30.86 -12.81
CA GLN H 4136 -51.29 -29.46 -12.43
C GLN H 4136 -51.19 -29.31 -10.92
N GLU H 4137 -52.13 -29.90 -10.17
CA GLU H 4137 -52.11 -29.74 -8.72
C GLU H 4137 -50.87 -30.36 -8.09
N PRO H 4138 -50.48 -31.58 -8.42
CA PRO H 4138 -49.32 -32.17 -7.72
C PRO H 4138 -48.05 -31.34 -7.86
N ALA H 4139 -47.83 -30.73 -9.02
CA ALA H 4139 -46.60 -30.02 -9.29
C ALA H 4139 -46.65 -28.54 -8.97
N ARG H 4140 -47.82 -28.02 -8.57
CA ARG H 4140 -47.91 -26.58 -8.33
C ARG H 4140 -47.01 -26.15 -7.18
N ASP H 4141 -47.06 -26.89 -6.07
CA ASP H 4141 -46.31 -26.48 -4.90
C ASP H 4141 -44.80 -26.51 -5.17
N ILE H 4142 -44.31 -27.65 -5.67
CA ILE H 4142 -42.89 -27.74 -5.99
C ILE H 4142 -42.52 -26.74 -7.09
N GLY H 4143 -43.41 -26.53 -8.05
CA GLY H 4143 -43.14 -25.53 -9.07
C GLY H 4143 -42.95 -24.15 -8.48
N PHE H 4144 -43.84 -23.76 -7.57
CA PHE H 4144 -43.70 -22.46 -6.94
C PHE H 4144 -42.41 -22.37 -6.14
N ASN H 4145 -42.07 -23.43 -5.41
CA ASN H 4145 -40.84 -23.37 -4.61
C ASN H 4145 -39.62 -23.29 -5.50
N VAL H 4146 -39.61 -24.00 -6.63
CA VAL H 4146 -38.47 -23.90 -7.55
C VAL H 4146 -38.37 -22.50 -8.12
N ALA H 4147 -39.51 -21.90 -8.48
CA ALA H 4147 -39.49 -20.52 -8.94
C ALA H 4147 -38.96 -19.58 -7.88
N VAL H 4148 -39.36 -19.77 -6.62
CA VAL H 4148 -38.86 -18.92 -5.55
C VAL H 4148 -37.36 -19.10 -5.39
N LEU H 4149 -36.88 -20.34 -5.46
CA LEU H 4149 -35.45 -20.59 -5.35
C LEU H 4149 -34.68 -19.88 -6.45
N LEU H 4150 -35.13 -20.03 -7.70
CA LEU H 4150 -34.45 -19.39 -8.81
C LEU H 4150 -34.49 -17.87 -8.71
N THR H 4151 -35.64 -17.30 -8.32
CA THR H 4151 -35.73 -15.86 -8.15
C THR H 4151 -34.78 -15.38 -7.05
N ASN H 4152 -34.75 -16.08 -5.92
CA ASN H 4152 -33.87 -15.70 -4.82
C ASN H 4152 -32.41 -15.72 -5.26
N LEU H 4153 -31.99 -16.80 -5.91
CA LEU H 4153 -30.60 -16.89 -6.34
C LEU H 4153 -30.28 -15.82 -7.37
N SER H 4154 -31.20 -15.57 -8.31
CA SER H 4154 -30.94 -14.56 -9.33
C SER H 4154 -30.79 -13.19 -8.70
N GLU H 4155 -31.63 -12.85 -7.73
CA GLU H 4155 -31.57 -11.53 -7.13
C GLU H 4155 -30.38 -11.39 -6.18
N HIS H 4156 -29.90 -12.48 -5.60
CA HIS H 4156 -28.80 -12.38 -4.65
C HIS H 4156 -27.44 -12.65 -5.29
N VAL H 4157 -27.43 -13.06 -6.55
CA VAL H 4157 -26.18 -13.15 -7.31
C VAL H 4157 -26.43 -12.49 -8.66
N PRO H 4158 -26.54 -11.16 -8.71
CA PRO H 4158 -27.03 -10.52 -9.94
C PRO H 4158 -26.17 -10.80 -11.15
N HIS H 4159 -24.86 -10.92 -10.96
CA HIS H 4159 -23.91 -10.98 -12.07
C HIS H 4159 -23.37 -12.40 -12.15
N ASP H 4160 -24.08 -13.26 -12.87
CA ASP H 4160 -23.67 -14.63 -13.07
C ASP H 4160 -24.18 -15.06 -14.45
N PRO H 4161 -23.29 -15.53 -15.34
CA PRO H 4161 -23.75 -16.02 -16.64
C PRO H 4161 -24.24 -17.46 -16.62
N ARG H 4162 -24.05 -18.19 -15.52
CA ARG H 4162 -24.54 -19.56 -15.42
C ARG H 4162 -25.99 -19.63 -14.97
N LEU H 4163 -26.37 -18.86 -13.95
CA LEU H 4163 -27.74 -18.90 -13.47
C LEU H 4163 -28.71 -18.29 -14.47
N ARG H 4164 -28.22 -17.40 -15.33
CA ARG H 4164 -29.06 -16.78 -16.34
C ARG H 4164 -29.48 -17.76 -17.43
N ASN H 4165 -28.87 -18.95 -17.47
CA ASN H 4165 -29.34 -20.01 -18.35
C ASN H 4165 -30.50 -20.77 -17.71
N PHE H 4166 -30.39 -21.10 -16.42
CA PHE H 4166 -31.50 -21.73 -15.73
C PHE H 4166 -32.72 -20.82 -15.73
N LEU H 4167 -32.51 -19.51 -15.52
CA LEU H 4167 -33.64 -18.59 -15.56
C LEU H 4167 -34.31 -18.62 -16.92
N GLU H 4168 -33.51 -18.61 -17.99
CA GLU H 4168 -34.09 -18.64 -19.34
C GLU H 4168 -34.89 -19.92 -19.55
N LEU H 4169 -34.35 -21.06 -19.13
CA LEU H 4169 -35.08 -22.32 -19.30
C LEU H 4169 -36.35 -22.35 -18.46
N ALA H 4170 -36.34 -21.70 -17.29
CA ALA H 4170 -37.49 -21.68 -16.40
C ALA H 4170 -38.37 -20.45 -16.61
N GLU H 4171 -38.18 -19.75 -17.73
CA GLU H 4171 -38.99 -18.56 -17.99
C GLU H 4171 -40.48 -18.83 -17.81
N SER H 4172 -40.97 -19.93 -18.37
CA SER H 4172 -42.42 -20.19 -18.31
C SER H 4172 -42.89 -20.33 -16.87
N ILE H 4173 -42.13 -21.05 -16.03
CA ILE H 4173 -42.55 -21.25 -14.65
C ILE H 4173 -42.60 -19.91 -13.92
N LEU H 4174 -41.58 -19.08 -14.08
CA LEU H 4174 -41.55 -17.78 -13.43
C LEU H 4174 -42.67 -16.87 -13.91
N GLU H 4175 -42.95 -16.85 -15.21
CA GLU H 4175 -44.07 -16.06 -15.70
C GLU H 4175 -45.39 -16.56 -15.12
N TYR H 4176 -45.58 -17.88 -15.08
CA TYR H 4176 -46.82 -18.42 -14.54
C TYR H 4176 -47.00 -18.03 -13.08
N PHE H 4177 -45.94 -18.13 -12.29
CA PHE H 4177 -46.04 -17.91 -10.86
C PHE H 4177 -45.78 -16.46 -10.45
N ARG H 4178 -45.52 -15.56 -11.40
CA ARG H 4178 -45.32 -14.16 -11.04
C ARG H 4178 -46.50 -13.61 -10.26
N PRO H 4179 -47.77 -13.80 -10.66
CA PRO H 4179 -48.86 -13.23 -9.87
C PRO H 4179 -48.92 -13.78 -8.45
N TYR H 4180 -48.51 -15.03 -8.24
CA TYR H 4180 -48.60 -15.65 -6.93
C TYR H 4180 -47.32 -15.57 -6.12
N LEU H 4181 -46.23 -15.07 -6.69
CA LEU H 4181 -44.98 -14.94 -5.96
C LEU H 4181 -44.85 -13.52 -5.42
N GLY H 4182 -45.10 -13.36 -4.13
CA GLY H 4182 -45.00 -12.06 -3.49
C GLY H 4182 -43.65 -11.90 -2.84
N ARG H 4183 -43.14 -10.67 -2.83
CA ARG H 4183 -41.87 -10.38 -2.18
C ARG H 4183 -42.01 -9.11 -1.37
N ILE H 4184 -41.31 -9.05 -0.25
CA ILE H 4184 -41.25 -7.84 0.56
C ILE H 4184 -39.83 -7.70 1.10
N GLU H 4185 -39.58 -6.55 1.72
CA GLU H 4185 -38.30 -6.29 2.39
C GLU H 4185 -38.57 -5.94 3.84
N ILE H 4186 -37.78 -6.51 4.75
CA ILE H 4186 -37.94 -6.29 6.17
C ILE H 4186 -36.60 -5.93 6.77
N MET H 4187 -36.61 -5.37 7.98
CA MET H 4187 -35.40 -5.01 8.68
C MET H 4187 -35.01 -6.15 9.60
N GLY H 4188 -34.23 -7.09 9.09
CA GLY H 4188 -34.01 -8.35 9.78
C GLY H 4188 -33.32 -8.17 11.12
N ALA H 4189 -33.33 -9.25 11.90
CA ALA H 4189 -32.70 -9.23 13.21
C ALA H 4189 -31.21 -8.95 13.11
N SER H 4190 -30.58 -9.36 12.01
CA SER H 4190 -29.16 -9.10 11.80
C SER H 4190 -28.86 -7.63 11.51
N ARG H 4191 -29.85 -6.75 11.62
CA ARG H 4191 -29.70 -5.32 11.36
C ARG H 4191 -29.38 -5.02 9.91
N ARG H 4192 -29.81 -5.89 8.99
CA ARG H 4192 -29.66 -5.66 7.56
C ARG H 4192 -31.01 -5.87 6.88
N ILE H 4193 -31.27 -5.11 5.82
CA ILE H 4193 -32.49 -5.30 5.06
C ILE H 4193 -32.44 -6.65 4.37
N GLU H 4194 -33.50 -7.44 4.54
CA GLU H 4194 -33.61 -8.75 3.93
C GLU H 4194 -34.85 -8.80 3.05
N ARG H 4195 -34.80 -9.63 2.02
CA ARG H 4195 -35.91 -9.82 1.12
C ARG H 4195 -36.57 -11.17 1.41
N ILE H 4196 -37.89 -11.15 1.58
CA ILE H 4196 -38.67 -12.33 1.88
C ILE H 4196 -39.55 -12.64 0.67
N TYR H 4197 -39.54 -13.89 0.24
CA TYR H 4197 -40.40 -14.37 -0.84
C TYR H 4197 -41.42 -15.34 -0.25
N PHE H 4198 -42.69 -15.12 -0.60
CA PHE H 4198 -43.78 -15.93 -0.08
C PHE H 4198 -44.82 -16.11 -1.16
N GLU H 4199 -45.87 -16.85 -0.81
CA GLU H 4199 -46.94 -17.20 -1.74
C GLU H 4199 -48.19 -16.37 -1.44
N ILE H 4200 -48.75 -15.77 -2.48
CA ILE H 4200 -50.02 -15.06 -2.40
C ILE H 4200 -51.07 -15.94 -3.03
N SER H 4201 -52.03 -16.39 -2.23
CA SER H 4201 -53.06 -17.27 -2.74
C SER H 4201 -53.96 -16.53 -3.73
N GLU H 4202 -54.51 -17.30 -4.67
CA GLU H 4202 -55.35 -16.70 -5.71
C GLU H 4202 -56.58 -16.04 -5.10
N THR H 4203 -57.19 -16.67 -4.10
CA THR H 4203 -58.35 -16.06 -3.46
C THR H 4203 -57.97 -14.76 -2.78
N ASN H 4204 -56.81 -14.72 -2.12
CA ASN H 4204 -56.37 -13.48 -1.49
C ASN H 4204 -56.17 -12.39 -2.53
N ARG H 4205 -55.54 -12.71 -3.66
CA ARG H 4205 -55.35 -11.70 -4.70
C ARG H 4205 -56.68 -11.22 -5.24
N ALA H 4206 -57.62 -12.13 -5.49
CA ALA H 4206 -58.93 -11.72 -6.00
C ALA H 4206 -59.64 -10.79 -5.02
N GLN H 4207 -59.65 -11.17 -3.75
CA GLN H 4207 -60.32 -10.34 -2.74
C GLN H 4207 -59.66 -8.97 -2.67
N TRP H 4208 -58.33 -8.91 -2.76
CA TRP H 4208 -57.66 -7.63 -2.79
C TRP H 4208 -58.08 -6.80 -4.00
N GLU H 4209 -58.21 -7.45 -5.16
CA GLU H 4209 -58.62 -6.75 -6.37
C GLU H 4209 -60.09 -6.36 -6.36
N MET H 4210 -60.88 -6.87 -5.44
CA MET H 4210 -62.29 -6.50 -5.37
C MET H 4210 -62.43 -4.98 -5.31
N PRO H 4211 -63.35 -4.38 -6.06
CA PRO H 4211 -63.39 -2.91 -6.13
C PRO H 4211 -63.58 -2.20 -4.80
N GLN H 4212 -64.39 -2.77 -3.90
CA GLN H 4212 -64.60 -2.11 -2.62
C GLN H 4212 -63.29 -1.98 -1.86
N VAL H 4213 -62.46 -3.03 -1.91
CA VAL H 4213 -61.17 -2.96 -1.23
C VAL H 4213 -60.29 -1.90 -1.86
N LYS H 4214 -60.36 -1.74 -3.17
CA LYS H 4214 -59.58 -0.69 -3.83
C LYS H 4214 -60.03 0.69 -3.39
N GLU H 4215 -61.35 0.90 -3.28
CA GLU H 4215 -61.84 2.19 -2.79
C GLU H 4215 -61.38 2.44 -1.36
N SER H 4216 -61.44 1.41 -0.51
CA SER H 4216 -60.96 1.57 0.85
C SER H 4216 -59.48 1.90 0.88
N LYS H 4217 -58.70 1.25 0.02
CA LYS H 4217 -57.26 1.51 -0.04
C LYS H 4217 -56.99 2.95 -0.45
N ARG H 4218 -57.71 3.45 -1.46
CA ARG H 4218 -57.52 4.84 -1.85
C ARG H 4218 -57.91 5.80 -0.74
N GLN H 4219 -59.02 5.55 -0.06
CA GLN H 4219 -59.41 6.43 1.04
C GLN H 4219 -58.38 6.42 2.14
N PHE H 4220 -57.86 5.24 2.48
CA PHE H 4220 -56.83 5.15 3.52
C PHE H 4220 -55.57 5.90 3.13
N ILE H 4221 -55.14 5.74 1.88
CA ILE H 4221 -53.94 6.45 1.45
C ILE H 4221 -54.16 7.95 1.53
N PHE H 4222 -55.32 8.43 1.09
CA PHE H 4222 -55.62 9.85 1.22
C PHE H 4222 -55.52 10.28 2.67
N ASP H 4223 -56.13 9.51 3.58
CA ASP H 4223 -56.14 9.89 4.98
C ASP H 4223 -54.72 9.99 5.54
N VAL H 4224 -53.92 8.95 5.32
CA VAL H 4224 -52.58 8.95 5.90
C VAL H 4224 -51.75 10.09 5.32
N VAL H 4225 -51.82 10.29 4.00
CA VAL H 4225 -50.98 11.30 3.39
C VAL H 4225 -51.37 12.69 3.91
N ASN H 4226 -52.66 12.99 3.95
CA ASN H 4226 -53.08 14.33 4.33
C ASN H 4226 -53.14 14.51 5.84
N GLU H 4227 -53.99 13.75 6.52
CA GLU H 4227 -54.19 13.97 7.95
C GLU H 4227 -53.06 13.37 8.77
N GLY H 4228 -52.80 12.08 8.60
CA GLY H 4228 -51.90 11.38 9.50
C GLY H 4228 -50.48 11.91 9.43
N GLY H 4229 -49.73 11.65 10.49
CA GLY H 4229 -48.34 11.98 10.56
C GLY H 4229 -47.46 10.88 10.00
N GLU H 4230 -46.16 11.00 10.27
CA GLU H 4230 -45.19 10.02 9.77
C GLU H 4230 -44.83 9.00 10.84
N SER H 4231 -44.85 9.40 12.11
CA SER H 4231 -44.46 8.47 13.17
C SER H 4231 -45.39 7.29 13.27
N GLU H 4232 -46.69 7.53 13.09
CA GLU H 4232 -47.71 6.50 13.23
C GLU H 4232 -48.18 5.95 11.90
N LYS H 4233 -47.48 6.24 10.81
CA LYS H 4233 -47.92 5.81 9.49
C LYS H 4233 -48.01 4.29 9.42
N MET H 4234 -46.97 3.59 9.92
CA MET H 4234 -46.98 2.14 9.90
C MET H 4234 -48.06 1.56 10.81
N GLU H 4235 -48.29 2.18 11.96
CA GLU H 4235 -49.37 1.71 12.83
C GLU H 4235 -50.71 1.82 12.13
N MET H 4236 -50.96 2.95 11.47
CA MET H 4236 -52.21 3.11 10.75
C MET H 4236 -52.30 2.14 9.58
N PHE H 4237 -51.17 1.86 8.93
CA PHE H 4237 -51.17 0.91 7.83
C PHE H 4237 -51.53 -0.49 8.32
N VAL H 4238 -50.98 -0.91 9.46
CA VAL H 4238 -51.31 -2.23 9.97
C VAL H 4238 -52.77 -2.28 10.41
N SER H 4239 -53.27 -1.19 11.00
CA SER H 4239 -54.69 -1.14 11.34
C SER H 4239 -55.56 -1.28 10.10
N PHE H 4240 -55.16 -0.61 9.02
CA PHE H 4240 -55.89 -0.73 7.76
C PHE H 4240 -55.84 -2.17 7.25
N CYS H 4241 -54.68 -2.81 7.39
CA CYS H 4241 -54.55 -4.22 6.95
C CYS H 4241 -55.54 -5.07 7.73
N GLU H 4242 -55.62 -4.89 9.05
CA GLU H 4242 -56.52 -5.69 9.91
C GLU H 4242 -57.96 -5.45 9.47
N ASP H 4243 -58.34 -4.19 9.24
CA ASP H 4243 -59.72 -3.84 8.83
C ASP H 4243 -60.02 -4.51 7.49
N THR H 4244 -59.08 -4.47 6.55
CA THR H 4244 -59.28 -5.08 5.21
C THR H 4244 -59.50 -6.58 5.38
N ILE H 4245 -58.70 -7.23 6.23
CA ILE H 4245 -58.83 -8.71 6.41
C ILE H 4245 -60.22 -9.01 6.97
N PHE H 4246 -60.75 -8.16 7.85
CA PHE H 4246 -62.13 -8.34 8.35
C PHE H 4246 -63.12 -8.12 7.21
N GLU H 4247 -62.95 -7.06 6.43
CA GLU H 4247 -63.87 -6.78 5.35
C GLU H 4247 -63.88 -7.91 4.33
N MET H 4248 -62.72 -8.49 4.04
CA MET H 4248 -62.67 -9.66 3.17
C MET H 4248 -63.44 -10.82 3.77
N GLN H 4249 -63.32 -11.04 5.07
CA GLN H 4249 -64.13 -12.08 5.70
C GLN H 4249 -65.62 -11.82 5.51
N ILE H 4250 -66.05 -10.57 5.71
CA ILE H 4250 -67.46 -10.25 5.54
C ILE H 4250 -67.90 -10.49 4.10
N ALA H 4251 -67.09 -10.05 3.13
CA ALA H 4251 -67.44 -10.23 1.73
C ALA H 4251 -67.52 -11.70 1.38
N ALA H 4252 -66.59 -12.51 1.89
CA ALA H 4252 -66.65 -13.95 1.64
C ALA H 4252 -67.91 -14.55 2.24
N GLN H 4253 -68.28 -14.11 3.44
CA GLN H 4253 -69.51 -14.63 4.04
C GLN H 4253 -70.72 -14.31 3.19
N ILE H 4254 -70.82 -13.07 2.69
CA ILE H 4254 -72.00 -12.67 1.93
C ILE H 4254 -71.94 -13.03 0.46
N SER H 4255 -70.83 -13.58 -0.01
CA SER H 4255 -70.71 -13.90 -1.43
C SER H 4255 -71.75 -14.94 -1.85
N GLU H 4256 -72.23 -14.81 -3.08
CA GLU H 4256 -73.21 -15.75 -3.59
C GLU H 4256 -72.61 -17.16 -3.61
N PRO H 4257 -73.30 -18.17 -3.07
CA PRO H 4257 -72.74 -19.53 -3.10
C PRO H 4257 -72.81 -20.17 -4.49
N PHE H 4538 -89.38 -27.08 10.12
CA PHE H 4538 -89.31 -25.99 9.15
C PHE H 4538 -88.42 -24.85 9.64
N TRP H 4539 -88.10 -24.87 10.94
CA TRP H 4539 -87.33 -23.77 11.52
C TRP H 4539 -85.93 -23.68 10.93
N GLY H 4540 -85.30 -24.82 10.66
CA GLY H 4540 -83.99 -24.79 10.01
C GLY H 4540 -84.06 -24.20 8.61
N GLU H 4541 -85.09 -24.57 7.86
CA GLU H 4541 -85.27 -23.99 6.53
C GLU H 4541 -85.52 -22.48 6.63
N LEU H 4542 -86.28 -22.07 7.64
CA LEU H 4542 -86.52 -20.64 7.84
C LEU H 4542 -85.22 -19.91 8.14
N GLU H 4543 -84.36 -20.51 8.98
CA GLU H 4543 -83.06 -19.91 9.26
C GLU H 4543 -82.22 -19.80 8.00
N VAL H 4544 -82.22 -20.86 7.18
CA VAL H 4544 -81.44 -20.82 5.94
C VAL H 4544 -81.95 -19.70 5.04
N GLN H 4545 -83.27 -19.58 4.91
CA GLN H 4545 -83.85 -18.53 4.08
C GLN H 4545 -83.53 -17.15 4.64
N ARG H 4546 -83.56 -17.01 5.97
CA ARG H 4546 -83.21 -15.72 6.58
C ARG H 4546 -81.77 -15.34 6.26
N VAL H 4547 -80.84 -16.29 6.38
CA VAL H 4547 -79.45 -16.01 6.08
C VAL H 4547 -79.30 -15.63 4.61
N LYS H 4548 -79.99 -16.37 3.73
CA LYS H 4548 -79.91 -16.05 2.30
C LYS H 4548 -80.42 -14.65 2.02
N PHE H 4549 -81.54 -14.29 2.64
CA PHE H 4549 -82.12 -12.95 2.43
C PHE H 4549 -81.19 -11.87 2.93
N LEU H 4550 -80.62 -12.05 4.12
CA LEU H 4550 -79.70 -11.05 4.65
C LEU H 4550 -78.46 -10.92 3.77
N ASN H 4551 -77.95 -12.05 3.26
CA ASN H 4551 -76.81 -11.98 2.36
C ASN H 4551 -77.17 -11.25 1.07
N TYR H 4552 -78.39 -11.48 0.57
CA TYR H 4552 -78.84 -10.76 -0.62
C TYR H 4552 -78.86 -9.26 -0.37
N LEU H 4553 -79.43 -8.85 0.76
CA LEU H 4553 -79.50 -7.42 1.07
C LEU H 4553 -78.10 -6.83 1.21
N SER H 4554 -77.20 -7.54 1.89
CA SER H 4554 -75.85 -7.05 2.07
C SER H 4554 -75.14 -6.91 0.73
N ARG H 4555 -75.30 -7.90 -0.16
CA ARG H 4555 -74.67 -7.83 -1.46
C ARG H 4555 -75.21 -6.66 -2.28
N ASN H 4556 -76.53 -6.45 -2.25
CA ASN H 4556 -77.17 -5.44 -3.08
C ASN H 4556 -77.48 -4.16 -2.31
N PHE H 4557 -76.74 -3.89 -1.24
CA PHE H 4557 -77.01 -2.69 -0.45
C PHE H 4557 -76.96 -1.44 -1.30
N TYR H 4558 -75.89 -1.25 -2.07
CA TYR H 4558 -75.74 -0.02 -2.85
C TYR H 4558 -76.79 0.10 -3.93
N THR H 4559 -77.11 -0.99 -4.63
CA THR H 4559 -78.19 -0.92 -5.61
C THR H 4559 -79.50 -0.55 -4.93
N LEU H 4560 -79.71 -1.02 -3.70
CA LEU H 4560 -80.92 -0.64 -2.97
C LEU H 4560 -80.92 0.85 -2.66
N ARG H 4561 -79.77 1.41 -2.31
CA ARG H 4561 -79.71 2.86 -2.07
C ARG H 4561 -80.03 3.63 -3.34
N PHE H 4562 -79.46 3.22 -4.47
CA PHE H 4562 -79.78 3.89 -5.72
C PHE H 4562 -81.25 3.74 -6.07
N LEU H 4563 -81.82 2.57 -5.80
CA LEU H 4563 -83.25 2.37 -6.04
C LEU H 4563 -84.08 3.30 -5.18
N ALA H 4564 -83.67 3.49 -3.92
CA ALA H 4564 -84.38 4.42 -3.05
C ALA H 4564 -84.34 5.83 -3.62
N LEU H 4565 -83.16 6.24 -4.10
CA LEU H 4565 -83.05 7.57 -4.70
C LEU H 4565 -83.94 7.71 -5.91
N PHE H 4566 -83.96 6.69 -6.77
CA PHE H 4566 -84.79 6.75 -7.98
C PHE H 4566 -86.27 6.81 -7.61
N LEU H 4567 -86.68 6.04 -6.60
CA LEU H 4567 -88.06 6.08 -6.16
C LEU H 4567 -88.40 7.46 -5.60
N ALA H 4568 -87.48 8.07 -4.88
CA ALA H 4568 -87.71 9.42 -4.37
C ALA H 4568 -87.93 10.41 -5.51
N PHE H 4569 -87.08 10.34 -6.54
CA PHE H 4569 -87.28 11.24 -7.69
C PHE H 4569 -88.61 10.99 -8.37
N ALA H 4570 -88.99 9.72 -8.55
CA ALA H 4570 -90.27 9.43 -9.18
C ALA H 4570 -91.43 9.99 -8.35
N ILE H 4571 -91.39 9.77 -7.04
CA ILE H 4571 -92.46 10.25 -6.17
C ILE H 4571 -92.57 11.76 -6.24
N ASN H 4572 -91.43 12.45 -6.23
CA ASN H 4572 -91.47 13.91 -6.28
C ASN H 4572 -91.92 14.42 -7.64
N PHE H 4573 -91.53 13.76 -8.72
CA PHE H 4573 -92.06 14.13 -10.02
C PHE H 4573 -93.58 14.02 -10.02
N ILE H 4574 -94.11 12.97 -9.41
CA ILE H 4574 -95.57 12.86 -9.30
C ILE H 4574 -96.13 13.99 -8.45
N LEU H 4575 -95.47 14.29 -7.32
CA LEU H 4575 -95.95 15.36 -6.45
C LEU H 4575 -96.07 16.67 -7.19
N LEU H 4576 -95.17 16.93 -8.15
CA LEU H 4576 -95.23 18.19 -8.88
C LEU H 4576 -96.61 18.47 -9.46
N PHE H 4577 -97.46 17.45 -9.60
CA PHE H 4577 -98.77 17.63 -10.21
C PHE H 4577 -99.87 17.93 -9.22
N TYR H 4578 -99.57 18.06 -7.93
CA TYR H 4578 -100.60 18.42 -6.97
C TYR H 4578 -101.19 19.78 -7.28
N LYS H 4579 -102.42 19.98 -6.81
CA LYS H 4579 -103.14 21.23 -6.96
C LYS H 4579 -104.06 21.38 -5.75
N VAL H 4580 -104.36 22.63 -5.40
CA VAL H 4580 -105.16 22.94 -4.23
C VAL H 4580 -106.41 23.67 -4.69
N SER H 4581 -107.57 23.24 -4.22
CA SER H 4581 -108.82 23.88 -4.56
C SER H 4581 -109.73 23.92 -3.36
N ASP H 4582 -110.45 25.03 -3.19
CA ASP H 4582 -111.38 25.12 -2.07
C ASP H 4582 -112.49 24.07 -2.20
N SER H 4583 -113.01 23.87 -3.41
CA SER H 4583 -113.99 22.84 -3.64
C SER H 4583 -113.32 21.46 -3.64
N PRO H 4584 -114.04 20.42 -3.22
CA PRO H 4584 -113.46 19.07 -3.25
C PRO H 4584 -113.42 18.54 -4.67
N PRO H 4585 -112.56 17.57 -4.96
CA PRO H 4585 -112.45 17.00 -6.31
C PRO H 4585 -113.56 16.01 -6.63
N ASN H 4624 -115.09 24.89 4.01
CA ASN H 4624 -114.24 26.03 3.67
C ASN H 4624 -112.78 25.62 3.53
N MET H 4625 -112.42 24.52 4.18
CA MET H 4625 -111.03 24.05 4.14
C MET H 4625 -110.67 23.63 2.72
N VAL H 4626 -109.43 23.91 2.32
CA VAL H 4626 -108.97 23.57 0.99
C VAL H 4626 -108.69 22.07 0.90
N TYR H 4627 -108.70 21.56 -0.32
CA TYR H 4627 -108.36 20.17 -0.61
C TYR H 4627 -107.14 20.13 -1.52
N TYR H 4628 -106.16 19.31 -1.16
CA TYR H 4628 -105.00 19.04 -1.99
C TYR H 4628 -105.26 17.74 -2.74
N PHE H 4629 -105.06 17.75 -4.05
CA PHE H 4629 -105.30 16.55 -4.85
C PHE H 4629 -104.52 16.62 -6.14
N LEU H 4630 -104.22 15.45 -6.70
CA LEU H 4630 -103.52 15.38 -7.96
C LEU H 4630 -104.41 15.88 -9.09
N GLU H 4631 -103.81 16.61 -10.03
CA GLU H 4631 -104.49 17.09 -11.21
C GLU H 4631 -103.82 16.49 -12.43
N GLU H 4632 -104.48 15.51 -13.04
CA GLU H 4632 -103.90 14.82 -14.18
C GLU H 4632 -105.02 14.25 -15.04
N SER H 4633 -104.72 14.06 -16.32
CA SER H 4633 -105.68 13.52 -17.27
C SER H 4633 -105.60 12.00 -17.36
N THR H 4634 -104.39 11.43 -17.34
CA THR H 4634 -104.25 9.99 -17.48
C THR H 4634 -104.95 9.25 -16.34
N GLY H 4635 -104.79 9.72 -15.11
CA GLY H 4635 -105.35 9.07 -13.95
C GLY H 4635 -104.51 7.95 -13.38
N TYR H 4636 -103.40 7.59 -14.02
CA TYR H 4636 -102.53 6.54 -13.50
C TYR H 4636 -101.59 7.05 -12.41
N MET H 4637 -101.36 8.36 -12.33
CA MET H 4637 -100.42 8.87 -11.33
C MET H 4637 -100.91 8.60 -9.92
N GLU H 4638 -102.20 8.84 -9.66
CA GLU H 4638 -102.69 8.75 -8.29
C GLU H 4638 -102.48 7.37 -7.70
N PRO H 4639 -102.84 6.27 -8.38
CA PRO H 4639 -102.48 4.93 -7.83
C PRO H 4639 -100.99 4.71 -7.76
N ALA H 4640 -100.28 5.14 -8.81
CA ALA H 4640 -98.82 5.01 -8.82
C ALA H 4640 -98.21 5.69 -7.61
N LEU H 4641 -98.86 6.74 -7.09
CA LEU H 4641 -98.32 7.41 -5.92
C LEU H 4641 -98.30 6.48 -4.71
N ARG H 4642 -99.43 5.81 -4.42
CA ARG H 4642 -99.44 4.88 -3.30
C ARG H 4642 -98.45 3.74 -3.55
N CYS H 4643 -98.44 3.21 -4.77
CA CYS H 4643 -97.52 2.11 -5.06
C CYS H 4643 -96.08 2.52 -4.79
N LEU H 4644 -95.67 3.68 -5.31
CA LEU H 4644 -94.30 4.12 -5.16
C LEU H 4644 -93.98 4.46 -3.71
N SER H 4645 -94.93 5.02 -2.97
CA SER H 4645 -94.67 5.34 -1.58
C SER H 4645 -94.44 4.09 -0.75
N LEU H 4646 -95.31 3.08 -0.91
CA LEU H 4646 -95.12 1.83 -0.17
C LEU H 4646 -93.81 1.17 -0.57
N LEU H 4647 -93.51 1.15 -1.87
CA LEU H 4647 -92.26 0.55 -2.31
C LEU H 4647 -91.06 1.30 -1.76
N HIS H 4648 -91.17 2.62 -1.66
CA HIS H 4648 -90.07 3.41 -1.09
C HIS H 4648 -89.84 3.08 0.37
N THR H 4649 -90.90 2.97 1.15
CA THR H 4649 -90.71 2.61 2.55
C THR H 4649 -90.11 1.22 2.68
N LEU H 4650 -90.57 0.28 1.85
CA LEU H 4650 -89.98 -1.06 1.89
C LEU H 4650 -88.50 -1.01 1.55
N VAL H 4651 -88.14 -0.27 0.51
CA VAL H 4651 -86.73 -0.21 0.10
C VAL H 4651 -85.89 0.47 1.18
N ALA H 4652 -86.44 1.46 1.86
CA ALA H 4652 -85.72 2.07 2.96
C ALA H 4652 -85.46 1.07 4.08
N PHE H 4653 -86.46 0.24 4.38
CA PHE H 4653 -86.26 -0.77 5.43
C PHE H 4653 -85.18 -1.75 5.02
N LEU H 4654 -85.23 -2.19 3.76
CA LEU H 4654 -84.21 -3.11 3.28
C LEU H 4654 -82.83 -2.47 3.30
N CYS H 4655 -82.76 -1.16 3.02
CA CYS H 4655 -81.49 -0.46 3.09
C CYS H 4655 -80.94 -0.46 4.51
N ILE H 4656 -81.79 -0.19 5.50
CA ILE H 4656 -81.32 -0.21 6.88
C ILE H 4656 -80.83 -1.60 7.27
N ILE H 4657 -81.59 -2.63 6.90
CA ILE H 4657 -81.17 -3.98 7.24
C ILE H 4657 -79.85 -4.33 6.56
N GLY H 4658 -79.70 -3.93 5.30
CA GLY H 4658 -78.46 -4.20 4.59
C GLY H 4658 -77.28 -3.49 5.23
N TYR H 4659 -77.48 -2.24 5.64
CA TYR H 4659 -76.41 -1.54 6.35
C TYR H 4659 -76.05 -2.28 7.63
N ASN H 4660 -77.05 -2.69 8.40
CA ASN H 4660 -76.77 -3.40 9.64
C ASN H 4660 -75.98 -4.68 9.38
N CYS H 4661 -76.31 -5.39 8.31
CA CYS H 4661 -75.65 -6.67 8.04
C CYS H 4661 -74.25 -6.47 7.45
N LEU H 4662 -74.04 -5.39 6.72
CA LEU H 4662 -72.80 -5.21 5.96
C LEU H 4662 -71.79 -4.30 6.65
N LYS H 4663 -72.18 -3.07 6.97
CA LYS H 4663 -71.23 -2.04 7.40
C LYS H 4663 -71.05 -1.98 8.90
N VAL H 4664 -72.09 -2.27 9.68
CA VAL H 4664 -72.03 -2.20 11.13
C VAL H 4664 -70.95 -3.13 11.66
N PRO H 4665 -70.83 -4.37 11.16
CA PRO H 4665 -69.82 -5.28 11.70
C PRO H 4665 -68.42 -4.67 11.72
N LEU H 4666 -68.05 -3.91 10.69
CA LEU H 4666 -66.75 -3.25 10.71
C LEU H 4666 -66.69 -2.22 11.84
N VAL H 4667 -67.78 -1.50 12.07
CA VAL H 4667 -67.78 -0.50 13.15
C VAL H 4667 -67.55 -1.18 14.49
N ILE H 4668 -68.27 -2.27 14.75
CA ILE H 4668 -68.11 -2.97 16.01
C ILE H 4668 -66.71 -3.56 16.11
N PHE H 4669 -66.19 -4.09 15.00
CA PHE H 4669 -64.85 -4.64 15.02
C PHE H 4669 -63.82 -3.58 15.38
N LYS H 4670 -63.91 -2.41 14.76
CA LYS H 4670 -62.96 -1.34 15.05
C LYS H 4670 -63.08 -0.88 16.49
N ARG H 4671 -64.31 -0.75 16.98
CA ARG H 4671 -64.50 -0.31 18.37
C ARG H 4671 -63.87 -1.30 19.34
N GLU H 4672 -64.15 -2.59 19.15
CA GLU H 4672 -63.58 -3.61 20.02
C GLU H 4672 -62.06 -3.64 19.89
N LYS H 4673 -61.53 -3.47 18.68
CA LYS H 4673 -60.09 -3.44 18.49
C LYS H 4673 -59.45 -2.32 19.28
N GLU H 4674 -59.98 -1.11 19.14
CA GLU H 4674 -59.41 0.04 19.85
C GLU H 4674 -59.49 -0.19 21.35
N LEU H 4675 -60.63 -0.67 21.84
CA LEU H 4675 -60.76 -0.87 23.28
C LEU H 4675 -59.80 -1.93 23.78
N ALA H 4676 -59.65 -3.02 23.04
CA ALA H 4676 -58.74 -4.08 23.45
C ALA H 4676 -57.31 -3.58 23.50
N ARG H 4677 -56.90 -2.82 22.50
CA ARG H 4677 -55.55 -2.26 22.52
C ARG H 4677 -55.36 -1.32 23.70
N LYS H 4678 -56.36 -0.47 23.97
CA LYS H 4678 -56.24 0.46 25.09
C LYS H 4678 -56.12 -0.30 26.41
N LEU H 4679 -56.90 -1.37 26.59
CA LEU H 4679 -56.79 -2.15 27.81
C LEU H 4679 -55.41 -2.79 27.92
N GLU H 4680 -54.98 -3.50 26.88
CA GLU H 4680 -53.76 -4.28 26.99
C GLU H 4680 -52.52 -3.41 27.13
N PHE H 4681 -52.44 -2.32 26.38
CA PHE H 4681 -51.22 -1.54 26.27
C PHE H 4681 -51.26 -0.24 27.07
N ASP H 4682 -52.42 0.39 27.17
CA ASP H 4682 -52.52 1.64 27.92
C ASP H 4682 -53.09 1.46 29.32
N GLY H 4683 -53.67 0.32 29.63
CA GLY H 4683 -54.30 0.13 30.92
C GLY H 4683 -55.36 1.18 31.16
N LEU H 4684 -56.21 1.38 30.15
CA LEU H 4684 -57.14 2.51 30.19
C LEU H 4684 -58.05 2.44 31.40
N TYR H 4685 -58.58 1.27 31.70
CA TYR H 4685 -59.48 1.09 32.83
C TYR H 4685 -58.81 0.41 34.02
N ILE H 4686 -57.52 0.11 33.93
CA ILE H 4686 -56.80 -0.51 35.03
C ILE H 4686 -55.92 0.50 35.76
N THR H 4687 -54.96 1.10 35.06
CA THR H 4687 -54.09 2.11 35.63
C THR H 4687 -54.66 3.51 35.47
N GLU H 4688 -55.08 3.86 34.26
CA GLU H 4688 -55.67 5.15 33.98
C GLU H 4688 -57.19 5.07 34.12
N GLN H 4689 -57.86 6.14 33.71
CA GLN H 4689 -59.31 6.17 33.62
C GLN H 4689 -59.71 7.09 32.47
N PRO H 4690 -60.88 6.89 31.90
CA PRO H 4690 -61.36 7.82 30.87
C PRO H 4690 -61.48 9.23 31.44
N GLU H 4691 -61.32 10.22 30.57
CA GLU H 4691 -61.28 11.60 31.04
C GLU H 4691 -62.58 12.01 31.73
N ASP H 4692 -63.64 11.24 31.51
CA ASP H 4692 -65.01 11.42 32.05
C ASP H 4692 -65.76 12.47 31.24
N ASP H 4693 -65.07 13.14 30.32
CA ASP H 4693 -65.71 13.85 29.23
C ASP H 4693 -65.60 13.08 27.93
N ASP H 4694 -65.07 11.86 27.97
CA ASP H 4694 -64.92 11.00 26.81
C ASP H 4694 -66.07 10.00 26.82
N VAL H 4695 -67.16 10.36 26.16
CA VAL H 4695 -68.33 9.48 26.13
C VAL H 4695 -67.97 8.14 25.53
N LYS H 4696 -67.00 8.12 24.61
CA LYS H 4696 -66.57 6.84 24.03
C LYS H 4696 -66.10 5.89 25.11
N GLY H 4697 -65.16 6.35 25.95
CA GLY H 4697 -64.67 5.49 27.02
C GLY H 4697 -65.71 5.19 28.07
N GLN H 4698 -66.51 6.19 28.43
CA GLN H 4698 -67.53 5.97 29.45
C GLN H 4698 -68.52 4.90 29.00
N TRP H 4699 -68.95 4.96 27.74
CA TRP H 4699 -69.83 3.92 27.21
C TRP H 4699 -69.11 2.59 27.10
N ASP H 4700 -67.85 2.61 26.65
CA ASP H 4700 -67.09 1.38 26.54
C ASP H 4700 -66.97 0.66 27.87
N ARG H 4701 -67.03 1.39 28.98
CA ARG H 4701 -66.95 0.74 30.28
C ARG H 4701 -67.99 -0.37 30.41
N LEU H 4702 -69.14 -0.21 29.77
CA LEU H 4702 -70.23 -1.18 29.95
C LEU H 4702 -69.79 -2.58 29.55
N VAL H 4703 -69.16 -2.72 28.39
CA VAL H 4703 -68.96 -4.03 27.77
C VAL H 4703 -67.82 -4.83 28.38
N LEU H 4704 -67.03 -4.24 29.27
CA LEU H 4704 -65.84 -4.92 29.75
C LEU H 4704 -66.16 -6.28 30.35
N ASN H 4705 -67.12 -6.34 31.26
CA ASN H 4705 -67.39 -7.57 32.00
C ASN H 4705 -68.38 -8.48 31.29
N THR H 4706 -68.79 -8.14 30.07
CA THR H 4706 -69.73 -8.98 29.35
C THR H 4706 -69.06 -10.29 28.95
N PRO H 4707 -69.79 -11.41 28.94
CA PRO H 4707 -69.18 -12.68 28.53
C PRO H 4707 -68.69 -12.68 27.10
N SER H 4708 -69.21 -11.80 26.25
CA SER H 4708 -68.87 -11.81 24.83
C SER H 4708 -68.24 -10.49 24.40
N PHE H 4709 -67.23 -10.03 25.13
CA PHE H 4709 -66.52 -8.83 24.70
C PHE H 4709 -65.91 -8.95 23.31
N PRO H 4710 -64.94 -9.81 23.05
CA PRO H 4710 -64.34 -9.81 21.72
C PRO H 4710 -65.17 -10.63 20.75
N SER H 4711 -66.30 -10.07 20.31
CA SER H 4711 -67.19 -10.81 19.43
C SER H 4711 -66.76 -10.70 17.96
N ASN H 4712 -66.47 -9.49 17.50
CA ASN H 4712 -65.98 -9.29 16.13
C ASN H 4712 -64.47 -9.20 16.05
N TYR H 4713 -63.80 -8.76 17.11
CA TYR H 4713 -62.32 -8.70 17.14
C TYR H 4713 -61.75 -10.11 17.11
N TRP H 4714 -60.65 -10.31 16.38
CA TRP H 4714 -60.05 -11.67 16.23
C TRP H 4714 -59.52 -12.18 17.57
N ASP H 4715 -58.87 -11.32 18.36
CA ASP H 4715 -58.23 -11.81 19.62
C ASP H 4715 -59.27 -12.13 20.68
N LYS H 4716 -59.61 -13.41 20.81
CA LYS H 4716 -60.53 -13.82 21.86
C LYS H 4716 -59.84 -14.04 23.19
N PHE H 4717 -58.53 -13.81 23.27
CA PHE H 4717 -57.77 -13.95 24.51
C PHE H 4717 -57.31 -12.61 25.04
N VAL H 4718 -57.97 -11.52 24.64
CA VAL H 4718 -57.62 -10.22 25.19
C VAL H 4718 -57.85 -10.21 26.70
N LYS H 4719 -58.89 -10.91 27.18
CA LYS H 4719 -59.12 -10.98 28.62
C LYS H 4719 -57.90 -11.54 29.32
N ARG H 4720 -57.41 -12.70 28.89
CA ARG H 4720 -56.27 -13.32 29.55
C ARG H 4720 -54.99 -12.52 29.37
N LYS H 4721 -54.77 -11.92 28.21
CA LYS H 4721 -53.56 -11.13 28.00
C LYS H 4721 -53.56 -9.86 28.84
N VAL H 4722 -54.71 -9.23 29.06
CA VAL H 4722 -54.81 -8.12 29.99
C VAL H 4722 -54.65 -8.56 31.43
N LEU H 4723 -55.20 -9.71 31.80
CA LEU H 4723 -55.00 -10.23 33.14
C LEU H 4723 -53.54 -10.50 33.43
N ASP H 4724 -52.85 -11.23 32.58
CA ASP H 4724 -51.46 -11.60 32.87
C ASP H 4724 -50.59 -10.35 33.04
N LYS H 4725 -50.85 -9.32 32.23
CA LYS H 4725 -49.98 -8.15 32.23
C LYS H 4725 -50.14 -7.33 33.50
N HIS H 4726 -51.38 -7.07 33.92
CA HIS H 4726 -51.65 -6.12 34.98
C HIS H 4726 -52.13 -6.75 36.28
N GLY H 4727 -52.19 -8.09 36.36
CA GLY H 4727 -52.68 -8.70 37.58
C GLY H 4727 -51.77 -8.47 38.76
N ASP H 4728 -50.46 -8.61 38.56
CA ASP H 4728 -49.53 -8.45 39.66
C ASP H 4728 -49.57 -7.06 40.26
N ILE H 4729 -49.94 -6.05 39.46
CA ILE H 4729 -49.94 -4.69 39.96
C ILE H 4729 -51.31 -4.32 40.52
N PHE H 4730 -52.38 -4.59 39.76
CA PHE H 4730 -53.71 -4.14 40.13
C PHE H 4730 -54.51 -5.17 40.91
N GLY H 4731 -53.91 -6.31 41.25
CA GLY H 4731 -54.63 -7.36 41.94
C GLY H 4731 -55.35 -8.25 40.94
N ARG H 4732 -55.08 -9.56 40.99
CA ARG H 4732 -55.69 -10.45 40.02
C ARG H 4732 -57.20 -10.50 40.20
N GLU H 4733 -57.68 -10.49 41.43
CA GLU H 4733 -59.12 -10.57 41.67
C GLU H 4733 -59.82 -9.32 41.16
N ARG H 4734 -59.23 -8.14 41.35
CA ARG H 4734 -59.87 -6.92 40.87
C ARG H 4734 -59.90 -6.88 39.35
N ILE H 4735 -58.83 -7.34 38.69
CA ILE H 4735 -58.85 -7.42 37.24
C ILE H 4735 -59.92 -8.40 36.78
N ALA H 4736 -60.02 -9.54 37.46
CA ALA H 4736 -61.04 -10.52 37.09
C ALA H 4736 -62.44 -9.93 37.24
N GLU H 4737 -62.67 -9.18 38.31
CA GLU H 4737 -63.97 -8.54 38.50
C GLU H 4737 -64.23 -7.51 37.41
N LEU H 4738 -63.20 -6.72 37.07
CA LEU H 4738 -63.36 -5.69 36.04
C LEU H 4738 -63.71 -6.31 34.70
N LEU H 4739 -63.06 -7.41 34.35
CA LEU H 4739 -63.24 -8.03 33.05
C LEU H 4739 -64.27 -9.15 33.06
N GLY H 4740 -64.95 -9.38 34.17
CA GLY H 4740 -66.01 -10.37 34.23
C GLY H 4740 -65.56 -11.75 33.84
N MET H 4741 -64.42 -12.20 34.38
CA MET H 4741 -63.84 -13.49 34.05
C MET H 4741 -63.57 -14.26 35.33
N ASP H 4742 -63.80 -15.58 35.29
CA ASP H 4742 -63.63 -16.42 36.47
C ASP H 4742 -62.31 -17.18 36.37
N LEU H 4743 -61.44 -16.95 37.34
CA LEU H 4743 -60.13 -17.59 37.33
C LEU H 4743 -60.26 -19.10 37.40
N ALA H 4744 -61.17 -19.60 38.23
CA ALA H 4744 -61.42 -21.03 38.26
C ALA H 4744 -61.81 -21.54 36.89
N SER H 4745 -62.75 -20.85 36.22
CA SER H 4745 -63.18 -21.28 34.89
C SER H 4745 -62.00 -21.32 33.93
N LEU H 4746 -61.11 -20.33 34.01
CA LEU H 4746 -59.90 -20.38 33.21
C LEU H 4746 -59.12 -21.66 33.48
N GLU H 4747 -58.97 -22.00 34.77
CA GLU H 4747 -58.20 -23.19 35.13
C GLU H 4747 -58.83 -24.45 34.54
N ILE H 4748 -60.16 -24.59 34.64
CA ILE H 4748 -60.81 -25.79 34.11
C ILE H 4748 -60.75 -25.82 32.58
N THR H 4749 -60.88 -24.66 31.94
CA THR H 4749 -60.76 -24.63 30.48
C THR H 4749 -59.37 -25.09 30.04
N ALA H 4750 -58.33 -24.64 30.74
CA ALA H 4750 -57.00 -25.16 30.46
C ALA H 4750 -56.91 -26.65 30.78
N HIS H 4751 -57.60 -27.09 31.83
CA HIS H 4751 -57.54 -28.48 32.25
C HIS H 4751 -58.08 -29.43 31.18
N ASN H 4752 -59.29 -29.18 30.69
CA ASN H 4752 -59.98 -30.14 29.84
C ASN H 4752 -61.02 -29.39 29.03
N GLU H 4753 -61.69 -30.12 28.13
CA GLU H 4753 -62.60 -29.53 27.16
C GLU H 4753 -64.00 -30.14 27.30
N ARG H 4754 -65.01 -29.29 27.12
CA ARG H 4754 -66.40 -29.72 27.07
C ARG H 4754 -67.10 -28.89 26.00
N LYS H 4755 -67.85 -29.57 25.12
CA LYS H 4755 -68.59 -28.90 24.04
C LYS H 4755 -70.03 -29.39 24.01
N PRO H 4756 -70.85 -29.01 25.00
CA PRO H 4756 -72.29 -29.23 24.86
C PRO H 4756 -72.94 -28.20 23.95
N ASP H 4757 -73.35 -28.62 22.75
CA ASP H 4757 -73.97 -27.70 21.80
C ASP H 4757 -75.47 -27.93 21.79
N PRO H 4758 -76.27 -27.01 22.34
CA PRO H 4758 -77.71 -27.24 22.38
C PRO H 4758 -78.35 -26.96 21.03
N PRO H 4759 -79.56 -27.47 20.79
CA PRO H 4759 -80.25 -27.14 19.54
C PRO H 4759 -80.51 -25.66 19.46
N PRO H 4760 -80.56 -25.09 18.25
CA PRO H 4760 -80.80 -23.64 18.10
C PRO H 4760 -82.27 -23.27 18.27
N GLY H 4761 -82.88 -23.75 19.35
CA GLY H 4761 -84.25 -23.40 19.64
C GLY H 4761 -84.39 -21.93 20.01
N LEU H 4762 -85.60 -21.42 19.83
CA LEU H 4762 -85.85 -20.02 20.14
C LEU H 4762 -85.61 -19.73 21.61
N LEU H 4763 -86.07 -20.60 22.50
CA LEU H 4763 -85.86 -20.38 23.92
C LEU H 4763 -84.39 -20.40 24.27
N THR H 4764 -83.63 -21.35 23.69
CA THR H 4764 -82.20 -21.41 23.94
C THR H 4764 -81.50 -20.15 23.46
N TRP H 4765 -81.87 -19.66 22.28
CA TRP H 4765 -81.30 -18.42 21.78
C TRP H 4765 -81.63 -17.26 22.70
N ILE H 4766 -82.87 -17.20 23.21
CA ILE H 4766 -83.25 -16.14 24.12
C ILE H 4766 -82.39 -16.19 25.38
N MET H 4767 -82.17 -17.38 25.92
CA MET H 4767 -81.26 -17.50 27.06
C MET H 4767 -79.86 -17.04 26.70
N SER H 4768 -79.41 -17.37 25.49
CA SER H 4768 -78.06 -17.03 25.08
C SER H 4768 -77.85 -15.52 24.99
N ILE H 4769 -78.87 -14.79 24.54
CA ILE H 4769 -78.74 -13.35 24.31
C ILE H 4769 -78.07 -12.71 25.52
N ASP H 4770 -77.11 -11.82 25.25
CA ASP H 4770 -76.35 -11.13 26.29
C ASP H 4770 -76.80 -9.67 26.31
N VAL H 4771 -77.62 -9.33 27.31
CA VAL H 4771 -78.31 -8.04 27.30
C VAL H 4771 -77.33 -6.89 27.35
N LYS H 4772 -76.31 -6.98 28.21
CA LYS H 4772 -75.38 -5.86 28.37
C LYS H 4772 -74.59 -5.62 27.09
N TYR H 4773 -74.07 -6.69 26.48
CA TYR H 4773 -73.32 -6.52 25.25
C TYR H 4773 -74.20 -5.98 24.14
N GLN H 4774 -75.44 -6.46 24.06
CA GLN H 4774 -76.35 -5.97 23.03
C GLN H 4774 -76.65 -4.49 23.24
N ILE H 4775 -76.82 -4.07 24.49
CA ILE H 4775 -77.06 -2.66 24.78
C ILE H 4775 -75.88 -1.82 24.34
N TRP H 4776 -74.67 -2.29 24.65
CA TRP H 4776 -73.48 -1.55 24.22
C TRP H 4776 -73.41 -1.46 22.70
N LYS H 4777 -73.68 -2.58 22.02
CA LYS H 4777 -73.63 -2.58 20.56
C LYS H 4777 -74.65 -1.61 19.98
N PHE H 4778 -75.86 -1.60 20.53
CA PHE H 4778 -76.89 -0.71 19.99
C PHE H 4778 -76.54 0.75 20.28
N GLY H 4779 -75.91 1.02 21.42
CA GLY H 4779 -75.42 2.37 21.66
C GLY H 4779 -74.41 2.79 20.61
N VAL H 4780 -73.45 1.91 20.31
CA VAL H 4780 -72.48 2.23 19.27
C VAL H 4780 -73.17 2.49 17.94
N ILE H 4781 -74.11 1.63 17.57
CA ILE H 4781 -74.79 1.77 16.28
C ILE H 4781 -75.53 3.10 16.22
N PHE H 4782 -76.33 3.41 17.23
CA PHE H 4782 -77.09 4.65 17.22
C PHE H 4782 -76.16 5.85 17.24
N THR H 4783 -74.95 5.70 17.78
CA THR H 4783 -73.99 6.79 17.70
C THR H 4783 -73.40 6.90 16.30
N ASP H 4784 -73.39 5.81 15.54
CA ASP H 4784 -72.87 5.86 14.17
C ASP H 4784 -73.63 6.90 13.34
N ASN H 4785 -72.88 7.69 12.55
CA ASN H 4785 -73.53 8.73 11.74
C ASN H 4785 -74.32 8.14 10.59
N SER H 4786 -73.74 7.19 9.85
CA SER H 4786 -74.43 6.66 8.68
C SER H 4786 -75.71 5.94 9.07
N PHE H 4787 -75.67 5.15 10.14
CA PHE H 4787 -76.89 4.50 10.61
C PHE H 4787 -77.91 5.54 11.03
N LEU H 4788 -77.48 6.62 11.65
CA LEU H 4788 -78.41 7.68 12.03
C LEU H 4788 -79.07 8.29 10.80
N TYR H 4789 -78.29 8.50 9.75
CA TYR H 4789 -78.86 9.05 8.51
C TYR H 4789 -79.89 8.10 7.91
N LEU H 4790 -79.57 6.80 7.90
CA LEU H 4790 -80.54 5.83 7.37
C LEU H 4790 -81.80 5.79 8.22
N GLY H 4791 -81.65 5.88 9.53
CA GLY H 4791 -82.81 5.93 10.40
C GLY H 4791 -83.66 7.17 10.15
N TRP H 4792 -83.01 8.30 9.89
CA TRP H 4792 -83.76 9.50 9.52
C TRP H 4792 -84.49 9.28 8.21
N TYR H 4793 -83.84 8.61 7.25
CA TYR H 4793 -84.50 8.28 5.99
C TYR H 4793 -85.78 7.50 6.26
N MET H 4794 -85.71 6.47 7.10
CA MET H 4794 -86.91 5.72 7.44
C MET H 4794 -87.97 6.57 8.14
N VAL H 4795 -87.58 7.35 9.14
CA VAL H 4795 -88.57 8.15 9.84
C VAL H 4795 -89.27 9.07 8.86
N MET H 4796 -88.51 9.61 7.91
CA MET H 4796 -89.08 10.58 6.99
C MET H 4796 -89.97 9.90 5.95
N SER H 4797 -89.63 8.67 5.55
CA SER H 4797 -90.52 7.93 4.68
C SER H 4797 -91.83 7.58 5.38
N LEU H 4798 -91.74 7.13 6.63
CA LEU H 4798 -92.95 6.84 7.39
C LEU H 4798 -93.81 8.10 7.53
N LEU H 4799 -93.18 9.24 7.77
CA LEU H 4799 -93.92 10.50 7.80
C LEU H 4799 -94.50 10.81 6.43
N GLY H 4800 -93.80 10.46 5.36
CA GLY H 4800 -94.35 10.67 4.03
C GLY H 4800 -95.64 9.92 3.83
N HIS H 4801 -95.73 8.73 4.40
CA HIS H 4801 -97.02 8.01 4.36
C HIS H 4801 -98.11 8.80 5.08
N TYR H 4802 -97.73 9.62 6.06
CA TYR H 4802 -98.69 10.51 6.70
C TYR H 4802 -99.10 11.65 5.78
N ASN H 4803 -98.11 12.41 5.32
CA ASN H 4803 -98.30 13.46 4.32
C ASN H 4803 -97.33 13.24 3.18
N ASN H 4804 -97.85 13.11 1.96
CA ASN H 4804 -97.02 12.74 0.82
C ASN H 4804 -95.88 13.71 0.57
N PHE H 4805 -95.98 14.96 1.04
CA PHE H 4805 -94.96 15.94 0.73
C PHE H 4805 -93.67 15.70 1.49
N PHE H 4806 -93.72 14.95 2.59
CA PHE H 4806 -92.50 14.66 3.33
C PHE H 4806 -91.53 13.84 2.49
N PHE H 4807 -91.98 13.24 1.40
CA PHE H 4807 -91.05 12.56 0.50
C PHE H 4807 -90.12 13.54 -0.20
N ALA H 4808 -90.41 14.83 -0.09
CA ALA H 4808 -89.52 15.83 -0.66
C ALA H 4808 -88.16 15.80 0.04
N ALA H 4809 -88.17 15.63 1.36
CA ALA H 4809 -86.91 15.64 2.10
C ALA H 4809 -85.94 14.60 1.59
N HIS H 4810 -86.44 13.48 1.08
CA HIS H 4810 -85.55 12.43 0.61
C HIS H 4810 -84.75 12.87 -0.61
N LEU H 4811 -85.20 13.90 -1.31
CA LEU H 4811 -84.43 14.42 -2.43
C LEU H 4811 -83.07 14.92 -1.97
N LEU H 4812 -82.95 15.27 -0.69
CA LEU H 4812 -81.66 15.69 -0.15
C LEU H 4812 -80.63 14.58 -0.21
N ASP H 4813 -81.09 13.33 -0.42
CA ASP H 4813 -80.16 12.21 -0.42
C ASP H 4813 -79.12 12.33 -1.52
N ILE H 4814 -79.39 13.15 -2.54
CA ILE H 4814 -78.49 13.25 -3.69
C ILE H 4814 -77.10 13.65 -3.23
N ALA H 4815 -77.03 14.44 -2.15
CA ALA H 4815 -75.74 14.89 -1.65
C ALA H 4815 -74.81 13.71 -1.39
N MET H 4816 -75.32 12.69 -0.70
CA MET H 4816 -74.51 11.51 -0.43
C MET H 4816 -74.55 10.53 -1.60
N GLY H 4817 -75.59 10.59 -2.42
CA GLY H 4817 -75.70 9.66 -3.52
C GLY H 4817 -74.66 9.90 -4.60
N VAL H 4818 -74.38 11.17 -4.91
CA VAL H 4818 -73.49 11.55 -6.00
C VAL H 4818 -72.18 12.06 -5.41
N LYS H 4819 -71.06 11.50 -5.87
CA LYS H 4819 -69.76 11.94 -5.37
C LYS H 4819 -69.49 13.40 -5.75
N THR H 4820 -69.89 13.79 -6.96
CA THR H 4820 -69.63 15.15 -7.41
C THR H 4820 -70.30 16.16 -6.49
N LEU H 4821 -71.58 15.98 -6.21
CA LEU H 4821 -72.28 16.86 -5.28
C LEU H 4821 -71.76 16.74 -3.87
N ARG H 4822 -71.21 15.59 -3.48
CA ARG H 4822 -70.58 15.47 -2.19
C ARG H 4822 -69.32 16.32 -2.07
N THR H 4823 -68.45 16.33 -3.09
CA THR H 4823 -67.30 17.21 -3.09
C THR H 4823 -67.69 18.69 -3.19
N ILE H 4824 -68.66 19.02 -4.04
CA ILE H 4824 -69.09 20.42 -4.13
C ILE H 4824 -69.60 20.90 -2.77
N LEU H 4825 -70.38 20.07 -2.08
CA LEU H 4825 -70.89 20.46 -0.77
C LEU H 4825 -69.77 20.47 0.27
N SER H 4826 -68.80 19.58 0.13
CA SER H 4826 -67.65 19.61 1.03
C SER H 4826 -66.91 20.93 0.88
N SER H 4827 -66.95 21.52 -0.31
CA SER H 4827 -66.38 22.85 -0.49
C SER H 4827 -67.00 23.84 0.49
N VAL H 4828 -68.33 23.81 0.63
CA VAL H 4828 -68.99 24.70 1.57
C VAL H 4828 -68.68 24.30 3.00
N THR H 4829 -68.81 23.01 3.33
CA THR H 4829 -68.71 22.59 4.72
C THR H 4829 -67.27 22.63 5.22
N HIS H 4830 -66.30 22.82 4.33
CA HIS H 4830 -64.91 22.88 4.76
C HIS H 4830 -64.70 24.02 5.74
N ASN H 4831 -65.27 25.19 5.44
CA ASN H 4831 -65.19 26.37 6.30
C ASN H 4831 -66.52 26.69 6.95
N GLY H 4832 -67.28 25.66 7.34
CA GLY H 4832 -68.60 25.91 7.91
C GLY H 4832 -68.53 26.74 9.17
N LYS H 4833 -67.55 26.45 10.03
CA LYS H 4833 -67.42 27.23 11.26
C LYS H 4833 -67.16 28.69 10.95
N GLN H 4834 -66.27 28.97 10.00
CA GLN H 4834 -65.98 30.35 9.64
C GLN H 4834 -67.20 31.02 9.02
N LEU H 4835 -67.98 30.28 8.21
CA LEU H 4835 -69.18 30.87 7.61
C LEU H 4835 -70.20 31.23 8.68
N VAL H 4836 -70.39 30.34 9.66
CA VAL H 4836 -71.34 30.63 10.73
C VAL H 4836 -70.87 31.83 11.53
N MET H 4837 -69.59 31.90 11.84
CA MET H 4837 -69.08 33.04 12.59
C MET H 4837 -69.21 34.33 11.78
N THR H 4838 -69.02 34.24 10.46
CA THR H 4838 -69.19 35.43 9.62
C THR H 4838 -70.64 35.91 9.64
N VAL H 4839 -71.59 34.97 9.62
CA VAL H 4839 -72.99 35.38 9.72
C VAL H 4839 -73.27 36.01 11.08
N GLY H 4840 -72.68 35.48 12.14
CA GLY H 4840 -72.84 36.11 13.45
C GLY H 4840 -72.27 37.53 13.48
N LEU H 4841 -71.11 37.72 12.87
CA LEU H 4841 -70.52 39.05 12.78
C LEU H 4841 -71.42 39.99 11.99
N LEU H 4842 -72.01 39.49 10.90
CA LEU H 4842 -72.97 40.28 10.15
C LEU H 4842 -74.15 40.70 11.02
N ALA H 4843 -74.65 39.76 11.82
CA ALA H 4843 -75.74 40.09 12.73
C ALA H 4843 -75.35 41.17 13.72
N VAL H 4844 -74.15 41.09 14.29
CA VAL H 4844 -73.71 42.10 15.24
C VAL H 4844 -73.58 43.46 14.56
N VAL H 4845 -72.98 43.51 13.37
CA VAL H 4845 -72.83 44.77 12.67
C VAL H 4845 -74.20 45.38 12.36
N VAL H 4846 -75.13 44.55 11.89
CA VAL H 4846 -76.46 45.05 11.59
C VAL H 4846 -77.14 45.55 12.86
N TYR H 4847 -76.86 44.90 14.00
CA TYR H 4847 -77.42 45.38 15.26
C TYR H 4847 -76.89 46.75 15.61
N LEU H 4848 -75.60 46.98 15.42
CA LEU H 4848 -75.05 48.32 15.67
C LEU H 4848 -75.68 49.36 14.77
N TYR H 4849 -75.82 49.03 13.48
CA TYR H 4849 -76.51 49.95 12.58
C TYR H 4849 -77.93 50.22 13.05
N THR H 4850 -78.60 49.18 13.55
CA THR H 4850 -79.95 49.36 14.07
C THR H 4850 -79.97 50.29 15.26
N VAL H 4851 -78.99 50.17 16.15
CA VAL H 4851 -78.91 51.06 17.30
C VAL H 4851 -78.80 52.50 16.83
N VAL H 4852 -77.89 52.75 15.88
CA VAL H 4852 -77.71 54.11 15.39
C VAL H 4852 -79.00 54.63 14.78
N ALA H 4853 -79.63 53.83 13.92
CA ALA H 4853 -80.86 54.28 13.26
C ALA H 4853 -81.98 54.55 14.26
N PHE H 4854 -82.14 53.65 15.23
CA PHE H 4854 -83.18 53.84 16.25
C PHE H 4854 -82.94 55.12 17.04
N ASN H 4855 -81.69 55.43 17.34
CA ASN H 4855 -81.43 56.60 18.15
C ASN H 4855 -81.60 57.89 17.35
N PHE H 4856 -81.19 57.90 16.09
CA PHE H 4856 -81.15 59.15 15.33
C PHE H 4856 -82.02 59.20 14.08
N PHE H 4857 -81.99 58.18 13.23
CA PHE H 4857 -82.64 58.24 11.92
C PHE H 4857 -84.01 57.58 11.94
N ARG H 4858 -84.72 57.71 13.06
CA ARG H 4858 -86.00 57.00 13.21
C ARG H 4858 -87.05 57.55 12.25
N LYS H 4859 -87.03 58.84 11.97
CA LYS H 4859 -88.10 59.44 11.18
C LYS H 4859 -88.11 58.92 9.75
N PHE H 4860 -86.96 58.43 9.26
CA PHE H 4860 -86.87 58.03 7.87
C PHE H 4860 -87.44 56.64 7.60
N TYR H 4861 -87.85 55.90 8.63
CA TYR H 4861 -88.25 54.51 8.47
C TYR H 4861 -89.77 54.36 8.32
N ASN H 4862 -90.43 55.34 7.72
CA ASN H 4862 -91.86 55.22 7.44
C ASN H 4862 -92.06 54.44 6.15
N LYS H 4863 -92.72 53.29 6.25
CA LYS H 4863 -92.96 52.42 5.11
C LYS H 4863 -94.42 52.40 4.68
N SER H 4864 -95.20 53.39 5.08
CA SER H 4864 -96.61 53.47 4.73
C SER H 4864 -96.83 54.69 3.86
N GLU H 4865 -97.42 54.47 2.67
CA GLU H 4865 -97.76 55.59 1.80
C GLU H 4865 -98.99 56.33 2.33
N ASP H 4866 -99.98 55.59 2.83
CA ASP H 4866 -101.16 56.20 3.42
C ASP H 4866 -100.79 57.05 4.62
N GLU H 4867 -101.02 58.35 4.54
CA GLU H 4867 -100.62 59.26 5.60
C GLU H 4867 -101.33 58.92 6.90
N ASP H 4868 -102.57 58.45 6.81
CA ASP H 4868 -103.36 58.23 8.01
C ASP H 4868 -102.78 57.11 8.87
N GLU H 4869 -102.05 56.18 8.25
CA GLU H 4869 -101.55 55.00 8.96
C GLU H 4869 -100.04 54.89 8.79
N PRO H 4870 -99.23 55.58 9.59
CA PRO H 4870 -97.77 55.41 9.47
C PRO H 4870 -97.30 54.08 10.01
N ASP H 4871 -96.55 53.34 9.19
CA ASP H 4871 -96.01 52.04 9.59
C ASP H 4871 -94.56 52.16 10.06
N MET H 4872 -94.35 52.88 11.16
CA MET H 4872 -93.00 53.07 11.68
C MET H 4872 -92.31 51.73 11.85
N LYS H 4873 -91.23 51.52 11.10
CA LYS H 4873 -90.47 50.29 11.20
C LYS H 4873 -89.34 50.37 12.22
N CYS H 4874 -89.10 51.53 12.83
CA CYS H 4874 -88.05 51.68 13.81
C CYS H 4874 -88.52 52.40 15.07
N ASP H 4875 -89.76 52.15 15.49
CA ASP H 4875 -90.23 52.73 16.74
C ASP H 4875 -89.90 51.85 17.94
N ASP H 4876 -89.45 50.62 17.69
CA ASP H 4876 -88.94 49.76 18.75
C ASP H 4876 -87.71 49.02 18.23
N MET H 4877 -86.81 48.69 19.16
CA MET H 4877 -85.54 48.11 18.74
C MET H 4877 -85.73 46.76 18.08
N MET H 4878 -86.65 45.94 18.59
CA MET H 4878 -86.86 44.63 17.99
C MET H 4878 -87.37 44.76 16.56
N THR H 4879 -88.37 45.62 16.34
CA THR H 4879 -88.89 45.81 15.00
C THR H 4879 -87.83 46.39 14.08
N CYS H 4880 -87.04 47.35 14.56
CA CYS H 4880 -86.02 47.96 13.72
C CYS H 4880 -84.95 46.94 13.36
N TYR H 4881 -84.54 46.11 14.31
CA TYR H 4881 -83.53 45.10 14.03
C TYR H 4881 -84.05 44.06 13.04
N LEU H 4882 -85.30 43.64 13.19
CA LEU H 4882 -85.87 42.73 12.20
C LEU H 4882 -85.91 43.38 10.83
N PHE H 4883 -86.36 44.64 10.77
CA PHE H 4883 -86.41 45.33 9.48
C PHE H 4883 -85.04 45.39 8.83
N HIS H 4884 -84.01 45.79 9.58
CA HIS H 4884 -82.67 45.81 9.02
C HIS H 4884 -82.28 44.43 8.53
N MET H 4885 -82.19 43.45 9.45
CA MET H 4885 -81.67 42.14 9.08
C MET H 4885 -82.47 41.52 7.94
N TYR H 4886 -83.72 41.92 7.76
CA TYR H 4886 -84.56 41.29 6.77
C TYR H 4886 -84.47 41.98 5.42
N VAL H 4887 -84.69 43.29 5.37
CA VAL H 4887 -84.76 43.99 4.09
C VAL H 4887 -83.42 44.64 3.74
N GLY H 4888 -82.72 45.23 4.71
CA GLY H 4888 -81.49 45.93 4.38
C GLY H 4888 -80.41 45.00 3.87
N VAL H 4889 -80.23 43.87 4.53
CA VAL H 4889 -79.20 42.93 4.11
C VAL H 4889 -79.52 42.37 2.73
N ARG H 4890 -80.79 42.07 2.46
CA ARG H 4890 -81.16 41.51 1.17
C ARG H 4890 -81.08 42.55 0.06
N ALA H 4891 -81.33 43.82 0.38
CA ALA H 4891 -81.37 44.86 -0.65
C ALA H 4891 -80.04 44.96 -1.36
N GLY H 4892 -80.10 45.24 -2.66
CA GLY H 4892 -78.88 45.35 -3.44
C GLY H 4892 -78.01 46.52 -3.04
N GLY H 4893 -78.61 47.65 -2.70
CA GLY H 4893 -77.88 48.83 -2.31
C GLY H 4893 -77.83 49.11 -0.84
N GLY H 4894 -78.27 48.19 0.01
CA GLY H 4894 -78.29 48.43 1.44
C GLY H 4894 -79.61 49.03 1.89
N ILE H 4895 -79.62 49.45 3.15
CA ILE H 4895 -80.85 49.96 3.75
C ILE H 4895 -81.32 51.24 3.08
N GLY H 4896 -80.40 52.04 2.55
CA GLY H 4896 -80.79 53.27 1.88
C GLY H 4896 -81.76 53.06 0.75
N ASP H 4897 -81.75 51.88 0.14
CA ASP H 4897 -82.71 51.56 -0.91
C ASP H 4897 -84.13 51.59 -0.35
N GLU H 4898 -84.32 51.04 0.85
CA GLU H 4898 -85.67 50.93 1.39
C GLU H 4898 -86.10 52.20 2.10
N ILE H 4899 -85.26 52.73 2.99
CA ILE H 4899 -85.67 53.86 3.81
C ILE H 4899 -85.76 55.14 2.98
N GLU H 4900 -86.42 56.16 3.54
CA GLU H 4900 -86.82 57.34 2.78
C GLU H 4900 -85.61 58.13 2.29
N ASP H 4901 -85.84 58.93 1.25
CA ASP H 4901 -84.75 59.75 0.72
C ASP H 4901 -84.31 60.79 1.74
N PRO H 4902 -83.00 61.05 1.85
CA PRO H 4902 -82.52 62.02 2.85
C PRO H 4902 -82.30 63.43 2.32
N ALA H 4903 -82.63 63.70 1.07
CA ALA H 4903 -82.31 65.01 0.50
C ALA H 4903 -82.99 66.13 1.27
N GLY H 4904 -82.29 67.25 1.40
CA GLY H 4904 -82.84 68.42 2.04
C GLY H 4904 -83.18 68.21 3.50
N ASP H 4905 -82.27 67.60 4.25
CA ASP H 4905 -82.46 67.36 5.67
C ASP H 4905 -81.19 67.73 6.41
N GLU H 4906 -81.36 68.10 7.68
CA GLU H 4906 -80.20 68.51 8.49
C GLU H 4906 -79.21 67.37 8.65
N TYR H 4907 -79.70 66.14 8.73
CA TYR H 4907 -78.86 64.96 8.89
C TYR H 4907 -78.51 64.32 7.56
N GLU H 4908 -78.55 65.09 6.46
CA GLU H 4908 -78.33 64.49 5.15
C GLU H 4908 -76.94 63.87 5.05
N LEU H 4909 -75.90 64.59 5.47
CA LEU H 4909 -74.55 64.05 5.37
C LEU H 4909 -74.35 62.87 6.32
N TYR H 4910 -74.81 63.00 7.56
CA TYR H 4910 -74.71 61.89 8.50
C TYR H 4910 -75.32 60.64 7.90
N ARG H 4911 -76.50 60.77 7.29
CA ARG H 4911 -77.19 59.58 6.81
C ARG H 4911 -76.62 59.06 5.51
N VAL H 4912 -76.11 59.93 4.63
CA VAL H 4912 -75.47 59.39 3.44
C VAL H 4912 -74.25 58.58 3.84
N VAL H 4913 -73.51 59.05 4.84
CA VAL H 4913 -72.45 58.22 5.42
C VAL H 4913 -72.99 56.93 6.00
N PHE H 4914 -74.12 56.99 6.72
CA PHE H 4914 -74.74 55.79 7.26
C PHE H 4914 -75.00 54.76 6.16
N ASP H 4915 -75.67 55.17 5.09
CA ASP H 4915 -76.02 54.24 4.02
C ASP H 4915 -74.79 53.74 3.29
N ILE H 4916 -73.83 54.61 2.99
CA ILE H 4916 -72.64 54.16 2.27
C ILE H 4916 -71.86 53.16 3.10
N THR H 4917 -71.67 53.43 4.39
CA THR H 4917 -70.96 52.49 5.23
C THR H 4917 -71.70 51.16 5.33
N PHE H 4918 -73.02 51.22 5.47
CA PHE H 4918 -73.80 49.98 5.47
C PHE H 4918 -73.55 49.19 4.20
N PHE H 4919 -73.66 49.85 3.05
CA PHE H 4919 -73.48 49.16 1.78
C PHE H 4919 -72.09 48.56 1.66
N PHE H 4920 -71.06 49.29 2.09
CA PHE H 4920 -69.70 48.83 1.90
C PHE H 4920 -69.33 47.71 2.86
N PHE H 4921 -69.79 47.77 4.11
CA PHE H 4921 -69.41 46.75 5.08
C PHE H 4921 -70.29 45.51 4.95
N VAL H 4922 -71.62 45.69 4.97
CA VAL H 4922 -72.51 44.54 4.94
C VAL H 4922 -72.59 43.96 3.54
N ILE H 4923 -73.06 44.76 2.59
CA ILE H 4923 -73.38 44.23 1.27
C ILE H 4923 -72.11 43.84 0.50
N VAL H 4924 -71.08 44.66 0.57
CA VAL H 4924 -69.91 44.46 -0.27
C VAL H 4924 -68.90 43.54 0.40
N ILE H 4925 -68.52 43.85 1.64
CA ILE H 4925 -67.41 43.15 2.26
C ILE H 4925 -67.86 41.78 2.79
N LEU H 4926 -68.82 41.77 3.71
CA LEU H 4926 -69.15 40.51 4.39
C LEU H 4926 -69.57 39.44 3.38
N LEU H 4927 -70.39 39.82 2.40
CA LEU H 4927 -70.74 38.87 1.35
C LEU H 4927 -69.50 38.46 0.57
N ALA H 4928 -68.57 39.41 0.36
CA ALA H 4928 -67.30 39.06 -0.26
C ALA H 4928 -66.52 38.10 0.61
N ILE H 4929 -66.59 38.25 1.93
CA ILE H 4929 -65.91 37.31 2.82
C ILE H 4929 -66.49 35.92 2.66
N ILE H 4930 -67.82 35.82 2.57
CA ILE H 4930 -68.45 34.52 2.41
C ILE H 4930 -68.01 33.86 1.11
N GLN H 4931 -68.10 34.61 0.01
CA GLN H 4931 -67.70 34.05 -1.28
C GLN H 4931 -66.22 33.67 -1.27
N GLY H 4932 -65.38 34.47 -0.63
CA GLY H 4932 -63.97 34.15 -0.55
C GLY H 4932 -63.71 32.90 0.26
N LEU H 4933 -64.48 32.70 1.34
CA LEU H 4933 -64.35 31.47 2.10
C LEU H 4933 -64.67 30.27 1.24
N ILE H 4934 -65.75 30.34 0.46
CA ILE H 4934 -66.08 29.21 -0.40
C ILE H 4934 -64.98 28.97 -1.45
N ILE H 4935 -64.49 30.04 -2.08
CA ILE H 4935 -63.45 29.87 -3.09
C ILE H 4935 -62.18 29.29 -2.49
N ASP H 4936 -61.78 29.76 -1.31
CA ASP H 4936 -60.59 29.22 -0.66
C ASP H 4936 -60.79 27.76 -0.27
N ALA H 4937 -62.01 27.39 0.12
CA ALA H 4937 -62.27 25.98 0.40
C ALA H 4937 -62.05 25.14 -0.86
N PHE H 4938 -62.57 25.61 -2.00
CA PHE H 4938 -62.31 24.92 -3.26
C PHE H 4938 -60.81 24.75 -3.48
N GLY H 4939 -60.07 25.84 -3.38
CA GLY H 4939 -58.65 25.79 -3.65
C GLY H 4939 -57.92 24.83 -2.72
N GLU H 4940 -58.26 24.87 -1.44
CA GLU H 4940 -57.59 24.01 -0.46
C GLU H 4940 -57.90 22.54 -0.69
N LEU H 4941 -59.15 22.20 -1.01
CA LEU H 4941 -59.46 20.80 -1.29
C LEU H 4941 -58.69 20.31 -2.52
N ARG H 4942 -58.64 21.13 -3.57
CA ARG H 4942 -57.89 20.73 -4.75
C ARG H 4942 -56.41 20.55 -4.40
N ASP H 4943 -55.87 21.44 -3.58
CA ASP H 4943 -54.47 21.33 -3.18
C ASP H 4943 -54.24 20.04 -2.38
N GLN H 4944 -55.19 19.67 -1.52
CA GLN H 4944 -55.04 18.43 -0.76
C GLN H 4944 -54.98 17.23 -1.68
N GLN H 4945 -55.88 17.17 -2.67
CA GLN H 4945 -55.85 16.05 -3.60
C GLN H 4945 -54.54 16.02 -4.38
N GLU H 4946 -54.08 17.18 -4.86
CA GLU H 4946 -52.83 17.23 -5.60
C GLU H 4946 -51.66 16.82 -4.72
N GLN H 4947 -51.67 17.20 -3.45
CA GLN H 4947 -50.62 16.80 -2.53
C GLN H 4947 -50.60 15.29 -2.35
N VAL H 4948 -51.77 14.69 -2.21
CA VAL H 4948 -51.81 13.23 -2.10
C VAL H 4948 -51.18 12.60 -3.33
N LYS H 4949 -51.58 13.04 -4.53
CA LYS H 4949 -51.02 12.46 -5.74
C LYS H 4949 -49.51 12.66 -5.82
N GLU H 4950 -49.02 13.86 -5.51
CA GLU H 4950 -47.59 14.12 -5.59
C GLU H 4950 -46.80 13.27 -4.61
N ASP H 4951 -47.29 13.16 -3.38
CA ASP H 4951 -46.60 12.36 -2.37
C ASP H 4951 -46.55 10.90 -2.80
N MET H 4952 -47.64 10.38 -3.35
CA MET H 4952 -47.62 8.99 -3.79
C MET H 4952 -46.69 8.81 -4.98
N GLU H 4953 -46.61 9.80 -5.86
CA GLU H 4953 -45.82 9.65 -7.08
C GLU H 4953 -44.33 9.84 -6.85
N THR H 4954 -43.93 10.66 -5.88
CA THR H 4954 -42.53 11.03 -5.74
C THR H 4954 -41.82 10.37 -4.57
N LYS H 4955 -42.53 9.63 -3.73
CA LYS H 4955 -41.95 9.08 -2.51
C LYS H 4955 -42.53 7.71 -2.23
N CYS H 4956 -41.67 6.75 -1.91
CA CYS H 4956 -42.15 5.40 -1.61
C CYS H 4956 -42.98 5.42 -0.34
N PHE H 4957 -44.11 4.72 -0.37
CA PHE H 4957 -45.04 4.76 0.75
C PHE H 4957 -44.43 4.13 2.00
N ILE H 4958 -43.69 3.04 1.81
CA ILE H 4958 -43.22 2.27 2.97
C ILE H 4958 -41.92 2.85 3.51
N CYS H 4959 -40.85 2.84 2.71
CA CYS H 4959 -39.54 3.25 3.17
C CYS H 4959 -39.36 4.76 3.18
N GLY H 4960 -40.14 5.49 2.40
CA GLY H 4960 -40.09 6.93 2.43
C GLY H 4960 -38.95 7.53 1.64
N ILE H 4961 -38.14 6.69 0.98
CA ILE H 4961 -37.06 7.22 0.16
C ILE H 4961 -37.63 7.92 -1.05
N GLY H 4962 -36.94 8.96 -1.51
CA GLY H 4962 -37.41 9.73 -2.64
C GLY H 4962 -37.36 8.94 -3.92
N SER H 4963 -38.14 9.41 -4.90
CA SER H 4963 -38.24 8.69 -6.17
C SER H 4963 -37.00 8.87 -7.01
N ASP H 4964 -36.28 9.97 -6.83
CA ASP H 4964 -35.10 10.23 -7.66
C ASP H 4964 -34.01 9.20 -7.41
N TYR H 4965 -33.71 8.91 -6.15
CA TYR H 4965 -32.74 7.87 -5.84
C TYR H 4965 -33.04 6.57 -6.56
N PHE H 4966 -34.28 6.12 -6.54
CA PHE H 4966 -34.67 4.92 -7.24
C PHE H 4966 -34.58 5.07 -8.75
N ASP H 4967 -34.98 6.22 -9.29
CA ASP H 4967 -34.93 6.47 -10.71
C ASP H 4967 -33.52 6.55 -11.24
N THR H 4968 -32.51 6.62 -10.35
CA THR H 4968 -31.13 6.43 -10.80
C THR H 4968 -31.03 5.24 -11.75
N THR H 4969 -31.69 4.14 -11.41
CA THR H 4969 -31.79 3.00 -12.32
C THR H 4969 -32.98 3.22 -13.26
N PRO H 4970 -32.93 2.71 -14.49
CA PRO H 4970 -34.07 2.89 -15.40
C PRO H 4970 -35.33 2.28 -14.82
N HIS H 4971 -36.41 3.07 -14.80
CA HIS H 4971 -37.69 2.66 -14.25
C HIS H 4971 -37.55 2.21 -12.80
N GLY H 4972 -36.56 2.76 -12.10
CA GLY H 4972 -36.23 2.26 -10.78
C GLY H 4972 -37.36 2.45 -9.79
N PHE H 4973 -37.96 3.64 -9.76
CA PHE H 4973 -39.06 3.87 -8.82
C PHE H 4973 -40.25 2.98 -9.14
N GLU H 4974 -40.59 2.85 -10.42
CA GLU H 4974 -41.73 2.01 -10.79
C GLU H 4974 -41.50 0.58 -10.33
N THR H 4975 -40.32 0.02 -10.63
CA THR H 4975 -40.07 -1.36 -10.22
C THR H 4975 -39.99 -1.48 -8.71
N HIS H 4976 -39.45 -0.49 -8.01
CA HIS H 4976 -39.37 -0.55 -6.56
C HIS H 4976 -40.76 -0.59 -5.94
N THR H 4977 -41.66 0.28 -6.39
CA THR H 4977 -42.99 0.33 -5.82
C THR H 4977 -43.91 -0.77 -6.33
N LEU H 4978 -43.53 -1.45 -7.42
CA LEU H 4978 -44.37 -2.53 -7.92
C LEU H 4978 -43.94 -3.88 -7.37
N GLU H 4979 -42.65 -4.06 -7.10
CA GLU H 4979 -42.12 -5.35 -6.68
C GLU H 4979 -41.45 -5.31 -5.31
N GLU H 4980 -40.57 -4.32 -5.08
CA GLU H 4980 -39.72 -4.36 -3.89
C GLU H 4980 -40.47 -3.98 -2.63
N HIS H 4981 -41.30 -2.92 -2.69
CA HIS H 4981 -41.93 -2.34 -1.50
C HIS H 4981 -43.41 -2.13 -1.75
N ASN H 4982 -44.09 -3.16 -2.25
CA ASN H 4982 -45.51 -3.06 -2.56
C ASN H 4982 -46.33 -3.26 -1.30
N LEU H 4983 -47.15 -2.26 -0.97
CA LEU H 4983 -47.99 -2.38 0.23
C LEU H 4983 -48.99 -3.51 0.08
N ALA H 4984 -49.42 -3.79 -1.14
CA ALA H 4984 -50.27 -4.96 -1.36
C ALA H 4984 -49.54 -6.22 -0.93
N ASN H 4985 -48.25 -6.34 -1.28
CA ASN H 4985 -47.46 -7.46 -0.82
C ASN H 4985 -47.30 -7.47 0.69
N TYR H 4986 -47.13 -6.30 1.32
CA TYR H 4986 -47.00 -6.27 2.77
C TYR H 4986 -48.28 -6.75 3.45
N MET H 4987 -49.44 -6.47 2.88
CA MET H 4987 -50.68 -6.98 3.48
C MET H 4987 -50.86 -8.46 3.19
N PHE H 4988 -50.51 -8.89 1.97
CA PHE H 4988 -50.57 -10.31 1.66
C PHE H 4988 -49.67 -11.11 2.57
N PHE H 4989 -48.58 -10.50 3.04
CA PHE H 4989 -47.71 -11.22 4.01
C PHE H 4989 -48.49 -11.52 5.27
N LEU H 4990 -49.13 -10.50 5.86
CA LEU H 4990 -49.85 -10.71 7.13
C LEU H 4990 -50.88 -11.82 6.91
N MET H 4991 -51.66 -11.74 5.83
CA MET H 4991 -52.68 -12.78 5.54
C MET H 4991 -51.98 -14.14 5.47
N TYR H 4992 -50.84 -14.22 4.79
CA TYR H 4992 -50.14 -15.49 4.65
C TYR H 4992 -49.61 -15.99 5.98
N LEU H 4993 -49.10 -15.07 6.81
CA LEU H 4993 -48.54 -15.45 8.12
C LEU H 4993 -49.67 -15.99 9.02
N ILE H 4994 -50.83 -15.32 9.01
CA ILE H 4994 -51.98 -15.74 9.86
C ILE H 4994 -52.39 -17.15 9.44
N ASN H 4995 -52.55 -17.39 8.14
CA ASN H 4995 -53.04 -18.70 7.67
C ASN H 4995 -51.98 -19.78 7.91
N LYS H 4996 -50.69 -19.47 7.74
CA LYS H 4996 -49.67 -20.50 7.90
C LYS H 4996 -49.61 -20.99 9.34
N ASP H 4997 -49.30 -22.27 9.50
CA ASP H 4997 -49.17 -22.86 10.82
C ASP H 4997 -47.85 -22.43 11.45
N GLU H 4998 -47.90 -22.03 12.72
CA GLU H 4998 -46.73 -21.44 13.36
C GLU H 4998 -45.52 -22.36 13.29
N THR H 4999 -45.74 -23.67 13.39
CA THR H 4999 -44.60 -24.59 13.34
C THR H 4999 -43.89 -24.54 12.00
N GLU H 5000 -44.61 -24.15 10.94
CA GLU H 5000 -44.02 -24.09 9.61
C GLU H 5000 -43.37 -22.74 9.31
N HIS H 5001 -43.52 -21.76 10.19
CA HIS H 5001 -42.92 -20.45 9.95
C HIS H 5001 -41.41 -20.57 9.79
N THR H 5002 -40.89 -19.95 8.75
CA THR H 5002 -39.45 -19.87 8.59
C THR H 5002 -38.87 -18.90 9.62
N GLY H 5003 -37.55 -18.69 9.55
CA GLY H 5003 -36.92 -17.78 10.49
C GLY H 5003 -37.44 -16.36 10.36
N GLN H 5004 -37.39 -15.82 9.14
CA GLN H 5004 -37.85 -14.45 8.92
C GLN H 5004 -39.34 -14.32 9.18
N GLU H 5005 -40.12 -15.31 8.75
CA GLU H 5005 -41.56 -15.28 8.98
C GLU H 5005 -41.87 -15.28 10.47
N SER H 5006 -41.16 -16.10 11.24
CA SER H 5006 -41.38 -16.14 12.68
C SER H 5006 -40.98 -14.82 13.33
N TYR H 5007 -39.87 -14.23 12.87
CA TYR H 5007 -39.45 -12.93 13.38
C TYR H 5007 -40.54 -11.89 13.16
N VAL H 5008 -41.01 -11.75 11.93
CA VAL H 5008 -42.03 -10.70 11.63
C VAL H 5008 -43.29 -11.00 12.43
N TRP H 5009 -43.62 -12.27 12.61
CA TRP H 5009 -44.86 -12.66 13.34
C TRP H 5009 -44.77 -12.20 14.78
N LYS H 5010 -43.64 -12.47 15.43
CA LYS H 5010 -43.46 -12.06 16.85
C LYS H 5010 -43.66 -10.56 16.95
N MET H 5011 -43.10 -9.79 16.01
CA MET H 5011 -43.20 -8.32 16.06
C MET H 5011 -44.64 -7.89 15.80
N TYR H 5012 -45.38 -8.58 14.92
CA TYR H 5012 -46.80 -8.25 14.69
C TYR H 5012 -47.58 -8.45 15.98
N GLN H 5013 -47.34 -9.58 16.67
CA GLN H 5013 -48.07 -9.90 17.91
C GLN H 5013 -47.67 -8.92 19.02
N GLU H 5014 -46.40 -8.50 19.06
CA GLU H 5014 -45.91 -7.58 20.11
C GLU H 5014 -46.13 -6.12 19.67
N ARG H 5015 -46.71 -5.92 18.48
CA ARG H 5015 -47.02 -4.58 18.00
C ARG H 5015 -45.76 -3.71 17.93
N CYS H 5016 -44.68 -4.29 17.42
CA CYS H 5016 -43.46 -3.55 17.11
C CYS H 5016 -43.32 -3.50 15.59
N TRP H 5017 -43.27 -2.27 15.05
CA TRP H 5017 -43.24 -2.07 13.61
C TRP H 5017 -41.84 -1.79 13.09
N ASP H 5018 -40.81 -2.28 13.78
CA ASP H 5018 -39.45 -2.04 13.33
C ASP H 5018 -39.06 -2.88 12.13
N PHE H 5019 -39.79 -3.95 11.84
CA PHE H 5019 -39.45 -4.77 10.69
C PHE H 5019 -39.76 -4.05 9.39
N PHE H 5020 -40.70 -3.11 9.43
CA PHE H 5020 -40.96 -2.29 8.26
C PHE H 5020 -39.72 -1.50 7.91
N PRO H 5021 -39.21 -1.58 6.69
CA PRO H 5021 -38.05 -0.75 6.33
C PRO H 5021 -38.40 0.72 6.38
N ALA H 5022 -37.45 1.53 6.82
CA ALA H 5022 -37.65 2.98 6.93
C ALA H 5022 -36.34 3.67 6.61
N GLY H 5023 -36.32 4.43 5.52
CA GLY H 5023 -35.09 5.06 5.09
C GLY H 5023 -34.05 4.10 4.59
N ASP H 5024 -34.42 2.87 4.25
CA ASP H 5024 -33.46 1.86 3.81
C ASP H 5024 -34.17 0.92 2.84
N CYS H 5025 -33.36 0.22 2.06
CA CYS H 5025 -33.89 -0.73 1.09
C CYS H 5025 -32.78 -1.70 0.72
N PHE H 5026 -33.16 -2.76 0.00
CA PHE H 5026 -32.18 -3.72 -0.48
C PHE H 5026 -31.15 -3.04 -1.38
N ARG H 5027 -31.61 -2.18 -2.28
CA ARG H 5027 -30.69 -1.52 -3.21
C ARG H 5027 -29.70 -0.64 -2.46
N LYS H 5028 -30.19 0.14 -1.50
CA LYS H 5028 -29.29 1.00 -0.73
C LYS H 5028 -28.33 0.16 0.11
N GLN H 5029 -28.82 -0.95 0.67
CA GLN H 5029 -27.95 -1.81 1.47
C GLN H 5029 -26.81 -2.36 0.63
N TYR H 5030 -27.11 -2.93 -0.52
CA TYR H 5030 -26.13 -3.63 -1.35
C TYR H 5030 -25.82 -2.82 -2.60
N GLU H 5031 -25.75 -1.50 -2.45
CA GLU H 5031 -25.52 -0.63 -3.60
C GLU H 5031 -24.26 -1.03 -4.37
N ASP H 5032 -23.14 -1.15 -3.67
CA ASP H 5032 -21.89 -1.49 -4.36
C ASP H 5032 -21.94 -2.90 -4.93
N GLN H 5033 -22.31 -3.89 -4.11
CA GLN H 5033 -22.34 -5.27 -4.59
C GLN H 5033 -23.31 -5.43 -5.75
N LEU H 5034 -24.51 -4.85 -5.64
CA LEU H 5034 -25.47 -4.94 -6.74
C LEU H 5034 -24.91 -4.27 -7.98
N SER H 5035 -24.29 -3.12 -7.82
CA SER H 5035 -23.70 -2.40 -8.94
C SER H 5035 -22.29 -2.93 -9.24
N GLU I 11 -8.23 -25.67 -2.31
CA GLU I 11 -8.87 -26.98 -2.21
C GLU I 11 -8.04 -28.03 -2.94
N VAL I 12 -7.78 -29.15 -2.26
CA VAL I 12 -7.01 -30.23 -2.86
C VAL I 12 -7.81 -30.84 -4.00
N GLN I 13 -7.17 -30.99 -5.15
CA GLN I 13 -7.89 -31.39 -6.36
C GLN I 13 -8.44 -32.79 -6.24
N PHE I 14 -9.56 -33.02 -6.93
CA PHE I 14 -10.22 -34.31 -6.99
C PHE I 14 -10.06 -34.87 -8.40
N LEU I 15 -9.72 -36.15 -8.49
CA LEU I 15 -9.71 -36.80 -9.80
C LEU I 15 -11.10 -36.70 -10.41
N ARG I 16 -11.16 -36.40 -11.71
CA ARG I 16 -12.43 -36.27 -12.40
C ARG I 16 -12.31 -36.93 -13.78
N THR I 17 -13.45 -37.34 -14.30
CA THR I 17 -13.47 -38.04 -15.58
C THR I 17 -12.86 -37.19 -16.67
N ASP I 18 -12.13 -37.85 -17.57
CA ASP I 18 -11.39 -37.25 -18.68
C ASP I 18 -10.06 -36.66 -18.21
N ASP I 19 -9.68 -36.86 -16.96
CA ASP I 19 -8.39 -36.42 -16.46
C ASP I 19 -7.37 -37.54 -16.66
N GLU I 20 -6.36 -37.27 -17.48
CA GLU I 20 -5.33 -38.29 -17.68
C GLU I 20 -4.69 -38.66 -16.35
N VAL I 21 -4.47 -39.95 -16.16
CA VAL I 21 -3.89 -40.47 -14.92
C VAL I 21 -2.84 -41.51 -15.27
N VAL I 22 -1.96 -41.76 -14.32
CA VAL I 22 -1.00 -42.86 -14.39
C VAL I 22 -1.13 -43.66 -13.11
N LEU I 23 -1.28 -44.98 -13.25
CA LEU I 23 -1.30 -45.86 -12.10
C LEU I 23 0.14 -46.13 -11.68
N GLN I 24 0.42 -45.96 -10.39
CA GLN I 24 1.76 -46.10 -9.85
C GLN I 24 1.71 -47.04 -8.66
N CYS I 25 2.65 -47.97 -8.61
CA CYS I 25 2.83 -48.88 -7.50
C CYS I 25 4.23 -48.72 -6.93
N SER I 26 4.39 -49.15 -5.68
CA SER I 26 5.64 -49.02 -4.97
C SER I 26 6.14 -50.38 -4.53
N ALA I 27 7.43 -50.62 -4.75
CA ALA I 27 8.10 -51.81 -4.25
C ALA I 27 9.31 -51.37 -3.45
N THR I 28 9.90 -52.30 -2.72
CA THR I 28 11.10 -52.04 -1.94
C THR I 28 12.13 -53.11 -2.25
N VAL I 29 12.91 -52.87 -3.30
CA VAL I 29 13.99 -53.78 -3.69
C VAL I 29 15.30 -53.23 -3.15
N LEU I 30 16.09 -54.09 -2.51
CA LEU I 30 17.38 -53.71 -1.94
C LEU I 30 17.22 -52.58 -0.92
N LYS I 31 16.05 -52.53 -0.27
CA LYS I 31 15.76 -51.56 0.78
C LYS I 31 15.75 -50.13 0.26
N GLU I 32 15.32 -49.93 -0.98
CA GLU I 32 15.03 -48.59 -1.49
C GLU I 32 13.65 -48.62 -2.13
N GLN I 33 12.92 -47.50 -2.02
CA GLN I 33 11.58 -47.43 -2.60
C GLN I 33 11.70 -47.22 -4.11
N LEU I 34 11.07 -48.11 -4.86
CA LEU I 34 11.04 -48.05 -6.32
C LEU I 34 9.60 -47.81 -6.77
N LYS I 35 9.40 -46.78 -7.58
CA LYS I 35 8.09 -46.42 -8.10
C LYS I 35 7.98 -46.94 -9.52
N LEU I 36 6.89 -47.64 -9.82
CA LEU I 36 6.68 -48.28 -11.12
C LEU I 36 5.34 -47.80 -11.66
N CYS I 37 5.35 -47.27 -12.88
CA CYS I 37 4.11 -46.87 -13.52
C CYS I 37 3.59 -47.98 -14.43
N LEU I 38 2.30 -48.21 -14.38
CA LEU I 38 1.68 -49.17 -15.30
C LEU I 38 1.88 -48.69 -16.73
N ALA I 39 2.08 -49.64 -17.64
CA ALA I 39 2.30 -49.28 -19.03
C ALA I 39 1.92 -50.46 -19.91
N ALA I 40 1.70 -50.17 -21.18
CA ALA I 40 1.42 -51.21 -22.16
C ALA I 40 1.57 -50.63 -23.55
N GLU I 41 2.32 -51.32 -24.40
CA GLU I 41 2.53 -50.83 -25.77
C GLU I 41 1.23 -50.84 -26.55
N GLY I 42 0.42 -51.89 -26.37
CA GLY I 42 -0.88 -51.99 -26.98
C GLY I 42 -0.90 -52.55 -28.39
N PHE I 43 0.03 -52.15 -29.24
CA PHE I 43 0.11 -52.61 -30.62
C PHE I 43 1.22 -53.65 -30.69
N GLY I 44 0.84 -54.92 -30.71
CA GLY I 44 1.78 -56.02 -30.74
C GLY I 44 2.03 -56.64 -29.39
N ASN I 45 1.80 -55.91 -28.31
CA ASN I 45 1.99 -56.42 -26.96
C ASN I 45 0.84 -55.88 -26.09
N ARG I 46 -0.24 -56.65 -26.01
CA ARG I 46 -1.39 -56.22 -25.22
C ARG I 46 -1.10 -56.34 -23.72
N LEU I 47 -0.17 -57.20 -23.35
CA LEU I 47 0.11 -57.42 -21.93
C LEU I 47 0.77 -56.18 -21.33
N CYS I 48 0.31 -55.82 -20.13
CA CYS I 48 0.84 -54.67 -19.42
C CYS I 48 2.12 -55.04 -18.68
N PHE I 49 3.00 -54.05 -18.51
CA PHE I 49 4.20 -54.21 -17.71
C PHE I 49 4.40 -52.96 -16.87
N LEU I 50 5.53 -52.92 -16.18
CA LEU I 50 5.81 -51.88 -15.20
C LEU I 50 7.06 -51.11 -15.63
N GLU I 51 6.91 -49.81 -15.83
CA GLU I 51 8.02 -48.94 -16.22
C GLU I 51 8.57 -48.27 -14.97
N PRO I 52 9.81 -48.53 -14.56
CA PRO I 52 10.34 -47.83 -13.38
C PRO I 52 10.51 -46.36 -13.65
N THR I 53 10.28 -45.55 -12.62
CA THR I 53 10.41 -44.11 -12.72
C THR I 53 11.24 -43.49 -11.61
N SER I 54 11.68 -44.26 -10.62
CA SER I 54 12.46 -43.69 -9.53
C SER I 54 13.75 -43.07 -10.05
N ASN I 55 14.43 -43.75 -10.97
CA ASN I 55 15.65 -43.22 -11.58
C ASN I 55 15.33 -42.30 -12.75
N ALA I 56 14.47 -41.32 -12.52
CA ALA I 56 14.05 -40.43 -13.59
C ALA I 56 15.21 -39.52 -14.02
N GLN I 57 15.89 -38.90 -13.06
CA GLN I 57 16.93 -37.94 -13.41
C GLN I 57 18.07 -38.60 -14.18
N ASN I 58 18.46 -39.82 -13.78
CA ASN I 58 19.52 -40.52 -14.50
C ASN I 58 19.02 -41.03 -15.86
N VAL I 59 17.83 -41.62 -15.88
CA VAL I 59 17.28 -42.23 -17.07
C VAL I 59 15.80 -41.82 -17.17
N PRO I 60 15.42 -41.03 -18.16
CA PRO I 60 14.02 -40.62 -18.27
C PRO I 60 13.12 -41.81 -18.49
N PRO I 61 11.92 -41.81 -17.90
CA PRO I 61 10.98 -42.90 -18.18
C PRO I 61 10.21 -42.65 -19.46
N ASP I 62 9.63 -43.71 -20.00
CA ASP I 62 8.85 -43.65 -21.21
C ASP I 62 7.38 -43.49 -20.84
N LEU I 63 6.91 -42.25 -20.75
CA LEU I 63 5.56 -41.96 -20.28
C LEU I 63 4.52 -41.94 -21.38
N ALA I 64 4.93 -42.06 -22.64
CA ALA I 64 3.96 -42.02 -23.73
C ALA I 64 2.94 -43.14 -23.58
N ILE I 65 3.40 -44.32 -23.18
CA ILE I 65 2.50 -45.48 -23.11
C ILE I 65 1.81 -45.55 -21.75
N CYS I 66 2.41 -44.97 -20.71
CA CYS I 66 1.85 -45.10 -19.37
C CYS I 66 0.57 -44.30 -19.19
N CYS I 67 0.41 -43.21 -19.94
CA CYS I 67 -0.72 -42.31 -19.73
C CYS I 67 -2.04 -43.02 -19.99
N PHE I 68 -2.99 -42.85 -19.07
CA PHE I 68 -4.33 -43.41 -19.18
C PHE I 68 -5.35 -42.30 -18.98
N ILE I 69 -6.52 -42.46 -19.59
CA ILE I 69 -7.60 -41.47 -19.53
C ILE I 69 -8.78 -42.11 -18.79
N LEU I 70 -9.21 -41.46 -17.72
CA LEU I 70 -10.45 -41.85 -17.07
C LEU I 70 -11.62 -41.40 -17.93
N GLU I 71 -12.29 -42.33 -18.60
CA GLU I 71 -13.28 -41.96 -19.59
C GLU I 71 -14.70 -41.95 -19.02
N GLN I 72 -15.00 -42.86 -18.08
CA GLN I 72 -16.33 -42.92 -17.52
C GLN I 72 -16.30 -43.60 -16.16
N SER I 73 -16.92 -42.96 -15.18
CA SER I 73 -17.11 -43.52 -13.84
C SER I 73 -18.60 -43.73 -13.63
N LEU I 74 -18.97 -44.93 -13.20
CA LEU I 74 -20.37 -45.28 -13.02
C LEU I 74 -20.55 -46.01 -11.69
N SER I 75 -21.76 -45.91 -11.15
CA SER I 75 -22.11 -46.72 -9.99
C SER I 75 -22.25 -48.18 -10.42
N VAL I 76 -22.14 -49.08 -9.45
CA VAL I 76 -22.15 -50.51 -9.78
C VAL I 76 -23.49 -50.90 -10.40
N ARG I 77 -24.60 -50.42 -9.82
CA ARG I 77 -25.90 -50.76 -10.40
C ARG I 77 -26.09 -50.12 -11.77
N ALA I 78 -25.59 -48.90 -11.95
CA ALA I 78 -25.64 -48.29 -13.27
C ALA I 78 -24.86 -49.12 -14.27
N LEU I 79 -23.72 -49.67 -13.84
CA LEU I 79 -22.97 -50.58 -14.70
C LEU I 79 -23.79 -51.83 -15.02
N GLN I 80 -24.48 -52.37 -14.02
CA GLN I 80 -25.32 -53.53 -14.26
C GLN I 80 -26.37 -53.26 -15.32
N GLU I 81 -27.02 -52.09 -15.26
CA GLU I 81 -28.00 -51.73 -16.28
C GLU I 81 -27.36 -51.50 -17.64
N MET I 82 -26.26 -50.75 -17.70
CA MET I 82 -25.65 -50.43 -18.98
C MET I 82 -25.14 -51.67 -19.68
N LEU I 83 -24.47 -52.55 -18.93
CA LEU I 83 -24.01 -53.81 -19.51
C LEU I 83 -25.17 -54.65 -20.01
N ALA I 84 -26.27 -54.72 -19.24
CA ALA I 84 -27.44 -55.47 -19.67
C ALA I 84 -27.99 -54.91 -20.97
N ASN I 85 -28.03 -53.59 -21.10
CA ASN I 85 -28.49 -52.94 -22.32
C ASN I 85 -27.71 -53.47 -23.53
N HIS I 99 -18.16 -34.97 -17.70
CA HIS I 99 -17.24 -34.61 -16.62
C HIS I 99 -17.91 -34.83 -15.27
N ARG I 100 -17.45 -35.85 -14.55
CA ARG I 100 -18.04 -36.23 -13.27
C ARG I 100 -16.94 -36.66 -12.33
N THR I 101 -16.93 -36.10 -11.12
CA THR I 101 -16.00 -36.55 -10.10
C THR I 101 -16.30 -38.01 -9.75
N LEU I 102 -15.25 -38.81 -9.60
CA LEU I 102 -15.40 -40.23 -9.29
C LEU I 102 -15.14 -40.43 -7.82
N LEU I 103 -16.01 -41.19 -7.17
CA LEU I 103 -15.97 -41.40 -5.73
C LEU I 103 -15.85 -42.89 -5.43
N TYR I 104 -15.32 -43.18 -4.25
CA TYR I 104 -14.97 -44.55 -3.90
C TYR I 104 -16.18 -45.46 -4.05
N GLY I 105 -15.95 -46.64 -4.63
CA GLY I 105 -16.98 -47.63 -4.87
C GLY I 105 -17.53 -47.61 -6.28
N HIS I 106 -17.32 -46.53 -7.01
CA HIS I 106 -17.75 -46.46 -8.40
C HIS I 106 -16.71 -47.09 -9.32
N ALA I 107 -17.18 -47.89 -10.27
CA ALA I 107 -16.27 -48.46 -11.25
C ALA I 107 -15.84 -47.40 -12.25
N ILE I 108 -14.67 -47.61 -12.85
CA ILE I 108 -14.08 -46.66 -13.78
C ILE I 108 -13.69 -47.37 -15.06
N LEU I 109 -13.61 -46.61 -16.15
CA LEU I 109 -13.15 -47.13 -17.44
C LEU I 109 -11.87 -46.39 -17.82
N LEU I 110 -10.74 -47.09 -17.73
CA LEU I 110 -9.46 -46.51 -18.10
C LEU I 110 -9.16 -46.84 -19.55
N ARG I 111 -8.98 -45.81 -20.36
CA ARG I 111 -8.71 -45.95 -21.78
C ARG I 111 -7.28 -45.52 -22.06
N HIS I 112 -6.51 -46.41 -22.68
CA HIS I 112 -5.10 -46.12 -22.88
C HIS I 112 -4.93 -44.95 -23.85
N ALA I 113 -4.15 -43.96 -23.43
CA ALA I 113 -4.02 -42.72 -24.18
C ALA I 113 -3.48 -42.93 -25.58
N HIS I 114 -2.43 -43.72 -25.73
CA HIS I 114 -1.81 -43.91 -27.04
C HIS I 114 -2.57 -44.93 -27.90
N SER I 115 -2.64 -46.18 -27.44
CA SER I 115 -3.20 -47.24 -28.27
C SER I 115 -4.68 -47.04 -28.52
N ARG I 116 -5.34 -46.22 -27.69
CA ARG I 116 -6.78 -45.99 -27.74
C ARG I 116 -7.56 -47.21 -27.33
N MET I 117 -6.95 -48.19 -26.67
CA MET I 117 -7.64 -49.35 -26.15
C MET I 117 -7.94 -49.14 -24.67
N TYR I 118 -8.66 -50.10 -24.08
CA TYR I 118 -9.11 -50.04 -22.70
C TYR I 118 -8.40 -51.09 -21.88
N LEU I 119 -7.97 -50.70 -20.69
CA LEU I 119 -7.33 -51.66 -19.78
C LEU I 119 -8.37 -52.65 -19.29
N SER I 120 -8.06 -53.95 -19.44
CA SER I 120 -8.98 -55.01 -19.06
C SER I 120 -8.20 -56.14 -18.40
N CYS I 121 -8.94 -57.06 -17.80
CA CYS I 121 -8.38 -58.25 -17.17
C CYS I 121 -8.59 -59.42 -18.11
N LEU I 122 -7.53 -59.84 -18.78
CA LEU I 122 -7.63 -60.90 -19.77
C LEU I 122 -7.90 -62.24 -19.11
N THR I 123 -8.47 -63.16 -19.89
CA THR I 123 -8.66 -64.52 -19.42
C THR I 123 -7.37 -65.34 -19.45
N THR I 124 -6.49 -65.06 -20.41
CA THR I 124 -5.24 -65.81 -20.52
C THR I 124 -4.34 -65.52 -19.33
N SER I 125 -3.66 -66.55 -18.85
CA SER I 125 -2.70 -66.43 -17.77
C SER I 125 -1.31 -66.77 -18.28
N ARG I 126 -0.32 -65.99 -17.85
CA ARG I 126 1.06 -66.19 -18.25
C ARG I 126 1.98 -66.47 -17.06
N SER I 127 1.52 -66.17 -15.85
CA SER I 127 2.32 -66.37 -14.65
C SER I 127 2.55 -67.86 -14.42
N MET I 128 3.79 -68.20 -14.06
CA MET I 128 4.14 -69.56 -13.68
C MET I 128 4.09 -69.81 -12.19
N THR I 129 3.89 -68.77 -11.38
CA THR I 129 3.84 -68.94 -9.93
C THR I 129 2.39 -69.05 -9.43
N ASP I 130 1.52 -68.15 -9.88
CA ASP I 130 0.13 -68.12 -9.44
C ASP I 130 -0.74 -68.79 -10.50
N LYS I 131 -1.58 -69.73 -10.05
CA LYS I 131 -2.49 -70.41 -10.97
C LYS I 131 -3.82 -69.68 -11.06
N LEU I 132 -4.25 -69.06 -9.97
CA LEU I 132 -5.51 -68.33 -9.96
C LEU I 132 -5.40 -66.95 -10.58
N ALA I 133 -4.19 -66.44 -10.76
CA ALA I 133 -4.01 -65.09 -11.28
C ALA I 133 -4.26 -65.04 -12.77
N PHE I 134 -4.85 -63.93 -13.23
CA PHE I 134 -5.06 -63.66 -14.64
C PHE I 134 -4.19 -62.50 -15.06
N ASP I 135 -3.54 -62.63 -16.20
CA ASP I 135 -2.70 -61.55 -16.70
C ASP I 135 -3.56 -60.37 -17.14
N VAL I 136 -3.00 -59.17 -16.99
CA VAL I 136 -3.70 -57.92 -17.26
C VAL I 136 -3.15 -57.33 -18.54
N GLY I 137 -4.03 -56.83 -19.40
CA GLY I 137 -3.61 -56.26 -20.66
C GLY I 137 -4.70 -55.41 -21.26
N LEU I 138 -4.39 -54.80 -22.39
CA LEU I 138 -5.32 -53.90 -23.05
C LEU I 138 -6.32 -54.68 -23.88
N GLN I 139 -7.46 -54.05 -24.17
CA GLN I 139 -8.56 -54.66 -24.88
C GLN I 139 -9.16 -53.67 -25.86
N GLU I 140 -9.53 -54.15 -27.06
CA GLU I 140 -9.98 -53.26 -28.11
C GLU I 140 -11.34 -52.64 -27.79
N ASP I 141 -12.28 -53.44 -27.32
CA ASP I 141 -13.66 -53.03 -27.19
C ASP I 141 -13.98 -52.56 -25.78
N ALA I 142 -14.88 -51.58 -25.69
CA ALA I 142 -15.34 -51.08 -24.40
C ALA I 142 -16.31 -52.05 -23.76
N THR I 143 -17.11 -52.75 -24.56
CA THR I 143 -18.14 -53.62 -24.02
C THR I 143 -17.53 -54.78 -23.25
N GLY I 144 -18.18 -55.17 -22.17
CA GLY I 144 -17.75 -56.33 -21.39
C GLY I 144 -17.43 -55.93 -19.96
N GLU I 145 -17.72 -56.83 -19.03
CA GLU I 145 -17.37 -56.60 -17.64
C GLU I 145 -15.87 -56.52 -17.43
N ALA I 146 -15.09 -57.07 -18.35
CA ALA I 146 -13.64 -57.09 -18.17
C ALA I 146 -13.06 -55.68 -18.13
N CYS I 147 -13.55 -54.81 -19.00
CA CYS I 147 -12.96 -53.46 -19.11
C CYS I 147 -13.12 -52.68 -17.81
N TRP I 148 -14.28 -52.78 -17.17
CA TRP I 148 -14.58 -51.91 -16.05
C TRP I 148 -13.89 -52.38 -14.78
N TRP I 149 -13.36 -51.43 -14.01
CA TRP I 149 -12.65 -51.72 -12.77
C TRP I 149 -13.33 -50.97 -11.63
N THR I 150 -13.55 -51.67 -10.51
CA THR I 150 -14.01 -51.03 -9.28
C THR I 150 -12.81 -50.59 -8.46
N MET I 151 -12.99 -49.52 -7.69
CA MET I 151 -11.92 -48.92 -6.90
C MET I 151 -12.37 -48.80 -5.46
N HIS I 152 -11.52 -49.22 -4.53
CA HIS I 152 -11.89 -49.25 -3.13
C HIS I 152 -10.81 -48.58 -2.28
N PRO I 153 -11.18 -48.00 -1.14
CA PRO I 153 -10.20 -47.27 -0.33
C PRO I 153 -9.17 -48.21 0.27
N ALA I 154 -7.90 -47.78 0.22
CA ALA I 154 -6.84 -48.55 0.86
C ALA I 154 -7.00 -48.52 2.38
N SER I 155 -7.21 -47.33 2.94
CA SER I 155 -7.35 -47.14 4.37
C SER I 155 -8.77 -46.71 4.70
N LYS I 156 -9.21 -47.09 5.91
CA LYS I 156 -10.54 -46.71 6.37
C LYS I 156 -10.65 -45.21 6.62
N GLN I 157 -9.54 -44.47 6.57
CA GLN I 157 -9.60 -43.02 6.71
C GLN I 157 -10.65 -42.42 5.78
N ARG I 158 -10.65 -42.86 4.53
CA ARG I 158 -11.65 -42.46 3.56
C ARG I 158 -12.55 -43.66 3.27
N SER I 159 -13.85 -43.49 3.50
CA SER I 159 -14.79 -44.59 3.39
C SER I 159 -15.43 -44.63 2.00
N GLU I 160 -16.32 -45.59 1.82
CA GLU I 160 -17.05 -45.71 0.57
C GLU I 160 -17.94 -44.49 0.36
N GLY I 161 -18.03 -44.06 -0.89
CA GLY I 161 -18.86 -42.92 -1.24
C GLY I 161 -18.21 -41.57 -1.07
N GLU I 162 -16.91 -41.52 -0.77
CA GLU I 162 -16.19 -40.26 -0.68
C GLU I 162 -15.53 -39.94 -2.02
N LYS I 163 -15.45 -38.65 -2.33
CA LYS I 163 -14.68 -38.24 -3.50
C LYS I 163 -13.23 -38.63 -3.33
N VAL I 164 -12.63 -39.12 -4.41
CA VAL I 164 -11.27 -39.67 -4.33
C VAL I 164 -10.28 -38.50 -4.40
N ARG I 165 -9.43 -38.40 -3.38
CA ARG I 165 -8.44 -37.35 -3.34
C ARG I 165 -7.18 -37.76 -4.11
N VAL I 166 -6.55 -36.78 -4.75
CA VAL I 166 -5.32 -37.04 -5.47
C VAL I 166 -4.27 -37.57 -4.50
N GLY I 167 -3.58 -38.63 -4.91
CA GLY I 167 -2.54 -39.25 -4.12
C GLY I 167 -3.02 -40.33 -3.17
N ASP I 168 -4.33 -40.55 -3.08
CA ASP I 168 -4.84 -41.60 -2.22
C ASP I 168 -4.37 -42.97 -2.69
N ASP I 169 -4.15 -43.87 -1.74
CA ASP I 169 -3.92 -45.27 -2.06
C ASP I 169 -5.25 -45.96 -2.25
N LEU I 170 -5.39 -46.69 -3.35
CA LEU I 170 -6.65 -47.34 -3.70
C LEU I 170 -6.34 -48.74 -4.21
N ILE I 171 -7.27 -49.65 -4.03
CA ILE I 171 -7.13 -51.02 -4.52
C ILE I 171 -8.19 -51.25 -5.60
N LEU I 172 -7.77 -51.79 -6.73
CA LEU I 172 -8.62 -51.97 -7.89
C LEU I 172 -9.01 -53.44 -8.03
N VAL I 173 -10.31 -53.70 -8.17
CA VAL I 173 -10.84 -55.04 -8.35
C VAL I 173 -11.63 -55.07 -9.65
N SER I 174 -11.23 -55.93 -10.57
CA SER I 174 -11.97 -56.07 -11.82
C SER I 174 -13.31 -56.75 -11.55
N VAL I 175 -14.36 -56.26 -12.20
CA VAL I 175 -15.68 -56.83 -11.99
C VAL I 175 -15.73 -58.26 -12.48
N SER I 176 -15.16 -58.52 -13.65
CA SER I 176 -15.31 -59.83 -14.29
C SER I 176 -14.72 -60.93 -13.42
N SER I 177 -13.55 -60.69 -12.83
CA SER I 177 -12.83 -61.72 -12.11
C SER I 177 -12.86 -61.57 -10.59
N GLU I 178 -13.27 -60.40 -10.09
CA GLU I 178 -13.24 -60.14 -8.66
C GLU I 178 -11.84 -60.38 -8.09
N ARG I 179 -10.84 -59.96 -8.87
CA ARG I 179 -9.43 -60.11 -8.49
C ARG I 179 -8.79 -58.74 -8.41
N TYR I 180 -7.92 -58.54 -7.44
CA TYR I 180 -7.24 -57.26 -7.29
C TYR I 180 -6.14 -57.12 -8.33
N LEU I 181 -5.83 -55.87 -8.66
CA LEU I 181 -4.66 -55.59 -9.48
C LEU I 181 -3.41 -55.69 -8.62
N HIS I 182 -2.56 -56.68 -8.91
CA HIS I 182 -1.52 -57.10 -7.98
C HIS I 182 -0.15 -56.98 -8.62
N LEU I 183 0.78 -56.34 -7.92
CA LEU I 183 2.18 -56.41 -8.28
C LEU I 183 2.74 -57.75 -7.84
N SER I 184 3.38 -58.47 -8.76
CA SER I 184 3.87 -59.82 -8.53
C SER I 184 5.39 -59.79 -8.44
N THR I 185 5.91 -59.94 -7.23
CA THR I 185 7.34 -60.12 -7.01
C THR I 185 7.73 -61.59 -6.95
N ALA I 186 6.80 -62.50 -7.21
CA ALA I 186 7.09 -63.92 -7.07
C ALA I 186 8.35 -64.31 -7.82
N SER I 187 8.47 -63.88 -9.07
CA SER I 187 9.70 -64.08 -9.83
C SER I 187 10.70 -62.99 -9.48
N GLY I 188 11.94 -63.19 -9.94
CA GLY I 188 12.96 -62.18 -9.72
C GLY I 188 12.57 -60.84 -10.34
N GLU I 189 11.92 -60.88 -11.50
CA GLU I 189 11.50 -59.67 -12.18
C GLU I 189 10.08 -59.33 -11.77
N LEU I 190 9.78 -58.03 -11.72
CA LEU I 190 8.45 -57.59 -11.29
C LEU I 190 7.49 -57.54 -12.46
N GLN I 191 6.28 -58.06 -12.24
CA GLN I 191 5.22 -58.02 -13.24
C GLN I 191 3.92 -57.65 -12.55
N VAL I 192 2.97 -57.15 -13.34
CA VAL I 192 1.65 -56.77 -12.86
C VAL I 192 0.65 -57.78 -13.41
N ASP I 193 -0.24 -58.25 -12.55
CA ASP I 193 -1.30 -59.17 -12.96
C ASP I 193 -2.41 -59.16 -11.92
N ALA I 194 -3.59 -59.59 -12.35
CA ALA I 194 -4.73 -59.70 -11.45
C ALA I 194 -4.54 -60.89 -10.52
N SER I 195 -4.81 -60.67 -9.23
CA SER I 195 -4.59 -61.71 -8.23
C SER I 195 -5.56 -61.49 -7.08
N PHE I 196 -5.65 -62.50 -6.21
CA PHE I 196 -6.52 -62.40 -5.05
C PHE I 196 -5.84 -61.62 -3.92
N MET I 197 -4.51 -61.55 -3.94
CA MET I 197 -3.81 -60.64 -3.04
C MET I 197 -3.93 -59.21 -3.55
N GLN I 198 -3.45 -58.26 -2.73
CA GLN I 198 -3.66 -56.85 -3.02
C GLN I 198 -2.32 -56.15 -3.21
N THR I 199 -2.34 -55.08 -4.01
CA THR I 199 -1.23 -54.14 -4.11
C THR I 199 -1.81 -52.73 -4.14
N LEU I 200 -1.32 -51.87 -3.26
CA LEU I 200 -1.82 -50.51 -3.19
C LEU I 200 -1.35 -49.72 -4.40
N TRP I 201 -2.28 -49.02 -5.03
CA TRP I 201 -2.01 -48.22 -6.22
C TRP I 201 -2.21 -46.75 -5.91
N ASN I 202 -1.67 -45.90 -6.78
CA ASN I 202 -1.87 -44.46 -6.69
C ASN I 202 -2.16 -43.93 -8.09
N MET I 203 -3.24 -43.17 -8.23
CA MET I 203 -3.60 -42.59 -9.51
C MET I 203 -3.04 -41.16 -9.56
N ASN I 204 -1.84 -41.02 -10.09
CA ASN I 204 -1.26 -39.68 -10.17
C ASN I 204 -1.83 -38.97 -11.38
N PRO I 205 -2.36 -37.75 -11.22
CA PRO I 205 -2.97 -37.07 -12.37
C PRO I 205 -1.91 -36.54 -13.32
N ILE I 206 -2.15 -36.71 -14.63
CA ILE I 206 -1.22 -36.18 -15.62
C ILE I 206 -1.69 -34.82 -16.09
N CYS I 207 -2.99 -34.68 -16.39
CA CYS I 207 -3.56 -33.39 -16.73
C CYS I 207 -5.06 -33.48 -16.51
N SER I 208 -5.70 -32.32 -16.38
CA SER I 208 -7.12 -32.26 -16.11
C SER I 208 -7.89 -31.74 -17.32
N GLY I 209 -7.50 -30.57 -17.81
CA GLY I 209 -8.12 -30.00 -18.99
C GLY I 209 -7.26 -28.90 -19.55
N CYS I 210 -7.00 -28.95 -20.85
CA CYS I 210 -6.07 -28.02 -21.50
C CYS I 210 -6.81 -26.82 -22.02
N GLU I 211 -6.33 -25.63 -21.69
CA GLU I 211 -6.82 -24.42 -22.33
C GLU I 211 -6.49 -24.44 -23.80
N GLU I 212 -7.42 -23.95 -24.62
CA GLU I 212 -7.29 -24.08 -26.06
C GLU I 212 -5.98 -23.47 -26.54
N GLY I 213 -5.28 -24.21 -27.41
CA GLY I 213 -4.09 -23.67 -28.05
C GLY I 213 -3.00 -23.24 -27.08
N PHE I 214 -2.81 -24.00 -26.00
CA PHE I 214 -1.76 -23.71 -25.03
C PHE I 214 -0.91 -24.96 -24.85
N VAL I 215 0.40 -24.79 -24.96
CA VAL I 215 1.30 -25.93 -24.96
C VAL I 215 1.40 -26.51 -23.56
N THR I 216 1.40 -27.83 -23.48
CA THR I 216 1.52 -28.54 -22.21
C THR I 216 2.52 -29.68 -22.35
N GLY I 217 3.12 -30.05 -21.23
CA GLY I 217 4.06 -31.16 -21.25
C GLY I 217 3.36 -32.43 -21.70
N GLY I 218 4.11 -33.25 -22.44
CA GLY I 218 3.58 -34.49 -22.97
C GLY I 218 2.93 -34.37 -24.32
N HIS I 219 2.71 -33.15 -24.82
CA HIS I 219 2.21 -32.98 -26.18
C HIS I 219 3.28 -33.34 -27.19
N VAL I 220 2.84 -33.70 -28.39
CA VAL I 220 3.72 -33.95 -29.52
C VAL I 220 3.58 -32.77 -30.48
N LEU I 221 4.69 -32.17 -30.84
CA LEU I 221 4.67 -30.96 -31.64
C LEU I 221 5.93 -30.88 -32.49
N ARG I 222 5.95 -29.89 -33.38
CA ARG I 222 7.09 -29.62 -34.25
C ARG I 222 7.59 -28.21 -33.97
N LEU I 223 8.91 -28.04 -33.99
CA LEU I 223 9.56 -26.78 -33.72
C LEU I 223 9.94 -26.12 -35.04
N PHE I 224 9.24 -25.07 -35.41
CA PHE I 224 9.48 -24.36 -36.66
C PHE I 224 10.39 -23.18 -36.41
N HIS I 225 11.33 -22.95 -37.33
CA HIS I 225 12.26 -21.83 -37.19
C HIS I 225 11.54 -20.53 -37.46
N GLY I 226 11.03 -19.89 -36.40
CA GLY I 226 10.27 -18.67 -36.60
C GLY I 226 9.14 -18.91 -37.58
N HIS I 227 9.04 -18.04 -38.57
CA HIS I 227 8.14 -18.25 -39.71
C HIS I 227 8.90 -18.60 -40.98
N MET I 228 10.17 -19.02 -40.86
CA MET I 228 10.94 -19.47 -42.00
C MET I 228 10.42 -20.77 -42.60
N ASP I 229 9.50 -21.45 -41.92
CA ASP I 229 9.02 -22.76 -42.36
C ASP I 229 10.17 -23.75 -42.50
N GLU I 230 11.10 -23.70 -41.56
CA GLU I 230 12.17 -24.68 -41.42
C GLU I 230 12.03 -25.34 -40.06
N CYS I 231 11.73 -26.63 -40.06
CA CYS I 231 11.51 -27.37 -38.82
C CYS I 231 12.79 -28.07 -38.38
N LEU I 232 12.86 -28.36 -37.08
CA LEU I 232 13.98 -29.06 -36.50
C LEU I 232 13.78 -30.57 -36.64
N THR I 233 14.77 -31.25 -37.22
CA THR I 233 14.63 -32.67 -37.48
C THR I 233 15.99 -33.34 -37.50
N ILE I 234 15.98 -34.65 -37.27
CA ILE I 234 17.18 -35.47 -37.42
C ILE I 234 17.36 -35.82 -38.89
N SER I 235 18.52 -36.37 -39.23
CA SER I 235 18.78 -36.78 -40.59
C SER I 235 17.83 -37.90 -41.00
N PRO I 236 17.61 -38.10 -42.30
CA PRO I 236 16.67 -39.12 -42.74
C PRO I 236 17.09 -40.50 -42.25
N SER I 237 16.21 -41.47 -42.48
CA SER I 237 16.60 -42.86 -42.28
C SER I 237 17.61 -43.25 -43.35
N ASP I 238 18.49 -44.19 -42.98
CA ASP I 238 19.59 -44.67 -43.82
C ASP I 238 20.70 -43.62 -43.87
N SER I 239 20.58 -42.54 -43.09
CA SER I 239 21.61 -41.52 -43.08
C SER I 239 22.91 -42.09 -42.52
N ASP I 240 24.03 -41.64 -43.09
CA ASP I 240 25.34 -42.11 -42.64
C ASP I 240 25.71 -41.59 -41.27
N ASP I 241 25.22 -40.41 -40.88
CA ASP I 241 25.54 -39.86 -39.57
C ASP I 241 24.79 -40.55 -38.44
N GLN I 242 24.12 -41.67 -38.71
CA GLN I 242 23.43 -42.49 -37.72
C GLN I 242 22.25 -41.78 -37.08
N ARG I 243 21.74 -40.70 -37.67
CA ARG I 243 20.60 -39.97 -37.17
C ARG I 243 20.86 -39.35 -35.80
N ARG I 244 22.12 -39.12 -35.45
CA ARG I 244 22.48 -38.54 -34.17
C ARG I 244 22.65 -37.03 -34.23
N LEU I 245 22.44 -36.41 -35.39
CA LEU I 245 22.62 -34.98 -35.56
C LEU I 245 21.26 -34.32 -35.78
N VAL I 246 21.22 -33.00 -35.60
CA VAL I 246 19.99 -32.22 -35.69
C VAL I 246 20.20 -31.08 -36.68
N TYR I 247 19.25 -30.91 -37.59
CA TYR I 247 19.32 -29.87 -38.60
C TYR I 247 17.98 -29.14 -38.68
N TYR I 248 18.00 -28.03 -39.40
CA TYR I 248 16.82 -27.30 -39.81
C TYR I 248 16.61 -27.63 -41.28
N GLU I 249 15.42 -28.11 -41.62
CA GLU I 249 15.05 -28.42 -43.00
C GLU I 249 13.66 -27.88 -43.30
N GLY I 250 13.43 -27.53 -44.56
CA GLY I 250 12.18 -26.90 -44.94
C GLY I 250 11.47 -27.52 -46.13
N GLY I 251 11.53 -28.84 -46.26
CA GLY I 251 10.85 -29.53 -47.34
C GLY I 251 9.54 -30.12 -46.88
N PRO I 252 9.22 -31.33 -47.33
CA PRO I 252 8.08 -32.06 -46.76
C PRO I 252 8.36 -32.63 -45.38
N VAL I 253 9.55 -32.40 -44.83
CA VAL I 253 9.82 -32.82 -43.45
C VAL I 253 8.87 -32.16 -42.48
N CYS I 254 8.25 -31.04 -42.88
CA CYS I 254 7.21 -30.44 -42.04
C CYS I 254 6.07 -31.42 -41.81
N THR I 255 5.73 -32.22 -42.81
CA THR I 255 4.67 -33.20 -42.72
C THR I 255 5.18 -34.59 -42.32
N HIS I 256 6.46 -34.88 -42.53
CA HIS I 256 6.97 -36.20 -42.20
C HIS I 256 7.09 -36.36 -40.69
N ALA I 257 7.11 -37.63 -40.26
CA ALA I 257 7.13 -37.95 -38.84
C ALA I 257 8.53 -37.84 -38.23
N ARG I 258 9.57 -37.80 -39.06
CA ARG I 258 10.93 -37.69 -38.54
C ARG I 258 11.14 -36.42 -37.73
N SER I 259 10.30 -35.40 -37.92
CA SER I 259 10.48 -34.12 -37.26
C SER I 259 9.57 -33.93 -36.06
N LEU I 260 8.93 -35.00 -35.58
CA LEU I 260 7.98 -34.89 -34.47
C LEU I 260 8.74 -35.02 -33.15
N TRP I 261 8.62 -34.02 -32.29
CA TRP I 261 9.24 -34.02 -30.98
C TRP I 261 8.17 -33.97 -29.90
N ARG I 262 8.46 -34.56 -28.74
CA ARG I 262 7.55 -34.59 -27.62
C ARG I 262 8.24 -33.99 -26.41
N LEU I 263 7.52 -33.18 -25.64
CA LEU I 263 8.11 -32.50 -24.50
C LEU I 263 7.86 -33.29 -23.22
N GLU I 264 8.88 -33.42 -22.39
CA GLU I 264 8.81 -34.19 -21.15
C GLU I 264 9.31 -33.32 -20.00
N PRO I 265 8.44 -32.80 -19.16
CA PRO I 265 8.91 -32.09 -17.97
C PRO I 265 9.62 -33.03 -17.01
N LEU I 266 10.58 -32.48 -16.27
CA LEU I 266 11.38 -33.29 -15.36
C LEU I 266 10.52 -33.94 -14.28
N ARG I 267 9.33 -33.39 -14.03
CA ARG I 267 8.45 -33.89 -13.00
C ARG I 267 7.46 -34.88 -13.60
N ILE I 268 7.29 -36.03 -12.96
CA ILE I 268 6.38 -37.04 -13.47
C ILE I 268 4.94 -36.64 -13.22
N SER I 269 4.59 -36.37 -11.97
CA SER I 269 3.23 -35.97 -11.64
C SER I 269 2.92 -34.60 -12.23
N TRP I 270 1.69 -34.45 -12.73
CA TRP I 270 1.25 -33.20 -13.33
C TRP I 270 2.14 -32.80 -14.50
N SER I 271 2.71 -33.81 -15.17
CA SER I 271 3.53 -33.56 -16.33
C SER I 271 2.75 -33.02 -17.51
N GLY I 272 1.42 -33.06 -17.45
CA GLY I 272 0.60 -32.53 -18.51
C GLY I 272 0.17 -31.11 -18.26
N SER I 273 0.76 -30.47 -17.26
CA SER I 273 0.42 -29.08 -16.95
C SER I 273 0.88 -28.16 -18.06
N HIS I 274 0.33 -26.94 -18.06
CA HIS I 274 0.75 -25.95 -19.03
C HIS I 274 2.23 -25.65 -18.88
N LEU I 275 2.92 -25.51 -20.01
CA LEU I 275 4.34 -25.21 -19.98
C LEU I 275 4.56 -23.81 -19.44
N ARG I 276 5.74 -23.59 -18.86
CA ARG I 276 6.05 -22.37 -18.15
C ARG I 276 7.47 -21.92 -18.51
N TRP I 277 7.63 -20.63 -18.79
CA TRP I 277 8.96 -20.12 -19.11
C TRP I 277 9.91 -20.42 -17.96
N GLY I 278 11.09 -20.92 -18.30
CA GLY I 278 12.09 -21.29 -17.33
C GLY I 278 11.95 -22.70 -16.80
N GLN I 279 10.86 -23.38 -17.15
CA GLN I 279 10.67 -24.75 -16.70
C GLN I 279 11.67 -25.67 -17.40
N PRO I 280 12.42 -26.49 -16.67
CA PRO I 280 13.32 -27.44 -17.32
C PRO I 280 12.52 -28.61 -17.89
N LEU I 281 12.93 -29.07 -19.08
CA LEU I 281 12.28 -30.18 -19.74
C LEU I 281 13.24 -30.80 -20.74
N ARG I 282 12.94 -32.04 -21.13
CA ARG I 282 13.74 -32.77 -22.12
C ARG I 282 12.88 -33.03 -23.34
N ILE I 283 13.50 -33.03 -24.51
CA ILE I 283 12.79 -33.14 -25.77
C ILE I 283 13.11 -34.50 -26.39
N ARG I 284 12.08 -35.34 -26.53
CA ARG I 284 12.24 -36.72 -26.97
C ARG I 284 11.77 -36.85 -28.41
N HIS I 285 12.61 -37.44 -29.27
CA HIS I 285 12.23 -37.71 -30.64
C HIS I 285 11.39 -38.98 -30.68
N VAL I 286 10.12 -38.85 -31.08
CA VAL I 286 9.19 -39.96 -30.92
C VAL I 286 9.62 -41.17 -31.74
N THR I 287 9.92 -40.98 -33.03
CA THR I 287 10.20 -42.11 -33.89
C THR I 287 11.51 -42.78 -33.49
N THR I 288 12.57 -41.98 -33.33
CA THR I 288 13.85 -42.56 -32.93
C THR I 288 13.85 -42.96 -31.46
N GLY I 289 13.14 -42.22 -30.63
CA GLY I 289 13.13 -42.49 -29.21
C GLY I 289 14.34 -41.97 -28.46
N ARG I 290 15.11 -41.07 -29.06
CA ARG I 290 16.31 -40.52 -28.46
C ARG I 290 16.03 -39.12 -27.94
N TYR I 291 16.68 -38.73 -26.84
CA TYR I 291 16.46 -37.43 -26.26
C TYR I 291 17.52 -36.45 -26.73
N LEU I 292 17.09 -35.23 -27.03
CA LEU I 292 18.00 -34.16 -27.41
C LEU I 292 18.85 -33.80 -26.21
N GLY I 293 20.17 -33.72 -26.43
CA GLY I 293 21.07 -33.46 -25.32
C GLY I 293 22.37 -32.86 -25.81
N LEU I 294 23.18 -32.44 -24.85
CA LEU I 294 24.46 -31.80 -25.11
C LEU I 294 25.57 -32.77 -24.75
N THR I 295 26.50 -32.99 -25.68
CA THR I 295 27.66 -33.84 -25.45
C THR I 295 28.92 -33.02 -25.68
N GLU I 296 29.88 -33.15 -24.76
CA GLU I 296 31.09 -32.35 -24.86
C GLU I 296 31.85 -32.63 -26.15
N ASP I 297 31.97 -33.91 -26.53
CA ASP I 297 32.78 -34.27 -27.68
C ASP I 297 32.21 -33.69 -28.97
N GLN I 298 30.89 -33.78 -29.16
CA GLN I 298 30.25 -33.41 -30.43
C GLN I 298 29.07 -32.47 -30.24
N GLY I 299 29.05 -31.69 -29.16
CA GLY I 299 28.03 -30.66 -29.02
C GLY I 299 26.63 -31.24 -28.98
N LEU I 300 25.73 -30.62 -29.73
CA LEU I 300 24.32 -30.98 -29.70
C LEU I 300 24.09 -32.22 -30.55
N VAL I 301 23.49 -33.25 -29.95
CA VAL I 301 23.15 -34.49 -30.64
C VAL I 301 22.03 -35.16 -29.88
N VAL I 302 21.14 -35.83 -30.61
CA VAL I 302 20.14 -36.67 -29.96
C VAL I 302 20.85 -37.92 -29.44
N VAL I 303 20.61 -38.25 -28.18
CA VAL I 303 21.33 -39.32 -27.51
C VAL I 303 20.32 -40.34 -26.99
N ASP I 304 20.81 -41.55 -26.71
CA ASP I 304 19.93 -42.62 -26.27
C ASP I 304 19.41 -42.34 -24.86
N ALA I 305 18.31 -43.00 -24.52
CA ALA I 305 17.68 -42.77 -23.22
C ALA I 305 18.62 -43.15 -22.08
N SER I 306 19.36 -44.25 -22.23
CA SER I 306 20.20 -44.73 -21.15
C SER I 306 21.23 -43.69 -20.73
N LYS I 307 21.85 -43.02 -21.72
CA LYS I 307 22.90 -42.05 -21.45
C LYS I 307 22.38 -40.64 -21.27
N ALA I 308 21.06 -40.44 -21.29
CA ALA I 308 20.48 -39.10 -21.22
C ALA I 308 20.15 -38.76 -19.77
N HIS I 309 21.10 -38.18 -19.07
CA HIS I 309 20.85 -37.70 -17.72
C HIS I 309 20.35 -36.26 -17.78
N THR I 310 19.85 -35.78 -16.63
CA THR I 310 19.16 -34.51 -16.60
C THR I 310 20.08 -33.37 -17.04
N LYS I 311 21.32 -33.35 -16.56
CA LYS I 311 22.21 -32.26 -16.91
C LYS I 311 22.43 -32.20 -18.42
N ALA I 312 22.55 -33.36 -19.07
CA ALA I 312 22.81 -33.37 -20.49
C ALA I 312 21.56 -33.05 -21.30
N THR I 313 20.39 -33.48 -20.84
CA THR I 313 19.16 -33.40 -21.64
C THR I 313 18.12 -32.48 -21.02
N SER I 314 18.56 -31.46 -20.29
CA SER I 314 17.66 -30.45 -19.74
C SER I 314 17.71 -29.20 -20.61
N PHE I 315 16.55 -28.74 -21.05
CA PHE I 315 16.41 -27.50 -21.78
C PHE I 315 15.26 -26.70 -21.19
N CYS I 316 15.16 -25.43 -21.59
CA CYS I 316 14.06 -24.59 -21.17
C CYS I 316 13.71 -23.59 -22.25
N PHE I 317 12.45 -23.16 -22.24
CA PHE I 317 11.93 -22.17 -23.17
C PHE I 317 11.97 -20.80 -22.51
N ARG I 318 12.63 -19.85 -23.15
CA ARG I 318 12.79 -18.50 -22.63
C ARG I 318 12.20 -17.51 -23.61
N ILE I 319 11.50 -16.50 -23.09
CA ILE I 319 10.89 -15.48 -23.95
C ILE I 319 11.97 -14.60 -24.57
N SER I 320 13.00 -14.26 -23.79
CA SER I 320 14.08 -13.39 -24.27
C SER I 320 15.41 -13.94 -23.78
N LYS I 321 16.48 -13.47 -24.42
CA LYS I 321 17.82 -13.94 -24.09
C LYS I 321 18.38 -13.30 -22.83
N GLU I 322 17.71 -12.29 -22.27
CA GLU I 322 18.18 -11.71 -21.02
C GLU I 322 18.17 -12.75 -19.91
N LYS I 323 19.16 -12.67 -19.03
CA LYS I 323 19.32 -13.64 -17.95
C LYS I 323 18.38 -13.27 -16.80
N LEU I 324 17.11 -13.57 -16.99
CA LEU I 324 16.09 -13.44 -15.95
C LEU I 324 15.95 -14.71 -15.12
N ASP I 325 16.70 -15.76 -15.46
CA ASP I 325 16.65 -17.03 -14.76
C ASP I 325 17.52 -17.06 -13.52
N VAL I 326 17.90 -15.89 -13.00
CA VAL I 326 18.69 -15.81 -11.78
C VAL I 326 17.82 -16.27 -10.60
N ALA I 327 16.51 -16.37 -10.83
CA ALA I 327 15.59 -16.83 -9.81
C ALA I 327 14.73 -17.95 -10.40
N PRO I 328 14.63 -19.11 -9.74
CA PRO I 328 13.77 -20.18 -10.26
C PRO I 328 12.30 -19.89 -10.03
N LYS I 329 11.43 -20.83 -10.37
CA LYS I 329 10.00 -20.66 -10.19
C LYS I 329 9.45 -21.83 -9.37
N ARG I 330 8.54 -21.51 -8.45
CA ARG I 330 7.95 -22.54 -7.60
C ARG I 330 7.08 -23.47 -8.44
N ASP I 331 7.23 -24.78 -8.22
CA ASP I 331 6.46 -25.76 -8.96
C ASP I 331 5.07 -25.92 -8.35
N VAL I 332 4.05 -25.73 -9.17
CA VAL I 332 2.65 -25.71 -8.72
C VAL I 332 1.99 -27.00 -9.16
N GLU I 333 1.20 -27.59 -8.26
CA GLU I 333 0.47 -28.81 -8.56
C GLU I 333 -0.89 -28.44 -9.16
N GLY I 334 -1.02 -28.64 -10.46
CA GLY I 334 -2.20 -28.23 -11.21
C GLY I 334 -1.80 -27.77 -12.58
N MET I 335 -2.81 -27.60 -13.44
CA MET I 335 -2.53 -27.24 -14.83
C MET I 335 -1.77 -25.93 -14.92
N GLY I 336 -1.94 -25.05 -13.93
CA GLY I 336 -1.11 -23.88 -13.82
C GLY I 336 -1.50 -22.76 -14.76
N PRO I 337 -0.66 -21.73 -14.84
CA PRO I 337 -0.98 -20.57 -15.67
C PRO I 337 -0.67 -20.84 -17.14
N PRO I 338 -1.65 -20.70 -18.03
CA PRO I 338 -1.36 -20.84 -19.46
C PRO I 338 -0.46 -19.71 -19.94
N GLU I 339 0.74 -20.07 -20.37
CA GLU I 339 1.72 -19.07 -20.79
C GLU I 339 2.08 -19.23 -22.26
N ILE I 340 2.51 -20.42 -22.66
CA ILE I 340 2.96 -20.66 -24.02
C ILE I 340 1.79 -21.14 -24.86
N LYS I 341 1.60 -20.53 -26.02
CA LYS I 341 0.49 -20.85 -26.91
C LYS I 341 1.01 -21.15 -28.30
N TYR I 342 0.38 -22.10 -28.97
CA TYR I 342 0.85 -22.56 -30.27
C TYR I 342 0.73 -21.45 -31.31
N GLY I 343 1.65 -21.48 -32.28
CA GLY I 343 1.56 -20.61 -33.43
C GLY I 343 2.06 -19.20 -33.20
N GLU I 344 1.51 -18.51 -32.21
CA GLU I 344 1.80 -17.10 -32.02
C GLU I 344 2.98 -16.89 -31.05
N SER I 345 3.04 -17.67 -29.99
CA SER I 345 4.15 -17.53 -29.05
C SER I 345 5.47 -17.84 -29.75
N LEU I 346 6.51 -17.11 -29.37
CA LEU I 346 7.86 -17.34 -29.84
C LEU I 346 8.76 -17.57 -28.63
N CYS I 347 9.70 -18.51 -28.76
CA CYS I 347 10.54 -18.91 -27.65
C CYS I 347 11.94 -19.25 -28.14
N PHE I 348 12.88 -19.24 -27.20
CA PHE I 348 14.26 -19.67 -27.45
C PHE I 348 14.59 -20.84 -26.54
N VAL I 349 15.29 -21.81 -27.07
CA VAL I 349 15.64 -23.02 -26.32
C VAL I 349 17.03 -22.83 -25.74
N GLN I 350 17.15 -22.99 -24.43
CA GLN I 350 18.42 -22.82 -23.73
C GLN I 350 18.73 -24.07 -22.92
N HIS I 351 19.95 -24.57 -23.06
CA HIS I 351 20.41 -25.68 -22.26
C HIS I 351 20.82 -25.18 -20.88
N VAL I 352 20.05 -25.54 -19.86
CA VAL I 352 20.14 -24.87 -18.56
C VAL I 352 21.57 -24.93 -18.02
N ALA I 353 22.16 -26.13 -18.02
CA ALA I 353 23.47 -26.28 -17.38
C ALA I 353 24.52 -25.41 -18.06
N SER I 354 24.63 -25.51 -19.38
CA SER I 354 25.59 -24.68 -20.10
C SER I 354 25.10 -23.26 -20.26
N GLY I 355 23.79 -23.06 -20.39
CA GLY I 355 23.24 -21.77 -20.69
C GLY I 355 23.29 -21.38 -22.15
N LEU I 356 23.84 -22.22 -23.01
CA LEU I 356 23.94 -21.90 -24.42
C LEU I 356 22.56 -21.84 -25.05
N TRP I 357 22.49 -21.19 -26.20
CA TRP I 357 21.24 -20.98 -26.92
C TRP I 357 21.22 -21.82 -28.19
N LEU I 358 20.14 -22.57 -28.39
CA LEU I 358 19.99 -23.33 -29.62
C LEU I 358 19.92 -22.39 -30.81
N THR I 359 20.69 -22.68 -31.85
CA THR I 359 20.75 -21.81 -33.02
C THR I 359 21.32 -22.58 -34.19
N TYR I 360 20.95 -22.14 -35.39
CA TYR I 360 21.51 -22.73 -36.60
C TYR I 360 22.99 -22.38 -36.71
N ALA I 361 23.80 -23.37 -37.04
CA ALA I 361 25.22 -23.14 -37.27
C ALA I 361 25.41 -22.29 -38.51
N ALA I 362 26.54 -21.59 -38.55
CA ALA I 362 26.83 -20.73 -39.69
C ALA I 362 26.82 -21.57 -40.96
N PRO I 363 26.32 -21.04 -42.07
CA PRO I 363 26.20 -21.86 -43.29
C PRO I 363 27.51 -22.59 -43.60
N ASP I 364 27.43 -23.91 -43.56
CA ASP I 364 28.62 -24.73 -43.77
C ASP I 364 29.06 -24.64 -45.23
N PRO I 365 30.37 -24.72 -45.49
CA PRO I 365 30.85 -24.68 -46.88
C PRO I 365 30.32 -25.86 -47.68
N LYS I 366 30.08 -25.62 -48.96
CA LYS I 366 29.60 -26.60 -49.94
C LYS I 366 28.14 -26.99 -49.71
N ALA I 367 27.47 -26.44 -48.70
CA ALA I 367 26.03 -26.67 -48.58
C ALA I 367 25.29 -26.10 -49.79
N LEU I 368 25.67 -24.89 -50.20
CA LEU I 368 25.11 -24.32 -51.42
C LEU I 368 25.45 -25.19 -52.63
N ARG I 369 26.66 -25.74 -52.68
CA ARG I 369 27.04 -26.62 -53.77
C ARG I 369 26.12 -27.84 -53.81
N LEU I 370 25.83 -28.43 -52.65
CA LEU I 370 24.90 -29.55 -52.59
C LEU I 370 23.51 -29.12 -53.05
N GLY I 371 23.09 -27.92 -52.65
CA GLY I 371 21.72 -27.49 -52.85
C GLY I 371 20.77 -27.91 -51.76
N VAL I 372 21.23 -28.72 -50.80
CA VAL I 372 20.40 -29.10 -49.67
C VAL I 372 20.25 -27.93 -48.73
N LEU I 373 19.02 -27.68 -48.29
CA LEU I 373 18.73 -26.58 -47.38
C LEU I 373 19.01 -26.93 -45.93
N LYS I 374 19.52 -28.13 -45.67
CA LYS I 374 19.82 -28.54 -44.30
C LYS I 374 20.80 -27.56 -43.67
N LYS I 375 20.49 -27.12 -42.46
CA LYS I 375 21.43 -26.33 -41.67
C LYS I 375 21.60 -26.96 -40.30
N LYS I 376 22.79 -27.49 -40.02
CA LYS I 376 23.04 -28.12 -38.74
C LYS I 376 22.79 -27.12 -37.61
N ALA I 377 22.20 -27.63 -36.53
CA ALA I 377 21.87 -26.81 -35.36
C ALA I 377 22.87 -27.11 -34.25
N MET I 378 23.43 -26.05 -33.68
CA MET I 378 24.42 -26.18 -32.62
C MET I 378 24.10 -25.18 -31.52
N LEU I 379 24.84 -25.27 -30.42
CA LEU I 379 24.62 -24.43 -29.25
C LEU I 379 25.69 -23.36 -29.21
N HIS I 380 25.26 -22.10 -29.16
CA HIS I 380 26.15 -20.95 -29.20
C HIS I 380 25.79 -19.97 -28.09
N GLN I 381 26.82 -19.37 -27.48
CA GLN I 381 26.57 -18.39 -26.42
C GLN I 381 25.83 -17.19 -26.97
N GLU I 382 26.35 -16.59 -28.04
CA GLU I 382 25.71 -15.41 -28.62
C GLU I 382 24.43 -15.79 -29.35
N GLY I 383 24.45 -16.90 -30.08
CA GLY I 383 23.28 -17.25 -30.86
C GLY I 383 23.07 -16.24 -31.97
N HIS I 384 21.84 -16.24 -32.48
CA HIS I 384 21.43 -15.30 -33.51
C HIS I 384 20.08 -14.70 -33.14
N MET I 385 19.85 -13.48 -33.61
CA MET I 385 18.63 -12.76 -33.26
C MET I 385 17.39 -13.53 -33.70
N ASP I 386 17.43 -14.10 -34.91
CA ASP I 386 16.27 -14.79 -35.46
C ASP I 386 16.36 -16.29 -35.11
N ASP I 387 16.55 -16.54 -33.82
CA ASP I 387 16.59 -17.90 -33.30
C ASP I 387 15.25 -18.34 -32.71
N ALA I 388 14.23 -17.50 -32.82
CA ALA I 388 12.94 -17.82 -32.24
C ALA I 388 12.38 -19.11 -32.85
N LEU I 389 11.89 -19.99 -32.00
CA LEU I 389 11.21 -21.21 -32.43
C LEU I 389 9.73 -21.11 -32.09
N SER I 390 8.89 -21.54 -33.03
CA SER I 390 7.45 -21.57 -32.85
C SER I 390 7.01 -23.01 -32.69
N LEU I 391 6.13 -23.25 -31.73
CA LEU I 391 5.63 -24.59 -31.46
C LEU I 391 4.35 -24.80 -32.27
N THR I 392 4.29 -25.90 -33.01
CA THR I 392 3.09 -26.23 -33.79
C THR I 392 2.63 -27.64 -33.44
N ARG I 393 1.39 -27.76 -33.00
CA ARG I 393 0.86 -29.05 -32.58
C ARG I 393 0.64 -29.94 -33.80
N CYS I 394 0.82 -31.23 -33.59
CA CYS I 394 0.57 -32.25 -34.60
C CYS I 394 -0.68 -33.04 -34.23
N GLN I 395 -1.33 -33.59 -35.25
CA GLN I 395 -2.60 -34.26 -35.03
C GLN I 395 -2.41 -35.58 -34.27
N GLN I 396 -3.51 -36.03 -33.68
CA GLN I 396 -3.48 -37.28 -32.93
C GLN I 396 -3.06 -38.43 -33.82
N GLU I 397 -3.55 -38.46 -35.06
CA GLU I 397 -3.18 -39.54 -35.96
C GLU I 397 -1.68 -39.55 -36.22
N GLU I 398 -1.09 -38.38 -36.43
CA GLU I 398 0.35 -38.33 -36.67
C GLU I 398 1.15 -38.75 -35.44
N SER I 399 0.72 -38.30 -34.25
CA SER I 399 1.43 -38.70 -33.04
C SER I 399 1.37 -40.21 -32.86
N GLN I 400 0.18 -40.79 -33.02
CA GLN I 400 0.03 -42.24 -32.88
C GLN I 400 0.86 -42.97 -33.93
N ALA I 401 0.87 -42.48 -35.16
CA ALA I 401 1.66 -43.11 -36.20
C ALA I 401 3.14 -43.09 -35.85
N ALA I 402 3.62 -41.96 -35.32
CA ALA I 402 5.03 -41.87 -34.96
C ALA I 402 5.37 -42.87 -33.86
N ARG I 403 4.56 -42.94 -32.82
CA ARG I 403 4.87 -43.87 -31.74
C ARG I 403 4.79 -45.31 -32.21
N MET I 404 3.79 -45.64 -33.03
CA MET I 404 3.68 -46.98 -33.58
C MET I 404 4.90 -47.30 -34.44
N ILE I 405 5.39 -46.32 -35.20
CA ILE I 405 6.58 -46.56 -36.02
C ILE I 405 7.76 -46.85 -35.13
N TYR I 406 7.92 -46.10 -34.03
CA TYR I 406 9.01 -46.39 -33.10
C TYR I 406 8.94 -47.82 -32.61
N SER I 407 7.77 -48.23 -32.10
CA SER I 407 7.64 -49.58 -31.56
C SER I 407 7.90 -50.64 -32.62
N THR I 408 7.31 -50.46 -33.81
CA THR I 408 7.47 -51.44 -34.87
C THR I 408 8.90 -51.52 -35.34
N ALA I 409 9.58 -50.38 -35.47
CA ALA I 409 10.97 -50.40 -35.87
C ALA I 409 11.81 -51.16 -34.87
N GLY I 410 11.62 -50.90 -33.58
CA GLY I 410 12.35 -51.66 -32.58
C GLY I 410 12.08 -53.15 -32.67
N LEU I 411 10.80 -53.54 -32.76
CA LEU I 411 10.46 -54.96 -32.80
C LEU I 411 11.04 -55.65 -34.02
N TYR I 412 10.87 -55.06 -35.20
CA TYR I 412 11.31 -55.72 -36.42
C TYR I 412 12.83 -55.72 -36.54
N ASN I 413 13.51 -54.68 -36.05
CA ASN I 413 14.95 -54.76 -36.01
C ASN I 413 15.43 -55.87 -35.08
N GLN I 414 14.76 -56.04 -33.93
CA GLN I 414 15.09 -57.16 -33.07
C GLN I 414 14.88 -58.49 -33.79
N PHE I 415 13.78 -58.61 -34.53
CA PHE I 415 13.50 -59.83 -35.27
C PHE I 415 14.58 -60.11 -36.31
N ILE I 416 14.99 -59.08 -37.05
CA ILE I 416 16.01 -59.25 -38.08
C ILE I 416 17.33 -59.67 -37.44
N LYS I 417 17.70 -59.04 -36.34
CA LYS I 417 18.93 -59.43 -35.66
C LYS I 417 18.83 -60.88 -35.18
N GLY I 418 17.67 -61.27 -34.68
CA GLY I 418 17.49 -62.65 -34.25
C GLY I 418 17.73 -63.63 -35.39
N LEU I 419 17.13 -63.36 -36.54
CA LEU I 419 17.33 -64.26 -37.68
C LEU I 419 18.80 -64.29 -38.09
N ASP I 420 19.44 -63.12 -38.17
CA ASP I 420 20.85 -63.09 -38.55
C ASP I 420 21.70 -63.83 -37.53
N SER I 421 21.25 -63.93 -36.29
CA SER I 421 22.03 -64.62 -35.27
C SER I 421 22.27 -66.09 -35.63
N PHE I 422 21.28 -66.77 -36.22
CA PHE I 422 21.44 -68.17 -36.60
C PHE I 422 21.40 -68.37 -38.11
N SER I 423 21.54 -67.30 -38.90
CA SER I 423 21.48 -67.45 -40.35
C SER I 423 22.41 -68.55 -40.83
N GLY I 424 23.64 -68.57 -40.32
CA GLY I 424 24.66 -69.46 -40.86
C GLY I 424 24.94 -70.74 -40.10
N LYS I 425 24.33 -70.93 -38.92
CA LYS I 425 24.65 -72.07 -38.08
C LYS I 425 23.53 -73.09 -38.11
N PRO I 426 23.70 -74.24 -38.78
CA PRO I 426 22.65 -75.27 -38.72
C PRO I 426 22.70 -76.05 -37.42
N ARG I 427 21.64 -75.94 -36.62
CA ARG I 427 21.61 -76.65 -35.34
C ARG I 427 21.72 -78.16 -35.55
N GLY I 428 21.22 -78.67 -36.66
CA GLY I 428 21.11 -80.11 -36.81
C GLY I 428 20.10 -80.64 -35.82
N SER I 429 20.56 -81.43 -34.86
CA SER I 429 19.77 -81.86 -33.73
C SER I 429 20.35 -81.24 -32.47
N GLY I 430 19.56 -80.42 -31.79
CA GLY I 430 20.03 -79.72 -30.61
C GLY I 430 19.38 -78.36 -30.45
N PRO I 431 20.02 -77.48 -29.69
CA PRO I 431 19.42 -76.17 -29.44
C PRO I 431 19.42 -75.33 -30.70
N PRO I 432 18.50 -74.37 -30.82
CA PRO I 432 18.53 -73.48 -32.00
C PRO I 432 19.84 -72.74 -32.15
N ALA I 433 20.53 -72.45 -31.05
CA ALA I 433 21.83 -71.79 -31.09
C ALA I 433 21.71 -70.35 -31.55
N GLY I 434 20.61 -69.68 -31.18
CA GLY I 434 20.42 -68.30 -31.51
C GLY I 434 19.40 -67.66 -30.60
N SER I 435 19.44 -66.32 -30.58
CA SER I 435 18.51 -65.58 -29.73
C SER I 435 17.07 -65.92 -30.11
N ALA I 436 16.25 -66.18 -29.09
CA ALA I 436 14.87 -66.57 -29.34
C ALA I 436 14.15 -65.48 -30.11
N LEU I 437 13.43 -65.89 -31.15
CA LEU I 437 12.72 -64.92 -31.98
C LEU I 437 11.46 -64.46 -31.28
N PRO I 438 11.07 -63.19 -31.45
CA PRO I 438 9.78 -62.71 -30.90
C PRO I 438 8.61 -63.06 -31.83
N ILE I 439 8.34 -64.36 -31.93
CA ILE I 439 7.37 -64.83 -32.93
C ILE I 439 5.99 -64.26 -32.66
N GLU I 440 5.52 -64.42 -31.42
CA GLU I 440 4.16 -63.97 -31.09
C GLU I 440 4.04 -62.46 -31.24
N GLY I 441 5.04 -61.73 -30.75
CA GLY I 441 5.00 -60.29 -30.87
C GLY I 441 4.96 -59.83 -32.32
N VAL I 442 5.78 -60.45 -33.17
CA VAL I 442 5.80 -60.06 -34.58
C VAL I 442 4.46 -60.38 -35.23
N ILE I 443 3.89 -61.54 -34.93
CA ILE I 443 2.61 -61.90 -35.53
C ILE I 443 1.54 -60.89 -35.13
N LEU I 444 1.47 -60.57 -33.84
CA LEU I 444 0.45 -59.63 -33.39
C LEU I 444 0.69 -58.25 -33.98
N SER I 445 1.95 -57.82 -34.07
CA SER I 445 2.23 -56.51 -34.65
C SER I 445 1.81 -56.45 -36.10
N LEU I 446 2.10 -57.52 -36.86
CA LEU I 446 1.71 -57.54 -38.27
C LEU I 446 0.19 -57.50 -38.41
N GLN I 447 -0.52 -58.28 -37.60
CA GLN I 447 -1.98 -58.28 -37.69
C GLN I 447 -2.54 -56.90 -37.35
N ASP I 448 -2.03 -56.28 -36.29
CA ASP I 448 -2.52 -54.96 -35.91
C ASP I 448 -2.21 -53.93 -36.98
N LEU I 449 -1.03 -54.01 -37.60
CA LEU I 449 -0.69 -53.05 -38.63
C LEU I 449 -1.55 -53.25 -39.88
N ILE I 450 -1.85 -54.50 -40.23
CA ILE I 450 -2.75 -54.72 -41.36
C ILE I 450 -4.12 -54.13 -41.06
N GLY I 451 -4.65 -54.38 -39.85
CA GLY I 451 -5.90 -53.74 -39.48
C GLY I 451 -5.81 -52.23 -39.52
N TYR I 452 -4.67 -51.68 -39.11
CA TYR I 452 -4.48 -50.23 -39.14
C TYR I 452 -4.56 -49.70 -40.55
N PHE I 453 -3.94 -50.39 -41.50
CA PHE I 453 -3.88 -49.95 -42.90
C PHE I 453 -5.06 -50.44 -43.73
N GLU I 454 -6.01 -51.15 -43.13
CA GLU I 454 -7.09 -51.72 -43.90
C GLU I 454 -7.81 -50.62 -44.70
N PRO I 455 -7.99 -50.80 -46.01
CA PRO I 455 -8.60 -49.74 -46.80
C PRO I 455 -10.03 -49.52 -46.38
N PRO I 456 -10.55 -48.30 -46.55
CA PRO I 456 -11.91 -48.00 -46.11
C PRO I 456 -12.94 -48.83 -46.86
N SER I 457 -14.03 -49.15 -46.17
CA SER I 457 -15.08 -49.94 -46.77
C SER I 457 -15.77 -49.17 -47.88
N GLU I 458 -16.09 -49.88 -48.98
CA GLU I 458 -16.71 -49.22 -50.12
C GLU I 458 -18.10 -48.69 -49.79
N GLU I 459 -18.83 -49.40 -48.93
CA GLU I 459 -20.20 -49.04 -48.65
C GLU I 459 -20.33 -47.65 -48.03
N LEU I 460 -19.26 -47.12 -47.45
CA LEU I 460 -19.33 -45.84 -46.77
C LEU I 460 -19.79 -44.75 -47.72
N GLN I 461 -20.30 -43.66 -47.14
CA GLN I 461 -20.68 -42.51 -47.93
C GLN I 461 -19.44 -41.87 -48.55
N HIS I 462 -19.66 -41.09 -49.61
CA HIS I 462 -18.53 -40.56 -50.38
C HIS I 462 -17.64 -39.67 -49.53
N GLU I 463 -18.22 -38.78 -48.74
CA GLU I 463 -17.41 -37.85 -47.95
C GLU I 463 -16.55 -38.61 -46.95
N GLU I 464 -17.15 -39.53 -46.20
CA GLU I 464 -16.39 -40.27 -45.20
C GLU I 464 -15.33 -41.14 -45.85
N LYS I 465 -15.66 -41.74 -46.99
CA LYS I 465 -14.67 -42.55 -47.69
C LYS I 465 -13.49 -41.70 -48.13
N GLN I 466 -13.75 -40.48 -48.62
CA GLN I 466 -12.67 -39.61 -49.03
C GLN I 466 -11.80 -39.22 -47.85
N THR I 467 -12.42 -38.89 -46.71
CA THR I 467 -11.61 -38.54 -45.55
C THR I 467 -10.75 -39.70 -45.09
N LYS I 468 -11.33 -40.91 -45.06
CA LYS I 468 -10.55 -42.06 -44.62
C LYS I 468 -9.44 -42.38 -45.62
N LEU I 469 -9.68 -42.19 -46.91
CA LEU I 469 -8.62 -42.38 -47.89
C LEU I 469 -7.50 -41.37 -47.67
N ARG I 470 -7.86 -40.12 -47.37
CA ARG I 470 -6.84 -39.13 -47.08
C ARG I 470 -5.98 -39.57 -45.89
N SER I 471 -6.64 -40.01 -44.82
CA SER I 471 -5.90 -40.46 -43.65
C SER I 471 -5.00 -41.64 -43.98
N LEU I 472 -5.52 -42.59 -44.75
CA LEU I 472 -4.75 -43.77 -45.11
C LEU I 472 -3.52 -43.40 -45.93
N ARG I 473 -3.69 -42.52 -46.91
CA ARG I 473 -2.54 -42.09 -47.71
C ARG I 473 -1.50 -41.41 -46.84
N ASN I 474 -1.95 -40.55 -45.93
CA ASN I 474 -1.00 -39.86 -45.06
C ASN I 474 -0.23 -40.84 -44.20
N ARG I 475 -0.92 -41.83 -43.63
CA ARG I 475 -0.25 -42.81 -42.78
C ARG I 475 0.74 -43.64 -43.58
N GLN I 476 0.34 -44.08 -44.78
CA GLN I 476 1.26 -44.84 -45.61
C GLN I 476 2.50 -44.03 -45.95
N SER I 477 2.31 -42.75 -46.28
CA SER I 477 3.45 -41.89 -46.58
C SER I 477 4.36 -41.77 -45.36
N LEU I 478 3.77 -41.59 -44.17
CA LEU I 478 4.59 -41.50 -42.97
C LEU I 478 5.43 -42.75 -42.79
N PHE I 479 4.81 -43.92 -42.88
CA PHE I 479 5.55 -45.16 -42.67
C PHE I 479 6.64 -45.33 -43.71
N GLN I 480 6.33 -45.11 -44.98
CA GLN I 480 7.35 -45.27 -46.01
C GLN I 480 8.50 -44.29 -45.80
N GLU I 481 8.18 -43.04 -45.47
CA GLU I 481 9.23 -42.05 -45.27
C GLU I 481 10.15 -42.46 -44.14
N GLU I 482 9.58 -42.95 -43.04
CA GLU I 482 10.44 -43.37 -41.94
C GLU I 482 11.13 -44.70 -42.26
N GLY I 483 10.68 -45.38 -43.32
CA GLY I 483 11.41 -46.53 -43.85
C GLY I 483 10.90 -47.88 -43.41
N MET I 484 9.74 -47.98 -42.76
CA MET I 484 9.23 -49.28 -42.37
C MET I 484 9.05 -50.19 -43.59
N LEU I 485 8.83 -49.59 -44.76
CA LEU I 485 8.68 -50.42 -45.96
C LEU I 485 9.97 -51.17 -46.27
N SER I 486 11.10 -50.48 -46.26
CA SER I 486 12.38 -51.14 -46.45
C SER I 486 12.66 -52.14 -45.35
N LEU I 487 12.23 -51.85 -44.13
CA LEU I 487 12.40 -52.80 -43.03
C LEU I 487 11.62 -54.08 -43.29
N VAL I 488 10.39 -53.96 -43.77
CA VAL I 488 9.60 -55.13 -44.12
C VAL I 488 10.26 -55.90 -45.24
N LEU I 489 10.80 -55.20 -46.24
CA LEU I 489 11.50 -55.90 -47.32
C LEU I 489 12.70 -56.67 -46.79
N ASN I 490 13.46 -56.07 -45.86
CA ASN I 490 14.60 -56.77 -45.30
C ASN I 490 14.16 -58.01 -44.52
N CYS I 491 13.10 -57.88 -43.74
CA CYS I 491 12.59 -59.05 -43.02
C CYS I 491 12.14 -60.14 -43.98
N ILE I 492 11.47 -59.75 -45.06
CA ILE I 492 11.06 -60.72 -46.07
C ILE I 492 12.26 -61.41 -46.68
N ASP I 493 13.33 -60.67 -46.97
CA ASP I 493 14.53 -61.29 -47.52
C ASP I 493 15.11 -62.31 -46.55
N ARG I 494 15.24 -61.94 -45.28
CA ARG I 494 15.80 -62.86 -44.30
C ARG I 494 14.96 -64.13 -44.20
N LEU I 495 13.63 -63.98 -44.17
CA LEU I 495 12.78 -65.15 -44.05
C LEU I 495 12.73 -65.96 -45.34
N ASN I 496 12.92 -65.31 -46.48
CA ASN I 496 12.82 -65.99 -47.78
C ASN I 496 14.11 -66.68 -48.17
N VAL I 497 15.22 -66.37 -47.49
CA VAL I 497 16.45 -67.12 -47.75
C VAL I 497 16.19 -68.62 -47.60
N TYR I 498 15.44 -69.00 -46.56
CA TYR I 498 15.06 -70.40 -46.38
C TYR I 498 13.92 -70.76 -47.32
N THR I 499 13.92 -72.00 -47.81
CA THR I 499 12.99 -72.38 -48.86
C THR I 499 11.62 -72.75 -48.30
N THR I 500 11.57 -73.68 -47.35
CA THR I 500 10.31 -74.17 -46.82
C THR I 500 10.39 -74.23 -45.29
N ALA I 501 9.28 -74.63 -44.69
CA ALA I 501 9.20 -74.63 -43.23
C ALA I 501 10.23 -75.57 -42.62
N ALA I 502 10.42 -76.75 -43.21
CA ALA I 502 11.42 -77.67 -42.69
C ALA I 502 12.83 -77.09 -42.84
N HIS I 503 13.09 -76.44 -43.99
CA HIS I 503 14.39 -75.80 -44.17
C HIS I 503 14.63 -74.75 -43.10
N PHE I 504 13.59 -73.97 -42.77
CA PHE I 504 13.72 -73.02 -41.67
C PHE I 504 13.99 -73.74 -40.35
N ALA I 505 13.25 -74.82 -40.09
CA ALA I 505 13.41 -75.55 -38.84
C ALA I 505 14.84 -76.03 -38.66
N GLU I 506 15.48 -76.46 -39.74
CA GLU I 506 16.85 -76.96 -39.61
C GLU I 506 17.77 -75.91 -39.00
N PHE I 507 17.42 -74.64 -39.12
CA PHE I 507 18.26 -73.56 -38.63
C PHE I 507 17.73 -72.90 -37.37
N ALA I 508 16.41 -72.82 -37.21
CA ALA I 508 15.80 -72.01 -36.16
C ALA I 508 15.08 -72.82 -35.10
N GLY I 509 14.49 -73.95 -35.46
CA GLY I 509 13.77 -74.75 -34.49
C GLY I 509 12.34 -75.06 -34.90
N GLU I 510 11.77 -76.12 -34.34
CA GLU I 510 10.44 -76.54 -34.76
C GLU I 510 9.38 -75.49 -34.39
N GLU I 511 9.50 -74.90 -33.19
CA GLU I 511 8.49 -73.95 -32.75
C GLU I 511 8.46 -72.72 -33.66
N ALA I 512 9.62 -72.23 -34.08
CA ALA I 512 9.65 -71.11 -35.02
C ALA I 512 9.23 -71.55 -36.41
N ALA I 513 9.57 -72.77 -36.80
CA ALA I 513 9.15 -73.28 -38.09
C ALA I 513 7.64 -73.29 -38.20
N GLU I 514 6.96 -73.66 -37.12
CA GLU I 514 5.50 -73.69 -37.14
C GLU I 514 4.92 -72.36 -37.63
N SER I 515 5.50 -71.25 -37.19
CA SER I 515 4.99 -69.93 -37.53
C SER I 515 5.71 -69.30 -38.72
N TRP I 516 6.70 -69.98 -39.29
CA TRP I 516 7.38 -69.42 -40.46
C TRP I 516 6.40 -69.04 -41.56
N LYS I 517 5.53 -69.96 -41.96
CA LYS I 517 4.64 -69.71 -43.08
C LYS I 517 3.68 -68.56 -42.77
N GLU I 518 3.13 -68.56 -41.56
CA GLU I 518 2.19 -67.51 -41.18
C GLU I 518 2.86 -66.15 -41.19
N ILE I 519 4.10 -66.08 -40.69
CA ILE I 519 4.82 -64.82 -40.68
C ILE I 519 5.08 -64.34 -42.10
N VAL I 520 5.45 -65.26 -43.00
CA VAL I 520 5.71 -64.85 -44.38
C VAL I 520 4.43 -64.30 -45.02
N ASN I 521 3.33 -65.00 -44.83
CA ASN I 521 2.07 -64.54 -45.42
C ASN I 521 1.68 -63.18 -44.86
N LEU I 522 1.82 -63.00 -43.54
CA LEU I 522 1.47 -61.72 -42.94
C LEU I 522 2.37 -60.60 -43.45
N LEU I 523 3.66 -60.89 -43.62
CA LEU I 523 4.56 -59.87 -44.15
C LEU I 523 4.13 -59.44 -45.54
N TYR I 524 3.80 -60.41 -46.40
CA TYR I 524 3.36 -60.04 -47.74
C TYR I 524 2.07 -59.24 -47.71
N GLU I 525 1.13 -59.62 -46.84
CA GLU I 525 -0.11 -58.87 -46.75
C GLU I 525 0.14 -57.45 -46.25
N LEU I 526 1.04 -57.29 -45.28
CA LEU I 526 1.37 -55.97 -44.78
C LEU I 526 2.00 -55.12 -45.87
N LEU I 527 2.90 -55.71 -46.66
CA LEU I 527 3.50 -54.98 -47.77
C LEU I 527 2.44 -54.51 -48.74
N ALA I 528 1.50 -55.39 -49.08
CA ALA I 528 0.42 -55.02 -49.98
C ALA I 528 -0.40 -53.87 -49.39
N SER I 529 -0.72 -53.95 -48.11
CA SER I 529 -1.50 -52.88 -47.49
C SER I 529 -0.73 -51.56 -47.52
N LEU I 530 0.58 -51.62 -47.25
CA LEU I 530 1.37 -50.40 -47.24
C LEU I 530 1.39 -49.74 -48.61
N ILE I 531 1.55 -50.54 -49.68
CA ILE I 531 1.74 -49.96 -51.01
C ILE I 531 0.43 -49.73 -51.77
N ARG I 532 -0.68 -50.31 -51.32
CA ARG I 532 -1.91 -50.22 -52.10
C ARG I 532 -2.35 -48.77 -52.24
N GLY I 533 -2.56 -48.33 -53.48
CA GLY I 533 -3.10 -47.03 -53.77
C GLY I 533 -2.07 -45.91 -53.81
N ASN I 534 -0.98 -46.03 -53.06
CA ASN I 534 0.00 -44.96 -52.94
C ASN I 534 0.99 -45.06 -54.09
N ARG I 535 0.89 -44.15 -55.06
CA ARG I 535 1.77 -44.18 -56.21
C ARG I 535 3.22 -43.97 -55.80
N THR I 536 3.46 -43.07 -54.83
CA THR I 536 4.82 -42.82 -54.39
C THR I 536 5.46 -44.08 -53.82
N ASN I 537 4.70 -44.82 -53.00
CA ASN I 537 5.21 -46.08 -52.47
C ASN I 537 5.42 -47.09 -53.59
N CYS I 538 4.47 -47.20 -54.51
CA CYS I 538 4.55 -48.21 -55.56
C CYS I 538 5.79 -47.99 -56.42
N ALA I 539 6.05 -46.73 -56.79
CA ALA I 539 7.16 -46.42 -57.69
C ALA I 539 8.47 -46.93 -57.13
N LEU I 540 8.56 -47.07 -55.80
CA LEU I 540 9.80 -47.52 -55.20
C LEU I 540 10.23 -48.88 -55.74
N PHE I 541 9.28 -49.72 -56.14
CA PHE I 541 9.63 -51.05 -56.61
C PHE I 541 10.31 -50.99 -57.98
N SER I 542 10.09 -49.91 -58.72
CA SER I 542 10.64 -49.78 -60.06
C SER I 542 12.09 -50.23 -60.13
N THR I 543 12.88 -49.87 -59.11
CA THR I 543 14.30 -50.22 -59.12
C THR I 543 14.52 -51.70 -58.86
N ASN I 544 13.82 -52.26 -57.88
CA ASN I 544 14.02 -53.64 -57.46
C ASN I 544 12.91 -54.57 -57.94
N LEU I 545 12.37 -54.33 -59.14
CA LEU I 545 11.27 -55.16 -59.63
C LEU I 545 11.68 -56.63 -59.71
N ASP I 546 12.91 -56.90 -60.13
CA ASP I 546 13.33 -58.30 -60.29
C ASP I 546 13.13 -59.08 -59.01
N TRP I 547 13.24 -58.42 -57.85
CA TRP I 547 13.07 -59.08 -56.58
C TRP I 547 11.67 -59.69 -56.47
N LEU I 548 10.64 -58.88 -56.69
CA LEU I 548 9.27 -59.37 -56.56
C LEU I 548 8.95 -60.42 -57.61
N VAL I 549 9.31 -60.18 -58.87
CA VAL I 549 8.95 -61.11 -59.92
C VAL I 549 9.67 -62.44 -59.71
N SER I 550 10.91 -62.41 -59.25
CA SER I 550 11.59 -63.65 -58.91
C SER I 550 10.85 -64.37 -57.78
N LYS I 551 10.44 -63.65 -56.74
CA LYS I 551 9.71 -64.29 -55.66
C LYS I 551 8.33 -64.80 -56.06
N LEU I 552 7.81 -64.36 -57.20
CA LEU I 552 6.46 -64.80 -57.60
C LEU I 552 6.31 -66.30 -57.55
N ASP I 553 7.29 -67.06 -58.05
CA ASP I 553 7.12 -68.50 -58.20
C ASP I 553 7.06 -69.24 -56.88
N ARG I 554 7.47 -68.62 -55.77
CA ARG I 554 7.42 -69.29 -54.48
C ARG I 554 5.97 -69.55 -54.08
N LEU I 555 5.72 -70.73 -53.52
CA LEU I 555 4.37 -71.22 -53.30
C LEU I 555 3.96 -71.23 -51.84
N GLU I 556 4.74 -70.61 -50.95
CA GLU I 556 4.32 -70.50 -49.57
C GLU I 556 3.35 -69.33 -49.37
N ALA I 557 3.54 -68.26 -50.14
CA ALA I 557 2.68 -67.09 -50.07
C ALA I 557 2.41 -66.58 -51.47
N SER I 558 2.08 -67.49 -52.39
CA SER I 558 1.94 -67.11 -53.79
C SER I 558 0.82 -66.09 -53.98
N SER I 559 -0.31 -66.28 -53.32
CA SER I 559 -1.42 -65.34 -53.47
C SER I 559 -1.02 -63.96 -52.96
N GLY I 560 -0.34 -63.89 -51.81
CA GLY I 560 0.09 -62.61 -51.29
C GLY I 560 1.06 -61.92 -52.24
N ILE I 561 2.01 -62.67 -52.79
CA ILE I 561 2.98 -62.08 -53.69
C ILE I 561 2.27 -61.55 -54.93
N LEU I 562 1.33 -62.31 -55.47
CA LEU I 562 0.57 -61.85 -56.62
C LEU I 562 -0.20 -60.58 -56.30
N GLU I 563 -0.78 -60.52 -55.10
CA GLU I 563 -1.49 -59.31 -54.70
C GLU I 563 -0.56 -58.10 -54.67
N VAL I 564 0.63 -58.29 -54.11
CA VAL I 564 1.59 -57.18 -54.06
C VAL I 564 1.92 -56.72 -55.46
N LEU I 565 2.21 -57.66 -56.36
CA LEU I 565 2.54 -57.30 -57.73
C LEU I 565 1.37 -56.59 -58.40
N TYR I 566 0.16 -57.06 -58.16
CA TYR I 566 -1.01 -56.44 -58.76
C TYR I 566 -1.15 -55.00 -58.33
N CYS I 567 -1.02 -54.74 -57.02
CA CYS I 567 -1.12 -53.36 -56.55
C CYS I 567 -0.04 -52.50 -57.19
N VAL I 568 1.21 -52.99 -57.20
CA VAL I 568 2.30 -52.22 -57.78
C VAL I 568 1.99 -51.87 -59.23
N LEU I 569 1.55 -52.87 -59.99
CA LEU I 569 1.38 -52.68 -61.44
C LEU I 569 0.23 -51.74 -61.73
N ILE I 570 -0.90 -51.89 -61.03
CA ILE I 570 -2.02 -51.00 -61.29
C ILE I 570 -1.68 -49.56 -60.92
N GLU I 571 -0.87 -49.38 -59.87
CA GLU I 571 -0.66 -48.02 -59.39
C GLU I 571 0.44 -47.30 -60.15
N SER I 572 1.58 -47.96 -60.37
CA SER I 572 2.76 -47.27 -60.89
C SER I 572 2.94 -47.54 -62.38
N PRO I 573 2.90 -46.53 -63.25
CA PRO I 573 3.28 -46.77 -64.65
C PRO I 573 4.77 -46.88 -64.90
N GLU I 574 5.60 -46.38 -63.98
CA GLU I 574 7.05 -46.53 -64.15
C GLU I 574 7.44 -48.01 -64.13
N VAL I 575 6.83 -48.78 -63.24
CA VAL I 575 7.07 -50.21 -63.23
C VAL I 575 6.70 -50.80 -64.59
N LEU I 576 5.57 -50.38 -65.14
CA LEU I 576 5.19 -50.86 -66.47
C LEU I 576 6.25 -50.52 -67.50
N ASN I 577 6.80 -49.31 -67.44
CA ASN I 577 7.85 -48.93 -68.39
C ASN I 577 9.06 -49.85 -68.26
N ILE I 578 9.39 -50.24 -67.02
CA ILE I 578 10.63 -50.99 -66.82
C ILE I 578 10.43 -52.49 -67.02
N ILE I 579 9.17 -52.95 -67.11
CA ILE I 579 8.90 -54.37 -67.33
C ILE I 579 9.72 -54.89 -68.50
N GLN I 580 10.16 -56.14 -68.41
CA GLN I 580 10.92 -56.79 -69.47
C GLN I 580 10.34 -58.17 -69.80
N GLU I 581 10.87 -58.74 -70.89
CA GLU I 581 10.41 -60.04 -71.36
C GLU I 581 10.58 -61.11 -70.29
N ASN I 582 11.62 -61.01 -69.47
CA ASN I 582 11.81 -61.99 -68.41
C ASN I 582 10.63 -61.97 -67.44
N HIS I 583 10.21 -60.78 -67.04
CA HIS I 583 9.10 -60.67 -66.11
C HIS I 583 7.81 -61.14 -66.77
N ILE I 584 7.62 -60.82 -68.04
CA ILE I 584 6.40 -61.29 -68.72
C ILE I 584 6.38 -62.80 -68.77
N LYS I 585 7.51 -63.42 -69.09
CA LYS I 585 7.57 -64.87 -69.13
C LYS I 585 7.32 -65.48 -67.76
N SER I 586 7.83 -64.86 -66.70
CA SER I 586 7.57 -65.37 -65.36
C SER I 586 6.07 -65.30 -65.03
N ILE I 587 5.44 -64.18 -65.36
CA ILE I 587 4.02 -64.04 -65.04
C ILE I 587 3.20 -65.05 -65.83
N ILE I 588 3.59 -65.33 -67.08
CA ILE I 588 2.89 -66.37 -67.84
C ILE I 588 3.16 -67.74 -67.25
N SER I 589 4.38 -67.96 -66.78
CA SER I 589 4.70 -69.22 -66.11
C SER I 589 3.82 -69.42 -64.89
N LEU I 590 3.38 -68.32 -64.27
CA LEU I 590 2.42 -68.46 -63.18
C LEU I 590 1.14 -69.14 -63.66
N LEU I 591 0.59 -68.70 -64.79
CA LEU I 591 -0.56 -69.40 -65.35
C LEU I 591 -0.21 -70.85 -65.63
N ASP I 592 0.98 -71.08 -66.17
CA ASP I 592 1.34 -72.44 -66.56
C ASP I 592 1.43 -73.38 -65.36
N LYS I 593 1.94 -72.89 -64.23
CA LYS I 593 2.28 -73.75 -63.11
C LYS I 593 1.24 -73.77 -62.01
N HIS I 594 0.54 -72.66 -61.78
CA HIS I 594 -0.40 -72.56 -60.67
C HIS I 594 -1.84 -72.69 -61.10
N GLY I 595 -2.10 -73.12 -62.34
CA GLY I 595 -3.45 -73.29 -62.80
C GLY I 595 -4.05 -72.01 -63.36
N ARG I 596 -5.32 -72.10 -63.68
CA ARG I 596 -6.05 -70.99 -64.29
C ARG I 596 -6.62 -70.11 -63.20
N ASN I 597 -6.03 -68.93 -63.02
CA ASN I 597 -6.47 -67.96 -62.03
C ASN I 597 -6.69 -66.61 -62.70
N HIS I 598 -7.89 -66.07 -62.56
CA HIS I 598 -8.21 -64.83 -63.27
C HIS I 598 -7.40 -63.66 -62.75
N LYS I 599 -6.85 -63.77 -61.54
CA LYS I 599 -6.03 -62.68 -61.03
C LYS I 599 -4.76 -62.52 -61.85
N VAL I 600 -4.19 -63.62 -62.32
CA VAL I 600 -3.02 -63.53 -63.20
C VAL I 600 -3.38 -62.81 -64.49
N LEU I 601 -4.55 -63.13 -65.04
CA LEU I 601 -5.01 -62.43 -66.23
C LEU I 601 -5.21 -60.95 -65.97
N ASP I 602 -5.72 -60.60 -64.79
CA ASP I 602 -5.85 -59.19 -64.44
C ASP I 602 -4.50 -58.50 -64.34
N VAL I 603 -3.51 -59.19 -63.78
CA VAL I 603 -2.15 -58.63 -63.76
C VAL I 603 -1.66 -58.39 -65.18
N LEU I 604 -1.86 -59.35 -66.07
CA LEU I 604 -1.43 -59.18 -67.45
C LEU I 604 -2.17 -58.01 -68.10
N CYS I 605 -3.47 -57.86 -67.84
CA CYS I 605 -4.21 -56.73 -68.36
C CYS I 605 -3.63 -55.41 -67.85
N SER I 606 -3.31 -55.34 -66.56
CA SER I 606 -2.75 -54.12 -66.01
C SER I 606 -1.40 -53.81 -66.62
N LEU I 607 -0.64 -54.84 -67.02
CA LEU I 607 0.64 -54.59 -67.66
C LEU I 607 0.47 -53.89 -69.00
N CYS I 608 -0.73 -53.95 -69.59
CA CYS I 608 -0.92 -53.43 -70.94
C CYS I 608 -1.16 -51.93 -70.94
N VAL I 609 -2.10 -51.47 -70.11
CA VAL I 609 -2.53 -50.08 -70.12
C VAL I 609 -2.57 -49.56 -68.69
N CYS I 610 -2.07 -48.35 -68.49
CA CYS I 610 -2.14 -47.67 -67.19
C CYS I 610 -2.53 -46.23 -67.39
N ASN I 611 -3.61 -45.80 -66.74
CA ASN I 611 -4.06 -44.42 -66.76
C ASN I 611 -4.25 -43.92 -68.19
N GLY I 612 -4.79 -44.80 -69.05
CA GLY I 612 -5.16 -44.39 -70.39
C GLY I 612 -4.03 -44.33 -71.39
N VAL I 613 -2.82 -44.72 -71.01
CA VAL I 613 -1.69 -44.78 -71.93
C VAL I 613 -1.22 -46.23 -72.01
N ALA I 614 -1.09 -46.75 -73.22
CA ALA I 614 -0.78 -48.15 -73.45
C ALA I 614 0.71 -48.31 -73.72
N VAL I 615 1.27 -49.41 -73.23
CA VAL I 615 2.68 -49.71 -73.41
C VAL I 615 2.83 -50.77 -74.49
N ARG I 616 3.26 -50.35 -75.68
CA ARG I 616 3.27 -51.24 -76.84
C ARG I 616 4.23 -52.41 -76.65
N SER I 617 5.38 -52.18 -76.00
CA SER I 617 6.32 -53.26 -75.78
C SER I 617 5.68 -54.37 -74.97
N ASN I 618 5.01 -54.01 -73.87
CA ASN I 618 4.36 -55.02 -73.05
C ASN I 618 3.23 -55.70 -73.80
N GLN I 619 2.44 -54.93 -74.55
CA GLN I 619 1.37 -55.56 -75.32
C GLN I 619 1.93 -56.60 -76.27
N ASP I 620 2.96 -56.22 -77.04
CA ASP I 620 3.54 -57.13 -78.01
C ASP I 620 4.15 -58.36 -77.35
N LEU I 621 4.86 -58.17 -76.23
CA LEU I 621 5.46 -59.31 -75.54
C LEU I 621 4.40 -60.26 -75.01
N ILE I 622 3.36 -59.72 -74.37
CA ILE I 622 2.29 -60.58 -73.86
C ILE I 622 1.68 -61.37 -74.99
N THR I 623 1.39 -60.71 -76.11
CA THR I 623 0.88 -61.44 -77.26
C THR I 623 1.84 -62.56 -77.65
N GLU I 624 3.06 -62.20 -78.04
CA GLU I 624 4.00 -63.16 -78.60
C GLU I 624 4.17 -64.37 -77.69
N ASN I 625 4.21 -64.16 -76.39
CA ASN I 625 4.46 -65.27 -75.46
C ASN I 625 3.20 -66.06 -75.14
N LEU I 626 2.11 -65.39 -74.78
CA LEU I 626 0.94 -66.10 -74.30
C LEU I 626 0.15 -66.74 -75.44
N LEU I 627 -0.13 -65.98 -76.50
CA LEU I 627 -1.18 -66.39 -77.42
C LEU I 627 -0.78 -67.55 -78.33
N PRO I 628 0.34 -67.45 -79.06
CA PRO I 628 0.56 -68.44 -80.13
C PRO I 628 0.63 -69.88 -79.63
N GLY I 629 1.00 -70.08 -78.37
CA GLY I 629 1.10 -71.44 -77.86
C GLY I 629 -0.23 -72.18 -77.91
N ARG I 630 -1.31 -71.50 -77.56
CA ARG I 630 -2.64 -72.12 -77.52
C ARG I 630 -2.64 -73.35 -76.62
N GLU I 631 -2.08 -73.20 -75.42
CA GLU I 631 -2.06 -74.27 -74.44
C GLU I 631 -2.53 -73.83 -73.07
N LEU I 632 -2.70 -72.53 -72.84
CA LEU I 632 -3.13 -72.02 -71.54
C LEU I 632 -4.51 -71.38 -71.61
N LEU I 633 -4.71 -70.41 -72.48
CA LEU I 633 -6.01 -69.77 -72.62
C LEU I 633 -6.98 -70.70 -73.32
N LEU I 634 -8.20 -70.74 -72.82
CA LEU I 634 -9.24 -71.57 -73.43
C LEU I 634 -9.47 -71.11 -74.86
N GLN I 635 -9.60 -72.06 -75.78
CA GLN I 635 -9.76 -71.76 -77.19
C GLN I 635 -11.21 -72.01 -77.60
N THR I 636 -11.69 -71.21 -78.54
CA THR I 636 -13.07 -71.30 -79.01
C THR I 636 -13.10 -71.37 -80.53
N ASN I 637 -14.13 -72.03 -81.05
CA ASN I 637 -14.30 -72.16 -82.49
C ASN I 637 -15.71 -72.67 -82.77
N LEU I 638 -16.15 -72.47 -84.00
CA LEU I 638 -17.47 -72.93 -84.42
C LEU I 638 -17.34 -74.28 -85.10
N ILE I 639 -18.18 -75.24 -84.71
CA ILE I 639 -18.09 -76.61 -85.20
C ILE I 639 -19.48 -77.12 -85.54
N ASN I 640 -19.57 -77.88 -86.62
CA ASN I 640 -20.84 -78.48 -87.02
C ASN I 640 -21.28 -79.53 -86.01
N TYR I 641 -22.58 -79.76 -85.94
CA TYR I 641 -23.09 -80.91 -85.22
C TYR I 641 -22.91 -82.17 -86.06
N VAL I 642 -22.65 -83.28 -85.39
CA VAL I 642 -22.46 -84.57 -86.05
C VAL I 642 -23.30 -85.60 -85.32
N THR I 643 -24.04 -86.40 -86.07
CA THR I 643 -24.86 -87.46 -85.50
C THR I 643 -24.64 -88.76 -86.28
N SER I 644 -24.88 -89.86 -85.60
CA SER I 644 -24.61 -91.18 -86.16
C SER I 644 -25.91 -91.96 -86.29
N ILE I 645 -26.02 -92.74 -87.36
CA ILE I 645 -27.18 -93.55 -87.65
C ILE I 645 -26.74 -94.98 -87.92
N ARG I 646 -27.49 -95.93 -87.40
CA ARG I 646 -27.22 -97.35 -87.59
C ARG I 646 -28.50 -98.08 -87.94
N PRO I 647 -28.41 -99.17 -88.69
CA PRO I 647 -29.51 -100.13 -88.71
C PRO I 647 -29.50 -100.94 -87.42
N ASN I 648 -30.67 -101.48 -87.06
CA ASN I 648 -30.77 -102.31 -85.86
C ASN I 648 -30.26 -103.72 -86.15
N ILE I 649 -28.99 -103.78 -86.55
CA ILE I 649 -28.31 -105.02 -86.87
C ILE I 649 -27.11 -105.15 -85.94
N PHE I 650 -27.03 -106.28 -85.24
CA PHE I 650 -25.98 -106.51 -84.25
C PHE I 650 -25.32 -107.86 -84.51
N VAL I 651 -23.99 -107.86 -84.55
CA VAL I 651 -23.22 -109.07 -84.78
C VAL I 651 -22.03 -109.06 -83.85
N GLY I 652 -21.70 -110.22 -83.27
CA GLY I 652 -20.57 -110.33 -82.39
C GLY I 652 -20.05 -111.75 -82.39
N ARG I 653 -18.94 -111.95 -81.68
CA ARG I 653 -18.33 -113.27 -81.55
C ARG I 653 -18.14 -113.57 -80.07
N ALA I 654 -18.75 -114.66 -79.61
CA ALA I 654 -18.57 -115.14 -78.25
C ALA I 654 -18.48 -116.66 -78.29
N GLU I 655 -17.80 -117.22 -77.30
CA GLU I 655 -17.59 -118.66 -77.27
C GLU I 655 -18.93 -119.39 -77.30
N GLY I 656 -19.11 -120.24 -78.30
CA GLY I 656 -20.34 -120.98 -78.43
C GLY I 656 -21.53 -120.15 -78.87
N SER I 657 -21.31 -118.91 -79.30
CA SER I 657 -22.41 -118.07 -79.72
C SER I 657 -23.01 -118.57 -81.02
N THR I 658 -24.30 -118.33 -81.20
CA THR I 658 -24.98 -118.77 -82.41
C THR I 658 -24.73 -117.85 -83.59
N GLN I 659 -24.20 -116.65 -83.35
CA GLN I 659 -24.01 -115.69 -84.42
C GLN I 659 -22.94 -116.16 -85.41
N TYR I 660 -23.14 -115.80 -86.67
CA TYR I 660 -22.15 -116.04 -87.71
C TYR I 660 -21.02 -115.03 -87.56
N GLY I 661 -19.86 -115.33 -88.15
CA GLY I 661 -18.66 -114.56 -87.87
C GLY I 661 -18.30 -113.50 -88.91
N LYS I 662 -18.92 -113.53 -90.08
CA LYS I 662 -18.55 -112.64 -91.17
C LYS I 662 -19.78 -111.88 -91.64
N TRP I 663 -19.61 -110.60 -91.96
CA TRP I 663 -20.72 -109.76 -92.41
C TRP I 663 -20.22 -108.71 -93.37
N TYR I 664 -21.15 -108.14 -94.13
CA TYR I 664 -20.84 -107.25 -95.24
C TYR I 664 -22.04 -106.35 -95.53
N PHE I 665 -21.77 -105.07 -95.78
CA PHE I 665 -22.83 -104.16 -96.18
C PHE I 665 -22.26 -103.05 -97.05
N GLU I 666 -23.13 -102.18 -97.55
CA GLU I 666 -22.71 -101.12 -98.44
C GLU I 666 -23.44 -99.82 -98.10
N VAL I 667 -22.85 -98.71 -98.52
CA VAL I 667 -23.47 -97.40 -98.43
C VAL I 667 -23.23 -96.68 -99.75
N MET I 668 -24.30 -96.16 -100.35
CA MET I 668 -24.22 -95.41 -101.59
C MET I 668 -24.56 -93.96 -101.31
N VAL I 669 -23.74 -93.04 -101.81
CA VAL I 669 -23.83 -91.64 -101.42
C VAL I 669 -24.50 -90.86 -102.55
N ASP I 670 -25.80 -90.55 -102.39
CA ASP I 670 -26.51 -89.84 -103.45
C ASP I 670 -26.05 -88.39 -103.54
N GLU I 671 -25.98 -87.68 -102.42
CA GLU I 671 -25.64 -86.27 -102.41
C GLU I 671 -24.76 -85.95 -101.22
N VAL I 672 -23.76 -85.08 -101.45
CA VAL I 672 -22.94 -84.53 -100.40
C VAL I 672 -22.61 -83.08 -100.77
N ALA I 673 -22.78 -82.17 -99.82
CA ALA I 673 -22.39 -80.79 -100.02
C ALA I 673 -21.00 -80.59 -99.43
N PRO I 674 -19.98 -80.32 -100.24
CA PRO I 674 -18.62 -80.23 -99.68
C PRO I 674 -18.52 -79.25 -98.52
N PHE I 675 -19.19 -78.10 -98.65
CA PHE I 675 -19.21 -77.10 -97.58
C PHE I 675 -20.58 -76.46 -97.52
N LEU I 676 -21.47 -77.03 -96.71
CA LEU I 676 -22.74 -76.37 -96.42
C LEU I 676 -22.54 -75.25 -95.41
N THR I 677 -21.56 -75.41 -94.52
CA THR I 677 -21.16 -74.37 -93.59
C THR I 677 -19.65 -74.18 -93.70
N ALA I 678 -19.10 -73.35 -92.81
CA ALA I 678 -17.67 -73.05 -92.88
C ALA I 678 -16.84 -74.32 -92.69
N GLN I 679 -17.21 -75.15 -91.74
CA GLN I 679 -16.48 -76.39 -91.49
C GLN I 679 -16.85 -77.43 -92.53
N ALA I 680 -15.85 -78.21 -92.96
CA ALA I 680 -16.07 -79.19 -94.01
C ALA I 680 -17.11 -80.21 -93.57
N THR I 681 -17.94 -80.63 -94.53
CA THR I 681 -18.97 -81.61 -94.23
C THR I 681 -18.35 -82.92 -93.74
N HIS I 682 -18.99 -83.51 -92.74
CA HIS I 682 -18.52 -84.74 -92.11
C HIS I 682 -19.36 -85.90 -92.61
N LEU I 683 -18.69 -86.94 -93.10
CA LEU I 683 -19.36 -88.16 -93.57
C LEU I 683 -18.39 -89.32 -93.44
N ARG I 684 -18.72 -90.27 -92.57
CA ARG I 684 -17.87 -91.43 -92.31
C ARG I 684 -18.75 -92.66 -92.24
N VAL I 685 -18.23 -93.79 -92.72
CA VAL I 685 -18.93 -95.06 -92.74
C VAL I 685 -18.06 -96.10 -92.06
N GLY I 686 -18.67 -96.99 -91.29
CA GLY I 686 -17.89 -98.05 -90.67
C GLY I 686 -18.73 -98.84 -89.70
N TRP I 687 -18.02 -99.46 -88.75
CA TRP I 687 -18.63 -100.25 -87.69
C TRP I 687 -18.41 -99.56 -86.34
N ALA I 688 -19.05 -100.10 -85.31
CA ALA I 688 -18.92 -99.58 -83.97
C ALA I 688 -19.35 -100.63 -82.97
N LEU I 689 -18.75 -100.58 -81.79
CA LEU I 689 -19.07 -101.55 -80.75
C LEU I 689 -20.36 -101.15 -80.03
N SER I 690 -21.15 -102.15 -79.67
CA SER I 690 -22.46 -101.88 -79.07
C SER I 690 -22.32 -101.05 -77.80
N GLU I 691 -21.37 -101.40 -76.95
CA GLU I 691 -21.14 -100.70 -75.69
C GLU I 691 -19.94 -99.79 -75.83
N GLY I 692 -20.10 -98.53 -75.43
CA GLY I 692 -19.04 -97.56 -75.44
C GLY I 692 -19.12 -96.56 -76.57
N TYR I 693 -19.87 -96.85 -77.62
CA TYR I 693 -20.07 -95.88 -78.70
C TYR I 693 -21.30 -95.04 -78.38
N SER I 694 -21.06 -93.94 -77.68
CA SER I 694 -22.12 -93.03 -77.28
C SER I 694 -21.78 -91.61 -77.69
N PRO I 695 -21.86 -91.29 -78.98
CA PRO I 695 -21.54 -89.93 -79.44
C PRO I 695 -22.66 -88.95 -79.16
N TYR I 696 -22.68 -88.44 -77.93
CA TYR I 696 -23.72 -87.50 -77.55
C TYR I 696 -23.60 -86.23 -78.38
N PRO I 697 -24.68 -85.70 -78.92
CA PRO I 697 -24.57 -84.50 -79.76
C PRO I 697 -24.01 -83.33 -78.97
N GLY I 698 -23.24 -82.50 -79.65
CA GLY I 698 -22.64 -81.34 -79.03
C GLY I 698 -21.15 -81.49 -78.83
N GLY I 699 -20.63 -80.98 -77.72
CA GLY I 699 -19.22 -81.14 -77.45
C GLY I 699 -18.88 -82.57 -77.07
N GLY I 700 -17.62 -82.94 -77.30
CA GLY I 700 -17.14 -84.27 -76.97
C GLY I 700 -15.64 -84.30 -76.96
N GLU I 701 -15.07 -85.36 -77.51
CA GLU I 701 -13.63 -85.50 -77.55
C GLU I 701 -13.03 -84.58 -78.62
N GLY I 702 -11.80 -84.16 -78.37
CA GLY I 702 -11.11 -83.34 -79.34
C GLY I 702 -11.84 -82.02 -79.57
N TRP I 703 -12.08 -81.71 -80.84
CA TRP I 703 -12.73 -80.48 -81.24
C TRP I 703 -14.20 -80.72 -81.56
N GLY I 704 -14.82 -81.66 -80.86
CA GLY I 704 -16.23 -81.93 -81.08
C GLY I 704 -16.46 -82.69 -82.37
N GLY I 705 -17.73 -82.77 -82.73
CA GLY I 705 -18.11 -83.48 -83.93
C GLY I 705 -17.66 -84.93 -83.93
N ASN I 706 -17.90 -85.64 -82.84
CA ASN I 706 -17.47 -87.02 -82.74
C ASN I 706 -18.39 -87.91 -83.57
N GLY I 707 -17.80 -88.68 -84.48
CA GLY I 707 -18.56 -89.61 -85.30
C GLY I 707 -17.93 -90.98 -85.28
N VAL I 708 -18.05 -91.72 -86.39
CA VAL I 708 -17.43 -93.03 -86.45
C VAL I 708 -15.92 -92.87 -86.46
N GLY I 709 -15.24 -93.64 -85.62
CA GLY I 709 -13.79 -93.65 -85.56
C GLY I 709 -13.20 -92.62 -84.62
N ASP I 710 -14.01 -91.73 -84.08
CA ASP I 710 -13.50 -90.69 -83.19
C ASP I 710 -13.25 -91.20 -81.78
N ASP I 711 -13.51 -92.48 -81.52
CA ASP I 711 -13.16 -93.11 -80.27
C ASP I 711 -12.85 -94.57 -80.54
N LEU I 712 -12.05 -95.18 -79.67
CA LEU I 712 -11.58 -96.54 -79.89
C LEU I 712 -12.68 -97.58 -79.84
N TYR I 713 -13.93 -97.17 -79.68
CA TYR I 713 -15.06 -98.08 -79.75
C TYR I 713 -15.66 -98.16 -81.15
N SER I 714 -15.11 -97.44 -82.12
CA SER I 714 -15.65 -97.41 -83.47
C SER I 714 -14.51 -97.39 -84.48
N TYR I 715 -14.86 -97.70 -85.73
CA TYR I 715 -13.88 -97.80 -86.80
C TYR I 715 -14.55 -97.36 -88.09
N GLY I 716 -14.03 -96.29 -88.71
CA GLY I 716 -14.70 -95.69 -89.85
C GLY I 716 -13.73 -95.29 -90.93
N PHE I 717 -14.26 -95.23 -92.14
CA PHE I 717 -13.52 -94.88 -93.34
C PHE I 717 -14.23 -93.71 -94.02
N ASP I 718 -13.51 -92.62 -94.26
CA ASP I 718 -14.10 -91.39 -94.76
C ASP I 718 -13.66 -91.05 -96.18
N GLY I 719 -13.18 -92.03 -96.95
CA GLY I 719 -12.77 -91.83 -98.31
C GLY I 719 -11.28 -91.62 -98.49
N LEU I 720 -10.62 -91.03 -97.50
CA LEU I 720 -9.20 -90.73 -97.59
C LEU I 720 -8.41 -91.35 -96.45
N HIS I 721 -8.99 -91.34 -95.25
CA HIS I 721 -8.28 -91.76 -94.05
C HIS I 721 -9.06 -92.87 -93.36
N LEU I 722 -8.33 -93.71 -92.63
CA LEU I 722 -8.95 -94.68 -91.73
C LEU I 722 -9.02 -94.08 -90.33
N TRP I 723 -10.23 -93.90 -89.82
CA TRP I 723 -10.48 -93.17 -88.60
C TRP I 723 -10.65 -94.15 -87.45
N THR I 724 -9.89 -93.95 -86.38
CA THR I 724 -10.04 -94.73 -85.15
C THR I 724 -9.21 -94.04 -84.07
N GLY I 725 -9.73 -94.07 -82.85
CA GLY I 725 -9.05 -93.35 -81.78
C GLY I 725 -8.89 -91.88 -82.05
N HIS I 726 -9.77 -91.31 -82.88
CA HIS I 726 -9.70 -89.90 -83.24
C HIS I 726 -8.35 -89.54 -83.85
N VAL I 727 -7.83 -90.37 -84.74
CA VAL I 727 -6.61 -90.09 -85.47
C VAL I 727 -6.85 -90.45 -86.93
N ALA I 728 -6.65 -89.49 -87.82
CA ALA I 728 -6.89 -89.69 -89.25
C ALA I 728 -5.61 -90.22 -89.89
N ARG I 729 -5.60 -91.49 -90.26
CA ARG I 729 -4.44 -92.09 -90.88
C ARG I 729 -4.69 -92.25 -92.37
N PRO I 730 -3.98 -91.54 -93.23
CA PRO I 730 -4.28 -91.65 -94.67
C PRO I 730 -4.12 -93.08 -95.16
N VAL I 731 -4.96 -93.46 -96.12
CA VAL I 731 -4.93 -94.79 -96.71
C VAL I 731 -5.06 -94.66 -98.22
N THR I 732 -4.24 -95.41 -98.95
CA THR I 732 -4.21 -95.29 -100.40
C THR I 732 -5.31 -96.13 -101.03
N SER I 733 -5.86 -95.63 -102.14
CA SER I 733 -6.84 -96.35 -102.93
C SER I 733 -6.80 -95.81 -104.35
N PRO I 734 -7.16 -96.63 -105.34
CA PRO I 734 -7.21 -96.11 -106.72
C PRO I 734 -8.21 -94.97 -106.83
N GLY I 735 -7.84 -93.95 -107.61
CA GLY I 735 -8.70 -92.78 -107.75
C GLY I 735 -9.01 -92.17 -106.40
N GLN I 736 -7.99 -92.05 -105.57
CA GLN I 736 -8.17 -91.58 -104.20
C GLN I 736 -8.88 -90.24 -104.17
N HIS I 737 -9.92 -90.13 -103.35
CA HIS I 737 -10.64 -88.88 -103.18
C HIS I 737 -11.54 -88.99 -101.95
N LEU I 738 -11.90 -87.84 -101.40
CA LEU I 738 -12.88 -87.80 -100.33
C LEU I 738 -14.23 -88.27 -100.86
N LEU I 739 -15.03 -88.84 -99.96
CA LEU I 739 -16.34 -89.36 -100.37
C LEU I 739 -17.15 -88.27 -101.05
N ALA I 740 -17.78 -88.63 -102.15
CA ALA I 740 -18.52 -87.72 -103.01
C ALA I 740 -19.72 -88.43 -103.58
N PRO I 741 -20.63 -87.71 -104.22
CA PRO I 741 -21.81 -88.36 -104.79
C PRO I 741 -21.41 -89.43 -105.79
N GLU I 742 -22.22 -90.48 -105.87
CA GLU I 742 -21.99 -91.64 -106.71
C GLU I 742 -20.83 -92.49 -106.22
N ASP I 743 -20.61 -92.55 -104.91
CA ASP I 743 -19.62 -93.43 -104.32
C ASP I 743 -20.32 -94.57 -103.60
N VAL I 744 -19.84 -95.79 -103.81
CA VAL I 744 -20.35 -96.98 -103.15
C VAL I 744 -19.25 -97.53 -102.27
N VAL I 745 -19.44 -97.46 -100.95
CA VAL I 745 -18.48 -97.96 -99.97
C VAL I 745 -18.97 -99.31 -99.50
N SER I 746 -18.09 -100.31 -99.56
CA SER I 746 -18.41 -101.66 -99.12
C SER I 746 -17.59 -101.99 -97.89
N CYS I 747 -18.26 -102.31 -96.79
CA CYS I 747 -17.61 -102.61 -95.53
C CYS I 747 -17.75 -104.09 -95.22
N CYS I 748 -16.64 -104.71 -94.82
CA CYS I 748 -16.58 -106.13 -94.51
C CYS I 748 -16.01 -106.30 -93.13
N LEU I 749 -16.70 -107.10 -92.31
CA LEU I 749 -16.25 -107.43 -90.95
C LEU I 749 -16.04 -108.93 -90.88
N ASP I 750 -14.81 -109.34 -90.58
CA ASP I 750 -14.43 -110.73 -90.45
C ASP I 750 -14.05 -110.94 -88.98
N LEU I 751 -15.01 -111.41 -88.18
CA LEU I 751 -14.79 -111.49 -86.75
C LEU I 751 -13.69 -112.50 -86.41
N SER I 752 -13.38 -113.41 -87.33
CA SER I 752 -12.40 -114.45 -87.03
C SER I 752 -11.04 -113.86 -86.73
N VAL I 753 -10.58 -112.92 -87.56
CA VAL I 753 -9.20 -112.45 -87.47
C VAL I 753 -8.90 -111.82 -86.11
N PRO I 754 -9.64 -110.79 -85.65
CA PRO I 754 -10.73 -110.05 -86.29
C PRO I 754 -10.19 -108.97 -87.23
N SER I 755 -10.97 -108.61 -88.24
CA SER I 755 -10.51 -107.68 -89.25
C SER I 755 -11.69 -106.87 -89.78
N ILE I 756 -11.42 -105.62 -90.15
CA ILE I 756 -12.39 -104.76 -90.81
C ILE I 756 -11.73 -104.21 -92.07
N SER I 757 -12.40 -104.38 -93.21
CA SER I 757 -11.84 -103.96 -94.49
C SER I 757 -12.90 -103.18 -95.26
N PHE I 758 -12.44 -102.34 -96.18
CA PHE I 758 -13.31 -101.50 -96.99
C PHE I 758 -12.96 -101.64 -98.46
N ARG I 759 -13.91 -101.29 -99.32
CA ARG I 759 -13.70 -101.23 -100.75
C ARG I 759 -14.50 -100.07 -101.31
N ILE I 760 -13.80 -99.11 -101.92
CA ILE I 760 -14.43 -97.92 -102.49
C ILE I 760 -14.66 -98.20 -103.97
N ASN I 761 -15.91 -98.11 -104.40
CA ASN I 761 -16.28 -98.35 -105.79
C ASN I 761 -15.69 -99.67 -106.31
N GLY I 762 -15.60 -100.66 -105.43
CA GLY I 762 -15.10 -101.96 -105.82
C GLY I 762 -13.60 -102.08 -105.85
N CYS I 763 -12.87 -101.00 -105.57
CA CYS I 763 -11.42 -101.03 -105.57
C CYS I 763 -10.92 -101.15 -104.13
N PRO I 764 -10.25 -102.24 -103.76
CA PRO I 764 -9.88 -102.44 -102.35
C PRO I 764 -9.01 -101.29 -101.85
N VAL I 765 -9.31 -100.82 -100.63
CA VAL I 765 -8.48 -99.82 -99.98
C VAL I 765 -7.39 -100.54 -99.19
N GLN I 766 -6.18 -100.04 -99.28
CA GLN I 766 -5.01 -100.70 -98.69
C GLN I 766 -4.87 -100.32 -97.22
N GLY I 767 -5.76 -100.88 -96.41
CA GLY I 767 -5.74 -100.66 -94.98
C GLY I 767 -6.80 -101.46 -94.26
N VAL I 768 -6.51 -101.94 -93.06
CA VAL I 768 -7.42 -102.80 -92.33
C VAL I 768 -7.23 -102.60 -90.83
N PHE I 769 -8.32 -102.68 -90.08
CA PHE I 769 -8.24 -102.71 -88.62
C PHE I 769 -8.14 -104.16 -88.17
N GLU I 770 -7.38 -104.41 -87.11
CA GLU I 770 -7.14 -105.76 -86.64
C GLU I 770 -7.03 -105.77 -85.12
N SER I 771 -7.30 -106.94 -84.55
CA SER I 771 -7.01 -107.22 -83.14
C SER I 771 -7.75 -106.25 -82.22
N PHE I 772 -8.86 -105.71 -82.70
CA PHE I 772 -9.67 -104.90 -81.82
C PHE I 772 -10.41 -105.78 -80.82
N ASN I 773 -11.03 -105.16 -79.83
CA ASN I 773 -11.71 -105.91 -78.80
C ASN I 773 -13.06 -106.42 -79.29
N LEU I 774 -13.44 -107.61 -78.84
CA LEU I 774 -14.71 -108.21 -79.21
C LEU I 774 -15.69 -108.26 -78.04
N ASP I 775 -15.56 -107.33 -77.09
CA ASP I 775 -16.39 -107.33 -75.89
C ASP I 775 -17.65 -106.50 -76.14
N GLY I 776 -18.48 -107.00 -77.06
CA GLY I 776 -19.71 -106.32 -77.40
C GLY I 776 -20.23 -106.81 -78.73
N LEU I 777 -21.23 -106.09 -79.23
CA LEU I 777 -21.87 -106.40 -80.51
C LEU I 777 -21.57 -105.28 -81.49
N PHE I 778 -21.13 -105.64 -82.69
CA PHE I 778 -20.80 -104.67 -83.72
C PHE I 778 -22.02 -104.39 -84.60
N PHE I 779 -22.17 -103.15 -85.01
CA PHE I 779 -23.27 -102.76 -85.89
C PHE I 779 -22.79 -101.77 -86.94
N PRO I 780 -23.38 -101.78 -88.12
CA PRO I 780 -23.05 -100.75 -89.11
C PRO I 780 -23.42 -99.38 -88.60
N VAL I 781 -22.67 -98.37 -89.04
CA VAL I 781 -22.90 -97.01 -88.58
C VAL I 781 -22.37 -96.04 -89.61
N VAL I 782 -23.03 -94.90 -89.74
CA VAL I 782 -22.57 -93.78 -90.54
C VAL I 782 -22.75 -92.51 -89.74
N SER I 783 -21.69 -91.71 -89.64
CA SER I 783 -21.72 -90.47 -88.89
C SER I 783 -21.62 -89.30 -89.86
N PHE I 784 -22.49 -88.32 -89.69
CA PHE I 784 -22.60 -87.25 -90.65
C PHE I 784 -22.95 -85.94 -89.98
N SER I 785 -22.49 -84.87 -90.61
CA SER I 785 -22.96 -83.51 -90.33
C SER I 785 -24.12 -83.21 -91.28
N ALA I 786 -24.59 -81.97 -91.40
CA ALA I 786 -25.70 -81.65 -92.29
C ALA I 786 -25.23 -81.71 -93.74
N GLY I 787 -26.17 -82.04 -94.63
CA GLY I 787 -25.93 -81.99 -96.05
C GLY I 787 -25.57 -83.30 -96.72
N ILE I 788 -26.21 -84.41 -96.38
CA ILE I 788 -25.95 -85.67 -97.05
C ILE I 788 -27.26 -86.34 -97.44
N LYS I 789 -27.14 -87.26 -98.40
CA LYS I 789 -28.23 -88.08 -98.91
C LYS I 789 -27.74 -89.52 -99.06
N VAL I 790 -27.26 -90.12 -97.98
CA VAL I 790 -26.65 -91.43 -98.12
C VAL I 790 -27.73 -92.50 -98.01
N ARG I 791 -27.40 -93.72 -98.45
CA ARG I 791 -28.33 -94.83 -98.45
C ARG I 791 -27.61 -96.09 -97.99
N PHE I 792 -28.25 -96.82 -97.09
CA PHE I 792 -27.77 -98.11 -96.61
C PHE I 792 -28.24 -99.19 -97.58
N LEU I 793 -27.30 -99.97 -98.11
CA LEU I 793 -27.62 -101.16 -98.90
C LEU I 793 -27.19 -102.36 -98.08
N LEU I 794 -28.17 -103.02 -97.45
CA LEU I 794 -27.91 -104.11 -96.52
C LEU I 794 -28.14 -105.48 -97.14
N GLY I 795 -28.28 -105.56 -98.45
CA GLY I 795 -28.44 -106.84 -99.13
C GLY I 795 -29.83 -107.41 -98.96
N GLY I 796 -30.12 -108.41 -99.78
CA GLY I 796 -31.43 -109.03 -99.72
C GLY I 796 -32.51 -108.08 -100.22
N ARG I 797 -33.73 -108.30 -99.73
CA ARG I 797 -34.85 -107.47 -100.16
C ARG I 797 -34.65 -106.02 -99.76
N HIS I 798 -34.10 -105.77 -98.57
CA HIS I 798 -33.99 -104.40 -98.08
C HIS I 798 -33.14 -103.55 -99.01
N GLY I 799 -31.93 -104.00 -99.32
CA GLY I 799 -31.03 -103.22 -100.17
C GLY I 799 -30.40 -104.11 -101.22
N GLU I 800 -30.11 -103.49 -102.36
CA GLU I 800 -29.53 -104.19 -103.50
C GLU I 800 -28.05 -103.83 -103.60
N PHE I 801 -27.21 -104.86 -103.62
CA PHE I 801 -25.77 -104.65 -103.67
C PHE I 801 -25.34 -104.25 -105.08
N LYS I 802 -24.54 -103.19 -105.17
CA LYS I 802 -23.93 -102.81 -106.43
C LYS I 802 -22.62 -103.55 -106.70
N PHE I 803 -22.12 -104.30 -105.73
CA PHE I 803 -20.88 -105.05 -105.89
C PHE I 803 -21.04 -106.44 -105.29
N LEU I 804 -20.23 -107.36 -105.78
CA LEU I 804 -20.32 -108.74 -105.33
C LEU I 804 -19.71 -108.88 -103.94
N PRO I 805 -20.43 -109.46 -102.98
CA PRO I 805 -19.86 -109.63 -101.64
C PRO I 805 -18.66 -110.56 -101.69
N PRO I 806 -17.64 -110.32 -100.86
CA PRO I 806 -16.49 -111.21 -100.85
C PRO I 806 -16.89 -112.60 -100.40
N PRO I 807 -16.17 -113.62 -100.84
CA PRO I 807 -16.59 -115.00 -100.52
C PRO I 807 -16.70 -115.24 -99.04
N GLY I 808 -17.71 -115.99 -98.64
CA GLY I 808 -17.93 -116.36 -97.25
C GLY I 808 -18.72 -115.37 -96.44
N TYR I 809 -18.70 -114.09 -96.81
CA TYR I 809 -19.39 -113.07 -96.04
C TYR I 809 -20.89 -113.09 -96.35
N ALA I 810 -21.68 -112.70 -95.36
CA ALA I 810 -23.12 -112.73 -95.49
C ALA I 810 -23.69 -111.32 -95.48
N PRO I 811 -24.75 -111.06 -96.23
CA PRO I 811 -25.38 -109.73 -96.17
C PRO I 811 -25.90 -109.45 -94.77
N CYS I 812 -25.89 -108.17 -94.40
CA CYS I 812 -26.26 -107.81 -93.04
C CYS I 812 -27.75 -107.99 -92.77
N HIS I 813 -28.59 -107.90 -93.81
CA HIS I 813 -30.02 -108.03 -93.58
C HIS I 813 -30.36 -109.37 -92.95
N GLU I 814 -29.51 -110.38 -93.15
CA GLU I 814 -29.75 -111.68 -92.54
C GLU I 814 -29.65 -111.62 -91.03
N ALA I 815 -28.92 -110.65 -90.49
CA ALA I 815 -28.61 -110.60 -89.07
C ALA I 815 -29.72 -110.00 -88.23
N VAL I 816 -30.77 -109.48 -88.86
CA VAL I 816 -31.86 -108.86 -88.10
C VAL I 816 -32.45 -109.89 -87.16
N LEU I 817 -32.60 -109.52 -85.89
CA LEU I 817 -33.07 -110.46 -84.89
C LEU I 817 -34.51 -110.85 -85.18
N PRO I 818 -34.95 -112.02 -84.70
CA PRO I 818 -36.32 -112.45 -84.98
C PRO I 818 -37.37 -111.47 -84.50
N ARG I 819 -37.26 -111.01 -83.26
CA ARG I 819 -38.32 -110.18 -82.69
C ARG I 819 -38.44 -108.86 -83.43
N GLU I 820 -37.31 -108.22 -83.73
CA GLU I 820 -37.33 -106.88 -84.29
C GLU I 820 -37.58 -106.90 -85.79
N ARG I 821 -37.97 -105.74 -86.30
CA ARG I 821 -38.04 -105.48 -87.74
C ARG I 821 -36.99 -104.45 -88.10
N LEU I 822 -36.28 -104.69 -89.20
CA LEU I 822 -35.16 -103.83 -89.57
C LEU I 822 -35.65 -102.41 -89.80
N HIS I 823 -34.89 -101.45 -89.26
CA HIS I 823 -35.22 -100.04 -89.42
C HIS I 823 -34.07 -99.21 -88.87
N LEU I 824 -33.79 -98.09 -89.52
CA LEU I 824 -32.68 -97.24 -89.12
C LEU I 824 -33.07 -96.41 -87.89
N GLN I 825 -32.14 -96.29 -86.96
CA GLN I 825 -32.39 -95.60 -85.69
C GLN I 825 -31.16 -94.81 -85.29
N PRO I 826 -31.34 -93.77 -84.46
CA PRO I 826 -30.17 -93.10 -83.89
C PRO I 826 -29.55 -93.91 -82.77
N ILE I 827 -28.35 -93.53 -82.38
CA ILE I 827 -27.58 -94.24 -81.36
C ILE I 827 -27.59 -93.45 -80.06
N LYS I 828 -27.91 -94.14 -78.97
CA LYS I 828 -27.83 -93.56 -77.63
C LYS I 828 -28.48 -92.18 -77.59
N GLU I 829 -29.70 -92.10 -78.08
CA GLU I 829 -30.45 -90.86 -78.07
C GLU I 829 -31.13 -90.68 -76.72
N TYR I 830 -31.10 -89.43 -76.23
CA TYR I 830 -31.84 -89.06 -75.04
C TYR I 830 -33.03 -88.18 -75.34
N ARG I 831 -33.20 -87.74 -76.58
CA ARG I 831 -34.31 -86.90 -76.99
C ARG I 831 -34.95 -87.51 -78.23
N ARG I 832 -36.26 -87.33 -78.34
CA ARG I 832 -37.01 -87.77 -79.51
C ARG I 832 -38.06 -86.72 -79.83
N GLU I 833 -38.55 -86.75 -81.05
CA GLU I 833 -39.67 -85.89 -81.44
C GLU I 833 -40.98 -86.65 -81.25
N GLY I 834 -42.04 -85.91 -80.91
CA GLY I 834 -43.34 -86.53 -80.75
C GLY I 834 -44.46 -85.58 -81.10
N PRO I 835 -45.70 -86.04 -80.92
CA PRO I 835 -46.85 -85.22 -81.33
C PRO I 835 -46.89 -83.87 -80.62
N ARG I 836 -46.85 -83.89 -79.30
CA ARG I 836 -47.02 -82.66 -78.53
C ARG I 836 -45.71 -81.88 -78.42
N GLY I 837 -44.58 -82.59 -78.39
CA GLY I 837 -43.29 -81.94 -78.24
C GLY I 837 -42.13 -82.91 -78.19
N PRO I 838 -41.01 -82.46 -77.62
CA PRO I 838 -39.88 -83.35 -77.42
C PRO I 838 -40.13 -84.33 -76.28
N HIS I 839 -39.73 -85.58 -76.50
CA HIS I 839 -39.81 -86.61 -75.48
C HIS I 839 -38.40 -86.86 -74.93
N LEU I 840 -38.29 -86.89 -73.61
CA LEU I 840 -37.06 -87.30 -72.97
C LEU I 840 -37.07 -88.82 -72.80
N VAL I 841 -35.96 -89.46 -73.19
CA VAL I 841 -35.86 -90.91 -73.25
C VAL I 841 -34.73 -91.36 -72.34
N GLY I 842 -34.99 -92.36 -71.53
CA GLY I 842 -33.99 -92.89 -70.63
C GLY I 842 -33.05 -93.85 -71.33
N PRO I 843 -32.08 -94.34 -70.57
CA PRO I 843 -31.10 -95.26 -71.17
C PRO I 843 -31.78 -96.49 -71.73
N SER I 844 -31.24 -96.98 -72.84
CA SER I 844 -31.83 -98.11 -73.56
C SER I 844 -31.15 -99.41 -73.17
N ARG I 845 -31.96 -100.46 -73.00
CA ARG I 845 -31.40 -101.78 -72.81
C ARG I 845 -30.59 -102.18 -74.02
N CYS I 846 -29.40 -102.73 -73.77
CA CYS I 846 -28.47 -103.11 -74.82
C CYS I 846 -28.19 -104.60 -74.74
N LEU I 847 -28.23 -105.26 -75.89
CA LEU I 847 -27.88 -106.67 -75.96
C LEU I 847 -26.37 -106.85 -75.87
N SER I 848 -25.96 -107.95 -75.25
CA SER I 848 -24.54 -108.26 -75.07
C SER I 848 -24.20 -109.52 -75.84
N HIS I 849 -22.96 -109.57 -76.34
CA HIS I 849 -22.54 -110.71 -77.15
C HIS I 849 -22.80 -112.02 -76.42
N LEU I 850 -22.61 -112.02 -75.10
CA LEU I 850 -22.87 -113.21 -74.31
C LEU I 850 -24.34 -113.61 -74.33
N ASP I 851 -25.25 -112.67 -74.56
CA ASP I 851 -26.66 -113.00 -74.57
C ASP I 851 -26.98 -114.02 -75.66
N PHE I 852 -26.14 -114.07 -76.70
CA PHE I 852 -26.39 -115.01 -77.80
C PHE I 852 -25.91 -116.41 -77.46
N VAL I 853 -24.97 -116.54 -76.54
CA VAL I 853 -24.50 -117.88 -76.17
C VAL I 853 -25.65 -118.63 -75.50
N PRO I 854 -26.07 -119.79 -76.01
CA PRO I 854 -27.15 -120.54 -75.36
C PRO I 854 -26.60 -121.34 -74.20
N CYS I 855 -27.10 -121.05 -72.99
CA CYS I 855 -26.64 -121.71 -71.78
C CYS I 855 -27.78 -122.49 -71.16
N PRO I 856 -27.90 -123.79 -71.39
CA PRO I 856 -28.90 -124.58 -70.68
C PRO I 856 -28.36 -125.03 -69.32
N VAL I 857 -29.29 -125.43 -68.46
CA VAL I 857 -28.92 -125.91 -67.14
C VAL I 857 -28.25 -127.26 -67.27
N ASP I 858 -27.13 -127.43 -66.58
CA ASP I 858 -26.35 -128.66 -66.69
C ASP I 858 -27.18 -129.85 -66.23
N THR I 859 -27.01 -130.99 -66.90
CA THR I 859 -27.76 -132.20 -66.59
C THR I 859 -26.92 -133.46 -66.60
N ILE I 860 -25.61 -133.37 -66.81
CA ILE I 860 -24.79 -134.57 -66.89
C ILE I 860 -24.84 -135.35 -65.58
N GLN I 861 -24.79 -134.64 -64.46
CA GLN I 861 -24.82 -135.31 -63.16
C GLN I 861 -26.11 -136.10 -62.98
N ILE I 862 -27.18 -135.68 -63.64
CA ILE I 862 -28.47 -136.32 -63.45
C ILE I 862 -28.46 -137.70 -64.10
N VAL I 863 -28.92 -138.70 -63.35
CA VAL I 863 -29.04 -140.08 -63.83
C VAL I 863 -30.51 -140.48 -63.71
N LEU I 864 -30.99 -141.20 -64.71
CA LEU I 864 -32.42 -141.48 -64.80
C LEU I 864 -32.80 -142.64 -63.89
N PRO I 865 -33.72 -142.45 -62.95
CA PRO I 865 -34.29 -143.60 -62.24
C PRO I 865 -35.03 -144.51 -63.20
N PRO I 866 -35.01 -145.82 -62.97
CA PRO I 866 -35.64 -146.75 -63.93
C PRO I 866 -37.11 -146.46 -64.12
N HIS I 867 -37.80 -146.14 -63.02
CA HIS I 867 -39.22 -145.81 -63.11
C HIS I 867 -39.44 -144.59 -63.99
N LEU I 868 -38.38 -143.78 -64.19
CA LEU I 868 -38.48 -142.65 -65.11
C LEU I 868 -37.97 -143.03 -66.49
N GLU I 869 -37.07 -144.01 -66.60
CA GLU I 869 -36.60 -144.42 -67.92
C GLU I 869 -37.69 -145.13 -68.71
N ARG I 870 -38.46 -145.99 -68.04
CA ARG I 870 -39.56 -146.66 -68.73
C ARG I 870 -40.54 -145.63 -69.27
N ILE I 871 -40.80 -144.57 -68.51
CA ILE I 871 -41.65 -143.50 -68.99
C ILE I 871 -40.95 -142.71 -70.09
N ARG I 872 -39.62 -142.60 -70.01
CA ARG I 872 -38.86 -141.85 -71.01
C ARG I 872 -39.07 -142.43 -72.41
N GLU I 873 -38.93 -143.74 -72.53
CA GLU I 873 -39.10 -144.32 -73.87
C GLU I 873 -40.51 -144.06 -74.41
N LYS I 874 -41.53 -144.38 -73.63
CA LYS I 874 -42.90 -144.20 -74.08
C LYS I 874 -43.21 -142.73 -74.33
N LEU I 875 -42.54 -141.84 -73.59
CA LEU I 875 -42.64 -140.41 -73.89
C LEU I 875 -42.07 -140.10 -75.26
N ALA I 876 -40.95 -140.73 -75.61
CA ALA I 876 -40.41 -140.54 -76.96
C ALA I 876 -41.47 -140.91 -77.99
N GLU I 877 -42.05 -142.11 -77.87
CA GLU I 877 -43.05 -142.50 -78.88
C GLU I 877 -44.26 -141.56 -78.87
N ASN I 878 -44.74 -141.16 -77.69
CA ASN I 878 -45.95 -140.35 -77.65
C ASN I 878 -45.69 -138.92 -78.14
N ILE I 879 -44.51 -138.38 -77.85
CA ILE I 879 -44.11 -137.10 -78.44
C ILE I 879 -44.11 -137.22 -79.94
N HIS I 880 -43.61 -138.33 -80.47
CA HIS I 880 -43.63 -138.53 -81.92
C HIS I 880 -45.07 -138.62 -82.44
N GLU I 881 -45.97 -139.26 -81.70
CA GLU I 881 -47.37 -139.29 -82.12
C GLU I 881 -47.97 -137.89 -82.18
N LEU I 882 -47.73 -137.07 -81.15
CA LEU I 882 -48.20 -135.69 -81.18
C LEU I 882 -47.59 -134.93 -82.34
N TRP I 883 -46.29 -135.16 -82.59
CA TRP I 883 -45.59 -134.61 -83.74
C TRP I 883 -46.35 -134.89 -85.03
N ALA I 884 -46.64 -136.16 -85.30
CA ALA I 884 -47.33 -136.52 -86.53
C ALA I 884 -48.73 -135.91 -86.57
N LEU I 885 -49.42 -135.91 -85.43
CA LEU I 885 -50.75 -135.31 -85.38
C LEU I 885 -50.70 -133.85 -85.81
N THR I 886 -49.77 -133.08 -85.26
CA THR I 886 -49.67 -131.67 -85.61
C THR I 886 -49.16 -131.45 -87.03
N ARG I 887 -48.31 -132.34 -87.55
CA ARG I 887 -47.88 -132.23 -88.94
C ARG I 887 -49.06 -132.42 -89.89
N ILE I 888 -49.91 -133.41 -89.64
CA ILE I 888 -51.04 -133.58 -90.54
C ILE I 888 -52.09 -132.52 -90.27
N GLU I 889 -52.11 -131.95 -89.07
CA GLU I 889 -52.99 -130.80 -88.80
C GLU I 889 -52.58 -129.61 -89.66
N GLN I 890 -51.29 -129.27 -89.66
CA GLN I 890 -50.81 -128.21 -90.54
C GLN I 890 -50.89 -128.64 -92.00
N GLY I 891 -51.07 -129.92 -92.26
CA GLY I 891 -51.32 -130.41 -93.60
C GLY I 891 -50.16 -131.10 -94.28
N TRP I 892 -49.04 -131.27 -93.59
CA TRP I 892 -47.90 -131.95 -94.20
C TRP I 892 -48.21 -133.41 -94.43
N THR I 893 -47.85 -133.91 -95.60
CA THR I 893 -48.03 -135.31 -95.97
C THR I 893 -46.68 -136.00 -96.10
N TYR I 894 -46.63 -137.25 -95.66
CA TYR I 894 -45.38 -137.99 -95.70
C TYR I 894 -44.86 -138.11 -97.12
N GLY I 895 -43.55 -137.99 -97.27
CA GLY I 895 -42.91 -138.20 -98.56
C GLY I 895 -41.53 -138.81 -98.38
N PRO I 896 -41.07 -139.58 -99.37
CA PRO I 896 -39.76 -140.24 -99.21
C PRO I 896 -38.63 -139.26 -98.95
N VAL I 897 -38.73 -138.02 -99.42
CA VAL I 897 -37.73 -137.00 -99.18
C VAL I 897 -38.43 -135.72 -98.73
N ARG I 898 -37.68 -134.88 -98.02
CA ARG I 898 -38.22 -133.63 -97.51
C ARG I 898 -38.19 -132.57 -98.59
N ASP I 899 -39.31 -131.88 -98.77
CA ASP I 899 -39.42 -130.79 -99.73
C ASP I 899 -40.48 -129.83 -99.23
N ASP I 900 -40.08 -128.58 -98.95
CA ASP I 900 -40.98 -127.64 -98.28
C ASP I 900 -42.21 -127.36 -99.11
N ASN I 901 -42.04 -126.99 -100.39
CA ASN I 901 -43.16 -126.54 -101.19
C ASN I 901 -44.25 -127.60 -101.29
N LYS I 902 -43.85 -128.85 -101.51
CA LYS I 902 -44.82 -129.94 -101.63
C LYS I 902 -45.19 -130.55 -100.28
N ARG I 903 -44.65 -130.03 -99.18
CA ARG I 903 -45.06 -130.43 -97.84
C ARG I 903 -44.78 -131.92 -97.62
N LEU I 904 -43.63 -132.39 -98.08
CA LEU I 904 -43.23 -133.78 -97.94
C LEU I 904 -42.23 -133.89 -96.81
N HIS I 905 -42.39 -134.91 -95.96
CA HIS I 905 -41.57 -135.06 -94.78
C HIS I 905 -41.23 -136.54 -94.61
N PRO I 906 -39.96 -136.94 -94.75
CA PRO I 906 -39.64 -138.38 -94.68
C PRO I 906 -39.79 -138.96 -93.29
N CYS I 907 -39.63 -138.16 -92.24
CA CYS I 907 -39.71 -138.69 -90.88
C CYS I 907 -41.16 -138.81 -90.41
N LEU I 908 -42.13 -138.66 -91.30
CA LEU I 908 -43.54 -138.85 -90.94
C LEU I 908 -43.87 -140.35 -90.96
N VAL I 909 -43.20 -141.06 -90.07
CA VAL I 909 -43.29 -142.51 -89.96
C VAL I 909 -43.44 -142.88 -88.50
N ASN I 910 -43.41 -144.17 -88.20
CA ASN I 910 -43.39 -144.62 -86.81
C ASN I 910 -42.04 -144.32 -86.17
N PHE I 911 -42.06 -144.14 -84.85
CA PHE I 911 -40.80 -143.87 -84.14
C PHE I 911 -39.82 -145.00 -84.33
N HIS I 912 -40.30 -146.24 -84.29
CA HIS I 912 -39.43 -147.38 -84.58
C HIS I 912 -39.08 -147.43 -86.05
N SER I 913 -39.99 -146.98 -86.92
CA SER I 913 -39.68 -146.84 -88.33
C SER I 913 -38.87 -145.57 -88.59
N LEU I 914 -38.92 -144.63 -87.66
CA LEU I 914 -38.19 -143.37 -87.82
C LEU I 914 -36.70 -143.68 -87.91
N PRO I 915 -35.96 -143.08 -88.86
CA PRO I 915 -34.55 -143.44 -89.04
C PRO I 915 -33.80 -143.47 -87.72
N GLU I 916 -32.73 -144.26 -87.68
CA GLU I 916 -32.01 -144.49 -86.44
C GLU I 916 -31.46 -143.22 -85.80
N PRO I 917 -30.74 -142.35 -86.51
CA PRO I 917 -30.22 -141.15 -85.86
C PRO I 917 -31.32 -140.29 -85.26
N GLU I 918 -32.39 -140.06 -86.00
CA GLU I 918 -33.42 -139.13 -85.55
C GLU I 918 -34.25 -139.74 -84.42
N ARG I 919 -34.52 -141.04 -84.49
CA ARG I 919 -35.23 -141.70 -83.39
C ARG I 919 -34.38 -141.68 -82.12
N ASN I 920 -33.07 -141.93 -82.25
CA ASN I 920 -32.19 -141.84 -81.09
C ASN I 920 -32.20 -140.43 -80.53
N TYR I 921 -32.20 -139.43 -81.41
CA TYR I 921 -32.19 -138.04 -80.98
C TYR I 921 -33.46 -137.68 -80.22
N ASN I 922 -34.62 -138.15 -80.72
CA ASN I 922 -35.87 -137.93 -80.00
C ASN I 922 -35.92 -138.67 -78.67
N LEU I 923 -35.40 -139.90 -78.61
CA LEU I 923 -35.33 -140.60 -77.33
C LEU I 923 -34.43 -139.84 -76.35
N GLN I 924 -33.34 -139.26 -76.88
CA GLN I 924 -32.45 -138.43 -76.07
C GLN I 924 -33.19 -137.22 -75.51
N MET I 925 -34.00 -136.56 -76.33
CA MET I 925 -34.82 -135.45 -75.83
C MET I 925 -35.82 -135.94 -74.79
N SER I 926 -36.42 -137.11 -75.02
CA SER I 926 -37.36 -137.63 -74.04
C SER I 926 -36.71 -137.82 -72.68
N GLY I 927 -35.49 -138.36 -72.66
CA GLY I 927 -34.77 -138.48 -71.40
C GLY I 927 -34.38 -137.12 -70.83
N GLU I 928 -33.98 -136.19 -71.69
CA GLU I 928 -33.57 -134.89 -71.22
C GLU I 928 -34.72 -134.14 -70.57
N THR I 929 -35.94 -134.41 -71.00
CA THR I 929 -37.08 -133.78 -70.32
C THR I 929 -37.09 -134.14 -68.83
N LEU I 930 -36.99 -135.43 -68.52
CA LEU I 930 -36.97 -135.85 -67.12
C LEU I 930 -35.72 -135.35 -66.41
N LYS I 931 -34.58 -135.38 -67.10
CA LYS I 931 -33.35 -134.89 -66.48
C LYS I 931 -33.46 -133.41 -66.13
N THR I 932 -34.06 -132.63 -67.03
CA THR I 932 -34.33 -131.22 -66.74
C THR I 932 -35.26 -131.09 -65.56
N LEU I 933 -36.32 -131.88 -65.52
CA LEU I 933 -37.22 -131.84 -64.37
C LEU I 933 -36.45 -132.03 -63.08
N LEU I 934 -35.59 -133.05 -63.03
CA LEU I 934 -34.79 -133.28 -61.83
C LEU I 934 -33.86 -132.11 -61.55
N ALA I 935 -33.22 -131.57 -62.59
CA ALA I 935 -32.23 -130.51 -62.38
C ALA I 935 -32.87 -129.26 -61.81
N LEU I 936 -34.07 -128.90 -62.30
CA LEU I 936 -34.73 -127.71 -61.78
C LEU I 936 -34.95 -127.80 -60.28
N GLY I 937 -35.06 -129.01 -59.75
CA GLY I 937 -35.24 -129.24 -58.33
C GLY I 937 -36.57 -129.83 -57.93
N CYS I 938 -37.42 -130.20 -58.89
CA CYS I 938 -38.69 -130.82 -58.53
C CYS I 938 -38.47 -132.28 -58.14
N HIS I 939 -39.55 -132.93 -57.74
CA HIS I 939 -39.55 -134.34 -57.42
C HIS I 939 -40.73 -134.99 -58.13
N VAL I 940 -40.58 -136.26 -58.48
CA VAL I 940 -41.56 -136.98 -59.27
C VAL I 940 -41.94 -138.26 -58.53
N GLY I 941 -43.25 -138.50 -58.41
CA GLY I 941 -43.70 -139.73 -57.79
C GLY I 941 -44.96 -140.29 -58.45
N MET I 942 -44.90 -141.54 -58.91
CA MET I 942 -46.05 -142.15 -59.57
C MET I 942 -47.13 -142.40 -58.52
N ALA I 943 -48.16 -141.55 -58.51
CA ALA I 943 -49.23 -141.70 -57.53
C ALA I 943 -50.16 -142.84 -57.89
N ASP I 944 -50.52 -142.97 -59.16
CA ASP I 944 -51.49 -143.96 -59.62
C ASP I 944 -50.94 -144.66 -60.86
N GLU I 945 -50.61 -145.94 -60.71
CA GLU I 945 -50.14 -146.71 -61.86
C GLU I 945 -51.29 -147.06 -62.80
N LYS I 946 -52.52 -147.13 -62.27
CA LYS I 946 -53.64 -147.55 -63.09
C LYS I 946 -53.83 -146.63 -64.28
N ALA I 947 -53.59 -145.33 -64.11
CA ALA I 947 -53.79 -144.37 -65.19
C ALA I 947 -52.96 -144.72 -66.40
N GLU I 948 -51.77 -145.29 -66.19
CA GLU I 948 -50.89 -145.60 -67.31
C GLU I 948 -51.55 -146.57 -68.29
N ASP I 949 -52.16 -147.63 -67.76
CA ASP I 949 -52.92 -148.56 -68.60
C ASP I 949 -54.28 -148.02 -68.99
N ASN I 950 -54.85 -147.11 -68.21
CA ASN I 950 -56.16 -146.56 -68.54
C ASN I 950 -56.08 -145.63 -69.76
N LEU I 951 -54.97 -144.93 -69.93
CA LEU I 951 -54.83 -144.00 -71.04
C LEU I 951 -55.02 -144.71 -72.37
N LYS I 952 -55.74 -144.07 -73.28
CA LYS I 952 -56.04 -144.61 -74.60
C LYS I 952 -55.56 -143.65 -75.67
N LYS I 953 -54.95 -144.18 -76.72
CA LYS I 953 -54.53 -143.34 -77.83
C LYS I 953 -55.75 -142.75 -78.53
N THR I 954 -55.65 -141.49 -78.92
CA THR I 954 -56.76 -140.84 -79.59
C THR I 954 -56.91 -141.38 -81.00
N LYS I 955 -58.12 -141.84 -81.33
CA LYS I 955 -58.40 -142.32 -82.67
C LYS I 955 -58.41 -141.13 -83.64
N LEU I 956 -57.81 -141.32 -84.81
CA LEU I 956 -57.70 -140.25 -85.79
C LEU I 956 -58.28 -140.69 -87.13
N PRO I 957 -58.78 -139.76 -87.92
CA PRO I 957 -59.44 -140.11 -89.19
C PRO I 957 -58.42 -140.48 -90.26
N LYS I 958 -58.95 -140.94 -91.39
CA LYS I 958 -58.09 -141.29 -92.53
C LYS I 958 -57.31 -140.08 -93.01
N THR I 959 -57.94 -138.90 -93.03
CA THR I 959 -57.23 -137.69 -93.42
C THR I 959 -56.02 -137.48 -92.51
N TYR I 960 -56.17 -137.75 -91.22
CA TYR I 960 -55.03 -137.64 -90.31
C TYR I 960 -54.03 -138.78 -90.52
N MET I 961 -54.49 -139.90 -91.09
CA MET I 961 -53.59 -141.01 -91.38
C MET I 961 -52.65 -140.63 -92.53
N MET I 962 -51.34 -140.83 -92.29
CA MET I 962 -50.32 -140.34 -93.21
C MET I 962 -50.26 -141.19 -94.48
N SER I 963 -49.73 -140.58 -95.55
CA SER I 963 -49.59 -141.27 -96.83
C SER I 963 -48.76 -142.53 -96.71
N ASN I 964 -47.87 -142.62 -95.71
CA ASN I 964 -47.11 -143.84 -95.49
C ASN I 964 -48.00 -145.01 -95.08
N GLY I 965 -49.05 -144.74 -94.31
CA GLY I 965 -49.93 -145.76 -93.79
C GLY I 965 -50.05 -145.74 -92.28
N TYR I 966 -48.99 -145.36 -91.58
CA TYR I 966 -49.02 -145.28 -90.13
C TYR I 966 -49.92 -144.14 -89.67
N LYS I 967 -50.56 -144.32 -88.52
CA LYS I 967 -51.45 -143.32 -87.96
C LYS I 967 -50.87 -142.77 -86.67
N PRO I 968 -50.98 -141.47 -86.40
CA PRO I 968 -50.54 -140.96 -85.09
C PRO I 968 -51.41 -141.53 -83.99
N ALA I 969 -50.78 -141.82 -82.84
CA ALA I 969 -51.48 -142.37 -81.69
C ALA I 969 -51.11 -141.60 -80.43
N PRO I 970 -51.44 -140.31 -80.38
CA PRO I 970 -51.20 -139.55 -79.15
C PRO I 970 -52.29 -139.80 -78.11
N LEU I 971 -51.85 -140.01 -76.88
CA LEU I 971 -52.77 -140.35 -75.82
C LEU I 971 -53.62 -139.14 -75.43
N ASP I 972 -54.89 -139.40 -75.16
CA ASP I 972 -55.82 -138.35 -74.76
C ASP I 972 -55.39 -137.74 -73.44
N LEU I 973 -55.59 -136.43 -73.31
CA LEU I 973 -55.18 -135.67 -72.14
C LEU I 973 -56.27 -134.75 -71.62
N SER I 974 -57.52 -134.97 -72.02
CA SER I 974 -58.61 -134.13 -71.54
C SER I 974 -58.72 -134.19 -70.02
N HIS I 975 -58.59 -135.40 -69.45
CA HIS I 975 -58.66 -135.57 -68.02
C HIS I 975 -57.56 -134.82 -67.27
N VAL I 976 -56.45 -134.51 -67.93
CA VAL I 976 -55.30 -133.93 -67.24
C VAL I 976 -55.57 -132.46 -66.95
N ARG I 977 -55.20 -132.02 -65.75
CA ARG I 977 -55.36 -130.64 -65.31
C ARG I 977 -54.01 -130.11 -64.85
N LEU I 978 -53.82 -128.80 -64.98
CA LEU I 978 -52.54 -128.15 -64.70
C LEU I 978 -52.65 -127.18 -63.53
N THR I 979 -51.48 -126.76 -63.01
CA THR I 979 -51.37 -125.76 -61.97
C THR I 979 -50.51 -124.59 -62.45
N PRO I 980 -50.72 -123.39 -61.91
CA PRO I 980 -49.91 -122.23 -62.37
C PRO I 980 -48.41 -122.44 -62.18
N ALA I 981 -48.01 -123.05 -61.06
CA ALA I 981 -46.59 -123.38 -60.89
C ALA I 981 -46.15 -124.36 -61.97
N GLN I 982 -47.02 -125.30 -62.33
CA GLN I 982 -46.67 -126.23 -63.39
C GLN I 982 -46.54 -125.53 -64.74
N THR I 983 -47.31 -124.47 -64.97
CA THR I 983 -47.17 -123.71 -66.21
C THR I 983 -45.86 -122.93 -66.22
N THR I 984 -45.50 -122.33 -65.10
CA THR I 984 -44.17 -121.73 -64.98
C THR I 984 -43.09 -122.75 -65.30
N LEU I 985 -43.23 -123.94 -64.73
CA LEU I 985 -42.30 -125.02 -65.01
C LEU I 985 -42.28 -125.35 -66.50
N VAL I 986 -43.45 -125.36 -67.15
CA VAL I 986 -43.52 -125.72 -68.56
C VAL I 986 -42.74 -124.72 -69.39
N ASP I 987 -42.91 -123.43 -69.13
CA ASP I 987 -42.14 -122.47 -69.91
C ASP I 987 -40.64 -122.59 -69.62
N ARG I 988 -40.28 -122.91 -68.38
CA ARG I 988 -38.87 -123.20 -68.11
C ARG I 988 -38.38 -124.39 -68.94
N LEU I 989 -39.18 -125.45 -69.04
CA LEU I 989 -38.78 -126.60 -69.84
C LEU I 989 -38.61 -126.21 -71.31
N ALA I 990 -39.52 -125.39 -71.83
CA ALA I 990 -39.38 -124.95 -73.21
C ALA I 990 -38.09 -124.18 -73.40
N GLU I 991 -37.78 -123.27 -72.47
CA GLU I 991 -36.53 -122.53 -72.55
C GLU I 991 -35.34 -123.49 -72.58
N ASN I 992 -35.31 -124.44 -71.64
CA ASN I 992 -34.16 -125.34 -71.58
C ASN I 992 -34.07 -126.21 -72.83
N GLY I 993 -35.20 -126.68 -73.33
CA GLY I 993 -35.17 -127.51 -74.53
C GLY I 993 -34.63 -126.76 -75.72
N HIS I 994 -35.10 -125.53 -75.93
CA HIS I 994 -34.58 -124.76 -77.05
C HIS I 994 -33.10 -124.45 -76.86
N ASN I 995 -32.69 -124.16 -75.63
CA ASN I 995 -31.27 -123.90 -75.41
C ASN I 995 -30.44 -125.13 -75.73
N VAL I 996 -30.91 -126.32 -75.34
CA VAL I 996 -30.19 -127.54 -75.67
C VAL I 996 -30.10 -127.73 -77.17
N TRP I 997 -31.22 -127.50 -77.87
CA TRP I 997 -31.21 -127.64 -79.32
C TRP I 997 -30.21 -126.67 -79.95
N ALA I 998 -30.19 -125.42 -79.46
CA ALA I 998 -29.27 -124.43 -80.00
C ALA I 998 -27.83 -124.82 -79.73
N ARG I 999 -27.54 -125.32 -78.54
CA ARG I 999 -26.18 -125.76 -78.24
C ARG I 999 -25.76 -126.88 -79.16
N ASP I 1000 -26.65 -127.85 -79.39
CA ASP I 1000 -26.32 -128.96 -80.28
C ASP I 1000 -26.06 -128.45 -81.69
N ARG I 1001 -26.92 -127.56 -82.19
CA ARG I 1001 -26.71 -127.01 -83.52
C ARG I 1001 -25.39 -126.24 -83.61
N VAL I 1002 -25.07 -125.47 -82.58
CA VAL I 1002 -23.82 -124.71 -82.59
C VAL I 1002 -22.63 -125.66 -82.64
N ALA I 1003 -22.66 -126.69 -81.81
CA ALA I 1003 -21.58 -127.68 -81.85
C ALA I 1003 -21.48 -128.32 -83.22
N GLN I 1004 -22.61 -128.61 -83.84
CA GLN I 1004 -22.60 -129.19 -85.17
C GLN I 1004 -22.19 -128.16 -86.23
N GLY I 1005 -22.15 -126.89 -85.87
CA GLY I 1005 -21.65 -125.85 -86.77
C GLY I 1005 -22.70 -124.93 -87.33
N TRP I 1006 -23.98 -125.17 -87.07
CA TRP I 1006 -25.03 -124.35 -87.65
C TRP I 1006 -24.99 -122.93 -87.07
N SER I 1007 -25.57 -121.99 -87.82
CA SER I 1007 -25.62 -120.60 -87.38
C SER I 1007 -27.01 -120.02 -87.58
N TYR I 1008 -27.19 -118.74 -87.28
CA TYR I 1008 -28.49 -118.10 -87.35
C TYR I 1008 -28.55 -117.13 -88.52
N SER I 1009 -29.70 -117.08 -89.19
CA SER I 1009 -29.92 -116.16 -90.29
C SER I 1009 -31.42 -116.06 -90.54
N ALA I 1010 -31.87 -114.86 -90.87
CA ALA I 1010 -33.30 -114.67 -91.14
C ALA I 1010 -33.74 -115.50 -92.33
N VAL I 1011 -32.85 -115.73 -93.28
CA VAL I 1011 -33.17 -116.52 -94.46
C VAL I 1011 -32.71 -117.96 -94.22
N GLN I 1012 -33.67 -118.89 -94.26
CA GLN I 1012 -33.36 -120.29 -94.05
C GLN I 1012 -32.53 -120.82 -95.20
N ASP I 1013 -31.34 -121.32 -94.91
CA ASP I 1013 -30.44 -121.92 -95.90
C ASP I 1013 -29.96 -123.26 -95.35
N ILE I 1014 -30.67 -124.33 -95.72
CA ILE I 1014 -30.30 -125.66 -95.24
C ILE I 1014 -28.90 -126.04 -95.72
N PRO I 1015 -28.56 -125.91 -97.00
CA PRO I 1015 -27.20 -126.29 -97.42
C PRO I 1015 -26.12 -125.52 -96.68
N ALA I 1016 -26.39 -124.25 -96.35
CA ALA I 1016 -25.43 -123.41 -95.66
C ALA I 1016 -25.47 -123.58 -94.15
N ARG I 1017 -26.39 -124.39 -93.64
CA ARG I 1017 -26.48 -124.65 -92.21
C ARG I 1017 -26.81 -123.36 -91.46
N ARG I 1018 -27.84 -122.66 -91.93
CA ARG I 1018 -28.32 -121.43 -91.34
C ARG I 1018 -29.80 -121.58 -91.03
N ASN I 1019 -30.16 -121.48 -89.76
CA ASN I 1019 -31.54 -121.71 -89.35
C ASN I 1019 -32.07 -120.49 -88.60
N PRO I 1020 -33.20 -119.90 -89.02
CA PRO I 1020 -33.71 -118.72 -88.33
C PRO I 1020 -34.02 -118.94 -86.87
N ARG I 1021 -34.34 -120.16 -86.46
CA ARG I 1021 -34.74 -120.40 -85.07
C ARG I 1021 -33.54 -120.58 -84.15
N LEU I 1022 -32.32 -120.52 -84.67
CA LEU I 1022 -31.13 -120.81 -83.87
C LEU I 1022 -30.73 -119.57 -83.06
N VAL I 1023 -31.52 -119.30 -82.03
CA VAL I 1023 -31.22 -118.23 -81.09
C VAL I 1023 -31.72 -118.68 -79.72
N PRO I 1024 -31.08 -118.27 -78.63
CA PRO I 1024 -31.58 -118.69 -77.30
C PRO I 1024 -33.01 -118.24 -77.08
N TYR I 1025 -33.69 -118.95 -76.17
CA TYR I 1025 -35.12 -118.75 -75.97
C TYR I 1025 -35.48 -117.29 -75.77
N ARG I 1026 -34.70 -116.59 -74.95
CA ARG I 1026 -35.08 -115.23 -74.56
C ARG I 1026 -35.35 -114.36 -75.78
N LEU I 1027 -34.64 -114.59 -76.88
CA LEU I 1027 -34.75 -113.76 -78.07
C LEU I 1027 -35.63 -114.36 -79.15
N LEU I 1028 -36.36 -115.43 -78.85
CA LEU I 1028 -37.20 -116.06 -79.87
C LEU I 1028 -38.43 -115.23 -80.17
N ASP I 1029 -39.03 -115.53 -81.33
CA ASP I 1029 -40.31 -114.94 -81.68
C ASP I 1029 -41.40 -115.50 -80.79
N GLU I 1030 -42.43 -114.68 -80.56
CA GLU I 1030 -43.51 -115.08 -79.66
C GLU I 1030 -44.24 -116.31 -80.19
N ALA I 1031 -44.45 -116.38 -81.50
CA ALA I 1031 -45.15 -117.53 -82.06
C ALA I 1031 -44.37 -118.82 -81.82
N THR I 1032 -43.06 -118.79 -82.05
CA THR I 1032 -42.24 -119.97 -81.81
C THR I 1032 -42.23 -120.32 -80.33
N LYS I 1033 -42.17 -119.30 -79.46
CA LYS I 1033 -42.28 -119.55 -78.04
C LYS I 1033 -43.57 -120.28 -77.71
N ARG I 1034 -44.69 -119.83 -78.30
CA ARG I 1034 -45.97 -120.47 -78.04
C ARG I 1034 -45.97 -121.91 -78.52
N SER I 1035 -45.39 -122.18 -79.70
CA SER I 1035 -45.36 -123.54 -80.21
C SER I 1035 -44.56 -124.45 -79.29
N ASN I 1036 -43.36 -124.01 -78.89
CA ASN I 1036 -42.56 -124.82 -77.98
C ASN I 1036 -43.27 -125.03 -76.65
N ARG I 1037 -43.91 -123.97 -76.14
CA ARG I 1037 -44.63 -124.10 -74.89
C ARG I 1037 -45.77 -125.10 -75.01
N ASP I 1038 -46.47 -125.09 -76.14
CA ASP I 1038 -47.52 -126.08 -76.36
C ASP I 1038 -46.96 -127.49 -76.34
N SER I 1039 -45.83 -127.70 -77.01
CA SER I 1039 -45.23 -129.03 -77.05
C SER I 1039 -44.87 -129.50 -75.64
N LEU I 1040 -44.19 -128.64 -74.88
CA LEU I 1040 -43.76 -129.02 -73.54
C LEU I 1040 -44.95 -129.19 -72.61
N CYS I 1041 -45.98 -128.35 -72.76
CA CYS I 1041 -47.16 -128.48 -71.93
C CYS I 1041 -47.84 -129.82 -72.19
N GLN I 1042 -47.92 -130.22 -73.46
CA GLN I 1042 -48.48 -131.53 -73.78
C GLN I 1042 -47.63 -132.64 -73.18
N ALA I 1043 -46.31 -132.51 -73.23
CA ALA I 1043 -45.45 -133.53 -72.65
C ALA I 1043 -45.70 -133.68 -71.15
N VAL I 1044 -45.76 -132.55 -70.43
CA VAL I 1044 -46.01 -132.63 -69.00
C VAL I 1044 -47.42 -133.15 -68.73
N ARG I 1045 -48.37 -132.84 -69.62
CA ARG I 1045 -49.70 -133.42 -69.51
C ARG I 1045 -49.63 -134.93 -69.57
N THR I 1046 -48.84 -135.46 -70.52
CA THR I 1046 -48.69 -136.91 -70.64
C THR I 1046 -48.06 -137.49 -69.38
N LEU I 1047 -47.06 -136.80 -68.82
CA LEU I 1047 -46.45 -137.29 -67.59
C LEU I 1047 -47.46 -137.34 -66.45
N LEU I 1048 -48.16 -136.24 -66.19
CA LEU I 1048 -49.17 -136.24 -65.14
C LEU I 1048 -50.24 -137.29 -65.40
N GLY I 1049 -50.58 -137.54 -66.67
CA GLY I 1049 -51.53 -138.58 -66.99
C GLY I 1049 -51.02 -139.96 -66.62
N TYR I 1050 -49.76 -140.23 -66.95
CA TYR I 1050 -49.12 -141.46 -66.48
C TYR I 1050 -49.16 -141.54 -64.97
N GLY I 1051 -49.18 -140.39 -64.31
CA GLY I 1051 -49.51 -140.35 -62.89
C GLY I 1051 -48.54 -139.58 -62.03
N TYR I 1052 -47.29 -139.51 -62.47
CA TYR I 1052 -46.26 -138.87 -61.66
C TYR I 1052 -46.70 -137.47 -61.23
N ASN I 1053 -46.94 -137.31 -59.93
CA ASN I 1053 -47.11 -135.99 -59.34
C ASN I 1053 -45.74 -135.34 -59.30
N ILE I 1054 -45.69 -134.07 -59.67
CA ILE I 1054 -44.44 -133.32 -59.77
C ILE I 1054 -44.49 -132.16 -58.79
N GLU I 1055 -43.44 -132.02 -57.99
CA GLU I 1055 -43.35 -130.93 -57.02
C GLU I 1055 -42.50 -129.82 -57.60
N PRO I 1056 -43.11 -128.70 -58.05
CA PRO I 1056 -42.30 -127.54 -58.54
C PRO I 1056 -41.30 -127.10 -57.48
N PRO I 1057 -40.05 -126.81 -57.87
CA PRO I 1057 -39.09 -126.31 -56.89
C PRO I 1057 -39.41 -124.90 -56.45
N ASP I 1058 -38.85 -124.51 -55.30
CA ASP I 1058 -39.03 -123.15 -54.81
C ASP I 1058 -38.57 -122.16 -55.87
N GLN I 1059 -39.42 -121.17 -56.14
CA GLN I 1059 -39.08 -120.17 -57.15
C GLN I 1059 -37.87 -119.37 -56.69
N GLU I 1060 -36.91 -119.17 -57.61
CA GLU I 1060 -35.64 -118.54 -57.27
C GLU I 1060 -35.64 -117.10 -57.77
N PRO I 1061 -35.18 -116.13 -56.96
CA PRO I 1061 -35.12 -114.75 -57.43
C PRO I 1061 -33.92 -114.52 -58.34
N SER I 1062 -33.95 -113.38 -59.02
CA SER I 1062 -32.86 -112.98 -59.92
C SER I 1062 -32.89 -111.48 -60.12
N GLN I 1063 -31.77 -110.94 -60.57
CA GLN I 1063 -31.62 -109.52 -60.85
C GLN I 1063 -30.80 -109.33 -62.12
N VAL I 1064 -31.26 -108.44 -63.00
CA VAL I 1064 -30.59 -108.25 -64.28
C VAL I 1064 -29.25 -107.56 -64.09
N ASP I 1065 -29.20 -106.52 -63.24
CA ASP I 1065 -27.99 -105.75 -62.98
C ASP I 1065 -27.19 -105.51 -64.26
N SER I 1066 -27.87 -104.97 -65.27
CA SER I 1066 -27.19 -104.67 -66.53
C SER I 1066 -26.09 -103.63 -66.35
N GLN I 1067 -26.36 -102.60 -65.55
CA GLN I 1067 -25.39 -101.54 -65.32
C GLN I 1067 -25.54 -101.06 -63.89
N SER I 1068 -24.54 -100.33 -63.42
CA SER I 1068 -24.59 -99.78 -62.07
C SER I 1068 -25.89 -99.00 -61.86
N ARG I 1069 -26.57 -99.29 -60.74
CA ARG I 1069 -27.87 -98.68 -60.51
C ARG I 1069 -27.74 -97.21 -60.12
N GLY I 1070 -26.62 -96.84 -59.50
CA GLY I 1070 -26.39 -95.44 -59.19
C GLY I 1070 -26.35 -94.57 -60.43
N ASP I 1071 -26.07 -95.18 -61.58
CA ASP I 1071 -25.98 -94.48 -62.85
C ASP I 1071 -27.06 -94.91 -63.83
N ARG I 1072 -27.94 -95.83 -63.43
CA ARG I 1072 -28.78 -96.51 -64.39
C ARG I 1072 -29.82 -95.58 -64.99
N ALA I 1073 -30.29 -94.60 -64.23
CA ALA I 1073 -31.39 -93.74 -64.66
C ALA I 1073 -30.85 -92.36 -65.03
N ARG I 1074 -31.31 -91.84 -66.16
CA ARG I 1074 -30.92 -90.49 -66.58
C ARG I 1074 -31.79 -89.45 -65.90
N ILE I 1075 -31.15 -88.38 -65.44
CA ILE I 1075 -31.84 -87.26 -64.78
C ILE I 1075 -31.79 -86.08 -65.73
N PHE I 1076 -32.95 -85.46 -65.97
CA PHE I 1076 -33.05 -84.21 -66.71
C PHE I 1076 -33.61 -83.15 -65.78
N ARG I 1077 -32.92 -82.03 -65.65
CA ARG I 1077 -33.37 -80.93 -64.81
C ARG I 1077 -33.30 -79.64 -65.61
N ALA I 1078 -33.98 -78.63 -65.10
CA ALA I 1078 -33.85 -77.30 -65.68
C ALA I 1078 -32.45 -76.73 -65.37
N GLU I 1079 -32.09 -75.67 -66.06
CA GLU I 1079 -30.81 -75.02 -65.78
C GLU I 1079 -30.84 -74.33 -64.42
N LYS I 1080 -29.66 -74.22 -63.81
CA LYS I 1080 -29.55 -73.63 -62.48
C LYS I 1080 -30.09 -72.21 -62.45
N SER I 1081 -29.91 -71.45 -63.52
CA SER I 1081 -30.29 -70.04 -63.53
C SER I 1081 -31.81 -69.84 -63.49
N TYR I 1082 -32.59 -70.91 -63.62
CA TYR I 1082 -34.04 -70.82 -63.57
C TYR I 1082 -34.59 -71.21 -62.19
N ALA I 1083 -33.74 -71.35 -61.20
CA ALA I 1083 -34.22 -71.72 -59.86
C ALA I 1083 -35.20 -70.66 -59.36
N VAL I 1084 -36.30 -71.14 -58.79
CA VAL I 1084 -37.37 -70.27 -58.31
C VAL I 1084 -37.19 -70.09 -56.80
N GLN I 1085 -37.17 -68.84 -56.35
CA GLN I 1085 -36.98 -68.55 -54.94
C GLN I 1085 -38.31 -68.37 -54.22
N SER I 1086 -39.34 -67.90 -54.92
CA SER I 1086 -40.62 -67.63 -54.31
C SER I 1086 -41.73 -67.75 -55.35
N GLY I 1087 -42.95 -67.91 -54.86
CA GLY I 1087 -44.12 -67.96 -55.70
C GLY I 1087 -44.74 -69.35 -55.72
N ARG I 1088 -45.70 -69.49 -56.62
CA ARG I 1088 -46.42 -70.74 -56.82
C ARG I 1088 -46.26 -71.17 -58.27
N TRP I 1089 -45.61 -72.31 -58.49
CA TRP I 1089 -45.20 -72.73 -59.82
C TRP I 1089 -45.75 -74.11 -60.12
N TYR I 1090 -45.97 -74.36 -61.41
CA TYR I 1090 -46.64 -75.56 -61.89
C TYR I 1090 -45.99 -76.04 -63.18
N PHE I 1091 -45.92 -77.36 -63.34
CA PHE I 1091 -45.51 -77.94 -64.61
C PHE I 1091 -46.10 -79.34 -64.72
N GLU I 1092 -45.97 -79.94 -65.89
CA GLU I 1092 -46.62 -81.22 -66.17
C GLU I 1092 -45.62 -82.22 -66.72
N PHE I 1093 -45.87 -83.49 -66.46
CA PHE I 1093 -44.98 -84.58 -66.88
C PHE I 1093 -45.83 -85.76 -67.31
N GLU I 1094 -45.91 -86.00 -68.61
CA GLU I 1094 -46.69 -87.10 -69.16
C GLU I 1094 -45.81 -88.32 -69.29
N ALA I 1095 -46.29 -89.47 -68.80
CA ALA I 1095 -45.49 -90.69 -68.78
C ALA I 1095 -45.88 -91.56 -69.97
N VAL I 1096 -45.13 -91.45 -71.06
CA VAL I 1096 -45.47 -92.22 -72.25
C VAL I 1096 -45.31 -93.72 -71.98
N THR I 1097 -44.61 -94.08 -70.91
CA THR I 1097 -44.46 -95.47 -70.49
C THR I 1097 -44.67 -95.56 -68.99
N THR I 1098 -45.11 -96.73 -68.53
CA THR I 1098 -45.48 -96.92 -67.14
C THR I 1098 -44.30 -97.30 -66.24
N GLY I 1099 -43.13 -97.53 -66.81
CA GLY I 1099 -42.02 -98.03 -66.04
C GLY I 1099 -41.53 -97.03 -65.00
N GLU I 1100 -40.30 -97.25 -64.55
CA GLU I 1100 -39.77 -96.51 -63.41
C GLU I 1100 -39.41 -95.08 -63.83
N MET I 1101 -40.13 -94.12 -63.27
CA MET I 1101 -39.93 -92.72 -63.61
C MET I 1101 -40.30 -91.87 -62.41
N ARG I 1102 -39.40 -90.94 -62.07
CA ARG I 1102 -39.59 -90.02 -60.97
C ARG I 1102 -39.69 -88.60 -61.53
N VAL I 1103 -40.45 -87.75 -60.87
CA VAL I 1103 -40.57 -86.36 -61.29
C VAL I 1103 -40.84 -85.49 -60.07
N GLY I 1104 -40.26 -84.30 -60.05
CA GLY I 1104 -40.45 -83.40 -58.94
C GLY I 1104 -39.52 -82.21 -59.04
N TRP I 1105 -39.12 -81.72 -57.87
CA TRP I 1105 -38.31 -80.52 -57.77
C TRP I 1105 -37.00 -80.83 -57.07
N ALA I 1106 -35.90 -80.36 -57.65
CA ALA I 1106 -34.57 -80.61 -57.11
C ALA I 1106 -33.83 -79.30 -56.88
N ARG I 1107 -32.94 -79.31 -55.93
CA ARG I 1107 -32.20 -78.10 -55.67
C ARG I 1107 -31.09 -77.93 -56.69
N PRO I 1108 -30.58 -76.71 -56.88
CA PRO I 1108 -29.59 -76.49 -57.94
C PRO I 1108 -28.34 -77.32 -57.77
N GLU I 1109 -28.03 -77.79 -56.57
CA GLU I 1109 -26.80 -78.54 -56.31
C GLU I 1109 -27.05 -80.04 -56.39
N LEU I 1110 -28.01 -80.45 -57.20
CA LEU I 1110 -28.31 -81.87 -57.36
C LEU I 1110 -27.11 -82.60 -57.94
N ARG I 1111 -26.84 -83.80 -57.41
CA ARG I 1111 -25.69 -84.58 -57.85
C ARG I 1111 -26.12 -85.60 -58.89
N PRO I 1112 -25.43 -85.68 -60.03
CA PRO I 1112 -25.87 -86.62 -61.07
C PRO I 1112 -25.84 -88.07 -60.65
N ASP I 1113 -24.86 -88.48 -59.85
CA ASP I 1113 -24.67 -89.90 -59.59
C ASP I 1113 -25.69 -90.44 -58.58
N VAL I 1114 -26.11 -89.62 -57.62
CA VAL I 1114 -27.04 -90.09 -56.61
C VAL I 1114 -28.44 -90.14 -57.18
N GLU I 1115 -29.20 -91.17 -56.82
CA GLU I 1115 -30.56 -91.32 -57.30
C GLU I 1115 -31.43 -90.19 -56.77
N LEU I 1116 -32.45 -89.82 -57.54
CA LEU I 1116 -33.37 -88.78 -57.11
C LEU I 1116 -34.11 -89.21 -55.86
N GLY I 1117 -34.24 -88.27 -54.92
CA GLY I 1117 -35.07 -88.49 -53.75
C GLY I 1117 -34.44 -89.41 -52.72
N ALA I 1118 -33.28 -89.98 -53.04
CA ALA I 1118 -32.51 -90.73 -52.07
C ALA I 1118 -31.57 -89.83 -51.28
N ASP I 1119 -31.56 -88.55 -51.58
CA ASP I 1119 -30.77 -87.56 -50.86
C ASP I 1119 -31.63 -86.33 -50.62
N ASP I 1120 -31.21 -85.50 -49.67
CA ASP I 1120 -32.00 -84.33 -49.30
C ASP I 1120 -32.15 -83.33 -50.44
N LEU I 1121 -31.35 -83.46 -51.50
CA LEU I 1121 -31.32 -82.43 -52.54
C LEU I 1121 -32.62 -82.39 -53.35
N ALA I 1122 -33.32 -83.52 -53.48
CA ALA I 1122 -34.45 -83.59 -54.39
C ALA I 1122 -35.69 -84.13 -53.68
N TYR I 1123 -36.85 -83.58 -54.02
CA TYR I 1123 -38.15 -84.07 -53.60
C TYR I 1123 -38.91 -84.49 -54.84
N VAL I 1124 -39.20 -85.79 -54.97
CA VAL I 1124 -39.81 -86.28 -56.20
C VAL I 1124 -40.90 -87.30 -55.90
N PHE I 1125 -41.64 -87.66 -56.94
CA PHE I 1125 -42.67 -88.68 -56.91
C PHE I 1125 -42.34 -89.72 -57.96
N ASN I 1126 -42.21 -90.98 -57.53
CA ASN I 1126 -41.94 -92.10 -58.41
C ASN I 1126 -43.25 -92.79 -58.74
N GLY I 1127 -43.48 -93.05 -60.03
CA GLY I 1127 -44.79 -93.49 -60.47
C GLY I 1127 -45.03 -94.98 -60.51
N HIS I 1128 -44.05 -95.73 -61.02
CA HIS I 1128 -44.28 -97.15 -61.28
C HIS I 1128 -44.73 -97.88 -60.02
N ARG I 1129 -44.26 -97.43 -58.86
CA ARG I 1129 -44.67 -98.00 -57.59
C ARG I 1129 -45.66 -97.13 -56.84
N GLY I 1130 -45.73 -95.85 -57.15
CA GLY I 1130 -46.60 -94.95 -56.40
C GLY I 1130 -45.98 -94.56 -55.08
N GLN I 1131 -44.83 -93.89 -55.13
CA GLN I 1131 -44.09 -93.54 -53.94
C GLN I 1131 -43.66 -92.08 -54.01
N ARG I 1132 -43.36 -91.50 -52.86
CA ARG I 1132 -42.76 -90.17 -52.80
C ARG I 1132 -41.39 -90.28 -52.17
N TRP I 1133 -40.38 -89.76 -52.87
CA TRP I 1133 -38.99 -89.96 -52.51
C TRP I 1133 -38.36 -88.65 -52.05
N HIS I 1134 -37.82 -88.68 -50.83
CA HIS I 1134 -36.92 -87.64 -50.33
C HIS I 1134 -36.18 -88.23 -49.15
N LEU I 1135 -34.86 -88.40 -49.27
CA LEU I 1135 -34.07 -89.04 -48.22
C LEU I 1135 -34.62 -90.43 -47.91
N GLY I 1136 -35.14 -91.10 -48.92
CA GLY I 1136 -35.73 -92.40 -48.77
C GLY I 1136 -37.00 -92.50 -49.58
N SER I 1137 -37.85 -93.46 -49.19
CA SER I 1137 -39.10 -93.70 -49.89
C SER I 1137 -40.23 -93.85 -48.91
N GLU I 1138 -41.42 -93.41 -49.31
CA GLU I 1138 -42.64 -93.58 -48.54
C GLU I 1138 -43.78 -93.77 -49.51
N PRO I 1139 -44.63 -94.78 -49.32
CA PRO I 1139 -45.76 -94.97 -50.23
C PRO I 1139 -46.65 -93.72 -50.24
N PHE I 1140 -47.12 -93.35 -51.42
CA PHE I 1140 -47.91 -92.15 -51.58
C PHE I 1140 -48.49 -92.14 -52.99
N GLY I 1141 -49.77 -91.79 -53.08
CA GLY I 1141 -50.43 -91.76 -54.36
C GLY I 1141 -50.68 -93.15 -54.91
N ARG I 1142 -50.90 -93.22 -56.21
CA ARG I 1142 -51.16 -94.45 -56.92
C ARG I 1142 -50.34 -94.48 -58.21
N PRO I 1143 -50.03 -95.67 -58.72
CA PRO I 1143 -49.28 -95.74 -59.97
C PRO I 1143 -50.08 -95.19 -61.14
N TRP I 1144 -49.38 -94.64 -62.11
CA TRP I 1144 -50.00 -94.14 -63.34
C TRP I 1144 -50.04 -95.23 -64.39
N GLN I 1145 -50.96 -95.09 -65.34
CA GLN I 1145 -50.93 -95.85 -66.57
C GLN I 1145 -50.34 -95.01 -67.69
N SER I 1146 -50.01 -95.66 -68.80
CA SER I 1146 -49.39 -94.96 -69.91
C SER I 1146 -50.28 -93.81 -70.39
N GLY I 1147 -49.66 -92.67 -70.66
CA GLY I 1147 -50.36 -91.49 -71.12
C GLY I 1147 -50.83 -90.58 -69.99
N ASP I 1148 -50.71 -91.01 -68.74
CA ASP I 1148 -51.13 -90.17 -67.63
C ASP I 1148 -50.18 -89.01 -67.42
N VAL I 1149 -50.73 -87.90 -66.97
CA VAL I 1149 -49.99 -86.65 -66.78
C VAL I 1149 -49.93 -86.36 -65.29
N VAL I 1150 -48.72 -86.25 -64.76
CA VAL I 1150 -48.50 -85.86 -63.37
C VAL I 1150 -48.22 -84.37 -63.37
N GLY I 1151 -49.10 -83.61 -62.74
CA GLY I 1151 -48.87 -82.18 -62.55
C GLY I 1151 -48.16 -81.95 -61.24
N CYS I 1152 -47.01 -81.29 -61.31
CA CYS I 1152 -46.20 -80.98 -60.14
C CYS I 1152 -46.38 -79.51 -59.81
N MET I 1153 -46.75 -79.24 -58.56
CA MET I 1153 -46.97 -77.88 -58.07
C MET I 1153 -46.06 -77.65 -56.87
N ILE I 1154 -45.47 -76.47 -56.79
CA ILE I 1154 -44.74 -76.05 -55.62
C ILE I 1154 -45.26 -74.70 -55.19
N ASP I 1155 -45.60 -74.58 -53.90
CA ASP I 1155 -46.05 -73.33 -53.31
C ASP I 1155 -45.00 -72.93 -52.28
N LEU I 1156 -44.19 -71.92 -52.62
CA LEU I 1156 -43.12 -71.48 -51.74
C LEU I 1156 -43.60 -70.51 -50.67
N THR I 1157 -44.78 -69.92 -50.83
CA THR I 1157 -45.36 -69.13 -49.76
C THR I 1157 -45.79 -70.01 -48.60
N GLU I 1158 -46.20 -71.25 -48.88
CA GLU I 1158 -46.60 -72.21 -47.88
C GLU I 1158 -45.56 -73.32 -47.71
N ASN I 1159 -44.53 -73.33 -48.55
CA ASN I 1159 -43.47 -74.34 -48.46
C ASN I 1159 -44.06 -75.73 -48.58
N THR I 1160 -44.74 -76.02 -49.69
CA THR I 1160 -45.35 -77.31 -49.90
C THR I 1160 -45.19 -77.73 -51.36
N ILE I 1161 -45.28 -79.04 -51.59
CA ILE I 1161 -45.22 -79.61 -52.93
C ILE I 1161 -46.41 -80.53 -53.08
N ILE I 1162 -47.14 -80.37 -54.18
CA ILE I 1162 -48.34 -81.16 -54.45
C ILE I 1162 -48.16 -81.88 -55.78
N PHE I 1163 -48.65 -83.11 -55.84
CA PHE I 1163 -48.61 -83.92 -57.05
C PHE I 1163 -50.01 -84.36 -57.40
N THR I 1164 -50.44 -84.04 -58.61
CA THR I 1164 -51.78 -84.36 -59.08
C THR I 1164 -51.66 -85.32 -60.26
N LEU I 1165 -52.58 -86.26 -60.36
CA LEU I 1165 -52.58 -87.22 -61.46
C LEU I 1165 -53.87 -87.05 -62.26
N ASN I 1166 -53.72 -86.85 -63.57
CA ASN I 1166 -54.86 -86.65 -64.46
C ASN I 1166 -55.76 -85.51 -63.99
N GLY I 1167 -55.18 -84.50 -63.35
CA GLY I 1167 -55.94 -83.39 -62.84
C GLY I 1167 -56.53 -83.59 -61.46
N GLU I 1168 -56.25 -84.72 -60.81
CA GLU I 1168 -56.75 -84.99 -59.47
C GLU I 1168 -55.59 -85.00 -58.50
N VAL I 1169 -55.80 -84.42 -57.31
CA VAL I 1169 -54.72 -84.29 -56.35
C VAL I 1169 -54.48 -85.63 -55.67
N LEU I 1170 -53.27 -86.15 -55.79
CA LEU I 1170 -52.90 -87.35 -55.08
C LEU I 1170 -52.82 -87.08 -53.59
N MET I 1171 -53.16 -88.08 -52.78
CA MET I 1171 -53.17 -87.97 -51.33
C MET I 1171 -52.34 -89.09 -50.74
N SER I 1172 -51.61 -88.77 -49.67
CA SER I 1172 -50.85 -89.79 -48.97
C SER I 1172 -51.81 -90.68 -48.17
N ASP I 1173 -51.22 -91.66 -47.47
CA ASP I 1173 -52.03 -92.56 -46.67
C ASP I 1173 -52.79 -91.82 -45.59
N SER I 1174 -52.14 -90.84 -44.94
CA SER I 1174 -52.80 -90.07 -43.91
C SER I 1174 -53.91 -89.18 -44.46
N GLY I 1175 -53.99 -89.03 -45.78
CA GLY I 1175 -54.98 -88.17 -46.38
C GLY I 1175 -54.52 -86.76 -46.61
N SER I 1176 -53.32 -86.39 -46.16
CA SER I 1176 -52.82 -85.04 -46.39
C SER I 1176 -52.71 -84.76 -47.88
N GLU I 1177 -53.18 -83.58 -48.29
CA GLU I 1177 -53.13 -83.23 -49.71
C GLU I 1177 -51.73 -82.86 -50.14
N THR I 1178 -50.97 -82.19 -49.27
CA THR I 1178 -49.61 -81.82 -49.60
C THR I 1178 -48.69 -83.02 -49.51
N ALA I 1179 -48.02 -83.34 -50.62
CA ALA I 1179 -47.10 -84.47 -50.63
C ALA I 1179 -45.90 -84.22 -49.73
N PHE I 1180 -45.33 -83.03 -49.79
CA PHE I 1180 -44.18 -82.66 -48.97
C PHE I 1180 -44.46 -81.32 -48.30
N ARG I 1181 -43.93 -81.16 -47.10
CA ARG I 1181 -44.25 -80.02 -46.25
C ARG I 1181 -42.99 -79.52 -45.57
N ASP I 1182 -43.01 -78.25 -45.18
CA ASP I 1182 -41.94 -77.65 -44.39
C ASP I 1182 -40.60 -77.72 -45.13
N ILE I 1183 -40.56 -77.11 -46.30
CA ILE I 1183 -39.36 -77.09 -47.12
C ILE I 1183 -38.70 -75.72 -47.00
N GLU I 1184 -37.41 -75.71 -46.69
CA GLU I 1184 -36.66 -74.46 -46.62
C GLU I 1184 -36.21 -74.05 -48.02
N ILE I 1185 -36.43 -72.77 -48.36
CA ILE I 1185 -36.22 -72.34 -49.74
C ILE I 1185 -34.77 -72.56 -50.15
N GLY I 1186 -33.83 -72.10 -49.33
CA GLY I 1186 -32.42 -72.32 -49.63
C GLY I 1186 -32.03 -71.80 -50.99
N ASP I 1187 -31.34 -72.63 -51.77
CA ASP I 1187 -30.85 -72.21 -53.08
C ASP I 1187 -32.00 -71.97 -54.05
N GLY I 1188 -33.07 -72.75 -53.93
CA GLY I 1188 -34.18 -72.65 -54.85
C GLY I 1188 -34.72 -74.03 -55.17
N PHE I 1189 -35.38 -74.12 -56.32
CA PHE I 1189 -35.95 -75.38 -56.77
C PHE I 1189 -36.08 -75.36 -58.29
N LEU I 1190 -35.87 -76.52 -58.91
CA LEU I 1190 -35.90 -76.66 -60.36
C LEU I 1190 -36.71 -77.87 -60.74
N PRO I 1191 -37.45 -77.83 -61.86
CA PRO I 1191 -38.09 -79.04 -62.36
C PRO I 1191 -37.05 -80.09 -62.70
N VAL I 1192 -37.37 -81.34 -62.36
CA VAL I 1192 -36.45 -82.45 -62.56
C VAL I 1192 -37.25 -83.73 -62.77
N CYS I 1193 -36.69 -84.63 -63.58
CA CYS I 1193 -37.27 -85.94 -63.82
C CYS I 1193 -36.15 -86.96 -63.96
N SER I 1194 -36.44 -88.19 -63.60
CA SER I 1194 -35.50 -89.31 -63.71
C SER I 1194 -36.21 -90.43 -64.45
N LEU I 1195 -35.63 -90.86 -65.57
CA LEU I 1195 -36.26 -91.86 -66.42
C LEU I 1195 -35.41 -93.13 -66.38
N GLY I 1196 -35.85 -94.13 -65.63
CA GLY I 1196 -35.15 -95.40 -65.60
C GLY I 1196 -34.98 -95.95 -67.00
N PRO I 1197 -34.23 -97.04 -67.13
CA PRO I 1197 -33.90 -97.53 -68.47
C PRO I 1197 -35.16 -97.89 -69.25
N GLY I 1198 -35.14 -97.57 -70.54
CA GLY I 1198 -36.24 -97.90 -71.41
C GLY I 1198 -37.55 -97.22 -71.11
N GLN I 1199 -37.54 -95.92 -70.82
CA GLN I 1199 -38.76 -95.19 -70.51
C GLN I 1199 -38.77 -93.87 -71.26
N VAL I 1200 -39.97 -93.34 -71.51
CA VAL I 1200 -40.15 -92.11 -72.27
C VAL I 1200 -41.12 -91.20 -71.52
N GLY I 1201 -40.76 -89.92 -71.41
CA GLY I 1201 -41.60 -88.94 -70.76
C GLY I 1201 -41.65 -87.65 -71.55
N HIS I 1202 -42.57 -86.79 -71.16
CA HIS I 1202 -42.76 -85.50 -71.81
C HIS I 1202 -42.90 -84.43 -70.74
N LEU I 1203 -41.98 -83.48 -70.72
CA LEU I 1203 -41.92 -82.44 -69.70
C LEU I 1203 -42.45 -81.15 -70.28
N ASN I 1204 -43.63 -80.73 -69.82
CA ASN I 1204 -44.25 -79.48 -70.24
C ASN I 1204 -44.02 -78.44 -69.16
N LEU I 1205 -43.23 -77.42 -69.47
CA LEU I 1205 -42.94 -76.34 -68.54
C LEU I 1205 -43.81 -75.13 -68.78
N GLY I 1206 -44.84 -75.25 -69.62
CA GLY I 1206 -45.81 -74.20 -69.76
C GLY I 1206 -45.37 -73.01 -70.59
N GLN I 1207 -44.40 -73.19 -71.48
CA GLN I 1207 -44.02 -72.08 -72.36
C GLN I 1207 -45.18 -71.72 -73.28
N ASP I 1208 -46.04 -72.68 -73.58
CA ASP I 1208 -47.29 -72.48 -74.32
C ASP I 1208 -48.42 -72.91 -73.39
N VAL I 1209 -49.07 -71.93 -72.76
CA VAL I 1209 -49.99 -72.24 -71.66
C VAL I 1209 -51.13 -73.13 -72.13
N SER I 1210 -51.60 -72.92 -73.37
CA SER I 1210 -52.72 -73.71 -73.87
C SER I 1210 -52.36 -75.19 -73.96
N SER I 1211 -51.08 -75.50 -74.18
CA SER I 1211 -50.68 -76.89 -74.38
C SER I 1211 -50.93 -77.73 -73.12
N LEU I 1212 -50.90 -77.12 -71.94
CA LEU I 1212 -51.07 -77.87 -70.72
C LEU I 1212 -52.42 -78.57 -70.71
N ARG I 1213 -52.46 -79.76 -70.10
CA ARG I 1213 -53.67 -80.57 -70.16
C ARG I 1213 -54.57 -80.31 -68.96
N PHE I 1214 -54.03 -80.43 -67.75
CA PHE I 1214 -54.83 -80.37 -66.53
C PHE I 1214 -54.60 -79.10 -65.73
N PHE I 1215 -53.92 -78.10 -66.32
CA PHE I 1215 -53.66 -76.88 -65.58
C PHE I 1215 -54.94 -76.17 -65.21
N ALA I 1216 -55.86 -76.02 -66.16
CA ALA I 1216 -57.13 -75.36 -65.87
C ALA I 1216 -57.93 -76.13 -64.83
N ILE I 1217 -57.98 -77.44 -64.96
CA ILE I 1217 -58.75 -78.25 -64.01
C ILE I 1217 -58.18 -78.12 -62.60
N CYS I 1218 -56.87 -78.19 -62.47
CA CYS I 1218 -56.22 -78.07 -61.16
C CYS I 1218 -55.04 -77.10 -61.28
N GLY I 1219 -55.01 -76.12 -60.39
CA GLY I 1219 -53.88 -75.20 -60.30
C GLY I 1219 -54.18 -73.80 -60.78
N LEU I 1220 -54.90 -73.67 -61.90
CA LEU I 1220 -55.18 -72.34 -62.43
C LEU I 1220 -55.94 -71.50 -61.42
N GLN I 1221 -57.01 -72.05 -60.86
CA GLN I 1221 -57.79 -71.29 -59.89
C GLN I 1221 -57.04 -71.13 -58.58
N GLU I 1222 -56.18 -72.09 -58.24
CA GLU I 1222 -55.33 -71.96 -57.07
C GLU I 1222 -54.26 -70.90 -57.24
N GLY I 1223 -54.09 -70.37 -58.44
CA GLY I 1223 -53.11 -69.31 -58.66
C GLY I 1223 -51.71 -69.79 -59.00
N PHE I 1224 -51.53 -71.08 -59.22
CA PHE I 1224 -50.21 -71.56 -59.58
C PHE I 1224 -49.85 -71.13 -60.99
N GLU I 1225 -48.55 -70.96 -61.22
CA GLU I 1225 -48.01 -70.43 -62.46
C GLU I 1225 -47.33 -71.51 -63.27
N PRO I 1226 -47.56 -71.59 -64.58
CA PRO I 1226 -46.75 -72.46 -65.42
C PRO I 1226 -45.28 -72.05 -65.33
N PHE I 1227 -44.41 -73.04 -65.12
CA PHE I 1227 -43.05 -72.74 -64.74
C PHE I 1227 -42.37 -71.81 -65.73
N ALA I 1228 -42.76 -71.88 -67.00
CA ALA I 1228 -42.14 -71.05 -68.03
C ALA I 1228 -43.20 -70.21 -68.74
N ILE I 1229 -44.11 -69.61 -67.99
CA ILE I 1229 -45.24 -68.93 -68.60
C ILE I 1229 -44.79 -67.74 -69.45
N ASN I 1230 -43.75 -67.02 -69.02
CA ASN I 1230 -43.35 -65.78 -69.68
C ASN I 1230 -41.94 -65.86 -70.25
N MET I 1231 -41.37 -67.06 -70.39
CA MET I 1231 -40.02 -67.23 -70.90
C MET I 1231 -40.10 -67.36 -72.41
N GLN I 1232 -39.77 -66.28 -73.12
CA GLN I 1232 -39.95 -66.27 -74.57
C GLN I 1232 -39.15 -67.37 -75.25
N ARG I 1233 -38.03 -67.75 -74.65
CA ARG I 1233 -37.24 -68.83 -75.22
C ARG I 1233 -37.43 -70.11 -74.43
N PRO I 1234 -37.34 -71.28 -75.06
CA PRO I 1234 -37.53 -72.53 -74.32
C PRO I 1234 -36.54 -72.67 -73.18
N VAL I 1235 -36.98 -73.33 -72.11
CA VAL I 1235 -36.12 -73.51 -70.95
C VAL I 1235 -35.01 -74.49 -71.27
N THR I 1236 -33.80 -74.15 -70.87
CA THR I 1236 -32.66 -75.02 -71.14
C THR I 1236 -32.56 -76.11 -70.08
N THR I 1237 -32.20 -77.31 -70.52
CA THR I 1237 -32.16 -78.48 -69.65
C THR I 1237 -30.75 -79.05 -69.60
N TRP I 1238 -30.44 -79.67 -68.48
CA TRP I 1238 -29.18 -80.37 -68.27
C TRP I 1238 -29.48 -81.79 -67.84
N PHE I 1239 -28.78 -82.75 -68.43
CA PHE I 1239 -29.02 -84.15 -68.18
C PHE I 1239 -27.76 -84.81 -67.64
N SER I 1240 -27.96 -85.98 -67.03
CA SER I 1240 -26.89 -86.71 -66.37
C SER I 1240 -26.15 -87.54 -67.41
N LYS I 1241 -25.26 -86.90 -68.16
CA LYS I 1241 -24.46 -87.60 -69.15
C LYS I 1241 -23.63 -88.66 -68.45
N SER I 1242 -23.71 -89.89 -68.96
CA SER I 1242 -23.09 -91.04 -68.32
C SER I 1242 -21.75 -91.40 -68.92
N LEU I 1243 -21.04 -90.44 -69.48
CA LEU I 1243 -19.69 -90.68 -70.00
C LEU I 1243 -18.67 -90.35 -68.92
N PRO I 1244 -17.98 -91.34 -68.38
CA PRO I 1244 -17.03 -91.06 -67.29
C PRO I 1244 -15.96 -90.06 -67.72
N GLN I 1245 -15.61 -89.16 -66.83
CA GLN I 1245 -14.56 -88.19 -67.05
C GLN I 1245 -13.81 -87.95 -65.76
N PHE I 1246 -12.56 -87.51 -65.87
CA PHE I 1246 -11.73 -87.32 -64.69
C PHE I 1246 -12.00 -85.95 -64.08
N GLU I 1247 -12.16 -85.93 -62.75
CA GLU I 1247 -12.40 -84.70 -62.02
C GLU I 1247 -11.50 -84.68 -60.80
N PRO I 1248 -11.11 -83.49 -60.33
CA PRO I 1248 -10.21 -83.42 -59.19
C PRO I 1248 -10.81 -84.08 -57.95
N VAL I 1249 -9.95 -84.67 -57.14
CA VAL I 1249 -10.44 -85.31 -55.91
C VAL I 1249 -11.07 -84.25 -55.03
N PRO I 1250 -12.33 -84.37 -54.63
CA PRO I 1250 -12.91 -83.37 -53.73
C PRO I 1250 -12.14 -83.31 -52.42
N LEU I 1251 -11.95 -82.09 -51.92
CA LEU I 1251 -11.20 -81.92 -50.67
C LEU I 1251 -11.92 -82.54 -49.49
N GLU I 1252 -13.23 -82.74 -49.57
CA GLU I 1252 -14.01 -83.29 -48.48
C GLU I 1252 -14.55 -84.69 -48.79
N HIS I 1253 -13.92 -85.40 -49.73
CA HIS I 1253 -14.42 -86.70 -50.11
C HIS I 1253 -14.45 -87.61 -48.88
N PRO I 1254 -15.56 -88.29 -48.61
CA PRO I 1254 -15.65 -89.05 -47.35
C PRO I 1254 -14.61 -90.15 -47.23
N HIS I 1255 -14.21 -90.77 -48.35
CA HIS I 1255 -13.38 -91.97 -48.29
C HIS I 1255 -11.95 -91.77 -48.75
N TYR I 1256 -11.71 -90.97 -49.79
CA TYR I 1256 -10.39 -90.88 -50.41
C TYR I 1256 -9.77 -89.53 -50.07
N GLU I 1257 -8.54 -89.57 -49.57
CA GLU I 1257 -7.81 -88.37 -49.17
C GLU I 1257 -6.49 -88.33 -49.91
N VAL I 1258 -6.20 -87.19 -50.53
CA VAL I 1258 -4.93 -86.96 -51.22
C VAL I 1258 -4.19 -85.87 -50.48
N ALA I 1259 -2.98 -86.17 -50.02
CA ALA I 1259 -2.15 -85.23 -49.29
C ALA I 1259 -0.83 -85.07 -50.02
N ARG I 1260 -0.39 -83.82 -50.17
CA ARG I 1260 0.85 -83.51 -50.87
C ARG I 1260 1.95 -83.33 -49.83
N MET I 1261 2.99 -84.14 -49.92
CA MET I 1261 4.12 -84.07 -49.01
C MET I 1261 5.33 -83.49 -49.73
N ASP I 1262 5.90 -82.43 -49.16
CA ASP I 1262 7.02 -81.75 -49.80
C ASP I 1262 8.24 -82.65 -49.85
N GLY I 1263 9.10 -82.40 -50.83
CA GLY I 1263 10.31 -83.18 -50.97
C GLY I 1263 11.29 -82.91 -49.85
N THR I 1264 12.06 -83.94 -49.51
CA THR I 1264 13.07 -83.85 -48.45
C THR I 1264 14.43 -84.11 -49.05
N VAL I 1265 15.44 -84.22 -48.17
CA VAL I 1265 16.81 -84.47 -48.60
C VAL I 1265 16.90 -85.79 -49.32
N ASP I 1266 16.07 -86.76 -48.91
CA ASP I 1266 16.13 -88.11 -49.45
C ASP I 1266 14.83 -88.57 -50.10
N THR I 1267 13.83 -87.71 -50.21
CA THR I 1267 12.56 -88.08 -50.79
C THR I 1267 12.11 -87.03 -51.80
N PRO I 1268 11.69 -87.43 -53.00
CA PRO I 1268 11.18 -86.45 -53.95
C PRO I 1268 9.76 -86.04 -53.59
N PRO I 1269 9.20 -85.04 -54.28
CA PRO I 1269 7.81 -84.67 -54.01
C PRO I 1269 6.88 -85.85 -54.21
N CYS I 1270 5.85 -85.94 -53.37
CA CYS I 1270 4.93 -87.05 -53.38
C CYS I 1270 3.49 -86.55 -53.35
N LEU I 1271 2.60 -87.39 -53.88
CA LEU I 1271 1.17 -87.22 -53.73
C LEU I 1271 0.61 -88.56 -53.29
N ARG I 1272 0.24 -88.65 -52.01
CA ARG I 1272 -0.15 -89.91 -51.40
C ARG I 1272 -1.67 -90.01 -51.32
N LEU I 1273 -2.22 -91.16 -51.66
CA LEU I 1273 -3.64 -91.43 -51.52
C LEU I 1273 -3.85 -92.30 -50.30
N THR I 1274 -4.81 -91.92 -49.46
CA THR I 1274 -5.13 -92.66 -48.25
C THR I 1274 -6.63 -92.92 -48.19
N HIS I 1275 -7.00 -94.13 -47.78
CA HIS I 1275 -8.40 -94.50 -47.63
C HIS I 1275 -8.84 -94.09 -46.23
N ARG I 1276 -9.71 -93.09 -46.14
CA ARG I 1276 -10.07 -92.54 -44.84
C ARG I 1276 -10.76 -93.58 -43.95
N THR I 1277 -11.71 -94.32 -44.51
CA THR I 1277 -12.60 -95.16 -43.72
C THR I 1277 -12.31 -96.64 -43.85
N TRP I 1278 -11.11 -97.00 -44.31
CA TRP I 1278 -10.78 -98.41 -44.48
C TRP I 1278 -10.80 -99.12 -43.13
N GLY I 1279 -11.24 -100.37 -43.16
CA GLY I 1279 -11.34 -101.16 -41.94
C GLY I 1279 -12.52 -100.82 -41.06
N SER I 1280 -13.42 -99.97 -41.53
CA SER I 1280 -14.58 -99.55 -40.75
C SER I 1280 -15.85 -99.83 -41.53
N GLN I 1281 -16.96 -99.89 -40.81
CA GLN I 1281 -18.24 -100.07 -41.46
C GLN I 1281 -18.55 -98.85 -42.34
N ASN I 1282 -19.34 -99.08 -43.38
CA ASN I 1282 -19.69 -98.12 -44.42
C ASN I 1282 -18.49 -97.83 -45.31
N SER I 1283 -17.37 -98.51 -45.13
CA SER I 1283 -16.21 -98.29 -46.00
C SER I 1283 -16.56 -98.65 -47.43
N LEU I 1284 -16.05 -97.86 -48.37
CA LEU I 1284 -16.30 -98.05 -49.79
C LEU I 1284 -15.08 -98.74 -50.41
N VAL I 1285 -15.29 -99.92 -50.95
CA VAL I 1285 -14.22 -100.71 -51.56
C VAL I 1285 -14.59 -100.90 -53.03
N GLU I 1286 -14.04 -100.05 -53.89
CA GLU I 1286 -14.32 -100.08 -55.32
C GLU I 1286 -13.05 -99.73 -56.07
N MET I 1287 -13.02 -100.07 -57.35
CA MET I 1287 -11.92 -99.63 -58.20
C MET I 1287 -11.83 -98.12 -58.18
N LEU I 1288 -10.59 -97.62 -58.15
CA LEU I 1288 -10.31 -96.20 -58.23
C LEU I 1288 -9.37 -95.95 -59.39
N PHE I 1289 -9.78 -95.06 -60.29
CA PHE I 1289 -8.98 -94.70 -61.46
C PHE I 1289 -8.49 -93.28 -61.23
N LEU I 1290 -7.18 -93.10 -61.12
CA LEU I 1290 -6.57 -91.82 -60.80
C LEU I 1290 -5.61 -91.43 -61.90
N ARG I 1291 -5.51 -90.12 -62.14
CA ARG I 1291 -4.50 -89.61 -63.04
C ARG I 1291 -4.04 -88.24 -62.54
N LEU I 1292 -2.84 -87.87 -62.92
CA LEU I 1292 -2.36 -86.53 -62.64
C LEU I 1292 -2.98 -85.55 -63.63
N SER I 1293 -3.25 -84.33 -63.16
CA SER I 1293 -4.07 -83.38 -63.90
C SER I 1293 -3.38 -82.81 -65.12
N LEU I 1294 -2.07 -83.06 -65.31
CA LEU I 1294 -1.37 -82.49 -66.46
C LEU I 1294 -0.79 -83.59 -67.34
N PRO I 1295 -0.73 -83.38 -68.66
CA PRO I 1295 -0.15 -84.38 -69.54
C PRO I 1295 1.32 -84.10 -69.87
N VAL I 1296 1.95 -85.08 -70.50
CA VAL I 1296 3.23 -84.93 -71.15
C VAL I 1296 3.01 -85.20 -72.64
N GLN I 1297 3.54 -84.33 -73.48
CA GLN I 1297 3.30 -84.38 -74.92
C GLN I 1297 4.57 -84.80 -75.64
N PHE I 1298 4.45 -85.83 -76.48
CA PHE I 1298 5.59 -86.30 -77.24
C PHE I 1298 5.95 -85.32 -78.34
N HIS I 1299 7.20 -85.36 -78.77
CA HIS I 1299 7.70 -84.39 -79.74
C HIS I 1299 7.04 -84.58 -81.09
N GLN I 1300 6.99 -83.48 -81.86
CA GLN I 1300 6.33 -83.51 -83.15
C GLN I 1300 7.07 -84.41 -84.13
N HIS I 1301 8.40 -84.34 -84.13
CA HIS I 1301 9.24 -85.17 -84.98
C HIS I 1301 10.11 -86.05 -84.09
N PHE I 1302 9.98 -87.36 -84.25
CA PHE I 1302 10.81 -88.28 -83.49
C PHE I 1302 12.24 -88.29 -84.05
N ARG I 1303 13.20 -88.45 -83.16
CA ARG I 1303 14.58 -88.57 -83.58
C ARG I 1303 14.74 -89.78 -84.50
N CYS I 1304 15.40 -89.56 -85.64
CA CYS I 1304 15.59 -90.61 -86.63
C CYS I 1304 16.79 -91.46 -86.25
N THR I 1305 16.54 -92.70 -85.85
CA THR I 1305 17.59 -93.62 -85.43
C THR I 1305 18.46 -92.99 -84.34
N ASP I 1420 29.89 -90.32 -58.46
CA ASP I 1420 28.82 -91.26 -58.79
C ASP I 1420 27.49 -90.80 -58.22
N ASN I 1421 26.40 -91.29 -58.80
CA ASN I 1421 25.04 -90.96 -58.40
C ASN I 1421 24.69 -89.50 -58.64
N ARG I 1422 25.56 -88.75 -59.31
CA ARG I 1422 25.32 -87.35 -59.64
C ARG I 1422 25.19 -87.21 -61.15
N ASP I 1423 24.20 -86.44 -61.57
CA ASP I 1423 23.91 -86.33 -63.00
C ASP I 1423 25.08 -85.69 -63.74
N ASP I 1424 25.43 -86.28 -64.88
CA ASP I 1424 26.38 -85.64 -65.77
C ASP I 1424 25.72 -84.41 -66.39
N PRO I 1425 26.36 -83.24 -66.36
CA PRO I 1425 25.69 -82.04 -66.87
C PRO I 1425 25.22 -82.17 -68.31
N GLU I 1426 26.10 -82.57 -69.22
CA GLU I 1426 25.74 -82.64 -70.63
C GLU I 1426 24.62 -83.66 -70.86
N ILE I 1427 24.71 -84.81 -70.21
CA ILE I 1427 23.71 -85.85 -70.43
C ILE I 1427 22.36 -85.39 -69.91
N ILE I 1428 22.32 -84.85 -68.68
CA ILE I 1428 21.05 -84.44 -68.10
C ILE I 1428 20.47 -83.27 -68.88
N LEU I 1429 21.34 -82.45 -69.48
CA LEU I 1429 20.85 -81.31 -70.26
C LEU I 1429 20.30 -81.72 -71.62
N ASN I 1430 20.89 -82.73 -72.26
CA ASN I 1430 20.44 -83.18 -73.57
C ASN I 1430 19.45 -84.34 -73.50
N THR I 1431 19.11 -84.80 -72.30
CA THR I 1431 18.25 -85.96 -72.18
C THR I 1431 16.81 -85.62 -72.56
N THR I 1432 16.15 -86.55 -73.25
CA THR I 1432 14.75 -86.44 -73.62
C THR I 1432 13.89 -87.51 -72.96
N THR I 1433 14.37 -88.08 -71.85
CA THR I 1433 13.66 -89.12 -71.12
C THR I 1433 13.22 -88.55 -69.77
N TYR I 1434 11.94 -88.72 -69.46
CA TYR I 1434 11.38 -88.30 -68.18
C TYR I 1434 10.64 -89.50 -67.60
N TYR I 1435 10.53 -89.57 -66.27
CA TYR I 1435 9.75 -90.68 -65.73
C TYR I 1435 9.09 -90.22 -64.44
N TYR I 1436 8.30 -91.12 -63.87
CA TYR I 1436 7.77 -90.93 -62.52
C TYR I 1436 7.57 -92.31 -61.90
N SER I 1437 7.66 -92.37 -60.57
CA SER I 1437 7.53 -93.65 -59.89
C SER I 1437 6.24 -93.66 -59.09
N VAL I 1438 5.74 -94.86 -58.81
CA VAL I 1438 4.57 -95.07 -57.99
C VAL I 1438 4.95 -96.06 -56.91
N ARG I 1439 4.71 -95.69 -55.66
CA ARG I 1439 4.99 -96.54 -54.52
C ARG I 1439 3.68 -97.15 -54.04
N VAL I 1440 3.59 -98.47 -54.10
CA VAL I 1440 2.51 -99.22 -53.47
C VAL I 1440 2.99 -99.63 -52.09
N PHE I 1441 2.34 -99.11 -51.06
CA PHE I 1441 2.78 -99.34 -49.69
C PHE I 1441 2.49 -100.78 -49.28
N ALA I 1442 3.19 -101.23 -48.25
CA ALA I 1442 2.92 -102.56 -47.71
C ALA I 1442 1.50 -102.63 -47.19
N GLY I 1443 0.88 -103.78 -47.36
CA GLY I 1443 -0.51 -103.99 -47.01
C GLY I 1443 -1.48 -103.76 -48.15
N GLN I 1444 -1.05 -103.05 -49.19
CA GLN I 1444 -1.84 -102.91 -50.41
C GLN I 1444 -1.36 -103.96 -51.40
N GLU I 1445 -2.22 -104.94 -51.67
CA GLU I 1445 -1.81 -106.06 -52.49
C GLU I 1445 -1.45 -105.56 -53.89
N PRO I 1446 -0.21 -105.77 -54.36
CA PRO I 1446 0.15 -105.28 -55.70
C PRO I 1446 -0.66 -105.92 -56.81
N SER I 1447 -1.31 -107.05 -56.55
CA SER I 1447 -2.13 -107.67 -57.58
C SER I 1447 -3.30 -106.78 -57.98
N CYS I 1448 -3.63 -105.78 -57.17
CA CYS I 1448 -4.75 -104.89 -57.43
C CYS I 1448 -4.32 -103.53 -57.95
N VAL I 1449 -3.05 -103.34 -58.29
CA VAL I 1449 -2.53 -102.04 -58.70
C VAL I 1449 -2.06 -102.13 -60.14
N TRP I 1450 -2.48 -101.15 -60.93
CA TRP I 1450 -1.98 -100.96 -62.30
C TRP I 1450 -1.40 -99.57 -62.38
N VAL I 1451 -0.22 -99.44 -62.98
CA VAL I 1451 0.51 -98.18 -63.04
C VAL I 1451 0.92 -97.92 -64.48
N GLY I 1452 0.81 -96.66 -64.91
CA GLY I 1452 1.20 -96.32 -66.26
C GLY I 1452 0.60 -94.99 -66.70
N TRP I 1453 0.34 -94.89 -68.00
CA TRP I 1453 -0.13 -93.67 -68.63
C TRP I 1453 -1.46 -93.92 -69.32
N VAL I 1454 -2.32 -92.91 -69.36
CA VAL I 1454 -3.59 -92.97 -70.05
C VAL I 1454 -3.71 -91.77 -70.96
N THR I 1455 -4.10 -92.00 -72.22
CA THR I 1455 -4.29 -90.93 -73.17
C THR I 1455 -5.45 -90.06 -72.71
N PRO I 1456 -5.72 -88.93 -73.37
CA PRO I 1456 -6.75 -88.02 -72.85
C PRO I 1456 -8.17 -88.48 -73.12
N ASP I 1457 -8.34 -89.69 -73.66
CA ASP I 1457 -9.68 -90.17 -74.00
C ASP I 1457 -10.03 -91.47 -73.27
N TYR I 1458 -9.41 -91.77 -72.14
CA TYR I 1458 -9.79 -92.94 -71.37
C TYR I 1458 -11.09 -92.63 -70.64
N HIS I 1459 -12.17 -93.31 -71.04
CA HIS I 1459 -13.49 -93.07 -70.47
C HIS I 1459 -14.15 -94.37 -70.02
N GLN I 1460 -13.37 -95.37 -69.62
CA GLN I 1460 -13.89 -96.67 -69.24
C GLN I 1460 -13.80 -96.83 -67.74
N HIS I 1461 -14.96 -96.81 -67.07
CA HIS I 1461 -15.06 -97.01 -65.63
C HIS I 1461 -15.53 -98.44 -65.40
N ASP I 1462 -14.59 -99.37 -65.38
CA ASP I 1462 -14.89 -100.80 -65.32
C ASP I 1462 -14.58 -101.31 -63.92
N MET I 1463 -15.62 -101.71 -63.19
CA MET I 1463 -15.41 -102.23 -61.85
C MET I 1463 -14.54 -103.48 -61.87
N SER I 1464 -14.66 -104.28 -62.92
CA SER I 1464 -13.79 -105.45 -63.10
C SER I 1464 -12.79 -105.12 -64.19
N PHE I 1465 -11.65 -104.58 -63.81
CA PHE I 1465 -10.66 -104.06 -64.75
C PHE I 1465 -9.48 -105.01 -64.84
N ASP I 1466 -9.08 -105.32 -66.07
CA ASP I 1466 -7.89 -106.09 -66.35
C ASP I 1466 -7.24 -105.53 -67.60
N LEU I 1467 -5.94 -105.81 -67.77
CA LEU I 1467 -5.25 -105.32 -68.96
C LEU I 1467 -5.90 -105.82 -70.24
N SER I 1468 -6.65 -106.92 -70.18
CA SER I 1468 -7.40 -107.36 -71.35
C SER I 1468 -8.50 -106.36 -71.69
N LYS I 1469 -9.12 -105.76 -70.68
CA LYS I 1469 -10.21 -104.82 -70.92
C LYS I 1469 -9.74 -103.60 -71.70
N VAL I 1470 -8.45 -103.27 -71.58
CA VAL I 1470 -7.91 -102.06 -72.20
C VAL I 1470 -8.21 -102.07 -73.69
N ARG I 1471 -8.85 -101.01 -74.17
CA ARG I 1471 -9.15 -100.90 -75.59
C ARG I 1471 -7.86 -100.87 -76.39
N ALA I 1472 -7.85 -101.58 -77.52
CA ALA I 1472 -6.70 -101.62 -78.38
C ALA I 1472 -7.16 -101.89 -79.81
N VAL I 1473 -6.33 -101.52 -80.78
CA VAL I 1473 -6.59 -101.78 -82.18
C VAL I 1473 -5.28 -101.70 -82.93
N THR I 1474 -5.24 -102.30 -84.12
CA THR I 1474 -4.04 -102.29 -84.95
C THR I 1474 -4.45 -101.87 -86.36
N VAL I 1475 -4.01 -100.68 -86.77
CA VAL I 1475 -4.22 -100.23 -88.14
C VAL I 1475 -3.06 -100.72 -88.98
N THR I 1476 -3.34 -101.62 -89.92
CA THR I 1476 -2.32 -102.22 -90.77
C THR I 1476 -2.54 -101.72 -92.18
N MET I 1477 -1.52 -101.07 -92.73
CA MET I 1477 -1.53 -100.56 -94.09
C MET I 1477 -0.52 -101.31 -94.94
N GLY I 1478 -0.94 -101.68 -96.15
CA GLY I 1478 -0.08 -102.41 -97.06
C GLY I 1478 -0.06 -101.83 -98.46
N ASP I 1479 0.44 -102.61 -99.41
CA ASP I 1479 0.55 -102.23 -100.80
C ASP I 1479 -0.69 -102.72 -101.54
N GLU I 1480 -0.73 -102.52 -102.86
CA GLU I 1480 -1.84 -103.06 -103.65
C GLU I 1480 -2.05 -104.54 -103.35
N GLN I 1481 -0.97 -105.29 -103.20
CA GLN I 1481 -1.04 -106.69 -102.79
C GLN I 1481 -0.05 -106.90 -101.65
N GLY I 1482 -0.55 -107.40 -100.51
CA GLY I 1482 0.31 -107.68 -99.39
C GLY I 1482 1.28 -106.55 -99.12
N ASN I 1483 2.50 -106.92 -98.73
CA ASN I 1483 3.57 -105.94 -98.51
C ASN I 1483 3.15 -104.90 -97.48
N VAL I 1484 2.89 -105.36 -96.26
CA VAL I 1484 2.45 -104.47 -95.20
C VAL I 1484 3.48 -103.38 -94.99
N HIS I 1485 3.06 -102.12 -95.17
CA HIS I 1485 3.92 -100.97 -94.95
C HIS I 1485 3.91 -100.46 -93.52
N SER I 1486 2.81 -100.61 -92.80
CA SER I 1486 2.69 -100.06 -91.46
C SER I 1486 1.79 -100.96 -90.63
N SER I 1487 2.10 -101.07 -89.33
CA SER I 1487 1.35 -101.92 -88.42
C SER I 1487 1.08 -101.18 -87.12
N LEU I 1488 0.56 -99.96 -87.22
CA LEU I 1488 0.45 -99.10 -86.05
C LEU I 1488 -0.49 -99.72 -85.02
N LYS I 1489 -0.11 -99.62 -83.75
CA LYS I 1489 -0.93 -100.10 -82.65
C LYS I 1489 -1.43 -98.90 -81.86
N CYS I 1490 -2.74 -98.82 -81.68
CA CYS I 1490 -3.39 -97.69 -81.03
C CYS I 1490 -4.13 -98.18 -79.80
N SER I 1491 -4.06 -97.41 -78.72
CA SER I 1491 -4.73 -97.72 -77.46
C SER I 1491 -4.86 -96.46 -76.64
N ASN I 1492 -5.76 -96.50 -75.65
CA ASN I 1492 -5.97 -95.32 -74.80
C ASN I 1492 -5.28 -95.48 -73.46
N CYS I 1493 -5.06 -96.71 -73.01
CA CYS I 1493 -4.45 -96.99 -71.71
C CYS I 1493 -3.18 -97.80 -71.91
N TYR I 1494 -2.07 -97.28 -71.41
CA TYR I 1494 -0.79 -97.98 -71.41
C TYR I 1494 -0.39 -98.19 -69.96
N MET I 1495 -0.32 -99.45 -69.53
CA MET I 1495 -0.14 -99.74 -68.12
C MET I 1495 0.51 -101.10 -67.95
N VAL I 1496 0.97 -101.36 -66.72
CA VAL I 1496 1.55 -102.63 -66.32
C VAL I 1496 0.87 -103.07 -65.03
N TRP I 1497 0.85 -104.38 -64.80
CA TRP I 1497 0.16 -104.94 -63.65
C TRP I 1497 1.15 -105.36 -62.58
N GLY I 1498 0.94 -104.88 -61.36
CA GLY I 1498 1.87 -105.19 -60.28
C GLY I 1498 1.99 -106.67 -60.01
N GLY I 1499 0.95 -107.44 -60.37
CA GLY I 1499 1.03 -108.88 -60.20
C GLY I 1499 2.15 -109.50 -61.00
N ASP I 1500 2.46 -108.92 -62.16
CA ASP I 1500 3.59 -109.40 -62.94
C ASP I 1500 4.89 -109.27 -62.16
N PHE I 1501 5.07 -108.14 -61.47
CA PHE I 1501 6.32 -107.91 -60.76
C PHE I 1501 6.39 -108.72 -59.47
N VAL I 1502 5.25 -108.92 -58.81
CA VAL I 1502 5.26 -109.67 -57.56
C VAL I 1502 5.81 -111.07 -57.80
N SER I 1503 6.73 -111.48 -56.93
CA SER I 1503 7.34 -112.80 -57.06
C SER I 1503 6.32 -113.89 -56.73
N PRO I 1504 6.41 -115.06 -57.37
CA PRO I 1504 5.48 -116.13 -57.05
C PRO I 1504 5.57 -116.60 -55.60
N GLY I 1505 6.77 -116.65 -55.03
CA GLY I 1505 6.90 -117.04 -53.64
C GLY I 1505 6.24 -116.05 -52.70
N GLN I 1506 6.49 -114.76 -52.91
CA GLN I 1506 5.83 -113.74 -52.09
C GLN I 1506 4.33 -113.72 -52.32
N GLN I 1507 3.90 -114.23 -53.48
CA GLN I 1507 2.47 -114.23 -53.80
C GLN I 1507 1.70 -115.01 -52.74
N GLY I 1508 0.54 -114.46 -52.36
CA GLY I 1508 -0.27 -115.05 -51.31
C GLY I 1508 0.12 -114.65 -49.91
N ARG I 1509 1.12 -113.78 -49.75
CA ARG I 1509 1.60 -113.35 -48.45
C ARG I 1509 1.52 -111.82 -48.37
N ILE I 1510 1.13 -111.33 -47.20
CA ILE I 1510 1.13 -109.89 -46.98
C ILE I 1510 2.57 -109.41 -46.91
N SER I 1511 3.02 -108.76 -47.98
CA SER I 1511 4.40 -108.36 -48.09
C SER I 1511 4.73 -107.26 -47.09
N HIS I 1512 5.88 -107.41 -46.41
CA HIS I 1512 6.35 -106.39 -45.49
C HIS I 1512 7.12 -105.28 -46.20
N THR I 1513 7.36 -105.42 -47.50
CA THR I 1513 8.07 -104.41 -48.26
C THR I 1513 7.10 -103.51 -49.03
N ASP I 1514 7.64 -102.47 -49.64
CA ASP I 1514 6.89 -101.56 -50.49
C ASP I 1514 7.36 -101.72 -51.93
N LEU I 1515 6.42 -101.74 -52.87
CA LEU I 1515 6.78 -101.91 -54.27
C LEU I 1515 6.92 -100.54 -54.93
N VAL I 1516 7.93 -100.37 -55.76
CA VAL I 1516 8.16 -99.13 -56.48
C VAL I 1516 8.21 -99.45 -57.97
N ILE I 1517 7.35 -98.80 -58.74
CA ILE I 1517 7.27 -99.01 -60.18
C ILE I 1517 7.56 -97.67 -60.86
N GLY I 1518 8.65 -97.61 -61.62
CA GLY I 1518 9.02 -96.40 -62.31
C GLY I 1518 8.74 -96.47 -63.79
N CYS I 1519 7.95 -95.54 -64.29
CA CYS I 1519 7.56 -95.49 -65.69
C CYS I 1519 8.37 -94.42 -66.40
N LEU I 1520 9.16 -94.84 -67.38
CA LEU I 1520 10.03 -93.96 -68.16
C LEU I 1520 9.45 -93.77 -69.55
N VAL I 1521 9.52 -92.55 -70.05
CA VAL I 1521 9.11 -92.22 -71.42
C VAL I 1521 10.22 -91.39 -72.05
N ASP I 1522 10.75 -91.88 -73.17
CA ASP I 1522 11.63 -91.11 -74.04
C ASP I 1522 10.75 -90.45 -75.09
N LEU I 1523 10.68 -89.12 -75.03
CA LEU I 1523 9.78 -88.39 -75.91
C LEU I 1523 10.31 -88.35 -77.34
N ALA I 1524 11.61 -88.18 -77.50
CA ALA I 1524 12.18 -88.10 -78.85
C ALA I 1524 11.94 -89.39 -79.61
N THR I 1525 12.14 -90.53 -78.97
CA THR I 1525 11.95 -91.82 -79.62
C THR I 1525 10.53 -92.34 -79.50
N GLY I 1526 9.66 -91.64 -78.78
CA GLY I 1526 8.30 -92.12 -78.61
C GLY I 1526 8.22 -93.48 -77.95
N LEU I 1527 9.05 -93.73 -76.96
CA LEU I 1527 9.20 -95.06 -76.38
C LEU I 1527 8.89 -95.00 -74.90
N MET I 1528 8.32 -96.08 -74.35
CA MET I 1528 8.01 -96.14 -72.93
C MET I 1528 8.45 -97.49 -72.38
N THR I 1529 9.04 -97.47 -71.19
CA THR I 1529 9.49 -98.66 -70.48
C THR I 1529 9.12 -98.54 -69.00
N PHE I 1530 9.18 -99.67 -68.31
CA PHE I 1530 8.78 -99.73 -66.91
C PHE I 1530 9.79 -100.55 -66.13
N THR I 1531 10.14 -100.08 -64.93
CA THR I 1531 11.12 -100.73 -64.08
C THR I 1531 10.49 -101.03 -62.73
N ALA I 1532 10.58 -102.27 -62.29
CA ALA I 1532 10.02 -102.71 -61.01
C ALA I 1532 11.16 -102.83 -60.00
N ASN I 1533 11.07 -102.07 -58.91
CA ASN I 1533 12.06 -102.12 -57.84
C ASN I 1533 13.47 -101.94 -58.36
N GLY I 1534 13.62 -101.22 -59.47
CA GLY I 1534 14.90 -101.03 -60.11
C GLY I 1534 15.24 -102.04 -61.18
N LYS I 1535 14.55 -103.17 -61.23
CA LYS I 1535 14.80 -104.20 -62.23
C LYS I 1535 13.93 -103.95 -63.45
N GLU I 1536 14.58 -103.88 -64.61
CA GLU I 1536 13.87 -103.59 -65.86
C GLU I 1536 12.84 -104.68 -66.13
N SER I 1537 11.71 -104.27 -66.70
CA SER I 1537 10.64 -105.19 -67.09
C SER I 1537 10.55 -105.25 -68.60
N ASN I 1538 10.14 -106.40 -69.13
CA ASN I 1538 10.07 -106.57 -70.58
C ASN I 1538 9.07 -105.62 -71.20
N THR I 1539 7.92 -105.41 -70.54
CA THR I 1539 6.84 -104.61 -71.10
C THR I 1539 7.34 -103.26 -71.60
N PHE I 1540 7.19 -103.01 -72.89
CA PHE I 1540 7.54 -101.73 -73.48
C PHE I 1540 6.47 -101.32 -74.48
N PHE I 1541 6.36 -100.02 -74.71
CA PHE I 1541 5.34 -99.48 -75.59
C PHE I 1541 5.96 -98.46 -76.54
N GLN I 1542 5.31 -98.30 -77.69
CA GLN I 1542 5.70 -97.30 -78.69
C GLN I 1542 4.49 -96.45 -79.00
N VAL I 1543 4.68 -95.15 -79.10
CA VAL I 1543 3.58 -94.22 -79.31
C VAL I 1543 3.90 -93.33 -80.50
N GLU I 1544 2.84 -92.82 -81.14
CA GLU I 1544 3.00 -91.92 -82.26
C GLU I 1544 3.43 -90.54 -81.76
N PRO I 1545 4.09 -89.76 -82.60
CA PRO I 1545 4.49 -88.41 -82.19
C PRO I 1545 3.28 -87.52 -81.93
N ASN I 1546 3.46 -86.56 -81.03
CA ASN I 1546 2.45 -85.56 -80.73
C ASN I 1546 1.34 -86.10 -79.85
N THR I 1547 1.57 -87.24 -79.19
CA THR I 1547 0.58 -87.86 -78.33
C THR I 1547 0.71 -87.29 -76.91
N LYS I 1548 -0.42 -87.09 -76.25
CA LYS I 1548 -0.45 -86.62 -74.87
C LYS I 1548 -0.77 -87.78 -73.95
N LEU I 1549 0.03 -87.93 -72.88
CA LEU I 1549 -0.11 -89.03 -71.94
C LEU I 1549 -0.23 -88.45 -70.53
N PHE I 1550 -1.20 -88.94 -69.78
CA PHE I 1550 -1.40 -88.55 -68.40
C PHE I 1550 -0.88 -89.64 -67.47
N PRO I 1551 -0.03 -89.34 -66.50
CA PRO I 1551 0.31 -90.36 -65.50
C PRO I 1551 -0.96 -90.85 -64.83
N ALA I 1552 -1.05 -92.16 -64.61
CA ALA I 1552 -2.29 -92.75 -64.12
C ALA I 1552 -2.00 -93.99 -63.30
N VAL I 1553 -2.98 -94.33 -62.46
CA VAL I 1553 -2.91 -95.50 -61.57
C VAL I 1553 -4.32 -96.00 -61.32
N PHE I 1554 -4.54 -97.28 -61.55
CA PHE I 1554 -5.82 -97.93 -61.27
C PHE I 1554 -5.61 -98.90 -60.12
N VAL I 1555 -6.35 -98.72 -59.03
CA VAL I 1555 -6.10 -99.46 -57.81
C VAL I 1555 -7.41 -99.84 -57.13
N LEU I 1556 -7.44 -101.04 -56.58
CA LEU I 1556 -8.52 -101.45 -55.69
C LEU I 1556 -8.00 -101.34 -54.26
N PRO I 1557 -8.51 -100.42 -53.44
CA PRO I 1557 -7.92 -100.25 -52.11
C PRO I 1557 -7.94 -101.55 -51.31
N THR I 1558 -6.82 -101.82 -50.63
CA THR I 1558 -6.71 -102.99 -49.76
C THR I 1558 -6.08 -102.63 -48.42
N HIS I 1559 -5.74 -101.36 -48.20
CA HIS I 1559 -5.15 -100.92 -46.95
C HIS I 1559 -5.33 -99.42 -46.83
N GLN I 1560 -5.14 -98.90 -45.62
CA GLN I 1560 -5.27 -97.46 -45.41
C GLN I 1560 -4.36 -96.69 -46.35
N ASN I 1561 -3.13 -97.14 -46.51
CA ASN I 1561 -2.15 -96.49 -47.37
C ASN I 1561 -2.19 -97.16 -48.74
N VAL I 1562 -2.74 -96.45 -49.73
CA VAL I 1562 -3.07 -97.09 -50.99
C VAL I 1562 -1.91 -97.01 -51.98
N VAL I 1563 -1.55 -95.79 -52.39
CA VAL I 1563 -0.49 -95.57 -53.36
C VAL I 1563 0.11 -94.18 -53.17
N GLN I 1564 1.22 -93.93 -53.85
CA GLN I 1564 1.89 -92.64 -53.79
C GLN I 1564 2.54 -92.34 -55.13
N PHE I 1565 2.23 -91.17 -55.69
CA PHE I 1565 2.89 -90.67 -56.90
C PHE I 1565 4.17 -89.98 -56.46
N GLU I 1566 5.32 -90.54 -56.82
CA GLU I 1566 6.62 -89.95 -56.51
C GLU I 1566 7.18 -89.33 -57.77
N LEU I 1567 7.46 -88.03 -57.72
CA LEU I 1567 8.01 -87.32 -58.89
C LEU I 1567 9.53 -87.15 -58.73
N GLY I 1568 10.22 -88.29 -58.67
CA GLY I 1568 11.66 -88.30 -58.46
C GLY I 1568 12.45 -88.21 -59.75
N LYS I 1569 13.76 -88.42 -59.63
CA LYS I 1569 14.65 -88.39 -60.78
C LYS I 1569 15.85 -89.29 -60.51
N GLN I 1570 16.09 -90.21 -61.43
CA GLN I 1570 17.25 -91.10 -61.38
C GLN I 1570 18.43 -90.41 -62.05
N LYS I 1571 19.54 -91.14 -62.13
CA LYS I 1571 20.75 -90.57 -62.72
C LYS I 1571 20.51 -90.23 -64.19
N ASN I 1572 20.78 -88.96 -64.53
CA ASN I 1572 20.78 -88.52 -65.92
C ASN I 1572 19.42 -88.67 -66.58
N ILE I 1573 18.34 -88.56 -65.82
CA ILE I 1573 16.98 -88.58 -66.35
C ILE I 1573 16.21 -87.43 -65.72
N MET I 1574 15.58 -86.61 -66.57
CA MET I 1574 14.85 -85.45 -66.08
C MET I 1574 13.61 -85.90 -65.29
N PRO I 1575 13.15 -85.09 -64.35
CA PRO I 1575 11.90 -85.41 -63.66
C PRO I 1575 10.70 -85.13 -64.53
N LEU I 1576 9.51 -85.37 -63.98
CA LEU I 1576 8.30 -85.19 -64.77
C LEU I 1576 7.95 -83.72 -64.92
N SER I 1577 8.18 -82.91 -63.90
CA SER I 1577 7.80 -81.51 -63.96
C SER I 1577 8.45 -80.81 -65.15
N ALA I 1578 9.68 -81.18 -65.48
CA ALA I 1578 10.36 -80.54 -66.59
C ALA I 1578 9.63 -80.76 -67.89
N ALA I 1579 9.18 -81.98 -68.14
CA ALA I 1579 8.36 -82.26 -69.32
C ALA I 1579 7.03 -81.53 -69.23
N MET I 1580 6.45 -81.49 -68.03
CA MET I 1580 5.07 -81.06 -67.90
C MET I 1580 4.94 -79.55 -68.10
N PHE I 1581 5.88 -78.78 -67.59
CA PHE I 1581 5.86 -77.32 -67.66
C PHE I 1581 6.99 -76.82 -68.54
N LEU I 1582 6.68 -75.89 -69.43
CA LEU I 1582 7.70 -75.35 -70.34
C LEU I 1582 8.75 -74.52 -69.62
N SER I 1583 8.37 -73.79 -68.57
CA SER I 1583 9.35 -72.98 -67.85
C SER I 1583 10.46 -73.84 -67.27
N GLU I 1584 10.11 -75.02 -66.76
CA GLU I 1584 11.07 -75.92 -66.14
C GLU I 1584 11.69 -76.88 -67.15
N ARG I 1585 11.72 -76.49 -68.43
CA ARG I 1585 12.13 -77.42 -69.47
C ARG I 1585 13.55 -77.92 -69.24
N LYS I 1586 14.41 -77.10 -68.64
CA LYS I 1586 15.79 -77.47 -68.39
C LYS I 1586 16.12 -77.53 -66.90
N ASN I 1587 15.12 -77.35 -66.03
CA ASN I 1587 15.35 -77.47 -64.60
C ASN I 1587 15.38 -78.94 -64.21
N PRO I 1588 16.46 -79.45 -63.61
CA PRO I 1588 16.49 -80.86 -63.19
C PRO I 1588 15.96 -81.13 -61.79
N ALA I 1589 15.75 -80.11 -60.98
CA ALA I 1589 15.25 -80.32 -59.63
C ALA I 1589 13.78 -80.71 -59.67
N PRO I 1590 13.36 -81.79 -59.02
CA PRO I 1590 11.95 -82.19 -59.09
C PRO I 1590 11.05 -81.10 -58.51
N GLN I 1591 9.85 -80.99 -59.10
CA GLN I 1591 8.87 -80.01 -58.64
C GLN I 1591 7.47 -80.62 -58.74
N CYS I 1592 6.56 -80.13 -57.90
CA CYS I 1592 5.16 -80.52 -57.92
C CYS I 1592 4.32 -79.26 -57.71
N PRO I 1593 4.19 -78.41 -58.72
CA PRO I 1593 3.47 -77.14 -58.54
C PRO I 1593 2.02 -77.37 -58.21
N PRO I 1594 1.32 -76.33 -57.73
CA PRO I 1594 -0.08 -76.54 -57.31
C PRO I 1594 -0.99 -77.06 -58.41
N ARG I 1595 -0.74 -76.70 -59.67
CA ARG I 1595 -1.62 -77.16 -60.73
C ARG I 1595 -1.65 -78.68 -60.82
N LEU I 1596 -0.54 -79.33 -60.45
CA LEU I 1596 -0.45 -80.77 -60.53
C LEU I 1596 -1.17 -81.38 -59.34
N GLU I 1597 -2.22 -82.16 -59.61
CA GLU I 1597 -3.01 -82.77 -58.55
C GLU I 1597 -3.62 -84.07 -59.07
N VAL I 1598 -4.09 -84.89 -58.13
CA VAL I 1598 -4.71 -86.16 -58.49
C VAL I 1598 -6.17 -85.94 -58.86
N GLN I 1599 -6.64 -86.66 -59.86
CA GLN I 1599 -8.01 -86.59 -60.32
C GLN I 1599 -8.54 -88.01 -60.44
N MET I 1600 -9.76 -88.24 -59.99
CA MET I 1600 -10.37 -89.56 -60.04
C MET I 1600 -11.46 -89.58 -61.09
N LEU I 1601 -11.72 -90.77 -61.63
CA LEU I 1601 -12.76 -90.93 -62.64
C LEU I 1601 -14.14 -90.90 -62.01
N MET I 1602 -14.99 -89.98 -62.47
CA MET I 1602 -16.35 -89.86 -61.95
C MET I 1602 -17.34 -90.51 -62.91
N PRO I 1603 -18.20 -91.40 -62.42
CA PRO I 1603 -19.02 -92.18 -63.34
C PRO I 1603 -19.93 -91.35 -64.23
N VAL I 1604 -20.48 -90.23 -63.73
CA VAL I 1604 -21.45 -89.44 -64.47
C VAL I 1604 -21.13 -87.96 -64.28
N SER I 1605 -21.82 -87.13 -65.06
CA SER I 1605 -21.62 -85.69 -64.93
C SER I 1605 -22.71 -84.96 -65.70
N TRP I 1606 -23.00 -83.73 -65.27
CA TRP I 1606 -24.02 -82.93 -65.93
C TRP I 1606 -23.57 -82.52 -67.32
N SER I 1607 -24.52 -82.38 -68.24
CA SER I 1607 -24.22 -81.91 -69.59
C SER I 1607 -25.45 -81.23 -70.16
N ARG I 1608 -25.23 -80.16 -70.92
CA ARG I 1608 -26.32 -79.34 -71.41
C ARG I 1608 -26.96 -79.95 -72.64
N MET I 1609 -28.28 -80.05 -72.63
CA MET I 1609 -29.01 -80.48 -73.81
C MET I 1609 -28.96 -79.38 -74.86
N PRO I 1610 -28.49 -79.66 -76.07
CA PRO I 1610 -28.53 -78.64 -77.12
C PRO I 1610 -29.95 -78.15 -77.33
N ASN I 1611 -30.09 -76.85 -77.57
CA ASN I 1611 -31.42 -76.27 -77.73
C ASN I 1611 -32.07 -76.72 -79.03
N HIS I 1612 -31.27 -76.84 -80.09
CA HIS I 1612 -31.74 -77.28 -81.39
C HIS I 1612 -31.00 -78.53 -81.80
N PHE I 1613 -31.71 -79.48 -82.38
CA PHE I 1613 -31.15 -80.76 -82.76
C PHE I 1613 -31.24 -80.96 -84.26
N LEU I 1614 -30.30 -81.72 -84.80
CA LEU I 1614 -30.30 -82.02 -86.23
C LEU I 1614 -31.55 -82.79 -86.60
N GLN I 1615 -32.12 -82.46 -87.76
CA GLN I 1615 -33.31 -83.14 -88.27
C GLN I 1615 -32.88 -84.14 -89.34
N VAL I 1616 -33.11 -85.43 -89.06
CA VAL I 1616 -32.67 -86.52 -89.93
C VAL I 1616 -33.90 -87.25 -90.42
N ASP I 1617 -33.96 -87.51 -91.73
CA ASP I 1617 -35.06 -88.25 -92.32
C ASP I 1617 -34.56 -89.61 -92.79
N THR I 1618 -35.14 -90.67 -92.24
CA THR I 1618 -34.73 -92.04 -92.55
C THR I 1618 -35.95 -92.81 -93.02
N ARG I 1619 -35.87 -93.41 -94.20
CA ARG I 1619 -36.98 -94.19 -94.73
C ARG I 1619 -36.48 -95.21 -95.73
N ARG I 1620 -37.26 -96.26 -95.92
CA ARG I 1620 -36.93 -97.28 -96.92
C ARG I 1620 -37.34 -96.75 -98.29
N ALA I 1621 -36.36 -96.27 -99.06
CA ALA I 1621 -36.68 -95.70 -100.36
C ALA I 1621 -37.35 -96.72 -101.27
N GLY I 1622 -36.84 -97.95 -101.28
CA GLY I 1622 -37.43 -99.00 -102.08
C GLY I 1622 -36.69 -100.29 -101.88
N GLU I 1623 -37.27 -101.37 -102.40
CA GLU I 1623 -36.64 -102.68 -102.27
C GLU I 1623 -35.25 -102.69 -102.90
N ARG I 1624 -35.14 -102.14 -104.11
CA ARG I 1624 -33.84 -102.08 -104.76
C ARG I 1624 -32.99 -100.94 -104.21
N LEU I 1625 -33.62 -99.84 -103.82
CA LEU I 1625 -32.88 -98.64 -103.47
C LEU I 1625 -32.17 -98.79 -102.13
N GLY I 1626 -32.72 -99.60 -101.24
CA GLY I 1626 -32.21 -99.69 -99.89
C GLY I 1626 -32.81 -98.63 -98.99
N TRP I 1627 -32.30 -98.58 -97.76
CA TRP I 1627 -32.74 -97.53 -96.85
C TRP I 1627 -32.00 -96.24 -97.18
N ALA I 1628 -32.59 -95.11 -96.79
CA ALA I 1628 -32.04 -93.81 -97.12
C ALA I 1628 -32.11 -92.91 -95.92
N VAL I 1629 -30.98 -92.26 -95.59
CA VAL I 1629 -30.90 -91.27 -94.54
C VAL I 1629 -30.45 -89.96 -95.17
N GLN I 1630 -31.18 -88.89 -94.87
CA GLN I 1630 -31.00 -87.59 -95.48
C GLN I 1630 -30.95 -86.54 -94.38
N CYS I 1631 -30.06 -85.57 -94.54
CA CYS I 1631 -29.97 -84.42 -93.65
C CYS I 1631 -29.61 -83.22 -94.51
N GLN I 1632 -30.38 -82.14 -94.38
CA GLN I 1632 -30.23 -81.00 -95.28
C GLN I 1632 -30.24 -79.65 -94.59
N GLU I 1633 -30.28 -79.61 -93.26
CA GLU I 1633 -30.34 -78.35 -92.55
C GLU I 1633 -29.08 -78.14 -91.72
N PRO I 1634 -28.28 -77.12 -92.00
CA PRO I 1634 -27.06 -76.91 -91.21
C PRO I 1634 -27.37 -76.52 -89.78
N LEU I 1635 -26.44 -76.83 -88.88
CA LEU I 1635 -26.58 -76.51 -87.47
C LEU I 1635 -25.20 -76.46 -86.85
N MET I 1636 -24.88 -75.36 -86.18
CA MET I 1636 -23.53 -75.09 -85.70
C MET I 1636 -23.59 -74.67 -84.24
N MET I 1637 -22.44 -74.78 -83.57
CA MET I 1637 -22.34 -74.38 -82.17
C MET I 1637 -20.96 -73.78 -81.92
N MET I 1638 -20.88 -72.97 -80.87
CA MET I 1638 -19.62 -72.39 -80.42
C MET I 1638 -19.04 -73.29 -79.34
N ALA I 1639 -17.86 -73.84 -79.60
CA ALA I 1639 -17.26 -74.84 -78.73
C ALA I 1639 -16.07 -74.22 -78.00
N LEU I 1640 -15.96 -74.50 -76.71
CA LEU I 1640 -14.85 -74.08 -75.87
C LEU I 1640 -14.00 -75.31 -75.61
N HIS I 1641 -12.72 -75.24 -75.98
CA HIS I 1641 -11.84 -76.41 -75.97
C HIS I 1641 -10.74 -76.19 -74.94
N ILE I 1642 -10.60 -77.13 -74.00
CA ILE I 1642 -9.52 -77.08 -73.02
C ILE I 1642 -8.26 -77.63 -73.69
N PRO I 1643 -7.21 -76.83 -73.87
CA PRO I 1643 -6.06 -77.32 -74.64
C PRO I 1643 -5.39 -78.56 -74.05
N GLU I 1644 -5.29 -78.66 -72.73
CA GLU I 1644 -4.51 -79.73 -72.12
C GLU I 1644 -5.27 -81.06 -72.03
N GLU I 1645 -6.60 -81.03 -71.93
CA GLU I 1645 -7.39 -82.24 -71.85
C GLU I 1645 -7.94 -82.68 -73.20
N ASN I 1646 -7.67 -81.91 -74.26
CA ASN I 1646 -8.13 -82.27 -75.60
C ASN I 1646 -9.63 -82.55 -75.59
N ARG I 1647 -10.39 -81.71 -74.91
CA ARG I 1647 -11.82 -81.91 -74.70
C ARG I 1647 -12.55 -80.59 -74.90
N CYS I 1648 -13.67 -80.64 -75.62
CA CYS I 1648 -14.44 -79.44 -75.92
C CYS I 1648 -15.85 -79.58 -75.38
N MET I 1649 -16.42 -78.46 -74.94
CA MET I 1649 -17.79 -78.40 -74.45
C MET I 1649 -18.50 -77.22 -75.08
N ASP I 1650 -19.81 -77.32 -75.22
CA ASP I 1650 -20.57 -76.18 -75.69
C ASP I 1650 -20.32 -74.98 -74.79
N ILE I 1651 -20.01 -73.83 -75.41
CA ILE I 1651 -19.65 -72.66 -74.61
C ILE I 1651 -20.78 -72.26 -73.68
N LEU I 1652 -22.02 -72.58 -74.03
CA LEU I 1652 -23.15 -72.21 -73.19
C LEU I 1652 -23.17 -72.96 -71.87
N GLU I 1653 -22.35 -74.01 -71.72
CA GLU I 1653 -22.23 -74.68 -70.43
C GLU I 1653 -21.58 -73.78 -69.38
N LEU I 1654 -20.91 -72.71 -69.82
CA LEU I 1654 -20.32 -71.78 -68.87
C LEU I 1654 -21.35 -71.00 -68.10
N SER I 1655 -22.63 -71.10 -68.45
CA SER I 1655 -23.69 -70.54 -67.63
C SER I 1655 -23.69 -71.21 -66.25
N GLU I 1656 -23.47 -72.52 -66.22
CA GLU I 1656 -23.42 -73.22 -64.94
C GLU I 1656 -21.98 -73.37 -64.45
N ARG I 1657 -21.05 -73.72 -65.34
CA ARG I 1657 -19.65 -73.89 -64.97
C ARG I 1657 -19.05 -72.49 -64.74
N LEU I 1658 -19.25 -71.97 -63.54
CA LEU I 1658 -18.96 -70.58 -63.25
C LEU I 1658 -17.48 -70.25 -63.31
N ASP I 1659 -16.63 -71.06 -62.69
CA ASP I 1659 -15.20 -70.75 -62.64
C ASP I 1659 -14.62 -70.56 -64.04
N LEU I 1660 -14.88 -71.49 -64.95
CA LEU I 1660 -14.44 -71.31 -66.32
C LEU I 1660 -15.06 -70.06 -66.93
N GLN I 1661 -16.28 -69.73 -66.51
CA GLN I 1661 -16.91 -68.51 -67.01
C GLN I 1661 -16.12 -67.28 -66.60
N ARG I 1662 -15.69 -67.23 -65.34
CA ARG I 1662 -14.87 -66.11 -64.90
C ARG I 1662 -13.55 -66.07 -65.67
N PHE I 1663 -12.89 -67.22 -65.80
CA PHE I 1663 -11.61 -67.24 -66.48
C PHE I 1663 -11.75 -66.77 -67.92
N HIS I 1664 -12.80 -67.20 -68.61
CA HIS I 1664 -12.95 -66.81 -70.01
C HIS I 1664 -13.37 -65.35 -70.14
N SER I 1665 -14.25 -64.88 -69.26
CA SER I 1665 -14.64 -63.47 -69.30
C SER I 1665 -13.48 -62.56 -68.98
N HIS I 1666 -12.45 -63.05 -68.29
CA HIS I 1666 -11.22 -62.27 -68.11
C HIS I 1666 -10.22 -62.50 -69.24
N THR I 1667 -10.24 -63.67 -69.87
CA THR I 1667 -9.44 -63.86 -71.07
C THR I 1667 -9.86 -62.89 -72.16
N LEU I 1668 -11.17 -62.66 -72.28
CA LEU I 1668 -11.66 -61.68 -73.25
C LEU I 1668 -11.17 -60.29 -72.90
N SER I 1669 -11.14 -59.96 -71.61
CA SER I 1669 -10.60 -58.66 -71.19
C SER I 1669 -9.13 -58.54 -71.55
N LEU I 1670 -8.37 -59.63 -71.39
CA LEU I 1670 -6.98 -59.60 -71.82
C LEU I 1670 -6.86 -59.41 -73.32
N TYR I 1671 -7.73 -60.08 -74.09
CA TYR I 1671 -7.74 -59.90 -75.53
C TYR I 1671 -7.98 -58.43 -75.88
N ARG I 1672 -8.94 -57.80 -75.21
CA ARG I 1672 -9.19 -56.39 -75.43
C ARG I 1672 -8.01 -55.51 -75.03
N SER I 1673 -7.38 -55.81 -73.91
CA SER I 1673 -6.26 -54.98 -73.44
C SER I 1673 -5.09 -55.05 -74.38
N VAL I 1674 -4.73 -56.25 -74.84
CA VAL I 1674 -3.53 -56.37 -75.66
C VAL I 1674 -3.66 -55.55 -76.93
N CYS I 1675 -4.87 -55.46 -77.49
CA CYS I 1675 -5.12 -54.67 -78.69
C CYS I 1675 -5.64 -53.28 -78.38
N ALA I 1676 -5.72 -52.90 -77.10
CA ALA I 1676 -6.27 -51.61 -76.74
C ALA I 1676 -5.40 -50.48 -77.26
N LEU I 1677 -6.05 -49.34 -77.51
CA LEU I 1677 -5.36 -48.10 -77.86
C LEU I 1677 -4.55 -48.23 -79.14
N GLY I 1678 -5.18 -48.77 -80.18
CA GLY I 1678 -4.63 -48.69 -81.52
C GLY I 1678 -3.55 -49.70 -81.86
N ASN I 1679 -3.44 -50.80 -81.13
CA ASN I 1679 -2.47 -51.84 -81.45
C ASN I 1679 -3.06 -52.71 -82.55
N ASN I 1680 -3.05 -52.16 -83.77
CA ASN I 1680 -3.69 -52.84 -84.90
C ASN I 1680 -2.98 -54.14 -85.24
N ARG I 1681 -1.66 -54.22 -85.08
CA ARG I 1681 -0.97 -55.48 -85.31
C ARG I 1681 -1.49 -56.55 -84.38
N VAL I 1682 -1.65 -56.22 -83.10
CA VAL I 1682 -2.16 -57.17 -82.14
C VAL I 1682 -3.61 -57.52 -82.46
N ALA I 1683 -4.37 -56.55 -82.98
CA ALA I 1683 -5.74 -56.84 -83.40
C ALA I 1683 -5.75 -57.88 -84.52
N HIS I 1684 -4.88 -57.72 -85.51
CA HIS I 1684 -4.78 -58.72 -86.56
C HIS I 1684 -4.40 -60.08 -85.98
N ALA I 1685 -3.46 -60.10 -85.04
CA ALA I 1685 -3.12 -61.35 -84.39
C ALA I 1685 -4.34 -61.98 -83.74
N LEU I 1686 -5.12 -61.18 -83.02
CA LEU I 1686 -6.30 -61.72 -82.34
C LEU I 1686 -7.34 -62.20 -83.32
N CYS I 1687 -7.34 -61.67 -84.54
CA CYS I 1687 -8.33 -62.13 -85.52
C CYS I 1687 -8.21 -63.62 -85.75
N SER I 1688 -7.03 -64.20 -85.52
CA SER I 1688 -6.87 -65.64 -85.66
C SER I 1688 -7.50 -66.39 -84.50
N HIS I 1689 -7.32 -65.88 -83.28
CA HIS I 1689 -7.82 -66.59 -82.11
C HIS I 1689 -9.33 -66.44 -81.96
N VAL I 1690 -9.88 -65.32 -82.42
CA VAL I 1690 -11.32 -65.07 -82.38
C VAL I 1690 -11.73 -64.61 -83.75
N ASP I 1691 -12.39 -65.48 -84.50
CA ASP I 1691 -12.65 -65.22 -85.91
C ASP I 1691 -13.89 -64.35 -86.09
N GLN I 1692 -14.05 -63.83 -87.31
CA GLN I 1692 -15.21 -63.00 -87.62
C GLN I 1692 -16.50 -63.79 -87.44
N ALA I 1693 -16.55 -65.03 -87.92
CA ALA I 1693 -17.73 -65.85 -87.74
C ALA I 1693 -18.03 -66.07 -86.27
N GLN I 1694 -16.98 -66.37 -85.50
CA GLN I 1694 -17.17 -66.52 -84.05
C GLN I 1694 -17.80 -65.28 -83.45
N LEU I 1695 -17.26 -64.10 -83.79
CA LEU I 1695 -17.78 -62.88 -83.19
C LEU I 1695 -19.23 -62.65 -83.58
N LEU I 1696 -19.56 -62.81 -84.85
CA LEU I 1696 -20.93 -62.55 -85.28
C LEU I 1696 -21.90 -63.52 -84.63
N HIS I 1697 -21.54 -64.81 -84.58
CA HIS I 1697 -22.41 -65.78 -83.92
C HIS I 1697 -22.55 -65.46 -82.43
N ALA I 1698 -21.45 -65.07 -81.79
CA ALA I 1698 -21.51 -64.71 -80.38
C ALA I 1698 -22.45 -63.55 -80.14
N LEU I 1699 -22.42 -62.55 -81.02
CA LEU I 1699 -23.41 -61.48 -80.93
C LEU I 1699 -24.81 -62.03 -81.04
N GLU I 1700 -25.09 -62.80 -82.09
CA GLU I 1700 -26.46 -63.19 -82.42
C GLU I 1700 -26.94 -64.37 -81.58
N ASP I 1701 -26.15 -64.82 -80.61
CA ASP I 1701 -26.54 -65.90 -79.70
C ASP I 1701 -27.38 -65.29 -78.57
N ALA I 1702 -28.54 -65.89 -78.32
CA ALA I 1702 -29.47 -65.39 -77.33
C ALA I 1702 -29.38 -66.14 -76.00
N ARG I 1703 -28.51 -67.13 -75.90
CA ARG I 1703 -28.36 -67.92 -74.68
C ARG I 1703 -27.06 -67.66 -73.94
N LEU I 1704 -26.17 -66.86 -74.51
CA LEU I 1704 -24.85 -66.70 -73.94
C LEU I 1704 -24.95 -66.01 -72.58
N PRO I 1705 -24.16 -66.43 -71.59
CA PRO I 1705 -24.20 -65.75 -70.29
C PRO I 1705 -23.82 -64.29 -70.43
N GLY I 1706 -24.44 -63.43 -69.60
CA GLY I 1706 -24.24 -62.01 -69.70
C GLY I 1706 -22.80 -61.56 -69.73
N PRO I 1707 -21.95 -62.04 -68.82
CA PRO I 1707 -20.54 -61.63 -68.87
C PRO I 1707 -19.88 -61.95 -70.19
N LEU I 1708 -20.08 -63.16 -70.72
CA LEU I 1708 -19.46 -63.53 -71.98
C LEU I 1708 -20.05 -62.72 -73.13
N ARG I 1709 -21.35 -62.43 -73.10
CA ARG I 1709 -21.94 -61.63 -74.16
C ARG I 1709 -21.35 -60.23 -74.18
N ALA I 1710 -21.26 -59.60 -73.00
CA ALA I 1710 -20.65 -58.28 -72.94
C ALA I 1710 -19.21 -58.34 -73.39
N GLY I 1711 -18.48 -59.37 -72.95
CA GLY I 1711 -17.09 -59.49 -73.36
C GLY I 1711 -16.93 -59.61 -74.86
N TYR I 1712 -17.80 -60.40 -75.50
CA TYR I 1712 -17.68 -60.59 -76.94
C TYR I 1712 -18.06 -59.34 -77.70
N TYR I 1713 -19.11 -58.65 -77.27
CA TYR I 1713 -19.45 -57.37 -77.91
C TYR I 1713 -18.28 -56.40 -77.81
N ASP I 1714 -17.73 -56.24 -76.61
CA ASP I 1714 -16.62 -55.30 -76.43
C ASP I 1714 -15.40 -55.77 -77.19
N LEU I 1715 -15.22 -57.08 -77.35
CA LEU I 1715 -14.09 -57.59 -78.11
C LEU I 1715 -14.22 -57.26 -79.58
N LEU I 1716 -15.41 -57.44 -80.15
CA LEU I 1716 -15.62 -57.01 -81.52
C LEU I 1716 -15.33 -55.53 -81.67
N ILE I 1717 -15.85 -54.72 -80.75
CA ILE I 1717 -15.63 -53.28 -80.83
C ILE I 1717 -14.14 -52.97 -80.79
N SER I 1718 -13.42 -53.61 -79.87
CA SER I 1718 -12.01 -53.30 -79.69
C SER I 1718 -11.19 -53.74 -80.90
N ILE I 1719 -11.47 -54.94 -81.42
CA ILE I 1719 -10.68 -55.45 -82.53
C ILE I 1719 -10.93 -54.65 -83.79
N HIS I 1720 -12.18 -54.43 -84.15
CA HIS I 1720 -12.52 -53.97 -85.49
C HIS I 1720 -12.87 -52.50 -85.57
N LEU I 1721 -13.44 -51.91 -84.51
CA LEU I 1721 -14.05 -50.60 -84.62
C LEU I 1721 -13.46 -49.56 -83.66
N GLU I 1722 -12.81 -49.97 -82.58
CA GLU I 1722 -12.44 -49.02 -81.55
C GLU I 1722 -11.48 -47.96 -82.05
N SER I 1723 -10.45 -48.35 -82.81
CA SER I 1723 -9.47 -47.36 -83.27
C SER I 1723 -10.08 -46.35 -84.24
N ALA I 1724 -10.87 -46.84 -85.20
CA ALA I 1724 -11.53 -45.94 -86.13
C ALA I 1724 -12.48 -45.01 -85.40
N CYS I 1725 -13.22 -45.55 -84.43
CA CYS I 1725 -14.11 -44.71 -83.64
C CYS I 1725 -13.32 -43.64 -82.90
N ARG I 1726 -12.18 -44.01 -82.33
CA ARG I 1726 -11.36 -43.04 -81.62
C ARG I 1726 -10.92 -41.91 -82.55
N SER I 1727 -10.42 -42.26 -83.72
CA SER I 1727 -9.95 -41.24 -84.65
C SER I 1727 -11.10 -40.33 -85.10
N ARG I 1728 -12.23 -40.91 -85.47
CA ARG I 1728 -13.36 -40.11 -85.90
C ARG I 1728 -13.84 -39.21 -84.78
N ARG I 1729 -13.89 -39.73 -83.54
CA ARG I 1729 -14.27 -38.90 -82.42
C ARG I 1729 -13.31 -37.73 -82.24
N SER I 1730 -12.02 -37.97 -82.38
CA SER I 1730 -11.04 -36.90 -82.28
C SER I 1730 -11.28 -35.81 -83.32
N MET I 1731 -11.54 -36.16 -84.57
CA MET I 1731 -11.80 -35.17 -85.59
C MET I 1731 -13.24 -34.66 -85.60
N LEU I 1732 -14.12 -35.21 -84.77
CA LEU I 1732 -15.53 -34.86 -84.81
C LEU I 1732 -15.84 -33.51 -84.17
N SER I 1733 -14.86 -32.84 -83.58
CA SER I 1733 -15.10 -31.56 -82.92
C SER I 1733 -14.79 -30.36 -83.79
N GLU I 1734 -13.95 -30.51 -84.82
CA GLU I 1734 -13.59 -29.43 -85.72
C GLU I 1734 -14.40 -29.54 -87.00
N TYR I 1735 -14.89 -28.40 -87.49
CA TYR I 1735 -15.73 -28.33 -88.68
C TYR I 1735 -14.98 -27.57 -89.77
N ILE I 1736 -14.48 -28.31 -90.76
CA ILE I 1736 -13.82 -27.72 -91.92
C ILE I 1736 -14.77 -27.92 -93.09
N VAL I 1737 -15.61 -26.93 -93.35
CA VAL I 1737 -16.67 -27.05 -94.33
C VAL I 1737 -16.16 -26.52 -95.67
N PRO I 1738 -16.03 -27.35 -96.70
CA PRO I 1738 -15.61 -26.84 -98.01
C PRO I 1738 -16.77 -26.16 -98.71
N LEU I 1739 -16.44 -25.14 -99.50
CA LEU I 1739 -17.46 -24.34 -100.20
C LEU I 1739 -17.82 -24.98 -101.54
N THR I 1740 -18.46 -26.15 -101.46
CA THR I 1740 -18.88 -26.88 -102.64
C THR I 1740 -20.36 -26.64 -102.91
N PRO I 1741 -20.87 -27.12 -104.05
CA PRO I 1741 -22.31 -26.99 -104.31
C PRO I 1741 -23.16 -27.64 -103.23
N GLU I 1742 -22.71 -28.74 -102.64
CA GLU I 1742 -23.45 -29.35 -101.54
C GLU I 1742 -23.55 -28.39 -100.36
N THR I 1743 -22.44 -27.74 -100.01
CA THR I 1743 -22.49 -26.76 -98.94
C THR I 1743 -23.43 -25.62 -99.29
N ARG I 1744 -23.35 -25.11 -100.52
CA ARG I 1744 -24.29 -24.09 -100.94
C ARG I 1744 -25.74 -24.55 -100.79
N ALA I 1745 -26.02 -25.83 -101.03
CA ALA I 1745 -27.38 -26.34 -100.89
C ALA I 1745 -27.81 -26.49 -99.44
N ILE I 1746 -26.87 -26.77 -98.53
CA ILE I 1746 -27.23 -26.93 -97.13
C ILE I 1746 -28.05 -25.72 -96.66
N THR I 1747 -29.07 -25.98 -95.87
CA THR I 1747 -29.94 -24.94 -95.31
C THR I 1747 -30.35 -25.32 -93.89
N LEU I 1748 -30.62 -24.31 -93.08
CA LEU I 1748 -31.00 -24.57 -91.69
C LEU I 1748 -32.22 -25.48 -91.63
N PHE I 1749 -33.36 -25.00 -92.13
CA PHE I 1749 -34.60 -25.71 -91.96
C PHE I 1749 -34.94 -26.52 -93.21
N PRO I 1750 -35.49 -27.72 -93.06
CA PRO I 1750 -35.76 -28.54 -94.23
C PRO I 1750 -36.72 -27.85 -95.18
N PRO I 1751 -36.53 -28.00 -96.48
CA PRO I 1751 -37.52 -27.43 -97.42
C PRO I 1751 -38.88 -28.08 -97.21
N GLY I 1752 -39.84 -27.26 -96.82
CA GLY I 1752 -41.18 -27.75 -96.51
C GLY I 1752 -42.24 -26.93 -97.22
N ARG I 1753 -43.37 -27.58 -97.47
CA ARG I 1753 -44.45 -26.94 -98.23
C ARG I 1753 -44.96 -25.68 -97.52
N SER I 1754 -45.14 -25.73 -96.21
CA SER I 1754 -45.59 -24.54 -95.49
C SER I 1754 -44.51 -23.48 -95.46
N ALA I 1755 -43.27 -23.88 -95.24
CA ALA I 1755 -42.15 -22.94 -95.21
C ALA I 1755 -40.87 -23.68 -95.54
N GLU I 1756 -40.13 -23.19 -96.53
CA GLU I 1756 -38.83 -23.78 -96.85
C GLU I 1756 -37.79 -23.41 -95.79
N ASP I 1757 -37.91 -22.23 -95.19
CA ASP I 1757 -37.04 -21.80 -94.10
C ASP I 1757 -37.90 -21.20 -93.00
N GLY I 1758 -37.58 -21.56 -91.77
CA GLY I 1758 -38.29 -21.07 -90.61
C GLY I 1758 -39.54 -21.82 -90.17
N PRO I 1759 -39.82 -23.01 -90.72
CA PRO I 1759 -40.95 -23.78 -90.18
C PRO I 1759 -40.66 -24.24 -88.77
N ARG I 1760 -41.72 -24.38 -87.98
CA ARG I 1760 -41.56 -24.77 -86.58
C ARG I 1760 -40.98 -26.16 -86.43
N ARG I 1761 -40.97 -26.96 -87.50
CA ARG I 1761 -40.46 -28.32 -87.43
C ARG I 1761 -39.03 -28.38 -87.94
N HIS I 1762 -38.13 -28.89 -87.11
CA HIS I 1762 -36.76 -29.14 -87.53
C HIS I 1762 -36.71 -30.31 -88.49
N GLY I 1763 -35.58 -30.44 -89.17
CA GLY I 1763 -35.29 -31.67 -89.88
C GLY I 1763 -34.87 -32.77 -88.94
N LEU I 1764 -34.96 -34.01 -89.42
CA LEU I 1764 -34.58 -35.12 -88.57
C LEU I 1764 -33.09 -35.01 -88.23
N PRO I 1765 -32.72 -35.07 -86.94
CA PRO I 1765 -31.33 -34.83 -86.57
C PRO I 1765 -30.41 -35.88 -87.15
N GLY I 1766 -29.26 -35.43 -87.65
CA GLY I 1766 -28.26 -36.32 -88.19
C GLY I 1766 -28.59 -36.91 -89.53
N VAL I 1767 -29.75 -36.57 -90.10
CA VAL I 1767 -30.16 -37.07 -91.41
C VAL I 1767 -30.08 -35.92 -92.39
N GLY I 1768 -29.25 -36.08 -93.41
CA GLY I 1768 -29.06 -35.03 -94.38
C GLY I 1768 -27.65 -35.07 -94.94
N VAL I 1769 -27.26 -33.97 -95.57
CA VAL I 1769 -25.95 -33.83 -96.20
C VAL I 1769 -25.07 -33.02 -95.27
N THR I 1770 -23.91 -33.58 -94.94
CA THR I 1770 -22.91 -32.90 -94.11
C THR I 1770 -21.59 -32.90 -94.86
N THR I 1771 -21.12 -31.72 -95.23
CA THR I 1771 -19.91 -31.58 -96.03
C THR I 1771 -18.66 -31.38 -95.18
N SER I 1772 -18.78 -31.33 -93.86
CA SER I 1772 -17.61 -31.15 -93.02
C SER I 1772 -16.62 -32.28 -93.28
N LEU I 1773 -15.33 -31.92 -93.30
CA LEU I 1773 -14.31 -32.89 -93.67
C LEU I 1773 -13.98 -33.82 -92.51
N ARG I 1774 -14.01 -35.11 -92.79
CA ARG I 1774 -13.54 -36.14 -91.87
C ARG I 1774 -12.80 -37.17 -92.70
N PRO I 1775 -11.59 -37.57 -92.29
CA PRO I 1775 -10.83 -38.53 -93.10
C PRO I 1775 -11.56 -39.85 -93.20
N PRO I 1776 -11.46 -40.54 -94.34
CA PRO I 1776 -12.16 -41.82 -94.47
C PRO I 1776 -11.56 -42.87 -93.56
N HIS I 1777 -12.29 -43.98 -93.41
CA HIS I 1777 -11.81 -45.09 -92.61
C HIS I 1777 -10.94 -46.01 -93.46
N HIS I 1778 -9.81 -46.44 -92.91
CA HIS I 1778 -8.89 -47.34 -93.58
C HIS I 1778 -8.86 -48.67 -92.84
N PHE I 1779 -9.10 -49.76 -93.55
CA PHE I 1779 -9.10 -51.10 -93.00
C PHE I 1779 -8.31 -52.01 -93.92
N SER I 1780 -7.85 -53.13 -93.36
CA SER I 1780 -7.09 -54.12 -94.11
C SER I 1780 -7.67 -55.51 -93.85
N PRO I 1781 -7.82 -56.36 -94.88
CA PRO I 1781 -8.38 -57.68 -94.64
C PRO I 1781 -7.53 -58.50 -93.69
N PRO I 1782 -8.15 -59.30 -92.81
CA PRO I 1782 -7.34 -60.19 -91.95
C PRO I 1782 -6.91 -61.45 -92.67
N CYS I 1783 -5.80 -61.39 -93.41
CA CYS I 1783 -5.28 -62.53 -94.14
C CYS I 1783 -3.93 -62.93 -93.55
N PHE I 1784 -3.77 -64.22 -93.25
CA PHE I 1784 -2.57 -64.71 -92.59
C PHE I 1784 -1.73 -65.62 -93.47
N VAL I 1785 -2.07 -65.74 -94.76
CA VAL I 1785 -1.24 -66.49 -95.69
C VAL I 1785 -0.40 -65.58 -96.57
N VAL I 1786 -0.47 -64.27 -96.36
CA VAL I 1786 0.35 -63.35 -97.14
C VAL I 1786 1.80 -63.39 -96.65
N ALA I 1787 2.72 -63.10 -97.56
CA ALA I 1787 4.13 -63.09 -97.21
C ALA I 1787 4.46 -61.81 -96.44
N LEU I 1788 5.14 -61.97 -95.32
CA LEU I 1788 5.55 -60.81 -94.55
C LEU I 1788 6.60 -60.01 -95.31
N PRO I 1789 6.56 -58.68 -95.25
CA PRO I 1789 7.59 -57.88 -95.92
C PRO I 1789 8.96 -58.18 -95.34
N ALA I 1790 9.90 -58.55 -96.22
CA ALA I 1790 11.24 -58.88 -95.78
C ALA I 1790 12.05 -57.67 -95.36
N ALA I 1791 11.57 -56.46 -95.60
CA ALA I 1791 12.31 -55.27 -95.23
C ALA I 1791 12.44 -55.16 -93.71
N GLY I 1792 13.40 -54.37 -93.27
CA GLY I 1792 13.64 -54.16 -91.85
C GLY I 1792 12.39 -53.82 -91.07
N ALA I 1793 12.39 -54.16 -89.78
CA ALA I 1793 11.20 -53.93 -88.97
C ALA I 1793 10.91 -52.44 -88.84
N THR I 1794 9.62 -52.12 -88.71
CA THR I 1794 9.05 -50.79 -88.58
C THR I 1794 9.02 -50.04 -89.91
N GLU I 1795 9.57 -50.60 -90.99
CA GLU I 1795 9.55 -49.90 -92.27
C GLU I 1795 8.12 -49.74 -92.77
N ALA I 1796 7.36 -50.82 -92.77
CA ALA I 1796 5.99 -50.75 -93.28
C ALA I 1796 5.15 -49.86 -92.37
N PRO I 1797 4.17 -49.14 -92.90
CA PRO I 1797 3.30 -48.34 -92.03
C PRO I 1797 2.55 -49.24 -91.06
N ALA I 1798 2.27 -48.68 -89.88
CA ALA I 1798 1.53 -49.42 -88.87
C ALA I 1798 0.27 -50.02 -89.48
N ARG I 1799 0.08 -51.31 -89.27
CA ARG I 1799 -1.01 -52.01 -89.94
C ARG I 1799 -2.34 -51.35 -89.61
N LEU I 1800 -3.21 -51.29 -90.62
CA LEU I 1800 -4.55 -50.79 -90.42
C LEU I 1800 -5.36 -51.81 -89.63
N SER I 1801 -6.35 -51.31 -88.89
CA SER I 1801 -7.17 -52.19 -88.08
C SER I 1801 -7.88 -53.20 -88.98
N PRO I 1802 -8.11 -54.42 -88.49
CA PRO I 1802 -8.66 -55.47 -89.36
C PRO I 1802 -10.03 -55.08 -89.88
N ALA I 1803 -10.34 -55.54 -91.09
CA ALA I 1803 -11.57 -55.19 -91.76
C ALA I 1803 -12.65 -56.21 -91.42
N ILE I 1804 -13.87 -55.72 -91.15
CA ILE I 1804 -15.02 -56.58 -90.95
C ILE I 1804 -16.15 -56.04 -91.81
N PRO I 1805 -16.89 -56.88 -92.54
CA PRO I 1805 -17.94 -56.35 -93.43
C PRO I 1805 -18.93 -55.50 -92.65
N LEU I 1806 -18.91 -54.20 -92.95
CA LEU I 1806 -19.69 -53.23 -92.18
C LEU I 1806 -21.17 -53.22 -92.53
N GLU I 1807 -21.55 -53.60 -93.74
CA GLU I 1807 -22.98 -53.62 -94.07
C GLU I 1807 -23.72 -54.69 -93.27
N ALA I 1808 -23.18 -55.91 -93.24
CA ALA I 1808 -23.78 -56.96 -92.44
C ALA I 1808 -23.80 -56.58 -90.97
N LEU I 1809 -22.71 -55.99 -90.48
CA LEU I 1809 -22.67 -55.55 -89.08
C LEU I 1809 -23.75 -54.51 -88.80
N ARG I 1810 -23.91 -53.55 -89.72
CA ARG I 1810 -24.95 -52.54 -89.57
C ARG I 1810 -26.32 -53.20 -89.45
N ASP I 1811 -26.65 -54.07 -90.40
CA ASP I 1811 -27.96 -54.70 -90.39
C ASP I 1811 -28.17 -55.53 -89.13
N LYS I 1812 -27.13 -56.26 -88.72
CA LYS I 1812 -27.25 -57.10 -87.54
C LYS I 1812 -27.50 -56.24 -86.30
N ALA I 1813 -26.77 -55.14 -86.16
CA ALA I 1813 -26.97 -54.26 -85.02
C ALA I 1813 -28.39 -53.70 -85.00
N LEU I 1814 -28.89 -53.25 -86.16
CA LEU I 1814 -30.23 -52.70 -86.19
C LEU I 1814 -31.26 -53.76 -85.83
N ARG I 1815 -31.12 -54.97 -86.38
CA ARG I 1815 -32.05 -56.04 -86.06
C ARG I 1815 -32.02 -56.33 -84.57
N MET I 1816 -30.83 -56.35 -83.98
CA MET I 1816 -30.70 -56.63 -82.56
C MET I 1816 -31.39 -55.56 -81.73
N LEU I 1817 -31.21 -54.29 -82.11
CA LEU I 1817 -31.83 -53.22 -81.34
C LEU I 1817 -33.34 -53.33 -81.41
N GLY I 1818 -33.87 -53.63 -82.59
CA GLY I 1818 -35.31 -53.85 -82.69
C GLY I 1818 -35.79 -54.99 -81.83
N GLU I 1819 -35.08 -56.12 -81.87
CA GLU I 1819 -35.49 -57.26 -81.07
C GLU I 1819 -35.48 -56.93 -79.58
N ALA I 1820 -34.42 -56.26 -79.13
CA ALA I 1820 -34.35 -55.89 -77.71
C ALA I 1820 -35.44 -54.90 -77.34
N VAL I 1821 -35.75 -53.96 -78.23
CA VAL I 1821 -36.82 -53.01 -77.97
C VAL I 1821 -38.15 -53.73 -77.78
N ARG I 1822 -38.43 -54.70 -78.65
CA ARG I 1822 -39.67 -55.45 -78.49
C ARG I 1822 -39.67 -56.30 -77.23
N ASP I 1823 -38.55 -56.98 -76.94
CA ASP I 1823 -38.49 -57.85 -75.78
C ASP I 1823 -38.65 -57.08 -74.48
N GLY I 1824 -38.04 -55.89 -74.39
CA GLY I 1824 -38.21 -55.08 -73.19
C GLY I 1824 -39.65 -54.75 -72.90
N GLY I 1825 -40.44 -54.45 -73.93
CA GLY I 1825 -41.86 -54.25 -73.74
C GLY I 1825 -42.59 -55.54 -73.43
N GLN I 1826 -42.08 -56.67 -73.91
CA GLN I 1826 -42.70 -57.96 -73.58
C GLN I 1826 -42.65 -58.24 -72.08
N HIS I 1827 -41.54 -57.88 -71.43
CA HIS I 1827 -41.35 -58.12 -69.99
C HIS I 1827 -41.10 -59.59 -69.71
N ALA I 1828 -40.40 -60.27 -70.62
CA ALA I 1828 -40.13 -61.69 -70.45
C ALA I 1828 -39.31 -61.92 -69.19
N ARG I 1829 -39.58 -63.05 -68.52
CA ARG I 1829 -38.89 -63.34 -67.27
C ARG I 1829 -37.45 -63.79 -67.51
N ASP I 1830 -37.07 -64.00 -68.78
CA ASP I 1830 -35.74 -64.49 -69.10
C ASP I 1830 -35.05 -63.53 -70.07
N PRO I 1831 -34.54 -62.39 -69.59
CA PRO I 1831 -33.87 -61.45 -70.49
C PRO I 1831 -32.61 -62.05 -71.09
N VAL I 1832 -32.30 -61.60 -72.31
CA VAL I 1832 -31.12 -62.10 -72.99
C VAL I 1832 -29.89 -61.74 -72.18
N GLY I 1833 -29.04 -62.73 -71.94
CA GLY I 1833 -27.85 -62.50 -71.16
C GLY I 1833 -28.07 -62.49 -69.66
N GLY I 1834 -29.30 -62.73 -69.20
CA GLY I 1834 -29.58 -62.82 -67.79
C GLY I 1834 -30.05 -61.55 -67.12
N SER I 1835 -30.21 -60.46 -67.88
CA SER I 1835 -30.70 -59.22 -67.29
C SER I 1835 -30.93 -58.19 -68.39
N VAL I 1836 -31.82 -57.25 -68.11
CA VAL I 1836 -32.09 -56.18 -69.07
C VAL I 1836 -30.82 -55.38 -69.31
N GLU I 1837 -30.01 -55.17 -68.27
CA GLU I 1837 -28.75 -54.46 -68.45
C GLU I 1837 -27.86 -55.18 -69.44
N PHE I 1838 -27.65 -56.47 -69.25
CA PHE I 1838 -26.80 -57.24 -70.14
C PHE I 1838 -27.42 -57.43 -71.51
N GLN I 1839 -28.72 -57.17 -71.65
CA GLN I 1839 -29.37 -57.24 -72.95
C GLN I 1839 -29.25 -55.95 -73.74
N PHE I 1840 -29.31 -54.80 -73.07
CA PHE I 1840 -29.36 -53.51 -73.77
C PHE I 1840 -28.02 -52.79 -73.81
N VAL I 1841 -27.15 -52.98 -72.82
CA VAL I 1841 -25.89 -52.25 -72.81
C VAL I 1841 -25.01 -52.62 -74.01
N PRO I 1842 -24.75 -53.90 -74.31
CA PRO I 1842 -23.84 -54.20 -75.42
C PRO I 1842 -24.37 -53.75 -76.76
N VAL I 1843 -25.66 -53.98 -77.04
CA VAL I 1843 -26.22 -53.56 -78.31
C VAL I 1843 -26.12 -52.05 -78.47
N LEU I 1844 -26.42 -51.32 -77.40
CA LEU I 1844 -26.33 -49.87 -77.46
C LEU I 1844 -24.90 -49.41 -77.67
N LYS I 1845 -23.94 -50.09 -77.03
CA LYS I 1845 -22.53 -49.75 -77.28
C LYS I 1845 -22.19 -49.93 -78.74
N LEU I 1846 -22.57 -51.06 -79.33
CA LEU I 1846 -22.30 -51.31 -80.73
C LEU I 1846 -22.94 -50.24 -81.61
N VAL I 1847 -24.20 -49.90 -81.34
CA VAL I 1847 -24.90 -48.95 -82.19
C VAL I 1847 -24.28 -47.56 -82.07
N SER I 1848 -23.94 -47.15 -80.85
CA SER I 1848 -23.30 -45.85 -80.67
C SER I 1848 -21.96 -45.80 -81.40
N THR I 1849 -21.17 -46.88 -81.29
CA THR I 1849 -19.89 -46.90 -81.98
C THR I 1849 -20.08 -46.79 -83.48
N LEU I 1850 -21.04 -47.54 -84.04
CA LEU I 1850 -21.25 -47.50 -85.48
C LEU I 1850 -21.72 -46.12 -85.91
N LEU I 1851 -22.63 -45.50 -85.16
CA LEU I 1851 -23.05 -44.14 -85.49
C LEU I 1851 -21.86 -43.20 -85.50
N VAL I 1852 -21.09 -43.17 -84.41
CA VAL I 1852 -19.97 -42.24 -84.32
C VAL I 1852 -19.02 -42.45 -85.49
N MET I 1853 -18.77 -43.71 -85.85
CA MET I 1853 -17.99 -43.97 -87.06
C MET I 1853 -18.68 -43.41 -88.29
N GLY I 1854 -20.00 -43.32 -88.27
CA GLY I 1854 -20.76 -42.78 -89.37
C GLY I 1854 -21.09 -43.76 -90.47
N VAL I 1855 -20.95 -45.06 -90.22
CA VAL I 1855 -21.26 -46.05 -91.25
C VAL I 1855 -22.75 -46.05 -91.56
N PHE I 1856 -23.60 -45.80 -90.56
CA PHE I 1856 -25.03 -45.88 -90.74
C PHE I 1856 -25.49 -44.93 -91.84
N SER I 1857 -26.33 -45.45 -92.75
CA SER I 1857 -26.91 -44.62 -93.78
C SER I 1857 -28.08 -43.82 -93.23
N ASP I 1858 -28.65 -42.97 -94.09
CA ASP I 1858 -29.76 -42.13 -93.65
C ASP I 1858 -30.97 -42.97 -93.24
N GLU I 1859 -31.27 -44.02 -94.00
CA GLU I 1859 -32.38 -44.88 -93.64
C GLU I 1859 -32.15 -45.52 -92.27
N ASP I 1860 -30.93 -45.97 -92.01
CA ASP I 1860 -30.62 -46.59 -90.72
C ASP I 1860 -30.72 -45.57 -89.59
N VAL I 1861 -30.29 -44.33 -89.84
CA VAL I 1861 -30.43 -43.30 -88.81
C VAL I 1861 -31.90 -43.06 -88.52
N LYS I 1862 -32.74 -43.07 -89.56
CA LYS I 1862 -34.17 -42.94 -89.34
C LYS I 1862 -34.70 -44.09 -88.50
N GLN I 1863 -34.27 -45.32 -88.78
CA GLN I 1863 -34.70 -46.45 -87.96
C GLN I 1863 -34.28 -46.28 -86.51
N ILE I 1864 -33.04 -45.84 -86.28
CA ILE I 1864 -32.57 -45.65 -84.92
C ILE I 1864 -33.40 -44.58 -84.22
N LEU I 1865 -33.73 -43.51 -84.93
CA LEU I 1865 -34.56 -42.48 -84.32
C LEU I 1865 -35.94 -43.03 -83.97
N LYS I 1866 -36.53 -43.83 -84.86
CA LYS I 1866 -37.81 -44.45 -84.53
C LYS I 1866 -37.70 -45.30 -83.28
N MET I 1867 -36.64 -46.09 -83.17
CA MET I 1867 -36.47 -46.92 -81.99
C MET I 1867 -36.33 -46.08 -80.73
N ILE I 1868 -35.55 -45.00 -80.79
CA ILE I 1868 -35.35 -44.16 -79.62
C ILE I 1868 -36.66 -43.54 -79.18
N GLU I 1869 -37.39 -42.94 -80.12
CA GLU I 1869 -38.67 -42.34 -79.80
C GLU I 1869 -39.57 -42.31 -81.03
N PRO I 1870 -40.59 -43.16 -81.11
CA PRO I 1870 -41.40 -43.19 -82.34
C PRO I 1870 -42.14 -41.90 -82.61
N GLU I 1871 -42.76 -41.31 -81.58
CA GLU I 1871 -43.66 -40.18 -81.80
C GLU I 1871 -42.89 -38.96 -82.30
N VAL I 1872 -41.81 -38.57 -81.61
CA VAL I 1872 -41.15 -37.32 -81.90
C VAL I 1872 -40.55 -37.33 -83.30
N PHE I 1873 -39.77 -38.37 -83.61
CA PHE I 1873 -39.12 -38.50 -84.92
C PHE I 1873 -39.98 -39.42 -85.78
N ARG I 1874 -41.02 -38.86 -86.38
CA ARG I 1874 -41.94 -39.62 -87.21
C ARG I 1874 -41.92 -39.05 -88.63
N GLU I 1875 -41.83 -39.95 -89.61
CA GLU I 1875 -41.81 -39.53 -91.00
C GLU I 1875 -43.14 -38.89 -91.37
N GLU I 1876 -43.06 -37.75 -92.07
CA GLU I 1876 -44.26 -37.02 -92.45
C GLU I 1876 -45.07 -37.79 -93.49
N LEU I 1923 -44.57 -48.99 -83.33
CA LEU I 1923 -45.11 -49.30 -82.01
C LEU I 1923 -45.03 -48.07 -81.10
N GLU I 1924 -45.99 -47.95 -80.18
CA GLU I 1924 -46.05 -46.75 -79.34
C GLU I 1924 -44.91 -46.73 -78.33
N GLU I 1925 -44.31 -47.87 -78.05
CA GLU I 1925 -43.29 -47.94 -77.00
C GLU I 1925 -41.93 -47.49 -77.54
N GLY I 1926 -41.18 -46.77 -76.71
CA GLY I 1926 -39.88 -46.27 -77.08
C GLY I 1926 -38.89 -46.41 -75.95
N LEU I 1927 -37.61 -46.49 -76.34
CA LEU I 1927 -36.56 -46.70 -75.36
C LEU I 1927 -36.56 -45.62 -74.30
N LEU I 1928 -36.78 -44.36 -74.71
CA LEU I 1928 -36.65 -43.26 -73.78
C LEU I 1928 -37.67 -43.33 -72.67
N GLN I 1929 -38.84 -43.93 -72.93
CA GLN I 1929 -39.89 -44.07 -71.94
C GLN I 1929 -40.02 -45.50 -71.42
N MET I 1930 -39.13 -46.39 -71.83
CA MET I 1930 -39.23 -47.80 -71.47
C MET I 1930 -38.68 -48.11 -70.08
N LYS I 1931 -38.23 -47.11 -69.32
CA LYS I 1931 -37.86 -47.30 -67.92
C LYS I 1931 -36.72 -48.31 -67.79
N LEU I 1932 -35.56 -47.91 -68.29
CA LEU I 1932 -34.38 -48.74 -68.31
C LEU I 1932 -33.51 -48.51 -67.07
N PRO I 1933 -32.53 -49.39 -66.83
CA PRO I 1933 -31.63 -49.18 -65.68
C PRO I 1933 -30.62 -48.06 -65.92
N GLU I 1934 -29.73 -47.92 -64.94
CA GLU I 1934 -28.77 -46.80 -64.97
C GLU I 1934 -27.80 -46.91 -66.14
N SER I 1935 -27.23 -48.10 -66.34
CA SER I 1935 -26.26 -48.27 -67.41
C SER I 1935 -26.88 -48.04 -68.77
N VAL I 1936 -28.09 -48.58 -68.98
CA VAL I 1936 -28.77 -48.37 -70.25
C VAL I 1936 -29.11 -46.89 -70.41
N LYS I 1937 -29.45 -46.22 -69.31
CA LYS I 1937 -29.68 -44.77 -69.39
C LYS I 1937 -28.41 -44.05 -69.83
N LEU I 1938 -27.26 -44.49 -69.33
CA LEU I 1938 -26.00 -43.87 -69.74
C LEU I 1938 -25.75 -44.07 -71.23
N GLN I 1939 -25.98 -45.28 -71.73
CA GLN I 1939 -25.81 -45.51 -73.17
C GLN I 1939 -26.78 -44.65 -73.97
N MET I 1940 -28.00 -44.52 -73.47
CA MET I 1940 -28.99 -43.68 -74.15
C MET I 1940 -28.53 -42.23 -74.18
N CYS I 1941 -27.93 -41.77 -73.10
CA CYS I 1941 -27.37 -40.42 -73.09
C CYS I 1941 -26.26 -40.29 -74.12
N HIS I 1942 -25.47 -41.34 -74.30
CA HIS I 1942 -24.45 -41.30 -75.35
C HIS I 1942 -25.08 -41.12 -76.72
N LEU I 1943 -26.14 -41.88 -77.02
CA LEU I 1943 -26.80 -41.71 -78.31
C LEU I 1943 -27.36 -40.29 -78.47
N LEU I 1944 -28.01 -39.79 -77.43
CA LEU I 1944 -28.59 -38.45 -77.51
C LEU I 1944 -27.49 -37.40 -77.68
N GLU I 1945 -26.35 -37.60 -77.04
CA GLU I 1945 -25.23 -36.69 -77.23
C GLU I 1945 -24.78 -36.70 -78.68
N TYR I 1946 -24.72 -37.89 -79.30
CA TYR I 1946 -24.33 -37.93 -80.70
C TYR I 1946 -25.32 -37.16 -81.56
N PHE I 1947 -26.61 -37.33 -81.30
CA PHE I 1947 -27.60 -36.65 -82.14
C PHE I 1947 -27.55 -35.13 -81.93
N CYS I 1948 -27.32 -34.69 -80.70
CA CYS I 1948 -27.17 -33.25 -80.46
C CYS I 1948 -25.92 -32.72 -81.15
N ASP I 1949 -24.85 -33.50 -81.17
CA ASP I 1949 -23.65 -33.08 -81.90
C ASP I 1949 -23.93 -32.95 -83.39
N GLN I 1950 -24.69 -33.89 -83.96
CA GLN I 1950 -25.07 -33.76 -85.36
C GLN I 1950 -25.93 -32.52 -85.58
N GLU I 1951 -26.84 -32.21 -84.67
CA GLU I 1951 -27.60 -30.98 -84.80
C GLU I 1951 -26.69 -29.76 -84.82
N LEU I 1952 -25.71 -29.72 -83.92
CA LEU I 1952 -24.78 -28.59 -83.89
C LEU I 1952 -23.98 -28.51 -85.17
N GLN I 1953 -23.54 -29.65 -85.70
CA GLN I 1953 -22.82 -29.65 -86.96
C GLN I 1953 -23.69 -29.10 -88.08
N HIS I 1954 -24.97 -29.47 -88.09
CA HIS I 1954 -25.87 -28.94 -89.09
C HIS I 1954 -25.98 -27.42 -88.97
N ARG I 1955 -26.09 -26.92 -87.74
CA ARG I 1955 -26.17 -25.47 -87.56
C ARG I 1955 -24.92 -24.79 -88.10
N VAL I 1956 -23.75 -25.32 -87.76
CA VAL I 1956 -22.51 -24.68 -88.18
C VAL I 1956 -22.37 -24.72 -89.69
N GLU I 1957 -22.68 -25.86 -90.32
CA GLU I 1957 -22.57 -25.95 -91.78
C GLU I 1957 -23.56 -25.01 -92.46
N SER I 1958 -24.78 -24.92 -91.95
CA SER I 1958 -25.74 -24.01 -92.55
C SER I 1958 -25.27 -22.57 -92.41
N LEU I 1959 -24.69 -22.23 -91.26
CA LEU I 1959 -24.13 -20.89 -91.09
C LEU I 1959 -23.02 -20.64 -92.11
N ALA I 1960 -22.16 -21.63 -92.32
CA ALA I 1960 -21.10 -21.46 -93.31
C ALA I 1960 -21.65 -21.26 -94.72
N ALA I 1961 -22.67 -22.01 -95.11
CA ALA I 1961 -23.27 -21.83 -96.43
C ALA I 1961 -23.92 -20.47 -96.58
N PHE I 1962 -24.65 -20.03 -95.55
CA PHE I 1962 -25.21 -18.69 -95.60
C PHE I 1962 -24.12 -17.64 -95.71
N ALA I 1963 -23.00 -17.86 -95.02
CA ALA I 1963 -21.86 -16.96 -95.16
C ALA I 1963 -21.35 -16.95 -96.59
N GLU I 1964 -21.27 -18.13 -97.21
CA GLU I 1964 -20.82 -18.19 -98.60
C GLU I 1964 -21.71 -17.34 -99.48
N CYS I 1965 -23.01 -17.40 -99.28
CA CYS I 1965 -23.91 -16.57 -100.09
C CYS I 1965 -23.76 -15.08 -99.76
N TYR I 1966 -23.79 -14.74 -98.47
CA TYR I 1966 -23.90 -13.34 -98.08
C TYR I 1966 -22.62 -12.58 -98.34
N VAL I 1967 -21.47 -13.22 -98.15
CA VAL I 1967 -20.20 -12.55 -98.42
C VAL I 1967 -20.06 -12.26 -99.91
N ASP I 1968 -20.50 -13.20 -100.75
CA ASP I 1968 -20.50 -12.92 -102.18
C ASP I 1968 -21.41 -11.76 -102.52
N LYS I 1969 -22.60 -11.72 -101.93
CA LYS I 1969 -23.50 -10.59 -102.17
C LYS I 1969 -22.87 -9.28 -101.74
N MET I 1970 -22.24 -9.26 -100.56
CA MET I 1970 -21.61 -8.05 -100.06
C MET I 1970 -20.47 -7.61 -100.97
N GLN I 1971 -19.65 -8.56 -101.43
CA GLN I 1971 -18.54 -8.20 -102.30
C GLN I 1971 -19.04 -7.64 -103.63
N GLY I 1972 -20.06 -8.26 -104.21
CA GLY I 1972 -20.63 -7.72 -105.44
C GLY I 1972 -21.17 -6.30 -105.24
N ASN I 1973 -21.90 -6.10 -104.15
CA ASN I 1973 -22.40 -4.76 -103.86
C ASN I 1973 -21.26 -3.77 -103.69
N GLN I 1974 -20.20 -4.15 -102.98
CA GLN I 1974 -19.12 -3.21 -102.72
C GLN I 1974 -18.38 -2.88 -104.00
N ARG I 1975 -18.19 -3.86 -104.87
CA ARG I 1975 -17.58 -3.57 -106.17
C ARG I 1975 -18.43 -2.60 -106.96
N GLY I 1976 -19.74 -2.82 -106.99
CA GLY I 1976 -20.62 -1.89 -107.69
C GLY I 1976 -20.56 -0.49 -107.10
N ARG I 1977 -20.57 -0.39 -105.78
CA ARG I 1977 -20.54 0.92 -105.13
C ARG I 1977 -19.23 1.64 -105.38
N TYR I 1978 -18.11 0.91 -105.33
CA TYR I 1978 -16.83 1.52 -105.63
C TYR I 1978 -16.78 2.00 -107.07
N GLY I 1979 -17.29 1.21 -108.00
CA GLY I 1979 -17.39 1.67 -109.37
C GLY I 1979 -18.20 2.95 -109.47
N LEU I 1980 -19.34 3.00 -108.78
CA LEU I 1980 -20.15 4.22 -108.75
C LEU I 1980 -19.36 5.41 -108.25
N LEU I 1981 -18.70 5.26 -107.10
CA LEU I 1981 -18.00 6.39 -106.49
C LEU I 1981 -16.87 6.87 -107.38
N MET I 1982 -16.07 5.95 -107.93
CA MET I 1982 -14.98 6.35 -108.80
C MET I 1982 -15.49 7.00 -110.07
N LYS I 1983 -16.56 6.45 -110.66
CA LYS I 1983 -17.11 7.03 -111.87
C LYS I 1983 -17.60 8.45 -111.63
N ALA I 1984 -18.26 8.68 -110.50
CA ALA I 1984 -18.75 10.01 -110.18
C ALA I 1984 -17.58 11.00 -110.18
N PHE I 1985 -17.81 12.16 -110.79
CA PHE I 1985 -16.76 13.18 -110.84
C PHE I 1985 -16.35 13.60 -109.44
N THR I 1986 -17.30 13.68 -108.51
CA THR I 1986 -17.02 13.98 -107.12
C THR I 1986 -16.11 15.20 -106.97
N MET I 1987 -16.65 16.35 -107.39
CA MET I 1987 -15.88 17.59 -107.30
C MET I 1987 -15.39 17.83 -105.87
N SER I 1988 -16.16 17.39 -104.88
CA SER I 1988 -15.77 17.53 -103.49
C SER I 1988 -14.79 16.42 -103.12
N ALA I 1989 -13.52 16.78 -102.93
CA ALA I 1989 -12.52 15.79 -102.54
C ALA I 1989 -12.82 15.22 -101.16
N ALA I 1990 -13.27 16.07 -100.23
CA ALA I 1990 -13.54 15.61 -98.87
C ALA I 1990 -14.66 14.58 -98.85
N GLU I 1991 -15.71 14.80 -99.63
CA GLU I 1991 -16.82 13.83 -99.65
C GLU I 1991 -16.37 12.49 -100.20
N THR I 1992 -15.71 12.49 -101.37
CA THR I 1992 -15.18 11.26 -101.90
C THR I 1992 -14.11 10.69 -100.96
N ALA I 1993 -13.42 11.56 -100.23
CA ALA I 1993 -12.42 11.08 -99.27
C ALA I 1993 -13.08 10.26 -98.17
N ARG I 1994 -14.15 10.78 -97.58
CA ARG I 1994 -14.83 10.02 -96.53
C ARG I 1994 -15.48 8.77 -97.11
N ARG I 1995 -15.94 8.84 -98.36
CA ARG I 1995 -16.48 7.65 -99.00
C ARG I 1995 -15.42 6.58 -99.17
N THR I 1996 -14.20 6.98 -99.55
CA THR I 1996 -13.10 6.05 -99.77
C THR I 1996 -12.40 5.63 -98.50
N ARG I 1997 -12.69 6.29 -97.37
CA ARG I 1997 -12.15 5.82 -96.09
C ARG I 1997 -12.48 4.35 -95.88
N GLU I 1998 -13.71 3.95 -96.23
CA GLU I 1998 -14.10 2.55 -96.08
C GLU I 1998 -13.16 1.64 -96.84
N PHE I 1999 -12.94 1.91 -98.12
CA PHE I 1999 -12.06 1.06 -98.91
C PHE I 1999 -10.63 1.14 -98.42
N ARG I 2000 -10.27 2.24 -97.76
CA ARG I 2000 -8.93 2.35 -97.18
C ARG I 2000 -8.79 1.46 -95.96
N SER I 2001 -9.89 1.21 -95.25
CA SER I 2001 -9.85 0.38 -94.06
C SER I 2001 -9.47 -1.06 -94.44
N PRO I 2002 -8.83 -1.80 -93.52
CA PRO I 2002 -8.49 -3.20 -93.82
C PRO I 2002 -9.73 -4.03 -94.07
N PRO I 2003 -9.58 -5.23 -94.64
CA PRO I 2003 -10.77 -6.02 -95.00
C PRO I 2003 -11.61 -6.45 -93.81
N GLN I 2004 -10.98 -6.84 -92.69
CA GLN I 2004 -11.76 -7.26 -91.54
C GLN I 2004 -12.61 -6.11 -91.02
N GLU I 2005 -12.03 -4.91 -90.92
CA GLU I 2005 -12.80 -3.75 -90.51
C GLU I 2005 -13.85 -3.37 -91.52
N GLN I 2006 -13.58 -3.54 -92.82
CA GLN I 2006 -14.64 -3.34 -93.81
C GLN I 2006 -15.81 -4.26 -93.53
N ILE I 2007 -15.54 -5.53 -93.24
CA ILE I 2007 -16.61 -6.48 -92.94
C ILE I 2007 -17.36 -6.04 -91.68
N ASN I 2008 -16.63 -5.68 -90.63
CA ASN I 2008 -17.28 -5.28 -89.39
C ASN I 2008 -18.19 -4.09 -89.60
N MET I 2009 -17.68 -3.06 -90.27
CA MET I 2009 -18.46 -1.85 -90.51
C MET I 2009 -19.66 -2.14 -91.40
N LEU I 2010 -19.49 -3.03 -92.38
CA LEU I 2010 -20.60 -3.37 -93.25
C LEU I 2010 -21.70 -4.12 -92.49
N LEU I 2011 -21.32 -5.01 -91.58
CA LEU I 2011 -22.28 -5.82 -90.85
C LEU I 2011 -22.88 -5.09 -89.65
N HIS I 2012 -22.28 -3.99 -89.20
CA HIS I 2012 -22.75 -3.30 -88.01
C HIS I 2012 -24.05 -2.54 -88.28
N PHE I 2013 -25.13 -3.30 -88.47
CA PHE I 2013 -26.46 -2.71 -88.67
C PHE I 2013 -27.54 -3.52 -87.96
N LYS I 2014 -27.17 -4.26 -86.91
CA LYS I 2014 -28.17 -5.06 -86.21
C LYS I 2014 -29.26 -4.18 -85.61
N ASN I 2015 -28.88 -3.11 -84.92
CA ASN I 2015 -29.84 -2.24 -84.26
C ASN I 2015 -30.41 -1.17 -85.17
N GLY I 2016 -29.97 -1.12 -86.43
CA GLY I 2016 -30.46 -0.13 -87.36
C GLY I 2016 -29.49 1.03 -87.54
N ALA I 2017 -28.93 1.14 -88.73
CA ALA I 2017 -28.01 2.21 -89.07
C ALA I 2017 -28.37 2.79 -90.43
N ASP I 2018 -28.12 4.10 -90.58
CA ASP I 2018 -28.49 4.78 -91.80
C ASP I 2018 -27.55 4.39 -92.94
N GLU I 2019 -27.85 4.89 -94.14
CA GLU I 2019 -27.05 4.56 -95.31
C GLU I 2019 -25.61 5.03 -95.14
N GLU I 2020 -25.41 6.23 -94.59
CA GLU I 2020 -24.07 6.75 -94.40
C GLU I 2020 -23.27 5.85 -93.45
N GLU I 2021 -23.88 5.44 -92.35
CA GLU I 2021 -23.16 4.67 -91.34
C GLU I 2021 -22.87 3.26 -91.85
N CYS I 2022 -23.85 2.64 -92.51
CA CYS I 2022 -23.68 1.31 -93.09
C CYS I 2022 -24.08 1.34 -94.56
N PRO I 2023 -23.14 1.50 -95.49
CA PRO I 2023 -23.50 1.54 -96.93
C PRO I 2023 -23.94 0.19 -97.46
N LEU I 2024 -25.07 -0.31 -96.95
CA LEU I 2024 -25.57 -1.61 -97.32
C LEU I 2024 -27.06 -1.49 -97.66
N PRO I 2025 -27.51 -2.03 -98.80
CA PRO I 2025 -28.92 -1.85 -99.17
C PRO I 2025 -29.85 -2.58 -98.23
N GLU I 2026 -31.07 -2.05 -98.11
CA GLU I 2026 -32.04 -2.61 -97.19
C GLU I 2026 -32.41 -4.04 -97.58
N GLU I 2027 -32.57 -4.30 -98.87
CA GLU I 2027 -32.90 -5.65 -99.30
C GLU I 2027 -31.81 -6.64 -98.94
N ILE I 2028 -30.55 -6.23 -99.03
CA ILE I 2028 -29.45 -7.09 -98.63
C ILE I 2028 -29.47 -7.30 -97.12
N ARG I 2029 -29.70 -6.22 -96.37
CA ARG I 2029 -29.80 -6.33 -94.92
C ARG I 2029 -30.87 -7.34 -94.53
N GLN I 2030 -31.97 -7.36 -95.28
CA GLN I 2030 -33.09 -8.21 -94.91
C GLN I 2030 -32.72 -9.68 -94.97
N GLU I 2031 -31.83 -10.06 -95.89
CA GLU I 2031 -31.38 -11.44 -95.92
C GLU I 2031 -30.73 -11.84 -94.61
N LEU I 2032 -29.81 -11.01 -94.11
CA LEU I 2032 -29.17 -11.31 -92.85
C LEU I 2032 -30.16 -11.30 -91.70
N VAL I 2033 -31.11 -10.36 -91.71
CA VAL I 2033 -32.10 -10.32 -90.63
C VAL I 2033 -32.91 -11.61 -90.61
N ASN I 2034 -33.39 -12.05 -91.78
CA ASN I 2034 -34.18 -13.27 -91.85
C ASN I 2034 -33.35 -14.47 -91.42
N PHE I 2035 -32.09 -14.53 -91.86
CA PHE I 2035 -31.26 -15.66 -91.48
C PHE I 2035 -30.99 -15.68 -89.99
N HIS I 2036 -30.81 -14.50 -89.38
CA HIS I 2036 -30.63 -14.44 -87.94
C HIS I 2036 -31.87 -14.95 -87.22
N GLN I 2037 -33.06 -14.56 -87.71
CA GLN I 2037 -34.28 -15.07 -87.12
C GLN I 2037 -34.35 -16.58 -87.24
N ASP I 2038 -33.99 -17.12 -88.40
CA ASP I 2038 -34.04 -18.56 -88.60
C ASP I 2038 -33.05 -19.27 -87.68
N LEU I 2039 -31.85 -18.71 -87.53
CA LEU I 2039 -30.85 -19.31 -86.66
C LEU I 2039 -31.32 -19.31 -85.21
N LEU I 2040 -31.91 -18.21 -84.76
CA LEU I 2040 -32.44 -18.17 -83.40
C LEU I 2040 -33.54 -19.21 -83.22
N ALA I 2041 -34.44 -19.32 -84.20
CA ALA I 2041 -35.50 -20.32 -84.10
C ALA I 2041 -34.90 -21.72 -84.03
N HIS I 2042 -33.90 -22.01 -84.86
CA HIS I 2042 -33.27 -23.32 -84.83
C HIS I 2042 -32.63 -23.59 -83.48
N CYS I 2043 -31.92 -22.61 -82.93
CA CYS I 2043 -31.34 -22.75 -81.61
C CYS I 2043 -32.39 -22.81 -80.51
N GLY I 2044 -33.65 -22.49 -80.82
CA GLY I 2044 -34.70 -22.54 -79.84
C GLY I 2044 -34.83 -21.30 -79.00
N ILE I 2045 -34.03 -20.27 -79.26
CA ILE I 2045 -34.09 -19.06 -78.46
C ILE I 2045 -35.49 -18.47 -78.50
N GLN I 2046 -36.08 -18.40 -79.67
CA GLN I 2046 -37.44 -17.89 -79.79
C GLN I 2046 -38.38 -18.77 -78.96
N LEU I 2047 -39.30 -18.13 -78.25
CA LEU I 2047 -40.26 -18.85 -77.42
C LEU I 2047 -41.62 -18.16 -77.44
N GLU I 2089 -44.80 -28.16 -75.59
CA GLU I 2089 -46.15 -28.66 -75.38
C GLU I 2089 -46.11 -29.90 -74.50
N HIS I 2090 -47.25 -30.58 -74.36
CA HIS I 2090 -47.26 -31.84 -73.61
C HIS I 2090 -46.28 -32.82 -74.22
N LYS I 2091 -46.36 -33.03 -75.52
CA LYS I 2091 -45.39 -33.88 -76.19
C LYS I 2091 -44.28 -33.01 -76.79
N PRO I 2092 -43.04 -33.53 -76.88
CA PRO I 2092 -41.93 -32.66 -77.30
C PRO I 2092 -42.10 -32.05 -78.68
N GLN I 2093 -42.22 -32.87 -79.72
CA GLN I 2093 -42.23 -32.46 -81.12
C GLN I 2093 -40.88 -31.89 -81.57
N SER I 2094 -39.83 -31.98 -80.76
CA SER I 2094 -38.53 -31.44 -81.14
C SER I 2094 -37.45 -32.19 -80.38
N LEU I 2095 -36.25 -32.25 -80.97
CA LEU I 2095 -35.14 -32.90 -80.29
C LEU I 2095 -34.77 -32.15 -79.01
N GLN I 2096 -34.74 -30.81 -79.07
CA GLN I 2096 -34.40 -30.03 -77.90
C GLN I 2096 -35.33 -30.37 -76.73
N GLU I 2097 -36.64 -30.29 -76.98
CA GLU I 2097 -37.61 -30.54 -75.93
C GLU I 2097 -37.62 -31.99 -75.50
N LEU I 2098 -37.43 -32.92 -76.44
CA LEU I 2098 -37.38 -34.33 -76.07
C LEU I 2098 -36.25 -34.57 -75.08
N VAL I 2099 -35.04 -34.09 -75.40
CA VAL I 2099 -33.91 -34.33 -74.52
C VAL I 2099 -34.14 -33.66 -73.17
N SER I 2100 -34.55 -32.39 -73.18
CA SER I 2100 -34.75 -31.69 -71.91
C SER I 2100 -35.78 -32.39 -71.04
N HIS I 2101 -36.94 -32.70 -71.62
CA HIS I 2101 -38.01 -33.31 -70.86
C HIS I 2101 -37.61 -34.69 -70.37
N THR I 2102 -36.91 -35.49 -71.18
CA THR I 2102 -36.51 -36.81 -70.74
C THR I 2102 -35.52 -36.74 -69.59
N VAL I 2103 -34.52 -35.85 -69.68
CA VAL I 2103 -33.55 -35.73 -68.60
C VAL I 2103 -34.24 -35.32 -67.31
N VAL I 2104 -35.11 -34.31 -67.40
CA VAL I 2104 -35.81 -33.85 -66.20
C VAL I 2104 -36.68 -34.96 -65.65
N ARG I 2105 -37.32 -35.73 -66.52
CA ARG I 2105 -38.19 -36.81 -66.06
C ARG I 2105 -37.39 -37.88 -65.32
N TRP I 2106 -36.23 -38.26 -65.85
CA TRP I 2106 -35.40 -39.22 -65.14
C TRP I 2106 -34.98 -38.69 -63.78
N ALA I 2107 -34.47 -37.46 -63.74
CA ALA I 2107 -34.01 -36.90 -62.47
C ALA I 2107 -35.14 -36.80 -61.47
N GLN I 2108 -36.36 -36.54 -61.92
CA GLN I 2108 -37.51 -36.48 -61.01
C GLN I 2108 -37.91 -37.87 -60.55
N GLU I 2109 -37.93 -38.83 -61.47
CA GLU I 2109 -38.41 -40.17 -61.13
C GLU I 2109 -37.50 -40.83 -60.11
N ASP I 2110 -36.20 -40.72 -60.27
CA ASP I 2110 -35.28 -41.47 -59.43
C ASP I 2110 -34.13 -40.59 -58.97
N PHE I 2111 -33.56 -40.95 -57.82
CA PHE I 2111 -32.35 -40.32 -57.30
C PHE I 2111 -31.16 -40.98 -57.96
N VAL I 2112 -30.73 -40.44 -59.11
CA VAL I 2112 -29.67 -41.06 -59.88
C VAL I 2112 -28.43 -41.19 -59.01
N GLN I 2113 -27.86 -42.39 -58.95
CA GLN I 2113 -26.70 -42.66 -58.13
C GLN I 2113 -25.41 -42.84 -58.93
N SER I 2114 -25.49 -42.96 -60.24
CA SER I 2114 -24.28 -43.12 -61.03
C SER I 2114 -23.73 -41.74 -61.38
N PRO I 2115 -22.56 -41.36 -60.85
CA PRO I 2115 -22.04 -40.02 -61.15
C PRO I 2115 -21.81 -39.78 -62.63
N GLU I 2116 -21.36 -40.80 -63.37
CA GLU I 2116 -21.17 -40.64 -64.80
C GLU I 2116 -22.49 -40.36 -65.49
N LEU I 2117 -23.53 -41.10 -65.12
CA LEU I 2117 -24.85 -40.84 -65.70
C LEU I 2117 -25.31 -39.42 -65.39
N VAL I 2118 -25.15 -38.99 -64.14
CA VAL I 2118 -25.61 -37.66 -63.75
C VAL I 2118 -24.87 -36.60 -64.57
N ARG I 2119 -23.55 -36.74 -64.67
CA ARG I 2119 -22.78 -35.81 -65.47
C ARG I 2119 -23.29 -35.77 -66.91
N ALA I 2120 -23.54 -36.94 -67.49
CA ALA I 2120 -23.99 -36.99 -68.87
C ALA I 2120 -25.33 -36.28 -69.03
N MET I 2121 -26.30 -36.59 -68.19
CA MET I 2121 -27.64 -36.03 -68.40
C MET I 2121 -27.62 -34.53 -68.17
N PHE I 2122 -26.85 -34.05 -67.19
CA PHE I 2122 -26.86 -32.62 -66.94
C PHE I 2122 -26.09 -31.86 -68.02
N SER I 2123 -25.04 -32.46 -68.58
CA SER I 2123 -24.39 -31.85 -69.73
C SER I 2123 -25.36 -31.74 -70.90
N LEU I 2124 -26.13 -32.81 -71.15
CA LEU I 2124 -27.11 -32.77 -72.22
C LEU I 2124 -28.14 -31.67 -71.97
N LEU I 2125 -28.64 -31.58 -70.74
CA LEU I 2125 -29.63 -30.56 -70.43
C LEU I 2125 -29.07 -29.16 -70.64
N HIS I 2126 -27.82 -28.93 -70.23
CA HIS I 2126 -27.22 -27.62 -70.44
C HIS I 2126 -27.13 -27.31 -71.92
N ARG I 2127 -26.71 -28.27 -72.74
CA ARG I 2127 -26.62 -28.02 -74.16
C ARG I 2127 -27.99 -27.67 -74.74
N GLN I 2128 -29.02 -28.42 -74.35
CA GLN I 2128 -30.35 -28.15 -74.88
C GLN I 2128 -30.85 -26.77 -74.45
N TYR I 2129 -30.63 -26.39 -73.20
CA TYR I 2129 -31.13 -25.10 -72.73
C TYR I 2129 -30.39 -23.94 -73.40
N ASP I 2130 -29.06 -24.00 -73.41
CA ASP I 2130 -28.26 -22.92 -73.99
C ASP I 2130 -27.84 -23.26 -75.42
N GLY I 2131 -28.81 -23.22 -76.32
CA GLY I 2131 -28.54 -23.50 -77.71
C GLY I 2131 -27.54 -22.55 -78.34
N LEU I 2132 -27.73 -21.25 -78.12
CA LEU I 2132 -26.83 -20.27 -78.73
C LEU I 2132 -25.42 -20.38 -78.17
N GLY I 2133 -25.29 -20.68 -76.88
CA GLY I 2133 -23.97 -20.78 -76.28
C GLY I 2133 -23.11 -21.85 -76.92
N GLU I 2134 -23.71 -23.00 -77.23
CA GLU I 2134 -22.95 -24.07 -77.87
C GLU I 2134 -22.46 -23.65 -79.25
N LEU I 2135 -23.32 -22.99 -80.03
CA LEU I 2135 -22.89 -22.50 -81.33
C LEU I 2135 -21.77 -21.48 -81.18
N LEU I 2136 -21.89 -20.59 -80.19
CA LEU I 2136 -20.85 -19.59 -79.97
C LEU I 2136 -19.52 -20.24 -79.62
N ARG I 2137 -19.54 -21.28 -78.79
CA ARG I 2137 -18.29 -21.94 -78.41
C ARG I 2137 -17.77 -22.82 -79.55
N ALA I 2138 -18.64 -23.25 -80.45
CA ALA I 2138 -18.22 -24.15 -81.52
C ALA I 2138 -17.62 -23.38 -82.69
N LEU I 2139 -18.15 -22.19 -82.98
CA LEU I 2139 -17.71 -21.46 -84.17
C LEU I 2139 -16.19 -21.26 -84.23
N PRO I 2140 -15.50 -20.98 -83.13
CA PRO I 2140 -14.04 -20.83 -83.24
C PRO I 2140 -13.36 -22.00 -83.92
N ARG I 2141 -13.86 -23.22 -83.71
CA ARG I 2141 -13.24 -24.38 -84.34
C ARG I 2141 -13.69 -24.53 -85.79
N ALA I 2142 -14.66 -23.73 -86.23
CA ALA I 2142 -15.12 -23.81 -87.60
C ALA I 2142 -14.11 -23.17 -88.55
N TYR I 2143 -14.17 -23.58 -89.82
CA TYR I 2143 -13.33 -22.98 -90.84
C TYR I 2143 -13.92 -23.31 -92.21
N THR I 2144 -13.64 -22.47 -93.18
CA THR I 2144 -14.06 -22.67 -94.56
C THR I 2144 -12.83 -22.69 -95.44
N ILE I 2145 -12.81 -23.63 -96.38
CA ILE I 2145 -11.68 -23.81 -97.29
C ILE I 2145 -12.21 -23.92 -98.72
N SER I 2146 -11.39 -23.49 -99.68
CA SER I 2146 -11.76 -23.61 -101.08
C SER I 2146 -11.68 -25.05 -101.53
N VAL I 2147 -12.36 -25.34 -102.64
CA VAL I 2147 -12.43 -26.71 -103.14
C VAL I 2147 -11.03 -27.23 -103.45
N SER I 2148 -10.18 -26.39 -104.04
CA SER I 2148 -8.86 -26.85 -104.47
C SER I 2148 -8.00 -27.28 -103.30
N SER I 2149 -8.33 -26.84 -102.09
CA SER I 2149 -7.55 -27.19 -100.90
C SER I 2149 -8.06 -28.45 -100.22
N VAL I 2150 -9.11 -29.08 -100.74
CA VAL I 2150 -9.75 -30.19 -100.04
C VAL I 2150 -8.78 -31.37 -99.91
N GLU I 2151 -8.09 -31.72 -101.00
CA GLU I 2151 -7.23 -32.89 -100.96
C GLU I 2151 -6.09 -32.71 -99.98
N ASP I 2152 -5.44 -31.54 -100.03
CA ASP I 2152 -4.35 -31.27 -99.09
C ASP I 2152 -4.86 -31.26 -97.67
N THR I 2153 -6.05 -30.69 -97.43
CA THR I 2153 -6.59 -30.68 -96.09
C THR I 2153 -6.87 -32.08 -95.59
N MET I 2154 -7.36 -32.96 -96.47
CA MET I 2154 -7.60 -34.34 -96.06
C MET I 2154 -6.31 -35.04 -95.69
N SER I 2155 -5.25 -34.88 -96.50
CA SER I 2155 -3.97 -35.45 -96.15
C SER I 2155 -3.50 -34.95 -94.79
N LEU I 2156 -3.61 -33.63 -94.58
CA LEU I 2156 -3.16 -33.05 -93.32
C LEU I 2156 -3.97 -33.58 -92.15
N LEU I 2157 -5.28 -33.74 -92.34
CA LEU I 2157 -6.11 -34.27 -91.27
C LEU I 2157 -5.73 -35.70 -90.94
N GLU I 2158 -5.41 -36.51 -91.94
CA GLU I 2158 -4.96 -37.87 -91.63
C GLU I 2158 -3.66 -37.85 -90.83
N CYS I 2159 -2.71 -36.99 -91.21
CA CYS I 2159 -1.48 -36.91 -90.44
C CYS I 2159 -1.74 -36.45 -89.01
N LEU I 2160 -2.62 -35.45 -88.84
CA LEU I 2160 -2.95 -34.98 -87.51
C LEU I 2160 -3.62 -36.07 -86.70
N GLY I 2161 -4.46 -36.89 -87.33
CA GLY I 2161 -5.05 -38.01 -86.62
C GLY I 2161 -4.01 -39.01 -86.17
N GLN I 2162 -2.99 -39.24 -87.01
CA GLN I 2162 -1.89 -40.11 -86.59
C GLN I 2162 -1.20 -39.55 -85.36
N ILE I 2163 -0.94 -38.25 -85.34
CA ILE I 2163 -0.28 -37.64 -84.19
C ILE I 2163 -1.17 -37.78 -82.95
N ARG I 2164 -2.45 -37.50 -83.10
CA ARG I 2164 -3.36 -37.60 -81.96
C ARG I 2164 -3.40 -39.02 -81.43
N SER I 2165 -3.37 -40.01 -82.31
CA SER I 2165 -3.32 -41.40 -81.87
C SER I 2165 -2.02 -41.68 -81.12
N LEU I 2166 -0.90 -41.15 -81.62
CA LEU I 2166 0.36 -41.32 -80.91
C LEU I 2166 0.30 -40.74 -79.52
N LEU I 2167 -0.52 -39.71 -79.32
CA LEU I 2167 -0.60 -39.07 -78.00
C LEU I 2167 -0.83 -40.10 -76.90
N ILE I 2168 -1.81 -40.99 -77.08
CA ILE I 2168 -2.22 -41.87 -75.97
C ILE I 2168 -1.14 -42.90 -75.64
N VAL I 2169 -0.54 -43.52 -76.66
CA VAL I 2169 0.43 -44.58 -76.39
C VAL I 2169 1.64 -44.02 -75.68
N GLN I 2170 2.40 -44.90 -75.05
CA GLN I 2170 3.73 -44.57 -74.57
C GLN I 2170 4.70 -44.74 -75.73
N MET I 2171 5.94 -44.31 -75.52
CA MET I 2171 6.83 -44.06 -76.64
C MET I 2171 7.70 -45.26 -76.97
N GLY I 2172 7.93 -45.48 -78.27
CA GLY I 2172 8.82 -46.50 -78.75
C GLY I 2172 9.33 -46.18 -80.14
N PRO I 2173 10.29 -46.96 -80.63
CA PRO I 2173 10.90 -46.62 -81.94
C PRO I 2173 9.91 -46.55 -83.09
N GLN I 2174 8.92 -47.46 -83.12
CA GLN I 2174 7.90 -47.39 -84.15
C GLN I 2174 7.15 -46.07 -84.09
N GLU I 2175 6.78 -45.66 -82.87
CA GLU I 2175 6.10 -44.38 -82.71
C GLU I 2175 7.00 -43.23 -83.14
N GLU I 2176 8.29 -43.33 -82.86
CA GLU I 2176 9.20 -42.27 -83.27
C GLU I 2176 9.22 -42.14 -84.79
N ASN I 2177 9.34 -43.27 -85.49
CA ASN I 2177 9.33 -43.21 -86.93
C ASN I 2177 8.03 -42.60 -87.45
N LEU I 2178 6.89 -43.11 -86.96
CA LEU I 2178 5.62 -42.59 -87.43
C LEU I 2178 5.49 -41.10 -87.16
N MET I 2179 5.91 -40.67 -85.97
CA MET I 2179 5.79 -39.28 -85.59
C MET I 2179 6.63 -38.40 -86.49
N ILE I 2180 7.84 -38.85 -86.82
CA ILE I 2180 8.71 -38.09 -87.72
C ILE I 2180 8.08 -37.97 -89.10
N GLN I 2181 7.58 -39.08 -89.66
CA GLN I 2181 7.00 -38.96 -90.98
C GLN I 2181 5.74 -38.09 -90.97
N SER I 2182 4.95 -38.17 -89.90
CA SER I 2182 3.77 -37.32 -89.82
C SER I 2182 4.15 -35.85 -89.79
N ILE I 2183 5.16 -35.49 -88.99
CA ILE I 2183 5.58 -34.09 -88.93
C ILE I 2183 6.12 -33.65 -90.29
N GLY I 2184 6.92 -34.49 -90.93
CA GLY I 2184 7.40 -34.14 -92.26
C GLY I 2184 6.30 -33.91 -93.26
N ASN I 2185 5.31 -34.81 -93.29
CA ASN I 2185 4.20 -34.64 -94.21
C ASN I 2185 3.43 -33.36 -93.90
N ILE I 2186 3.21 -33.07 -92.62
CA ILE I 2186 2.48 -31.87 -92.25
C ILE I 2186 3.21 -30.63 -92.76
N MET I 2187 4.51 -30.53 -92.47
CA MET I 2187 5.24 -29.34 -92.92
C MET I 2187 5.31 -29.27 -94.43
N ASN I 2188 5.32 -30.41 -95.12
CA ASN I 2188 5.33 -30.37 -96.57
C ASN I 2188 3.97 -29.97 -97.14
N ASN I 2189 2.91 -30.16 -96.38
CA ASN I 2189 1.58 -29.76 -96.84
C ASN I 2189 1.52 -28.26 -97.05
N LYS I 2190 0.90 -27.85 -98.16
CA LYS I 2190 0.80 -26.42 -98.47
C LYS I 2190 -0.14 -25.70 -97.50
N VAL I 2191 -1.18 -26.40 -97.04
CA VAL I 2191 -2.14 -25.75 -96.16
C VAL I 2191 -1.46 -25.23 -94.91
N PHE I 2192 -0.41 -25.92 -94.46
CA PHE I 2192 0.33 -25.47 -93.29
C PHE I 2192 0.86 -24.06 -93.50
N TYR I 2193 1.13 -23.69 -94.76
CA TYR I 2193 1.52 -22.31 -95.05
C TYR I 2193 0.31 -21.42 -95.27
N GLN I 2194 -0.67 -21.89 -96.05
CA GLN I 2194 -1.72 -20.98 -96.51
C GLN I 2194 -2.89 -20.84 -95.55
N HIS I 2195 -2.89 -21.48 -94.39
CA HIS I 2195 -4.04 -21.44 -93.48
C HIS I 2195 -3.57 -21.58 -92.03
N PRO I 2196 -2.73 -20.67 -91.56
CA PRO I 2196 -2.29 -20.75 -90.16
C PRO I 2196 -3.44 -20.68 -89.16
N ASN I 2197 -4.47 -19.88 -89.45
CA ASN I 2197 -5.61 -19.81 -88.55
C ASN I 2197 -6.28 -21.18 -88.41
N LEU I 2198 -6.48 -21.85 -89.54
CA LEU I 2198 -6.96 -23.23 -89.49
C LEU I 2198 -6.07 -24.10 -88.63
N MET I 2199 -4.77 -23.86 -88.64
CA MET I 2199 -3.86 -24.73 -87.93
C MET I 2199 -3.96 -24.50 -86.42
N ARG I 2200 -4.07 -23.24 -86.00
CA ARG I 2200 -4.35 -22.97 -84.59
C ARG I 2200 -5.70 -23.55 -84.18
N ALA I 2201 -6.70 -23.45 -85.05
CA ALA I 2201 -8.00 -24.02 -84.72
C ALA I 2201 -7.91 -25.52 -84.51
N LEU I 2202 -7.27 -26.23 -85.43
CA LEU I 2202 -7.01 -27.65 -85.23
C LEU I 2202 -6.17 -27.87 -83.98
N GLY I 2203 -5.42 -26.85 -83.57
CA GLY I 2203 -4.61 -26.93 -82.39
C GLY I 2203 -3.46 -27.90 -82.45
N MET I 2204 -2.70 -27.93 -83.55
CA MET I 2204 -1.57 -28.84 -83.60
C MET I 2204 -0.53 -28.48 -82.55
N HIS I 2205 -0.17 -27.21 -82.44
CA HIS I 2205 0.96 -26.86 -81.60
C HIS I 2205 0.79 -27.41 -80.19
N GLU I 2206 -0.42 -27.39 -79.65
CA GLU I 2206 -0.66 -28.05 -78.37
C GLU I 2206 -0.36 -29.54 -78.46
N THR I 2207 -0.78 -30.19 -79.54
CA THR I 2207 -0.56 -31.63 -79.66
C THR I 2207 0.92 -31.96 -79.72
N VAL I 2208 1.66 -31.29 -80.61
CA VAL I 2208 3.07 -31.55 -80.75
C VAL I 2208 3.81 -31.21 -79.46
N MET I 2209 3.42 -30.12 -78.81
CA MET I 2209 4.04 -29.77 -77.53
C MET I 2209 3.76 -30.83 -76.49
N GLU I 2210 2.56 -31.40 -76.49
CA GLU I 2210 2.24 -32.45 -75.54
C GLU I 2210 3.10 -33.67 -75.77
N VAL I 2211 3.26 -34.09 -77.02
CA VAL I 2211 4.11 -35.24 -77.29
C VAL I 2211 5.55 -34.95 -76.88
N MET I 2212 6.05 -33.77 -77.23
CA MET I 2212 7.43 -33.43 -76.91
C MET I 2212 7.64 -33.40 -75.41
N VAL I 2213 6.68 -32.86 -74.66
CA VAL I 2213 6.86 -32.74 -73.22
C VAL I 2213 6.68 -34.10 -72.55
N ASN I 2214 5.89 -34.99 -73.16
CA ASN I 2214 5.85 -36.36 -72.67
C ASN I 2214 7.22 -37.01 -72.79
N VAL I 2215 7.85 -36.92 -73.97
CA VAL I 2215 9.16 -37.53 -74.12
C VAL I 2215 10.21 -36.83 -73.26
N LEU I 2216 10.06 -35.54 -72.99
CA LEU I 2216 10.99 -34.85 -72.11
C LEU I 2216 10.81 -35.27 -70.65
N GLY I 2217 9.56 -35.37 -70.20
CA GLY I 2217 9.33 -35.84 -68.85
C GLY I 2217 9.79 -37.26 -68.66
N GLY I 2218 9.78 -38.05 -69.73
CA GLY I 2218 10.36 -39.37 -69.67
C GLY I 2218 11.80 -39.32 -69.20
N GLY I 2219 12.06 -39.79 -67.98
CA GLY I 2219 13.38 -39.70 -67.39
C GLY I 2219 13.77 -38.28 -67.04
N GLU I 2220 13.04 -37.67 -66.09
CA GLU I 2220 13.27 -36.27 -65.76
C GLU I 2220 14.72 -36.01 -65.39
N SER I 2221 15.26 -36.78 -64.46
CA SER I 2221 16.65 -36.64 -64.04
C SER I 2221 17.48 -37.87 -64.38
N LYS I 2222 16.88 -38.87 -65.04
CA LYS I 2222 17.58 -40.10 -65.38
C LYS I 2222 18.29 -40.01 -66.73
N GLU I 2223 17.52 -39.80 -67.81
CA GLU I 2223 18.11 -39.71 -69.14
C GLU I 2223 17.05 -39.31 -70.15
N ILE I 2224 17.45 -38.59 -71.20
CA ILE I 2224 16.50 -38.17 -72.23
C ILE I 2224 16.43 -39.24 -73.32
N ARG I 2225 15.22 -39.53 -73.76
CA ARG I 2225 14.99 -40.57 -74.76
C ARG I 2225 14.39 -39.95 -76.01
N PHE I 2226 14.72 -40.55 -77.16
CA PHE I 2226 14.21 -40.13 -78.45
C PHE I 2226 14.65 -38.70 -78.82
N PRO I 2227 15.96 -38.44 -78.85
CA PRO I 2227 16.43 -37.13 -79.28
C PRO I 2227 15.97 -36.78 -80.68
N LYS I 2228 15.81 -37.77 -81.55
CA LYS I 2228 15.35 -37.48 -82.91
C LYS I 2228 13.95 -36.88 -82.87
N MET I 2229 13.02 -37.49 -82.12
CA MET I 2229 11.70 -36.88 -82.03
C MET I 2229 11.77 -35.52 -81.38
N VAL I 2230 12.55 -35.37 -80.31
CA VAL I 2230 12.55 -34.08 -79.62
C VAL I 2230 13.04 -32.99 -80.58
N THR I 2231 14.08 -33.30 -81.35
CA THR I 2231 14.57 -32.36 -82.35
C THR I 2231 13.51 -32.06 -83.40
N SER I 2232 12.82 -33.08 -83.88
CA SER I 2232 11.80 -32.85 -84.90
C SER I 2232 10.68 -31.98 -84.36
N CYS I 2233 10.24 -32.24 -83.12
CA CYS I 2233 9.19 -31.44 -82.52
C CYS I 2233 9.63 -29.99 -82.36
N CYS I 2234 10.85 -29.76 -81.88
CA CYS I 2234 11.32 -28.39 -81.72
C CYS I 2234 11.43 -27.68 -83.06
N ARG I 2235 11.92 -28.39 -84.08
CA ARG I 2235 12.00 -27.78 -85.40
C ARG I 2235 10.62 -27.43 -85.94
N PHE I 2236 9.66 -28.33 -85.76
CA PHE I 2236 8.30 -28.05 -86.22
C PHE I 2236 7.73 -26.84 -85.50
N LEU I 2237 7.94 -26.75 -84.20
CA LEU I 2237 7.40 -25.62 -83.45
C LEU I 2237 8.06 -24.32 -83.86
N CYS I 2238 9.37 -24.34 -84.11
CA CYS I 2238 10.03 -23.13 -84.59
C CYS I 2238 9.48 -22.69 -85.93
N TYR I 2239 9.27 -23.64 -86.85
CA TYR I 2239 8.70 -23.28 -88.14
C TYR I 2239 7.29 -22.75 -87.96
N PHE I 2240 6.52 -23.35 -87.05
CA PHE I 2240 5.18 -22.87 -86.73
C PHE I 2240 5.22 -21.42 -86.26
N CYS I 2241 6.17 -21.11 -85.39
CA CYS I 2241 6.33 -19.73 -84.94
C CYS I 2241 6.65 -18.81 -86.12
N ARG I 2242 7.50 -19.26 -87.04
CA ARG I 2242 7.87 -18.41 -88.15
C ARG I 2242 6.75 -18.21 -89.17
N ILE I 2243 5.77 -19.12 -89.23
CA ILE I 2243 4.72 -18.97 -90.24
C ILE I 2243 4.02 -17.63 -90.13
N SER I 2244 3.56 -17.28 -88.93
CA SER I 2244 2.77 -16.06 -88.75
C SER I 2244 2.84 -15.63 -87.30
N ARG I 2245 2.78 -14.32 -87.09
CA ARG I 2245 3.00 -13.78 -85.76
C ARG I 2245 1.91 -14.19 -84.78
N GLN I 2246 0.70 -14.46 -85.25
CA GLN I 2246 -0.32 -14.98 -84.35
C GLN I 2246 0.14 -16.30 -83.74
N ASN I 2247 0.69 -17.19 -84.57
CA ASN I 2247 1.25 -18.42 -84.06
C ASN I 2247 2.34 -18.13 -83.03
N GLN I 2248 3.12 -17.09 -83.28
CA GLN I 2248 4.19 -16.74 -82.35
C GLN I 2248 3.61 -16.31 -81.00
N ARG I 2249 2.52 -15.56 -81.01
CA ARG I 2249 1.83 -15.23 -79.76
C ARG I 2249 1.32 -16.49 -79.07
N SER I 2250 0.74 -17.40 -79.85
CA SER I 2250 0.22 -18.63 -79.27
C SER I 2250 1.32 -19.40 -78.55
N MET I 2251 2.49 -19.51 -79.16
CA MET I 2251 3.59 -20.22 -78.51
C MET I 2251 4.15 -19.43 -77.34
N PHE I 2252 4.19 -18.09 -77.46
CA PHE I 2252 4.59 -17.27 -76.33
C PHE I 2252 3.72 -17.56 -75.12
N ASP I 2253 2.44 -17.88 -75.33
CA ASP I 2253 1.57 -18.20 -74.21
C ASP I 2253 2.13 -19.36 -73.39
N HIS I 2254 2.66 -20.39 -74.03
CA HIS I 2254 3.27 -21.52 -73.34
C HIS I 2254 4.76 -21.33 -73.11
N LEU I 2255 5.30 -20.17 -73.47
CA LEU I 2255 6.73 -19.90 -73.26
C LEU I 2255 7.23 -20.46 -71.93
N SER I 2256 6.67 -20.00 -70.81
CA SER I 2256 7.23 -20.35 -69.51
C SER I 2256 7.38 -21.85 -69.35
N TYR I 2257 6.43 -22.62 -69.89
CA TYR I 2257 6.48 -24.07 -69.77
C TYR I 2257 7.68 -24.64 -70.53
N LEU I 2258 7.97 -24.08 -71.71
CA LEU I 2258 9.15 -24.50 -72.45
C LEU I 2258 10.43 -24.21 -71.67
N LEU I 2259 10.51 -23.04 -71.03
CA LEU I 2259 11.67 -22.77 -70.19
C LEU I 2259 11.72 -23.74 -69.02
N GLU I 2260 10.55 -24.15 -68.52
CA GLU I 2260 10.54 -25.14 -67.46
C GLU I 2260 11.16 -26.45 -67.90
N ASN I 2261 10.85 -26.89 -69.11
CA ASN I 2261 11.39 -28.15 -69.63
C ASN I 2261 12.75 -27.99 -70.28
N SER I 2262 13.26 -26.77 -70.40
CA SER I 2262 14.56 -26.52 -71.01
C SER I 2262 15.73 -26.92 -70.11
N GLY I 2263 15.48 -27.61 -69.01
CA GLY I 2263 16.55 -27.97 -68.09
C GLY I 2263 17.67 -28.77 -68.73
N ILE I 2264 17.38 -29.48 -69.81
CA ILE I 2264 18.39 -30.27 -70.52
C ILE I 2264 19.09 -29.34 -71.51
N GLY I 2265 20.42 -29.34 -71.48
CA GLY I 2265 21.21 -28.54 -72.39
C GLY I 2265 22.22 -29.35 -73.14
N LEU I 2266 22.33 -29.10 -74.45
CA LEU I 2266 23.27 -29.75 -75.36
C LEU I 2266 22.91 -31.20 -75.66
N GLY I 2267 21.89 -31.75 -75.00
CA GLY I 2267 21.53 -33.13 -75.27
C GLY I 2267 21.12 -33.36 -76.71
N MET I 2268 20.27 -32.48 -77.24
CA MET I 2268 19.80 -32.65 -78.61
C MET I 2268 20.94 -32.52 -79.62
N GLN I 2269 21.76 -31.48 -79.47
CA GLN I 2269 22.73 -31.08 -80.47
C GLN I 2269 22.02 -30.42 -81.65
N GLY I 2270 20.69 -30.41 -81.63
CA GLY I 2270 19.91 -29.77 -82.67
C GLY I 2270 18.97 -28.72 -82.11
N SER I 2271 17.69 -28.81 -82.47
CA SER I 2271 16.71 -27.90 -81.91
C SER I 2271 16.28 -28.37 -80.52
N THR I 2272 15.96 -27.40 -79.66
CA THR I 2272 15.63 -27.64 -78.27
C THR I 2272 14.48 -26.74 -77.87
N PRO I 2273 13.77 -27.07 -76.78
CA PRO I 2273 12.71 -26.18 -76.31
C PRO I 2273 13.20 -24.77 -76.07
N LEU I 2274 14.48 -24.62 -75.71
CA LEU I 2274 15.04 -23.27 -75.61
C LEU I 2274 15.02 -22.59 -76.98
N ASP I 2275 15.35 -23.33 -78.04
CA ASP I 2275 15.25 -22.76 -79.38
C ASP I 2275 13.82 -22.41 -79.72
N VAL I 2276 12.87 -23.24 -79.27
CA VAL I 2276 11.46 -22.92 -79.49
C VAL I 2276 11.10 -21.61 -78.83
N ALA I 2277 11.52 -21.41 -77.58
CA ALA I 2277 11.24 -20.17 -76.88
C ALA I 2277 11.88 -18.98 -77.58
N ALA I 2278 13.14 -19.14 -78.01
CA ALA I 2278 13.81 -18.06 -78.72
C ALA I 2278 13.05 -17.68 -79.99
N ALA I 2279 12.63 -18.69 -80.76
CA ALA I 2279 11.84 -18.40 -81.96
C ALA I 2279 10.51 -17.77 -81.59
N SER I 2280 9.98 -18.11 -80.42
CA SER I 2280 8.72 -17.54 -79.99
C SER I 2280 8.84 -16.06 -79.70
N VAL I 2281 9.97 -15.64 -79.14
CA VAL I 2281 10.13 -14.26 -78.70
C VAL I 2281 10.99 -13.43 -79.64
N ILE I 2282 11.45 -14.00 -80.75
CA ILE I 2282 12.38 -13.30 -81.63
C ILE I 2282 11.65 -12.26 -82.46
N ASP I 2283 12.28 -11.11 -82.63
CA ASP I 2283 11.82 -10.05 -83.54
C ASP I 2283 10.33 -9.80 -83.37
N ASN I 2284 9.94 -9.39 -82.17
CA ASN I 2284 8.56 -9.02 -81.90
C ASN I 2284 8.57 -8.06 -80.71
N ASN I 2285 8.42 -6.77 -80.99
CA ASN I 2285 8.43 -5.79 -79.91
C ASN I 2285 7.34 -6.08 -78.89
N GLU I 2286 6.13 -6.37 -79.37
CA GLU I 2286 5.01 -6.57 -78.46
C GLU I 2286 5.29 -7.73 -77.50
N LEU I 2287 5.68 -8.88 -78.04
CA LEU I 2287 5.94 -10.04 -77.21
C LEU I 2287 7.15 -9.87 -76.31
N ALA I 2288 8.24 -9.26 -76.82
CA ALA I 2288 9.40 -9.03 -75.98
C ALA I 2288 9.05 -8.13 -74.80
N LEU I 2289 8.20 -7.12 -75.02
CA LEU I 2289 7.73 -6.30 -73.92
C LEU I 2289 6.87 -7.12 -72.97
N ALA I 2290 6.01 -7.98 -73.52
CA ALA I 2290 5.16 -8.83 -72.69
C ALA I 2290 5.95 -9.88 -71.92
N LEU I 2291 7.23 -10.08 -72.24
CA LEU I 2291 8.01 -11.10 -71.58
C LEU I 2291 8.03 -10.89 -70.07
N GLN I 2292 8.05 -11.98 -69.32
CA GLN I 2292 7.86 -11.91 -67.88
C GLN I 2292 9.18 -11.94 -67.11
N GLU I 2293 9.24 -11.13 -66.06
CA GLU I 2293 10.41 -11.08 -65.21
C GLU I 2293 10.72 -12.43 -64.61
N GLN I 2294 9.70 -13.22 -64.28
CA GLN I 2294 9.94 -14.53 -63.71
C GLN I 2294 10.63 -15.45 -64.71
N ASP I 2295 10.20 -15.40 -65.98
CA ASP I 2295 10.86 -16.21 -66.99
C ASP I 2295 12.30 -15.77 -67.19
N LEU I 2296 12.53 -14.46 -67.22
CA LEU I 2296 13.91 -13.98 -67.31
C LEU I 2296 14.73 -14.49 -66.13
N GLU I 2297 14.14 -14.49 -64.93
CA GLU I 2297 14.83 -15.00 -63.75
C GLU I 2297 15.15 -16.48 -63.91
N LYS I 2298 14.21 -17.26 -64.46
CA LYS I 2298 14.48 -18.68 -64.65
C LYS I 2298 15.65 -18.90 -65.59
N VAL I 2299 15.67 -18.17 -66.71
CA VAL I 2299 16.78 -18.32 -67.64
C VAL I 2299 18.09 -17.91 -66.99
N VAL I 2300 18.07 -16.80 -66.25
CA VAL I 2300 19.28 -16.34 -65.56
C VAL I 2300 19.75 -17.38 -64.56
N SER I 2301 18.82 -18.03 -63.87
CA SER I 2301 19.19 -19.05 -62.88
C SER I 2301 19.81 -20.27 -63.56
N TYR I 2302 19.25 -20.68 -64.69
CA TYR I 2302 19.88 -21.76 -65.44
C TYR I 2302 21.29 -21.38 -65.85
N LEU I 2303 21.47 -20.16 -66.32
CA LEU I 2303 22.81 -19.71 -66.69
C LEU I 2303 23.74 -19.71 -65.48
N ALA I 2304 23.22 -19.30 -64.33
CA ALA I 2304 24.03 -19.32 -63.11
C ALA I 2304 24.48 -20.73 -62.78
N GLY I 2305 23.57 -21.69 -62.89
CA GLY I 2305 23.95 -23.07 -62.68
C GLY I 2305 25.03 -23.52 -63.65
N CYS I 2306 24.86 -23.15 -64.92
CA CYS I 2306 25.86 -23.52 -65.92
C CYS I 2306 27.23 -22.95 -65.57
N GLY I 2307 27.26 -21.68 -65.17
CA GLY I 2307 28.53 -21.07 -64.79
C GLY I 2307 29.12 -21.67 -63.53
N LEU I 2308 28.26 -22.12 -62.62
CA LEU I 2308 28.75 -22.62 -61.34
C LEU I 2308 29.30 -24.04 -61.47
N GLN I 2309 28.67 -24.88 -62.29
CA GLN I 2309 29.03 -26.29 -62.35
C GLN I 2309 29.29 -26.71 -63.78
N SER I 2310 30.14 -27.74 -63.94
CA SER I 2310 30.44 -28.29 -65.24
C SER I 2310 29.40 -29.32 -65.64
N CYS I 2311 29.43 -29.71 -66.91
CA CYS I 2311 28.38 -30.57 -67.44
C CYS I 2311 28.67 -32.04 -67.11
N PRO I 2312 27.81 -32.71 -66.34
CA PRO I 2312 28.06 -34.13 -66.07
C PRO I 2312 28.12 -34.97 -67.34
N MET I 2313 27.40 -34.57 -68.39
CA MET I 2313 27.48 -35.29 -69.64
C MET I 2313 28.89 -35.25 -70.21
N LEU I 2314 29.49 -34.06 -70.25
CA LEU I 2314 30.87 -33.94 -70.73
C LEU I 2314 31.83 -34.70 -69.83
N LEU I 2315 31.63 -34.62 -68.51
CA LEU I 2315 32.48 -35.40 -67.62
C LEU I 2315 32.40 -36.89 -67.92
N ALA I 2316 31.18 -37.41 -68.11
CA ALA I 2316 31.02 -38.81 -68.44
C ALA I 2316 31.70 -39.15 -69.77
N LYS I 2317 31.55 -38.29 -70.77
CA LYS I 2317 32.27 -38.49 -72.01
C LYS I 2317 33.78 -38.53 -71.77
N GLY I 2318 34.23 -37.86 -70.72
CA GLY I 2318 35.62 -37.91 -70.31
C GLY I 2318 36.33 -36.58 -70.44
N TYR I 2319 35.58 -35.55 -70.78
CA TYR I 2319 36.17 -34.23 -70.94
C TYR I 2319 36.74 -33.76 -69.61
N PRO I 2320 37.98 -33.28 -69.56
CA PRO I 2320 38.54 -32.82 -68.28
C PRO I 2320 37.68 -31.71 -67.68
N ASP I 2321 37.55 -31.74 -66.35
CA ASP I 2321 36.71 -30.78 -65.66
C ASP I 2321 37.26 -29.37 -65.80
N ILE I 2322 36.36 -28.42 -66.07
CA ILE I 2322 36.68 -27.00 -65.99
C ILE I 2322 35.86 -26.29 -64.93
N GLY I 2323 34.87 -26.96 -64.34
CA GLY I 2323 34.09 -26.37 -63.27
C GLY I 2323 32.86 -25.61 -63.70
N TRP I 2324 32.64 -25.42 -65.01
CA TRP I 2324 31.50 -24.67 -65.48
C TRP I 2324 31.14 -25.13 -66.89
N ASN I 2325 29.89 -24.96 -67.26
CA ASN I 2325 29.39 -25.44 -68.54
C ASN I 2325 29.23 -24.28 -69.53
N PRO I 2326 30.29 -23.93 -70.27
CA PRO I 2326 30.16 -22.87 -71.27
C PRO I 2326 29.19 -23.17 -72.39
N CYS I 2327 28.97 -24.45 -72.74
CA CYS I 2327 28.01 -24.78 -73.77
C CYS I 2327 26.60 -24.35 -73.36
N GLY I 2328 26.15 -24.79 -72.19
CA GLY I 2328 24.84 -24.37 -71.71
C GLY I 2328 24.78 -22.88 -71.47
N GLY I 2329 25.87 -22.30 -70.96
CA GLY I 2329 25.90 -20.86 -70.78
C GLY I 2329 25.64 -20.12 -72.07
N GLU I 2330 26.32 -20.53 -73.15
CA GLU I 2330 26.11 -19.89 -74.44
C GLU I 2330 24.70 -20.13 -74.95
N ARG I 2331 24.18 -21.34 -74.74
CA ARG I 2331 22.83 -21.64 -75.19
C ARG I 2331 21.81 -20.71 -74.54
N TYR I 2332 21.97 -20.44 -73.25
CA TYR I 2332 21.05 -19.55 -72.56
C TYR I 2332 21.30 -18.09 -72.91
N LEU I 2333 22.56 -17.71 -73.11
CA LEU I 2333 22.88 -16.34 -73.49
C LEU I 2333 22.27 -16.00 -74.84
N ASP I 2334 22.15 -16.99 -75.73
CA ASP I 2334 21.48 -16.73 -76.99
C ASP I 2334 20.03 -16.30 -76.77
N PHE I 2335 19.32 -17.03 -75.91
CA PHE I 2335 17.93 -16.67 -75.65
C PHE I 2335 17.85 -15.29 -74.99
N LEU I 2336 18.76 -14.99 -74.07
CA LEU I 2336 18.74 -13.67 -73.45
C LEU I 2336 19.01 -12.58 -74.48
N ARG I 2337 19.90 -12.84 -75.44
CA ARG I 2337 20.16 -11.87 -76.50
C ARG I 2337 18.89 -11.63 -77.31
N PHE I 2338 18.19 -12.69 -77.68
CA PHE I 2338 16.95 -12.52 -78.44
C PHE I 2338 15.91 -11.79 -77.61
N ALA I 2339 15.94 -11.97 -76.29
CA ALA I 2339 14.94 -11.31 -75.44
C ALA I 2339 15.21 -9.82 -75.32
N VAL I 2340 16.48 -9.43 -75.20
CA VAL I 2340 16.79 -8.02 -74.97
C VAL I 2340 16.80 -7.23 -76.28
N PHE I 2341 17.40 -7.78 -77.32
CA PHE I 2341 17.65 -7.04 -78.56
C PHE I 2341 16.59 -7.39 -79.59
N VAL I 2342 15.84 -6.40 -80.05
CA VAL I 2342 14.73 -6.60 -80.97
C VAL I 2342 14.83 -5.61 -82.12
N ASN I 2343 14.68 -6.10 -83.35
CA ASN I 2343 14.62 -5.26 -84.54
C ASN I 2343 15.71 -4.21 -84.57
N GLY I 2344 16.93 -4.60 -84.17
CA GLY I 2344 18.05 -3.69 -84.23
C GLY I 2344 18.12 -2.69 -83.11
N GLU I 2345 17.11 -2.61 -82.25
CA GLU I 2345 17.07 -1.65 -81.16
C GLU I 2345 16.93 -2.38 -79.84
N SER I 2346 17.70 -1.95 -78.85
CA SER I 2346 17.65 -2.58 -77.54
C SER I 2346 16.32 -2.29 -76.87
N VAL I 2347 15.74 -3.33 -76.25
CA VAL I 2347 14.52 -3.16 -75.48
C VAL I 2347 14.92 -2.73 -74.06
N GLU I 2348 14.52 -1.52 -73.68
CA GLU I 2348 15.06 -0.92 -72.46
C GLU I 2348 14.69 -1.72 -71.22
N GLU I 2349 13.42 -2.08 -71.07
CA GLU I 2349 12.97 -2.74 -69.84
C GLU I 2349 13.66 -4.09 -69.70
N ASN I 2350 13.64 -4.91 -70.75
CA ASN I 2350 14.26 -6.21 -70.69
C ASN I 2350 15.75 -6.10 -70.45
N ALA I 2351 16.41 -5.13 -71.09
CA ALA I 2351 17.85 -4.96 -70.88
C ALA I 2351 18.14 -4.65 -69.42
N ASN I 2352 17.40 -3.72 -68.84
CA ASN I 2352 17.63 -3.36 -67.44
C ASN I 2352 17.40 -4.56 -66.53
N VAL I 2353 16.31 -5.29 -66.76
CA VAL I 2353 16.00 -6.44 -65.91
C VAL I 2353 17.12 -7.47 -66.01
N VAL I 2354 17.55 -7.77 -67.23
CA VAL I 2354 18.57 -8.79 -67.44
C VAL I 2354 19.88 -8.38 -66.77
N VAL I 2355 20.27 -7.11 -66.92
CA VAL I 2355 21.52 -6.68 -66.32
C VAL I 2355 21.44 -6.76 -64.80
N ARG I 2356 20.31 -6.33 -64.22
CA ARG I 2356 20.17 -6.42 -62.77
C ARG I 2356 20.28 -7.86 -62.30
N LEU I 2357 19.58 -8.78 -62.99
CA LEU I 2357 19.64 -10.17 -62.57
C LEU I 2357 21.06 -10.73 -62.69
N LEU I 2358 21.75 -10.40 -63.78
CA LEU I 2358 23.11 -10.90 -63.96
C LEU I 2358 24.04 -10.40 -62.87
N ILE I 2359 23.95 -9.11 -62.51
CA ILE I 2359 24.82 -8.61 -61.45
C ILE I 2359 24.45 -9.24 -60.12
N ARG I 2360 23.16 -9.46 -59.89
CA ARG I 2360 22.75 -10.06 -58.63
C ARG I 2360 23.29 -11.48 -58.48
N LYS I 2361 23.30 -12.24 -59.58
CA LYS I 2361 23.88 -13.58 -59.56
C LYS I 2361 25.22 -13.55 -60.29
N PRO I 2362 26.33 -13.24 -59.61
CA PRO I 2362 27.59 -12.98 -60.32
C PRO I 2362 28.12 -14.16 -61.13
N GLU I 2363 27.86 -15.40 -60.71
CA GLU I 2363 28.51 -16.54 -61.35
C GLU I 2363 28.18 -16.61 -62.83
N CYS I 2364 27.07 -15.98 -63.24
CA CYS I 2364 26.70 -15.99 -64.65
C CYS I 2364 27.81 -15.39 -65.51
N PHE I 2365 28.49 -14.37 -65.00
CA PHE I 2365 29.51 -13.68 -65.78
C PHE I 2365 30.68 -14.57 -66.14
N GLY I 2366 30.69 -15.82 -65.71
CA GLY I 2366 31.76 -16.73 -66.06
C GLY I 2366 32.90 -16.64 -65.07
N PRO I 2367 33.66 -17.73 -64.94
CA PRO I 2367 34.73 -17.73 -63.92
C PRO I 2367 35.71 -16.58 -64.07
N ALA I 2368 36.06 -16.23 -65.31
CA ALA I 2368 37.08 -15.20 -65.51
C ALA I 2368 36.63 -13.86 -64.95
N LEU I 2369 35.38 -13.48 -65.18
CA LEU I 2369 34.87 -12.18 -64.74
C LEU I 2369 34.56 -12.15 -63.24
N ARG I 2370 34.96 -13.17 -62.49
CA ARG I 2370 34.71 -13.17 -61.05
C ARG I 2370 35.57 -12.12 -60.38
N GLY I 2371 34.94 -11.23 -59.60
CA GLY I 2371 35.68 -10.15 -58.98
C GLY I 2371 36.79 -10.64 -58.06
N GLU I 2372 36.49 -11.63 -57.22
CA GLU I 2372 37.46 -12.10 -56.23
C GLU I 2372 38.75 -12.55 -56.89
N GLY I 2373 38.68 -13.60 -57.71
CA GLY I 2373 39.87 -14.17 -58.29
C GLY I 2373 39.87 -14.20 -59.80
N GLY I 2374 39.04 -13.35 -60.42
CA GLY I 2374 38.95 -13.36 -61.87
C GLY I 2374 40.29 -13.08 -62.51
N SER I 2375 40.61 -13.87 -63.55
CA SER I 2375 41.83 -13.61 -64.31
C SER I 2375 41.65 -12.40 -65.22
N GLY I 2376 40.40 -12.05 -65.53
CA GLY I 2376 40.11 -10.96 -66.44
C GLY I 2376 39.65 -11.51 -67.77
N LEU I 2377 38.81 -10.76 -68.49
CA LEU I 2377 38.33 -11.25 -69.78
C LEU I 2377 39.50 -11.57 -70.71
N LEU I 2378 40.46 -10.66 -70.81
CA LEU I 2378 41.61 -10.90 -71.66
C LEU I 2378 42.32 -12.18 -71.25
N ALA I 2379 42.75 -12.26 -69.98
CA ALA I 2379 43.50 -13.42 -69.52
C ALA I 2379 42.73 -14.71 -69.79
N ALA I 2380 41.41 -14.67 -69.61
CA ALA I 2380 40.60 -15.84 -69.92
C ALA I 2380 40.76 -16.22 -71.38
N ILE I 2381 40.73 -15.23 -72.28
CA ILE I 2381 40.83 -15.55 -73.70
C ILE I 2381 42.21 -16.11 -74.03
N GLU I 2382 43.29 -15.52 -73.50
CA GLU I 2382 44.60 -16.12 -73.78
C GLU I 2382 44.70 -17.54 -73.22
N GLU I 2383 44.25 -17.77 -71.99
CA GLU I 2383 44.34 -19.11 -71.44
C GLU I 2383 43.51 -20.08 -72.26
N ALA I 2384 42.39 -19.62 -72.80
CA ALA I 2384 41.53 -20.50 -73.56
C ALA I 2384 42.12 -20.83 -74.92
N ILE I 2385 42.77 -19.86 -75.57
CA ILE I 2385 43.43 -20.16 -76.83
C ILE I 2385 44.61 -21.10 -76.58
N ARG I 2386 45.28 -20.95 -75.43
CA ARG I 2386 46.30 -21.93 -75.06
C ARG I 2386 45.69 -23.31 -74.90
N ILE I 2387 44.52 -23.39 -74.26
CA ILE I 2387 43.80 -24.66 -74.16
C ILE I 2387 43.57 -25.24 -75.54
N SER I 2388 43.07 -24.42 -76.46
CA SER I 2388 42.83 -24.89 -77.82
C SER I 2388 44.11 -25.43 -78.45
N GLU I 2389 45.21 -24.69 -78.29
CA GLU I 2389 46.47 -25.13 -78.86
C GLU I 2389 46.90 -26.48 -78.30
N ASP I 2390 46.74 -26.65 -76.99
CA ASP I 2390 47.16 -27.90 -76.36
C ASP I 2390 46.08 -28.97 -76.53
N PRO I 2391 46.37 -30.10 -77.18
CA PRO I 2391 45.43 -31.21 -77.17
C PRO I 2391 45.43 -31.92 -75.82
N ALA I 2392 44.39 -32.71 -75.60
CA ALA I 2392 44.12 -33.49 -74.40
C ALA I 2392 43.64 -32.63 -73.25
N ARG I 2393 43.65 -31.30 -73.40
CA ARG I 2393 42.98 -30.41 -72.47
C ARG I 2393 41.64 -29.95 -73.01
N ASP I 2394 41.53 -29.79 -74.32
CA ASP I 2394 40.25 -29.46 -74.93
C ASP I 2394 39.38 -30.70 -75.12
N GLY I 2395 40.00 -31.82 -75.48
CA GLY I 2395 39.29 -33.03 -75.79
C GLY I 2395 39.77 -34.23 -75.01
N PRO I 2396 38.93 -35.27 -74.91
CA PRO I 2396 39.33 -36.45 -74.13
C PRO I 2396 40.58 -37.13 -74.67
N GLY I 2397 40.76 -37.16 -75.99
CA GLY I 2397 41.94 -37.77 -76.57
C GLY I 2397 42.05 -39.25 -76.28
N VAL I 2398 40.93 -39.91 -76.01
CA VAL I 2398 40.93 -41.34 -75.73
C VAL I 2398 41.12 -42.12 -77.02
N PRO I 2411 31.34 -39.77 -82.26
CA PRO I 2411 30.74 -38.43 -82.20
C PRO I 2411 30.15 -38.00 -83.55
N PRO I 2412 28.88 -37.62 -83.58
CA PRO I 2412 28.28 -37.24 -84.88
C PRO I 2412 29.02 -36.09 -85.58
N GLU I 2413 29.57 -35.14 -84.83
CA GLU I 2413 30.23 -34.00 -85.46
C GLU I 2413 31.33 -33.45 -84.57
N GLU I 2414 32.46 -33.13 -85.20
CA GLU I 2414 33.52 -32.28 -84.66
C GLU I 2414 33.74 -32.53 -83.16
N ASN I 2415 33.93 -33.79 -82.81
CA ASN I 2415 34.46 -34.18 -81.51
C ASN I 2415 33.77 -33.42 -80.38
N ARG I 2416 32.45 -33.53 -80.34
CA ARG I 2416 31.65 -32.79 -79.38
C ARG I 2416 32.02 -31.32 -79.41
N VAL I 2417 32.64 -30.82 -78.34
CA VAL I 2417 32.96 -29.41 -78.21
C VAL I 2417 34.39 -29.30 -77.71
N HIS I 2418 35.22 -28.58 -78.45
CA HIS I 2418 36.56 -28.27 -77.98
C HIS I 2418 36.47 -27.20 -76.90
N LEU I 2419 36.93 -27.54 -75.69
CA LEU I 2419 36.69 -26.69 -74.54
C LEU I 2419 37.15 -25.26 -74.80
N GLY I 2420 38.25 -25.09 -75.52
CA GLY I 2420 38.72 -23.76 -75.84
C GLY I 2420 37.70 -22.98 -76.65
N HIS I 2421 37.21 -23.59 -77.71
CA HIS I 2421 36.18 -22.93 -78.50
C HIS I 2421 34.92 -22.67 -77.70
N ALA I 2422 34.51 -23.60 -76.86
CA ALA I 2422 33.32 -23.39 -76.04
C ALA I 2422 33.51 -22.18 -75.13
N ILE I 2423 34.69 -22.04 -74.53
CA ILE I 2423 34.90 -20.94 -73.59
C ILE I 2423 34.96 -19.61 -74.33
N MET I 2424 35.69 -19.54 -75.47
CA MET I 2424 35.65 -18.30 -76.24
C MET I 2424 34.23 -17.99 -76.65
N SER I 2425 33.47 -18.99 -77.09
CA SER I 2425 32.11 -18.74 -77.52
C SER I 2425 31.27 -18.18 -76.40
N PHE I 2426 31.38 -18.76 -75.20
CA PHE I 2426 30.62 -18.26 -74.07
C PHE I 2426 30.98 -16.81 -73.76
N TYR I 2427 32.28 -16.51 -73.69
CA TYR I 2427 32.65 -15.15 -73.34
C TYR I 2427 32.21 -14.16 -74.40
N ALA I 2428 32.34 -14.52 -75.67
CA ALA I 2428 31.89 -13.65 -76.74
C ALA I 2428 30.39 -13.44 -76.66
N ALA I 2429 29.63 -14.50 -76.38
CA ALA I 2429 28.19 -14.37 -76.27
C ALA I 2429 27.82 -13.48 -75.09
N LEU I 2430 28.52 -13.61 -73.97
CA LEU I 2430 28.23 -12.76 -72.83
C LEU I 2430 28.50 -11.30 -73.16
N ILE I 2431 29.63 -11.02 -73.81
CA ILE I 2431 29.94 -9.64 -74.16
C ILE I 2431 28.93 -9.10 -75.16
N ASP I 2432 28.51 -9.92 -76.12
CA ASP I 2432 27.49 -9.51 -77.06
C ASP I 2432 26.19 -9.18 -76.34
N LEU I 2433 25.79 -10.03 -75.40
CA LEU I 2433 24.56 -9.79 -74.66
C LEU I 2433 24.64 -8.47 -73.90
N LEU I 2434 25.76 -8.22 -73.24
CA LEU I 2434 25.90 -6.96 -72.51
C LEU I 2434 25.85 -5.78 -73.47
N GLY I 2435 26.57 -5.86 -74.57
CA GLY I 2435 26.54 -4.77 -75.54
C GLY I 2435 25.15 -4.49 -76.06
N ARG I 2436 24.39 -5.54 -76.34
CA ARG I 2436 23.01 -5.36 -76.74
C ARG I 2436 22.21 -4.70 -75.63
N CYS I 2437 22.47 -5.08 -74.38
CA CYS I 2437 21.75 -4.48 -73.26
C CYS I 2437 22.07 -2.99 -73.15
N ALA I 2438 23.24 -2.58 -73.64
CA ALA I 2438 23.66 -1.18 -73.55
C ALA I 2438 22.54 -0.24 -73.98
N PRO I 2439 22.39 0.92 -73.35
CA PRO I 2439 21.27 1.80 -73.71
C PRO I 2439 21.48 2.46 -75.07
N GLU I 2440 20.38 2.92 -75.66
CA GLU I 2440 20.44 3.56 -76.96
C GLU I 2440 20.99 4.97 -76.86
N THR I 2441 21.56 5.44 -77.98
CA THR I 2441 22.25 6.72 -77.99
C THR I 2441 21.28 7.86 -77.68
N HIS I 2442 20.04 7.78 -78.14
CA HIS I 2442 19.11 8.87 -77.88
C HIS I 2442 18.78 8.96 -76.40
N LEU I 2443 18.61 7.82 -75.73
CA LEU I 2443 18.43 7.85 -74.28
C LEU I 2443 19.65 8.42 -73.59
N ILE I 2444 20.85 7.99 -74.01
CA ILE I 2444 22.05 8.52 -73.40
C ILE I 2444 22.12 10.03 -73.53
N GLN I 2445 21.82 10.56 -74.72
CA GLN I 2445 21.81 12.00 -74.95
C GLN I 2445 20.77 12.71 -74.10
N ALA I 2446 19.56 12.15 -74.03
CA ALA I 2446 18.51 12.75 -73.20
C ALA I 2446 18.93 12.75 -71.74
N GLY I 2447 19.83 11.85 -71.36
CA GLY I 2447 20.37 11.84 -70.02
C GLY I 2447 19.59 11.03 -69.02
N LYS I 2448 18.73 10.12 -69.46
CA LYS I 2448 17.96 9.29 -68.53
C LYS I 2448 18.89 8.67 -67.49
N GLY I 2449 18.63 8.96 -66.22
CA GLY I 2449 19.52 8.49 -65.17
C GLY I 2449 19.67 6.98 -65.17
N GLU I 2450 18.57 6.26 -65.42
CA GLU I 2450 18.64 4.81 -65.46
C GLU I 2450 19.56 4.34 -66.59
N ALA I 2451 19.44 4.96 -67.76
CA ALA I 2451 20.29 4.58 -68.88
C ALA I 2451 21.75 4.86 -68.57
N LEU I 2452 22.05 6.01 -68.00
CA LEU I 2452 23.45 6.31 -67.66
C LEU I 2452 23.97 5.32 -66.63
N ARG I 2453 23.15 4.98 -65.64
CA ARG I 2453 23.57 4.02 -64.63
C ARG I 2453 23.87 2.67 -65.26
N ILE I 2454 23.02 2.22 -66.18
CA ILE I 2454 23.24 0.92 -66.83
C ILE I 2454 24.52 0.96 -67.63
N ARG I 2455 24.75 2.03 -68.38
CA ARG I 2455 25.97 2.11 -69.16
C ARG I 2455 27.19 2.10 -68.25
N ALA I 2456 27.12 2.79 -67.12
CA ALA I 2456 28.24 2.78 -66.18
C ALA I 2456 28.49 1.37 -65.63
N ILE I 2457 27.41 0.65 -65.30
CA ILE I 2457 27.57 -0.71 -64.82
C ILE I 2457 28.27 -1.57 -65.86
N LEU I 2458 27.83 -1.46 -67.12
CA LEU I 2458 28.45 -2.26 -68.17
C LEU I 2458 29.91 -1.90 -68.35
N ARG I 2459 30.23 -0.60 -68.34
CA ARG I 2459 31.61 -0.18 -68.47
C ARG I 2459 32.47 -0.73 -67.34
N SER I 2460 31.98 -0.70 -66.11
CA SER I 2460 32.69 -1.31 -65.00
C SER I 2460 32.86 -2.80 -65.16
N LEU I 2461 31.83 -3.50 -65.65
CA LEU I 2461 31.92 -4.95 -65.80
C LEU I 2461 32.98 -5.33 -66.83
N VAL I 2462 33.03 -4.62 -67.95
CA VAL I 2462 33.94 -4.94 -69.04
C VAL I 2462 34.95 -3.81 -69.18
N PRO I 2463 36.22 -4.02 -68.88
CA PRO I 2463 37.22 -2.96 -69.11
C PRO I 2463 37.49 -2.76 -70.60
N LEU I 2464 37.67 -1.49 -70.97
CA LEU I 2464 37.90 -1.15 -72.38
C LEU I 2464 39.20 -1.76 -72.89
N ASP I 2465 40.26 -1.66 -72.09
CA ASP I 2465 41.57 -2.12 -72.55
C ASP I 2465 41.54 -3.61 -72.86
N ASP I 2466 40.77 -4.38 -72.10
CA ASP I 2466 40.62 -5.79 -72.41
C ASP I 2466 39.97 -6.00 -73.77
N LEU I 2467 38.96 -5.21 -74.09
CA LEU I 2467 38.36 -5.30 -75.42
C LEU I 2467 39.37 -4.97 -76.50
N VAL I 2468 40.16 -3.92 -76.29
CA VAL I 2468 41.17 -3.58 -77.30
C VAL I 2468 42.16 -4.72 -77.45
N GLY I 2469 42.58 -5.33 -76.35
CA GLY I 2469 43.49 -6.46 -76.44
C GLY I 2469 42.89 -7.62 -77.20
N ILE I 2470 41.63 -7.94 -76.93
CA ILE I 2470 41.00 -9.05 -77.62
C ILE I 2470 40.92 -8.77 -79.11
N ILE I 2471 40.52 -7.56 -79.48
CA ILE I 2471 40.49 -7.21 -80.89
C ILE I 2471 41.89 -7.33 -81.50
N SER I 2472 42.92 -6.98 -80.73
CA SER I 2472 44.28 -7.05 -81.25
C SER I 2472 44.70 -8.49 -81.48
N LEU I 2473 44.22 -9.41 -80.65
CA LEU I 2473 44.71 -10.77 -80.68
C LEU I 2473 44.67 -11.32 -82.10
N PRO I 2474 45.70 -12.04 -82.54
CA PRO I 2474 45.74 -12.48 -83.93
C PRO I 2474 44.97 -13.78 -84.16
N LEU I 2475 44.43 -13.90 -85.37
CA LEU I 2475 43.72 -15.11 -85.80
C LEU I 2475 44.62 -15.88 -86.75
N GLN I 2476 44.79 -17.17 -86.50
CA GLN I 2476 45.54 -17.99 -87.42
C GLN I 2476 44.87 -17.97 -88.79
N ILE I 2477 45.68 -17.76 -89.83
CA ILE I 2477 45.15 -17.64 -91.19
C ILE I 2477 45.64 -18.84 -92.01
N PRO I 2478 44.84 -19.35 -92.93
CA PRO I 2478 45.29 -20.51 -93.71
C PRO I 2478 46.55 -20.19 -94.50
N THR I 2479 47.41 -21.20 -94.67
CA THR I 2479 48.65 -21.07 -95.41
C THR I 2479 48.78 -22.20 -96.41
N LEU I 2480 49.59 -21.97 -97.44
CA LEU I 2480 49.78 -22.92 -98.53
C LEU I 2480 50.97 -23.83 -98.26
N GLY I 2481 51.20 -24.18 -97.00
CA GLY I 2481 52.35 -24.97 -96.62
C GLY I 2481 52.14 -26.45 -96.87
N LYS I 2482 53.12 -27.23 -96.39
CA LYS I 2482 53.15 -28.68 -96.57
C LYS I 2482 52.93 -29.01 -98.05
N ASP I 2483 53.94 -28.67 -98.86
CA ASP I 2483 53.96 -29.05 -100.27
C ASP I 2483 52.74 -28.50 -101.02
N GLY I 2484 52.42 -27.23 -100.78
CA GLY I 2484 51.33 -26.60 -101.49
C GLY I 2484 49.95 -26.92 -100.95
N ALA I 2485 49.86 -27.62 -99.82
CA ALA I 2485 48.57 -27.96 -99.25
C ALA I 2485 47.99 -26.79 -98.47
N LEU I 2486 46.69 -26.86 -98.19
CA LEU I 2486 46.00 -25.83 -97.44
C LEU I 2486 45.93 -26.20 -95.96
N VAL I 2487 46.59 -25.41 -95.10
CA VAL I 2487 46.56 -25.62 -93.66
C VAL I 2487 45.49 -24.70 -93.11
N GLN I 2488 44.25 -25.18 -93.07
CA GLN I 2488 43.12 -24.40 -92.59
C GLN I 2488 42.81 -24.78 -91.15
N PRO I 2489 42.89 -23.84 -90.21
CA PRO I 2489 42.62 -24.20 -88.81
C PRO I 2489 41.18 -24.68 -88.64
N LYS I 2490 41.01 -25.61 -87.71
CA LYS I 2490 39.70 -26.18 -87.45
C LYS I 2490 38.81 -25.10 -86.86
N MET I 2491 37.86 -24.61 -87.66
CA MET I 2491 37.02 -23.49 -87.24
C MET I 2491 36.41 -23.73 -85.87
N SER I 2492 35.83 -24.92 -85.65
CA SER I 2492 35.12 -25.16 -84.41
C SER I 2492 36.08 -25.33 -83.23
N ALA I 2493 37.38 -25.41 -83.48
CA ALA I 2493 38.36 -25.67 -82.44
C ALA I 2493 39.38 -24.56 -82.27
N SER I 2494 39.07 -23.34 -82.72
CA SER I 2494 40.05 -22.25 -82.62
C SER I 2494 39.38 -20.91 -82.36
N PHE I 2495 40.17 -19.84 -82.43
CA PHE I 2495 39.68 -18.48 -82.22
C PHE I 2495 39.19 -17.94 -83.55
N VAL I 2496 37.95 -17.46 -83.57
CA VAL I 2496 37.27 -17.16 -84.83
C VAL I 2496 36.85 -15.70 -84.90
N PRO I 2497 36.72 -15.12 -86.10
CA PRO I 2497 36.32 -13.71 -86.18
C PRO I 2497 34.99 -13.40 -85.53
N ASP I 2498 34.06 -14.35 -85.55
CA ASP I 2498 32.77 -14.11 -84.90
C ASP I 2498 32.98 -13.75 -83.43
N HIS I 2499 33.99 -14.32 -82.79
CA HIS I 2499 34.27 -13.97 -81.41
C HIS I 2499 34.64 -12.50 -81.29
N LYS I 2500 35.48 -12.00 -82.19
CA LYS I 2500 35.81 -10.58 -82.17
C LYS I 2500 34.62 -9.71 -82.52
N ALA I 2501 33.66 -10.26 -83.26
CA ALA I 2501 32.50 -9.47 -83.66
C ALA I 2501 31.73 -8.99 -82.43
N SER I 2502 31.54 -9.88 -81.45
CA SER I 2502 30.87 -9.49 -80.22
C SER I 2502 31.65 -8.39 -79.50
N MET I 2503 32.97 -8.52 -79.48
CA MET I 2503 33.79 -7.51 -78.82
C MET I 2503 33.61 -6.15 -79.49
N VAL I 2504 33.58 -6.14 -80.83
CA VAL I 2504 33.40 -4.88 -81.55
C VAL I 2504 32.03 -4.30 -81.25
N LEU I 2505 31.00 -5.15 -81.24
CA LEU I 2505 29.66 -4.65 -80.95
C LEU I 2505 29.61 -4.00 -79.57
N PHE I 2506 30.17 -4.67 -78.57
CA PHE I 2506 30.21 -4.10 -77.23
C PHE I 2506 30.98 -2.80 -77.19
N LEU I 2507 32.16 -2.77 -77.81
CA LEU I 2507 32.98 -1.56 -77.82
C LEU I 2507 32.25 -0.38 -78.46
N ASP I 2508 31.52 -0.62 -79.55
CA ASP I 2508 30.77 0.44 -80.19
C ASP I 2508 29.59 0.91 -79.34
N ARG I 2509 28.77 -0.03 -78.87
CA ARG I 2509 27.53 0.36 -78.20
C ARG I 2509 27.81 1.01 -76.84
N VAL I 2510 28.75 0.46 -76.08
CA VAL I 2510 28.96 0.91 -74.71
C VAL I 2510 29.98 2.03 -74.65
N TYR I 2511 31.23 1.72 -75.00
CA TYR I 2511 32.28 2.72 -74.83
C TYR I 2511 32.22 3.78 -75.92
N GLY I 2512 31.88 3.40 -77.14
CA GLY I 2512 31.80 4.35 -78.23
C GLY I 2512 33.16 4.92 -78.59
N ILE I 2513 33.29 5.45 -79.79
CA ILE I 2513 34.54 6.02 -80.27
C ILE I 2513 34.30 7.51 -80.50
N GLU I 2514 35.05 8.35 -79.78
CA GLU I 2514 34.93 9.79 -79.91
C GLU I 2514 36.27 10.49 -80.04
N ASN I 2515 37.36 9.87 -79.59
CA ASN I 2515 38.68 10.48 -79.61
C ASN I 2515 39.42 10.03 -80.85
N GLN I 2516 39.98 10.99 -81.59
CA GLN I 2516 40.73 10.66 -82.80
C GLN I 2516 41.94 9.79 -82.46
N ASP I 2517 42.65 10.12 -81.38
CA ASP I 2517 43.81 9.33 -81.00
C ASP I 2517 43.41 7.89 -80.68
N PHE I 2518 42.32 7.72 -79.92
CA PHE I 2518 41.85 6.36 -79.62
C PHE I 2518 41.44 5.64 -80.89
N LEU I 2519 40.76 6.33 -81.81
CA LEU I 2519 40.38 5.71 -83.06
C LEU I 2519 41.62 5.19 -83.79
N LEU I 2520 42.64 6.02 -83.93
CA LEU I 2520 43.84 5.59 -84.62
C LEU I 2520 44.51 4.44 -83.88
N HIS I 2521 44.54 4.51 -82.55
CA HIS I 2521 45.21 3.47 -81.78
C HIS I 2521 44.54 2.11 -82.00
N VAL I 2522 43.22 2.05 -81.80
CA VAL I 2522 42.53 0.77 -81.99
C VAL I 2522 42.62 0.34 -83.44
N LEU I 2523 42.43 1.26 -84.38
CA LEU I 2523 42.52 0.94 -85.79
C LEU I 2523 43.85 0.26 -86.11
N ASP I 2524 44.95 0.88 -85.70
CA ASP I 2524 46.26 0.33 -86.01
C ASP I 2524 46.49 -1.00 -85.31
N VAL I 2525 46.14 -1.09 -84.02
CA VAL I 2525 46.54 -2.26 -83.26
C VAL I 2525 45.71 -3.48 -83.67
N GLY I 2526 44.40 -3.32 -83.83
CA GLY I 2526 43.53 -4.47 -83.94
C GLY I 2526 42.78 -4.66 -85.25
N PHE I 2527 42.38 -3.58 -85.91
CA PHE I 2527 41.57 -3.70 -87.11
C PHE I 2527 42.44 -3.88 -88.35
N LEU I 2528 43.41 -2.99 -88.52
CA LEU I 2528 44.17 -2.88 -89.75
C LEU I 2528 44.88 -4.20 -90.03
N PRO I 2529 45.46 -4.87 -89.04
CA PRO I 2529 45.98 -6.22 -89.30
C PRO I 2529 44.92 -7.15 -89.84
N ASP I 2530 43.69 -7.04 -89.34
CA ASP I 2530 42.64 -7.94 -89.81
C ASP I 2530 42.32 -7.69 -91.28
N MET I 2531 42.13 -6.43 -91.67
CA MET I 2531 41.84 -6.19 -93.08
C MET I 2531 43.04 -6.54 -93.96
N ARG I 2532 44.27 -6.32 -93.47
CA ARG I 2532 45.40 -6.80 -94.24
C ARG I 2532 45.32 -8.30 -94.46
N ALA I 2533 45.04 -9.06 -93.42
CA ALA I 2533 44.94 -10.51 -93.54
C ALA I 2533 43.84 -10.92 -94.50
N ALA I 2534 42.67 -10.28 -94.43
CA ALA I 2534 41.60 -10.63 -95.35
C ALA I 2534 42.00 -10.34 -96.80
N ALA I 2535 42.60 -9.18 -97.03
CA ALA I 2535 43.06 -8.86 -98.38
C ALA I 2535 44.04 -9.90 -98.87
N SER I 2536 45.00 -10.28 -98.02
CA SER I 2536 45.98 -11.28 -98.43
C SER I 2536 45.31 -12.61 -98.76
N LEU I 2537 44.37 -13.04 -97.93
CA LEU I 2537 43.67 -14.30 -98.14
C LEU I 2537 42.73 -14.27 -99.34
N ASP I 2538 42.41 -13.08 -99.86
CA ASP I 2538 41.50 -12.99 -101.00
C ASP I 2538 41.99 -13.73 -102.24
N THR I 2539 43.24 -14.22 -102.27
CA THR I 2539 43.74 -14.90 -103.44
C THR I 2539 42.95 -16.16 -103.75
N ALA I 2540 43.25 -16.77 -104.90
CA ALA I 2540 42.41 -17.82 -105.45
C ALA I 2540 42.34 -19.06 -104.56
N THR I 2541 43.50 -19.60 -104.17
CA THR I 2541 43.50 -20.80 -103.35
C THR I 2541 42.81 -20.54 -102.01
N PHE I 2542 43.07 -19.37 -101.43
CA PHE I 2542 42.55 -19.04 -100.11
C PHE I 2542 41.19 -18.36 -100.16
N SER I 2543 40.66 -18.10 -101.36
CA SER I 2543 39.46 -17.28 -101.48
C SER I 2543 38.26 -17.91 -100.79
N THR I 2544 38.06 -19.21 -100.97
CA THR I 2544 36.85 -19.88 -100.48
C THR I 2544 37.02 -20.51 -99.11
N THR I 2545 38.18 -20.33 -98.47
CA THR I 2545 38.41 -20.97 -97.18
C THR I 2545 37.41 -20.48 -96.15
N GLU I 2546 37.07 -21.36 -95.22
CA GLU I 2546 36.12 -21.01 -94.18
C GLU I 2546 36.60 -19.81 -93.37
N MET I 2547 37.89 -19.78 -93.06
CA MET I 2547 38.43 -18.65 -92.32
C MET I 2547 38.32 -17.36 -93.12
N ALA I 2548 38.57 -17.43 -94.43
CA ALA I 2548 38.44 -16.23 -95.25
C ALA I 2548 37.01 -15.72 -95.27
N LEU I 2549 36.05 -16.63 -95.43
CA LEU I 2549 34.65 -16.22 -95.44
C LEU I 2549 34.26 -15.64 -94.08
N ALA I 2550 34.74 -16.25 -93.00
CA ALA I 2550 34.45 -15.73 -91.67
C ALA I 2550 35.04 -14.34 -91.49
N LEU I 2551 36.25 -14.11 -92.01
CA LEU I 2551 36.84 -12.78 -91.92
C LEU I 2551 36.02 -11.76 -92.70
N ASN I 2552 35.56 -12.14 -93.90
CA ASN I 2552 34.71 -11.23 -94.66
C ASN I 2552 33.46 -10.89 -93.87
N ARG I 2553 32.82 -11.90 -93.28
CA ARG I 2553 31.62 -11.65 -92.49
C ARG I 2553 31.93 -10.72 -91.32
N TYR I 2554 32.96 -11.03 -90.55
CA TYR I 2554 33.31 -10.23 -89.38
C TYR I 2554 33.55 -8.79 -89.78
N LEU I 2555 34.39 -8.57 -90.80
CA LEU I 2555 34.62 -7.21 -91.26
C LEU I 2555 33.32 -6.54 -91.63
N CYS I 2556 32.64 -7.04 -92.65
CA CYS I 2556 31.49 -6.34 -93.20
C CYS I 2556 30.36 -6.16 -92.20
N LEU I 2557 30.34 -6.97 -91.13
CA LEU I 2557 29.26 -6.87 -90.15
C LEU I 2557 29.60 -5.97 -88.98
N ALA I 2558 30.86 -5.94 -88.54
CA ALA I 2558 31.19 -5.20 -87.33
C ALA I 2558 32.18 -4.07 -87.60
N VAL I 2559 33.25 -4.35 -88.34
CA VAL I 2559 34.36 -3.42 -88.40
C VAL I 2559 34.07 -2.28 -89.37
N LEU I 2560 33.76 -2.64 -90.62
CA LEU I 2560 33.57 -1.61 -91.64
C LEU I 2560 32.49 -0.62 -91.23
N PRO I 2561 31.30 -1.04 -90.79
CA PRO I 2561 30.29 -0.05 -90.39
C PRO I 2561 30.77 0.90 -89.31
N LEU I 2562 31.55 0.40 -88.35
CA LEU I 2562 32.06 1.26 -87.30
C LEU I 2562 32.96 2.35 -87.88
N ILE I 2563 33.85 1.97 -88.80
CA ILE I 2563 34.73 2.96 -89.43
C ILE I 2563 33.92 3.95 -90.23
N THR I 2564 32.88 3.47 -90.93
CA THR I 2564 32.04 4.40 -91.69
C THR I 2564 31.39 5.41 -90.76
N LYS I 2565 30.89 4.95 -89.62
CA LYS I 2565 30.27 5.86 -88.66
C LYS I 2565 31.28 6.86 -88.12
N CYS I 2566 32.51 6.41 -87.84
CA CYS I 2566 33.53 7.26 -87.25
C CYS I 2566 34.36 7.99 -88.30
N ALA I 2567 33.96 7.93 -89.56
CA ALA I 2567 34.77 8.53 -90.62
C ALA I 2567 35.11 9.99 -90.37
N PRO I 2568 34.20 10.85 -89.93
CA PRO I 2568 34.55 12.28 -89.81
C PRO I 2568 35.73 12.55 -88.93
N LEU I 2569 36.05 11.64 -88.01
CA LEU I 2569 37.17 11.87 -87.10
C LEU I 2569 38.50 11.90 -87.84
N PHE I 2570 38.51 11.42 -89.09
CA PHE I 2570 39.76 11.27 -89.83
C PHE I 2570 40.33 12.60 -90.28
N ALA I 2571 39.58 13.68 -90.14
CA ALA I 2571 40.08 14.99 -90.52
C ALA I 2571 41.29 15.37 -89.66
N GLY I 2572 42.27 16.01 -90.29
CA GLY I 2572 43.43 16.48 -89.56
C GLY I 2572 44.25 15.37 -88.92
N THR I 2573 44.52 14.31 -89.67
CA THR I 2573 45.29 13.17 -89.17
C THR I 2573 46.65 13.05 -89.84
N GLU I 2574 47.24 14.16 -90.26
CA GLU I 2574 48.49 14.10 -91.00
C GLU I 2574 49.59 13.40 -90.22
N HIS I 2575 49.54 13.45 -88.89
CA HIS I 2575 50.64 12.89 -88.10
C HIS I 2575 50.77 11.39 -88.33
N ARG I 2576 49.67 10.71 -88.68
CA ARG I 2576 49.68 9.28 -88.97
C ARG I 2576 49.33 9.03 -90.43
N ALA I 2577 49.89 9.88 -91.30
CA ALA I 2577 49.52 9.85 -92.71
C ALA I 2577 49.83 8.50 -93.35
N ILE I 2578 50.99 7.92 -93.02
CA ILE I 2578 51.36 6.64 -93.62
C ILE I 2578 50.33 5.59 -93.26
N MET I 2579 49.91 5.53 -91.99
CA MET I 2579 48.92 4.55 -91.58
C MET I 2579 47.58 4.79 -92.25
N VAL I 2580 47.16 6.05 -92.35
CA VAL I 2580 45.88 6.34 -92.99
C VAL I 2580 45.91 5.90 -94.45
N ASP I 2581 47.00 6.21 -95.14
CA ASP I 2581 47.13 5.82 -96.54
C ASP I 2581 47.13 4.30 -96.67
N SER I 2582 47.79 3.61 -95.74
CA SER I 2582 47.77 2.16 -95.75
C SER I 2582 46.34 1.64 -95.58
N MET I 2583 45.58 2.26 -94.69
CA MET I 2583 44.19 1.84 -94.52
C MET I 2583 43.41 2.02 -95.81
N LEU I 2584 43.58 3.16 -96.47
CA LEU I 2584 42.85 3.41 -97.71
C LEU I 2584 43.20 2.36 -98.75
N HIS I 2585 44.49 2.10 -98.94
CA HIS I 2585 44.91 1.10 -99.92
C HIS I 2585 44.33 -0.26 -99.57
N THR I 2586 44.38 -0.64 -98.30
CA THR I 2586 43.88 -1.95 -97.90
C THR I 2586 42.39 -2.08 -98.14
N VAL I 2587 41.62 -1.04 -97.79
CA VAL I 2587 40.18 -1.09 -97.99
C VAL I 2587 39.86 -1.17 -99.46
N TYR I 2588 40.56 -0.41 -100.30
CA TYR I 2588 40.30 -0.49 -101.73
C TYR I 2588 40.61 -1.88 -102.27
N ARG I 2589 41.72 -2.49 -101.85
CA ARG I 2589 42.04 -3.83 -102.31
C ARG I 2589 40.96 -4.81 -101.88
N LEU I 2590 40.51 -4.71 -100.62
CA LEU I 2590 39.47 -5.60 -100.15
C LEU I 2590 38.19 -5.41 -100.95
N SER I 2591 37.86 -4.15 -101.28
CA SER I 2591 36.69 -3.90 -102.11
C SER I 2591 36.82 -4.61 -103.45
N ARG I 2592 37.97 -4.50 -104.10
CA ARG I 2592 38.17 -5.25 -105.34
C ARG I 2592 38.08 -6.75 -105.13
N GLY I 2593 38.45 -7.25 -103.95
CA GLY I 2593 38.47 -8.68 -103.70
C GLY I 2593 37.23 -9.40 -104.17
N ARG I 2594 37.41 -10.62 -104.67
CA ARG I 2594 36.31 -11.43 -105.15
C ARG I 2594 35.75 -12.30 -104.01
N SER I 2595 34.76 -13.12 -104.36
CA SER I 2595 34.08 -14.05 -103.46
C SER I 2595 33.20 -13.31 -102.47
N LEU I 2596 33.10 -11.98 -102.55
CA LEU I 2596 32.25 -11.23 -101.63
C LEU I 2596 30.79 -11.32 -102.05
N THR I 2597 29.92 -11.36 -101.07
CA THR I 2597 28.50 -11.19 -101.32
C THR I 2597 28.22 -9.74 -101.71
N LYS I 2598 27.11 -9.53 -102.40
CA LYS I 2598 26.81 -8.20 -102.88
C LYS I 2598 26.66 -7.23 -101.73
N ALA I 2599 26.01 -7.65 -100.64
CA ALA I 2599 25.88 -6.79 -99.47
C ALA I 2599 27.26 -6.45 -98.90
N GLN I 2600 28.15 -7.44 -98.83
CA GLN I 2600 29.50 -7.19 -98.32
C GLN I 2600 30.21 -6.15 -99.18
N ARG I 2601 30.13 -6.31 -100.50
CA ARG I 2601 30.77 -5.33 -101.38
C ARG I 2601 30.17 -3.96 -101.19
N ASP I 2602 28.85 -3.88 -101.03
CA ASP I 2602 28.22 -2.58 -100.82
C ASP I 2602 28.73 -1.93 -99.53
N VAL I 2603 28.85 -2.72 -98.46
CA VAL I 2603 29.35 -2.17 -97.20
C VAL I 2603 30.76 -1.64 -97.37
N ILE I 2604 31.63 -2.42 -98.04
CA ILE I 2604 33.00 -1.97 -98.22
C ILE I 2604 33.05 -0.69 -99.04
N GLU I 2605 32.26 -0.63 -100.11
CA GLU I 2605 32.25 0.58 -100.94
C GLU I 2605 31.74 1.78 -100.17
N ASP I 2606 30.69 1.59 -99.36
CA ASP I 2606 30.20 2.68 -98.54
C ASP I 2606 31.27 3.18 -97.59
N CYS I 2607 32.02 2.26 -96.97
CA CYS I 2607 33.12 2.69 -96.11
C CYS I 2607 34.15 3.50 -96.90
N LEU I 2608 34.45 3.05 -98.12
CA LEU I 2608 35.44 3.77 -98.92
C LEU I 2608 34.99 5.19 -99.22
N MET I 2609 33.74 5.36 -99.68
CA MET I 2609 33.27 6.72 -99.94
C MET I 2609 33.22 7.55 -98.66
N ALA I 2610 32.79 6.94 -97.55
CA ALA I 2610 32.72 7.70 -96.30
C ALA I 2610 34.10 8.20 -95.90
N LEU I 2611 35.12 7.34 -95.99
CA LEU I 2611 36.47 7.78 -95.67
C LEU I 2611 36.94 8.87 -96.61
N CYS I 2612 36.70 8.69 -97.91
CA CYS I 2612 37.25 9.64 -98.88
C CYS I 2612 36.53 10.97 -98.84
N ARG I 2613 35.31 11.01 -98.31
CA ARG I 2613 34.61 12.28 -98.19
C ARG I 2613 35.29 13.20 -97.18
N TYR I 2614 35.61 12.67 -96.01
CA TYR I 2614 36.10 13.48 -94.91
C TYR I 2614 37.63 13.57 -94.85
N ILE I 2615 38.35 12.58 -95.36
CA ILE I 2615 39.80 12.66 -95.32
C ILE I 2615 40.29 13.81 -96.18
N ARG I 2616 41.48 14.32 -95.84
CA ARG I 2616 42.03 15.47 -96.55
C ARG I 2616 42.38 15.08 -97.98
N PRO I 2617 42.44 16.04 -98.89
CA PRO I 2617 42.79 15.72 -100.29
C PRO I 2617 44.19 15.18 -100.46
N SER I 2618 45.18 15.83 -99.85
CA SER I 2618 46.57 15.42 -100.04
C SER I 2618 46.76 13.96 -99.65
N MET I 2619 45.91 13.45 -98.75
CA MET I 2619 46.01 12.05 -98.36
C MET I 2619 45.77 11.14 -99.55
N LEU I 2620 44.82 11.50 -100.41
CA LEU I 2620 44.41 10.64 -101.51
C LEU I 2620 45.46 10.48 -102.59
N GLN I 2621 46.66 11.03 -102.42
CA GLN I 2621 47.62 10.99 -103.52
C GLN I 2621 47.91 9.56 -103.96
N HIS I 2622 48.30 8.69 -103.02
CA HIS I 2622 48.67 7.33 -103.40
C HIS I 2622 47.48 6.52 -103.89
N LEU I 2623 46.33 6.64 -103.21
CA LEU I 2623 45.15 5.93 -103.68
C LEU I 2623 44.79 6.34 -105.09
N LEU I 2624 44.71 7.65 -105.35
CA LEU I 2624 44.46 8.14 -106.69
C LEU I 2624 45.50 7.61 -107.66
N ARG I 2625 46.76 7.49 -107.23
CA ARG I 2625 47.79 6.94 -108.10
C ARG I 2625 47.46 5.51 -108.50
N ARG I 2626 47.02 4.70 -107.54
CA ARG I 2626 46.58 3.35 -107.88
C ARG I 2626 45.40 3.40 -108.86
N LEU I 2627 44.47 4.32 -108.62
CA LEU I 2627 43.27 4.35 -109.46
C LEU I 2627 43.59 4.75 -110.88
N VAL I 2628 44.59 5.62 -111.08
CA VAL I 2628 44.98 6.00 -112.43
C VAL I 2628 45.23 4.76 -113.28
N PHE I 2629 45.80 3.72 -112.69
CA PHE I 2629 46.04 2.48 -113.42
C PHE I 2629 44.86 1.54 -113.37
N ASP I 2630 44.09 1.57 -112.28
CA ASP I 2630 43.02 0.59 -112.11
C ASP I 2630 41.81 0.91 -113.00
N VAL I 2631 41.42 2.17 -113.08
CA VAL I 2631 40.14 2.58 -113.66
C VAL I 2631 40.12 2.49 -115.18
N PRO I 2632 41.13 2.99 -115.88
CA PRO I 2632 41.00 3.14 -117.34
C PRO I 2632 40.49 1.90 -118.05
N ILE I 2633 40.72 0.71 -117.50
CA ILE I 2633 40.22 -0.51 -118.13
C ILE I 2633 38.70 -0.49 -118.23
N LEU I 2634 38.04 0.24 -117.34
CA LEU I 2634 36.58 0.39 -117.38
C LEU I 2634 35.89 -0.97 -117.33
N ASN I 2635 36.28 -1.79 -116.36
CA ASN I 2635 35.65 -3.08 -116.14
C ASN I 2635 34.55 -2.93 -115.09
N GLU I 2636 33.83 -4.04 -114.83
CA GLU I 2636 32.80 -4.02 -113.81
C GLU I 2636 33.36 -3.58 -112.47
N PHE I 2637 34.53 -4.09 -112.08
CA PHE I 2637 35.13 -3.70 -110.81
C PHE I 2637 35.53 -2.23 -110.82
N ALA I 2638 35.57 -1.61 -112.00
CA ALA I 2638 36.03 -0.23 -112.10
C ALA I 2638 34.92 0.79 -111.86
N LYS I 2639 33.66 0.37 -111.80
CA LYS I 2639 32.57 1.35 -111.71
C LYS I 2639 32.62 2.15 -110.41
N MET I 2640 32.82 1.48 -109.27
CA MET I 2640 32.87 2.20 -108.01
C MET I 2640 33.94 3.29 -108.01
N PRO I 2641 35.16 3.04 -108.49
CA PRO I 2641 36.12 4.14 -108.61
C PRO I 2641 35.58 5.35 -109.36
N LEU I 2642 34.71 5.18 -110.35
CA LEU I 2642 34.18 6.34 -111.04
C LEU I 2642 33.43 7.24 -110.08
N LYS I 2643 32.53 6.67 -109.28
CA LYS I 2643 31.80 7.46 -108.29
C LYS I 2643 32.76 8.07 -107.28
N LEU I 2644 33.74 7.28 -106.83
CA LEU I 2644 34.67 7.78 -105.83
C LEU I 2644 35.41 9.01 -106.35
N LEU I 2645 35.96 8.92 -107.56
CA LEU I 2645 36.68 10.03 -108.15
C LEU I 2645 35.77 11.22 -108.39
N THR I 2646 34.55 10.96 -108.86
CA THR I 2646 33.61 12.06 -109.05
C THR I 2646 33.41 12.83 -107.75
N ASN I 2647 33.09 12.12 -106.68
CA ASN I 2647 32.86 12.79 -105.39
C ASN I 2647 34.10 13.54 -104.93
N HIS I 2648 35.27 12.89 -104.99
CA HIS I 2648 36.47 13.52 -104.47
C HIS I 2648 36.80 14.79 -105.24
N TYR I 2649 36.82 14.70 -106.57
CA TYR I 2649 37.15 15.87 -107.37
C TYR I 2649 36.12 16.97 -107.23
N GLU I 2650 34.83 16.61 -107.17
CA GLU I 2650 33.81 17.63 -106.99
C GLU I 2650 34.01 18.36 -105.66
N ARG I 2651 34.34 17.61 -104.60
CA ARG I 2651 34.52 18.24 -103.30
C ARG I 2651 35.76 19.13 -103.30
N CYS I 2652 36.84 18.68 -103.93
CA CYS I 2652 38.14 19.34 -103.80
C CYS I 2652 38.54 20.10 -105.06
N TRP I 2653 37.58 20.50 -105.89
CA TRP I 2653 37.95 21.22 -107.11
C TRP I 2653 38.72 22.49 -106.79
N LYS I 2654 38.34 23.18 -105.71
CA LYS I 2654 39.08 24.35 -105.28
C LYS I 2654 40.56 24.03 -105.12
N TYR I 2655 40.87 22.89 -104.50
CA TYR I 2655 42.25 22.56 -104.15
C TYR I 2655 43.07 22.24 -105.39
N TYR I 2656 42.43 21.96 -106.52
CA TYR I 2656 43.15 21.47 -107.68
C TYR I 2656 43.38 22.55 -108.75
N CYS I 2657 42.46 23.50 -108.88
CA CYS I 2657 42.55 24.51 -109.92
C CYS I 2657 43.00 25.87 -109.44
N LEU I 2658 42.52 26.33 -108.29
CA LEU I 2658 42.86 27.66 -107.83
C LEU I 2658 44.37 27.77 -107.61
N PRO I 2659 45.03 28.80 -108.12
CA PRO I 2659 46.47 28.96 -107.81
C PRO I 2659 46.74 29.07 -106.33
N THR I 2660 45.84 29.71 -105.58
CA THR I 2660 46.04 29.88 -104.14
C THR I 2660 45.87 28.55 -103.41
N GLY I 2661 44.94 27.72 -103.86
CA GLY I 2661 44.62 26.48 -103.20
C GLY I 2661 43.45 26.63 -102.24
N TRP I 2662 42.78 25.52 -102.00
CA TRP I 2662 41.59 25.53 -101.15
C TRP I 2662 41.99 25.89 -99.72
N ALA I 2663 41.16 26.69 -99.07
CA ALA I 2663 41.53 27.29 -97.79
C ALA I 2663 41.96 26.22 -96.78
N ASN I 2664 43.10 26.44 -96.16
CA ASN I 2664 43.66 25.61 -95.08
C ASN I 2664 44.13 24.25 -95.55
N PHE I 2665 43.95 23.91 -96.83
CA PHE I 2665 44.29 22.59 -97.34
C PHE I 2665 45.43 22.63 -98.34
N GLY I 2666 46.17 23.72 -98.41
CA GLY I 2666 47.30 23.78 -99.31
C GLY I 2666 46.87 23.86 -100.77
N VAL I 2667 47.79 23.46 -101.64
CA VAL I 2667 47.57 23.48 -103.08
C VAL I 2667 48.06 22.16 -103.67
N THR I 2668 47.50 21.82 -104.82
CA THR I 2668 47.86 20.57 -105.48
C THR I 2668 49.33 20.57 -105.88
N SER I 2669 49.87 19.38 -106.09
CA SER I 2669 51.24 19.20 -106.53
C SER I 2669 51.30 18.96 -108.03
N GLU I 2670 52.48 19.20 -108.60
CA GLU I 2670 52.66 18.96 -110.03
C GLU I 2670 52.39 17.51 -110.38
N GLU I 2671 52.93 16.58 -109.58
CA GLU I 2671 52.70 15.17 -109.84
C GLU I 2671 51.22 14.81 -109.71
N GLU I 2672 50.55 15.39 -108.72
CA GLU I 2672 49.13 15.11 -108.55
C GLU I 2672 48.33 15.59 -109.75
N LEU I 2673 48.65 16.78 -110.26
CA LEU I 2673 47.97 17.26 -111.46
C LEU I 2673 48.29 16.38 -112.65
N HIS I 2674 49.52 15.90 -112.76
CA HIS I 2674 49.87 14.97 -113.82
C HIS I 2674 49.01 13.72 -113.76
N LEU I 2675 48.86 13.16 -112.55
CA LEU I 2675 47.98 12.01 -112.38
C LEU I 2675 46.56 12.35 -112.78
N THR I 2676 46.09 13.53 -112.42
CA THR I 2676 44.74 13.93 -112.80
C THR I 2676 44.57 13.94 -114.31
N ARG I 2677 45.52 14.54 -115.03
CA ARG I 2677 45.43 14.58 -116.49
C ARG I 2677 45.50 13.18 -117.08
N LYS I 2678 46.41 12.35 -116.57
CA LYS I 2678 46.52 10.99 -117.07
C LYS I 2678 45.19 10.26 -116.91
N LEU I 2679 44.59 10.38 -115.74
CA LEU I 2679 43.30 9.73 -115.49
C LEU I 2679 42.24 10.26 -116.44
N PHE I 2680 42.17 11.58 -116.62
CA PHE I 2680 41.17 12.14 -117.51
C PHE I 2680 41.30 11.57 -118.90
N TRP I 2681 42.50 11.63 -119.47
CA TRP I 2681 42.68 11.15 -120.83
C TRP I 2681 42.48 9.65 -120.96
N GLY I 2682 42.90 8.87 -119.97
CA GLY I 2682 42.66 7.44 -120.01
C GLY I 2682 41.19 7.13 -120.06
N ILE I 2683 40.42 7.76 -119.17
CA ILE I 2683 38.97 7.54 -119.17
C ILE I 2683 38.37 7.97 -120.50
N PHE I 2684 38.79 9.13 -121.01
CA PHE I 2684 38.22 9.63 -122.25
C PHE I 2684 38.45 8.64 -123.38
N ASP I 2685 39.69 8.20 -123.56
CA ASP I 2685 40.00 7.30 -124.67
C ASP I 2685 39.29 5.96 -124.50
N SER I 2686 39.32 5.39 -123.29
CA SER I 2686 38.68 4.10 -123.09
C SER I 2686 37.19 4.18 -123.34
N LEU I 2687 36.54 5.23 -122.85
CA LEU I 2687 35.11 5.39 -123.08
C LEU I 2687 34.81 5.56 -124.56
N ALA I 2688 35.61 6.35 -125.26
CA ALA I 2688 35.39 6.54 -126.69
C ALA I 2688 35.49 5.22 -127.44
N HIS I 2689 36.50 4.41 -127.11
CA HIS I 2689 36.67 3.15 -127.83
C HIS I 2689 35.58 2.15 -127.49
N LYS I 2690 35.20 2.07 -126.21
CA LYS I 2690 34.26 1.04 -125.78
C LYS I 2690 32.90 1.22 -126.44
N LYS I 2691 32.24 0.10 -126.72
CA LYS I 2691 30.87 0.15 -127.23
C LYS I 2691 29.95 0.74 -126.18
N TYR I 2692 28.70 0.98 -126.57
CA TYR I 2692 27.77 1.68 -125.70
C TYR I 2692 27.43 0.82 -124.48
N ASP I 2693 27.18 1.50 -123.36
CA ASP I 2693 26.65 0.88 -122.15
C ASP I 2693 25.96 1.97 -121.35
N GLN I 2694 24.64 1.84 -121.16
CA GLN I 2694 23.87 2.88 -120.51
C GLN I 2694 24.43 3.20 -119.13
N GLU I 2695 24.57 2.18 -118.28
CA GLU I 2695 25.01 2.40 -116.91
C GLU I 2695 26.41 3.00 -116.88
N LEU I 2696 27.34 2.43 -117.66
CA LEU I 2696 28.71 2.92 -117.63
C LEU I 2696 28.81 4.36 -118.11
N TYR I 2697 28.09 4.70 -119.18
CA TYR I 2697 28.14 6.07 -119.69
C TYR I 2697 27.53 7.04 -118.69
N ARG I 2698 26.39 6.67 -118.10
CA ARG I 2698 25.74 7.57 -117.15
C ARG I 2698 26.62 7.77 -115.91
N ILE I 2699 27.37 6.75 -115.53
CA ILE I 2699 28.27 6.91 -114.40
C ILE I 2699 29.50 7.69 -114.80
N ALA I 2700 29.96 7.57 -116.05
CA ALA I 2700 31.18 8.21 -116.48
C ALA I 2700 31.00 9.72 -116.62
N MET I 2701 29.93 10.14 -117.30
CA MET I 2701 29.82 11.55 -117.67
C MET I 2701 29.99 12.48 -116.47
N PRO I 2702 29.36 12.23 -115.32
CA PRO I 2702 29.64 13.10 -114.16
C PRO I 2702 31.11 13.10 -113.80
N CYS I 2703 31.77 11.93 -113.88
CA CYS I 2703 33.17 11.86 -113.51
C CYS I 2703 34.03 12.68 -114.46
N LEU I 2704 33.83 12.50 -115.76
CA LEU I 2704 34.61 13.25 -116.73
C LEU I 2704 34.40 14.74 -116.53
N CYS I 2705 33.15 15.16 -116.31
CA CYS I 2705 32.88 16.57 -116.05
C CYS I 2705 33.63 17.05 -114.81
N ALA I 2706 33.64 16.23 -113.75
CA ALA I 2706 34.28 16.65 -112.51
C ALA I 2706 35.78 16.85 -112.69
N ILE I 2707 36.47 15.87 -113.29
CA ILE I 2707 37.90 16.03 -113.51
C ILE I 2707 38.18 17.18 -114.47
N ALA I 2708 37.34 17.34 -115.49
CA ALA I 2708 37.55 18.44 -116.42
C ALA I 2708 37.48 19.78 -115.68
N GLY I 2709 36.51 19.93 -114.78
CA GLY I 2709 36.43 21.15 -114.01
C GLY I 2709 37.62 21.32 -113.07
N ALA I 2710 38.00 20.24 -112.38
CA ALA I 2710 39.05 20.35 -111.38
C ALA I 2710 40.39 20.69 -112.01
N LEU I 2711 40.72 20.07 -113.13
CA LEU I 2711 42.03 20.27 -113.72
C LEU I 2711 42.19 21.71 -114.18
N PRO I 2712 43.32 22.37 -113.91
CA PRO I 2712 43.48 23.77 -114.32
C PRO I 2712 43.40 23.90 -115.83
N PRO I 2713 42.81 24.98 -116.35
CA PRO I 2713 42.75 25.13 -117.81
C PRO I 2713 44.12 25.21 -118.46
N ASP I 2714 45.03 25.99 -117.87
CA ASP I 2714 46.32 26.26 -118.49
C ASP I 2714 47.42 25.34 -118.01
N TYR I 2715 47.10 24.34 -117.20
CA TYR I 2715 48.13 23.46 -116.66
C TYR I 2715 48.91 22.80 -117.80
N VAL I 2716 50.22 22.69 -117.60
CA VAL I 2716 51.12 22.05 -118.56
C VAL I 2716 51.93 20.99 -117.82
N ASP I 2717 51.94 19.78 -118.35
CA ASP I 2717 52.69 18.70 -117.72
C ASP I 2717 54.18 18.98 -117.80
N ALA I 2718 54.91 18.61 -116.74
CA ALA I 2718 56.36 18.74 -116.76
C ALA I 2718 56.97 17.86 -117.84
N SER I 2719 56.46 16.64 -117.98
CA SER I 2719 56.93 15.69 -118.98
C SER I 2719 55.76 15.27 -119.85
N TYR I 2720 56.00 15.19 -121.15
CA TYR I 2720 54.98 14.79 -122.12
C TYR I 2720 55.51 13.63 -122.95
N SER I 2721 54.64 12.65 -123.21
CA SER I 2721 54.99 11.47 -123.98
C SER I 2721 54.18 11.47 -125.26
N SER I 2722 54.83 11.77 -126.39
CA SER I 2722 54.15 11.71 -127.67
C SER I 2722 53.69 10.29 -127.99
N LYS I 2723 54.52 9.30 -127.71
CA LYS I 2723 54.17 7.92 -127.97
C LYS I 2723 52.97 7.45 -127.15
N THR I 2724 52.74 8.06 -125.99
CA THR I 2724 51.64 7.70 -125.09
C THR I 2724 51.45 6.19 -125.02
N GLU I 2725 52.53 5.51 -124.60
CA GLU I 2725 52.49 4.05 -124.53
C GLU I 2725 51.38 3.58 -123.59
N LYS I 2726 50.91 2.36 -123.83
CA LYS I 2726 49.83 1.78 -123.05
C LYS I 2726 48.58 2.66 -123.10
N ASN I 2735 46.17 -8.19 -114.32
CA ASN I 2735 45.85 -6.80 -114.02
C ASN I 2735 46.98 -5.88 -114.47
N PHE I 2736 48.22 -6.28 -114.17
CA PHE I 2736 49.40 -5.53 -114.55
C PHE I 2736 50.36 -6.45 -115.30
N ASP I 2737 51.13 -5.85 -116.21
CA ASP I 2737 52.12 -6.59 -116.98
C ASP I 2737 53.51 -6.25 -116.46
N PRO I 2738 54.15 -7.14 -115.70
CA PRO I 2738 55.49 -6.85 -115.19
C PRO I 2738 56.65 -7.37 -116.06
N ARG I 2739 56.36 -7.97 -117.20
CA ARG I 2739 57.43 -8.50 -118.03
C ARG I 2739 58.34 -7.36 -118.49
N PRO I 2740 59.65 -7.50 -118.39
CA PRO I 2740 60.55 -6.42 -118.79
C PRO I 2740 60.70 -6.33 -120.31
N VAL I 2741 61.20 -5.18 -120.75
CA VAL I 2741 61.53 -5.02 -122.15
C VAL I 2741 62.59 -6.06 -122.52
N GLU I 2742 62.37 -6.76 -123.62
CA GLU I 2742 63.24 -7.86 -124.01
C GLU I 2742 64.59 -7.31 -124.47
N THR I 2743 65.65 -7.69 -123.75
CA THR I 2743 67.00 -7.32 -124.10
C THR I 2743 67.90 -8.50 -124.41
N LEU I 2744 67.65 -9.66 -123.79
CA LEU I 2744 68.54 -10.80 -123.98
C LEU I 2744 68.54 -11.27 -125.43
N ASN I 2745 67.46 -11.01 -126.16
CA ASN I 2745 67.36 -11.48 -127.53
C ASN I 2745 68.46 -10.89 -128.41
N VAL I 2746 68.70 -9.57 -128.29
CA VAL I 2746 69.68 -8.92 -129.15
C VAL I 2746 71.09 -9.17 -128.60
N ILE I 2747 72.09 -8.94 -129.44
CA ILE I 2747 73.48 -9.16 -129.08
C ILE I 2747 74.14 -7.82 -128.77
N ILE I 2748 75.34 -7.85 -128.20
CA ILE I 2748 76.05 -6.64 -127.79
C ILE I 2748 77.29 -6.46 -128.65
N PRO I 2749 77.46 -5.32 -129.32
CA PRO I 2749 78.68 -5.09 -130.09
C PRO I 2749 79.91 -4.96 -129.19
N GLU I 2750 81.08 -5.10 -129.80
CA GLU I 2750 82.33 -4.92 -129.05
C GLU I 2750 82.51 -3.46 -128.63
N LYS I 2751 82.04 -2.53 -129.46
CA LYS I 2751 82.02 -1.12 -129.07
C LYS I 2751 81.24 -0.93 -127.76
N LEU I 2752 80.03 -1.49 -127.70
CA LEU I 2752 79.22 -1.35 -126.51
C LEU I 2752 79.79 -2.17 -125.37
N ASP I 2753 80.56 -3.22 -125.67
CA ASP I 2753 81.26 -3.96 -124.62
C ASP I 2753 82.35 -3.12 -123.99
N SER I 2754 83.07 -2.35 -124.81
CA SER I 2754 84.05 -1.41 -124.27
C SER I 2754 83.36 -0.38 -123.39
N PHE I 2755 82.23 0.16 -123.84
CA PHE I 2755 81.46 1.04 -122.97
C PHE I 2755 81.03 0.33 -121.68
N ILE I 2756 80.69 -0.96 -121.78
CA ILE I 2756 80.26 -1.71 -120.61
C ILE I 2756 81.38 -1.78 -119.60
N ASN I 2757 82.59 -2.08 -120.06
CA ASN I 2757 83.74 -2.10 -119.16
C ASN I 2757 84.01 -0.73 -118.55
N LYS I 2758 83.91 0.33 -119.36
CA LYS I 2758 84.15 1.67 -118.83
C LYS I 2758 83.11 2.04 -117.77
N PHE I 2759 81.84 1.73 -118.01
CA PHE I 2759 80.81 2.06 -117.03
C PHE I 2759 80.91 1.14 -115.82
N ALA I 2760 81.39 -0.09 -116.00
CA ALA I 2760 81.58 -0.98 -114.86
C ALA I 2760 82.66 -0.44 -113.93
N GLU I 2761 83.80 -0.03 -114.49
CA GLU I 2761 84.82 0.57 -113.65
C GLU I 2761 84.36 1.90 -113.06
N TYR I 2762 83.60 2.70 -113.81
CA TYR I 2762 83.07 3.93 -113.24
C TYR I 2762 82.13 3.64 -112.07
N THR I 2763 81.27 2.64 -112.22
CA THR I 2763 80.33 2.30 -111.15
C THR I 2763 81.06 1.78 -109.93
N HIS I 2764 82.10 0.96 -110.16
CA HIS I 2764 82.92 0.51 -109.03
C HIS I 2764 83.55 1.71 -108.31
N GLU I 2765 84.08 2.66 -109.07
CA GLU I 2765 84.70 3.84 -108.47
C GLU I 2765 83.67 4.70 -107.74
N LYS I 2766 82.47 4.84 -108.30
CA LYS I 2766 81.44 5.64 -107.64
C LYS I 2766 80.93 4.95 -106.37
N TRP I 2767 80.84 3.63 -106.39
CA TRP I 2767 80.51 2.89 -105.17
C TRP I 2767 81.60 3.07 -104.12
N ALA I 2768 82.86 3.05 -104.53
CA ALA I 2768 83.95 3.32 -103.59
C ALA I 2768 83.89 4.76 -103.08
N PHE I 2769 83.42 5.70 -103.91
CA PHE I 2769 83.21 7.06 -103.45
C PHE I 2769 82.11 7.14 -102.41
N ASP I 2770 81.02 6.42 -102.62
CA ASP I 2770 79.99 6.32 -101.59
C ASP I 2770 80.57 5.72 -100.32
N LYS I 2771 81.47 4.74 -100.46
CA LYS I 2771 82.11 4.14 -99.29
C LYS I 2771 82.97 5.16 -98.55
N ILE I 2772 83.72 5.99 -99.28
CA ILE I 2772 84.55 6.99 -98.61
C ILE I 2772 83.65 8.03 -97.93
N GLN I 2773 82.51 8.36 -98.54
CA GLN I 2773 81.55 9.22 -97.87
C GLN I 2773 81.04 8.58 -96.57
N ASN I 2774 80.75 7.29 -96.59
CA ASN I 2774 80.32 6.57 -95.41
C ASN I 2774 81.46 6.25 -94.45
N ASN I 2775 82.69 6.57 -94.82
CA ASN I 2775 83.92 6.29 -94.08
C ASN I 2775 84.35 4.84 -94.23
N TRP I 2776 83.79 4.10 -95.19
CA TRP I 2776 84.23 2.74 -95.44
C TRP I 2776 85.56 2.74 -96.20
N SER I 2777 86.38 1.71 -95.95
CA SER I 2777 87.69 1.56 -96.57
C SER I 2777 87.84 0.13 -97.08
N TYR I 2778 89.06 -0.21 -97.48
CA TYR I 2778 89.36 -1.55 -97.95
C TYR I 2778 89.60 -2.48 -96.76
N GLY I 2779 89.23 -3.74 -96.92
CA GLY I 2779 89.38 -4.72 -95.86
C GLY I 2779 89.46 -6.12 -96.39
N GLU I 2780 89.43 -7.08 -95.47
CA GLU I 2780 89.42 -8.49 -95.86
C GLU I 2780 87.99 -9.01 -96.04
N ASN I 2781 87.03 -8.39 -95.37
CA ASN I 2781 85.63 -8.79 -95.46
C ASN I 2781 84.74 -7.61 -95.12
N ILE I 2782 83.46 -7.74 -95.45
CA ILE I 2782 82.48 -6.69 -95.21
C ILE I 2782 81.94 -6.85 -93.79
N ASP I 2783 82.10 -5.81 -92.98
CA ASP I 2783 81.54 -5.77 -91.63
C ASP I 2783 81.12 -4.34 -91.34
N GLU I 2784 79.89 -4.17 -90.84
CA GLU I 2784 79.37 -2.84 -90.61
C GLU I 2784 80.22 -2.08 -89.60
N GLU I 2785 80.55 -2.71 -88.48
CA GLU I 2785 81.36 -2.05 -87.46
C GLU I 2785 82.78 -1.79 -87.97
N LEU I 2786 83.34 -2.74 -88.70
CA LEU I 2786 84.71 -2.58 -89.20
C LEU I 2786 84.79 -1.49 -90.25
N LYS I 2787 83.72 -1.28 -91.01
CA LYS I 2787 83.69 -0.26 -92.06
C LYS I 2787 84.81 -0.47 -93.08
N THR I 2788 85.02 -1.74 -93.46
CA THR I 2788 85.98 -2.08 -94.49
C THR I 2788 85.35 -3.07 -95.46
N HIS I 2789 85.85 -3.09 -96.69
CA HIS I 2789 85.24 -3.85 -97.77
C HIS I 2789 86.32 -4.59 -98.54
N PRO I 2790 86.09 -5.86 -98.91
CA PRO I 2790 87.12 -6.62 -99.64
C PRO I 2790 87.13 -6.33 -101.13
N MET I 2791 85.96 -5.99 -101.68
CA MET I 2791 85.87 -5.68 -103.10
C MET I 2791 86.31 -4.26 -103.41
N LEU I 2792 86.54 -3.43 -102.39
CA LEU I 2792 87.05 -2.08 -102.58
C LEU I 2792 88.53 -2.19 -102.94
N ARG I 2793 88.76 -2.68 -104.15
CA ARG I 2793 90.10 -2.91 -104.68
C ARG I 2793 90.16 -2.37 -106.09
N PRO I 2794 91.37 -2.07 -106.59
CA PRO I 2794 91.49 -1.49 -107.94
C PRO I 2794 90.79 -2.32 -109.01
N TYR I 2795 90.38 -1.68 -110.09
CA TYR I 2795 89.68 -2.41 -111.15
C TYR I 2795 90.56 -3.51 -111.73
N LYS I 2796 91.88 -3.34 -111.71
CA LYS I 2796 92.79 -4.38 -112.17
C LYS I 2796 92.70 -5.64 -111.32
N THR I 2797 92.70 -5.50 -109.99
CA THR I 2797 92.53 -6.62 -109.08
C THR I 2797 91.05 -6.92 -108.80
N PHE I 2798 90.15 -6.12 -109.36
CA PHE I 2798 88.73 -6.33 -109.15
C PHE I 2798 88.31 -7.69 -109.68
N SER I 2799 87.73 -8.51 -108.80
CA SER I 2799 87.44 -9.90 -109.13
C SER I 2799 86.50 -9.98 -110.33
N GLU I 2800 86.71 -11.00 -111.17
CA GLU I 2800 85.94 -11.17 -112.40
C GLU I 2800 84.47 -11.40 -112.09
N LYS I 2801 84.17 -12.21 -111.07
CA LYS I 2801 82.77 -12.48 -110.73
C LYS I 2801 82.02 -11.19 -110.43
N ASP I 2802 82.58 -10.35 -109.55
CA ASP I 2802 81.96 -9.05 -109.30
C ASP I 2802 82.03 -8.16 -110.54
N LYS I 2803 83.07 -8.35 -111.36
CA LYS I 2803 83.15 -7.61 -112.62
C LYS I 2803 81.99 -7.97 -113.53
N GLU I 2804 81.67 -9.26 -113.65
CA GLU I 2804 80.52 -9.68 -114.44
C GLU I 2804 79.23 -9.18 -113.81
N ILE I 2805 79.15 -9.17 -112.47
CA ILE I 2805 77.95 -8.67 -111.80
C ILE I 2805 77.72 -7.21 -112.17
N TYR I 2806 78.78 -6.40 -112.14
CA TYR I 2806 78.66 -4.99 -112.48
C TYR I 2806 78.36 -4.80 -113.97
N ARG I 2807 78.93 -5.64 -114.83
CA ARG I 2807 78.76 -5.45 -116.26
C ARG I 2807 77.38 -5.88 -116.76
N TRP I 2808 76.82 -6.95 -116.19
CA TRP I 2808 75.60 -7.52 -116.75
C TRP I 2808 74.45 -6.52 -116.80
N PRO I 2809 74.19 -5.72 -115.77
CA PRO I 2809 73.16 -4.67 -115.91
C PRO I 2809 73.43 -3.74 -117.07
N ILE I 2810 74.71 -3.41 -117.32
CA ILE I 2810 75.04 -2.52 -118.43
C ILE I 2810 74.82 -3.23 -119.76
N LYS I 2811 75.19 -4.50 -119.84
CA LYS I 2811 74.88 -5.29 -121.03
C LYS I 2811 73.38 -5.27 -121.31
N GLU I 2812 72.57 -5.50 -120.28
CA GLU I 2812 71.12 -5.51 -120.46
C GLU I 2812 70.62 -4.14 -120.90
N SER I 2813 71.16 -3.07 -120.32
CA SER I 2813 70.73 -1.72 -120.69
C SER I 2813 71.02 -1.43 -122.14
N LEU I 2814 72.24 -1.76 -122.60
CA LEU I 2814 72.60 -1.48 -123.99
C LEU I 2814 71.81 -2.35 -124.95
N LYS I 2815 71.57 -3.62 -124.58
CA LYS I 2815 70.72 -4.46 -125.40
C LYS I 2815 69.30 -3.92 -125.46
N ALA I 2816 68.82 -3.35 -124.35
CA ALA I 2816 67.52 -2.70 -124.35
C ALA I 2816 67.51 -1.51 -125.29
N MET I 2817 68.58 -0.73 -125.30
CA MET I 2817 68.68 0.38 -126.23
C MET I 2817 68.59 -0.11 -127.67
N ILE I 2818 69.35 -1.15 -128.01
CA ILE I 2818 69.32 -1.69 -129.36
C ILE I 2818 67.94 -2.22 -129.71
N ALA I 2819 67.30 -2.95 -128.80
CA ALA I 2819 65.95 -3.45 -129.03
C ALA I 2819 64.95 -2.32 -129.24
N TRP I 2820 65.07 -1.24 -128.47
CA TRP I 2820 64.28 -0.03 -128.70
C TRP I 2820 64.67 0.67 -129.98
N GLU I 2821 65.78 0.26 -130.60
CA GLU I 2821 66.32 0.79 -131.85
C GLU I 2821 67.12 2.06 -131.59
N TRP I 2822 67.41 2.38 -130.34
CA TRP I 2822 68.31 3.49 -130.03
C TRP I 2822 69.72 3.15 -130.51
N THR I 2823 70.28 4.02 -131.33
CA THR I 2823 71.57 3.79 -131.97
C THR I 2823 72.60 4.73 -131.40
N VAL I 2824 73.68 4.15 -130.84
CA VAL I 2824 74.73 4.91 -130.18
C VAL I 2824 75.97 4.87 -131.05
N GLU I 2825 76.56 6.03 -131.30
CA GLU I 2825 77.75 6.16 -132.14
C GLU I 2825 78.84 6.88 -131.36
N LYS I 2826 80.05 6.32 -131.38
CA LYS I 2826 81.20 6.95 -130.73
C LYS I 2826 81.64 8.17 -131.54
N ALA I 2827 81.48 9.36 -130.95
CA ALA I 2827 82.15 10.53 -131.48
C ALA I 2827 83.65 10.47 -131.17
N ARG I 2828 84.01 9.98 -129.99
CA ARG I 2828 85.39 9.82 -129.59
C ARG I 2828 85.45 8.86 -128.39
N GLU I 2829 86.64 8.34 -128.13
CA GLU I 2829 86.81 7.40 -127.02
C GLU I 2829 86.68 8.13 -125.70
N GLY I 2830 86.19 7.42 -124.69
CA GLY I 2830 86.03 8.02 -123.38
C GLY I 2830 87.38 8.28 -122.71
N GLU I 2831 87.40 9.26 -121.82
CA GLU I 2831 88.61 9.61 -121.09
C GLU I 2831 88.94 8.54 -120.06
N TYR I 2856 91.54 0.96 -102.18
CA TYR I 2856 92.12 1.88 -103.14
C TYR I 2856 91.45 3.24 -103.04
N ASN I 2857 91.89 4.18 -103.89
CA ASN I 2857 91.33 5.53 -103.90
C ASN I 2857 90.35 5.65 -105.05
N PRO I 2858 89.07 5.90 -104.79
CA PRO I 2858 88.11 6.02 -105.91
C PRO I 2858 88.48 7.17 -106.84
N GLN I 2859 88.25 6.95 -108.13
CA GLN I 2859 88.46 7.98 -109.16
C GLN I 2859 87.27 7.99 -110.11
N PRO I 2860 86.09 8.37 -109.62
CA PRO I 2860 84.90 8.36 -110.49
C PRO I 2860 84.89 9.55 -111.42
N PRO I 2861 84.74 9.33 -112.72
CA PRO I 2861 84.50 10.46 -113.62
C PRO I 2861 83.25 11.22 -113.21
N ASP I 2862 83.32 12.55 -113.29
CA ASP I 2862 82.25 13.39 -112.79
C ASP I 2862 81.08 13.40 -113.77
N LEU I 2863 79.86 13.25 -113.25
CA LEU I 2863 78.65 13.31 -114.05
C LEU I 2863 77.84 14.58 -113.81
N SER I 2864 78.10 15.30 -112.73
CA SER I 2864 77.33 16.50 -112.45
C SER I 2864 77.50 17.54 -113.54
N VAL I 2865 78.74 17.72 -114.02
CA VAL I 2865 78.99 18.70 -115.07
C VAL I 2865 78.28 18.29 -116.36
N VAL I 2866 78.31 17.00 -116.69
CA VAL I 2866 77.66 16.52 -117.90
C VAL I 2866 76.14 16.58 -117.71
N THR I 2867 75.46 17.13 -118.71
CA THR I 2867 74.00 17.27 -118.68
C THR I 2867 73.39 16.38 -119.76
N LEU I 2868 72.07 16.44 -119.87
CA LEU I 2868 71.32 15.64 -120.83
C LEU I 2868 70.26 16.51 -121.49
N SER I 2869 70.18 16.43 -122.82
CA SER I 2869 69.15 17.17 -123.56
C SER I 2869 67.78 16.59 -123.23
N ARG I 2870 66.74 17.14 -123.85
CA ARG I 2870 65.40 16.59 -123.64
C ARG I 2870 65.33 15.15 -124.12
N GLU I 2871 65.93 14.86 -125.28
CA GLU I 2871 66.01 13.48 -125.76
C GLU I 2871 66.64 12.57 -124.72
N LEU I 2872 67.78 12.99 -124.18
CA LEU I 2872 68.53 12.12 -123.28
C LEU I 2872 67.84 11.99 -121.93
N GLN I 2873 67.17 13.03 -121.47
CA GLN I 2873 66.33 12.91 -120.28
C GLN I 2873 65.22 11.89 -120.49
N ALA I 2874 64.55 11.96 -121.65
CA ALA I 2874 63.54 10.97 -121.95
C ALA I 2874 64.12 9.57 -122.00
N MET I 2875 65.30 9.42 -122.61
CA MET I 2875 65.94 8.11 -122.67
C MET I 2875 66.26 7.58 -121.28
N ALA I 2876 66.75 8.45 -120.39
CA ALA I 2876 66.96 8.04 -119.02
C ALA I 2876 65.65 7.61 -118.38
N GLU I 2877 64.56 8.30 -118.69
CA GLU I 2877 63.26 7.91 -118.17
C GLU I 2877 62.88 6.51 -118.62
N GLN I 2878 63.04 6.21 -119.92
CA GLN I 2878 62.66 4.88 -120.40
C GLN I 2878 63.62 3.80 -119.89
N LEU I 2879 64.89 4.13 -119.70
CA LEU I 2879 65.82 3.17 -119.12
C LEU I 2879 65.45 2.84 -117.69
N ALA I 2880 65.09 3.87 -116.91
CA ALA I 2880 64.59 3.64 -115.57
C ALA I 2880 63.29 2.84 -115.62
N GLU I 2881 62.47 3.07 -116.65
CA GLU I 2881 61.25 2.28 -116.80
C GLU I 2881 61.57 0.80 -117.02
N ASN I 2882 62.57 0.51 -117.86
CA ASN I 2882 62.96 -0.88 -118.09
C ASN I 2882 63.53 -1.51 -116.83
N TYR I 2883 64.36 -0.76 -116.10
CA TYR I 2883 64.87 -1.25 -114.83
C TYR I 2883 63.74 -1.55 -113.85
N HIS I 2884 62.76 -0.64 -113.78
CA HIS I 2884 61.61 -0.84 -112.91
C HIS I 2884 60.79 -2.05 -113.35
N ASN I 2885 60.71 -2.28 -114.66
CA ASN I 2885 59.98 -3.44 -115.16
C ASN I 2885 60.71 -4.73 -114.79
N THR I 2886 62.03 -4.71 -114.83
CA THR I 2886 62.81 -5.85 -114.34
C THR I 2886 62.56 -6.09 -112.86
N TRP I 2887 62.55 -5.00 -112.08
CA TRP I 2887 62.24 -5.09 -110.65
C TRP I 2887 60.85 -5.68 -110.45
N GLY I 2888 59.88 -5.22 -111.24
CA GLY I 2888 58.53 -5.74 -111.12
C GLY I 2888 58.42 -7.19 -111.53
N ARG I 2889 59.25 -7.62 -112.48
CA ARG I 2889 59.28 -9.04 -112.84
C ARG I 2889 59.80 -9.87 -111.68
N LYS I 2890 60.84 -9.40 -111.00
CA LYS I 2890 61.30 -10.09 -109.80
C LYS I 2890 60.20 -10.15 -108.74
N LYS I 2891 59.55 -9.00 -108.49
CA LYS I 2891 58.45 -8.98 -107.56
C LYS I 2891 57.32 -9.91 -108.01
N LYS I 2892 57.19 -10.10 -109.32
CA LYS I 2892 56.15 -10.99 -109.84
C LYS I 2892 56.46 -12.43 -109.48
N GLN I 2893 57.71 -12.85 -109.66
CA GLN I 2893 58.06 -14.19 -109.18
C GLN I 2893 57.86 -14.34 -107.69
N GLU I 2894 58.23 -13.34 -106.89
CA GLU I 2894 57.97 -13.42 -105.45
C GLU I 2894 56.49 -13.50 -105.10
N LEU I 2895 55.66 -12.70 -105.76
CA LEU I 2895 54.22 -12.72 -105.47
C LEU I 2895 53.58 -14.01 -105.94
N GLU I 2896 54.09 -14.59 -107.03
CA GLU I 2896 53.60 -15.89 -107.48
C GLU I 2896 53.88 -16.95 -106.43
N ALA I 2897 55.09 -16.94 -105.86
CA ALA I 2897 55.41 -17.89 -104.81
C ALA I 2897 54.54 -17.68 -103.58
N LYS I 2898 54.32 -16.42 -103.20
CA LYS I 2898 53.54 -16.17 -101.98
C LYS I 2898 52.07 -16.50 -102.19
N GLY I 2899 51.60 -16.42 -103.44
CA GLY I 2899 50.25 -16.80 -103.79
C GLY I 2899 49.29 -15.66 -104.07
N GLY I 2900 49.76 -14.42 -104.11
CA GLY I 2900 48.88 -13.31 -104.42
C GLY I 2900 49.48 -11.99 -103.98
N GLY I 2901 48.65 -10.97 -104.01
CA GLY I 2901 49.06 -9.65 -103.54
C GLY I 2901 49.72 -8.83 -104.63
N SER I 2902 49.87 -7.54 -104.35
CA SER I 2902 50.53 -6.61 -105.26
C SER I 2902 51.55 -5.79 -104.49
N HIS I 2903 52.78 -5.79 -104.96
CA HIS I 2903 53.81 -4.97 -104.34
C HIS I 2903 53.49 -3.50 -104.57
N PRO I 2904 53.69 -2.62 -103.58
CA PRO I 2904 53.33 -1.21 -103.77
C PRO I 2904 54.02 -0.57 -104.96
N LEU I 2905 55.22 -1.01 -105.31
CA LEU I 2905 55.96 -0.46 -106.44
C LEU I 2905 55.59 -1.13 -107.76
N LEU I 2906 54.70 -2.12 -107.74
CA LEU I 2906 54.22 -2.76 -108.96
C LEU I 2906 53.50 -1.79 -109.89
N VAL I 2907 53.03 -0.67 -109.37
CA VAL I 2907 52.31 0.33 -110.16
C VAL I 2907 53.31 0.91 -111.16
N PRO I 2908 52.87 1.36 -112.34
CA PRO I 2908 53.85 1.74 -113.38
C PRO I 2908 54.79 2.84 -112.92
N TYR I 2909 56.01 2.80 -113.46
CA TYR I 2909 57.07 3.74 -113.10
C TYR I 2909 56.63 5.18 -113.32
N ASP I 2910 56.07 5.47 -114.49
CA ASP I 2910 55.61 6.83 -114.75
C ASP I 2910 54.61 7.29 -113.69
N THR I 2911 53.68 6.40 -113.31
CA THR I 2911 52.73 6.74 -112.26
C THR I 2911 53.41 6.93 -110.91
N LEU I 2912 54.55 6.28 -110.70
CA LEU I 2912 55.25 6.44 -109.43
C LEU I 2912 55.60 7.91 -109.22
N THR I 2913 55.60 8.32 -107.95
CA THR I 2913 55.90 9.70 -107.62
C THR I 2913 57.26 10.11 -108.17
N ALA I 2914 57.46 11.42 -108.34
CA ALA I 2914 58.71 11.91 -108.92
C ALA I 2914 59.90 11.48 -108.07
N LYS I 2915 59.79 11.60 -106.75
CA LYS I 2915 60.89 11.16 -105.88
C LYS I 2915 61.13 9.66 -106.01
N GLU I 2916 60.04 8.88 -106.03
CA GLU I 2916 60.19 7.43 -106.17
C GLU I 2916 60.77 7.07 -107.53
N LYS I 2917 60.29 7.73 -108.59
CA LYS I 2917 60.89 7.54 -109.91
C LYS I 2917 62.37 7.84 -109.88
N ALA I 2918 62.77 8.85 -109.11
CA ALA I 2918 64.18 9.22 -109.04
C ALA I 2918 65.05 8.04 -108.62
N ARG I 2919 64.51 7.12 -107.82
CA ARG I 2919 65.29 6.01 -107.29
C ARG I 2919 65.91 5.17 -108.41
N ASP I 2920 65.11 4.87 -109.44
CA ASP I 2920 65.64 4.17 -110.60
C ASP I 2920 66.27 5.14 -111.58
N ARG I 2921 65.82 6.40 -111.54
CA ARG I 2921 66.35 7.38 -112.47
C ARG I 2921 67.83 7.63 -112.22
N GLU I 2922 68.31 7.51 -110.98
CA GLU I 2922 69.73 7.77 -110.76
C GLU I 2922 70.58 6.89 -111.65
N LYS I 2923 70.34 5.57 -111.61
CA LYS I 2923 71.12 4.66 -112.44
C LYS I 2923 70.85 4.90 -113.92
N ALA I 2924 69.59 5.13 -114.29
CA ALA I 2924 69.30 5.37 -115.71
C ALA I 2924 70.08 6.57 -116.24
N GLN I 2925 70.00 7.70 -115.54
CA GLN I 2925 70.64 8.93 -116.00
C GLN I 2925 72.14 8.87 -115.86
N GLU I 2926 72.65 8.11 -114.89
CA GLU I 2926 74.09 7.87 -114.81
C GLU I 2926 74.58 7.16 -116.07
N LEU I 2927 73.87 6.10 -116.48
CA LEU I 2927 74.26 5.40 -117.70
C LEU I 2927 74.18 6.33 -118.91
N LEU I 2928 73.11 7.12 -118.99
CA LEU I 2928 72.98 8.02 -120.14
C LEU I 2928 74.15 9.00 -120.21
N LYS I 2929 74.51 9.60 -119.08
CA LYS I 2929 75.59 10.59 -119.08
C LYS I 2929 76.93 9.92 -119.36
N PHE I 2930 77.14 8.69 -118.88
CA PHE I 2930 78.39 8.01 -119.20
C PHE I 2930 78.45 7.69 -120.68
N LEU I 2931 77.32 7.31 -121.29
CA LEU I 2931 77.26 7.20 -122.74
C LEU I 2931 77.73 8.50 -123.39
N GLN I 2932 77.17 9.62 -122.96
CA GLN I 2932 77.50 10.90 -123.57
C GLN I 2932 78.99 11.21 -123.44
N MET I 2933 79.55 11.08 -122.24
CA MET I 2933 80.96 11.41 -122.05
C MET I 2933 81.86 10.47 -122.85
N ASN I 2934 81.60 9.16 -122.80
CA ASN I 2934 82.39 8.23 -123.60
C ASN I 2934 82.19 8.45 -125.10
N GLY I 2935 81.22 9.28 -125.48
CA GLY I 2935 81.11 9.78 -126.83
C GLY I 2935 79.93 9.23 -127.61
N TYR I 2936 79.01 8.55 -126.93
CA TYR I 2936 77.87 7.98 -127.63
C TYR I 2936 76.81 9.03 -127.90
N ALA I 2937 76.67 9.39 -129.17
CA ALA I 2937 75.56 10.19 -129.66
C ALA I 2937 74.45 9.22 -130.06
N VAL I 2938 73.25 9.47 -129.57
CA VAL I 2938 72.11 8.57 -129.73
C VAL I 2938 70.86 9.40 -129.97
N THR I 2939 70.05 8.99 -130.93
CA THR I 2939 68.83 9.71 -131.30
C THR I 2939 67.89 8.75 -132.03
N ARG I 2940 66.60 8.88 -131.78
CA ARG I 2940 65.59 8.07 -132.44
C ARG I 2940 64.56 8.91 -133.21
N GLY I 2941 64.79 10.21 -133.34
CA GLY I 2941 63.82 11.08 -133.97
C GLY I 2941 62.61 11.31 -133.09
N LEU I 2942 62.80 12.01 -131.98
CA LEU I 2942 61.72 12.21 -131.01
C LEU I 2942 60.58 13.02 -131.62
N LYS I 2943 59.42 12.39 -131.75
CA LYS I 2943 58.21 13.14 -132.02
C LYS I 2943 57.96 14.19 -130.94
N ASP I 2944 58.45 13.95 -129.72
CA ASP I 2944 58.32 14.95 -128.67
C ASP I 2944 59.07 16.23 -129.01
N MET I 2945 60.33 16.12 -129.44
CA MET I 2945 61.05 17.34 -129.82
C MET I 2945 60.43 17.93 -131.08
N GLU I 2946 60.01 17.08 -132.01
CA GLU I 2946 59.31 17.60 -133.19
C GLU I 2946 58.15 18.49 -132.78
N LEU I 2947 57.37 18.05 -131.80
CA LEU I 2947 56.32 18.91 -131.24
C LEU I 2947 56.93 20.13 -130.54
N ASP I 2948 58.14 19.97 -130.01
CA ASP I 2948 58.82 21.04 -129.28
C ASP I 2948 58.05 21.38 -128.01
N THR I 2949 58.61 22.25 -127.17
CA THR I 2949 57.97 22.56 -125.90
C THR I 2949 56.54 23.05 -126.13
N SER I 2950 56.37 24.06 -126.98
CA SER I 2950 55.05 24.53 -127.40
C SER I 2950 54.08 24.53 -126.23
N SER I 2951 54.41 25.29 -125.20
CA SER I 2951 53.62 25.29 -123.96
C SER I 2951 52.15 25.54 -124.26
N ILE I 2952 51.87 26.40 -125.24
CA ILE I 2952 50.49 26.69 -125.60
C ILE I 2952 49.81 25.42 -126.07
N GLU I 2953 50.47 24.65 -126.94
CA GLU I 2953 49.89 23.39 -127.38
C GLU I 2953 49.77 22.40 -126.23
N LYS I 2954 50.71 22.43 -125.29
CA LYS I 2954 50.73 21.48 -124.19
C LYS I 2954 49.72 21.82 -123.10
N ARG I 2955 49.15 23.01 -123.12
CA ARG I 2955 48.08 23.31 -122.17
C ARG I 2955 46.96 22.29 -122.30
N PHE I 2956 46.46 21.83 -121.15
CA PHE I 2956 45.42 20.81 -121.15
C PHE I 2956 44.24 21.22 -122.00
N ALA I 2957 43.78 22.47 -121.85
CA ALA I 2957 42.66 22.94 -122.65
C ALA I 2957 42.94 22.79 -124.13
N PHE I 2958 44.20 23.00 -124.54
CA PHE I 2958 44.55 22.86 -125.95
C PHE I 2958 44.24 21.46 -126.45
N GLY I 2959 44.75 20.44 -125.75
CA GLY I 2959 44.50 19.07 -126.17
C GLY I 2959 43.03 18.72 -126.11
N PHE I 2960 42.35 19.17 -125.06
CA PHE I 2960 40.92 18.92 -124.96
C PHE I 2960 40.18 19.47 -126.17
N LEU I 2961 40.49 20.70 -126.55
CA LEU I 2961 39.82 21.32 -127.68
C LEU I 2961 40.18 20.65 -129.00
N GLN I 2962 41.45 20.25 -129.16
CA GLN I 2962 41.83 19.55 -130.38
C GLN I 2962 41.07 18.24 -130.52
N GLN I 2963 40.98 17.47 -129.44
CA GLN I 2963 40.19 16.24 -129.47
C GLN I 2963 38.72 16.55 -129.75
N LEU I 2964 38.21 17.64 -129.18
CA LEU I 2964 36.83 18.02 -129.44
C LEU I 2964 36.61 18.31 -130.93
N LEU I 2965 37.57 18.99 -131.56
CA LEU I 2965 37.43 19.30 -132.98
C LEU I 2965 37.50 18.04 -133.84
N ARG I 2966 38.38 17.10 -133.48
CA ARG I 2966 38.40 15.84 -134.22
C ARG I 2966 37.07 15.12 -134.09
N TRP I 2967 36.54 15.05 -132.87
CA TRP I 2967 35.21 14.47 -132.68
C TRP I 2967 34.16 15.26 -133.44
N MET I 2968 34.40 16.55 -133.65
CA MET I 2968 33.48 17.35 -134.44
C MET I 2968 33.46 16.93 -135.89
N ASP I 2969 34.65 16.64 -136.45
CA ASP I 2969 34.70 16.10 -137.80
C ASP I 2969 33.97 14.76 -137.86
N ILE I 2970 34.16 13.92 -136.84
CA ILE I 2970 33.44 12.64 -136.80
C ILE I 2970 31.94 12.89 -136.74
N SER I 2971 31.53 13.94 -136.02
CA SER I 2971 30.11 14.28 -135.94
C SER I 2971 29.58 14.67 -137.31
N GLN I 2972 30.32 15.49 -138.04
CA GLN I 2972 29.91 15.83 -139.39
C GLN I 2972 29.75 14.58 -140.24
N GLU I 2973 30.71 13.66 -140.14
CA GLU I 2973 30.62 12.43 -140.93
C GLU I 2973 29.36 11.64 -140.61
N PHE I 2974 29.14 11.33 -139.34
CA PHE I 2974 28.01 10.43 -139.07
C PHE I 2974 26.68 11.15 -139.15
N ILE I 2975 26.65 12.47 -139.00
CA ILE I 2975 25.39 13.18 -139.27
C ILE I 2975 25.07 13.14 -140.74
N ALA I 2976 26.09 13.26 -141.61
CA ALA I 2976 25.83 13.10 -143.03
C ALA I 2976 25.30 11.70 -143.33
N HIS I 2977 25.91 10.69 -142.72
CA HIS I 2977 25.43 9.33 -142.93
C HIS I 2977 23.98 9.16 -142.47
N LEU I 2978 23.67 9.67 -141.28
CA LEU I 2978 22.31 9.54 -140.76
C LEU I 2978 21.32 10.29 -141.65
N GLU I 2979 21.71 11.48 -142.13
CA GLU I 2979 20.84 12.22 -143.02
C GLU I 2979 20.58 11.45 -144.31
N ALA I 2980 21.62 10.85 -144.88
CA ALA I 2980 21.44 10.07 -146.10
C ALA I 2980 20.49 8.90 -145.85
N VAL I 2981 20.70 8.16 -144.76
CA VAL I 2981 19.87 6.97 -144.53
C VAL I 2981 18.42 7.37 -144.26
N VAL I 2982 18.19 8.43 -143.50
CA VAL I 2982 16.81 8.85 -143.24
C VAL I 2982 16.16 9.35 -144.53
N SER I 2983 16.92 10.06 -145.38
CA SER I 2983 16.37 10.52 -146.64
C SER I 2983 15.97 9.35 -147.52
N SER I 2984 16.81 8.32 -147.59
CA SER I 2984 16.50 7.16 -148.42
C SER I 2984 17.23 5.95 -147.86
N GLY I 2985 16.73 4.77 -148.22
CA GLY I 2985 17.32 3.53 -147.78
C GLY I 2985 17.39 3.42 -146.27
N ARG I 2986 16.28 3.73 -145.60
CA ARG I 2986 16.25 3.68 -144.15
C ARG I 2986 16.63 2.30 -143.65
N VAL I 2987 17.54 2.24 -142.68
CA VAL I 2987 18.05 0.99 -142.15
C VAL I 2987 18.61 1.25 -140.76
N GLU I 2988 18.66 0.19 -139.95
CA GLU I 2988 18.95 0.32 -138.53
C GLU I 2988 20.36 -0.09 -138.14
N LYS I 2989 21.22 -0.44 -139.10
CA LYS I 2989 22.59 -0.84 -138.74
C LYS I 2989 23.30 0.27 -137.99
N SER I 2990 23.31 1.48 -138.56
CA SER I 2990 23.95 2.63 -137.95
C SER I 2990 25.35 2.29 -137.44
N PRO I 2991 26.30 2.03 -138.33
CA PRO I 2991 27.64 1.66 -137.85
C PRO I 2991 28.26 2.70 -136.93
N HIS I 2992 27.91 3.97 -137.13
CA HIS I 2992 28.47 5.03 -136.28
C HIS I 2992 27.73 5.12 -134.95
N GLU I 2993 26.67 4.33 -134.78
CA GLU I 2993 25.84 4.36 -133.58
C GLU I 2993 26.67 4.53 -132.32
N GLN I 2994 27.77 3.79 -132.20
CA GLN I 2994 28.64 3.96 -131.05
C GLN I 2994 29.11 5.40 -130.92
N GLU I 2995 29.62 5.96 -132.01
CA GLU I 2995 30.08 7.35 -132.00
C GLU I 2995 28.94 8.32 -131.73
N ILE I 2996 27.75 8.07 -132.29
CA ILE I 2996 26.62 8.94 -132.05
C ILE I 2996 26.29 8.98 -130.57
N LYS I 2997 26.20 7.80 -129.96
CA LYS I 2997 25.84 7.73 -128.54
C LYS I 2997 26.93 8.36 -127.69
N PHE I 2998 28.20 8.10 -127.99
CA PHE I 2998 29.25 8.77 -127.25
C PHE I 2998 29.11 10.28 -127.35
N PHE I 2999 29.03 10.80 -128.58
CA PHE I 2999 28.82 12.22 -128.77
C PHE I 2999 27.74 12.75 -127.85
N ALA I 3000 26.51 12.28 -128.07
CA ALA I 3000 25.37 12.86 -127.36
C ALA I 3000 25.50 12.71 -125.85
N LYS I 3001 25.89 11.52 -125.39
CA LYS I 3001 25.83 11.23 -123.96
C LYS I 3001 26.95 11.94 -123.19
N ILE I 3002 28.15 11.98 -123.75
CA ILE I 3002 29.32 12.44 -123.04
C ILE I 3002 29.75 13.82 -123.52
N LEU I 3003 30.04 13.95 -124.82
CA LEU I 3003 30.74 15.14 -125.28
C LEU I 3003 29.92 16.40 -125.05
N LEU I 3004 28.64 16.36 -125.40
CA LEU I 3004 27.82 17.56 -125.25
C LEU I 3004 27.69 17.97 -123.78
N PRO I 3005 27.32 17.09 -122.85
CA PRO I 3005 27.36 17.50 -121.44
C PRO I 3005 28.74 17.92 -120.98
N LEU I 3006 29.79 17.25 -121.47
CA LEU I 3006 31.15 17.67 -121.13
C LEU I 3006 31.42 19.08 -121.63
N ILE I 3007 31.04 19.36 -122.87
CA ILE I 3007 31.19 20.71 -123.40
C ILE I 3007 30.48 21.70 -122.51
N ASN I 3008 29.23 21.43 -122.16
CA ASN I 3008 28.45 22.35 -121.36
C ASN I 3008 29.13 22.62 -120.02
N GLN I 3009 29.44 21.55 -119.28
CA GLN I 3009 30.00 21.73 -117.94
C GLN I 3009 31.35 22.43 -118.01
N TYR I 3010 32.24 21.98 -118.89
CA TYR I 3010 33.58 22.54 -118.92
C TYR I 3010 33.55 24.02 -119.31
N PHE I 3011 32.82 24.36 -120.36
CA PHE I 3011 32.84 25.74 -120.82
C PHE I 3011 31.92 26.64 -120.01
N THR I 3012 31.09 26.08 -119.14
CA THR I 3012 30.42 26.90 -118.13
C THR I 3012 31.32 27.16 -116.93
N ASN I 3013 32.08 26.15 -116.50
CA ASN I 3013 32.93 26.32 -115.34
C ASN I 3013 34.12 27.21 -115.65
N HIS I 3014 34.68 27.10 -116.85
CA HIS I 3014 35.89 27.84 -117.22
C HIS I 3014 35.64 28.89 -118.29
N CYS I 3015 34.43 29.43 -118.37
CA CYS I 3015 34.16 30.46 -119.36
C CYS I 3015 35.07 31.66 -119.17
N LEU I 3016 35.36 32.01 -117.92
CA LEU I 3016 36.15 33.21 -117.66
C LEU I 3016 37.55 33.09 -118.26
N TYR I 3017 38.18 31.92 -118.11
CA TYR I 3017 39.55 31.76 -118.59
C TYR I 3017 39.62 31.95 -120.10
N PHE I 3018 38.60 31.51 -120.82
CA PHE I 3018 38.57 31.65 -122.27
C PHE I 3018 38.30 33.07 -122.73
N LEU I 3019 37.77 33.94 -121.87
CA LEU I 3019 37.45 35.30 -122.24
C LEU I 3019 38.46 36.32 -121.77
N SER I 3020 39.16 36.06 -120.67
CA SER I 3020 40.13 37.02 -120.16
C SER I 3020 41.24 37.25 -121.20
N THR I 3021 41.52 38.51 -121.46
CA THR I 3021 42.57 38.87 -122.40
C THR I 3021 43.93 38.85 -121.71
N PRO I 3022 45.01 38.71 -122.47
CA PRO I 3022 46.34 38.80 -121.84
C PRO I 3022 46.56 40.12 -121.14
N ALA I 3023 46.05 41.22 -121.70
CA ALA I 3023 46.24 42.53 -121.07
C ALA I 3023 45.46 42.64 -119.78
N LYS I 3024 44.18 42.28 -119.80
CA LYS I 3024 43.31 42.36 -118.64
C LYS I 3024 42.79 40.96 -118.31
N VAL I 3025 42.96 40.54 -117.07
CA VAL I 3025 42.59 39.21 -116.63
C VAL I 3025 41.28 39.33 -115.85
N LEU I 3026 40.16 39.06 -116.52
CA LEU I 3026 38.88 39.09 -115.84
C LEU I 3026 38.77 37.98 -114.80
N GLY I 3027 39.27 36.79 -115.13
CA GLY I 3027 39.14 35.67 -114.23
C GLY I 3027 40.13 35.75 -113.07
N SER I 3028 40.09 34.71 -112.24
CA SER I 3028 40.97 34.66 -111.08
C SER I 3028 42.43 34.68 -111.50
N GLY I 3029 42.78 33.89 -112.51
CA GLY I 3029 44.14 33.83 -113.00
C GLY I 3029 44.21 33.03 -114.28
N GLY I 3030 45.24 33.31 -115.07
CA GLY I 3030 45.42 32.60 -116.33
C GLY I 3030 44.52 33.13 -117.42
N HIS I 3031 45.05 33.13 -118.64
CA HIS I 3031 44.33 33.61 -119.80
C HIS I 3031 44.60 32.69 -120.98
N ALA I 3032 43.56 32.42 -121.76
CA ALA I 3032 43.69 31.50 -122.89
C ALA I 3032 44.56 32.12 -123.98
N SER I 3033 45.09 31.26 -124.83
CA SER I 3033 45.89 31.73 -125.96
C SER I 3033 44.98 32.17 -127.10
N ASN I 3034 45.56 32.97 -128.00
CA ASN I 3034 44.82 33.34 -129.21
C ASN I 3034 44.43 32.10 -129.99
N LYS I 3035 45.31 31.09 -130.05
CA LYS I 3035 44.97 29.84 -130.70
C LYS I 3035 43.81 29.15 -130.01
N GLU I 3036 43.81 29.15 -128.67
CA GLU I 3036 42.70 28.54 -127.94
C GLU I 3036 41.40 29.23 -128.28
N LYS I 3037 41.40 30.57 -128.30
CA LYS I 3037 40.21 31.30 -128.70
C LYS I 3037 39.79 30.92 -130.12
N GLU I 3038 40.78 30.73 -131.00
CA GLU I 3038 40.47 30.36 -132.38
C GLU I 3038 39.77 29.01 -132.44
N MET I 3039 40.24 28.03 -131.66
CA MET I 3039 39.55 26.74 -131.70
C MET I 3039 38.19 26.82 -131.04
N ILE I 3040 38.03 27.69 -130.03
CA ILE I 3040 36.69 27.90 -129.47
C ILE I 3040 35.75 28.39 -130.56
N THR I 3041 36.18 29.39 -131.33
CA THR I 3041 35.36 29.91 -132.41
C THR I 3041 35.08 28.82 -133.44
N SER I 3042 36.09 28.03 -133.76
CA SER I 3042 35.93 26.96 -134.74
C SER I 3042 34.88 25.97 -134.27
N LEU I 3043 34.95 25.59 -133.00
CA LEU I 3043 33.96 24.69 -132.45
C LEU I 3043 32.57 25.29 -132.51
N PHE I 3044 32.44 26.58 -132.19
CA PHE I 3044 31.12 27.22 -132.23
C PHE I 3044 30.55 27.18 -133.64
N CYS I 3045 31.34 27.58 -134.64
CA CYS I 3045 30.87 27.56 -136.00
C CYS I 3045 30.55 26.15 -136.49
N LYS I 3046 31.40 25.18 -136.15
CA LYS I 3046 31.15 23.81 -136.58
C LYS I 3046 29.87 23.27 -135.97
N LEU I 3047 29.60 23.59 -134.70
CA LEU I 3047 28.38 23.12 -134.06
C LEU I 3047 27.16 23.80 -134.67
N ALA I 3048 27.27 25.10 -134.98
CA ALA I 3048 26.16 25.76 -135.65
C ALA I 3048 25.86 25.11 -136.99
N ALA I 3049 26.91 24.83 -137.77
CA ALA I 3049 26.72 24.12 -139.03
C ALA I 3049 26.13 22.73 -138.84
N LEU I 3050 26.58 22.01 -137.81
CA LEU I 3050 26.06 20.68 -137.53
C LEU I 3050 24.56 20.72 -137.25
N VAL I 3051 24.11 21.68 -136.44
CA VAL I 3051 22.70 21.76 -136.07
C VAL I 3051 21.88 22.47 -137.14
N ARG I 3052 22.51 23.11 -138.10
CA ARG I 3052 21.77 23.85 -139.13
C ARG I 3052 20.79 22.95 -139.85
N HIS I 3053 19.50 23.27 -139.74
CA HIS I 3053 18.43 22.59 -140.48
C HIS I 3053 18.33 21.11 -140.15
N ARG I 3054 19.08 20.62 -139.17
CA ARG I 3054 19.09 19.21 -138.84
C ARG I 3054 18.63 18.95 -137.41
N VAL I 3055 17.87 19.88 -136.83
CA VAL I 3055 17.46 19.73 -135.44
C VAL I 3055 16.59 18.49 -135.25
N SER I 3056 15.69 18.23 -136.20
CA SER I 3056 14.77 17.10 -136.04
C SER I 3056 15.53 15.79 -135.90
N LEU I 3057 16.63 15.65 -136.64
CA LEU I 3057 17.43 14.42 -136.51
C LEU I 3057 17.93 14.24 -135.09
N PHE I 3058 18.43 15.32 -134.49
CA PHE I 3058 18.90 15.22 -133.11
C PHE I 3058 17.75 14.93 -132.16
N GLY I 3059 16.59 15.55 -132.40
CA GLY I 3059 15.42 15.28 -131.59
C GLY I 3059 15.62 15.58 -130.12
N THR I 3060 15.43 14.58 -129.27
CA THR I 3060 15.55 14.77 -127.83
C THR I 3060 16.92 15.27 -127.43
N ASP I 3061 17.94 15.06 -128.26
CA ASP I 3061 19.27 15.60 -127.99
C ASP I 3061 19.42 17.04 -128.45
N ALA I 3062 18.48 17.53 -129.27
CA ALA I 3062 18.57 18.89 -129.77
C ALA I 3062 18.56 19.93 -128.65
N PRO I 3063 17.71 19.84 -127.63
CA PRO I 3063 17.80 20.82 -126.54
C PRO I 3063 19.17 20.88 -125.89
N ALA I 3064 19.79 19.73 -125.65
CA ALA I 3064 21.14 19.72 -125.10
C ALA I 3064 22.12 20.37 -126.05
N VAL I 3065 21.97 20.08 -127.35
CA VAL I 3065 22.84 20.71 -128.34
C VAL I 3065 22.71 22.22 -128.27
N VAL I 3066 21.47 22.72 -128.20
CA VAL I 3066 21.23 24.15 -128.18
C VAL I 3066 21.81 24.77 -126.91
N ASN I 3067 21.70 24.07 -125.78
CA ASN I 3067 22.32 24.57 -124.55
C ASN I 3067 23.83 24.67 -124.73
N CYS I 3068 24.45 23.68 -125.37
CA CYS I 3068 25.87 23.77 -125.66
C CYS I 3068 26.18 24.96 -126.55
N LEU I 3069 25.33 25.21 -127.55
CA LEU I 3069 25.49 26.40 -128.37
C LEU I 3069 25.50 27.66 -127.52
N HIS I 3070 24.54 27.77 -126.60
CA HIS I 3070 24.46 28.95 -125.76
C HIS I 3070 25.74 29.11 -124.94
N ILE I 3071 26.22 28.02 -124.35
CA ILE I 3071 27.40 28.11 -123.50
C ILE I 3071 28.62 28.52 -124.32
N LEU I 3072 28.79 27.92 -125.49
CA LEU I 3072 29.92 28.27 -126.34
C LEU I 3072 29.83 29.73 -126.78
N ALA I 3073 28.62 30.20 -127.08
CA ALA I 3073 28.46 31.61 -127.43
C ALA I 3073 28.87 32.49 -126.27
N ARG I 3074 28.47 32.12 -125.05
CA ARG I 3074 28.85 32.92 -123.88
C ARG I 3074 30.36 32.96 -123.73
N SER I 3075 31.04 31.83 -123.90
CA SER I 3075 32.48 31.78 -123.69
C SER I 3075 33.28 32.25 -124.89
N LEU I 3076 32.63 32.54 -126.01
CA LEU I 3076 33.36 32.95 -127.22
C LEU I 3076 33.98 34.32 -127.02
N ASP I 3077 35.18 34.50 -127.58
CA ASP I 3077 35.88 35.78 -127.59
C ASP I 3077 36.09 36.18 -129.05
N ALA I 3078 35.18 36.98 -129.58
CA ALA I 3078 35.22 37.37 -130.99
C ALA I 3078 36.25 38.45 -131.29
N ARG I 3079 36.47 39.40 -130.38
CA ARG I 3079 37.31 40.54 -130.69
C ARG I 3079 38.73 40.10 -131.02
N THR I 3080 39.31 39.22 -130.21
CA THR I 3080 40.69 38.81 -130.43
C THR I 3080 40.84 38.09 -131.75
N VAL I 3081 39.94 37.15 -132.04
CA VAL I 3081 40.04 36.40 -133.29
C VAL I 3081 39.88 37.34 -134.48
N MET I 3082 38.95 38.30 -134.39
CA MET I 3082 38.77 39.22 -135.51
C MET I 3082 40.00 40.10 -135.70
N LYS I 3083 40.59 40.58 -134.61
CA LYS I 3083 41.81 41.37 -134.75
C LYS I 3083 42.92 40.54 -135.39
N SER I 3084 43.10 39.31 -134.92
CA SER I 3084 44.11 38.41 -135.46
C SER I 3084 43.60 36.98 -135.36
N GLY I 3085 43.71 36.23 -136.45
CA GLY I 3085 43.27 34.86 -136.47
C GLY I 3085 43.28 34.30 -137.88
N PRO I 3086 43.26 32.97 -138.01
CA PRO I 3086 43.27 32.38 -139.35
C PRO I 3086 42.08 32.86 -140.17
N GLU I 3087 42.35 33.12 -141.45
CA GLU I 3087 41.27 33.54 -142.35
C GLU I 3087 40.18 32.48 -142.43
N ILE I 3088 40.55 31.21 -142.24
CA ILE I 3088 39.56 30.14 -142.31
C ILE I 3088 38.55 30.27 -141.16
N VAL I 3089 39.04 30.49 -139.93
CA VAL I 3089 38.11 30.65 -138.82
C VAL I 3089 37.34 31.95 -138.94
N LYS I 3090 37.99 33.01 -139.43
CA LYS I 3090 37.28 34.25 -139.69
C LYS I 3090 36.11 34.00 -140.64
N ALA I 3091 36.38 33.28 -141.73
CA ALA I 3091 35.34 32.97 -142.70
C ALA I 3091 34.28 32.07 -142.10
N GLY I 3092 34.67 31.19 -141.18
CA GLY I 3092 33.69 30.36 -140.50
C GLY I 3092 32.70 31.19 -139.70
N LEU I 3093 33.21 32.15 -138.93
CA LEU I 3093 32.32 33.03 -138.17
C LEU I 3093 31.44 33.85 -139.11
N ARG I 3094 32.04 34.44 -140.15
CA ARG I 3094 31.25 35.21 -141.10
C ARG I 3094 30.21 34.35 -141.80
N SER I 3095 30.54 33.08 -142.08
CA SER I 3095 29.58 32.19 -142.73
C SER I 3095 28.46 31.84 -141.79
N PHE I 3096 28.76 31.64 -140.51
CA PHE I 3096 27.68 31.46 -139.54
C PHE I 3096 26.73 32.64 -139.56
N PHE I 3097 27.28 33.86 -139.51
CA PHE I 3097 26.41 35.03 -139.54
C PHE I 3097 25.61 35.11 -140.83
N GLU I 3098 26.25 34.88 -141.98
CA GLU I 3098 25.57 34.98 -143.26
C GLU I 3098 24.46 33.93 -143.39
N SER I 3099 24.75 32.70 -142.96
CA SER I 3099 23.74 31.65 -143.02
C SER I 3099 22.60 31.94 -142.07
N ALA I 3100 22.90 32.52 -140.91
CA ALA I 3100 21.83 32.93 -140.00
C ALA I 3100 20.94 33.96 -140.67
N SER I 3101 21.55 34.93 -141.35
CA SER I 3101 20.74 35.93 -142.05
C SER I 3101 19.89 35.27 -143.13
N GLU I 3102 20.47 34.35 -143.90
CA GLU I 3102 19.70 33.66 -144.93
C GLU I 3102 18.53 32.91 -144.32
N ASP I 3103 18.77 32.20 -143.21
CA ASP I 3103 17.70 31.43 -142.59
C ASP I 3103 16.59 32.33 -142.07
N ILE I 3104 16.95 33.45 -141.44
CA ILE I 3104 15.91 34.30 -140.87
C ILE I 3104 15.13 35.00 -141.98
N GLU I 3105 15.79 35.42 -143.06
CA GLU I 3105 15.02 35.99 -144.17
C GLU I 3105 14.12 34.94 -144.80
N LYS I 3106 14.62 33.70 -144.94
CA LYS I 3106 13.80 32.62 -145.48
C LYS I 3106 12.56 32.43 -144.62
N MET I 3107 12.74 32.40 -143.30
CA MET I 3107 11.61 32.55 -142.41
C MET I 3107 10.71 33.67 -142.91
N VAL I 3108 11.22 34.90 -142.93
CA VAL I 3108 10.37 36.05 -143.20
C VAL I 3108 9.44 35.78 -144.37
N GLU I 3109 9.97 35.33 -145.52
CA GLU I 3109 9.05 35.19 -146.65
C GLU I 3109 8.12 34.01 -146.46
N ASN I 3110 8.60 32.89 -145.91
CA ASN I 3110 7.69 31.76 -145.72
C ASN I 3110 6.57 32.12 -144.75
N LEU I 3111 6.91 32.78 -143.66
CA LEU I 3111 5.92 33.33 -142.74
C LEU I 3111 4.92 34.22 -143.47
N ARG I 3112 5.42 35.10 -144.33
CA ARG I 3112 4.50 35.95 -145.10
C ARG I 3112 3.60 35.08 -145.98
N LEU I 3113 4.07 33.91 -146.36
CA LEU I 3113 3.29 32.99 -147.20
C LEU I 3113 2.95 33.65 -148.53
N LYS I 3124 8.26 20.36 -147.04
CA LYS I 3124 8.89 19.86 -145.82
C LYS I 3124 10.09 20.73 -145.44
N GLY I 3125 10.84 21.20 -146.45
CA GLY I 3125 11.99 22.04 -146.17
C GLY I 3125 11.61 23.32 -145.46
N VAL I 3126 10.48 23.91 -145.85
CA VAL I 3126 10.04 25.15 -145.22
C VAL I 3126 9.74 24.94 -143.75
N GLY I 3127 9.01 23.86 -143.44
CA GLY I 3127 8.72 23.56 -142.04
C GLY I 3127 9.97 23.23 -141.24
N GLN I 3128 10.90 22.52 -141.87
CA GLN I 3128 12.17 22.21 -141.21
C GLN I 3128 12.92 23.50 -140.88
N ASN I 3129 12.98 24.42 -141.83
CA ASN I 3129 13.63 25.70 -141.57
C ASN I 3129 12.91 26.45 -140.46
N LEU I 3130 11.58 26.45 -140.49
CA LEU I 3130 10.81 27.16 -139.47
C LEU I 3130 11.14 26.63 -138.08
N THR I 3131 11.06 25.31 -137.89
CA THR I 3131 11.33 24.74 -136.58
C THR I 3131 12.78 24.92 -136.17
N TYR I 3132 13.74 24.76 -137.10
CA TYR I 3132 15.14 24.97 -136.76
C TYR I 3132 15.36 26.39 -136.26
N THR I 3133 14.84 27.38 -136.98
CA THR I 3133 15.03 28.76 -136.57
C THR I 3133 14.31 29.05 -135.26
N THR I 3134 13.11 28.49 -135.07
CA THR I 3134 12.37 28.73 -133.85
C THR I 3134 13.10 28.16 -132.63
N VAL I 3135 13.74 27.01 -132.79
CA VAL I 3135 14.31 26.30 -131.65
C VAL I 3135 15.74 26.74 -131.37
N ALA I 3136 16.60 26.84 -132.40
CA ALA I 3136 18.02 27.03 -132.17
C ALA I 3136 18.52 28.39 -132.66
N LEU I 3137 18.30 28.70 -133.94
CA LEU I 3137 18.99 29.83 -134.54
C LEU I 3137 18.64 31.14 -133.83
N LEU I 3138 17.37 31.35 -133.53
CA LEU I 3138 16.99 32.62 -132.93
C LEU I 3138 17.54 32.73 -131.52
N PRO I 3139 17.28 31.77 -130.62
CA PRO I 3139 17.84 31.89 -129.27
C PRO I 3139 19.36 31.95 -129.24
N VAL I 3140 20.05 31.15 -130.05
CA VAL I 3140 21.51 31.16 -130.02
C VAL I 3140 22.04 32.49 -130.53
N LEU I 3141 21.45 33.02 -131.60
CA LEU I 3141 21.84 34.32 -132.11
C LEU I 3141 21.57 35.41 -131.08
N THR I 3142 20.45 35.31 -130.37
CA THR I 3142 20.15 36.25 -129.30
C THR I 3142 21.24 36.22 -128.24
N THR I 3143 21.65 35.02 -127.81
CA THR I 3143 22.68 34.92 -126.79
C THR I 3143 24.00 35.50 -127.30
N LEU I 3144 24.34 35.21 -128.55
CA LEU I 3144 25.58 35.74 -129.12
C LEU I 3144 25.57 37.26 -129.12
N PHE I 3145 24.47 37.86 -129.57
CA PHE I 3145 24.39 39.32 -129.58
C PHE I 3145 24.44 39.88 -128.18
N GLN I 3146 23.79 39.23 -127.22
CA GLN I 3146 23.85 39.72 -125.84
C GLN I 3146 25.28 39.70 -125.32
N HIS I 3147 26.01 38.63 -125.59
CA HIS I 3147 27.40 38.58 -125.15
C HIS I 3147 28.21 39.68 -125.82
N ILE I 3148 28.01 39.88 -127.11
CA ILE I 3148 28.72 40.95 -127.81
C ILE I 3148 28.45 42.29 -127.16
N ALA I 3149 27.18 42.57 -126.87
CA ALA I 3149 26.82 43.84 -126.25
C ALA I 3149 27.45 43.98 -124.86
N GLN I 3150 27.39 42.92 -124.06
CA GLN I 3150 27.95 43.00 -122.71
C GLN I 3150 29.44 43.29 -122.74
N HIS I 3151 30.18 42.62 -123.63
CA HIS I 3151 31.62 42.81 -123.68
C HIS I 3151 32.05 43.94 -124.61
N GLN I 3152 31.10 44.65 -125.22
CA GLN I 3152 31.42 45.82 -126.03
C GLN I 3152 32.27 45.44 -127.24
N PHE I 3153 32.23 44.17 -127.62
CA PHE I 3153 32.96 43.68 -128.77
C PHE I 3153 32.37 44.13 -130.09
N GLY I 3154 31.19 44.76 -130.07
CA GLY I 3154 30.46 44.98 -131.30
C GLY I 3154 31.27 45.73 -132.35
N ASP I 3155 31.94 46.81 -131.94
CA ASP I 3155 32.67 47.63 -132.91
C ASP I 3155 33.70 46.80 -133.65
N ASP I 3156 34.43 45.95 -132.94
CA ASP I 3156 35.47 45.14 -133.58
C ASP I 3156 34.88 44.00 -134.39
N VAL I 3157 33.85 43.35 -133.85
CA VAL I 3157 33.38 42.09 -134.44
C VAL I 3157 32.48 42.34 -135.64
N ILE I 3158 31.50 43.22 -135.49
CA ILE I 3158 30.52 43.48 -136.53
C ILE I 3158 31.13 44.46 -137.51
N LEU I 3159 31.73 43.94 -138.58
CA LEU I 3159 32.30 44.76 -139.63
C LEU I 3159 32.10 44.08 -140.97
N ASP I 3160 31.94 44.89 -142.01
CA ASP I 3160 31.97 44.43 -143.40
C ASP I 3160 30.85 43.42 -143.62
N ASP I 3161 31.15 42.22 -144.12
CA ASP I 3161 30.09 41.26 -144.41
C ASP I 3161 29.25 40.98 -143.17
N VAL I 3162 29.86 41.02 -141.99
CA VAL I 3162 29.09 40.87 -140.76
C VAL I 3162 28.06 41.98 -140.66
N GLN I 3163 28.47 43.22 -140.94
CA GLN I 3163 27.53 44.33 -140.90
C GLN I 3163 26.41 44.14 -141.92
N VAL I 3164 26.75 43.68 -143.13
CA VAL I 3164 25.73 43.49 -144.15
C VAL I 3164 24.71 42.44 -143.69
N SER I 3165 25.21 41.33 -143.15
CA SER I 3165 24.32 40.29 -142.67
C SER I 3165 23.43 40.81 -141.54
N CYS I 3166 24.00 41.61 -140.64
CA CYS I 3166 23.21 42.18 -139.56
C CYS I 3166 22.13 43.11 -140.09
N TYR I 3167 22.45 43.93 -141.08
CA TYR I 3167 21.42 44.76 -141.68
C TYR I 3167 20.30 43.92 -142.27
N ARG I 3168 20.64 42.88 -143.02
CA ARG I 3168 19.60 42.03 -143.60
C ARG I 3168 18.73 41.43 -142.51
N THR I 3169 19.35 40.91 -141.44
CA THR I 3169 18.59 40.33 -140.35
C THR I 3169 17.64 41.35 -139.74
N LEU I 3170 18.17 42.53 -139.38
CA LEU I 3170 17.35 43.56 -138.77
C LEU I 3170 16.16 43.91 -139.64
N CYS I 3171 16.41 44.17 -140.92
CA CYS I 3171 15.35 44.70 -141.78
C CYS I 3171 14.31 43.62 -142.08
N SER I 3172 14.75 42.38 -142.25
CA SER I 3172 13.81 41.28 -142.44
C SER I 3172 12.93 41.11 -141.21
N ILE I 3173 13.53 41.18 -140.02
CA ILE I 3173 12.73 41.03 -138.80
C ILE I 3173 11.70 42.15 -138.72
N TYR I 3174 12.11 43.38 -139.02
CA TYR I 3174 11.18 44.50 -138.93
C TYR I 3174 10.03 44.35 -139.91
N SER I 3175 10.34 43.92 -141.14
CA SER I 3175 9.28 43.71 -142.12
C SER I 3175 8.32 42.63 -141.66
N LEU I 3176 8.84 41.53 -141.11
CA LEU I 3176 7.98 40.51 -140.55
C LEU I 3176 7.08 41.09 -139.47
N GLY I 3177 7.65 41.89 -138.57
CA GLY I 3177 6.86 42.49 -137.52
C GLY I 3177 5.74 43.34 -138.07
N THR I 3178 6.03 44.15 -139.09
CA THR I 3178 4.98 44.93 -139.72
C THR I 3178 3.90 44.04 -140.29
N THR I 3179 4.27 42.88 -140.84
CA THR I 3179 3.29 41.94 -141.34
C THR I 3179 2.44 41.40 -140.19
N ARG I 3180 1.20 41.00 -140.51
CA ARG I 3180 0.23 40.54 -139.53
C ARG I 3180 -0.20 39.11 -139.83
N ASN I 3181 -0.18 38.26 -138.80
CA ASN I 3181 -0.66 36.88 -138.87
C ASN I 3181 -0.70 36.29 -137.47
N PRO I 3182 -1.49 35.25 -137.24
CA PRO I 3182 -1.55 34.65 -135.89
C PRO I 3182 -0.27 33.95 -135.50
N TYR I 3183 0.24 33.07 -136.35
CA TYR I 3183 1.56 32.51 -136.14
C TYR I 3183 2.64 33.59 -136.05
N VAL I 3184 2.48 34.70 -136.77
CA VAL I 3184 3.43 35.78 -136.63
C VAL I 3184 3.40 36.36 -135.22
N GLU I 3185 2.20 36.66 -134.69
CA GLU I 3185 2.14 37.17 -133.33
C GLU I 3185 2.59 36.12 -132.31
N LYS I 3186 2.48 34.83 -132.65
CA LYS I 3186 3.11 33.82 -131.81
C LYS I 3186 4.62 34.01 -131.77
N LEU I 3187 5.23 34.26 -132.93
CA LEU I 3187 6.69 34.35 -133.00
C LEU I 3187 7.20 35.69 -132.46
N ARG I 3188 6.34 36.69 -132.39
CA ARG I 3188 6.81 38.06 -132.13
C ARG I 3188 7.75 38.19 -130.93
N PRO I 3189 7.46 37.58 -129.78
CA PRO I 3189 8.31 37.83 -128.61
C PRO I 3189 9.79 37.54 -128.85
N ALA I 3190 10.07 36.34 -129.36
CA ALA I 3190 11.45 35.95 -129.61
C ALA I 3190 12.09 36.86 -130.65
N LEU I 3191 11.35 37.20 -131.69
CA LEU I 3191 11.87 38.11 -132.70
C LEU I 3191 12.24 39.45 -132.08
N GLY I 3192 11.39 39.97 -131.20
CA GLY I 3192 11.67 41.24 -130.56
C GLY I 3192 12.92 41.17 -129.70
N GLU I 3193 13.05 40.11 -128.91
CA GLU I 3193 14.25 39.97 -128.09
C GLU I 3193 15.50 39.90 -128.95
N CYS I 3194 15.45 39.10 -130.02
CA CYS I 3194 16.61 38.96 -130.90
C CYS I 3194 16.97 40.30 -131.52
N LEU I 3195 15.97 41.03 -132.00
CA LEU I 3195 16.25 42.31 -132.66
C LEU I 3195 16.77 43.33 -131.66
N ALA I 3196 16.27 43.30 -130.42
CA ALA I 3196 16.80 44.20 -129.41
C ALA I 3196 18.27 43.91 -129.14
N ARG I 3197 18.62 42.63 -129.00
CA ARG I 3197 20.03 42.28 -128.82
C ARG I 3197 20.85 42.74 -130.02
N LEU I 3198 20.31 42.56 -131.22
CA LEU I 3198 21.04 42.97 -132.42
C LEU I 3198 21.25 44.47 -132.43
N ALA I 3199 20.24 45.24 -132.01
CA ALA I 3199 20.38 46.69 -131.93
C ALA I 3199 21.47 47.07 -130.94
N ALA I 3200 21.50 46.39 -129.80
CA ALA I 3200 22.56 46.63 -128.82
C ALA I 3200 23.92 46.36 -129.43
N ALA I 3201 24.04 45.27 -130.19
CA ALA I 3201 25.34 44.87 -130.72
C ALA I 3201 25.77 45.78 -131.88
N MET I 3202 24.81 46.30 -132.64
CA MET I 3202 25.10 46.99 -133.88
C MET I 3202 26.02 48.18 -133.65
N PRO I 3203 27.15 48.28 -134.36
CA PRO I 3203 27.99 49.47 -134.25
C PRO I 3203 27.73 50.56 -135.27
N VAL I 3204 26.71 50.42 -136.12
CA VAL I 3204 26.34 51.44 -137.09
C VAL I 3204 24.97 52.00 -136.72
N ALA I 3205 24.88 53.32 -136.64
CA ALA I 3205 23.64 53.98 -136.24
C ALA I 3205 22.64 53.85 -137.37
N PHE I 3206 22.04 52.68 -137.48
CA PHE I 3206 21.12 52.42 -138.60
C PHE I 3206 19.94 53.37 -138.56
N LEU I 3207 19.55 53.84 -137.38
CA LEU I 3207 18.43 54.75 -137.27
C LEU I 3207 18.78 56.17 -137.67
N GLU I 3208 20.06 56.46 -137.89
CA GLU I 3208 20.53 57.82 -138.19
C GLU I 3208 21.44 57.76 -139.42
N PRO I 3209 20.89 57.38 -140.57
CA PRO I 3209 21.71 57.38 -141.79
C PRO I 3209 22.25 58.74 -142.15
N GLU I 3210 21.49 59.80 -141.88
CA GLU I 3210 21.91 61.15 -142.24
C GLU I 3210 23.27 61.51 -141.67
N LEU I 3211 23.60 61.03 -140.46
CA LEU I 3211 24.88 61.32 -139.82
C LEU I 3211 25.84 60.14 -139.90
N ASN I 3212 25.53 59.13 -140.73
CA ASN I 3212 26.36 57.93 -140.77
C ASN I 3212 27.79 58.24 -141.17
N GLU I 3213 27.99 59.21 -142.07
CA GLU I 3213 29.32 59.44 -142.63
C GLU I 3213 30.35 59.69 -141.53
N TYR I 3214 29.92 60.26 -140.40
CA TYR I 3214 30.85 60.50 -139.30
C TYR I 3214 31.35 59.19 -138.70
N ASN I 3215 30.47 58.19 -138.62
CA ASN I 3215 30.85 56.93 -137.98
C ASN I 3215 32.04 56.31 -138.67
N ALA I 3216 33.16 56.21 -137.95
CA ALA I 3216 34.32 55.51 -138.48
C ALA I 3216 34.01 54.03 -138.70
N CYS I 3217 33.32 53.41 -137.76
CA CYS I 3217 33.00 51.98 -137.84
C CYS I 3217 31.70 51.79 -138.63
N SER I 3218 31.82 51.95 -139.94
CA SER I 3218 30.71 51.73 -140.86
C SER I 3218 31.23 51.06 -142.12
N VAL I 3219 30.36 50.27 -142.75
CA VAL I 3219 30.77 49.56 -143.95
C VAL I 3219 31.15 50.54 -145.06
N TYR I 3220 30.35 51.58 -145.26
CA TYR I 3220 30.62 52.53 -146.34
C TYR I 3220 31.94 53.25 -146.11
N THR I 3221 32.18 53.71 -144.87
CA THR I 3221 33.40 54.44 -144.59
C THR I 3221 34.62 53.54 -144.67
N THR I 3222 34.50 52.30 -144.18
CA THR I 3222 35.64 51.38 -144.20
C THR I 3222 35.98 50.96 -145.63
N LYS I 3223 34.98 50.56 -146.40
CA LYS I 3223 35.22 50.09 -147.76
C LYS I 3223 35.28 51.26 -148.73
N SER I 3224 36.13 51.12 -149.73
CA SER I 3224 36.35 52.16 -150.71
C SER I 3224 35.20 52.24 -151.71
N PRO I 3225 35.02 53.40 -152.36
CA PRO I 3225 33.98 53.48 -153.40
C PRO I 3225 34.16 52.44 -154.49
N ARG I 3226 35.39 52.17 -154.90
CA ARG I 3226 35.64 51.08 -155.84
C ARG I 3226 35.21 49.75 -155.23
N GLU I 3227 35.39 49.61 -153.93
CA GLU I 3227 34.87 48.45 -153.21
C GLU I 3227 33.36 48.63 -153.01
N ARG I 3228 32.73 47.60 -152.45
CA ARG I 3228 31.30 47.57 -152.14
C ARG I 3228 30.45 47.72 -153.40
N ALA I 3229 31.10 47.82 -154.56
CA ALA I 3229 30.38 47.67 -155.82
C ALA I 3229 30.52 46.24 -156.33
N ILE I 3230 31.71 45.66 -156.17
CA ILE I 3230 31.87 44.23 -156.40
C ILE I 3230 30.99 43.45 -155.45
N LEU I 3231 30.86 43.92 -154.21
CA LEU I 3231 29.93 43.33 -153.27
C LEU I 3231 28.52 43.84 -153.52
N GLY I 3232 27.54 43.13 -152.97
CA GLY I 3232 26.15 43.49 -153.17
C GLY I 3232 25.68 44.56 -152.21
N LEU I 3233 26.37 45.70 -152.20
CA LEU I 3233 26.02 46.80 -151.31
C LEU I 3233 25.36 47.93 -152.08
N PRO I 3234 24.23 48.47 -151.60
CA PRO I 3234 23.65 49.64 -152.26
C PRO I 3234 24.60 50.82 -152.21
N ASN I 3235 24.49 51.68 -153.22
CA ASN I 3235 25.38 52.85 -153.30
C ASN I 3235 25.21 53.75 -152.08
N SER I 3236 23.97 53.96 -151.65
CA SER I 3236 23.66 54.84 -150.53
C SER I 3236 23.22 54.03 -149.32
N VAL I 3237 23.60 54.53 -148.14
CA VAL I 3237 23.28 53.83 -146.90
C VAL I 3237 21.77 53.76 -146.68
N GLU I 3238 21.04 54.79 -147.09
CA GLU I 3238 19.60 54.79 -146.91
C GLU I 3238 18.97 53.54 -147.52
N GLU I 3239 19.55 53.03 -148.60
CA GLU I 3239 19.03 51.86 -149.28
C GLU I 3239 19.60 50.55 -148.75
N MET I 3240 20.39 50.59 -147.67
CA MET I 3240 20.75 49.37 -146.98
C MET I 3240 19.46 48.61 -146.71
N CYS I 3241 18.46 49.33 -146.19
CA CYS I 3241 17.07 48.89 -146.27
C CYS I 3241 16.18 50.09 -145.95
N PRO I 3242 15.25 50.48 -146.83
CA PRO I 3242 14.47 51.70 -146.57
C PRO I 3242 13.32 51.47 -145.60
N ASP I 3243 12.90 50.20 -145.44
CA ASP I 3243 11.73 49.91 -144.62
C ASP I 3243 11.86 50.48 -143.22
N ILE I 3244 13.05 50.38 -142.62
CA ILE I 3244 13.26 50.87 -141.27
C ILE I 3244 13.07 52.39 -141.27
N PRO I 3245 12.19 52.94 -140.43
CA PRO I 3245 12.04 54.40 -140.38
C PRO I 3245 13.24 55.05 -139.72
N VAL I 3246 13.36 56.36 -139.95
CA VAL I 3246 14.39 57.14 -139.28
C VAL I 3246 13.98 57.37 -137.83
N LEU I 3247 14.96 57.72 -136.99
CA LEU I 3247 14.69 57.88 -135.57
C LEU I 3247 13.65 58.95 -135.30
N GLU I 3248 13.74 60.08 -135.99
CA GLU I 3248 12.81 61.17 -135.73
C GLU I 3248 11.37 60.75 -136.05
N ARG I 3249 11.17 60.10 -137.20
CA ARG I 3249 9.82 59.68 -137.55
C ARG I 3249 9.32 58.60 -136.62
N LEU I 3250 10.20 57.67 -136.21
CA LEU I 3250 9.79 56.68 -135.23
C LEU I 3250 9.35 57.34 -133.94
N MET I 3251 10.09 58.34 -133.47
CA MET I 3251 9.75 59.01 -132.23
C MET I 3251 8.41 59.75 -132.37
N ALA I 3252 8.24 60.49 -133.46
CA ALA I 3252 7.00 61.22 -133.65
C ALA I 3252 5.82 60.26 -133.70
N GLU I 3253 5.97 59.14 -134.42
CA GLU I 3253 4.90 58.15 -134.46
C GLU I 3253 4.61 57.64 -133.06
N ILE I 3254 5.60 57.00 -132.42
CA ILE I 3254 5.34 56.36 -131.14
C ILE I 3254 4.69 57.34 -130.18
N GLY I 3255 5.11 58.61 -130.21
CA GLY I 3255 4.41 59.62 -129.45
C GLY I 3255 2.95 59.75 -129.85
N GLY I 3256 2.68 59.76 -131.16
CA GLY I 3256 1.30 59.92 -131.61
C GLY I 3256 0.40 58.77 -131.19
N LEU I 3257 0.88 57.53 -131.38
CA LEU I 3257 0.11 56.37 -130.93
C LEU I 3257 -0.07 56.38 -129.42
N ALA I 3258 0.98 56.73 -128.67
CA ALA I 3258 0.85 56.79 -127.21
C ALA I 3258 -0.23 57.79 -126.82
N GLU I 3259 -0.23 58.98 -127.42
CA GLU I 3259 -1.25 59.96 -127.11
C GLU I 3259 -2.64 59.45 -127.48
N SER I 3260 -2.76 58.80 -128.64
CA SER I 3260 -4.04 58.20 -129.01
C SER I 3260 -4.47 57.18 -127.97
N GLY I 3261 -3.51 56.57 -127.28
CA GLY I 3261 -3.82 55.58 -126.26
C GLY I 3261 -4.51 54.35 -126.84
N ALA I 3262 -4.12 53.98 -128.06
CA ALA I 3262 -4.70 52.80 -128.67
C ALA I 3262 -4.25 51.53 -127.97
N ARG I 3263 -4.79 50.40 -128.40
CA ARG I 3263 -4.66 49.16 -127.68
C ARG I 3263 -3.49 48.33 -128.22
N TYR I 3264 -3.07 47.35 -127.40
CA TYR I 3264 -2.04 46.43 -127.83
C TYR I 3264 -2.44 45.72 -129.11
N THR I 3265 -3.69 45.26 -129.18
CA THR I 3265 -4.19 44.67 -130.42
C THR I 3265 -4.13 45.67 -131.56
N GLU I 3266 -4.40 46.94 -131.26
CA GLU I 3266 -4.37 47.96 -132.30
C GLU I 3266 -2.97 48.10 -132.88
N MET I 3267 -1.94 47.96 -132.04
CA MET I 3267 -0.56 48.15 -132.44
C MET I 3267 0.29 47.00 -131.90
N PRO I 3268 -0.01 45.75 -132.31
CA PRO I 3268 0.71 44.61 -131.73
C PRO I 3268 2.20 44.62 -132.06
N HIS I 3269 2.52 45.00 -133.30
CA HIS I 3269 3.90 45.01 -133.73
C HIS I 3269 4.73 46.00 -132.92
N VAL I 3270 4.17 47.19 -132.68
CA VAL I 3270 4.94 48.27 -132.08
C VAL I 3270 5.54 47.82 -130.76
N ILE I 3271 4.69 47.51 -129.79
CA ILE I 3271 5.19 47.17 -128.45
C ILE I 3271 6.14 45.98 -128.52
N GLU I 3272 5.79 44.97 -129.30
CA GLU I 3272 6.56 43.73 -129.26
C GLU I 3272 7.93 43.85 -129.88
N ILE I 3273 8.12 44.68 -130.90
CA ILE I 3273 9.37 44.78 -131.63
C ILE I 3273 9.98 46.18 -131.52
N THR I 3274 9.26 47.20 -131.97
CA THR I 3274 9.85 48.53 -132.07
C THR I 3274 10.28 49.04 -130.70
N LEU I 3275 9.44 48.86 -129.69
CA LEU I 3275 9.77 49.37 -128.37
C LEU I 3275 11.04 48.73 -127.82
N PRO I 3276 11.18 47.40 -127.78
CA PRO I 3276 12.47 46.83 -127.36
C PRO I 3276 13.63 47.36 -128.19
N MET I 3277 13.45 47.43 -129.51
CA MET I 3277 14.51 47.96 -130.37
C MET I 3277 14.94 49.33 -129.89
N LEU I 3278 13.99 50.24 -129.73
CA LEU I 3278 14.31 51.62 -129.46
C LEU I 3278 14.86 51.83 -128.06
N CYS I 3279 14.32 51.12 -127.06
CA CYS I 3279 14.82 51.29 -125.70
C CYS I 3279 16.19 50.68 -125.53
N SER I 3280 16.52 49.62 -126.28
CA SER I 3280 17.89 49.14 -126.32
C SER I 3280 18.79 50.00 -127.19
N TYR I 3281 18.22 50.75 -128.13
CA TYR I 3281 19.02 51.57 -129.02
C TYR I 3281 19.51 52.83 -128.31
N LEU I 3282 18.60 53.56 -127.67
CA LEU I 3282 18.99 54.83 -127.06
C LEU I 3282 20.17 54.69 -126.12
N PRO I 3283 20.19 53.74 -125.19
CA PRO I 3283 21.33 53.66 -124.27
C PRO I 3283 22.66 53.43 -124.98
N ARG I 3284 22.69 52.52 -125.95
CA ARG I 3284 23.95 52.18 -126.59
C ARG I 3284 24.55 53.37 -127.31
N TRP I 3285 23.72 54.15 -127.99
CA TRP I 3285 24.19 55.27 -128.79
C TRP I 3285 24.24 56.57 -128.01
N TRP I 3286 23.72 56.60 -126.79
CA TRP I 3286 23.76 57.85 -126.03
C TRP I 3286 25.19 58.29 -125.76
N GLU I 3287 26.03 57.35 -125.33
CA GLU I 3287 27.43 57.69 -125.06
C GLU I 3287 28.16 58.08 -126.35
N ARG I 3288 27.90 57.36 -127.44
CA ARG I 3288 28.52 57.71 -128.71
C ARG I 3288 28.08 59.09 -129.18
N GLY I 3289 26.87 59.51 -128.80
CA GLY I 3289 26.36 60.80 -129.21
C GLY I 3289 26.83 61.91 -128.30
N PRO I 3290 26.39 63.13 -128.60
CA PRO I 3290 26.75 64.27 -127.77
C PRO I 3290 26.05 64.22 -126.43
N GLU I 3291 26.29 65.26 -125.63
CA GLU I 3291 25.66 65.42 -124.32
C GLU I 3291 26.05 64.30 -123.36
N ALA I 3292 27.13 63.58 -123.68
CA ALA I 3292 27.62 62.49 -122.85
C ALA I 3292 29.02 62.80 -122.36
N PRO I 3293 29.48 62.15 -121.29
CA PRO I 3293 30.85 62.36 -120.83
C PRO I 3293 31.82 62.22 -121.99
N PRO I 3294 32.48 63.30 -122.39
CA PRO I 3294 33.41 63.24 -123.53
C PRO I 3294 34.83 62.96 -123.09
N PRO I 3295 35.20 61.69 -122.85
CA PRO I 3295 36.58 61.44 -122.43
C PRO I 3295 37.61 61.99 -123.39
N ALA I 3296 37.31 62.01 -124.68
CA ALA I 3296 38.24 62.51 -125.70
C ALA I 3296 38.02 63.99 -126.01
N LEU I 3297 37.41 64.74 -125.10
CA LEU I 3297 37.19 66.17 -125.36
C LEU I 3297 38.47 66.92 -125.64
N PRO I 3298 39.55 66.77 -124.86
CA PRO I 3298 40.75 67.57 -125.14
C PRO I 3298 41.29 67.38 -126.54
N ALA I 3299 41.25 66.16 -127.06
CA ALA I 3299 41.72 65.90 -128.42
C ALA I 3299 40.64 66.26 -129.44
N GLY I 3300 41.06 66.44 -130.68
CA GLY I 3300 40.13 66.72 -131.74
C GLY I 3300 39.09 65.61 -131.85
N ALA I 3301 37.82 65.97 -131.71
CA ALA I 3301 36.74 65.00 -131.68
C ALA I 3301 35.87 65.14 -132.92
N PRO I 3302 35.76 64.11 -133.76
CA PRO I 3302 34.84 64.20 -134.89
C PRO I 3302 33.42 64.30 -134.40
N PRO I 3303 32.54 64.96 -135.14
CA PRO I 3303 31.14 65.09 -134.70
C PRO I 3303 30.53 63.71 -134.48
N PRO I 3304 29.73 63.55 -133.43
CA PRO I 3304 29.18 62.22 -133.14
C PRO I 3304 28.35 61.69 -134.29
N CYS I 3305 28.48 60.39 -134.54
CA CYS I 3305 27.70 59.77 -135.62
C CYS I 3305 26.22 59.81 -135.31
N THR I 3306 25.86 59.71 -134.04
CA THR I 3306 24.46 59.78 -133.63
C THR I 3306 24.15 61.13 -133.00
N ALA I 3307 22.88 61.51 -133.07
CA ALA I 3307 22.40 62.76 -132.49
C ALA I 3307 21.52 62.52 -131.27
N VAL I 3308 21.59 61.33 -130.68
CA VAL I 3308 20.73 61.01 -129.54
C VAL I 3308 21.00 61.97 -128.40
N THR I 3309 19.94 62.35 -127.70
CA THR I 3309 20.02 63.22 -126.55
C THR I 3309 19.09 62.71 -125.46
N SER I 3310 19.40 63.08 -124.21
CA SER I 3310 18.64 62.59 -123.08
C SER I 3310 17.16 62.94 -123.17
N ASP I 3311 16.82 64.06 -123.84
CA ASP I 3311 15.42 64.41 -123.99
C ASP I 3311 14.67 63.39 -124.83
N HIS I 3312 15.31 62.82 -125.85
CA HIS I 3312 14.69 61.74 -126.60
C HIS I 3312 14.35 60.57 -125.69
N LEU I 3313 15.29 60.18 -124.82
CA LEU I 3313 15.03 59.07 -123.91
C LEU I 3313 13.91 59.41 -122.93
N ASN I 3314 13.90 60.64 -122.43
CA ASN I 3314 12.83 61.05 -121.52
C ASN I 3314 11.47 60.98 -122.20
N SER I 3315 11.36 61.52 -123.41
CA SER I 3315 10.10 61.44 -124.14
C SER I 3315 9.71 60.00 -124.39
N LEU I 3316 10.68 59.15 -124.76
CA LEU I 3316 10.39 57.75 -124.97
C LEU I 3316 9.79 57.13 -123.71
N LEU I 3317 10.45 57.30 -122.57
CA LEU I 3317 9.96 56.72 -121.32
C LEU I 3317 8.58 57.22 -120.97
N GLY I 3318 8.32 58.52 -121.13
CA GLY I 3318 6.97 59.01 -120.97
C GLY I 3318 6.00 58.30 -121.88
N ASN I 3319 6.41 58.00 -123.10
CA ASN I 3319 5.52 57.28 -124.01
C ASN I 3319 5.19 55.90 -123.45
N ILE I 3320 6.22 55.11 -123.11
CA ILE I 3320 5.96 53.78 -122.55
C ILE I 3320 5.02 53.86 -121.37
N LEU I 3321 5.29 54.80 -120.45
CA LEU I 3321 4.37 54.96 -119.32
C LEU I 3321 2.96 55.20 -119.81
N ARG I 3322 2.80 56.01 -120.85
CA ARG I 3322 1.46 56.28 -121.37
C ARG I 3322 0.81 55.02 -121.92
N ILE I 3323 1.56 54.21 -122.68
CA ILE I 3323 0.98 52.98 -123.23
C ILE I 3323 0.52 52.04 -122.11
N ILE I 3324 1.38 51.82 -121.11
CA ILE I 3324 0.96 50.92 -120.04
C ILE I 3324 -0.23 51.49 -119.27
N VAL I 3325 -0.21 52.79 -118.95
CA VAL I 3325 -1.32 53.35 -118.18
C VAL I 3325 -2.62 53.23 -118.97
N ASN I 3326 -2.54 53.42 -120.30
CA ASN I 3326 -3.71 53.23 -121.13
C ASN I 3326 -4.18 51.77 -121.10
N ASN I 3327 -3.24 50.84 -121.13
CA ASN I 3327 -3.58 49.42 -121.21
C ASN I 3327 -3.91 48.81 -119.85
N LEU I 3328 -3.85 49.60 -118.78
CA LEU I 3328 -4.19 49.07 -117.46
C LEU I 3328 -5.60 48.50 -117.45
N GLY I 3329 -5.78 47.42 -116.69
CA GLY I 3329 -7.09 46.84 -116.49
C GLY I 3329 -7.52 45.81 -117.51
N ILE I 3330 -6.74 45.60 -118.57
CA ILE I 3330 -7.11 44.62 -119.57
C ILE I 3330 -6.88 43.22 -119.03
N ASP I 3331 -7.65 42.26 -119.55
CA ASP I 3331 -7.62 40.91 -118.99
C ASP I 3331 -6.25 40.26 -119.15
N GLU I 3332 -5.63 40.41 -120.32
CA GLU I 3332 -4.35 39.77 -120.59
C GLU I 3332 -3.42 40.75 -121.29
N ALA I 3333 -2.24 40.98 -120.68
CA ALA I 3333 -1.22 41.87 -121.22
C ALA I 3333 0.16 41.23 -121.01
N SER I 3334 0.27 39.95 -121.34
CA SER I 3334 1.51 39.23 -121.09
C SER I 3334 2.72 39.95 -121.69
N TRP I 3335 2.52 40.66 -122.80
CA TRP I 3335 3.60 41.45 -123.38
C TRP I 3335 4.12 42.49 -122.40
N MET I 3336 3.31 42.86 -121.42
CA MET I 3336 3.62 44.00 -120.57
C MET I 3336 4.88 43.77 -119.74
N LYS I 3337 5.03 42.57 -119.18
CA LYS I 3337 6.20 42.28 -118.37
C LYS I 3337 7.47 42.31 -119.22
N ARG I 3338 7.41 41.75 -120.42
CA ARG I 3338 8.55 41.83 -121.33
C ARG I 3338 8.89 43.28 -121.65
N LEU I 3339 7.86 44.10 -121.90
CA LEU I 3339 8.11 45.51 -122.18
C LEU I 3339 8.78 46.19 -120.99
N ALA I 3340 8.32 45.88 -119.79
CA ALA I 3340 8.89 46.50 -118.60
C ALA I 3340 10.37 46.13 -118.45
N VAL I 3341 10.69 44.85 -118.61
CA VAL I 3341 12.09 44.45 -118.47
C VAL I 3341 12.93 45.08 -119.56
N PHE I 3342 12.41 45.14 -120.79
CA PHE I 3342 13.17 45.76 -121.88
C PHE I 3342 13.36 47.24 -121.64
N ALA I 3343 12.42 47.88 -120.96
CA ALA I 3343 12.48 49.32 -120.74
C ALA I 3343 13.20 49.71 -119.46
N GLN I 3344 13.53 48.75 -118.59
CA GLN I 3344 14.30 49.11 -117.41
C GLN I 3344 15.55 49.91 -117.72
N PRO I 3345 16.37 49.53 -118.72
CA PRO I 3345 17.66 50.23 -118.89
C PRO I 3345 17.52 51.74 -119.08
N ILE I 3346 16.50 52.20 -119.80
CA ILE I 3346 16.43 53.62 -120.14
C ILE I 3346 16.19 54.47 -118.90
N VAL I 3347 15.45 53.93 -117.93
CA VAL I 3347 14.96 54.76 -116.82
C VAL I 3347 16.10 55.44 -116.10
N SER I 3348 17.31 54.87 -116.16
CA SER I 3348 18.42 55.39 -115.38
C SER I 3348 18.63 56.88 -115.63
N ARG I 3349 18.46 57.32 -116.87
CA ARG I 3349 18.73 58.70 -117.25
C ARG I 3349 17.47 59.56 -117.29
N ALA I 3350 16.35 59.07 -116.78
CA ALA I 3350 15.11 59.81 -116.83
C ALA I 3350 15.25 61.15 -116.11
N ARG I 3351 14.66 62.19 -116.70
CA ARG I 3351 14.72 63.52 -116.10
C ARG I 3351 13.73 63.63 -114.94
N PRO I 3352 14.03 64.43 -113.92
CA PRO I 3352 13.18 64.42 -112.71
C PRO I 3352 11.71 64.73 -112.96
N GLU I 3353 11.39 65.62 -113.89
CA GLU I 3353 10.01 66.07 -114.04
C GLU I 3353 9.08 64.94 -114.44
N LEU I 3354 9.63 63.81 -114.91
CA LEU I 3354 8.79 62.66 -115.23
C LEU I 3354 7.95 62.23 -114.05
N LEU I 3355 8.49 62.30 -112.83
CA LEU I 3355 7.74 61.86 -111.66
C LEU I 3355 6.40 62.59 -111.57
N ARG I 3356 6.41 63.90 -111.71
CA ARG I 3356 5.18 64.68 -111.65
C ARG I 3356 4.35 64.55 -112.92
N SER I 3357 4.98 64.45 -114.07
CA SER I 3357 4.21 64.46 -115.32
C SER I 3357 3.45 63.15 -115.51
N HIS I 3358 4.09 62.01 -115.27
CA HIS I 3358 3.55 60.70 -115.64
C HIS I 3358 3.34 59.78 -114.45
N PHE I 3359 4.35 59.61 -113.60
CA PHE I 3359 4.29 58.57 -112.58
C PHE I 3359 3.13 58.80 -111.62
N ILE I 3360 3.05 59.99 -111.03
CA ILE I 3360 2.10 60.21 -109.95
C ILE I 3360 0.67 59.92 -110.38
N PRO I 3361 0.16 60.50 -111.48
CA PRO I 3361 -1.19 60.09 -111.92
C PRO I 3361 -1.27 58.62 -112.27
N THR I 3362 -0.20 58.06 -112.84
CA THR I 3362 -0.21 56.66 -113.24
C THR I 3362 -0.40 55.75 -112.03
N ILE I 3363 0.43 55.92 -111.01
CA ILE I 3363 0.32 55.08 -109.83
C ILE I 3363 -0.94 55.42 -109.06
N GLY I 3364 -1.41 56.66 -109.17
CA GLY I 3364 -2.65 57.04 -108.49
C GLY I 3364 -3.87 56.33 -109.05
N ARG I 3365 -3.95 56.18 -110.36
CA ARG I 3365 -5.04 55.41 -110.93
C ARG I 3365 -5.04 53.99 -110.38
N LEU I 3366 -3.85 53.39 -110.27
CA LEU I 3366 -3.75 52.05 -109.72
C LEU I 3366 -4.14 52.02 -108.26
N ARG I 3367 -3.80 53.08 -107.51
CA ARG I 3367 -4.23 53.15 -106.11
C ARG I 3367 -5.74 53.20 -106.01
N LYS I 3368 -6.38 53.98 -106.87
CA LYS I 3368 -7.84 54.03 -106.88
C LYS I 3368 -8.42 52.67 -107.21
N ARG I 3369 -7.84 51.98 -108.20
CA ARG I 3369 -8.30 50.64 -108.54
C ARG I 3369 -8.15 49.69 -107.36
N ALA I 3370 -7.04 49.79 -106.64
CA ALA I 3370 -6.85 48.97 -105.45
C ALA I 3370 -7.92 49.26 -104.41
N GLY I 3371 -8.23 50.53 -104.20
CA GLY I 3371 -9.30 50.88 -103.28
C GLY I 3371 -10.63 50.27 -103.68
N LYS I 3372 -10.97 50.39 -104.97
CA LYS I 3372 -12.24 49.82 -105.44
C LYS I 3372 -12.28 48.31 -105.26
N VAL I 3373 -11.19 47.62 -105.61
CA VAL I 3373 -11.20 46.17 -105.55
C VAL I 3373 -11.23 45.69 -104.10
N VAL I 3374 -10.54 46.39 -103.20
CA VAL I 3374 -10.63 46.00 -101.79
C VAL I 3374 -12.03 46.28 -101.25
N ALA I 3375 -12.67 47.35 -101.72
CA ALA I 3375 -14.07 47.58 -101.34
C ALA I 3375 -14.94 46.40 -101.75
N GLU I 3376 -14.77 45.95 -103.00
CA GLU I 3376 -15.44 44.72 -103.43
C GLU I 3376 -15.10 43.57 -102.49
N GLU I 3377 -13.85 43.50 -102.04
CA GLU I 3377 -13.44 42.42 -101.16
C GLU I 3377 -14.17 42.45 -99.83
N GLU I 3378 -14.29 43.62 -99.21
CA GLU I 3378 -15.02 43.69 -97.93
C GLU I 3378 -16.50 43.37 -98.14
N GLN I 3379 -17.08 43.84 -99.24
CA GLN I 3379 -18.48 43.50 -99.49
C GLN I 3379 -18.65 42.00 -99.65
N LEU I 3380 -17.72 41.36 -100.37
CA LEU I 3380 -17.76 39.91 -100.51
C LEU I 3380 -17.61 39.23 -99.15
N ARG I 3381 -16.70 39.72 -98.31
CA ARG I 3381 -16.56 39.16 -96.97
C ARG I 3381 -17.86 39.24 -96.19
N LEU I 3382 -18.55 40.38 -96.28
CA LEU I 3382 -19.87 40.48 -95.65
C LEU I 3382 -20.82 39.45 -96.22
N GLU I 3383 -20.80 39.25 -97.54
CA GLU I 3383 -21.57 38.18 -98.14
C GLU I 3383 -21.07 36.83 -97.62
N ALA I 3384 -21.98 35.86 -97.51
CA ALA I 3384 -21.69 34.59 -96.86
C ALA I 3384 -22.23 33.42 -97.66
N LYS I 3385 -21.61 32.26 -97.47
CA LYS I 3385 -22.05 30.97 -98.02
C LYS I 3385 -22.01 31.07 -99.55
N ALA I 3386 -23.08 30.73 -100.27
CA ALA I 3386 -23.04 30.78 -101.72
C ALA I 3386 -22.78 32.18 -102.23
N GLU I 3387 -23.27 33.20 -101.51
CA GLU I 3387 -22.98 34.57 -101.88
C GLU I 3387 -21.50 34.84 -101.83
N ALA I 3388 -20.83 34.34 -100.78
CA ALA I 3388 -19.38 34.50 -100.68
C ALA I 3388 -18.67 33.75 -101.79
N GLU I 3389 -19.08 32.51 -102.05
CA GLU I 3389 -18.41 31.71 -103.08
C GLU I 3389 -18.53 32.36 -104.44
N GLU I 3390 -19.73 32.81 -104.80
CA GLU I 3390 -19.89 33.58 -106.02
C GLU I 3390 -19.24 34.94 -105.86
N GLY I 3391 -18.46 35.34 -106.85
CA GLY I 3391 -17.68 36.56 -106.76
C GLY I 3391 -16.34 36.39 -106.07
N GLU I 3392 -16.09 35.27 -105.39
CA GLU I 3392 -14.77 35.03 -104.84
C GLU I 3392 -13.74 34.88 -105.95
N LEU I 3393 -14.03 34.04 -106.94
CA LEU I 3393 -13.15 33.95 -108.10
C LEU I 3393 -13.09 35.27 -108.85
N LEU I 3394 -14.19 36.03 -108.84
CA LEU I 3394 -14.19 37.35 -109.46
C LEU I 3394 -13.13 38.24 -108.83
N VAL I 3395 -13.26 38.49 -107.53
CA VAL I 3395 -12.31 39.34 -106.83
C VAL I 3395 -10.90 38.78 -106.96
N ARG I 3396 -10.78 37.45 -107.01
CA ARG I 3396 -9.48 36.85 -107.27
C ARG I 3396 -8.92 37.31 -108.61
N ASP I 3397 -9.76 37.34 -109.64
CA ASP I 3397 -9.31 37.77 -110.96
C ASP I 3397 -8.92 39.24 -110.96
N GLU I 3398 -9.72 40.09 -110.31
CA GLU I 3398 -9.34 41.50 -110.25
C GLU I 3398 -8.02 41.68 -109.51
N PHE I 3399 -7.82 40.94 -108.41
CA PHE I 3399 -6.54 40.98 -107.72
C PHE I 3399 -5.41 40.55 -108.65
N SER I 3400 -5.64 39.50 -109.43
CA SER I 3400 -4.60 39.01 -110.32
C SER I 3400 -4.21 40.06 -111.36
N VAL I 3401 -5.20 40.68 -112.01
CA VAL I 3401 -4.89 41.66 -113.04
C VAL I 3401 -4.24 42.90 -112.41
N LEU I 3402 -4.71 43.30 -111.23
CA LEU I 3402 -4.09 44.42 -110.55
C LEU I 3402 -2.65 44.11 -110.20
N CYS I 3403 -2.37 42.88 -109.75
CA CYS I 3403 -1.01 42.49 -109.43
C CYS I 3403 -0.14 42.51 -110.69
N ARG I 3404 -0.69 42.04 -111.81
CA ARG I 3404 0.06 42.09 -113.06
C ARG I 3404 0.45 43.52 -113.40
N ASP I 3405 -0.52 44.43 -113.37
CA ASP I 3405 -0.22 45.84 -113.63
C ASP I 3405 0.79 46.37 -112.62
N LEU I 3406 0.69 45.91 -111.38
CA LEU I 3406 1.50 46.47 -110.30
C LEU I 3406 2.97 46.10 -110.49
N TYR I 3407 3.24 44.81 -110.73
CA TYR I 3407 4.59 44.41 -111.11
C TYR I 3407 5.04 45.12 -112.37
N ALA I 3408 4.15 45.27 -113.35
CA ALA I 3408 4.57 45.95 -114.57
C ALA I 3408 5.08 47.35 -114.26
N LEU I 3409 4.36 48.09 -113.42
CA LEU I 3409 4.73 49.48 -113.17
C LEU I 3409 5.95 49.61 -112.28
N TYR I 3410 6.04 48.84 -111.20
CA TYR I 3410 7.10 49.11 -110.22
C TYR I 3410 8.52 49.13 -110.80
N PRO I 3411 9.05 48.08 -111.41
CA PRO I 3411 10.51 48.06 -111.66
C PRO I 3411 11.03 49.37 -112.25
N LEU I 3412 10.28 49.95 -113.19
CA LEU I 3412 10.62 51.28 -113.66
C LEU I 3412 10.66 52.27 -112.50
N LEU I 3413 9.63 52.23 -111.64
CA LEU I 3413 9.57 53.16 -110.52
C LEU I 3413 10.72 52.95 -109.55
N ILE I 3414 11.06 51.68 -109.29
CA ILE I 3414 12.17 51.38 -108.39
C ILE I 3414 13.47 51.97 -108.93
N ARG I 3415 13.77 51.68 -110.19
CA ARG I 3415 15.01 52.17 -110.77
C ARG I 3415 15.03 53.69 -110.81
N TYR I 3416 13.87 54.31 -111.08
CA TYR I 3416 13.79 55.76 -111.04
C TYR I 3416 14.08 56.28 -109.64
N VAL I 3417 13.52 55.64 -108.62
CA VAL I 3417 13.72 56.08 -107.24
C VAL I 3417 15.19 56.00 -106.88
N ASP I 3418 15.84 54.89 -107.22
CA ASP I 3418 17.26 54.74 -106.92
C ASP I 3418 18.04 55.94 -107.44
N ASN I 3419 17.73 56.38 -108.64
CA ASN I 3419 18.47 57.49 -109.25
C ASN I 3419 18.20 58.80 -108.52
N ASN I 3420 16.94 59.06 -108.18
CA ASN I 3420 16.53 60.36 -107.65
C ASN I 3420 16.33 60.36 -106.14
N ARG I 3421 16.55 59.22 -105.48
CA ARG I 3421 16.50 59.23 -104.02
C ARG I 3421 17.50 60.21 -103.43
N ALA I 3422 18.69 60.30 -104.00
CA ALA I 3422 19.67 61.26 -103.50
C ALA I 3422 19.09 62.66 -103.53
N HIS I 3423 18.51 63.06 -104.66
CA HIS I 3423 17.92 64.38 -104.77
C HIS I 3423 16.83 64.58 -103.73
N TRP I 3424 15.87 63.65 -103.66
CA TRP I 3424 14.73 63.84 -102.78
C TRP I 3424 15.18 63.92 -101.32
N LEU I 3425 16.07 63.03 -100.90
CA LEU I 3425 16.50 63.02 -99.51
C LEU I 3425 17.42 64.18 -99.20
N THR I 3426 18.10 64.75 -100.20
CA THR I 3426 18.91 65.93 -99.97
C THR I 3426 18.04 67.16 -99.79
N GLU I 3427 17.00 67.28 -100.60
CA GLU I 3427 16.11 68.44 -100.54
C GLU I 3427 14.66 67.98 -100.44
N PRO I 3428 13.86 68.53 -99.53
CA PRO I 3428 12.47 68.08 -99.41
C PRO I 3428 11.70 68.29 -100.71
N ASN I 3429 10.78 67.37 -100.98
CA ASN I 3429 9.99 67.38 -102.22
C ASN I 3429 8.54 67.06 -101.90
N PRO I 3430 7.60 68.00 -102.03
CA PRO I 3430 6.20 67.66 -101.78
C PRO I 3430 5.69 66.56 -102.69
N ASN I 3431 6.12 66.56 -103.95
CA ASN I 3431 5.71 65.51 -104.87
C ASN I 3431 6.23 64.15 -104.40
N ALA I 3432 7.48 64.11 -103.95
CA ALA I 3432 8.03 62.85 -103.43
C ALA I 3432 7.26 62.39 -102.20
N GLU I 3433 6.89 63.32 -101.32
CA GLU I 3433 6.11 62.95 -100.14
C GLU I 3433 4.76 62.39 -100.54
N GLU I 3434 4.13 62.99 -101.55
CA GLU I 3434 2.86 62.46 -102.04
C GLU I 3434 3.05 61.05 -102.60
N LEU I 3435 4.11 60.84 -103.36
CA LEU I 3435 4.38 59.50 -103.89
C LEU I 3435 4.55 58.51 -102.75
N PHE I 3436 5.24 58.93 -101.68
CA PHE I 3436 5.39 58.08 -100.52
C PHE I 3436 4.04 57.71 -99.93
N ARG I 3437 3.18 58.71 -99.75
CA ARG I 3437 1.85 58.45 -99.22
C ARG I 3437 1.13 57.41 -100.08
N MET I 3438 1.23 57.57 -101.40
CA MET I 3438 0.50 56.71 -102.31
C MET I 3438 1.00 55.27 -102.25
N VAL I 3439 2.32 55.09 -102.34
CA VAL I 3439 2.89 53.74 -102.27
C VAL I 3439 2.61 53.12 -100.91
N GLY I 3440 2.66 53.93 -99.84
CA GLY I 3440 2.33 53.42 -98.54
C GLY I 3440 0.91 52.93 -98.45
N GLU I 3441 -0.03 53.67 -99.03
CA GLU I 3441 -1.42 53.22 -99.04
C GLU I 3441 -1.54 51.90 -99.79
N ILE I 3442 -0.84 51.78 -100.92
CA ILE I 3442 -0.86 50.52 -101.65
C ILE I 3442 -0.37 49.39 -100.76
N PHE I 3443 0.72 49.62 -100.02
CA PHE I 3443 1.23 48.58 -99.13
C PHE I 3443 0.24 48.28 -98.01
N ILE I 3444 -0.48 49.30 -97.54
CA ILE I 3444 -1.49 49.06 -96.52
C ILE I 3444 -2.55 48.10 -97.05
N TYR I 3445 -3.00 48.33 -98.28
CA TYR I 3445 -3.96 47.40 -98.88
C TYR I 3445 -3.35 46.01 -99.01
N TRP I 3446 -2.09 45.94 -99.44
CA TRP I 3446 -1.42 44.64 -99.54
C TRP I 3446 -1.47 43.89 -98.23
N SER I 3447 -1.05 44.55 -97.15
CA SER I 3447 -1.02 43.90 -95.84
C SER I 3447 -2.42 43.52 -95.37
N LYS I 3448 -3.39 44.41 -95.59
CA LYS I 3448 -4.74 44.14 -95.12
C LYS I 3448 -5.34 42.92 -95.82
N SER I 3449 -5.16 42.82 -97.13
CA SER I 3449 -5.82 41.79 -97.92
C SER I 3449 -4.92 40.56 -98.04
N HIS I 3450 -5.32 39.48 -97.39
CA HIS I 3450 -4.60 38.21 -97.56
C HIS I 3450 -4.76 37.67 -98.98
N ASN I 3451 -5.96 37.78 -99.55
CA ASN I 3451 -6.18 37.36 -100.93
C ASN I 3451 -5.22 38.10 -101.87
N PHE I 3452 -4.99 39.37 -101.59
CA PHE I 3452 -4.07 40.15 -102.41
C PHE I 3452 -2.67 39.54 -102.37
N LYS I 3453 -2.22 39.12 -101.19
CA LYS I 3453 -0.89 38.53 -101.09
C LYS I 3453 -0.80 37.21 -101.84
N ARG I 3454 -1.81 36.35 -101.67
CA ARG I 3454 -1.76 35.06 -102.34
C ARG I 3454 -1.76 35.24 -103.86
N GLU I 3455 -2.54 36.21 -104.36
CA GLU I 3455 -2.53 36.47 -105.80
C GLU I 3455 -1.20 37.06 -106.24
N GLU I 3456 -0.59 37.90 -105.40
CA GLU I 3456 0.77 38.34 -105.65
C GLU I 3456 1.70 37.16 -105.88
N GLN I 3457 1.67 36.19 -104.96
CA GLN I 3457 2.51 35.01 -105.11
C GLN I 3457 2.13 34.21 -106.34
N ASN I 3458 0.84 34.06 -106.61
CA ASN I 3458 0.40 33.30 -107.77
C ASN I 3458 0.95 33.91 -109.05
N PHE I 3459 0.86 35.23 -109.19
CA PHE I 3459 1.39 35.86 -110.39
C PHE I 3459 2.90 35.67 -110.49
N VAL I 3460 3.63 36.00 -109.42
CA VAL I 3460 5.09 35.94 -109.50
C VAL I 3460 5.55 34.53 -109.82
N VAL I 3461 4.81 33.52 -109.37
CA VAL I 3461 5.20 32.14 -109.65
C VAL I 3461 4.80 31.73 -111.05
N GLN I 3462 3.54 31.96 -111.41
CA GLN I 3462 3.03 31.48 -112.70
C GLN I 3462 3.78 32.12 -113.85
N ASN I 3463 4.02 33.43 -113.79
CA ASN I 3463 4.65 34.14 -114.90
C ASN I 3463 6.17 34.03 -114.87
N GLU I 3464 6.74 33.20 -114.01
CA GLU I 3464 8.18 32.94 -113.99
C GLU I 3464 8.99 34.22 -113.84
N ILE I 3465 8.43 35.22 -113.15
CA ILE I 3465 9.14 36.47 -112.96
C ILE I 3465 10.29 36.27 -112.00
N ASN I 3466 11.48 36.70 -112.41
CA ASN I 3466 12.64 36.72 -111.53
C ASN I 3466 12.62 38.03 -110.76
N ASN I 3467 12.13 37.98 -109.53
CA ASN I 3467 11.81 39.20 -108.80
C ASN I 3467 13.06 39.96 -108.39
N MET I 3468 14.13 39.24 -108.05
CA MET I 3468 15.34 39.91 -107.62
C MET I 3468 16.07 40.61 -108.77
N SER I 3469 15.91 40.10 -109.99
CA SER I 3469 16.58 40.71 -111.15
C SER I 3469 16.13 42.15 -111.32
N PHE I 3470 14.83 42.41 -111.18
CA PHE I 3470 14.33 43.78 -111.31
C PHE I 3470 14.92 44.66 -110.21
N LEU I 3471 15.01 44.14 -108.99
CA LEU I 3471 15.59 44.91 -107.89
C LEU I 3471 17.03 45.27 -108.19
N THR I 3472 17.81 44.32 -108.71
CA THR I 3472 19.20 44.58 -109.05
C THR I 3472 19.31 45.16 -110.47
N TYR I 3504 8.90 32.56 -104.41
CA TYR I 3504 9.66 33.77 -104.10
C TYR I 3504 9.17 34.36 -102.79
N SER I 3505 10.09 34.96 -102.03
CA SER I 3505 9.81 35.37 -100.67
C SER I 3505 9.11 36.73 -100.63
N VAL I 3506 8.47 37.00 -99.48
CA VAL I 3506 7.82 38.28 -99.29
C VAL I 3506 8.85 39.41 -99.38
N GLN I 3507 10.01 39.23 -98.75
CA GLN I 3507 11.08 40.22 -98.89
C GLN I 3507 11.35 40.51 -100.36
N THR I 3508 11.34 39.48 -101.19
CA THR I 3508 11.52 39.66 -102.62
C THR I 3508 10.32 40.35 -103.26
N SER I 3509 9.14 40.26 -102.65
CA SER I 3509 7.95 40.86 -103.24
C SER I 3509 8.19 42.34 -103.52
N LEU I 3510 7.79 42.78 -104.71
CA LEU I 3510 8.07 44.15 -105.12
C LEU I 3510 7.39 45.17 -104.21
N ILE I 3511 6.13 44.91 -103.85
CA ILE I 3511 5.37 45.90 -103.10
C ILE I 3511 6.11 46.28 -101.83
N VAL I 3512 6.52 45.30 -101.03
CA VAL I 3512 7.27 45.60 -99.83
C VAL I 3512 8.61 46.19 -100.18
N ALA I 3513 9.23 45.71 -101.26
CA ALA I 3513 10.50 46.28 -101.69
C ALA I 3513 10.33 47.75 -102.05
N THR I 3514 9.27 48.08 -102.81
CA THR I 3514 9.03 49.47 -103.17
C THR I 3514 8.81 50.32 -101.93
N LEU I 3515 8.00 49.81 -100.99
CA LEU I 3515 7.75 50.57 -99.76
C LEU I 3515 9.02 50.81 -98.99
N LYS I 3516 9.88 49.79 -98.89
CA LYS I 3516 11.14 49.97 -98.17
C LYS I 3516 12.03 50.98 -98.88
N LYS I 3517 12.04 50.94 -100.21
CA LYS I 3517 12.90 51.84 -100.96
C LYS I 3517 12.47 53.29 -100.80
N MET I 3518 11.16 53.53 -100.73
CA MET I 3518 10.65 54.89 -100.54
C MET I 3518 10.55 55.32 -99.09
N LEU I 3519 10.55 54.39 -98.14
CA LEU I 3519 10.32 54.75 -96.75
C LEU I 3519 11.29 55.79 -96.24
N PRO I 3520 12.58 55.75 -96.58
CA PRO I 3520 13.49 56.80 -96.08
C PRO I 3520 12.98 58.20 -96.38
N ILE I 3521 12.32 58.40 -97.52
CA ILE I 3521 11.75 59.72 -97.80
C ILE I 3521 10.65 60.04 -96.79
N GLY I 3522 9.80 59.05 -96.49
CA GLY I 3522 8.76 59.28 -95.50
C GLY I 3522 9.32 59.66 -94.15
N LEU I 3523 10.37 58.96 -93.72
CA LEU I 3523 10.99 59.33 -92.45
C LEU I 3523 11.62 60.71 -92.53
N ASN I 3524 12.28 61.02 -93.64
CA ASN I 3524 12.97 62.30 -93.77
C ASN I 3524 11.99 63.46 -93.69
N MET I 3525 10.86 63.35 -94.39
CA MET I 3525 9.91 64.45 -94.38
C MET I 3525 9.27 64.66 -93.02
N CYS I 3526 9.46 63.72 -92.10
CA CYS I 3526 8.97 63.91 -90.74
C CYS I 3526 10.01 64.61 -89.88
N ALA I 3527 9.54 65.18 -88.76
CA ALA I 3527 10.45 65.83 -87.84
C ALA I 3527 10.98 64.83 -86.81
N PRO I 3528 12.25 64.95 -86.42
CA PRO I 3528 12.79 63.99 -85.44
C PRO I 3528 12.03 63.98 -84.13
N THR I 3529 11.58 65.15 -83.68
CA THR I 3529 10.88 65.22 -82.39
C THR I 3529 9.67 64.31 -82.36
N ASP I 3530 8.97 64.17 -83.48
CA ASP I 3530 7.68 63.50 -83.53
C ASP I 3530 7.79 61.99 -83.46
N GLN I 3531 8.98 61.44 -83.25
CA GLN I 3531 9.16 60.00 -83.25
C GLN I 3531 8.37 59.32 -82.13
N ASP I 3532 8.28 59.97 -80.96
CA ASP I 3532 7.49 59.40 -79.87
C ASP I 3532 6.03 59.27 -80.28
N LEU I 3533 5.52 60.23 -81.05
CA LEU I 3533 4.15 60.13 -81.53
C LEU I 3533 3.99 58.91 -82.42
N ILE I 3534 4.99 58.62 -83.26
CA ILE I 3534 4.94 57.41 -84.07
C ILE I 3534 4.97 56.18 -83.17
N VAL I 3535 5.77 56.21 -82.11
CA VAL I 3535 5.84 55.09 -81.20
C VAL I 3535 4.47 54.81 -80.60
N LEU I 3536 3.74 55.87 -80.26
CA LEU I 3536 2.39 55.69 -79.71
C LEU I 3536 1.41 55.24 -80.79
N ALA I 3537 1.55 55.77 -82.00
CA ALA I 3537 0.63 55.40 -83.08
C ALA I 3537 0.77 53.93 -83.45
N LYS I 3538 2.00 53.41 -83.44
CA LYS I 3538 2.19 51.99 -83.68
C LYS I 3538 1.52 51.14 -82.62
N ALA I 3539 1.56 51.57 -81.36
CA ALA I 3539 0.83 50.86 -80.32
C ALA I 3539 -0.66 50.89 -80.58
N ARG I 3540 -1.19 52.05 -81.00
CA ARG I 3540 -2.61 52.13 -81.30
C ARG I 3540 -2.98 51.19 -82.44
N TYR I 3541 -2.15 51.14 -83.48
CA TYR I 3541 -2.37 50.22 -84.58
C TYR I 3541 -2.33 48.77 -84.13
N ALA I 3542 -1.39 48.42 -83.25
CA ALA I 3542 -1.43 47.09 -82.65
C ALA I 3542 -2.76 46.86 -81.93
N LEU I 3543 -3.26 47.91 -81.27
CA LEU I 3543 -4.61 47.87 -80.70
C LEU I 3543 -5.69 47.76 -81.75
N LYS I 3544 -5.36 47.99 -83.02
CA LYS I 3544 -6.28 47.83 -84.15
C LYS I 3544 -7.31 48.94 -84.19
N ASP I 3545 -6.95 50.14 -83.75
CA ASP I 3545 -7.85 51.27 -83.81
C ASP I 3545 -8.00 51.75 -85.25
N THR I 3546 -9.12 52.41 -85.52
CA THR I 3546 -9.40 52.94 -86.85
C THR I 3546 -8.46 54.10 -87.16
N ASP I 3547 -8.33 54.40 -88.45
CA ASP I 3547 -7.45 55.48 -88.86
C ASP I 3547 -7.90 56.81 -88.27
N GLU I 3548 -9.20 57.10 -88.35
CA GLU I 3548 -9.70 58.33 -87.74
C GLU I 3548 -9.48 58.32 -86.24
N GLU I 3549 -9.60 57.14 -85.62
CA GLU I 3549 -9.40 57.04 -84.18
C GLU I 3549 -7.96 57.41 -83.82
N VAL I 3550 -6.98 56.92 -84.60
CA VAL I 3550 -5.59 57.23 -84.29
C VAL I 3550 -5.28 58.69 -84.59
N ARG I 3551 -5.87 59.24 -85.65
CA ARG I 3551 -5.72 60.68 -85.88
C ARG I 3551 -6.23 61.47 -84.70
N GLU I 3552 -7.40 61.11 -84.17
CA GLU I 3552 -7.95 61.84 -83.03
C GLU I 3552 -7.12 61.61 -81.77
N PHE I 3553 -6.56 60.41 -81.60
CA PHE I 3553 -5.66 60.14 -80.49
C PHE I 3553 -4.47 61.10 -80.53
N LEU I 3554 -3.80 61.19 -81.68
CA LEU I 3554 -2.68 62.12 -81.79
C LEU I 3554 -3.14 63.55 -81.61
N GLN I 3555 -4.34 63.88 -82.13
CA GLN I 3555 -4.84 65.24 -81.99
C GLN I 3555 -4.99 65.63 -80.52
N ASN I 3556 -5.58 64.74 -79.71
CA ASN I 3556 -5.79 65.06 -78.30
C ASN I 3556 -4.48 64.99 -77.53
N ASN I 3557 -3.53 64.18 -77.99
CA ASN I 3557 -2.23 64.06 -77.36
C ASN I 3557 -1.19 64.96 -78.03
N LEU I 3558 -1.65 65.98 -78.76
CA LEU I 3558 -0.75 66.80 -79.57
C LEU I 3558 0.38 67.41 -78.76
N ASN I 3559 0.15 67.72 -77.48
CA ASN I 3559 1.16 68.36 -76.66
C ASN I 3559 2.07 67.34 -75.95
N LEU I 3560 2.19 66.14 -76.48
CA LEU I 3560 3.11 65.12 -75.97
C LEU I 3560 4.40 65.07 -76.78
N GLN I 3561 4.79 66.19 -77.38
CA GLN I 3561 5.97 66.22 -78.22
C GLN I 3561 7.23 65.95 -77.41
N GLY I 3562 8.22 65.37 -78.07
CA GLY I 3562 9.50 65.12 -77.41
C GLY I 3562 10.23 66.42 -77.13
N LYS I 3563 11.11 66.38 -76.13
CA LYS I 3563 11.85 67.56 -75.68
C LYS I 3563 13.32 67.41 -76.06
N VAL I 3564 13.89 68.46 -76.66
CA VAL I 3564 15.30 68.43 -77.03
C VAL I 3564 16.17 68.31 -75.79
N GLU I 3565 15.83 69.08 -74.74
CA GLU I 3565 16.60 69.01 -73.50
C GLU I 3565 16.54 67.61 -72.90
N GLY I 3566 15.46 66.87 -73.17
CA GLY I 3566 15.29 65.56 -72.54
C GLY I 3566 16.41 64.60 -72.88
N SER I 3567 16.80 64.54 -74.15
CA SER I 3567 17.85 63.64 -74.60
C SER I 3567 18.83 64.38 -75.50
N PRO I 3568 20.10 63.98 -75.52
CA PRO I 3568 21.05 64.67 -76.40
C PRO I 3568 20.88 64.35 -77.87
N SER I 3569 20.57 63.09 -78.21
CA SER I 3569 20.45 62.70 -79.61
C SER I 3569 19.53 63.64 -80.35
N LEU I 3570 18.41 64.01 -79.72
CA LEU I 3570 17.50 64.97 -80.32
C LEU I 3570 18.20 66.29 -80.64
N ARG I 3571 19.27 66.63 -79.92
CA ARG I 3571 19.97 67.87 -80.21
C ARG I 3571 20.58 67.87 -81.61
N TRP I 3572 21.37 66.85 -81.98
CA TRP I 3572 21.96 66.86 -83.30
C TRP I 3572 20.94 66.48 -84.36
N GLN I 3573 19.92 65.70 -83.98
CA GLN I 3573 18.78 65.53 -84.88
C GLN I 3573 18.22 66.90 -85.28
N MET I 3574 17.94 67.73 -84.28
CA MET I 3574 17.41 69.07 -84.49
C MET I 3574 18.40 69.90 -85.30
N ALA I 3575 19.69 69.73 -85.04
CA ALA I 3575 20.70 70.49 -85.76
C ALA I 3575 20.64 70.20 -87.26
N LEU I 3576 20.66 68.93 -87.63
CA LEU I 3576 20.59 68.57 -89.04
C LEU I 3576 19.25 69.01 -89.64
N TYR I 3577 18.17 68.85 -88.88
CA TYR I 3577 16.85 69.22 -89.38
C TYR I 3577 16.80 70.69 -89.73
N ARG I 3578 17.29 71.55 -88.84
CA ARG I 3578 17.38 72.98 -89.15
C ARG I 3578 18.35 73.24 -90.29
N GLY I 3579 19.49 72.55 -90.31
CA GLY I 3579 20.47 72.80 -91.36
C GLY I 3579 19.88 72.63 -92.74
N VAL I 3580 19.06 71.61 -92.91
CA VAL I 3580 18.33 71.50 -94.18
C VAL I 3580 17.40 72.69 -94.33
N PRO I 3581 17.33 73.34 -95.49
CA PRO I 3581 16.55 74.58 -95.58
C PRO I 3581 15.06 74.32 -95.61
N GLY I 3582 14.29 75.41 -95.59
CA GLY I 3582 12.86 75.38 -95.77
C GLY I 3582 12.08 74.75 -94.65
N ARG I 3583 12.72 74.43 -93.52
CA ARG I 3583 12.02 73.73 -92.46
C ARG I 3583 11.50 74.68 -91.39
N GLU I 3584 11.81 75.98 -91.52
CA GLU I 3584 11.20 76.95 -90.61
C GLU I 3584 9.69 76.96 -90.75
N GLU I 3585 9.18 76.63 -91.93
CA GLU I 3585 7.75 76.51 -92.16
C GLU I 3585 7.21 75.12 -91.80
N ASP I 3586 8.08 74.16 -91.50
CA ASP I 3586 7.64 72.84 -91.10
C ASP I 3586 7.06 72.88 -89.68
N ALA I 3587 6.18 71.92 -89.40
CA ALA I 3587 5.60 71.75 -88.07
C ALA I 3587 4.83 72.98 -87.62
N ASP I 3588 4.33 73.78 -88.56
CA ASP I 3588 3.57 74.97 -88.18
C ASP I 3588 2.17 74.60 -87.70
N ASP I 3589 1.63 73.48 -88.18
CA ASP I 3589 0.25 73.13 -87.87
C ASP I 3589 0.17 71.78 -87.19
N PRO I 3590 -0.47 71.69 -86.03
CA PRO I 3590 -0.66 70.36 -85.40
C PRO I 3590 -1.41 69.39 -86.30
N GLU I 3591 -2.29 69.89 -87.17
CA GLU I 3591 -2.93 68.99 -88.13
C GLU I 3591 -1.89 68.36 -89.05
N LYS I 3592 -0.94 69.16 -89.53
CA LYS I 3592 0.16 68.59 -90.30
C LYS I 3592 0.92 67.57 -89.48
N ILE I 3593 1.21 67.90 -88.22
CA ILE I 3593 1.95 66.98 -87.38
C ILE I 3593 1.24 65.64 -87.30
N VAL I 3594 -0.05 65.67 -86.96
CA VAL I 3594 -0.79 64.42 -86.74
C VAL I 3594 -0.98 63.64 -88.03
N ARG I 3595 -1.31 64.30 -89.15
CA ARG I 3595 -1.45 63.55 -90.39
C ARG I 3595 -0.14 62.90 -90.79
N ARG I 3596 0.97 63.63 -90.67
CA ARG I 3596 2.27 63.07 -91.03
C ARG I 3596 2.60 61.87 -90.15
N VAL I 3597 2.43 62.02 -88.84
CA VAL I 3597 2.74 60.92 -87.92
C VAL I 3597 1.86 59.73 -88.22
N GLN I 3598 0.57 59.97 -88.49
CA GLN I 3598 -0.33 58.85 -88.76
C GLN I 3598 0.08 58.11 -90.01
N GLU I 3599 0.41 58.84 -91.07
CA GLU I 3599 0.85 58.18 -92.31
C GLU I 3599 2.06 57.31 -92.04
N VAL I 3600 3.10 57.89 -91.42
CA VAL I 3600 4.33 57.13 -91.22
C VAL I 3600 4.07 55.93 -90.33
N SER I 3601 3.26 56.11 -89.29
CA SER I 3601 2.98 55.01 -88.37
C SER I 3601 2.23 53.89 -89.07
N ALA I 3602 1.26 54.25 -89.92
CA ALA I 3602 0.55 53.23 -90.68
C ALA I 3602 1.50 52.45 -91.55
N VAL I 3603 2.47 53.12 -92.17
CA VAL I 3603 3.48 52.40 -92.94
C VAL I 3603 4.31 51.45 -92.05
N LEU I 3604 4.85 51.97 -90.95
CA LEU I 3604 5.75 51.17 -90.12
C LEU I 3604 5.05 49.97 -89.49
N TYR I 3605 3.81 50.13 -89.04
CA TYR I 3605 3.15 49.03 -88.36
C TYR I 3605 3.00 47.83 -89.29
N HIS I 3606 2.53 48.08 -90.52
CA HIS I 3606 2.35 46.98 -91.45
C HIS I 3606 3.68 46.45 -91.93
N LEU I 3607 4.69 47.32 -92.05
CA LEU I 3607 6.02 46.83 -92.37
C LEU I 3607 6.52 45.87 -91.30
N ASP I 3608 6.28 46.20 -90.03
CA ASP I 3608 6.68 45.32 -88.95
C ASP I 3608 5.91 44.00 -89.01
N GLN I 3609 4.61 44.07 -89.27
CA GLN I 3609 3.83 42.83 -89.44
C GLN I 3609 4.46 41.95 -90.51
N THR I 3610 4.83 42.55 -91.65
CA THR I 3610 5.40 41.76 -92.73
C THR I 3610 6.75 41.16 -92.34
N GLU I 3611 7.66 41.97 -91.81
CA GLU I 3611 8.99 41.47 -91.51
C GLU I 3611 8.95 40.40 -90.43
N HIS I 3612 8.11 40.59 -89.40
CA HIS I 3612 8.00 39.63 -88.31
C HIS I 3612 6.56 39.16 -88.18
N PRO I 3613 6.27 37.87 -88.39
CA PRO I 3613 4.88 37.40 -88.26
C PRO I 3613 4.45 37.22 -86.81
N ARG I 3629 -1.39 17.41 -101.84
CA ARG I 3629 -2.48 16.69 -102.47
C ARG I 3629 -1.97 15.33 -102.96
N ARG I 3630 -0.67 15.30 -103.28
CA ARG I 3630 -0.04 14.05 -103.67
C ARG I 3630 -0.13 13.02 -102.54
N ARG I 3631 0.16 13.44 -101.31
CA ARG I 3631 0.01 12.57 -100.17
C ARG I 3631 -1.44 12.12 -100.02
N ALA I 3632 -2.38 13.04 -100.19
CA ALA I 3632 -3.79 12.70 -100.05
C ALA I 3632 -4.20 11.62 -101.05
N VAL I 3633 -3.78 11.75 -102.31
CA VAL I 3633 -4.19 10.78 -103.32
C VAL I 3633 -3.49 9.44 -103.10
N VAL I 3634 -2.22 9.45 -102.70
CA VAL I 3634 -1.56 8.16 -102.44
C VAL I 3634 -2.16 7.50 -101.22
N ALA I 3635 -2.74 8.27 -100.31
CA ALA I 3635 -3.38 7.67 -99.13
C ALA I 3635 -4.47 6.70 -99.54
N CYS I 3636 -5.08 6.92 -100.70
CA CYS I 3636 -6.18 6.10 -101.17
C CYS I 3636 -5.82 5.23 -102.38
N PHE I 3637 -4.72 5.51 -103.05
CA PHE I 3637 -4.32 4.64 -104.17
C PHE I 3637 -4.19 3.19 -103.73
N ARG I 3638 -3.80 2.95 -102.47
CA ARG I 3638 -3.73 1.58 -101.98
C ARG I 3638 -5.07 0.87 -102.14
N MET I 3639 -6.09 1.34 -101.41
CA MET I 3639 -7.48 1.01 -101.64
C MET I 3639 -7.87 -0.38 -101.14
N THR I 3640 -6.88 -1.24 -100.86
CA THR I 3640 -7.01 -2.46 -100.07
C THR I 3640 -8.42 -3.06 -100.15
N PRO I 3641 -8.92 -3.36 -101.34
CA PRO I 3641 -10.35 -3.65 -101.50
C PRO I 3641 -10.75 -4.98 -100.92
N LEU I 3642 -11.96 -5.03 -100.34
CA LEU I 3642 -12.53 -6.28 -99.89
C LEU I 3642 -13.10 -7.11 -101.04
N TYR I 3643 -13.69 -6.47 -102.04
CA TYR I 3643 -14.36 -7.20 -103.11
C TYR I 3643 -13.41 -8.07 -103.91
N ASN I 3644 -12.11 -7.76 -103.91
CA ASN I 3644 -11.15 -8.58 -104.64
C ASN I 3644 -10.68 -9.79 -103.85
N LEU I 3645 -11.05 -9.88 -102.58
CA LEU I 3645 -10.50 -10.90 -101.71
C LEU I 3645 -11.06 -12.28 -102.08
N PRO I 3646 -10.29 -13.35 -101.92
CA PRO I 3646 -10.83 -14.68 -102.22
C PRO I 3646 -12.01 -15.03 -101.33
N THR I 3647 -12.90 -15.85 -101.89
CA THR I 3647 -14.18 -16.12 -101.24
C THR I 3647 -13.99 -16.81 -99.89
N HIS I 3648 -13.10 -17.79 -99.82
CA HIS I 3648 -12.95 -18.56 -98.58
C HIS I 3648 -12.43 -17.69 -97.45
N ARG I 3649 -11.43 -16.86 -97.71
CA ARG I 3649 -10.92 -15.97 -96.66
C ARG I 3649 -11.98 -14.99 -96.21
N ALA I 3650 -12.73 -14.43 -97.16
CA ALA I 3650 -13.79 -13.50 -96.81
C ALA I 3650 -14.85 -14.18 -95.96
N CYS I 3651 -15.21 -15.41 -96.29
CA CYS I 3651 -16.17 -16.16 -95.49
C CYS I 3651 -15.63 -16.41 -94.08
N ASN I 3652 -14.36 -16.77 -93.99
CA ASN I 3652 -13.78 -17.03 -92.68
C ASN I 3652 -13.80 -15.79 -91.80
N MET I 3653 -13.55 -14.62 -92.38
CA MET I 3653 -13.65 -13.41 -91.56
C MET I 3653 -15.10 -13.01 -91.32
N PHE I 3654 -16.00 -13.34 -92.25
CA PHE I 3654 -17.41 -13.01 -92.04
C PHE I 3654 -17.97 -13.78 -90.86
N LEU I 3655 -17.59 -15.05 -90.73
CA LEU I 3655 -18.05 -15.80 -89.57
C LEU I 3655 -17.57 -15.15 -88.28
N GLU I 3656 -16.31 -14.71 -88.26
CA GLU I 3656 -15.79 -14.02 -87.08
C GLU I 3656 -16.58 -12.76 -86.78
N SER I 3657 -16.83 -11.94 -87.80
CA SER I 3657 -17.53 -10.69 -87.58
C SER I 3657 -18.96 -10.93 -87.12
N TYR I 3658 -19.65 -11.88 -87.75
CA TYR I 3658 -21.02 -12.20 -87.37
C TYR I 3658 -21.08 -12.69 -85.94
N LYS I 3659 -20.19 -13.61 -85.57
CA LYS I 3659 -20.15 -14.07 -84.19
C LYS I 3659 -19.87 -12.92 -83.24
N ALA I 3660 -18.93 -12.06 -83.59
CA ALA I 3660 -18.56 -10.96 -82.72
C ALA I 3660 -19.70 -9.99 -82.48
N SER I 3661 -20.47 -9.65 -83.52
CA SER I 3661 -21.52 -8.66 -83.34
C SER I 3661 -22.87 -9.29 -83.04
N TRP I 3662 -23.42 -10.04 -84.00
CA TRP I 3662 -24.83 -10.43 -83.89
C TRP I 3662 -25.04 -11.44 -82.78
N ILE I 3663 -24.41 -12.60 -82.88
CA ILE I 3663 -24.66 -13.67 -81.91
C ILE I 3663 -24.26 -13.23 -80.51
N LEU I 3664 -23.12 -12.56 -80.37
CA LEU I 3664 -22.68 -12.12 -79.06
C LEU I 3664 -23.63 -11.10 -78.46
N THR I 3665 -24.10 -10.13 -79.25
CA THR I 3665 -25.02 -9.13 -78.72
C THR I 3665 -26.33 -9.78 -78.32
N GLU I 3666 -26.80 -10.75 -79.11
CA GLU I 3666 -28.07 -11.41 -78.80
C GLU I 3666 -28.08 -11.86 -77.34
N ASP I 3667 -29.13 -11.48 -76.62
CA ASP I 3667 -29.25 -11.74 -75.20
C ASP I 3667 -30.36 -12.76 -74.97
N HIS I 3668 -30.02 -13.86 -74.32
CA HIS I 3668 -30.98 -14.89 -73.93
C HIS I 3668 -30.92 -15.08 -72.42
N SER I 3669 -32.07 -14.98 -71.77
CA SER I 3669 -32.18 -15.16 -70.33
C SER I 3669 -32.93 -16.46 -70.09
N PHE I 3670 -32.18 -17.54 -69.87
CA PHE I 3670 -32.74 -18.85 -69.59
C PHE I 3670 -32.45 -19.34 -68.19
N GLU I 3671 -31.68 -18.60 -67.40
CA GLU I 3671 -31.27 -19.08 -66.09
C GLU I 3671 -32.48 -19.27 -65.18
N ASP I 3672 -33.39 -18.30 -65.16
CA ASP I 3672 -34.55 -18.42 -64.29
C ASP I 3672 -35.41 -19.63 -64.68
N ARG I 3673 -35.69 -19.77 -65.98
CA ARG I 3673 -36.48 -20.91 -66.43
C ARG I 3673 -35.81 -22.21 -66.05
N MET I 3674 -34.51 -22.31 -66.30
CA MET I 3674 -33.81 -23.56 -66.07
C MET I 3674 -33.80 -23.92 -64.60
N ILE I 3675 -33.52 -22.94 -63.73
CA ILE I 3675 -33.54 -23.21 -62.30
C ILE I 3675 -34.93 -23.58 -61.81
N ASP I 3676 -35.98 -22.90 -62.26
CA ASP I 3676 -37.32 -23.26 -61.83
C ASP I 3676 -37.69 -24.67 -62.27
N ASP I 3677 -37.41 -25.01 -63.54
CA ASP I 3677 -37.75 -26.33 -64.04
C ASP I 3677 -36.97 -27.41 -63.30
N LEU I 3678 -35.69 -27.17 -63.03
CA LEU I 3678 -34.91 -28.15 -62.29
C LEU I 3678 -35.42 -28.29 -60.87
N SER I 3679 -35.81 -27.17 -60.23
CA SER I 3679 -36.27 -27.23 -58.85
C SER I 3679 -37.57 -28.00 -58.73
N LYS I 3680 -38.49 -27.81 -59.69
CA LYS I 3680 -39.79 -28.47 -59.58
C LYS I 3680 -39.63 -29.98 -59.41
N ALA I 3681 -40.29 -30.52 -58.40
CA ALA I 3681 -40.36 -31.95 -58.19
C ALA I 3681 -41.66 -32.48 -58.80
N GLY I 3682 -41.61 -33.73 -59.28
CA GLY I 3682 -42.66 -34.26 -60.11
C GLY I 3682 -43.32 -35.48 -59.52
N GLU I 3683 -44.52 -35.77 -60.03
CA GLU I 3683 -45.26 -37.00 -59.76
C GLU I 3683 -45.22 -37.38 -58.28
N GLN I 3684 -45.36 -36.38 -57.40
CA GLN I 3684 -45.44 -36.68 -55.98
C GLN I 3684 -46.71 -37.48 -55.67
N GLU I 3685 -47.83 -37.14 -56.31
CA GLU I 3685 -49.08 -37.86 -56.09
C GLU I 3685 -49.03 -39.26 -56.69
N GLU I 3686 -48.04 -39.55 -57.52
CA GLU I 3686 -47.78 -40.94 -57.91
C GLU I 3686 -46.84 -41.61 -56.91
N GLU I 3687 -45.93 -40.83 -56.32
CA GLU I 3687 -45.05 -41.38 -55.29
C GLU I 3687 -45.85 -41.89 -54.11
N GLU I 3688 -46.70 -41.04 -53.55
CA GLU I 3688 -47.57 -41.40 -52.42
C GLU I 3688 -46.80 -42.19 -51.36
N GLU I 3689 -45.63 -41.67 -51.00
CA GLU I 3689 -44.79 -42.27 -49.98
C GLU I 3689 -44.91 -41.48 -48.68
N GLU I 3690 -45.40 -42.13 -47.64
CA GLU I 3690 -45.45 -41.54 -46.31
C GLU I 3690 -44.10 -41.55 -45.61
N VAL I 3691 -43.09 -42.17 -46.22
CA VAL I 3691 -41.75 -42.13 -45.65
C VAL I 3691 -41.27 -40.69 -45.58
N GLU I 3692 -40.72 -40.31 -44.42
CA GLU I 3692 -40.28 -38.93 -44.24
C GLU I 3692 -39.20 -38.56 -45.23
N GLU I 3693 -38.31 -39.50 -45.55
CA GLU I 3693 -37.24 -39.24 -46.51
C GLU I 3693 -37.83 -38.82 -47.85
N LYS I 3694 -37.25 -37.77 -48.43
CA LYS I 3694 -37.64 -37.29 -49.75
C LYS I 3694 -36.43 -37.41 -50.68
N LYS I 3695 -36.65 -37.98 -51.86
CA LYS I 3695 -35.57 -38.06 -52.82
C LYS I 3695 -35.23 -36.66 -53.32
N PRO I 3696 -33.96 -36.32 -53.48
CA PRO I 3696 -33.61 -34.98 -53.97
C PRO I 3696 -34.17 -34.74 -55.37
N ASP I 3697 -34.63 -33.52 -55.59
CA ASP I 3697 -35.11 -33.10 -56.90
C ASP I 3697 -33.93 -32.73 -57.78
N PRO I 3698 -34.13 -32.57 -59.08
CA PRO I 3698 -32.99 -32.48 -60.00
C PRO I 3698 -31.94 -31.44 -59.62
N LEU I 3699 -32.36 -30.25 -59.18
CA LEU I 3699 -31.39 -29.25 -58.79
C LEU I 3699 -30.58 -29.72 -57.59
N HIS I 3700 -31.25 -30.34 -56.62
CA HIS I 3700 -30.55 -30.90 -55.47
C HIS I 3700 -29.55 -31.95 -55.92
N GLN I 3701 -29.95 -32.81 -56.87
CA GLN I 3701 -29.03 -33.84 -57.36
C GLN I 3701 -27.82 -33.21 -58.01
N LEU I 3702 -28.02 -32.15 -58.79
CA LEU I 3702 -26.90 -31.47 -59.43
C LEU I 3702 -25.94 -30.90 -58.39
N VAL I 3703 -26.48 -30.20 -57.39
CA VAL I 3703 -25.62 -29.63 -56.37
C VAL I 3703 -24.87 -30.72 -55.63
N LEU I 3704 -25.54 -31.83 -55.32
CA LEU I 3704 -24.87 -32.93 -54.64
C LEU I 3704 -23.77 -33.52 -55.51
N HIS I 3705 -23.99 -33.61 -56.82
CA HIS I 3705 -22.96 -34.13 -57.71
C HIS I 3705 -21.73 -33.22 -57.70
N PHE I 3706 -21.94 -31.91 -57.76
CA PHE I 3706 -20.79 -31.02 -57.71
C PHE I 3706 -20.09 -31.09 -56.36
N SER I 3707 -20.83 -31.26 -55.28
CA SER I 3707 -20.19 -31.46 -53.98
C SER I 3707 -19.37 -32.75 -53.96
N ARG I 3708 -19.89 -33.83 -54.55
CA ARG I 3708 -19.08 -35.06 -54.67
C ARG I 3708 -17.78 -34.76 -55.41
N THR I 3709 -17.87 -34.12 -56.56
CA THR I 3709 -16.67 -33.81 -57.33
C THR I 3709 -15.68 -33.01 -56.50
N ALA I 3710 -16.18 -32.02 -55.75
CA ALA I 3710 -15.29 -31.23 -54.90
C ALA I 3710 -14.63 -32.10 -53.84
N LEU I 3711 -15.40 -32.99 -53.21
CA LEU I 3711 -14.86 -33.75 -52.09
C LEU I 3711 -13.84 -34.78 -52.53
N THR I 3712 -14.00 -35.36 -53.73
CA THR I 3712 -13.03 -36.32 -54.21
C THR I 3712 -11.61 -35.78 -54.03
N GLU I 3713 -10.80 -36.50 -53.25
CA GLU I 3713 -9.43 -36.04 -53.00
C GLU I 3713 -8.66 -36.00 -54.31
N LYS I 3714 -7.94 -34.90 -54.53
CA LYS I 3714 -7.23 -34.70 -55.78
C LYS I 3714 -6.13 -33.67 -55.56
N SER I 3715 -5.03 -33.84 -56.30
CA SER I 3715 -3.92 -32.90 -56.17
C SER I 3715 -4.32 -31.49 -56.57
N LYS I 3716 -5.08 -31.35 -57.66
CA LYS I 3716 -5.52 -30.06 -58.14
C LYS I 3716 -6.97 -30.17 -58.60
N LEU I 3717 -7.66 -29.03 -58.61
CA LEU I 3717 -9.05 -28.97 -59.05
C LEU I 3717 -9.07 -28.71 -60.56
N ASP I 3718 -9.36 -29.75 -61.33
CA ASP I 3718 -9.38 -29.62 -62.78
C ASP I 3718 -10.49 -28.65 -63.20
N GLU I 3719 -10.21 -27.89 -64.25
CA GLU I 3719 -11.21 -26.96 -64.76
C GLU I 3719 -12.33 -27.74 -65.42
N ASP I 3720 -13.57 -27.40 -65.06
CA ASP I 3720 -14.76 -28.13 -65.49
C ASP I 3720 -15.75 -27.15 -66.10
N TYR I 3721 -15.82 -27.14 -67.43
CA TYR I 3721 -16.68 -26.17 -68.10
C TYR I 3721 -18.13 -26.33 -67.64
N LEU I 3722 -18.54 -27.57 -67.34
CA LEU I 3722 -19.90 -27.79 -66.88
C LEU I 3722 -20.14 -27.08 -65.55
N TYR I 3723 -19.24 -27.26 -64.59
CA TYR I 3723 -19.40 -26.56 -63.32
C TYR I 3723 -19.36 -25.05 -63.52
N MET I 3724 -18.48 -24.59 -64.40
CA MET I 3724 -18.43 -23.17 -64.71
C MET I 3724 -19.81 -22.67 -65.15
N ALA I 3725 -20.39 -23.34 -66.12
CA ALA I 3725 -21.67 -22.89 -66.69
C ALA I 3725 -22.79 -22.99 -65.66
N TYR I 3726 -22.81 -24.07 -64.88
CA TYR I 3726 -23.91 -24.25 -63.94
C TYR I 3726 -23.80 -23.29 -62.77
N ALA I 3727 -22.58 -22.99 -62.33
CA ALA I 3727 -22.41 -21.96 -61.31
C ALA I 3727 -22.83 -20.61 -61.84
N ASP I 3728 -22.51 -20.30 -63.09
CA ASP I 3728 -22.97 -19.05 -63.68
C ASP I 3728 -24.49 -18.99 -63.71
N ILE I 3729 -25.14 -20.09 -64.09
CA ILE I 3729 -26.60 -20.11 -64.15
C ILE I 3729 -27.19 -19.91 -62.77
N MET I 3730 -26.70 -20.65 -61.78
CA MET I 3730 -27.22 -20.51 -60.42
C MET I 3730 -27.01 -19.10 -59.90
N ALA I 3731 -25.86 -18.50 -60.20
CA ALA I 3731 -25.59 -17.14 -59.76
C ALA I 3731 -26.55 -16.15 -60.40
N LYS I 3732 -26.74 -16.24 -61.72
CA LYS I 3732 -27.64 -15.32 -62.39
C LYS I 3732 -29.07 -15.50 -61.91
N SER I 3733 -29.43 -16.71 -61.46
CA SER I 3733 -30.80 -16.92 -61.01
C SER I 3733 -31.17 -15.95 -59.90
N CYS I 3734 -30.21 -15.58 -59.06
CA CYS I 3734 -30.45 -14.60 -58.00
C CYS I 3734 -30.13 -13.21 -58.53
N HIS I 3735 -31.17 -12.49 -58.96
CA HIS I 3735 -30.94 -11.31 -59.78
C HIS I 3735 -30.30 -10.16 -59.00
N LEU I 3736 -30.90 -9.77 -57.87
CA LEU I 3736 -30.49 -8.55 -57.17
C LEU I 3736 -30.56 -7.34 -58.10
N GLU I 3737 -31.69 -7.22 -58.79
CA GLU I 3737 -31.90 -6.12 -59.72
C GLU I 3737 -31.98 -4.79 -58.98
N VAL I 3752 -36.90 6.94 -59.31
CA VAL I 3752 -37.21 7.72 -58.12
C VAL I 3752 -37.05 6.85 -56.88
N GLU I 3753 -37.31 7.44 -55.72
CA GLU I 3753 -37.25 6.68 -54.48
C GLU I 3753 -38.24 5.52 -54.52
N VAL I 3754 -37.80 4.37 -54.05
CA VAL I 3754 -38.66 3.18 -54.01
C VAL I 3754 -39.47 3.21 -52.72
N SER I 3755 -40.73 2.74 -52.81
CA SER I 3755 -41.59 2.68 -51.60
C SER I 3755 -41.07 1.62 -50.62
N PHE I 3756 -41.33 1.80 -49.33
CA PHE I 3756 -40.90 0.82 -48.30
C PHE I 3756 -41.43 -0.56 -48.70
N GLU I 3757 -42.72 -0.65 -49.05
CA GLU I 3757 -43.31 -1.93 -49.47
C GLU I 3757 -42.52 -2.52 -50.62
N GLU I 3758 -42.22 -1.72 -51.65
CA GLU I 3758 -41.56 -2.25 -52.83
C GLU I 3758 -40.15 -2.76 -52.51
N LYS I 3759 -39.40 -2.02 -51.70
CA LYS I 3759 -38.10 -2.52 -51.28
C LYS I 3759 -38.26 -3.83 -50.52
N GLU I 3760 -39.26 -3.91 -49.63
CA GLU I 3760 -39.45 -5.13 -48.88
C GLU I 3760 -39.83 -6.30 -49.78
N MET I 3761 -40.69 -6.07 -50.77
CA MET I 3761 -41.03 -7.13 -51.71
C MET I 3761 -39.80 -7.58 -52.49
N GLU I 3762 -38.97 -6.63 -52.92
CA GLU I 3762 -37.77 -7.01 -53.65
C GLU I 3762 -36.86 -7.88 -52.79
N LYS I 3763 -36.67 -7.47 -51.53
CA LYS I 3763 -35.88 -8.30 -50.62
C LYS I 3763 -36.47 -9.67 -50.42
N GLN I 3764 -37.79 -9.78 -50.24
CA GLN I 3764 -38.40 -11.08 -50.07
C GLN I 3764 -38.18 -11.96 -51.29
N ARG I 3765 -38.31 -11.37 -52.48
CA ARG I 3765 -38.10 -12.13 -53.71
C ARG I 3765 -36.67 -12.64 -53.79
N LEU I 3766 -35.70 -11.79 -53.45
CA LEU I 3766 -34.31 -12.22 -53.51
C LEU I 3766 -34.05 -13.33 -52.50
N LEU I 3767 -34.61 -13.20 -51.30
CA LEU I 3767 -34.44 -14.27 -50.30
C LEU I 3767 -35.04 -15.58 -50.80
N TYR I 3768 -36.20 -15.52 -51.47
CA TYR I 3768 -36.77 -16.75 -52.01
C TYR I 3768 -35.87 -17.35 -53.08
N GLN I 3769 -35.32 -16.51 -53.95
CA GLN I 3769 -34.42 -17.00 -54.99
C GLN I 3769 -33.20 -17.67 -54.38
N GLN I 3770 -32.66 -17.07 -53.31
CA GLN I 3770 -31.52 -17.70 -52.63
C GLN I 3770 -31.95 -18.94 -51.87
N SER I 3771 -33.21 -18.99 -51.46
CA SER I 3771 -33.73 -20.19 -50.81
C SER I 3771 -33.70 -21.37 -51.77
N ARG I 3772 -34.11 -21.14 -53.02
CA ARG I 3772 -34.06 -22.22 -53.99
C ARG I 3772 -32.69 -22.88 -54.00
N LEU I 3773 -31.63 -22.08 -53.87
CA LEU I 3773 -30.28 -22.62 -53.98
C LEU I 3773 -29.80 -23.22 -52.67
N HIS I 3774 -29.85 -22.45 -51.58
CA HIS I 3774 -29.18 -22.94 -50.37
C HIS I 3774 -30.05 -23.92 -49.61
N ASN I 3775 -31.28 -24.17 -50.07
CA ASN I 3775 -32.02 -25.30 -49.54
C ASN I 3775 -31.57 -26.62 -50.16
N ARG I 3776 -30.88 -26.55 -51.30
CA ARG I 3776 -30.34 -27.74 -51.93
C ARG I 3776 -28.87 -27.99 -51.61
N GLY I 3777 -28.22 -27.09 -50.87
CA GLY I 3777 -26.84 -27.27 -50.50
C GLY I 3777 -25.83 -26.41 -51.24
N ALA I 3778 -26.29 -25.37 -51.95
CA ALA I 3778 -25.35 -24.56 -52.72
C ALA I 3778 -24.29 -23.93 -51.84
N ALA I 3779 -24.62 -23.57 -50.60
CA ALA I 3779 -23.63 -22.96 -49.72
C ALA I 3779 -22.50 -23.92 -49.40
N GLU I 3780 -22.85 -25.14 -49.00
CA GLU I 3780 -21.83 -26.14 -48.76
C GLU I 3780 -21.04 -26.47 -50.01
N MET I 3781 -21.70 -26.51 -51.18
CA MET I 3781 -20.96 -26.76 -52.41
C MET I 3781 -19.96 -25.64 -52.68
N VAL I 3782 -20.35 -24.39 -52.43
CA VAL I 3782 -19.44 -23.27 -52.62
C VAL I 3782 -18.24 -23.40 -51.70
N LEU I 3783 -18.48 -23.68 -50.43
CA LEU I 3783 -17.36 -23.85 -49.50
C LEU I 3783 -16.46 -24.99 -49.92
N GLN I 3784 -17.02 -26.11 -50.35
CA GLN I 3784 -16.21 -27.24 -50.77
C GLN I 3784 -15.37 -26.90 -51.99
N MET I 3785 -15.96 -26.18 -52.96
CA MET I 3785 -15.18 -25.80 -54.14
C MET I 3785 -14.05 -24.85 -53.77
N ILE I 3786 -14.31 -23.88 -52.89
CA ILE I 3786 -13.25 -22.97 -52.50
C ILE I 3786 -12.15 -23.71 -51.75
N SER I 3787 -12.51 -24.68 -50.93
CA SER I 3787 -11.48 -25.47 -50.24
C SER I 3787 -10.71 -26.34 -51.21
N ALA I 3788 -11.37 -26.86 -52.25
CA ALA I 3788 -10.72 -27.78 -53.17
C ALA I 3788 -9.81 -27.04 -54.14
N CYS I 3789 -10.08 -25.76 -54.39
CA CYS I 3789 -9.21 -25.00 -55.29
C CYS I 3789 -7.77 -24.99 -54.77
N LYS I 3790 -7.59 -25.17 -53.46
CA LYS I 3790 -6.26 -25.28 -52.86
C LYS I 3790 -5.42 -24.03 -53.08
N GLY I 3791 -6.08 -22.89 -53.29
CA GLY I 3791 -5.38 -21.64 -53.45
C GLY I 3791 -4.93 -21.32 -54.86
N GLU I 3792 -5.24 -22.18 -55.84
CA GLU I 3792 -4.88 -21.91 -57.22
C GLU I 3792 -5.89 -20.96 -57.84
N THR I 3793 -5.49 -19.71 -58.03
CA THR I 3793 -6.36 -18.73 -58.66
C THR I 3793 -6.73 -19.19 -60.07
N GLY I 3794 -7.99 -19.03 -60.44
CA GLY I 3794 -8.43 -19.49 -61.74
C GLY I 3794 -9.92 -19.27 -61.94
N ALA I 3795 -10.39 -19.73 -63.10
CA ALA I 3795 -11.79 -19.54 -63.46
C ALA I 3795 -12.71 -20.31 -62.51
N MET I 3796 -12.29 -21.49 -62.07
CA MET I 3796 -13.12 -22.28 -61.18
C MET I 3796 -13.38 -21.55 -59.88
N VAL I 3797 -12.32 -21.06 -59.22
CA VAL I 3797 -12.50 -20.32 -57.99
C VAL I 3797 -13.23 -19.01 -58.25
N SER I 3798 -12.99 -18.37 -59.39
CA SER I 3798 -13.75 -17.15 -59.70
C SER I 3798 -15.24 -17.42 -59.74
N SER I 3799 -15.64 -18.50 -60.44
CA SER I 3799 -17.06 -18.83 -60.52
C SER I 3799 -17.62 -19.19 -59.16
N THR I 3800 -16.85 -19.91 -58.36
CA THR I 3800 -17.32 -20.25 -57.02
C THR I 3800 -17.54 -19.01 -56.17
N LEU I 3801 -16.61 -18.06 -56.23
CA LEU I 3801 -16.76 -16.82 -55.49
C LEU I 3801 -17.98 -16.04 -55.96
N LYS I 3802 -18.20 -16.00 -57.27
CA LYS I 3802 -19.38 -15.30 -57.79
C LYS I 3802 -20.66 -15.96 -57.30
N LEU I 3803 -20.70 -17.29 -57.29
CA LEU I 3803 -21.88 -17.97 -56.79
C LEU I 3803 -22.10 -17.67 -55.31
N GLY I 3804 -21.04 -17.68 -54.52
CA GLY I 3804 -21.18 -17.36 -53.10
C GLY I 3804 -21.70 -15.96 -52.89
N ILE I 3805 -21.18 -15.00 -53.65
CA ILE I 3805 -21.67 -13.63 -53.56
C ILE I 3805 -23.14 -13.56 -53.95
N SER I 3806 -23.52 -14.30 -55.00
CA SER I 3806 -24.91 -14.26 -55.44
C SER I 3806 -25.85 -14.77 -54.36
N ILE I 3807 -25.47 -15.87 -53.70
CA ILE I 3807 -26.36 -16.42 -52.67
C ILE I 3807 -26.20 -15.77 -51.32
N LEU I 3808 -25.21 -14.89 -51.14
CA LEU I 3808 -25.07 -14.13 -49.90
C LEU I 3808 -25.50 -12.67 -50.00
N ASN I 3809 -25.77 -12.18 -51.20
CA ASN I 3809 -26.10 -10.77 -51.36
C ASN I 3809 -27.22 -10.37 -50.41
N GLY I 3810 -27.14 -9.13 -49.92
CA GLY I 3810 -28.11 -8.64 -48.96
C GLY I 3810 -27.88 -9.10 -47.55
N GLY I 3811 -26.73 -9.70 -47.26
CA GLY I 3811 -26.45 -10.17 -45.91
C GLY I 3811 -27.39 -11.27 -45.48
N ASN I 3812 -27.58 -12.27 -46.33
CA ASN I 3812 -28.43 -13.39 -46.00
C ASN I 3812 -27.96 -14.03 -44.70
N ALA I 3813 -28.91 -14.30 -43.80
CA ALA I 3813 -28.58 -14.83 -42.48
C ALA I 3813 -28.58 -16.35 -42.46
N GLU I 3814 -29.55 -16.97 -43.12
CA GLU I 3814 -29.60 -18.43 -43.13
C GLU I 3814 -28.39 -19.02 -43.83
N VAL I 3815 -27.96 -18.41 -44.94
CA VAL I 3815 -26.79 -18.90 -45.65
C VAL I 3815 -25.55 -18.72 -44.79
N GLN I 3816 -25.44 -17.59 -44.10
CA GLN I 3816 -24.30 -17.39 -43.21
C GLN I 3816 -24.27 -18.47 -42.13
N GLN I 3817 -25.42 -18.74 -41.52
CA GLN I 3817 -25.47 -19.76 -40.48
C GLN I 3817 -25.07 -21.12 -41.04
N LYS I 3818 -25.58 -21.47 -42.22
CA LYS I 3818 -25.24 -22.76 -42.79
C LYS I 3818 -23.75 -22.87 -43.07
N MET I 3819 -23.17 -21.84 -43.69
CA MET I 3819 -21.73 -21.87 -43.98
C MET I 3819 -20.92 -22.02 -42.71
N LEU I 3820 -21.23 -21.21 -41.69
CA LEU I 3820 -20.45 -21.24 -40.46
C LEU I 3820 -20.59 -22.58 -39.75
N ASP I 3821 -21.80 -23.12 -39.70
CA ASP I 3821 -22.01 -24.41 -39.06
C ASP I 3821 -21.26 -25.51 -39.80
N TYR I 3822 -21.29 -25.48 -41.14
CA TYR I 3822 -20.56 -26.47 -41.91
C TYR I 3822 -19.08 -26.39 -41.62
N LEU I 3823 -18.52 -25.18 -41.63
CA LEU I 3823 -17.11 -25.02 -41.33
C LEU I 3823 -16.75 -25.51 -39.93
N LYS I 3824 -17.54 -25.15 -38.93
CA LYS I 3824 -17.24 -25.57 -37.57
C LYS I 3824 -17.34 -27.08 -37.42
N ASP I 3825 -18.28 -27.71 -38.11
CA ASP I 3825 -18.45 -29.15 -37.98
C ASP I 3825 -17.32 -29.90 -38.69
N LYS I 3826 -16.95 -29.48 -39.90
CA LYS I 3826 -15.95 -30.22 -40.64
C LYS I 3826 -14.54 -29.95 -40.10
N LYS I 3827 -14.30 -28.75 -39.58
CA LYS I 3827 -13.04 -28.41 -38.94
C LYS I 3827 -11.85 -28.48 -39.90
N GLU I 3828 -12.09 -28.43 -41.21
CA GLU I 3828 -10.99 -28.49 -42.15
C GLU I 3828 -10.30 -27.14 -42.24
N VAL I 3829 -8.96 -27.17 -42.27
CA VAL I 3829 -8.19 -25.94 -42.44
C VAL I 3829 -8.13 -25.51 -43.91
N GLY I 3830 -8.51 -26.39 -44.83
CA GLY I 3830 -8.31 -26.11 -46.23
C GLY I 3830 -8.98 -24.83 -46.68
N PHE I 3831 -10.17 -24.55 -46.16
CA PHE I 3831 -10.91 -23.37 -46.62
C PHE I 3831 -10.10 -22.09 -46.38
N PHE I 3832 -9.66 -21.89 -45.15
CA PHE I 3832 -8.96 -20.64 -44.84
C PHE I 3832 -7.55 -20.65 -45.39
N GLN I 3833 -6.92 -21.82 -45.47
CA GLN I 3833 -5.62 -21.87 -46.12
C GLN I 3833 -5.73 -21.43 -47.59
N SER I 3834 -6.77 -21.90 -48.28
CA SER I 3834 -6.98 -21.49 -49.66
C SER I 3834 -7.30 -20.01 -49.76
N ILE I 3835 -8.11 -19.50 -48.85
CA ILE I 3835 -8.42 -18.07 -48.88
C ILE I 3835 -7.15 -17.25 -48.70
N GLN I 3836 -6.31 -17.62 -47.75
CA GLN I 3836 -5.05 -16.92 -47.54
C GLN I 3836 -4.15 -16.99 -48.77
N ALA I 3837 -4.05 -18.16 -49.39
CA ALA I 3837 -3.24 -18.26 -50.60
C ALA I 3837 -3.77 -17.36 -51.70
N LEU I 3838 -5.09 -17.31 -51.89
CA LEU I 3838 -5.66 -16.47 -52.92
C LEU I 3838 -5.37 -15.00 -52.63
N MET I 3839 -5.52 -14.58 -51.37
CA MET I 3839 -5.21 -13.20 -51.03
C MET I 3839 -3.74 -12.88 -51.27
N GLN I 3840 -2.84 -13.82 -51.01
CA GLN I 3840 -1.44 -13.60 -51.31
C GLN I 3840 -1.19 -13.49 -52.81
N THR I 3841 -1.91 -14.26 -53.63
CA THR I 3841 -1.73 -14.15 -55.08
C THR I 3841 -2.27 -12.83 -55.61
N CYS I 3842 -3.35 -12.31 -55.02
CA CYS I 3842 -3.96 -11.07 -55.49
C CYS I 3842 -2.91 -10.00 -55.74
N SER I 3843 -3.07 -9.29 -56.85
CA SER I 3843 -2.06 -8.36 -57.33
C SER I 3843 -2.46 -6.91 -57.04
N VAL I 3844 -1.51 -6.00 -57.31
CA VAL I 3844 -1.68 -4.58 -57.06
C VAL I 3844 -1.14 -3.82 -58.27
N LEU I 3845 -1.16 -2.49 -58.16
CA LEU I 3845 -0.61 -1.66 -59.23
C LEU I 3845 0.88 -1.95 -59.40
N ASP I 3846 1.31 -2.04 -60.64
CA ASP I 3846 2.69 -2.38 -60.96
C ASP I 3846 3.25 -1.41 -61.98
N LEU I 3847 4.28 -0.66 -61.57
CA LEU I 3847 4.84 0.37 -62.43
C LEU I 3847 5.60 -0.21 -63.62
N ASN I 3848 6.34 -1.29 -63.41
CA ASN I 3848 7.04 -1.89 -64.55
C ASN I 3848 6.05 -2.38 -65.59
N ALA I 3849 4.97 -3.04 -65.15
CA ALA I 3849 3.94 -3.47 -66.07
C ALA I 3849 3.28 -2.29 -66.75
N PHE I 3850 3.03 -1.21 -66.00
CA PHE I 3850 2.42 -0.03 -66.60
C PHE I 3850 3.31 0.55 -67.69
N GLU I 3851 4.62 0.64 -67.43
CA GLU I 3851 5.52 1.21 -68.41
C GLU I 3851 5.62 0.32 -69.65
N ARG I 3852 5.68 -1.00 -69.45
CA ARG I 3852 5.68 -1.90 -70.58
C ARG I 3852 4.42 -1.72 -71.42
N GLN I 3853 3.26 -1.65 -70.77
CA GLN I 3853 2.01 -1.48 -71.50
C GLN I 3853 1.97 -0.15 -72.23
N ASN I 3854 2.45 0.92 -71.58
CA ASN I 3854 2.48 2.22 -72.22
C ASN I 3854 3.35 2.20 -73.47
N LYS I 3855 4.53 1.59 -73.37
CA LYS I 3855 5.41 1.53 -74.52
C LYS I 3855 4.80 0.69 -75.63
N ALA I 3856 4.15 -0.43 -75.27
CA ALA I 3856 3.50 -1.25 -76.28
C ALA I 3856 2.41 -0.46 -76.99
N GLU I 3857 1.55 0.21 -76.23
CA GLU I 3857 0.48 0.99 -76.84
C GLU I 3857 1.03 2.08 -77.74
N GLY I 3858 2.06 2.80 -77.27
CA GLY I 3858 2.66 3.82 -78.10
C GLY I 3858 3.22 3.26 -79.39
N LEU I 3859 3.87 2.10 -79.31
CA LEU I 3859 4.33 1.42 -80.51
C LEU I 3859 3.15 1.11 -81.42
N GLY I 3860 3.30 1.45 -82.70
CA GLY I 3860 2.25 1.18 -83.65
C GLY I 3860 2.31 -0.25 -84.18
N MET I 3861 1.14 -0.83 -84.38
CA MET I 3861 1.06 -2.14 -85.01
C MET I 3861 1.66 -2.10 -86.42
N VAL I 3862 2.50 -3.09 -86.72
CA VAL I 3862 3.23 -3.07 -87.99
C VAL I 3862 2.27 -3.12 -89.17
N ASN I 3863 1.29 -4.02 -89.12
CA ASN I 3863 0.29 -4.15 -90.16
C ASN I 3863 -1.07 -3.72 -89.60
N GLU I 3864 -2.08 -3.64 -90.46
CA GLU I 3864 -3.36 -3.10 -90.06
C GLU I 3864 -3.91 -3.82 -88.83
N ASP I 3865 -4.83 -3.16 -88.14
CA ASP I 3865 -5.39 -3.72 -86.90
C ASP I 3865 -6.10 -5.04 -87.14
N GLY I 3866 -6.80 -5.18 -88.25
CA GLY I 3866 -7.47 -6.43 -88.57
C GLY I 3866 -6.49 -7.56 -88.78
N THR I 3867 -5.40 -7.28 -89.51
CA THR I 3867 -4.39 -8.30 -89.75
C THR I 3867 -3.67 -8.70 -88.47
N VAL I 3868 -3.24 -7.71 -87.68
CA VAL I 3868 -2.58 -7.96 -86.41
C VAL I 3868 -3.63 -8.22 -85.34
N ILE I 3869 -3.19 -8.68 -84.17
CA ILE I 3869 -4.11 -8.90 -83.06
C ILE I 3869 -4.74 -7.59 -82.59
N ASN I 3870 -4.25 -6.45 -83.08
CA ASN I 3870 -4.75 -5.14 -82.66
C ASN I 3870 -4.29 -4.82 -81.25
N ARG I 3871 -3.13 -5.35 -80.86
CA ARG I 3871 -2.56 -5.10 -79.54
C ARG I 3871 -3.57 -5.43 -78.44
N GLN I 3872 -4.30 -6.52 -78.62
CA GLN I 3872 -5.34 -6.93 -77.70
C GLN I 3872 -4.74 -7.93 -76.71
N ASN I 3873 -4.56 -7.49 -75.47
CA ASN I 3873 -4.03 -8.33 -74.41
C ASN I 3873 -4.68 -7.94 -73.10
N GLY I 3874 -4.82 -8.92 -72.21
CA GLY I 3874 -5.28 -8.62 -70.87
C GLY I 3874 -4.36 -7.61 -70.23
N GLU I 3875 -4.91 -6.51 -69.73
CA GLU I 3875 -4.09 -5.44 -69.21
C GLU I 3875 -3.15 -5.98 -68.13
N LYS I 3876 -1.86 -5.69 -68.28
CA LYS I 3876 -0.89 -6.21 -67.33
C LYS I 3876 -1.07 -5.60 -65.95
N VAL I 3877 -1.49 -4.34 -65.88
CA VAL I 3877 -1.66 -3.68 -64.59
C VAL I 3877 -2.99 -4.10 -63.98
N MET I 3878 -2.92 -4.66 -62.77
CA MET I 3878 -4.12 -5.07 -62.04
C MET I 3878 -5.03 -5.94 -62.91
N ALA I 3879 -4.43 -6.99 -63.48
CA ALA I 3879 -5.18 -7.84 -64.40
C ALA I 3879 -6.34 -8.54 -63.71
N ASP I 3880 -6.25 -8.77 -62.41
CA ASP I 3880 -7.26 -9.52 -61.67
C ASP I 3880 -8.04 -8.64 -60.69
N ASP I 3881 -8.33 -7.40 -61.07
CA ASP I 3881 -9.08 -6.53 -60.18
C ASP I 3881 -10.47 -7.09 -59.91
N GLU I 3882 -11.12 -7.65 -60.94
CA GLU I 3882 -12.45 -8.20 -60.74
C GLU I 3882 -12.43 -9.36 -59.75
N PHE I 3883 -11.44 -10.25 -59.89
CA PHE I 3883 -11.36 -11.38 -58.97
C PHE I 3883 -11.06 -10.89 -57.55
N THR I 3884 -10.18 -9.89 -57.42
CA THR I 3884 -9.89 -9.38 -56.09
C THR I 3884 -11.14 -8.79 -55.45
N GLN I 3885 -11.90 -8.02 -56.22
CA GLN I 3885 -13.13 -7.44 -55.70
C GLN I 3885 -14.11 -8.53 -55.30
N ASP I 3886 -14.22 -9.59 -56.11
CA ASP I 3886 -15.12 -10.68 -55.74
C ASP I 3886 -14.66 -11.38 -54.47
N LEU I 3887 -13.36 -11.60 -54.32
CA LEU I 3887 -12.86 -12.26 -53.11
C LEU I 3887 -13.21 -11.44 -51.88
N PHE I 3888 -12.89 -10.15 -51.91
CA PHE I 3888 -13.17 -9.32 -50.74
C PHE I 3888 -14.66 -9.07 -50.53
N ARG I 3889 -15.45 -9.06 -51.60
CA ARG I 3889 -16.89 -8.96 -51.45
C ARG I 3889 -17.45 -10.20 -50.77
N PHE I 3890 -16.94 -11.37 -51.14
CA PHE I 3890 -17.35 -12.60 -50.47
C PHE I 3890 -16.99 -12.56 -49.00
N LEU I 3891 -15.77 -12.16 -48.69
CA LEU I 3891 -15.35 -12.09 -47.29
C LEU I 3891 -16.22 -11.11 -46.50
N GLN I 3892 -16.52 -9.95 -47.09
CA GLN I 3892 -17.43 -9.03 -46.44
C GLN I 3892 -18.81 -9.64 -46.25
N LEU I 3893 -19.40 -10.18 -47.31
CA LEU I 3893 -20.78 -10.63 -47.25
C LEU I 3893 -20.95 -11.73 -46.22
N LEU I 3894 -19.89 -12.53 -45.98
CA LEU I 3894 -20.01 -13.52 -44.92
C LEU I 3894 -20.26 -12.86 -43.57
N CYS I 3895 -19.61 -11.72 -43.32
CA CYS I 3895 -19.76 -10.98 -42.08
C CYS I 3895 -20.90 -9.97 -42.14
N GLU I 3896 -21.54 -9.80 -43.28
CA GLU I 3896 -22.52 -8.74 -43.44
C GLU I 3896 -23.66 -8.91 -42.45
N GLY I 3897 -24.23 -7.77 -42.05
CA GLY I 3897 -25.30 -7.79 -41.08
C GLY I 3897 -24.85 -7.86 -39.64
N HIS I 3898 -23.57 -7.65 -39.38
CA HIS I 3898 -23.03 -7.71 -38.01
C HIS I 3898 -23.24 -9.10 -37.42
N ASN I 3899 -22.64 -10.09 -38.06
CA ASN I 3899 -22.68 -11.47 -37.60
C ASN I 3899 -21.49 -11.71 -36.70
N ASN I 3900 -21.69 -11.56 -35.38
CA ASN I 3900 -20.57 -11.63 -34.45
C ASN I 3900 -19.90 -12.99 -34.48
N ASP I 3901 -20.68 -14.07 -34.57
CA ASP I 3901 -20.09 -15.40 -34.55
C ASP I 3901 -19.10 -15.57 -35.69
N PHE I 3902 -19.52 -15.23 -36.91
CA PHE I 3902 -18.62 -15.44 -38.04
C PHE I 3902 -17.50 -14.42 -38.04
N GLN I 3903 -17.77 -13.22 -37.53
CA GLN I 3903 -16.71 -12.22 -37.42
C GLN I 3903 -15.59 -12.71 -36.53
N ASN I 3904 -15.94 -13.35 -35.41
CA ASN I 3904 -14.91 -13.92 -34.54
C ASN I 3904 -14.26 -15.13 -35.18
N TYR I 3905 -15.05 -15.94 -35.91
CA TYR I 3905 -14.48 -17.10 -36.57
C TYR I 3905 -13.38 -16.68 -37.55
N LEU I 3906 -13.63 -15.62 -38.33
CA LEU I 3906 -12.60 -15.16 -39.25
C LEU I 3906 -11.30 -14.87 -38.51
N ARG I 3907 -11.39 -14.18 -37.38
CA ARG I 3907 -10.18 -13.83 -36.64
C ARG I 3907 -9.46 -15.08 -36.16
N THR I 3908 -10.17 -15.99 -35.51
CA THR I 3908 -9.55 -17.19 -34.98
C THR I 3908 -10.50 -18.37 -35.06
N GLN I 3909 -10.11 -19.38 -35.83
CA GLN I 3909 -10.87 -20.63 -35.91
C GLN I 3909 -10.50 -21.49 -34.71
N THR I 3910 -11.45 -21.65 -33.79
CA THR I 3910 -11.19 -22.35 -32.53
C THR I 3910 -11.06 -23.86 -32.69
N GLY I 3911 -11.98 -24.49 -33.41
CA GLY I 3911 -11.93 -25.94 -33.53
C GLY I 3911 -10.69 -26.42 -34.26
N ASN I 3912 -10.31 -25.73 -35.34
CA ASN I 3912 -9.22 -26.19 -36.18
C ASN I 3912 -7.93 -26.28 -35.38
N THR I 3913 -7.02 -27.12 -35.86
CA THR I 3913 -5.71 -27.24 -35.23
C THR I 3913 -4.90 -25.95 -35.42
N THR I 3914 -4.86 -25.45 -36.64
CA THR I 3914 -4.10 -24.25 -36.98
C THR I 3914 -5.07 -23.14 -37.39
N THR I 3915 -4.82 -21.94 -36.89
CA THR I 3915 -5.69 -20.80 -37.15
C THR I 3915 -5.04 -19.84 -38.13
N ILE I 3916 -5.87 -19.18 -38.92
CA ILE I 3916 -5.43 -18.20 -39.90
C ILE I 3916 -6.20 -16.91 -39.63
N ASN I 3917 -5.49 -15.80 -39.49
CA ASN I 3917 -6.11 -14.53 -39.13
C ASN I 3917 -6.43 -13.75 -40.39
N ILE I 3918 -7.63 -13.99 -40.94
CA ILE I 3918 -8.02 -13.33 -42.17
C ILE I 3918 -8.11 -11.82 -41.96
N ILE I 3919 -8.42 -11.39 -40.73
CA ILE I 3919 -8.52 -9.96 -40.46
C ILE I 3919 -7.17 -9.29 -40.72
N ILE I 3920 -6.09 -9.96 -40.36
CA ILE I 3920 -4.76 -9.41 -40.61
C ILE I 3920 -4.30 -9.67 -42.03
N CYS I 3921 -4.75 -10.75 -42.66
CA CYS I 3921 -4.45 -10.95 -44.07
C CYS I 3921 -4.99 -9.80 -44.91
N THR I 3922 -6.22 -9.38 -44.61
CA THR I 3922 -6.81 -8.25 -45.32
C THR I 3922 -5.97 -6.99 -45.13
N VAL I 3923 -5.54 -6.73 -43.90
CA VAL I 3923 -4.70 -5.57 -43.66
C VAL I 3923 -3.38 -5.66 -44.40
N ASP I 3924 -2.77 -6.84 -44.48
CA ASP I 3924 -1.54 -6.97 -45.24
C ASP I 3924 -1.75 -6.65 -46.72
N TYR I 3925 -2.84 -7.18 -47.29
CA TYR I 3925 -3.10 -6.86 -48.69
C TYR I 3925 -3.35 -5.38 -48.87
N LEU I 3926 -4.07 -4.76 -47.94
CA LEU I 3926 -4.32 -3.33 -48.04
C LEU I 3926 -3.01 -2.56 -47.98
N LEU I 3927 -2.07 -2.99 -47.15
CA LEU I 3927 -0.78 -2.33 -47.07
C LEU I 3927 -0.04 -2.44 -48.40
N ARG I 3928 -0.06 -3.63 -49.01
CA ARG I 3928 0.58 -3.77 -50.31
C ARG I 3928 -0.05 -2.83 -51.34
N LEU I 3929 -1.38 -2.77 -51.36
CA LEU I 3929 -2.06 -1.90 -52.31
C LEU I 3929 -1.73 -0.43 -52.04
N GLN I 3930 -1.65 -0.04 -50.78
CA GLN I 3930 -1.32 1.34 -50.45
C GLN I 3930 0.08 1.68 -50.92
N GLU I 3931 1.04 0.77 -50.72
CA GLU I 3931 2.38 1.03 -51.22
C GLU I 3931 2.40 1.17 -52.73
N SER I 3932 1.64 0.32 -53.43
CA SER I 3932 1.58 0.44 -54.88
C SER I 3932 1.00 1.79 -55.30
N ILE I 3933 -0.07 2.23 -54.63
CA ILE I 3933 -0.68 3.50 -54.99
C ILE I 3933 0.28 4.65 -54.73
N SER I 3934 1.01 4.60 -53.61
CA SER I 3934 1.98 5.65 -53.33
C SER I 3934 3.05 5.68 -54.41
N ASP I 3935 3.52 4.50 -54.84
CA ASP I 3935 4.50 4.46 -55.90
C ASP I 3935 3.95 5.06 -57.19
N PHE I 3936 2.70 4.77 -57.50
CA PHE I 3936 2.09 5.28 -58.73
C PHE I 3936 1.94 6.80 -58.67
N TYR I 3937 1.56 7.32 -57.50
CA TYR I 3937 1.56 8.77 -57.32
C TYR I 3937 2.95 9.37 -57.49
N TRP I 3938 3.97 8.75 -56.90
CA TRP I 3938 5.30 9.31 -57.04
C TRP I 3938 5.73 9.29 -58.50
N TYR I 3939 5.31 8.27 -59.24
CA TYR I 3939 5.58 8.24 -60.68
C TYR I 3939 4.92 9.42 -61.38
N TYR I 3940 3.67 9.71 -61.05
CA TYR I 3940 2.92 10.73 -61.78
C TYR I 3940 3.04 12.13 -61.17
N SER I 3941 3.84 12.31 -60.12
CA SER I 3941 3.90 13.61 -59.47
C SER I 3941 4.48 14.67 -60.39
N GLY I 3942 5.56 14.36 -61.08
CA GLY I 3942 6.21 15.36 -61.92
C GLY I 3942 5.31 15.80 -63.07
N LYS I 3943 4.68 14.85 -63.75
CA LYS I 3943 3.86 15.17 -64.90
C LYS I 3943 2.70 16.07 -64.47
N ASP I 3944 2.36 17.02 -65.35
CA ASP I 3944 1.33 17.99 -65.01
C ASP I 3944 -0.08 17.38 -65.10
N VAL I 3945 -0.31 16.52 -66.07
CA VAL I 3945 -1.64 15.95 -66.32
C VAL I 3945 -1.50 14.44 -66.41
N ILE I 3946 -2.41 13.72 -65.73
CA ILE I 3946 -2.43 12.27 -65.80
C ILE I 3946 -3.11 11.83 -67.08
N GLU I 3947 -2.44 10.99 -67.86
CA GLU I 3947 -3.02 10.51 -69.10
C GLU I 3947 -4.22 9.60 -68.82
N GLU I 3948 -4.94 9.27 -69.89
CA GLU I 3948 -6.17 8.51 -69.74
C GLU I 3948 -5.93 7.13 -69.14
N GLN I 3949 -4.90 6.42 -69.60
CA GLN I 3949 -4.61 5.11 -69.04
C GLN I 3949 -4.21 5.22 -67.58
N GLY I 3950 -3.45 6.24 -67.23
CA GLY I 3950 -3.12 6.46 -65.83
C GLY I 3950 -4.37 6.68 -64.98
N LYS I 3951 -5.31 7.48 -65.49
CA LYS I 3951 -6.56 7.66 -64.77
C LYS I 3951 -7.33 6.35 -64.63
N ARG I 3952 -7.34 5.54 -65.70
CA ARG I 3952 -8.02 4.26 -65.62
C ARG I 3952 -7.41 3.37 -64.55
N ASN I 3953 -6.09 3.32 -64.47
CA ASN I 3953 -5.44 2.50 -63.45
C ASN I 3953 -5.71 3.05 -62.06
N PHE I 3954 -5.69 4.38 -61.91
CA PHE I 3954 -6.16 4.99 -60.68
C PHE I 3954 -7.53 4.46 -60.29
N SER I 3955 -8.46 4.46 -61.24
CA SER I 3955 -9.83 4.10 -60.91
C SER I 3955 -9.93 2.64 -60.51
N LYS I 3956 -9.22 1.76 -61.22
CA LYS I 3956 -9.23 0.35 -60.84
C LYS I 3956 -8.69 0.15 -59.43
N ALA I 3957 -7.54 0.76 -59.14
CA ALA I 3957 -6.97 0.64 -57.80
C ALA I 3957 -7.92 1.20 -56.76
N MET I 3958 -8.58 2.31 -57.07
CA MET I 3958 -9.47 2.93 -56.10
C MET I 3958 -10.69 2.04 -55.84
N SER I 3959 -11.22 1.40 -56.87
CA SER I 3959 -12.34 0.49 -56.65
C SER I 3959 -11.92 -0.68 -55.78
N VAL I 3960 -10.75 -1.26 -56.05
CA VAL I 3960 -10.30 -2.38 -55.23
C VAL I 3960 -10.09 -1.94 -53.79
N ALA I 3961 -9.48 -0.77 -53.59
CA ALA I 3961 -9.23 -0.28 -52.24
C ALA I 3961 -10.54 0.03 -51.52
N LYS I 3962 -11.53 0.55 -52.24
CA LYS I 3962 -12.83 0.78 -51.64
C LYS I 3962 -13.45 -0.52 -51.18
N GLN I 3963 -13.36 -1.57 -52.00
CA GLN I 3963 -13.88 -2.86 -51.57
C GLN I 3963 -13.15 -3.37 -50.34
N VAL I 3964 -11.83 -3.22 -50.29
CA VAL I 3964 -11.07 -3.67 -49.13
C VAL I 3964 -11.49 -2.89 -47.89
N PHE I 3965 -11.66 -1.58 -48.03
CA PHE I 3965 -12.09 -0.78 -46.88
C PHE I 3965 -13.47 -1.21 -46.40
N ASN I 3966 -14.39 -1.49 -47.31
CA ASN I 3966 -15.70 -1.99 -46.92
C ASN I 3966 -15.61 -3.32 -46.18
N SER I 3967 -14.76 -4.23 -46.65
CA SER I 3967 -14.57 -5.49 -45.94
C SER I 3967 -14.03 -5.25 -44.54
N LEU I 3968 -13.00 -4.41 -44.41
CA LEU I 3968 -12.45 -4.13 -43.09
C LEU I 3968 -13.45 -3.45 -42.19
N THR I 3969 -14.34 -2.64 -42.74
CA THR I 3969 -15.41 -2.03 -41.97
C THR I 3969 -16.40 -3.06 -41.46
N GLU I 3970 -16.83 -3.98 -42.33
CA GLU I 3970 -17.80 -4.98 -41.89
C GLU I 3970 -17.17 -5.94 -40.88
N TYR I 3971 -15.86 -6.14 -40.95
CA TYR I 3971 -15.22 -6.99 -39.95
C TYR I 3971 -15.43 -6.44 -38.54
N ILE I 3972 -15.34 -5.12 -38.37
CA ILE I 3972 -15.30 -4.55 -37.04
C ILE I 3972 -16.66 -4.06 -36.59
N GLN I 3973 -17.53 -3.65 -37.51
CA GLN I 3973 -18.80 -3.09 -37.09
C GLN I 3973 -19.62 -4.11 -36.30
N GLY I 3974 -20.43 -3.60 -35.38
CA GLY I 3974 -21.36 -4.43 -34.63
C GLY I 3974 -21.46 -4.09 -33.16
N PRO I 3975 -20.35 -3.74 -32.50
CA PRO I 3975 -18.91 -3.88 -32.81
C PRO I 3975 -18.39 -5.25 -32.41
N CYS I 3976 -17.32 -5.72 -33.06
CA CYS I 3976 -16.65 -6.94 -32.66
C CYS I 3976 -15.35 -6.55 -31.96
N THR I 3977 -15.31 -6.73 -30.64
CA THR I 3977 -14.18 -6.24 -29.86
C THR I 3977 -12.88 -6.92 -30.27
N GLY I 3978 -12.92 -8.23 -30.50
CA GLY I 3978 -11.71 -8.93 -30.88
C GLY I 3978 -11.12 -8.40 -32.17
N ASN I 3979 -11.96 -8.24 -33.19
CA ASN I 3979 -11.49 -7.71 -34.46
C ASN I 3979 -10.99 -6.28 -34.31
N GLN I 3980 -11.70 -5.46 -33.53
CA GLN I 3980 -11.23 -4.11 -33.29
C GLN I 3980 -9.82 -4.12 -32.72
N GLN I 3981 -9.60 -4.92 -31.68
CA GLN I 3981 -8.28 -4.93 -31.06
C GLN I 3981 -7.22 -5.47 -32.02
N SER I 3982 -7.54 -6.52 -32.77
CA SER I 3982 -6.57 -7.09 -33.68
C SER I 3982 -6.14 -6.06 -34.73
N LEU I 3983 -7.12 -5.36 -35.32
CA LEU I 3983 -6.77 -4.32 -36.28
C LEU I 3983 -5.97 -3.21 -35.60
N ALA I 3984 -6.36 -2.82 -34.39
CA ALA I 3984 -5.66 -1.76 -33.70
C ALA I 3984 -4.18 -2.10 -33.54
N HIS I 3985 -3.87 -3.34 -33.22
CA HIS I 3985 -2.49 -3.76 -33.05
C HIS I 3985 -1.81 -4.12 -34.36
N SER I 3986 -2.55 -4.27 -35.45
CA SER I 3986 -1.95 -4.66 -36.72
C SER I 3986 -1.28 -3.45 -37.36
N ARG I 3987 -0.89 -3.59 -38.63
CA ARG I 3987 -0.21 -2.54 -39.37
C ARG I 3987 -1.17 -1.58 -40.04
N LEU I 3988 -2.47 -1.65 -39.72
CA LEU I 3988 -3.44 -0.78 -40.38
C LEU I 3988 -3.05 0.68 -40.23
N TRP I 3989 -2.45 1.05 -39.09
CA TRP I 3989 -2.17 2.45 -38.82
C TRP I 3989 -1.19 3.04 -39.84
N ASP I 3990 -0.25 2.24 -40.34
CA ASP I 3990 0.66 2.72 -41.37
C ASP I 3990 -0.01 2.81 -42.73
N ALA I 3991 -0.88 1.86 -43.06
CA ALA I 3991 -1.64 1.96 -44.29
C ALA I 3991 -2.48 3.22 -44.31
N VAL I 3992 -3.06 3.58 -43.16
CA VAL I 3992 -3.88 4.79 -43.09
C VAL I 3992 -3.01 6.03 -43.31
N VAL I 3993 -1.80 6.04 -42.75
CA VAL I 3993 -0.91 7.19 -42.95
C VAL I 3993 -0.56 7.33 -44.43
N GLY I 3994 -0.17 6.23 -45.06
CA GLY I 3994 0.14 6.29 -46.47
C GLY I 3994 -1.05 6.78 -47.29
N PHE I 3995 -2.24 6.25 -47.00
CA PHE I 3995 -3.41 6.65 -47.75
C PHE I 3995 -3.73 8.12 -47.53
N LEU I 3996 -3.53 8.62 -46.32
CA LEU I 3996 -3.76 10.04 -46.07
C LEU I 3996 -2.82 10.89 -46.92
N HIS I 3997 -1.54 10.52 -46.97
CA HIS I 3997 -0.59 11.27 -47.77
C HIS I 3997 -1.00 11.27 -49.24
N VAL I 3998 -1.30 10.09 -49.78
CA VAL I 3998 -1.70 9.99 -51.18
C VAL I 3998 -2.95 10.82 -51.42
N PHE I 3999 -3.93 10.73 -50.53
CA PHE I 3999 -5.18 11.44 -50.75
C PHE I 3999 -4.96 12.95 -50.76
N ALA I 4000 -4.14 13.45 -49.84
CA ALA I 4000 -3.89 14.89 -49.82
C ALA I 4000 -3.27 15.35 -51.13
N HIS I 4001 -2.18 14.69 -51.54
CA HIS I 4001 -1.51 15.17 -52.75
C HIS I 4001 -2.38 14.97 -53.99
N MET I 4002 -3.12 13.86 -54.05
CA MET I 4002 -4.09 13.66 -55.12
C MET I 4002 -5.12 14.77 -55.17
N MET I 4003 -5.74 15.10 -54.04
CA MET I 4003 -6.75 16.15 -54.10
C MET I 4003 -6.15 17.42 -54.67
N MET I 4004 -4.98 17.81 -54.18
CA MET I 4004 -4.38 19.04 -54.69
C MET I 4004 -4.18 18.93 -56.21
N LYS I 4005 -3.50 17.88 -56.65
CA LYS I 4005 -3.09 17.79 -58.04
C LYS I 4005 -4.29 17.68 -58.98
N LEU I 4006 -5.23 16.80 -58.65
CA LEU I 4006 -6.41 16.61 -59.48
C LEU I 4006 -7.35 17.80 -59.46
N ALA I 4007 -7.42 18.54 -58.35
CA ALA I 4007 -8.21 19.75 -58.35
C ALA I 4007 -7.59 20.83 -59.22
N GLN I 4008 -6.27 20.80 -59.39
CA GLN I 4008 -5.67 21.80 -60.27
C GLN I 4008 -6.20 21.75 -61.69
N ASP I 4009 -6.79 20.63 -62.11
CA ASP I 4009 -7.28 20.46 -63.48
C ASP I 4009 -8.73 20.00 -63.47
N SER I 4010 -9.46 20.38 -64.53
CA SER I 4010 -10.88 20.02 -64.62
C SER I 4010 -11.09 18.62 -65.17
N SER I 4011 -10.29 18.22 -66.17
CA SER I 4011 -10.57 16.96 -66.85
C SER I 4011 -10.56 15.78 -65.90
N GLN I 4012 -9.90 15.93 -64.75
CA GLN I 4012 -9.81 14.87 -63.75
C GLN I 4012 -10.91 14.96 -62.70
N ILE I 4013 -12.04 15.60 -63.00
CA ILE I 4013 -13.09 15.81 -62.00
C ILE I 4013 -13.68 14.48 -61.58
N GLU I 4014 -13.88 13.57 -62.54
CA GLU I 4014 -14.43 12.26 -62.19
C GLU I 4014 -13.46 11.49 -61.30
N LEU I 4015 -12.16 11.56 -61.60
CA LEU I 4015 -11.18 10.91 -60.75
C LEU I 4015 -11.20 11.51 -59.34
N LEU I 4016 -11.32 12.82 -59.24
CA LEU I 4016 -11.40 13.45 -57.93
C LEU I 4016 -12.62 12.98 -57.17
N LYS I 4017 -13.76 12.90 -57.86
CA LYS I 4017 -14.98 12.42 -57.22
C LYS I 4017 -14.83 11.00 -56.72
N GLU I 4018 -14.23 10.11 -57.50
CA GLU I 4018 -13.99 8.75 -57.04
C GLU I 4018 -13.05 8.70 -55.85
N LEU I 4019 -11.99 9.51 -55.89
CA LEU I 4019 -11.04 9.55 -54.77
C LEU I 4019 -11.73 10.01 -53.50
N LEU I 4020 -12.60 11.00 -53.60
CA LEU I 4020 -13.27 11.49 -52.40
C LEU I 4020 -14.16 10.42 -51.79
N ASP I 4021 -14.80 9.60 -52.63
CA ASP I 4021 -15.58 8.49 -52.12
C ASP I 4021 -14.68 7.46 -51.43
N LEU I 4022 -13.52 7.18 -52.02
CA LEU I 4022 -12.59 6.28 -51.35
C LEU I 4022 -12.17 6.82 -49.99
N GLN I 4023 -11.91 8.12 -49.92
CA GLN I 4023 -11.54 8.74 -48.66
C GLN I 4023 -12.67 8.64 -47.65
N LYS I 4024 -13.91 8.82 -48.12
CA LYS I 4024 -15.05 8.64 -47.23
C LYS I 4024 -15.08 7.23 -46.68
N ASP I 4025 -14.81 6.24 -47.53
CA ASP I 4025 -14.81 4.86 -47.05
C ASP I 4025 -13.73 4.65 -46.00
N MET I 4026 -12.54 5.22 -46.21
CA MET I 4026 -11.49 5.09 -45.20
C MET I 4026 -11.91 5.74 -43.89
N VAL I 4027 -12.53 6.91 -43.96
CA VAL I 4027 -12.98 7.58 -42.74
C VAL I 4027 -14.06 6.78 -42.06
N VAL I 4028 -14.92 6.11 -42.84
CA VAL I 4028 -15.95 5.27 -42.26
C VAL I 4028 -15.33 4.10 -41.51
N MET I 4029 -14.29 3.50 -42.08
CA MET I 4029 -13.58 2.45 -41.36
C MET I 4029 -12.98 2.99 -40.06
N LEU I 4030 -12.35 4.16 -40.13
CA LEU I 4030 -11.77 4.74 -38.92
C LEU I 4030 -12.84 4.97 -37.86
N LEU I 4031 -13.99 5.48 -38.27
CA LEU I 4031 -15.09 5.69 -37.34
C LEU I 4031 -15.58 4.37 -36.75
N SER I 4032 -15.68 3.33 -37.57
CA SER I 4032 -16.10 2.03 -37.06
C SER I 4032 -15.12 1.51 -36.01
N LEU I 4033 -13.83 1.83 -36.15
CA LEU I 4033 -12.87 1.43 -35.13
C LEU I 4033 -13.18 2.07 -33.79
N LEU I 4034 -13.94 3.17 -33.79
CA LEU I 4034 -14.27 3.87 -32.55
C LEU I 4034 -15.61 3.45 -31.96
N GLU I 4035 -16.30 2.48 -32.57
CA GLU I 4035 -17.56 2.02 -32.01
C GLU I 4035 -17.35 1.47 -30.61
N GLY I 4036 -18.25 1.82 -29.71
CA GLY I 4036 -18.17 1.34 -28.34
C GLY I 4036 -16.84 1.70 -27.69
N ASN I 4037 -16.41 2.93 -27.87
CA ASN I 4037 -15.12 3.40 -27.39
C ASN I 4037 -15.31 4.24 -26.13
N VAL I 4038 -14.60 3.87 -25.07
CA VAL I 4038 -14.70 4.62 -23.83
C VAL I 4038 -13.83 5.88 -23.91
N VAL I 4039 -14.14 6.85 -23.05
CA VAL I 4039 -13.35 8.07 -22.99
C VAL I 4039 -11.90 7.70 -22.70
N ASN I 4040 -10.98 8.38 -23.38
CA ASN I 4040 -9.56 8.06 -23.29
C ASN I 4040 -9.31 6.59 -23.62
N GLY I 4041 -10.06 6.07 -24.58
CA GLY I 4041 -9.88 4.70 -24.99
C GLY I 4041 -8.56 4.49 -25.70
N MET I 4042 -8.10 3.23 -25.65
CA MET I 4042 -6.84 2.91 -26.29
C MET I 4042 -6.92 3.15 -27.80
N ILE I 4043 -8.03 2.75 -28.41
CA ILE I 4043 -8.21 2.98 -29.85
C ILE I 4043 -8.17 4.46 -30.15
N ALA I 4044 -8.88 5.26 -29.35
CA ALA I 4044 -8.91 6.69 -29.58
C ALA I 4044 -7.52 7.30 -29.48
N ARG I 4045 -6.76 6.93 -28.45
CA ARG I 4045 -5.42 7.50 -28.30
C ARG I 4045 -4.54 7.08 -29.46
N GLN I 4046 -4.63 5.83 -29.90
CA GLN I 4046 -3.82 5.39 -31.03
C GLN I 4046 -4.20 6.17 -32.29
N MET I 4047 -5.48 6.42 -32.49
CA MET I 4047 -5.91 7.15 -33.67
C MET I 4047 -5.40 8.59 -33.64
N VAL I 4048 -5.45 9.22 -32.46
CA VAL I 4048 -4.91 10.57 -32.35
C VAL I 4048 -3.41 10.57 -32.63
N ASP I 4049 -2.70 9.56 -32.13
CA ASP I 4049 -1.27 9.47 -32.43
C ASP I 4049 -1.03 9.32 -33.92
N MET I 4050 -1.82 8.49 -34.59
CA MET I 4050 -1.67 8.34 -36.03
C MET I 4050 -1.92 9.66 -36.75
N LEU I 4051 -2.95 10.40 -36.35
CA LEU I 4051 -3.22 11.69 -36.99
C LEU I 4051 -2.05 12.65 -36.76
N VAL I 4052 -1.54 12.71 -35.55
CA VAL I 4052 -0.40 13.59 -35.28
C VAL I 4052 0.79 13.19 -36.14
N GLU I 4053 1.00 11.88 -36.31
CA GLU I 4053 2.08 11.42 -37.18
C GLU I 4053 1.87 11.90 -38.61
N SER I 4054 0.63 11.84 -39.09
CA SER I 4054 0.29 12.31 -40.43
C SER I 4054 -0.16 13.77 -40.42
N SER I 4055 0.34 14.55 -39.48
CA SER I 4055 -0.13 15.93 -39.31
C SER I 4055 -0.09 16.70 -40.63
N SER I 4056 1.05 16.68 -41.32
CA SER I 4056 1.17 17.50 -42.53
C SER I 4056 0.08 17.16 -43.53
N ASN I 4057 -0.09 15.87 -43.82
CA ASN I 4057 -1.10 15.46 -44.79
C ASN I 4057 -2.50 15.79 -44.28
N VAL I 4058 -2.76 15.56 -42.99
CA VAL I 4058 -4.08 15.88 -42.45
C VAL I 4058 -4.32 17.38 -42.51
N GLU I 4059 -3.30 18.18 -42.21
CA GLU I 4059 -3.46 19.62 -42.31
C GLU I 4059 -3.81 20.03 -43.73
N MET I 4060 -3.13 19.44 -44.71
CA MET I 4060 -3.45 19.77 -46.10
C MET I 4060 -4.86 19.31 -46.45
N ILE I 4061 -5.28 18.15 -45.95
CA ILE I 4061 -6.63 17.67 -46.23
C ILE I 4061 -7.66 18.66 -45.71
N LEU I 4062 -7.48 19.12 -44.47
CA LEU I 4062 -8.42 20.09 -43.92
C LEU I 4062 -8.36 21.41 -44.69
N LYS I 4063 -7.15 21.83 -45.07
CA LYS I 4063 -7.01 23.08 -45.81
C LYS I 4063 -7.75 23.01 -47.13
N PHE I 4064 -7.76 21.84 -47.77
CA PHE I 4064 -8.45 21.73 -49.05
C PHE I 4064 -9.93 22.09 -48.92
N PHE I 4065 -10.62 21.48 -47.95
CA PHE I 4065 -12.02 21.83 -47.73
C PHE I 4065 -12.19 23.25 -47.25
N ASP I 4066 -11.30 23.72 -46.39
CA ASP I 4066 -11.44 25.06 -45.83
C ASP I 4066 -11.38 26.11 -46.93
N MET I 4067 -10.40 25.99 -47.85
CA MET I 4067 -10.28 26.96 -48.92
C MET I 4067 -11.57 27.10 -49.69
N PHE I 4068 -12.18 25.98 -50.07
CA PHE I 4068 -13.35 26.05 -50.94
C PHE I 4068 -14.59 26.46 -50.18
N LEU I 4069 -14.72 26.06 -48.92
CA LEU I 4069 -15.88 26.49 -48.14
C LEU I 4069 -15.80 28.00 -47.89
N LYS I 4070 -14.60 28.56 -47.79
CA LYS I 4070 -14.48 30.01 -47.71
C LYS I 4070 -14.68 30.66 -49.08
N LEU I 4071 -14.21 29.98 -50.13
CA LEU I 4071 -14.32 30.53 -51.48
C LEU I 4071 -15.77 30.73 -51.88
N LYS I 4072 -16.63 29.75 -51.57
CA LYS I 4072 -18.02 29.88 -51.97
C LYS I 4072 -18.65 31.12 -51.35
N ASP I 4073 -18.38 31.37 -50.07
CA ASP I 4073 -18.90 32.58 -49.44
C ASP I 4073 -18.29 33.82 -50.06
N ILE I 4074 -16.97 33.81 -50.32
CA ILE I 4074 -16.32 35.00 -50.87
C ILE I 4074 -16.92 35.36 -52.22
N VAL I 4075 -17.22 34.35 -53.03
CA VAL I 4075 -17.79 34.61 -54.36
C VAL I 4075 -19.11 35.35 -54.23
N GLY I 4076 -19.96 34.94 -53.29
CA GLY I 4076 -21.19 35.67 -53.06
C GLY I 4076 -20.98 37.00 -52.39
N SER I 4077 -19.77 37.28 -51.94
CA SER I 4077 -19.49 38.52 -51.24
C SER I 4077 -19.69 39.72 -52.15
N GLU I 4078 -20.19 40.81 -51.57
CA GLU I 4078 -20.48 42.01 -52.35
C GLU I 4078 -19.20 42.65 -52.86
N ALA I 4079 -18.11 42.55 -52.10
CA ALA I 4079 -16.84 43.06 -52.59
C ALA I 4079 -16.41 42.33 -53.85
N PHE I 4080 -16.51 41.00 -53.84
CA PHE I 4080 -16.17 40.23 -55.03
C PHE I 4080 -17.10 40.57 -56.19
N GLN I 4081 -18.39 40.73 -55.90
CA GLN I 4081 -19.32 41.10 -56.97
C GLN I 4081 -18.97 42.46 -57.55
N ASP I 4082 -18.56 43.39 -56.70
CA ASP I 4082 -18.12 44.70 -57.19
C ASP I 4082 -16.92 44.56 -58.09
N TYR I 4083 -15.95 43.72 -57.70
CA TYR I 4083 -14.79 43.50 -58.55
C TYR I 4083 -15.20 42.89 -59.88
N VAL I 4084 -16.26 42.08 -59.87
CA VAL I 4084 -16.81 41.57 -61.13
C VAL I 4084 -17.37 42.72 -61.93
N THR I 4085 -16.97 42.82 -63.21
CA THR I 4085 -17.41 43.89 -64.08
C THR I 4085 -17.83 43.43 -65.46
N ASP I 4086 -17.52 42.20 -65.84
CA ASP I 4086 -17.87 41.73 -67.17
C ASP I 4086 -19.36 41.39 -67.22
N PRO I 4087 -20.09 41.82 -68.27
CA PRO I 4087 -21.53 41.50 -68.30
C PRO I 4087 -21.82 40.02 -68.25
N ARG I 4088 -20.92 39.19 -68.77
CA ARG I 4088 -21.17 37.74 -68.79
C ARG I 4088 -21.07 37.13 -67.40
N GLY I 4089 -20.63 37.89 -66.40
CA GLY I 4089 -20.42 37.37 -65.07
C GLY I 4089 -19.06 36.75 -64.84
N LEU I 4090 -18.25 36.62 -65.89
CA LEU I 4090 -16.92 36.07 -65.74
C LEU I 4090 -16.05 37.04 -64.94
N ILE I 4091 -14.94 36.54 -64.40
CA ILE I 4091 -13.93 37.37 -63.75
C ILE I 4091 -12.57 37.03 -64.34
N SER I 4092 -11.81 38.06 -64.71
CA SER I 4092 -10.46 37.86 -65.21
C SER I 4092 -9.53 37.48 -64.07
N LYS I 4093 -8.38 36.90 -64.42
CA LYS I 4093 -7.45 36.43 -63.40
C LYS I 4093 -6.95 37.57 -62.52
N LYS I 4094 -6.60 38.70 -63.13
CA LYS I 4094 -6.08 39.81 -62.34
C LYS I 4094 -7.14 40.35 -61.39
N ASP I 4095 -8.37 40.52 -61.86
CA ASP I 4095 -9.43 40.99 -60.99
C ASP I 4095 -9.71 39.99 -59.87
N PHE I 4096 -9.66 38.69 -60.19
CA PHE I 4096 -9.85 37.67 -59.17
C PHE I 4096 -8.78 37.77 -58.09
N GLN I 4097 -7.52 37.89 -58.50
CA GLN I 4097 -6.44 38.01 -57.53
C GLN I 4097 -6.61 39.26 -56.68
N LYS I 4098 -6.99 40.38 -57.31
CA LYS I 4098 -7.17 41.61 -56.56
C LYS I 4098 -8.31 41.46 -55.56
N ALA I 4099 -9.39 40.79 -55.95
CA ALA I 4099 -10.51 40.59 -55.04
C ALA I 4099 -10.08 39.75 -53.84
N MET I 4100 -9.35 38.68 -54.09
CA MET I 4100 -8.89 37.85 -52.96
C MET I 4100 -7.95 38.64 -52.06
N ASP I 4101 -7.06 39.45 -52.64
CA ASP I 4101 -6.18 40.27 -51.82
C ASP I 4101 -6.97 41.23 -50.94
N SER I 4102 -7.99 41.86 -51.51
CA SER I 4102 -8.84 42.74 -50.71
C SER I 4102 -9.54 41.96 -49.61
N GLN I 4103 -10.01 40.75 -49.93
CA GLN I 4103 -10.71 39.94 -48.94
C GLN I 4103 -9.79 39.57 -47.78
N LYS I 4104 -8.51 39.34 -48.06
CA LYS I 4104 -7.52 39.07 -47.03
C LYS I 4104 -7.77 37.77 -46.29
N GLN I 4105 -8.59 36.88 -46.84
CA GLN I 4105 -8.86 35.60 -46.22
C GLN I 4105 -7.97 34.48 -46.74
N PHE I 4106 -7.05 34.78 -47.66
CA PHE I 4106 -6.16 33.78 -48.21
C PHE I 4106 -4.74 34.34 -48.29
N THR I 4107 -3.76 33.45 -48.23
CA THR I 4107 -2.38 33.82 -48.44
C THR I 4107 -2.07 33.86 -49.94
N GLY I 4108 -0.90 34.40 -50.28
CA GLY I 4108 -0.48 34.46 -51.66
C GLY I 4108 -0.34 33.11 -52.34
N PRO I 4109 0.36 32.15 -51.73
CA PRO I 4109 0.43 30.81 -52.35
C PRO I 4109 -0.95 30.17 -52.51
N GLU I 4110 -1.83 30.36 -51.54
CA GLU I 4110 -3.18 29.81 -51.65
C GLU I 4110 -3.93 30.46 -52.81
N ILE I 4111 -3.77 31.77 -52.97
CA ILE I 4111 -4.40 32.46 -54.10
C ILE I 4111 -3.85 31.94 -55.41
N GLN I 4112 -2.55 31.65 -55.45
CA GLN I 4112 -1.97 31.07 -56.67
C GLN I 4112 -2.57 29.70 -56.95
N PHE I 4113 -2.75 28.88 -55.93
CA PHE I 4113 -3.40 27.59 -56.12
C PHE I 4113 -4.82 27.77 -56.64
N LEU I 4114 -5.56 28.73 -56.09
CA LEU I 4114 -6.91 28.98 -56.56
C LEU I 4114 -6.92 29.42 -58.01
N LEU I 4115 -5.97 30.28 -58.39
CA LEU I 4115 -5.86 30.69 -59.78
C LEU I 4115 -5.60 29.50 -60.68
N SER I 4116 -4.71 28.61 -60.26
CA SER I 4116 -4.43 27.42 -61.06
C SER I 4116 -5.66 26.55 -61.22
N CYS I 4117 -6.44 26.38 -60.15
CA CYS I 4117 -7.67 25.60 -60.20
C CYS I 4117 -8.79 26.32 -60.94
N SER I 4118 -8.67 27.63 -61.16
CA SER I 4118 -9.78 28.40 -61.71
C SER I 4118 -10.28 27.84 -63.03
N GLU I 4119 -9.41 27.20 -63.81
CA GLU I 4119 -9.78 26.68 -65.13
C GLU I 4119 -10.17 27.83 -66.06
N ALA I 4120 -9.36 28.87 -66.08
CA ALA I 4120 -9.64 30.03 -66.92
C ALA I 4120 -9.41 29.68 -68.39
N ASP I 4121 -10.15 30.37 -69.25
CA ASP I 4121 -10.06 30.15 -70.69
C ASP I 4121 -8.86 30.91 -71.24
N GLU I 4122 -8.66 30.86 -72.56
CA GLU I 4122 -7.50 31.48 -73.18
C GLU I 4122 -7.41 32.97 -72.87
N ASN I 4123 -8.54 33.64 -72.64
CA ASN I 4123 -8.52 35.05 -72.28
C ASN I 4123 -8.17 35.28 -70.83
N GLU I 4124 -7.67 34.27 -70.12
CA GLU I 4124 -7.35 34.40 -68.70
C GLU I 4124 -8.58 34.87 -67.93
N MET I 4125 -9.72 34.24 -68.21
CA MET I 4125 -11.02 34.76 -67.81
C MET I 4125 -11.74 33.63 -67.07
N ILE I 4126 -12.22 33.90 -65.87
CA ILE I 4126 -12.69 32.87 -64.95
C ILE I 4126 -14.19 32.98 -64.74
N ASN I 4127 -14.85 31.84 -64.51
CA ASN I 4127 -16.27 31.79 -64.19
C ASN I 4127 -16.43 31.51 -62.71
N CYS I 4128 -16.73 32.56 -61.94
CA CYS I 4128 -16.72 32.44 -60.48
C CYS I 4128 -17.74 31.44 -59.98
N GLU I 4129 -18.96 31.44 -60.55
CA GLU I 4129 -20.01 30.57 -60.05
C GLU I 4129 -19.62 29.11 -60.23
N GLU I 4130 -19.22 28.73 -61.44
CA GLU I 4130 -18.79 27.35 -61.68
C GLU I 4130 -17.59 27.01 -60.81
N PHE I 4131 -16.65 27.94 -60.69
CA PHE I 4131 -15.47 27.69 -59.87
C PHE I 4131 -15.84 27.36 -58.45
N ALA I 4132 -16.79 28.11 -57.88
CA ALA I 4132 -17.19 27.88 -56.50
C ALA I 4132 -17.97 26.59 -56.35
N ASN I 4133 -18.90 26.32 -57.26
CA ASN I 4133 -19.77 25.16 -57.10
C ASN I 4133 -19.15 23.85 -57.56
N ARG I 4134 -17.97 23.89 -58.19
CA ARG I 4134 -17.39 22.66 -58.70
C ARG I 4134 -17.17 21.63 -57.60
N PHE I 4135 -16.49 22.01 -56.52
CA PHE I 4135 -16.07 21.06 -55.50
C PHE I 4135 -16.98 21.05 -54.28
N GLN I 4136 -18.14 21.69 -54.34
CA GLN I 4136 -19.02 21.68 -53.17
C GLN I 4136 -19.65 20.30 -52.98
N GLU I 4137 -20.36 19.80 -53.98
CA GLU I 4137 -21.02 18.50 -53.83
C GLU I 4137 -20.02 17.37 -53.65
N PRO I 4138 -18.96 17.24 -54.47
CA PRO I 4138 -18.06 16.10 -54.29
C PRO I 4138 -17.47 15.99 -52.90
N ALA I 4139 -17.14 17.11 -52.28
CA ALA I 4139 -16.45 17.12 -51.01
C ALA I 4139 -17.37 17.19 -49.80
N ARG I 4140 -18.69 17.33 -50.02
CA ARG I 4140 -19.57 17.49 -48.87
C ARG I 4140 -19.58 16.24 -48.01
N ASP I 4141 -19.69 15.07 -48.63
CA ASP I 4141 -19.81 13.83 -47.86
C ASP I 4141 -18.54 13.58 -47.06
N ILE I 4142 -17.38 13.60 -47.72
CA ILE I 4142 -16.12 13.40 -47.01
C ILE I 4142 -15.90 14.51 -45.99
N GLY I 4143 -16.30 15.73 -46.32
CA GLY I 4143 -16.17 16.81 -45.35
C GLY I 4143 -16.97 16.53 -44.10
N PHE I 4144 -18.22 16.09 -44.25
CA PHE I 4144 -19.03 15.76 -43.09
C PHE I 4144 -18.41 14.63 -42.29
N ASN I 4145 -17.92 13.60 -42.97
CA ASN I 4145 -17.34 12.47 -42.25
C ASN I 4145 -16.09 12.90 -41.49
N VAL I 4146 -15.27 13.76 -42.08
CA VAL I 4146 -14.08 14.25 -41.39
C VAL I 4146 -14.47 15.05 -40.17
N ALA I 4147 -15.49 15.91 -40.31
CA ALA I 4147 -15.99 16.64 -39.16
C ALA I 4147 -16.51 15.71 -38.07
N VAL I 4148 -17.23 14.66 -38.43
CA VAL I 4148 -17.70 13.71 -37.45
C VAL I 4148 -16.53 13.02 -36.76
N LEU I 4149 -15.51 12.64 -37.52
CA LEU I 4149 -14.34 11.99 -36.93
C LEU I 4149 -13.67 12.91 -35.92
N LEU I 4150 -13.43 14.16 -36.31
CA LEU I 4150 -12.78 15.10 -35.40
C LEU I 4150 -13.64 15.37 -34.17
N THR I 4151 -14.94 15.53 -34.33
CA THR I 4151 -15.81 15.74 -33.18
C THR I 4151 -15.79 14.54 -32.25
N ASN I 4152 -15.86 13.33 -32.81
CA ASN I 4152 -15.83 12.12 -31.99
C ASN I 4152 -14.54 12.05 -31.20
N LEU I 4153 -13.41 12.24 -31.87
CA LEU I 4153 -12.12 12.15 -31.17
C LEU I 4153 -12.01 13.23 -30.12
N SER I 4154 -12.45 14.45 -30.43
CA SER I 4154 -12.35 15.53 -29.45
C SER I 4154 -13.18 15.22 -28.22
N GLU I 4155 -14.39 14.70 -28.41
CA GLU I 4155 -15.24 14.44 -27.26
C GLU I 4155 -14.81 13.21 -26.47
N HIS I 4156 -14.12 12.26 -27.11
CA HIS I 4156 -13.73 11.05 -26.41
C HIS I 4156 -12.30 11.12 -25.89
N VAL I 4157 -11.57 12.18 -26.22
CA VAL I 4157 -10.26 12.43 -25.61
C VAL I 4157 -10.23 13.89 -25.21
N PRO I 4158 -10.96 14.28 -24.16
CA PRO I 4158 -11.17 15.72 -23.93
C PRO I 4158 -9.87 16.47 -23.68
N HIS I 4159 -8.89 15.84 -23.05
CA HIS I 4159 -7.69 16.52 -22.58
C HIS I 4159 -6.53 16.07 -23.47
N ASP I 4160 -6.35 16.77 -24.58
CA ASP I 4160 -5.26 16.50 -25.49
C ASP I 4160 -4.86 17.82 -26.14
N PRO I 4161 -3.60 18.23 -26.04
CA PRO I 4161 -3.16 19.46 -26.72
C PRO I 4161 -2.81 19.27 -28.19
N ARG I 4162 -2.74 18.04 -28.68
CA ARG I 4162 -2.47 17.78 -30.09
C ARG I 4162 -3.72 17.84 -30.95
N LEU I 4163 -4.82 17.22 -30.52
CA LEU I 4163 -6.03 17.23 -31.32
C LEU I 4163 -6.66 18.61 -31.35
N ARG I 4164 -6.40 19.43 -30.34
CA ARG I 4164 -6.94 20.78 -30.30
C ARG I 4164 -6.32 21.69 -31.36
N ASN I 4165 -5.24 21.25 -32.01
CA ASN I 4165 -4.70 21.96 -33.17
C ASN I 4165 -5.46 21.59 -34.44
N PHE I 4166 -5.73 20.30 -34.63
CA PHE I 4166 -6.53 19.88 -35.77
C PHE I 4166 -7.92 20.50 -35.69
N LEU I 4167 -8.50 20.55 -34.49
CA LEU I 4167 -9.82 21.18 -34.36
C LEU I 4167 -9.76 22.64 -34.76
N GLU I 4168 -8.73 23.35 -34.32
CA GLU I 4168 -8.60 24.76 -34.68
C GLU I 4168 -8.47 24.93 -36.18
N LEU I 4169 -7.66 24.10 -36.83
CA LEU I 4169 -7.51 24.20 -38.28
C LEU I 4169 -8.80 23.85 -39.00
N ALA I 4170 -9.60 22.94 -38.45
CA ALA I 4170 -10.85 22.51 -39.06
C ALA I 4170 -12.04 23.29 -38.54
N GLU I 4171 -11.81 24.40 -37.86
CA GLU I 4171 -12.91 25.20 -37.32
C GLU I 4171 -13.98 25.46 -38.38
N SER I 4172 -13.58 25.88 -39.58
CA SER I 4172 -14.56 26.25 -40.59
C SER I 4172 -15.44 25.06 -40.97
N ILE I 4173 -14.84 23.88 -41.12
CA ILE I 4173 -15.62 22.70 -41.50
C ILE I 4173 -16.64 22.37 -40.42
N LEU I 4174 -16.22 22.37 -39.17
CA LEU I 4174 -17.12 22.07 -38.07
C LEU I 4174 -18.23 23.09 -37.94
N GLU I 4175 -17.92 24.38 -38.09
CA GLU I 4175 -18.98 25.38 -38.06
C GLU I 4175 -19.96 25.18 -39.21
N TYR I 4176 -19.46 24.90 -40.41
CA TYR I 4176 -20.35 24.70 -41.55
C TYR I 4176 -21.27 23.52 -41.30
N PHE I 4177 -20.74 22.41 -40.78
CA PHE I 4177 -21.51 21.18 -40.64
C PHE I 4177 -22.21 21.07 -39.30
N ARG I 4178 -22.08 22.05 -38.42
CA ARG I 4178 -22.79 22.00 -37.15
C ARG I 4178 -24.29 21.80 -37.33
N PRO I 4179 -24.98 22.55 -38.20
CA PRO I 4179 -26.42 22.32 -38.33
C PRO I 4179 -26.77 20.92 -38.80
N TYR I 4180 -25.91 20.29 -39.61
CA TYR I 4180 -26.20 18.98 -40.17
C TYR I 4180 -25.60 17.84 -39.37
N LEU I 4181 -24.79 18.10 -38.36
CA LEU I 4181 -24.20 17.05 -37.54
C LEU I 4181 -25.04 16.86 -36.29
N GLY I 4182 -25.84 15.79 -36.28
CA GLY I 4182 -26.69 15.48 -35.15
C GLY I 4182 -26.00 14.46 -34.26
N ARG I 4183 -26.24 14.58 -32.96
CA ARG I 4183 -25.68 13.63 -32.00
C ARG I 4183 -26.76 13.24 -31.01
N ILE I 4184 -26.71 11.99 -30.56
CA ILE I 4184 -27.61 11.50 -29.53
C ILE I 4184 -26.82 10.58 -28.61
N GLU I 4185 -27.46 10.19 -27.51
CA GLU I 4185 -26.90 9.22 -26.58
C GLU I 4185 -27.88 8.07 -26.43
N ILE I 4186 -27.36 6.84 -26.45
CA ILE I 4186 -28.17 5.64 -26.33
C ILE I 4186 -27.57 4.73 -25.28
N MET I 4187 -28.36 3.77 -24.83
CA MET I 4187 -27.91 2.80 -23.84
C MET I 4187 -27.41 1.56 -24.57
N GLY I 4188 -26.13 1.55 -24.92
CA GLY I 4188 -25.61 0.55 -25.83
C GLY I 4188 -25.72 -0.86 -25.28
N ALA I 4189 -25.50 -1.82 -26.19
CA ALA I 4189 -25.55 -3.22 -25.80
C ALA I 4189 -24.53 -3.56 -24.74
N SER I 4190 -23.39 -2.86 -24.74
CA SER I 4190 -22.37 -3.09 -23.74
C SER I 4190 -22.76 -2.58 -22.35
N ARG I 4191 -24.00 -2.14 -22.18
CA ARG I 4191 -24.51 -1.62 -20.90
C ARG I 4191 -23.82 -0.33 -20.49
N ARG I 4192 -23.33 0.45 -21.46
CA ARG I 4192 -22.76 1.76 -21.20
C ARG I 4192 -23.40 2.78 -22.14
N ILE I 4193 -23.54 4.01 -21.65
CA ILE I 4193 -24.07 5.07 -22.50
C ILE I 4193 -23.06 5.36 -23.60
N GLU I 4194 -23.54 5.39 -24.83
CA GLU I 4194 -22.72 5.67 -25.99
C GLU I 4194 -23.28 6.87 -26.74
N ARG I 4195 -22.39 7.61 -27.40
CA ARG I 4195 -22.78 8.76 -28.19
C ARG I 4195 -22.72 8.39 -29.67
N ILE I 4196 -23.79 8.69 -30.39
CA ILE I 4196 -23.92 8.40 -31.81
C ILE I 4196 -23.94 9.72 -32.56
N TYR I 4197 -23.12 9.82 -33.61
CA TYR I 4197 -23.09 10.98 -34.49
C TYR I 4197 -23.62 10.57 -35.85
N PHE I 4198 -24.56 11.35 -36.38
CA PHE I 4198 -25.18 11.05 -37.66
C PHE I 4198 -25.46 12.35 -38.40
N GLU I 4199 -26.02 12.21 -39.59
CA GLU I 4199 -26.27 13.33 -40.49
C GLU I 4199 -27.76 13.67 -40.48
N ILE I 4200 -28.07 14.95 -40.31
CA ILE I 4200 -29.42 15.46 -40.42
C ILE I 4200 -29.52 16.18 -41.75
N SER I 4201 -30.35 15.66 -42.65
CA SER I 4201 -30.49 16.27 -43.95
C SER I 4201 -31.13 17.65 -43.85
N GLU I 4202 -30.78 18.51 -44.81
CA GLU I 4202 -31.30 19.87 -44.78
C GLU I 4202 -32.82 19.89 -44.91
N THR I 4203 -33.37 19.03 -45.77
CA THR I 4203 -34.82 18.98 -45.91
C THR I 4203 -35.47 18.54 -44.61
N ASN I 4204 -34.87 17.55 -43.92
CA ASN I 4204 -35.42 17.12 -42.64
C ASN I 4204 -35.40 18.26 -41.64
N ARG I 4205 -34.30 19.01 -41.56
CA ARG I 4205 -34.24 20.13 -40.63
C ARG I 4205 -35.28 21.18 -40.97
N ALA I 4206 -35.43 21.51 -42.25
CA ALA I 4206 -36.42 22.51 -42.64
C ALA I 4206 -37.83 22.06 -42.27
N GLN I 4207 -38.18 20.82 -42.58
CA GLN I 4207 -39.50 20.32 -42.24
C GLN I 4207 -39.73 20.36 -40.74
N TRP I 4208 -38.71 20.01 -39.95
CA TRP I 4208 -38.83 20.10 -38.51
C TRP I 4208 -39.09 21.55 -38.08
N GLU I 4209 -38.38 22.49 -38.69
CA GLU I 4209 -38.55 23.90 -38.35
C GLU I 4209 -39.87 24.47 -38.84
N MET I 4210 -40.59 23.77 -39.70
CA MET I 4210 -41.87 24.27 -40.17
C MET I 4210 -42.77 24.62 -38.98
N PRO I 4211 -43.47 25.75 -39.02
CA PRO I 4211 -44.21 26.18 -37.81
C PRO I 4211 -45.25 25.19 -37.32
N GLN I 4212 -45.96 24.50 -38.23
CA GLN I 4212 -46.97 23.55 -37.79
C GLN I 4212 -46.35 22.45 -36.95
N VAL I 4213 -45.17 21.98 -37.35
CA VAL I 4213 -44.50 20.94 -36.58
C VAL I 4213 -44.11 21.47 -35.20
N LYS I 4214 -43.70 22.74 -35.13
CA LYS I 4214 -43.37 23.32 -33.83
C LYS I 4214 -44.60 23.39 -32.92
N GLU I 4215 -45.75 23.77 -33.48
CA GLU I 4215 -46.97 23.79 -32.70
C GLU I 4215 -47.34 22.39 -32.21
N SER I 4216 -47.21 21.41 -33.09
CA SER I 4216 -47.48 20.02 -32.69
C SER I 4216 -46.53 19.59 -31.58
N LYS I 4217 -45.26 19.96 -31.69
CA LYS I 4217 -44.28 19.59 -30.67
C LYS I 4217 -44.63 20.22 -29.32
N ARG I 4218 -45.01 21.49 -29.31
CA ARG I 4218 -45.41 22.11 -28.07
C ARG I 4218 -46.65 21.45 -27.48
N GLN I 4219 -47.65 21.15 -28.30
CA GLN I 4219 -48.84 20.48 -27.79
C GLN I 4219 -48.49 19.11 -27.20
N PHE I 4220 -47.64 18.35 -27.89
CA PHE I 4220 -47.23 17.05 -27.39
C PHE I 4220 -46.49 17.17 -26.07
N ILE I 4221 -45.58 18.12 -25.97
CA ILE I 4221 -44.84 18.27 -24.71
C ILE I 4221 -45.80 18.62 -23.59
N PHE I 4222 -46.75 19.53 -23.83
CA PHE I 4222 -47.75 19.84 -22.83
C PHE I 4222 -48.49 18.58 -22.40
N ASP I 4223 -48.94 17.79 -23.37
CA ASP I 4223 -49.70 16.59 -23.05
C ASP I 4223 -48.89 15.63 -22.17
N VAL I 4224 -47.67 15.31 -22.60
CA VAL I 4224 -46.89 14.34 -21.84
C VAL I 4224 -46.60 14.86 -20.44
N VAL I 4225 -46.22 16.13 -20.32
CA VAL I 4225 -45.84 16.65 -19.01
C VAL I 4225 -47.04 16.64 -18.08
N ASN I 4226 -48.20 17.09 -18.55
CA ASN I 4226 -49.35 17.20 -17.66
C ASN I 4226 -50.11 15.88 -17.53
N GLU I 4227 -50.66 15.37 -18.63
CA GLU I 4227 -51.50 14.18 -18.54
C GLU I 4227 -50.67 12.91 -18.40
N GLY I 4228 -49.74 12.69 -19.34
CA GLY I 4228 -49.08 11.39 -19.41
C GLY I 4228 -48.23 11.11 -18.19
N GLY I 4229 -47.96 9.83 -17.97
CA GLY I 4229 -47.10 9.38 -16.91
C GLY I 4229 -45.65 9.34 -17.35
N GLU I 4230 -44.83 8.68 -16.52
CA GLU I 4230 -43.40 8.59 -16.81
C GLU I 4230 -43.04 7.26 -17.44
N SER I 4231 -43.77 6.19 -17.11
CA SER I 4231 -43.44 4.87 -17.64
C SER I 4231 -43.59 4.83 -19.16
N GLU I 4232 -44.63 5.47 -19.69
CA GLU I 4232 -44.93 5.44 -21.11
C GLU I 4232 -44.48 6.70 -21.83
N LYS I 4233 -43.65 7.52 -21.20
CA LYS I 4233 -43.22 8.78 -21.82
C LYS I 4233 -42.49 8.51 -23.13
N MET I 4234 -41.56 7.54 -23.13
CA MET I 4234 -40.82 7.24 -24.35
C MET I 4234 -41.72 6.62 -25.42
N GLU I 4235 -42.68 5.79 -25.02
CA GLU I 4235 -43.60 5.25 -26.00
C GLU I 4235 -44.40 6.37 -26.67
N MET I 4236 -44.90 7.31 -25.88
CA MET I 4236 -45.63 8.43 -26.44
C MET I 4236 -44.73 9.29 -27.31
N PHE I 4237 -43.46 9.45 -26.91
CA PHE I 4237 -42.54 10.23 -27.72
C PHE I 4237 -42.31 9.57 -29.08
N VAL I 4238 -42.14 8.26 -29.10
CA VAL I 4238 -41.94 7.59 -30.39
C VAL I 4238 -43.21 7.66 -31.22
N SER I 4239 -44.37 7.55 -30.60
CA SER I 4239 -45.61 7.71 -31.34
C SER I 4239 -45.69 9.11 -31.95
N PHE I 4240 -45.29 10.12 -31.19
CA PHE I 4240 -45.27 11.49 -31.71
C PHE I 4240 -44.30 11.61 -32.87
N CYS I 4241 -43.15 10.93 -32.77
CA CYS I 4241 -42.15 10.96 -33.87
C CYS I 4241 -42.81 10.39 -35.11
N GLU I 4242 -43.49 9.25 -34.99
CA GLU I 4242 -44.12 8.59 -36.17
C GLU I 4242 -45.17 9.52 -36.77
N ASP I 4243 -45.99 10.15 -35.92
CA ASP I 4243 -47.04 11.07 -36.41
C ASP I 4243 -46.40 12.24 -37.14
N THR I 4244 -45.32 12.78 -36.60
CA THR I 4244 -44.62 13.93 -37.22
C THR I 4244 -44.09 13.51 -38.60
N ILE I 4245 -43.49 12.31 -38.69
CA ILE I 4245 -42.93 11.84 -39.98
C ILE I 4245 -44.07 11.73 -41.00
N PHE I 4246 -45.24 11.30 -40.58
CA PHE I 4246 -46.41 11.26 -41.50
C PHE I 4246 -46.81 12.68 -41.87
N GLU I 4247 -46.89 13.59 -40.90
CA GLU I 4247 -47.30 14.95 -41.19
C GLU I 4247 -46.32 15.62 -42.14
N MET I 4248 -45.03 15.35 -41.99
CA MET I 4248 -44.05 15.86 -42.94
C MET I 4248 -44.29 15.30 -44.32
N GLN I 4249 -44.61 14.02 -44.43
CA GLN I 4249 -44.96 13.47 -45.74
C GLN I 4249 -46.15 14.20 -46.35
N ILE I 4250 -47.18 14.46 -45.56
CA ILE I 4250 -48.36 15.17 -46.07
C ILE I 4250 -47.99 16.57 -46.53
N ALA I 4251 -47.19 17.27 -45.73
CA ALA I 4251 -46.80 18.63 -46.08
C ALA I 4251 -45.97 18.64 -47.35
N ALA I 4252 -45.06 17.68 -47.50
CA ALA I 4252 -44.28 17.59 -48.72
C ALA I 4252 -45.17 17.32 -49.91
N GLN I 4253 -46.17 16.45 -49.76
CA GLN I 4253 -47.08 16.19 -50.86
C GLN I 4253 -47.83 17.45 -51.29
N ILE I 4254 -48.31 18.23 -50.31
CA ILE I 4254 -49.12 19.40 -50.64
C ILE I 4254 -48.28 20.65 -50.93
N SER I 4255 -46.97 20.58 -50.77
CA SER I 4255 -46.14 21.76 -50.97
C SER I 4255 -46.23 22.24 -52.41
N GLU I 4256 -46.17 23.55 -52.60
CA GLU I 4256 -46.23 24.13 -53.93
C GLU I 4256 -45.05 23.62 -54.76
N PRO I 4257 -45.29 23.13 -55.98
CA PRO I 4257 -44.17 22.65 -56.80
C PRO I 4257 -43.33 23.79 -57.38
N PHE I 4538 -58.38 14.37 -72.22
CA PHE I 4538 -58.49 15.49 -71.28
C PHE I 4538 -58.58 15.01 -69.84
N TRP I 4539 -58.86 13.72 -69.66
CA TRP I 4539 -59.07 13.18 -68.32
C TRP I 4539 -57.81 13.29 -67.47
N GLY I 4540 -56.63 13.05 -68.07
CA GLY I 4540 -55.40 13.21 -67.31
C GLY I 4540 -55.18 14.64 -66.88
N GLU I 4541 -55.47 15.61 -67.76
CA GLU I 4541 -55.36 17.01 -67.39
C GLU I 4541 -56.35 17.34 -66.28
N LEU I 4542 -57.55 16.77 -66.35
CA LEU I 4542 -58.54 17.00 -65.30
C LEU I 4542 -58.04 16.46 -63.96
N GLU I 4543 -57.42 15.28 -63.98
CA GLU I 4543 -56.85 14.73 -62.75
C GLU I 4543 -55.75 15.62 -62.20
N VAL I 4544 -54.88 16.12 -63.08
CA VAL I 4544 -53.81 17.00 -62.63
C VAL I 4544 -54.40 18.26 -62.00
N GLN I 4545 -55.41 18.85 -62.63
CA GLN I 4545 -56.04 20.04 -62.09
C GLN I 4545 -56.72 19.74 -60.76
N ARG I 4546 -57.35 18.57 -60.64
CA ARG I 4546 -57.98 18.20 -59.39
C ARG I 4546 -56.95 18.10 -58.27
N VAL I 4547 -55.82 17.45 -58.55
CA VAL I 4547 -54.78 17.33 -57.53
C VAL I 4547 -54.26 18.71 -57.15
N LYS I 4548 -54.05 19.58 -58.15
CA LYS I 4548 -53.57 20.92 -57.85
C LYS I 4548 -54.56 21.68 -56.98
N PHE I 4549 -55.85 21.58 -57.29
CA PHE I 4549 -56.87 22.27 -56.51
C PHE I 4549 -56.92 21.76 -55.08
N LEU I 4550 -56.87 20.43 -54.91
CA LEU I 4550 -56.89 19.88 -53.56
C LEU I 4550 -55.66 20.31 -52.78
N ASN I 4551 -54.50 20.33 -53.42
CA ASN I 4551 -53.29 20.79 -52.75
C ASN I 4551 -53.43 22.25 -52.35
N TYR I 4552 -54.02 23.08 -53.23
CA TYR I 4552 -54.23 24.47 -52.88
C TYR I 4552 -55.12 24.60 -51.65
N LEU I 4553 -56.22 23.85 -51.62
CA LEU I 4553 -57.11 23.92 -50.47
C LEU I 4553 -56.41 23.47 -49.20
N SER I 4554 -55.64 22.38 -49.28
CA SER I 4554 -54.94 21.88 -48.11
C SER I 4554 -53.92 22.89 -47.61
N ARG I 4555 -53.19 23.53 -48.53
CA ARG I 4555 -52.21 24.53 -48.13
C ARG I 4555 -52.88 25.72 -47.47
N ASN I 4556 -54.00 26.19 -48.03
CA ASN I 4556 -54.66 27.40 -47.56
C ASN I 4556 -55.85 27.10 -46.67
N PHE I 4557 -55.87 25.94 -46.02
CA PHE I 4557 -57.00 25.59 -45.17
C PHE I 4557 -57.25 26.64 -44.10
N TYR I 4558 -56.21 27.03 -43.35
CA TYR I 4558 -56.41 27.97 -42.26
C TYR I 4558 -56.83 29.35 -42.75
N THR I 4559 -56.24 29.83 -43.84
CA THR I 4559 -56.70 31.10 -44.39
C THR I 4559 -58.15 31.01 -44.82
N LEU I 4560 -58.57 29.84 -45.31
CA LEU I 4560 -59.97 29.66 -45.66
C LEU I 4560 -60.87 29.74 -44.42
N ARG I 4561 -60.41 29.16 -43.31
CA ARG I 4561 -61.20 29.26 -42.08
C ARG I 4561 -61.31 30.71 -41.63
N PHE I 4562 -60.21 31.46 -41.66
CA PHE I 4562 -60.28 32.86 -41.28
C PHE I 4562 -61.19 33.63 -42.22
N LEU I 4563 -61.14 33.30 -43.52
CA LEU I 4563 -62.02 33.96 -44.47
C LEU I 4563 -63.48 33.66 -44.17
N ALA I 4564 -63.77 32.43 -43.77
CA ALA I 4564 -65.14 32.09 -43.39
C ALA I 4564 -65.58 32.91 -42.20
N LEU I 4565 -64.70 33.06 -41.20
CA LEU I 4565 -65.04 33.87 -40.04
C LEU I 4565 -65.31 35.33 -40.44
N PHE I 4566 -64.45 35.88 -41.29
CA PHE I 4566 -64.62 37.26 -41.71
C PHE I 4566 -65.92 37.44 -42.49
N LEU I 4567 -66.26 36.48 -43.35
CA LEU I 4567 -67.51 36.55 -44.07
C LEU I 4567 -68.70 36.46 -43.13
N ALA I 4568 -68.60 35.64 -42.08
CA ALA I 4568 -69.66 35.58 -41.10
C ALA I 4568 -69.86 36.91 -40.41
N PHE I 4569 -68.77 37.56 -40.00
CA PHE I 4569 -68.90 38.87 -39.37
C PHE I 4569 -69.50 39.89 -40.34
N ALA I 4570 -69.08 39.87 -41.60
CA ALA I 4570 -69.65 40.81 -42.56
C ALA I 4570 -71.15 40.58 -42.72
N ILE I 4571 -71.55 39.31 -42.88
CA ILE I 4571 -72.95 39.00 -43.07
C ILE I 4571 -73.77 39.46 -41.87
N ASN I 4572 -73.26 39.22 -40.66
CA ASN I 4572 -74.01 39.61 -39.48
C ASN I 4572 -74.07 41.13 -39.31
N PHE I 4573 -72.98 41.83 -39.65
CA PHE I 4573 -73.05 43.29 -39.66
C PHE I 4573 -74.15 43.76 -40.59
N ILE I 4574 -74.27 43.15 -41.75
CA ILE I 4574 -75.36 43.50 -42.66
C ILE I 4574 -76.71 43.18 -42.02
N LEU I 4575 -76.81 42.00 -41.40
CA LEU I 4575 -78.08 41.61 -40.76
C LEU I 4575 -78.54 42.64 -39.75
N LEU I 4576 -77.59 43.27 -39.05
CA LEU I 4576 -77.98 44.26 -38.04
C LEU I 4576 -78.93 45.30 -38.58
N PHE I 4577 -79.01 45.48 -39.90
CA PHE I 4577 -79.84 46.52 -40.49
C PHE I 4577 -81.24 46.05 -40.84
N TYR I 4578 -81.60 44.80 -40.56
CA TYR I 4578 -82.96 44.35 -40.82
C TYR I 4578 -83.97 45.15 -40.02
N LYS I 4579 -85.20 45.18 -40.54
CA LYS I 4579 -86.32 45.84 -39.90
C LYS I 4579 -87.58 45.09 -40.28
N VAL I 4580 -88.58 45.15 -39.39
CA VAL I 4580 -89.82 44.43 -39.59
C VAL I 4580 -90.95 45.44 -39.67
N SER I 4581 -91.81 45.29 -40.67
CA SER I 4581 -92.94 46.18 -40.83
C SER I 4581 -94.15 45.38 -41.30
N ASP I 4582 -95.33 45.73 -40.79
CA ASP I 4582 -96.54 45.05 -41.22
C ASP I 4582 -96.80 45.29 -42.71
N SER I 4583 -96.60 46.52 -43.17
CA SER I 4583 -96.73 46.81 -44.58
C SER I 4583 -95.52 46.27 -45.35
N PRO I 4584 -95.72 45.89 -46.61
CA PRO I 4584 -94.58 45.41 -47.41
C PRO I 4584 -93.70 46.57 -47.84
N PRO I 4585 -92.44 46.32 -48.16
CA PRO I 4585 -91.52 47.38 -48.58
C PRO I 4585 -91.74 47.81 -50.04
N ASN I 4624 -101.72 40.68 -43.41
CA ASN I 4624 -101.51 40.97 -41.99
C ASN I 4624 -100.14 40.51 -41.53
N MET I 4625 -99.56 39.54 -42.24
CA MET I 4625 -98.26 39.01 -41.86
C MET I 4625 -97.19 40.09 -42.02
N VAL I 4626 -96.23 40.10 -41.10
CA VAL I 4626 -95.17 41.09 -41.14
C VAL I 4626 -94.15 40.72 -42.22
N TYR I 4627 -93.39 41.72 -42.66
CA TYR I 4627 -92.33 41.54 -43.64
C TYR I 4627 -91.01 41.96 -43.00
N TYR I 4628 -90.00 41.11 -43.13
CA TYR I 4628 -88.65 41.42 -42.72
C TYR I 4628 -87.88 41.89 -43.94
N PHE I 4629 -87.19 43.02 -43.84
CA PHE I 4629 -86.45 43.55 -44.96
C PHE I 4629 -85.36 44.49 -44.49
N LEU I 4630 -84.32 44.62 -45.30
CA LEU I 4630 -83.23 45.52 -44.99
C LEU I 4630 -83.71 46.97 -45.06
N GLU I 4631 -83.23 47.79 -44.14
CA GLU I 4631 -83.51 49.21 -44.12
C GLU I 4631 -82.20 49.96 -44.26
N GLU I 4632 -81.95 50.51 -45.45
CA GLU I 4632 -80.70 51.20 -45.70
C GLU I 4632 -80.93 52.23 -46.81
N SER I 4633 -80.07 53.25 -46.81
CA SER I 4633 -80.14 54.31 -47.81
C SER I 4633 -79.28 54.01 -49.03
N THR I 4634 -78.09 53.46 -48.82
CA THR I 4634 -77.18 53.19 -49.95
C THR I 4634 -77.81 52.22 -50.94
N GLY I 4635 -78.42 51.16 -50.44
CA GLY I 4635 -78.99 50.14 -51.29
C GLY I 4635 -78.02 49.07 -51.75
N TYR I 4636 -76.74 49.20 -51.43
CA TYR I 4636 -75.77 48.18 -51.82
C TYR I 4636 -75.74 47.00 -50.87
N MET I 4637 -76.26 47.15 -49.65
CA MET I 4637 -76.21 46.04 -48.69
C MET I 4637 -77.04 44.86 -49.17
N GLU I 4638 -78.23 45.11 -49.70
CA GLU I 4638 -79.12 44.00 -50.02
C GLU I 4638 -78.50 43.07 -51.06
N PRO I 4639 -77.93 43.54 -52.17
CA PRO I 4639 -77.22 42.62 -53.07
C PRO I 4639 -76.00 42.00 -52.43
N ALA I 4640 -75.24 42.81 -51.69
CA ALA I 4640 -74.07 42.32 -50.99
C ALA I 4640 -74.44 41.17 -50.06
N LEU I 4641 -75.68 41.15 -49.56
CA LEU I 4641 -76.08 40.06 -48.69
C LEU I 4641 -76.09 38.73 -49.44
N ARG I 4642 -76.73 38.69 -50.61
CA ARG I 4642 -76.71 37.45 -51.39
C ARG I 4642 -75.29 37.09 -51.78
N CYS I 4643 -74.51 38.07 -52.22
CA CYS I 4643 -73.14 37.78 -52.63
C CYS I 4643 -72.37 37.14 -51.49
N LEU I 4644 -72.43 37.75 -50.30
CA LEU I 4644 -71.67 37.26 -49.17
C LEU I 4644 -72.19 35.90 -48.70
N SER I 4645 -73.50 35.68 -48.76
CA SER I 4645 -74.04 34.39 -48.33
C SER I 4645 -73.56 33.26 -49.25
N LEU I 4646 -73.65 33.47 -50.56
CA LEU I 4646 -73.17 32.45 -51.48
C LEU I 4646 -71.68 32.21 -51.31
N LEU I 4647 -70.91 33.30 -51.17
CA LEU I 4647 -69.47 33.14 -50.98
C LEU I 4647 -69.17 32.40 -49.69
N HIS I 4648 -69.96 32.65 -48.64
CA HIS I 4648 -69.76 31.97 -47.38
C HIS I 4648 -70.00 30.47 -47.50
N THR I 4649 -71.08 30.09 -48.18
CA THR I 4649 -71.32 28.67 -48.37
C THR I 4649 -70.22 28.02 -49.18
N LEU I 4650 -69.76 28.70 -50.23
CA LEU I 4650 -68.65 28.17 -51.01
C LEU I 4650 -67.41 27.99 -50.15
N VAL I 4651 -67.07 28.99 -49.33
CA VAL I 4651 -65.88 28.91 -48.51
C VAL I 4651 -66.01 27.81 -47.47
N ALA I 4652 -67.22 27.59 -46.95
CA ALA I 4652 -67.42 26.48 -46.02
C ALA I 4652 -67.17 25.15 -46.71
N PHE I 4653 -67.63 25.01 -47.95
CA PHE I 4653 -67.40 23.76 -48.66
C PHE I 4653 -65.92 23.55 -48.89
N LEU I 4654 -65.21 24.61 -49.29
CA LEU I 4654 -63.77 24.49 -49.49
C LEU I 4654 -63.07 24.17 -48.19
N CYS I 4655 -63.57 24.70 -47.07
CA CYS I 4655 -62.98 24.38 -45.77
C CYS I 4655 -63.14 22.90 -45.45
N ILE I 4656 -64.32 22.34 -45.70
CA ILE I 4656 -64.52 20.92 -45.44
C ILE I 4656 -63.60 20.08 -46.32
N ILE I 4657 -63.51 20.42 -47.60
CA ILE I 4657 -62.64 19.65 -48.50
C ILE I 4657 -61.19 19.76 -48.04
N GLY I 4658 -60.76 20.95 -47.65
CA GLY I 4658 -59.40 21.11 -47.18
C GLY I 4658 -59.12 20.31 -45.93
N TYR I 4659 -60.06 20.29 -44.99
CA TYR I 4659 -59.90 19.45 -43.82
C TYR I 4659 -59.76 17.99 -44.23
N ASN I 4660 -60.63 17.51 -45.11
CA ASN I 4660 -60.57 16.12 -45.53
C ASN I 4660 -59.22 15.80 -46.16
N CYS I 4661 -58.67 16.73 -46.94
CA CYS I 4661 -57.42 16.45 -47.64
C CYS I 4661 -56.22 16.57 -46.70
N LEU I 4662 -56.29 17.42 -45.68
CA LEU I 4662 -55.14 17.74 -44.86
C LEU I 4662 -55.11 16.99 -43.53
N LYS I 4663 -56.16 17.11 -42.73
CA LYS I 4663 -56.14 16.64 -41.35
C LYS I 4663 -56.64 15.22 -41.17
N VAL I 4664 -57.60 14.80 -41.99
CA VAL I 4664 -58.18 13.45 -41.88
C VAL I 4664 -57.10 12.40 -42.05
N PRO I 4665 -56.18 12.53 -43.01
CA PRO I 4665 -55.17 11.49 -43.20
C PRO I 4665 -54.43 11.15 -41.92
N LEU I 4666 -54.11 12.14 -41.10
CA LEU I 4666 -53.47 11.84 -39.82
C LEU I 4666 -54.39 11.04 -38.92
N VAL I 4667 -55.69 11.34 -38.92
CA VAL I 4667 -56.62 10.60 -38.09
C VAL I 4667 -56.65 9.13 -38.52
N ILE I 4668 -56.77 8.89 -39.82
CA ILE I 4668 -56.79 7.51 -40.30
C ILE I 4668 -55.47 6.82 -40.01
N PHE I 4669 -54.36 7.53 -40.17
CA PHE I 4669 -53.06 6.95 -39.88
C PHE I 4669 -52.97 6.52 -38.43
N LYS I 4670 -53.39 7.39 -37.51
CA LYS I 4670 -53.32 7.06 -36.09
C LYS I 4670 -54.24 5.89 -35.76
N ARG I 4671 -55.43 5.88 -36.33
CA ARG I 4671 -56.35 4.78 -36.07
C ARG I 4671 -55.78 3.45 -36.53
N GLU I 4672 -55.26 3.42 -37.76
CA GLU I 4672 -54.66 2.19 -38.28
C GLU I 4672 -53.45 1.79 -37.45
N LYS I 4673 -52.63 2.76 -37.03
CA LYS I 4673 -51.47 2.46 -36.21
C LYS I 4673 -51.87 1.79 -34.90
N GLU I 4674 -52.83 2.38 -34.19
CA GLU I 4674 -53.26 1.80 -32.93
C GLU I 4674 -53.82 0.41 -33.14
N LEU I 4675 -54.65 0.23 -34.17
CA LEU I 4675 -55.24 -1.08 -34.40
C LEU I 4675 -54.18 -2.12 -34.75
N ALA I 4676 -53.20 -1.75 -35.58
CA ALA I 4676 -52.14 -2.67 -35.95
C ALA I 4676 -51.33 -3.08 -34.73
N ARG I 4677 -50.99 -2.12 -33.87
CA ARG I 4677 -50.26 -2.46 -32.66
C ARG I 4677 -51.07 -3.38 -31.77
N LYS I 4678 -52.37 -3.10 -31.61
CA LYS I 4678 -53.20 -3.95 -30.76
C LYS I 4678 -53.27 -5.36 -31.32
N LEU I 4679 -53.39 -5.51 -32.63
CA LEU I 4679 -53.41 -6.84 -33.21
C LEU I 4679 -52.08 -7.55 -32.97
N GLU I 4680 -50.97 -6.91 -33.33
CA GLU I 4680 -49.69 -7.61 -33.30
C GLU I 4680 -49.25 -7.95 -31.89
N PHE I 4681 -49.43 -7.03 -30.94
CA PHE I 4681 -48.86 -7.17 -29.61
C PHE I 4681 -49.87 -7.58 -28.56
N ASP I 4682 -51.11 -7.14 -28.67
CA ASP I 4682 -52.13 -7.49 -27.68
C ASP I 4682 -53.04 -8.62 -28.14
N GLY I 4683 -53.03 -8.97 -29.41
CA GLY I 4683 -53.94 -9.99 -29.91
C GLY I 4683 -55.38 -9.60 -29.62
N LEU I 4684 -55.71 -8.35 -29.94
CA LEU I 4684 -57.00 -7.82 -29.52
C LEU I 4684 -58.16 -8.64 -30.07
N TYR I 4685 -58.09 -9.01 -31.34
CA TYR I 4685 -59.14 -9.78 -31.98
C TYR I 4685 -58.78 -11.24 -32.17
N ILE I 4686 -57.61 -11.67 -31.69
CA ILE I 4686 -57.18 -13.06 -31.79
C ILE I 4686 -57.33 -13.77 -30.46
N THR I 4687 -56.61 -13.32 -29.44
CA THR I 4687 -56.70 -13.90 -28.10
C THR I 4687 -57.78 -13.24 -27.26
N GLU I 4688 -57.78 -11.91 -27.22
CA GLU I 4688 -58.77 -11.15 -26.47
C GLU I 4688 -59.93 -10.79 -27.38
N GLN I 4689 -60.83 -9.95 -26.88
CA GLN I 4689 -61.90 -9.37 -27.66
C GLN I 4689 -62.20 -7.98 -27.13
N PRO I 4690 -62.76 -7.10 -27.95
CA PRO I 4690 -63.17 -5.79 -27.45
C PRO I 4690 -64.21 -5.94 -26.35
N GLU I 4691 -64.24 -4.97 -25.44
CA GLU I 4691 -65.09 -5.09 -24.26
C GLU I 4691 -66.57 -5.18 -24.64
N ASP I 4692 -66.91 -4.81 -25.87
CA ASP I 4692 -68.25 -4.81 -26.47
C ASP I 4692 -69.02 -3.57 -26.04
N ASP I 4693 -68.46 -2.80 -25.10
CA ASP I 4693 -68.86 -1.43 -24.87
C ASP I 4693 -67.86 -0.45 -25.46
N ASP I 4694 -66.86 -0.96 -26.18
CA ASP I 4694 -65.83 -0.14 -26.83
C ASP I 4694 -66.21 -0.01 -28.30
N VAL I 4695 -66.95 1.05 -28.62
CA VAL I 4695 -67.38 1.27 -29.99
C VAL I 4695 -66.18 1.36 -30.91
N LYS I 4696 -65.06 1.88 -30.41
CA LYS I 4696 -63.86 1.98 -31.22
C LYS I 4696 -63.46 0.60 -31.74
N GLY I 4697 -63.32 -0.37 -30.83
CA GLY I 4697 -62.94 -1.70 -31.26
C GLY I 4697 -64.02 -2.39 -32.09
N GLN I 4698 -65.28 -2.22 -31.69
CA GLN I 4698 -66.35 -2.86 -32.44
C GLN I 4698 -66.38 -2.36 -33.88
N TRP I 4699 -66.22 -1.06 -34.09
CA TRP I 4699 -66.16 -0.53 -35.44
C TRP I 4699 -64.88 -0.99 -36.14
N ASP I 4700 -63.76 -0.98 -35.43
CA ASP I 4700 -62.51 -1.42 -36.03
C ASP I 4700 -62.60 -2.84 -36.55
N ARG I 4701 -63.47 -3.67 -35.97
CA ARG I 4701 -63.60 -5.03 -36.45
C ARG I 4701 -63.89 -5.07 -37.95
N LEU I 4702 -64.59 -4.06 -38.47
CA LEU I 4702 -64.99 -4.09 -39.87
C LEU I 4702 -63.79 -4.19 -40.80
N VAL I 4703 -62.76 -3.37 -40.57
CA VAL I 4703 -61.70 -3.18 -41.56
C VAL I 4703 -60.68 -4.31 -41.58
N LEU I 4704 -60.75 -5.25 -40.65
CA LEU I 4704 -59.69 -6.24 -40.53
C LEU I 4704 -59.48 -6.99 -41.84
N ASN I 4705 -60.55 -7.53 -42.41
CA ASN I 4705 -60.44 -8.39 -43.58
C ASN I 4705 -60.45 -7.63 -44.89
N THR I 4706 -60.43 -6.30 -44.85
CA THR I 4706 -60.43 -5.52 -46.08
C THR I 4706 -59.09 -5.69 -46.80
N PRO I 4707 -59.08 -5.69 -48.14
CA PRO I 4707 -57.81 -5.83 -48.85
C PRO I 4707 -56.85 -4.68 -48.59
N SER I 4708 -57.34 -3.52 -48.15
CA SER I 4708 -56.50 -2.35 -47.99
C SER I 4708 -56.50 -1.86 -46.54
N PHE I 4709 -56.27 -2.75 -45.59
CA PHE I 4709 -56.17 -2.31 -44.21
C PHE I 4709 -55.08 -1.28 -43.97
N PRO I 4710 -53.80 -1.57 -44.15
CA PRO I 4710 -52.80 -0.55 -43.83
C PRO I 4710 -52.62 0.43 -44.98
N SER I 4711 -53.58 1.33 -45.15
CA SER I 4711 -53.52 2.27 -46.27
C SER I 4711 -52.66 3.47 -45.95
N ASN I 4712 -52.85 4.10 -44.79
CA ASN I 4712 -52.03 5.22 -44.37
C ASN I 4712 -50.89 4.81 -43.45
N TYR I 4713 -51.04 3.72 -42.71
CA TYR I 4713 -49.96 3.22 -41.82
C TYR I 4713 -48.80 2.72 -42.68
N TRP I 4714 -47.56 2.97 -42.24
CA TRP I 4714 -46.36 2.59 -43.03
C TRP I 4714 -46.25 1.07 -43.15
N ASP I 4715 -46.51 0.33 -42.07
CA ASP I 4715 -46.28 -1.14 -42.11
C ASP I 4715 -47.35 -1.84 -42.94
N LYS I 4716 -47.02 -2.15 -44.19
CA LYS I 4716 -47.93 -2.89 -45.03
C LYS I 4716 -47.84 -4.39 -44.82
N PHE I 4717 -46.98 -4.85 -43.91
CA PHE I 4717 -46.84 -6.26 -43.59
C PHE I 4717 -47.40 -6.59 -42.21
N VAL I 4718 -48.28 -5.75 -41.68
CA VAL I 4718 -48.90 -6.06 -40.41
C VAL I 4718 -49.68 -7.36 -40.51
N LYS I 4719 -50.32 -7.61 -41.66
CA LYS I 4719 -51.04 -8.87 -41.84
C LYS I 4719 -50.13 -10.06 -41.61
N ARG I 4720 -48.99 -10.09 -42.31
CA ARG I 4720 -48.08 -11.22 -42.19
C ARG I 4720 -47.43 -11.30 -40.81
N LYS I 4721 -47.10 -10.17 -40.20
CA LYS I 4721 -46.50 -10.20 -38.87
C LYS I 4721 -47.48 -10.67 -37.81
N VAL I 4722 -48.77 -10.34 -37.93
CA VAL I 4722 -49.78 -10.90 -37.05
C VAL I 4722 -50.02 -12.36 -37.31
N LEU I 4723 -50.01 -12.79 -38.58
CA LEU I 4723 -50.14 -14.20 -38.88
C LEU I 4723 -49.02 -15.03 -38.29
N ASP I 4724 -47.76 -14.64 -38.52
CA ASP I 4724 -46.65 -15.45 -38.04
C ASP I 4724 -46.68 -15.60 -36.53
N LYS I 4725 -47.08 -14.54 -35.82
CA LYS I 4725 -47.00 -14.56 -34.37
C LYS I 4725 -48.06 -15.48 -33.76
N HIS I 4726 -49.30 -15.38 -34.23
CA HIS I 4726 -50.42 -16.05 -33.58
C HIS I 4726 -51.00 -17.21 -34.37
N GLY I 4727 -50.40 -17.58 -35.51
CA GLY I 4727 -50.95 -18.67 -36.29
C GLY I 4727 -50.86 -20.00 -35.57
N ASP I 4728 -49.72 -20.28 -34.96
CA ASP I 4728 -49.53 -21.57 -34.31
C ASP I 4728 -50.52 -21.77 -33.17
N ILE I 4729 -50.97 -20.69 -32.54
CA ILE I 4729 -51.88 -20.82 -31.40
C ILE I 4729 -53.33 -20.79 -31.86
N PHE I 4730 -53.69 -19.81 -32.69
CA PHE I 4730 -55.08 -19.59 -33.04
C PHE I 4730 -55.49 -20.28 -34.34
N GLY I 4731 -54.60 -21.07 -34.95
CA GLY I 4731 -54.90 -21.69 -36.22
C GLY I 4731 -54.59 -20.75 -37.36
N ARG I 4732 -53.74 -21.18 -38.30
CA ARG I 4732 -53.35 -20.30 -39.39
C ARG I 4732 -54.55 -19.97 -40.28
N GLU I 4733 -55.42 -20.94 -40.52
CA GLU I 4733 -56.58 -20.69 -41.38
C GLU I 4733 -57.54 -19.69 -40.74
N ARG I 4734 -57.75 -19.80 -39.43
CA ARG I 4734 -58.66 -18.86 -38.77
C ARG I 4734 -58.09 -17.45 -38.77
N ILE I 4735 -56.78 -17.32 -38.56
CA ILE I 4735 -56.16 -15.99 -38.66
C ILE I 4735 -56.29 -15.45 -40.07
N ALA I 4736 -56.07 -16.31 -41.07
CA ALA I 4736 -56.20 -15.86 -42.45
C ALA I 4736 -57.62 -15.40 -42.75
N GLU I 4737 -58.62 -16.12 -42.24
CA GLU I 4737 -60.00 -15.69 -42.43
C GLU I 4737 -60.27 -14.37 -41.72
N LEU I 4738 -59.76 -14.22 -40.49
CA LEU I 4738 -59.98 -13.00 -39.75
C LEU I 4738 -59.38 -11.80 -40.46
N LEU I 4739 -58.19 -11.95 -41.02
CA LEU I 4739 -57.47 -10.85 -41.65
C LEU I 4739 -57.70 -10.77 -43.15
N GLY I 4740 -58.56 -11.62 -43.71
CA GLY I 4740 -58.88 -11.55 -45.12
C GLY I 4740 -57.68 -11.66 -46.02
N MET I 4741 -56.82 -12.64 -45.75
CA MET I 4741 -55.59 -12.83 -46.51
C MET I 4741 -55.51 -14.28 -46.98
N ASP I 4742 -55.01 -14.47 -48.20
CA ASP I 4742 -54.93 -15.80 -48.80
C ASP I 4742 -53.50 -16.33 -48.71
N LEU I 4743 -53.35 -17.46 -48.01
CA LEU I 4743 -52.02 -18.03 -47.82
C LEU I 4743 -51.38 -18.40 -49.15
N ALA I 4744 -52.17 -18.97 -50.06
CA ALA I 4744 -51.65 -19.25 -51.38
C ALA I 4744 -51.12 -17.98 -52.04
N SER I 4745 -51.91 -16.90 -52.00
CA SER I 4745 -51.49 -15.66 -52.60
C SER I 4745 -50.19 -15.17 -51.99
N LEU I 4746 -50.04 -15.31 -50.67
CA LEU I 4746 -48.75 -14.99 -50.04
C LEU I 4746 -47.63 -15.81 -50.68
N GLU I 4747 -47.87 -17.11 -50.86
CA GLU I 4747 -46.84 -17.97 -51.42
C GLU I 4747 -46.44 -17.51 -52.82
N ILE I 4748 -47.41 -17.19 -53.68
CA ILE I 4748 -47.08 -16.77 -55.03
C ILE I 4748 -46.40 -15.41 -55.03
N THR I 4749 -46.83 -14.50 -54.15
CA THR I 4749 -46.16 -13.21 -54.07
C THR I 4749 -44.70 -13.38 -53.69
N ALA I 4750 -44.40 -14.26 -52.73
CA ALA I 4750 -43.01 -14.58 -52.42
C ALA I 4750 -42.33 -15.24 -53.61
N HIS I 4751 -43.07 -16.07 -54.34
CA HIS I 4751 -42.48 -16.80 -55.46
C HIS I 4751 -41.98 -15.87 -56.55
N ASN I 4752 -42.83 -14.96 -57.02
CA ASN I 4752 -42.51 -14.17 -58.22
C ASN I 4752 -43.36 -12.90 -58.18
N GLU I 4753 -43.13 -12.04 -59.16
CA GLU I 4753 -43.72 -10.71 -59.21
C GLU I 4753 -44.53 -10.51 -60.47
N ARG I 4754 -45.66 -9.81 -60.34
CA ARG I 4754 -46.48 -9.40 -61.46
C ARG I 4754 -47.00 -7.99 -61.19
N LYS I 4755 -46.87 -7.09 -62.17
CA LYS I 4755 -47.32 -5.72 -62.03
C LYS I 4755 -48.16 -5.31 -63.25
N PRO I 4756 -49.38 -5.85 -63.37
CA PRO I 4756 -50.32 -5.30 -64.36
C PRO I 4756 -50.95 -4.01 -63.87
N ASP I 4757 -50.56 -2.88 -64.46
CA ASP I 4757 -51.10 -1.58 -64.05
C ASP I 4757 -52.14 -1.13 -65.07
N PRO I 4758 -53.43 -1.14 -64.76
CA PRO I 4758 -54.43 -0.75 -65.74
C PRO I 4758 -54.49 0.76 -65.89
N PRO I 4759 -55.07 1.27 -66.98
CA PRO I 4759 -55.25 2.70 -67.10
C PRO I 4759 -56.17 3.22 -66.01
N PRO I 4760 -56.00 4.47 -65.59
CA PRO I 4760 -56.85 5.03 -64.52
C PRO I 4760 -58.22 5.45 -65.02
N GLY I 4761 -58.89 4.55 -65.75
CA GLY I 4761 -60.22 4.83 -66.21
C GLY I 4761 -61.22 4.87 -65.08
N LEU I 4762 -62.33 5.57 -65.34
CA LEU I 4762 -63.35 5.70 -64.30
C LEU I 4762 -63.92 4.34 -63.91
N LEU I 4763 -64.20 3.48 -64.89
CA LEU I 4763 -64.73 2.16 -64.58
C LEU I 4763 -63.72 1.35 -63.78
N THR I 4764 -62.44 1.41 -64.15
CA THR I 4764 -61.42 0.68 -63.39
C THR I 4764 -61.33 1.18 -61.96
N TRP I 4765 -61.38 2.50 -61.77
CA TRP I 4765 -61.36 3.05 -60.43
C TRP I 4765 -62.58 2.58 -59.63
N ILE I 4766 -63.75 2.55 -60.28
CA ILE I 4766 -64.96 2.09 -59.60
C ILE I 4766 -64.80 0.65 -59.15
N MET I 4767 -64.24 -0.20 -60.02
CA MET I 4767 -63.96 -1.57 -59.59
C MET I 4767 -62.98 -1.60 -58.43
N SER I 4768 -61.98 -0.72 -58.47
CA SER I 4768 -60.94 -0.72 -57.43
C SER I 4768 -61.52 -0.35 -56.07
N ILE I 4769 -62.49 0.57 -56.04
CA ILE I 4769 -63.01 1.06 -54.77
C ILE I 4769 -63.32 -0.11 -53.85
N ASP I 4770 -62.92 0.02 -52.58
CA ASP I 4770 -63.12 -1.02 -51.58
C ASP I 4770 -64.22 -0.55 -50.61
N VAL I 4771 -65.42 -1.11 -50.78
CA VAL I 4771 -66.59 -0.57 -50.10
C VAL I 4771 -66.44 -0.67 -48.58
N LYS I 4772 -65.97 -1.82 -48.09
CA LYS I 4772 -65.90 -2.01 -46.65
C LYS I 4772 -64.90 -1.05 -46.02
N TYR I 4773 -63.72 -0.93 -46.62
CA TYR I 4773 -62.73 0.00 -46.07
C TYR I 4773 -63.22 1.43 -46.12
N GLN I 4774 -63.89 1.80 -47.22
CA GLN I 4774 -64.41 3.16 -47.31
C GLN I 4774 -65.47 3.41 -46.26
N ILE I 4775 -66.32 2.42 -46.00
CA ILE I 4775 -67.34 2.57 -44.96
C ILE I 4775 -66.68 2.78 -43.60
N TRP I 4776 -65.65 1.98 -43.31
CA TRP I 4776 -64.95 2.15 -42.03
C TRP I 4776 -64.32 3.53 -41.94
N LYS I 4777 -63.68 3.99 -43.02
CA LYS I 4777 -63.05 5.30 -43.01
C LYS I 4777 -64.07 6.39 -42.76
N PHE I 4778 -65.22 6.31 -43.44
CA PHE I 4778 -66.24 7.34 -43.27
C PHE I 4778 -66.83 7.30 -41.86
N GLY I 4779 -66.96 6.11 -41.28
CA GLY I 4779 -67.36 6.05 -39.89
C GLY I 4779 -66.37 6.76 -38.98
N VAL I 4780 -65.08 6.52 -39.18
CA VAL I 4780 -64.07 7.21 -38.38
C VAL I 4780 -64.20 8.72 -38.56
N ILE I 4781 -64.32 9.17 -39.81
CA ILE I 4781 -64.38 10.60 -40.08
C ILE I 4781 -65.59 11.23 -39.38
N PHE I 4782 -66.77 10.64 -39.57
CA PHE I 4782 -67.97 11.19 -38.96
C PHE I 4782 -67.89 11.15 -37.44
N THR I 4783 -67.10 10.21 -36.89
CA THR I 4783 -66.89 10.22 -35.45
C THR I 4783 -65.93 11.33 -35.04
N ASP I 4784 -65.06 11.77 -35.94
CA ASP I 4784 -64.14 12.85 -35.62
C ASP I 4784 -64.89 14.10 -35.19
N ASN I 4785 -64.41 14.76 -34.14
CA ASN I 4785 -65.09 15.95 -33.64
C ASN I 4785 -64.93 17.14 -34.58
N SER I 4786 -63.71 17.40 -35.05
CA SER I 4786 -63.48 18.57 -35.88
C SER I 4786 -64.26 18.48 -37.19
N PHE I 4787 -64.26 17.30 -37.81
CA PHE I 4787 -65.05 17.12 -39.02
C PHE I 4787 -66.53 17.34 -38.74
N LEU I 4788 -67.00 16.87 -37.58
CA LEU I 4788 -68.40 17.08 -37.23
C LEU I 4788 -68.71 18.56 -37.09
N TYR I 4789 -67.78 19.32 -36.49
CA TYR I 4789 -68.00 20.75 -36.36
C TYR I 4789 -68.04 21.43 -37.74
N LEU I 4790 -67.15 21.03 -38.64
CA LEU I 4790 -67.17 21.61 -39.98
C LEU I 4790 -68.46 21.25 -40.72
N GLY I 4791 -68.93 20.01 -40.54
CA GLY I 4791 -70.20 19.63 -41.14
C GLY I 4791 -71.35 20.43 -40.59
N TRP I 4792 -71.34 20.71 -39.29
CA TRP I 4792 -72.35 21.58 -38.71
C TRP I 4792 -72.26 22.98 -39.31
N TYR I 4793 -71.04 23.47 -39.51
CA TYR I 4793 -70.86 24.76 -40.17
C TYR I 4793 -71.55 24.78 -41.53
N MET I 4794 -71.33 23.74 -42.33
CA MET I 4794 -72.00 23.66 -43.63
C MET I 4794 -73.52 23.57 -43.50
N VAL I 4795 -74.02 22.70 -42.62
CA VAL I 4795 -75.47 22.59 -42.51
C VAL I 4795 -76.06 23.93 -42.13
N MET I 4796 -75.36 24.67 -41.28
CA MET I 4796 -75.91 25.93 -40.80
C MET I 4796 -75.83 27.01 -41.86
N SER I 4797 -74.79 26.97 -42.70
CA SER I 4797 -74.74 27.90 -43.83
C SER I 4797 -75.85 27.61 -44.84
N LEU I 4798 -76.06 26.34 -45.14
CA LEU I 4798 -77.14 25.98 -46.05
C LEU I 4798 -78.47 26.43 -45.48
N LEU I 4799 -78.67 26.27 -44.18
CA LEU I 4799 -79.88 26.79 -43.55
C LEU I 4799 -79.94 28.30 -43.63
N GLY I 4800 -78.78 28.97 -43.53
CA GLY I 4800 -78.75 30.41 -43.68
C GLY I 4800 -79.29 30.85 -45.03
N HIS I 4801 -78.99 30.08 -46.06
CA HIS I 4801 -79.59 30.37 -47.37
C HIS I 4801 -81.10 30.27 -47.32
N TYR I 4802 -81.64 29.45 -46.42
CA TYR I 4802 -83.08 29.38 -46.21
C TYR I 4802 -83.58 30.62 -45.49
N ASN I 4803 -83.02 30.90 -44.32
CA ASN I 4803 -83.30 32.12 -43.57
C ASN I 4803 -81.98 32.78 -43.21
N ASN I 4804 -81.82 34.03 -43.62
CA ASN I 4804 -80.54 34.72 -43.48
C ASN I 4804 -80.06 34.79 -42.04
N PHE I 4805 -80.96 34.69 -41.06
CA PHE I 4805 -80.55 34.86 -39.67
C PHE I 4805 -79.76 33.67 -39.16
N PHE I 4806 -79.87 32.51 -39.80
CA PHE I 4806 -79.09 31.37 -39.36
C PHE I 4806 -77.59 31.62 -39.48
N PHE I 4807 -77.19 32.63 -40.26
CA PHE I 4807 -75.77 32.98 -40.32
C PHE I 4807 -75.28 33.52 -38.98
N ALA I 4808 -76.19 33.84 -38.07
CA ALA I 4808 -75.79 34.29 -36.75
C ALA I 4808 -75.03 33.18 -36.01
N ALA I 4809 -75.48 31.94 -36.14
CA ALA I 4809 -74.84 30.84 -35.43
C ALA I 4809 -73.36 30.74 -35.75
N HIS I 4810 -72.97 31.11 -36.97
CA HIS I 4810 -71.57 31.00 -37.36
C HIS I 4810 -70.68 31.95 -36.55
N LEU I 4811 -71.26 32.99 -35.95
CA LEU I 4811 -70.48 33.87 -35.10
C LEU I 4811 -69.89 33.11 -33.92
N LEU I 4812 -70.49 31.98 -33.55
CA LEU I 4812 -69.95 31.16 -32.49
C LEU I 4812 -68.58 30.61 -32.84
N ASP I 4813 -68.21 30.66 -34.12
CA ASP I 4813 -66.93 30.09 -34.54
C ASP I 4813 -65.76 30.78 -33.87
N ILE I 4814 -65.96 31.98 -33.35
CA ILE I 4814 -64.86 32.76 -32.78
C ILE I 4814 -64.19 31.97 -31.67
N ALA I 4815 -64.99 31.16 -30.96
CA ALA I 4815 -64.44 30.36 -29.86
C ALA I 4815 -63.25 29.54 -30.33
N MET I 4816 -63.39 28.84 -31.46
CA MET I 4816 -62.28 28.05 -31.98
C MET I 4816 -61.34 28.90 -32.82
N GLY I 4817 -61.83 30.01 -33.36
CA GLY I 4817 -60.99 30.84 -34.20
C GLY I 4817 -59.88 31.53 -33.43
N VAL I 4818 -60.19 32.01 -32.22
CA VAL I 4818 -59.25 32.80 -31.43
C VAL I 4818 -58.76 31.94 -30.26
N LYS I 4819 -57.44 31.85 -30.12
CA LYS I 4819 -56.88 31.08 -29.01
C LYS I 4819 -57.26 31.68 -27.67
N THR I 4820 -57.27 33.00 -27.57
CA THR I 4820 -57.57 33.63 -26.29
C THR I 4820 -58.96 33.26 -25.81
N LEU I 4821 -59.96 33.39 -26.68
CA LEU I 4821 -61.32 32.99 -26.34
C LEU I 4821 -61.43 31.49 -26.12
N ARG I 4822 -60.59 30.69 -26.77
CA ARG I 4822 -60.57 29.27 -26.51
C ARG I 4822 -60.10 28.93 -25.11
N THR I 4823 -59.03 29.58 -24.63
CA THR I 4823 -58.61 29.40 -23.25
C THR I 4823 -59.60 29.96 -22.24
N ILE I 4824 -60.17 31.14 -22.51
CA ILE I 4824 -61.16 31.69 -21.59
C ILE I 4824 -62.35 30.73 -21.47
N LEU I 4825 -62.81 30.18 -22.58
CA LEU I 4825 -63.92 29.24 -22.53
C LEU I 4825 -63.50 27.92 -21.90
N SER I 4826 -62.24 27.51 -22.10
CA SER I 4826 -61.75 26.32 -21.41
C SER I 4826 -61.79 26.51 -19.91
N SER I 4827 -61.66 27.75 -19.45
CA SER I 4827 -61.80 28.03 -18.03
C SER I 4827 -63.18 27.57 -17.54
N VAL I 4828 -64.23 27.88 -18.31
CA VAL I 4828 -65.57 27.45 -17.94
C VAL I 4828 -65.72 25.94 -18.08
N THR I 4829 -65.30 25.40 -19.22
CA THR I 4829 -65.58 24.00 -19.50
C THR I 4829 -64.70 23.06 -18.67
N HIS I 4830 -63.71 23.60 -17.96
CA HIS I 4830 -62.85 22.75 -17.14
C HIS I 4830 -63.66 22.06 -16.06
N ASN I 4831 -64.56 22.79 -15.42
CA ASN I 4831 -65.44 22.26 -14.39
C ASN I 4831 -66.89 22.18 -14.86
N GLY I 4832 -67.11 21.85 -16.13
CA GLY I 4832 -68.47 21.83 -16.65
C GLY I 4832 -69.35 20.84 -15.92
N LYS I 4833 -68.81 19.67 -15.60
CA LYS I 4833 -69.60 18.68 -14.87
C LYS I 4833 -70.02 19.21 -13.52
N GLN I 4834 -69.10 19.85 -12.80
CA GLN I 4834 -69.43 20.41 -11.50
C GLN I 4834 -70.45 21.54 -11.63
N LEU I 4835 -70.33 22.36 -12.67
CA LEU I 4835 -71.29 23.44 -12.85
C LEU I 4835 -72.68 22.89 -13.12
N VAL I 4836 -72.78 21.86 -13.96
CA VAL I 4836 -74.08 21.26 -14.24
C VAL I 4836 -74.68 20.66 -12.97
N MET I 4837 -73.85 19.95 -12.19
CA MET I 4837 -74.35 19.37 -10.96
C MET I 4837 -74.77 20.45 -9.97
N THR I 4838 -74.05 21.57 -9.95
CA THR I 4838 -74.44 22.68 -9.07
C THR I 4838 -75.78 23.25 -9.47
N VAL I 4839 -76.02 23.38 -10.78
CA VAL I 4839 -77.33 23.85 -11.22
C VAL I 4839 -78.41 22.85 -10.84
N GLY I 4840 -78.13 21.55 -10.94
CA GLY I 4840 -79.11 20.56 -10.49
C GLY I 4840 -79.41 20.67 -9.01
N LEU I 4841 -78.37 20.89 -8.20
CA LEU I 4841 -78.56 21.08 -6.77
C LEU I 4841 -79.40 22.33 -6.50
N LEU I 4842 -79.15 23.40 -7.24
CA LEU I 4842 -79.96 24.60 -7.13
C LEU I 4842 -81.42 24.29 -7.44
N ALA I 4843 -81.66 23.50 -8.49
CA ALA I 4843 -83.04 23.12 -8.82
C ALA I 4843 -83.69 22.33 -7.68
N VAL I 4844 -82.96 21.39 -7.08
CA VAL I 4844 -83.53 20.61 -5.99
C VAL I 4844 -83.85 21.51 -4.79
N VAL I 4845 -82.93 22.41 -4.43
CA VAL I 4845 -83.17 23.30 -3.30
C VAL I 4845 -84.38 24.17 -3.56
N VAL I 4846 -84.49 24.72 -4.77
CA VAL I 4846 -85.62 25.55 -5.11
C VAL I 4846 -86.91 24.73 -5.05
N TYR I 4847 -86.83 23.46 -5.43
CA TYR I 4847 -88.01 22.60 -5.33
C TYR I 4847 -88.45 22.42 -3.89
N LEU I 4848 -87.50 22.22 -2.98
CA LEU I 4848 -87.87 22.12 -1.57
C LEU I 4848 -88.49 23.41 -1.06
N TYR I 4849 -87.93 24.55 -1.42
CA TYR I 4849 -88.54 25.81 -1.04
C TYR I 4849 -89.94 25.93 -1.62
N THR I 4850 -90.14 25.44 -2.84
CA THR I 4850 -91.47 25.46 -3.45
C THR I 4850 -92.43 24.60 -2.67
N VAL I 4851 -91.99 23.43 -2.22
CA VAL I 4851 -92.85 22.57 -1.43
C VAL I 4851 -93.30 23.29 -0.16
N VAL I 4852 -92.35 23.91 0.54
CA VAL I 4852 -92.71 24.62 1.77
C VAL I 4852 -93.70 25.73 1.48
N ALA I 4853 -93.43 26.54 0.45
CA ALA I 4853 -94.31 27.65 0.13
C ALA I 4853 -95.71 27.18 -0.26
N PHE I 4854 -95.78 26.13 -1.08
CA PHE I 4854 -97.07 25.60 -1.50
C PHE I 4854 -97.86 25.10 -0.30
N ASN I 4855 -97.19 24.47 0.66
CA ASN I 4855 -97.91 23.92 1.79
C ASN I 4855 -98.37 25.01 2.76
N PHE I 4856 -97.55 26.04 2.98
CA PHE I 4856 -97.84 27.00 4.04
C PHE I 4856 -98.02 28.44 3.57
N PHE I 4857 -97.13 28.97 2.74
CA PHE I 4857 -97.13 30.38 2.42
C PHE I 4857 -97.85 30.68 1.11
N ARG I 4858 -98.91 29.93 0.82
CA ARG I 4858 -99.58 30.05 -0.46
C ARG I 4858 -100.26 31.41 -0.62
N LYS I 4859 -100.80 31.96 0.48
CA LYS I 4859 -101.59 33.18 0.38
C LYS I 4859 -100.75 34.36 -0.08
N PHE I 4860 -99.43 34.32 0.14
CA PHE I 4860 -98.58 35.46 -0.15
C PHE I 4860 -98.20 35.57 -1.63
N TYR I 4861 -98.57 34.60 -2.45
CA TYR I 4861 -98.11 34.56 -3.84
C TYR I 4861 -99.11 35.16 -4.80
N ASN I 4862 -99.88 36.16 -4.37
CA ASN I 4862 -100.78 36.86 -5.26
C ASN I 4862 -100.01 37.92 -6.04
N LYS I 4863 -99.97 37.78 -7.35
CA LYS I 4863 -99.25 38.70 -8.22
C LYS I 4863 -100.18 39.58 -9.05
N SER I 4864 -101.44 39.71 -8.66
CA SER I 4864 -102.41 40.53 -9.39
C SER I 4864 -102.83 41.68 -8.51
N GLU I 4865 -102.69 42.91 -9.02
CA GLU I 4865 -103.17 44.07 -8.29
C GLU I 4865 -104.68 44.17 -8.35
N ASP I 4866 -105.27 43.88 -9.52
CA ASP I 4866 -106.71 43.89 -9.67
C ASP I 4866 -107.34 42.85 -8.74
N GLU I 4867 -108.15 43.31 -7.79
CA GLU I 4867 -108.74 42.42 -6.79
C GLU I 4867 -109.63 41.38 -7.46
N ASP I 4868 -110.31 41.78 -8.54
CA ASP I 4868 -111.29 40.89 -9.16
C ASP I 4868 -110.62 39.65 -9.75
N GLU I 4869 -109.34 39.75 -10.13
CA GLU I 4869 -108.67 38.66 -10.82
C GLU I 4869 -107.38 38.29 -10.09
N PRO I 4870 -107.44 37.45 -9.06
CA PRO I 4870 -106.20 37.03 -8.38
C PRO I 4870 -105.39 36.07 -9.22
N ASP I 4871 -104.12 36.39 -9.43
CA ASP I 4871 -103.21 35.53 -10.19
C ASP I 4871 -102.36 34.66 -9.28
N MET I 4872 -103.01 33.76 -8.56
CA MET I 4872 -102.30 32.88 -7.64
C MET I 4872 -101.16 32.18 -8.37
N LYS I 4873 -99.92 32.45 -7.96
CA LYS I 4873 -98.76 31.81 -8.55
C LYS I 4873 -98.36 30.53 -7.85
N CYS I 4874 -99.02 30.16 -6.75
CA CYS I 4874 -98.69 28.95 -6.03
C CYS I 4874 -99.93 28.12 -5.69
N ASP I 4875 -100.91 28.09 -6.58
CA ASP I 4875 -102.08 27.24 -6.35
C ASP I 4875 -101.86 25.84 -6.87
N ASP I 4876 -100.81 25.62 -7.66
CA ASP I 4876 -100.42 24.28 -8.08
C ASP I 4876 -98.90 24.18 -8.00
N MET I 4877 -98.41 22.96 -7.78
CA MET I 4877 -96.99 22.78 -7.55
C MET I 4877 -96.18 23.12 -8.79
N MET I 4878 -96.68 22.77 -9.97
CA MET I 4878 -95.93 23.09 -11.19
C MET I 4878 -95.80 24.60 -11.37
N THR I 4879 -96.90 25.33 -11.22
CA THR I 4879 -96.84 26.78 -11.36
C THR I 4879 -95.96 27.39 -10.30
N CYS I 4880 -96.05 26.91 -9.05
CA CYS I 4880 -95.23 27.47 -7.98
C CYS I 4880 -93.75 27.22 -8.24
N TYR I 4881 -93.41 26.01 -8.70
CA TYR I 4881 -92.02 25.70 -8.98
C TYR I 4881 -91.49 26.54 -10.14
N LEU I 4882 -92.29 26.71 -11.18
CA LEU I 4882 -91.86 27.60 -12.26
C LEU I 4882 -91.67 29.02 -11.76
N PHE I 4883 -92.60 29.52 -10.96
CA PHE I 4883 -92.47 30.87 -10.43
C PHE I 4883 -91.20 31.02 -9.62
N HIS I 4884 -90.93 30.09 -8.72
CA HIS I 4884 -89.69 30.15 -7.96
C HIS I 4884 -88.49 30.14 -8.89
N MET I 4885 -88.30 29.05 -9.64
CA MET I 4885 -87.10 28.91 -10.44
C MET I 4885 -86.92 30.08 -11.40
N TYR I 4886 -88.01 30.74 -11.78
CA TYR I 4886 -87.91 31.79 -12.78
C TYR I 4886 -87.65 33.15 -12.17
N VAL I 4887 -88.46 33.57 -11.21
CA VAL I 4887 -88.34 34.93 -10.66
C VAL I 4887 -87.52 34.96 -9.38
N GLY I 4888 -87.67 33.98 -8.50
CA GLY I 4888 -86.96 34.04 -7.23
C GLY I 4888 -85.46 33.92 -7.41
N VAL I 4889 -85.02 32.98 -8.24
CA VAL I 4889 -83.59 32.81 -8.45
C VAL I 4889 -82.99 34.04 -9.10
N ARG I 4890 -83.68 34.63 -10.06
CA ARG I 4890 -83.16 35.81 -10.75
C ARG I 4890 -83.18 37.05 -9.85
N ALA I 4891 -84.14 37.13 -8.93
CA ALA I 4891 -84.28 38.32 -8.11
C ALA I 4891 -83.01 38.55 -7.28
N GLY I 4892 -82.68 39.83 -7.09
CA GLY I 4892 -81.49 40.16 -6.33
C GLY I 4892 -81.58 39.77 -4.87
N GLY I 4893 -82.75 39.93 -4.27
CA GLY I 4893 -82.95 39.61 -2.87
C GLY I 4893 -83.66 38.30 -2.59
N GLY I 4894 -83.86 37.46 -3.60
CA GLY I 4894 -84.59 36.23 -3.40
C GLY I 4894 -86.08 36.39 -3.63
N ILE I 4895 -86.82 35.34 -3.28
CA ILE I 4895 -88.25 35.33 -3.53
C ILE I 4895 -88.99 36.40 -2.74
N GLY I 4896 -88.47 36.77 -1.57
CA GLY I 4896 -89.12 37.78 -0.76
C GLY I 4896 -89.29 39.10 -1.50
N ASP I 4897 -88.42 39.37 -2.48
CA ASP I 4897 -88.58 40.58 -3.29
C ASP I 4897 -89.90 40.55 -4.04
N GLU I 4898 -90.26 39.39 -4.59
CA GLU I 4898 -91.44 39.31 -5.43
C GLU I 4898 -92.70 39.12 -4.60
N ILE I 4899 -92.69 38.14 -3.70
CA ILE I 4899 -93.91 37.79 -2.98
C ILE I 4899 -94.29 38.88 -1.98
N GLU I 4900 -95.54 38.83 -1.49
CA GLU I 4900 -96.12 39.93 -0.75
C GLU I 4900 -95.40 40.17 0.59
N ASP I 4901 -95.56 41.37 1.13
CA ASP I 4901 -94.93 41.68 2.40
C ASP I 4901 -95.53 40.84 3.52
N PRO I 4902 -94.72 40.37 4.46
CA PRO I 4902 -95.25 39.53 5.55
C PRO I 4902 -95.59 40.26 6.83
N ALA I 4903 -95.46 41.58 6.88
CA ALA I 4903 -95.64 42.30 8.13
C ALA I 4903 -97.04 42.09 8.68
N GLY I 4904 -97.13 41.99 10.01
CA GLY I 4904 -98.40 41.86 10.68
C GLY I 4904 -99.15 40.60 10.31
N ASP I 4905 -98.45 39.46 10.33
CA ASP I 4905 -99.05 38.18 10.04
C ASP I 4905 -98.58 37.16 11.06
N GLU I 4906 -99.40 36.14 11.29
CA GLU I 4906 -99.07 35.11 12.27
C GLU I 4906 -97.80 34.37 11.88
N TYR I 4907 -97.58 34.17 10.59
CA TYR I 4907 -96.41 33.47 10.07
C TYR I 4907 -95.28 34.42 9.73
N GLU I 4908 -95.25 35.61 10.34
CA GLU I 4908 -94.25 36.60 9.95
C GLU I 4908 -92.84 36.08 10.21
N LEU I 4909 -92.59 35.52 11.39
CA LEU I 4909 -91.24 35.03 11.68
C LEU I 4909 -90.88 33.82 10.83
N TYR I 4910 -91.79 32.87 10.69
CA TYR I 4910 -91.54 31.72 9.83
C TYR I 4910 -91.13 32.18 8.45
N ARG I 4911 -91.84 33.16 7.89
CA ARG I 4911 -91.58 33.55 6.53
C ARG I 4911 -90.35 34.43 6.39
N VAL I 4912 -90.04 35.25 7.39
CA VAL I 4912 -88.80 36.01 7.29
C VAL I 4912 -87.63 35.06 7.31
N VAL I 4913 -87.71 33.99 8.12
CA VAL I 4913 -86.72 32.93 8.02
C VAL I 4913 -86.71 32.28 6.65
N PHE I 4914 -87.89 32.00 6.09
CA PHE I 4914 -87.98 31.43 4.74
C PHE I 4914 -87.21 32.28 3.73
N ASP I 4915 -87.49 33.58 3.68
CA ASP I 4915 -86.85 34.46 2.71
C ASP I 4915 -85.36 34.61 2.97
N ILE I 4916 -84.95 34.77 4.23
CA ILE I 4916 -83.53 34.92 4.51
C ILE I 4916 -82.76 33.67 4.13
N THR I 4917 -83.29 32.49 4.46
CA THR I 4917 -82.60 31.26 4.09
C THR I 4917 -82.54 31.11 2.57
N PHE I 4918 -83.64 31.44 1.87
CA PHE I 4918 -83.60 31.40 0.42
C PHE I 4918 -82.50 32.30 -0.11
N PHE I 4919 -82.43 33.54 0.38
CA PHE I 4919 -81.44 34.48 -0.11
C PHE I 4919 -80.02 33.98 0.16
N PHE I 4920 -79.80 33.41 1.34
CA PHE I 4920 -78.44 33.03 1.72
C PHE I 4920 -77.99 31.77 1.00
N PHE I 4921 -78.88 30.79 0.82
CA PHE I 4921 -78.47 29.54 0.18
C PHE I 4921 -78.47 29.66 -1.34
N VAL I 4922 -79.56 30.13 -1.93
CA VAL I 4922 -79.64 30.18 -3.38
C VAL I 4922 -78.86 31.36 -3.93
N ILE I 4923 -79.22 32.57 -3.52
CA ILE I 4923 -78.66 33.77 -4.16
C ILE I 4923 -77.19 33.94 -3.79
N VAL I 4924 -76.84 33.73 -2.52
CA VAL I 4924 -75.50 34.06 -2.05
C VAL I 4924 -74.54 32.90 -2.24
N ILE I 4925 -74.93 31.71 -1.76
CA ILE I 4925 -73.99 30.60 -1.72
C ILE I 4925 -73.84 29.95 -3.10
N LEU I 4926 -74.94 29.42 -3.64
CA LEU I 4926 -74.84 28.63 -4.86
C LEU I 4926 -74.21 29.44 -5.99
N LEU I 4927 -74.61 30.69 -6.15
CA LEU I 4927 -73.97 31.54 -7.13
C LEU I 4927 -72.50 31.75 -6.78
N ALA I 4928 -72.20 31.85 -5.49
CA ALA I 4928 -70.81 31.92 -5.07
C ALA I 4928 -70.07 30.64 -5.43
N ILE I 4929 -70.75 29.49 -5.33
CA ILE I 4929 -70.12 28.23 -5.73
C ILE I 4929 -69.80 28.25 -7.21
N ILE I 4930 -70.71 28.75 -8.03
CA ILE I 4930 -70.46 28.79 -9.47
C ILE I 4930 -69.26 29.69 -9.78
N GLN I 4931 -69.27 30.90 -9.22
CA GLN I 4931 -68.15 31.81 -9.47
C GLN I 4931 -66.84 31.22 -8.97
N GLY I 4932 -66.87 30.54 -7.82
CA GLY I 4932 -65.67 29.93 -7.31
C GLY I 4932 -65.17 28.80 -8.19
N LEU I 4933 -66.09 28.03 -8.77
CA LEU I 4933 -65.69 27.00 -9.72
C LEU I 4933 -64.97 27.61 -10.91
N ILE I 4934 -65.50 28.70 -11.45
CA ILE I 4934 -64.83 29.34 -12.58
C ILE I 4934 -63.45 29.87 -12.18
N ILE I 4935 -63.36 30.53 -11.02
CA ILE I 4935 -62.08 31.07 -10.59
C ILE I 4935 -61.05 29.95 -10.36
N ASP I 4936 -61.47 28.85 -9.74
CA ASP I 4936 -60.56 27.74 -9.52
C ASP I 4936 -60.13 27.12 -10.83
N ALA I 4937 -61.02 27.08 -11.82
CA ALA I 4937 -60.62 26.59 -13.13
C ALA I 4937 -59.53 27.46 -13.73
N PHE I 4938 -59.69 28.79 -13.63
CA PHE I 4938 -58.63 29.68 -14.07
C PHE I 4938 -57.32 29.35 -13.38
N GLY I 4939 -57.34 29.27 -12.05
CA GLY I 4939 -56.12 29.02 -11.31
C GLY I 4939 -55.46 27.71 -11.69
N GLU I 4940 -56.27 26.66 -11.85
CA GLU I 4940 -55.73 25.35 -12.17
C GLU I 4940 -55.13 25.31 -13.57
N LEU I 4941 -55.77 25.94 -14.55
CA LEU I 4941 -55.19 25.98 -15.89
C LEU I 4941 -53.86 26.73 -15.88
N ARG I 4942 -53.80 27.86 -15.18
CA ARG I 4942 -52.55 28.59 -15.10
C ARG I 4942 -51.47 27.74 -14.42
N ASP I 4943 -51.84 27.02 -13.37
CA ASP I 4943 -50.88 26.15 -12.70
C ASP I 4943 -50.39 25.05 -13.61
N GLN I 4944 -51.28 24.49 -14.45
CA GLN I 4944 -50.85 23.46 -15.38
C GLN I 4944 -49.82 24.01 -16.36
N GLN I 4945 -50.07 25.19 -16.92
CA GLN I 4945 -49.09 25.76 -17.84
C GLN I 4945 -47.76 26.04 -17.14
N GLU I 4946 -47.81 26.59 -15.93
CA GLU I 4946 -46.58 26.86 -15.20
C GLU I 4946 -45.83 25.57 -14.89
N GLN I 4947 -46.57 24.50 -14.56
CA GLN I 4947 -45.93 23.22 -14.29
C GLN I 4947 -45.24 22.69 -15.53
N VAL I 4948 -45.87 22.81 -16.69
CA VAL I 4948 -45.21 22.39 -17.92
C VAL I 4948 -43.90 23.16 -18.10
N LYS I 4949 -43.95 24.48 -17.97
CA LYS I 4949 -42.74 25.26 -18.15
C LYS I 4949 -41.65 24.88 -17.15
N GLU I 4950 -42.02 24.72 -15.89
CA GLU I 4950 -41.03 24.39 -14.86
C GLU I 4950 -40.40 23.02 -15.12
N ASP I 4951 -41.23 22.03 -15.47
CA ASP I 4951 -40.70 20.70 -15.74
C ASP I 4951 -39.74 20.73 -16.93
N MET I 4952 -40.10 21.47 -17.98
CA MET I 4952 -39.20 21.54 -19.13
C MET I 4952 -37.91 22.27 -18.77
N GLU I 4953 -37.99 23.30 -17.91
CA GLU I 4953 -36.82 24.11 -17.61
C GLU I 4953 -35.87 23.44 -16.61
N THR I 4954 -36.38 22.61 -15.71
CA THR I 4954 -35.56 22.11 -14.61
C THR I 4954 -35.16 20.63 -14.76
N LYS I 4955 -35.67 19.93 -15.77
CA LYS I 4955 -35.44 18.50 -15.88
C LYS I 4955 -35.31 18.13 -17.34
N CYS I 4956 -34.31 17.31 -17.67
CA CYS I 4956 -34.10 16.88 -19.04
C CYS I 4956 -35.27 16.00 -19.48
N PHE I 4957 -35.76 16.25 -20.70
CA PHE I 4957 -36.94 15.54 -21.17
C PHE I 4957 -36.66 14.06 -21.34
N ILE I 4958 -35.48 13.72 -21.84
CA ILE I 4958 -35.20 12.33 -22.20
C ILE I 4958 -34.73 11.53 -20.99
N CYS I 4959 -33.60 11.91 -20.42
CA CYS I 4959 -32.98 11.15 -19.34
C CYS I 4959 -33.61 11.43 -17.99
N GLY I 4960 -34.25 12.57 -17.82
CA GLY I 4960 -34.96 12.86 -16.58
C GLY I 4960 -34.07 13.34 -15.46
N ILE I 4961 -32.77 13.49 -15.72
CA ILE I 4961 -31.87 13.99 -14.68
C ILE I 4961 -32.17 15.46 -14.43
N GLY I 4962 -31.99 15.88 -13.18
CA GLY I 4962 -32.27 17.24 -12.82
C GLY I 4962 -31.31 18.22 -13.46
N SER I 4963 -31.74 19.49 -13.51
CA SER I 4963 -30.93 20.50 -14.18
C SER I 4963 -29.74 20.91 -13.35
N ASP I 4964 -29.82 20.76 -12.02
CA ASP I 4964 -28.72 21.18 -11.16
C ASP I 4964 -27.47 20.35 -11.41
N TYR I 4965 -27.61 19.03 -11.47
CA TYR I 4965 -26.47 18.18 -11.79
C TYR I 4965 -25.75 18.64 -13.04
N PHE I 4966 -26.48 18.91 -14.11
CA PHE I 4966 -25.88 19.41 -15.33
C PHE I 4966 -25.27 20.80 -15.16
N ASP I 4967 -25.94 21.69 -14.43
CA ASP I 4967 -25.45 23.04 -14.21
C ASP I 4967 -24.20 23.06 -13.36
N THR I 4968 -23.83 21.93 -12.74
CA THR I 4968 -22.51 21.84 -12.14
C THR I 4968 -21.43 22.39 -13.07
N THR I 4969 -21.52 22.05 -14.34
CA THR I 4969 -20.66 22.64 -15.36
C THR I 4969 -21.28 23.95 -15.85
N PRO I 4970 -20.48 24.94 -16.25
CA PRO I 4970 -21.07 26.19 -16.75
C PRO I 4970 -21.96 25.94 -17.96
N HIS I 4971 -23.19 26.47 -17.89
CA HIS I 4971 -24.17 26.29 -18.95
C HIS I 4971 -24.43 24.82 -19.23
N GLY I 4972 -24.25 23.98 -18.21
CA GLY I 4972 -24.29 22.55 -18.43
C GLY I 4972 -25.64 22.06 -18.89
N PHE I 4973 -26.71 22.52 -18.25
CA PHE I 4973 -28.04 22.08 -18.66
C PHE I 4973 -28.37 22.56 -20.06
N GLU I 4974 -28.04 23.82 -20.37
CA GLU I 4974 -28.32 24.34 -21.70
C GLU I 4974 -27.62 23.51 -22.76
N THR I 4975 -26.32 23.26 -22.58
CA THR I 4975 -25.60 22.48 -23.57
C THR I 4975 -26.10 21.04 -23.63
N HIS I 4976 -26.47 20.46 -22.48
CA HIS I 4976 -26.97 19.09 -22.48
C HIS I 4976 -28.26 18.97 -23.28
N THR I 4977 -29.20 19.89 -23.06
CA THR I 4977 -30.47 19.82 -23.77
C THR I 4977 -30.39 20.35 -25.18
N LEU I 4978 -29.33 21.06 -25.55
CA LEU I 4978 -29.21 21.55 -26.92
C LEU I 4978 -28.43 20.57 -27.79
N GLU I 4979 -27.47 19.85 -27.23
CA GLU I 4979 -26.59 18.99 -27.99
C GLU I 4979 -26.65 17.54 -27.57
N GLU I 4980 -26.58 17.26 -26.27
CA GLU I 4980 -26.39 15.88 -25.82
C GLU I 4980 -27.67 15.07 -25.91
N HIS I 4981 -28.81 15.64 -25.50
CA HIS I 4981 -30.06 14.90 -25.35
C HIS I 4981 -31.21 15.67 -26.01
N ASN I 4982 -30.99 16.12 -27.24
CA ASN I 4982 -31.99 16.90 -27.94
C ASN I 4982 -33.04 15.98 -28.56
N LEU I 4983 -34.30 16.18 -28.19
CA LEU I 4983 -35.36 15.34 -28.74
C LEU I 4983 -35.49 15.55 -30.23
N ALA I 4984 -35.18 16.75 -30.72
CA ALA I 4984 -35.14 16.96 -32.16
C ALA I 4984 -34.13 16.01 -32.80
N ASN I 4985 -32.95 15.88 -32.18
CA ASN I 4985 -31.96 14.93 -32.68
C ASN I 4985 -32.46 13.50 -32.58
N TYR I 4986 -33.18 13.15 -31.51
CA TYR I 4986 -33.68 11.79 -31.41
C TYR I 4986 -34.68 11.48 -32.50
N MET I 4987 -35.48 12.45 -32.92
CA MET I 4987 -36.41 12.20 -34.03
C MET I 4987 -35.68 12.18 -35.37
N PHE I 4988 -34.70 13.07 -35.54
CA PHE I 4988 -33.90 13.05 -36.76
C PHE I 4988 -33.19 11.72 -36.91
N PHE I 4989 -32.85 11.07 -35.80
CA PHE I 4989 -32.22 9.74 -35.89
C PHE I 4989 -33.18 8.77 -36.57
N LEU I 4990 -34.42 8.69 -36.08
CA LEU I 4990 -35.38 7.72 -36.65
C LEU I 4990 -35.52 8.00 -38.14
N MET I 4991 -35.71 9.26 -38.51
CA MET I 4991 -35.83 9.62 -39.95
C MET I 4991 -34.59 9.15 -40.69
N TYR I 4992 -33.40 9.36 -40.12
CA TYR I 4992 -32.16 8.97 -40.78
C TYR I 4992 -32.06 7.46 -40.89
N LEU I 4993 -32.47 6.75 -39.84
CA LEU I 4993 -32.39 5.26 -39.84
C LEU I 4993 -33.35 4.71 -40.90
N ILE I 4994 -34.56 5.25 -40.98
CA ILE I 4994 -35.57 4.76 -41.98
C ILE I 4994 -34.99 4.95 -43.37
N ASN I 4995 -34.47 6.14 -43.68
CA ASN I 4995 -33.98 6.43 -45.05
C ASN I 4995 -32.73 5.60 -45.35
N LYS I 4996 -31.85 5.40 -44.38
CA LYS I 4996 -30.61 4.68 -44.66
C LYS I 4996 -30.90 3.22 -45.01
N ASP I 4997 -30.07 2.67 -45.91
CA ASP I 4997 -30.22 1.28 -46.31
C ASP I 4997 -29.69 0.36 -45.22
N GLU I 4998 -30.45 -0.69 -44.90
CA GLU I 4998 -30.12 -1.52 -43.75
C GLU I 4998 -28.70 -2.08 -43.85
N THR I 4999 -28.25 -2.40 -45.06
CA THR I 4999 -26.91 -2.94 -45.20
C THR I 4999 -25.85 -1.94 -44.76
N GLU I 5000 -26.15 -0.66 -44.85
CA GLU I 5000 -25.19 0.37 -44.48
C GLU I 5000 -25.26 0.75 -43.01
N HIS I 5001 -26.22 0.23 -42.26
CA HIS I 5001 -26.34 0.55 -40.85
C HIS I 5001 -25.07 0.16 -40.11
N THR I 5002 -24.56 1.09 -39.30
CA THR I 5002 -23.44 0.77 -38.44
C THR I 5002 -23.90 -0.14 -37.30
N GLY I 5003 -22.98 -0.46 -36.40
CA GLY I 5003 -23.35 -1.32 -35.29
C GLY I 5003 -24.39 -0.70 -34.40
N GLN I 5004 -24.14 0.53 -33.94
CA GLN I 5004 -25.09 1.20 -33.05
C GLN I 5004 -26.40 1.49 -33.78
N GLU I 5005 -26.31 1.91 -35.03
CA GLU I 5005 -27.51 2.19 -35.79
C GLU I 5005 -28.36 0.93 -35.97
N SER I 5006 -27.72 -0.20 -36.24
CA SER I 5006 -28.46 -1.45 -36.38
C SER I 5006 -29.08 -1.86 -35.05
N TYR I 5007 -28.35 -1.69 -33.96
CA TYR I 5007 -28.91 -1.99 -32.64
C TYR I 5007 -30.17 -1.18 -32.39
N VAL I 5008 -30.09 0.14 -32.54
CA VAL I 5008 -31.28 1.00 -32.22
C VAL I 5008 -32.41 0.63 -33.18
N TRP I 5009 -32.08 0.27 -34.43
CA TRP I 5009 -33.12 -0.07 -35.43
C TRP I 5009 -33.88 -1.31 -34.98
N LYS I 5010 -33.16 -2.35 -34.57
CA LYS I 5010 -33.80 -3.61 -34.12
C LYS I 5010 -34.76 -3.28 -32.98
N MET I 5011 -34.33 -2.44 -32.04
CA MET I 5011 -35.17 -2.10 -30.87
C MET I 5011 -36.38 -1.28 -31.32
N TYR I 5012 -36.22 -0.40 -32.31
CA TYR I 5012 -37.39 0.38 -32.83
C TYR I 5012 -38.39 -0.60 -33.42
N GLN I 5013 -37.93 -1.56 -34.21
CA GLN I 5013 -38.84 -2.53 -34.89
C GLN I 5013 -39.47 -3.45 -33.84
N GLU I 5014 -38.73 -3.81 -32.78
CA GLU I 5014 -39.25 -4.71 -31.73
C GLU I 5014 -39.98 -3.91 -30.65
N ARG I 5015 -40.04 -2.58 -30.81
CA ARG I 5015 -40.76 -1.72 -29.87
C ARG I 5015 -40.21 -1.88 -28.45
N CYS I 5016 -38.88 -1.91 -28.34
CA CYS I 5016 -38.20 -1.86 -27.06
C CYS I 5016 -37.50 -0.51 -26.93
N TRP I 5017 -37.86 0.25 -25.90
CA TRP I 5017 -37.37 1.60 -25.73
C TRP I 5017 -36.23 1.69 -24.71
N ASP I 5018 -35.47 0.60 -24.54
CA ASP I 5018 -34.38 0.60 -23.59
C ASP I 5018 -33.16 1.37 -24.08
N PHE I 5019 -33.07 1.63 -25.38
CA PHE I 5019 -31.92 2.37 -25.88
C PHE I 5019 -31.99 3.84 -25.47
N PHE I 5020 -33.19 4.33 -25.21
CA PHE I 5020 -33.33 5.68 -24.69
C PHE I 5020 -32.65 5.76 -23.33
N PRO I 5021 -31.72 6.69 -23.13
CA PRO I 5021 -31.11 6.83 -21.80
C PRO I 5021 -32.15 7.25 -20.78
N ALA I 5022 -32.01 6.72 -19.56
CA ALA I 5022 -32.93 7.03 -18.48
C ALA I 5022 -32.16 7.04 -17.18
N GLY I 5023 -32.09 8.21 -16.55
CA GLY I 5023 -31.30 8.33 -15.35
C GLY I 5023 -29.81 8.21 -15.56
N ASP I 5024 -29.34 8.35 -16.79
CA ASP I 5024 -27.93 8.21 -17.09
C ASP I 5024 -27.59 9.10 -18.28
N CYS I 5025 -26.29 9.39 -18.43
CA CYS I 5025 -25.82 10.23 -19.51
C CYS I 5025 -24.34 9.97 -19.71
N PHE I 5026 -23.80 10.51 -20.81
CA PHE I 5026 -22.37 10.40 -21.06
C PHE I 5026 -21.56 11.03 -19.93
N ARG I 5027 -21.98 12.21 -19.48
CA ARG I 5027 -21.24 12.90 -18.42
C ARG I 5027 -21.24 12.09 -17.14
N LYS I 5028 -22.39 11.56 -16.75
CA LYS I 5028 -22.46 10.76 -15.53
C LYS I 5028 -21.66 9.47 -15.69
N GLN I 5029 -21.69 8.87 -16.87
CA GLN I 5029 -20.92 7.65 -17.10
C GLN I 5029 -19.43 7.90 -16.93
N TYR I 5030 -18.91 8.93 -17.58
CA TYR I 5030 -17.47 9.19 -17.61
C TYR I 5030 -17.12 10.41 -16.78
N GLU I 5031 -17.80 10.56 -15.65
CA GLU I 5031 -17.60 11.74 -14.80
C GLU I 5031 -16.13 11.92 -14.45
N ASP I 5032 -15.49 10.88 -13.92
CA ASP I 5032 -14.09 11.01 -13.51
C ASP I 5032 -13.19 11.23 -14.71
N GLN I 5033 -13.31 10.37 -15.74
CA GLN I 5033 -12.44 10.50 -16.90
C GLN I 5033 -12.62 11.85 -17.59
N LEU I 5034 -13.87 12.28 -17.77
CA LEU I 5034 -14.10 13.58 -18.38
C LEU I 5034 -13.51 14.69 -17.53
N SER I 5035 -13.69 14.60 -16.22
CA SER I 5035 -13.13 15.60 -15.31
C SER I 5035 -11.68 15.27 -14.97
N GLU J 11 7.67 -1.11 -25.91
CA GLU J 11 7.81 -1.28 -27.35
C GLU J 11 9.26 -1.15 -27.78
N VAL J 12 9.75 -2.11 -28.56
CA VAL J 12 11.13 -2.07 -29.02
C VAL J 12 11.29 -0.91 -30.00
N GLN J 13 12.32 -0.10 -29.76
CA GLN J 13 12.47 1.14 -30.50
C GLN J 13 12.71 0.90 -31.98
N PHE J 14 12.26 1.84 -32.80
CA PHE J 14 12.44 1.82 -34.24
C PHE J 14 13.42 2.92 -34.62
N LEU J 15 14.36 2.61 -35.49
CA LEU J 15 15.22 3.64 -36.03
C LEU J 15 14.37 4.69 -36.73
N ARG J 16 14.70 5.96 -36.53
CA ARG J 16 13.96 7.05 -37.14
C ARG J 16 14.93 8.10 -37.62
N THR J 17 14.50 8.88 -38.61
CA THR J 17 15.35 9.88 -39.21
C THR J 17 15.83 10.87 -38.16
N ASP J 18 17.08 11.30 -38.32
CA ASP J 18 17.80 12.20 -37.41
C ASP J 18 18.32 11.47 -36.18
N ASP J 19 18.20 10.15 -36.13
CA ASP J 19 18.75 9.36 -35.03
C ASP J 19 20.17 8.95 -35.40
N GLU J 20 21.15 9.41 -34.63
CA GLU J 20 22.53 9.02 -34.89
C GLU J 20 22.66 7.51 -34.83
N VAL J 21 23.40 6.96 -35.79
CA VAL J 21 23.60 5.52 -35.88
C VAL J 21 25.06 5.25 -36.16
N VAL J 22 25.47 4.01 -35.88
CA VAL J 22 26.78 3.51 -36.25
C VAL J 22 26.57 2.20 -36.99
N LEU J 23 27.18 2.06 -38.16
CA LEU J 23 27.15 0.82 -38.90
C LEU J 23 28.19 -0.12 -38.31
N GLN J 24 27.80 -1.35 -38.01
CA GLN J 24 28.66 -2.33 -37.38
C GLN J 24 28.63 -3.61 -38.18
N CYS J 25 29.80 -4.18 -38.43
CA CYS J 25 29.92 -5.47 -39.08
C CYS J 25 30.67 -6.42 -38.16
N SER J 26 30.51 -7.72 -38.42
CA SER J 26 31.10 -8.75 -37.60
C SER J 26 32.00 -9.64 -38.45
N ALA J 27 33.19 -9.92 -37.94
CA ALA J 27 34.09 -10.88 -38.54
C ALA J 27 34.46 -11.92 -37.50
N THR J 28 35.09 -13.00 -37.95
CA THR J 28 35.55 -14.06 -37.06
C THR J 28 37.01 -14.36 -37.37
N VAL J 29 37.90 -13.61 -36.74
CA VAL J 29 39.33 -13.83 -36.90
C VAL J 29 39.83 -14.64 -35.71
N LEU J 30 40.61 -15.69 -36.00
CA LEU J 30 41.16 -16.54 -34.94
C LEU J 30 40.05 -17.17 -34.09
N LYS J 31 38.88 -17.34 -34.70
CA LYS J 31 37.74 -17.99 -34.05
C LYS J 31 37.22 -17.18 -32.87
N GLU J 32 37.30 -15.86 -32.95
CA GLU J 32 36.60 -14.98 -32.00
C GLU J 32 35.83 -13.93 -32.79
N GLN J 33 34.67 -13.54 -32.28
CA GLN J 33 33.85 -12.54 -32.95
C GLN J 33 34.45 -11.16 -32.74
N LEU J 34 34.74 -10.46 -33.83
CA LEU J 34 35.26 -9.11 -33.80
C LEU J 34 34.24 -8.17 -34.41
N LYS J 35 33.90 -7.11 -33.66
CA LYS J 35 32.94 -6.11 -34.11
C LYS J 35 33.69 -4.89 -34.61
N LEU J 36 33.34 -4.42 -35.80
CA LEU J 36 34.02 -3.32 -36.46
C LEU J 36 32.99 -2.26 -36.81
N CYS J 37 33.23 -1.02 -36.38
CA CYS J 37 32.35 0.07 -36.73
C CYS J 37 32.88 0.81 -37.95
N LEU J 38 31.99 1.15 -38.87
CA LEU J 38 32.38 1.97 -40.00
C LEU J 38 32.88 3.32 -39.51
N ALA J 39 33.89 3.86 -40.19
CA ALA J 39 34.43 5.15 -39.79
C ALA J 39 35.11 5.80 -40.98
N ALA J 40 35.31 7.11 -40.87
CA ALA J 40 36.02 7.85 -41.91
C ALA J 40 36.41 9.21 -41.35
N GLU J 41 37.68 9.57 -41.50
CA GLU J 41 38.14 10.85 -41.00
C GLU J 41 37.48 12.01 -41.74
N GLY J 42 37.32 11.87 -43.06
CA GLY J 42 36.63 12.84 -43.86
C GLY J 42 37.47 14.00 -44.35
N PHE J 43 38.33 14.56 -43.50
CA PHE J 43 39.18 15.68 -43.87
C PHE J 43 40.58 15.14 -44.10
N GLY J 44 40.94 14.99 -45.37
CA GLY J 44 42.22 14.44 -45.77
C GLY J 44 42.18 12.98 -46.13
N ASN J 45 41.18 12.23 -45.64
CA ASN J 45 41.04 10.82 -45.95
C ASN J 45 39.54 10.54 -46.13
N ARG J 46 39.08 10.65 -47.37
CA ARG J 46 37.66 10.41 -47.65
C ARG J 46 37.33 8.93 -47.58
N LEU J 47 38.32 8.07 -47.78
CA LEU J 47 38.07 6.63 -47.78
C LEU J 47 37.70 6.15 -46.39
N CYS J 48 36.68 5.29 -46.34
CA CYS J 48 36.21 4.74 -45.08
C CYS J 48 37.07 3.54 -44.66
N PHE J 49 37.17 3.33 -43.36
CA PHE J 49 37.83 2.16 -42.81
C PHE J 49 37.01 1.62 -41.66
N LEU J 50 37.57 0.61 -40.98
CA LEU J 50 36.86 -0.14 -39.96
C LEU J 50 37.59 0.01 -38.63
N GLU J 51 36.90 0.56 -37.63
CA GLU J 51 37.46 0.73 -36.31
C GLU J 51 37.03 -0.43 -35.43
N PRO J 52 37.94 -1.28 -34.95
CA PRO J 52 37.51 -2.37 -34.07
C PRO J 52 36.99 -1.83 -32.75
N THR J 53 36.00 -2.52 -32.20
CA THR J 53 35.41 -2.14 -30.92
C THR J 53 35.27 -3.29 -29.94
N SER J 54 35.60 -4.51 -30.34
CA SER J 54 35.46 -5.63 -29.42
C SER J 54 36.34 -5.44 -28.18
N ASN J 55 37.57 -5.00 -28.38
CA ASN J 55 38.48 -4.73 -27.26
C ASN J 55 38.25 -3.34 -26.69
N ALA J 56 37.00 -3.04 -26.35
CA ALA J 56 36.67 -1.71 -25.84
C ALA J 56 37.27 -1.49 -24.47
N GLN J 57 37.08 -2.45 -23.56
CA GLN J 57 37.52 -2.26 -22.18
C GLN J 57 39.04 -2.10 -22.10
N ASN J 58 39.79 -2.86 -22.89
CA ASN J 58 41.24 -2.72 -22.90
C ASN J 58 41.67 -1.44 -23.59
N VAL J 59 41.07 -1.17 -24.75
CA VAL J 59 41.45 -0.03 -25.58
C VAL J 59 40.17 0.66 -26.05
N PRO J 60 39.87 1.88 -25.62
CA PRO J 60 38.65 2.53 -26.05
C PRO J 60 38.65 2.77 -27.56
N PRO J 61 37.51 2.62 -28.22
CA PRO J 61 37.45 2.93 -29.64
C PRO J 61 37.27 4.43 -29.87
N ASP J 62 37.58 4.86 -31.09
CA ASP J 62 37.45 6.26 -31.48
C ASP J 62 36.10 6.43 -32.16
N LEU J 63 35.09 6.81 -31.39
CA LEU J 63 33.72 6.89 -31.90
C LEU J 63 33.37 8.25 -32.47
N ALA J 64 34.26 9.24 -32.35
CA ALA J 64 33.94 10.57 -32.86
C ALA J 64 33.67 10.51 -34.36
N ILE J 65 34.46 9.72 -35.09
CA ILE J 65 34.32 9.67 -36.54
C ILE J 65 33.28 8.66 -36.98
N CYS J 66 33.02 7.63 -36.16
CA CYS J 66 32.12 6.57 -36.56
C CYS J 66 30.66 7.02 -36.61
N CYS J 67 30.30 8.02 -35.80
CA CYS J 67 28.90 8.42 -35.68
C CYS J 67 28.36 8.93 -37.01
N PHE J 68 27.18 8.45 -37.39
CA PHE J 68 26.49 8.87 -38.60
C PHE J 68 25.07 9.29 -38.24
N ILE J 69 24.51 10.20 -39.04
CA ILE J 69 23.16 10.72 -38.82
C ILE J 69 22.29 10.30 -39.98
N LEU J 70 21.19 9.61 -39.69
CA LEU J 70 20.18 9.36 -40.70
C LEU J 70 19.41 10.64 -40.98
N GLU J 71 19.65 11.25 -42.14
CA GLU J 71 19.11 12.58 -42.39
C GLU J 71 17.80 12.53 -43.17
N GLN J 72 17.66 11.57 -44.07
CA GLN J 72 16.45 11.48 -44.86
C GLN J 72 16.26 10.08 -45.40
N SER J 73 15.06 9.54 -45.21
CA SER J 73 14.66 8.25 -45.77
C SER J 73 13.54 8.50 -46.77
N LEU J 74 13.69 7.96 -47.97
CA LEU J 74 12.73 8.17 -49.05
C LEU J 74 12.42 6.86 -49.73
N SER J 75 11.23 6.79 -50.33
CA SER J 75 10.90 5.67 -51.19
C SER J 75 11.71 5.76 -52.47
N VAL J 76 11.85 4.63 -53.16
CA VAL J 76 12.70 4.61 -54.35
C VAL J 76 12.13 5.52 -55.42
N ARG J 77 10.81 5.49 -55.64
CA ARG J 77 10.23 6.37 -56.65
C ARG J 77 10.32 7.82 -56.24
N ALA J 78 10.15 8.11 -54.95
CA ALA J 78 10.35 9.48 -54.48
C ALA J 78 11.77 9.94 -54.74
N LEU J 79 12.74 9.04 -54.55
CA LEU J 79 14.12 9.36 -54.91
C LEU J 79 14.26 9.63 -56.39
N GLN J 80 13.60 8.83 -57.22
CA GLN J 80 13.64 9.06 -58.66
C GLN J 80 13.13 10.43 -59.02
N GLU J 81 12.03 10.87 -58.41
CA GLU J 81 11.53 12.22 -58.67
C GLU J 81 12.45 13.30 -58.13
N MET J 82 12.93 13.15 -56.89
CA MET J 82 13.75 14.20 -56.30
C MET J 82 15.05 14.38 -57.05
N LEU J 83 15.70 13.26 -57.42
CA LEU J 83 16.92 13.34 -58.20
C LEU J 83 16.67 13.99 -59.56
N ALA J 84 15.55 13.64 -60.20
CA ALA J 84 15.23 14.25 -61.48
C ALA J 84 15.05 15.76 -61.34
N ASN J 85 14.40 16.19 -60.26
CA ASN J 85 14.22 17.62 -59.99
C ASN J 85 15.58 18.33 -60.01
N HIS J 99 11.10 14.11 -39.28
CA HIS J 99 11.18 12.90 -38.47
C HIS J 99 10.23 11.84 -39.00
N ARG J 100 10.79 10.79 -39.59
CA ARG J 100 10.02 9.73 -40.23
C ARG J 100 10.69 8.39 -39.96
N THR J 101 9.93 7.43 -39.48
CA THR J 101 10.45 6.08 -39.34
C THR J 101 10.81 5.53 -40.71
N LEU J 102 11.95 4.84 -40.79
CA LEU J 102 12.43 4.29 -42.05
C LEU J 102 12.13 2.80 -42.07
N LEU J 103 11.57 2.33 -43.17
CA LEU J 103 11.14 0.95 -43.32
C LEU J 103 11.86 0.29 -44.48
N TYR J 104 11.93 -1.03 -44.42
CA TYR J 104 12.74 -1.79 -45.37
C TYR J 104 12.35 -1.45 -46.80
N GLY J 105 13.36 -1.27 -47.65
CA GLY J 105 13.17 -0.95 -49.05
C GLY J 105 13.32 0.54 -49.35
N HIS J 106 13.23 1.39 -48.33
CA HIS J 106 13.43 2.81 -48.53
C HIS J 106 14.91 3.16 -48.48
N ALA J 107 15.35 4.00 -49.41
CA ALA J 107 16.72 4.46 -49.39
C ALA J 107 16.93 5.47 -48.28
N ILE J 108 18.17 5.58 -47.81
CA ILE J 108 18.52 6.44 -46.69
C ILE J 108 19.70 7.32 -47.08
N LEU J 109 19.82 8.47 -46.41
CA LEU J 109 20.95 9.37 -46.58
C LEU J 109 21.70 9.45 -45.26
N LEU J 110 22.88 8.84 -45.21
CA LEU J 110 23.72 8.88 -44.02
C LEU J 110 24.70 10.03 -44.15
N ARG J 111 24.64 10.95 -43.19
CA ARG J 111 25.50 12.13 -43.17
C ARG J 111 26.48 11.98 -42.02
N HIS J 112 27.76 12.09 -42.33
CA HIS J 112 28.78 11.87 -41.30
C HIS J 112 28.71 12.96 -40.25
N ALA J 113 28.63 12.55 -38.99
CA ALA J 113 28.41 13.48 -37.90
C ALA J 113 29.50 14.54 -37.78
N HIS J 114 30.76 14.14 -37.84
CA HIS J 114 31.86 15.08 -37.68
C HIS J 114 32.15 15.87 -38.95
N SER J 115 32.54 15.18 -40.02
CA SER J 115 32.99 15.90 -41.22
C SER J 115 31.86 16.66 -41.88
N ARG J 116 30.62 16.33 -41.56
CA ARG J 116 29.43 16.91 -42.16
C ARG J 116 29.27 16.50 -43.62
N MET J 117 29.96 15.47 -44.08
CA MET J 117 29.81 14.95 -45.43
C MET J 117 28.88 13.75 -45.42
N TYR J 118 28.59 13.24 -46.61
CA TYR J 118 27.64 12.14 -46.79
C TYR J 118 28.37 10.91 -47.27
N LEU J 119 28.03 9.76 -46.70
CA LEU J 119 28.62 8.50 -47.12
C LEU J 119 28.14 8.17 -48.53
N SER J 120 29.09 7.90 -49.43
CA SER J 120 28.77 7.62 -50.82
C SER J 120 29.67 6.50 -51.32
N CYS J 121 29.32 5.97 -52.49
CA CYS J 121 30.08 4.93 -53.16
C CYS J 121 30.91 5.60 -54.27
N LEU J 122 32.20 5.75 -54.03
CA LEU J 122 33.07 6.44 -54.97
C LEU J 122 33.27 5.62 -56.23
N THR J 123 33.61 6.30 -57.32
CA THR J 123 33.97 5.62 -58.56
C THR J 123 35.38 5.04 -58.51
N THR J 124 36.29 5.68 -57.79
CA THR J 124 37.66 5.18 -57.72
C THR J 124 37.72 3.87 -56.98
N SER J 125 38.56 2.96 -57.46
CA SER J 125 38.80 1.68 -56.81
C SER J 125 40.24 1.61 -56.32
N ARG J 126 40.42 1.06 -55.11
CA ARG J 126 41.73 0.91 -54.51
C ARG J 126 42.07 -0.54 -54.22
N SER J 127 41.09 -1.43 -54.22
CA SER J 127 41.31 -2.84 -53.94
C SER J 127 42.14 -3.49 -55.04
N MET J 128 43.11 -4.29 -54.64
CA MET J 128 43.92 -5.07 -55.57
C MET J 128 43.39 -6.48 -55.79
N THR J 129 42.38 -6.91 -55.03
CA THR J 129 41.84 -8.25 -55.19
C THR J 129 40.60 -8.24 -56.08
N ASP J 130 39.66 -7.34 -55.83
CA ASP J 130 38.41 -7.26 -56.57
C ASP J 130 38.51 -6.17 -57.63
N LYS J 131 38.17 -6.51 -58.86
CA LYS J 131 38.20 -5.52 -59.94
C LYS J 131 36.85 -4.83 -60.09
N LEU J 132 35.77 -5.54 -59.79
CA LEU J 132 34.44 -4.95 -59.89
C LEU J 132 34.07 -4.09 -58.69
N ALA J 133 34.81 -4.22 -57.59
CA ALA J 133 34.48 -3.50 -56.37
C ALA J 133 34.87 -2.03 -56.48
N PHE J 134 34.04 -1.17 -55.90
CA PHE J 134 34.33 0.25 -55.81
C PHE J 134 34.56 0.62 -54.34
N ASP J 135 35.59 1.42 -54.10
CA ASP J 135 35.89 1.84 -52.74
C ASP J 135 34.82 2.79 -52.24
N VAL J 136 34.58 2.75 -50.93
CA VAL J 136 33.52 3.52 -50.30
C VAL J 136 34.16 4.64 -49.49
N GLY J 137 33.59 5.83 -49.58
CA GLY J 137 34.14 6.98 -48.88
C GLY J 137 33.12 8.09 -48.80
N LEU J 138 33.51 9.16 -48.11
CA LEU J 138 32.62 10.28 -47.89
C LEU J 138 32.59 11.20 -49.12
N GLN J 139 31.53 11.99 -49.21
CA GLN J 139 31.29 12.88 -50.35
C GLN J 139 30.73 14.20 -49.86
N GLU J 140 31.18 15.29 -50.48
CA GLU J 140 30.82 16.63 -49.99
C GLU J 140 29.34 16.92 -50.23
N ASP J 141 28.84 16.63 -51.42
CA ASP J 141 27.53 17.07 -51.85
C ASP J 141 26.47 15.99 -51.63
N ALA J 142 25.26 16.45 -51.30
CA ALA J 142 24.13 15.54 -51.14
C ALA J 142 23.61 15.05 -52.49
N THR J 143 23.69 15.89 -53.51
CA THR J 143 23.13 15.54 -54.81
C THR J 143 23.87 14.36 -55.42
N GLY J 144 23.13 13.51 -56.11
CA GLY J 144 23.72 12.37 -56.82
C GLY J 144 23.18 11.06 -56.30
N GLU J 145 23.04 10.10 -57.21
CA GLU J 145 22.61 8.76 -56.81
C GLU J 145 23.63 8.09 -55.90
N ALA J 146 24.88 8.54 -55.93
CA ALA J 146 25.92 7.88 -55.14
C ALA J 146 25.63 7.98 -53.65
N CYS J 147 25.17 9.14 -53.20
CA CYS J 147 24.98 9.36 -51.77
C CYS J 147 23.94 8.41 -51.19
N TRP J 148 22.85 8.18 -51.92
CA TRP J 148 21.71 7.46 -51.35
C TRP J 148 21.97 5.97 -51.35
N TRP J 149 21.57 5.30 -50.26
CA TRP J 149 21.75 3.87 -50.09
C TRP J 149 20.39 3.22 -49.84
N THR J 150 20.13 2.12 -50.53
CA THR J 150 18.95 1.31 -50.25
C THR J 150 19.31 0.25 -49.21
N MET J 151 18.31 -0.15 -48.42
CA MET J 151 18.49 -1.07 -47.32
C MET J 151 17.50 -2.22 -47.46
N HIS J 152 17.98 -3.45 -47.32
CA HIS J 152 17.15 -4.62 -47.54
C HIS J 152 17.28 -5.59 -46.38
N PRO J 153 16.24 -6.38 -46.11
CA PRO J 153 16.29 -7.27 -44.94
C PRO J 153 17.31 -8.38 -45.14
N ALA J 154 18.06 -8.66 -44.08
CA ALA J 154 18.99 -9.78 -44.12
C ALA J 154 18.25 -11.11 -44.17
N SER J 155 17.26 -11.27 -43.29
CA SER J 155 16.48 -12.49 -43.21
C SER J 155 15.04 -12.22 -43.65
N LYS J 156 14.41 -13.26 -44.19
CA LYS J 156 13.01 -13.14 -44.61
C LYS J 156 12.06 -12.99 -43.43
N GLN J 157 12.56 -13.15 -42.20
CA GLN J 157 11.73 -12.92 -41.03
C GLN J 157 11.01 -11.58 -41.12
N ARG J 158 11.74 -10.54 -41.50
CA ARG J 158 11.17 -9.22 -41.72
C ARG J 158 11.21 -8.94 -43.23
N SER J 159 10.05 -8.66 -43.80
CA SER J 159 9.93 -8.51 -45.25
C SER J 159 10.03 -7.04 -45.64
N GLU J 160 9.91 -6.80 -46.95
CA GLU J 160 9.92 -5.43 -47.45
C GLU J 160 8.73 -4.66 -46.93
N GLY J 161 8.95 -3.39 -46.63
CA GLY J 161 7.88 -2.53 -46.16
C GLY J 161 7.62 -2.59 -44.67
N GLU J 162 8.46 -3.29 -43.90
CA GLU J 162 8.34 -3.31 -42.46
C GLU J 162 9.22 -2.25 -41.83
N LYS J 163 8.76 -1.68 -40.71
CA LYS J 163 9.60 -0.78 -39.96
C LYS J 163 10.84 -1.52 -39.48
N VAL J 164 11.99 -0.85 -39.55
CA VAL J 164 13.26 -1.49 -39.25
C VAL J 164 13.45 -1.50 -37.74
N ARG J 165 13.64 -2.69 -37.17
CA ARG J 165 13.84 -2.81 -35.73
C ARG J 165 15.32 -2.63 -35.39
N VAL J 166 15.56 -2.02 -34.22
CA VAL J 166 16.92 -1.84 -33.76
C VAL J 166 17.59 -3.20 -33.62
N GLY J 167 18.82 -3.31 -34.12
CA GLY J 167 19.60 -4.52 -34.05
C GLY J 167 19.39 -5.47 -35.20
N ASP J 168 18.47 -5.16 -36.11
CA ASP J 168 18.27 -6.03 -37.27
C ASP J 168 19.50 -6.07 -38.15
N ASP J 169 19.74 -7.23 -38.75
CA ASP J 169 20.76 -7.34 -39.79
C ASP J 169 20.17 -6.88 -41.12
N LEU J 170 20.87 -5.99 -41.80
CA LEU J 170 20.40 -5.40 -43.05
C LEU J 170 21.56 -5.36 -44.04
N ILE J 171 21.23 -5.43 -45.32
CA ILE J 171 22.23 -5.35 -46.38
C ILE J 171 21.98 -4.07 -47.17
N LEU J 172 23.04 -3.30 -47.39
CA LEU J 172 22.94 -1.99 -48.03
C LEU J 172 23.46 -2.07 -49.45
N VAL J 173 22.66 -1.57 -50.40
CA VAL J 173 23.01 -1.55 -51.81
C VAL J 173 22.95 -0.10 -52.28
N SER J 174 24.07 0.41 -52.77
CA SER J 174 24.08 1.76 -53.32
C SER J 174 23.30 1.81 -54.63
N VAL J 175 22.52 2.87 -54.80
CA VAL J 175 21.70 2.98 -56.02
C VAL J 175 22.60 3.12 -57.24
N SER J 176 23.65 3.94 -57.14
CA SER J 176 24.44 4.25 -58.32
C SER J 176 25.10 3.01 -58.90
N SER J 177 25.63 2.14 -58.04
CA SER J 177 26.41 1.00 -58.50
C SER J 177 25.68 -0.33 -58.37
N GLU J 178 24.58 -0.39 -57.62
CA GLU J 178 23.89 -1.65 -57.38
C GLU J 178 24.85 -2.69 -56.80
N ARG J 179 25.71 -2.22 -55.90
CA ARG J 179 26.70 -3.07 -55.24
C ARG J 179 26.45 -3.03 -53.75
N TYR J 180 26.62 -4.17 -53.09
CA TYR J 180 26.43 -4.24 -51.65
C TYR J 180 27.62 -3.62 -50.92
N LEU J 181 27.36 -3.14 -49.70
CA LEU J 181 28.45 -2.71 -48.84
C LEU J 181 29.09 -3.94 -48.22
N HIS J 182 30.35 -4.18 -48.57
CA HIS J 182 30.97 -5.48 -48.32
C HIS J 182 32.22 -5.32 -47.47
N LEU J 183 32.30 -6.14 -46.42
CA LEU J 183 33.56 -6.29 -45.70
C LEU J 183 34.49 -7.19 -46.49
N SER J 184 35.72 -6.72 -46.74
CA SER J 184 36.66 -7.43 -47.59
C SER J 184 37.78 -8.00 -46.71
N THR J 185 37.76 -9.32 -46.55
CA THR J 185 38.84 -10.05 -45.91
C THR J 185 39.86 -10.58 -46.89
N ALA J 186 39.72 -10.23 -48.18
CA ALA J 186 40.60 -10.79 -49.20
C ALA J 186 42.07 -10.62 -48.81
N SER J 187 42.45 -9.43 -48.41
CA SER J 187 43.79 -9.17 -47.90
C SER J 187 43.86 -9.59 -46.44
N GLY J 188 45.09 -9.63 -45.91
CA GLY J 188 45.26 -9.93 -44.50
C GLY J 188 44.54 -8.93 -43.61
N GLU J 189 44.54 -7.66 -44.01
CA GLU J 189 43.89 -6.60 -43.25
C GLU J 189 42.46 -6.42 -43.76
N LEU J 190 41.56 -6.08 -42.85
CA LEU J 190 40.16 -5.92 -43.20
C LEU J 190 39.88 -4.51 -43.72
N GLN J 191 39.13 -4.43 -44.82
CA GLN J 191 38.71 -3.16 -45.37
C GLN J 191 37.25 -3.26 -45.79
N VAL J 192 36.60 -2.11 -45.91
CA VAL J 192 35.22 -2.02 -46.33
C VAL J 192 35.19 -1.42 -47.73
N ASP J 193 34.39 -2.00 -48.61
CA ASP J 193 34.22 -1.49 -49.96
C ASP J 193 32.95 -2.07 -50.57
N ALA J 194 32.44 -1.38 -51.58
CA ALA J 194 31.27 -1.86 -52.30
C ALA J 194 31.63 -3.05 -53.17
N SER J 195 30.80 -4.07 -53.13
CA SER J 195 31.07 -5.29 -53.88
C SER J 195 29.76 -5.97 -54.22
N PHE J 196 29.85 -6.98 -55.09
CA PHE J 196 28.66 -7.73 -55.49
C PHE J 196 28.32 -8.79 -54.45
N MET J 197 29.30 -9.21 -53.65
CA MET J 197 29.01 -10.06 -52.51
C MET J 197 28.40 -9.22 -51.39
N GLN J 198 27.96 -9.89 -50.33
CA GLN J 198 27.21 -9.24 -49.27
C GLN J 198 27.93 -9.36 -47.95
N THR J 199 27.72 -8.36 -47.08
CA THR J 199 28.13 -8.42 -45.68
C THR J 199 26.99 -7.88 -44.83
N LEU J 200 26.56 -8.65 -43.84
CA LEU J 200 25.46 -8.22 -43.00
C LEU J 200 25.91 -7.10 -42.08
N TRP J 201 25.10 -6.04 -42.03
CA TRP J 201 25.40 -4.86 -41.21
C TRP J 201 24.37 -4.73 -40.10
N ASN J 202 24.71 -3.94 -39.10
CA ASN J 202 23.80 -3.60 -38.01
C ASN J 202 23.88 -2.11 -37.75
N MET J 203 22.73 -1.45 -37.72
CA MET J 203 22.68 -0.02 -37.44
C MET J 203 22.40 0.17 -35.96
N ASN J 204 23.45 0.28 -35.16
CA ASN J 204 23.26 0.48 -33.73
C ASN J 204 22.95 1.93 -33.46
N PRO J 205 21.88 2.26 -32.75
CA PRO J 205 21.52 3.66 -32.53
C PRO J 205 22.46 4.30 -31.51
N ILE J 206 22.89 5.53 -31.79
CA ILE J 206 23.73 6.25 -30.84
C ILE J 206 22.89 7.16 -29.98
N CYS J 207 21.95 7.90 -30.58
CA CYS J 207 21.01 8.70 -29.84
C CYS J 207 19.81 8.97 -30.74
N SER J 208 18.69 9.34 -30.12
CA SER J 208 17.47 9.59 -30.87
C SER J 208 17.12 11.07 -30.88
N GLY J 209 17.02 11.66 -29.70
CA GLY J 209 16.74 13.07 -29.56
C GLY J 209 17.08 13.56 -28.18
N CYS J 210 17.83 14.65 -28.08
CA CYS J 210 18.33 15.14 -26.81
C CYS J 210 17.36 16.15 -26.21
N GLU J 211 16.99 15.96 -24.95
CA GLU J 211 16.26 16.98 -24.24
C GLU J 211 17.14 18.22 -24.08
N GLU J 212 16.51 19.39 -24.19
CA GLU J 212 17.26 20.64 -24.24
C GLU J 212 18.15 20.78 -23.01
N GLY J 213 19.40 21.16 -23.23
CA GLY J 213 20.30 21.48 -22.13
C GLY J 213 20.52 20.33 -21.17
N PHE J 214 20.60 19.10 -21.67
CA PHE J 214 20.86 17.93 -20.85
C PHE J 214 22.05 17.19 -21.41
N VAL J 215 23.02 16.89 -20.54
CA VAL J 215 24.29 16.32 -20.98
C VAL J 215 24.08 14.88 -21.40
N THR J 216 24.72 14.49 -22.50
CA THR J 216 24.65 13.13 -23.02
C THR J 216 26.04 12.66 -23.40
N GLY J 217 26.23 11.35 -23.36
CA GLY J 217 27.49 10.79 -23.77
C GLY J 217 27.81 11.14 -25.21
N GLY J 218 29.09 11.38 -25.48
CA GLY J 218 29.53 11.75 -26.81
C GLY J 218 29.53 13.23 -27.08
N HIS J 219 28.95 14.05 -26.20
CA HIS J 219 29.04 15.48 -26.35
C HIS J 219 30.45 15.97 -26.06
N VAL J 220 30.78 17.13 -26.61
CA VAL J 220 32.04 17.81 -26.34
C VAL J 220 31.72 19.00 -25.45
N LEU J 221 32.41 19.10 -24.32
CA LEU J 221 32.11 20.12 -23.33
C LEU J 221 33.38 20.50 -22.57
N ARG J 222 33.25 21.53 -21.76
CA ARG J 222 34.33 22.00 -20.89
C ARG J 222 33.89 21.91 -19.44
N LEU J 223 34.82 21.52 -18.57
CA LEU J 223 34.56 21.35 -17.15
C LEU J 223 35.06 22.59 -16.41
N PHE J 224 34.14 23.40 -15.92
CA PHE J 224 34.48 24.64 -15.22
C PHE J 224 34.47 24.37 -13.73
N HIS J 225 35.44 24.94 -13.01
CA HIS J 225 35.53 24.77 -11.57
C HIS J 225 34.43 25.56 -10.89
N GLY J 226 33.29 24.92 -10.64
CA GLY J 226 32.17 25.62 -10.05
C GLY J 226 31.84 26.84 -10.89
N HIS J 227 31.73 27.99 -10.24
CA HIS J 227 31.61 29.28 -10.90
C HIS J 227 32.88 30.10 -10.78
N MET J 228 34.01 29.47 -10.43
CA MET J 228 35.29 30.15 -10.38
C MET J 228 35.79 30.57 -11.75
N ASP J 229 35.17 30.10 -12.83
CA ASP J 229 35.64 30.36 -14.18
C ASP J 229 37.07 29.87 -14.37
N GLU J 230 37.37 28.71 -13.79
CA GLU J 230 38.63 28.00 -14.03
C GLU J 230 38.30 26.65 -14.64
N CYS J 231 38.72 26.44 -15.88
CA CYS J 231 38.42 25.22 -16.60
C CYS J 231 39.57 24.23 -16.46
N LEU J 232 39.24 22.95 -16.65
CA LEU J 232 40.21 21.88 -16.61
C LEU J 232 40.88 21.72 -17.97
N THR J 233 42.21 21.75 -18.00
CA THR J 233 42.93 21.72 -19.26
C THR J 233 44.32 21.13 -19.06
N ILE J 234 44.87 20.61 -20.15
CA ILE J 234 46.26 20.15 -20.15
C ILE J 234 47.17 21.35 -20.36
N SER J 235 48.47 21.14 -20.18
CA SER J 235 49.43 22.22 -20.38
C SER J 235 49.44 22.64 -21.84
N PRO J 236 49.91 23.85 -22.14
CA PRO J 236 49.89 24.34 -23.52
C PRO J 236 50.70 23.43 -24.42
N SER J 237 50.62 23.71 -25.72
CA SER J 237 51.54 23.07 -26.65
C SER J 237 52.94 23.62 -26.43
N ASP J 238 53.94 22.77 -26.71
CA ASP J 238 55.35 23.05 -26.50
C ASP J 238 55.69 22.96 -25.02
N SER J 239 54.74 22.55 -24.20
CA SER J 239 55.00 22.43 -22.76
C SER J 239 56.04 21.35 -22.51
N ASP J 240 56.90 21.60 -21.51
CA ASP J 240 57.95 20.65 -21.17
C ASP J 240 57.41 19.39 -20.52
N ASP J 241 56.28 19.47 -19.81
CA ASP J 241 55.71 18.30 -19.17
C ASP J 241 55.03 17.35 -20.16
N GLN J 242 55.20 17.56 -21.47
CA GLN J 242 54.68 16.70 -22.52
C GLN J 242 53.16 16.68 -22.58
N ARG J 243 52.48 17.65 -21.97
CA ARG J 243 51.03 17.74 -21.99
C ARG J 243 50.37 16.55 -21.33
N ARG J 244 51.06 15.85 -20.43
CA ARG J 244 50.52 14.70 -19.74
C ARG J 244 49.91 15.05 -18.39
N LEU J 245 49.90 16.32 -18.00
CA LEU J 245 49.38 16.74 -16.72
C LEU J 245 48.11 17.56 -16.92
N VAL J 246 47.34 17.72 -15.84
CA VAL J 246 46.04 18.39 -15.88
C VAL J 246 46.03 19.48 -14.83
N TYR J 247 45.59 20.68 -15.22
CA TYR J 247 45.53 21.82 -14.33
C TYR J 247 44.18 22.51 -14.48
N TYR J 248 43.93 23.41 -13.53
CA TYR J 248 42.83 24.36 -13.60
C TYR J 248 43.43 25.70 -13.99
N GLU J 249 42.90 26.29 -15.06
CA GLU J 249 43.35 27.60 -15.54
C GLU J 249 42.15 28.47 -15.86
N GLY J 250 42.30 29.78 -15.70
CA GLY J 250 41.19 30.69 -15.89
C GLY J 250 41.45 31.87 -16.79
N GLY J 251 42.22 31.67 -17.86
CA GLY J 251 42.49 32.71 -18.82
C GLY J 251 41.60 32.60 -20.04
N PRO J 252 42.16 32.83 -21.23
CA PRO J 252 41.42 32.52 -22.46
C PRO J 252 41.36 31.03 -22.78
N VAL J 253 41.92 30.19 -21.92
CA VAL J 253 41.79 28.75 -22.10
C VAL J 253 40.33 28.33 -22.08
N CYS J 254 39.45 29.15 -21.50
CA CYS J 254 38.02 28.87 -21.57
C CYS J 254 37.56 28.82 -23.02
N THR J 255 38.11 29.67 -23.87
CA THR J 255 37.76 29.70 -25.28
C THR J 255 38.68 28.85 -26.15
N HIS J 256 39.90 28.56 -25.68
CA HIS J 256 40.82 27.77 -26.49
C HIS J 256 40.37 26.32 -26.56
N ALA J 257 40.86 25.62 -27.59
CA ALA J 257 40.45 24.24 -27.82
C ALA J 257 41.21 23.25 -26.95
N ARG J 258 42.32 23.66 -26.35
CA ARG J 258 43.09 22.77 -25.49
C ARG J 258 42.28 22.25 -24.32
N SER J 259 41.21 22.94 -23.94
CA SER J 259 40.42 22.58 -22.77
C SER J 259 39.14 21.82 -23.11
N LEU J 260 38.99 21.35 -24.34
CA LEU J 260 37.77 20.68 -24.77
C LEU J 260 37.88 19.19 -24.46
N TRP J 261 36.92 18.68 -23.70
CA TRP J 261 36.86 17.26 -23.33
C TRP J 261 35.58 16.66 -23.89
N ARG J 262 35.64 15.37 -24.19
CA ARG J 262 34.49 14.64 -24.73
C ARG J 262 34.22 13.44 -23.82
N LEU J 263 32.96 13.18 -23.56
CA LEU J 263 32.59 12.10 -22.66
C LEU J 263 32.28 10.82 -23.45
N GLU J 264 32.79 9.70 -22.97
CA GLU J 264 32.61 8.41 -23.63
C GLU J 264 32.09 7.39 -22.63
N PRO J 265 30.81 7.03 -22.68
CA PRO J 265 30.33 5.95 -21.81
C PRO J 265 30.95 4.62 -22.19
N LEU J 266 31.11 3.75 -21.19
CA LEU J 266 31.75 2.47 -21.41
C LEU J 266 30.98 1.63 -22.43
N ARG J 267 29.70 1.92 -22.62
CA ARG J 267 28.86 1.15 -23.54
C ARG J 267 28.86 1.81 -24.91
N ILE J 268 29.05 1.00 -25.96
CA ILE J 268 29.08 1.54 -27.31
C ILE J 268 27.69 1.90 -27.78
N SER J 269 26.77 0.94 -27.73
CA SER J 269 25.40 1.18 -28.16
C SER J 269 24.71 2.13 -27.20
N TRP J 270 23.90 3.04 -27.77
CA TRP J 270 23.18 4.03 -26.98
C TRP J 270 24.13 4.89 -26.16
N SER J 271 25.34 5.07 -26.68
CA SER J 271 26.32 5.92 -26.02
C SER J 271 25.92 7.38 -26.02
N GLY J 272 24.91 7.76 -26.80
CA GLY J 272 24.46 9.13 -26.82
C GLY J 272 23.31 9.38 -25.86
N SER J 273 23.03 8.42 -25.00
CA SER J 273 21.94 8.57 -24.05
C SER J 273 22.27 9.65 -23.02
N HIS J 274 21.24 10.10 -22.32
CA HIS J 274 21.46 11.09 -21.27
C HIS J 274 22.37 10.53 -20.20
N LEU J 275 23.28 11.35 -19.71
CA LEU J 275 24.19 10.92 -18.66
C LEU J 275 23.44 10.68 -17.37
N ARG J 276 23.98 9.81 -16.54
CA ARG J 276 23.31 9.34 -15.33
C ARG J 276 24.31 9.29 -14.18
N TRP J 277 23.89 9.81 -13.02
CA TRP J 277 24.78 9.77 -11.86
C TRP J 277 25.18 8.33 -11.57
N GLY J 278 26.47 8.12 -11.34
CA GLY J 278 27.01 6.82 -11.08
C GLY J 278 27.41 6.05 -12.33
N GLN J 279 27.06 6.58 -13.49
CA GLN J 279 27.44 5.92 -14.74
C GLN J 279 28.95 6.01 -14.93
N PRO J 280 29.63 4.89 -15.20
CA PRO J 280 31.07 4.97 -15.49
C PRO J 280 31.29 5.48 -16.91
N LEU J 281 32.31 6.32 -17.07
CA LEU J 281 32.65 6.89 -18.38
C LEU J 281 34.10 7.33 -18.36
N ARG J 282 34.66 7.51 -19.55
CA ARG J 282 36.02 7.96 -19.72
C ARG J 282 36.01 9.32 -20.43
N ILE J 283 36.97 10.18 -20.09
CA ILE J 283 36.99 11.54 -20.60
C ILE J 283 38.17 11.68 -21.55
N ARG J 284 37.88 11.96 -22.82
CA ARG J 284 38.88 11.98 -23.87
C ARG J 284 39.17 13.42 -24.25
N HIS J 285 40.45 13.78 -24.29
CA HIS J 285 40.86 15.11 -24.74
C HIS J 285 40.89 15.13 -26.26
N VAL J 286 40.02 15.95 -26.86
CA VAL J 286 39.81 15.86 -28.30
C VAL J 286 41.08 16.18 -29.06
N THR J 287 41.73 17.30 -28.74
CA THR J 287 42.87 17.73 -29.53
C THR J 287 44.05 16.78 -29.36
N THR J 288 44.38 16.45 -28.11
CA THR J 288 45.48 15.52 -27.86
C THR J 288 45.09 14.09 -28.20
N GLY J 289 43.83 13.74 -27.97
CA GLY J 289 43.39 12.38 -28.18
C GLY J 289 43.73 11.42 -27.07
N ARG J 290 44.10 11.92 -25.90
CA ARG J 290 44.49 11.08 -24.77
C ARG J 290 43.36 11.04 -23.76
N TYR J 291 43.22 9.91 -23.08
CA TYR J 291 42.15 9.75 -22.11
C TYR J 291 42.65 10.05 -20.70
N LEU J 292 41.82 10.77 -19.95
CA LEU J 292 42.14 11.04 -18.55
C LEU J 292 42.11 9.75 -17.76
N GLY J 293 43.16 9.52 -16.97
CA GLY J 293 43.27 8.28 -16.24
C GLY J 293 44.15 8.42 -15.03
N LEU J 294 44.15 7.38 -14.21
CA LEU J 294 44.92 7.33 -12.98
C LEU J 294 46.10 6.39 -13.16
N THR J 295 47.30 6.88 -12.83
CA THR J 295 48.52 6.10 -12.90
C THR J 295 49.15 6.07 -11.51
N GLU J 296 49.58 4.89 -11.08
CA GLU J 296 50.14 4.75 -9.73
C GLU J 296 51.38 5.62 -9.57
N ASP J 297 52.27 5.61 -10.56
CA ASP J 297 53.54 6.32 -10.42
C ASP J 297 53.33 7.82 -10.25
N GLN J 298 52.45 8.41 -11.07
CA GLN J 298 52.30 9.86 -11.13
C GLN J 298 50.85 10.31 -11.00
N GLY J 299 50.01 9.53 -10.35
CA GLY J 299 48.65 9.97 -10.06
C GLY J 299 47.87 10.27 -11.33
N LEU J 300 47.17 11.40 -11.31
CA LEU J 300 46.27 11.76 -12.40
C LEU J 300 47.07 12.33 -13.57
N VAL J 301 46.89 11.74 -14.75
CA VAL J 301 47.54 12.20 -15.97
C VAL J 301 46.71 11.71 -17.15
N VAL J 302 46.66 12.52 -18.21
CA VAL J 302 46.07 12.06 -19.46
C VAL J 302 47.03 11.07 -20.10
N VAL J 303 46.50 9.92 -20.49
CA VAL J 303 47.32 8.82 -20.99
C VAL J 303 46.86 8.45 -22.39
N ASP J 304 47.73 7.75 -23.12
CA ASP J 304 47.42 7.38 -24.49
C ASP J 304 46.31 6.35 -24.54
N ALA J 305 45.67 6.25 -25.70
CA ALA J 305 44.54 5.33 -25.84
C ALA J 305 44.99 3.89 -25.62
N SER J 306 46.16 3.52 -26.14
CA SER J 306 46.60 2.13 -26.06
C SER J 306 46.70 1.66 -24.61
N LYS J 307 47.22 2.49 -23.73
CA LYS J 307 47.42 2.13 -22.33
C LYS J 307 46.23 2.46 -21.45
N ALA J 308 45.13 2.97 -22.01
CA ALA J 308 44.00 3.42 -21.23
C ALA J 308 42.98 2.29 -21.13
N HIS J 309 43.12 1.45 -20.10
CA HIS J 309 42.14 0.42 -19.83
C HIS J 309 41.06 0.97 -18.91
N THR J 310 39.97 0.21 -18.80
CA THR J 310 38.78 0.71 -18.11
C THR J 310 39.08 1.06 -16.66
N LYS J 311 39.82 0.22 -15.95
CA LYS J 311 40.10 0.49 -14.54
C LYS J 311 40.84 1.82 -14.39
N ALA J 312 41.78 2.09 -15.29
CA ALA J 312 42.58 3.31 -15.17
C ALA J 312 41.79 4.54 -15.60
N THR J 313 40.93 4.41 -16.61
CA THR J 313 40.28 5.56 -17.23
C THR J 313 38.77 5.56 -17.03
N SER J 314 38.28 4.99 -15.94
CA SER J 314 36.87 5.02 -15.60
C SER J 314 36.63 6.08 -14.53
N PHE J 315 35.69 6.99 -14.80
CA PHE J 315 35.26 8.00 -13.86
C PHE J 315 33.74 8.02 -13.82
N CYS J 316 33.19 8.71 -12.83
CA CYS J 316 31.74 8.89 -12.74
C CYS J 316 31.42 10.24 -12.12
N PHE J 317 30.25 10.75 -12.46
CA PHE J 317 29.73 12.00 -11.94
C PHE J 317 28.79 11.70 -10.78
N ARG J 318 29.08 12.29 -9.61
CA ARG J 318 28.30 12.06 -8.40
C ARG J 318 27.75 13.40 -7.93
N ILE J 319 26.50 13.39 -7.46
CA ILE J 319 25.88 14.61 -6.96
C ILE J 319 26.50 15.02 -5.63
N SER J 320 26.80 14.06 -4.77
CA SER J 320 27.37 14.32 -3.45
C SER J 320 28.46 13.30 -3.15
N LYS J 321 29.30 13.64 -2.18
CA LYS J 321 30.41 12.78 -1.83
C LYS J 321 30.00 11.58 -0.98
N GLU J 322 28.76 11.53 -0.51
CA GLU J 322 28.31 10.37 0.25
C GLU J 322 28.38 9.13 -0.61
N LYS J 323 28.73 8.00 0.02
CA LYS J 323 28.89 6.74 -0.69
C LYS J 323 27.52 6.10 -0.89
N LEU J 324 26.80 6.62 -1.87
CA LEU J 324 25.54 6.05 -2.31
C LEU J 324 25.74 5.05 -3.45
N ASP J 325 26.97 4.86 -3.90
CA ASP J 325 27.28 3.95 -4.98
C ASP J 325 27.46 2.50 -4.51
N VAL J 326 26.94 2.17 -3.31
CA VAL J 326 27.00 0.81 -2.81
C VAL J 326 26.09 -0.07 -3.65
N ALA J 327 25.25 0.54 -4.49
CA ALA J 327 24.36 -0.19 -5.37
C ALA J 327 24.51 0.38 -6.78
N PRO J 328 24.76 -0.46 -7.80
CA PRO J 328 24.86 0.06 -9.16
C PRO J 328 23.49 0.40 -9.73
N LYS J 329 23.45 0.79 -11.01
CA LYS J 329 22.21 1.15 -11.67
C LYS J 329 22.04 0.30 -12.93
N ARG J 330 20.82 -0.16 -13.17
CA ARG J 330 20.54 -0.97 -14.36
C ARG J 330 20.69 -0.12 -15.61
N ASP J 331 21.37 -0.68 -16.61
CA ASP J 331 21.59 0.02 -17.86
C ASP J 331 20.37 -0.10 -18.75
N VAL J 332 19.82 1.03 -19.18
CA VAL J 332 18.58 1.09 -19.93
C VAL J 332 18.90 1.41 -21.39
N GLU J 333 18.24 0.72 -22.30
CA GLU J 333 18.42 0.95 -23.73
C GLU J 333 17.45 2.05 -24.17
N GLY J 334 17.98 3.23 -24.42
CA GLY J 334 17.17 4.39 -24.75
C GLY J 334 17.80 5.64 -24.15
N MET J 335 17.31 6.80 -24.58
CA MET J 335 17.90 8.06 -24.14
C MET J 335 17.85 8.18 -22.62
N GLY J 336 16.88 7.55 -21.98
CA GLY J 336 16.86 7.43 -20.55
C GLY J 336 16.39 8.69 -19.84
N PRO J 337 16.54 8.72 -18.53
CA PRO J 337 16.05 9.85 -17.74
C PRO J 337 17.01 11.02 -17.80
N PRO J 338 16.56 12.19 -18.24
CA PRO J 338 17.44 13.37 -18.21
C PRO J 338 17.75 13.77 -16.77
N GLU J 339 19.03 13.68 -16.40
CA GLU J 339 19.43 13.97 -15.04
C GLU J 339 20.38 15.15 -14.96
N ILE J 340 21.47 15.09 -15.72
CA ILE J 340 22.50 16.14 -15.68
C ILE J 340 22.18 17.17 -16.74
N LYS J 341 22.20 18.44 -16.35
CA LYS J 341 21.88 19.55 -17.23
C LYS J 341 23.00 20.58 -17.20
N TYR J 342 23.28 21.17 -18.36
CA TYR J 342 24.40 22.09 -18.48
C TYR J 342 24.17 23.35 -17.62
N GLY J 343 25.28 23.91 -17.15
CA GLY J 343 25.23 25.20 -16.49
C GLY J 343 24.82 25.16 -15.04
N GLU J 344 23.64 24.60 -14.76
CA GLU J 344 23.07 24.64 -13.42
C GLU J 344 23.47 23.43 -12.59
N SER J 345 23.47 22.25 -13.20
CA SER J 345 23.87 21.06 -12.46
C SER J 345 25.31 21.17 -11.99
N LEU J 346 25.57 20.64 -10.79
CA LEU J 346 26.91 20.57 -10.24
C LEU J 346 27.22 19.11 -9.92
N CYS J 347 28.45 18.70 -10.18
CA CYS J 347 28.85 17.31 -10.02
C CYS J 347 30.28 17.21 -9.55
N PHE J 348 30.62 16.05 -9.00
CA PHE J 348 31.98 15.71 -8.58
C PHE J 348 32.44 14.49 -9.37
N VAL J 349 33.69 14.51 -9.80
CA VAL J 349 34.27 13.44 -10.60
C VAL J 349 34.99 12.48 -9.66
N GLN J 350 34.62 11.20 -9.72
CA GLN J 350 35.23 10.19 -8.86
C GLN J 350 35.76 9.06 -9.72
N HIS J 351 37.00 8.66 -9.46
CA HIS J 351 37.58 7.50 -10.13
C HIS J 351 37.07 6.22 -9.47
N VAL J 352 36.25 5.47 -10.20
CA VAL J 352 35.46 4.41 -9.57
C VAL J 352 36.35 3.43 -8.83
N ALA J 353 37.41 2.95 -9.48
CA ALA J 353 38.22 1.89 -8.89
C ALA J 353 38.86 2.36 -7.58
N SER J 354 39.53 3.51 -7.61
CA SER J 354 40.13 4.03 -6.39
C SER J 354 39.09 4.67 -5.48
N GLY J 355 38.06 5.28 -6.06
CA GLY J 355 37.11 6.04 -5.29
C GLY J 355 37.54 7.44 -4.95
N LEU J 356 38.75 7.85 -5.35
CA LEU J 356 39.23 9.18 -5.03
C LEU J 356 38.41 10.23 -5.76
N TRP J 357 38.49 11.47 -5.27
CA TRP J 357 37.73 12.59 -5.80
C TRP J 357 38.67 13.55 -6.50
N LEU J 358 38.30 13.92 -7.73
CA LEU J 358 39.08 14.92 -8.46
C LEU J 358 39.03 16.25 -7.72
N THR J 359 40.19 16.87 -7.55
CA THR J 359 40.26 18.11 -6.80
C THR J 359 41.57 18.81 -7.13
N TYR J 360 41.55 20.14 -6.97
CA TYR J 360 42.77 20.91 -7.16
C TYR J 360 43.76 20.61 -6.05
N ALA J 361 45.02 20.40 -6.43
CA ALA J 361 46.07 20.18 -5.45
C ALA J 361 46.30 21.46 -4.63
N ALA J 362 46.81 21.28 -3.43
CA ALA J 362 47.06 22.42 -2.57
C ALA J 362 48.00 23.39 -3.28
N PRO J 363 47.80 24.70 -3.13
CA PRO J 363 48.62 25.65 -3.88
C PRO J 363 50.11 25.34 -3.76
N ASP J 364 50.71 25.01 -4.89
CA ASP J 364 52.11 24.62 -4.91
C ASP J 364 53.00 25.82 -4.60
N PRO J 365 54.14 25.60 -3.95
CA PRO J 365 55.04 26.72 -3.66
C PRO J 365 55.56 27.35 -4.94
N LYS J 366 55.79 28.67 -4.89
CA LYS J 366 56.31 29.48 -5.97
C LYS J 366 55.31 29.67 -7.11
N ALA J 367 54.11 29.11 -7.02
CA ALA J 367 53.09 29.43 -8.01
C ALA J 367 52.73 30.91 -7.95
N LEU J 368 52.58 31.44 -6.73
CA LEU J 368 52.36 32.88 -6.59
C LEU J 368 53.54 33.66 -7.13
N ARG J 369 54.76 33.17 -6.91
CA ARG J 369 55.94 33.84 -7.44
C ARG J 369 55.88 33.90 -8.96
N LEU J 370 55.48 32.81 -9.61
CA LEU J 370 55.32 32.80 -11.06
C LEU J 370 54.23 33.77 -11.48
N GLY J 371 53.14 33.84 -10.72
CA GLY J 371 51.97 34.58 -11.11
C GLY J 371 51.02 33.81 -11.98
N VAL J 372 51.38 32.59 -12.39
CA VAL J 372 50.49 31.75 -13.17
C VAL J 372 49.39 31.21 -12.27
N LEU J 373 48.15 31.27 -12.74
CA LEU J 373 47.00 30.80 -11.98
C LEU J 373 46.80 29.29 -12.11
N LYS J 374 47.68 28.61 -12.82
CA LYS J 374 47.56 27.17 -12.98
C LYS J 374 47.56 26.49 -11.62
N LYS J 375 46.60 25.58 -11.43
CA LYS J 375 46.59 24.73 -10.24
C LYS J 375 46.48 23.28 -10.66
N LYS J 376 47.55 22.51 -10.42
CA LYS J 376 47.53 21.11 -10.80
C LYS J 376 46.37 20.38 -10.11
N ALA J 377 45.74 19.48 -10.84
CA ALA J 377 44.61 18.72 -10.34
C ALA J 377 45.06 17.30 -10.03
N MET J 378 44.72 16.83 -8.83
CA MET J 378 45.10 15.51 -8.37
C MET J 378 43.90 14.84 -7.73
N LEU J 379 44.06 13.57 -7.39
CA LEU J 379 42.99 12.76 -6.80
C LEU J 379 43.25 12.62 -5.30
N HIS J 380 42.27 13.02 -4.49
CA HIS J 380 42.38 13.02 -3.04
C HIS J 380 41.16 12.35 -2.42
N GLN J 381 41.39 11.59 -1.35
CA GLN J 381 40.27 10.94 -0.67
C GLN J 381 39.33 11.97 -0.08
N GLU J 382 39.86 12.92 0.70
CA GLU J 382 39.00 13.93 1.31
C GLU J 382 38.52 14.93 0.28
N GLY J 383 39.39 15.34 -0.63
CA GLY J 383 39.00 16.35 -1.58
C GLY J 383 38.78 17.68 -0.87
N HIS J 384 38.06 18.55 -1.56
CA HIS J 384 37.69 19.86 -1.01
C HIS J 384 36.21 20.10 -1.26
N MET J 385 35.61 20.91 -0.38
CA MET J 385 34.18 21.15 -0.46
C MET J 385 33.80 21.79 -1.80
N ASP J 386 34.61 22.75 -2.26
CA ASP J 386 34.31 23.48 -3.49
C ASP J 386 34.99 22.78 -4.67
N ASP J 387 34.74 21.48 -4.77
CA ASP J 387 35.23 20.67 -5.87
C ASP J 387 34.20 20.49 -6.96
N ALA J 388 33.05 21.12 -6.84
CA ALA J 388 31.99 20.95 -7.84
C ALA J 388 32.47 21.40 -9.20
N LEU J 389 32.20 20.58 -10.22
CA LEU J 389 32.47 20.92 -11.60
C LEU J 389 31.15 21.12 -12.34
N SER J 390 31.12 22.16 -13.17
CA SER J 390 29.97 22.48 -14.00
C SER J 390 30.30 22.14 -15.45
N LEU J 391 29.36 21.51 -16.13
CA LEU J 391 29.55 21.12 -17.52
C LEU J 391 29.01 22.24 -18.41
N THR J 392 29.82 22.68 -19.36
CA THR J 392 29.40 23.72 -20.31
C THR J 392 29.62 23.23 -21.73
N ARG J 393 28.55 23.20 -22.51
CA ARG J 393 28.63 22.70 -23.87
C ARG J 393 29.41 23.67 -24.75
N CYS J 394 30.12 23.12 -25.72
CA CYS J 394 30.85 23.90 -26.71
C CYS J 394 30.15 23.79 -28.06
N GLN J 395 30.35 24.81 -28.89
CA GLN J 395 29.64 24.89 -30.15
C GLN J 395 30.14 23.82 -31.13
N GLN J 396 29.28 23.54 -32.12
CA GLN J 396 29.64 22.56 -33.14
C GLN J 396 30.91 22.96 -33.88
N GLU J 397 31.05 24.25 -34.18
CA GLU J 397 32.25 24.70 -34.88
C GLU J 397 33.50 24.42 -34.04
N GLU J 398 33.44 24.70 -32.74
CA GLU J 398 34.61 24.46 -31.90
C GLU J 398 34.93 22.96 -31.80
N SER J 399 33.89 22.13 -31.65
CA SER J 399 34.14 20.69 -31.59
C SER J 399 34.78 20.19 -32.88
N GLN J 400 34.24 20.60 -34.01
CA GLN J 400 34.80 20.19 -35.29
C GLN J 400 36.21 20.69 -35.45
N ALA J 401 36.48 21.93 -35.04
CA ALA J 401 37.83 22.46 -35.15
C ALA J 401 38.79 21.65 -34.30
N ALA J 402 38.38 21.28 -33.09
CA ALA J 402 39.25 20.49 -32.22
C ALA J 402 39.58 19.14 -32.85
N ARG J 403 38.56 18.44 -33.36
CA ARG J 403 38.83 17.14 -33.95
C ARG J 403 39.70 17.26 -35.20
N MET J 404 39.43 18.27 -36.03
CA MET J 404 40.26 18.50 -37.21
C MET J 404 41.69 18.80 -36.80
N ILE J 405 41.88 19.56 -35.74
CA ILE J 405 43.23 19.85 -35.26
C ILE J 405 43.92 18.57 -34.84
N TYR J 406 43.22 17.70 -34.13
CA TYR J 406 43.82 16.42 -33.75
C TYR J 406 44.28 15.65 -34.99
N SER J 407 43.39 15.49 -35.96
CA SER J 407 43.75 14.73 -37.16
C SER J 407 44.92 15.36 -37.90
N THR J 408 44.86 16.68 -38.08
CA THR J 408 45.92 17.38 -38.82
C THR J 408 47.24 17.31 -38.09
N ALA J 409 47.23 17.46 -36.77
CA ALA J 409 48.46 17.35 -36.01
C ALA J 409 49.07 15.98 -36.18
N GLY J 410 48.27 14.92 -36.05
CA GLY J 410 48.80 13.59 -36.28
C GLY J 410 49.39 13.43 -37.66
N LEU J 411 48.65 13.84 -38.69
CA LEU J 411 49.12 13.65 -40.06
C LEU J 411 50.42 14.42 -40.32
N TYR J 412 50.46 15.69 -39.93
CA TYR J 412 51.63 16.50 -40.24
C TYR J 412 52.84 16.09 -39.40
N ASN J 413 52.63 15.66 -38.16
CA ASN J 413 53.75 15.13 -37.41
C ASN J 413 54.29 13.86 -38.07
N GLN J 414 53.41 13.00 -38.57
CA GLN J 414 53.87 11.84 -39.31
C GLN J 414 54.67 12.25 -40.54
N PHE J 415 54.20 13.27 -41.26
CA PHE J 415 54.91 13.77 -42.43
C PHE J 415 56.29 14.28 -42.07
N ILE J 416 56.39 15.06 -41.00
CA ILE J 416 57.67 15.62 -40.58
C ILE J 416 58.63 14.51 -40.19
N LYS J 417 58.13 13.51 -39.44
CA LYS J 417 58.99 12.39 -39.09
C LYS J 417 59.45 11.65 -40.33
N GLY J 418 58.56 11.48 -41.31
CA GLY J 418 58.95 10.84 -42.54
C GLY J 418 60.09 11.56 -43.24
N LEU J 419 59.98 12.89 -43.36
CA LEU J 419 61.04 13.65 -43.99
C LEU J 419 62.34 13.53 -43.21
N ASP J 420 62.27 13.65 -41.88
CA ASP J 420 63.48 13.53 -41.07
C ASP J 420 64.09 12.15 -41.20
N SER J 421 63.29 11.14 -41.53
CA SER J 421 63.82 9.79 -41.67
C SER J 421 64.88 9.70 -42.74
N PHE J 422 64.72 10.40 -43.86
CA PHE J 422 65.70 10.38 -44.94
C PHE J 422 66.38 11.72 -45.14
N SER J 423 66.27 12.64 -44.19
CA SER J 423 66.90 13.96 -44.36
C SER J 423 68.36 13.83 -44.75
N GLY J 424 69.10 12.95 -44.09
CA GLY J 424 70.55 12.89 -44.26
C GLY J 424 71.08 11.80 -45.16
N LYS J 425 70.25 10.89 -45.65
CA LYS J 425 70.72 9.74 -46.41
C LYS J 425 70.40 9.91 -47.89
N PRO J 426 71.38 10.20 -48.75
CA PRO J 426 71.08 10.26 -50.19
C PRO J 426 70.98 8.87 -50.80
N ARG J 427 69.79 8.52 -51.30
CA ARG J 427 69.62 7.21 -51.89
C ARG J 427 70.54 7.00 -53.08
N GLY J 428 70.88 8.07 -53.79
CA GLY J 428 71.58 7.90 -55.05
C GLY J 428 70.67 7.21 -56.05
N SER J 429 71.04 6.00 -56.44
CA SER J 429 70.18 5.13 -57.23
C SER J 429 69.80 3.93 -56.39
N GLY J 430 68.51 3.76 -56.13
CA GLY J 430 68.04 2.69 -55.29
C GLY J 430 66.79 3.08 -54.52
N PRO J 431 66.51 2.38 -53.42
CA PRO J 431 65.30 2.66 -52.67
C PRO J 431 65.39 4.00 -51.97
N PRO J 432 64.24 4.64 -51.69
CA PRO J 432 64.30 5.91 -50.95
C PRO J 432 64.98 5.79 -49.59
N ALA J 433 64.92 4.62 -48.98
CA ALA J 433 65.59 4.38 -47.70
C ALA J 433 64.95 5.16 -46.57
N GLY J 434 63.63 5.35 -46.64
CA GLY J 434 62.92 6.04 -45.58
C GLY J 434 61.45 5.70 -45.61
N SER J 435 60.79 5.97 -44.49
CA SER J 435 59.36 5.69 -44.37
C SER J 435 58.59 6.43 -45.46
N ALA J 436 57.69 5.72 -46.13
CA ALA J 436 56.93 6.31 -47.22
C ALA J 436 56.15 7.52 -46.72
N LEU J 437 56.23 8.61 -47.48
CA LEU J 437 55.55 9.84 -47.07
C LEU J 437 54.06 9.73 -47.38
N PRO J 438 53.20 10.30 -46.54
CA PRO J 438 51.76 10.36 -46.86
C PRO J 438 51.42 11.50 -47.81
N ILE J 439 51.92 11.39 -49.05
CA ILE J 439 51.83 12.52 -49.98
C ILE J 439 50.37 12.86 -50.28
N GLU J 440 49.59 11.85 -50.67
CA GLU J 440 48.19 12.11 -51.04
C GLU J 440 47.41 12.64 -49.86
N GLY J 441 47.60 12.03 -48.69
CA GLY J 441 46.89 12.49 -47.51
C GLY J 441 47.21 13.93 -47.17
N VAL J 442 48.50 14.29 -47.22
CA VAL J 442 48.89 15.66 -46.91
C VAL J 442 48.30 16.63 -47.91
N ILE J 443 48.33 16.27 -49.20
CA ILE J 443 47.78 17.17 -50.22
C ILE J 443 46.30 17.40 -49.97
N LEU J 444 45.55 16.32 -49.73
CA LEU J 444 44.12 16.46 -49.51
C LEU J 444 43.85 17.25 -48.24
N SER J 445 44.61 17.00 -47.17
CA SER J 445 44.41 17.74 -45.94
C SER J 445 44.66 19.23 -46.14
N LEU J 446 45.72 19.57 -46.86
CA LEU J 446 46.00 20.98 -47.12
C LEU J 446 44.90 21.63 -47.92
N GLN J 447 44.41 20.94 -48.96
CA GLN J 447 43.34 21.51 -49.78
C GLN J 447 42.09 21.72 -48.94
N ASP J 448 41.72 20.72 -48.14
CA ASP J 448 40.53 20.85 -47.31
C ASP J 448 40.67 21.96 -46.29
N LEU J 449 41.87 22.11 -45.70
CA LEU J 449 42.06 23.17 -44.73
C LEU J 449 42.01 24.54 -45.37
N ILE J 450 42.56 24.68 -46.59
CA ILE J 450 42.46 25.96 -47.28
C ILE J 450 41.00 26.28 -47.56
N GLY J 451 40.23 25.30 -48.04
CA GLY J 451 38.80 25.52 -48.20
C GLY J 451 38.12 25.88 -46.90
N TYR J 452 38.54 25.25 -45.81
CA TYR J 452 37.96 25.54 -44.50
C TYR J 452 38.21 26.99 -44.10
N PHE J 453 39.42 27.49 -44.35
CA PHE J 453 39.81 28.85 -43.95
C PHE J 453 39.50 29.88 -45.02
N GLU J 454 38.89 29.49 -46.13
CA GLU J 454 38.67 30.43 -47.22
C GLU J 454 37.91 31.65 -46.71
N PRO J 455 38.38 32.86 -46.98
CA PRO J 455 37.70 34.04 -46.44
C PRO J 455 36.33 34.19 -47.04
N PRO J 456 35.39 34.80 -46.32
CA PRO J 456 34.03 34.92 -46.83
C PRO J 456 33.98 35.77 -48.10
N SER J 457 33.03 35.43 -48.96
CA SER J 457 32.87 36.14 -50.22
C SER J 457 32.41 37.57 -49.97
N GLU J 458 32.97 38.51 -50.74
CA GLU J 458 32.64 39.92 -50.54
C GLU J 458 31.19 40.20 -50.88
N GLU J 459 30.64 39.49 -51.86
CA GLU J 459 29.29 39.78 -52.33
C GLU J 459 28.24 39.58 -51.24
N LEU J 460 28.55 38.81 -50.20
CA LEU J 460 27.57 38.52 -49.17
C LEU J 460 27.05 39.79 -48.53
N GLN J 461 25.87 39.69 -47.90
CA GLN J 461 25.33 40.80 -47.15
C GLN J 461 26.20 41.11 -45.94
N HIS J 462 26.07 42.32 -45.43
CA HIS J 462 26.97 42.77 -44.38
C HIS J 462 26.86 41.90 -43.13
N GLU J 463 25.64 41.58 -42.71
CA GLU J 463 25.46 40.80 -41.49
C GLU J 463 26.09 39.43 -41.61
N GLU J 464 25.80 38.72 -42.71
CA GLU J 464 26.34 37.39 -42.90
C GLU J 464 27.85 37.43 -43.03
N LYS J 465 28.38 38.44 -43.73
CA LYS J 465 29.82 38.56 -43.85
C LYS J 465 30.47 38.76 -42.49
N GLN J 466 29.85 39.59 -41.64
CA GLN J 466 30.40 39.80 -40.31
C GLN J 466 30.38 38.53 -39.49
N THR J 467 29.28 37.77 -39.55
CA THR J 467 29.24 36.51 -38.80
C THR J 467 30.30 35.54 -39.28
N LYS J 468 30.46 35.41 -40.60
CA LYS J 468 31.46 34.49 -41.14
C LYS J 468 32.87 34.95 -40.79
N LEU J 469 33.11 36.26 -40.77
CA LEU J 469 34.42 36.75 -40.35
C LEU J 469 34.66 36.42 -38.88
N ARG J 470 33.64 36.56 -38.04
CA ARG J 470 33.79 36.17 -36.64
C ARG J 470 34.18 34.70 -36.53
N SER J 471 33.47 33.83 -37.24
CA SER J 471 33.78 32.42 -37.20
C SER J 471 35.20 32.14 -37.69
N LEU J 472 35.59 32.81 -38.77
CA LEU J 472 36.93 32.60 -39.32
C LEU J 472 38.01 33.02 -38.33
N ARG J 473 37.84 34.18 -37.70
CA ARG J 473 38.82 34.62 -36.72
C ARG J 473 38.90 33.64 -35.56
N ASN J 474 37.75 33.15 -35.09
CA ASN J 474 37.78 32.21 -33.98
C ASN J 474 38.51 30.93 -34.38
N ARG J 475 38.25 30.42 -35.57
CA ARG J 475 38.91 29.19 -36.01
C ARG J 475 40.41 29.39 -36.15
N GLN J 476 40.82 30.52 -36.73
CA GLN J 476 42.24 30.80 -36.87
C GLN J 476 42.91 30.87 -35.51
N SER J 477 42.26 31.54 -34.55
CA SER J 477 42.81 31.62 -33.21
C SER J 477 42.94 30.24 -32.60
N LEU J 478 41.93 29.40 -32.76
CA LEU J 478 42.01 28.04 -32.22
C LEU J 478 43.20 27.30 -32.79
N PHE J 479 43.36 27.33 -34.11
CA PHE J 479 44.46 26.59 -34.74
C PHE J 479 45.80 27.13 -34.28
N GLN J 480 45.97 28.46 -34.27
CA GLN J 480 47.25 29.02 -33.84
C GLN J 480 47.54 28.66 -32.39
N GLU J 481 46.54 28.77 -31.52
CA GLU J 481 46.75 28.46 -30.11
C GLU J 481 47.19 27.02 -29.93
N GLU J 482 46.56 26.10 -30.64
CA GLU J 482 46.98 24.71 -30.51
C GLU J 482 48.31 24.47 -31.24
N GLY J 483 48.74 25.42 -32.05
CA GLY J 483 50.09 25.39 -32.61
C GLY J 483 50.20 24.85 -34.01
N MET J 484 49.11 24.61 -34.73
CA MET J 484 49.23 24.13 -36.10
C MET J 484 50.04 25.09 -36.96
N LEU J 485 50.05 26.37 -36.61
CA LEU J 485 50.85 27.33 -37.38
C LEU J 485 52.33 27.00 -37.28
N SER J 486 52.83 26.77 -36.07
CA SER J 486 54.22 26.37 -35.92
C SER J 486 54.50 25.03 -36.58
N LEU J 487 53.52 24.13 -36.57
CA LEU J 487 53.68 22.85 -37.25
C LEU J 487 53.85 23.05 -38.75
N VAL J 488 53.04 23.93 -39.35
CA VAL J 488 53.18 24.24 -40.77
C VAL J 488 54.54 24.87 -41.04
N LEU J 489 55.00 25.75 -40.16
CA LEU J 489 56.31 26.34 -40.37
C LEU J 489 57.40 25.28 -40.33
N ASN J 490 57.30 24.33 -39.41
CA ASN J 490 58.28 23.26 -39.35
C ASN J 490 58.26 22.41 -40.61
N CYS J 491 57.07 22.08 -41.11
CA CYS J 491 56.98 21.31 -42.35
C CYS J 491 57.58 22.09 -43.51
N ILE J 492 57.32 23.40 -43.56
CA ILE J 492 57.91 24.23 -44.60
C ILE J 492 59.42 24.22 -44.51
N ASP J 493 59.97 24.31 -43.30
CA ASP J 493 61.43 24.26 -43.16
C ASP J 493 61.99 22.95 -43.68
N ARG J 494 61.38 21.83 -43.28
CA ARG J 494 61.87 20.53 -43.73
C ARG J 494 61.83 20.44 -45.26
N LEU J 495 60.74 20.88 -45.87
CA LEU J 495 60.63 20.78 -47.32
C LEU J 495 61.52 21.79 -48.03
N ASN J 496 61.81 22.93 -47.39
CA ASN J 496 62.60 23.98 -48.01
C ASN J 496 64.10 23.73 -47.88
N VAL J 497 64.51 22.83 -46.99
CA VAL J 497 65.93 22.46 -46.95
C VAL J 497 66.42 22.07 -48.33
N TYR J 498 65.62 21.29 -49.05
CA TYR J 498 65.97 20.92 -50.41
C TYR J 498 65.67 22.08 -51.36
N THR J 499 66.50 22.24 -52.39
CA THR J 499 66.41 23.42 -53.24
C THR J 499 65.33 23.29 -54.30
N THR J 500 65.38 22.22 -55.09
CA THR J 500 64.46 22.04 -56.20
C THR J 500 63.92 20.61 -56.19
N ALA J 501 63.02 20.33 -57.14
CA ALA J 501 62.37 19.03 -57.18
C ALA J 501 63.38 17.91 -57.37
N ALA J 502 64.36 18.10 -58.25
CA ALA J 502 65.39 17.08 -58.45
C ALA J 502 66.22 16.89 -57.20
N HIS J 503 66.55 17.99 -56.52
CA HIS J 503 67.29 17.88 -55.26
C HIS J 503 66.50 17.06 -54.26
N PHE J 504 65.19 17.29 -54.18
CA PHE J 504 64.36 16.47 -53.31
C PHE J 504 64.39 15.01 -53.75
N ALA J 505 64.27 14.77 -55.06
CA ALA J 505 64.25 13.40 -55.56
C ALA J 505 65.50 12.64 -55.16
N GLU J 506 66.65 13.31 -55.17
CA GLU J 506 67.89 12.62 -54.83
C GLU J 506 67.81 11.99 -53.44
N PHE J 507 66.95 12.52 -52.58
CA PHE J 507 66.85 12.03 -51.21
C PHE J 507 65.58 11.22 -50.95
N ALA J 508 64.48 11.54 -51.61
CA ALA J 508 63.18 10.98 -51.28
C ALA J 508 62.61 10.05 -52.33
N GLY J 509 62.88 10.31 -53.61
CA GLY J 509 62.34 9.48 -54.68
C GLY J 509 61.58 10.27 -55.72
N GLU J 510 61.46 9.71 -56.92
CA GLU J 510 60.82 10.44 -58.01
C GLU J 510 59.34 10.69 -57.73
N GLU J 511 58.65 9.71 -57.17
CA GLU J 511 57.22 9.86 -56.93
C GLU J 511 56.94 10.99 -55.94
N ALA J 512 57.75 11.10 -54.89
CA ALA J 512 57.58 12.19 -53.95
C ALA J 512 58.05 13.51 -54.55
N ALA J 513 59.09 13.46 -55.39
CA ALA J 513 59.56 14.67 -56.05
C ALA J 513 58.45 15.27 -56.90
N GLU J 514 57.68 14.42 -57.58
CA GLU J 514 56.60 14.94 -58.41
C GLU J 514 55.69 15.86 -57.64
N SER J 515 55.39 15.54 -56.38
CA SER J 515 54.47 16.33 -55.57
C SER J 515 55.18 17.32 -54.66
N TRP J 516 56.51 17.35 -54.68
CA TRP J 516 57.24 18.32 -53.84
C TRP J 516 56.74 19.74 -54.07
N LYS J 517 56.71 20.18 -55.33
CA LYS J 517 56.35 21.57 -55.62
C LYS J 517 54.92 21.86 -55.20
N GLU J 518 54.00 20.95 -55.50
CA GLU J 518 52.61 21.16 -55.15
C GLU J 518 52.44 21.25 -53.64
N ILE J 519 53.13 20.40 -52.89
CA ILE J 519 53.04 20.45 -51.44
C ILE J 519 53.58 21.78 -50.92
N VAL J 520 54.69 22.25 -51.47
CA VAL J 520 55.25 23.52 -51.01
C VAL J 520 54.26 24.65 -51.25
N ASN J 521 53.69 24.70 -52.47
CA ASN J 521 52.74 25.76 -52.78
C ASN J 521 51.53 25.70 -51.86
N LEU J 522 51.01 24.50 -51.63
CA LEU J 522 49.85 24.36 -50.76
C LEU J 522 50.17 24.78 -49.33
N LEU J 523 51.37 24.44 -48.85
CA LEU J 523 51.76 24.86 -47.51
C LEU J 523 51.78 26.37 -47.40
N TYR J 524 52.36 27.04 -48.39
CA TYR J 524 52.40 28.50 -48.34
C TYR J 524 51.00 29.09 -48.39
N GLU J 525 50.12 28.52 -49.23
CA GLU J 525 48.75 29.02 -49.29
C GLU J 525 48.03 28.82 -47.97
N LEU J 526 48.23 27.66 -47.34
CA LEU J 526 47.61 27.41 -46.04
C LEU J 526 48.11 28.39 -45.00
N LEU J 527 49.41 28.67 -45.00
CA LEU J 527 49.95 29.65 -44.06
C LEU J 527 49.30 31.00 -44.27
N ALA J 528 49.17 31.42 -45.53
CA ALA J 528 48.53 32.70 -45.82
C ALA J 528 47.10 32.70 -45.33
N SER J 529 46.36 31.62 -45.56
CA SER J 529 44.97 31.56 -45.09
C SER J 529 44.90 31.64 -43.57
N LEU J 530 45.81 30.94 -42.89
CA LEU J 530 45.80 30.95 -41.43
C LEU J 530 46.04 32.35 -40.89
N ILE J 531 47.00 33.08 -41.47
CA ILE J 531 47.39 34.37 -40.90
C ILE J 531 46.59 35.54 -41.44
N ARG J 532 45.86 35.38 -42.53
CA ARG J 532 45.20 36.53 -43.15
C ARG J 532 44.18 37.14 -42.20
N GLY J 533 44.32 38.43 -41.95
CA GLY J 533 43.36 39.19 -41.17
C GLY J 533 43.59 39.15 -39.67
N ASN J 534 44.17 38.06 -39.16
CA ASN J 534 44.33 37.88 -37.72
C ASN J 534 45.61 38.58 -37.26
N ARG J 535 45.46 39.71 -36.57
CA ARG J 535 46.62 40.45 -36.11
C ARG J 535 47.44 39.64 -35.12
N THR J 536 46.77 38.89 -34.24
CA THR J 536 47.51 38.09 -33.27
C THR J 536 48.39 37.06 -33.96
N ASN J 537 47.86 36.39 -34.99
CA ASN J 537 48.67 35.45 -35.75
C ASN J 537 49.80 36.16 -36.48
N CYS J 538 49.50 37.29 -37.10
CA CYS J 538 50.51 37.98 -37.90
C CYS J 538 51.68 38.41 -37.04
N ALA J 539 51.40 38.95 -35.85
CA ALA J 539 52.44 39.47 -34.99
C ALA J 539 53.48 38.40 -34.67
N LEU J 540 53.08 37.14 -34.73
CA LEU J 540 54.00 36.06 -34.41
C LEU J 540 55.23 36.10 -35.30
N PHE J 541 55.09 36.58 -36.54
CA PHE J 541 56.23 36.59 -37.45
C PHE J 541 57.27 37.62 -37.03
N SER J 542 56.86 38.63 -36.26
CA SER J 542 57.77 39.70 -35.86
C SER J 542 59.11 39.16 -35.41
N THR J 543 59.13 38.05 -34.67
CA THR J 543 60.39 37.51 -34.17
C THR J 543 61.19 36.85 -35.28
N ASN J 544 60.54 36.06 -36.13
CA ASN J 544 61.23 35.29 -37.16
C ASN J 544 61.04 35.88 -38.55
N LEU J 545 61.02 37.21 -38.67
CA LEU J 545 60.80 37.83 -39.96
C LEU J 545 61.87 37.43 -40.96
N ASP J 546 63.12 37.34 -40.52
CA ASP J 546 64.21 37.02 -41.43
C ASP J 546 63.92 35.73 -42.19
N TRP J 547 63.21 34.80 -41.56
CA TRP J 547 62.88 33.54 -42.21
C TRP J 547 62.09 33.76 -43.49
N LEU J 548 60.99 34.50 -43.40
CA LEU J 548 60.14 34.73 -44.56
C LEU J 548 60.85 35.54 -45.62
N VAL J 549 61.52 36.63 -45.22
CA VAL J 549 62.16 37.50 -46.21
C VAL J 549 63.29 36.76 -46.92
N SER J 550 64.02 35.92 -46.18
CA SER J 550 65.02 35.09 -46.84
C SER J 550 64.38 34.15 -47.84
N LYS J 551 63.27 33.51 -47.47
CA LYS J 551 62.60 32.61 -48.39
C LYS J 551 61.99 33.32 -49.59
N LEU J 552 61.81 34.64 -49.52
CA LEU J 552 61.18 35.35 -50.63
C LEU J 552 61.80 35.01 -51.98
N ASP J 553 63.13 34.96 -52.05
CA ASP J 553 63.79 34.82 -53.35
C ASP J 553 63.58 33.46 -53.99
N ARG J 554 63.13 32.47 -53.24
CA ARG J 554 62.91 31.15 -53.81
C ARG J 554 61.78 31.20 -54.84
N LEU J 555 61.96 30.50 -55.95
CA LEU J 555 61.09 30.63 -57.10
C LEU J 555 60.19 29.43 -57.33
N GLU J 556 60.09 28.51 -56.37
CA GLU J 556 59.15 27.41 -56.51
C GLU J 556 57.76 27.82 -56.07
N ALA J 557 57.66 28.71 -55.09
CA ALA J 557 56.38 29.20 -54.59
C ALA J 557 56.50 30.71 -54.33
N SER J 558 57.09 31.44 -55.28
CA SER J 558 57.35 32.85 -55.05
C SER J 558 56.07 33.64 -54.82
N SER J 559 55.03 33.37 -55.62
CA SER J 559 53.78 34.09 -55.44
C SER J 559 53.17 33.82 -54.07
N GLY J 560 53.19 32.56 -53.63
CA GLY J 560 52.66 32.24 -52.32
C GLY J 560 53.42 32.94 -51.21
N ILE J 561 54.76 32.94 -51.31
CA ILE J 561 55.56 33.59 -50.29
C ILE J 561 55.26 35.08 -50.25
N LEU J 562 55.15 35.70 -51.43
CA LEU J 562 54.81 37.13 -51.47
C LEU J 562 53.45 37.38 -50.85
N GLU J 563 52.49 36.49 -51.09
CA GLU J 563 51.17 36.65 -50.49
C GLU J 563 51.25 36.58 -48.98
N VAL J 564 52.03 35.63 -48.44
CA VAL J 564 52.18 35.52 -47.01
C VAL J 564 52.76 36.80 -46.44
N LEU J 565 53.83 37.30 -47.08
CA LEU J 565 54.46 38.53 -46.59
C LEU J 565 53.49 39.70 -46.66
N TYR J 566 52.70 39.78 -47.74
CA TYR J 566 51.75 40.87 -47.87
C TYR J 566 50.73 40.85 -46.74
N CYS J 567 50.17 39.68 -46.45
CA CYS J 567 49.21 39.60 -45.35
C CYS J 567 49.85 40.02 -44.04
N VAL J 568 51.04 39.49 -43.75
CA VAL J 568 51.72 39.84 -42.50
C VAL J 568 51.91 41.35 -42.41
N LEU J 569 52.39 41.96 -43.49
CA LEU J 569 52.76 43.37 -43.43
C LEU J 569 51.52 44.25 -43.29
N ILE J 570 50.45 43.95 -44.03
CA ILE J 570 49.26 44.78 -43.93
C ILE J 570 48.64 44.65 -42.55
N GLU J 571 48.73 43.47 -41.94
CA GLU J 571 48.01 43.28 -40.68
C GLU J 571 48.79 43.77 -39.48
N SER J 572 50.08 43.44 -39.39
CA SER J 572 50.84 43.68 -38.16
C SER J 572 51.73 44.91 -38.31
N PRO J 573 51.54 45.96 -37.49
CA PRO J 573 52.51 47.06 -37.49
C PRO J 573 53.80 46.75 -36.75
N GLU J 574 53.81 45.75 -35.86
CA GLU J 574 55.05 45.38 -35.18
C GLU J 574 56.09 44.89 -36.19
N VAL J 575 55.65 44.10 -37.16
CA VAL J 575 56.56 43.68 -38.23
C VAL J 575 57.13 44.90 -38.93
N LEU J 576 56.28 45.89 -39.21
CA LEU J 576 56.77 47.13 -39.83
C LEU J 576 57.83 47.79 -38.97
N ASN J 577 57.62 47.82 -37.65
CA ASN J 577 58.60 48.42 -36.77
C ASN J 577 59.93 47.68 -36.85
N ILE J 578 59.89 46.36 -36.98
CA ILE J 578 61.13 45.58 -36.91
C ILE J 578 61.81 45.49 -38.27
N ILE J 579 61.12 45.88 -39.35
CA ILE J 579 61.72 45.84 -40.68
C ILE J 579 63.09 46.52 -40.67
N GLN J 580 64.03 46.00 -41.47
CA GLN J 580 65.36 46.57 -41.59
C GLN J 580 65.75 46.73 -43.06
N GLU J 581 66.89 47.41 -43.25
CA GLU J 581 67.38 47.70 -44.59
C GLU J 581 67.61 46.42 -45.37
N ASN J 582 68.02 45.34 -44.70
CA ASN J 582 68.23 44.09 -45.41
C ASN J 582 66.94 43.59 -46.04
N HIS J 583 65.85 43.64 -45.27
CA HIS J 583 64.57 43.20 -45.80
C HIS J 583 64.09 44.11 -46.92
N ILE J 584 64.30 45.42 -46.77
CA ILE J 584 63.89 46.34 -47.83
C ILE J 584 64.66 46.05 -49.11
N LYS J 585 65.96 45.81 -48.99
CA LYS J 585 66.77 45.49 -50.16
C LYS J 585 66.31 44.19 -50.80
N SER J 586 65.96 43.19 -49.99
CA SER J 586 65.47 41.94 -50.56
C SER J 586 64.17 42.15 -51.32
N ILE J 587 63.25 42.93 -50.75
CA ILE J 587 61.98 43.14 -51.42
C ILE J 587 62.18 43.90 -52.73
N ILE J 588 63.13 44.84 -52.75
CA ILE J 588 63.43 45.54 -54.00
C ILE J 588 64.09 44.58 -54.99
N SER J 589 64.94 43.69 -54.49
CA SER J 589 65.54 42.69 -55.35
C SER J 589 64.48 41.82 -55.99
N LEU J 590 63.34 41.66 -55.33
CA LEU J 590 62.23 40.95 -55.97
C LEU J 590 61.80 41.66 -57.25
N LEU J 591 61.62 42.98 -57.19
CA LEU J 591 61.34 43.71 -58.42
C LEU J 591 62.44 43.51 -59.43
N ASP J 592 63.69 43.56 -58.98
CA ASP J 592 64.82 43.47 -59.91
C ASP J 592 64.85 42.13 -60.62
N LYS J 593 64.54 41.04 -59.93
CA LYS J 593 64.79 39.70 -60.45
C LYS J 593 63.55 39.04 -61.03
N HIS J 594 62.36 39.32 -60.49
CA HIS J 594 61.14 38.65 -60.92
C HIS J 594 60.29 39.50 -61.85
N GLY J 595 60.81 40.62 -62.35
CA GLY J 595 60.06 41.46 -63.25
C GLY J 595 59.20 42.45 -62.52
N ARG J 596 58.39 43.16 -63.31
CA ARG J 596 57.53 44.22 -62.80
C ARG J 596 56.20 43.61 -62.38
N ASN J 597 55.98 43.53 -61.07
CA ASN J 597 54.76 43.00 -60.50
C ASN J 597 54.18 44.00 -59.51
N HIS J 598 52.93 44.39 -59.72
CA HIS J 598 52.35 45.44 -58.89
C HIS J 598 52.16 44.97 -57.44
N LYS J 599 52.15 43.65 -57.22
CA LYS J 599 52.01 43.16 -55.86
C LYS J 599 53.23 43.53 -55.02
N VAL J 600 54.42 43.51 -55.62
CA VAL J 600 55.61 43.94 -54.90
C VAL J 600 55.50 45.40 -54.52
N LEU J 601 54.99 46.23 -55.44
CA LEU J 601 54.79 47.63 -55.12
C LEU J 601 53.77 47.80 -54.00
N ASP J 602 52.72 46.97 -53.99
CA ASP J 602 51.76 47.02 -52.89
C ASP J 602 52.41 46.64 -51.56
N VAL J 603 53.28 45.64 -51.57
CA VAL J 603 54.02 45.30 -50.36
C VAL J 603 54.85 46.48 -49.89
N LEU J 604 55.56 47.14 -50.81
CA LEU J 604 56.35 48.30 -50.44
C LEU J 604 55.46 49.41 -49.88
N CYS J 605 54.30 49.64 -50.47
CA CYS J 605 53.37 50.63 -49.95
C CYS J 605 52.94 50.29 -48.53
N SER J 606 52.62 49.01 -48.29
CA SER J 606 52.21 48.60 -46.95
C SER J 606 53.33 48.77 -45.95
N LEU J 607 54.58 48.65 -46.38
CA LEU J 607 55.69 48.86 -45.47
C LEU J 607 55.76 50.31 -44.99
N CYS J 608 55.11 51.23 -45.71
CA CYS J 608 55.26 52.64 -45.39
C CYS J 608 54.32 53.07 -44.28
N VAL J 609 53.03 52.74 -44.42
CA VAL J 609 52.01 53.22 -43.50
C VAL J 609 51.13 52.05 -43.08
N CYS J 610 50.81 51.98 -41.80
CA CYS J 610 49.90 50.97 -41.26
C CYS J 610 48.94 51.63 -40.29
N ASN J 611 47.64 51.48 -40.54
CA ASN J 611 46.61 51.98 -39.63
C ASN J 611 46.80 53.48 -39.34
N GLY J 612 47.17 54.23 -40.37
CA GLY J 612 47.24 55.67 -40.25
C GLY J 612 48.47 56.22 -39.57
N VAL J 613 49.44 55.38 -39.22
CA VAL J 613 50.70 55.82 -38.65
C VAL J 613 51.82 55.40 -39.59
N ALA J 614 52.67 56.34 -39.96
CA ALA J 614 53.72 56.12 -40.95
C ALA J 614 55.04 55.84 -40.26
N VAL J 615 55.82 54.94 -40.86
CA VAL J 615 57.13 54.56 -40.32
C VAL J 615 58.22 55.26 -41.14
N ARG J 616 58.82 56.29 -40.55
CA ARG J 616 59.74 57.13 -41.29
C ARG J 616 60.98 56.37 -41.72
N SER J 617 61.47 55.45 -40.89
CA SER J 617 62.65 54.69 -41.27
C SER J 617 62.39 53.90 -42.53
N ASN J 618 61.25 53.20 -42.60
CA ASN J 618 60.94 52.42 -43.79
C ASN J 618 60.73 53.34 -44.99
N GLN J 619 60.05 54.47 -44.80
CA GLN J 619 59.86 55.39 -45.93
C GLN J 619 61.21 55.83 -46.49
N ASP J 620 62.11 56.27 -45.60
CA ASP J 620 63.42 56.75 -46.05
C ASP J 620 64.23 55.65 -46.71
N LEU J 621 64.20 54.44 -46.16
CA LEU J 621 64.96 53.35 -46.77
C LEU J 621 64.42 52.99 -48.14
N ILE J 622 63.09 52.88 -48.27
CA ILE J 622 62.51 52.57 -49.57
C ILE J 622 62.90 53.63 -50.58
N THR J 623 62.80 54.91 -50.20
CA THR J 623 63.26 55.95 -51.10
C THR J 623 64.72 55.73 -51.50
N GLU J 624 65.61 55.76 -50.52
CA GLU J 624 67.05 55.73 -50.80
C GLU J 624 67.41 54.57 -51.71
N ASN J 625 66.81 53.40 -51.50
CA ASN J 625 67.17 52.22 -52.27
C ASN J 625 66.50 52.17 -53.63
N LEU J 626 65.17 52.36 -53.67
CA LEU J 626 64.46 52.15 -54.92
C LEU J 626 64.63 53.31 -55.89
N LEU J 627 64.47 54.54 -55.42
CA LEU J 627 64.26 55.64 -56.35
C LEU J 627 65.53 56.06 -57.10
N PRO J 628 66.62 56.39 -56.41
CA PRO J 628 67.73 57.05 -57.11
C PRO J 628 68.31 56.24 -58.26
N GLY J 629 68.17 54.92 -58.22
CA GLY J 629 68.73 54.10 -59.29
C GLY J 629 68.12 54.42 -60.64
N ARG J 630 66.80 54.62 -60.68
CA ARG J 630 66.09 54.88 -61.93
C ARG J 630 66.34 53.78 -62.94
N GLU J 631 66.22 52.53 -62.50
CA GLU J 631 66.36 51.38 -63.38
C GLU J 631 65.22 50.39 -63.26
N LEU J 632 64.35 50.54 -62.27
CA LEU J 632 63.23 49.61 -62.07
C LEU J 632 61.89 50.29 -62.32
N LEU J 633 61.59 51.38 -61.62
CA LEU J 633 60.34 52.08 -61.81
C LEU J 633 60.36 52.84 -63.14
N LEU J 634 59.25 52.78 -63.85
CA LEU J 634 59.14 53.50 -65.12
C LEU J 634 59.30 54.99 -64.88
N GLN J 635 60.06 55.64 -65.74
CA GLN J 635 60.36 57.06 -65.60
C GLN J 635 59.56 57.86 -66.61
N THR J 636 59.16 59.07 -66.22
CA THR J 636 58.36 59.94 -67.07
C THR J 636 58.99 61.31 -67.16
N ASN J 637 58.75 61.99 -68.28
CA ASN J 637 59.27 63.33 -68.49
C ASN J 637 58.58 63.93 -69.70
N LEU J 638 58.64 65.25 -69.79
CA LEU J 638 58.05 65.97 -70.91
C LEU J 638 59.11 66.23 -71.97
N ILE J 639 58.78 65.94 -73.23
CA ILE J 639 59.74 66.03 -74.31
C ILE J 639 59.09 66.69 -75.52
N ASN J 640 59.85 67.53 -76.21
CA ASN J 640 59.35 68.18 -77.42
C ASN J 640 59.14 67.15 -78.52
N TYR J 641 58.23 67.48 -79.44
CA TYR J 641 58.12 66.72 -80.68
C TYR J 641 59.25 67.14 -81.61
N VAL J 642 59.73 66.19 -82.40
CA VAL J 642 60.79 66.42 -83.37
C VAL J 642 60.38 65.80 -84.69
N THR J 643 60.54 66.55 -85.78
CA THR J 643 60.21 66.06 -87.10
C THR J 643 61.35 66.39 -88.05
N SER J 644 61.47 65.59 -89.11
CA SER J 644 62.56 65.71 -90.06
C SER J 644 62.02 66.09 -91.43
N ILE J 645 62.77 66.91 -92.14
CA ILE J 645 62.40 67.38 -93.47
C ILE J 645 63.58 67.14 -94.40
N ARG J 646 63.28 66.70 -95.62
CA ARG J 646 64.27 66.45 -96.63
C ARG J 646 63.82 67.04 -97.96
N PRO J 647 64.75 67.43 -98.83
CA PRO J 647 64.39 67.59 -100.24
C PRO J 647 64.28 66.23 -100.90
N ASN J 648 63.54 66.16 -102.00
CA ASN J 648 63.38 64.91 -102.73
C ASN J 648 64.60 64.67 -103.63
N ILE J 649 65.75 64.60 -102.97
CA ILE J 649 67.05 64.38 -103.62
C ILE J 649 67.63 63.09 -103.06
N PHE J 650 67.98 62.17 -103.94
CA PHE J 650 68.49 60.86 -103.54
C PHE J 650 69.77 60.55 -104.29
N VAL J 651 70.81 60.16 -103.56
CA VAL J 651 72.10 59.83 -104.13
C VAL J 651 72.62 58.57 -103.45
N GLY J 652 73.22 57.67 -104.24
CA GLY J 652 73.78 56.45 -103.69
C GLY J 652 74.89 55.96 -104.58
N ARG J 653 75.55 54.89 -104.13
CA ARG J 653 76.63 54.25 -104.88
C ARG J 653 76.32 52.78 -105.02
N ALA J 654 76.22 52.30 -106.26
CA ALA J 654 76.05 50.89 -106.55
C ALA J 654 76.90 50.54 -107.76
N GLU J 655 77.28 49.27 -107.83
CA GLU J 655 78.16 48.84 -108.91
C GLU J 655 77.53 49.14 -110.26
N GLY J 656 78.24 49.93 -111.08
CA GLY J 656 77.72 50.29 -112.38
C GLY J 656 76.58 51.28 -112.36
N SER J 657 76.29 51.88 -111.20
CA SER J 657 75.19 52.83 -111.12
C SER J 657 75.53 54.10 -111.89
N THR J 658 74.50 54.77 -112.40
CA THR J 658 74.69 55.99 -113.15
C THR J 658 74.90 57.20 -112.26
N GLN J 659 74.60 57.08 -110.96
CA GLN J 659 74.71 58.22 -110.06
C GLN J 659 76.16 58.65 -109.88
N TYR J 660 76.34 59.96 -109.69
CA TYR J 660 77.64 60.52 -109.35
C TYR J 660 77.92 60.25 -107.87
N GLY J 661 79.19 60.31 -107.49
CA GLY J 661 79.60 59.85 -106.18
C GLY J 661 79.77 60.91 -105.11
N LYS J 662 79.78 62.18 -105.49
CA LYS J 662 80.05 63.26 -104.54
C LYS J 662 78.92 64.28 -104.60
N TRP J 663 78.54 64.81 -103.44
CA TRP J 663 77.47 65.78 -103.38
C TRP J 663 77.71 66.75 -102.22
N TYR J 664 77.01 67.89 -102.28
CA TYR J 664 77.26 68.99 -101.37
C TYR J 664 76.01 69.87 -101.29
N PHE J 665 75.66 70.32 -100.08
CA PHE J 665 74.56 71.25 -99.92
C PHE J 665 74.79 72.10 -98.68
N GLU J 666 73.89 73.06 -98.45
CA GLU J 666 74.03 73.97 -97.33
C GLU J 666 72.69 74.22 -96.67
N VAL J 667 72.75 74.65 -95.42
CA VAL J 667 71.57 75.09 -94.67
C VAL J 667 71.92 76.38 -93.95
N MET J 668 71.09 77.40 -94.12
CA MET J 668 71.29 78.69 -93.46
C MET J 668 70.18 78.87 -92.44
N VAL J 669 70.55 79.27 -91.23
CA VAL J 669 69.61 79.27 -90.10
C VAL J 669 69.15 80.70 -89.85
N ASP J 670 67.96 81.07 -90.32
CA ASP J 670 67.49 82.44 -90.13
C ASP J 670 67.14 82.72 -88.67
N GLU J 671 66.38 81.82 -88.04
CA GLU J 671 65.91 82.04 -86.68
C GLU J 671 65.95 80.73 -85.90
N VAL J 672 66.36 80.80 -84.64
CA VAL J 672 66.26 79.70 -83.69
C VAL J 672 65.94 80.26 -82.32
N ALA J 673 64.96 79.66 -81.65
CA ALA J 673 64.64 80.04 -80.28
C ALA J 673 65.35 79.09 -79.34
N PRO J 674 66.32 79.54 -78.55
CA PRO J 674 67.08 78.59 -77.73
C PRO J 674 66.19 77.74 -76.85
N PHE J 675 65.15 78.33 -76.26
CA PHE J 675 64.20 77.59 -75.44
C PHE J 675 62.80 78.16 -75.67
N LEU J 676 62.09 77.58 -76.64
CA LEU J 676 60.67 77.89 -76.78
C LEU J 676 59.85 77.16 -75.74
N THR J 677 60.31 75.99 -75.31
CA THR J 677 59.71 75.23 -74.22
C THR J 677 60.80 74.88 -73.22
N ALA J 678 60.44 74.08 -72.22
CA ALA J 678 61.40 73.73 -71.18
C ALA J 678 62.59 72.99 -71.78
N GLN J 679 62.35 72.05 -72.67
CA GLN J 679 63.42 71.29 -73.29
C GLN J 679 64.11 72.12 -74.36
N ALA J 680 65.42 72.00 -74.45
CA ALA J 680 66.18 72.80 -75.40
C ALA J 680 65.72 72.52 -76.83
N THR J 681 65.71 73.56 -77.64
CA THR J 681 65.29 73.42 -79.03
C THR J 681 66.22 72.46 -79.76
N HIS J 682 65.63 71.61 -80.60
CA HIS J 682 66.35 70.59 -81.35
C HIS J 682 66.51 71.07 -82.78
N LEU J 683 67.75 71.05 -83.30
CA LEU J 683 68.04 71.41 -84.67
C LEU J 683 69.31 70.69 -85.10
N ARG J 684 69.18 69.80 -86.07
CA ARG J 684 70.31 69.01 -86.56
C ARG J 684 70.24 68.95 -88.07
N VAL J 685 71.40 68.96 -88.71
CA VAL J 685 71.52 68.91 -90.17
C VAL J 685 72.44 67.76 -90.54
N GLY J 686 72.11 67.05 -91.61
CA GLY J 686 72.97 65.98 -92.05
C GLY J 686 72.35 65.18 -93.18
N TRP J 687 72.80 63.94 -93.28
CA TRP J 687 72.31 62.99 -94.27
C TRP J 687 71.59 61.85 -93.57
N ALA J 688 70.95 61.01 -94.36
CA ALA J 688 70.23 59.84 -93.85
C ALA J 688 70.03 58.84 -94.96
N LEU J 689 69.97 57.57 -94.57
CA LEU J 689 69.81 56.49 -95.54
C LEU J 689 68.34 56.36 -95.92
N SER J 690 68.08 56.07 -97.20
CA SER J 690 66.71 56.02 -97.69
C SER J 690 65.89 55.01 -96.91
N GLU J 691 66.44 53.83 -96.68
CA GLU J 691 65.74 52.78 -95.96
C GLU J 691 66.25 52.72 -94.53
N GLY J 692 65.33 52.68 -93.57
CA GLY J 692 65.66 52.57 -92.18
C GLY J 692 65.54 53.85 -91.39
N TYR J 693 65.55 55.01 -92.06
CA TYR J 693 65.35 56.28 -91.38
C TYR J 693 63.85 56.59 -91.36
N SER J 694 63.20 56.13 -90.30
CA SER J 694 61.76 56.34 -90.15
C SER J 694 61.48 56.92 -88.78
N PRO J 695 61.77 58.19 -88.57
CA PRO J 695 61.52 58.83 -87.26
C PRO J 695 60.06 59.17 -87.06
N TYR J 696 59.27 58.18 -86.65
CA TYR J 696 57.86 58.40 -86.44
C TYR J 696 57.66 59.42 -85.32
N PRO J 697 56.78 60.40 -85.50
CA PRO J 697 56.60 61.41 -84.44
C PRO J 697 56.10 60.77 -83.15
N GLY J 698 56.55 61.32 -82.03
CA GLY J 698 56.16 60.82 -80.73
C GLY J 698 57.30 60.12 -80.03
N GLY J 699 56.98 59.04 -79.31
CA GLY J 699 58.01 58.28 -78.65
C GLY J 699 58.85 57.49 -79.65
N GLY J 700 60.07 57.19 -79.25
CA GLY J 700 60.99 56.41 -80.09
C GLY J 700 62.14 55.89 -79.28
N GLU J 701 63.33 55.97 -79.85
CA GLU J 701 64.53 55.49 -79.17
C GLU J 701 64.94 56.47 -78.07
N GLY J 702 65.56 55.93 -77.04
CA GLY J 702 66.07 56.78 -75.97
C GLY J 702 64.95 57.54 -75.29
N TRP J 703 65.13 58.85 -75.18
CA TRP J 703 64.16 59.72 -74.52
C TRP J 703 63.30 60.46 -75.54
N GLY J 704 63.02 59.80 -76.66
CA GLY J 704 62.18 60.41 -77.67
C GLY J 704 62.91 61.50 -78.43
N GLY J 705 62.12 62.23 -79.22
CA GLY J 705 62.70 63.29 -80.02
C GLY J 705 63.77 62.81 -80.98
N ASN J 706 63.50 61.72 -81.70
CA ASN J 706 64.49 61.16 -82.60
C ASN J 706 64.57 62.02 -83.86
N GLY J 707 65.78 62.47 -84.18
CA GLY J 707 66.01 63.26 -85.38
C GLY J 707 67.17 62.71 -86.17
N VAL J 708 67.91 63.59 -86.85
CA VAL J 708 69.07 63.14 -87.60
C VAL J 708 70.14 62.67 -86.62
N GLY J 709 70.71 61.50 -86.89
CA GLY J 709 71.78 60.97 -86.08
C GLY J 709 71.33 60.15 -84.89
N ASP J 710 70.03 60.12 -84.59
CA ASP J 710 69.53 59.38 -83.44
C ASP J 710 69.41 57.89 -83.72
N ASP J 711 69.76 57.44 -84.92
CA ASP J 711 69.84 56.03 -85.24
C ASP J 711 70.92 55.85 -86.29
N LEU J 712 71.47 54.64 -86.34
CA LEU J 712 72.62 54.37 -87.20
C LEU J 712 72.28 54.45 -88.68
N TYR J 713 71.07 54.82 -89.04
CA TYR J 713 70.69 55.05 -90.43
C TYR J 713 70.85 56.51 -90.84
N SER J 714 71.30 57.38 -89.94
CA SER J 714 71.41 58.80 -90.22
C SER J 714 72.68 59.35 -89.59
N TYR J 715 73.09 60.52 -90.04
CA TYR J 715 74.33 61.16 -89.59
C TYR J 715 74.12 62.67 -89.60
N GLY J 716 74.23 63.30 -88.43
CA GLY J 716 73.87 64.70 -88.31
C GLY J 716 74.85 65.46 -87.45
N PHE J 717 74.91 66.76 -87.70
CA PHE J 717 75.78 67.69 -86.99
C PHE J 717 74.93 68.82 -86.44
N ASP J 718 75.03 69.04 -85.13
CA ASP J 718 74.16 69.98 -84.44
C ASP J 718 74.91 71.22 -83.92
N GLY J 719 76.08 71.53 -84.48
CA GLY J 719 76.84 72.68 -84.09
C GLY J 719 77.94 72.39 -83.09
N LEU J 720 77.73 71.40 -82.23
CA LEU J 720 78.71 71.08 -81.19
C LEU J 720 79.15 69.63 -81.26
N HIS J 721 78.22 68.73 -81.55
CA HIS J 721 78.47 67.31 -81.51
C HIS J 721 78.18 66.68 -82.86
N LEU J 722 78.85 65.57 -83.15
CA LEU J 722 78.49 64.73 -84.28
C LEU J 722 77.57 63.62 -83.81
N TRP J 723 76.36 63.60 -84.34
CA TRP J 723 75.30 62.73 -83.85
C TRP J 723 75.19 61.52 -84.76
N THR J 724 75.24 60.33 -84.17
CA THR J 724 75.01 59.08 -84.87
C THR J 724 74.85 57.98 -83.85
N GLY J 725 73.97 57.02 -84.14
CA GLY J 725 73.70 55.99 -83.17
C GLY J 725 73.18 56.53 -81.86
N HIS J 726 72.56 57.70 -81.87
CA HIS J 726 72.05 58.34 -80.67
C HIS J 726 73.13 58.53 -79.62
N VAL J 727 74.32 58.97 -80.03
CA VAL J 727 75.40 59.30 -79.12
C VAL J 727 75.99 60.63 -79.57
N ALA J 728 76.03 61.60 -78.67
CA ALA J 728 76.53 62.94 -78.98
C ALA J 728 78.02 62.97 -78.70
N ARG J 729 78.83 63.01 -79.76
CA ARG J 729 80.27 63.04 -79.61
C ARG J 729 80.76 64.45 -79.90
N PRO J 730 81.31 65.17 -78.93
CA PRO J 730 81.72 66.55 -79.19
C PRO J 730 82.77 66.61 -80.29
N VAL J 731 82.71 67.68 -81.08
CA VAL J 731 83.64 67.90 -82.17
C VAL J 731 84.09 69.36 -82.15
N THR J 732 85.38 69.57 -82.32
CA THR J 732 85.95 70.91 -82.22
C THR J 732 85.79 71.67 -83.54
N SER J 733 85.57 72.98 -83.43
CA SER J 733 85.52 73.86 -84.58
C SER J 733 85.85 75.26 -84.12
N PRO J 734 86.39 76.11 -85.00
CA PRO J 734 86.65 77.50 -84.61
C PRO J 734 85.37 78.21 -84.22
N GLY J 735 85.44 79.03 -83.18
CA GLY J 735 84.27 79.71 -82.69
C GLY J 735 83.18 78.73 -82.35
N GLN J 736 83.55 77.66 -81.66
CA GLN J 736 82.61 76.58 -81.37
C GLN J 736 81.38 77.11 -80.65
N HIS J 737 80.21 76.73 -81.14
CA HIS J 737 78.96 77.09 -80.49
C HIS J 737 77.83 76.25 -81.07
N LEU J 738 76.74 76.13 -80.31
CA LEU J 738 75.54 75.50 -80.82
C LEU J 738 74.97 76.32 -81.96
N LEU J 739 74.27 75.64 -82.88
CA LEU J 739 73.72 76.33 -84.04
C LEU J 739 72.83 77.48 -83.60
N ALA J 740 72.99 78.61 -84.26
CA ALA J 740 72.31 79.85 -83.91
C ALA J 740 72.00 80.61 -85.18
N PRO J 741 71.18 81.67 -85.09
CA PRO J 741 70.85 82.43 -86.29
C PRO J 741 72.12 82.97 -86.96
N GLU J 742 72.05 83.07 -88.30
CA GLU J 742 73.16 83.49 -89.14
C GLU J 742 74.27 82.45 -89.18
N ASP J 743 73.94 81.17 -89.11
CA ASP J 743 74.89 80.09 -89.28
C ASP J 743 74.63 79.40 -90.61
N VAL J 744 75.71 79.15 -91.35
CA VAL J 744 75.65 78.44 -92.63
C VAL J 744 76.42 77.14 -92.46
N VAL J 745 75.69 76.03 -92.51
CA VAL J 745 76.27 74.69 -92.38
C VAL J 745 76.40 74.10 -93.77
N SER J 746 77.59 73.63 -94.12
CA SER J 746 77.86 73.03 -95.41
C SER J 746 78.14 71.55 -95.21
N CYS J 747 77.34 70.70 -95.84
CA CYS J 747 77.47 69.25 -95.72
C CYS J 747 77.99 68.68 -97.03
N CYS J 748 78.98 67.80 -96.92
CA CYS J 748 79.62 67.18 -98.06
C CYS J 748 79.58 65.66 -97.88
N LEU J 749 79.12 64.96 -98.92
CA LEU J 749 79.08 63.51 -98.94
C LEU J 749 79.97 63.01 -100.07
N ASP J 750 80.99 62.24 -99.71
CA ASP J 750 81.94 61.66 -100.66
C ASP J 750 81.73 60.15 -100.62
N LEU J 751 80.91 59.64 -101.53
CA LEU J 751 80.54 58.22 -101.46
C LEU J 751 81.74 57.32 -101.68
N SER J 752 82.82 57.85 -102.28
CA SER J 752 83.97 57.00 -102.60
C SER J 752 84.58 56.40 -101.34
N VAL J 753 84.79 57.23 -100.30
CA VAL J 753 85.57 56.79 -99.16
C VAL J 753 84.92 55.61 -98.45
N PRO J 754 83.65 55.67 -98.02
CA PRO J 754 82.71 56.79 -98.00
C PRO J 754 82.95 57.70 -96.81
N SER J 755 82.59 58.98 -96.96
CA SER J 755 82.87 59.98 -95.93
C SER J 755 81.79 61.03 -95.93
N ILE J 756 81.52 61.57 -94.75
CA ILE J 756 80.61 62.70 -94.57
C ILE J 756 81.35 63.76 -93.76
N SER J 757 81.39 64.98 -94.27
CA SER J 757 82.12 66.06 -93.63
C SER J 757 81.24 67.30 -93.57
N PHE J 758 81.55 68.18 -92.62
CA PHE J 758 80.78 69.40 -92.41
C PHE J 758 81.72 70.60 -92.36
N ARG J 759 81.17 71.78 -92.59
CA ARG J 759 81.89 73.04 -92.44
C ARG J 759 80.91 74.08 -91.92
N ILE J 760 81.20 74.62 -90.74
CA ILE J 760 80.37 75.63 -90.11
C ILE J 760 80.94 77.00 -90.48
N ASN J 761 80.11 77.83 -91.09
CA ASN J 761 80.52 79.17 -91.51
C ASN J 761 81.84 79.13 -92.28
N GLY J 762 82.05 78.07 -93.06
CA GLY J 762 83.25 77.96 -93.86
C GLY J 762 84.47 77.46 -93.12
N CYS J 763 84.37 77.21 -91.81
CA CYS J 763 85.48 76.71 -91.04
C CYS J 763 85.34 75.21 -90.86
N PRO J 764 86.25 74.40 -91.38
CA PRO J 764 86.05 72.93 -91.32
C PRO J 764 85.92 72.45 -89.88
N VAL J 765 84.96 71.55 -89.66
CA VAL J 765 84.83 70.91 -88.36
C VAL J 765 85.69 69.65 -88.34
N GLN J 766 86.40 69.45 -87.24
CA GLN J 766 87.38 68.36 -87.15
C GLN J 766 86.70 67.06 -86.74
N GLY J 767 85.96 66.49 -87.69
CA GLY J 767 85.30 65.23 -87.48
C GLY J 767 84.60 64.75 -88.74
N VAL J 768 84.58 63.44 -88.96
CA VAL J 768 84.02 62.87 -90.19
C VAL J 768 83.44 61.49 -89.90
N PHE J 769 82.35 61.15 -90.56
CA PHE J 769 81.84 59.79 -90.55
C PHE J 769 82.46 59.00 -91.68
N GLU J 770 82.73 57.72 -91.46
CA GLU J 770 83.40 56.90 -92.45
C GLU J 770 82.88 55.47 -92.38
N SER J 771 83.03 54.76 -93.50
CA SER J 771 82.82 53.33 -93.55
C SER J 771 81.39 52.95 -93.17
N PHE J 772 80.46 53.89 -93.32
CA PHE J 772 79.07 53.54 -93.10
C PHE J 772 78.56 52.68 -94.25
N ASN J 773 77.37 52.12 -94.06
CA ASN J 773 76.81 51.23 -95.06
C ASN J 773 76.24 52.02 -96.23
N LEU J 774 76.37 51.46 -97.43
CA LEU J 774 75.86 52.09 -98.65
C LEU J 774 74.67 51.33 -99.22
N ASP J 775 73.90 50.64 -98.38
CA ASP J 775 72.78 49.83 -98.82
C ASP J 775 71.51 50.66 -98.85
N GLY J 776 71.51 51.66 -99.72
CA GLY J 776 70.37 52.55 -99.85
C GLY J 776 70.76 53.83 -100.55
N LEU J 777 69.84 54.78 -100.51
CA LEU J 777 70.03 56.09 -101.12
C LEU J 777 70.09 57.15 -100.03
N PHE J 778 71.11 58.01 -100.11
CA PHE J 778 71.27 59.06 -99.12
C PHE J 778 70.58 60.34 -99.58
N PHE J 779 69.99 61.05 -98.63
CA PHE J 779 69.32 62.31 -98.93
C PHE J 779 69.61 63.34 -97.85
N PRO J 780 69.64 64.63 -98.20
CA PRO J 780 69.79 65.65 -97.17
C PRO J 780 68.60 65.63 -96.22
N VAL J 781 68.84 66.02 -94.98
CA VAL J 781 67.78 65.99 -93.96
C VAL J 781 68.13 66.98 -92.87
N VAL J 782 67.09 67.58 -92.29
CA VAL J 782 67.22 68.41 -91.11
C VAL J 782 66.09 68.05 -90.15
N SER J 783 66.45 67.78 -88.90
CA SER J 783 65.50 67.40 -87.87
C SER J 783 65.38 68.52 -86.86
N PHE J 784 64.15 68.88 -86.52
CA PHE J 784 63.93 70.06 -85.71
C PHE J 784 62.73 69.85 -84.80
N SER J 785 62.78 70.53 -83.67
CA SER J 785 61.64 70.75 -82.80
C SER J 785 60.98 72.07 -83.20
N ALA J 786 60.05 72.64 -82.43
CA ALA J 786 59.41 73.89 -82.79
C ALA J 786 60.38 75.04 -82.58
N GLY J 787 60.20 76.08 -83.39
CA GLY J 787 60.94 77.31 -83.22
C GLY J 787 62.15 77.50 -84.11
N ILE J 788 62.07 77.15 -85.39
CA ILE J 788 63.18 77.38 -86.30
C ILE J 788 62.70 78.02 -87.60
N LYS J 789 63.64 78.63 -88.30
CA LYS J 789 63.43 79.28 -89.58
C LYS J 789 64.59 78.92 -90.51
N VAL J 790 64.82 77.63 -90.73
CA VAL J 790 66.02 77.25 -91.50
C VAL J 790 65.69 77.27 -92.98
N ARG J 791 66.73 77.27 -93.80
CA ARG J 791 66.58 77.32 -95.24
C ARG J 791 67.57 76.37 -95.89
N PHE J 792 67.10 75.58 -96.85
CA PHE J 792 67.92 74.70 -97.65
C PHE J 792 68.50 75.50 -98.81
N LEU J 793 69.83 75.48 -98.95
CA LEU J 793 70.52 76.03 -100.10
C LEU J 793 71.11 74.84 -100.87
N LEU J 794 70.44 74.46 -101.95
CA LEU J 794 70.81 73.27 -102.71
C LEU J 794 71.58 73.59 -103.97
N GLY J 795 72.05 74.82 -104.14
CA GLY J 795 72.85 75.19 -105.28
C GLY J 795 72.01 75.37 -106.54
N GLY J 796 72.63 75.98 -107.55
CA GLY J 796 71.92 76.22 -108.78
C GLY J 796 70.83 77.26 -108.60
N ARG J 797 69.81 77.16 -109.45
CA ARG J 797 68.73 78.13 -109.40
C ARG J 797 67.98 78.04 -108.07
N HIS J 798 67.79 76.82 -107.56
CA HIS J 798 66.98 76.65 -106.34
C HIS J 798 67.57 77.42 -105.17
N GLY J 799 68.85 77.20 -104.87
CA GLY J 799 69.47 77.85 -103.75
C GLY J 799 70.83 78.39 -104.13
N GLU J 800 71.21 79.48 -103.47
CA GLU J 800 72.46 80.17 -103.72
C GLU J 800 73.46 79.84 -102.61
N PHE J 801 74.63 79.34 -103.00
CA PHE J 801 75.64 78.95 -102.02
C PHE J 801 76.33 80.18 -101.47
N LYS J 802 76.44 80.24 -100.14
CA LYS J 802 77.22 81.27 -99.48
C LYS J 802 78.70 80.92 -99.38
N PHE J 803 79.08 79.69 -99.71
CA PHE J 803 80.45 79.24 -99.64
C PHE J 803 80.80 78.42 -100.87
N LEU J 804 82.07 78.39 -101.21
CA LEU J 804 82.53 77.69 -102.40
C LEU J 804 82.49 76.18 -102.16
N PRO J 805 81.84 75.41 -103.03
CA PRO J 805 81.81 73.96 -102.86
C PRO J 805 83.21 73.38 -102.95
N PRO J 806 83.53 72.34 -102.18
CA PRO J 806 84.85 71.74 -102.28
C PRO J 806 85.06 71.15 -103.66
N PRO J 807 86.31 71.06 -104.11
CA PRO J 807 86.56 70.59 -105.49
C PRO J 807 85.98 69.21 -105.73
N GLY J 808 85.43 69.02 -106.93
CA GLY J 808 84.90 67.73 -107.34
C GLY J 808 83.46 67.49 -106.94
N TYR J 809 82.98 68.12 -105.88
CA TYR J 809 81.63 67.88 -105.41
C TYR J 809 80.63 68.67 -106.25
N ALA J 810 79.42 68.12 -106.37
CA ALA J 810 78.40 68.71 -107.20
C ALA J 810 77.24 69.22 -106.34
N PRO J 811 76.62 70.33 -106.71
CA PRO J 811 75.44 70.79 -105.97
C PRO J 811 74.32 69.75 -106.01
N CYS J 812 73.54 69.70 -104.94
CA CYS J 812 72.51 68.68 -104.83
C CYS J 812 71.37 68.89 -105.82
N HIS J 813 71.12 70.14 -106.22
CA HIS J 813 69.99 70.37 -107.12
C HIS J 813 70.15 69.60 -108.42
N GLU J 814 71.39 69.27 -108.78
CA GLU J 814 71.62 68.49 -109.99
C GLU J 814 71.06 67.08 -109.87
N ALA J 815 70.90 66.58 -108.66
CA ALA J 815 70.53 65.19 -108.44
C ALA J 815 69.03 64.94 -108.54
N VAL J 816 68.23 65.99 -108.71
CA VAL J 816 66.78 65.79 -108.79
C VAL J 816 66.47 64.89 -109.97
N LEU J 817 65.66 63.88 -109.73
CA LEU J 817 65.37 62.91 -110.77
C LEU J 817 64.58 63.56 -111.91
N PRO J 818 64.64 62.98 -113.10
CA PRO J 818 63.94 63.61 -114.23
C PRO J 818 62.45 63.75 -114.01
N ARG J 819 61.78 62.69 -113.56
CA ARG J 819 60.33 62.71 -113.45
C ARG J 819 59.88 63.73 -112.42
N GLU J 820 60.54 63.78 -111.27
CA GLU J 820 60.06 64.61 -110.17
C GLU J 820 60.50 66.06 -110.33
N ARG J 821 59.83 66.93 -109.58
CA ARG J 821 60.23 68.32 -109.43
C ARG J 821 60.66 68.54 -107.99
N LEU J 822 61.77 69.25 -107.81
CA LEU J 822 62.33 69.42 -106.47
C LEU J 822 61.34 70.12 -105.55
N HIS J 823 61.19 69.60 -104.34
CA HIS J 823 60.30 70.18 -103.35
C HIS J 823 60.54 69.48 -102.01
N LEU J 824 60.45 70.24 -100.92
CA LEU J 824 60.68 69.70 -99.60
C LEU J 824 59.48 68.91 -99.13
N GLN J 825 59.74 67.77 -98.49
CA GLN J 825 58.70 66.86 -98.06
C GLN J 825 59.05 66.27 -96.71
N PRO J 826 58.07 65.80 -95.95
CA PRO J 826 58.38 65.05 -94.73
C PRO J 826 58.80 63.63 -95.05
N ILE J 827 59.36 62.96 -94.06
CA ILE J 827 59.88 61.62 -94.22
C ILE J 827 58.95 60.62 -93.56
N LYS J 828 58.61 59.56 -94.30
CA LYS J 828 57.83 58.45 -93.75
C LYS J 828 56.63 58.94 -92.98
N GLU J 829 55.86 59.82 -93.60
CA GLU J 829 54.65 60.35 -92.98
C GLU J 829 53.49 59.39 -93.19
N TYR J 830 52.69 59.22 -92.15
CA TYR J 830 51.44 58.46 -92.23
C TYR J 830 50.22 59.35 -92.18
N ARG J 831 50.38 60.63 -91.90
CA ARG J 831 49.27 61.58 -91.84
C ARG J 831 49.60 62.79 -92.70
N ARG J 832 48.57 63.37 -93.30
CA ARG J 832 48.69 64.58 -94.08
C ARG J 832 47.49 65.48 -93.80
N GLU J 833 47.63 66.76 -94.10
CA GLU J 833 46.51 67.67 -94.01
C GLU J 833 45.81 67.76 -95.37
N GLY J 834 44.51 67.98 -95.35
CA GLY J 834 43.76 68.12 -96.58
C GLY J 834 42.57 69.04 -96.42
N PRO J 835 41.79 69.18 -97.48
CA PRO J 835 40.67 70.13 -97.44
C PRO J 835 39.67 69.81 -96.35
N ARG J 836 39.17 68.58 -96.33
CA ARG J 836 38.10 68.23 -95.39
C ARG J 836 38.66 67.87 -94.03
N GLY J 837 39.86 67.29 -93.98
CA GLY J 837 40.45 66.89 -92.73
C GLY J 837 41.81 66.23 -92.87
N PRO J 838 42.19 65.44 -91.89
CA PRO J 838 43.44 64.66 -91.99
C PRO J 838 43.27 63.48 -92.94
N HIS J 839 44.28 63.25 -93.75
CA HIS J 839 44.35 62.11 -94.65
C HIS J 839 45.30 61.08 -94.07
N LEU J 840 44.86 59.83 -94.01
CA LEU J 840 45.76 58.73 -93.68
C LEU J 840 46.45 58.23 -94.93
N VAL J 841 47.77 58.07 -94.85
CA VAL J 841 48.60 57.75 -96.00
C VAL J 841 49.33 56.44 -95.73
N GLY J 842 49.30 55.56 -96.72
CA GLY J 842 49.95 54.27 -96.59
C GLY J 842 51.43 54.38 -96.86
N PRO J 843 52.13 53.25 -96.73
CA PRO J 843 53.57 53.25 -96.95
C PRO J 843 53.91 53.71 -98.36
N SER J 844 55.02 54.42 -98.48
CA SER J 844 55.43 55.02 -99.73
C SER J 844 56.44 54.13 -100.44
N ARG J 845 56.29 53.99 -101.75
CA ARG J 845 57.31 53.32 -102.55
C ARG J 845 58.63 54.06 -102.44
N CYS J 846 59.71 53.31 -102.22
CA CYS J 846 61.03 53.87 -102.04
C CYS J 846 61.97 53.36 -103.12
N LEU J 847 62.75 54.27 -103.70
CA LEU J 847 63.74 53.89 -104.68
C LEU J 847 64.95 53.26 -103.98
N SER J 848 65.57 52.30 -104.65
CA SER J 848 66.72 51.59 -104.14
C SER J 848 67.94 51.88 -104.99
N HIS J 849 69.11 51.91 -104.34
CA HIS J 849 70.33 52.23 -105.06
C HIS J 849 70.50 51.35 -106.28
N LEU J 850 70.10 50.09 -106.17
CA LEU J 850 70.20 49.18 -107.31
C LEU J 850 69.29 49.60 -108.46
N ASP J 851 68.21 50.32 -108.18
CA ASP J 851 67.30 50.74 -109.25
C ASP J 851 68.03 51.60 -110.27
N PHE J 852 69.12 52.26 -109.86
CA PHE J 852 69.84 53.12 -110.78
C PHE J 852 70.79 52.34 -111.67
N VAL J 853 71.18 51.14 -111.25
CA VAL J 853 72.07 50.34 -112.11
C VAL J 853 71.30 49.94 -113.36
N PRO J 854 71.79 50.28 -114.57
CA PRO J 854 71.07 49.87 -115.79
C PRO J 854 71.41 48.43 -116.13
N CYS J 855 70.40 47.57 -116.15
CA CYS J 855 70.60 46.16 -116.45
C CYS J 855 69.86 45.80 -117.72
N PRO J 856 70.53 45.75 -118.87
CA PRO J 856 69.89 45.24 -120.08
C PRO J 856 69.96 43.72 -120.14
N VAL J 857 69.11 43.16 -120.98
CA VAL J 857 69.09 41.71 -121.17
C VAL J 857 70.35 41.29 -121.92
N ASP J 858 71.00 40.24 -121.43
CA ASP J 858 72.25 39.80 -122.02
C ASP J 858 72.03 39.38 -123.47
N THR J 859 73.02 39.68 -124.32
CA THR J 859 72.92 39.36 -125.75
C THR J 859 74.20 38.79 -126.33
N ILE J 860 75.23 38.56 -125.52
CA ILE J 860 76.51 38.09 -126.06
C ILE J 860 76.32 36.73 -126.73
N GLN J 861 75.55 35.85 -126.10
CA GLN J 861 75.33 34.51 -126.66
C GLN J 861 74.69 34.59 -128.04
N ILE J 862 73.93 35.66 -128.29
CA ILE J 862 73.19 35.77 -129.55
C ILE J 862 74.16 36.04 -130.69
N VAL J 863 74.01 35.27 -131.76
CA VAL J 863 74.81 35.43 -132.98
C VAL J 863 73.86 35.72 -134.13
N LEU J 864 74.26 36.63 -135.00
CA LEU J 864 73.36 37.13 -136.03
C LEU J 864 73.28 36.16 -137.20
N PRO J 865 72.10 35.64 -137.55
CA PRO J 865 71.95 34.92 -138.82
C PRO J 865 72.25 35.83 -139.99
N PRO J 866 72.84 35.31 -141.07
CA PRO J 866 73.22 36.18 -142.20
C PRO J 866 72.03 36.92 -142.78
N HIS J 867 70.89 36.22 -142.89
CA HIS J 867 69.69 36.86 -143.40
C HIS J 867 69.26 38.01 -142.50
N LEU J 868 69.75 38.02 -141.26
CA LEU J 868 69.47 39.16 -140.38
C LEU J 868 70.60 40.17 -140.42
N GLU J 869 71.83 39.74 -140.74
CA GLU J 869 72.94 40.69 -140.83
C GLU J 869 72.79 41.62 -142.02
N ARG J 870 72.37 41.06 -143.17
CA ARG J 870 72.15 41.89 -144.34
C ARG J 870 71.11 42.96 -144.04
N ILE J 871 70.07 42.60 -143.30
CA ILE J 871 69.07 43.58 -142.88
C ILE J 871 69.66 44.52 -141.84
N ARG J 872 70.58 44.03 -141.01
CA ARG J 872 71.18 44.86 -139.98
C ARG J 872 71.87 46.07 -140.57
N GLU J 873 72.71 45.85 -141.59
CA GLU J 873 73.40 46.98 -142.18
C GLU J 873 72.43 48.01 -142.74
N LYS J 874 71.50 47.56 -143.58
CA LYS J 874 70.54 48.48 -144.19
C LYS J 874 69.67 49.15 -143.15
N LEU J 875 69.43 48.47 -142.02
CA LEU J 875 68.75 49.10 -140.91
C LEU J 875 69.59 50.23 -140.34
N ALA J 876 70.91 50.03 -140.24
CA ALA J 876 71.76 51.12 -139.80
C ALA J 876 71.58 52.34 -140.69
N GLU J 877 71.68 52.14 -142.01
CA GLU J 877 71.53 53.30 -142.90
C GLU J 877 70.13 53.92 -142.80
N ASN J 878 69.08 53.09 -142.72
CA ASN J 878 67.73 53.66 -142.71
C ASN J 878 67.41 54.35 -141.40
N ILE J 879 67.91 53.82 -140.28
CA ILE J 879 67.81 54.52 -139.01
C ILE J 879 68.49 55.87 -139.10
N HIS J 880 69.65 55.91 -139.76
CA HIS J 880 70.32 57.20 -139.96
C HIS J 880 69.49 58.14 -140.82
N GLU J 881 68.81 57.62 -141.84
CA GLU J 881 67.94 58.47 -142.66
C GLU J 881 66.80 59.04 -141.83
N LEU J 882 66.16 58.21 -141.01
CA LEU J 882 65.10 58.72 -140.13
C LEU J 882 65.67 59.74 -139.15
N TRP J 883 66.86 59.49 -138.64
CA TRP J 883 67.59 60.43 -137.79
C TRP J 883 67.68 61.80 -138.46
N ALA J 884 68.22 61.84 -139.68
CA ALA J 884 68.38 63.12 -140.37
C ALA J 884 67.02 63.76 -140.65
N LEU J 885 66.02 62.96 -141.02
CA LEU J 885 64.69 63.50 -141.25
C LEU J 885 64.17 64.22 -140.02
N THR J 886 64.25 63.57 -138.85
CA THR J 886 63.76 64.20 -137.63
C THR J 886 64.63 65.37 -137.18
N ARG J 887 65.94 65.34 -137.44
CA ARG J 887 66.77 66.50 -137.13
C ARG J 887 66.36 67.72 -137.95
N ILE J 888 66.10 67.54 -139.24
CA ILE J 888 65.70 68.71 -140.02
C ILE J 888 64.25 69.06 -139.73
N GLU J 889 63.45 68.09 -139.25
CA GLU J 889 62.11 68.42 -138.79
C GLU J 889 62.16 69.34 -137.58
N GLN J 890 62.97 68.99 -136.57
CA GLN J 890 63.16 69.87 -135.43
C GLN J 890 63.91 71.14 -135.83
N GLY J 891 64.53 71.14 -137.02
CA GLY J 891 65.13 72.33 -137.57
C GLY J 891 66.65 72.40 -137.49
N TRP J 892 67.31 71.36 -137.01
CA TRP J 892 68.76 71.37 -136.94
C TRP J 892 69.36 71.35 -138.34
N THR J 893 70.37 72.18 -138.56
CA THR J 893 71.07 72.26 -139.83
C THR J 893 72.50 71.77 -139.64
N TYR J 894 73.00 71.05 -140.66
CA TYR J 894 74.34 70.49 -140.57
C TYR J 894 75.37 71.59 -140.39
N GLY J 895 76.38 71.32 -139.56
CA GLY J 895 77.49 72.22 -139.39
C GLY J 895 78.77 71.45 -139.14
N PRO J 896 79.92 72.02 -139.53
CA PRO J 896 81.18 71.29 -139.33
C PRO J 896 81.44 70.90 -137.90
N VAL J 897 80.92 71.65 -136.92
CA VAL J 897 81.08 71.34 -135.51
C VAL J 897 79.71 71.46 -134.84
N ARG J 898 79.56 70.75 -133.72
CA ARG J 898 78.31 70.75 -132.97
C ARG J 898 78.24 71.99 -132.09
N ASP J 899 77.11 72.70 -132.14
CA ASP J 899 76.86 73.85 -131.30
C ASP J 899 75.37 73.96 -131.09
N ASP J 900 74.93 73.87 -129.83
CA ASP J 900 73.50 73.78 -129.54
C ASP J 900 72.75 75.02 -130.01
N ASN J 901 73.23 76.20 -129.61
CA ASN J 901 72.46 77.43 -129.87
C ASN J 901 72.23 77.64 -131.35
N LYS J 902 73.25 77.40 -132.18
CA LYS J 902 73.11 77.59 -133.62
C LYS J 902 72.58 76.35 -134.32
N ARG J 903 72.28 75.28 -133.58
CA ARG J 903 71.63 74.09 -134.14
C ARG J 903 72.51 73.45 -135.21
N LEU J 904 73.81 73.39 -134.96
CA LEU J 904 74.76 72.80 -135.89
C LEU J 904 75.11 71.40 -135.42
N HIS J 905 75.16 70.45 -136.35
CA HIS J 905 75.38 69.05 -136.02
C HIS J 905 76.32 68.45 -137.05
N PRO J 906 77.55 68.06 -136.68
CA PRO J 906 78.48 67.55 -137.70
C PRO J 906 78.10 66.19 -138.25
N CYS J 907 77.39 65.37 -137.49
CA CYS J 907 77.03 64.03 -137.97
C CYS J 907 75.81 64.05 -138.87
N LEU J 908 75.35 65.23 -139.29
CA LEU J 908 74.23 65.34 -140.23
C LEU J 908 74.76 65.12 -141.65
N VAL J 909 75.25 63.89 -141.86
CA VAL J 909 75.88 63.50 -143.12
C VAL J 909 75.35 62.13 -143.51
N ASN J 910 75.91 61.54 -144.56
CA ASN J 910 75.58 60.17 -144.91
C ASN J 910 76.19 59.20 -143.91
N PHE J 911 75.56 58.04 -143.75
CA PHE J 911 76.07 57.04 -142.82
C PHE J 911 77.48 56.61 -143.22
N HIS J 912 77.72 56.44 -144.51
CA HIS J 912 79.07 56.16 -144.98
C HIS J 912 79.97 57.38 -144.83
N SER J 913 79.39 58.58 -144.98
CA SER J 913 80.15 59.80 -144.69
C SER J 913 80.22 60.06 -143.20
N LEU J 914 79.34 59.44 -142.43
CA LEU J 914 79.32 59.63 -140.99
C LEU J 914 80.65 59.15 -140.41
N PRO J 915 81.28 59.91 -139.51
CA PRO J 915 82.61 59.51 -139.03
C PRO J 915 82.66 58.05 -138.62
N GLU J 916 83.87 57.48 -138.68
CA GLU J 916 84.01 56.04 -138.46
C GLU J 916 83.52 55.58 -137.10
N PRO J 917 83.93 56.19 -135.98
CA PRO J 917 83.45 55.68 -134.68
C PRO J 917 81.92 55.71 -134.57
N GLU J 918 81.30 56.81 -134.99
CA GLU J 918 79.87 56.95 -134.79
C GLU J 918 79.08 56.06 -135.74
N ARG J 919 79.57 55.90 -136.98
CA ARG J 919 78.92 54.99 -137.91
C ARG J 919 79.04 53.55 -137.42
N ASN J 920 80.20 53.18 -136.90
CA ASN J 920 80.35 51.85 -136.32
C ASN J 920 79.40 51.66 -135.15
N TYR J 921 79.26 52.69 -134.33
CA TYR J 921 78.39 52.62 -133.16
C TYR J 921 76.92 52.44 -133.57
N ASN J 922 76.49 53.17 -134.59
CA ASN J 922 75.14 52.99 -135.12
C ASN J 922 74.94 51.62 -135.75
N LEU J 923 75.92 51.10 -136.48
CA LEU J 923 75.81 49.74 -137.01
C LEU J 923 75.71 48.74 -135.87
N GLN J 924 76.45 48.98 -134.79
CA GLN J 924 76.38 48.13 -133.61
C GLN J 924 74.98 48.15 -133.00
N MET J 925 74.36 49.34 -132.91
CA MET J 925 72.98 49.41 -132.45
C MET J 925 72.03 48.67 -133.40
N SER J 926 72.26 48.81 -134.70
CA SER J 926 71.42 48.11 -135.66
C SER J 926 71.46 46.61 -135.44
N GLY J 927 72.64 46.05 -135.21
CA GLY J 927 72.74 44.64 -134.90
C GLY J 927 72.11 44.30 -133.55
N GLU J 928 72.30 45.18 -132.56
CA GLU J 928 71.77 44.91 -131.24
C GLU J 928 70.25 44.87 -131.25
N THR J 929 69.62 45.61 -132.17
CA THR J 929 68.17 45.51 -132.27
C THR J 929 67.73 44.09 -132.56
N LEU J 930 68.33 43.46 -133.58
CA LEU J 930 67.99 42.08 -133.90
C LEU J 930 68.40 41.13 -132.78
N LYS J 931 69.56 41.37 -132.18
CA LYS J 931 70.00 40.51 -131.09
C LYS J 931 69.03 40.57 -129.92
N THR J 932 68.54 41.77 -129.61
CA THR J 932 67.51 41.93 -128.59
C THR J 932 66.24 41.19 -128.99
N LEU J 933 65.83 41.32 -130.24
CA LEU J 933 64.66 40.58 -130.70
C LEU J 933 64.81 39.10 -130.42
N LEU J 934 65.96 38.53 -130.78
CA LEU J 934 66.19 37.11 -130.52
C LEU J 934 66.18 36.81 -129.02
N ALA J 935 66.83 37.67 -128.23
CA ALA J 935 66.96 37.41 -126.80
C ALA J 935 65.60 37.38 -126.11
N LEU J 936 64.72 38.31 -126.48
CA LEU J 936 63.39 38.34 -125.86
C LEU J 936 62.66 37.03 -126.05
N GLY J 937 62.99 36.29 -127.11
CA GLY J 937 62.37 35.01 -127.38
C GLY J 937 61.50 34.95 -128.62
N CYS J 938 61.42 36.03 -129.40
CA CYS J 938 60.64 35.98 -130.62
C CYS J 938 61.38 35.21 -131.71
N HIS J 939 60.72 35.06 -132.85
CA HIS J 939 61.31 34.44 -134.02
C HIS J 939 61.03 35.33 -135.22
N VAL J 940 61.93 35.30 -136.20
CA VAL J 940 61.87 36.19 -137.35
C VAL J 940 61.93 35.35 -138.61
N GLY J 941 61.01 35.61 -139.54
CA GLY J 941 61.03 34.92 -140.81
C GLY J 941 60.63 35.79 -141.98
N MET J 942 61.49 35.92 -142.99
CA MET J 942 61.20 36.76 -144.14
C MET J 942 60.08 36.10 -144.94
N ALA J 943 58.86 36.64 -144.81
CA ALA J 943 57.72 36.08 -145.51
C ALA J 943 57.74 36.44 -146.99
N ASP J 944 58.05 37.70 -147.30
CA ASP J 944 58.00 38.22 -148.67
C ASP J 944 59.27 38.99 -148.96
N GLU J 945 60.12 38.45 -149.83
CA GLU J 945 61.33 39.16 -150.22
C GLU J 945 61.02 40.32 -151.16
N LYS J 946 59.91 40.24 -151.90
CA LYS J 946 59.59 41.27 -152.88
C LYS J 946 59.47 42.64 -152.22
N ALA J 947 58.93 42.69 -151.00
CA ALA J 947 58.73 43.97 -150.34
C ALA J 947 60.04 44.72 -150.17
N GLU J 948 61.15 43.99 -149.97
CA GLU J 948 62.42 44.66 -149.75
C GLU J 948 62.81 45.53 -150.94
N ASP J 949 62.66 45.01 -152.16
CA ASP J 949 62.91 45.81 -153.35
C ASP J 949 61.76 46.76 -153.66
N ASN J 950 60.54 46.44 -153.22
CA ASN J 950 59.41 47.32 -153.49
C ASN J 950 59.48 48.61 -152.69
N LEU J 951 60.06 48.56 -151.48
CA LEU J 951 60.14 49.74 -150.65
C LEU J 951 60.90 50.85 -151.36
N LYS J 952 60.39 52.08 -151.23
CA LYS J 952 60.97 53.26 -151.86
C LYS J 952 61.30 54.30 -150.79
N LYS J 953 62.45 54.93 -150.91
CA LYS J 953 62.80 56.00 -149.99
C LYS J 953 61.87 57.18 -150.18
N THR J 954 61.46 57.80 -149.08
CA THR J 954 60.56 58.94 -149.15
C THR J 954 61.29 60.15 -149.71
N LYS J 955 60.75 60.74 -150.76
CA LYS J 955 61.32 61.96 -151.31
C LYS J 955 61.11 63.12 -150.35
N LEU J 956 62.13 63.94 -150.18
CA LEU J 956 62.07 65.04 -149.24
C LEU J 956 62.41 66.36 -149.93
N PRO J 957 61.87 67.47 -149.44
CA PRO J 957 62.07 68.76 -150.10
C PRO J 957 63.48 69.32 -149.86
N LYS J 958 63.77 70.42 -150.55
CA LYS J 958 65.05 71.09 -150.37
C LYS J 958 65.23 71.54 -148.93
N THR J 959 64.17 72.06 -148.30
CA THR J 959 64.25 72.44 -146.90
C THR J 959 64.69 71.27 -146.04
N TYR J 960 64.19 70.07 -146.35
CA TYR J 960 64.63 68.88 -145.61
C TYR J 960 66.05 68.49 -146.01
N MET J 961 66.51 68.90 -147.20
CA MET J 961 67.87 68.61 -147.62
C MET J 961 68.86 69.41 -146.79
N MET J 962 69.86 68.72 -146.23
CA MET J 962 70.76 69.33 -145.26
C MET J 962 71.75 70.27 -145.94
N SER J 963 72.28 71.21 -145.15
CA SER J 963 73.25 72.16 -145.65
C SER J 963 74.49 71.48 -146.24
N ASN J 964 74.80 70.27 -145.80
CA ASN J 964 75.90 69.52 -146.39
C ASN J 964 75.65 69.17 -147.85
N GLY J 965 74.40 68.88 -148.22
CA GLY J 965 74.02 68.47 -149.54
C GLY J 965 73.31 67.13 -149.59
N TYR J 966 73.64 66.23 -148.67
CA TYR J 966 72.99 64.93 -148.61
C TYR J 966 71.54 65.09 -148.16
N LYS J 967 70.68 64.20 -148.66
CA LYS J 967 69.26 64.22 -148.33
C LYS J 967 68.90 62.98 -147.53
N PRO J 968 68.06 63.07 -146.51
CA PRO J 968 67.59 61.85 -145.83
C PRO J 968 66.78 60.99 -146.79
N ALA J 969 66.92 59.68 -146.66
CA ALA J 969 66.21 58.72 -147.51
C ALA J 969 65.58 57.63 -146.65
N PRO J 970 64.65 58.00 -145.77
CA PRO J 970 63.95 56.97 -144.98
C PRO J 970 62.84 56.33 -145.79
N LEU J 971 62.77 55.00 -145.72
CA LEU J 971 61.81 54.26 -146.51
C LEU J 971 60.39 54.47 -145.97
N ASP J 972 59.44 54.60 -146.89
CA ASP J 972 58.04 54.79 -146.54
C ASP J 972 57.52 53.58 -145.78
N LEU J 973 56.65 53.84 -144.80
CA LEU J 973 56.11 52.80 -143.93
C LEU J 973 54.60 52.91 -143.77
N SER J 974 53.93 53.64 -144.66
CA SER J 974 52.47 53.76 -144.56
C SER J 974 51.80 52.40 -144.66
N HIS J 975 52.28 51.57 -145.58
CA HIS J 975 51.74 50.22 -145.76
C HIS J 975 51.88 49.36 -144.52
N VAL J 976 52.84 49.65 -143.65
CA VAL J 976 53.14 48.78 -142.51
C VAL J 976 52.06 48.94 -141.45
N ARG J 977 51.65 47.82 -140.87
CA ARG J 977 50.65 47.80 -139.80
C ARG J 977 51.21 47.05 -138.61
N LEU J 978 50.74 47.41 -137.42
CA LEU J 978 51.27 46.87 -136.17
C LEU J 978 50.22 46.08 -135.40
N THR J 979 50.70 45.29 -134.41
CA THR J 979 49.84 44.55 -133.50
C THR J 979 50.09 44.97 -132.06
N PRO J 980 49.11 44.83 -131.16
CA PRO J 980 49.34 45.23 -129.77
C PRO J 980 50.51 44.52 -129.10
N ALA J 981 50.66 43.22 -129.37
CA ALA J 981 51.83 42.51 -128.87
C ALA J 981 53.10 43.13 -129.43
N GLN J 982 53.07 43.54 -130.70
CA GLN J 982 54.23 44.16 -131.30
C GLN J 982 54.53 45.50 -130.64
N THR J 983 53.49 46.23 -130.19
CA THR J 983 53.72 47.48 -129.50
C THR J 983 54.34 47.24 -128.12
N THR J 984 53.84 46.23 -127.40
CA THR J 984 54.50 45.83 -126.16
C THR J 984 55.97 45.52 -126.42
N LEU J 985 56.23 44.76 -127.49
CA LEU J 985 57.60 44.46 -127.86
C LEU J 985 58.39 45.74 -128.14
N VAL J 986 57.77 46.71 -128.80
CA VAL J 986 58.47 47.95 -129.15
C VAL J 986 58.91 48.68 -127.89
N ASP J 987 58.02 48.79 -126.91
CA ASP J 987 58.44 49.47 -125.69
C ASP J 987 59.51 48.67 -124.96
N ARG J 988 59.45 47.34 -125.01
CA ARG J 988 60.56 46.55 -124.47
C ARG J 988 61.87 46.87 -125.18
N LEU J 989 61.83 47.00 -126.51
CA LEU J 989 63.06 47.33 -127.24
C LEU J 989 63.58 48.69 -126.84
N ALA J 990 62.68 49.66 -126.68
CA ALA J 990 63.13 50.99 -126.25
C ALA J 990 63.80 50.91 -124.88
N GLU J 991 63.19 50.17 -123.95
CA GLU J 991 63.81 49.98 -122.64
C GLU J 991 65.21 49.39 -122.77
N ASN J 992 65.33 48.30 -123.53
CA ASN J 992 66.63 47.65 -123.65
C ASN J 992 67.64 48.57 -124.31
N GLY J 993 67.23 49.29 -125.35
CA GLY J 993 68.16 50.17 -126.03
C GLY J 993 68.68 51.26 -125.11
N HIS J 994 67.78 51.90 -124.36
CA HIS J 994 68.25 52.93 -123.43
C HIS J 994 69.14 52.32 -122.36
N ASN J 995 68.80 51.14 -121.87
CA ASN J 995 69.66 50.50 -120.86
C ASN J 995 71.05 50.24 -121.42
N VAL J 996 71.13 49.78 -122.67
CA VAL J 996 72.43 49.54 -123.29
C VAL J 996 73.20 50.84 -123.41
N TRP J 997 72.52 51.91 -123.85
CA TRP J 997 73.20 53.19 -123.96
C TRP J 997 73.71 53.66 -122.61
N ALA J 998 72.90 53.50 -121.56
CA ALA J 998 73.33 53.92 -120.23
C ALA J 998 74.51 53.10 -119.74
N ARG J 999 74.49 51.79 -119.99
CA ARG J 999 75.62 50.96 -119.59
C ARG J 999 76.89 51.40 -120.31
N ASP J 1000 76.79 51.69 -121.60
CA ASP J 1000 77.96 52.12 -122.35
C ASP J 1000 78.49 53.45 -121.79
N ARG J 1001 77.59 54.39 -121.52
CA ARG J 1001 78.01 55.67 -120.97
C ARG J 1001 78.65 55.49 -119.60
N VAL J 1002 78.09 54.63 -118.76
CA VAL J 1002 78.66 54.39 -117.45
C VAL J 1002 80.06 53.82 -117.56
N ALA J 1003 80.23 52.82 -118.44
CA ALA J 1003 81.56 52.27 -118.65
C ALA J 1003 82.52 53.34 -119.13
N GLN J 1004 82.06 54.22 -120.03
CA GLN J 1004 82.90 55.30 -120.51
C GLN J 1004 83.14 56.36 -119.43
N GLY J 1005 82.38 56.32 -118.34
CA GLY J 1005 82.59 57.20 -117.21
C GLY J 1005 81.55 58.29 -117.02
N TRP J 1006 80.60 58.42 -117.95
CA TRP J 1006 79.62 59.50 -117.85
C TRP J 1006 78.70 59.28 -116.66
N SER J 1007 78.10 60.38 -116.19
CA SER J 1007 77.17 60.31 -115.07
C SER J 1007 75.91 61.10 -115.37
N TYR J 1008 74.99 61.19 -114.40
CA TYR J 1008 73.69 61.83 -114.58
C TYR J 1008 73.65 63.15 -113.83
N SER J 1009 73.02 64.15 -114.42
CA SER J 1009 72.84 65.44 -113.79
C SER J 1009 71.75 66.20 -114.55
N ALA J 1010 70.93 66.94 -113.81
CA ALA J 1010 69.86 67.70 -114.44
C ALA J 1010 70.43 68.75 -115.39
N VAL J 1011 71.61 69.27 -115.09
CA VAL J 1011 72.26 70.26 -115.93
C VAL J 1011 73.22 69.55 -116.87
N GLN J 1012 72.99 69.69 -118.17
CA GLN J 1012 73.84 69.07 -119.17
C GLN J 1012 75.22 69.73 -119.16
N ASP J 1013 76.26 68.93 -118.90
CA ASP J 1013 77.64 69.41 -118.91
C ASP J 1013 78.46 68.44 -119.75
N ILE J 1014 78.61 68.75 -121.04
CA ILE J 1014 79.38 67.88 -121.93
C ILE J 1014 80.82 67.77 -121.47
N PRO J 1015 81.55 68.85 -121.18
CA PRO J 1015 82.94 68.69 -120.75
C PRO J 1015 83.06 67.83 -119.49
N ALA J 1016 82.09 67.91 -118.60
CA ALA J 1016 82.11 67.17 -117.35
C ALA J 1016 81.55 65.77 -117.51
N ARG J 1017 81.05 65.41 -118.68
CA ARG J 1017 80.53 64.06 -118.94
C ARG J 1017 79.32 63.79 -118.05
N ARG J 1018 78.38 64.73 -118.05
CA ARG J 1018 77.15 64.64 -117.28
C ARG J 1018 75.99 64.83 -118.23
N ASN J 1019 75.14 63.81 -118.34
CA ASN J 1019 74.03 63.83 -119.29
C ASN J 1019 72.71 63.61 -118.57
N PRO J 1020 71.73 64.52 -118.72
CA PRO J 1020 70.46 64.34 -118.01
C PRO J 1020 69.74 63.04 -118.36
N ARG J 1021 69.93 62.51 -119.55
CA ARG J 1021 69.19 61.32 -119.95
C ARG J 1021 69.81 60.03 -119.44
N LEU J 1022 70.93 60.11 -118.71
CA LEU J 1022 71.65 58.92 -118.27
C LEU J 1022 71.01 58.32 -117.03
N VAL J 1023 69.85 57.71 -117.24
CA VAL J 1023 69.14 57.00 -116.17
C VAL J 1023 68.44 55.81 -116.81
N PRO J 1024 68.26 54.69 -116.11
CA PRO J 1024 67.56 53.56 -116.71
C PRO J 1024 66.15 53.94 -117.15
N TYR J 1025 65.64 53.17 -118.11
CA TYR J 1025 64.36 53.51 -118.74
C TYR J 1025 63.26 53.78 -117.72
N ARG J 1026 63.17 52.94 -116.70
CA ARG J 1026 62.04 53.03 -115.77
C ARG J 1026 61.89 54.43 -115.21
N LEU J 1027 62.99 55.15 -115.02
CA LEU J 1027 62.98 56.47 -114.40
C LEU J 1027 63.05 57.60 -115.40
N LEU J 1028 62.90 57.33 -116.69
CA LEU J 1028 63.01 58.39 -117.69
C LEU J 1028 61.78 59.28 -117.69
N ASP J 1029 61.94 60.46 -118.28
CA ASP J 1029 60.82 61.35 -118.50
C ASP J 1029 59.89 60.78 -119.57
N GLU J 1030 58.61 61.11 -119.46
CA GLU J 1030 57.62 60.55 -120.38
C GLU J 1030 57.90 60.99 -121.82
N ALA J 1031 58.32 62.24 -122.00
CA ALA J 1031 58.60 62.72 -123.36
C ALA J 1031 59.75 61.95 -123.99
N THR J 1032 60.82 61.72 -123.23
CA THR J 1032 61.94 60.95 -123.76
C THR J 1032 61.52 59.51 -124.03
N LYS J 1033 60.70 58.94 -123.15
CA LYS J 1033 60.17 57.61 -123.41
C LYS J 1033 59.41 57.58 -124.73
N ARG J 1034 58.59 58.60 -124.98
CA ARG J 1034 57.83 58.64 -126.22
C ARG J 1034 58.76 58.74 -127.43
N SER J 1035 59.80 59.57 -127.32
CA SER J 1035 60.72 59.71 -128.45
C SER J 1035 61.42 58.38 -128.76
N ASN J 1036 61.94 57.72 -127.72
CA ASN J 1036 62.60 56.43 -127.94
C ASN J 1036 61.62 55.42 -128.49
N ARG J 1037 60.38 55.40 -127.98
CA ARG J 1037 59.39 54.47 -128.47
C ARG J 1037 59.08 54.73 -129.94
N ASP J 1038 59.02 56.00 -130.33
CA ASP J 1038 58.80 56.33 -131.73
C ASP J 1038 59.94 55.79 -132.59
N SER J 1039 61.17 55.98 -132.14
CA SER J 1039 62.31 55.50 -132.92
C SER J 1039 62.25 53.99 -133.08
N LEU J 1040 62.03 53.27 -131.99
CA LEU J 1040 61.99 51.80 -132.07
C LEU J 1040 60.79 51.32 -132.86
N CYS J 1041 59.65 51.99 -132.74
CA CYS J 1041 58.47 51.60 -133.50
C CYS J 1041 58.75 51.74 -134.99
N GLN J 1042 59.41 52.84 -135.37
CA GLN J 1042 59.78 53.02 -136.78
C GLN J 1042 60.73 51.93 -137.23
N ALA J 1043 61.69 51.56 -136.36
CA ALA J 1043 62.62 50.50 -136.74
C ALA J 1043 61.90 49.17 -136.98
N VAL J 1044 60.99 48.81 -136.09
CA VAL J 1044 60.25 47.57 -136.27
C VAL J 1044 59.34 47.68 -137.49
N ARG J 1045 58.83 48.88 -137.77
CA ARG J 1045 58.06 49.09 -138.99
C ARG J 1045 58.91 48.77 -140.21
N THR J 1046 60.15 49.25 -140.22
CA THR J 1046 61.05 48.97 -141.34
C THR J 1046 61.31 47.48 -141.46
N LEU J 1047 61.50 46.79 -140.33
CA LEU J 1047 61.71 45.35 -140.38
C LEU J 1047 60.50 44.63 -140.99
N LEU J 1048 59.30 44.90 -140.45
CA LEU J 1048 58.12 44.27 -141.01
C LEU J 1048 57.93 44.62 -142.48
N GLY J 1049 58.32 45.83 -142.87
CA GLY J 1049 58.25 46.20 -144.28
C GLY J 1049 59.19 45.38 -145.14
N TYR J 1050 60.43 45.19 -144.66
CA TYR J 1050 61.34 44.27 -145.32
C TYR J 1050 60.72 42.88 -145.40
N GLY J 1051 59.85 42.55 -144.46
CA GLY J 1051 59.02 41.36 -144.60
C GLY J 1051 59.02 40.44 -143.41
N TYR J 1052 60.11 40.44 -142.65
CA TYR J 1052 60.23 39.49 -141.54
C TYR J 1052 59.02 39.58 -140.63
N ASN J 1053 58.22 38.52 -140.61
CA ASN J 1053 57.19 38.33 -139.62
C ASN J 1053 57.88 37.99 -138.31
N ILE J 1054 57.42 38.61 -137.23
CA ILE J 1054 58.04 38.45 -135.91
C ILE J 1054 57.01 37.86 -134.97
N GLU J 1055 57.41 36.80 -134.26
CA GLU J 1055 56.54 36.14 -133.30
C GLU J 1055 56.85 36.65 -131.91
N PRO J 1056 56.01 37.52 -131.32
CA PRO J 1056 56.24 37.95 -129.90
C PRO J 1056 56.35 36.76 -128.98
N PRO J 1057 57.30 36.77 -128.05
CA PRO J 1057 57.39 35.66 -127.09
C PRO J 1057 56.25 35.70 -126.10
N ASP J 1058 56.01 34.56 -125.45
CA ASP J 1058 54.99 34.48 -124.42
C ASP J 1058 55.26 35.53 -123.34
N GLN J 1059 54.23 36.29 -122.99
CA GLN J 1059 54.39 37.32 -121.98
C GLN J 1059 54.72 36.69 -120.63
N GLU J 1060 55.73 37.25 -119.95
CA GLU J 1060 56.22 36.66 -118.72
C GLU J 1060 55.71 37.46 -117.52
N PRO J 1061 55.23 36.79 -116.46
CA PRO J 1061 54.78 37.52 -115.28
C PRO J 1061 55.95 38.00 -114.42
N SER J 1062 55.62 38.90 -113.49
CA SER J 1062 56.61 39.44 -112.58
C SER J 1062 55.90 39.98 -111.34
N GLN J 1063 56.68 40.14 -110.27
CA GLN J 1063 56.18 40.69 -109.01
C GLN J 1063 57.23 41.61 -108.41
N VAL J 1064 56.78 42.77 -107.93
CA VAL J 1064 57.71 43.77 -107.40
C VAL J 1064 58.31 43.30 -106.09
N ASP J 1065 57.49 42.75 -105.19
CA ASP J 1065 57.91 42.29 -103.87
C ASP J 1065 58.91 43.24 -103.23
N SER J 1066 58.53 44.52 -103.16
CA SER J 1066 59.41 45.52 -102.56
C SER J 1066 59.65 45.22 -101.09
N GLN J 1067 58.60 44.82 -100.37
CA GLN J 1067 58.71 44.53 -98.95
C GLN J 1067 57.76 43.39 -98.63
N SER J 1068 57.95 42.79 -97.45
CA SER J 1068 57.09 41.70 -97.01
C SER J 1068 55.64 42.13 -97.09
N ARG J 1069 54.80 41.28 -97.70
CA ARG J 1069 53.40 41.64 -97.92
C ARG J 1069 52.61 41.58 -96.62
N GLY J 1070 53.01 40.72 -95.69
CA GLY J 1070 52.35 40.69 -94.40
C GLY J 1070 52.45 42.01 -93.66
N ASP J 1071 53.44 42.83 -94.02
CA ASP J 1071 53.69 44.12 -93.39
C ASP J 1071 53.47 45.27 -94.35
N ARG J 1072 53.10 44.98 -95.60
CA ARG J 1072 53.21 45.99 -96.66
C ARG J 1072 52.19 47.10 -96.46
N ALA J 1073 51.02 46.79 -95.91
CA ALA J 1073 49.93 47.75 -95.80
C ALA J 1073 49.79 48.24 -94.36
N ARG J 1074 49.63 49.54 -94.18
CA ARG J 1074 49.43 50.11 -92.86
C ARG J 1074 47.96 50.01 -92.47
N ILE J 1075 47.71 49.63 -91.22
CA ILE J 1075 46.36 49.52 -90.68
C ILE J 1075 46.18 50.64 -89.67
N PHE J 1076 45.09 51.39 -89.81
CA PHE J 1076 44.68 52.40 -88.83
C PHE J 1076 43.34 51.98 -88.25
N ARG J 1077 43.26 51.90 -86.93
CA ARG J 1077 42.00 51.54 -86.27
C ARG J 1077 41.72 52.54 -85.16
N ALA J 1078 40.48 52.53 -84.69
CA ALA J 1078 40.17 53.33 -83.51
C ALA J 1078 40.80 52.71 -82.28
N GLU J 1079 40.83 53.46 -81.18
CA GLU J 1079 41.35 52.94 -79.94
C GLU J 1079 40.43 51.86 -79.37
N LYS J 1080 41.03 50.93 -78.62
CA LYS J 1080 40.26 49.82 -78.06
C LYS J 1080 39.12 50.30 -77.17
N SER J 1081 39.32 51.40 -76.46
CA SER J 1081 38.31 51.87 -75.50
C SER J 1081 37.05 52.38 -76.18
N TYR J 1082 37.04 52.52 -77.49
CA TYR J 1082 35.87 52.97 -78.23
C TYR J 1082 35.09 51.82 -78.85
N ALA J 1083 35.41 50.59 -78.49
CA ALA J 1083 34.68 49.44 -79.04
C ALA J 1083 33.20 49.56 -78.72
N VAL J 1084 32.36 49.29 -79.71
CA VAL J 1084 30.92 49.41 -79.59
C VAL J 1084 30.35 48.02 -79.33
N GLN J 1085 29.55 47.90 -78.28
CA GLN J 1085 28.97 46.61 -77.92
C GLN J 1085 27.58 46.43 -78.50
N SER J 1086 26.85 47.53 -78.70
CA SER J 1086 25.48 47.46 -79.18
C SER J 1086 25.12 48.75 -79.90
N GLY J 1087 24.09 48.68 -80.71
CA GLY J 1087 23.55 49.84 -81.41
C GLY J 1087 23.80 49.74 -82.91
N ARG J 1088 23.50 50.85 -83.57
CA ARG J 1088 23.68 50.98 -85.00
C ARG J 1088 24.60 52.16 -85.29
N TRP J 1089 25.76 51.87 -85.86
CA TRP J 1089 26.83 52.85 -86.00
C TRP J 1089 27.23 52.99 -87.46
N TYR J 1090 27.73 54.17 -87.80
CA TYR J 1090 28.01 54.57 -89.18
C TYR J 1090 29.27 55.41 -89.22
N PHE J 1091 30.06 55.23 -90.28
CA PHE J 1091 31.18 56.12 -90.55
C PHE J 1091 31.48 56.09 -92.03
N GLU J 1092 32.37 56.97 -92.47
CA GLU J 1092 32.63 57.15 -93.89
C GLU J 1092 34.13 57.08 -94.16
N PHE J 1093 34.48 56.63 -95.37
CA PHE J 1093 35.87 56.47 -95.78
C PHE J 1093 36.00 56.87 -97.24
N GLU J 1094 36.59 58.03 -97.49
CA GLU J 1094 36.77 58.53 -98.84
C GLU J 1094 38.12 58.08 -99.36
N ALA J 1095 38.13 57.52 -100.57
CA ALA J 1095 39.34 56.95 -101.15
C ALA J 1095 39.97 57.96 -102.09
N VAL J 1096 40.94 58.73 -101.59
CA VAL J 1096 41.56 59.75 -102.44
C VAL J 1096 42.31 59.11 -103.58
N THR J 1097 42.61 57.81 -103.49
CA THR J 1097 43.25 57.07 -104.56
C THR J 1097 42.52 55.74 -104.74
N THR J 1098 42.59 55.19 -105.96
CA THR J 1098 41.84 54.00 -106.31
C THR J 1098 42.56 52.71 -105.96
N GLY J 1099 43.80 52.77 -105.50
CA GLY J 1099 44.59 51.57 -105.29
C GLY J 1099 44.03 50.70 -104.18
N GLU J 1100 44.88 49.83 -103.68
CA GLU J 1100 44.45 48.78 -102.76
C GLU J 1100 44.17 49.38 -101.38
N MET J 1101 42.90 49.32 -100.97
CA MET J 1101 42.49 49.89 -99.70
C MET J 1101 41.29 49.12 -99.19
N ARG J 1102 41.36 48.73 -97.92
CA ARG J 1102 40.31 48.00 -97.25
C ARG J 1102 39.75 48.87 -96.13
N VAL J 1103 38.46 48.72 -95.85
CA VAL J 1103 37.84 49.47 -94.76
C VAL J 1103 36.71 48.65 -94.18
N GLY J 1104 36.54 48.72 -92.87
CA GLY J 1104 35.49 47.97 -92.22
C GLY J 1104 35.62 48.03 -90.71
N TRP J 1105 35.20 46.94 -90.07
CA TRP J 1105 35.17 46.85 -88.62
C TRP J 1105 36.04 45.70 -88.14
N ALA J 1106 36.88 45.97 -87.15
CA ALA J 1106 37.79 44.98 -86.61
C ALA J 1106 37.59 44.83 -85.11
N ARG J 1107 37.88 43.66 -84.62
CA ARG J 1107 37.73 43.45 -83.19
C ARG J 1107 38.91 44.06 -82.45
N PRO J 1108 38.75 44.35 -81.15
CA PRO J 1108 39.82 45.03 -80.42
C PRO J 1108 41.13 44.26 -80.42
N GLU J 1109 41.12 42.95 -80.63
CA GLU J 1109 42.32 42.13 -80.57
C GLU J 1109 42.92 41.93 -81.95
N LEU J 1110 42.73 42.91 -82.84
CA LEU J 1110 43.29 42.82 -84.17
C LEU J 1110 44.81 42.77 -84.12
N ARG J 1111 45.40 41.92 -84.96
CA ARG J 1111 46.85 41.76 -84.98
C ARG J 1111 47.46 42.62 -86.07
N PRO J 1112 48.49 43.41 -85.76
CA PRO J 1112 49.06 44.29 -86.79
C PRO J 1112 49.64 43.56 -87.98
N ASP J 1113 50.26 42.40 -87.77
CA ASP J 1113 51.03 41.77 -88.84
C ASP J 1113 50.12 41.06 -89.85
N VAL J 1114 49.00 40.51 -89.39
CA VAL J 1114 48.11 39.79 -90.30
C VAL J 1114 47.29 40.77 -91.12
N GLU J 1115 47.11 40.46 -92.40
CA GLU J 1115 46.33 41.32 -93.28
C GLU J 1115 44.88 41.39 -92.82
N LEU J 1116 44.23 42.53 -93.09
CA LEU J 1116 42.84 42.68 -92.73
C LEU J 1116 41.97 41.68 -93.49
N GLY J 1117 41.02 41.09 -92.78
CA GLY J 1117 40.03 40.25 -93.41
C GLY J 1117 40.55 38.88 -93.82
N ALA J 1118 41.84 38.64 -93.64
CA ALA J 1118 42.42 37.32 -93.84
C ALA J 1118 42.36 36.50 -92.55
N ASP J 1119 41.83 37.07 -91.48
CA ASP J 1119 41.64 36.39 -90.22
C ASP J 1119 40.27 36.74 -89.68
N ASP J 1120 39.79 35.93 -88.74
CA ASP J 1120 38.44 36.13 -88.22
C ASP J 1120 38.29 37.44 -87.47
N LEU J 1121 39.39 38.11 -87.14
CA LEU J 1121 39.31 39.29 -86.28
C LEU J 1121 38.64 40.47 -86.97
N ALA J 1122 38.72 40.57 -88.30
CA ALA J 1122 38.27 41.76 -89.00
C ALA J 1122 37.32 41.40 -90.14
N TYR J 1123 36.30 42.24 -90.33
CA TYR J 1123 35.39 42.17 -91.45
C TYR J 1123 35.53 43.46 -92.24
N VAL J 1124 36.02 43.38 -93.48
CA VAL J 1124 36.30 44.59 -94.23
C VAL J 1124 35.87 44.44 -95.68
N PHE J 1125 35.92 45.55 -96.40
CA PHE J 1125 35.64 45.64 -97.83
C PHE J 1125 36.84 46.24 -98.51
N ASN J 1126 37.40 45.51 -99.48
CA ASN J 1126 38.53 45.98 -100.26
C ASN J 1126 38.01 46.55 -101.58
N GLY J 1127 38.50 47.74 -101.93
CA GLY J 1127 37.90 48.47 -103.02
C GLY J 1127 38.50 48.24 -104.39
N HIS J 1128 39.84 48.21 -104.48
CA HIS J 1128 40.47 48.20 -105.79
C HIS J 1128 40.00 47.03 -106.63
N ARG J 1129 39.64 45.92 -105.99
CA ARG J 1129 39.11 44.75 -106.68
C ARG J 1129 37.61 44.60 -106.51
N GLY J 1130 37.03 45.22 -105.49
CA GLY J 1130 35.62 45.03 -105.21
C GLY J 1130 35.34 43.70 -104.54
N GLN J 1131 35.89 43.52 -103.34
CA GLN J 1131 35.81 42.27 -102.62
C GLN J 1131 35.42 42.54 -101.17
N ARG J 1132 34.89 41.52 -100.52
CA ARG J 1132 34.63 41.57 -99.08
C ARG J 1132 35.49 40.50 -98.40
N TRP J 1133 36.27 40.92 -97.41
CA TRP J 1133 37.29 40.08 -96.81
C TRP J 1133 36.91 39.76 -95.36
N HIS J 1134 36.83 38.46 -95.07
CA HIS J 1134 36.81 37.95 -93.71
C HIS J 1134 37.17 36.48 -93.78
N LEU J 1135 38.30 36.10 -93.19
CA LEU J 1135 38.81 34.74 -93.27
C LEU J 1135 38.98 34.31 -94.73
N GLY J 1136 39.32 35.26 -95.58
CA GLY J 1136 39.48 35.02 -96.99
C GLY J 1136 38.89 36.15 -97.79
N SER J 1137 38.56 35.86 -99.05
CA SER J 1137 38.04 36.86 -99.96
C SER J 1137 36.84 36.31 -100.71
N GLU J 1138 35.87 37.18 -101.00
CA GLU J 1138 34.72 36.84 -101.81
C GLU J 1138 34.34 38.07 -102.62
N PRO J 1139 34.14 37.94 -103.93
CA PRO J 1139 33.74 39.11 -104.72
C PRO J 1139 32.45 39.70 -104.18
N PHE J 1140 32.38 41.03 -104.14
CA PHE J 1140 31.23 41.71 -103.58
C PHE J 1140 31.35 43.20 -103.90
N GLY J 1141 30.24 43.79 -104.33
CA GLY J 1141 30.25 45.20 -104.68
C GLY J 1141 31.00 45.45 -105.98
N ARG J 1142 31.39 46.70 -106.16
CA ARG J 1142 32.10 47.15 -107.34
C ARG J 1142 33.26 48.04 -106.93
N PRO J 1143 34.31 48.13 -107.74
CA PRO J 1143 35.43 49.00 -107.39
C PRO J 1143 35.02 50.47 -107.39
N TRP J 1144 35.67 51.25 -106.54
CA TRP J 1144 35.45 52.69 -106.49
C TRP J 1144 36.41 53.42 -107.42
N GLN J 1145 36.02 54.62 -107.81
CA GLN J 1145 36.93 55.56 -108.45
C GLN J 1145 37.40 56.58 -107.43
N SER J 1146 38.44 57.33 -107.79
CA SER J 1146 39.00 58.30 -106.88
C SER J 1146 37.94 59.29 -106.42
N GLY J 1147 37.94 59.60 -105.13
CA GLY J 1147 37.00 60.53 -104.54
C GLY J 1147 35.73 59.87 -104.04
N ASP J 1148 35.53 58.60 -104.32
CA ASP J 1148 34.33 57.90 -103.86
C ASP J 1148 34.38 57.67 -102.35
N VAL J 1149 33.21 57.71 -101.73
CA VAL J 1149 33.08 57.57 -100.29
C VAL J 1149 32.36 56.27 -99.99
N VAL J 1150 33.01 55.40 -99.23
CA VAL J 1150 32.41 54.14 -98.78
C VAL J 1150 31.87 54.40 -97.38
N GLY J 1151 30.56 54.30 -97.23
CA GLY J 1151 29.94 54.37 -95.92
C GLY J 1151 29.83 52.99 -95.33
N CYS J 1152 30.39 52.83 -94.14
CA CYS J 1152 30.37 51.56 -93.42
C CYS J 1152 29.36 51.66 -92.29
N MET J 1153 28.43 50.72 -92.26
CA MET J 1153 27.38 50.65 -91.26
C MET J 1153 27.47 49.30 -90.55
N ILE J 1154 27.28 49.31 -89.24
CA ILE J 1154 27.15 48.08 -88.47
C ILE J 1154 25.89 48.18 -87.64
N ASP J 1155 25.05 47.15 -87.72
CA ASP J 1155 23.83 47.06 -86.93
C ASP J 1155 24.00 45.85 -86.00
N LEU J 1156 24.25 46.13 -84.72
CA LEU J 1156 24.48 45.06 -83.75
C LEU J 1156 23.19 44.47 -83.21
N THR J 1157 22.06 45.15 -83.37
CA THR J 1157 20.78 44.55 -83.03
C THR J 1157 20.43 43.43 -84.00
N GLU J 1158 20.85 43.55 -85.25
CA GLU J 1158 20.63 42.53 -86.26
C GLU J 1158 21.91 41.78 -86.61
N ASN J 1159 23.05 42.20 -86.05
CA ASN J 1159 24.32 41.53 -86.30
C ASN J 1159 24.64 41.50 -87.78
N THR J 1160 24.71 42.69 -88.40
CA THR J 1160 24.99 42.77 -89.82
C THR J 1160 25.91 43.96 -90.09
N ILE J 1161 26.60 43.90 -91.23
CA ILE J 1161 27.49 44.96 -91.68
C ILE J 1161 27.11 45.29 -93.11
N ILE J 1162 26.92 46.58 -93.39
CA ILE J 1162 26.52 47.05 -94.71
C ILE J 1162 27.56 48.03 -95.22
N PHE J 1163 27.84 47.96 -96.52
CA PHE J 1163 28.77 48.85 -97.17
C PHE J 1163 28.06 49.54 -98.32
N THR J 1164 28.08 50.87 -98.31
CA THR J 1164 27.41 51.67 -99.33
C THR J 1164 28.46 52.49 -100.06
N LEU J 1165 28.28 52.68 -101.35
CA LEU J 1165 29.22 53.46 -102.16
C LEU J 1165 28.49 54.65 -102.74
N ASN J 1166 29.02 55.84 -102.51
CA ASN J 1166 28.43 57.09 -102.98
C ASN J 1166 26.97 57.22 -102.53
N GLY J 1167 26.64 56.68 -101.37
CA GLY J 1167 25.29 56.73 -100.86
C GLY J 1167 24.38 55.62 -101.34
N GLU J 1168 24.89 54.67 -102.12
CA GLU J 1168 24.11 53.55 -102.62
C GLU J 1168 24.61 52.27 -101.97
N VAL J 1169 23.67 51.40 -101.59
CA VAL J 1169 24.02 50.18 -100.88
C VAL J 1169 24.61 49.18 -101.86
N LEU J 1170 25.84 48.75 -101.61
CA LEU J 1170 26.45 47.70 -102.41
C LEU J 1170 25.75 46.37 -102.12
N MET J 1171 25.67 45.52 -103.14
CA MET J 1171 25.02 44.23 -103.04
C MET J 1171 25.97 43.15 -103.50
N SER J 1172 25.93 42.00 -102.82
CA SER J 1172 26.73 40.87 -103.24
C SER J 1172 26.14 40.25 -104.50
N ASP J 1173 26.79 39.19 -104.98
CA ASP J 1173 26.30 38.52 -106.18
C ASP J 1173 24.91 37.96 -105.99
N SER J 1174 24.64 37.38 -104.80
CA SER J 1174 23.33 36.84 -104.52
C SER J 1174 22.28 37.92 -104.40
N GLY J 1175 22.67 39.18 -104.34
CA GLY J 1175 21.73 40.27 -104.18
C GLY J 1175 21.44 40.65 -102.74
N SER J 1176 21.99 39.93 -101.77
CA SER J 1176 21.78 40.27 -100.38
C SER J 1176 22.33 41.67 -100.09
N GLU J 1177 21.55 42.47 -99.37
CA GLU J 1177 21.98 43.83 -99.07
C GLU J 1177 23.05 43.84 -97.98
N THR J 1178 22.92 42.95 -97.00
CA THR J 1178 23.91 42.89 -95.93
C THR J 1178 25.18 42.21 -96.42
N ALA J 1179 26.30 42.93 -96.33
CA ALA J 1179 27.57 42.36 -96.75
C ALA J 1179 27.99 41.20 -95.87
N PHE J 1180 27.85 41.34 -94.55
CA PHE J 1180 28.20 40.29 -93.61
C PHE J 1180 27.04 40.09 -92.64
N ARG J 1181 26.87 38.85 -92.21
CA ARG J 1181 25.71 38.45 -91.43
C ARG J 1181 26.13 37.52 -90.31
N ASP J 1182 25.31 37.46 -89.26
CA ASP J 1182 25.51 36.52 -88.16
C ASP J 1182 26.86 36.73 -87.49
N ILE J 1183 27.06 37.93 -86.95
CA ILE J 1183 28.30 38.29 -86.28
C ILE J 1183 28.05 38.27 -84.78
N GLU J 1184 28.90 37.56 -84.05
CA GLU J 1184 28.81 37.54 -82.59
C GLU J 1184 29.51 38.76 -82.01
N ILE J 1185 28.85 39.44 -81.08
CA ILE J 1185 29.34 40.73 -80.60
C ILE J 1185 30.73 40.56 -79.99
N GLY J 1186 30.88 39.60 -79.07
CA GLY J 1186 32.17 39.36 -78.48
C GLY J 1186 32.76 40.59 -77.84
N ASP J 1187 34.02 40.87 -78.14
CA ASP J 1187 34.72 42.01 -77.54
C ASP J 1187 34.12 43.33 -77.98
N GLY J 1188 33.66 43.40 -79.22
CA GLY J 1188 33.15 44.64 -79.77
C GLY J 1188 33.56 44.79 -81.22
N PHE J 1189 33.57 46.04 -81.67
CA PHE J 1189 33.95 46.35 -83.04
C PHE J 1189 34.47 47.79 -83.10
N LEU J 1190 35.47 48.01 -83.95
CA LEU J 1190 36.10 49.30 -84.09
C LEU J 1190 36.26 49.65 -85.56
N PRO J 1191 36.12 50.92 -85.93
CA PRO J 1191 36.45 51.32 -87.31
C PRO J 1191 37.92 51.03 -87.60
N VAL J 1192 38.18 50.54 -88.81
CA VAL J 1192 39.52 50.15 -89.23
C VAL J 1192 39.64 50.32 -90.74
N CYS J 1193 40.85 50.65 -91.18
CA CYS J 1193 41.17 50.77 -92.59
C CYS J 1193 42.59 50.28 -92.81
N SER J 1194 42.86 49.76 -94.00
CA SER J 1194 44.17 49.30 -94.41
C SER J 1194 44.51 49.95 -95.74
N LEU J 1195 45.61 50.68 -95.78
CA LEU J 1195 46.01 51.43 -96.97
C LEU J 1195 47.27 50.81 -97.55
N GLY J 1196 47.13 50.04 -98.62
CA GLY J 1196 48.29 49.49 -99.27
C GLY J 1196 49.27 50.58 -99.66
N PRO J 1197 50.44 50.19 -100.13
CA PRO J 1197 51.49 51.19 -100.38
C PRO J 1197 51.03 52.25 -101.38
N GLY J 1198 51.41 53.49 -101.12
CA GLY J 1198 51.10 54.58 -102.01
C GLY J 1198 49.64 54.89 -102.17
N GLN J 1199 48.87 54.94 -101.09
CA GLN J 1199 47.45 55.24 -101.15
C GLN J 1199 47.07 56.23 -100.06
N VAL J 1200 46.00 56.98 -100.30
CA VAL J 1200 45.54 58.01 -99.38
C VAL J 1200 44.04 57.88 -99.16
N GLY J 1201 43.63 57.95 -97.89
CA GLY J 1201 42.23 57.85 -97.55
C GLY J 1201 41.87 58.89 -96.51
N HIS J 1202 40.56 59.05 -96.31
CA HIS J 1202 40.04 60.00 -95.33
C HIS J 1202 38.94 59.33 -94.52
N LEU J 1203 39.16 59.22 -93.22
CA LEU J 1203 38.26 58.51 -92.32
C LEU J 1203 37.44 59.52 -91.55
N ASN J 1204 36.14 59.60 -91.85
CA ASN J 1204 35.21 60.48 -91.16
C ASN J 1204 34.43 59.65 -90.16
N LEU J 1205 34.64 59.91 -88.88
CA LEU J 1205 33.93 59.21 -87.81
C LEU J 1205 32.75 60.01 -87.29
N GLY J 1206 32.37 61.09 -87.97
CA GLY J 1206 31.16 61.80 -87.63
C GLY J 1206 31.24 62.68 -86.41
N GLN J 1207 32.42 63.12 -86.02
CA GLN J 1207 32.50 64.05 -84.90
C GLN J 1207 31.82 65.37 -85.25
N ASP J 1208 31.78 65.71 -86.53
CA ASP J 1208 31.02 66.84 -87.06
C ASP J 1208 30.01 66.28 -88.04
N VAL J 1209 28.75 66.15 -87.59
CA VAL J 1209 27.77 65.39 -88.35
C VAL J 1209 27.56 65.99 -89.72
N SER J 1210 27.59 67.32 -89.82
CA SER J 1210 27.34 67.96 -91.10
C SER J 1210 28.40 67.60 -92.13
N SER J 1211 29.62 67.28 -91.69
CA SER J 1211 30.70 67.01 -92.62
C SER J 1211 30.44 65.75 -93.44
N LEU J 1212 29.66 64.82 -92.90
CA LEU J 1212 29.41 63.57 -93.61
C LEU J 1212 28.73 63.85 -94.95
N ARG J 1213 29.07 63.03 -95.96
CA ARG J 1213 28.57 63.31 -97.30
C ARG J 1213 27.26 62.58 -97.59
N PHE J 1214 27.24 61.26 -97.38
CA PHE J 1214 26.11 60.43 -97.76
C PHE J 1214 25.32 59.92 -96.57
N PHE J 1215 25.56 60.46 -95.37
CA PHE J 1215 24.85 59.97 -94.20
C PHE J 1215 23.36 60.23 -94.32
N ALA J 1216 22.97 61.44 -94.72
CA ALA J 1216 21.56 61.76 -94.87
C ALA J 1216 20.91 60.90 -95.95
N ILE J 1217 21.60 60.72 -97.07
CA ILE J 1217 21.03 59.94 -98.17
C ILE J 1217 20.82 58.49 -97.73
N CYS J 1218 21.80 57.90 -97.05
CA CYS J 1218 21.70 56.54 -96.57
C CYS J 1218 22.15 56.46 -95.13
N GLY J 1219 21.32 55.87 -94.29
CA GLY J 1219 21.68 55.63 -92.90
C GLY J 1219 20.93 56.49 -91.90
N LEU J 1220 20.78 57.78 -92.20
CA LEU J 1220 20.11 58.67 -91.26
C LEU J 1220 18.70 58.19 -90.98
N GLN J 1221 17.93 57.91 -92.02
CA GLN J 1221 16.56 57.47 -91.82
C GLN J 1221 16.51 56.06 -91.25
N GLU J 1222 17.51 55.24 -91.58
CA GLU J 1222 17.62 53.91 -90.99
C GLU J 1222 17.97 53.95 -89.51
N GLY J 1223 18.33 55.12 -88.98
CA GLY J 1223 18.61 55.24 -87.56
C GLY J 1223 20.05 54.96 -87.17
N PHE J 1224 20.94 54.80 -88.15
CA PHE J 1224 22.33 54.58 -87.82
C PHE J 1224 22.97 55.85 -87.27
N GLU J 1225 23.96 55.66 -86.41
CA GLU J 1225 24.60 56.74 -85.68
C GLU J 1225 26.01 57.00 -86.21
N PRO J 1226 26.39 58.26 -86.41
CA PRO J 1226 27.80 58.54 -86.68
C PRO J 1226 28.67 58.07 -85.53
N PHE J 1227 29.74 57.35 -85.86
CA PHE J 1227 30.48 56.61 -84.84
C PHE J 1227 30.93 57.51 -83.71
N ALA J 1228 31.18 58.78 -84.00
CA ALA J 1228 31.65 59.71 -82.97
C ALA J 1228 30.72 60.91 -82.87
N ILE J 1229 29.41 60.67 -82.87
CA ILE J 1229 28.45 61.77 -82.93
C ILE J 1229 28.54 62.66 -81.70
N ASN J 1230 28.80 62.09 -80.53
CA ASN J 1230 28.75 62.85 -79.28
C ASN J 1230 30.09 62.88 -78.56
N MET J 1231 31.18 62.53 -79.24
CA MET J 1231 32.50 62.52 -78.63
C MET J 1231 33.12 63.89 -78.80
N GLN J 1232 33.12 64.67 -77.72
CA GLN J 1232 33.56 66.06 -77.82
C GLN J 1232 35.00 66.15 -78.29
N ARG J 1233 35.81 65.14 -77.99
CA ARG J 1233 37.18 65.15 -78.45
C ARG J 1233 37.37 64.19 -79.61
N PRO J 1234 38.29 64.46 -80.54
CA PRO J 1234 38.47 63.57 -81.68
C PRO J 1234 38.84 62.16 -81.23
N VAL J 1235 38.40 61.18 -82.01
CA VAL J 1235 38.66 59.78 -81.67
C VAL J 1235 40.13 59.48 -81.88
N THR J 1236 40.73 58.78 -80.92
CA THR J 1236 42.13 58.44 -81.00
C THR J 1236 42.33 57.19 -81.85
N THR J 1237 43.39 57.19 -82.64
CA THR J 1237 43.66 56.11 -83.59
C THR J 1237 45.00 55.47 -83.28
N TRP J 1238 45.09 54.19 -83.61
CA TRP J 1238 46.32 53.42 -83.49
C TRP J 1238 46.63 52.80 -84.84
N PHE J 1239 47.88 52.88 -85.24
CA PHE J 1239 48.32 52.40 -86.54
C PHE J 1239 49.39 51.33 -86.39
N SER J 1240 49.58 50.57 -87.47
CA SER J 1240 50.50 49.43 -87.47
C SER J 1240 51.90 49.96 -87.76
N LYS J 1241 52.55 50.48 -86.73
CA LYS J 1241 53.91 50.96 -86.87
C LYS J 1241 54.81 49.79 -87.29
N SER J 1242 55.57 50.00 -88.36
CA SER J 1242 56.36 48.94 -88.97
C SER J 1242 57.81 48.95 -88.52
N LEU J 1243 58.10 49.45 -87.32
CA LEU J 1243 59.44 49.43 -86.79
C LEU J 1243 59.62 48.17 -85.94
N PRO J 1244 60.43 47.20 -86.37
CA PRO J 1244 60.55 45.96 -85.59
C PRO J 1244 61.04 46.24 -84.18
N GLN J 1245 60.48 45.51 -83.22
CA GLN J 1245 60.88 45.59 -81.83
C GLN J 1245 60.82 44.21 -81.21
N PHE J 1246 61.58 43.99 -80.15
CA PHE J 1246 61.63 42.68 -79.52
C PHE J 1246 60.48 42.52 -78.54
N GLU J 1247 59.82 41.39 -78.60
CA GLU J 1247 58.72 41.08 -77.70
C GLU J 1247 58.89 39.67 -77.17
N PRO J 1248 58.39 39.39 -75.98
CA PRO J 1248 58.59 38.05 -75.40
C PRO J 1248 57.94 36.98 -76.27
N VAL J 1249 58.57 35.82 -76.28
CA VAL J 1249 58.02 34.71 -77.08
C VAL J 1249 56.64 34.36 -76.53
N PRO J 1250 55.58 34.39 -77.34
CA PRO J 1250 54.28 33.99 -76.82
C PRO J 1250 54.30 32.55 -76.33
N LEU J 1251 53.62 32.31 -75.21
CA LEU J 1251 53.59 30.97 -74.65
C LEU J 1251 52.87 29.98 -75.54
N GLU J 1252 52.01 30.44 -76.44
CA GLU J 1252 51.25 29.59 -77.34
C GLU J 1252 51.68 29.72 -78.79
N HIS J 1253 52.89 30.21 -79.04
CA HIS J 1253 53.33 30.42 -80.41
C HIS J 1253 53.27 29.09 -81.16
N PRO J 1254 52.66 29.06 -82.35
CA PRO J 1254 52.46 27.77 -83.02
C PRO J 1254 53.76 27.05 -83.35
N HIS J 1255 54.83 27.79 -83.65
CA HIS J 1255 56.05 27.19 -84.19
C HIS J 1255 57.22 27.17 -83.22
N TYR J 1256 57.43 28.22 -82.44
CA TYR J 1256 58.63 28.37 -81.64
C TYR J 1256 58.29 28.16 -80.16
N GLU J 1257 59.03 27.29 -79.50
CA GLU J 1257 58.81 26.95 -78.11
C GLU J 1257 60.10 27.20 -77.34
N VAL J 1258 60.01 27.93 -76.24
CA VAL J 1258 61.13 28.19 -75.35
C VAL J 1258 60.84 27.52 -74.02
N ALA J 1259 61.73 26.63 -73.60
CA ALA J 1259 61.58 25.90 -72.35
C ALA J 1259 62.79 26.16 -71.48
N ARG J 1260 62.57 26.45 -70.20
CA ARG J 1260 63.63 26.73 -69.25
C ARG J 1260 63.95 25.46 -68.48
N MET J 1261 65.19 25.01 -68.59
CA MET J 1261 65.64 23.81 -67.88
C MET J 1261 66.56 24.20 -66.74
N ASP J 1262 66.23 23.74 -65.54
CA ASP J 1262 66.99 24.10 -64.35
C ASP J 1262 68.40 23.53 -64.43
N GLY J 1263 69.33 24.20 -63.75
CA GLY J 1263 70.70 23.73 -63.73
C GLY J 1263 70.84 22.44 -62.94
N THR J 1264 71.81 21.63 -63.36
CA THR J 1264 72.11 20.36 -62.72
C THR J 1264 73.52 20.39 -62.19
N VAL J 1265 73.98 19.23 -61.71
CA VAL J 1265 75.32 19.09 -61.15
C VAL J 1265 76.36 19.41 -62.21
N ASP J 1266 76.04 19.10 -63.47
CA ASP J 1266 76.99 19.26 -64.56
C ASP J 1266 76.51 20.17 -65.67
N THR J 1267 75.35 20.80 -65.52
CA THR J 1267 74.81 21.68 -66.55
C THR J 1267 74.36 23.00 -65.92
N PRO J 1268 74.72 24.13 -66.49
CA PRO J 1268 74.23 25.41 -65.98
C PRO J 1268 72.80 25.65 -66.41
N PRO J 1269 72.16 26.69 -65.91
CA PRO J 1269 70.80 27.00 -66.36
C PRO J 1269 70.77 27.23 -67.87
N CYS J 1270 69.68 26.78 -68.50
CA CYS J 1270 69.55 26.84 -69.95
C CYS J 1270 68.19 27.41 -70.32
N LEU J 1271 68.15 28.00 -71.52
CA LEU J 1271 66.92 28.39 -72.19
C LEU J 1271 66.99 27.85 -73.60
N ARG J 1272 66.23 26.79 -73.88
CA ARG J 1272 66.32 26.06 -75.14
C ARG J 1272 65.19 26.48 -76.05
N LEU J 1273 65.49 26.70 -77.32
CA LEU J 1273 64.49 26.99 -78.33
C LEU J 1273 64.28 25.75 -79.18
N THR J 1274 63.01 25.40 -79.39
CA THR J 1274 62.64 24.22 -80.17
C THR J 1274 61.62 24.62 -81.22
N HIS J 1275 61.79 24.07 -82.42
CA HIS J 1275 60.83 24.32 -83.51
C HIS J 1275 59.73 23.28 -83.41
N ARG J 1276 58.53 23.73 -83.06
CA ARG J 1276 57.44 22.79 -82.80
C ARG J 1276 57.08 21.97 -84.03
N THR J 1277 56.96 22.62 -85.19
CA THR J 1277 56.39 22.01 -86.38
C THR J 1277 57.42 21.68 -87.44
N TRP J 1278 58.69 21.62 -87.07
CA TRP J 1278 59.72 21.33 -88.06
C TRP J 1278 59.52 19.95 -88.65
N GLY J 1279 59.83 19.83 -89.94
CA GLY J 1279 59.66 18.57 -90.64
C GLY J 1279 58.23 18.24 -91.00
N SER J 1280 57.30 19.16 -90.80
CA SER J 1280 55.89 18.93 -91.09
C SER J 1280 55.39 20.01 -92.04
N GLN J 1281 54.28 19.72 -92.71
CA GLN J 1281 53.66 20.70 -93.57
C GLN J 1281 53.17 21.88 -92.75
N ASN J 1282 53.11 23.04 -93.38
CA ASN J 1282 52.78 24.33 -92.79
C ASN J 1282 53.91 24.82 -91.87
N SER J 1283 55.03 24.12 -91.82
CA SER J 1283 56.15 24.57 -90.99
C SER J 1283 56.66 25.91 -91.51
N LEU J 1284 57.03 26.78 -90.57
CA LEU J 1284 57.51 28.12 -90.88
C LEU J 1284 59.03 28.11 -90.77
N VAL J 1285 59.71 28.39 -91.88
CA VAL J 1285 61.16 28.42 -91.94
C VAL J 1285 61.57 29.84 -92.31
N GLU J 1286 61.91 30.64 -91.30
CA GLU J 1286 62.30 32.02 -91.51
C GLU J 1286 63.39 32.37 -90.50
N MET J 1287 64.12 33.45 -90.78
CA MET J 1287 65.07 33.96 -89.81
C MET J 1287 64.37 34.26 -88.50
N LEU J 1288 65.05 33.94 -87.40
CA LEU J 1288 64.57 34.25 -86.06
C LEU J 1288 65.63 35.06 -85.34
N PHE J 1289 65.24 36.22 -84.84
CA PHE J 1289 66.14 37.10 -84.10
C PHE J 1289 65.70 37.06 -82.65
N LEU J 1290 66.56 36.56 -81.78
CA LEU J 1290 66.25 36.35 -80.38
C LEU J 1290 67.22 37.14 -79.51
N ARG J 1291 66.74 37.61 -78.37
CA ARG J 1291 67.61 38.22 -77.38
C ARG J 1291 67.07 37.93 -75.99
N LEU J 1292 67.96 37.95 -75.01
CA LEU J 1292 67.52 37.86 -73.64
C LEU J 1292 66.95 39.20 -73.18
N SER J 1293 65.95 39.13 -72.31
CA SER J 1293 65.15 40.31 -71.98
C SER J 1293 65.89 41.33 -71.13
N LEU J 1294 67.07 41.01 -70.61
CA LEU J 1294 67.79 41.95 -69.77
C LEU J 1294 69.14 42.30 -70.36
N PRO J 1295 69.62 43.54 -70.16
CA PRO J 1295 70.94 43.91 -70.67
C PRO J 1295 72.03 43.79 -69.62
N VAL J 1296 73.27 43.93 -70.09
CA VAL J 1296 74.44 44.13 -69.26
C VAL J 1296 75.01 45.49 -69.61
N GLN J 1297 75.31 46.29 -68.60
CA GLN J 1297 75.74 47.67 -68.80
C GLN J 1297 77.22 47.81 -68.44
N PHE J 1298 77.98 48.37 -69.36
CA PHE J 1298 79.40 48.57 -69.13
C PHE J 1298 79.63 49.70 -68.13
N HIS J 1299 80.78 49.66 -67.47
CA HIS J 1299 81.06 50.58 -66.39
C HIS J 1299 81.20 52.01 -66.92
N GLN J 1300 80.91 52.97 -66.04
CA GLN J 1300 80.96 54.38 -66.45
C GLN J 1300 82.38 54.81 -66.78
N HIS J 1301 83.36 54.38 -65.98
CA HIS J 1301 84.77 54.68 -66.21
C HIS J 1301 85.51 53.38 -66.45
N PHE J 1302 86.14 53.26 -67.62
CA PHE J 1302 86.93 52.08 -67.91
C PHE J 1302 88.24 52.11 -67.13
N ARG J 1303 88.69 50.93 -66.72
CA ARG J 1303 89.98 50.82 -66.05
C ARG J 1303 91.08 51.34 -66.98
N CYS J 1304 91.94 52.20 -66.43
CA CYS J 1304 93.01 52.80 -67.21
C CYS J 1304 94.20 51.85 -67.24
N THR J 1305 94.47 51.28 -68.41
CA THR J 1305 95.56 50.33 -68.58
C THR J 1305 95.47 49.20 -67.57
N ASP J 1420 92.25 22.36 -58.81
CA ASP J 1420 92.05 22.78 -60.19
C ASP J 1420 90.57 22.83 -60.53
N ASN J 1421 90.23 23.61 -61.56
CA ASN J 1421 88.86 23.78 -62.04
C ASN J 1421 87.96 24.44 -61.01
N ARG J 1422 88.51 24.95 -59.91
CA ARG J 1422 87.75 25.65 -58.88
C ARG J 1422 88.21 27.10 -58.84
N ASP J 1423 87.23 28.01 -58.77
CA ASP J 1423 87.53 29.43 -58.84
C ASP J 1423 88.40 29.86 -57.67
N ASP J 1424 89.43 30.64 -57.97
CA ASP J 1424 90.19 31.30 -56.92
C ASP J 1424 89.33 32.36 -56.27
N PRO J 1425 89.21 32.39 -54.94
CA PRO J 1425 88.30 33.37 -54.32
C PRO J 1425 88.60 34.80 -54.70
N GLU J 1426 89.84 35.24 -54.55
CA GLU J 1426 90.17 36.64 -54.82
C GLU J 1426 89.93 36.99 -56.29
N ILE J 1427 90.32 36.09 -57.19
CA ILE J 1427 90.17 36.39 -58.61
C ILE J 1427 88.70 36.47 -58.98
N ILE J 1428 87.90 35.49 -58.54
CA ILE J 1428 86.48 35.48 -58.90
C ILE J 1428 85.78 36.66 -58.26
N LEU J 1429 86.26 37.12 -57.11
CA LEU J 1429 85.63 38.25 -56.44
C LEU J 1429 85.98 39.57 -57.09
N ASN J 1430 87.19 39.73 -57.60
CA ASN J 1430 87.61 40.98 -58.24
C ASN J 1430 87.43 40.97 -59.75
N THR J 1431 86.90 39.88 -60.32
CA THR J 1431 86.78 39.79 -61.76
C THR J 1431 85.68 40.70 -62.28
N THR J 1432 85.94 41.34 -63.43
CA THR J 1432 84.96 42.17 -64.12
C THR J 1432 84.58 41.60 -65.48
N THR J 1433 84.78 40.31 -65.68
CA THR J 1433 84.46 39.63 -66.93
C THR J 1433 83.30 38.68 -66.70
N TYR J 1434 82.28 38.79 -67.54
CA TYR J 1434 81.13 37.90 -67.50
C TYR J 1434 80.92 37.34 -68.90
N TYR J 1435 80.34 36.15 -69.02
CA TYR J 1435 80.08 35.65 -70.36
C TYR J 1435 78.82 34.81 -70.35
N TYR J 1436 78.45 34.35 -71.53
CA TYR J 1436 77.40 33.34 -71.66
C TYR J 1436 77.69 32.51 -72.90
N SER J 1437 77.26 31.25 -72.90
CA SER J 1437 77.51 30.38 -74.02
C SER J 1437 76.21 30.07 -74.74
N VAL J 1438 76.34 29.70 -76.01
CA VAL J 1438 75.21 29.30 -76.84
C VAL J 1438 75.56 27.95 -77.45
N ARG J 1439 74.68 26.99 -77.26
CA ARG J 1439 74.87 25.65 -77.81
C ARG J 1439 73.97 25.51 -79.04
N VAL J 1440 74.60 25.29 -80.18
CA VAL J 1440 73.91 24.90 -81.40
C VAL J 1440 73.93 23.38 -81.47
N PHE J 1441 72.74 22.79 -81.38
CA PHE J 1441 72.63 21.33 -81.32
C PHE J 1441 72.96 20.72 -82.68
N ALA J 1442 73.31 19.44 -82.66
CA ALA J 1442 73.56 18.73 -83.90
C ALA J 1442 72.30 18.72 -84.75
N GLY J 1443 72.47 18.81 -86.06
CA GLY J 1443 71.38 18.91 -87.00
C GLY J 1443 71.00 20.33 -87.35
N GLN J 1444 71.39 21.30 -86.54
CA GLN J 1444 71.22 22.70 -86.86
C GLN J 1444 72.52 23.20 -87.49
N GLU J 1445 72.47 23.51 -88.77
CA GLU J 1445 73.69 23.86 -89.48
C GLU J 1445 74.28 25.14 -88.88
N PRO J 1446 75.51 25.10 -88.36
CA PRO J 1446 76.08 26.32 -87.77
C PRO J 1446 76.24 27.45 -88.75
N SER J 1447 76.21 27.18 -90.06
CA SER J 1447 76.32 28.24 -91.03
C SER J 1447 75.15 29.21 -90.94
N CYS J 1448 74.06 28.81 -90.29
CA CYS J 1448 72.86 29.63 -90.18
C CYS J 1448 72.72 30.28 -88.82
N VAL J 1449 73.73 30.21 -87.96
CA VAL J 1449 73.63 30.71 -86.59
C VAL J 1449 74.62 31.84 -86.40
N TRP J 1450 74.14 32.94 -85.84
CA TRP J 1450 74.96 34.06 -85.41
C TRP J 1450 74.74 34.27 -83.93
N VAL J 1451 75.82 34.45 -83.18
CA VAL J 1451 75.76 34.56 -81.73
C VAL J 1451 76.53 35.80 -81.28
N GLY J 1452 75.99 36.51 -80.30
CA GLY J 1452 76.66 37.70 -79.81
C GLY J 1452 75.71 38.60 -79.05
N TRP J 1453 76.00 39.90 -79.12
CA TRP J 1453 75.27 40.92 -78.37
C TRP J 1453 74.68 41.94 -79.33
N VAL J 1454 73.52 42.49 -78.96
CA VAL J 1454 72.87 43.55 -79.73
C VAL J 1454 72.54 44.69 -78.80
N THR J 1455 72.88 45.91 -79.21
CA THR J 1455 72.58 47.10 -78.44
C THR J 1455 71.06 47.27 -78.36
N PRO J 1456 70.56 48.22 -77.58
CA PRO J 1456 69.11 48.30 -77.39
C PRO J 1456 68.37 48.92 -78.56
N ASP J 1457 69.07 49.19 -79.67
CA ASP J 1457 68.44 49.83 -80.82
C ASP J 1457 68.54 48.99 -82.09
N TYR J 1458 68.68 47.68 -81.98
CA TYR J 1458 68.67 46.83 -83.17
C TYR J 1458 67.23 46.67 -83.63
N HIS J 1459 66.91 47.24 -84.79
CA HIS J 1459 65.57 47.21 -85.33
C HIS J 1459 65.53 46.72 -86.76
N GLN J 1460 66.47 45.87 -87.15
CA GLN J 1460 66.58 45.40 -88.52
C GLN J 1460 66.11 43.95 -88.59
N HIS J 1461 64.96 43.74 -89.23
CA HIS J 1461 64.40 42.40 -89.43
C HIS J 1461 64.66 42.02 -90.88
N ASP J 1462 65.85 41.47 -91.13
CA ASP J 1462 66.32 41.18 -92.48
C ASP J 1462 66.23 39.68 -92.73
N MET J 1463 65.35 39.27 -93.64
CA MET J 1463 65.22 37.85 -93.93
C MET J 1463 66.52 37.30 -94.49
N SER J 1464 67.28 38.10 -95.22
CA SER J 1464 68.59 37.71 -95.73
C SER J 1464 69.63 38.45 -94.90
N PHE J 1465 70.07 37.83 -93.80
CA PHE J 1465 70.94 38.49 -92.84
C PHE J 1465 72.36 37.95 -92.97
N ASP J 1466 73.32 38.87 -93.02
CA ASP J 1466 74.74 38.55 -93.00
C ASP J 1466 75.46 39.60 -92.17
N LEU J 1467 76.64 39.26 -91.69
CA LEU J 1467 77.41 40.22 -90.90
C LEU J 1467 77.68 41.49 -91.68
N SER J 1468 77.66 41.43 -93.02
CA SER J 1468 77.77 42.65 -93.81
C SER J 1468 76.58 43.56 -93.60
N LYS J 1469 75.39 42.99 -93.43
CA LYS J 1469 74.19 43.80 -93.27
C LYS J 1469 74.25 44.62 -91.99
N VAL J 1470 75.01 44.17 -91.00
CA VAL J 1470 75.06 44.83 -89.70
C VAL J 1470 75.45 46.29 -89.88
N ARG J 1471 74.61 47.19 -89.36
CA ARG J 1471 74.91 48.61 -89.45
C ARG J 1471 76.20 48.92 -88.71
N ALA J 1472 77.03 49.79 -89.30
CA ALA J 1472 78.28 50.18 -88.70
C ALA J 1472 78.65 51.57 -89.20
N VAL J 1473 79.49 52.26 -88.42
CA VAL J 1473 79.99 53.57 -88.81
C VAL J 1473 81.26 53.83 -88.01
N THR J 1474 82.06 54.77 -88.49
CA THR J 1474 83.31 55.13 -87.83
C THR J 1474 83.37 56.65 -87.71
N VAL J 1475 83.27 57.15 -86.49
CA VAL J 1475 83.43 58.58 -86.24
C VAL J 1475 84.91 58.84 -86.00
N THR J 1476 85.54 59.57 -86.91
CA THR J 1476 86.97 59.88 -86.86
C THR J 1476 87.12 61.36 -86.56
N MET J 1477 87.79 61.66 -85.46
CA MET J 1477 88.08 63.03 -85.05
C MET J 1477 89.57 63.29 -85.12
N GLY J 1478 89.93 64.45 -85.68
CA GLY J 1478 91.32 64.83 -85.81
C GLY J 1478 91.63 66.23 -85.32
N ASP J 1479 92.79 66.75 -85.70
CA ASP J 1479 93.23 68.07 -85.33
C ASP J 1479 92.84 69.06 -86.45
N GLU J 1480 93.26 70.32 -86.31
CA GLU J 1480 93.00 71.28 -87.37
C GLU J 1480 93.47 70.74 -88.71
N GLN J 1481 94.61 70.06 -88.74
CA GLN J 1481 95.10 69.38 -89.93
C GLN J 1481 95.50 67.96 -89.56
N GLY J 1482 94.91 66.98 -90.25
CA GLY J 1482 95.24 65.59 -89.99
C GLY J 1482 95.29 65.28 -88.51
N ASN J 1483 96.25 64.44 -88.12
CA ASN J 1483 96.48 64.10 -86.72
C ASN J 1483 95.21 63.55 -86.08
N VAL J 1484 94.76 62.41 -86.60
CA VAL J 1484 93.53 61.80 -86.10
C VAL J 1484 93.68 61.52 -84.62
N HIS J 1485 92.79 62.11 -83.81
CA HIS J 1485 92.78 61.90 -82.37
C HIS J 1485 91.94 60.71 -81.95
N SER J 1486 90.88 60.39 -82.68
CA SER J 1486 89.96 59.33 -82.27
C SER J 1486 89.38 58.66 -83.51
N SER J 1487 89.16 57.35 -83.43
CA SER J 1487 88.65 56.57 -84.54
C SER J 1487 87.53 55.65 -84.07
N LEU J 1488 86.57 56.20 -83.34
CA LEU J 1488 85.58 55.36 -82.69
C LEU J 1488 84.75 54.60 -83.71
N LYS J 1489 84.46 53.34 -83.41
CA LYS J 1489 83.64 52.49 -84.25
C LYS J 1489 82.32 52.21 -83.53
N CYS J 1490 81.21 52.51 -84.19
CA CYS J 1490 79.88 52.39 -83.61
C CYS J 1490 79.06 51.40 -84.42
N SER J 1491 78.28 50.58 -83.73
CA SER J 1491 77.43 49.59 -84.37
C SER J 1491 76.36 49.17 -83.38
N ASN J 1492 75.30 48.55 -83.90
CA ASN J 1492 74.20 48.12 -83.04
C ASN J 1492 74.24 46.63 -82.77
N CYS J 1493 74.85 45.86 -83.68
CA CYS J 1493 74.92 44.41 -83.55
C CYS J 1493 76.37 43.97 -83.52
N TYR J 1494 76.76 43.27 -82.46
CA TYR J 1494 78.09 42.67 -82.34
C TYR J 1494 77.90 41.17 -82.28
N MET J 1495 78.42 40.46 -83.28
CA MET J 1495 78.13 39.04 -83.41
C MET J 1495 79.24 38.35 -84.18
N VAL J 1496 79.22 37.02 -84.13
CA VAL J 1496 80.14 36.16 -84.86
C VAL J 1496 79.32 35.12 -85.60
N TRP J 1497 79.88 34.59 -86.69
CA TRP J 1497 79.16 33.66 -87.54
C TRP J 1497 79.69 32.25 -87.33
N GLY J 1498 78.79 31.31 -87.03
CA GLY J 1498 79.22 29.95 -86.76
C GLY J 1498 79.94 29.31 -87.93
N GLY J 1499 79.69 29.81 -89.14
CA GLY J 1499 80.40 29.30 -90.30
C GLY J 1499 81.90 29.51 -90.20
N ASP J 1500 82.31 30.60 -89.54
CA ASP J 1500 83.74 30.82 -89.33
C ASP J 1500 84.33 29.69 -88.49
N PHE J 1501 83.63 29.27 -87.44
CA PHE J 1501 84.16 28.26 -86.55
C PHE J 1501 84.10 26.87 -87.17
N VAL J 1502 83.07 26.60 -87.97
CA VAL J 1502 82.95 25.29 -88.58
C VAL J 1502 84.17 25.00 -89.44
N SER J 1503 84.73 23.80 -89.27
CA SER J 1503 85.90 23.41 -90.02
C SER J 1503 85.55 23.19 -91.49
N PRO J 1504 86.48 23.48 -92.41
CA PRO J 1504 86.18 23.24 -93.83
C PRO J 1504 85.90 21.77 -94.15
N GLY J 1505 86.60 20.85 -93.51
CA GLY J 1505 86.33 19.45 -93.76
C GLY J 1505 84.94 19.03 -93.30
N GLN J 1506 84.55 19.44 -92.09
CA GLN J 1506 83.22 19.14 -91.60
C GLN J 1506 82.16 19.87 -92.43
N GLN J 1507 82.55 20.96 -93.09
CA GLN J 1507 81.61 21.72 -93.89
C GLN J 1507 80.98 20.84 -94.97
N GLY J 1508 79.67 21.00 -95.15
CA GLY J 1508 78.92 20.18 -96.09
C GLY J 1508 78.43 18.87 -95.52
N ARG J 1509 78.70 18.59 -94.25
CA ARG J 1509 78.31 17.34 -93.61
C ARG J 1509 77.44 17.64 -92.40
N ILE J 1510 76.42 16.81 -92.18
CA ILE J 1510 75.60 16.95 -90.99
C ILE J 1510 76.43 16.53 -89.78
N SER J 1511 76.87 17.50 -89.00
CA SER J 1511 77.77 17.23 -87.89
C SER J 1511 77.06 16.46 -86.80
N HIS J 1512 77.73 15.43 -86.29
CA HIS J 1512 77.20 14.67 -85.16
C HIS J 1512 77.51 15.32 -83.82
N THR J 1513 78.29 16.39 -83.81
CA THR J 1513 78.63 17.08 -82.58
C THR J 1513 77.76 18.31 -82.38
N ASP J 1514 77.90 18.93 -81.22
CA ASP J 1514 77.21 20.17 -80.89
C ASP J 1514 78.24 21.29 -80.77
N LEU J 1515 77.91 22.45 -81.31
CA LEU J 1515 78.83 23.58 -81.26
C LEU J 1515 78.51 24.44 -80.06
N VAL J 1516 79.54 24.91 -79.36
CA VAL J 1516 79.38 25.78 -78.20
C VAL J 1516 80.18 27.04 -78.46
N ILE J 1517 79.52 28.19 -78.39
CA ILE J 1517 80.16 29.48 -78.62
C ILE J 1517 79.98 30.31 -77.36
N GLY J 1518 81.09 30.66 -76.71
CA GLY J 1518 81.03 31.44 -75.49
C GLY J 1518 81.46 32.87 -75.72
N CYS J 1519 80.58 33.82 -75.39
CA CYS J 1519 80.84 35.24 -75.59
C CYS J 1519 81.20 35.86 -74.24
N LEU J 1520 82.41 36.39 -74.16
CA LEU J 1520 82.95 37.02 -72.95
C LEU J 1520 82.97 38.52 -73.13
N VAL J 1521 82.62 39.25 -72.08
CA VAL J 1521 82.71 40.70 -72.04
C VAL J 1521 83.39 41.10 -70.74
N ASP J 1522 84.48 41.83 -70.86
CA ASP J 1522 85.12 42.51 -69.73
C ASP J 1522 84.55 43.91 -69.68
N LEU J 1523 83.80 44.20 -68.62
CA LEU J 1523 83.10 45.48 -68.52
C LEU J 1523 84.06 46.61 -68.20
N ALA J 1524 85.04 46.36 -67.33
CA ALA J 1524 85.98 47.41 -66.96
C ALA J 1524 86.76 47.90 -68.18
N THR J 1525 87.23 46.97 -69.01
CA THR J 1525 88.00 47.33 -70.18
C THR J 1525 87.14 47.58 -71.41
N GLY J 1526 85.82 47.38 -71.32
CA GLY J 1526 84.96 47.57 -72.46
C GLY J 1526 85.32 46.68 -73.63
N LEU J 1527 85.68 45.43 -73.37
CA LEU J 1527 86.23 44.54 -74.39
C LEU J 1527 85.36 43.30 -74.50
N MET J 1528 85.24 42.75 -75.71
CA MET J 1528 84.46 41.54 -75.92
C MET J 1528 85.25 40.58 -76.80
N THR J 1529 85.20 39.29 -76.43
CA THR J 1529 85.86 38.23 -77.18
C THR J 1529 84.92 37.03 -77.28
N PHE J 1530 85.25 36.11 -78.16
CA PHE J 1530 84.41 34.95 -78.43
C PHE J 1530 85.28 33.71 -78.54
N THR J 1531 84.81 32.61 -77.95
CA THR J 1531 85.54 31.35 -77.95
C THR J 1531 84.65 30.26 -78.53
N ALA J 1532 85.19 29.53 -79.51
CA ALA J 1532 84.45 28.46 -80.17
C ALA J 1532 84.97 27.13 -79.64
N ASN J 1533 84.07 26.34 -79.04
CA ASN J 1533 84.40 25.01 -78.52
C ASN J 1533 85.61 25.06 -77.59
N GLY J 1534 85.81 26.19 -76.92
CA GLY J 1534 86.94 26.40 -76.05
C GLY J 1534 88.15 27.02 -76.72
N LYS J 1535 88.21 27.03 -78.04
CA LYS J 1535 89.33 27.62 -78.75
C LYS J 1535 89.05 29.09 -79.04
N GLU J 1536 89.98 29.95 -78.64
CA GLU J 1536 89.81 31.38 -78.81
C GLU J 1536 89.68 31.73 -80.28
N SER J 1537 88.85 32.73 -80.58
CA SER J 1537 88.66 33.22 -81.93
C SER J 1537 89.24 34.62 -82.04
N ASN J 1538 89.73 34.97 -83.23
CA ASN J 1538 90.34 36.28 -83.42
C ASN J 1538 89.35 37.40 -83.19
N THR J 1539 88.12 37.23 -83.65
CA THR J 1539 87.11 38.29 -83.59
C THR J 1539 87.00 38.89 -82.20
N PHE J 1540 87.29 40.19 -82.08
CA PHE J 1540 87.17 40.90 -80.83
C PHE J 1540 86.55 42.27 -81.10
N PHE J 1541 85.90 42.82 -80.07
CA PHE J 1541 85.21 44.08 -80.20
C PHE J 1541 85.54 44.98 -79.01
N GLN J 1542 85.45 46.29 -79.25
CA GLN J 1542 85.65 47.30 -78.22
C GLN J 1542 84.42 48.19 -78.19
N VAL J 1543 83.94 48.52 -76.99
CA VAL J 1543 82.73 49.30 -76.83
C VAL J 1543 83.00 50.49 -75.94
N GLU J 1544 82.21 51.55 -76.11
CA GLU J 1544 82.32 52.72 -75.27
C GLU J 1544 81.74 52.44 -73.88
N PRO J 1545 82.20 53.17 -72.87
CA PRO J 1545 81.65 52.97 -71.53
C PRO J 1545 80.18 53.36 -71.47
N ASN J 1546 79.46 52.70 -70.56
CA ASN J 1546 78.06 52.98 -70.28
C ASN J 1546 77.13 52.43 -71.36
N THR J 1547 77.62 51.49 -72.16
CA THR J 1547 76.82 50.88 -73.21
C THR J 1547 76.07 49.68 -72.67
N LYS J 1548 74.83 49.50 -73.12
CA LYS J 1548 74.01 48.36 -72.74
C LYS J 1548 73.98 47.35 -73.87
N LEU J 1549 74.23 46.09 -73.55
CA LEU J 1549 74.28 45.01 -74.52
C LEU J 1549 73.34 43.90 -74.10
N PHE J 1550 72.54 43.43 -75.05
CA PHE J 1550 71.62 42.32 -74.82
C PHE J 1550 72.19 41.05 -75.43
N PRO J 1551 72.30 39.95 -74.70
CA PRO J 1551 72.66 38.68 -75.36
C PRO J 1551 71.67 38.38 -76.46
N ALA J 1552 72.17 37.91 -77.60
CA ALA J 1552 71.32 37.74 -78.77
C ALA J 1552 71.83 36.59 -79.64
N VAL J 1553 70.93 36.08 -80.46
CA VAL J 1553 71.20 34.98 -81.38
C VAL J 1553 70.28 35.11 -82.59
N PHE J 1554 70.86 35.09 -83.79
CA PHE J 1554 70.09 35.11 -85.03
C PHE J 1554 70.28 33.77 -85.70
N VAL J 1555 69.18 33.07 -85.96
CA VAL J 1555 69.25 31.69 -86.42
C VAL J 1555 68.17 31.43 -87.46
N LEU J 1556 68.53 30.65 -88.48
CA LEU J 1556 67.55 30.10 -89.40
C LEU J 1556 67.32 28.65 -89.02
N PRO J 1557 66.13 28.28 -88.54
CA PRO J 1557 65.95 26.91 -88.06
C PRO J 1557 66.26 25.89 -89.14
N THR J 1558 66.96 24.83 -88.73
CA THR J 1558 67.29 23.73 -89.64
C THR J 1558 67.04 22.37 -88.98
N HIS J 1559 66.56 22.36 -87.74
CA HIS J 1559 66.28 21.11 -87.04
C HIS J 1559 65.35 21.42 -85.88
N GLN J 1560 64.74 20.37 -85.33
CA GLN J 1560 63.81 20.56 -84.22
C GLN J 1560 64.50 21.29 -83.08
N ASN J 1561 65.74 20.92 -82.76
CA ASN J 1561 66.49 21.53 -81.68
C ASN J 1561 67.35 22.63 -82.26
N VAL J 1562 66.99 23.89 -82.00
CA VAL J 1562 67.57 25.01 -82.72
C VAL J 1562 68.81 25.53 -82.01
N VAL J 1563 68.65 26.07 -80.80
CA VAL J 1563 69.73 26.65 -80.04
C VAL J 1563 69.40 26.60 -78.55
N GLN J 1564 70.39 26.91 -77.73
CA GLN J 1564 70.23 26.93 -76.28
C GLN J 1564 71.12 28.00 -75.67
N PHE J 1565 70.53 28.90 -74.89
CA PHE J 1565 71.27 29.89 -74.11
C PHE J 1565 71.71 29.22 -72.82
N GLU J 1566 73.01 29.04 -72.65
CA GLU J 1566 73.57 28.45 -71.43
C GLU J 1566 74.20 29.56 -70.61
N LEU J 1567 73.75 29.72 -69.38
CA LEU J 1567 74.28 30.76 -68.50
C LEU J 1567 75.29 30.16 -67.51
N GLY J 1568 76.36 29.61 -68.06
CA GLY J 1568 77.37 28.93 -67.27
C GLY J 1568 78.45 29.87 -66.77
N LYS J 1569 79.50 29.27 -66.22
CA LYS J 1569 80.64 30.01 -65.70
C LYS J 1569 81.89 29.17 -65.79
N GLN J 1570 82.92 29.72 -66.42
CA GLN J 1570 84.22 29.08 -66.50
C GLN J 1570 85.05 29.45 -65.28
N LYS J 1571 86.29 28.97 -65.27
CA LYS J 1571 87.16 29.25 -64.13
C LYS J 1571 87.40 30.74 -63.99
N ASN J 1572 87.12 31.26 -62.79
CA ASN J 1572 87.46 32.63 -62.42
C ASN J 1572 86.77 33.67 -63.32
N ILE J 1573 85.58 33.35 -63.81
CA ILE J 1573 84.77 34.28 -64.59
C ILE J 1573 83.34 34.24 -64.07
N MET J 1574 82.80 35.41 -63.74
CA MET J 1574 81.46 35.48 -63.19
C MET J 1574 80.43 35.07 -64.25
N PRO J 1575 79.28 34.55 -63.82
CA PRO J 1575 78.21 34.27 -64.77
C PRO J 1575 77.52 35.54 -65.22
N LEU J 1576 76.51 35.37 -66.07
CA LEU J 1576 75.81 36.54 -66.60
C LEU J 1576 74.87 37.15 -65.59
N SER J 1577 74.22 36.31 -64.76
CA SER J 1577 73.25 36.83 -63.82
C SER J 1577 73.87 37.85 -62.88
N ALA J 1578 75.14 37.66 -62.52
CA ALA J 1578 75.77 38.59 -61.60
C ALA J 1578 75.86 39.99 -62.21
N ALA J 1579 76.24 40.07 -63.48
CA ALA J 1579 76.23 41.36 -64.16
C ALA J 1579 74.82 41.89 -64.31
N MET J 1580 73.87 41.00 -64.59
CA MET J 1580 72.54 41.44 -64.99
C MET J 1580 71.77 42.02 -63.82
N PHE J 1581 71.89 41.41 -62.64
CA PHE J 1581 71.16 41.83 -61.45
C PHE J 1581 72.13 42.37 -60.41
N LEU J 1582 71.78 43.51 -59.81
CA LEU J 1582 72.65 44.12 -58.80
C LEU J 1582 72.73 43.30 -57.52
N SER J 1583 71.66 42.63 -57.13
CA SER J 1583 71.69 41.85 -55.90
C SER J 1583 72.73 40.75 -55.99
N GLU J 1584 72.86 40.11 -57.16
CA GLU J 1584 73.79 39.01 -57.37
C GLU J 1584 75.15 39.51 -57.83
N ARG J 1585 75.50 40.76 -57.50
CA ARG J 1585 76.71 41.36 -58.05
C ARG J 1585 77.95 40.55 -57.68
N LYS J 1586 77.94 39.91 -56.52
CA LYS J 1586 79.08 39.13 -56.05
C LYS J 1586 78.75 37.65 -55.92
N ASN J 1587 77.56 37.23 -56.30
CA ASN J 1587 77.21 35.81 -56.27
C ASN J 1587 77.81 35.11 -57.48
N PRO J 1588 78.63 34.08 -57.29
CA PRO J 1588 79.20 33.37 -58.43
C PRO J 1588 78.36 32.20 -58.95
N ALA J 1589 77.36 31.76 -58.20
CA ALA J 1589 76.54 30.64 -58.65
C ALA J 1589 75.64 31.10 -59.80
N PRO J 1590 75.60 30.39 -60.92
CA PRO J 1590 74.75 30.83 -62.03
C PRO J 1590 73.28 30.86 -61.64
N GLN J 1591 72.55 31.81 -62.21
CA GLN J 1591 71.13 31.95 -61.95
C GLN J 1591 70.42 32.37 -63.22
N CYS J 1592 69.13 32.03 -63.31
CA CYS J 1592 68.27 32.43 -64.42
C CYS J 1592 66.91 32.81 -63.84
N PRO J 1593 66.79 33.98 -63.22
CA PRO J 1593 65.54 34.34 -62.56
C PRO J 1593 64.41 34.48 -63.56
N PRO J 1594 63.17 34.52 -63.09
CA PRO J 1594 62.03 34.55 -64.02
C PRO J 1594 62.04 35.74 -64.97
N ARG J 1595 62.57 36.89 -64.55
CA ARG J 1595 62.56 38.05 -65.43
C ARG J 1595 63.35 37.78 -66.70
N LEU J 1596 64.37 36.93 -66.63
CA LEU J 1596 65.21 36.63 -67.78
C LEU J 1596 64.48 35.64 -68.68
N GLU J 1597 64.19 36.05 -69.91
CA GLU J 1597 63.47 35.22 -70.85
C GLU J 1597 63.86 35.59 -72.27
N VAL J 1598 63.54 34.71 -73.21
CA VAL J 1598 63.85 34.94 -74.60
C VAL J 1598 62.78 35.82 -75.23
N GLN J 1599 63.21 36.72 -76.12
CA GLN J 1599 62.31 37.62 -76.82
C GLN J 1599 62.68 37.58 -78.29
N MET J 1600 61.68 37.50 -79.16
CA MET J 1600 61.90 37.46 -80.59
C MET J 1600 61.51 38.79 -81.22
N LEU J 1601 62.14 39.09 -82.37
CA LEU J 1601 61.84 40.32 -83.07
C LEU J 1601 60.52 40.21 -83.82
N MET J 1602 59.60 41.14 -83.54
CA MET J 1602 58.30 41.15 -84.18
C MET J 1602 58.27 42.20 -85.28
N PRO J 1603 57.85 41.83 -86.50
CA PRO J 1603 58.00 42.77 -87.62
C PRO J 1603 57.25 44.08 -87.44
N VAL J 1604 56.08 44.06 -86.81
CA VAL J 1604 55.23 45.25 -86.70
C VAL J 1604 54.65 45.32 -85.29
N SER J 1605 54.02 46.44 -84.98
CA SER J 1605 53.39 46.60 -83.68
C SER J 1605 52.50 47.83 -83.68
N TRP J 1606 51.49 47.82 -82.82
CA TRP J 1606 50.58 48.96 -82.73
C TRP J 1606 51.28 50.16 -82.14
N SER J 1607 50.86 51.35 -82.56
CA SER J 1607 51.39 52.60 -82.02
C SER J 1607 50.35 53.70 -82.15
N ARG J 1608 50.30 54.56 -81.13
CA ARG J 1608 49.25 55.57 -81.07
C ARG J 1608 49.58 56.76 -81.94
N MET J 1609 48.63 57.17 -82.76
CA MET J 1609 48.76 58.40 -83.53
C MET J 1609 48.67 59.60 -82.60
N PRO J 1610 49.66 60.48 -82.58
CA PRO J 1610 49.55 61.68 -81.76
C PRO J 1610 48.30 62.46 -82.14
N ASN J 1611 47.63 63.03 -81.14
CA ASN J 1611 46.39 63.76 -81.40
C ASN J 1611 46.66 65.06 -82.14
N HIS J 1612 47.76 65.72 -81.81
CA HIS J 1612 48.15 66.98 -82.45
C HIS J 1612 49.53 66.81 -83.06
N PHE J 1613 49.70 67.36 -84.26
CA PHE J 1613 50.93 67.21 -85.02
C PHE J 1613 51.57 68.58 -85.25
N LEU J 1614 52.89 68.57 -85.36
CA LEU J 1614 53.62 69.81 -85.60
C LEU J 1614 53.21 70.39 -86.96
N GLN J 1615 53.09 71.71 -87.01
CA GLN J 1615 52.75 72.42 -88.24
C GLN J 1615 54.01 73.01 -88.84
N VAL J 1616 54.38 72.54 -90.03
CA VAL J 1616 55.61 72.92 -90.70
C VAL J 1616 55.24 73.62 -92.00
N ASP J 1617 55.86 74.77 -92.25
CA ASP J 1617 55.64 75.51 -93.48
C ASP J 1617 56.90 75.45 -94.34
N THR J 1618 56.78 74.90 -95.55
CA THR J 1618 57.90 74.74 -96.46
C THR J 1618 57.55 75.39 -97.78
N ARG J 1619 58.41 76.30 -98.24
CA ARG J 1619 58.17 76.97 -99.50
C ARG J 1619 59.49 77.48 -100.08
N ARG J 1620 59.50 77.68 -101.40
CA ARG J 1620 60.67 78.24 -102.06
C ARG J 1620 60.64 79.74 -101.86
N ALA J 1621 61.46 80.24 -100.93
CA ALA J 1621 61.46 81.66 -100.63
C ALA J 1621 61.84 82.48 -101.85
N GLY J 1622 62.85 82.04 -102.60
CA GLY J 1622 63.27 82.73 -103.80
C GLY J 1622 64.40 81.98 -104.46
N GLU J 1623 64.72 82.41 -105.68
CA GLU J 1623 65.80 81.76 -106.42
C GLU J 1623 67.11 81.88 -105.66
N ARG J 1624 67.42 83.07 -105.14
CA ARG J 1624 68.65 83.25 -104.38
C ARG J 1624 68.49 82.74 -102.95
N LEU J 1625 67.29 82.84 -102.39
CA LEU J 1625 67.11 82.55 -100.97
C LEU J 1625 67.16 81.05 -100.70
N GLY J 1626 66.80 80.23 -101.67
CA GLY J 1626 66.68 78.80 -101.46
C GLY J 1626 65.32 78.43 -100.90
N TRP J 1627 65.18 77.15 -100.57
CA TRP J 1627 63.95 76.70 -99.94
C TRP J 1627 63.98 77.07 -98.46
N ALA J 1628 62.81 77.17 -97.84
CA ALA J 1628 62.71 77.60 -96.46
C ALA J 1628 61.70 76.73 -95.73
N VAL J 1629 62.10 76.21 -94.58
CA VAL J 1629 61.23 75.45 -93.69
C VAL J 1629 61.18 76.17 -92.35
N GLN J 1630 59.96 76.39 -91.88
CA GLN J 1630 59.69 77.19 -90.70
C GLN J 1630 58.74 76.41 -89.79
N CYS J 1631 58.99 76.49 -88.50
CA CYS J 1631 58.13 75.92 -87.48
C CYS J 1631 58.14 76.85 -86.29
N GLN J 1632 56.96 77.25 -85.82
CA GLN J 1632 56.86 78.29 -84.80
C GLN J 1632 55.88 77.96 -83.67
N GLU J 1633 55.28 76.78 -83.65
CA GLU J 1633 54.32 76.44 -82.63
C GLU J 1633 54.84 75.31 -81.76
N PRO J 1634 55.03 75.53 -80.46
CA PRO J 1634 55.53 74.46 -79.60
C PRO J 1634 54.51 73.35 -79.44
N LEU J 1635 55.02 72.15 -79.17
CA LEU J 1635 54.18 70.98 -78.98
C LEU J 1635 54.95 69.96 -78.17
N MET J 1636 54.35 69.50 -77.07
CA MET J 1636 55.05 68.67 -76.10
C MET J 1636 54.21 67.45 -75.76
N MET J 1637 54.85 66.43 -75.20
CA MET J 1637 54.17 65.22 -74.80
C MET J 1637 54.80 64.67 -73.54
N MET J 1638 54.02 63.87 -72.81
CA MET J 1638 54.50 63.17 -71.64
C MET J 1638 54.95 61.77 -72.04
N ALA J 1639 56.24 61.49 -71.85
CA ALA J 1639 56.85 60.25 -72.33
C ALA J 1639 57.14 59.33 -71.15
N LEU J 1640 56.83 58.05 -71.32
CA LEU J 1640 57.12 57.02 -70.35
C LEU J 1640 58.29 56.21 -70.88
N HIS J 1641 59.38 56.13 -70.12
CA HIS J 1641 60.63 55.55 -70.60
C HIS J 1641 60.94 54.30 -69.80
N ILE J 1642 61.14 53.18 -70.49
CA ILE J 1642 61.53 51.93 -69.85
C ILE J 1642 63.04 52.00 -69.61
N PRO J 1643 63.51 51.99 -68.37
CA PRO J 1643 64.95 52.19 -68.14
C PRO J 1643 65.84 51.15 -68.79
N GLU J 1644 65.43 49.88 -68.80
CA GLU J 1644 66.32 48.82 -69.26
C GLU J 1644 66.37 48.68 -70.78
N GLU J 1645 65.30 49.04 -71.49
CA GLU J 1645 65.29 48.95 -72.94
C GLU J 1645 65.64 50.26 -73.61
N ASN J 1646 65.88 51.32 -72.84
CA ASN J 1646 66.27 52.61 -73.40
C ASN J 1646 65.27 53.04 -74.47
N ARG J 1647 63.98 52.87 -74.19
CA ARG J 1647 62.92 53.11 -75.15
C ARG J 1647 61.78 53.84 -74.47
N CYS J 1648 61.24 54.86 -75.13
CA CYS J 1648 60.17 55.68 -74.57
C CYS J 1648 58.95 55.62 -75.47
N MET J 1649 57.78 55.68 -74.86
CA MET J 1649 56.51 55.70 -75.57
C MET J 1649 55.63 56.79 -74.98
N ASP J 1650 54.74 57.34 -75.79
CA ASP J 1650 53.77 58.29 -75.27
C ASP J 1650 52.99 57.66 -74.13
N ILE J 1651 52.89 58.38 -73.00
CA ILE J 1651 52.25 57.81 -71.83
C ILE J 1651 50.80 57.43 -72.11
N LEU J 1652 50.16 58.09 -73.08
CA LEU J 1652 48.78 57.78 -73.39
C LEU J 1652 48.61 56.41 -74.02
N GLU J 1653 49.69 55.76 -74.43
CA GLU J 1653 49.60 54.38 -74.91
C GLU J 1653 49.21 53.42 -73.80
N LEU J 1654 49.36 53.84 -72.54
CA LEU J 1654 48.96 52.99 -71.43
C LEU J 1654 47.45 52.81 -71.35
N SER J 1655 46.69 53.55 -72.15
CA SER J 1655 45.26 53.28 -72.27
C SER J 1655 45.03 51.87 -72.81
N GLU J 1656 45.85 51.46 -73.77
CA GLU J 1656 45.73 50.11 -74.32
C GLU J 1656 46.69 49.15 -73.65
N ARG J 1657 47.94 49.57 -73.43
CA ARG J 1657 48.93 48.71 -72.77
C ARG J 1657 48.59 48.64 -71.29
N LEU J 1658 47.68 47.72 -70.96
CA LEU J 1658 47.08 47.70 -69.64
C LEU J 1658 48.07 47.32 -68.53
N ASP J 1659 48.88 46.27 -68.73
CA ASP J 1659 49.78 45.84 -67.68
C ASP J 1659 50.69 46.96 -67.20
N LEU J 1660 51.35 47.66 -68.13
CA LEU J 1660 52.15 48.81 -67.75
C LEU J 1660 51.28 49.86 -67.06
N GLN J 1661 50.01 49.96 -67.46
CA GLN J 1661 49.12 50.92 -66.80
C GLN J 1661 48.96 50.56 -65.33
N ARG J 1662 48.73 49.27 -65.04
CA ARG J 1662 48.61 48.85 -63.65
C ARG J 1662 49.90 49.13 -62.90
N PHE J 1663 51.04 48.76 -63.49
CA PHE J 1663 52.30 48.95 -62.79
C PHE J 1663 52.54 50.42 -62.48
N HIS J 1664 52.24 51.31 -63.44
CA HIS J 1664 52.50 52.72 -63.20
C HIS J 1664 51.49 53.32 -62.22
N SER J 1665 50.23 52.92 -62.32
CA SER J 1665 49.25 53.41 -61.37
C SER J 1665 49.53 52.94 -59.96
N HIS J 1666 50.29 51.86 -59.79
CA HIS J 1666 50.75 51.46 -58.47
C HIS J 1666 52.09 52.10 -58.09
N THR J 1667 52.92 52.41 -59.08
CA THR J 1667 54.11 53.20 -58.81
C THR J 1667 53.75 54.57 -58.25
N LEU J 1668 52.68 55.16 -58.79
CA LEU J 1668 52.22 56.44 -58.25
C LEU J 1668 51.73 56.28 -56.82
N SER J 1669 51.07 55.16 -56.51
CA SER J 1669 50.65 54.91 -55.14
C SER J 1669 51.85 54.78 -54.22
N LEU J 1670 52.91 54.12 -54.70
CA LEU J 1670 54.13 54.04 -53.90
C LEU J 1670 54.74 55.42 -53.70
N TYR J 1671 54.74 56.26 -54.74
CA TYR J 1671 55.22 57.61 -54.59
C TYR J 1671 54.44 58.36 -53.53
N ARG J 1672 53.12 58.21 -53.53
CA ARG J 1672 52.30 58.84 -52.50
C ARG J 1672 52.59 58.28 -51.11
N SER J 1673 52.77 56.96 -50.99
CA SER J 1673 53.00 56.37 -49.68
C SER J 1673 54.32 56.81 -49.09
N VAL J 1674 55.39 56.83 -49.89
CA VAL J 1674 56.70 57.15 -49.33
C VAL J 1674 56.69 58.55 -48.73
N CYS J 1675 55.96 59.48 -49.33
CA CYS J 1675 55.86 60.84 -48.83
C CYS J 1675 54.62 61.06 -47.96
N ALA J 1676 53.85 60.01 -47.69
CA ALA J 1676 52.63 60.16 -46.91
C ALA J 1676 52.94 60.61 -45.49
N LEU J 1677 51.98 61.32 -44.91
CA LEU J 1677 52.00 61.70 -43.49
C LEU J 1677 53.21 62.57 -43.16
N GLY J 1678 53.43 63.60 -43.97
CA GLY J 1678 54.36 64.65 -43.60
C GLY J 1678 55.82 64.38 -43.85
N ASN J 1679 56.16 63.41 -44.69
CA ASN J 1679 57.56 63.14 -45.02
C ASN J 1679 58.00 64.14 -46.08
N ASN J 1680 58.23 65.37 -45.62
CA ASN J 1680 58.55 66.45 -46.55
C ASN J 1680 59.89 66.23 -47.25
N ARG J 1681 60.86 65.62 -46.57
CA ARG J 1681 62.12 65.31 -47.24
C ARG J 1681 61.89 64.38 -48.41
N VAL J 1682 61.08 63.34 -48.20
CA VAL J 1682 60.77 62.41 -49.29
C VAL J 1682 59.98 63.11 -50.38
N ALA J 1683 59.14 64.08 -50.00
CA ALA J 1683 58.41 64.85 -51.01
C ALA J 1683 59.38 65.63 -51.88
N HIS J 1684 60.36 66.27 -51.27
CA HIS J 1684 61.38 66.97 -52.06
C HIS J 1684 62.10 66.00 -52.97
N ALA J 1685 62.44 64.83 -52.45
CA ALA J 1685 63.08 63.82 -53.30
C ALA J 1685 62.20 63.49 -54.50
N LEU J 1686 60.91 63.28 -54.27
CA LEU J 1686 60.01 62.93 -55.36
C LEU J 1686 59.86 64.07 -56.35
N CYS J 1687 60.09 65.31 -55.92
CA CYS J 1687 59.97 66.42 -56.86
C CYS J 1687 60.92 66.24 -58.04
N SER J 1688 62.01 65.51 -57.84
CA SER J 1688 62.92 65.24 -58.96
C SER J 1688 62.35 64.22 -59.92
N HIS J 1689 61.72 63.17 -59.39
CA HIS J 1689 61.22 62.10 -60.25
C HIS J 1689 59.94 62.50 -60.97
N VAL J 1690 59.14 63.37 -60.36
CA VAL J 1690 57.90 63.87 -60.94
C VAL J 1690 57.92 65.38 -60.80
N ASP J 1691 58.16 66.08 -61.90
CA ASP J 1691 58.41 67.51 -61.83
C ASP J 1691 57.10 68.29 -61.80
N GLN J 1692 57.21 69.58 -61.47
CA GLN J 1692 56.05 70.45 -61.43
C GLN J 1692 55.38 70.52 -62.80
N ALA J 1693 56.18 70.69 -63.86
CA ALA J 1693 55.61 70.74 -65.20
C ALA J 1693 54.91 69.44 -65.54
N GLN J 1694 55.53 68.31 -65.19
CA GLN J 1694 54.87 67.03 -65.42
C GLN J 1694 53.52 66.97 -64.73
N LEU J 1695 53.48 67.38 -63.46
CA LEU J 1695 52.22 67.30 -62.72
C LEU J 1695 51.15 68.18 -63.34
N LEU J 1696 51.50 69.42 -63.67
CA LEU J 1696 50.51 70.33 -64.22
C LEU J 1696 50.00 69.83 -65.57
N HIS J 1697 50.90 69.37 -66.43
CA HIS J 1697 50.46 68.83 -67.71
C HIS J 1697 49.60 67.59 -67.52
N ALA J 1698 49.97 66.73 -66.57
CA ALA J 1698 49.16 65.55 -66.31
C ALA J 1698 47.76 65.91 -65.86
N LEU J 1699 47.64 66.94 -65.02
CA LEU J 1699 46.32 67.43 -64.68
C LEU J 1699 45.57 67.89 -65.92
N GLU J 1700 46.17 68.76 -66.72
CA GLU J 1700 45.46 69.41 -67.81
C GLU J 1700 45.35 68.54 -69.05
N ASP J 1701 45.79 67.29 -68.98
CA ASP J 1701 45.66 66.33 -70.08
C ASP J 1701 44.27 65.73 -70.04
N ALA J 1702 43.58 65.75 -71.18
CA ALA J 1702 42.21 65.27 -71.28
C ALA J 1702 42.12 63.86 -71.84
N ARG J 1703 43.25 63.23 -72.17
CA ARG J 1703 43.25 61.90 -72.74
C ARG J 1703 43.81 60.85 -71.79
N LEU J 1704 44.31 61.25 -70.64
CA LEU J 1704 45.01 60.32 -69.77
C LEU J 1704 44.03 59.27 -69.24
N PRO J 1705 44.44 58.02 -69.14
CA PRO J 1705 43.53 56.99 -68.59
C PRO J 1705 43.13 57.34 -67.17
N GLY J 1706 41.90 56.98 -66.80
CA GLY J 1706 41.37 57.34 -65.51
C GLY J 1706 42.23 56.98 -64.32
N PRO J 1707 42.77 55.77 -64.25
CA PRO J 1707 43.64 55.43 -63.11
C PRO J 1707 44.86 56.33 -63.03
N LEU J 1708 45.52 56.61 -64.15
CA LEU J 1708 46.69 57.47 -64.11
C LEU J 1708 46.31 58.90 -63.77
N ARG J 1709 45.17 59.38 -64.27
CA ARG J 1709 44.75 60.73 -63.94
C ARG J 1709 44.49 60.87 -62.44
N ALA J 1710 43.76 59.92 -61.87
CA ALA J 1710 43.53 59.97 -60.43
C ALA J 1710 44.83 59.87 -59.67
N GLY J 1711 45.74 59.00 -60.12
CA GLY J 1711 47.02 58.87 -59.46
C GLY J 1711 47.81 60.16 -59.48
N TYR J 1712 47.82 60.85 -60.61
CA TYR J 1712 48.59 62.08 -60.73
C TYR J 1712 47.97 63.20 -59.90
N TYR J 1713 46.65 63.32 -59.91
CA TYR J 1713 46.02 64.30 -59.04
C TYR J 1713 46.38 64.05 -57.59
N ASP J 1714 46.21 62.81 -57.13
CA ASP J 1714 46.51 62.50 -55.74
C ASP J 1714 47.99 62.67 -55.46
N LEU J 1715 48.85 62.44 -56.44
CA LEU J 1715 50.28 62.64 -56.23
C LEU J 1715 50.61 64.10 -56.04
N LEU J 1716 50.03 64.98 -56.86
CA LEU J 1716 50.22 66.41 -56.64
C LEU J 1716 49.74 66.79 -55.24
N ILE J 1717 48.56 66.31 -54.85
CA ILE J 1717 48.03 66.65 -53.54
C ILE J 1717 48.99 66.18 -52.45
N SER J 1718 49.48 64.95 -52.57
CA SER J 1718 50.33 64.39 -51.53
C SER J 1718 51.67 65.11 -51.45
N ILE J 1719 52.27 65.40 -52.60
CA ILE J 1719 53.59 66.03 -52.60
C ILE J 1719 53.51 67.45 -52.07
N HIS J 1720 52.58 68.25 -52.59
CA HIS J 1720 52.65 69.69 -52.42
C HIS J 1720 51.67 70.23 -51.39
N LEU J 1721 50.51 69.60 -51.21
CA LEU J 1721 49.43 70.19 -50.45
C LEU J 1721 48.96 69.38 -49.27
N GLU J 1722 49.23 68.07 -49.24
CA GLU J 1722 48.59 67.22 -48.23
C GLU J 1722 49.00 67.61 -46.82
N SER J 1723 50.28 67.87 -46.57
CA SER J 1723 50.71 68.19 -45.21
C SER J 1723 50.14 69.51 -44.73
N ALA J 1724 50.18 70.54 -45.57
CA ALA J 1724 49.60 71.82 -45.19
C ALA J 1724 48.11 71.69 -44.95
N CYS J 1725 47.42 70.93 -45.80
CA CYS J 1725 46.00 70.70 -45.59
C CYS J 1725 45.75 70.00 -44.26
N ARG J 1726 46.58 69.01 -43.92
CA ARG J 1726 46.42 68.32 -42.65
C ARG J 1726 46.56 69.28 -41.48
N SER J 1727 47.60 70.10 -41.51
CA SER J 1727 47.82 71.04 -40.40
C SER J 1727 46.67 72.04 -40.29
N ARG J 1728 46.26 72.62 -41.41
CA ARG J 1728 45.16 73.57 -41.37
C ARG J 1728 43.88 72.92 -40.88
N ARG J 1729 43.61 71.69 -41.33
CA ARG J 1729 42.44 70.98 -40.84
C ARG J 1729 42.51 70.77 -39.34
N SER J 1730 43.68 70.41 -38.82
CA SER J 1730 43.82 70.24 -37.38
C SER J 1730 43.51 71.52 -36.62
N MET J 1731 44.02 72.67 -37.07
CA MET J 1731 43.72 73.92 -36.39
C MET J 1731 42.38 74.54 -36.77
N LEU J 1732 41.65 73.93 -37.71
CA LEU J 1732 40.41 74.53 -38.20
C LEU J 1732 39.23 74.37 -37.25
N SER J 1733 39.39 73.65 -36.14
CA SER J 1733 38.30 73.42 -35.21
C SER J 1733 38.28 74.40 -34.05
N GLU J 1734 39.42 75.02 -33.72
CA GLU J 1734 39.51 75.97 -32.62
C GLU J 1734 39.48 77.40 -33.18
N TYR J 1735 38.73 78.26 -32.51
CA TYR J 1735 38.54 79.65 -32.93
C TYR J 1735 39.18 80.57 -31.89
N ILE J 1736 40.32 81.13 -32.22
CA ILE J 1736 41.01 82.11 -31.38
C ILE J 1736 40.87 83.45 -32.09
N VAL J 1737 39.83 84.19 -31.72
CA VAL J 1737 39.48 85.43 -32.43
C VAL J 1737 40.15 86.59 -31.70
N PRO J 1738 41.09 87.30 -32.33
CA PRO J 1738 41.68 88.47 -31.68
C PRO J 1738 40.75 89.66 -31.78
N LEU J 1739 40.80 90.52 -30.76
CA LEU J 1739 39.91 91.68 -30.66
C LEU J 1739 40.51 92.86 -31.40
N THR J 1740 40.58 92.74 -32.71
CA THR J 1740 41.11 93.78 -33.58
C THR J 1740 39.97 94.59 -34.20
N PRO J 1741 40.30 95.68 -34.89
CA PRO J 1741 39.24 96.43 -35.59
C PRO J 1741 38.48 95.57 -36.59
N GLU J 1742 39.14 94.63 -37.26
CA GLU J 1742 38.43 93.74 -38.17
C GLU J 1742 37.39 92.92 -37.41
N THR J 1743 37.76 92.37 -36.25
CA THR J 1743 36.79 91.64 -35.45
C THR J 1743 35.64 92.55 -35.04
N ARG J 1744 35.94 93.76 -34.58
CA ARG J 1744 34.89 94.70 -34.26
C ARG J 1744 33.96 94.95 -35.44
N ALA J 1745 34.48 94.95 -36.66
CA ALA J 1745 33.67 95.16 -37.85
C ALA J 1745 32.82 93.95 -38.20
N ILE J 1746 33.30 92.74 -37.89
CA ILE J 1746 32.53 91.54 -38.22
C ILE J 1746 31.12 91.66 -37.67
N THR J 1747 30.14 91.22 -38.45
CA THR J 1747 28.73 91.25 -38.07
C THR J 1747 28.04 90.01 -38.60
N LEU J 1748 26.98 89.59 -37.90
CA LEU J 1748 26.25 88.39 -38.32
C LEU J 1748 25.76 88.53 -39.75
N PHE J 1749 24.87 89.48 -39.99
CA PHE J 1749 24.21 89.58 -41.28
C PHE J 1749 24.86 90.64 -42.14
N PRO J 1750 24.99 90.41 -43.45
CA PRO J 1750 25.68 91.38 -44.29
C PRO J 1750 24.99 92.72 -44.26
N PRO J 1751 25.73 93.82 -44.28
CA PRO J 1751 25.10 95.14 -44.38
C PRO J 1751 24.29 95.26 -45.66
N GLY J 1752 22.98 95.41 -45.51
CA GLY J 1752 22.10 95.46 -46.66
C GLY J 1752 21.17 96.66 -46.58
N ARG J 1753 20.73 97.11 -47.75
CA ARG J 1753 19.91 98.31 -47.82
C ARG J 1753 18.59 98.13 -47.07
N SER J 1754 17.94 96.97 -47.19
CA SER J 1754 16.70 96.76 -46.45
C SER J 1754 16.98 96.61 -44.97
N ALA J 1755 18.04 95.90 -44.61
CA ALA J 1755 18.39 95.71 -43.20
C ALA J 1755 19.88 95.41 -43.11
N GLU J 1756 20.59 96.19 -42.30
CA GLU J 1756 22.00 95.91 -42.06
C GLU J 1756 22.18 94.68 -41.18
N ASP J 1757 21.25 94.45 -40.26
CA ASP J 1757 21.24 93.26 -39.41
C ASP J 1757 19.84 92.68 -39.37
N GLY J 1758 19.77 91.36 -39.49
CA GLY J 1758 18.50 90.66 -39.46
C GLY J 1758 17.76 90.51 -40.79
N PRO J 1759 18.36 90.82 -41.94
CA PRO J 1759 17.67 90.53 -43.19
C PRO J 1759 17.56 89.04 -43.41
N ARG J 1760 16.50 88.64 -44.11
CA ARG J 1760 16.25 87.22 -44.33
C ARG J 1760 17.34 86.56 -45.16
N ARG J 1761 18.18 87.35 -45.84
CA ARG J 1761 19.23 86.80 -46.68
C ARG J 1761 20.55 86.77 -45.93
N HIS J 1762 21.16 85.60 -45.86
CA HIS J 1762 22.49 85.46 -45.30
C HIS J 1762 23.52 86.04 -46.25
N GLY J 1763 24.72 86.26 -45.73
CA GLY J 1763 25.85 86.53 -46.59
C GLY J 1763 26.34 85.27 -47.27
N LEU J 1764 27.08 85.44 -48.35
CA LEU J 1764 27.61 84.28 -49.06
C LEU J 1764 28.53 83.50 -48.13
N PRO J 1765 28.32 82.19 -47.98
CA PRO J 1765 29.10 81.43 -46.99
C PRO J 1765 30.58 81.41 -47.35
N GLY J 1766 31.42 81.59 -46.34
CA GLY J 1766 32.85 81.54 -46.53
C GLY J 1766 33.45 82.74 -47.22
N VAL J 1767 32.64 83.73 -47.58
CA VAL J 1767 33.10 84.94 -48.24
C VAL J 1767 32.99 86.07 -47.24
N GLY J 1768 34.12 86.70 -46.91
CA GLY J 1768 34.12 87.77 -45.95
C GLY J 1768 35.44 87.78 -45.20
N VAL J 1769 35.43 88.50 -44.07
CA VAL J 1769 36.61 88.66 -43.23
C VAL J 1769 36.50 87.70 -42.07
N THR J 1770 37.53 86.88 -41.87
CA THR J 1770 37.61 85.95 -40.76
C THR J 1770 38.92 86.19 -40.03
N THR J 1771 38.83 86.64 -38.79
CA THR J 1771 40.01 87.00 -38.00
C THR J 1771 40.52 85.86 -37.14
N SER J 1772 39.85 84.70 -37.15
CA SER J 1772 40.31 83.58 -36.35
C SER J 1772 41.73 83.22 -36.73
N LEU J 1773 42.54 82.89 -35.72
CA LEU J 1773 43.96 82.67 -35.95
C LEU J 1773 44.20 81.29 -36.53
N ARG J 1774 44.95 81.24 -37.63
CA ARG J 1774 45.45 80.01 -38.21
C ARG J 1774 46.88 80.27 -38.67
N PRO J 1775 47.83 79.42 -38.31
CA PRO J 1775 49.23 79.66 -38.70
C PRO J 1775 49.39 79.70 -40.21
N PRO J 1776 50.26 80.55 -40.73
CA PRO J 1776 50.45 80.60 -42.18
C PRO J 1776 51.06 79.32 -42.72
N HIS J 1777 51.00 79.17 -44.04
CA HIS J 1777 51.60 78.02 -44.69
C HIS J 1777 53.07 78.30 -44.98
N HIS J 1778 53.92 77.31 -44.70
CA HIS J 1778 55.35 77.41 -44.95
C HIS J 1778 55.75 76.40 -46.02
N PHE J 1779 56.40 76.89 -47.07
CA PHE J 1779 56.86 76.07 -48.17
C PHE J 1779 58.30 76.43 -48.50
N SER J 1780 58.98 75.51 -49.17
CA SER J 1780 60.36 75.71 -49.58
C SER J 1780 60.52 75.35 -51.05
N PRO J 1781 61.25 76.14 -51.84
CA PRO J 1781 61.41 75.81 -53.26
C PRO J 1781 62.07 74.45 -53.45
N PRO J 1782 61.66 73.67 -54.46
CA PRO J 1782 62.37 72.41 -54.74
C PRO J 1782 63.63 72.63 -55.56
N CYS J 1783 64.73 72.95 -54.89
CA CYS J 1783 66.01 73.18 -55.56
C CYS J 1783 67.00 72.10 -55.14
N PHE J 1784 67.64 71.46 -56.11
CA PHE J 1784 68.53 70.34 -55.85
C PHE J 1784 70.00 70.66 -56.14
N VAL J 1785 70.33 71.92 -56.44
CA VAL J 1785 71.71 72.33 -56.60
C VAL J 1785 72.25 73.05 -55.39
N VAL J 1786 71.46 73.18 -54.33
CA VAL J 1786 71.92 73.84 -53.12
C VAL J 1786 72.84 72.90 -52.34
N ALA J 1787 73.77 73.48 -51.60
CA ALA J 1787 74.69 72.70 -50.80
C ALA J 1787 73.98 72.18 -49.55
N LEU J 1788 74.13 70.89 -49.29
CA LEU J 1788 73.54 70.32 -48.10
C LEU J 1788 74.25 70.85 -46.85
N PRO J 1789 73.51 71.12 -45.78
CA PRO J 1789 74.16 71.57 -44.54
C PRO J 1789 75.12 70.51 -44.02
N ALA J 1790 76.38 70.91 -43.81
CA ALA J 1790 77.40 69.99 -43.34
C ALA J 1790 77.22 69.61 -41.88
N ALA J 1791 76.34 70.28 -41.14
CA ALA J 1791 76.14 69.97 -39.73
C ALA J 1791 75.58 68.56 -39.58
N GLY J 1792 75.72 68.02 -38.37
CA GLY J 1792 75.23 66.69 -38.05
C GLY J 1792 73.79 66.47 -38.46
N ALA J 1793 73.42 65.23 -38.73
CA ALA J 1793 72.08 64.93 -39.19
C ALA J 1793 71.05 65.26 -38.12
N THR J 1794 69.85 65.65 -38.57
CA THR J 1794 68.70 66.02 -37.78
C THR J 1794 68.83 67.43 -37.20
N GLU J 1795 69.98 68.10 -37.35
CA GLU J 1795 70.14 69.44 -36.80
C GLU J 1795 69.17 70.41 -37.46
N ALA J 1796 69.13 70.42 -38.78
CA ALA J 1796 68.27 71.35 -39.49
C ALA J 1796 66.80 71.00 -39.22
N PRO J 1797 65.91 71.99 -39.16
CA PRO J 1797 64.49 71.68 -38.97
C PRO J 1797 63.97 70.83 -40.13
N ALA J 1798 63.00 69.98 -39.82
CA ALA J 1798 62.41 69.12 -40.83
C ALA J 1798 61.99 69.97 -42.03
N ARG J 1799 62.41 69.54 -43.22
CA ARG J 1799 62.22 70.35 -44.40
C ARG J 1799 60.74 70.67 -44.60
N LEU J 1800 60.47 71.88 -45.04
CA LEU J 1800 59.11 72.27 -45.37
C LEU J 1800 58.68 71.58 -46.67
N SER J 1801 57.38 71.35 -46.79
CA SER J 1801 56.87 70.68 -47.98
C SER J 1801 57.22 71.51 -49.22
N PRO J 1802 57.46 70.85 -50.35
CA PRO J 1802 57.92 71.59 -51.53
C PRO J 1802 56.90 72.61 -51.98
N ALA J 1803 57.39 73.71 -52.54
CA ALA J 1803 56.54 74.83 -52.95
C ALA J 1803 56.10 74.63 -54.40
N ILE J 1804 54.82 74.90 -54.65
CA ILE J 1804 54.28 74.91 -56.01
C ILE J 1804 53.51 76.21 -56.20
N PRO J 1805 53.67 76.93 -57.32
CA PRO J 1805 52.98 78.20 -57.46
C PRO J 1805 51.47 78.03 -57.29
N LEU J 1806 50.94 78.60 -56.22
CA LEU J 1806 49.56 78.38 -55.83
C LEU J 1806 48.56 79.20 -56.65
N GLU J 1807 48.96 80.35 -57.20
CA GLU J 1807 48.02 81.11 -58.01
C GLU J 1807 47.68 80.38 -59.30
N ALA J 1808 48.69 79.89 -60.01
CA ALA J 1808 48.43 79.12 -61.22
C ALA J 1808 47.63 77.87 -60.90
N LEU J 1809 47.95 77.20 -59.80
CA LEU J 1809 47.20 76.02 -59.41
C LEU J 1809 45.74 76.36 -59.13
N ARG J 1810 45.51 77.47 -58.44
CA ARG J 1810 44.14 77.93 -58.17
C ARG J 1810 43.38 78.12 -59.47
N ASP J 1811 43.96 78.88 -60.40
CA ASP J 1811 43.27 79.18 -61.64
C ASP J 1811 43.03 77.91 -62.45
N LYS J 1812 44.01 77.01 -62.48
CA LYS J 1812 43.87 75.77 -63.22
C LYS J 1812 42.75 74.92 -62.65
N ALA J 1813 42.68 74.82 -61.32
CA ALA J 1813 41.61 74.04 -60.69
C ALA J 1813 40.25 74.63 -61.01
N LEU J 1814 40.12 75.95 -60.93
CA LEU J 1814 38.83 76.57 -61.23
C LEU J 1814 38.43 76.34 -62.68
N ARG J 1815 39.37 76.51 -63.60
CA ARG J 1815 39.07 76.28 -65.01
C ARG J 1815 38.65 74.84 -65.23
N MET J 1816 39.32 73.91 -64.57
CA MET J 1816 38.97 72.50 -64.72
C MET J 1816 37.58 72.21 -64.20
N LEU J 1817 37.22 72.80 -63.07
CA LEU J 1817 35.91 72.55 -62.50
C LEU J 1817 34.83 73.10 -63.44
N GLY J 1818 35.07 74.28 -64.00
CA GLY J 1818 34.13 74.80 -64.97
C GLY J 1818 33.98 73.91 -66.18
N GLU J 1819 35.11 73.45 -66.72
CA GLU J 1819 35.06 72.59 -67.90
C GLU J 1819 34.30 71.31 -67.61
N ALA J 1820 34.56 70.69 -66.46
CA ALA J 1820 33.85 69.46 -66.11
C ALA J 1820 32.37 69.73 -65.89
N VAL J 1821 32.02 70.86 -65.29
CA VAL J 1821 30.62 71.19 -65.08
C VAL J 1821 29.91 71.30 -66.42
N ARG J 1822 30.53 71.96 -67.39
CA ARG J 1822 29.90 72.07 -68.72
C ARG J 1822 29.82 70.70 -69.40
N ASP J 1823 30.90 69.92 -69.34
CA ASP J 1823 30.90 68.63 -70.02
C ASP J 1823 29.87 67.68 -69.45
N GLY J 1824 29.69 67.66 -68.13
CA GLY J 1824 28.67 66.81 -67.55
C GLY J 1824 27.28 67.11 -68.07
N GLY J 1825 26.95 68.39 -68.27
CA GLY J 1825 25.70 68.73 -68.90
C GLY J 1825 25.67 68.39 -70.38
N GLN J 1826 26.83 68.40 -71.03
CA GLN J 1826 26.86 68.01 -72.44
C GLN J 1826 26.44 66.55 -72.63
N HIS J 1827 26.83 65.67 -71.71
CA HIS J 1827 26.52 64.24 -71.79
C HIS J 1827 27.34 63.56 -72.88
N ALA J 1828 28.57 64.00 -73.06
CA ALA J 1828 29.43 63.42 -74.09
C ALA J 1828 29.67 61.94 -73.82
N ARG J 1829 29.75 61.16 -74.90
CA ARG J 1829 29.92 59.71 -74.75
C ARG J 1829 31.34 59.36 -74.31
N ASP J 1830 32.24 60.34 -74.30
CA ASP J 1830 33.63 60.07 -73.95
C ASP J 1830 34.06 60.95 -72.79
N PRO J 1831 33.69 60.60 -71.56
CA PRO J 1831 34.09 61.41 -70.40
C PRO J 1831 35.59 61.40 -70.21
N VAL J 1832 36.09 62.51 -69.67
CA VAL J 1832 37.52 62.63 -69.43
C VAL J 1832 37.94 61.56 -68.44
N GLY J 1833 38.99 60.82 -68.79
CA GLY J 1833 39.47 59.76 -67.92
C GLY J 1833 38.69 58.47 -68.04
N GLY J 1834 37.69 58.40 -68.91
CA GLY J 1834 36.95 57.19 -69.14
C GLY J 1834 35.66 57.04 -68.33
N SER J 1835 35.30 58.04 -67.53
CA SER J 1835 34.06 57.95 -66.77
C SER J 1835 33.83 59.27 -66.04
N VAL J 1836 32.56 59.53 -65.75
CA VAL J 1836 32.20 60.74 -65.01
C VAL J 1836 32.85 60.73 -63.65
N GLU J 1837 32.93 59.56 -63.02
CA GLU J 1837 33.60 59.46 -61.73
C GLU J 1837 35.05 59.91 -61.84
N PHE J 1838 35.79 59.34 -62.80
CA PHE J 1838 37.19 59.71 -62.96
C PHE J 1838 37.37 61.13 -63.49
N GLN J 1839 36.31 61.74 -63.99
CA GLN J 1839 36.39 63.13 -64.42
C GLN J 1839 36.14 64.11 -63.29
N PHE J 1840 35.24 63.80 -62.36
CA PHE J 1840 34.84 64.74 -61.33
C PHE J 1840 35.51 64.50 -59.98
N VAL J 1841 35.86 63.27 -59.64
CA VAL J 1841 36.45 63.00 -58.33
C VAL J 1841 37.79 63.71 -58.16
N PRO J 1842 38.75 63.60 -59.08
CA PRO J 1842 40.05 64.25 -58.83
C PRO J 1842 39.97 65.76 -58.77
N VAL J 1843 39.22 66.38 -59.67
CA VAL J 1843 39.10 67.84 -59.65
C VAL J 1843 38.47 68.28 -58.34
N LEU J 1844 37.44 67.58 -57.89
CA LEU J 1844 36.80 67.95 -56.64
C LEU J 1844 37.75 67.76 -55.46
N LYS J 1845 38.57 66.70 -55.49
CA LYS J 1845 39.55 66.54 -54.43
C LYS J 1845 40.51 67.72 -54.39
N LEU J 1846 41.02 68.12 -55.55
CA LEU J 1846 41.93 69.25 -55.62
C LEU J 1846 41.27 70.52 -55.09
N VAL J 1847 40.02 70.76 -55.50
CA VAL J 1847 39.35 72.00 -55.10
C VAL J 1847 39.08 72.00 -53.61
N SER J 1848 38.63 70.87 -53.06
CA SER J 1848 38.39 70.79 -51.63
C SER J 1848 39.68 71.02 -50.85
N THR J 1849 40.77 70.41 -51.31
CA THR J 1849 42.04 70.61 -50.62
C THR J 1849 42.46 72.07 -50.65
N LEU J 1850 42.34 72.72 -51.80
CA LEU J 1850 42.73 74.12 -51.90
C LEU J 1850 41.86 75.00 -51.02
N LEU J 1851 40.54 74.75 -51.00
CA LEU J 1851 39.68 75.51 -50.12
C LEU J 1851 40.09 75.34 -48.66
N VAL J 1852 40.23 74.09 -48.21
CA VAL J 1852 40.57 73.85 -46.82
C VAL J 1852 41.88 74.56 -46.47
N MET J 1853 42.86 74.51 -47.37
CA MET J 1853 44.07 75.29 -47.16
C MET J 1853 43.76 76.77 -47.08
N GLY J 1854 42.71 77.22 -47.76
CA GLY J 1854 42.30 78.60 -47.73
C GLY J 1854 43.01 79.49 -48.74
N VAL J 1855 43.66 78.92 -49.75
CA VAL J 1855 44.35 79.73 -50.74
C VAL J 1855 43.34 80.52 -51.57
N PHE J 1856 42.17 79.94 -51.82
CA PHE J 1856 41.19 80.57 -52.70
C PHE J 1856 40.81 81.95 -52.18
N SER J 1857 40.79 82.93 -53.07
CA SER J 1857 40.36 84.27 -52.72
C SER J 1857 38.84 84.34 -52.69
N ASP J 1858 38.33 85.51 -52.32
CA ASP J 1858 36.88 85.67 -52.23
C ASP J 1858 36.23 85.51 -53.60
N GLU J 1859 36.84 86.06 -54.65
CA GLU J 1859 36.28 85.90 -55.98
C GLU J 1859 36.21 84.43 -56.37
N ASP J 1860 37.28 83.67 -56.06
CA ASP J 1860 37.28 82.26 -56.39
C ASP J 1860 36.23 81.50 -55.59
N VAL J 1861 36.04 81.86 -54.32
CA VAL J 1861 34.99 81.21 -53.54
C VAL J 1861 33.64 81.50 -54.15
N LYS J 1862 33.42 82.72 -54.64
CA LYS J 1862 32.18 83.03 -55.33
C LYS J 1862 32.01 82.18 -56.58
N GLN J 1863 33.08 82.00 -57.36
CA GLN J 1863 33.00 81.13 -58.53
C GLN J 1863 32.64 79.72 -58.14
N ILE J 1864 33.26 79.19 -57.08
CA ILE J 1864 32.96 77.83 -56.66
C ILE J 1864 31.52 77.72 -56.23
N LEU J 1865 31.00 78.73 -55.54
CA LEU J 1865 29.60 78.69 -55.13
C LEU J 1865 28.69 78.70 -56.35
N LYS J 1866 29.00 79.52 -57.35
CA LYS J 1866 28.22 79.52 -58.57
C LYS J 1866 28.22 78.13 -59.21
N MET J 1867 29.39 77.49 -59.28
CA MET J 1867 29.45 76.17 -59.87
C MET J 1867 28.62 75.17 -59.08
N ILE J 1868 28.69 75.22 -57.75
CA ILE J 1868 27.95 74.27 -56.94
C ILE J 1868 26.45 74.45 -57.14
N GLU J 1869 25.97 75.69 -57.06
CA GLU J 1869 24.56 75.97 -57.28
C GLU J 1869 24.37 77.40 -57.76
N PRO J 1870 24.06 77.62 -59.03
CA PRO J 1870 23.96 79.01 -59.51
C PRO J 1870 22.85 79.80 -58.85
N GLU J 1871 21.67 79.21 -58.70
CA GLU J 1871 20.51 79.97 -58.27
C GLU J 1871 20.67 80.45 -56.83
N VAL J 1872 21.02 79.55 -55.91
CA VAL J 1872 21.00 79.89 -54.49
C VAL J 1872 22.03 80.96 -54.18
N PHE J 1873 23.28 80.75 -54.61
CA PHE J 1873 24.37 81.69 -54.37
C PHE J 1873 24.53 82.55 -55.61
N ARG J 1874 23.70 83.57 -55.73
CA ARG J 1874 23.73 84.48 -56.88
C ARG J 1874 24.03 85.88 -56.41
N GLU J 1875 24.96 86.54 -57.12
CA GLU J 1875 25.32 87.90 -56.76
C GLU J 1875 24.14 88.83 -56.97
N GLU J 1876 23.91 89.71 -55.99
CA GLU J 1876 22.78 90.63 -56.05
C GLU J 1876 22.98 91.67 -57.15
N LEU J 1923 24.89 79.61 -66.10
CA LEU J 1923 24.10 78.53 -66.65
C LEU J 1923 23.16 77.96 -65.58
N GLU J 1924 22.00 77.47 -66.00
CA GLU J 1924 21.01 77.00 -65.04
C GLU J 1924 21.44 75.70 -64.37
N GLU J 1925 22.37 74.97 -64.98
CA GLU J 1925 22.74 73.66 -64.47
C GLU J 1925 23.77 73.80 -63.35
N GLY J 1926 23.63 72.95 -62.32
CA GLY J 1926 24.53 72.99 -61.19
C GLY J 1926 24.90 71.58 -60.75
N LEU J 1927 26.06 71.49 -60.10
CA LEU J 1927 26.57 70.19 -59.68
C LEU J 1927 25.58 69.48 -58.76
N LEU J 1928 24.95 70.22 -57.86
CA LEU J 1928 24.11 69.58 -56.85
C LEU J 1928 22.92 68.89 -57.49
N GLN J 1929 22.45 69.38 -58.63
CA GLN J 1929 21.31 68.81 -59.33
C GLN J 1929 21.72 68.04 -60.58
N MET J 1930 23.02 67.90 -60.83
CA MET J 1930 23.51 67.28 -62.06
C MET J 1930 23.52 65.76 -62.00
N LYS J 1931 23.04 65.15 -60.91
CA LYS J 1931 22.84 63.70 -60.85
C LYS J 1931 24.17 62.96 -61.06
N LEU J 1932 25.05 63.12 -60.08
CA LEU J 1932 26.39 62.55 -60.11
C LEU J 1932 26.42 61.19 -59.44
N PRO J 1933 27.51 60.43 -59.60
CA PRO J 1933 27.62 59.13 -58.94
C PRO J 1933 27.91 59.26 -57.45
N GLU J 1934 28.13 58.11 -56.81
CA GLU J 1934 28.30 58.07 -55.36
C GLU J 1934 29.58 58.79 -54.92
N SER J 1935 30.69 58.50 -55.59
CA SER J 1935 31.96 59.11 -55.19
C SER J 1935 31.92 60.63 -55.37
N VAL J 1936 31.35 61.09 -56.48
CA VAL J 1936 31.25 62.52 -56.69
C VAL J 1936 30.31 63.14 -55.66
N LYS J 1937 29.25 62.40 -55.28
CA LYS J 1937 28.39 62.89 -54.21
C LYS J 1937 29.16 63.04 -52.91
N LEU J 1938 30.06 62.09 -52.62
CA LEU J 1938 30.87 62.19 -51.42
C LEU J 1938 31.77 63.42 -51.45
N GLN J 1939 32.41 63.67 -52.59
CA GLN J 1939 33.24 64.86 -52.69
C GLN J 1939 32.40 66.13 -52.53
N MET J 1940 31.20 66.12 -53.10
CA MET J 1940 30.30 67.26 -52.95
C MET J 1940 29.93 67.47 -51.50
N CYS J 1941 29.71 66.39 -50.76
CA CYS J 1941 29.45 66.50 -49.34
C CYS J 1941 30.65 67.09 -48.61
N HIS J 1942 31.86 66.75 -49.05
CA HIS J 1942 33.04 67.39 -48.46
C HIS J 1942 33.02 68.89 -48.66
N LEU J 1943 32.73 69.33 -49.88
CA LEU J 1943 32.66 70.78 -50.14
C LEU J 1943 31.59 71.44 -49.27
N LEU J 1944 30.41 70.82 -49.19
CA LEU J 1944 29.34 71.40 -48.40
C LEU J 1944 29.70 71.44 -46.93
N GLU J 1945 30.41 70.42 -46.44
CA GLU J 1945 30.87 70.44 -45.07
C GLU J 1945 31.82 71.60 -44.84
N TYR J 1946 32.71 71.87 -45.79
CA TYR J 1946 33.60 73.02 -45.64
C TYR J 1946 32.81 74.30 -45.55
N PHE J 1947 31.81 74.46 -46.40
CA PHE J 1947 31.06 75.72 -46.39
C PHE J 1947 30.25 75.86 -45.10
N CYS J 1948 29.69 74.77 -44.60
CA CYS J 1948 28.98 74.83 -43.33
C CYS J 1948 29.94 75.17 -42.19
N ASP J 1949 31.16 74.64 -42.24
CA ASP J 1949 32.15 75.01 -41.23
C ASP J 1949 32.49 76.50 -41.29
N GLN J 1950 32.63 77.05 -42.50
CA GLN J 1950 32.83 78.49 -42.61
C GLN J 1950 31.64 79.27 -42.06
N GLU J 1951 30.43 78.81 -42.30
CA GLU J 1951 29.26 79.47 -41.70
C GLU J 1951 29.35 79.46 -40.18
N LEU J 1952 29.71 78.32 -39.61
CA LEU J 1952 29.83 78.25 -38.14
C LEU J 1952 30.93 79.18 -37.63
N GLN J 1953 32.05 79.24 -38.35
CA GLN J 1953 33.12 80.15 -37.96
C GLN J 1953 32.63 81.59 -37.99
N HIS J 1954 31.86 81.94 -39.02
CA HIS J 1954 31.30 83.29 -39.08
C HIS J 1954 30.41 83.56 -37.88
N ARG J 1955 29.56 82.60 -37.52
CA ARG J 1955 28.70 82.79 -36.35
C ARG J 1955 29.52 83.03 -35.10
N VAL J 1956 30.54 82.20 -34.89
CA VAL J 1956 31.34 82.31 -33.66
C VAL J 1956 32.08 83.65 -33.63
N GLU J 1957 32.67 84.06 -34.76
CA GLU J 1957 33.39 85.32 -34.78
C GLU J 1957 32.46 86.49 -34.55
N SER J 1958 31.27 86.46 -35.15
CA SER J 1958 30.32 87.54 -34.93
C SER J 1958 29.89 87.59 -33.48
N LEU J 1959 29.69 86.43 -32.86
CA LEU J 1959 29.37 86.39 -31.44
C LEU J 1959 30.50 87.01 -30.62
N ALA J 1960 31.74 86.68 -30.96
CA ALA J 1960 32.87 87.27 -30.24
C ALA J 1960 32.92 88.79 -30.38
N ALA J 1961 32.70 89.31 -31.59
CA ALA J 1961 32.69 90.76 -31.78
C ALA J 1961 31.56 91.43 -31.00
N PHE J 1962 30.36 90.85 -31.05
CA PHE J 1962 29.28 91.39 -30.24
C PHE J 1962 29.62 91.36 -28.77
N ALA J 1963 30.30 90.31 -28.31
CA ALA J 1963 30.77 90.27 -26.94
C ALA J 1963 31.73 91.41 -26.67
N GLU J 1964 32.65 91.66 -27.60
CA GLU J 1964 33.59 92.76 -27.40
C GLU J 1964 32.85 94.07 -27.20
N CYS J 1965 31.80 94.31 -27.98
CA CYS J 1965 31.03 95.54 -27.79
C CYS J 1965 30.26 95.53 -26.47
N TYR J 1966 29.53 94.46 -26.19
CA TYR J 1966 28.58 94.45 -25.09
C TYR J 1966 29.28 94.44 -23.74
N VAL J 1967 30.40 93.73 -23.63
CA VAL J 1967 31.13 93.71 -22.37
C VAL J 1967 31.69 95.09 -22.07
N ASP J 1968 32.18 95.79 -23.09
CA ASP J 1968 32.63 97.16 -22.89
C ASP J 1968 31.48 98.04 -22.42
N LYS J 1969 30.31 97.91 -23.05
CA LYS J 1969 29.16 98.69 -22.62
C LYS J 1969 28.81 98.39 -21.16
N MET J 1970 28.78 97.11 -20.79
CA MET J 1970 28.45 96.72 -19.43
C MET J 1970 29.46 97.27 -18.44
N GLN J 1971 30.75 97.20 -18.77
CA GLN J 1971 31.77 97.71 -17.86
C GLN J 1971 31.64 99.22 -17.68
N GLY J 1972 31.42 99.95 -18.79
CA GLY J 1972 31.21 101.38 -18.66
C GLY J 1972 30.03 101.71 -17.78
N ASN J 1973 28.90 101.01 -18.00
CA ASN J 1973 27.74 101.22 -17.16
C ASN J 1973 28.03 100.92 -15.71
N GLN J 1974 28.74 99.83 -15.43
CA GLN J 1974 28.98 99.45 -14.04
C GLN J 1974 29.89 100.45 -13.37
N ARG J 1975 30.90 100.95 -14.09
CA ARG J 1975 31.75 101.99 -13.51
C ARG J 1975 30.92 103.23 -13.19
N GLY J 1976 30.05 103.65 -14.11
CA GLY J 1976 29.20 104.79 -13.82
C GLY J 1976 28.30 104.57 -12.61
N ARG J 1977 27.70 103.37 -12.53
CA ARG J 1977 26.79 103.07 -11.43
C ARG J 1977 27.54 103.03 -10.10
N TYR J 1978 28.73 102.45 -10.09
CA TYR J 1978 29.53 102.43 -8.86
C TYR J 1978 29.90 103.84 -8.44
N GLY J 1979 30.29 104.69 -9.40
CA GLY J 1979 30.53 106.07 -9.07
C GLY J 1979 29.31 106.73 -8.46
N LEU J 1980 28.14 106.49 -9.05
CA LEU J 1980 26.90 107.03 -8.50
C LEU J 1980 26.69 106.58 -7.06
N LEU J 1981 26.79 105.27 -6.81
CA LEU J 1981 26.51 104.75 -5.48
C LEU J 1981 27.49 105.30 -4.45
N MET J 1982 28.79 105.31 -4.78
CA MET J 1982 29.78 105.82 -3.84
C MET J 1982 29.58 107.31 -3.59
N LYS J 1983 29.28 108.08 -4.65
CA LYS J 1983 29.07 109.50 -4.49
C LYS J 1983 27.87 109.78 -3.58
N ALA J 1984 26.80 109.02 -3.75
CA ALA J 1984 25.62 109.20 -2.91
C ALA J 1984 26.00 109.04 -1.44
N PHE J 1985 25.49 109.95 -0.61
CA PHE J 1985 25.80 109.88 0.83
C PHE J 1985 25.32 108.57 1.42
N THR J 1986 24.19 108.05 0.95
CA THR J 1986 23.67 106.75 1.36
C THR J 1986 23.69 106.60 2.88
N MET J 1987 22.87 107.42 3.55
CA MET J 1987 22.78 107.37 5.00
C MET J 1987 22.46 105.97 5.48
N SER J 1988 21.70 105.21 4.69
CA SER J 1988 21.34 103.85 5.04
C SER J 1988 22.50 102.93 4.66
N ALA J 1989 23.20 102.40 5.67
CA ALA J 1989 24.30 101.48 5.41
C ALA J 1989 23.81 100.19 4.78
N ALA J 1990 22.65 99.69 5.24
CA ALA J 1990 22.14 98.44 4.72
C ALA J 1990 21.79 98.55 3.23
N GLU J 1991 21.20 99.67 2.82
CA GLU J 1991 20.86 99.83 1.42
C GLU J 1991 22.10 99.88 0.54
N THR J 1992 23.07 100.72 0.90
CA THR J 1992 24.33 100.74 0.17
C THR J 1992 25.04 99.39 0.30
N ALA J 1993 24.83 98.69 1.42
CA ALA J 1993 25.43 97.37 1.58
C ALA J 1993 24.91 96.39 0.54
N ARG J 1994 23.59 96.33 0.38
CA ARG J 1994 23.03 95.43 -0.62
C ARG J 1994 23.39 95.89 -2.02
N ARG J 1995 23.52 97.20 -2.24
CA ARG J 1995 23.98 97.69 -3.54
C ARG J 1995 25.40 97.24 -3.83
N THR J 1996 26.27 97.27 -2.82
CA THR J 1996 27.67 96.90 -2.99
C THR J 1996 27.90 95.39 -2.93
N ARG J 1997 26.88 94.62 -2.53
CA ARG J 1997 27.00 93.16 -2.61
C ARG J 1997 27.41 92.74 -4.02
N GLU J 1998 26.82 93.36 -5.04
CA GLU J 1998 27.17 93.04 -6.42
C GLU J 1998 28.67 93.20 -6.65
N PHE J 1999 29.21 94.37 -6.32
CA PHE J 1999 30.63 94.60 -6.54
C PHE J 1999 31.48 93.68 -5.67
N ARG J 2000 30.92 93.21 -4.55
CA ARG J 2000 31.65 92.27 -3.71
C ARG J 2000 31.71 90.89 -4.37
N SER J 2001 30.71 90.56 -5.18
CA SER J 2001 30.69 89.26 -5.84
C SER J 2001 31.85 89.15 -6.82
N PRO J 2002 32.34 87.93 -7.09
CA PRO J 2002 33.42 87.76 -8.05
C PRO J 2002 33.01 88.22 -9.44
N PRO J 2003 33.97 88.40 -10.35
CA PRO J 2003 33.61 88.94 -11.68
C PRO J 2003 32.69 88.04 -12.48
N GLN J 2004 32.91 86.72 -12.46
CA GLN J 2004 32.06 85.83 -13.23
C GLN J 2004 30.63 85.90 -12.75
N GLU J 2005 30.42 85.91 -11.43
CA GLU J 2005 29.07 86.05 -10.89
C GLU J 2005 28.50 87.43 -11.17
N GLN J 2006 29.32 88.47 -11.17
CA GLN J 2006 28.83 89.78 -11.59
C GLN J 2006 28.27 89.70 -13.00
N ILE J 2007 29.01 89.05 -13.91
CA ILE J 2007 28.56 88.90 -15.29
C ILE J 2007 27.25 88.13 -15.34
N ASN J 2008 27.19 87.00 -14.62
CA ASN J 2008 25.99 86.17 -14.64
C ASN J 2008 24.78 86.95 -14.17
N MET J 2009 24.92 87.63 -13.03
CA MET J 2009 23.81 88.39 -12.46
C MET J 2009 23.41 89.54 -13.38
N LEU J 2010 24.39 90.17 -14.03
CA LEU J 2010 24.07 91.26 -14.95
C LEU J 2010 23.30 90.75 -16.16
N LEU J 2011 23.67 89.59 -16.68
CA LEU J 2011 23.05 89.06 -17.88
C LEU J 2011 21.74 88.34 -17.61
N HIS J 2012 21.45 87.98 -16.35
CA HIS J 2012 20.26 87.21 -16.04
C HIS J 2012 19.00 88.06 -16.13
N PHE J 2013 18.65 88.43 -17.37
CA PHE J 2013 17.43 89.19 -17.62
C PHE J 2013 16.72 88.72 -18.89
N LYS J 2014 16.94 87.47 -19.28
CA LYS J 2014 16.30 86.97 -20.49
C LYS J 2014 14.78 87.00 -20.37
N ASN J 2015 14.25 86.49 -19.26
CA ASN J 2015 12.82 86.39 -19.07
C ASN J 2015 12.21 87.68 -18.50
N GLY J 2016 13.03 88.70 -18.24
CA GLY J 2016 12.53 89.94 -17.68
C GLY J 2016 12.76 90.03 -16.19
N ALA J 2017 13.61 90.97 -15.79
CA ALA J 2017 13.91 91.22 -14.39
C ALA J 2017 13.90 92.71 -14.11
N ASP J 2018 13.49 93.08 -12.91
CA ASP J 2018 13.36 94.47 -12.54
C ASP J 2018 14.74 95.09 -12.36
N GLU J 2019 14.74 96.41 -12.12
CA GLU J 2019 16.00 97.13 -11.96
C GLU J 2019 16.79 96.61 -10.76
N GLU J 2020 16.10 96.33 -9.65
CA GLU J 2020 16.80 95.82 -8.47
C GLU J 2020 17.46 94.49 -8.77
N GLU J 2021 16.75 93.58 -9.43
CA GLU J 2021 17.29 92.25 -9.67
C GLU J 2021 18.43 92.29 -10.69
N CYS J 2022 18.27 93.07 -11.74
CA CYS J 2022 19.30 93.24 -12.77
C CYS J 2022 19.58 94.72 -12.97
N PRO J 2023 20.59 95.29 -12.32
CA PRO J 2023 20.88 96.73 -12.49
C PRO J 2023 21.44 97.05 -13.87
N LEU J 2024 20.63 96.84 -14.90
CA LEU J 2024 21.06 97.05 -16.27
C LEU J 2024 20.01 97.88 -17.00
N PRO J 2025 20.40 98.94 -17.71
CA PRO J 2025 19.41 99.81 -18.35
C PRO J 2025 18.67 99.08 -19.46
N GLU J 2026 17.43 99.52 -19.70
CA GLU J 2026 16.60 98.86 -20.71
C GLU J 2026 17.20 99.01 -22.09
N GLU J 2027 17.75 100.19 -22.41
CA GLU J 2027 18.35 100.38 -23.73
C GLU J 2027 19.53 99.45 -23.94
N ILE J 2028 20.32 99.21 -22.88
CA ILE J 2028 21.43 98.27 -23.00
C ILE J 2028 20.90 96.84 -23.16
N ARG J 2029 19.87 96.49 -22.38
CA ARG J 2029 19.27 95.17 -22.53
C ARG J 2029 18.79 94.94 -23.96
N GLN J 2030 18.28 96.00 -24.59
CA GLN J 2030 17.70 95.84 -25.93
C GLN J 2030 18.75 95.42 -26.93
N GLU J 2031 20.00 95.88 -26.77
CA GLU J 2031 21.06 95.44 -27.67
C GLU J 2031 21.21 93.93 -27.62
N LEU J 2032 21.29 93.36 -26.41
CA LEU J 2032 21.41 91.91 -26.30
C LEU J 2032 20.18 91.21 -26.84
N VAL J 2033 18.99 91.75 -26.59
CA VAL J 2033 17.78 91.11 -27.10
C VAL J 2033 17.81 91.06 -28.61
N ASN J 2034 18.15 92.18 -29.25
CA ASN J 2034 18.20 92.22 -30.71
C ASN J 2034 19.26 91.28 -31.24
N PHE J 2035 20.42 91.24 -30.59
CA PHE J 2035 21.48 90.35 -31.07
C PHE J 2035 21.07 88.89 -30.91
N HIS J 2036 20.37 88.56 -29.84
CA HIS J 2036 19.89 87.19 -29.68
C HIS J 2036 18.90 86.84 -30.78
N GLN J 2037 18.01 87.76 -31.12
CA GLN J 2037 17.09 87.52 -32.22
C GLN J 2037 17.85 87.31 -33.52
N ASP J 2038 18.87 88.12 -33.78
CA ASP J 2038 19.66 87.98 -35.00
C ASP J 2038 20.39 86.65 -35.03
N LEU J 2039 20.95 86.24 -33.89
CA LEU J 2039 21.66 84.97 -33.84
C LEU J 2039 20.72 83.80 -34.08
N LEU J 2040 19.52 83.85 -33.50
CA LEU J 2040 18.55 82.79 -33.75
C LEU J 2040 18.16 82.76 -35.22
N ALA J 2041 17.93 83.92 -35.82
CA ALA J 2041 17.60 83.95 -37.24
C ALA J 2041 18.72 83.36 -38.08
N HIS J 2042 19.97 83.72 -37.76
CA HIS J 2042 21.10 83.17 -38.50
C HIS J 2042 21.17 81.67 -38.36
N CYS J 2043 20.99 81.16 -37.15
CA CYS J 2043 20.97 79.72 -36.93
C CYS J 2043 19.76 79.06 -37.55
N GLY J 2044 18.77 79.84 -37.99
CA GLY J 2044 17.59 79.28 -38.61
C GLY J 2044 16.51 78.85 -37.65
N ILE J 2045 16.71 79.06 -36.35
CA ILE J 2045 15.72 78.63 -35.37
C ILE J 2045 14.37 79.26 -35.66
N GLN J 2046 14.37 80.56 -35.94
CA GLN J 2046 13.13 81.24 -36.28
C GLN J 2046 12.53 80.59 -37.52
N LEU J 2047 11.21 80.40 -37.50
CA LEU J 2047 10.51 79.80 -38.62
C LEU J 2047 9.13 80.43 -38.80
N GLU J 2089 11.02 77.48 -48.87
CA GLU J 2089 10.17 77.62 -50.04
C GLU J 2089 10.46 76.52 -51.04
N HIS J 2090 9.87 76.61 -52.24
CA HIS J 2090 10.20 75.65 -53.29
C HIS J 2090 11.69 75.64 -53.56
N LYS J 2091 12.27 76.80 -53.79
CA LYS J 2091 13.71 76.90 -53.96
C LYS J 2091 14.36 77.26 -52.62
N PRO J 2092 15.60 76.82 -52.37
CA PRO J 2092 16.17 77.03 -51.02
C PRO J 2092 16.30 78.50 -50.62
N GLN J 2093 17.04 79.29 -51.38
CA GLN J 2093 17.41 80.66 -51.05
C GLN J 2093 18.32 80.76 -49.83
N SER J 2094 18.83 79.64 -49.32
CA SER J 2094 19.71 79.68 -48.15
C SER J 2094 20.60 78.45 -48.17
N LEU J 2095 21.77 78.57 -47.54
CA LEU J 2095 22.67 77.43 -47.46
C LEU J 2095 22.05 76.31 -46.63
N GLN J 2096 21.43 76.67 -45.50
CA GLN J 2096 20.81 75.67 -44.65
C GLN J 2096 19.80 74.85 -45.44
N GLU J 2097 18.87 75.52 -46.11
CA GLU J 2097 17.82 74.82 -46.84
C GLU J 2097 18.38 74.10 -48.06
N LEU J 2098 19.38 74.68 -48.73
CA LEU J 2098 19.97 73.99 -49.86
C LEU J 2098 20.55 72.66 -49.43
N VAL J 2099 21.36 72.66 -48.36
CA VAL J 2099 21.98 71.41 -47.92
C VAL J 2099 20.92 70.41 -47.49
N SER J 2100 19.96 70.86 -46.66
CA SER J 2100 18.94 69.93 -46.18
C SER J 2100 18.17 69.32 -47.34
N HIS J 2101 17.67 70.16 -48.24
CA HIS J 2101 16.86 69.69 -49.34
C HIS J 2101 17.66 68.77 -50.25
N THR J 2102 18.92 69.11 -50.53
CA THR J 2102 19.72 68.26 -51.41
C THR J 2102 19.96 66.89 -50.78
N VAL J 2103 20.31 66.85 -49.49
CA VAL J 2103 20.56 65.57 -48.85
C VAL J 2103 19.29 64.72 -48.88
N VAL J 2104 18.15 65.32 -48.53
CA VAL J 2104 16.90 64.57 -48.53
C VAL J 2104 16.58 64.09 -49.93
N ARG J 2105 16.83 64.93 -50.94
CA ARG J 2105 16.53 64.55 -52.30
C ARG J 2105 17.37 63.36 -52.75
N TRP J 2106 18.66 63.36 -52.41
CA TRP J 2106 19.50 62.22 -52.75
C TRP J 2106 19.00 60.96 -52.07
N ALA J 2107 18.75 61.04 -50.76
CA ALA J 2107 18.29 59.85 -50.03
C ALA J 2107 16.97 59.34 -50.57
N GLN J 2108 16.10 60.23 -51.04
CA GLN J 2108 14.83 59.79 -51.62
C GLN J 2108 15.03 59.18 -52.99
N GLU J 2109 15.88 59.80 -53.81
CA GLU J 2109 16.05 59.34 -55.18
C GLU J 2109 16.66 57.95 -55.23
N ASP J 2110 17.66 57.69 -54.40
CA ASP J 2110 18.39 56.43 -54.51
C ASP J 2110 18.63 55.83 -53.13
N PHE J 2111 18.78 54.52 -53.11
CA PHE J 2111 19.16 53.78 -51.90
C PHE J 2111 20.68 53.83 -51.79
N VAL J 2112 21.20 54.86 -51.11
CA VAL J 2112 22.64 55.06 -51.06
C VAL J 2112 23.29 53.82 -50.45
N GLN J 2113 24.31 53.30 -51.15
CA GLN J 2113 25.00 52.10 -50.71
C GLN J 2113 26.38 52.36 -50.15
N SER J 2114 26.92 53.55 -50.31
CA SER J 2114 28.24 53.83 -49.77
C SER J 2114 28.12 54.28 -48.32
N PRO J 2115 28.60 53.50 -47.35
CA PRO J 2115 28.42 53.91 -45.95
C PRO J 2115 29.09 55.25 -45.64
N GLU J 2116 30.24 55.53 -46.24
CA GLU J 2116 30.89 56.80 -46.00
C GLU J 2116 30.02 57.95 -46.51
N LEU J 2117 29.45 57.78 -47.70
CA LEU J 2117 28.56 58.81 -48.22
C LEU J 2117 27.36 59.01 -47.31
N VAL J 2118 26.76 57.92 -46.85
CA VAL J 2118 25.58 58.03 -45.99
C VAL J 2118 25.94 58.78 -44.70
N ARG J 2119 27.05 58.40 -44.09
CA ARG J 2119 27.50 59.08 -42.89
C ARG J 2119 27.68 60.57 -43.15
N ALA J 2120 28.32 60.92 -44.27
CA ALA J 2120 28.56 62.32 -44.58
C ALA J 2120 27.25 63.07 -44.72
N MET J 2121 26.32 62.56 -45.53
CA MET J 2121 25.11 63.33 -45.80
C MET J 2121 24.27 63.47 -44.55
N PHE J 2122 24.22 62.42 -43.71
CA PHE J 2122 23.39 62.54 -42.53
C PHE J 2122 24.02 63.44 -41.47
N SER J 2123 25.36 63.46 -41.40
CA SER J 2123 26.01 64.43 -40.54
C SER J 2123 25.69 65.85 -40.99
N LEU J 2124 25.75 66.08 -42.30
CA LEU J 2124 25.42 67.40 -42.83
C LEU J 2124 23.99 67.78 -42.49
N LEU J 2125 23.05 66.84 -42.67
CA LEU J 2125 21.66 67.13 -42.38
C LEU J 2125 21.47 67.46 -40.91
N HIS J 2126 22.12 66.71 -40.02
CA HIS J 2126 22.01 67.01 -38.60
C HIS J 2126 22.51 68.40 -38.30
N ARG J 2127 23.66 68.78 -38.87
CA ARG J 2127 24.19 70.13 -38.62
C ARG J 2127 23.21 71.18 -39.10
N GLN J 2128 22.64 71.00 -40.30
CA GLN J 2128 21.70 71.99 -40.81
C GLN J 2128 20.46 72.09 -39.95
N TYR J 2129 19.91 70.96 -39.50
CA TYR J 2129 18.69 71.00 -38.71
C TYR J 2129 18.95 71.62 -37.33
N ASP J 2130 19.98 71.18 -36.63
CA ASP J 2130 20.28 71.69 -35.29
C ASP J 2130 21.36 72.77 -35.36
N GLY J 2131 20.97 73.94 -35.88
CA GLY J 2131 21.89 75.05 -35.97
C GLY J 2131 22.41 75.51 -34.62
N LEU J 2132 21.53 75.67 -33.64
CA LEU J 2132 21.96 76.16 -32.33
C LEU J 2132 22.87 75.14 -31.63
N GLY J 2133 22.59 73.86 -31.81
CA GLY J 2133 23.40 72.84 -31.14
C GLY J 2133 24.86 72.90 -31.57
N GLU J 2134 25.11 73.11 -32.86
CA GLU J 2134 26.48 73.19 -33.32
C GLU J 2134 27.20 74.38 -32.71
N LEU J 2135 26.54 75.54 -32.65
CA LEU J 2135 27.15 76.69 -32.01
C LEU J 2135 27.42 76.41 -30.54
N LEU J 2136 26.49 75.76 -29.86
CA LEU J 2136 26.67 75.45 -28.45
C LEU J 2136 27.86 74.53 -28.24
N ARG J 2137 28.04 73.53 -29.11
CA ARG J 2137 29.18 72.62 -28.97
C ARG J 2137 30.47 73.28 -29.41
N ALA J 2138 30.40 74.30 -30.27
CA ALA J 2138 31.62 74.91 -30.78
C ALA J 2138 32.15 75.97 -29.82
N LEU J 2139 31.27 76.68 -29.13
CA LEU J 2139 31.72 77.78 -28.28
C LEU J 2139 32.79 77.39 -27.28
N PRO J 2140 32.74 76.21 -26.65
CA PRO J 2140 33.81 75.86 -25.71
C PRO J 2140 35.20 75.98 -26.31
N ARG J 2141 35.35 75.67 -27.60
CA ARG J 2141 36.66 75.77 -28.22
C ARG J 2141 36.99 77.21 -28.62
N ALA J 2142 36.03 78.11 -28.49
CA ALA J 2142 36.27 79.51 -28.82
C ALA J 2142 37.10 80.18 -27.73
N TYR J 2143 37.78 81.26 -28.11
CA TYR J 2143 38.53 82.06 -27.16
C TYR J 2143 38.82 83.42 -27.77
N THR J 2144 39.00 84.42 -26.92
CA THR J 2144 39.34 85.77 -27.33
C THR J 2144 40.65 86.17 -26.68
N ILE J 2145 41.53 86.80 -27.45
CA ILE J 2145 42.84 87.21 -26.98
C ILE J 2145 43.07 88.66 -27.37
N SER J 2146 43.88 89.35 -26.56
CA SER J 2146 44.22 90.73 -26.88
C SER J 2146 45.20 90.79 -28.04
N VAL J 2147 45.28 91.96 -28.67
CA VAL J 2147 46.13 92.11 -29.84
C VAL J 2147 47.58 91.81 -29.50
N SER J 2148 48.04 92.26 -28.33
CA SER J 2148 49.45 92.11 -27.99
C SER J 2148 49.84 90.65 -27.85
N SER J 2149 48.88 89.75 -27.66
CA SER J 2149 49.17 88.33 -27.52
C SER J 2149 49.15 87.58 -28.84
N VAL J 2150 48.87 88.27 -29.95
CA VAL J 2150 48.67 87.58 -31.22
C VAL J 2150 49.93 86.86 -31.66
N GLU J 2151 51.08 87.55 -31.57
CA GLU J 2151 52.32 86.95 -32.07
C GLU J 2151 52.70 85.71 -31.27
N ASP J 2152 52.61 85.81 -29.94
CA ASP J 2152 52.92 84.66 -29.11
C ASP J 2152 51.95 83.53 -29.37
N THR J 2153 50.66 83.85 -29.55
CA THR J 2153 49.69 82.81 -29.84
C THR J 2153 50.00 82.11 -31.16
N MET J 2154 50.41 82.87 -32.16
CA MET J 2154 50.77 82.26 -33.44
C MET J 2154 51.96 81.33 -33.31
N SER J 2155 53.00 81.76 -32.59
CA SER J 2155 54.14 80.87 -32.35
C SER J 2155 53.67 79.59 -31.66
N LEU J 2156 52.85 79.74 -30.63
CA LEU J 2156 52.37 78.57 -29.88
C LEU J 2156 51.54 77.66 -30.76
N LEU J 2157 50.72 78.23 -31.63
CA LEU J 2157 49.92 77.41 -32.53
C LEU J 2157 50.79 76.64 -33.49
N GLU J 2158 51.86 77.26 -34.00
CA GLU J 2158 52.77 76.51 -34.87
C GLU J 2158 53.40 75.35 -34.12
N CYS J 2159 53.85 75.58 -32.89
CA CYS J 2159 54.43 74.47 -32.12
C CYS J 2159 53.41 73.37 -31.88
N LEU J 2160 52.19 73.75 -31.55
CA LEU J 2160 51.14 72.75 -31.32
C LEU J 2160 50.85 71.98 -32.59
N GLY J 2161 50.87 72.65 -33.75
CA GLY J 2161 50.71 71.94 -35.01
C GLY J 2161 51.83 70.94 -35.25
N GLN J 2162 53.06 71.31 -34.88
CA GLN J 2162 54.16 70.36 -35.00
C GLN J 2162 53.90 69.13 -34.13
N ILE J 2163 53.44 69.33 -32.90
CA ILE J 2163 53.15 68.20 -32.03
C ILE J 2163 52.06 67.33 -32.62
N ARG J 2164 50.99 67.97 -33.11
CA ARG J 2164 49.88 67.22 -33.69
C ARG J 2164 50.35 66.40 -34.89
N SER J 2165 51.24 66.98 -35.70
CA SER J 2165 51.81 66.23 -36.82
C SER J 2165 52.62 65.05 -36.32
N LEU J 2166 53.41 65.25 -35.26
CA LEU J 2166 54.17 64.15 -34.69
C LEU J 2166 53.26 63.02 -34.24
N LEU J 2167 52.03 63.36 -33.84
CA LEU J 2167 51.12 62.33 -33.34
C LEU J 2167 51.02 61.15 -34.31
N ILE J 2168 50.80 61.44 -35.60
CA ILE J 2168 50.48 60.36 -36.55
C ILE J 2168 51.69 59.47 -36.81
N VAL J 2169 52.87 60.05 -36.99
CA VAL J 2169 54.03 59.24 -37.35
C VAL J 2169 54.38 58.31 -36.19
N GLN J 2170 55.15 57.27 -36.50
CA GLN J 2170 55.80 56.47 -35.48
C GLN J 2170 57.10 57.16 -35.08
N MET J 2171 57.74 56.65 -34.03
CA MET J 2171 58.74 57.44 -33.34
C MET J 2171 60.14 57.17 -33.86
N GLY J 2172 60.95 58.23 -33.92
CA GLY J 2172 62.35 58.13 -34.28
C GLY J 2172 63.13 59.30 -33.74
N PRO J 2173 64.46 59.25 -33.85
CA PRO J 2173 65.28 60.32 -33.24
C PRO J 2173 64.96 61.72 -33.74
N GLN J 2174 64.68 61.86 -35.05
CA GLN J 2174 64.30 63.16 -35.57
C GLN J 2174 63.03 63.66 -34.89
N GLU J 2175 62.04 62.77 -34.74
CA GLU J 2175 60.81 63.15 -34.05
C GLU J 2175 61.09 63.51 -32.61
N GLU J 2176 62.01 62.79 -31.97
CA GLU J 2176 62.34 63.11 -30.58
C GLU J 2176 62.90 64.52 -30.48
N ASN J 2177 63.85 64.86 -31.35
CA ASN J 2177 64.40 66.20 -31.32
C ASN J 2177 63.32 67.24 -31.54
N LEU J 2178 62.52 67.07 -32.60
CA LEU J 2178 61.46 68.03 -32.88
C LEU J 2178 60.51 68.17 -31.71
N MET J 2179 60.12 67.05 -31.10
CA MET J 2179 59.17 67.07 -30.01
C MET J 2179 59.73 67.82 -28.82
N ILE J 2180 61.02 67.61 -28.53
CA ILE J 2180 61.66 68.31 -27.42
C ILE J 2180 61.68 69.81 -27.69
N GLN J 2181 62.10 70.22 -28.88
CA GLN J 2181 62.14 71.66 -29.12
C GLN J 2181 60.74 72.27 -29.10
N SER J 2182 59.73 71.54 -29.59
CA SER J 2182 58.37 72.06 -29.54
C SER J 2182 57.91 72.24 -28.10
N ILE J 2183 58.15 71.26 -27.25
CA ILE J 2183 57.76 71.39 -25.85
C ILE J 2183 58.49 72.56 -25.19
N GLY J 2184 59.79 72.68 -25.45
CA GLY J 2184 60.53 73.81 -24.89
C GLY J 2184 59.98 75.14 -25.33
N ASN J 2185 59.69 75.29 -26.62
CA ASN J 2185 59.13 76.55 -27.11
C ASN J 2185 57.77 76.82 -26.48
N ILE J 2186 56.94 75.79 -26.35
CA ILE J 2186 55.62 75.99 -25.75
C ILE J 2186 55.76 76.49 -24.32
N MET J 2187 56.58 75.82 -23.51
CA MET J 2187 56.71 76.25 -22.12
C MET J 2187 57.35 77.63 -22.03
N ASN J 2188 58.21 77.99 -22.97
CA ASN J 2188 58.80 79.32 -22.95
C ASN J 2188 57.80 80.39 -23.37
N ASN J 2189 56.77 80.00 -24.12
CA ASN J 2189 55.75 80.96 -24.53
C ASN J 2189 55.02 81.53 -23.32
N LYS J 2190 54.80 82.85 -23.33
CA LYS J 2190 54.13 83.49 -22.20
C LYS J 2190 52.66 83.08 -22.12
N VAL J 2191 52.03 82.86 -23.28
CA VAL J 2191 50.61 82.52 -23.27
C VAL J 2191 50.36 81.27 -22.45
N PHE J 2192 51.33 80.36 -22.44
CA PHE J 2192 51.18 79.14 -21.64
C PHE J 2192 50.95 79.48 -20.17
N TYR J 2193 51.49 80.63 -19.72
CA TYR J 2193 51.20 81.08 -18.36
C TYR J 2193 49.91 81.90 -18.30
N GLN J 2194 49.73 82.82 -19.24
CA GLN J 2194 48.66 83.81 -19.08
C GLN J 2194 47.31 83.36 -19.61
N HIS J 2195 47.17 82.15 -20.13
CA HIS J 2195 45.91 81.71 -20.72
C HIS J 2195 45.74 80.20 -20.57
N PRO J 2196 45.72 79.70 -19.34
CA PRO J 2196 45.52 78.26 -19.16
C PRO J 2196 44.21 77.75 -19.74
N ASN J 2197 43.14 78.54 -19.64
CA ASN J 2197 41.87 78.12 -20.22
C ASN J 2197 42.00 77.89 -21.72
N LEU J 2198 42.64 78.85 -22.41
CA LEU J 2198 42.95 78.64 -23.81
C LEU J 2198 43.71 77.35 -24.03
N MET J 2199 44.59 76.98 -23.10
CA MET J 2199 45.44 75.81 -23.32
C MET J 2199 44.62 74.54 -23.18
N ARG J 2200 43.73 74.47 -22.19
CA ARG J 2200 42.82 73.35 -22.11
C ARG J 2200 41.91 73.28 -23.33
N ALA J 2201 41.45 74.43 -23.81
CA ALA J 2201 40.61 74.45 -25.01
C ALA J 2201 41.36 73.86 -26.21
N LEU J 2202 42.58 74.33 -26.44
CA LEU J 2202 43.42 73.73 -27.47
C LEU J 2202 43.65 72.26 -27.19
N GLY J 2203 43.54 71.87 -25.92
CA GLY J 2203 43.71 70.51 -25.52
C GLY J 2203 45.11 69.95 -25.68
N MET J 2204 46.14 70.69 -25.30
CA MET J 2204 47.49 70.14 -25.42
C MET J 2204 47.66 68.92 -24.55
N HIS J 2205 47.25 69.00 -23.28
CA HIS J 2205 47.59 67.93 -22.35
C HIS J 2205 47.18 66.58 -22.90
N GLU J 2206 46.02 66.50 -23.56
CA GLU J 2206 45.64 65.25 -24.23
C GLU J 2206 46.67 64.88 -25.30
N THR J 2207 47.12 65.86 -26.08
CA THR J 2207 48.06 65.55 -27.16
C THR J 2207 49.38 65.04 -26.60
N VAL J 2208 49.95 65.76 -25.64
CA VAL J 2208 51.22 65.35 -25.07
C VAL J 2208 51.09 64.01 -24.37
N MET J 2209 49.97 63.79 -23.68
CA MET J 2209 49.75 62.52 -23.03
C MET J 2209 49.65 61.40 -24.07
N GLU J 2210 49.02 61.68 -25.20
CA GLU J 2210 48.92 60.66 -26.25
C GLU J 2210 50.29 60.31 -26.79
N VAL J 2211 51.13 61.30 -27.05
CA VAL J 2211 52.47 60.99 -27.54
C VAL J 2211 53.25 60.20 -26.49
N MET J 2212 53.18 60.63 -25.23
CA MET J 2212 53.92 59.96 -24.18
C MET J 2212 53.46 58.52 -24.02
N VAL J 2213 52.15 58.29 -24.11
CA VAL J 2213 51.64 56.93 -23.90
C VAL J 2213 51.91 56.08 -25.13
N ASN J 2214 52.01 56.68 -26.31
CA ASN J 2214 52.47 55.93 -27.46
C ASN J 2214 53.89 55.43 -27.24
N VAL J 2215 54.80 56.32 -26.83
CA VAL J 2215 56.17 55.87 -26.60
C VAL J 2215 56.28 54.90 -25.43
N LEU J 2216 55.39 55.01 -24.44
CA LEU J 2216 55.40 54.05 -23.34
C LEU J 2216 54.88 52.68 -23.78
N GLY J 2217 53.78 52.66 -24.55
CA GLY J 2217 53.30 51.40 -25.07
C GLY J 2217 54.29 50.73 -25.99
N GLY J 2218 55.11 51.53 -26.66
CA GLY J 2218 56.21 50.97 -27.44
C GLY J 2218 57.07 50.08 -26.58
N GLY J 2219 57.01 48.77 -26.83
CA GLY J 2219 57.74 47.81 -26.01
C GLY J 2219 57.16 47.69 -24.60
N GLU J 2220 55.91 47.21 -24.50
CA GLU J 2220 55.24 47.16 -23.20
C GLU J 2220 56.07 46.39 -22.18
N SER J 2221 56.49 45.18 -22.51
CA SER J 2221 57.31 44.37 -21.62
C SER J 2221 58.70 44.11 -22.18
N LYS J 2222 59.01 44.68 -23.35
CA LYS J 2222 60.32 44.47 -23.99
C LYS J 2222 61.35 45.49 -23.53
N GLU J 2223 61.11 46.78 -23.79
CA GLU J 2223 62.05 47.82 -23.40
C GLU J 2223 61.45 49.19 -23.66
N ILE J 2224 61.82 50.18 -22.84
CA ILE J 2224 61.32 51.53 -23.03
C ILE J 2224 62.24 52.30 -23.96
N ARG J 2225 61.65 53.04 -24.89
CA ARG J 2225 62.40 53.80 -25.88
C ARG J 2225 62.14 55.29 -25.71
N PHE J 2226 63.16 56.08 -26.04
CA PHE J 2226 63.10 57.53 -25.98
C PHE J 2226 62.86 58.05 -24.56
N PRO J 2227 63.73 57.69 -23.61
CA PRO J 2227 63.60 58.24 -22.26
C PRO J 2227 63.64 59.76 -22.24
N LYS J 2228 64.39 60.38 -23.16
CA LYS J 2228 64.43 61.83 -23.18
C LYS J 2228 63.06 62.42 -23.47
N MET J 2229 62.35 61.90 -24.48
CA MET J 2229 61.01 62.40 -24.71
C MET J 2229 60.10 62.10 -23.53
N VAL J 2230 60.18 60.89 -22.97
CA VAL J 2230 59.25 60.57 -21.89
C VAL J 2230 59.47 61.52 -20.73
N THR J 2231 60.73 61.80 -20.41
CA THR J 2231 61.03 62.77 -19.36
C THR J 2231 60.49 64.15 -19.71
N SER J 2232 60.69 64.59 -20.95
CA SER J 2232 60.20 65.92 -21.33
C SER J 2232 58.69 66.00 -21.22
N CYS J 2233 58.00 64.95 -21.67
CA CYS J 2233 56.54 64.94 -21.58
C CYS J 2233 56.07 65.01 -20.14
N CYS J 2234 56.69 64.20 -19.26
CA CYS J 2234 56.28 64.21 -17.87
C CYS J 2234 56.55 65.56 -17.23
N ARG J 2235 57.70 66.17 -17.54
CA ARG J 2235 58.01 67.50 -17.01
C ARG J 2235 56.99 68.52 -17.49
N PHE J 2236 56.64 68.47 -18.77
CA PHE J 2236 55.66 69.41 -19.30
C PHE J 2236 54.32 69.24 -18.60
N LEU J 2237 53.89 67.98 -18.41
CA LEU J 2237 52.61 67.75 -17.76
C LEU J 2237 52.63 68.20 -16.31
N CYS J 2238 53.74 68.00 -15.60
CA CYS J 2238 53.83 68.48 -14.23
C CYS J 2238 53.72 70.00 -14.18
N TYR J 2239 54.42 70.69 -15.09
CA TYR J 2239 54.33 72.14 -15.12
C TYR J 2239 52.92 72.58 -15.47
N PHE J 2240 52.27 71.86 -16.39
CA PHE J 2240 50.88 72.14 -16.73
C PHE J 2240 49.98 72.03 -15.51
N CYS J 2241 50.19 70.98 -14.70
CA CYS J 2241 49.44 70.84 -13.47
C CYS J 2241 49.69 72.01 -12.54
N ARG J 2242 50.93 72.47 -12.46
CA ARG J 2242 51.25 73.57 -11.54
C ARG J 2242 50.71 74.91 -12.00
N ILE J 2243 50.44 75.09 -13.30
CA ILE J 2243 49.99 76.40 -13.78
C ILE J 2243 48.72 76.84 -13.05
N SER J 2244 47.71 75.98 -13.01
CA SER J 2244 46.43 76.36 -12.44
C SER J 2244 45.67 75.12 -12.02
N ARG J 2245 44.87 75.26 -10.97
CA ARG J 2245 44.22 74.09 -10.39
C ARG J 2245 43.20 73.47 -11.32
N GLN J 2246 42.61 74.24 -12.23
CA GLN J 2246 41.73 73.63 -13.22
C GLN J 2246 42.50 72.62 -14.06
N ASN J 2247 43.71 72.99 -14.50
CA ASN J 2247 44.56 72.03 -15.20
C ASN J 2247 44.80 70.81 -14.35
N GLN J 2248 44.98 71.01 -13.05
CA GLN J 2248 45.23 69.89 -12.16
C GLN J 2248 44.04 68.95 -12.13
N ARG J 2249 42.82 69.50 -12.10
CA ARG J 2249 41.63 68.66 -12.21
C ARG J 2249 41.59 67.92 -13.53
N SER J 2250 41.93 68.60 -14.61
CA SER J 2250 41.92 67.96 -15.92
C SER J 2250 42.85 66.76 -15.95
N MET J 2251 44.05 66.90 -15.38
CA MET J 2251 44.98 65.78 -15.36
C MET J 2251 44.51 64.70 -14.38
N PHE J 2252 43.93 65.11 -13.25
CA PHE J 2252 43.36 64.13 -12.35
C PHE J 2252 42.35 63.24 -13.06
N ASP J 2253 41.63 63.80 -14.03
CA ASP J 2253 40.67 62.99 -14.77
C ASP J 2253 41.34 61.78 -15.41
N HIS J 2254 42.53 61.97 -15.98
CA HIS J 2254 43.29 60.87 -16.58
C HIS J 2254 44.21 60.19 -15.59
N LEU J 2255 44.19 60.61 -14.32
CA LEU J 2255 45.05 60.00 -13.31
C LEU J 2255 45.18 58.49 -13.48
N SER J 2256 44.07 57.76 -13.40
CA SER J 2256 44.14 56.31 -13.38
C SER J 2256 44.94 55.76 -14.55
N TYR J 2257 44.83 56.39 -15.71
CA TYR J 2257 45.55 55.93 -16.88
C TYR J 2257 47.06 56.09 -16.69
N LEU J 2258 47.48 57.20 -16.07
CA LEU J 2258 48.89 57.38 -15.77
C LEU J 2258 49.40 56.31 -14.81
N LEU J 2259 48.61 55.97 -13.80
CA LEU J 2259 49.01 54.88 -12.92
C LEU J 2259 49.06 53.57 -13.68
N GLU J 2260 48.18 53.40 -14.67
CA GLU J 2260 48.23 52.20 -15.50
C GLU J 2260 49.55 52.10 -16.24
N ASN J 2261 50.03 53.21 -16.79
CA ASN J 2261 51.29 53.21 -17.54
C ASN J 2261 52.52 53.38 -16.65
N SER J 2262 52.33 53.60 -15.36
CA SER J 2262 53.44 53.78 -14.42
C SER J 2262 54.16 52.47 -14.10
N GLY J 2263 53.87 51.39 -14.82
CA GLY J 2263 54.49 50.11 -14.52
C GLY J 2263 56.01 50.13 -14.55
N ILE J 2264 56.59 51.04 -15.32
CA ILE J 2264 58.04 51.18 -15.40
C ILE J 2264 58.52 52.07 -14.25
N GLY J 2265 59.51 51.58 -13.51
CA GLY J 2265 60.07 52.35 -12.41
C GLY J 2265 61.57 52.51 -12.53
N LEU J 2266 62.06 53.72 -12.27
CA LEU J 2266 63.47 54.09 -12.29
C LEU J 2266 64.05 54.15 -13.70
N GLY J 2267 63.28 53.76 -14.72
CA GLY J 2267 63.82 53.80 -16.07
C GLY J 2267 64.22 55.20 -16.50
N MET J 2268 63.34 56.17 -16.26
CA MET J 2268 63.62 57.54 -16.66
C MET J 2268 64.83 58.10 -15.93
N GLN J 2269 64.87 57.93 -14.61
CA GLN J 2269 65.82 58.62 -13.74
C GLN J 2269 65.43 60.09 -13.59
N GLY J 2270 64.40 60.52 -14.32
CA GLY J 2270 63.91 61.88 -14.23
C GLY J 2270 62.44 61.92 -13.88
N SER J 2271 61.65 62.66 -14.67
CA SER J 2271 60.21 62.69 -14.46
C SER J 2271 59.56 61.46 -15.07
N THR J 2272 58.49 61.01 -14.45
CA THR J 2272 57.77 59.79 -14.82
C THR J 2272 56.28 60.02 -14.71
N PRO J 2273 55.47 59.19 -15.37
CA PRO J 2273 54.02 59.32 -15.22
C PRO J 2273 53.58 59.26 -13.76
N LEU J 2274 54.33 58.55 -12.92
CA LEU J 2274 54.04 58.58 -11.50
C LEU J 2274 54.24 59.99 -10.95
N ASP J 2275 55.30 60.67 -11.38
CA ASP J 2275 55.48 62.07 -10.98
C ASP J 2275 54.35 62.94 -11.49
N VAL J 2276 53.86 62.65 -12.70
CA VAL J 2276 52.72 63.41 -13.23
C VAL J 2276 51.51 63.22 -12.33
N ALA J 2277 51.24 61.99 -11.93
CA ALA J 2277 50.09 61.74 -11.04
C ALA J 2277 50.28 62.43 -9.70
N ALA J 2278 51.49 62.37 -9.14
CA ALA J 2278 51.73 63.04 -7.88
C ALA J 2278 51.48 64.53 -8.00
N ALA J 2279 51.99 65.15 -9.06
CA ALA J 2279 51.74 66.58 -9.28
C ALA J 2279 50.25 66.84 -9.49
N SER J 2280 49.54 65.87 -10.06
CA SER J 2280 48.12 66.03 -10.29
C SER J 2280 47.34 66.07 -8.98
N VAL J 2281 47.76 65.28 -8.00
CA VAL J 2281 47.00 65.14 -6.76
C VAL J 2281 47.63 65.90 -5.60
N ILE J 2282 48.72 66.62 -5.84
CA ILE J 2282 49.43 67.28 -4.74
C ILE J 2282 48.69 68.53 -4.29
N ASP J 2283 48.66 68.74 -2.98
CA ASP J 2283 48.14 69.97 -2.36
C ASP J 2283 46.80 70.38 -2.98
N ASN J 2284 45.81 69.50 -2.84
CA ASN J 2284 44.46 69.80 -3.31
C ASN J 2284 43.50 68.94 -2.50
N ASN J 2285 42.85 69.54 -1.51
CA ASN J 2285 41.93 68.78 -0.69
C ASN J 2285 40.83 68.15 -1.52
N GLU J 2286 40.24 68.92 -2.44
CA GLU J 2286 39.13 68.41 -3.23
C GLU J 2286 39.53 67.19 -4.03
N LEU J 2287 40.63 67.28 -4.77
CA LEU J 2287 41.08 66.16 -5.59
C LEU J 2287 41.56 64.98 -4.76
N ALA J 2288 42.27 65.22 -3.67
CA ALA J 2288 42.69 64.11 -2.81
C ALA J 2288 41.49 63.37 -2.25
N LEU J 2289 40.43 64.09 -1.88
CA LEU J 2289 39.21 63.43 -1.45
C LEU J 2289 38.57 62.66 -2.61
N ALA J 2290 38.58 63.25 -3.80
CA ALA J 2290 38.04 62.58 -4.97
C ALA J 2290 38.85 61.37 -5.40
N LEU J 2291 40.05 61.19 -4.86
CA LEU J 2291 40.91 60.08 -5.27
C LEU J 2291 40.18 58.75 -5.07
N GLN J 2292 40.45 57.80 -5.96
CA GLN J 2292 39.68 56.56 -6.00
C GLN J 2292 40.39 55.41 -5.28
N GLU J 2293 39.59 54.62 -4.58
CA GLU J 2293 40.11 53.48 -3.86
C GLU J 2293 40.79 52.50 -4.81
N GLN J 2294 40.27 52.37 -6.03
CA GLN J 2294 40.89 51.45 -7.00
C GLN J 2294 42.28 51.92 -7.38
N ASP J 2295 42.45 53.23 -7.59
CA ASP J 2295 43.78 53.76 -7.90
C ASP J 2295 44.72 53.56 -6.73
N LEU J 2296 44.25 53.80 -5.51
CA LEU J 2296 45.09 53.53 -4.36
C LEU J 2296 45.49 52.07 -4.30
N GLU J 2297 44.55 51.17 -4.63
CA GLU J 2297 44.86 49.75 -4.66
C GLU J 2297 45.91 49.44 -5.72
N LYS J 2298 45.82 50.07 -6.88
CA LYS J 2298 46.81 49.82 -7.92
C LYS J 2298 48.20 50.24 -7.45
N VAL J 2299 48.31 51.42 -6.84
CA VAL J 2299 49.61 51.88 -6.35
C VAL J 2299 50.13 50.94 -5.28
N VAL J 2300 49.24 50.51 -4.37
CA VAL J 2300 49.66 49.60 -3.31
C VAL J 2300 50.13 48.28 -3.90
N SER J 2301 49.47 47.82 -4.96
CA SER J 2301 49.87 46.55 -5.58
C SER J 2301 51.22 46.67 -6.26
N TYR J 2302 51.48 47.79 -6.93
CA TYR J 2302 52.80 48.02 -7.49
C TYR J 2302 53.85 48.01 -6.39
N LEU J 2303 53.56 48.67 -5.26
CA LEU J 2303 54.51 48.66 -4.15
C LEU J 2303 54.72 47.25 -3.62
N ALA J 2304 53.64 46.46 -3.56
CA ALA J 2304 53.77 45.08 -3.11
C ALA J 2304 54.69 44.29 -4.03
N GLY J 2305 54.53 44.47 -5.34
CA GLY J 2305 55.44 43.83 -6.27
C GLY J 2305 56.88 44.26 -6.05
N CYS J 2306 57.09 45.56 -5.85
CA CYS J 2306 58.44 46.04 -5.60
C CYS J 2306 59.04 45.40 -4.37
N GLY J 2307 58.26 45.32 -3.30
CA GLY J 2307 58.76 44.69 -2.09
C GLY J 2307 59.01 43.20 -2.25
N LEU J 2308 58.20 42.55 -3.09
CA LEU J 2308 58.31 41.10 -3.23
C LEU J 2308 59.50 40.71 -4.09
N GLN J 2309 59.78 41.48 -5.15
CA GLN J 2309 60.78 41.08 -6.12
C GLN J 2309 61.79 42.21 -6.34
N SER J 2310 63.01 41.82 -6.71
CA SER J 2310 64.06 42.78 -7.02
C SER J 2310 63.95 43.25 -8.47
N CYS J 2311 64.68 44.32 -8.78
CA CYS J 2311 64.54 44.95 -10.07
C CYS J 2311 65.37 44.21 -11.12
N PRO J 2312 64.74 43.64 -12.16
CA PRO J 2312 65.53 42.98 -13.20
C PRO J 2312 66.52 43.92 -13.87
N MET J 2313 66.20 45.21 -13.96
CA MET J 2313 67.14 46.17 -14.51
C MET J 2313 68.42 46.22 -13.70
N LEU J 2314 68.29 46.33 -12.37
CA LEU J 2314 69.47 46.34 -11.52
C LEU J 2314 70.22 45.01 -11.61
N LEU J 2315 69.49 43.89 -11.65
CA LEU J 2315 70.17 42.62 -11.80
C LEU J 2315 70.98 42.57 -13.08
N ALA J 2316 70.41 43.04 -14.19
CA ALA J 2316 71.13 43.06 -15.45
C ALA J 2316 72.35 43.96 -15.37
N LYS J 2317 72.21 45.14 -14.75
CA LYS J 2317 73.37 45.98 -14.52
C LYS J 2317 74.43 45.25 -13.71
N GLY J 2318 74.00 44.28 -12.90
CA GLY J 2318 74.93 43.44 -12.17
C GLY J 2318 74.84 43.63 -10.66
N TYR J 2319 73.89 44.43 -10.23
CA TYR J 2319 73.74 44.69 -8.80
C TYR J 2319 73.39 43.39 -8.08
N PRO J 2320 74.07 43.04 -7.00
CA PRO J 2320 73.74 41.79 -6.29
C PRO J 2320 72.28 41.79 -5.84
N ASP J 2321 71.67 40.61 -5.93
CA ASP J 2321 70.24 40.49 -5.60
C ASP J 2321 70.01 40.75 -4.13
N ILE J 2322 68.96 41.52 -3.84
CA ILE J 2322 68.45 41.67 -2.48
C ILE J 2322 67.03 41.15 -2.33
N GLY J 2323 66.38 40.78 -3.43
CA GLY J 2323 65.05 40.20 -3.38
C GLY J 2323 63.91 41.19 -3.43
N TRP J 2324 64.18 42.50 -3.40
CA TRP J 2324 63.12 43.49 -3.43
C TRP J 2324 63.67 44.78 -4.01
N ASN J 2325 62.77 45.58 -4.58
CA ASN J 2325 63.16 46.82 -5.25
C ASN J 2325 62.86 48.04 -4.39
N PRO J 2326 63.78 48.44 -3.52
CA PRO J 2326 63.57 49.64 -2.71
C PRO J 2326 63.42 50.91 -3.52
N CYS J 2327 64.05 51.00 -4.70
CA CYS J 2327 63.90 52.20 -5.52
C CYS J 2327 62.45 52.40 -5.94
N GLY J 2328 61.85 51.37 -6.55
CA GLY J 2328 60.45 51.48 -6.92
C GLY J 2328 59.55 51.62 -5.72
N GLY J 2329 59.89 50.93 -4.63
CA GLY J 2329 59.10 51.09 -3.42
C GLY J 2329 59.05 52.53 -2.95
N GLU J 2330 60.22 53.19 -2.92
CA GLU J 2330 60.26 54.59 -2.52
C GLU J 2330 59.51 55.46 -3.51
N ARG J 2331 59.64 55.16 -4.80
CA ARG J 2331 58.96 55.96 -5.81
C ARG J 2331 57.46 55.92 -5.59
N TYR J 2332 56.91 54.75 -5.27
CA TYR J 2332 55.47 54.65 -5.03
C TYR J 2332 55.07 55.22 -3.69
N LEU J 2333 55.93 55.06 -2.67
CA LEU J 2333 55.62 55.62 -1.37
C LEU J 2333 55.54 57.15 -1.43
N ASP J 2334 56.31 57.77 -2.32
CA ASP J 2334 56.18 59.21 -2.49
C ASP J 2334 54.79 59.59 -2.94
N PHE J 2335 54.25 58.88 -3.93
CA PHE J 2335 52.90 59.17 -4.40
C PHE J 2335 51.88 58.93 -3.30
N LEU J 2336 52.04 57.85 -2.54
CA LEU J 2336 51.11 57.60 -1.44
C LEU J 2336 51.19 58.71 -0.40
N ARG J 2337 52.39 59.21 -0.12
CA ARG J 2337 52.52 60.32 0.81
C ARG J 2337 51.77 61.55 0.31
N PHE J 2338 51.93 61.88 -0.97
CA PHE J 2338 51.21 63.02 -1.51
C PHE J 2338 49.71 62.79 -1.49
N ALA J 2339 49.28 61.53 -1.61
CA ALA J 2339 47.85 61.23 -1.61
C ALA J 2339 47.25 61.39 -0.23
N VAL J 2340 47.97 60.95 0.80
CA VAL J 2340 47.40 60.96 2.15
C VAL J 2340 47.53 62.32 2.80
N PHE J 2341 48.69 62.96 2.67
CA PHE J 2341 49.00 64.17 3.41
C PHE J 2341 48.81 65.38 2.52
N VAL J 2342 47.92 66.29 2.94
CA VAL J 2342 47.56 67.45 2.14
C VAL J 2342 47.59 68.69 3.01
N ASN J 2343 48.23 69.75 2.51
CA ASN J 2343 48.24 71.06 3.16
C ASN J 2343 48.57 70.96 4.64
N GLY J 2344 49.51 70.10 5.00
CA GLY J 2344 49.94 69.99 6.38
C GLY J 2344 49.02 69.18 7.27
N GLU J 2345 47.87 68.75 6.77
CA GLU J 2345 46.91 68.00 7.56
C GLU J 2345 46.63 66.66 6.88
N SER J 2346 46.59 65.60 7.68
CA SER J 2346 46.35 64.28 7.13
C SER J 2346 44.92 64.17 6.62
N VAL J 2347 44.74 63.57 5.46
CA VAL J 2347 43.41 63.31 4.92
C VAL J 2347 42.92 61.98 5.50
N GLU J 2348 41.86 62.04 6.30
CA GLU J 2348 41.46 60.90 7.11
C GLU J 2348 41.08 59.70 6.24
N GLU J 2349 40.23 59.91 5.24
CA GLU J 2349 39.73 58.78 4.45
C GLU J 2349 40.87 58.10 3.71
N ASN J 2350 41.70 58.89 3.02
CA ASN J 2350 42.81 58.31 2.28
C ASN J 2350 43.79 57.62 3.21
N ALA J 2351 44.06 58.21 4.37
CA ALA J 2351 44.97 57.57 5.31
C ALA J 2351 44.45 56.22 5.75
N ASN J 2352 43.17 56.15 6.11
CA ASN J 2352 42.60 54.88 6.54
C ASN J 2352 42.66 53.85 5.43
N VAL J 2353 42.29 54.25 4.21
CA VAL J 2353 42.30 53.31 3.09
C VAL J 2353 43.71 52.79 2.86
N VAL J 2354 44.69 53.69 2.85
CA VAL J 2354 46.06 53.31 2.56
C VAL J 2354 46.58 52.36 3.63
N VAL J 2355 46.29 52.64 4.90
CA VAL J 2355 46.79 51.78 5.97
C VAL J 2355 46.14 50.41 5.86
N ARG J 2356 44.83 50.36 5.60
CA ARG J 2356 44.18 49.06 5.45
C ARG J 2356 44.79 48.26 4.31
N LEU J 2357 45.02 48.90 3.17
CA LEU J 2357 45.59 48.18 2.03
C LEU J 2357 46.99 47.68 2.37
N LEU J 2358 47.80 48.52 3.02
CA LEU J 2358 49.16 48.12 3.36
C LEU J 2358 49.16 46.92 4.30
N ILE J 2359 48.31 46.93 5.32
CA ILE J 2359 48.29 45.79 6.23
C ILE J 2359 47.77 44.55 5.52
N ARG J 2360 46.81 44.71 4.61
CA ARG J 2360 46.28 43.56 3.89
C ARG J 2360 47.36 42.92 3.01
N LYS J 2361 48.20 43.75 2.38
CA LYS J 2361 49.31 43.22 1.60
C LYS J 2361 50.61 43.43 2.35
N PRO J 2362 51.02 42.52 3.24
CA PRO J 2362 52.13 42.81 4.15
C PRO J 2362 53.46 43.09 3.45
N GLU J 2363 53.72 42.50 2.28
CA GLU J 2363 55.06 42.61 1.70
C GLU J 2363 55.44 44.06 1.45
N CYS J 2364 54.45 44.95 1.34
CA CYS J 2364 54.75 46.36 1.13
C CYS J 2364 55.63 46.91 2.23
N PHE J 2365 55.43 46.46 3.46
CA PHE J 2365 56.17 46.98 4.60
C PHE J 2365 57.66 46.71 4.51
N GLY J 2366 58.13 46.03 3.48
CA GLY J 2366 59.54 45.77 3.31
C GLY J 2366 59.97 44.51 4.03
N PRO J 2367 61.04 43.88 3.56
CA PRO J 2367 61.43 42.60 4.15
C PRO J 2367 61.66 42.67 5.65
N ALA J 2368 62.25 43.76 6.13
CA ALA J 2368 62.58 43.84 7.55
C ALA J 2368 61.33 43.79 8.42
N LEU J 2369 60.29 44.52 8.03
CA LEU J 2369 59.06 44.58 8.83
C LEU J 2369 58.20 43.33 8.70
N ARG J 2370 58.72 42.27 8.08
CA ARG J 2370 57.94 41.04 7.95
C ARG J 2370 57.79 40.38 9.31
N GLY J 2371 56.54 40.09 9.70
CA GLY J 2371 56.31 39.52 11.01
C GLY J 2371 57.02 38.20 11.22
N GLU J 2372 56.95 37.30 10.25
CA GLU J 2372 57.52 35.97 10.41
C GLU J 2372 59.00 36.04 10.75
N GLY J 2373 59.81 36.55 9.82
CA GLY J 2373 61.25 36.55 10.01
C GLY J 2373 61.87 37.94 9.97
N GLY J 2374 61.07 38.97 10.22
CA GLY J 2374 61.59 40.32 10.14
C GLY J 2374 62.74 40.53 11.12
N SER J 2375 63.79 41.18 10.63
CA SER J 2375 64.90 41.53 11.52
C SER J 2375 64.52 42.70 12.42
N GLY J 2376 63.52 43.48 12.02
CA GLY J 2376 63.13 44.66 12.76
C GLY J 2376 63.60 45.91 12.04
N LEU J 2377 62.88 47.02 12.19
CA LEU J 2377 63.29 48.24 11.50
C LEU J 2377 64.71 48.63 11.88
N LEU J 2378 65.02 48.61 13.17
CA LEU J 2378 66.37 48.94 13.61
C LEU J 2378 67.39 48.02 12.94
N ALA J 2379 67.23 46.71 13.12
CA ALA J 2379 68.21 45.77 12.57
C ALA J 2379 68.38 45.98 11.08
N ALA J 2380 67.28 46.25 10.37
CA ALA J 2380 67.39 46.55 8.95
C ALA J 2380 68.29 47.74 8.71
N ILE J 2381 68.13 48.79 9.50
CA ILE J 2381 68.96 49.98 9.28
C ILE J 2381 70.43 49.69 9.60
N GLU J 2382 70.72 48.98 10.68
CA GLU J 2382 72.14 48.66 10.91
C GLU J 2382 72.71 47.79 9.80
N GLU J 2383 71.98 46.77 9.37
CA GLU J 2383 72.49 45.92 8.30
C GLU J 2383 72.70 46.73 7.03
N ALA J 2384 71.83 47.70 6.78
CA ALA J 2384 71.93 48.47 5.56
C ALA J 2384 73.11 49.44 5.62
N ILE J 2385 73.37 50.04 6.78
CA ILE J 2385 74.54 50.90 6.89
C ILE J 2385 75.81 50.06 6.76
N ARG J 2386 75.78 48.83 7.27
CA ARG J 2386 76.89 47.91 7.02
C ARG J 2386 77.06 47.65 5.53
N ILE J 2387 75.95 47.44 4.82
CA ILE J 2387 76.01 47.29 3.37
C ILE J 2387 76.70 48.49 2.75
N SER J 2388 76.27 49.69 3.15
CA SER J 2388 76.88 50.91 2.61
C SER J 2388 78.38 50.92 2.87
N GLU J 2389 78.78 50.58 4.10
CA GLU J 2389 80.19 50.59 4.44
C GLU J 2389 80.97 49.61 3.55
N ASP J 2390 80.40 48.43 3.33
CA ASP J 2390 81.10 47.43 2.53
C ASP J 2390 80.89 47.69 1.05
N PRO J 2391 81.95 47.93 0.27
CA PRO J 2391 81.80 47.97 -1.19
C PRO J 2391 81.60 46.58 -1.76
N ALA J 2392 81.13 46.54 -3.00
CA ALA J 2392 80.83 45.34 -3.79
C ALA J 2392 79.55 44.66 -3.32
N ARG J 2393 78.95 45.10 -2.22
CA ARG J 2393 77.60 44.69 -1.84
C ARG J 2393 76.57 45.73 -2.23
N ASP J 2394 76.95 47.01 -2.15
CA ASP J 2394 76.05 48.07 -2.60
C ASP J 2394 76.10 48.23 -4.10
N GLY J 2395 77.30 48.11 -4.70
CA GLY J 2395 77.48 48.35 -6.10
C GLY J 2395 78.13 47.19 -6.83
N PRO J 2396 77.98 47.14 -8.16
CA PRO J 2396 78.57 46.03 -8.91
C PRO J 2396 80.08 45.94 -8.78
N GLY J 2397 80.77 47.08 -8.71
CA GLY J 2397 82.22 47.07 -8.57
C GLY J 2397 82.94 46.42 -9.74
N VAL J 2398 82.29 46.40 -10.90
CA VAL J 2398 82.90 45.81 -12.10
C VAL J 2398 83.97 46.74 -12.64
N PRO J 2411 77.49 55.34 -16.17
CA PRO J 2411 76.33 55.81 -15.40
C PRO J 2411 76.22 57.34 -15.37
N PRO J 2412 75.06 57.89 -15.77
CA PRO J 2412 74.95 59.36 -15.79
C PRO J 2412 75.21 60.01 -14.44
N GLU J 2413 74.85 59.37 -13.33
CA GLU J 2413 75.04 59.97 -12.03
C GLU J 2413 75.23 58.93 -10.94
N GLU J 2414 76.18 59.22 -10.06
CA GLU J 2414 76.33 58.55 -8.76
C GLU J 2414 76.01 57.06 -8.83
N ASN J 2415 76.66 56.38 -9.77
CA ASN J 2415 76.73 54.92 -9.78
C ASN J 2415 75.35 54.30 -9.53
N ARG J 2416 74.39 54.67 -10.37
CA ARG J 2416 73.01 54.23 -10.19
C ARG J 2416 72.56 54.49 -8.76
N VAL J 2417 72.34 53.42 -7.99
CA VAL J 2417 71.82 53.52 -6.63
C VAL J 2417 72.66 52.61 -5.74
N HIS J 2418 73.22 53.18 -4.69
CA HIS J 2418 73.90 52.36 -3.69
C HIS J 2418 72.84 51.65 -2.85
N LEU J 2419 72.88 50.31 -2.86
CA LEU J 2419 71.78 49.55 -2.27
C LEU J 2419 71.51 49.97 -0.84
N GLY J 2420 72.56 50.29 -0.08
CA GLY J 2420 72.37 50.74 1.28
C GLY J 2420 71.54 52.00 1.35
N HIS J 2421 71.90 52.99 0.56
CA HIS J 2421 71.11 54.22 0.53
C HIS J 2421 69.70 53.96 0.06
N ALA J 2422 69.52 53.10 -0.94
CA ALA J 2422 68.18 52.81 -1.41
C ALA J 2422 67.33 52.21 -0.30
N ILE J 2423 67.91 51.29 0.47
CA ILE J 2423 67.14 50.62 1.52
C ILE J 2423 66.81 51.59 2.65
N MET J 2424 67.80 52.38 3.09
CA MET J 2424 67.44 53.40 4.10
C MET J 2424 66.37 54.33 3.57
N SER J 2425 66.48 54.75 2.30
CA SER J 2425 65.50 55.66 1.76
C SER J 2425 64.12 55.04 1.76
N PHE J 2426 64.01 53.78 1.35
CA PHE J 2426 62.72 53.11 1.34
C PHE J 2426 62.13 53.04 2.75
N TYR J 2427 62.93 52.62 3.73
CA TYR J 2427 62.39 52.49 5.07
C TYR J 2427 61.98 53.84 5.65
N ALA J 2428 62.79 54.87 5.41
CA ALA J 2428 62.45 56.20 5.87
C ALA J 2428 61.16 56.69 5.21
N ALA J 2429 61.01 56.43 3.91
CA ALA J 2429 59.80 56.84 3.22
C ALA J 2429 58.58 56.10 3.75
N LEU J 2430 58.72 54.81 4.04
CA LEU J 2430 57.61 54.06 4.61
C LEU J 2430 57.21 54.61 5.96
N ILE J 2431 58.20 54.90 6.82
CA ILE J 2431 57.88 55.44 8.13
C ILE J 2431 57.23 56.80 8.00
N ASP J 2432 57.74 57.63 7.09
CA ASP J 2432 57.13 58.94 6.86
C ASP J 2432 55.68 58.79 6.41
N LEU J 2433 55.42 57.86 5.49
CA LEU J 2433 54.07 57.66 5.01
C LEU J 2433 53.15 57.24 6.15
N LEU J 2434 53.60 56.32 6.99
CA LEU J 2434 52.78 55.90 8.12
C LEU J 2434 52.53 57.07 9.07
N GLY J 2435 53.57 57.82 9.40
CA GLY J 2435 53.40 58.96 10.28
C GLY J 2435 52.41 59.97 9.73
N ARG J 2436 52.47 60.23 8.43
CA ARG J 2436 51.49 61.11 7.81
C ARG J 2436 50.10 60.52 7.92
N CYS J 2437 49.98 59.20 7.75
CA CYS J 2437 48.67 58.55 7.87
C CYS J 2437 48.12 58.69 9.28
N ALA J 2438 49.00 58.84 10.27
CA ALA J 2438 48.57 58.94 11.67
C ALA J 2438 47.42 59.94 11.81
N PRO J 2439 46.46 59.68 12.70
CA PRO J 2439 45.31 60.59 12.81
C PRO J 2439 45.69 61.91 13.47
N GLU J 2440 44.87 62.92 13.23
CA GLU J 2440 45.12 64.25 13.79
C GLU J 2440 44.79 64.29 15.27
N THR J 2441 45.44 65.23 15.96
CA THR J 2441 45.31 65.30 17.41
C THR J 2441 43.88 65.61 17.83
N HIS J 2442 43.16 66.44 17.06
CA HIS J 2442 41.80 66.76 17.46
C HIS J 2442 40.90 65.54 17.36
N LEU J 2443 41.07 64.72 16.32
CA LEU J 2443 40.33 63.47 16.25
C LEU J 2443 40.68 62.55 17.40
N ILE J 2444 41.98 62.45 17.72
CA ILE J 2444 42.38 61.60 18.83
C ILE J 2444 41.72 62.06 20.13
N GLN J 2445 41.71 63.37 20.39
CA GLN J 2445 41.08 63.90 21.58
C GLN J 2445 39.57 63.64 21.58
N ALA J 2446 38.90 63.86 20.45
CA ALA J 2446 37.48 63.59 20.38
C ALA J 2446 37.19 62.11 20.61
N GLY J 2447 38.18 61.26 20.38
CA GLY J 2447 38.05 59.85 20.67
C GLY J 2447 37.45 59.00 19.58
N LYS J 2448 37.44 59.48 18.34
CA LYS J 2448 36.90 58.71 17.24
C LYS J 2448 37.50 57.30 17.24
N GLY J 2449 36.63 56.29 17.34
CA GLY J 2449 37.11 54.93 17.45
C GLY J 2449 38.00 54.54 16.28
N GLU J 2450 37.62 54.96 15.07
CA GLU J 2450 38.43 54.64 13.91
C GLU J 2450 39.82 55.25 14.02
N ALA J 2451 39.90 56.51 14.46
CA ALA J 2451 41.19 57.15 14.61
C ALA J 2451 42.05 56.44 15.65
N LEU J 2452 41.46 56.09 16.79
CA LEU J 2452 42.22 55.38 17.81
C LEU J 2452 42.70 54.03 17.29
N ARG J 2453 41.84 53.32 16.56
CA ARG J 2453 42.23 52.04 16.00
C ARG J 2453 43.41 52.20 15.04
N ILE J 2454 43.36 53.22 14.18
CA ILE J 2454 44.44 53.43 13.22
C ILE J 2454 45.73 53.76 13.95
N ARG J 2455 45.67 54.61 14.98
CA ARG J 2455 46.88 54.92 15.72
C ARG J 2455 47.44 53.69 16.40
N ALA J 2456 46.57 52.84 16.94
CA ALA J 2456 47.04 51.60 17.55
C ALA J 2456 47.72 50.70 16.54
N ILE J 2457 47.14 50.59 15.34
CA ILE J 2457 47.75 49.76 14.29
C ILE J 2457 49.13 50.28 13.96
N LEU J 2458 49.26 51.61 13.80
CA LEU J 2458 50.56 52.18 13.47
C LEU J 2458 51.57 51.94 14.59
N ARG J 2459 51.14 52.12 15.84
CA ARG J 2459 52.04 51.87 16.96
C ARG J 2459 52.51 50.44 17.00
N SER J 2460 51.61 49.48 16.75
CA SER J 2460 52.01 48.08 16.65
C SER J 2460 52.97 47.82 15.49
N LEU J 2461 52.74 48.45 14.35
CA LEU J 2461 53.60 48.22 13.19
C LEU J 2461 55.02 48.72 13.46
N VAL J 2462 55.15 49.89 14.07
CA VAL J 2462 56.45 50.51 14.30
C VAL J 2462 56.70 50.57 15.80
N PRO J 2463 57.66 49.81 16.34
CA PRO J 2463 57.97 49.93 17.77
C PRO J 2463 58.68 51.25 18.07
N LEU J 2464 58.32 51.82 19.23
CA LEU J 2464 58.90 53.10 19.62
C LEU J 2464 60.40 53.00 19.86
N ASP J 2465 60.84 51.93 20.53
CA ASP J 2465 62.25 51.81 20.87
C ASP J 2465 63.11 51.76 19.61
N ASP J 2466 62.60 51.14 18.54
CA ASP J 2466 63.34 51.15 17.28
C ASP J 2466 63.51 52.56 16.75
N LEU J 2467 62.46 53.38 16.83
CA LEU J 2467 62.59 54.77 16.42
C LEU J 2467 63.63 55.49 17.24
N VAL J 2468 63.62 55.29 18.56
CA VAL J 2468 64.62 55.94 19.39
C VAL J 2468 66.02 55.49 19.00
N GLY J 2469 66.19 54.19 18.74
CA GLY J 2469 67.49 53.70 18.31
C GLY J 2469 67.94 54.33 17.00
N ILE J 2470 67.03 54.43 16.03
CA ILE J 2470 67.39 55.02 14.74
C ILE J 2470 67.80 56.47 14.92
N ILE J 2471 67.04 57.23 15.72
CA ILE J 2471 67.42 58.61 15.98
C ILE J 2471 68.78 58.66 16.64
N SER J 2472 69.07 57.70 17.53
CA SER J 2472 70.35 57.70 18.21
C SER J 2472 71.49 57.43 17.25
N LEU J 2473 71.25 56.62 16.22
CA LEU J 2473 72.34 56.17 15.37
C LEU J 2473 73.15 57.36 14.88
N PRO J 2474 74.48 57.24 14.84
CA PRO J 2474 75.30 58.40 14.49
C PRO J 2474 75.47 58.56 12.99
N LEU J 2475 75.62 59.81 12.57
CA LEU J 2475 75.87 60.16 11.19
C LEU J 2475 77.32 60.56 11.04
N GLN J 2476 78.01 59.97 10.06
CA GLN J 2476 79.37 60.37 9.79
C GLN J 2476 79.41 61.85 9.42
N ILE J 2477 80.33 62.57 10.04
CA ILE J 2477 80.44 64.02 9.83
C ILE J 2477 81.73 64.32 9.10
N PRO J 2478 81.77 65.32 8.23
CA PRO J 2478 83.02 65.61 7.51
C PRO J 2478 84.14 65.98 8.47
N THR J 2479 85.36 65.61 8.12
CA THR J 2479 86.54 65.90 8.91
C THR J 2479 87.62 66.51 8.02
N LEU J 2480 88.54 67.24 8.67
CA LEU J 2480 89.62 67.94 7.98
C LEU J 2480 90.87 67.08 7.87
N GLY J 2481 90.70 65.77 7.73
CA GLY J 2481 91.82 64.87 7.71
C GLY J 2481 92.51 64.80 6.37
N LYS J 2482 93.46 63.88 6.27
CA LYS J 2482 94.28 63.69 5.07
C LYS J 2482 94.89 65.03 4.67
N ASP J 2483 95.81 65.51 5.50
CA ASP J 2483 96.59 66.71 5.20
C ASP J 2483 95.71 67.93 4.97
N GLY J 2484 94.72 68.12 5.84
CA GLY J 2484 93.86 69.27 5.75
C GLY J 2484 92.75 69.16 4.72
N ALA J 2485 92.58 68.00 4.10
CA ALA J 2485 91.53 67.84 3.10
C ALA J 2485 90.18 67.59 3.76
N LEU J 2486 89.12 67.76 2.98
CA LEU J 2486 87.76 67.54 3.46
C LEU J 2486 87.31 66.12 3.12
N VAL J 2487 87.05 65.31 4.15
CA VAL J 2487 86.55 63.94 3.96
C VAL J 2487 85.03 64.01 4.15
N GLN J 2488 84.33 64.29 3.06
CA GLN J 2488 82.88 64.41 3.08
C GLN J 2488 82.24 63.12 2.60
N PRO J 2489 81.45 62.44 3.43
CA PRO J 2489 80.85 61.18 2.99
C PRO J 2489 79.94 61.39 1.79
N LYS J 2490 79.90 60.38 0.93
CA LYS J 2490 79.08 60.45 -0.28
C LYS J 2490 77.61 60.46 0.14
N MET J 2491 76.97 61.62 0.00
CA MET J 2491 75.60 61.78 0.47
C MET J 2491 74.70 60.68 -0.06
N SER J 2492 74.77 60.40 -1.36
CA SER J 2492 73.84 59.44 -1.96
C SER J 2492 74.17 58.01 -1.55
N ALA J 2493 75.30 57.79 -0.89
CA ALA J 2493 75.75 56.44 -0.56
C ALA J 2493 75.90 56.20 0.94
N SER J 2494 75.24 57.00 1.78
CA SER J 2494 75.38 56.84 3.22
C SER J 2494 74.10 57.13 3.96
N PHE J 2495 74.18 57.19 5.29
CA PHE J 2495 73.05 57.46 6.16
C PHE J 2495 72.93 58.98 6.31
N VAL J 2496 71.75 59.52 6.02
CA VAL J 2496 71.60 60.97 5.89
C VAL J 2496 70.57 61.51 6.88
N PRO J 2497 70.67 62.78 7.28
CA PRO J 2497 69.69 63.32 8.23
C PRO J 2497 68.25 63.24 7.73
N ASP J 2498 68.03 63.36 6.43
CA ASP J 2498 66.67 63.25 5.92
C ASP J 2498 66.04 61.92 6.34
N HIS J 2499 66.85 60.86 6.43
CA HIS J 2499 66.32 59.59 6.89
C HIS J 2499 65.80 59.69 8.32
N LYS J 2500 66.55 60.36 9.20
CA LYS J 2500 66.08 60.56 10.56
C LYS J 2500 64.88 61.48 10.62
N ALA J 2501 64.73 62.35 9.63
CA ALA J 2501 63.60 63.28 9.63
C ALA J 2501 62.28 62.54 9.61
N SER J 2502 62.19 61.49 8.78
CA SER J 2502 60.97 60.69 8.73
C SER J 2502 60.72 60.02 10.08
N MET J 2503 61.78 59.53 10.72
CA MET J 2503 61.62 58.89 12.01
C MET J 2503 61.07 59.88 13.03
N VAL J 2504 61.59 61.11 13.01
CA VAL J 2504 61.12 62.12 13.95
C VAL J 2504 59.65 62.45 13.68
N LEU J 2505 59.29 62.59 12.41
CA LEU J 2505 57.90 62.88 12.08
C LEU J 2505 56.99 61.79 12.60
N PHE J 2506 57.34 60.53 12.36
CA PHE J 2506 56.53 59.44 12.86
C PHE J 2506 56.44 59.44 14.38
N LEU J 2507 57.57 59.62 15.06
CA LEU J 2507 57.59 59.64 16.51
C LEU J 2507 56.70 60.73 17.07
N ASP J 2508 56.71 61.92 16.46
CA ASP J 2508 55.86 63.00 16.93
C ASP J 2508 54.39 62.72 16.66
N ARG J 2509 54.04 62.36 15.42
CA ARG J 2509 52.63 62.26 15.07
C ARG J 2509 51.97 61.07 15.78
N VAL J 2510 52.66 59.93 15.84
CA VAL J 2510 52.01 58.71 16.34
C VAL J 2510 52.20 58.57 17.84
N TYR J 2511 53.45 58.42 18.28
CA TYR J 2511 53.67 58.13 19.69
C TYR J 2511 53.53 59.40 20.54
N GLY J 2512 53.97 60.54 20.03
CA GLY J 2512 53.87 61.78 20.76
C GLY J 2512 54.76 61.77 21.99
N ILE J 2513 55.09 62.96 22.49
CA ILE J 2513 55.95 63.11 23.66
C ILE J 2513 55.11 63.74 24.75
N GLU J 2514 54.95 63.04 25.88
CA GLU J 2514 54.19 63.53 27.01
C GLU J 2514 54.91 63.36 28.34
N ASN J 2515 55.86 62.44 28.42
CA ASN J 2515 56.56 62.15 29.67
C ASN J 2515 57.86 62.94 29.70
N GLN J 2516 58.10 63.65 30.81
CA GLN J 2516 59.33 64.42 30.94
C GLN J 2516 60.55 63.52 30.90
N ASP J 2517 60.48 62.37 31.57
CA ASP J 2517 61.61 61.44 31.56
C ASP J 2517 61.90 60.95 30.14
N PHE J 2518 60.86 60.59 29.40
CA PHE J 2518 61.06 60.15 28.02
C PHE J 2518 61.63 61.27 27.17
N LEU J 2519 61.14 62.50 27.36
CA LEU J 2519 61.68 63.62 26.63
C LEU J 2519 63.17 63.75 26.88
N LEU J 2520 63.58 63.74 28.14
CA LEU J 2520 65.00 63.87 28.45
C LEU J 2520 65.79 62.70 27.87
N HIS J 2521 65.24 61.49 27.95
CA HIS J 2521 65.96 60.32 27.46
C HIS J 2521 66.22 60.43 25.97
N VAL J 2522 65.18 60.67 25.17
CA VAL J 2522 65.37 60.78 23.74
C VAL J 2522 66.26 61.97 23.41
N LEU J 2523 66.02 63.11 24.06
CA LEU J 2523 66.83 64.29 23.83
C LEU J 2523 68.31 63.99 24.01
N ASP J 2524 68.67 63.38 25.14
CA ASP J 2524 70.07 63.10 25.41
C ASP J 2524 70.63 62.07 24.44
N VAL J 2525 69.90 60.99 24.19
CA VAL J 2525 70.47 59.88 23.43
C VAL J 2525 70.62 60.25 21.96
N GLY J 2526 69.60 60.88 21.36
CA GLY J 2526 69.58 61.01 19.92
C GLY J 2526 69.65 62.41 19.34
N PHE J 2527 69.05 63.40 20.00
CA PHE J 2527 68.99 64.74 19.45
C PHE J 2527 70.25 65.53 19.78
N LEU J 2528 70.60 65.57 21.05
CA LEU J 2528 71.63 66.46 21.55
C LEU J 2528 72.96 66.19 20.86
N PRO J 2529 73.33 64.93 20.63
CA PRO J 2529 74.52 64.67 19.80
C PRO J 2529 74.40 65.30 18.43
N ASP J 2530 73.20 65.29 17.84
CA ASP J 2530 73.05 65.86 16.50
C ASP J 2530 73.27 67.36 16.51
N MET J 2531 72.66 68.07 17.47
CA MET J 2531 72.89 69.52 17.49
C MET J 2531 74.34 69.84 17.85
N ARG J 2532 74.96 69.04 18.73
CA ARG J 2532 76.39 69.24 18.96
C ARG J 2532 77.18 69.12 17.66
N ALA J 2533 76.91 68.09 16.87
CA ALA J 2533 77.62 67.90 15.62
C ALA J 2533 77.39 69.05 14.66
N ALA J 2534 76.15 69.51 14.53
CA ALA J 2534 75.88 70.63 13.64
C ALA J 2534 76.63 71.89 14.10
N ALA J 2535 76.60 72.17 15.40
CA ALA J 2535 77.33 73.33 15.91
C ALA J 2535 78.80 73.21 15.59
N SER J 2536 79.38 72.03 15.81
CA SER J 2536 80.79 71.83 15.52
C SER J 2536 81.09 72.05 14.04
N LEU J 2537 80.25 71.50 13.17
CA LEU J 2537 80.45 71.64 11.73
C LEU J 2537 80.21 73.06 11.23
N ASP J 2538 79.59 73.91 12.03
CA ASP J 2538 79.30 75.28 11.60
C ASP J 2538 80.56 76.08 11.24
N THR J 2539 81.76 75.57 11.52
CA THR J 2539 82.97 76.32 11.24
C THR J 2539 83.14 76.57 9.75
N ALA J 2540 84.14 77.37 9.40
CA ALA J 2540 84.25 77.92 8.05
C ALA J 2540 84.46 76.83 7.00
N THR J 2541 85.45 75.97 7.18
CA THR J 2541 85.73 74.94 6.19
C THR J 2541 84.54 74.01 6.04
N PHE J 2542 83.89 73.66 7.15
CA PHE J 2542 82.79 72.71 7.16
C PHE J 2542 81.44 73.38 6.96
N SER J 2543 81.39 74.71 6.87
CA SER J 2543 80.12 75.42 6.89
C SER J 2543 79.24 75.03 5.70
N THR J 2544 79.81 74.96 4.50
CA THR J 2544 79.05 74.77 3.29
C THR J 2544 78.95 73.31 2.86
N THR J 2545 79.46 72.38 3.66
CA THR J 2545 79.44 70.98 3.27
C THR J 2545 78.01 70.48 3.13
N GLU J 2546 77.82 69.54 2.21
CA GLU J 2546 76.48 68.99 1.98
C GLU J 2546 75.93 68.38 3.25
N MET J 2547 76.76 67.66 4.01
CA MET J 2547 76.29 67.07 5.25
C MET J 2547 75.88 68.14 6.25
N ALA J 2548 76.64 69.23 6.32
CA ALA J 2548 76.27 70.31 7.24
C ALA J 2548 74.94 70.92 6.86
N LEU J 2549 74.73 71.18 5.57
CA LEU J 2549 73.46 71.75 5.13
C LEU J 2549 72.32 70.78 5.41
N ALA J 2550 72.54 69.49 5.18
CA ALA J 2550 71.52 68.50 5.46
C ALA J 2550 71.19 68.45 6.94
N LEU J 2551 72.21 68.56 7.80
CA LEU J 2551 71.96 68.61 9.24
C LEU J 2551 71.14 69.82 9.61
N ASN J 2552 71.47 70.98 9.04
CA ASN J 2552 70.66 72.17 9.31
C ASN J 2552 69.22 71.96 8.91
N ARG J 2553 69.00 71.39 7.72
CA ARG J 2553 67.65 71.13 7.26
C ARG J 2553 66.93 70.18 8.21
N TYR J 2554 67.56 69.05 8.53
CA TYR J 2554 66.94 68.06 9.40
C TYR J 2554 66.55 68.68 10.74
N LEU J 2555 67.49 69.37 11.38
CA LEU J 2555 67.18 70.03 12.63
C LEU J 2555 66.00 70.97 12.47
N CYS J 2556 66.15 72.02 11.66
CA CYS J 2556 65.15 73.07 11.60
C CYS J 2556 63.80 72.56 11.12
N LEU J 2557 63.76 71.41 10.45
CA LEU J 2557 62.48 70.90 9.94
C LEU J 2557 61.80 69.93 10.89
N ALA J 2558 62.57 69.11 11.61
CA ALA J 2558 61.95 68.07 12.43
C ALA J 2558 62.24 68.24 13.91
N VAL J 2559 63.49 68.50 14.27
CA VAL J 2559 63.89 68.40 15.66
C VAL J 2559 63.49 69.65 16.43
N LEU J 2560 63.95 70.81 15.95
CA LEU J 2560 63.70 72.04 16.71
C LEU J 2560 62.21 72.27 16.92
N PRO J 2561 61.34 72.16 15.92
CA PRO J 2561 59.90 72.36 16.18
C PRO J 2561 59.35 71.44 17.24
N LEU J 2562 59.81 70.18 17.26
CA LEU J 2562 59.33 69.25 18.27
C LEU J 2562 59.70 69.74 19.67
N ILE J 2563 60.94 70.19 19.84
CA ILE J 2563 61.37 70.69 21.15
C ILE J 2563 60.57 71.93 21.52
N THR J 2564 60.32 72.81 20.54
CA THR J 2564 59.52 73.99 20.83
C THR J 2564 58.13 73.60 21.32
N LYS J 2565 57.52 72.61 20.66
CA LYS J 2565 56.20 72.16 21.08
C LYS J 2565 56.24 71.56 22.48
N CYS J 2566 57.29 70.80 22.79
CA CYS J 2566 57.39 70.11 24.08
C CYS J 2566 58.07 70.96 25.14
N ALA J 2567 58.33 72.24 24.86
CA ALA J 2567 59.07 73.07 25.79
C ALA J 2567 58.49 73.07 27.20
N PRO J 2568 57.18 73.17 27.42
CA PRO J 2568 56.67 73.28 28.80
C PRO J 2568 57.08 72.13 29.68
N LEU J 2569 57.40 70.96 29.12
CA LEU J 2569 57.77 69.82 29.94
C LEU J 2569 59.07 70.06 30.68
N PHE J 2570 59.83 71.09 30.30
CA PHE J 2570 61.16 71.30 30.85
C PHE J 2570 61.11 71.83 32.28
N ALA J 2571 59.92 72.20 32.76
CA ALA J 2571 59.81 72.69 34.12
C ALA J 2571 60.17 71.59 35.12
N GLY J 2572 60.84 71.99 36.19
CA GLY J 2572 61.20 71.04 37.23
C GLY J 2572 62.11 69.93 36.76
N THR J 2573 63.17 70.26 36.03
CA THR J 2573 64.12 69.30 35.52
C THR J 2573 65.49 69.42 36.16
N GLU J 2574 65.55 69.87 37.42
CA GLU J 2574 66.84 70.11 38.06
C GLU J 2574 67.71 68.87 38.10
N HIS J 2575 67.10 67.68 38.11
CA HIS J 2575 67.89 66.46 38.28
C HIS J 2575 68.85 66.28 37.09
N ARG J 2576 68.50 66.81 35.92
CA ARG J 2576 69.34 66.73 34.74
C ARG J 2576 69.81 68.13 34.33
N ALA J 2577 70.16 68.93 35.32
CA ALA J 2577 70.47 70.34 35.09
C ALA J 2577 71.64 70.50 34.14
N ILE J 2578 72.68 69.68 34.31
CA ILE J 2578 73.85 69.80 33.44
C ILE J 2578 73.45 69.57 31.99
N MET J 2579 72.65 68.55 31.73
CA MET J 2579 72.24 68.28 30.36
C MET J 2579 71.37 69.40 29.81
N VAL J 2580 70.44 69.92 30.62
CA VAL J 2580 69.58 71.00 30.14
C VAL J 2580 70.43 72.22 29.78
N ASP J 2581 71.39 72.55 30.65
CA ASP J 2581 72.25 73.69 30.38
C ASP J 2581 73.07 73.47 29.12
N SER J 2582 73.54 72.24 28.93
CA SER J 2582 74.26 71.90 27.70
C SER J 2582 73.38 72.12 26.49
N MET J 2583 72.12 71.69 26.57
CA MET J 2583 71.20 71.91 25.46
C MET J 2583 71.04 73.40 25.16
N LEU J 2584 70.87 74.20 26.20
CA LEU J 2584 70.70 75.64 25.99
C LEU J 2584 71.91 76.24 25.31
N HIS J 2585 73.10 75.91 25.80
CA HIS J 2585 74.32 76.43 25.19
C HIS J 2585 74.43 75.99 23.74
N THR J 2586 74.14 74.72 23.46
CA THR J 2586 74.27 74.21 22.11
C THR J 2586 73.29 74.91 21.18
N VAL J 2587 72.05 75.09 21.61
CA VAL J 2587 71.06 75.74 20.77
C VAL J 2587 71.45 77.18 20.50
N TYR J 2588 71.94 77.89 21.52
CA TYR J 2588 72.38 79.25 21.31
C TYR J 2588 73.52 79.33 20.31
N ARG J 2589 74.50 78.43 20.44
CA ARG J 2589 75.61 78.43 19.49
C ARG J 2589 75.11 78.16 18.08
N LEU J 2590 74.22 77.20 17.93
CA LEU J 2590 73.67 76.91 16.60
C LEU J 2590 72.92 78.11 16.05
N SER J 2591 72.18 78.81 16.90
CA SER J 2591 71.51 80.02 16.46
C SER J 2591 72.51 81.05 15.93
N ARG J 2592 73.59 81.27 16.67
CA ARG J 2592 74.63 82.16 16.14
C ARG J 2592 75.23 81.64 14.84
N GLY J 2593 75.29 80.34 14.64
CA GLY J 2593 75.92 79.77 13.46
C GLY J 2593 75.54 80.45 12.17
N ARG J 2594 76.49 80.56 11.26
CA ARG J 2594 76.26 81.17 9.96
C ARG J 2594 75.81 80.13 8.95
N SER J 2595 75.62 80.58 7.71
CA SER J 2595 75.21 79.77 6.56
C SER J 2595 73.75 79.34 6.69
N LEU J 2596 73.04 79.74 7.74
CA LEU J 2596 71.65 79.36 7.90
C LEU J 2596 70.75 80.22 7.01
N THR J 2597 69.71 79.60 6.50
CA THR J 2597 68.65 80.35 5.84
C THR J 2597 67.86 81.12 6.89
N LYS J 2598 67.19 82.18 6.44
CA LYS J 2598 66.48 83.05 7.38
C LYS J 2598 65.40 82.26 8.12
N ALA J 2599 64.69 81.39 7.40
CA ALA J 2599 63.68 80.56 8.06
C ALA J 2599 64.32 79.66 9.11
N GLN J 2600 65.47 79.07 8.79
CA GLN J 2600 66.15 78.21 9.75
C GLN J 2600 66.53 78.98 11.00
N ARG J 2601 67.08 80.19 10.82
CA ARG J 2601 67.44 81.01 11.98
C ARG J 2601 66.20 81.35 12.79
N ASP J 2602 65.09 81.66 12.12
CA ASP J 2602 63.88 81.99 12.85
C ASP J 2602 63.40 80.79 13.67
N VAL J 2603 63.47 79.59 13.10
CA VAL J 2603 63.05 78.40 13.84
C VAL J 2603 63.92 78.21 15.07
N ILE J 2604 65.24 78.35 14.89
CA ILE J 2604 66.15 78.15 16.03
C ILE J 2604 65.85 79.18 17.12
N GLU J 2605 65.66 80.44 16.72
CA GLU J 2605 65.39 81.48 17.71
C GLU J 2605 64.07 81.23 18.42
N ASP J 2606 63.05 80.79 17.69
CA ASP J 2606 61.79 80.46 18.33
C ASP J 2606 61.96 79.35 19.34
N CYS J 2607 62.74 78.33 19.02
CA CYS J 2607 63.01 77.28 19.99
C CYS J 2607 63.70 77.84 21.22
N LEU J 2608 64.66 78.75 21.02
CA LEU J 2608 65.37 79.31 22.15
C LEU J 2608 64.43 80.06 23.08
N MET J 2609 63.59 80.94 22.53
CA MET J 2609 62.65 81.66 23.39
C MET J 2609 61.67 80.69 24.06
N ALA J 2610 61.19 79.69 23.32
CA ALA J 2610 60.26 78.75 23.92
C ALA J 2610 60.88 78.03 25.10
N LEU J 2611 62.12 77.58 24.96
CA LEU J 2611 62.80 76.93 26.08
C LEU J 2611 62.99 77.88 27.24
N CYS J 2612 63.43 79.11 26.96
CA CYS J 2612 63.77 80.02 28.05
C CYS J 2612 62.52 80.55 28.74
N ARG J 2613 61.36 80.47 28.11
CA ARG J 2613 60.13 80.90 28.77
C ARG J 2613 59.77 79.97 29.92
N TYR J 2614 59.81 78.67 29.66
CA TYR J 2614 59.33 77.68 30.63
C TYR J 2614 60.41 77.14 31.54
N ILE J 2615 61.67 77.13 31.11
CA ILE J 2615 62.73 76.62 31.99
C ILE J 2615 62.86 77.52 33.22
N ARG J 2616 63.36 76.93 34.30
CA ARG J 2616 63.50 77.65 35.55
C ARG J 2616 64.54 78.76 35.42
N PRO J 2617 64.47 79.80 36.25
CA PRO J 2617 65.46 80.87 36.15
C PRO J 2617 66.87 80.43 36.50
N SER J 2618 67.05 79.69 37.60
CA SER J 2618 68.40 79.31 38.01
C SER J 2618 69.11 78.55 36.92
N MET J 2619 68.36 77.90 36.04
CA MET J 2619 68.98 77.18 34.92
C MET J 2619 69.75 78.14 34.02
N LEU J 2620 69.20 79.32 33.78
CA LEU J 2620 69.76 80.27 32.83
C LEU J 2620 71.09 80.86 33.28
N GLN J 2621 71.66 80.44 34.40
CA GLN J 2621 72.85 81.11 34.90
C GLN J 2621 73.98 81.08 33.86
N HIS J 2622 74.32 79.89 33.37
CA HIS J 2622 75.45 79.79 32.44
C HIS J 2622 75.15 80.45 31.11
N LEU J 2623 73.95 80.25 30.58
CA LEU J 2623 73.59 80.90 29.32
C LEU J 2623 73.69 82.41 29.45
N LEU J 2624 73.08 82.97 30.48
CA LEU J 2624 73.20 84.40 30.75
C LEU J 2624 74.65 84.82 30.89
N ARG J 2625 75.48 83.97 31.49
CA ARG J 2625 76.90 84.30 31.60
C ARG J 2625 77.53 84.43 30.22
N ARG J 2626 77.22 83.52 29.32
CA ARG J 2626 77.70 83.66 27.94
C ARG J 2626 77.19 84.96 27.33
N LEU J 2627 75.92 85.27 27.57
CA LEU J 2627 75.32 86.44 26.91
C LEU J 2627 75.96 87.73 27.42
N VAL J 2628 76.35 87.78 28.70
CA VAL J 2628 77.01 88.97 29.22
C VAL J 2628 78.16 89.38 28.32
N PHE J 2629 78.89 88.40 27.78
CA PHE J 2629 80.00 88.69 26.89
C PHE J 2629 79.55 88.83 25.43
N ASP J 2630 78.51 88.10 25.04
CA ASP J 2630 78.12 88.07 23.63
C ASP J 2630 77.40 89.36 23.22
N VAL J 2631 76.51 89.87 24.06
CA VAL J 2631 75.56 90.91 23.67
C VAL J 2631 76.21 92.28 23.57
N PRO J 2632 77.00 92.71 24.56
CA PRO J 2632 77.43 94.12 24.59
C PRO J 2632 77.96 94.65 23.27
N ILE J 2633 78.52 93.79 22.42
CA ILE J 2633 79.00 94.25 21.12
C ILE J 2633 77.88 94.86 20.30
N LEU J 2634 76.64 94.43 20.53
CA LEU J 2634 75.48 95.00 19.85
C LEU J 2634 75.62 94.86 18.33
N ASN J 2635 75.94 93.66 17.88
CA ASN J 2635 76.02 93.36 16.46
C ASN J 2635 74.68 92.81 15.97
N GLU J 2636 74.60 92.56 14.66
CA GLU J 2636 73.39 91.98 14.11
C GLU J 2636 73.04 90.66 14.79
N PHE J 2637 74.03 89.81 15.03
CA PHE J 2637 73.77 88.53 15.69
C PHE J 2637 73.33 88.76 17.13
N ALA J 2638 73.52 89.95 17.66
CA ALA J 2638 73.22 90.23 19.06
C ALA J 2638 71.76 90.61 19.30
N LYS J 2639 70.98 90.87 18.24
CA LYS J 2639 69.64 91.39 18.46
C LYS J 2639 68.73 90.37 19.15
N MET J 2640 68.77 89.11 18.72
CA MET J 2640 67.92 88.11 19.36
C MET J 2640 68.18 88.01 20.85
N PRO J 2641 69.43 87.98 21.32
CA PRO J 2641 69.65 88.02 22.77
C PRO J 2641 68.93 89.16 23.48
N LEU J 2642 68.76 90.31 22.83
CA LEU J 2642 68.05 91.40 23.50
C LEU J 2642 66.63 90.99 23.84
N LYS J 2643 65.91 90.42 22.86
CA LYS J 2643 64.57 89.95 23.13
C LYS J 2643 64.57 88.84 24.18
N LEU J 2644 65.53 87.92 24.07
CA LEU J 2644 65.57 86.82 25.01
C LEU J 2644 65.73 87.33 26.44
N LEU J 2645 66.69 88.22 26.66
CA LEU J 2645 66.92 88.77 27.98
C LEU J 2645 65.71 89.58 28.45
N THR J 2646 65.10 90.36 27.57
CA THR J 2646 63.91 91.11 27.95
C THR J 2646 62.85 90.16 28.49
N ASN J 2647 62.52 89.12 27.72
CA ASN J 2647 61.48 88.19 28.17
C ASN J 2647 61.87 87.52 29.49
N HIS J 2648 63.10 87.03 29.59
CA HIS J 2648 63.48 86.30 30.79
C HIS J 2648 63.42 87.19 32.02
N TYR J 2649 64.00 88.38 31.95
CA TYR J 2649 64.01 89.27 33.10
C TYR J 2649 62.60 89.75 33.44
N GLU J 2650 61.78 90.03 32.43
CA GLU J 2650 60.41 90.45 32.70
C GLU J 2650 59.65 89.34 33.43
N ARG J 2651 59.84 88.09 33.00
CA ARG J 2651 59.15 86.99 33.63
C ARG J 2651 59.62 86.77 35.06
N CYS J 2652 60.94 86.87 35.28
CA CYS J 2652 61.53 86.49 36.56
C CYS J 2652 61.97 87.68 37.40
N TRP J 2653 61.38 88.85 37.20
CA TRP J 2653 61.79 90.01 37.98
C TRP J 2653 61.59 89.75 39.48
N LYS J 2654 60.52 89.05 39.84
CA LYS J 2654 60.32 88.68 41.23
C LYS J 2654 61.54 87.97 41.78
N TYR J 2655 62.09 87.03 41.02
CA TYR J 2655 63.17 86.18 41.52
C TYR J 2655 64.46 86.96 41.71
N TYR J 2656 64.58 88.13 41.09
CA TYR J 2656 65.85 88.85 41.09
C TYR J 2656 65.91 89.99 42.09
N CYS J 2657 64.78 90.64 42.38
CA CYS J 2657 64.77 91.80 43.26
C CYS J 2657 64.22 91.52 44.65
N LEU J 2658 63.17 90.73 44.77
CA LEU J 2658 62.56 90.51 46.08
C LEU J 2658 63.56 89.83 46.99
N PRO J 2659 63.75 90.33 48.23
CA PRO J 2659 64.63 89.60 49.15
C PRO J 2659 64.18 88.18 49.41
N THR J 2660 62.86 87.94 49.44
CA THR J 2660 62.35 86.60 49.70
C THR J 2660 62.59 85.68 48.50
N GLY J 2661 62.49 86.22 47.30
CA GLY J 2661 62.60 85.43 46.10
C GLY J 2661 61.24 84.97 45.59
N TRP J 2662 61.20 84.72 44.28
CA TRP J 2662 59.95 84.34 43.64
C TRP J 2662 59.49 83.00 44.17
N ALA J 2663 58.18 82.87 44.38
CA ALA J 2663 57.64 81.71 45.09
C ALA J 2663 58.09 80.40 44.44
N ASN J 2664 58.60 79.49 45.27
CA ASN J 2664 59.00 78.14 44.90
C ASN J 2664 60.24 78.09 44.03
N PHE J 2665 60.80 79.23 43.65
CA PHE J 2665 61.93 79.28 42.73
C PHE J 2665 63.20 79.82 43.39
N GLY J 2666 63.22 79.90 44.71
CA GLY J 2666 64.43 80.35 45.37
C GLY J 2666 64.64 81.85 45.20
N VAL J 2667 65.91 82.24 45.36
CA VAL J 2667 66.32 83.63 45.25
C VAL J 2667 67.59 83.69 44.42
N THR J 2668 67.82 84.86 43.82
CA THR J 2668 68.99 85.05 42.98
C THR J 2668 70.27 84.92 43.79
N SER J 2669 71.36 84.66 43.10
CA SER J 2669 72.67 84.55 43.71
C SER J 2669 73.46 85.85 43.53
N GLU J 2670 74.46 86.03 44.38
CA GLU J 2670 75.31 87.21 44.28
C GLU J 2670 75.98 87.29 42.93
N GLU J 2671 76.52 86.17 42.46
CA GLU J 2671 77.18 86.15 41.15
C GLU J 2671 76.19 86.43 40.04
N GLU J 2672 74.97 85.90 40.15
CA GLU J 2672 73.96 86.14 39.13
C GLU J 2672 73.60 87.63 39.07
N LEU J 2673 73.46 88.26 40.23
CA LEU J 2673 73.18 89.69 40.26
C LEU J 2673 74.36 90.48 39.68
N HIS J 2674 75.58 90.04 39.97
CA HIS J 2674 76.75 90.69 39.38
C HIS J 2674 76.71 90.62 37.86
N LEU J 2675 76.38 89.45 37.33
CA LEU J 2675 76.23 89.32 35.88
C LEU J 2675 75.14 90.24 35.36
N THR J 2676 74.03 90.34 36.09
CA THR J 2676 72.96 91.23 35.68
C THR J 2676 73.45 92.66 35.57
N ARG J 2677 74.15 93.15 36.60
CA ARG J 2677 74.66 94.52 36.57
C ARG J 2677 75.66 94.71 35.45
N LYS J 2678 76.57 93.74 35.26
CA LYS J 2678 77.54 93.84 34.19
C LYS J 2678 76.84 93.98 32.85
N LEU J 2679 75.84 93.14 32.61
CA LEU J 2679 75.09 93.20 31.37
C LEU J 2679 74.40 94.54 31.20
N PHE J 2680 73.76 95.03 32.26
CA PHE J 2680 73.07 96.30 32.17
C PHE J 2680 74.03 97.41 31.75
N TRP J 2681 75.15 97.53 32.46
CA TRP J 2681 76.08 98.61 32.16
C TRP J 2681 76.74 98.44 30.80
N GLY J 2682 77.05 97.22 30.39
CA GLY J 2682 77.61 97.00 29.08
C GLY J 2682 76.66 97.47 28.00
N ILE J 2683 75.39 97.06 28.10
CA ILE J 2683 74.41 97.50 27.10
C ILE J 2683 74.28 99.01 27.13
N PHE J 2684 74.22 99.60 28.32
CA PHE J 2684 74.03 101.05 28.41
C PHE J 2684 75.17 101.77 27.69
N ASP J 2685 76.41 101.42 28.02
CA ASP J 2685 77.56 102.11 27.44
C ASP J 2685 77.63 101.88 25.94
N SER J 2686 77.44 100.64 25.49
CA SER J 2686 77.53 100.36 24.06
C SER J 2686 76.46 101.12 23.29
N LEU J 2687 75.23 101.14 23.81
CA LEU J 2687 74.16 101.86 23.14
C LEU J 2687 74.44 103.34 23.10
N ALA J 2688 74.94 103.90 24.21
CA ALA J 2688 75.26 105.32 24.22
C ALA J 2688 76.31 105.67 23.18
N HIS J 2689 77.36 104.85 23.08
CA HIS J 2689 78.42 105.15 22.12
C HIS J 2689 77.95 104.97 20.68
N LYS J 2690 77.17 103.92 20.41
CA LYS J 2690 76.81 103.60 19.03
C LYS J 2690 75.95 104.70 18.42
N LYS J 2691 76.13 104.92 17.12
CA LYS J 2691 75.28 105.84 16.40
C LYS J 2691 73.84 105.33 16.39
N TYR J 2692 72.94 106.17 15.89
CA TYR J 2692 71.52 105.84 15.96
C TYR J 2692 71.20 104.65 15.07
N ASP J 2693 70.20 103.87 15.49
CA ASP J 2693 69.63 102.79 14.69
C ASP J 2693 68.22 102.56 15.22
N GLN J 2694 67.21 102.80 14.38
CA GLN J 2694 65.83 102.70 14.82
C GLN J 2694 65.53 101.32 15.41
N GLU J 2695 65.81 100.26 14.64
CA GLU J 2695 65.49 98.92 15.08
C GLU J 2695 66.23 98.56 16.36
N LEU J 2696 67.53 98.83 16.40
CA LEU J 2696 68.32 98.45 17.57
C LEU J 2696 67.86 99.19 18.81
N TYR J 2697 67.59 100.49 18.69
CA TYR J 2697 67.14 101.25 19.84
C TYR J 2697 65.77 100.77 20.33
N ARG J 2698 64.85 100.53 19.39
CA ARG J 2698 63.52 100.08 19.78
C ARG J 2698 63.57 98.72 20.44
N ILE J 2699 64.50 97.87 20.01
CA ILE J 2699 64.64 96.57 20.66
C ILE J 2699 65.35 96.71 22.00
N ALA J 2700 66.26 97.67 22.12
CA ALA J 2700 67.04 97.80 23.35
C ALA J 2700 66.21 98.34 24.49
N MET J 2701 65.45 99.42 24.25
CA MET J 2701 64.81 100.13 25.35
C MET J 2701 63.97 99.19 26.23
N PRO J 2702 63.15 98.30 25.68
CA PRO J 2702 62.46 97.34 26.56
C PRO J 2702 63.44 96.52 27.39
N CYS J 2703 64.55 96.10 26.78
CA CYS J 2703 65.50 95.27 27.51
C CYS J 2703 66.13 96.04 28.66
N LEU J 2704 66.60 97.26 28.39
CA LEU J 2704 67.21 98.05 29.45
C LEU J 2704 66.21 98.30 30.56
N CYS J 2705 64.96 98.61 30.21
CA CYS J 2705 63.94 98.78 31.24
C CYS J 2705 63.77 97.51 32.06
N ALA J 2706 63.75 96.35 31.40
CA ALA J 2706 63.51 95.11 32.11
C ALA J 2706 64.63 94.80 33.10
N ILE J 2707 65.89 94.90 32.66
CA ILE J 2707 66.99 94.66 33.61
C ILE J 2707 67.01 95.70 34.70
N ALA J 2708 66.71 96.96 34.37
CA ALA J 2708 66.68 97.99 35.40
C ALA J 2708 65.67 97.66 36.47
N GLY J 2709 64.48 97.20 36.06
CA GLY J 2709 63.48 96.80 37.05
C GLY J 2709 63.93 95.58 37.85
N ALA J 2710 64.47 94.58 37.17
CA ALA J 2710 64.81 93.33 37.84
C ALA J 2710 65.91 93.54 38.88
N LEU J 2711 66.93 94.31 38.54
CA LEU J 2711 68.08 94.45 39.42
C LEU J 2711 67.66 95.16 40.70
N PRO J 2712 68.06 94.69 41.88
CA PRO J 2712 67.65 95.33 43.13
C PRO J 2712 68.14 96.77 43.19
N PRO J 2713 67.35 97.69 43.74
CA PRO J 2713 67.82 99.08 43.82
C PRO J 2713 69.08 99.23 44.65
N ASP J 2714 69.15 98.58 45.81
CA ASP J 2714 70.24 98.77 46.76
C ASP J 2714 71.36 97.74 46.61
N TYR J 2715 71.29 96.88 45.60
CA TYR J 2715 72.30 95.84 45.45
C TYR J 2715 73.68 96.45 45.33
N VAL J 2716 74.66 95.81 45.97
CA VAL J 2716 76.05 96.23 45.92
C VAL J 2716 76.89 95.04 45.50
N ASP J 2717 77.74 95.24 44.50
CA ASP J 2717 78.59 94.16 44.02
C ASP J 2717 79.63 93.80 45.09
N ALA J 2718 79.93 92.51 45.19
CA ALA J 2718 80.97 92.07 46.12
C ALA J 2718 82.32 92.65 45.72
N SER J 2719 82.62 92.66 44.41
CA SER J 2719 83.86 93.19 43.89
C SER J 2719 83.54 94.27 42.87
N TYR J 2720 84.28 95.38 42.92
CA TYR J 2720 84.10 96.50 42.02
C TYR J 2720 85.43 96.83 41.34
N SER J 2721 85.38 97.12 40.04
CA SER J 2721 86.57 97.43 39.25
C SER J 2721 86.46 98.88 38.79
N SER J 2722 87.27 99.75 39.39
CA SER J 2722 87.31 101.14 38.96
C SER J 2722 87.80 101.26 37.52
N LYS J 2723 88.82 100.47 37.16
CA LYS J 2723 89.35 100.53 35.81
C LYS J 2723 88.34 100.08 34.77
N THR J 2724 87.39 99.22 35.16
CA THR J 2724 86.38 98.69 34.25
C THR J 2724 86.97 98.34 32.89
N GLU J 2725 87.95 97.44 32.91
CA GLU J 2725 88.63 97.04 31.70
C GLU J 2725 87.64 96.46 30.69
N LYS J 2726 88.00 96.55 29.42
CA LYS J 2726 87.15 96.06 28.33
C LYS J 2726 85.79 96.73 28.38
N ASN J 2735 85.85 87.00 18.08
CA ASN J 2735 84.79 87.15 19.06
C ASN J 2735 85.37 87.40 20.46
N PHE J 2736 86.39 86.62 20.81
CA PHE J 2736 87.07 86.74 22.08
C PHE J 2736 88.57 86.89 21.86
N ASP J 2737 89.21 87.60 22.78
CA ASP J 2737 90.65 87.81 22.70
C ASP J 2737 91.33 86.94 23.76
N PRO J 2738 91.96 85.83 23.39
CA PRO J 2738 92.63 84.98 24.38
C PRO J 2738 94.10 85.26 24.58
N ARG J 2739 94.67 86.26 23.92
CA ARG J 2739 96.08 86.55 24.07
C ARG J 2739 96.38 86.93 25.52
N PRO J 2740 97.42 86.36 26.13
CA PRO J 2740 97.72 86.67 27.52
C PRO J 2740 98.40 88.01 27.67
N VAL J 2741 98.37 88.53 28.91
CA VAL J 2741 99.13 89.73 29.22
C VAL J 2741 100.61 89.47 28.93
N GLU J 2742 101.23 90.39 28.22
CA GLU J 2742 102.62 90.21 27.79
C GLU J 2742 103.54 90.29 28.99
N THR J 2743 104.26 89.20 29.27
CA THR J 2743 105.23 89.15 30.34
C THR J 2743 106.65 88.85 29.84
N LEU J 2744 106.79 88.10 28.76
CA LEU J 2744 108.11 87.71 28.30
C LEU J 2744 108.95 88.92 27.90
N ASN J 2745 108.29 90.01 27.51
CA ASN J 2745 109.02 91.20 27.05
C ASN J 2745 109.91 91.76 28.15
N VAL J 2746 109.38 91.88 29.37
CA VAL J 2746 110.15 92.48 30.45
C VAL J 2746 111.12 91.45 31.03
N ILE J 2747 112.10 91.94 31.78
CA ILE J 2747 113.13 91.09 32.38
C ILE J 2747 112.82 90.90 33.86
N ILE J 2748 113.52 89.97 34.50
CA ILE J 2748 113.27 89.63 35.90
C ILE J 2748 114.48 90.06 36.74
N PRO J 2749 114.31 90.87 37.78
CA PRO J 2749 115.44 91.21 38.65
C PRO J 2749 115.93 90.01 39.44
N GLU J 2750 117.15 90.14 39.98
CA GLU J 2750 117.70 89.08 40.83
C GLU J 2750 116.93 88.98 42.14
N LYS J 2751 116.43 90.11 42.65
CA LYS J 2751 115.55 90.08 43.81
C LYS J 2751 114.32 89.21 43.54
N LEU J 2752 113.67 89.43 42.40
CA LEU J 2752 112.49 88.64 42.08
C LEU J 2752 112.87 87.21 41.72
N ASP J 2753 114.11 86.99 41.27
CA ASP J 2753 114.58 85.63 41.05
C ASP J 2753 114.74 84.88 42.37
N SER J 2754 115.23 85.56 43.41
CA SER J 2754 115.28 84.97 44.74
C SER J 2754 113.88 84.62 45.21
N PHE J 2755 112.93 85.54 45.01
CA PHE J 2755 111.54 85.21 45.34
C PHE J 2755 111.06 84.01 44.52
N ILE J 2756 111.47 83.93 43.26
CA ILE J 2756 111.05 82.82 42.40
C ILE J 2756 111.53 81.49 42.97
N ASN J 2757 112.80 81.45 43.40
CA ASN J 2757 113.31 80.24 44.03
C ASN J 2757 112.56 79.91 45.31
N LYS J 2758 112.29 80.93 46.14
CA LYS J 2758 111.57 80.68 47.39
C LYS J 2758 110.16 80.15 47.12
N PHE J 2759 109.45 80.72 46.15
CA PHE J 2759 108.11 80.24 45.87
C PHE J 2759 108.15 78.88 45.16
N ALA J 2760 109.21 78.61 44.41
CA ALA J 2760 109.34 77.30 43.78
C ALA J 2760 109.51 76.21 44.83
N GLU J 2761 110.40 76.44 45.80
CA GLU J 2761 110.53 75.46 46.88
C GLU J 2761 109.26 75.38 47.73
N TYR J 2762 108.59 76.52 47.97
CA TYR J 2762 107.33 76.46 48.71
C TYR J 2762 106.29 75.65 47.94
N THR J 2763 106.20 75.83 46.62
CA THR J 2763 105.22 75.10 45.84
C THR J 2763 105.55 73.61 45.81
N HIS J 2764 106.83 73.28 45.72
CA HIS J 2764 107.23 71.87 45.81
C HIS J 2764 106.82 71.28 47.15
N GLU J 2765 107.04 72.03 48.24
CA GLU J 2765 106.67 71.54 49.56
C GLU J 2765 105.16 71.41 49.71
N LYS J 2766 104.39 72.36 49.15
CA LYS J 2766 102.94 72.29 49.25
C LYS J 2766 102.39 71.14 48.42
N TRP J 2767 103.00 70.87 47.26
CA TRP J 2767 102.63 69.71 46.47
C TRP J 2767 102.93 68.43 47.24
N ALA J 2768 104.07 68.38 47.91
CA ALA J 2768 104.37 67.23 48.75
C ALA J 2768 103.39 67.11 49.91
N PHE J 2769 102.90 68.24 50.43
CA PHE J 2769 101.87 68.20 51.46
C PHE J 2769 100.56 67.63 50.92
N ASP J 2770 100.18 68.03 49.69
CA ASP J 2770 99.03 67.41 49.05
C ASP J 2770 99.26 65.92 48.89
N LYS J 2771 100.50 65.52 48.57
CA LYS J 2771 100.82 64.10 48.44
C LYS J 2771 100.65 63.37 49.78
N ILE J 2772 101.10 63.98 50.88
CA ILE J 2772 100.94 63.32 52.18
C ILE J 2772 99.47 63.24 52.54
N GLN J 2773 98.67 64.25 52.18
CA GLN J 2773 97.23 64.16 52.36
C GLN J 2773 96.64 63.01 51.56
N ASN J 2774 97.08 62.83 50.32
CA ASN J 2774 96.63 61.71 49.49
C ASN J 2774 97.27 60.39 49.87
N ASN J 2775 98.20 60.39 50.82
CA ASN J 2775 98.96 59.22 51.27
C ASN J 2775 100.10 58.88 50.31
N TRP J 2776 100.44 59.77 49.37
CA TRP J 2776 101.56 59.53 48.49
C TRP J 2776 102.87 59.79 49.22
N SER J 2777 103.91 59.05 48.82
CA SER J 2777 105.24 59.14 49.42
C SER J 2777 106.29 59.24 48.31
N TYR J 2778 107.56 59.11 48.72
CA TYR J 2778 108.66 59.11 47.77
C TYR J 2778 108.81 57.73 47.13
N GLY J 2779 109.24 57.71 45.87
CA GLY J 2779 109.41 56.46 45.16
C GLY J 2779 110.42 56.60 44.03
N GLU J 2780 110.48 55.54 43.21
CA GLU J 2780 111.35 55.57 42.04
C GLU J 2780 110.61 56.09 40.82
N ASN J 2781 109.28 55.95 40.80
CA ASN J 2781 108.47 56.40 39.68
C ASN J 2781 107.05 56.68 40.17
N ILE J 2782 106.28 57.38 39.35
CA ILE J 2782 104.90 57.73 39.68
C ILE J 2782 104.00 56.58 39.25
N ASP J 2783 103.26 56.02 40.21
CA ASP J 2783 102.27 54.98 39.95
C ASP J 2783 101.11 55.19 40.91
N GLU J 2784 99.89 55.19 40.36
CA GLU J 2784 98.71 55.47 41.19
C GLU J 2784 98.56 54.43 42.30
N GLU J 2785 98.68 53.16 41.95
CA GLU J 2785 98.54 52.11 42.97
C GLU J 2785 99.69 52.16 43.96
N LEU J 2786 100.91 52.42 43.48
CA LEU J 2786 102.06 52.45 44.37
C LEU J 2786 102.00 53.63 45.32
N LYS J 2787 101.40 54.75 44.90
CA LYS J 2787 101.28 55.94 45.73
C LYS J 2787 102.67 56.44 46.15
N THR J 2788 103.61 56.43 45.23
CA THR J 2788 104.94 56.97 45.46
C THR J 2788 105.35 57.84 44.27
N HIS J 2789 106.24 58.79 44.54
CA HIS J 2789 106.61 59.80 43.56
C HIS J 2789 108.13 59.97 43.54
N PRO J 2790 108.74 60.08 42.34
CA PRO J 2790 110.20 60.24 42.28
C PRO J 2790 110.67 61.66 42.53
N MET J 2791 109.84 62.63 42.16
CA MET J 2791 110.20 64.04 42.35
C MET J 2791 109.93 64.51 43.77
N LEU J 2792 109.27 63.68 44.59
CA LEU J 2792 109.05 63.98 46.01
C LEU J 2792 110.39 63.81 46.73
N ARG J 2793 111.31 64.72 46.44
CA ARG J 2793 112.65 64.70 46.99
C ARG J 2793 113.00 66.09 47.48
N PRO J 2794 113.96 66.21 48.40
CA PRO J 2794 114.31 67.54 48.93
C PRO J 2794 114.64 68.55 47.84
N TYR J 2795 114.45 69.84 48.13
CA TYR J 2795 114.72 70.86 47.14
C TYR J 2795 116.18 70.84 46.69
N LYS J 2796 117.08 70.42 47.58
CA LYS J 2796 118.49 70.29 47.21
C LYS J 2796 118.72 69.25 46.14
N THR J 2797 118.10 68.07 46.25
CA THR J 2797 118.16 67.05 45.22
C THR J 2797 117.08 67.21 44.17
N PHE J 2798 116.21 68.21 44.31
CA PHE J 2798 115.15 68.44 43.35
C PHE J 2798 115.75 68.75 41.98
N SER J 2799 115.35 67.96 40.99
CA SER J 2799 115.98 68.03 39.67
C SER J 2799 115.80 69.42 39.08
N GLU J 2800 116.81 69.88 38.35
CA GLU J 2800 116.81 71.21 37.76
C GLU J 2800 115.68 71.38 36.75
N LYS J 2801 115.44 70.36 35.93
CA LYS J 2801 114.39 70.45 34.93
C LYS J 2801 113.04 70.74 35.58
N ASP J 2802 112.67 69.94 36.58
CA ASP J 2802 111.45 70.22 37.34
C ASP J 2802 111.57 71.53 38.10
N LYS J 2803 112.78 71.89 38.51
CA LYS J 2803 112.99 73.19 39.17
C LYS J 2803 112.65 74.32 38.21
N GLU J 2804 113.11 74.23 36.96
CA GLU J 2804 112.76 75.24 35.97
C GLU J 2804 111.27 75.21 35.67
N ILE J 2805 110.67 74.03 35.63
CA ILE J 2805 109.23 73.92 35.40
C ILE J 2805 108.47 74.69 36.47
N TYR J 2806 108.86 74.49 37.73
CA TYR J 2806 108.19 75.17 38.83
C TYR J 2806 108.47 76.67 38.82
N ARG J 2807 109.68 77.08 38.44
CA ARG J 2807 110.04 78.49 38.48
C ARG J 2807 109.41 79.29 37.35
N TRP J 2808 109.30 78.72 36.16
CA TRP J 2808 108.88 79.51 35.01
C TRP J 2808 107.52 80.17 35.20
N PRO J 2809 106.50 79.50 35.73
CA PRO J 2809 105.25 80.22 36.02
C PRO J 2809 105.46 81.41 36.94
N ILE J 2810 106.35 81.28 37.91
CA ILE J 2810 106.61 82.38 38.84
C ILE J 2810 107.33 83.51 38.11
N LYS J 2811 108.29 83.17 37.25
CA LYS J 2811 108.94 84.17 36.41
C LYS J 2811 107.91 84.94 35.61
N GLU J 2812 106.99 84.21 34.97
CA GLU J 2812 105.97 84.86 34.15
C GLU J 2812 105.08 85.75 35.02
N SER J 2813 104.71 85.28 36.21
CA SER J 2813 103.85 86.07 37.08
C SER J 2813 104.52 87.38 37.48
N LEU J 2814 105.79 87.31 37.87
CA LEU J 2814 106.49 88.52 38.30
C LEU J 2814 106.73 89.46 37.13
N LYS J 2815 107.03 88.91 35.95
CA LYS J 2815 107.16 89.75 34.77
C LYS J 2815 105.82 90.41 34.43
N ALA J 2816 104.71 89.69 34.64
CA ALA J 2816 103.39 90.28 34.46
C ALA J 2816 103.17 91.42 35.43
N MET J 2817 103.61 91.24 36.67
CA MET J 2817 103.49 92.32 37.65
C MET J 2817 104.25 93.55 37.18
N ILE J 2818 105.49 93.35 36.74
CA ILE J 2818 106.30 94.48 36.27
C ILE J 2818 105.66 95.15 35.05
N ALA J 2819 105.17 94.36 34.09
CA ALA J 2819 104.49 94.89 32.93
C ALA J 2819 103.24 95.69 33.30
N TRP J 2820 102.47 95.19 34.28
CA TRP J 2820 101.36 95.95 34.83
C TRP J 2820 101.83 97.15 35.63
N GLU J 2821 103.13 97.26 35.90
CA GLU J 2821 103.78 98.34 36.64
C GLU J 2821 103.64 98.13 38.14
N TRP J 2822 103.18 96.95 38.57
CA TRP J 2822 103.18 96.63 39.99
C TRP J 2822 104.61 96.52 40.49
N THR J 2823 104.94 97.29 41.53
CA THR J 2823 106.30 97.39 42.04
C THR J 2823 106.38 96.73 43.40
N VAL J 2824 107.26 95.74 43.53
CA VAL J 2824 107.40 94.95 44.74
C VAL J 2824 108.72 95.32 45.40
N GLU J 2825 108.69 95.61 46.69
CA GLU J 2825 109.86 96.03 47.45
C GLU J 2825 110.02 95.11 48.68
N LYS J 2826 111.23 94.59 48.88
CA LYS J 2826 111.52 93.76 50.05
C LYS J 2826 111.57 94.63 51.29
N ALA J 2827 110.61 94.43 52.19
CA ALA J 2827 110.74 94.96 53.54
C ALA J 2827 111.78 94.17 54.33
N ARG J 2828 111.81 92.85 54.13
CA ARG J 2828 112.79 91.97 54.76
C ARG J 2828 112.82 90.65 54.02
N GLU J 2829 113.89 89.88 54.23
CA GLU J 2829 114.04 88.60 53.57
C GLU J 2829 113.04 87.59 54.11
N GLY J 2830 112.61 86.67 53.25
CA GLY J 2830 111.65 85.67 53.67
C GLY J 2830 112.26 84.67 54.64
N GLU J 2831 111.42 84.09 55.48
CA GLU J 2831 111.87 83.10 56.45
C GLU J 2831 112.24 81.79 55.74
N TYR J 2856 110.77 62.83 51.02
CA TYR J 2856 111.12 63.73 52.10
C TYR J 2856 109.89 64.18 52.87
N ASN J 2857 110.09 65.02 53.88
CA ASN J 2857 109.00 65.53 54.69
C ASN J 2857 108.66 66.94 54.24
N PRO J 2858 107.45 67.20 53.73
CA PRO J 2858 107.12 68.56 53.29
C PRO J 2858 107.19 69.56 54.44
N GLN J 2859 107.65 70.76 54.13
CA GLN J 2859 107.73 71.86 55.09
C GLN J 2859 107.20 73.13 54.44
N PRO J 2860 105.90 73.18 54.11
CA PRO J 2860 105.36 74.36 53.42
C PRO J 2860 105.14 75.50 54.40
N PRO J 2861 105.67 76.69 54.12
CA PRO J 2861 105.28 77.85 54.92
C PRO J 2861 103.77 78.06 54.86
N ASP J 2862 103.18 78.43 55.99
CA ASP J 2862 101.74 78.53 56.10
C ASP J 2862 101.25 79.81 55.45
N LEU J 2863 100.19 79.70 54.65
CA LEU J 2863 99.56 80.86 54.02
C LEU J 2863 98.21 81.21 54.62
N SER J 2864 97.60 80.29 55.38
CA SER J 2864 96.28 80.58 55.95
C SER J 2864 96.35 81.76 56.91
N VAL J 2865 97.38 81.82 57.74
CA VAL J 2865 97.51 82.93 58.68
C VAL J 2865 97.69 84.25 57.94
N VAL J 2866 98.51 84.24 56.89
CA VAL J 2866 98.75 85.46 56.12
C VAL J 2866 97.50 85.80 55.33
N THR J 2867 97.09 87.07 55.39
CA THR J 2867 95.91 87.57 54.70
C THR J 2867 96.35 88.56 53.61
N LEU J 2868 95.34 89.12 52.92
CA LEU J 2868 95.57 90.06 51.83
C LEU J 2868 94.59 91.21 51.96
N SER J 2869 95.11 92.43 51.84
CA SER J 2869 94.26 93.62 51.87
C SER J 2869 93.37 93.64 50.63
N ARG J 2870 92.57 94.69 50.50
CA ARG J 2870 91.74 94.83 49.31
C ARG J 2870 92.62 94.96 48.06
N GLU J 2871 93.69 95.75 48.15
CA GLU J 2871 94.64 95.84 47.05
C GLU J 2871 95.15 94.46 46.66
N LEU J 2872 95.59 93.68 47.64
CA LEU J 2872 96.23 92.41 47.34
C LEU J 2872 95.22 91.37 46.85
N GLN J 2873 93.99 91.43 47.36
CA GLN J 2873 92.94 90.58 46.80
C GLN J 2873 92.70 90.92 45.33
N ALA J 2874 92.63 92.21 45.00
CA ALA J 2874 92.47 92.60 43.61
C ALA J 2874 93.65 92.12 42.77
N MET J 2875 94.88 92.25 43.30
CA MET J 2875 96.05 91.79 42.57
C MET J 2875 96.00 90.28 42.31
N ALA J 2876 95.57 89.52 43.32
CA ALA J 2876 95.36 88.09 43.11
C ALA J 2876 94.33 87.85 42.02
N GLU J 2877 93.27 88.66 41.98
CA GLU J 2877 92.27 88.52 40.93
C GLU J 2877 92.88 88.75 39.56
N GLN J 2878 93.69 89.80 39.39
CA GLN J 2878 94.27 90.06 38.07
C GLN J 2878 95.32 89.02 37.71
N LEU J 2879 96.05 88.50 38.71
CA LEU J 2879 97.01 87.44 38.42
C LEU J 2879 96.31 86.17 37.96
N ALA J 2880 95.20 85.83 38.62
CA ALA J 2880 94.38 84.71 38.15
C ALA J 2880 93.82 85.01 36.76
N GLU J 2881 93.50 86.27 36.48
CA GLU J 2881 93.04 86.64 35.15
C GLU J 2881 94.12 86.39 34.11
N ASN J 2882 95.36 86.76 34.42
CA ASN J 2882 96.45 86.51 33.47
C ASN J 2882 96.69 85.03 33.27
N TYR J 2883 96.64 84.26 34.36
CA TYR J 2883 96.78 82.81 34.25
C TYR J 2883 95.66 82.23 33.40
N HIS J 2884 94.43 82.70 33.60
CA HIS J 2884 93.31 82.24 32.79
C HIS J 2884 93.47 82.64 31.33
N ASN J 2885 94.06 83.81 31.09
CA ASN J 2885 94.30 84.24 29.71
C ASN J 2885 95.35 83.36 29.04
N THR J 2886 96.37 82.95 29.80
CA THR J 2886 97.34 81.98 29.29
C THR J 2886 96.65 80.65 28.96
N TRP J 2887 95.78 80.20 29.87
CA TRP J 2887 95.01 78.99 29.63
C TRP J 2887 94.16 79.12 28.36
N GLY J 2888 93.52 80.28 28.19
CA GLY J 2888 92.70 80.50 27.02
C GLY J 2888 93.53 80.57 25.75
N ARG J 2889 94.77 81.06 25.86
CA ARG J 2889 95.65 81.06 24.69
C ARG J 2889 95.99 79.63 24.28
N LYS J 2890 96.26 78.77 25.27
CA LYS J 2890 96.48 77.36 24.95
C LYS J 2890 95.24 76.75 24.30
N LYS J 2891 94.07 77.00 24.90
CA LYS J 2891 92.83 76.53 24.31
C LYS J 2891 92.62 77.10 22.92
N LYS J 2892 93.16 78.29 22.66
CA LYS J 2892 93.03 78.90 21.35
C LYS J 2892 93.85 78.15 20.32
N GLN J 2893 95.09 77.79 20.67
CA GLN J 2893 95.84 76.92 19.76
C GLN J 2893 95.15 75.59 19.52
N GLU J 2894 94.59 74.98 20.57
CA GLU J 2894 93.86 73.73 20.37
C GLU J 2894 92.64 73.88 19.47
N LEU J 2895 91.85 74.95 19.67
CA LEU J 2895 90.65 75.17 18.88
C LEU J 2895 91.01 75.50 17.43
N GLU J 2896 92.14 76.21 17.23
CA GLU J 2896 92.61 76.47 15.88
C GLU J 2896 92.94 75.17 15.16
N ALA J 2897 93.61 74.25 15.84
CA ALA J 2897 93.92 72.96 15.24
C ALA J 2897 92.65 72.18 14.94
N LYS J 2898 91.68 72.20 15.87
CA LYS J 2898 90.47 71.40 15.65
C LYS J 2898 89.60 72.02 14.55
N GLY J 2899 89.72 73.33 14.35
CA GLY J 2899 89.01 74.00 13.27
C GLY J 2899 87.83 74.86 13.69
N GLY J 2900 87.58 75.01 14.98
CA GLY J 2900 86.48 75.86 15.41
C GLY J 2900 86.08 75.56 16.85
N GLY J 2901 84.93 76.10 17.23
CA GLY J 2901 84.39 75.85 18.56
C GLY J 2901 84.93 76.82 19.59
N SER J 2902 84.28 76.81 20.76
CA SER J 2902 84.67 77.64 21.89
C SER J 2902 84.72 76.77 23.14
N HIS J 2903 85.85 76.80 23.83
CA HIS J 2903 85.96 76.07 25.08
C HIS J 2903 85.07 76.74 26.13
N PRO J 2904 84.38 75.96 26.96
CA PRO J 2904 83.47 76.59 27.94
C PRO J 2904 84.14 77.58 28.85
N LEU J 2905 85.44 77.41 29.15
CA LEU J 2905 86.18 78.32 30.01
C LEU J 2905 86.77 79.49 29.24
N LEU J 2906 86.58 79.54 27.93
CA LEU J 2906 87.05 80.66 27.12
C LEU J 2906 86.39 81.97 27.51
N VAL J 2907 85.25 81.93 28.19
CA VAL J 2907 84.52 83.12 28.61
C VAL J 2907 85.39 83.83 29.64
N PRO J 2908 85.32 85.16 29.76
CA PRO J 2908 86.28 85.87 30.61
C PRO J 2908 86.27 85.39 32.06
N TYR J 2909 87.43 85.47 32.70
CA TYR J 2909 87.61 85.01 34.07
C TYR J 2909 86.64 85.68 35.01
N ASP J 2910 86.54 87.01 34.93
CA ASP J 2910 85.60 87.71 35.82
C ASP J 2910 84.18 87.19 35.64
N THR J 2911 83.78 86.95 34.39
CA THR J 2911 82.45 86.39 34.15
C THR J 2911 82.33 84.98 34.69
N LEU J 2912 83.43 84.25 34.79
CA LEU J 2912 83.36 82.89 35.33
C LEU J 2912 82.80 82.91 36.74
N THR J 2913 82.08 81.85 37.10
CA THR J 2913 81.47 81.77 38.42
C THR J 2913 82.53 81.93 39.50
N ALA J 2914 82.08 82.31 40.69
CA ALA J 2914 83.02 82.53 41.80
C ALA J 2914 83.79 81.26 42.11
N LYS J 2915 83.12 80.12 42.16
CA LYS J 2915 83.81 78.87 42.41
C LYS J 2915 84.80 78.54 41.29
N GLU J 2916 84.39 78.75 40.04
CA GLU J 2916 85.30 78.49 38.93
C GLU J 2916 86.46 79.46 38.93
N LYS J 2917 86.20 80.74 39.21
CA LYS J 2917 87.29 81.69 39.37
C LYS J 2917 88.26 81.24 40.45
N ALA J 2918 87.73 80.63 41.52
CA ALA J 2918 88.58 80.18 42.61
C ALA J 2918 89.67 79.25 42.11
N ARG J 2919 89.40 78.48 41.05
CA ARG J 2919 90.33 77.48 40.57
C ARG J 2919 91.68 78.09 40.21
N ASP J 2920 91.66 79.23 39.52
CA ASP J 2920 92.89 79.95 39.21
C ASP J 2920 93.28 80.86 40.37
N ARG J 2921 92.28 81.27 41.16
CA ARG J 2921 92.58 82.16 42.27
C ARG J 2921 93.46 81.50 43.31
N GLU J 2922 93.37 80.17 43.47
CA GLU J 2922 94.23 79.56 44.48
C GLU J 2922 95.69 79.89 44.21
N LYS J 2923 96.17 79.61 43.00
CA LYS J 2923 97.55 79.90 42.66
C LYS J 2923 97.83 81.40 42.70
N ALA J 2924 96.92 82.22 42.18
CA ALA J 2924 97.15 83.66 42.21
C ALA J 2924 97.35 84.16 43.64
N GLN J 2925 96.43 83.83 44.54
CA GLN J 2925 96.48 84.32 45.91
C GLN J 2925 97.60 83.66 46.71
N GLU J 2926 97.98 82.42 46.36
CA GLU J 2926 99.16 81.83 46.96
C GLU J 2926 100.40 82.64 46.63
N LEU J 2927 100.57 83.01 45.35
CA LEU J 2927 101.72 83.82 44.99
C LEU J 2927 101.68 85.17 45.69
N LEU J 2928 100.51 85.80 45.76
CA LEU J 2928 100.40 87.09 46.43
C LEU J 2928 100.82 87.00 47.90
N LYS J 2929 100.33 85.98 48.61
CA LYS J 2929 100.67 85.85 50.02
C LYS J 2929 102.13 85.50 50.21
N PHE J 2930 102.71 84.71 49.30
CA PHE J 2930 104.14 84.42 49.43
C PHE J 2930 104.96 85.68 49.20
N LEU J 2931 104.53 86.52 48.26
CA LEU J 2931 105.14 87.84 48.11
C LEU J 2931 105.11 88.58 49.44
N GLN J 2932 103.93 88.64 50.07
CA GLN J 2932 103.78 89.39 51.32
C GLN J 2932 104.71 88.84 52.40
N MET J 2933 104.70 87.52 52.61
CA MET J 2933 105.53 86.95 53.66
C MET J 2933 107.02 87.16 53.39
N ASN J 2934 107.48 86.90 52.16
CA ASN J 2934 108.87 87.15 51.83
C ASN J 2934 109.21 88.63 51.87
N GLY J 2935 108.21 89.51 52.02
CA GLY J 2935 108.44 90.89 52.37
C GLY J 2935 108.13 91.86 51.26
N TYR J 2936 107.50 91.40 50.18
CA TYR J 2936 107.20 92.29 49.06
C TYR J 2936 105.98 93.13 49.36
N ALA J 2937 106.20 94.43 49.56
CA ALA J 2937 105.15 95.42 49.60
C ALA J 2937 104.97 95.93 48.18
N VAL J 2938 103.72 95.96 47.72
CA VAL J 2938 103.39 96.27 46.34
C VAL J 2938 102.11 97.09 46.33
N THR J 2939 102.09 98.15 45.53
CA THR J 2939 100.96 99.06 45.44
C THR J 2939 101.03 99.82 44.13
N ARG J 2940 99.87 100.06 43.50
CA ARG J 2940 99.79 100.82 42.27
C ARG J 2940 98.89 102.04 42.39
N GLY J 2941 98.46 102.39 43.60
CA GLY J 2941 97.54 103.49 43.78
C GLY J 2941 96.14 103.16 43.30
N LEU J 2942 95.48 102.24 43.99
CA LEU J 2942 94.17 101.77 43.56
C LEU J 2942 93.14 102.89 43.60
N LYS J 2943 92.63 103.25 42.43
CA LYS J 2943 91.43 104.08 42.38
C LYS J 2943 90.27 103.43 43.11
N ASP J 2944 90.27 102.09 43.20
CA ASP J 2944 89.24 101.40 43.97
C ASP J 2944 89.30 101.76 45.44
N MET J 2945 90.49 101.70 46.06
CA MET J 2945 90.58 102.09 47.46
C MET J 2945 90.31 103.59 47.60
N GLU J 2946 90.80 104.39 46.65
CA GLU J 2946 90.50 105.81 46.68
C GLU J 2946 89.00 106.05 46.78
N LEU J 2947 88.22 105.30 45.99
CA LEU J 2947 86.77 105.34 46.12
C LEU J 2947 86.33 104.79 47.48
N ASP J 2948 87.11 103.86 48.03
CA ASP J 2948 86.79 103.21 49.30
C ASP J 2948 85.52 102.39 49.16
N THR J 2949 85.16 101.63 50.21
CA THR J 2949 83.99 100.77 50.12
C THR J 2949 82.75 101.57 49.72
N SER J 2950 82.45 102.64 50.47
CA SER J 2950 81.39 103.57 50.12
C SER J 2950 80.17 102.83 49.57
N SER J 2951 79.61 101.94 50.40
CA SER J 2951 78.51 101.09 49.97
C SER J 2951 77.39 101.92 49.35
N ILE J 2952 77.15 103.10 49.91
CA ILE J 2952 76.10 103.96 49.38
C ILE J 2952 76.41 104.32 47.93
N GLU J 2953 77.66 104.71 47.66
CA GLU J 2953 78.03 105.02 46.28
C GLU J 2953 77.98 103.77 45.41
N LYS J 2954 78.29 102.62 45.96
CA LYS J 2954 78.34 101.38 45.19
C LYS J 2954 76.96 100.79 44.92
N ARG J 2955 75.92 101.28 45.59
CA ARG J 2955 74.58 100.85 45.25
C ARG J 2955 74.30 101.11 43.78
N PHE J 2956 73.68 100.12 43.13
CA PHE J 2956 73.41 100.23 41.70
C PHE J 2956 72.64 101.50 41.38
N ALA J 2957 71.61 101.79 42.16
CA ALA J 2957 70.84 103.01 41.92
C ALA J 2957 71.73 104.24 41.95
N PHE J 2958 72.74 104.24 42.81
CA PHE J 2958 73.65 105.38 42.88
C PHE J 2958 74.35 105.61 41.55
N GLY J 2959 74.96 104.56 40.98
CA GLY J 2959 75.63 104.72 39.71
C GLY J 2959 74.67 105.07 38.60
N PHE J 2960 73.48 104.44 38.61
CA PHE J 2960 72.49 104.76 37.60
C PHE J 2960 72.15 106.24 37.63
N LEU J 2961 71.92 106.78 38.84
CA LEU J 2961 71.55 108.19 38.96
C LEU J 2961 72.71 109.11 38.60
N GLN J 2962 73.94 108.74 38.96
CA GLN J 2962 75.08 109.56 38.59
C GLN J 2962 75.22 109.64 37.07
N GLN J 2963 75.09 108.50 36.39
CA GLN J 2963 75.14 108.51 34.94
C GLN J 2963 73.98 109.34 34.38
N LEU J 2964 72.80 109.24 35.00
CA LEU J 2964 71.67 110.03 34.55
C LEU J 2964 71.96 111.52 34.66
N LEU J 2965 72.59 111.94 35.75
CA LEU J 2965 72.93 113.36 35.91
C LEU J 2965 73.96 113.82 34.89
N ARG J 2966 74.96 112.99 34.61
CA ARG J 2966 75.92 113.36 33.57
C ARG J 2966 75.22 113.51 32.23
N TRP J 2967 74.35 112.56 31.89
CA TRP J 2967 73.55 112.69 30.68
C TRP J 2967 72.67 113.93 30.74
N MET J 2968 72.28 114.35 31.94
CA MET J 2968 71.49 115.56 32.09
C MET J 2968 72.30 116.79 31.72
N ASP J 2969 73.56 116.84 32.14
CA ASP J 2969 74.43 117.93 31.70
C ASP J 2969 74.58 117.91 30.18
N ILE J 2970 74.74 116.72 29.60
CA ILE J 2970 74.81 116.63 28.14
C ILE J 2970 73.52 117.15 27.51
N SER J 2971 72.39 116.86 28.15
CA SER J 2971 71.10 117.35 27.65
C SER J 2971 71.05 118.86 27.67
N GLN J 2972 71.51 119.47 28.76
CA GLN J 2972 71.57 120.93 28.80
C GLN J 2972 72.43 121.46 27.66
N GLU J 2973 73.59 120.83 27.43
CA GLU J 2973 74.47 121.30 26.37
C GLU J 2973 73.78 121.25 25.01
N PHE J 2974 73.24 120.08 24.63
CA PHE J 2974 72.74 120.00 23.27
C PHE J 2974 71.39 120.69 23.12
N ILE J 2975 70.63 120.88 24.19
CA ILE J 2975 69.43 121.70 24.09
C ILE J 2975 69.81 123.15 23.86
N ALA J 2976 70.87 123.63 24.53
CA ALA J 2976 71.34 124.98 24.24
C ALA J 2976 71.77 125.10 22.79
N HIS J 2977 72.50 124.10 22.28
CA HIS J 2977 72.90 124.14 20.88
C HIS J 2977 71.70 124.16 19.94
N LEU J 2978 70.71 123.31 20.19
CA LEU J 2978 69.53 123.26 19.35
C LEU J 2978 68.77 124.57 19.41
N GLU J 2979 68.64 125.15 20.59
CA GLU J 2979 67.98 126.44 20.73
C GLU J 2979 68.69 127.51 19.93
N ALA J 2980 70.03 127.55 20.01
CA ALA J 2980 70.78 128.55 19.25
C ALA J 2980 70.55 128.37 17.75
N VAL J 2981 70.64 127.13 17.26
CA VAL J 2981 70.51 126.92 15.82
C VAL J 2981 69.10 127.25 15.34
N VAL J 2982 68.08 126.88 16.10
CA VAL J 2982 66.72 127.21 15.68
C VAL J 2982 66.49 128.71 15.73
N SER J 2983 67.07 129.39 16.73
CA SER J 2983 66.93 130.84 16.80
C SER J 2983 67.57 131.51 15.60
N SER J 2984 68.76 131.05 15.21
CA SER J 2984 69.45 131.64 14.07
C SER J 2984 70.39 130.60 13.47
N GLY J 2985 70.75 130.83 12.21
CA GLY J 2985 71.65 129.93 11.51
C GLY J 2985 71.14 128.51 11.47
N ARG J 2986 69.87 128.34 11.11
CA ARG J 2986 69.27 127.01 11.08
C ARG J 2986 70.06 126.11 10.13
N VAL J 2987 70.38 124.91 10.60
CA VAL J 2987 71.19 123.96 9.85
C VAL J 2987 70.91 122.56 10.40
N GLU J 2988 71.16 121.57 9.54
CA GLU J 2988 70.73 120.20 9.81
C GLU J 2988 71.86 119.28 10.27
N LYS J 2989 73.09 119.78 10.45
CA LYS J 2989 74.18 118.91 10.88
C LYS J 2989 73.85 118.24 12.21
N SER J 2990 73.48 119.03 13.21
CA SER J 2990 73.12 118.54 14.53
C SER J 2990 74.15 117.52 15.03
N PRO J 2991 75.38 117.95 15.34
CA PRO J 2991 76.39 116.98 15.78
C PRO J 2991 75.96 116.18 16.99
N HIS J 2992 75.13 116.76 17.86
CA HIS J 2992 74.68 116.05 19.05
C HIS J 2992 73.52 115.10 18.73
N GLU J 2993 73.05 115.13 17.48
CA GLU J 2993 71.91 114.31 17.05
C GLU J 2993 71.94 112.93 17.66
N GLN J 2994 73.11 112.28 17.66
CA GLN J 2994 73.21 110.97 18.29
C GLN J 2994 72.79 111.03 19.75
N GLU J 2995 73.33 111.98 20.51
CA GLU J 2995 72.98 112.15 21.91
C GLU J 2995 71.51 112.50 22.08
N ILE J 2996 70.97 113.35 21.20
CA ILE J 2996 69.55 113.72 21.30
C ILE J 2996 68.68 112.48 21.15
N LYS J 2997 68.97 111.68 20.13
CA LYS J 2997 68.16 110.49 19.89
C LYS J 2997 68.31 109.50 21.02
N PHE J 2998 69.53 109.29 21.51
CA PHE J 2998 69.70 108.42 22.66
C PHE J 2998 68.87 108.91 23.84
N PHE J 2999 69.03 110.17 24.20
CA PHE J 2999 68.24 110.74 25.28
C PHE J 2999 66.78 110.39 25.12
N ALA J 3000 66.16 110.89 24.04
CA ALA J 3000 64.72 110.77 23.90
C ALA J 3000 64.28 109.31 23.85
N LYS J 3001 64.99 108.48 23.09
CA LYS J 3001 64.50 107.13 22.82
C LYS J 3001 64.68 106.22 24.04
N ILE J 3002 65.81 106.33 24.73
CA ILE J 3002 66.17 105.40 25.79
C ILE J 3002 65.99 106.02 27.17
N LEU J 3003 66.67 107.14 27.43
CA LEU J 3003 66.80 107.60 28.80
C LEU J 3003 65.44 107.96 29.38
N LEU J 3004 64.63 108.70 28.64
CA LEU J 3004 63.33 109.11 29.18
C LEU J 3004 62.45 107.91 29.46
N PRO J 3005 62.23 106.97 28.53
CA PRO J 3005 61.47 105.77 28.90
C PRO J 3005 62.12 104.99 30.03
N LEU J 3006 63.45 104.93 30.05
CA LEU J 3006 64.12 104.25 31.15
C LEU J 3006 63.83 104.96 32.47
N ILE J 3007 63.91 106.28 32.49
CA ILE J 3007 63.56 107.03 33.68
C ILE J 3007 62.15 106.67 34.13
N ASN J 3008 61.21 106.72 33.20
CA ASN J 3008 59.81 106.46 33.54
C ASN J 3008 59.64 105.08 34.14
N GLN J 3009 60.12 104.05 33.43
CA GLN J 3009 59.90 102.69 33.91
C GLN J 3009 60.61 102.45 35.24
N TYR J 3010 61.87 102.85 35.35
CA TYR J 3010 62.61 102.57 36.57
C TYR J 3010 62.01 103.26 37.77
N PHE J 3011 61.71 104.56 37.65
CA PHE J 3011 61.21 105.29 38.79
C PHE J 3011 59.73 105.07 39.04
N THR J 3012 59.01 104.41 38.12
CA THR J 3012 57.68 103.91 38.43
C THR J 3012 57.75 102.57 39.16
N ASN J 3013 58.66 101.70 38.75
CA ASN J 3013 58.76 100.38 39.36
C ASN J 3013 59.33 100.48 40.77
N HIS J 3014 60.30 101.37 40.98
CA HIS J 3014 61.00 101.46 42.26
C HIS J 3014 60.72 102.77 42.99
N CYS J 3015 59.55 103.38 42.77
CA CYS J 3015 59.23 104.62 43.46
C CYS J 3015 59.24 104.42 44.97
N LEU J 3016 58.77 103.26 45.43
CA LEU J 3016 58.67 103.02 46.86
C LEU J 3016 60.02 103.08 47.53
N TYR J 3017 61.03 102.45 46.93
CA TYR J 3017 62.35 102.40 47.55
C TYR J 3017 62.93 103.81 47.74
N PHE J 3018 62.67 104.71 46.80
CA PHE J 3018 63.17 106.07 46.89
C PHE J 3018 62.43 106.90 47.92
N LEU J 3019 61.25 106.49 48.34
CA LEU J 3019 60.45 107.26 49.29
C LEU J 3019 60.53 106.73 50.72
N SER J 3020 60.73 105.43 50.90
CA SER J 3020 60.78 104.87 52.23
C SER J 3020 61.92 105.49 53.03
N THR J 3021 61.61 105.93 54.24
CA THR J 3021 62.62 106.52 55.10
C THR J 3021 63.37 105.44 55.86
N PRO J 3022 64.58 105.73 56.34
CA PRO J 3022 65.28 104.73 57.17
C PRO J 3022 64.49 104.33 58.38
N ALA J 3023 63.78 105.26 59.01
CA ALA J 3023 63.01 104.94 60.21
C ALA J 3023 61.83 104.03 59.87
N LYS J 3024 61.05 104.40 58.86
CA LYS J 3024 59.88 103.65 58.44
C LYS J 3024 60.06 103.21 57.00
N VAL J 3025 59.88 101.91 56.76
CA VAL J 3025 60.10 101.32 55.44
C VAL J 3025 58.73 101.07 54.83
N LEU J 3026 58.29 102.00 53.98
CA LEU J 3026 57.01 101.83 53.29
C LEU J 3026 57.08 100.65 52.31
N GLY J 3027 58.18 100.52 51.60
CA GLY J 3027 58.30 99.47 50.61
C GLY J 3027 58.53 98.10 51.23
N SER J 3028 58.68 97.11 50.35
CA SER J 3028 58.90 95.75 50.81
C SER J 3028 60.19 95.65 51.63
N GLY J 3029 61.26 96.26 51.15
CA GLY J 3029 62.53 96.24 51.86
C GLY J 3029 63.51 97.20 51.24
N GLY J 3030 64.47 97.64 52.03
CA GLY J 3030 65.47 98.56 51.53
C GLY J 3030 64.97 99.98 51.46
N HIS J 3031 65.87 100.92 51.75
CA HIS J 3031 65.56 102.34 51.74
C HIS J 3031 66.71 103.11 51.12
N ALA J 3032 66.37 104.10 50.30
CA ALA J 3032 67.38 104.88 49.62
C ALA J 3032 68.18 105.73 50.60
N SER J 3033 69.38 106.13 50.18
CA SER J 3033 70.19 107.00 50.99
C SER J 3033 69.75 108.45 50.86
N ASN J 3034 70.15 109.27 51.83
CA ASN J 3034 69.91 110.70 51.72
C ASN J 3034 70.54 111.25 50.46
N LYS J 3035 71.74 110.77 50.12
CA LYS J 3035 72.39 111.20 48.89
C LYS J 3035 71.57 110.79 47.67
N GLU J 3036 71.03 109.57 47.68
CA GLU J 3036 70.20 109.13 46.57
C GLU J 3036 68.99 110.04 46.42
N LYS J 3037 68.33 110.38 47.53
CA LYS J 3037 67.21 111.31 47.46
C LYS J 3037 67.67 112.65 46.92
N GLU J 3038 68.87 113.09 47.29
CA GLU J 3038 69.38 114.36 46.80
C GLU J 3038 69.55 114.33 45.28
N MET J 3039 70.11 113.24 44.74
CA MET J 3039 70.25 113.21 43.29
C MET J 3039 68.89 113.07 42.60
N ILE J 3040 67.93 112.41 43.23
CA ILE J 3040 66.58 112.39 42.69
C ILE J 3040 66.05 113.82 42.56
N THR J 3041 66.20 114.61 43.62
CA THR J 3041 65.75 116.00 43.58
C THR J 3041 66.50 116.79 42.52
N SER J 3042 67.81 116.55 42.42
CA SER J 3042 68.62 117.25 41.44
C SER J 3042 68.13 116.93 40.03
N LEU J 3043 67.86 115.66 39.76
CA LEU J 3043 67.33 115.28 38.46
C LEU J 3043 66.00 115.96 38.19
N PHE J 3044 65.12 115.99 39.19
CA PHE J 3044 63.82 116.62 38.99
C PHE J 3044 63.98 118.09 38.62
N CYS J 3045 64.78 118.83 39.39
CA CYS J 3045 64.98 120.24 39.10
C CYS J 3045 65.66 120.45 37.76
N LYS J 3046 66.65 119.64 37.42
CA LYS J 3046 67.34 119.80 36.14
C LYS J 3046 66.38 119.54 34.98
N LEU J 3047 65.50 118.55 35.11
CA LEU J 3047 64.55 118.27 34.04
C LEU J 3047 63.53 119.39 33.93
N ALA J 3048 63.08 119.93 35.06
CA ALA J 3048 62.17 121.07 35.00
C ALA J 3048 62.82 122.24 34.28
N ALA J 3049 64.08 122.54 34.61
CA ALA J 3049 64.81 123.59 33.91
C ALA J 3049 64.98 123.29 32.43
N LEU J 3050 65.27 122.04 32.09
CA LEU J 3050 65.43 121.65 30.70
C LEU J 3050 64.16 121.89 29.90
N VAL J 3051 63.00 121.51 30.45
CA VAL J 3051 61.75 121.69 29.74
C VAL J 3051 61.18 123.10 29.86
N ARG J 3052 61.74 123.92 30.74
CA ARG J 3052 61.22 125.27 30.94
C ARG J 3052 61.24 126.05 29.64
N HIS J 3053 60.05 126.46 29.18
CA HIS J 3053 59.87 127.33 28.03
C HIS J 3053 60.41 126.72 26.74
N ARG J 3054 60.83 125.46 26.76
CA ARG J 3054 61.42 124.83 25.59
C ARG J 3054 60.62 123.62 25.14
N VAL J 3055 59.33 123.56 25.48
CA VAL J 3055 58.53 122.39 25.13
C VAL J 3055 58.42 122.22 23.63
N SER J 3056 58.24 123.32 22.89
CA SER J 3056 58.05 123.23 21.45
C SER J 3056 59.24 122.54 20.79
N LEU J 3057 60.45 122.81 21.27
CA LEU J 3057 61.63 122.15 20.70
C LEU J 3057 61.52 120.64 20.85
N PHE J 3058 61.10 120.17 22.01
CA PHE J 3058 60.95 118.73 22.21
C PHE J 3058 59.83 118.19 21.33
N GLY J 3059 58.74 118.93 21.20
CA GLY J 3059 57.65 118.53 20.33
C GLY J 3059 57.06 117.19 20.71
N THR J 3060 57.06 116.24 19.78
CA THR J 3060 56.48 114.94 20.01
C THR J 3060 57.11 114.21 21.20
N ASP J 3061 58.33 114.60 21.58
CA ASP J 3061 58.95 114.02 22.77
C ASP J 3061 58.53 114.73 24.05
N ALA J 3062 57.90 115.91 23.92
CA ALA J 3062 57.49 116.64 25.10
C ALA J 3062 56.49 115.88 25.97
N PRO J 3063 55.48 115.20 25.42
CA PRO J 3063 54.60 114.41 26.29
C PRO J 3063 55.35 113.37 27.11
N ALA J 3064 56.31 112.67 26.50
CA ALA J 3064 57.10 111.71 27.26
C ALA J 3064 57.91 112.41 28.33
N VAL J 3065 58.48 113.57 28.00
CA VAL J 3065 59.23 114.33 29.00
C VAL J 3065 58.33 114.67 30.18
N VAL J 3066 57.11 115.13 29.91
CA VAL J 3066 56.20 115.52 30.97
C VAL J 3066 55.80 114.32 31.81
N ASN J 3067 55.62 113.16 31.18
CA ASN J 3067 55.34 111.95 31.94
C ASN J 3067 56.50 111.63 32.87
N CYS J 3068 57.73 111.78 32.38
CA CYS J 3068 58.89 111.58 33.24
C CYS J 3068 58.88 112.57 34.40
N LEU J 3069 58.50 113.82 34.12
CA LEU J 3069 58.38 114.80 35.20
C LEU J 3069 57.40 114.32 36.26
N HIS J 3070 56.23 113.83 35.82
CA HIS J 3070 55.23 113.35 36.76
C HIS J 3070 55.79 112.22 37.62
N ILE J 3071 56.47 111.27 36.99
CA ILE J 3071 56.97 110.11 37.72
C ILE J 3071 58.03 110.54 38.73
N LEU J 3072 58.93 111.42 38.31
CA LEU J 3072 59.95 111.90 39.24
C LEU J 3072 59.34 112.66 40.39
N ALA J 3073 58.30 113.46 40.11
CA ALA J 3073 57.61 114.16 41.20
C ALA J 3073 56.99 113.16 42.17
N ARG J 3074 56.39 112.10 41.64
CA ARG J 3074 55.80 111.08 42.51
C ARG J 3074 56.86 110.46 43.41
N SER J 3075 58.01 110.12 42.83
CA SER J 3075 59.05 109.44 43.59
C SER J 3075 59.91 110.37 44.42
N LEU J 3076 59.74 111.68 44.29
CA LEU J 3076 60.56 112.63 45.02
C LEU J 3076 60.28 112.56 46.52
N ASP J 3077 61.31 112.71 47.32
CA ASP J 3077 61.20 112.79 48.78
C ASP J 3077 61.76 114.14 49.22
N ALA J 3078 60.87 115.12 49.37
CA ALA J 3078 61.28 116.47 49.71
C ALA J 3078 61.64 116.67 51.18
N ARG J 3079 60.95 115.98 52.09
CA ARG J 3079 61.15 116.24 53.51
C ARG J 3079 62.59 115.97 53.94
N THR J 3080 63.13 114.82 53.54
CA THR J 3080 64.49 114.47 53.96
C THR J 3080 65.51 115.47 53.43
N VAL J 3081 65.41 115.81 52.15
CA VAL J 3081 66.37 116.74 51.57
C VAL J 3081 66.26 118.09 52.25
N MET J 3082 65.04 118.56 52.53
CA MET J 3082 64.89 119.84 53.19
C MET J 3082 65.46 119.82 54.60
N LYS J 3083 65.22 118.73 55.35
CA LYS J 3083 65.81 118.62 56.67
C LYS J 3083 67.34 118.65 56.60
N SER J 3084 67.91 117.88 55.68
CA SER J 3084 69.35 117.82 55.49
C SER J 3084 69.63 117.57 54.02
N GLY J 3085 70.53 118.35 53.45
CA GLY J 3085 70.91 118.20 52.06
C GLY J 3085 71.77 119.35 51.60
N PRO J 3086 72.48 119.17 50.49
CA PRO J 3086 73.33 120.25 49.98
C PRO J 3086 72.53 121.51 49.70
N GLU J 3087 73.12 122.66 50.07
CA GLU J 3087 72.45 123.92 49.81
C GLU J 3087 72.21 124.13 48.33
N ILE J 3088 73.05 123.52 47.48
CA ILE J 3088 72.85 123.68 46.04
C ILE J 3088 71.56 123.00 45.59
N VAL J 3089 71.31 121.77 46.06
CA VAL J 3089 70.08 121.09 45.68
C VAL J 3089 68.87 121.77 46.33
N LYS J 3090 69.05 122.24 47.57
CA LYS J 3090 67.98 123.01 48.20
C LYS J 3090 67.61 124.21 47.33
N ALA J 3091 68.62 124.95 46.88
CA ALA J 3091 68.38 126.12 46.04
C ALA J 3091 67.79 125.71 44.71
N GLY J 3092 68.15 124.53 44.20
CA GLY J 3092 67.54 124.05 42.97
C GLY J 3092 66.05 123.84 43.11
N LEU J 3093 65.64 123.19 44.20
CA LEU J 3093 64.21 123.00 44.44
C LEU J 3093 63.50 124.34 44.63
N ARG J 3094 64.09 125.22 45.43
CA ARG J 3094 63.49 126.54 45.64
C ARG J 3094 63.41 127.33 44.34
N SER J 3095 64.42 127.18 43.47
CA SER J 3095 64.41 127.88 42.19
C SER J 3095 63.34 127.32 41.27
N PHE J 3096 63.15 126.00 41.29
CA PHE J 3096 62.04 125.44 40.54
C PHE J 3096 60.73 126.04 40.99
N PHE J 3097 60.50 126.10 42.30
CA PHE J 3097 59.27 126.69 42.80
C PHE J 3097 59.13 128.16 42.41
N GLU J 3098 60.21 128.93 42.58
CA GLU J 3098 60.16 130.37 42.27
C GLU J 3098 59.90 130.60 40.79
N SER J 3099 60.56 129.83 39.92
CA SER J 3099 60.36 129.98 38.48
C SER J 3099 58.96 129.56 38.10
N ALA J 3100 58.42 128.53 38.76
CA ALA J 3100 57.04 128.16 38.50
C ALA J 3100 56.10 129.31 38.86
N SER J 3101 56.35 129.96 40.00
CA SER J 3101 55.53 131.10 40.37
C SER J 3101 55.65 132.21 39.34
N GLU J 3102 56.87 132.51 38.90
CA GLU J 3102 57.06 133.54 37.89
C GLU J 3102 56.29 133.20 36.61
N ASP J 3103 56.38 131.95 36.17
CA ASP J 3103 55.71 131.56 34.94
C ASP J 3103 54.20 131.67 35.08
N ILE J 3104 53.65 131.23 36.20
CA ILE J 3104 52.20 131.26 36.34
C ILE J 3104 51.69 132.70 36.48
N GLU J 3105 52.43 133.57 37.19
CA GLU J 3105 52.00 134.96 37.23
C GLU J 3105 52.11 135.60 35.85
N LYS J 3106 53.17 135.27 35.10
CA LYS J 3106 53.31 135.79 33.74
C LYS J 3106 52.12 135.37 32.90
N MET J 3107 51.74 134.10 32.98
CA MET J 3107 50.43 133.70 32.48
C MET J 3107 49.39 134.72 32.90
N VAL J 3108 49.16 134.85 34.21
CA VAL J 3108 48.05 135.65 34.70
C VAL J 3108 47.95 136.97 33.94
N GLU J 3109 49.05 137.73 33.86
CA GLU J 3109 48.88 139.04 33.23
C GLU J 3109 48.69 138.91 31.72
N ASN J 3110 49.40 137.98 31.06
CA ASN J 3110 49.22 137.85 29.62
C ASN J 3110 47.78 137.43 29.30
N LEU J 3111 47.25 136.47 30.05
CA LEU J 3111 45.86 136.09 29.96
C LEU J 3111 44.94 137.29 30.14
N ARG J 3112 45.21 138.12 31.15
CA ARG J 3112 44.42 139.33 31.33
C ARG J 3112 44.52 140.23 30.10
N LEU J 3113 45.64 140.15 29.38
CA LEU J 3113 45.84 140.96 28.18
C LEU J 3113 45.79 142.45 28.53
N LYS J 3124 55.95 136.21 20.47
CA LYS J 3124 56.19 134.78 20.41
C LYS J 3124 56.50 134.22 21.79
N GLY J 3125 57.24 135.00 22.59
CA GLY J 3125 57.58 134.56 23.93
C GLY J 3125 56.35 134.34 24.79
N VAL J 3126 55.34 135.21 24.65
CA VAL J 3126 54.13 135.08 25.44
C VAL J 3126 53.41 133.78 25.10
N GLY J 3127 53.28 133.48 23.81
CA GLY J 3127 52.64 132.24 23.41
C GLY J 3127 53.43 131.03 23.84
N GLN J 3128 54.75 131.10 23.75
CA GLN J 3128 55.60 130.01 24.21
C GLN J 3128 55.39 129.75 25.70
N ASN J 3129 55.36 130.81 26.50
CA ASN J 3129 55.10 130.66 27.92
C ASN J 3129 53.72 130.07 28.16
N LEU J 3130 52.72 130.54 27.41
CA LEU J 3130 51.36 130.03 27.58
C LEU J 3130 51.31 128.52 27.34
N THR J 3131 51.83 128.08 26.19
CA THR J 3131 51.80 126.65 25.89
C THR J 3131 52.65 125.83 26.84
N TYR J 3132 53.83 126.32 27.23
CA TYR J 3132 54.64 125.60 28.19
C TYR J 3132 53.90 125.40 29.50
N THR J 3133 53.29 126.46 30.02
CA THR J 3133 52.56 126.34 31.28
C THR J 3133 51.35 125.45 31.13
N THR J 3134 50.64 125.55 30.01
CA THR J 3134 49.46 124.73 29.80
C THR J 3134 49.79 123.26 29.73
N VAL J 3135 50.93 122.91 29.14
CA VAL J 3135 51.27 121.52 28.87
C VAL J 3135 52.02 120.89 30.04
N ALA J 3136 53.03 121.57 30.58
CA ALA J 3136 53.92 120.93 31.53
C ALA J 3136 53.82 121.50 32.94
N LEU J 3137 54.01 122.83 33.07
CA LEU J 3137 54.20 123.40 34.39
C LEU J 3137 52.99 123.18 35.28
N LEU J 3138 51.80 123.38 34.76
CA LEU J 3138 50.62 123.26 35.61
C LEU J 3138 50.41 121.79 36.02
N PRO J 3139 50.32 120.85 35.08
CA PRO J 3139 50.14 119.46 35.50
C PRO J 3139 51.26 118.93 36.40
N VAL J 3140 52.52 119.26 36.11
CA VAL J 3140 53.61 118.75 36.93
C VAL J 3140 53.55 119.35 38.33
N LEU J 3141 53.27 120.64 38.42
CA LEU J 3141 53.12 121.27 39.73
C LEU J 3141 51.95 120.68 40.48
N THR J 3142 50.85 120.38 39.78
CA THR J 3142 49.72 119.72 40.41
C THR J 3142 50.12 118.38 41.00
N THR J 3143 50.85 117.58 40.23
CA THR J 3143 51.28 116.28 40.72
C THR J 3143 52.20 116.43 41.93
N LEU J 3144 53.12 117.40 41.88
CA LEU J 3144 54.01 117.62 43.00
C LEU J 3144 53.24 117.98 44.26
N PHE J 3145 52.29 118.89 44.15
CA PHE J 3145 51.49 119.28 45.31
C PHE J 3145 50.68 118.11 45.82
N GLN J 3146 50.12 117.29 44.91
CA GLN J 3146 49.36 116.14 45.37
C GLN J 3146 50.23 115.18 46.16
N HIS J 3147 51.44 114.92 45.66
CA HIS J 3147 52.36 114.05 46.40
C HIS J 3147 52.69 114.64 47.77
N ILE J 3148 52.96 115.94 47.81
CA ILE J 3148 53.25 116.59 49.09
C ILE J 3148 52.08 116.39 50.05
N ALA J 3149 50.86 116.61 49.59
CA ALA J 3149 49.69 116.48 50.44
C ALA J 3149 49.53 115.03 50.92
N GLN J 3150 49.71 114.07 50.02
CA GLN J 3150 49.53 112.68 50.40
C GLN J 3150 50.53 112.26 51.46
N HIS J 3151 51.79 112.67 51.32
CA HIS J 3151 52.81 112.27 52.28
C HIS J 3151 52.94 113.25 53.45
N GLN J 3152 52.11 114.29 53.51
CA GLN J 3152 52.09 115.20 54.65
C GLN J 3152 53.44 115.91 54.81
N PHE J 3153 54.20 115.99 53.72
CA PHE J 3153 55.48 116.68 53.71
C PHE J 3153 55.33 118.20 53.74
N GLY J 3154 54.11 118.70 53.61
CA GLY J 3154 53.94 120.13 53.39
C GLY J 3154 54.60 120.98 54.45
N ASP J 3155 54.41 120.64 55.72
CA ASP J 3155 54.94 121.47 56.80
C ASP J 3155 56.45 121.62 56.68
N ASP J 3156 57.15 120.51 56.38
CA ASP J 3156 58.60 120.57 56.30
C ASP J 3156 59.06 121.24 55.00
N VAL J 3157 58.38 120.94 53.89
CA VAL J 3157 58.91 121.33 52.59
C VAL J 3157 58.58 122.79 52.28
N ILE J 3158 57.33 123.19 52.46
CA ILE J 3158 56.88 124.54 52.12
C ILE J 3158 57.26 125.45 53.28
N LEU J 3159 58.40 126.11 53.16
CA LEU J 3159 58.86 127.07 54.17
C LEU J 3159 59.58 128.20 53.47
N ASP J 3160 59.47 129.39 54.05
CA ASP J 3160 60.30 130.55 53.69
C ASP J 3160 60.06 130.88 52.21
N ASP J 3161 61.09 130.97 51.38
CA ASP J 3161 60.90 131.35 49.99
C ASP J 3161 59.88 130.44 49.30
N VAL J 3162 59.85 129.17 49.68
CA VAL J 3162 58.84 128.27 49.13
C VAL J 3162 57.45 128.77 49.48
N GLN J 3163 57.26 129.19 50.74
CA GLN J 3163 55.97 129.73 51.14
C GLN J 3163 55.63 130.99 50.35
N VAL J 3164 56.61 131.87 50.15
CA VAL J 3164 56.34 133.10 49.42
C VAL J 3164 55.92 132.78 47.98
N SER J 3165 56.64 131.86 47.34
CA SER J 3165 56.28 131.46 45.98
C SER J 3165 54.89 130.86 45.94
N CYS J 3166 54.55 130.03 46.93
CA CYS J 3166 53.22 129.44 46.97
C CYS J 3166 52.14 130.49 47.12
N TYR J 3167 52.37 131.50 47.97
CA TYR J 3167 51.42 132.59 48.09
C TYR J 3167 51.23 133.30 46.76
N ARG J 3168 52.33 133.62 46.08
CA ARG J 3168 52.20 134.31 44.80
C ARG J 3168 51.40 133.46 43.82
N THR J 3169 51.70 132.17 43.74
CA THR J 3169 50.97 131.29 42.84
C THR J 3169 49.48 131.29 43.17
N LEU J 3170 49.14 131.05 44.44
CA LEU J 3170 47.74 131.01 44.85
C LEU J 3170 47.02 132.29 44.46
N CYS J 3171 47.59 133.44 44.82
CA CYS J 3171 46.88 134.69 44.66
C CYS J 3171 46.76 135.06 43.19
N SER J 3172 47.79 134.79 42.40
CA SER J 3172 47.71 135.02 40.96
C SER J 3172 46.62 134.15 40.34
N ILE J 3173 46.56 132.87 40.73
CA ILE J 3173 45.52 132.00 40.19
C ILE J 3173 44.14 132.53 40.53
N TYR J 3174 43.95 132.95 41.79
CA TYR J 3174 42.64 133.44 42.19
C TYR J 3174 42.25 134.69 41.42
N SER J 3175 43.21 135.61 41.23
CA SER J 3175 42.90 136.81 40.45
C SER J 3175 42.52 136.46 39.03
N LEU J 3176 43.26 135.52 38.42
CA LEU J 3176 42.89 135.06 37.09
C LEU J 3176 41.48 134.52 37.08
N GLY J 3177 41.15 133.69 38.06
CA GLY J 3177 39.80 133.13 38.12
C GLY J 3177 38.74 134.21 38.21
N THR J 3178 38.98 135.23 39.03
CA THR J 3178 38.04 136.34 39.09
C THR J 3178 37.89 137.02 37.73
N THR J 3179 38.99 137.12 37.00
CA THR J 3179 38.93 137.70 35.65
C THR J 3179 38.08 136.81 34.74
N ARG J 3180 37.48 137.42 33.72
CA ARG J 3180 36.56 136.75 32.80
C ARG J 3180 37.09 136.82 31.37
N ASN J 3181 37.11 135.68 30.68
CA ASN J 3181 37.48 135.58 29.28
C ASN J 3181 37.18 134.18 28.77
N PRO J 3182 37.00 134.00 27.46
CA PRO J 3182 36.71 132.64 26.95
C PRO J 3182 37.88 131.69 27.08
N TYR J 3183 39.05 132.10 26.63
CA TYR J 3183 40.27 131.33 26.91
C TYR J 3183 40.50 131.14 28.40
N VAL J 3184 40.11 132.11 29.22
CA VAL J 3184 40.22 131.91 30.65
C VAL J 3184 39.34 130.77 31.12
N GLU J 3185 38.06 130.76 30.72
CA GLU J 3185 37.20 129.66 31.11
C GLU J 3185 37.65 128.34 30.50
N LYS J 3186 38.35 128.37 29.37
CA LYS J 3186 39.02 127.16 28.88
C LYS J 3186 40.05 126.67 29.88
N LEU J 3187 40.86 127.58 30.42
CA LEU J 3187 41.95 127.17 31.30
C LEU J 3187 41.45 126.82 32.70
N ARG J 3188 40.25 127.29 33.06
CA ARG J 3188 39.81 127.20 34.46
C ARG J 3188 39.96 125.83 35.10
N PRO J 3189 39.58 124.73 34.45
CA PRO J 3189 39.63 123.43 35.13
C PRO J 3189 41.00 123.08 35.70
N ALA J 3190 42.04 123.18 34.86
CA ALA J 3190 43.38 122.85 35.31
C ALA J 3190 43.83 123.80 36.42
N LEU J 3191 43.51 125.09 36.28
CA LEU J 3191 43.87 126.04 37.32
C LEU J 3191 43.22 125.66 38.64
N GLY J 3192 41.94 125.27 38.60
CA GLY J 3192 41.26 124.88 39.82
C GLY J 3192 41.89 123.65 40.46
N GLU J 3193 42.20 122.64 39.65
CA GLU J 3193 42.85 121.46 40.22
C GLU J 3193 44.19 121.81 40.84
N CYS J 3194 44.99 122.62 40.14
CA CYS J 3194 46.29 123.00 40.67
C CYS J 3194 46.15 123.77 41.98
N LEU J 3195 45.21 124.71 42.03
CA LEU J 3195 45.06 125.51 43.24
C LEU J 3195 44.51 124.66 44.38
N ALA J 3196 43.65 123.69 44.09
CA ALA J 3196 43.19 122.79 45.13
C ALA J 3196 44.34 121.99 45.71
N ARG J 3197 45.19 121.46 44.86
CA ARG J 3197 46.36 120.74 45.35
C ARG J 3197 47.25 121.65 46.18
N LEU J 3198 47.43 122.89 45.72
CA LEU J 3198 48.25 123.85 46.46
C LEU J 3198 47.65 124.13 47.83
N ALA J 3199 46.33 124.27 47.90
CA ALA J 3199 45.67 124.48 49.19
C ALA J 3199 45.91 123.29 50.11
N ALA J 3200 45.81 122.08 49.56
CA ALA J 3200 46.09 120.90 50.37
C ALA J 3200 47.52 120.92 50.90
N ALA J 3201 48.46 121.34 50.06
CA ALA J 3201 49.87 121.29 50.45
C ALA J 3201 50.21 122.42 51.43
N MET J 3202 49.54 123.55 51.32
CA MET J 3202 49.90 124.75 52.04
C MET J 3202 49.90 124.51 53.55
N PRO J 3203 51.00 124.80 54.26
CA PRO J 3203 51.00 124.69 55.72
C PRO J 3203 50.66 125.97 56.47
N VAL J 3204 50.31 127.06 55.78
CA VAL J 3204 49.91 128.30 56.41
C VAL J 3204 48.44 128.55 56.12
N ALA J 3205 47.67 128.81 57.16
CA ALA J 3205 46.22 129.01 57.03
C ALA J 3205 45.98 130.36 56.36
N PHE J 3206 46.16 130.38 55.04
CA PHE J 3206 46.06 131.65 54.32
C PHE J 3206 44.66 132.23 54.45
N LEU J 3207 43.65 131.39 54.63
CA LEU J 3207 42.29 131.89 54.75
C LEU J 3207 42.00 132.45 56.14
N GLU J 3208 42.92 132.30 57.08
CA GLU J 3208 42.72 132.73 58.47
C GLU J 3208 43.92 133.53 58.92
N PRO J 3209 44.17 134.68 58.29
CA PRO J 3209 45.31 135.52 58.73
C PRO J 3209 45.16 135.99 60.16
N GLU J 3210 43.94 136.24 60.63
CA GLU J 3210 43.73 136.75 61.97
C GLU J 3210 44.35 135.84 63.04
N LEU J 3211 44.35 134.52 62.82
CA LEU J 3211 44.92 133.58 63.78
C LEU J 3211 46.28 133.05 63.34
N ASN J 3212 46.88 133.68 62.33
CA ASN J 3212 48.14 133.16 61.79
C ASN J 3212 49.24 133.11 62.84
N GLU J 3213 49.27 134.09 63.74
CA GLU J 3213 50.38 134.21 64.67
C GLU J 3213 50.58 132.92 65.46
N TYR J 3214 49.52 132.17 65.70
CA TYR J 3214 49.66 130.92 66.43
C TYR J 3214 50.44 129.89 65.62
N ASN J 3215 50.26 129.87 64.30
CA ASN J 3215 50.92 128.88 63.47
C ASN J 3215 52.43 128.96 63.61
N ALA J 3216 53.03 127.91 64.16
CA ALA J 3216 54.48 127.84 64.22
C ALA J 3216 55.09 127.80 62.82
N CYS J 3217 54.49 127.02 61.92
CA CYS J 3217 55.00 126.88 60.55
C CYS J 3217 54.43 127.98 59.68
N SER J 3218 54.98 129.18 59.87
CA SER J 3218 54.62 130.34 59.06
C SER J 3218 55.87 131.16 58.78
N VAL J 3219 55.87 131.85 57.64
CA VAL J 3219 57.04 132.64 57.27
C VAL J 3219 57.27 133.74 58.29
N TYR J 3220 56.21 134.45 58.69
CA TYR J 3220 56.39 135.56 59.63
C TYR J 3220 56.92 135.07 60.97
N THR J 3221 56.37 133.98 61.49
CA THR J 3221 56.81 133.48 62.79
C THR J 3221 58.23 132.93 62.71
N THR J 3222 58.57 132.24 61.62
CA THR J 3222 59.90 131.66 61.49
C THR J 3222 60.95 132.75 61.32
N LYS J 3223 60.71 133.69 60.42
CA LYS J 3223 61.69 134.74 60.15
C LYS J 3223 61.53 135.89 61.15
N SER J 3224 62.67 136.49 61.50
CA SER J 3224 62.70 137.55 62.49
C SER J 3224 62.19 138.87 61.90
N PRO J 3225 61.75 139.79 62.76
CA PRO J 3225 61.33 141.10 62.24
C PRO J 3225 62.44 141.80 61.46
N ARG J 3226 63.68 141.69 61.93
CA ARG J 3226 64.80 142.22 61.15
C ARG J 3226 64.90 141.49 59.82
N GLU J 3227 64.59 140.21 59.81
CA GLU J 3227 64.47 139.46 58.57
C GLU J 3227 63.16 139.83 57.87
N ARG J 3228 62.97 139.28 56.67
CA ARG J 3228 61.77 139.48 55.86
C ARG J 3228 61.56 140.95 55.49
N ALA J 3229 62.47 141.82 55.93
CA ALA J 3229 62.52 143.17 55.39
C ALA J 3229 63.56 143.26 54.28
N ILE J 3230 64.69 142.58 54.46
CA ILE J 3230 65.63 142.40 53.37
C ILE J 3230 64.98 141.64 52.22
N LEU J 3231 64.13 140.67 52.55
CA LEU J 3231 63.34 139.97 51.56
C LEU J 3231 62.11 140.80 51.19
N GLY J 3232 61.50 140.46 50.06
CA GLY J 3232 60.33 141.18 49.58
C GLY J 3232 59.05 140.72 50.23
N LEU J 3233 58.99 140.76 51.55
CA LEU J 3233 57.82 140.30 52.28
C LEU J 3233 57.05 141.49 52.84
N PRO J 3234 55.73 141.56 52.66
CA PRO J 3234 54.96 142.63 53.31
C PRO J 3234 55.06 142.54 54.82
N ASN J 3235 54.95 143.70 55.47
CA ASN J 3235 55.07 143.75 56.92
C ASN J 3235 53.99 142.91 57.59
N SER J 3236 52.77 142.96 57.07
CA SER J 3236 51.64 142.25 57.65
C SER J 3236 51.21 141.10 56.75
N VAL J 3237 50.77 140.02 57.37
CA VAL J 3237 50.36 138.84 56.63
C VAL J 3237 49.18 139.12 55.73
N GLU J 3238 48.26 139.99 56.17
CA GLU J 3238 47.09 140.30 55.37
C GLU J 3238 47.49 140.78 53.97
N GLU J 3239 48.63 141.44 53.87
CA GLU J 3239 49.11 141.97 52.60
C GLU J 3239 49.99 140.99 51.85
N MET J 3240 50.14 139.76 52.32
CA MET J 3240 50.74 138.72 51.50
C MET J 3240 50.03 138.73 50.15
N CYS J 3241 48.70 138.76 50.20
CA CYS J 3241 47.89 139.19 49.07
C CYS J 3241 46.49 139.48 49.57
N PRO J 3242 45.93 140.67 49.36
CA PRO J 3242 44.61 140.99 49.94
C PRO J 3242 43.47 140.43 49.12
N ASP J 3243 43.73 140.13 47.85
CA ASP J 3243 42.64 139.72 46.96
C ASP J 3243 41.89 138.52 47.52
N ILE J 3244 42.60 137.56 48.09
CA ILE J 3244 41.95 136.36 48.63
C ILE J 3244 41.04 136.77 49.77
N PRO J 3245 39.75 136.44 49.75
CA PRO J 3245 38.89 136.78 50.88
C PRO J 3245 39.19 135.92 52.10
N VAL J 3246 38.72 136.41 53.25
CA VAL J 3246 38.83 135.63 54.48
C VAL J 3246 37.82 134.49 54.45
N LEU J 3247 38.04 133.49 55.30
CA LEU J 3247 37.18 132.31 55.29
C LEU J 3247 35.73 132.67 55.59
N GLU J 3248 35.51 133.53 56.58
CA GLU J 3248 34.14 133.86 56.97
C GLU J 3248 33.40 134.53 55.82
N ARG J 3249 34.03 135.49 55.16
CA ARG J 3249 33.37 136.18 54.06
C ARG J 3249 33.16 135.24 52.88
N LEU J 3250 34.12 134.36 52.61
CA LEU J 3250 33.92 133.35 51.57
C LEU J 3250 32.71 132.48 51.87
N MET J 3251 32.60 132.04 53.12
CA MET J 3251 31.48 131.18 53.50
C MET J 3251 30.16 131.92 53.36
N ALA J 3252 30.10 133.15 53.88
CA ALA J 3252 28.85 133.91 53.79
C ALA J 3252 28.46 134.12 52.33
N GLU J 3253 29.43 134.48 51.49
CA GLU J 3253 29.14 134.64 50.07
C GLU J 3253 28.61 133.35 49.49
N ILE J 3254 29.41 132.28 49.51
CA ILE J 3254 29.03 131.05 48.85
C ILE J 3254 27.64 130.62 49.31
N GLY J 3255 27.34 130.80 50.59
CA GLY J 3255 25.98 130.57 51.04
C GLY J 3255 24.97 131.47 50.34
N GLY J 3256 25.29 132.75 50.19
CA GLY J 3256 24.36 133.66 49.56
C GLY J 3256 24.08 133.30 48.10
N LEU J 3257 25.14 133.03 47.34
CA LEU J 3257 24.96 132.61 45.95
C LEU J 3257 24.20 131.30 45.87
N ALA J 3258 24.52 130.34 46.75
CA ALA J 3258 23.79 129.07 46.73
C ALA J 3258 22.31 129.30 46.97
N GLU J 3259 21.96 130.13 47.95
CA GLU J 3259 20.55 130.41 48.20
C GLU J 3259 19.91 131.10 47.00
N SER J 3260 20.62 132.05 46.39
CA SER J 3260 20.10 132.67 45.17
C SER J 3260 19.86 131.63 44.09
N GLY J 3261 20.62 130.54 44.12
CA GLY J 3261 20.47 129.48 43.14
C GLY J 3261 20.81 129.95 41.73
N ALA J 3262 21.78 130.85 41.63
CA ALA J 3262 22.19 131.34 40.32
C ALA J 3262 22.90 130.24 39.53
N ARG J 3263 23.22 130.56 38.28
CA ARG J 3263 23.66 129.55 37.32
C ARG J 3263 25.19 129.46 37.27
N TYR J 3264 25.67 128.36 36.71
CA TYR J 3264 27.10 128.18 36.52
C TYR J 3264 27.68 129.32 35.69
N THR J 3265 26.99 129.69 34.61
CA THR J 3265 27.41 130.86 33.84
C THR J 3265 27.41 132.11 34.69
N GLU J 3266 26.44 132.23 35.60
CA GLU J 3266 26.37 133.41 36.46
C GLU J 3266 27.60 133.50 37.35
N MET J 3267 28.10 132.36 37.81
CA MET J 3267 29.23 132.30 38.73
C MET J 3267 30.23 131.26 38.26
N PRO J 3268 30.81 131.44 37.06
CA PRO J 3268 31.69 130.40 36.51
C PRO J 3268 32.95 130.21 37.34
N HIS J 3269 33.51 131.32 37.83
CA HIS J 3269 34.74 131.25 38.60
C HIS J 3269 34.53 130.47 39.90
N VAL J 3270 33.41 130.72 40.58
CA VAL J 3270 33.21 130.16 41.90
C VAL J 3270 33.34 128.64 41.88
N ILE J 3271 32.46 127.97 41.15
CA ILE J 3271 32.47 126.51 41.15
C ILE J 3271 33.82 125.97 40.69
N GLU J 3272 34.39 126.56 39.65
CA GLU J 3272 35.58 125.98 39.04
C GLU J 3272 36.82 126.12 39.91
N ILE J 3273 36.95 127.19 40.70
CA ILE J 3273 38.15 127.45 41.47
C ILE J 3273 37.86 127.47 42.97
N THR J 3274 36.97 128.36 43.41
CA THR J 3274 36.80 128.57 44.85
C THR J 3274 36.30 127.29 45.53
N LEU J 3275 35.34 126.61 44.91
CA LEU J 3275 34.81 125.40 45.52
C LEU J 3275 35.87 124.33 45.71
N PRO J 3276 36.63 123.94 44.69
CA PRO J 3276 37.73 122.99 44.93
C PRO J 3276 38.68 123.49 46.01
N MET J 3277 39.06 124.76 45.96
CA MET J 3277 39.94 125.31 46.98
C MET J 3277 39.37 125.06 48.36
N LEU J 3278 38.13 125.44 48.59
CA LEU J 3278 37.57 125.41 49.92
C LEU J 3278 37.31 123.99 50.41
N CYS J 3279 36.83 123.10 49.53
CA CYS J 3279 36.57 121.73 49.96
C CYS J 3279 37.87 120.97 50.22
N SER J 3280 38.95 121.30 49.51
CA SER J 3280 40.25 120.75 49.87
C SER J 3280 40.86 121.45 51.08
N TYR J 3281 40.43 122.67 51.38
CA TYR J 3281 40.98 123.41 52.51
C TYR J 3281 40.43 122.90 53.82
N LEU J 3282 39.11 122.78 53.93
CA LEU J 3282 38.52 122.40 55.21
C LEU J 3282 39.10 121.10 55.76
N PRO J 3283 39.22 120.03 54.98
CA PRO J 3283 39.75 118.78 55.56
C PRO J 3283 41.16 118.93 56.10
N ARG J 3284 42.04 119.60 55.36
CA ARG J 3284 43.44 119.68 55.76
C ARG J 3284 43.58 120.42 57.09
N TRP J 3285 42.84 121.50 57.27
CA TRP J 3285 42.96 122.33 58.46
C TRP J 3285 42.01 121.91 59.58
N TRP J 3286 41.10 120.97 59.33
CA TRP J 3286 40.19 120.55 60.37
C TRP J 3286 40.95 119.93 61.54
N GLU J 3287 41.88 119.03 61.24
CA GLU J 3287 42.67 118.41 62.30
C GLU J 3287 43.54 119.42 63.02
N ARG J 3288 44.17 120.34 62.26
CA ARG J 3288 44.97 121.38 62.89
C ARG J 3288 44.12 122.27 63.79
N GLY J 3289 42.84 122.43 63.47
CA GLY J 3289 41.97 123.27 64.26
C GLY J 3289 41.40 122.54 65.45
N PRO J 3290 40.56 123.25 66.20
CA PRO J 3290 39.93 122.63 67.38
C PRO J 3290 38.86 121.63 66.95
N GLU J 3291 38.20 121.07 67.95
CA GLU J 3291 37.11 120.12 67.73
C GLU J 3291 37.59 118.85 67.03
N ALA J 3292 38.90 118.60 67.04
CA ALA J 3292 39.48 117.44 66.41
C ALA J 3292 40.20 116.58 67.44
N PRO J 3293 40.43 115.30 67.17
CA PRO J 3293 41.19 114.47 68.10
C PRO J 3293 42.46 115.18 68.52
N PRO J 3294 42.58 115.58 69.79
CA PRO J 3294 43.77 116.29 70.24
C PRO J 3294 44.82 115.34 70.81
N PRO J 3295 45.65 114.72 69.96
CA PRO J 3295 46.65 113.79 70.53
C PRO J 3295 47.55 114.46 71.56
N ALA J 3296 47.84 115.75 71.40
CA ALA J 3296 48.70 116.48 72.31
C ALA J 3296 47.92 117.19 73.42
N LEU J 3297 46.71 116.73 73.72
CA LEU J 3297 45.91 117.37 74.76
C LEU J 3297 46.63 117.39 76.11
N PRO J 3298 47.20 116.27 76.59
CA PRO J 3298 47.83 116.31 77.92
C PRO J 3298 48.90 117.37 78.05
N ALA J 3299 49.71 117.57 77.01
CA ALA J 3299 50.74 118.59 77.04
C ALA J 3299 50.15 119.96 76.74
N GLY J 3300 50.89 120.99 77.11
CA GLY J 3300 50.47 122.35 76.81
C GLY J 3300 50.30 122.54 75.32
N ALA J 3301 49.09 122.91 74.91
CA ALA J 3301 48.74 123.02 73.50
C ALA J 3301 48.52 124.48 73.14
N PRO J 3302 49.30 125.05 72.20
CA PRO J 3302 49.01 126.41 71.77
C PRO J 3302 47.68 126.46 71.05
N PRO J 3303 46.98 127.59 71.11
CA PRO J 3303 45.68 127.68 70.44
C PRO J 3303 45.82 127.37 68.95
N PRO J 3304 44.86 126.63 68.38
CA PRO J 3304 44.99 126.24 66.97
C PRO J 3304 45.10 127.45 66.07
N CYS J 3305 45.97 127.34 65.05
CA CYS J 3305 46.13 128.43 64.10
C CYS J 3305 44.86 128.65 63.30
N THR J 3306 44.11 127.59 63.03
CA THR J 3306 42.85 127.70 62.31
C THR J 3306 41.68 127.55 63.27
N ALA J 3307 40.54 128.12 62.88
CA ALA J 3307 39.31 128.06 63.65
C ALA J 3307 38.27 127.18 62.98
N VAL J 3308 38.68 126.33 62.02
CA VAL J 3308 37.73 125.51 61.29
C VAL J 3308 36.98 124.59 62.24
N THR J 3309 35.69 124.41 61.98
CA THR J 3309 34.84 123.53 62.77
C THR J 3309 33.95 122.73 61.82
N SER J 3310 33.49 121.58 62.31
CA SER J 3310 32.70 120.68 61.48
C SER J 3310 31.43 121.34 60.96
N ASP J 3311 30.89 122.32 61.68
CA ASP J 3311 29.71 123.02 61.20
C ASP J 3311 29.99 123.80 59.93
N HIS J 3312 31.18 124.39 59.81
CA HIS J 3312 31.56 125.03 58.55
C HIS J 3312 31.52 124.03 57.40
N LEU J 3313 32.08 122.84 57.60
CA LEU J 3313 32.08 121.83 56.55
C LEU J 3313 30.65 121.40 56.21
N ASN J 3314 29.81 121.22 57.23
CA ASN J 3314 28.42 120.85 57.00
C ASN J 3314 27.70 121.90 56.16
N SER J 3315 27.85 123.17 56.54
CA SER J 3315 27.22 124.24 55.77
C SER J 3315 27.76 124.26 54.34
N LEU J 3316 29.07 124.07 54.19
CA LEU J 3316 29.65 124.04 52.85
C LEU J 3316 28.99 122.96 52.02
N LEU J 3317 28.95 121.73 52.53
CA LEU J 3317 28.36 120.62 51.80
C LEU J 3317 26.90 120.87 51.45
N GLY J 3318 26.12 121.41 52.38
CA GLY J 3318 24.78 121.83 52.04
C GLY J 3318 24.77 122.81 50.89
N ASN J 3319 25.73 123.73 50.87
CA ASN J 3319 25.80 124.69 49.77
C ASN J 3319 26.02 123.97 48.44
N ILE J 3320 27.05 123.12 48.35
CA ILE J 3320 27.31 122.40 47.11
C ILE J 3320 26.07 121.65 46.67
N LEU J 3321 25.42 120.94 47.60
CA LEU J 3321 24.19 120.25 47.24
C LEU J 3321 23.18 121.23 46.64
N ARG J 3322 23.08 122.43 47.22
CA ARG J 3322 22.13 123.40 46.69
C ARG J 3322 22.50 123.84 45.28
N ILE J 3323 23.79 124.09 45.03
CA ILE J 3323 24.19 124.50 43.68
C ILE J 3323 23.88 123.42 42.65
N ILE J 3324 24.23 122.16 42.94
CA ILE J 3324 23.92 121.10 41.97
C ILE J 3324 22.41 120.95 41.79
N VAL J 3325 21.65 120.95 42.88
CA VAL J 3325 20.21 120.75 42.73
C VAL J 3325 19.61 121.88 41.91
N ASN J 3326 20.11 123.10 42.09
CA ASN J 3326 19.64 124.21 41.28
C ASN J 3326 20.02 124.01 39.82
N ASN J 3327 21.22 123.51 39.55
CA ASN J 3327 21.72 123.35 38.20
C ASN J 3327 21.21 122.08 37.52
N LEU J 3328 20.43 121.27 38.21
CA LEU J 3328 19.90 120.06 37.59
C LEU J 3328 19.10 120.39 36.32
N GLY J 3329 19.21 119.51 35.33
CA GLY J 3329 18.42 119.62 34.13
C GLY J 3329 19.04 120.45 33.03
N ILE J 3330 20.16 121.12 33.28
CA ILE J 3330 20.78 121.93 32.25
C ILE J 3330 21.45 121.03 31.21
N ASP J 3331 21.56 121.53 29.98
CA ASP J 3331 22.04 120.70 28.89
C ASP J 3331 23.47 120.24 29.11
N GLU J 3332 24.35 121.13 29.57
CA GLU J 3332 25.76 120.80 29.75
C GLU J 3332 26.25 121.35 31.08
N ALA J 3333 26.79 120.46 31.93
CA ALA J 3333 27.33 120.82 33.24
C ALA J 3333 28.61 120.02 33.47
N SER J 3334 29.48 119.99 32.46
CA SER J 3334 30.69 119.17 32.56
C SER J 3334 31.47 119.48 33.82
N TRP J 3335 31.42 120.73 34.29
CA TRP J 3335 32.08 121.08 35.55
C TRP J 3335 31.55 120.26 36.71
N MET J 3336 30.35 119.71 36.57
CA MET J 3336 29.66 119.09 37.71
C MET J 3336 30.40 117.87 38.21
N LYS J 3337 30.89 117.02 37.30
CA LYS J 3337 31.60 115.82 37.73
C LYS J 3337 32.90 116.18 38.45
N ARG J 3338 33.62 117.18 37.95
CA ARG J 3338 34.82 117.63 38.64
C ARG J 3338 34.47 118.15 40.02
N LEU J 3339 33.39 118.92 40.13
CA LEU J 3339 32.97 119.41 41.44
C LEU J 3339 32.66 118.26 42.39
N ALA J 3340 31.96 117.25 41.88
CA ALA J 3340 31.61 116.11 42.73
C ALA J 3340 32.84 115.39 43.24
N VAL J 3341 33.81 115.14 42.36
CA VAL J 3341 35.01 114.44 42.79
C VAL J 3341 35.79 115.30 43.78
N PHE J 3342 35.86 116.62 43.54
CA PHE J 3342 36.57 117.49 44.46
C PHE J 3342 35.87 117.56 45.81
N ALA J 3343 34.54 117.40 45.82
CA ALA J 3343 33.78 117.52 47.05
C ALA J 3343 33.62 116.20 47.79
N GLN J 3344 33.98 115.08 47.18
CA GLN J 3344 33.90 113.82 47.91
C GLN J 3344 34.59 113.87 49.27
N PRO J 3345 35.79 114.42 49.42
CA PRO J 3345 36.49 114.30 50.70
C PRO J 3345 35.72 114.88 51.88
N ILE J 3346 34.99 115.98 51.69
CA ILE J 3346 34.37 116.65 52.83
C ILE J 3346 33.24 115.80 53.41
N VAL J 3347 32.55 115.04 52.56
CA VAL J 3347 31.31 114.38 52.98
C VAL J 3347 31.54 113.50 54.19
N SER J 3348 32.77 113.02 54.38
CA SER J 3348 33.03 112.05 55.44
C SER J 3348 32.55 112.55 56.79
N ARG J 3349 32.69 113.85 57.05
CA ARG J 3349 32.35 114.42 58.35
C ARG J 3349 30.99 115.08 58.36
N ALA J 3350 30.17 114.87 57.33
CA ALA J 3350 28.87 115.51 57.26
C ALA J 3350 28.00 115.12 58.45
N ARG J 3351 27.27 116.08 58.99
CA ARG J 3351 26.41 115.83 60.13
C ARG J 3351 25.12 115.14 59.67
N PRO J 3352 24.52 114.29 60.52
CA PRO J 3352 23.39 113.47 60.04
C PRO J 3352 22.23 114.26 59.47
N GLU J 3353 21.92 115.42 60.04
CA GLU J 3353 20.69 116.13 59.64
C GLU J 3353 20.72 116.55 58.18
N LEU J 3354 21.90 116.51 57.54
CA LEU J 3354 21.98 116.83 56.12
C LEU J 3354 21.07 115.93 55.29
N LEU J 3355 20.95 114.66 55.67
CA LEU J 3355 20.12 113.74 54.90
C LEU J 3355 18.71 114.27 54.75
N ARG J 3356 18.11 114.71 55.85
CA ARG J 3356 16.76 115.24 55.81
C ARG J 3356 16.69 116.64 55.23
N SER J 3357 17.70 117.47 55.50
CA SER J 3357 17.62 118.86 55.06
C SER J 3357 17.78 118.99 53.55
N HIS J 3358 18.76 118.29 52.97
CA HIS J 3358 19.15 118.50 51.58
C HIS J 3358 18.98 117.28 50.70
N PHE J 3359 19.48 116.12 51.13
CA PHE J 3359 19.54 114.97 50.23
C PHE J 3359 18.16 114.53 49.78
N ILE J 3360 17.25 114.30 50.74
CA ILE J 3360 15.97 113.67 50.39
C ILE J 3360 15.21 114.49 49.36
N PRO J 3361 14.98 115.79 49.54
CA PRO J 3361 14.34 116.56 48.46
C PRO J 3361 15.16 116.56 47.18
N THR J 3362 16.49 116.59 47.31
CA THR J 3362 17.35 116.64 46.14
C THR J 3362 17.18 115.39 45.29
N ILE J 3363 17.32 114.21 45.90
CA ILE J 3363 17.18 112.97 45.15
C ILE J 3363 15.72 112.77 44.73
N GLY J 3364 14.78 113.32 45.50
CA GLY J 3364 13.38 113.21 45.13
C GLY J 3364 13.04 113.95 43.85
N ARG J 3365 13.58 115.15 43.68
CA ARG J 3365 13.37 115.85 42.43
C ARG J 3365 13.87 115.01 41.25
N LEU J 3366 15.03 114.38 41.41
CA LEU J 3366 15.56 113.54 40.36
C LEU J 3366 14.69 112.31 40.13
N ARG J 3367 14.11 111.76 41.20
CA ARG J 3367 13.18 110.65 41.04
C ARG J 3367 11.96 111.09 40.24
N LYS J 3368 11.42 112.26 40.53
CA LYS J 3368 10.29 112.77 39.75
C LYS J 3368 10.67 112.96 38.30
N ARG J 3369 11.87 113.50 38.04
CA ARG J 3369 12.33 113.66 36.67
C ARG J 3369 12.45 112.31 35.97
N ALA J 3370 12.95 111.30 36.68
CA ALA J 3370 13.02 109.96 36.11
C ALA J 3370 11.64 109.43 35.77
N GLY J 3371 10.67 109.64 36.65
CA GLY J 3371 9.31 109.24 36.35
C GLY J 3371 8.77 109.91 35.10
N LYS J 3372 8.98 111.23 34.99
CA LYS J 3372 8.49 111.95 33.82
C LYS J 3372 9.16 111.44 32.54
N VAL J 3373 10.47 111.25 32.57
CA VAL J 3373 11.17 110.86 31.36
C VAL J 3373 10.79 109.43 30.96
N VAL J 3374 10.61 108.54 31.93
CA VAL J 3374 10.16 107.19 31.57
C VAL J 3374 8.74 107.24 31.03
N ALA J 3375 7.89 108.13 31.55
CA ALA J 3375 6.56 108.30 30.97
C ALA J 3375 6.67 108.69 29.50
N GLU J 3376 7.53 109.67 29.20
CA GLU J 3376 7.82 110.00 27.82
C GLU J 3376 8.28 108.77 27.04
N GLU J 3377 9.07 107.92 27.70
CA GLU J 3377 9.59 106.73 27.02
C GLU J 3377 8.47 105.76 26.66
N GLU J 3378 7.53 105.52 27.57
CA GLU J 3378 6.43 104.61 27.23
C GLU J 3378 5.55 105.21 26.15
N GLN J 3379 5.31 106.53 26.20
CA GLN J 3379 4.52 107.14 25.14
C GLN J 3379 5.22 107.00 23.79
N LEU J 3380 6.54 107.19 23.77
CA LEU J 3380 7.29 106.99 22.55
C LEU J 3380 7.20 105.55 22.07
N ARG J 3381 7.30 104.58 22.99
CA ARG J 3381 7.15 103.19 22.62
C ARG J 3381 5.80 102.93 21.97
N LEU J 3382 4.73 103.51 22.52
CA LEU J 3382 3.42 103.40 21.89
C LEU J 3382 3.46 103.99 20.48
N GLU J 3383 4.11 105.15 20.33
CA GLU J 3383 4.32 105.70 19.00
C GLU J 3383 5.17 104.75 18.16
N ALA J 3384 4.92 104.73 16.86
CA ALA J 3384 5.52 103.75 15.97
C ALA J 3384 6.02 104.40 14.68
N LYS J 3385 7.01 103.73 14.07
CA LYS J 3385 7.55 104.09 12.75
C LYS J 3385 8.16 105.49 12.84
N ALA J 3386 7.80 106.42 11.96
CA ALA J 3386 8.40 107.75 12.01
C ALA J 3386 8.10 108.45 13.32
N GLU J 3387 6.92 108.20 13.89
CA GLU J 3387 6.59 108.76 15.19
C GLU J 3387 7.56 108.27 16.25
N ALA J 3388 7.89 106.98 16.21
CA ALA J 3388 8.87 106.43 17.15
C ALA J 3388 10.25 107.04 16.91
N GLU J 3389 10.66 107.13 15.64
CA GLU J 3389 12.00 107.65 15.36
C GLU J 3389 12.13 109.09 15.82
N GLU J 3390 11.14 109.92 15.52
CA GLU J 3390 11.13 111.28 16.05
C GLU J 3390 10.87 111.22 17.55
N GLY J 3391 11.67 111.95 18.32
CA GLY J 3391 11.61 111.88 19.76
C GLY J 3391 12.43 110.78 20.37
N GLU J 3392 12.90 109.82 19.57
CA GLU J 3392 13.81 108.81 20.12
C GLU J 3392 15.11 109.45 20.57
N LEU J 3393 15.72 110.25 19.70
CA LEU J 3393 16.92 110.99 20.11
C LEU J 3393 16.59 111.97 21.23
N LEU J 3394 15.37 112.51 21.25
CA LEU J 3394 14.96 113.38 22.34
C LEU J 3394 15.05 112.65 23.67
N VAL J 3395 14.29 111.57 23.81
CA VAL J 3395 14.30 110.80 25.06
C VAL J 3395 15.71 110.33 25.38
N ARG J 3396 16.49 110.02 24.35
CA ARG J 3396 17.90 109.68 24.56
C ARG J 3396 18.63 110.83 25.25
N ASP J 3397 18.40 112.05 24.80
CA ASP J 3397 19.07 113.21 25.40
C ASP J 3397 18.61 113.43 26.84
N GLU J 3398 17.32 113.29 27.10
CA GLU J 3398 16.86 113.44 28.49
C GLU J 3398 17.48 112.36 29.37
N PHE J 3399 17.55 111.12 28.88
CA PHE J 3399 18.23 110.07 29.63
C PHE J 3399 19.68 110.44 29.89
N SER J 3400 20.36 110.99 28.89
CA SER J 3400 21.76 111.34 29.06
C SER J 3400 21.94 112.40 30.14
N VAL J 3401 21.14 113.47 30.09
CA VAL J 3401 21.30 114.54 31.08
C VAL J 3401 20.92 114.03 32.47
N LEU J 3402 19.87 113.20 32.55
CA LEU J 3402 19.50 112.63 33.83
C LEU J 3402 20.61 111.76 34.38
N CYS J 3403 21.26 110.97 33.51
CA CYS J 3403 22.37 110.13 33.95
C CYS J 3403 23.54 110.98 34.44
N ARG J 3404 23.80 112.09 33.74
CA ARG J 3404 24.86 112.99 34.19
C ARG J 3404 24.56 113.50 35.58
N ASP J 3405 23.36 114.01 35.80
CA ASP J 3405 22.98 114.48 37.13
C ASP J 3405 23.07 113.34 38.15
N LEU J 3406 22.72 112.13 37.72
CA LEU J 3406 22.62 111.01 38.65
C LEU J 3406 24.00 110.60 39.16
N TYR J 3407 24.95 110.43 38.23
CA TYR J 3407 26.34 110.24 38.65
C TYR J 3407 26.84 111.40 39.48
N ALA J 3408 26.48 112.62 39.10
CA ALA J 3408 26.95 113.75 39.90
C ALA J 3408 26.50 113.63 41.33
N LEU J 3409 25.24 113.26 41.56
CA LEU J 3409 24.72 113.25 42.92
C LEU J 3409 25.22 112.06 43.72
N TYR J 3410 25.24 110.85 43.13
CA TYR J 3410 25.51 109.67 43.96
C TYR J 3410 26.80 109.73 44.76
N PRO J 3411 27.99 109.86 44.17
CA PRO J 3411 29.21 109.60 44.97
C PRO J 3411 29.18 110.26 46.34
N LEU J 3412 28.71 111.51 46.41
CA LEU J 3412 28.47 112.14 47.70
C LEU J 3412 27.53 111.29 48.54
N LEU J 3413 26.43 110.85 47.95
CA LEU J 3413 25.45 110.06 48.70
C LEU J 3413 26.05 108.73 49.16
N ILE J 3414 26.84 108.09 48.31
CA ILE J 3414 27.46 106.83 48.69
C ILE J 3414 28.37 107.02 49.88
N ARG J 3415 29.26 108.01 49.81
CA ARG J 3415 30.19 108.23 50.90
C ARG J 3415 29.45 108.62 52.17
N TYR J 3416 28.38 109.39 52.04
CA TYR J 3416 27.55 109.72 53.20
C TYR J 3416 26.94 108.47 53.82
N VAL J 3417 26.43 107.57 52.97
CA VAL J 3417 25.79 106.36 53.46
C VAL J 3417 26.81 105.50 54.21
N ASP J 3418 28.00 105.35 53.65
CA ASP J 3418 29.03 104.56 54.32
C ASP J 3418 29.23 105.04 55.74
N ASN J 3419 29.26 106.36 55.93
CA ASN J 3419 29.51 106.91 57.25
C ASN J 3419 28.34 106.64 58.19
N ASN J 3420 27.11 106.82 57.71
CA ASN J 3420 25.93 106.78 58.56
C ASN J 3420 25.17 105.46 58.47
N ARG J 3421 25.63 104.52 57.64
CA ARG J 3421 25.00 103.22 57.64
C ARG J 3421 25.02 102.57 59.02
N ALA J 3422 26.12 102.70 59.75
CA ALA J 3422 26.17 102.15 61.09
C ALA J 3422 25.03 102.70 61.94
N HIS J 3423 24.86 104.02 61.94
CA HIS J 3423 23.78 104.62 62.71
C HIS J 3423 22.42 104.08 62.27
N TRP J 3424 22.15 104.12 60.97
CA TRP J 3424 20.82 103.74 60.50
C TRP J 3424 20.52 102.28 60.82
N LEU J 3425 21.47 101.39 60.57
CA LEU J 3425 21.24 99.98 60.82
C LEU J 3425 21.23 99.65 62.30
N THR J 3426 21.86 100.47 63.14
CA THR J 3426 21.79 100.27 64.58
C THR J 3426 20.43 100.68 65.12
N GLU J 3427 19.90 101.79 64.63
CA GLU J 3427 18.62 102.30 65.10
C GLU J 3427 17.72 102.59 63.91
N PRO J 3428 16.46 102.16 63.94
CA PRO J 3428 15.58 102.42 62.79
C PRO J 3428 15.42 103.90 62.52
N ASN J 3429 15.30 104.25 61.24
CA ASN J 3429 15.19 105.65 60.80
C ASN J 3429 14.13 105.77 59.72
N PRO J 3430 12.99 106.42 60.00
CA PRO J 3430 11.98 106.58 58.92
C PRO J 3430 12.53 107.32 57.72
N ASN J 3431 13.37 108.34 57.95
CA ASN J 3431 13.97 109.06 56.83
C ASN J 3431 14.87 108.15 56.01
N ALA J 3432 15.65 107.30 56.67
CA ALA J 3432 16.49 106.36 55.94
C ALA J 3432 15.64 105.38 55.14
N GLU J 3433 14.52 104.92 55.72
CA GLU J 3433 13.64 104.02 54.98
C GLU J 3433 13.06 104.71 53.76
N GLU J 3434 12.69 105.98 53.89
CA GLU J 3434 12.19 106.73 52.75
C GLU J 3434 13.27 106.85 51.67
N LEU J 3435 14.50 107.14 52.09
CA LEU J 3435 15.60 107.21 51.12
C LEU J 3435 15.76 105.89 50.40
N PHE J 3436 15.64 104.79 51.14
CA PHE J 3436 15.71 103.47 50.52
C PHE J 3436 14.62 103.30 49.48
N ARG J 3437 13.39 103.66 49.83
CA ARG J 3437 12.30 103.56 48.86
C ARG J 3437 12.62 104.34 47.60
N MET J 3438 13.17 105.54 47.78
CA MET J 3438 13.41 106.43 46.66
C MET J 3438 14.50 105.86 45.74
N VAL J 3439 15.63 105.47 46.32
CA VAL J 3439 16.71 104.90 45.52
C VAL J 3439 16.26 103.61 44.86
N GLY J 3440 15.46 102.81 45.57
CA GLY J 3440 14.93 101.60 44.96
C GLY J 3440 14.06 101.88 43.76
N GLU J 3441 13.20 102.91 43.86
CA GLU J 3441 12.39 103.27 42.71
C GLU J 3441 13.27 103.70 41.54
N ILE J 3442 14.33 104.46 41.82
CA ILE J 3442 15.24 104.84 40.75
C ILE J 3442 15.84 103.60 40.10
N PHE J 3443 16.23 102.62 40.91
CA PHE J 3443 16.79 101.40 40.33
C PHE J 3443 15.73 100.63 39.53
N ILE J 3444 14.47 100.67 39.98
CA ILE J 3444 13.41 100.03 39.22
C ILE J 3444 13.31 100.65 37.85
N TYR J 3445 13.35 101.98 37.77
CA TYR J 3445 13.34 102.63 36.47
C TYR J 3445 14.54 102.22 35.64
N TRP J 3446 15.72 102.16 36.28
CA TRP J 3446 16.92 101.74 35.58
C TRP J 3446 16.74 100.37 34.94
N SER J 3447 16.28 99.41 35.73
CA SER J 3447 16.10 98.05 35.21
C SER J 3447 15.04 98.01 34.13
N LYS J 3448 13.94 98.74 34.31
CA LYS J 3448 12.85 98.69 33.34
C LYS J 3448 13.30 99.25 31.99
N SER J 3449 14.03 100.37 32.00
CA SER J 3449 14.37 101.06 30.77
C SER J 3449 15.72 100.59 30.25
N HIS J 3450 15.71 99.87 29.13
CA HIS J 3450 16.96 99.50 28.48
C HIS J 3450 17.69 100.73 27.94
N ASN J 3451 16.95 101.68 27.35
CA ASN J 3451 17.57 102.91 26.87
C ASN J 3451 18.30 103.61 28.01
N PHE J 3452 17.72 103.58 29.20
CA PHE J 3452 18.36 104.20 30.35
C PHE J 3452 19.72 103.56 30.62
N LYS J 3453 19.79 102.23 30.54
CA LYS J 3453 21.06 101.55 30.79
C LYS J 3453 22.10 101.89 29.74
N ARG J 3454 21.70 101.88 28.46
CA ARG J 3454 22.67 102.18 27.42
C ARG J 3454 23.18 103.61 27.56
N GLU J 3455 22.31 104.55 27.91
CA GLU J 3455 22.78 105.92 28.13
C GLU J 3455 23.67 106.02 29.35
N GLU J 3456 23.36 105.24 30.40
CA GLU J 3456 24.27 105.12 31.53
C GLU J 3456 25.67 104.74 31.05
N GLN J 3457 25.76 103.69 30.24
CA GLN J 3457 27.06 103.26 29.73
C GLN J 3457 27.69 104.33 28.84
N ASN J 3458 26.88 104.98 28.00
CA ASN J 3458 27.41 106.00 27.11
C ASN J 3458 28.03 107.13 27.91
N PHE J 3459 27.37 107.59 28.96
CA PHE J 3459 27.94 108.65 29.77
C PHE J 3459 29.22 108.20 30.45
N VAL J 3460 29.16 107.05 31.13
CA VAL J 3460 30.34 106.63 31.91
C VAL J 3460 31.53 106.44 30.99
N VAL J 3461 31.30 106.04 29.74
CA VAL J 3461 32.40 105.83 28.80
C VAL J 3461 32.88 107.16 28.23
N GLN J 3462 31.96 107.97 27.72
CA GLN J 3462 32.34 109.20 27.04
C GLN J 3462 33.05 110.15 27.97
N ASN J 3463 32.56 110.31 29.19
CA ASN J 3463 33.12 111.27 30.12
C ASN J 3463 34.32 110.72 30.89
N GLU J 3464 34.82 109.55 30.51
CA GLU J 3464 36.04 108.99 31.10
C GLU J 3464 35.94 108.87 32.61
N ILE J 3465 34.73 108.68 33.14
CA ILE J 3465 34.56 108.56 34.58
C ILE J 3465 35.15 107.24 35.06
N ASN J 3466 36.01 107.32 36.07
CA ASN J 3466 36.52 106.13 36.74
C ASN J 3466 35.52 105.74 37.82
N ASN J 3467 34.68 104.75 37.51
CA ASN J 3467 33.51 104.50 38.36
C ASN J 3467 33.91 103.87 39.69
N MET J 3468 34.95 103.05 39.69
CA MET J 3468 35.36 102.39 40.94
C MET J 3468 36.03 103.35 41.90
N SER J 3469 36.66 104.42 41.38
CA SER J 3469 37.33 105.38 42.24
C SER J 3469 36.33 106.04 43.20
N PHE J 3470 35.16 106.40 42.69
CA PHE J 3470 34.15 106.99 43.54
C PHE J 3470 33.69 106.01 44.62
N LEU J 3471 33.53 104.74 44.23
CA LEU J 3471 33.13 103.73 45.21
C LEU J 3471 34.16 103.60 46.32
N THR J 3472 35.45 103.60 45.95
CA THR J 3472 36.51 103.50 46.94
C THR J 3472 36.87 104.88 47.48
N TYR J 3504 32.87 99.92 31.26
CA TYR J 3504 32.71 99.65 32.68
C TYR J 3504 31.50 98.76 32.91
N SER J 3505 31.59 97.90 33.92
CA SER J 3505 30.61 96.85 34.12
C SER J 3505 29.38 97.36 34.86
N VAL J 3506 28.30 96.59 34.74
CA VAL J 3506 27.07 96.94 35.45
C VAL J 3506 27.31 96.94 36.95
N GLN J 3507 28.04 95.94 37.45
CA GLN J 3507 28.40 95.92 38.86
C GLN J 3507 29.07 97.24 39.26
N THR J 3508 29.91 97.76 38.38
CA THR J 3508 30.55 99.06 38.63
C THR J 3508 29.55 100.20 38.52
N SER J 3509 28.45 100.01 37.80
CA SER J 3509 27.47 101.09 37.64
C SER J 3509 27.02 101.61 38.99
N LEU J 3510 26.98 102.94 39.12
CA LEU J 3510 26.68 103.54 40.42
C LEU J 3510 25.27 103.17 40.89
N ILE J 3511 24.29 103.21 39.98
CA ILE J 3511 22.90 103.01 40.38
C ILE J 3511 22.75 101.68 41.11
N VAL J 3512 23.24 100.60 40.54
CA VAL J 3512 23.16 99.31 41.21
C VAL J 3512 24.04 99.31 42.46
N ALA J 3513 25.19 99.99 42.39
CA ALA J 3513 26.03 100.09 43.57
C ALA J 3513 25.31 100.82 44.69
N THR J 3514 24.65 101.94 44.37
CA THR J 3514 23.91 102.67 45.39
C THR J 3514 22.81 101.81 45.97
N LEU J 3515 22.07 101.10 45.11
CA LEU J 3515 20.99 100.25 45.61
C LEU J 3515 21.53 99.17 46.52
N LYS J 3516 22.65 98.55 46.15
CA LYS J 3516 23.22 97.52 47.01
C LYS J 3516 23.67 98.10 48.33
N LYS J 3517 24.25 99.30 48.30
CA LYS J 3517 24.75 99.90 49.53
C LYS J 3517 23.62 100.24 50.48
N MET J 3518 22.47 100.67 49.95
CA MET J 3518 21.34 100.99 50.81
C MET J 3518 20.44 99.79 51.12
N LEU J 3519 20.52 98.71 50.35
CA LEU J 3519 19.61 97.60 50.53
C LEU J 3519 19.61 97.05 51.95
N PRO J 3520 20.74 96.91 52.63
CA PRO J 3520 20.71 96.41 54.01
C PRO J 3520 19.72 97.17 54.88
N ILE J 3521 19.58 98.48 54.67
CA ILE J 3521 18.60 99.24 55.45
C ILE J 3521 17.19 98.77 55.11
N GLY J 3522 16.93 98.54 53.82
CA GLY J 3522 15.61 98.04 53.43
C GLY J 3522 15.29 96.71 54.07
N LEU J 3523 16.26 95.80 54.08
CA LEU J 3523 16.05 94.51 54.74
C LEU J 3523 15.86 94.70 56.24
N ASN J 3524 16.66 95.57 56.86
CA ASN J 3524 16.59 95.76 58.30
C ASN J 3524 15.22 96.28 58.72
N MET J 3525 14.70 97.26 57.99
CA MET J 3525 13.42 97.84 58.39
C MET J 3525 12.27 96.85 58.20
N CYS J 3526 12.52 95.73 57.54
CA CYS J 3526 11.50 94.70 57.43
C CYS J 3526 11.57 93.73 58.60
N ALA J 3527 10.49 92.99 58.82
CA ALA J 3527 10.47 92.00 59.88
C ALA J 3527 10.95 90.65 59.34
N PRO J 3528 11.69 89.89 60.15
CA PRO J 3528 12.19 88.59 59.66
C PRO J 3528 11.08 87.65 59.24
N THR J 3529 9.96 87.66 59.96
CA THR J 3529 8.88 86.75 59.65
C THR J 3529 8.41 86.90 58.21
N ASP J 3530 8.40 88.13 57.70
CA ASP J 3530 7.78 88.46 56.43
C ASP J 3530 8.60 88.01 55.24
N GLN J 3531 9.69 87.29 55.44
CA GLN J 3531 10.56 86.90 54.34
C GLN J 3531 9.85 85.97 53.36
N ASP J 3532 8.97 85.08 53.85
CA ASP J 3532 8.22 84.22 52.94
C ASP J 3532 7.34 85.05 52.01
N LEU J 3533 6.78 86.15 52.53
CA LEU J 3533 5.99 87.03 51.69
C LEU J 3533 6.84 87.62 50.57
N ILE J 3534 8.09 87.98 50.87
CA ILE J 3534 8.99 88.45 49.83
C ILE J 3534 9.27 87.33 48.83
N VAL J 3535 9.44 86.10 49.33
CA VAL J 3535 9.69 84.98 48.43
C VAL J 3535 8.53 84.83 47.44
N LEU J 3536 7.30 85.01 47.91
CA LEU J 3536 6.15 84.93 47.02
C LEU J 3536 6.07 86.13 46.09
N ALA J 3537 6.40 87.32 46.60
CA ALA J 3537 6.33 88.52 45.79
C ALA J 3537 7.33 88.46 44.63
N LYS J 3538 8.52 87.92 44.88
CA LYS J 3538 9.49 87.76 43.80
C LYS J 3538 8.98 86.81 42.73
N ALA J 3539 8.28 85.75 43.13
CA ALA J 3539 7.66 84.88 42.14
C ALA J 3539 6.61 85.62 41.33
N ARG J 3540 5.79 86.44 41.99
CA ARG J 3540 4.80 87.22 41.26
C ARG J 3540 5.46 88.17 40.28
N TYR J 3541 6.54 88.83 40.69
CA TYR J 3541 7.28 89.70 39.79
C TYR J 3541 7.88 88.94 38.61
N ALA J 3542 8.40 87.73 38.85
CA ALA J 3542 8.80 86.89 37.73
C ALA J 3542 7.62 86.62 36.81
N LEU J 3543 6.43 86.44 37.40
CA LEU J 3543 5.19 86.35 36.63
C LEU J 3543 4.85 87.65 35.92
N LYS J 3544 5.51 88.75 36.29
CA LYS J 3544 5.34 90.05 35.64
C LYS J 3544 4.01 90.70 35.99
N ASP J 3545 3.51 90.45 37.19
CA ASP J 3545 2.27 91.08 37.63
C ASP J 3545 2.51 92.55 37.93
N THR J 3546 1.43 93.33 37.85
CA THR J 3546 1.49 94.75 38.12
C THR J 3546 1.74 94.99 39.61
N ASP J 3547 2.22 96.20 39.91
CA ASP J 3547 2.51 96.54 41.30
C ASP J 3547 1.25 96.45 42.17
N GLU J 3548 0.15 97.02 41.68
CA GLU J 3548 -1.09 96.92 42.43
C GLU J 3548 -1.54 95.47 42.55
N GLU J 3549 -1.29 94.68 41.51
CA GLU J 3549 -1.67 93.27 41.56
C GLU J 3549 -0.91 92.54 42.65
N VAL J 3550 0.40 92.81 42.79
CA VAL J 3550 1.17 92.13 43.82
C VAL J 3550 0.79 92.64 45.21
N ARG J 3551 0.50 93.95 45.34
CA ARG J 3551 -0.02 94.44 46.61
C ARG J 3551 -1.30 93.71 46.99
N GLU J 3552 -2.22 93.53 46.04
CA GLU J 3552 -3.47 92.85 46.35
C GLU J 3552 -3.23 91.36 46.64
N PHE J 3553 -2.27 90.76 45.94
CA PHE J 3553 -1.90 89.37 46.24
C PHE J 3553 -1.47 89.23 47.69
N LEU J 3554 -0.53 90.07 48.13
CA LEU J 3554 -0.10 90.01 49.52
C LEU J 3554 -1.26 90.35 50.46
N GLN J 3555 -2.12 91.28 50.06
CA GLN J 3555 -3.25 91.64 50.92
C GLN J 3555 -4.16 90.44 51.16
N ASN J 3556 -4.48 89.70 50.11
CA ASN J 3556 -5.38 88.57 50.26
C ASN J 3556 -4.67 87.40 50.93
N ASN J 3557 -3.35 87.31 50.78
CA ASN J 3557 -2.55 86.28 51.43
C ASN J 3557 -1.95 86.74 52.74
N LEU J 3558 -2.51 87.81 53.32
CA LEU J 3558 -1.91 88.43 54.51
C LEU J 3558 -1.69 87.46 55.65
N ASN J 3559 -2.54 86.44 55.78
CA ASN J 3559 -2.44 85.49 56.88
C ASN J 3559 -1.53 84.31 56.55
N LEU J 3560 -0.61 84.48 55.60
CA LEU J 3560 0.40 83.46 55.28
C LEU J 3560 1.74 83.76 55.95
N GLN J 3561 1.71 84.43 57.10
CA GLN J 3561 2.94 84.82 57.77
C GLN J 3561 3.70 83.59 58.25
N GLY J 3562 5.02 83.72 58.32
CA GLY J 3562 5.85 82.63 58.83
C GLY J 3562 5.63 82.44 60.32
N LYS J 3563 5.90 81.22 60.78
CA LYS J 3563 5.70 80.84 62.18
C LYS J 3563 7.04 80.65 62.87
N VAL J 3564 7.19 81.25 64.05
CA VAL J 3564 8.42 81.11 64.81
C VAL J 3564 8.63 79.66 65.21
N GLU J 3565 7.57 78.99 65.66
CA GLU J 3565 7.68 77.59 66.04
C GLU J 3565 8.09 76.73 64.85
N GLY J 3566 7.75 77.17 63.63
CA GLY J 3566 8.04 76.36 62.46
C GLY J 3566 9.52 76.06 62.29
N SER J 3567 10.36 77.08 62.44
CA SER J 3567 11.79 76.92 62.27
C SER J 3567 12.53 77.59 63.42
N PRO J 3568 13.71 77.10 63.80
CA PRO J 3568 14.45 77.74 64.90
C PRO J 3568 15.07 79.06 64.52
N SER J 3569 15.61 79.18 63.30
CA SER J 3569 16.29 80.40 62.91
C SER J 3569 15.41 81.62 63.17
N LEU J 3570 14.12 81.50 62.86
CA LEU J 3570 13.19 82.57 63.14
C LEU J 3570 13.19 82.93 64.62
N ARG J 3571 13.53 82.01 65.51
CA ARG J 3571 13.55 82.33 66.93
C ARG J 3571 14.60 83.40 67.25
N TRP J 3572 15.85 83.22 66.84
CA TRP J 3572 16.85 84.24 67.17
C TRP J 3572 16.69 85.47 66.28
N GLN J 3573 16.15 85.28 65.07
CA GLN J 3573 15.74 86.45 64.29
C GLN J 3573 14.78 87.31 65.10
N MET J 3574 13.74 86.68 65.64
CA MET J 3574 12.75 87.37 66.48
C MET J 3574 13.41 87.97 67.70
N ALA J 3575 14.37 87.26 68.28
CA ALA J 3575 15.05 87.75 69.47
C ALA J 3575 15.76 89.07 69.18
N LEU J 3576 16.57 89.11 68.13
CA LEU J 3576 17.27 90.34 67.78
C LEU J 3576 16.28 91.44 67.41
N TYR J 3577 15.22 91.06 66.67
CA TYR J 3577 14.25 92.04 66.24
C TYR J 3577 13.60 92.74 67.43
N ARG J 3578 13.17 91.96 68.43
CA ARG J 3578 12.65 92.53 69.66
C ARG J 3578 13.71 93.31 70.42
N GLY J 3579 14.95 92.79 70.48
CA GLY J 3579 15.99 93.47 71.22
C GLY J 3579 16.19 94.89 70.74
N VAL J 3580 16.15 95.09 69.43
CA VAL J 3580 16.17 96.47 68.91
C VAL J 3580 14.92 97.20 69.39
N PRO J 3581 15.01 98.43 69.89
CA PRO J 3581 13.83 99.07 70.48
C PRO J 3581 12.83 99.53 69.43
N GLY J 3582 11.70 100.03 69.92
CA GLY J 3582 10.71 100.66 69.09
C GLY J 3582 9.96 99.75 68.14
N ARG J 3583 10.15 98.43 68.24
CA ARG J 3583 9.54 97.53 67.27
C ARG J 3583 8.23 96.95 67.79
N GLU J 3584 7.86 97.26 69.03
CA GLU J 3584 6.54 96.86 69.51
C GLU J 3584 5.44 97.50 68.68
N GLU J 3585 5.70 98.67 68.10
CA GLU J 3585 4.77 99.34 67.21
C GLU J 3585 4.91 98.87 65.77
N ASP J 3586 5.94 98.08 65.46
CA ASP J 3586 6.10 97.55 64.10
C ASP J 3586 5.08 96.46 63.84
N ALA J 3587 4.77 96.27 62.55
CA ALA J 3587 3.88 95.22 62.09
C ALA J 3587 2.48 95.35 62.68
N ASP J 3588 2.08 96.56 63.07
CA ASP J 3588 0.75 96.74 63.63
C ASP J 3588 -0.32 96.69 62.56
N ASP J 3589 0.03 97.05 61.32
CA ASP J 3589 -0.97 97.15 60.26
C ASP J 3589 -0.63 96.24 59.10
N PRO J 3590 -1.55 95.37 58.67
CA PRO J 3590 -1.27 94.56 57.47
C PRO J 3590 -0.98 95.40 56.25
N GLU J 3591 -1.54 96.61 56.16
CA GLU J 3591 -1.19 97.49 55.06
C GLU J 3591 0.29 97.83 55.09
N LYS J 3592 0.82 98.14 56.29
CA LYS J 3592 2.25 98.34 56.42
C LYS J 3592 3.01 97.09 56.00
N ILE J 3593 2.55 95.93 56.45
CA ILE J 3593 3.24 94.69 56.10
C ILE J 3593 3.33 94.55 54.59
N VAL J 3594 2.20 94.69 53.90
CA VAL J 3594 2.18 94.44 52.46
C VAL J 3594 2.96 95.50 51.69
N ARG J 3595 2.84 96.78 52.05
CA ARG J 3595 3.61 97.79 51.34
C ARG J 3595 5.11 97.56 51.52
N ARG J 3596 5.53 97.26 52.74
CA ARG J 3596 6.94 97.01 53.00
C ARG J 3596 7.44 95.83 52.19
N VAL J 3597 6.71 94.72 52.24
CA VAL J 3597 7.11 93.52 51.51
C VAL J 3597 7.17 93.82 50.01
N GLN J 3598 6.18 94.54 49.50
CA GLN J 3598 6.17 94.83 48.07
C GLN J 3598 7.37 95.67 47.67
N GLU J 3599 7.69 96.70 48.45
CA GLU J 3599 8.85 97.51 48.14
C GLU J 3599 10.12 96.66 48.10
N VAL J 3600 10.36 95.90 49.15
CA VAL J 3600 11.59 95.13 49.22
C VAL J 3600 11.64 94.11 48.08
N SER J 3601 10.50 93.47 47.78
CA SER J 3601 10.48 92.47 46.73
C SER J 3601 10.75 93.10 45.37
N ALA J 3602 10.19 94.28 45.12
CA ALA J 3602 10.47 94.98 43.88
C ALA J 3602 11.94 95.28 43.75
N VAL J 3603 12.59 95.67 44.84
CA VAL J 3603 14.04 95.87 44.80
C VAL J 3603 14.78 94.57 44.48
N LEU J 3604 14.49 93.50 45.22
CA LEU J 3604 15.24 92.25 45.06
C LEU J 3604 15.06 91.63 43.68
N TYR J 3605 13.84 91.67 43.12
CA TYR J 3605 13.63 91.02 41.85
C TYR J 3605 14.51 91.63 40.77
N HIS J 3606 14.51 92.97 40.69
CA HIS J 3606 15.31 93.64 39.68
C HIS J 3606 16.80 93.50 39.98
N LEU J 3607 17.17 93.48 41.26
CA LEU J 3607 18.56 93.21 41.60
C LEU J 3607 18.99 91.84 41.09
N ASP J 3608 18.12 90.84 41.23
CA ASP J 3608 18.42 89.51 40.72
C ASP J 3608 18.53 89.52 39.21
N GLN J 3609 17.61 90.21 38.54
CA GLN J 3609 17.73 90.33 37.08
C GLN J 3609 19.08 90.90 36.69
N THR J 3610 19.52 91.95 37.38
CA THR J 3610 20.79 92.56 37.04
C THR J 3610 21.96 91.61 37.28
N GLU J 3611 22.03 91.01 38.47
CA GLU J 3611 23.17 90.18 38.80
C GLU J 3611 23.24 88.95 37.89
N HIS J 3612 22.10 88.34 37.60
CA HIS J 3612 22.05 87.16 36.75
C HIS J 3612 21.13 87.42 35.55
N PRO J 3613 21.64 87.40 34.31
CA PRO J 3613 20.78 87.64 33.16
C PRO J 3613 19.95 86.41 32.78
N ARG J 3629 31.66 97.50 12.96
CA ARG J 3629 31.45 98.26 11.74
C ARG J 3629 32.73 98.23 10.91
N ARG J 3630 33.87 98.07 11.60
CA ARG J 3630 35.15 97.93 10.91
C ARG J 3630 35.13 96.70 10.01
N ARG J 3631 34.64 95.57 10.53
CA ARG J 3631 34.50 94.36 9.72
C ARG J 3631 33.56 94.62 8.55
N ALA J 3632 32.45 95.31 8.79
CA ALA J 3632 31.50 95.58 7.72
C ALA J 3632 32.14 96.36 6.60
N VAL J 3633 32.91 97.40 6.92
CA VAL J 3633 33.50 98.24 5.88
C VAL J 3633 34.61 97.49 5.16
N VAL J 3634 35.43 96.71 5.87
CA VAL J 3634 36.46 95.95 5.18
C VAL J 3634 35.85 94.88 4.30
N ALA J 3635 34.64 94.42 4.63
CA ALA J 3635 33.97 93.42 3.79
C ALA J 3635 33.80 93.93 2.36
N CYS J 3636 33.70 95.26 2.20
CA CYS J 3636 33.47 95.86 0.89
C CYS J 3636 34.67 96.63 0.36
N PHE J 3637 35.66 96.95 1.21
CA PHE J 3637 36.85 97.63 0.71
C PHE J 3637 37.51 96.84 -0.43
N ARG J 3638 37.40 95.51 -0.40
CA ARG J 3638 37.95 94.72 -1.49
C ARG J 3638 37.36 95.15 -2.83
N MET J 3639 36.05 94.94 -3.00
CA MET J 3639 35.25 95.54 -4.06
C MET J 3639 35.47 94.89 -5.42
N THR J 3640 36.54 94.10 -5.57
CA THR J 3640 36.72 93.14 -6.66
C THR J 3640 35.98 93.55 -7.95
N PRO J 3641 36.25 94.74 -8.48
CA PRO J 3641 35.37 95.29 -9.51
C PRO J 3641 35.51 94.58 -10.85
N LEU J 3642 34.38 94.44 -11.55
CA LEU J 3642 34.40 93.93 -12.92
C LEU J 3642 34.85 94.98 -13.92
N TYR J 3643 34.47 96.25 -13.72
CA TYR J 3643 34.77 97.27 -14.71
C TYR J 3643 36.26 97.49 -14.91
N ASN J 3644 37.10 97.12 -13.93
CA ASN J 3644 38.54 97.27 -14.08
C ASN J 3644 39.18 96.11 -14.83
N LEU J 3645 38.43 95.06 -15.10
CA LEU J 3645 39.01 93.84 -15.63
C LEU J 3645 39.43 94.05 -17.09
N PRO J 3646 40.49 93.39 -17.55
CA PRO J 3646 40.89 93.54 -18.95
C PRO J 3646 39.80 93.05 -19.90
N THR J 3647 39.76 93.66 -21.08
CA THR J 3647 38.66 93.43 -22.00
C THR J 3647 38.61 91.97 -22.46
N HIS J 3648 39.76 91.38 -22.79
CA HIS J 3648 39.74 90.03 -23.33
C HIS J 3648 39.24 89.02 -22.31
N ARG J 3649 39.69 89.11 -21.06
CA ARG J 3649 39.21 88.20 -20.04
C ARG J 3649 37.71 88.37 -19.81
N ALA J 3650 37.25 89.62 -19.77
CA ALA J 3650 35.83 89.88 -19.59
C ALA J 3650 35.02 89.29 -20.74
N CYS J 3651 35.51 89.43 -21.96
CA CYS J 3651 34.82 88.84 -23.10
C CYS J 3651 34.79 87.33 -23.01
N ASN J 3652 35.90 86.72 -22.59
CA ASN J 3652 35.94 85.27 -22.48
C ASN J 3652 34.93 84.78 -21.46
N MET J 3653 34.76 85.48 -20.34
CA MET J 3653 33.74 85.05 -19.39
C MET J 3653 32.34 85.41 -19.88
N PHE J 3654 32.21 86.49 -20.65
CA PHE J 3654 30.89 86.84 -21.15
C PHE J 3654 30.37 85.77 -22.10
N LEU J 3655 31.24 85.23 -22.94
CA LEU J 3655 30.81 84.14 -23.81
C LEU J 3655 30.31 82.96 -22.99
N GLU J 3656 31.03 82.62 -21.92
CA GLU J 3656 30.61 81.53 -21.06
C GLU J 3656 29.24 81.82 -20.44
N SER J 3657 29.06 83.03 -19.92
CA SER J 3657 27.79 83.35 -19.26
C SER J 3657 26.64 83.35 -20.26
N TYR J 3658 26.86 83.94 -21.43
CA TYR J 3658 25.83 83.98 -22.45
C TYR J 3658 25.44 82.58 -22.90
N LYS J 3659 26.43 81.72 -23.15
CA LYS J 3659 26.13 80.34 -23.51
C LYS J 3659 25.37 79.65 -22.39
N ALA J 3660 25.79 79.86 -21.15
CA ALA J 3660 25.17 79.20 -20.02
C ALA J 3660 23.71 79.58 -19.85
N SER J 3661 23.38 80.86 -20.01
CA SER J 3661 22.01 81.28 -19.76
C SER J 3661 21.19 81.32 -21.05
N TRP J 3662 21.53 82.20 -21.98
CA TRP J 3662 20.61 82.49 -23.08
C TRP J 3662 20.51 81.30 -24.03
N ILE J 3663 21.63 80.91 -24.65
CA ILE J 3663 21.59 79.87 -25.67
C ILE J 3663 21.08 78.56 -25.07
N LEU J 3664 21.56 78.21 -23.88
CA LEU J 3664 21.13 76.96 -23.26
C LEU J 3664 19.65 76.97 -22.94
N THR J 3665 19.13 78.07 -22.39
CA THR J 3665 17.71 78.13 -22.08
C THR J 3665 16.87 78.06 -23.34
N GLU J 3666 17.32 78.70 -24.42
CA GLU J 3666 16.57 78.69 -25.66
C GLU J 3666 16.20 77.26 -26.04
N ASP J 3667 14.91 77.05 -26.30
CA ASP J 3667 14.37 75.73 -26.58
C ASP J 3667 13.95 75.64 -28.04
N HIS J 3668 14.51 74.69 -28.76
CA HIS J 3668 14.13 74.41 -30.14
C HIS J 3668 13.66 72.97 -30.25
N SER J 3669 12.47 72.79 -30.81
CA SER J 3669 11.89 71.47 -31.01
C SER J 3669 11.87 71.20 -32.51
N PHE J 3670 12.90 70.49 -32.98
CA PHE J 3670 13.03 70.13 -34.38
C PHE J 3670 12.92 68.64 -34.62
N GLU J 3671 12.82 67.83 -33.56
CA GLU J 3671 12.83 66.39 -33.73
C GLU J 3671 11.65 65.91 -34.55
N ASP J 3672 10.45 66.43 -34.25
CA ASP J 3672 9.27 66.00 -35.00
C ASP J 3672 9.39 66.36 -36.47
N ARG J 3673 9.77 67.60 -36.76
CA ARG J 3673 9.93 68.01 -38.15
C ARG J 3673 10.95 67.14 -38.86
N MET J 3674 12.09 66.91 -38.22
CA MET J 3674 13.16 66.18 -38.87
C MET J 3674 12.75 64.75 -39.15
N ILE J 3675 12.12 64.08 -38.17
CA ILE J 3675 11.65 62.72 -38.40
C ILE J 3675 10.58 62.65 -39.47
N ASP J 3676 9.63 63.58 -39.49
CA ASP J 3676 8.61 63.55 -40.54
C ASP J 3676 9.22 63.75 -41.92
N ASP J 3677 10.13 64.73 -42.05
CA ASP J 3677 10.74 65.00 -43.35
C ASP J 3677 11.58 63.81 -43.80
N LEU J 3678 12.31 63.19 -42.89
CA LEU J 3678 13.10 62.02 -43.25
C LEU J 3678 12.20 60.86 -43.64
N SER J 3679 11.09 60.67 -42.94
CA SER J 3679 10.21 59.55 -43.23
C SER J 3679 9.56 59.71 -44.60
N LYS J 3680 9.15 60.93 -44.96
CA LYS J 3680 8.45 61.11 -46.22
C LYS J 3680 9.26 60.55 -47.38
N ALA J 3681 8.62 59.72 -48.19
CA ALA J 3681 9.22 59.23 -49.43
C ALA J 3681 8.75 60.09 -50.60
N GLY J 3682 9.61 60.22 -51.61
CA GLY J 3682 9.41 61.21 -52.63
C GLY J 3682 9.29 60.61 -54.02
N GLU J 3683 8.73 61.41 -54.92
CA GLU J 3683 8.68 61.12 -56.36
C GLU J 3683 8.31 59.67 -56.64
N GLN J 3684 7.34 59.15 -55.88
CA GLN J 3684 6.84 57.81 -56.17
C GLN J 3684 6.16 57.76 -57.53
N GLU J 3685 5.40 58.80 -57.88
CA GLU J 3685 4.72 58.86 -59.17
C GLU J 3685 5.71 59.07 -60.31
N GLU J 3686 6.96 59.41 -60.00
CA GLU J 3686 8.00 59.36 -61.01
C GLU J 3686 8.65 57.98 -61.04
N GLU J 3687 8.71 57.32 -59.89
CA GLU J 3687 9.24 55.96 -59.85
C GLU J 3687 8.40 55.02 -60.70
N GLU J 3688 7.10 55.00 -60.47
CA GLU J 3688 6.17 54.18 -61.25
C GLU J 3688 6.72 52.77 -61.46
N GLU J 3689 7.19 52.16 -60.38
CA GLU J 3689 7.72 50.81 -60.40
C GLU J 3689 6.70 49.85 -59.80
N GLU J 3690 6.23 48.91 -60.61
CA GLU J 3690 5.35 47.85 -60.14
C GLU J 3690 6.09 46.76 -59.38
N VAL J 3691 7.42 46.83 -59.34
CA VAL J 3691 8.19 45.87 -58.56
C VAL J 3691 7.80 45.98 -57.09
N GLU J 3692 7.55 44.83 -56.47
CA GLU J 3692 7.12 44.83 -55.07
C GLU J 3692 8.16 45.47 -54.18
N GLU J 3693 9.44 45.24 -54.46
CA GLU J 3693 10.50 45.82 -53.66
C GLU J 3693 10.39 47.33 -53.64
N LYS J 3694 10.54 47.92 -52.46
CA LYS J 3694 10.54 49.36 -52.28
C LYS J 3694 11.90 49.78 -51.72
N LYS J 3695 12.50 50.79 -52.31
CA LYS J 3695 13.75 51.29 -51.79
C LYS J 3695 13.51 51.97 -50.43
N PRO J 3696 14.37 51.76 -49.45
CA PRO J 3696 14.16 52.40 -48.15
C PRO J 3696 14.18 53.92 -48.27
N ASP J 3697 13.30 54.57 -47.52
CA ASP J 3697 13.26 56.02 -47.45
C ASP J 3697 14.33 56.52 -46.49
N PRO J 3698 14.62 57.82 -46.47
CA PRO J 3698 15.82 58.29 -45.77
C PRO J 3698 15.93 57.83 -44.33
N LEU J 3699 14.84 57.85 -43.57
CA LEU J 3699 14.91 57.39 -42.18
C LEU J 3699 15.27 55.91 -42.11
N HIS J 3700 14.68 55.11 -43.01
CA HIS J 3700 15.03 53.70 -43.07
C HIS J 3700 16.50 53.53 -43.39
N GLN J 3701 17.02 54.32 -44.33
CA GLN J 3701 18.44 54.22 -44.67
C GLN J 3701 19.31 54.56 -43.48
N LEU J 3702 18.94 55.59 -42.72
CA LEU J 3702 19.70 55.95 -41.54
C LEU J 3702 19.73 54.82 -40.52
N VAL J 3703 18.55 54.24 -40.23
CA VAL J 3703 18.50 53.16 -39.27
C VAL J 3703 19.32 51.98 -39.76
N LEU J 3704 19.25 51.66 -41.06
CA LEU J 3704 20.03 50.57 -41.59
C LEU J 3704 21.52 50.85 -41.47
N HIS J 3705 21.94 52.10 -41.68
CA HIS J 3705 23.34 52.45 -41.54
C HIS J 3705 23.82 52.23 -40.12
N PHE J 3706 23.02 52.67 -39.13
CA PHE J 3706 23.41 52.44 -37.75
C PHE J 3706 23.45 50.96 -37.41
N SER J 3707 22.52 50.19 -37.96
CA SER J 3707 22.59 48.74 -37.76
C SER J 3707 23.85 48.14 -38.37
N ARG J 3708 24.25 48.59 -39.56
CA ARG J 3708 25.52 48.16 -40.13
C ARG J 3708 26.66 48.46 -39.17
N THR J 3709 26.73 49.69 -38.68
CA THR J 3709 27.80 50.07 -37.77
C THR J 3709 27.81 49.16 -36.55
N ALA J 3710 26.63 48.86 -36.01
CA ALA J 3710 26.56 47.99 -34.84
C ALA J 3710 27.07 46.59 -35.18
N LEU J 3711 26.69 46.06 -36.34
CA LEU J 3711 27.02 44.69 -36.68
C LEU J 3711 28.50 44.51 -36.97
N THR J 3712 29.15 45.51 -37.55
CA THR J 3712 30.59 45.41 -37.81
C THR J 3712 31.31 44.91 -36.57
N GLU J 3713 31.97 43.75 -36.71
CA GLU J 3713 32.67 43.17 -35.57
C GLU J 3713 33.77 44.11 -35.11
N LYS J 3714 33.85 44.32 -33.80
CA LYS J 3714 34.80 45.27 -33.24
C LYS J 3714 35.03 44.95 -31.78
N SER J 3715 36.25 45.22 -31.30
CA SER J 3715 36.57 44.94 -29.91
C SER J 3715 35.71 45.77 -28.97
N LYS J 3716 35.51 47.05 -29.29
CA LYS J 3716 34.72 47.94 -28.46
C LYS J 3716 33.86 48.82 -29.36
N LEU J 3717 32.77 49.33 -28.80
CA LEU J 3717 31.86 50.21 -29.51
C LEU J 3717 32.32 51.65 -29.33
N ASP J 3718 32.94 52.21 -30.36
CA ASP J 3718 33.45 53.57 -30.28
C ASP J 3718 32.30 54.55 -30.10
N GLU J 3719 32.54 55.59 -29.31
CA GLU J 3719 31.53 56.62 -29.10
C GLU J 3719 31.34 57.41 -30.38
N ASP J 3720 30.08 57.57 -30.78
CA ASP J 3720 29.72 58.19 -32.05
C ASP J 3720 28.72 59.30 -31.79
N TYR J 3721 29.20 60.55 -31.83
CA TYR J 3721 28.33 61.68 -31.52
C TYR J 3721 27.12 61.71 -32.45
N LEU J 3722 27.31 61.29 -33.71
CA LEU J 3722 26.20 61.27 -34.63
C LEU J 3722 25.12 60.31 -34.18
N TYR J 3723 25.50 59.08 -33.81
CA TYR J 3723 24.51 58.13 -33.31
C TYR J 3723 23.86 58.66 -32.05
N MET J 3724 24.66 59.26 -31.17
CA MET J 3724 24.10 59.87 -29.96
C MET J 3724 22.98 60.83 -30.32
N ALA J 3725 23.27 61.78 -31.22
CA ALA J 3725 22.30 62.81 -31.55
C ALA J 3725 21.08 62.23 -32.25
N TYR J 3726 21.29 61.28 -33.15
CA TYR J 3726 20.17 60.75 -33.91
C TYR J 3726 19.28 59.87 -33.04
N ALA J 3727 19.88 59.13 -32.11
CA ALA J 3727 19.08 58.38 -31.16
C ALA J 3727 18.28 59.32 -30.27
N ASP J 3728 18.89 60.43 -29.85
CA ASP J 3728 18.14 61.40 -29.06
C ASP J 3728 16.97 61.96 -29.86
N ILE J 3729 17.19 62.27 -31.14
CA ILE J 3729 16.11 62.80 -31.97
C ILE J 3729 15.00 61.78 -32.12
N MET J 3730 15.34 60.54 -32.45
CA MET J 3730 14.32 59.52 -32.62
C MET J 3730 13.56 59.30 -31.33
N ALA J 3731 14.25 59.32 -30.19
CA ALA J 3731 13.58 59.15 -28.91
C ALA J 3731 12.61 60.28 -28.64
N LYS J 3732 13.06 61.53 -28.81
CA LYS J 3732 12.18 62.67 -28.56
C LYS J 3732 10.99 62.66 -29.50
N SER J 3733 11.14 62.09 -30.70
CA SER J 3733 10.03 62.09 -31.64
C SER J 3733 8.80 61.43 -31.03
N CYS J 3734 9.00 60.42 -30.18
CA CYS J 3734 7.89 59.75 -29.50
C CYS J 3734 7.64 60.46 -28.17
N HIS J 3735 6.67 61.36 -28.14
CA HIS J 3735 6.57 62.32 -27.04
C HIS J 3735 6.16 61.65 -25.74
N LEU J 3736 5.05 60.92 -25.73
CA LEU J 3736 4.47 60.42 -24.48
C LEU J 3736 4.18 61.59 -23.53
N GLU J 3737 3.53 62.61 -24.06
CA GLU J 3737 3.20 63.79 -23.27
C GLU J 3737 2.16 63.45 -22.20
N VAL J 3752 -7.37 68.13 -15.19
CA VAL J 3752 -8.49 67.33 -14.73
C VAL J 3752 -8.43 65.94 -15.34
N GLU J 3753 -9.40 65.09 -14.99
CA GLU J 3753 -9.48 63.77 -15.58
C GLU J 3753 -9.63 63.88 -17.09
N VAL J 3754 -8.90 63.03 -17.81
CA VAL J 3754 -8.98 63.00 -19.26
C VAL J 3754 -10.13 62.11 -19.69
N SER J 3755 -10.81 62.50 -20.76
CA SER J 3755 -11.93 61.67 -21.29
C SER J 3755 -11.39 60.36 -21.87
N PHE J 3756 -12.22 59.30 -21.87
CA PHE J 3756 -11.81 58.00 -22.44
C PHE J 3756 -11.35 58.22 -23.88
N GLU J 3757 -12.14 58.95 -24.67
CA GLU J 3757 -11.78 59.23 -26.07
C GLU J 3757 -10.40 59.88 -26.12
N GLU J 3758 -10.16 60.91 -25.30
CA GLU J 3758 -8.91 61.64 -25.38
C GLU J 3758 -7.71 60.76 -25.02
N LYS J 3759 -7.84 59.94 -23.98
CA LYS J 3759 -6.78 58.99 -23.66
C LYS J 3759 -6.54 58.05 -24.83
N GLU J 3760 -7.62 57.57 -25.45
CA GLU J 3760 -7.45 56.65 -26.57
C GLU J 3760 -6.79 57.34 -27.76
N MET J 3761 -7.16 58.58 -28.05
CA MET J 3761 -6.50 59.30 -29.13
C MET J 3761 -5.02 59.50 -28.84
N GLU J 3762 -4.69 59.84 -27.58
CA GLU J 3762 -3.28 60.01 -27.24
C GLU J 3762 -2.52 58.71 -27.43
N LYS J 3763 -3.08 57.60 -27.00
CA LYS J 3763 -2.43 56.32 -27.22
C LYS J 3763 -2.26 56.01 -28.70
N GLN J 3764 -3.29 56.26 -29.52
CA GLN J 3764 -3.17 56.00 -30.94
C GLN J 3764 -2.06 56.85 -31.55
N ARG J 3765 -1.97 58.11 -31.14
CA ARG J 3765 -0.93 58.99 -31.67
C ARG J 3765 0.45 58.46 -31.30
N LEU J 3766 0.62 58.03 -30.05
CA LEU J 3766 1.92 57.51 -29.64
C LEU J 3766 2.27 56.24 -30.39
N LEU J 3767 1.28 55.35 -30.60
CA LEU J 3767 1.55 54.15 -31.38
C LEU J 3767 1.95 54.49 -32.80
N TYR J 3768 1.32 55.51 -33.40
CA TYR J 3768 1.74 55.90 -34.75
C TYR J 3768 3.16 56.45 -34.76
N GLN J 3769 3.50 57.26 -33.76
CA GLN J 3769 4.86 57.79 -33.68
C GLN J 3769 5.87 56.66 -33.54
N GLN J 3770 5.56 55.64 -32.74
CA GLN J 3770 6.46 54.50 -32.62
C GLN J 3770 6.45 53.66 -33.89
N SER J 3771 5.35 53.69 -34.64
CA SER J 3771 5.30 53.00 -35.91
C SER J 3771 6.30 53.59 -36.88
N ARG J 3772 6.39 54.92 -36.93
CA ARG J 3772 7.37 55.54 -37.80
C ARG J 3772 8.74 54.94 -37.59
N LEU J 3773 9.09 54.65 -36.33
CA LEU J 3773 10.44 54.17 -36.04
C LEU J 3773 10.57 52.67 -36.25
N HIS J 3774 9.70 51.87 -35.63
CA HIS J 3774 9.96 50.44 -35.66
C HIS J 3774 9.49 49.80 -36.96
N ASN J 3775 8.87 50.58 -37.85
CA ASN J 3775 8.66 50.08 -39.20
C ASN J 3775 9.92 50.18 -40.03
N ARG J 3776 10.88 51.00 -39.61
CA ARG J 3776 12.15 51.14 -40.31
C ARG J 3776 13.26 50.29 -39.69
N GLY J 3777 13.00 49.61 -38.57
CA GLY J 3777 13.99 48.76 -37.96
C GLY J 3777 14.62 49.29 -36.69
N ALA J 3778 14.04 50.33 -36.08
CA ALA J 3778 14.65 50.92 -34.89
C ALA J 3778 14.78 49.90 -33.77
N ALA J 3779 13.84 48.97 -33.65
CA ALA J 3779 13.92 47.98 -32.58
C ALA J 3779 15.14 47.09 -32.75
N GLU J 3780 15.33 46.55 -33.95
CA GLU J 3780 16.52 45.75 -34.22
C GLU J 3780 17.79 46.56 -34.06
N MET J 3781 17.78 47.83 -34.46
CA MET J 3781 18.98 48.64 -34.28
C MET J 3781 19.28 48.82 -32.79
N VAL J 3782 18.25 49.02 -31.97
CA VAL J 3782 18.45 49.15 -30.53
C VAL J 3782 19.06 47.87 -29.96
N LEU J 3783 18.50 46.71 -30.32
CA LEU J 3783 19.05 45.46 -29.83
C LEU J 3783 20.50 45.28 -30.27
N GLN J 3784 20.80 45.61 -31.53
CA GLN J 3784 22.16 45.44 -32.01
C GLN J 3784 23.12 46.37 -31.27
N MET J 3785 22.71 47.60 -31.01
CA MET J 3785 23.58 48.51 -30.27
C MET J 3785 23.83 48.03 -28.85
N ILE J 3786 22.77 47.54 -28.18
CA ILE J 3786 22.95 47.02 -26.83
C ILE J 3786 23.86 45.81 -26.83
N SER J 3787 23.74 44.94 -27.83
CA SER J 3787 24.64 43.80 -27.91
C SER J 3787 26.07 44.23 -28.21
N ALA J 3788 26.25 45.27 -29.01
CA ALA J 3788 27.58 45.68 -29.42
C ALA J 3788 28.29 46.43 -28.30
N CYS J 3789 27.54 47.04 -27.39
CA CYS J 3789 28.19 47.75 -26.28
C CYS J 3789 29.06 46.79 -25.47
N LYS J 3790 28.77 45.50 -25.52
CA LYS J 3790 29.58 44.47 -24.86
C LYS J 3790 29.68 44.69 -23.36
N GLY J 3791 28.69 45.36 -22.77
CA GLY J 3791 28.66 45.57 -21.35
C GLY J 3791 29.41 46.78 -20.85
N GLU J 3792 30.00 47.57 -21.74
CA GLU J 3792 30.70 48.78 -21.33
C GLU J 3792 29.70 49.90 -21.11
N THR J 3793 29.46 50.24 -19.84
CA THR J 3793 28.57 51.34 -19.51
C THR J 3793 29.09 52.63 -20.11
N GLY J 3794 28.20 53.44 -20.68
CA GLY J 3794 28.63 54.66 -21.33
C GLY J 3794 27.47 55.40 -21.97
N ALA J 3795 27.82 56.50 -22.63
CA ALA J 3795 26.81 57.35 -23.25
C ALA J 3795 26.11 56.61 -24.39
N MET J 3796 26.85 55.79 -25.13
CA MET J 3796 26.24 55.07 -26.25
C MET J 3796 25.14 54.14 -25.77
N VAL J 3797 25.44 53.30 -24.78
CA VAL J 3797 24.42 52.40 -24.25
C VAL J 3797 23.31 53.18 -23.57
N SER J 3798 23.63 54.31 -22.92
CA SER J 3798 22.57 55.12 -22.33
C SER J 3798 21.60 55.60 -23.38
N SER J 3799 22.11 56.12 -24.50
CA SER J 3799 21.24 56.59 -25.56
C SER J 3799 20.44 55.46 -26.16
N THR J 3800 21.06 54.29 -26.33
CA THR J 3800 20.33 53.14 -26.87
C THR J 3800 19.19 52.74 -25.95
N LEU J 3801 19.44 52.70 -24.64
CA LEU J 3801 18.39 52.36 -23.70
C LEU J 3801 17.26 53.38 -23.73
N LYS J 3802 17.62 54.67 -23.83
CA LYS J 3802 16.58 55.70 -23.91
C LYS J 3802 15.73 55.53 -25.16
N LEU J 3803 16.37 55.22 -26.29
CA LEU J 3803 15.62 54.99 -27.51
C LEU J 3803 14.69 53.80 -27.38
N GLY J 3804 15.19 52.70 -26.79
CA GLY J 3804 14.34 51.55 -26.59
C GLY J 3804 13.15 51.85 -25.71
N ILE J 3805 13.37 52.60 -24.63
CA ILE J 3805 12.27 52.99 -23.77
C ILE J 3805 11.28 53.86 -24.53
N SER J 3806 11.78 54.77 -25.36
CA SER J 3806 10.89 55.65 -26.11
C SER J 3806 9.99 54.86 -27.05
N ILE J 3807 10.56 53.87 -27.74
CA ILE J 3807 9.75 53.11 -28.69
C ILE J 3807 8.99 51.96 -28.04
N LEU J 3808 9.22 51.68 -26.76
CA LEU J 3808 8.44 50.66 -26.06
C LEU J 3808 7.42 51.25 -25.08
N ASN J 3809 7.45 52.56 -24.83
CA ASN J 3809 6.55 53.14 -23.84
C ASN J 3809 5.12 52.73 -24.13
N GLY J 3810 4.35 52.55 -23.05
CA GLY J 3810 2.97 52.12 -23.17
C GLY J 3810 2.80 50.63 -23.42
N GLY J 3811 3.86 49.84 -23.27
CA GLY J 3811 3.75 48.41 -23.49
C GLY J 3811 3.43 48.08 -24.93
N ASN J 3812 4.14 48.69 -25.87
CA ASN J 3812 3.92 48.41 -27.28
C ASN J 3812 4.07 46.92 -27.54
N ALA J 3813 3.12 46.35 -28.28
CA ALA J 3813 3.10 44.91 -28.52
C ALA J 3813 3.86 44.54 -29.79
N GLU J 3814 3.70 45.32 -30.86
CA GLU J 3814 4.41 45.01 -32.10
C GLU J 3814 5.91 45.10 -31.91
N VAL J 3815 6.38 46.11 -31.19
CA VAL J 3815 7.81 46.26 -30.93
C VAL J 3815 8.32 45.10 -30.10
N GLN J 3816 7.55 44.70 -29.09
CA GLN J 3816 7.95 43.55 -28.29
C GLN J 3816 8.08 42.31 -29.15
N GLN J 3817 7.09 42.06 -30.01
CA GLN J 3817 7.15 40.90 -30.88
C GLN J 3817 8.35 40.95 -31.79
N LYS J 3818 8.64 42.12 -32.38
CA LYS J 3818 9.78 42.23 -33.27
C LYS J 3818 11.08 41.97 -32.53
N MET J 3819 11.25 42.57 -31.34
CA MET J 3819 12.47 42.35 -30.58
C MET J 3819 12.64 40.87 -30.24
N LEU J 3820 11.59 40.24 -29.74
CA LEU J 3820 11.70 38.85 -29.31
C LEU J 3820 11.97 37.94 -30.49
N ASP J 3821 11.31 38.17 -31.63
CA ASP J 3821 11.55 37.36 -32.81
C ASP J 3821 12.97 37.53 -33.30
N TYR J 3822 13.48 38.76 -33.32
CA TYR J 3822 14.85 38.99 -33.73
C TYR J 3822 15.82 38.25 -32.83
N LEU J 3823 15.63 38.35 -31.52
CA LEU J 3823 16.50 37.65 -30.60
C LEU J 3823 16.46 36.14 -30.80
N LYS J 3824 15.26 35.57 -30.93
CA LYS J 3824 15.15 34.13 -31.11
C LYS J 3824 15.78 33.68 -32.41
N ASP J 3825 15.66 34.48 -33.47
CA ASP J 3825 16.21 34.08 -34.75
C ASP J 3825 17.74 34.17 -34.74
N LYS J 3826 18.29 35.25 -34.21
CA LYS J 3826 19.74 35.43 -34.27
C LYS J 3826 20.45 34.52 -33.27
N LYS J 3827 19.82 34.24 -32.13
CA LYS J 3827 20.34 33.31 -31.13
C LYS J 3827 21.67 33.78 -30.54
N GLU J 3828 21.99 35.06 -30.64
CA GLU J 3828 23.25 35.55 -30.09
C GLU J 3828 23.12 35.70 -28.58
N VAL J 3829 24.17 35.27 -27.85
CA VAL J 3829 24.21 35.47 -26.41
C VAL J 3829 24.63 36.87 -26.03
N GLY J 3830 25.17 37.64 -26.98
CA GLY J 3830 25.75 38.93 -26.65
C GLY J 3830 24.77 39.86 -25.95
N PHE J 3831 23.51 39.85 -26.38
CA PHE J 3831 22.54 40.78 -25.81
C PHE J 3831 22.41 40.59 -24.31
N PHE J 3832 22.14 39.36 -23.87
CA PHE J 3832 21.91 39.14 -22.46
C PHE J 3832 23.21 39.16 -21.67
N GLN J 3833 24.32 38.76 -22.29
CA GLN J 3833 25.60 38.91 -21.62
C GLN J 3833 25.89 40.37 -21.33
N SER J 3834 25.62 41.25 -22.30
CA SER J 3834 25.82 42.68 -22.09
C SER J 3834 24.87 43.23 -21.04
N ILE J 3835 23.62 42.78 -21.05
CA ILE J 3835 22.67 43.25 -20.04
C ILE J 3835 23.15 42.86 -18.65
N GLN J 3836 23.59 41.61 -18.50
CA GLN J 3836 24.11 41.16 -17.21
C GLN J 3836 25.32 41.96 -16.77
N ALA J 3837 26.25 42.23 -17.69
CA ALA J 3837 27.41 43.04 -17.33
C ALA J 3837 27.00 44.43 -16.88
N LEU J 3838 26.05 45.05 -17.59
CA LEU J 3838 25.61 46.38 -17.20
C LEU J 3838 24.97 46.36 -15.83
N MET J 3839 24.12 45.36 -15.55
CA MET J 3839 23.53 45.27 -14.22
C MET J 3839 24.58 45.07 -13.14
N GLN J 3840 25.63 44.31 -13.42
CA GLN J 3840 26.71 44.17 -12.47
C GLN J 3840 27.45 45.48 -12.24
N THR J 3841 27.63 46.29 -13.28
CA THR J 3841 28.30 47.57 -13.11
C THR J 3841 27.44 48.55 -12.32
N CYS J 3842 26.11 48.48 -12.48
CA CYS J 3842 25.21 49.41 -11.80
C CYS J 3842 25.58 49.55 -10.33
N SER J 3843 25.55 50.77 -9.82
CA SER J 3843 26.04 51.09 -8.50
C SER J 3843 24.89 51.29 -7.51
N VAL J 3844 25.25 51.43 -6.24
CA VAL J 3844 24.31 51.60 -5.15
C VAL J 3844 24.83 52.70 -4.22
N LEU J 3845 24.10 52.92 -3.13
CA LEU J 3845 24.52 53.89 -2.14
C LEU J 3845 25.87 53.48 -1.55
N ASP J 3846 26.76 54.45 -1.39
CA ASP J 3846 28.12 54.20 -0.92
C ASP J 3846 28.45 55.17 0.21
N LEU J 3847 28.69 54.62 1.40
CA LEU J 3847 28.95 55.47 2.56
C LEU J 3847 30.30 56.15 2.49
N ASN J 3848 31.34 55.48 2.00
CA ASN J 3848 32.63 56.14 1.88
C ASN J 3848 32.55 57.31 0.92
N ALA J 3849 31.88 57.11 -0.22
CA ALA J 3849 31.70 58.20 -1.16
C ALA J 3849 30.87 59.32 -0.55
N PHE J 3850 29.83 58.96 0.21
CA PHE J 3850 29.02 59.99 0.85
C PHE J 3850 29.84 60.82 1.82
N GLU J 3851 30.68 60.16 2.62
CA GLU J 3851 31.49 60.90 3.59
C GLU J 3851 32.51 61.78 2.90
N ARG J 3852 33.13 61.26 1.84
CA ARG J 3852 34.06 62.10 1.08
C ARG J 3852 33.36 63.32 0.52
N GLN J 3853 32.17 63.13 -0.06
CA GLN J 3853 31.44 64.25 -0.62
C GLN J 3853 31.02 65.25 0.46
N ASN J 3854 30.59 64.75 1.61
CA ASN J 3854 30.21 65.63 2.71
C ASN J 3854 31.39 66.46 3.16
N LYS J 3855 32.55 65.83 3.32
CA LYS J 3855 33.73 66.58 3.76
C LYS J 3855 34.13 67.60 2.71
N ALA J 3856 34.08 67.23 1.42
CA ALA J 3856 34.41 68.18 0.37
C ALA J 3856 33.46 69.38 0.40
N GLU J 3857 32.15 69.12 0.50
CA GLU J 3857 31.20 70.22 0.55
C GLU J 3857 31.43 71.12 1.75
N GLY J 3858 31.66 70.51 2.92
CA GLY J 3858 31.94 71.30 4.11
C GLY J 3858 33.18 72.16 3.93
N LEU J 3859 34.22 71.60 3.32
CA LEU J 3859 35.40 72.39 3.02
C LEU J 3859 35.04 73.54 2.09
N GLY J 3860 35.50 74.73 2.44
CA GLY J 3860 35.24 75.89 1.63
C GLY J 3860 36.22 76.02 0.48
N MET J 3861 35.70 76.47 -0.66
CA MET J 3861 36.56 76.76 -1.79
C MET J 3861 37.56 77.85 -1.44
N VAL J 3862 38.82 77.62 -1.79
CA VAL J 3862 39.89 78.53 -1.38
C VAL J 3862 39.66 79.92 -1.97
N ASN J 3863 39.36 80.01 -3.26
CA ASN J 3863 39.09 81.26 -3.92
C ASN J 3863 37.61 81.29 -4.32
N GLU J 3864 37.15 82.45 -4.83
CA GLU J 3864 35.73 82.63 -5.09
C GLU J 3864 35.19 81.52 -5.99
N ASP J 3865 33.87 81.34 -5.95
CA ASP J 3865 33.23 80.27 -6.71
C ASP J 3865 33.45 80.42 -8.21
N GLY J 3866 33.44 81.65 -8.73
CA GLY J 3866 33.69 81.87 -10.13
C GLY J 3866 35.10 81.46 -10.52
N THR J 3867 36.08 81.84 -9.69
CA THR J 3867 37.47 81.49 -9.98
C THR J 3867 37.68 79.98 -9.90
N VAL J 3868 37.20 79.35 -8.84
CA VAL J 3868 37.31 77.91 -8.67
C VAL J 3868 36.21 77.22 -9.46
N ILE J 3869 36.29 75.89 -9.59
CA ILE J 3869 35.25 75.14 -10.27
C ILE J 3869 33.91 75.23 -9.53
N ASN J 3870 33.90 75.77 -8.32
CA ASN J 3870 32.69 75.86 -7.50
C ASN J 3870 32.31 74.49 -6.97
N ARG J 3871 33.30 73.62 -6.77
CA ARG J 3871 33.07 72.29 -6.23
C ARG J 3871 32.02 71.54 -7.06
N GLN J 3872 32.09 71.71 -8.38
CA GLN J 3872 31.13 71.10 -9.29
C GLN J 3872 31.68 69.77 -9.78
N ASN J 3873 31.09 68.68 -9.31
CA ASN J 3873 31.50 67.34 -9.69
C ASN J 3873 30.27 66.45 -9.72
N GLY J 3874 30.29 65.47 -10.61
CA GLY J 3874 29.24 64.47 -10.60
C GLY J 3874 29.18 63.80 -9.25
N GLU J 3875 27.99 63.80 -8.64
CA GLU J 3875 27.87 63.28 -7.29
C GLU J 3875 28.41 61.86 -7.21
N LYS J 3876 29.30 61.64 -6.24
CA LYS J 3876 29.93 60.32 -6.13
C LYS J 3876 28.91 59.26 -5.72
N VAL J 3877 27.93 59.64 -4.90
CA VAL J 3877 26.94 58.67 -4.45
C VAL J 3877 25.89 58.46 -5.52
N MET J 3878 25.74 57.21 -5.95
CA MET J 3878 24.73 56.85 -6.95
C MET J 3878 24.83 57.74 -8.18
N ALA J 3879 26.05 57.81 -8.73
CA ALA J 3879 26.29 58.71 -9.85
C ALA J 3879 25.48 58.31 -11.08
N ASP J 3880 25.13 57.03 -11.21
CA ASP J 3880 24.45 56.52 -12.39
C ASP J 3880 23.01 56.09 -12.09
N ASP J 3881 22.31 56.83 -11.22
CA ASP J 3881 20.94 56.47 -10.91
C ASP J 3881 20.06 56.55 -12.15
N GLU J 3882 20.26 57.58 -12.97
CA GLU J 3882 19.45 57.72 -14.18
C GLU J 3882 19.66 56.54 -15.11
N PHE J 3883 20.91 56.13 -15.32
CA PHE J 3883 21.17 55.00 -16.19
C PHE J 3883 20.58 53.72 -15.62
N THR J 3884 20.68 53.53 -14.30
CA THR J 3884 20.10 52.35 -13.69
C THR J 3884 18.59 52.32 -13.90
N GLN J 3885 17.93 53.45 -13.68
CA GLN J 3885 16.49 53.53 -13.89
C GLN J 3885 16.14 53.23 -15.34
N ASP J 3886 16.92 53.75 -16.28
CA ASP J 3886 16.64 53.47 -17.68
C ASP J 3886 16.82 52.00 -18.00
N LEU J 3887 17.87 51.38 -17.46
CA LEU J 3887 18.08 49.95 -17.71
C LEU J 3887 16.90 49.13 -17.22
N PHE J 3888 16.49 49.34 -15.97
CA PHE J 3888 15.39 48.57 -15.43
C PHE J 3888 14.05 48.93 -16.06
N ARG J 3889 13.88 50.18 -16.49
CA ARG J 3889 12.67 50.55 -17.21
C ARG J 3889 12.60 49.83 -18.55
N PHE J 3890 13.73 49.72 -19.25
CA PHE J 3890 13.76 48.96 -20.48
C PHE J 3890 13.42 47.50 -20.24
N LEU J 3891 14.02 46.91 -19.22
CA LEU J 3891 13.73 45.51 -18.92
C LEU J 3891 12.26 45.31 -18.59
N GLN J 3892 11.67 46.22 -17.81
CA GLN J 3892 10.25 46.14 -17.53
C GLN J 3892 9.43 46.28 -18.81
N LEU J 3893 9.70 47.32 -19.59
CA LEU J 3893 8.86 47.63 -20.74
C LEU J 3893 8.86 46.49 -21.73
N LEU J 3894 9.96 45.73 -21.81
CA LEU J 3894 9.95 44.57 -22.69
C LEU J 3894 8.87 43.58 -22.26
N CYS J 3895 8.69 43.40 -20.96
CA CYS J 3895 7.69 42.48 -20.41
C CYS J 3895 6.34 43.15 -20.21
N GLU J 3896 6.23 44.46 -20.44
CA GLU J 3896 5.02 45.18 -20.11
C GLU J 3896 3.83 44.62 -20.86
N GLY J 3897 2.66 44.71 -20.24
CA GLY J 3897 1.46 44.17 -20.84
C GLY J 3897 1.25 42.69 -20.65
N HIS J 3898 2.01 42.07 -19.75
CA HIS J 3898 1.89 40.64 -19.50
C HIS J 3898 2.20 39.84 -20.76
N ASN J 3899 3.42 39.99 -21.25
CA ASN J 3899 3.90 39.26 -22.42
C ASN J 3899 4.55 37.98 -21.95
N ASN J 3900 3.79 36.88 -21.93
CA ASN J 3900 4.29 35.64 -21.36
C ASN J 3900 5.50 35.13 -22.11
N ASP J 3901 5.49 35.22 -23.43
CA ASP J 3901 6.61 34.69 -24.21
C ASP J 3901 7.91 35.36 -23.82
N PHE J 3902 7.92 36.70 -23.78
CA PHE J 3902 9.17 37.38 -23.46
C PHE J 3902 9.50 37.24 -21.98
N GLN J 3903 8.48 37.13 -21.13
CA GLN J 3903 8.74 36.93 -19.71
C GLN J 3903 9.48 35.62 -19.49
N ASN J 3904 9.08 34.56 -20.20
CA ASN J 3904 9.79 33.30 -20.11
C ASN J 3904 11.16 33.39 -20.76
N TYR J 3905 11.26 34.12 -21.87
CA TYR J 3905 12.56 34.27 -22.52
C TYR J 3905 13.58 34.89 -21.57
N LEU J 3906 13.17 35.92 -20.84
CA LEU J 3906 14.09 36.53 -19.88
C LEU J 3906 14.64 35.50 -18.92
N ARG J 3907 13.76 34.64 -18.38
CA ARG J 3907 14.20 33.65 -17.41
C ARG J 3907 15.19 32.68 -18.05
N THR J 3908 14.83 32.11 -19.19
CA THR J 3908 15.70 31.14 -19.85
C THR J 3908 15.61 31.26 -21.35
N GLN J 3909 16.72 31.59 -21.99
CA GLN J 3909 16.82 31.63 -23.44
C GLN J 3909 17.04 30.21 -23.95
N THR J 3910 16.02 29.65 -24.60
CA THR J 3910 16.06 28.26 -25.03
C THR J 3910 16.99 28.00 -26.20
N GLY J 3911 16.91 28.83 -27.25
CA GLY J 3911 17.72 28.59 -28.42
C GLY J 3911 19.21 28.72 -28.14
N ASN J 3912 19.58 29.72 -27.36
CA ASN J 3912 20.98 30.02 -27.15
C ASN J 3912 21.69 28.85 -26.49
N THR J 3913 23.00 28.77 -26.69
CA THR J 3913 23.80 27.74 -26.05
C THR J 3913 23.85 27.94 -24.54
N THR J 3914 24.12 29.16 -24.10
CA THR J 3914 24.22 29.49 -22.69
C THR J 3914 23.10 30.45 -22.31
N THR J 3915 22.47 30.18 -21.17
CA THR J 3915 21.34 30.98 -20.71
C THR J 3915 21.75 31.88 -19.55
N ILE J 3916 21.11 33.04 -19.48
CA ILE J 3916 21.34 34.02 -18.42
C ILE J 3916 20.00 34.33 -17.79
N ASN J 3917 19.92 34.22 -16.46
CA ASN J 3917 18.66 34.38 -15.75
C ASN J 3917 18.53 35.84 -15.29
N ILE J 3918 17.97 36.68 -16.16
CA ILE J 3918 17.84 38.10 -15.84
C ILE J 3918 16.92 38.27 -14.63
N ILE J 3919 15.97 37.37 -14.44
CA ILE J 3919 15.06 37.49 -13.30
C ILE J 3919 15.85 37.42 -12.00
N ILE J 3920 16.87 36.57 -11.94
CA ILE J 3920 17.70 36.48 -10.75
C ILE J 3920 18.77 37.57 -10.72
N CYS J 3921 19.22 38.03 -11.88
CA CYS J 3921 20.13 39.18 -11.88
C CYS J 3921 19.48 40.39 -11.25
N THR J 3922 18.20 40.62 -11.57
CA THR J 3922 17.47 41.74 -10.96
C THR J 3922 17.39 41.57 -9.45
N VAL J 3923 17.10 40.37 -8.98
CA VAL J 3923 17.04 40.13 -7.55
C VAL J 3923 18.40 40.36 -6.89
N ASP J 3924 19.49 39.96 -7.54
CA ASP J 3924 20.81 40.20 -6.97
C ASP J 3924 21.08 41.69 -6.84
N TYR J 3925 20.76 42.46 -7.88
CA TYR J 3925 20.97 43.89 -7.78
C TYR J 3925 20.10 44.49 -6.67
N LEU J 3926 18.86 44.03 -6.56
CA LEU J 3926 17.99 44.53 -5.51
C LEU J 3926 18.57 44.22 -4.14
N LEU J 3927 19.16 43.04 -3.98
CA LEU J 3927 19.78 42.70 -2.70
C LEU J 3927 20.94 43.63 -2.39
N ARG J 3928 21.77 43.93 -3.39
CA ARG J 3928 22.87 44.86 -3.17
C ARG J 3928 22.32 46.22 -2.74
N LEU J 3929 21.30 46.71 -3.44
CA LEU J 3929 20.72 48.00 -3.10
C LEU J 3929 20.13 47.99 -1.70
N GLN J 3930 19.47 46.90 -1.32
CA GLN J 3930 18.90 46.81 0.02
C GLN J 3930 19.97 46.85 1.09
N GLU J 3931 21.08 46.15 0.86
CA GLU J 3931 22.18 46.20 1.82
C GLU J 3931 22.73 47.61 1.93
N SER J 3932 22.87 48.31 0.80
CA SER J 3932 23.36 49.68 0.85
C SER J 3932 22.41 50.57 1.64
N ILE J 3933 21.11 50.41 1.43
CA ILE J 3933 20.14 51.24 2.14
C ILE J 3933 20.17 50.94 3.63
N SER J 3934 20.30 49.67 4.00
CA SER J 3934 20.40 49.34 5.41
C SER J 3934 21.63 49.96 6.03
N ASP J 3935 22.75 49.93 5.31
CA ASP J 3935 23.96 50.57 5.82
C ASP J 3935 23.76 52.06 6.01
N PHE J 3936 23.08 52.70 5.05
CA PHE J 3936 22.86 54.15 5.14
C PHE J 3936 21.95 54.49 6.31
N TYR J 3937 20.93 53.68 6.55
CA TYR J 3937 20.12 53.84 7.75
C TYR J 3937 20.95 53.67 9.01
N TRP J 3938 21.79 52.65 9.07
CA TRP J 3938 22.58 52.47 10.27
C TRP J 3938 23.51 53.65 10.50
N TYR J 3939 24.01 54.24 9.40
CA TYR J 3939 24.82 55.45 9.52
C TYR J 3939 24.01 56.58 10.13
N TYR J 3940 22.78 56.77 9.67
CA TYR J 3940 21.99 57.92 10.11
C TYR J 3940 21.12 57.65 11.33
N SER J 3941 21.21 56.46 11.94
CA SER J 3941 20.33 56.15 13.06
C SER J 3941 20.60 57.04 14.25
N GLY J 3942 21.87 57.24 14.59
CA GLY J 3942 22.20 58.02 15.77
C GLY J 3942 21.77 59.48 15.63
N LYS J 3943 22.04 60.08 14.49
CA LYS J 3943 21.72 61.48 14.28
C LYS J 3943 20.21 61.70 14.40
N ASP J 3944 19.83 62.83 14.99
CA ASP J 3944 18.42 63.09 15.21
C ASP J 3944 17.69 63.50 13.94
N VAL J 3945 18.35 64.27 13.07
CA VAL J 3945 17.73 64.80 11.86
C VAL J 3945 18.63 64.49 10.68
N ILE J 3946 18.03 64.01 9.59
CA ILE J 3946 18.78 63.74 8.38
C ILE J 3946 19.00 65.05 7.62
N GLU J 3947 20.26 65.32 7.27
CA GLU J 3947 20.57 66.55 6.55
C GLU J 3947 20.00 66.48 5.14
N GLU J 3948 20.05 67.62 4.46
CA GLU J 3948 19.44 67.72 3.14
C GLU J 3948 20.08 66.78 2.13
N GLN J 3949 21.41 66.68 2.12
CA GLN J 3949 22.06 65.77 1.18
C GLN J 3949 21.71 64.32 1.50
N GLY J 3950 21.64 63.98 2.79
CA GLY J 3950 21.20 62.65 3.16
C GLY J 3950 19.80 62.35 2.66
N LYS J 3951 18.89 63.31 2.78
CA LYS J 3951 17.54 63.12 2.26
C LYS J 3951 17.58 62.95 0.74
N ARG J 3952 18.40 63.72 0.05
CA ARG J 3952 18.51 63.59 -1.40
C ARG J 3952 18.98 62.20 -1.80
N ASN J 3953 19.97 61.67 -1.09
CA ASN J 3953 20.47 60.33 -1.41
C ASN J 3953 19.42 59.28 -1.09
N PHE J 3954 18.71 59.46 0.03
CA PHE J 3954 17.54 58.63 0.28
C PHE J 3954 16.61 58.60 -0.91
N SER J 3955 16.29 59.78 -1.45
CA SER J 3955 15.30 59.87 -2.51
C SER J 3955 15.79 59.19 -3.78
N LYS J 3956 17.06 59.38 -4.11
CA LYS J 3956 17.61 58.72 -5.28
C LYS J 3956 17.56 57.21 -5.13
N ALA J 3957 17.99 56.69 -3.98
CA ALA J 3957 17.95 55.26 -3.76
C ALA J 3957 16.51 54.74 -3.81
N MET J 3958 15.58 55.51 -3.27
CA MET J 3958 14.19 55.07 -3.25
C MET J 3958 13.61 55.03 -4.65
N SER J 3959 13.95 56.01 -5.49
CA SER J 3959 13.48 55.97 -6.87
C SER J 3959 14.02 54.76 -7.60
N VAL J 3960 15.32 54.48 -7.43
CA VAL J 3960 15.90 53.33 -8.10
C VAL J 3960 15.25 52.04 -7.61
N ALA J 3961 15.05 51.93 -6.29
CA ALA J 3961 14.43 50.73 -5.74
C ALA J 3961 12.99 50.58 -6.21
N LYS J 3962 12.26 51.69 -6.33
CA LYS J 3962 10.91 51.62 -6.86
C LYS J 3962 10.90 51.11 -8.28
N GLN J 3963 11.84 51.58 -9.11
CA GLN J 3963 11.92 51.07 -10.47
C GLN J 3963 12.23 49.58 -10.48
N VAL J 3964 13.14 49.13 -9.61
CA VAL J 3964 13.48 47.72 -9.56
C VAL J 3964 12.26 46.90 -9.13
N PHE J 3965 11.51 47.38 -8.14
CA PHE J 3965 10.32 46.68 -7.72
C PHE J 3965 9.30 46.60 -8.83
N ASN J 3966 9.11 47.68 -9.58
CA ASN J 3966 8.21 47.63 -10.72
C ASN J 3966 8.65 46.63 -11.77
N SER J 3967 9.94 46.55 -12.06
CA SER J 3967 10.43 45.54 -13.00
C SER J 3967 10.15 44.14 -12.50
N LEU J 3968 10.46 43.88 -11.22
CA LEU J 3968 10.20 42.55 -10.66
C LEU J 3968 8.72 42.22 -10.64
N THR J 3969 7.87 43.22 -10.48
CA THR J 3969 6.42 43.01 -10.56
C THR J 3969 5.99 42.63 -11.96
N GLU J 3970 6.48 43.36 -12.98
CA GLU J 3970 6.08 43.06 -14.34
C GLU J 3970 6.62 41.70 -14.78
N TYR J 3971 7.75 41.27 -14.21
CA TYR J 3971 8.25 39.94 -14.56
C TYR J 3971 7.24 38.86 -14.21
N ILE J 3972 6.58 38.99 -13.06
CA ILE J 3972 5.77 37.88 -12.56
C ILE J 3972 4.31 38.04 -12.90
N GLN J 3973 3.81 39.27 -13.06
CA GLN J 3973 2.40 39.45 -13.30
C GLN J 3973 1.97 38.76 -14.60
N GLY J 3974 0.72 38.31 -14.62
CA GLY J 3974 0.13 37.75 -15.81
C GLY J 3974 -0.72 36.51 -15.58
N PRO J 3975 -0.32 35.62 -14.66
CA PRO J 3975 0.97 35.39 -13.99
C PRO J 3975 1.89 34.53 -14.83
N CYS J 3976 3.20 34.66 -14.62
CA CYS J 3976 4.17 33.78 -15.26
C CYS J 3976 4.68 32.80 -14.22
N THR J 3977 4.26 31.54 -14.34
CA THR J 3977 4.56 30.56 -13.29
C THR J 3977 6.05 30.34 -13.12
N GLY J 3978 6.78 30.26 -14.24
CA GLY J 3978 8.21 30.04 -14.15
C GLY J 3978 8.92 31.15 -13.40
N ASN J 3979 8.61 32.40 -13.74
CA ASN J 3979 9.22 33.52 -13.04
C ASN J 3979 8.82 33.55 -11.57
N GLN J 3980 7.54 33.26 -11.29
CA GLN J 3980 7.12 33.20 -9.90
C GLN J 3980 7.96 32.20 -9.12
N GLN J 3981 8.11 31.00 -9.65
CA GLN J 3981 8.87 29.98 -8.93
C GLN J 3981 10.33 30.37 -8.78
N SER J 3982 10.91 30.93 -9.84
CA SER J 3982 12.33 31.31 -9.78
C SER J 3982 12.55 32.35 -8.70
N LEU J 3983 11.70 33.39 -8.66
CA LEU J 3983 11.83 34.38 -7.61
C LEU J 3983 11.60 33.76 -6.23
N ALA J 3984 10.62 32.87 -6.13
CA ALA J 3984 10.33 32.25 -4.84
C ALA J 3984 11.55 31.53 -4.30
N HIS J 3985 12.29 30.86 -5.17
CA HIS J 3985 13.49 30.13 -4.74
C HIS J 3985 14.72 31.02 -4.67
N SER J 3986 14.68 32.22 -5.23
CA SER J 3986 15.85 33.09 -5.22
C SER J 3986 16.01 33.74 -3.84
N ARG J 3987 16.89 34.73 -3.75
CA ARG J 3987 17.18 35.42 -2.51
C ARG J 3987 16.23 36.58 -2.24
N LEU J 3988 15.16 36.72 -3.03
CA LEU J 3988 14.24 37.83 -2.85
C LEU J 3988 13.73 37.90 -1.42
N TRP J 3989 13.55 36.76 -0.77
CA TRP J 3989 12.94 36.75 0.55
C TRP J 3989 13.80 37.48 1.57
N ASP J 3990 15.12 37.43 1.44
CA ASP J 3990 16.00 38.18 2.33
C ASP J 3990 16.00 39.67 2.03
N ALA J 3991 15.95 40.04 0.75
CA ALA J 3991 15.82 41.45 0.40
C ALA J 3991 14.55 42.03 0.99
N VAL J 3992 13.46 41.26 0.97
CA VAL J 3992 12.20 41.76 1.53
C VAL J 3992 12.32 41.95 3.02
N VAL J 3993 13.01 41.04 3.72
CA VAL J 3993 13.17 41.19 5.16
C VAL J 3993 13.97 42.45 5.47
N GLY J 3994 15.09 42.64 4.76
CA GLY J 3994 15.88 43.85 4.97
C GLY J 3994 15.06 45.10 4.70
N PHE J 3995 14.30 45.11 3.61
CA PHE J 3995 13.51 46.28 3.28
C PHE J 3995 12.43 46.53 4.33
N LEU J 3996 11.84 45.47 4.87
CA LEU J 3996 10.85 45.65 5.93
C LEU J 3996 11.48 46.31 7.15
N HIS J 3997 12.66 45.84 7.54
CA HIS J 3997 13.33 46.43 8.70
C HIS J 3997 13.62 47.91 8.46
N VAL J 3998 14.21 48.23 7.30
CA VAL J 3998 14.52 49.62 7.00
C VAL J 3998 13.25 50.45 6.98
N PHE J 3999 12.19 49.95 6.37
CA PHE J 3999 10.96 50.72 6.26
C PHE J 3999 10.38 51.01 7.63
N ALA J 4000 10.37 50.02 8.52
CA ALA J 4000 9.82 50.25 9.85
C ALA J 4000 10.60 51.34 10.57
N HIS J 4001 11.93 51.21 10.62
CA HIS J 4001 12.68 52.19 11.39
C HIS J 4001 12.63 53.56 10.73
N MET J 4002 12.65 53.61 9.39
CA MET J 4002 12.46 54.87 8.68
C MET J 4002 11.13 55.52 9.02
N MET J 4003 10.03 54.77 8.97
CA MET J 4003 8.76 55.40 9.27
C MET J 4003 8.80 56.02 10.66
N MET J 4004 9.29 55.27 11.64
CA MET J 4004 9.34 55.83 12.98
C MET J 4004 10.17 57.12 13.01
N LYS J 4005 11.39 57.05 12.50
CA LYS J 4005 12.32 58.17 12.65
C LYS J 4005 11.85 59.39 11.88
N LEU J 4006 11.45 59.21 10.62
CA LEU J 4006 10.98 60.31 9.80
C LEU J 4006 9.65 60.88 10.27
N ALA J 4007 8.77 60.06 10.86
CA ALA J 4007 7.55 60.61 11.42
C ALA J 4007 7.84 61.45 12.64
N GLN J 4008 8.93 61.16 13.37
CA GLN J 4008 9.24 61.99 14.53
C GLN J 4008 9.44 63.45 14.17
N ASP J 4009 9.73 63.77 12.91
CA ASP J 4009 10.00 65.15 12.50
C ASP J 4009 9.13 65.53 11.30
N SER J 4010 8.81 66.82 11.20
CA SER J 4010 7.95 67.30 10.11
C SER J 4010 8.73 67.54 8.82
N SER J 4011 9.94 68.09 8.92
CA SER J 4011 10.65 68.53 7.72
C SER J 4011 10.86 67.36 6.76
N GLN J 4012 10.82 66.13 7.26
CA GLN J 4012 11.01 64.94 6.44
C GLN J 4012 9.70 64.37 5.90
N ILE J 4013 8.65 65.17 5.80
CA ILE J 4013 7.35 64.67 5.41
C ILE J 4013 7.39 64.17 3.97
N GLU J 4014 8.08 64.90 3.09
CA GLU J 4014 8.19 64.47 1.71
C GLU J 4014 8.96 63.15 1.61
N LEU J 4015 10.02 63.00 2.40
CA LEU J 4015 10.75 61.74 2.41
C LEU J 4015 9.88 60.61 2.90
N LEU J 4016 9.07 60.86 3.94
CA LEU J 4016 8.15 59.84 4.42
C LEU J 4016 7.15 59.45 3.35
N LYS J 4017 6.61 60.44 2.64
CA LYS J 4017 5.66 60.15 1.56
C LYS J 4017 6.28 59.30 0.47
N GLU J 4018 7.52 59.61 0.06
CA GLU J 4018 8.20 58.80 -0.93
C GLU J 4018 8.45 57.38 -0.43
N LEU J 4019 8.87 57.26 0.83
CA LEU J 4019 9.11 55.93 1.39
C LEU J 4019 7.84 55.10 1.40
N LEU J 4020 6.71 55.71 1.75
CA LEU J 4020 5.46 54.96 1.79
C LEU J 4020 5.10 54.45 0.40
N ASP J 4021 5.35 55.25 -0.64
CA ASP J 4021 5.11 54.78 -2.00
C ASP J 4021 6.04 53.61 -2.34
N LEU J 4022 7.30 53.69 -1.93
CA LEU J 4022 8.20 52.56 -2.15
C LEU J 4022 7.68 51.31 -1.47
N GLN J 4023 7.20 51.46 -0.23
CA GLN J 4023 6.65 50.32 0.50
C GLN J 4023 5.43 49.75 -0.22
N LYS J 4024 4.58 50.64 -0.76
CA LYS J 4024 3.44 50.19 -1.54
C LYS J 4024 3.91 49.35 -2.72
N ASP J 4025 4.96 49.80 -3.39
CA ASP J 4025 5.46 49.04 -4.54
C ASP J 4025 5.96 47.67 -4.11
N MET J 4026 6.66 47.60 -2.98
CA MET J 4026 7.12 46.30 -2.48
C MET J 4026 5.94 45.40 -2.18
N VAL J 4027 4.90 45.94 -1.55
CA VAL J 4027 3.73 45.14 -1.23
C VAL J 4027 3.03 44.69 -2.50
N VAL J 4028 3.04 45.53 -3.53
CA VAL J 4028 2.43 45.14 -4.80
C VAL J 4028 3.20 43.99 -5.42
N MET J 4029 4.52 44.02 -5.34
CA MET J 4029 5.30 42.88 -5.81
C MET J 4029 4.95 41.62 -5.02
N LEU J 4030 4.87 41.73 -3.70
CA LEU J 4030 4.52 40.58 -2.89
C LEU J 4030 3.17 40.02 -3.30
N LEU J 4031 2.20 40.90 -3.51
CA LEU J 4031 0.87 40.47 -3.95
C LEU J 4031 0.93 39.79 -5.30
N SER J 4032 1.72 40.33 -6.23
CA SER J 4032 1.84 39.69 -7.54
C SER J 4032 2.42 38.29 -7.41
N LEU J 4033 3.30 38.07 -6.44
CA LEU J 4033 3.82 36.72 -6.23
C LEU J 4033 2.71 35.75 -5.85
N LEU J 4034 1.57 36.25 -5.37
CA LEU J 4034 0.47 35.41 -4.96
C LEU J 4034 -0.58 35.21 -6.05
N GLU J 4035 -0.37 35.77 -7.24
CA GLU J 4035 -1.32 35.59 -8.33
C GLU J 4035 -1.45 34.10 -8.66
N GLY J 4036 -2.69 33.66 -8.85
CA GLY J 4036 -2.94 32.28 -9.20
C GLY J 4036 -2.38 31.31 -8.17
N ASN J 4037 -2.59 31.62 -6.89
CA ASN J 4037 -2.04 30.86 -5.79
C ASN J 4037 -3.12 29.97 -5.18
N VAL J 4038 -2.84 28.68 -5.10
CA VAL J 4038 -3.80 27.74 -4.51
C VAL J 4038 -3.74 27.83 -2.99
N VAL J 4039 -4.81 27.38 -2.35
CA VAL J 4039 -4.85 27.34 -0.89
C VAL J 4039 -3.68 26.51 -0.39
N ASN J 4040 -3.05 26.97 0.69
CA ASN J 4040 -1.85 26.33 1.21
C ASN J 4040 -0.78 26.21 0.13
N GLY J 4041 -0.70 27.22 -0.73
CA GLY J 4041 0.29 27.22 -1.77
C GLY J 4041 1.70 27.37 -1.22
N MET J 4042 2.67 26.89 -2.00
CA MET J 4042 4.05 26.98 -1.57
C MET J 4042 4.49 28.43 -1.44
N ILE J 4043 4.10 29.27 -2.39
CA ILE J 4043 4.43 30.69 -2.31
C ILE J 4043 3.83 31.30 -1.05
N ALA J 4044 2.56 30.98 -0.78
CA ALA J 4044 1.91 31.55 0.39
C ALA J 4044 2.62 31.14 1.67
N ARG J 4045 2.95 29.85 1.80
CA ARG J 4045 3.62 29.40 3.00
C ARG J 4045 4.98 30.07 3.16
N GLN J 4046 5.72 30.19 2.05
CA GLN J 4046 7.01 30.86 2.13
C GLN J 4046 6.86 32.32 2.55
N MET J 4047 5.83 32.99 2.06
CA MET J 4047 5.62 34.39 2.41
C MET J 4047 5.27 34.52 3.89
N VAL J 4048 4.43 33.61 4.40
CA VAL J 4048 4.11 33.64 5.82
C VAL J 4048 5.37 33.40 6.65
N ASP J 4049 6.21 32.46 6.22
CA ASP J 4049 7.46 32.23 6.93
C ASP J 4049 8.33 33.47 6.93
N MET J 4050 8.41 34.17 5.80
CA MET J 4050 9.20 35.40 5.75
C MET J 4050 8.64 36.45 6.70
N LEU J 4051 7.32 36.59 6.73
CA LEU J 4051 6.73 37.57 7.66
C LEU J 4051 7.03 37.20 9.10
N VAL J 4052 6.89 35.92 9.46
CA VAL J 4052 7.21 35.50 10.82
C VAL J 4052 8.66 35.79 11.14
N GLU J 4053 9.55 35.58 10.17
CA GLU J 4053 10.96 35.90 10.38
C GLU J 4053 11.14 37.39 10.65
N SER J 4054 10.43 38.24 9.91
CA SER J 4054 10.48 39.68 10.10
C SER J 4054 9.40 40.17 11.06
N SER J 4055 8.99 39.30 12.00
CA SER J 4055 7.87 39.64 12.88
C SER J 4055 8.05 41.00 13.54
N SER J 4056 9.20 41.25 14.16
CA SER J 4056 9.37 42.49 14.89
C SER J 4056 9.13 43.70 13.99
N ASN J 4057 9.78 43.73 12.82
CA ASN J 4057 9.60 44.85 11.92
C ASN J 4057 8.17 44.93 11.41
N VAL J 4058 7.56 43.78 11.08
CA VAL J 4058 6.17 43.81 10.62
C VAL J 4058 5.26 44.30 11.73
N GLU J 4059 5.50 43.87 12.96
CA GLU J 4059 4.69 44.34 14.07
C GLU J 4059 4.81 45.86 14.21
N MET J 4060 6.02 46.39 14.08
CA MET J 4060 6.17 47.84 14.17
C MET J 4060 5.48 48.53 13.00
N ILE J 4061 5.54 47.95 11.81
CA ILE J 4061 4.87 48.54 10.66
C ILE J 4061 3.38 48.64 10.92
N LEU J 4062 2.77 47.55 11.40
CA LEU J 4062 1.34 47.59 11.70
C LEU J 4062 1.03 48.57 12.81
N LYS J 4063 1.90 48.62 13.83
CA LYS J 4063 1.68 49.54 14.94
C LYS J 4063 1.69 50.98 14.46
N PHE J 4064 2.53 51.30 13.48
CA PHE J 4064 2.58 52.67 13.00
C PHE J 4064 1.22 53.12 12.48
N PHE J 4065 0.61 52.33 11.60
CA PHE J 4065 -0.71 52.68 11.09
C PHE J 4065 -1.77 52.63 12.18
N ASP J 4066 -1.67 51.65 13.10
CA ASP J 4066 -2.68 51.50 14.13
C ASP J 4066 -2.72 52.73 15.03
N MET J 4067 -1.55 53.21 15.46
CA MET J 4067 -1.51 54.37 16.34
C MET J 4067 -2.24 55.55 15.71
N PHE J 4068 -1.98 55.83 14.45
CA PHE J 4068 -2.56 57.03 13.85
C PHE J 4068 -4.02 56.86 13.50
N LEU J 4069 -4.43 55.65 13.09
CA LEU J 4069 -5.84 55.43 12.83
C LEU J 4069 -6.65 55.53 14.11
N LYS J 4070 -6.06 55.16 15.25
CA LYS J 4070 -6.73 55.39 16.53
C LYS J 4070 -6.65 56.86 16.95
N LEU J 4071 -5.53 57.50 16.64
CA LEU J 4071 -5.34 58.89 17.02
C LEU J 4071 -6.38 59.79 16.37
N LYS J 4072 -6.66 59.57 15.09
CA LYS J 4072 -7.63 60.43 14.41
C LYS J 4072 -8.98 60.37 15.11
N ASP J 4073 -9.42 59.17 15.48
CA ASP J 4073 -10.69 59.04 16.19
C ASP J 4073 -10.60 59.70 17.56
N ILE J 4074 -9.49 59.49 18.28
CA ILE J 4074 -9.37 60.05 19.63
C ILE J 4074 -9.45 61.57 19.57
N VAL J 4075 -8.84 62.18 18.56
CA VAL J 4075 -8.86 63.63 18.45
C VAL J 4075 -10.30 64.14 18.34
N GLY J 4076 -11.12 63.46 17.54
CA GLY J 4076 -12.52 63.84 17.44
C GLY J 4076 -13.31 63.46 18.68
N SER J 4077 -12.71 62.71 19.60
CA SER J 4077 -13.41 62.27 20.79
C SER J 4077 -13.80 63.44 21.66
N GLU J 4078 -14.97 63.33 22.29
CA GLU J 4078 -15.47 64.42 23.11
C GLU J 4078 -14.62 64.60 24.37
N ALA J 4079 -14.05 63.52 24.89
CA ALA J 4079 -13.14 63.67 26.02
C ALA J 4079 -11.93 64.51 25.64
N PHE J 4080 -11.33 64.23 24.48
CA PHE J 4080 -10.20 65.02 24.03
C PHE J 4080 -10.61 66.46 23.79
N GLN J 4081 -11.79 66.68 23.20
CA GLN J 4081 -12.25 68.04 22.97
C GLN J 4081 -12.43 68.77 24.30
N ASP J 4082 -12.94 68.08 25.32
CA ASP J 4082 -13.07 68.68 26.64
C ASP J 4082 -11.71 69.08 27.19
N TYR J 4083 -10.72 68.19 27.04
CA TYR J 4083 -9.37 68.53 27.49
C TYR J 4083 -8.83 69.74 26.74
N VAL J 4084 -9.23 69.90 25.48
CA VAL J 4084 -8.88 71.11 24.75
C VAL J 4084 -9.56 72.31 25.37
N THR J 4085 -8.79 73.34 25.67
CA THR J 4085 -9.31 74.54 26.32
C THR J 4085 -8.83 75.84 25.69
N ASP J 4086 -7.82 75.80 24.83
CA ASP J 4086 -7.30 77.02 24.23
C ASP J 4086 -8.24 77.49 23.13
N PRO J 4087 -8.58 78.77 23.07
CA PRO J 4087 -9.50 79.22 22.01
C PRO J 4087 -8.99 78.94 20.61
N ARG J 4088 -7.68 78.92 20.41
CA ARG J 4088 -7.13 78.67 19.08
C ARG J 4088 -7.31 77.23 18.63
N GLY J 4089 -7.77 76.35 19.51
CA GLY J 4089 -7.89 74.94 19.21
C GLY J 4089 -6.64 74.13 19.45
N LEU J 4090 -5.53 74.79 19.79
CA LEU J 4090 -4.30 74.08 20.07
C LEU J 4090 -4.45 73.29 21.37
N ILE J 4091 -3.58 72.31 21.57
CA ILE J 4091 -3.50 71.56 22.82
C ILE J 4091 -2.05 71.57 23.31
N SER J 4092 -1.85 71.89 24.57
CA SER J 4092 -0.52 71.84 25.16
C SER J 4092 -0.08 70.40 25.38
N LYS J 4093 1.23 70.20 25.53
CA LYS J 4093 1.76 68.85 25.65
C LYS J 4093 1.20 68.15 26.88
N LYS J 4094 1.15 68.85 28.03
CA LYS J 4094 0.66 68.21 29.24
C LYS J 4094 -0.81 67.81 29.10
N ASP J 4095 -1.63 68.71 28.55
CA ASP J 4095 -3.04 68.37 28.36
C ASP J 4095 -3.20 67.21 27.39
N PHE J 4096 -2.37 67.18 26.34
CA PHE J 4096 -2.42 66.08 25.38
C PHE J 4096 -2.09 64.76 26.06
N GLN J 4097 -1.02 64.74 26.86
CA GLN J 4097 -0.67 63.52 27.59
C GLN J 4097 -1.77 63.10 28.53
N LYS J 4098 -2.37 64.05 29.24
CA LYS J 4098 -3.44 63.71 30.17
C LYS J 4098 -4.64 63.14 29.42
N ALA J 4099 -4.96 63.72 28.27
CA ALA J 4099 -6.08 63.21 27.48
C ALA J 4099 -5.82 61.78 27.02
N MET J 4100 -4.62 61.51 26.53
CA MET J 4100 -4.31 60.14 26.12
C MET J 4100 -4.36 59.18 27.30
N ASP J 4101 -3.86 59.60 28.47
CA ASP J 4101 -3.93 58.75 29.65
C ASP J 4101 -5.38 58.44 30.00
N SER J 4102 -6.26 59.44 29.96
CA SER J 4102 -7.67 59.20 30.22
C SER J 4102 -8.25 58.25 29.19
N GLN J 4103 -7.86 58.41 27.92
CA GLN J 4103 -8.40 57.55 26.87
C GLN J 4103 -7.98 56.11 27.08
N LYS J 4104 -6.78 55.88 27.61
CA LYS J 4104 -6.30 54.54 27.94
C LYS J 4104 -6.14 53.65 26.72
N GLN J 4105 -6.09 54.22 25.52
CA GLN J 4105 -5.90 53.44 24.31
C GLN J 4105 -4.44 53.37 23.88
N PHE J 4106 -3.53 53.97 24.63
CA PHE J 4106 -2.11 53.94 24.30
C PHE J 4106 -1.29 53.66 25.55
N THR J 4107 -0.12 53.07 25.35
CA THR J 4107 0.84 52.89 26.42
C THR J 4107 1.66 54.16 26.61
N GLY J 4108 2.41 54.20 27.72
CA GLY J 4108 3.27 55.34 27.98
C GLY J 4108 4.34 55.60 26.95
N PRO J 4109 5.10 54.59 26.54
CA PRO J 4109 6.08 54.82 25.45
C PRO J 4109 5.43 55.28 24.16
N GLU J 4110 4.26 54.73 23.83
CA GLU J 4110 3.57 55.16 22.62
C GLU J 4110 3.13 56.61 22.74
N ILE J 4111 2.66 57.01 23.93
CA ILE J 4111 2.29 58.40 24.13
C ILE J 4111 3.51 59.31 23.99
N GLN J 4112 4.67 58.84 24.48
CA GLN J 4112 5.89 59.61 24.31
C GLN J 4112 6.25 59.77 22.84
N PHE J 4113 6.10 58.69 22.06
CA PHE J 4113 6.35 58.79 20.62
C PHE J 4113 5.39 59.79 19.99
N LEU J 4114 4.11 59.75 20.37
CA LEU J 4114 3.14 60.68 19.83
C LEU J 4114 3.52 62.12 20.17
N LEU J 4115 3.96 62.35 21.41
CA LEU J 4115 4.39 63.68 21.80
C LEU J 4115 5.57 64.15 20.95
N SER J 4116 6.52 63.24 20.71
CA SER J 4116 7.66 63.61 19.88
C SER J 4116 7.23 63.97 18.47
N CYS J 4117 6.29 63.21 17.91
CA CYS J 4117 5.78 63.49 16.57
C CYS J 4117 4.85 64.70 16.53
N SER J 4118 4.38 65.17 17.69
CA SER J 4118 3.36 66.22 17.71
C SER J 4118 3.80 67.46 16.95
N GLU J 4119 5.11 67.74 16.90
CA GLU J 4119 5.62 68.94 16.26
C GLU J 4119 5.13 70.19 16.97
N ALA J 4120 5.22 70.18 18.31
CA ALA J 4120 4.77 71.31 19.10
C ALA J 4120 5.72 72.50 18.93
N ASP J 4121 5.16 73.69 19.09
CA ASP J 4121 5.92 74.92 18.94
C ASP J 4121 6.67 75.20 20.24
N GLU J 4122 7.39 76.32 20.29
CA GLU J 4122 8.21 76.64 21.46
C GLU J 4122 7.41 76.68 22.75
N ASN J 4123 6.11 77.00 22.67
CA ASN J 4123 5.27 77.00 23.85
C ASN J 4123 4.83 75.60 24.26
N GLU J 4124 5.43 74.55 23.70
CA GLU J 4124 5.02 73.19 24.00
C GLU J 4124 3.54 73.01 23.70
N MET J 4125 3.11 73.49 22.54
CA MET J 4125 1.70 73.68 22.26
C MET J 4125 1.42 73.00 20.92
N ILE J 4126 0.42 72.11 20.88
CA ILE J 4126 0.21 71.19 19.77
C ILE J 4126 -1.07 71.54 19.03
N ASN J 4127 -1.09 71.28 17.73
CA ASN J 4127 -2.28 71.45 16.90
C ASN J 4127 -2.86 70.08 16.59
N CYS J 4128 -3.93 69.73 17.29
CA CYS J 4128 -4.46 68.37 17.22
C CYS J 4128 -4.93 68.02 15.81
N GLU J 4129 -5.62 68.95 15.14
CA GLU J 4129 -6.18 68.63 13.83
C GLU J 4129 -5.08 68.33 12.82
N GLU J 4130 -4.09 69.21 12.72
CA GLU J 4130 -2.97 68.97 11.82
C GLU J 4130 -2.24 67.70 12.21
N PHE J 4131 -2.04 67.49 13.51
CA PHE J 4131 -1.35 66.29 13.96
C PHE J 4131 -2.05 65.03 13.48
N ALA J 4132 -3.38 65.01 13.59
CA ALA J 4132 -4.14 63.83 13.20
C ALA J 4132 -4.13 63.65 11.68
N ASN J 4133 -4.33 64.73 10.93
CA ASN J 4133 -4.47 64.61 9.49
C ASN J 4133 -3.15 64.52 8.75
N ARG J 4134 -2.02 64.71 9.42
CA ARG J 4134 -0.74 64.70 8.72
C ARG J 4134 -0.50 63.37 7.99
N PHE J 4135 -0.62 62.25 8.70
CA PHE J 4135 -0.24 60.95 8.16
C PHE J 4135 -1.42 60.14 7.66
N GLN J 4136 -2.61 60.73 7.53
CA GLN J 4136 -3.74 59.97 7.04
C GLN J 4136 -3.60 59.68 5.55
N GLU J 4137 -3.48 60.72 4.73
CA GLU J 4137 -3.39 60.50 3.29
C GLU J 4137 -2.12 59.73 2.90
N PRO J 4138 -0.93 60.09 3.38
CA PRO J 4138 0.26 59.36 2.93
C PRO J 4138 0.21 57.87 3.18
N ALA J 4139 -0.37 57.46 4.31
CA ALA J 4139 -0.36 56.06 4.71
C ALA J 4139 -1.59 55.29 4.26
N ARG J 4140 -2.58 55.95 3.64
CA ARG J 4140 -3.79 55.25 3.28
C ARG J 4140 -3.52 54.17 2.24
N ASP J 4141 -2.76 54.50 1.20
CA ASP J 4141 -2.54 53.55 0.12
C ASP J 4141 -1.77 52.34 0.62
N ILE J 4142 -0.64 52.56 1.29
CA ILE J 4142 0.13 51.44 1.82
C ILE J 4142 -0.67 50.69 2.86
N GLY J 4143 -1.46 51.41 3.67
CA GLY J 4143 -2.30 50.73 4.63
C GLY J 4143 -3.28 49.79 3.97
N PHE J 4144 -3.94 50.25 2.91
CA PHE J 4144 -4.87 49.38 2.20
C PHE J 4144 -4.15 48.18 1.61
N ASN J 4145 -2.98 48.40 1.02
CA ASN J 4145 -2.28 47.28 0.41
C ASN J 4145 -1.83 46.27 1.47
N VAL J 4146 -1.40 46.74 2.64
CA VAL J 4146 -1.03 45.82 3.70
C VAL J 4146 -2.24 45.03 4.17
N ALA J 4147 -3.38 45.70 4.30
CA ALA J 4147 -4.60 44.99 4.64
C ALA J 4147 -4.97 43.94 3.60
N VAL J 4148 -4.84 44.28 2.32
CA VAL J 4148 -5.12 43.31 1.26
C VAL J 4148 -4.16 42.12 1.35
N LEU J 4149 -2.89 42.39 1.60
CA LEU J 4149 -1.91 41.31 1.72
C LEU J 4149 -2.27 40.38 2.87
N LEU J 4150 -2.57 40.94 4.03
CA LEU J 4150 -2.92 40.12 5.17
C LEU J 4150 -4.21 39.34 4.94
N THR J 4151 -5.22 39.96 4.34
CA THR J 4151 -6.45 39.26 4.04
C THR J 4151 -6.21 38.11 3.07
N ASN J 4152 -5.43 38.37 2.02
CA ASN J 4152 -5.12 37.33 1.04
C ASN J 4152 -4.43 36.15 1.69
N LEU J 4153 -3.39 36.43 2.48
CA LEU J 4153 -2.65 35.34 3.12
C LEU J 4153 -3.54 34.59 4.10
N SER J 4154 -4.37 35.30 4.86
CA SER J 4154 -5.24 34.63 5.82
C SER J 4154 -6.21 33.71 5.11
N GLU J 4155 -6.79 34.17 4.00
CA GLU J 4155 -7.78 33.35 3.31
C GLU J 4155 -7.14 32.21 2.55
N HIS J 4156 -5.88 32.34 2.13
CA HIS J 4156 -5.26 31.28 1.34
C HIS J 4156 -4.43 30.33 2.21
N VAL J 4157 -4.27 30.64 3.49
CA VAL J 4157 -3.65 29.71 4.43
C VAL J 4157 -4.52 29.68 5.67
N PRO J 4158 -5.70 29.06 5.59
CA PRO J 4158 -6.69 29.23 6.68
C PRO J 4158 -6.19 28.76 8.03
N HIS J 4159 -5.38 27.70 8.05
CA HIS J 4159 -4.99 27.04 9.28
C HIS J 4159 -3.53 27.34 9.56
N ASP J 4160 -3.29 28.46 10.23
CA ASP J 4160 -1.95 28.87 10.60
C ASP J 4160 -2.05 29.64 11.92
N PRO J 4161 -1.34 29.22 12.97
CA PRO J 4161 -1.35 29.98 14.21
C PRO J 4161 -0.39 31.15 14.25
N ARG J 4162 0.48 31.29 13.26
CA ARG J 4162 1.39 32.43 13.18
C ARG J 4162 0.77 33.65 12.54
N LEU J 4163 0.07 33.48 11.42
CA LEU J 4163 -0.53 34.61 10.73
C LEU J 4163 -1.70 35.18 11.53
N ARG J 4164 -2.32 34.37 12.37
CA ARG J 4164 -3.43 34.82 13.20
C ARG J 4164 -2.99 35.79 14.28
N ASN J 4165 -1.68 35.92 14.51
CA ASN J 4165 -1.16 36.95 15.39
C ASN J 4165 -1.03 38.29 14.66
N PHE J 4166 -0.50 38.25 13.43
CA PHE J 4166 -0.45 39.47 12.63
C PHE J 4166 -1.84 40.00 12.38
N LEU J 4167 -2.79 39.12 12.09
CA LEU J 4167 -4.17 39.59 11.88
C LEU J 4167 -4.70 40.27 13.14
N GLU J 4168 -4.45 39.69 14.30
CA GLU J 4168 -4.92 40.30 15.54
C GLU J 4168 -4.30 41.68 15.74
N LEU J 4169 -2.99 41.80 15.49
CA LEU J 4169 -2.34 43.10 15.65
C LEU J 4169 -2.85 44.11 14.64
N ALA J 4170 -3.23 43.65 13.45
CA ALA J 4170 -3.71 44.53 12.38
C ALA J 4170 -5.23 44.64 12.36
N GLU J 4171 -5.89 44.20 13.43
CA GLU J 4171 -7.34 44.27 13.48
C GLU J 4171 -7.86 45.64 13.10
N SER J 4172 -7.27 46.71 13.66
CA SER J 4172 -7.80 48.04 13.41
C SER J 4172 -7.72 48.40 11.93
N ILE J 4173 -6.59 48.08 11.28
CA ILE J 4173 -6.43 48.40 9.86
C ILE J 4173 -7.48 47.69 9.03
N LEU J 4174 -7.67 46.40 9.28
CA LEU J 4174 -8.65 45.63 8.53
C LEU J 4174 -10.07 46.11 8.77
N GLU J 4175 -10.42 46.45 10.01
CA GLU J 4175 -11.75 47.01 10.25
C GLU J 4175 -11.93 48.34 9.53
N TYR J 4176 -10.91 49.20 9.57
CA TYR J 4176 -11.02 50.49 8.89
C TYR J 4176 -11.22 50.30 7.39
N PHE J 4177 -10.47 49.40 6.79
CA PHE J 4177 -10.49 49.24 5.34
C PHE J 4177 -11.52 48.22 4.85
N ARG J 4178 -12.28 47.61 5.76
CA ARG J 4178 -13.30 46.67 5.32
C ARG J 4178 -14.27 47.29 4.33
N PRO J 4179 -14.82 48.48 4.56
CA PRO J 4179 -15.74 49.03 3.55
C PRO J 4179 -15.11 49.26 2.20
N TYR J 4180 -13.81 49.56 2.15
CA TYR J 4180 -13.14 49.87 0.89
C TYR J 4180 -12.42 48.67 0.29
N LEU J 4181 -12.36 47.53 0.97
CA LEU J 4181 -11.71 46.35 0.43
C LEU J 4181 -12.76 45.44 -0.20
N GLY J 4182 -12.84 45.46 -1.52
CA GLY J 4182 -13.79 44.64 -2.24
C GLY J 4182 -13.11 43.36 -2.70
N ARG J 4183 -13.88 42.27 -2.74
CA ARG J 4183 -13.37 41.00 -3.20
C ARG J 4183 -14.40 40.36 -4.12
N ILE J 4184 -13.91 39.65 -5.13
CA ILE J 4184 -14.77 38.88 -6.02
C ILE J 4184 -14.08 37.57 -6.35
N GLU J 4185 -14.82 36.69 -7.01
CA GLU J 4185 -14.27 35.43 -7.50
C GLU J 4185 -14.50 35.35 -9.01
N ILE J 4186 -13.47 34.91 -9.73
CA ILE J 4186 -13.53 34.80 -11.18
C ILE J 4186 -13.04 33.42 -11.59
N MET J 4187 -13.34 33.05 -12.83
CA MET J 4187 -12.91 31.76 -13.37
C MET J 4187 -11.61 31.98 -14.13
N GLY J 4188 -10.49 31.86 -13.43
CA GLY J 4188 -9.22 32.29 -13.99
C GLY J 4188 -8.81 31.51 -15.21
N ALA J 4189 -7.78 32.04 -15.89
CA ALA J 4189 -7.28 31.37 -17.09
C ALA J 4189 -6.77 29.98 -16.79
N SER J 4190 -6.25 29.76 -15.57
CA SER J 4190 -5.76 28.45 -15.18
C SER J 4190 -6.88 27.44 -14.97
N ARG J 4191 -8.12 27.79 -15.29
CA ARG J 4191 -9.28 26.92 -15.13
C ARG J 4191 -9.59 26.61 -13.68
N ARG J 4192 -9.21 27.51 -12.77
CA ARG J 4192 -9.54 27.39 -11.36
C ARG J 4192 -10.17 28.69 -10.87
N ILE J 4193 -11.10 28.59 -9.92
CA ILE J 4193 -11.69 29.78 -9.35
C ILE J 4193 -10.63 30.52 -8.54
N GLU J 4194 -10.50 31.81 -8.81
CA GLU J 4194 -9.54 32.66 -8.12
C GLU J 4194 -10.27 33.81 -7.44
N ARG J 4195 -9.70 34.28 -6.34
CA ARG J 4195 -10.26 35.42 -5.60
C ARG J 4195 -9.42 36.65 -5.88
N ILE J 4196 -10.09 37.74 -6.25
CA ILE J 4196 -9.46 39.00 -6.56
C ILE J 4196 -9.84 40.01 -5.48
N TYR J 4197 -8.84 40.70 -4.95
CA TYR J 4197 -9.04 41.77 -3.98
C TYR J 4197 -8.68 43.10 -4.62
N PHE J 4198 -9.57 44.08 -4.50
CA PHE J 4198 -9.38 45.39 -5.10
C PHE J 4198 -9.94 46.46 -4.18
N GLU J 4199 -9.81 47.71 -4.62
CA GLU J 4199 -10.20 48.86 -3.85
C GLU J 4199 -11.50 49.45 -4.38
N ILE J 4200 -12.46 49.69 -3.49
CA ILE J 4200 -13.71 50.35 -3.83
C ILE J 4200 -13.61 51.78 -3.30
N SER J 4201 -13.60 52.75 -4.19
CA SER J 4201 -13.48 54.13 -3.77
C SER J 4201 -14.71 54.57 -2.97
N GLU J 4202 -14.49 55.52 -2.08
CA GLU J 4202 -15.59 55.99 -1.23
C GLU J 4202 -16.69 56.63 -2.06
N THR J 4203 -16.33 57.40 -3.08
CA THR J 4203 -17.35 58.00 -3.95
C THR J 4203 -18.15 56.92 -4.67
N ASN J 4204 -17.48 55.87 -5.15
CA ASN J 4204 -18.20 54.77 -5.79
C ASN J 4204 -19.18 54.13 -4.83
N ARG J 4205 -18.74 53.86 -3.60
CA ARG J 4205 -19.64 53.25 -2.63
C ARG J 4205 -20.82 54.15 -2.33
N ALA J 4206 -20.58 55.44 -2.16
CA ALA J 4206 -21.68 56.37 -1.88
C ALA J 4206 -22.68 56.39 -3.03
N GLN J 4207 -22.19 56.50 -4.26
CA GLN J 4207 -23.08 56.53 -5.41
C GLN J 4207 -23.88 55.24 -5.49
N TRP J 4208 -23.25 54.10 -5.21
CA TRP J 4208 -23.99 52.84 -5.20
C TRP J 4208 -25.08 52.87 -4.13
N GLU J 4209 -24.77 53.41 -2.95
CA GLU J 4209 -25.75 53.49 -1.87
C GLU J 4209 -26.85 54.51 -2.14
N MET J 4210 -26.69 55.37 -3.13
CA MET J 4210 -27.72 56.35 -3.43
C MET J 4210 -29.07 55.65 -3.64
N PRO J 4211 -30.16 56.17 -3.08
CA PRO J 4211 -31.43 55.42 -3.14
C PRO J 4211 -31.92 55.09 -4.54
N GLN J 4212 -31.74 56.01 -5.50
CA GLN J 4212 -32.21 55.72 -6.85
C GLN J 4212 -31.52 54.49 -7.41
N VAL J 4213 -30.23 54.34 -7.16
CA VAL J 4213 -29.50 53.18 -7.64
C VAL J 4213 -30.04 51.92 -6.97
N LYS J 4214 -30.40 52.00 -5.69
CA LYS J 4214 -30.97 50.84 -5.02
C LYS J 4214 -32.31 50.45 -5.63
N GLU J 4215 -33.15 51.43 -5.96
CA GLU J 4215 -34.41 51.11 -6.61
C GLU J 4215 -34.18 50.48 -7.98
N SER J 4216 -33.22 51.00 -8.74
CA SER J 4216 -32.89 50.40 -10.02
C SER J 4216 -32.40 48.98 -9.85
N LYS J 4217 -31.58 48.74 -8.84
CA LYS J 4217 -31.06 47.40 -8.59
C LYS J 4217 -32.19 46.43 -8.26
N ARG J 4218 -33.13 46.85 -7.41
CA ARG J 4218 -34.26 45.98 -7.10
C ARG J 4218 -35.11 45.70 -8.34
N GLN J 4219 -35.38 46.72 -9.15
CA GLN J 4219 -36.15 46.50 -10.37
C GLN J 4219 -35.44 45.53 -11.31
N PHE J 4220 -34.12 45.70 -11.47
CA PHE J 4220 -33.37 44.80 -12.33
C PHE J 4220 -33.40 43.37 -11.81
N ILE J 4221 -33.23 43.19 -10.50
CA ILE J 4221 -33.26 41.85 -9.96
C ILE J 4221 -34.62 41.21 -10.18
N PHE J 4222 -35.69 41.97 -9.97
CA PHE J 4222 -37.02 41.46 -10.26
C PHE J 4222 -37.13 41.02 -11.72
N ASP J 4223 -36.67 41.87 -12.64
CA ASP J 4223 -36.78 41.55 -14.06
C ASP J 4223 -36.04 40.27 -14.39
N VAL J 4224 -34.77 40.16 -13.98
CA VAL J 4224 -33.99 38.98 -14.34
C VAL J 4224 -34.60 37.74 -13.74
N VAL J 4225 -35.01 37.79 -12.47
CA VAL J 4225 -35.53 36.59 -11.82
C VAL J 4225 -36.81 36.14 -12.50
N ASN J 4226 -37.72 37.06 -12.77
CA ASN J 4226 -39.01 36.66 -13.31
C ASN J 4226 -38.97 36.49 -14.82
N GLU J 4227 -38.68 37.56 -15.56
CA GLU J 4227 -38.76 37.48 -17.02
C GLU J 4227 -37.54 36.78 -17.61
N GLY J 4228 -36.35 37.27 -17.29
CA GLY J 4228 -35.16 36.82 -17.99
C GLY J 4228 -34.86 35.35 -17.75
N GLY J 4229 -34.10 34.77 -18.66
CA GLY J 4229 -33.65 33.40 -18.55
C GLY J 4229 -32.35 33.30 -17.78
N GLU J 4230 -31.73 32.12 -17.85
CA GLU J 4230 -30.48 31.89 -17.14
C GLU J 4230 -29.27 32.03 -18.05
N SER J 4231 -29.43 31.73 -19.34
CA SER J 4231 -28.29 31.80 -20.25
C SER J 4231 -27.77 33.22 -20.39
N GLU J 4232 -28.67 34.20 -20.44
CA GLU J 4232 -28.31 35.59 -20.64
C GLU J 4232 -28.29 36.39 -19.35
N LYS J 4233 -28.34 35.73 -18.19
CA LYS J 4233 -28.40 36.45 -16.93
C LYS J 4233 -27.18 37.34 -16.74
N MET J 4234 -25.98 36.81 -17.03
CA MET J 4234 -24.76 37.59 -16.89
C MET J 4234 -24.70 38.73 -17.89
N GLU J 4235 -25.17 38.49 -19.13
CA GLU J 4235 -25.21 39.57 -20.10
C GLU J 4235 -26.10 40.70 -19.62
N MET J 4236 -27.28 40.37 -19.11
CA MET J 4236 -28.17 41.39 -18.59
C MET J 4236 -27.57 42.09 -17.37
N PHE J 4237 -26.85 41.33 -16.54
CA PHE J 4237 -26.21 41.94 -15.38
C PHE J 4237 -25.15 42.95 -15.80
N VAL J 4238 -24.35 42.61 -16.80
CA VAL J 4238 -23.33 43.56 -17.26
C VAL J 4238 -23.98 44.77 -17.91
N SER J 4239 -25.07 44.56 -18.65
CA SER J 4239 -25.80 45.70 -19.20
C SER J 4239 -26.32 46.61 -18.10
N PHE J 4240 -26.84 46.01 -17.02
CA PHE J 4240 -27.29 46.80 -15.88
C PHE J 4240 -26.14 47.56 -15.25
N CYS J 4241 -24.98 46.92 -15.17
CA CYS J 4241 -23.78 47.58 -14.60
C CYS J 4241 -23.47 48.82 -15.45
N GLU J 4242 -23.47 48.67 -16.77
CA GLU J 4242 -23.14 49.80 -17.69
C GLU J 4242 -24.15 50.92 -17.50
N ASP J 4243 -25.44 50.57 -17.42
CA ASP J 4243 -26.52 51.58 -17.26
C ASP J 4243 -26.32 52.31 -15.93
N THR J 4244 -25.99 51.57 -14.87
CA THR J 4244 -25.78 52.18 -13.53
C THR J 4244 -24.61 53.15 -13.61
N ILE J 4245 -23.51 52.76 -14.27
CA ILE J 4245 -22.31 53.64 -14.34
C ILE J 4245 -22.71 54.93 -15.08
N PHE J 4246 -23.56 54.84 -16.09
CA PHE J 4246 -24.06 56.05 -16.78
C PHE J 4246 -24.92 56.87 -15.82
N GLU J 4247 -25.84 56.22 -15.11
CA GLU J 4247 -26.72 56.94 -14.20
C GLU J 4247 -25.93 57.64 -13.11
N MET J 4248 -24.87 57.00 -12.61
CA MET J 4248 -24.00 57.65 -11.66
C MET J 4248 -23.33 58.87 -12.26
N GLN J 4249 -22.88 58.78 -13.51
CA GLN J 4249 -22.34 59.96 -14.16
C GLN J 4249 -23.36 61.09 -14.23
N ILE J 4250 -24.60 60.77 -14.58
CA ILE J 4250 -25.64 61.79 -14.65
C ILE J 4250 -25.88 62.42 -13.28
N ALA J 4251 -25.97 61.57 -12.25
CA ALA J 4251 -26.21 62.09 -10.90
C ALA J 4251 -25.06 62.97 -10.44
N ALA J 4252 -23.83 62.58 -10.74
CA ALA J 4252 -22.69 63.42 -10.39
C ALA J 4252 -22.74 64.74 -11.12
N GLN J 4253 -23.13 64.74 -12.39
CA GLN J 4253 -23.24 65.98 -13.13
C GLN J 4253 -24.28 66.90 -12.49
N ILE J 4254 -25.43 66.36 -12.11
CA ILE J 4254 -26.51 67.21 -11.58
C ILE J 4254 -26.38 67.47 -10.10
N SER J 4255 -25.41 66.87 -9.41
CA SER J 4255 -25.30 67.07 -7.97
C SER J 4255 -25.02 68.52 -7.64
N GLU J 4256 -25.56 68.96 -6.51
CA GLU J 4256 -25.36 70.34 -6.08
C GLU J 4256 -23.87 70.59 -5.84
N PRO J 4257 -23.29 71.66 -6.40
CA PRO J 4257 -21.87 71.92 -6.17
C PRO J 4257 -21.57 72.44 -4.77
N PHE J 4538 -22.20 88.84 -21.08
CA PHE J 4538 -23.23 88.28 -20.20
C PHE J 4538 -23.65 86.89 -20.64
N TRP J 4539 -23.27 86.51 -21.87
CA TRP J 4539 -23.71 85.24 -22.42
C TRP J 4539 -23.14 84.06 -21.62
N GLY J 4540 -21.89 84.15 -21.18
CA GLY J 4540 -21.34 83.10 -20.35
C GLY J 4540 -22.08 82.96 -19.03
N GLU J 4541 -22.41 84.08 -18.40
CA GLU J 4541 -23.20 84.03 -17.18
C GLU J 4541 -24.57 83.43 -17.44
N LEU J 4542 -25.18 83.76 -18.58
CA LEU J 4542 -26.47 83.18 -18.93
C LEU J 4542 -26.35 81.67 -19.09
N GLU J 4543 -25.28 81.21 -19.73
CA GLU J 4543 -25.08 79.77 -19.87
C GLU J 4543 -24.90 79.10 -18.51
N VAL J 4544 -24.15 79.73 -17.61
CA VAL J 4544 -23.96 79.17 -16.28
C VAL J 4544 -25.30 79.07 -15.56
N GLN J 4545 -26.11 80.14 -15.64
CA GLN J 4545 -27.41 80.12 -14.99
C GLN J 4545 -28.32 79.07 -15.61
N ARG J 4546 -28.26 78.91 -16.93
CA ARG J 4546 -29.07 77.87 -17.59
C ARG J 4546 -28.69 76.50 -17.09
N VAL J 4547 -27.38 76.21 -16.99
CA VAL J 4547 -26.95 74.91 -16.51
C VAL J 4547 -27.41 74.71 -15.07
N LYS J 4548 -27.28 75.75 -14.24
CA LYS J 4548 -27.71 75.63 -12.86
C LYS J 4548 -29.21 75.35 -12.76
N PHE J 4549 -30.01 76.04 -13.58
CA PHE J 4549 -31.45 75.84 -13.57
C PHE J 4549 -31.81 74.42 -14.01
N LEU J 4550 -31.18 73.94 -15.08
CA LEU J 4550 -31.46 72.59 -15.54
C LEU J 4550 -31.06 71.56 -14.50
N ASN J 4551 -29.92 71.77 -13.83
CA ASN J 4551 -29.51 70.85 -12.78
C ASN J 4551 -30.52 70.87 -11.63
N TYR J 4552 -31.03 72.06 -11.29
CA TYR J 4552 -32.04 72.15 -10.24
C TYR J 4552 -33.28 71.35 -10.62
N LEU J 4553 -33.75 71.52 -11.85
CA LEU J 4553 -34.93 70.78 -12.28
C LEU J 4553 -34.69 69.28 -12.27
N SER J 4554 -33.52 68.85 -12.74
CA SER J 4554 -33.21 67.43 -12.75
C SER J 4554 -33.16 66.86 -11.33
N ARG J 4555 -32.55 67.61 -10.41
CA ARG J 4555 -32.47 67.15 -9.03
C ARG J 4555 -33.85 67.04 -8.41
N ASN J 4556 -34.71 68.04 -8.65
CA ASN J 4556 -36.01 68.12 -8.00
C ASN J 4556 -37.14 67.62 -8.92
N PHE J 4557 -36.83 66.77 -9.87
CA PHE J 4557 -37.85 66.29 -10.80
C PHE J 4557 -39.01 65.64 -10.05
N TYR J 4558 -38.73 64.71 -9.15
CA TYR J 4558 -39.80 63.99 -8.47
C TYR J 4558 -40.61 64.90 -7.56
N THR J 4559 -39.96 65.80 -6.83
CA THR J 4559 -40.73 66.76 -6.04
C THR J 4559 -41.61 67.62 -6.93
N LEU J 4560 -41.14 67.94 -8.14
CA LEU J 4560 -41.97 68.68 -9.07
C LEU J 4560 -43.19 67.87 -9.50
N ARG J 4561 -43.02 66.57 -9.71
CA ARG J 4561 -44.16 65.73 -10.06
C ARG J 4561 -45.18 65.69 -8.92
N PHE J 4562 -44.69 65.53 -7.68
CA PHE J 4562 -45.61 65.54 -6.55
C PHE J 4562 -46.30 66.88 -6.42
N LEU J 4563 -45.59 67.96 -6.68
CA LEU J 4563 -46.19 69.29 -6.63
C LEU J 4563 -47.27 69.43 -7.69
N ALA J 4564 -47.03 68.87 -8.88
CA ALA J 4564 -48.05 68.90 -9.92
C ALA J 4564 -49.29 68.16 -9.47
N LEU J 4565 -49.10 66.99 -8.85
CA LEU J 4565 -50.25 66.23 -8.36
C LEU J 4565 -51.03 67.02 -7.30
N PHE J 4566 -50.30 67.64 -6.37
CA PHE J 4566 -50.96 68.41 -5.31
C PHE J 4566 -51.72 69.59 -5.90
N LEU J 4567 -51.14 70.26 -6.89
CA LEU J 4567 -51.83 71.36 -7.54
C LEU J 4567 -53.07 70.88 -8.26
N ALA J 4568 -53.01 69.70 -8.88
CA ALA J 4568 -54.19 69.13 -9.53
C ALA J 4568 -55.30 68.89 -8.52
N PHE J 4569 -54.97 68.30 -7.37
CA PHE J 4569 -55.98 68.08 -6.35
C PHE J 4569 -56.56 69.39 -5.85
N ALA J 4570 -55.72 70.40 -5.63
CA ALA J 4570 -56.24 71.69 -5.17
C ALA J 4570 -57.19 72.29 -6.20
N ILE J 4571 -56.79 72.27 -7.48
CA ILE J 4571 -57.62 72.84 -8.53
C ILE J 4571 -58.96 72.12 -8.59
N ASN J 4572 -58.95 70.79 -8.50
CA ASN J 4572 -60.19 70.06 -8.57
C ASN J 4572 -61.08 70.28 -7.34
N PHE J 4573 -60.47 70.39 -6.16
CA PHE J 4573 -61.25 70.75 -4.99
C PHE J 4573 -61.95 72.09 -5.21
N ILE J 4574 -61.26 73.05 -5.80
CA ILE J 4574 -61.90 74.32 -6.12
C ILE J 4574 -63.01 74.11 -7.14
N LEU J 4575 -62.76 73.30 -8.17
CA LEU J 4575 -63.77 73.06 -9.19
C LEU J 4575 -65.06 72.52 -8.59
N LEU J 4576 -64.94 71.71 -7.53
CA LEU J 4576 -66.15 71.15 -6.92
C LEU J 4576 -67.18 72.21 -6.58
N PHE J 4577 -66.80 73.48 -6.49
CA PHE J 4577 -67.71 74.53 -6.09
C PHE J 4577 -68.40 75.23 -7.26
N TYR J 4578 -68.15 74.79 -8.50
CA TYR J 4578 -68.84 75.39 -9.63
C TYR J 4578 -70.35 75.18 -9.52
N LYS J 4579 -71.09 76.06 -10.19
CA LYS J 4579 -72.53 76.01 -10.25
C LYS J 4579 -72.96 76.61 -11.58
N VAL J 4580 -74.11 76.15 -12.08
CA VAL J 4580 -74.61 76.57 -13.38
C VAL J 4580 -75.95 77.27 -13.16
N SER J 4581 -76.11 78.44 -13.78
CA SER J 4581 -77.35 79.17 -13.67
C SER J 4581 -77.68 79.81 -15.01
N ASP J 4582 -78.96 79.82 -15.37
CA ASP J 4582 -79.36 80.46 -16.61
C ASP J 4582 -79.07 81.96 -16.57
N SER J 4583 -79.36 82.60 -15.44
CA SER J 4583 -79.03 84.00 -15.28
C SER J 4583 -77.52 84.18 -15.06
N PRO J 4584 -76.96 85.30 -15.50
CA PRO J 4584 -75.53 85.54 -15.27
C PRO J 4584 -75.28 85.91 -13.82
N PRO J 4585 -74.05 85.72 -13.33
CA PRO J 4585 -73.72 86.04 -11.94
C PRO J 4585 -73.51 87.54 -11.71
N ASN J 4624 -80.19 83.18 -23.14
CA ASN J 4624 -80.76 81.89 -22.78
C ASN J 4624 -79.67 80.90 -22.39
N MET J 4625 -78.46 81.13 -22.88
CA MET J 4625 -77.36 80.22 -22.59
C MET J 4625 -77.02 80.26 -21.11
N VAL J 4626 -76.67 79.10 -20.56
CA VAL J 4626 -76.35 79.01 -19.14
C VAL J 4626 -74.96 79.57 -18.88
N TYR J 4627 -74.71 79.96 -17.64
CA TYR J 4627 -73.41 80.44 -17.21
C TYR J 4627 -72.87 79.52 -16.12
N TYR J 4628 -71.62 79.10 -16.26
CA TYR J 4628 -70.92 78.34 -15.24
C TYR J 4628 -70.07 79.31 -14.44
N PHE J 4629 -70.16 79.25 -13.12
CA PHE J 4629 -69.41 80.15 -12.27
C PHE J 4629 -69.25 79.57 -10.88
N LEU J 4630 -68.19 79.99 -10.20
CA LEU J 4630 -67.95 79.56 -8.84
C LEU J 4630 -69.01 80.12 -7.91
N GLU J 4631 -69.44 79.31 -6.95
CA GLU J 4631 -70.38 79.71 -5.93
C GLU J 4631 -69.70 79.58 -4.57
N GLU J 4632 -69.31 80.70 -4.00
CA GLU J 4632 -68.60 80.68 -2.72
C GLU J 4632 -68.84 82.00 -2.00
N SER J 4633 -68.71 81.96 -0.68
CA SER J 4633 -68.89 83.13 0.16
C SER J 4633 -67.60 83.89 0.38
N THR J 4634 -66.49 83.18 0.59
CA THR J 4634 -65.22 83.84 0.86
C THR J 4634 -64.79 84.72 -0.30
N GLY J 4635 -64.92 84.23 -1.53
CA GLY J 4635 -64.49 84.96 -2.70
C GLY J 4635 -63.03 84.80 -3.05
N TYR J 4636 -62.24 84.11 -2.22
CA TYR J 4636 -60.84 83.91 -2.53
C TYR J 4636 -60.60 82.75 -3.49
N MET J 4637 -61.58 81.85 -3.65
CA MET J 4637 -61.37 80.70 -4.53
C MET J 4637 -61.20 81.14 -5.97
N GLU J 4638 -62.01 82.08 -6.43
CA GLU J 4638 -62.00 82.42 -7.85
C GLU J 4638 -60.63 82.94 -8.29
N PRO J 4639 -60.00 83.88 -7.59
CA PRO J 4639 -58.62 84.24 -7.97
C PRO J 4639 -57.63 83.11 -7.79
N ALA J 4640 -57.78 82.37 -6.69
CA ALA J 4640 -56.92 81.21 -6.45
C ALA J 4640 -56.99 80.23 -7.60
N LEU J 4641 -58.13 80.18 -8.30
CA LEU J 4641 -58.24 79.27 -9.43
C LEU J 4641 -57.27 79.65 -10.54
N ARG J 4642 -57.26 80.92 -10.94
CA ARG J 4642 -56.30 81.33 -11.96
C ARG J 4642 -54.87 81.14 -11.47
N CYS J 4643 -54.60 81.51 -10.23
CA CYS J 4643 -53.24 81.35 -9.71
C CYS J 4643 -52.80 79.90 -9.80
N LEU J 4644 -53.64 78.98 -9.33
CA LEU J 4644 -53.27 77.57 -9.30
C LEU J 4644 -53.17 77.00 -10.71
N SER J 4645 -54.03 77.45 -11.63
CA SER J 4645 -53.96 76.94 -12.99
C SER J 4645 -52.66 77.35 -13.67
N LEU J 4646 -52.30 78.63 -13.55
CA LEU J 4646 -51.04 79.07 -14.15
C LEU J 4646 -49.85 78.36 -13.51
N LEU J 4647 -49.87 78.23 -12.18
CA LEU J 4647 -48.78 77.54 -11.51
C LEU J 4647 -48.70 76.08 -11.95
N HIS J 4648 -49.85 75.45 -12.17
CA HIS J 4648 -49.88 74.07 -12.61
C HIS J 4648 -49.25 73.92 -13.99
N THR J 4649 -49.61 74.81 -14.92
CA THR J 4649 -49.00 74.72 -16.24
C THR J 4649 -47.49 74.95 -16.16
N LEU J 4650 -47.06 75.91 -15.35
CA LEU J 4650 -45.63 76.12 -15.18
C LEU J 4650 -44.95 74.88 -14.63
N VAL J 4651 -45.53 74.26 -13.61
CA VAL J 4651 -44.92 73.09 -13.00
C VAL J 4651 -44.89 71.93 -13.99
N ALA J 4652 -45.91 71.81 -14.83
CA ALA J 4652 -45.88 70.77 -15.86
C ALA J 4652 -44.74 71.00 -16.84
N PHE J 4653 -44.51 72.26 -17.22
CA PHE J 4653 -43.41 72.54 -18.13
C PHE J 4653 -42.08 72.20 -17.49
N LEU J 4654 -41.92 72.57 -16.22
CA LEU J 4654 -40.68 72.26 -15.51
C LEU J 4654 -40.52 70.75 -15.38
N CYS J 4655 -41.62 70.02 -15.21
CA CYS J 4655 -41.54 68.56 -15.14
C CYS J 4655 -41.04 67.98 -16.45
N ILE J 4656 -41.55 68.48 -17.57
CA ILE J 4656 -41.10 67.97 -18.87
C ILE J 4656 -39.61 68.27 -19.06
N ILE J 4657 -39.19 69.49 -18.73
CA ILE J 4657 -37.78 69.83 -18.89
C ILE J 4657 -36.92 68.96 -17.99
N GLY J 4658 -37.35 68.74 -16.76
CA GLY J 4658 -36.59 67.89 -15.87
C GLY J 4658 -36.48 66.47 -16.37
N TYR J 4659 -37.57 65.93 -16.90
CA TYR J 4659 -37.50 64.60 -17.50
C TYR J 4659 -36.49 64.59 -18.64
N ASN J 4660 -36.55 65.58 -19.52
CA ASN J 4660 -35.63 65.62 -20.65
C ASN J 4660 -34.18 65.66 -20.17
N CYS J 4661 -33.92 66.41 -19.10
CA CYS J 4661 -32.54 66.56 -18.64
C CYS J 4661 -32.07 65.33 -17.86
N LEU J 4662 -32.97 64.62 -17.19
CA LEU J 4662 -32.59 63.56 -16.28
C LEU J 4662 -32.73 62.17 -16.88
N LYS J 4663 -33.92 61.80 -17.36
CA LYS J 4663 -34.23 60.43 -17.71
C LYS J 4663 -33.97 60.11 -19.18
N VAL J 4664 -34.15 61.08 -20.07
CA VAL J 4664 -33.95 60.87 -21.51
C VAL J 4664 -32.52 60.41 -21.78
N PRO J 4665 -31.50 61.01 -21.17
CA PRO J 4665 -30.13 60.60 -21.48
C PRO J 4665 -29.92 59.10 -21.34
N LEU J 4666 -30.51 58.48 -20.33
CA LEU J 4666 -30.39 57.03 -20.21
C LEU J 4666 -31.06 56.33 -21.39
N VAL J 4667 -32.20 56.84 -21.85
CA VAL J 4667 -32.87 56.22 -22.99
C VAL J 4667 -31.98 56.27 -24.22
N ILE J 4668 -31.41 57.44 -24.50
CA ILE J 4668 -30.53 57.58 -25.66
C ILE J 4668 -29.30 56.70 -25.50
N PHE J 4669 -28.75 56.64 -24.29
CA PHE J 4669 -27.59 55.80 -24.06
C PHE J 4669 -27.90 54.35 -24.34
N LYS J 4670 -29.02 53.85 -23.84
CA LYS J 4670 -29.38 52.46 -24.07
C LYS J 4670 -29.62 52.19 -25.55
N ARG J 4671 -30.30 53.12 -26.23
CA ARG J 4671 -30.56 52.93 -27.65
C ARG J 4671 -29.25 52.85 -28.44
N GLU J 4672 -28.34 53.78 -28.19
CA GLU J 4672 -27.05 53.77 -28.87
C GLU J 4672 -26.26 52.52 -28.54
N LYS J 4673 -26.30 52.08 -27.27
CA LYS J 4673 -25.60 50.88 -26.86
C LYS J 4673 -26.10 49.67 -27.64
N GLU J 4674 -27.42 49.48 -27.67
CA GLU J 4674 -27.97 48.34 -28.39
C GLU J 4674 -27.61 48.39 -29.86
N LEU J 4675 -27.73 49.57 -30.47
CA LEU J 4675 -27.42 49.67 -31.89
C LEU J 4675 -25.94 49.38 -32.16
N ALA J 4676 -25.05 49.91 -31.32
CA ALA J 4676 -23.62 49.67 -31.50
C ALA J 4676 -23.30 48.19 -31.37
N ARG J 4677 -23.88 47.52 -30.39
CA ARG J 4677 -23.64 46.09 -30.25
C ARG J 4677 -24.16 45.33 -31.46
N LYS J 4678 -25.34 45.69 -31.95
CA LYS J 4678 -25.90 45.00 -33.11
C LYS J 4678 -25.02 45.20 -34.33
N LEU J 4679 -24.49 46.40 -34.53
CA LEU J 4679 -23.59 46.63 -35.65
C LEU J 4679 -22.32 45.80 -35.51
N GLU J 4680 -21.66 45.90 -34.36
CA GLU J 4680 -20.34 45.29 -34.22
C GLU J 4680 -20.41 43.77 -34.25
N PHE J 4681 -21.41 43.19 -33.58
CA PHE J 4681 -21.44 41.75 -33.36
C PHE J 4681 -22.43 41.02 -34.26
N ASP J 4682 -23.55 41.65 -34.58
CA ASP J 4682 -24.55 41.01 -35.44
C ASP J 4682 -24.48 41.46 -36.89
N GLY J 4683 -23.78 42.54 -37.18
CA GLY J 4683 -23.76 43.06 -38.54
C GLY J 4683 -25.16 43.37 -39.01
N LEU J 4684 -25.93 44.06 -38.17
CA LEU J 4684 -27.34 44.23 -38.43
C LEU J 4684 -27.58 44.93 -39.76
N TYR J 4685 -26.82 45.99 -40.05
CA TYR J 4685 -26.97 46.74 -41.27
C TYR J 4685 -25.88 46.44 -42.29
N ILE J 4686 -24.97 45.53 -41.98
CA ILE J 4686 -23.89 45.15 -42.90
C ILE J 4686 -24.19 43.81 -43.57
N THR J 4687 -24.29 42.75 -42.78
CA THR J 4687 -24.61 41.42 -43.31
C THR J 4687 -26.11 41.17 -43.35
N GLU J 4688 -26.80 41.44 -42.25
CA GLU J 4688 -28.24 41.27 -42.16
C GLU J 4688 -28.94 42.57 -42.52
N GLN J 4689 -30.24 42.61 -42.31
CA GLN J 4689 -31.04 43.82 -42.44
C GLN J 4689 -32.18 43.76 -41.44
N PRO J 4690 -32.72 44.90 -41.03
CA PRO J 4690 -33.90 44.88 -40.17
C PRO J 4690 -35.06 44.19 -40.87
N GLU J 4691 -35.94 43.59 -40.07
CA GLU J 4691 -37.01 42.78 -40.64
C GLU J 4691 -37.93 43.60 -41.54
N ASP J 4692 -37.88 44.93 -41.43
CA ASP J 4692 -38.65 45.93 -42.17
C ASP J 4692 -40.05 46.07 -41.58
N ASP J 4693 -40.38 45.21 -40.63
CA ASP J 4693 -41.48 45.45 -39.69
C ASP J 4693 -40.97 45.88 -38.33
N ASP J 4694 -39.67 46.09 -38.20
CA ASP J 4694 -39.03 46.52 -36.96
C ASP J 4694 -38.79 48.02 -37.06
N VAL J 4695 -39.76 48.81 -36.60
CA VAL J 4695 -39.63 50.25 -36.67
C VAL J 4695 -38.39 50.72 -35.93
N LYS J 4696 -38.01 50.00 -34.87
CA LYS J 4696 -36.82 50.36 -34.13
C LYS J 4696 -35.60 50.39 -35.05
N GLY J 4697 -35.37 49.28 -35.78
CA GLY J 4697 -34.23 49.23 -36.67
C GLY J 4697 -34.37 50.19 -37.85
N GLN J 4698 -35.57 50.29 -38.41
CA GLN J 4698 -35.76 51.19 -39.54
C GLN J 4698 -35.45 52.63 -39.16
N TRP J 4699 -35.90 53.07 -37.98
CA TRP J 4699 -35.57 54.41 -37.52
C TRP J 4699 -34.09 54.52 -37.20
N ASP J 4700 -33.52 53.49 -36.56
CA ASP J 4700 -32.11 53.51 -36.24
C ASP J 4700 -31.24 53.69 -37.46
N ARG J 4701 -31.72 53.26 -38.63
CA ARG J 4701 -30.94 53.42 -39.85
C ARG J 4701 -30.53 54.88 -40.04
N LEU J 4702 -31.36 55.82 -39.60
CA LEU J 4702 -31.07 57.22 -39.87
C LEU J 4702 -29.73 57.66 -39.28
N VAL J 4703 -29.46 57.29 -38.03
CA VAL J 4703 -28.34 57.88 -37.29
C VAL J 4703 -26.99 57.30 -37.66
N LEU J 4704 -26.94 56.25 -38.47
CA LEU J 4704 -25.68 55.56 -38.70
C LEU J 4704 -24.62 56.50 -39.22
N ASN J 4705 -24.92 57.26 -40.26
CA ASN J 4705 -23.92 58.09 -40.92
C ASN J 4705 -23.78 59.47 -40.31
N THR J 4706 -24.46 59.74 -39.20
CA THR J 4706 -24.34 61.03 -38.56
C THR J 4706 -22.95 61.20 -37.95
N PRO J 4707 -22.39 62.42 -37.96
CA PRO J 4707 -21.07 62.62 -37.37
C PRO J 4707 -21.03 62.32 -35.88
N SER J 4708 -22.17 62.36 -35.19
CA SER J 4708 -22.19 62.20 -33.75
C SER J 4708 -23.03 61.00 -33.33
N PHE J 4709 -22.79 59.85 -33.94
CA PHE J 4709 -23.50 58.65 -33.50
C PHE J 4709 -23.29 58.31 -32.03
N PRO J 4710 -22.10 57.98 -31.56
CA PRO J 4710 -21.98 57.59 -30.16
C PRO J 4710 -21.87 58.80 -29.26
N SER J 4711 -22.99 59.49 -29.04
CA SER J 4711 -22.96 60.71 -28.24
C SER J 4711 -23.04 60.41 -26.76
N ASN J 4712 -23.98 59.56 -26.34
CA ASN J 4712 -24.10 59.16 -24.95
C ASN J 4712 -23.40 57.84 -24.64
N TYR J 4713 -23.26 56.96 -25.63
CA TYR J 4713 -22.55 55.67 -25.44
C TYR J 4713 -21.07 55.94 -25.21
N TRP J 4714 -20.43 55.20 -24.30
CA TRP J 4714 -19.00 55.43 -23.97
C TRP J 4714 -18.10 55.14 -25.16
N ASP J 4715 -18.36 54.07 -25.91
CA ASP J 4715 -17.43 53.69 -27.01
C ASP J 4715 -17.55 54.64 -28.18
N LYS J 4716 -16.63 55.60 -28.27
CA LYS J 4716 -16.61 56.51 -29.40
C LYS J 4716 -15.86 55.94 -30.60
N PHE J 4717 -15.35 54.71 -30.49
CA PHE J 4717 -14.66 54.03 -31.59
C PHE J 4717 -15.48 52.89 -32.16
N VAL J 4718 -16.79 52.90 -31.95
CA VAL J 4718 -17.62 51.87 -32.55
C VAL J 4718 -17.52 51.93 -34.06
N LYS J 4719 -17.41 53.13 -34.63
CA LYS J 4719 -17.25 53.24 -36.08
C LYS J 4719 -16.04 52.45 -36.55
N ARG J 4720 -14.88 52.70 -35.96
CA ARG J 4720 -13.66 52.02 -36.38
C ARG J 4720 -13.70 50.53 -36.08
N LYS J 4721 -14.26 50.12 -34.95
CA LYS J 4721 -14.33 48.70 -34.63
C LYS J 4721 -15.28 47.94 -35.55
N VAL J 4722 -16.37 48.57 -36.00
CA VAL J 4722 -17.22 47.97 -37.03
C VAL J 4722 -16.56 47.96 -38.38
N LEU J 4723 -15.82 49.01 -38.73
CA LEU J 4723 -15.08 49.00 -39.98
C LEU J 4723 -14.04 47.89 -40.04
N ASP J 4724 -13.19 47.77 -39.03
CA ASP J 4724 -12.13 46.77 -39.08
C ASP J 4724 -12.70 45.37 -39.21
N LYS J 4725 -13.82 45.10 -38.54
CA LYS J 4725 -14.35 43.74 -38.51
C LYS J 4725 -14.94 43.33 -39.85
N HIS J 4726 -15.74 44.20 -40.47
CA HIS J 4726 -16.51 43.83 -41.64
C HIS J 4726 -16.04 44.47 -42.93
N GLY J 4727 -14.94 45.22 -42.92
CA GLY J 4727 -14.49 45.86 -44.13
C GLY J 4727 -14.05 44.86 -45.18
N ASP J 4728 -13.27 43.87 -44.77
CA ASP J 4728 -12.75 42.91 -45.74
C ASP J 4728 -13.86 42.15 -46.44
N ILE J 4729 -15.01 41.98 -45.79
CA ILE J 4729 -16.09 41.21 -46.40
C ILE J 4729 -17.03 42.13 -47.18
N PHE J 4730 -17.47 43.23 -46.57
CA PHE J 4730 -18.49 44.07 -47.17
C PHE J 4730 -17.92 45.23 -47.98
N GLY J 4731 -16.60 45.30 -48.14
CA GLY J 4731 -15.99 46.42 -48.84
C GLY J 4731 -15.77 47.58 -47.88
N ARG J 4732 -14.52 48.05 -47.79
CA ARG J 4732 -14.22 49.12 -46.85
C ARG J 4732 -14.94 50.41 -47.24
N GLU J 4733 -15.01 50.70 -48.53
CA GLU J 4733 -15.66 51.92 -48.97
C GLU J 4733 -17.16 51.90 -48.68
N ARG J 4734 -17.80 50.75 -48.87
CA ARG J 4734 -19.24 50.67 -48.60
C ARG J 4734 -19.51 50.81 -47.11
N ILE J 4735 -18.68 50.21 -46.27
CA ILE J 4735 -18.83 50.39 -44.82
C ILE J 4735 -18.64 51.85 -44.46
N ALA J 4736 -17.62 52.50 -45.05
CA ALA J 4736 -17.39 53.91 -44.76
C ALA J 4736 -18.58 54.76 -45.17
N GLU J 4737 -19.18 54.46 -46.32
CA GLU J 4737 -20.37 55.20 -46.74
C GLU J 4737 -21.53 54.95 -45.79
N LEU J 4738 -21.72 53.69 -45.37
CA LEU J 4738 -22.81 53.37 -44.47
C LEU J 4738 -22.67 54.10 -43.15
N LEU J 4739 -21.46 54.17 -42.61
CA LEU J 4739 -21.21 54.76 -41.30
C LEU J 4739 -20.82 56.23 -41.38
N GLY J 4740 -20.81 56.83 -42.56
CA GLY J 4740 -20.52 58.24 -42.69
C GLY J 4740 -19.18 58.63 -42.13
N MET J 4741 -18.14 57.88 -42.46
CA MET J 4741 -16.80 58.11 -41.94
C MET J 4741 -15.81 58.18 -43.09
N ASP J 4742 -14.84 59.08 -42.99
CA ASP J 4742 -13.86 59.29 -44.05
C ASP J 4742 -12.55 58.60 -43.70
N LEU J 4743 -12.14 57.65 -44.54
CA LEU J 4743 -10.92 56.90 -44.28
C LEU J 4743 -9.71 57.81 -44.24
N ALA J 4744 -9.64 58.78 -45.16
CA ALA J 4744 -8.56 59.74 -45.11
C ALA J 4744 -8.54 60.46 -43.77
N SER J 4745 -9.71 60.93 -43.32
CA SER J 4745 -9.77 61.64 -42.04
C SER J 4745 -9.28 60.75 -40.91
N LEU J 4746 -9.63 59.47 -40.93
CA LEU J 4746 -9.07 58.54 -39.95
C LEU J 4746 -7.54 58.55 -40.01
N GLU J 4747 -7.00 58.50 -41.22
CA GLU J 4747 -5.55 58.46 -41.36
C GLU J 4747 -4.90 59.71 -40.77
N ILE J 4748 -5.45 60.88 -41.06
CA ILE J 4748 -4.86 62.12 -40.54
C ILE J 4748 -5.03 62.21 -39.03
N THR J 4749 -6.18 61.76 -38.50
CA THR J 4749 -6.36 61.76 -37.06
C THR J 4749 -5.31 60.88 -36.38
N ALA J 4750 -5.03 59.71 -36.94
CA ALA J 4750 -3.95 58.88 -36.42
C ALA J 4750 -2.60 59.58 -36.60
N HIS J 4751 -2.45 60.31 -37.71
CA HIS J 4751 -1.18 60.96 -38.00
C HIS J 4751 -0.82 62.01 -36.95
N ASN J 4752 -1.74 62.94 -36.67
CA ASN J 4752 -1.41 64.10 -35.86
C ASN J 4752 -2.70 64.66 -35.27
N GLU J 4753 -2.57 65.67 -34.43
CA GLU J 4753 -3.68 66.21 -33.65
C GLU J 4753 -3.87 67.69 -33.95
N ARG J 4754 -5.14 68.11 -33.99
CA ARG J 4754 -5.51 69.51 -34.12
C ARG J 4754 -6.73 69.76 -33.24
N LYS J 4755 -6.69 70.82 -32.43
CA LYS J 4755 -7.79 71.16 -31.53
C LYS J 4755 -8.13 72.65 -31.68
N PRO J 4756 -8.73 73.05 -32.80
CA PRO J 4756 -9.32 74.40 -32.87
C PRO J 4756 -10.65 74.46 -32.15
N ASP J 4757 -10.69 75.13 -31.00
CA ASP J 4757 -11.92 75.24 -30.22
C ASP J 4757 -12.52 76.62 -30.43
N PRO J 4758 -13.62 76.77 -31.16
CA PRO J 4758 -14.19 78.09 -31.40
C PRO J 4758 -14.93 78.59 -30.18
N PRO J 4759 -15.19 79.90 -30.09
CA PRO J 4759 -16.00 80.40 -28.99
C PRO J 4759 -17.40 79.84 -29.07
N PRO J 4760 -18.08 79.69 -27.92
CA PRO J 4760 -19.45 79.13 -27.93
C PRO J 4760 -20.49 80.15 -28.35
N GLY J 4761 -20.24 80.82 -29.47
CA GLY J 4761 -21.22 81.76 -29.99
C GLY J 4761 -22.46 81.07 -30.50
N LEU J 4762 -23.55 81.83 -30.55
CA LEU J 4762 -24.81 81.26 -30.99
C LEU J 4762 -24.72 80.78 -32.43
N LEU J 4763 -24.10 81.57 -33.31
CA LEU J 4763 -23.96 81.16 -34.70
C LEU J 4763 -23.11 79.90 -34.81
N THR J 4764 -22.02 79.82 -34.05
CA THR J 4764 -21.18 78.63 -34.08
C THR J 4764 -21.95 77.40 -33.60
N TRP J 4765 -22.73 77.55 -32.54
CA TRP J 4765 -23.54 76.44 -32.06
C TRP J 4765 -24.56 76.02 -33.12
N ILE J 4766 -25.17 76.99 -33.80
CA ILE J 4766 -26.13 76.67 -34.85
C ILE J 4766 -25.46 75.88 -35.95
N MET J 4767 -24.26 76.28 -36.35
CA MET J 4767 -23.52 75.48 -37.34
C MET J 4767 -23.24 74.09 -36.80
N SER J 4768 -22.90 73.98 -35.51
CA SER J 4768 -22.54 72.69 -34.94
C SER J 4768 -23.72 71.73 -34.94
N ILE J 4769 -24.93 72.24 -34.71
CA ILE J 4769 -26.09 71.36 -34.59
C ILE J 4769 -26.11 70.36 -35.72
N ASP J 4770 -26.40 69.10 -35.39
CA ASP J 4770 -26.43 68.01 -36.35
C ASP J 4770 -27.89 67.60 -36.57
N VAL J 4771 -28.46 68.03 -37.70
CA VAL J 4771 -29.90 67.92 -37.90
C VAL J 4771 -30.35 66.47 -37.89
N LYS J 4772 -29.62 65.60 -38.58
CA LYS J 4772 -30.05 64.21 -38.68
C LYS J 4772 -30.04 63.52 -37.33
N TYR J 4773 -28.96 63.70 -36.57
CA TYR J 4773 -28.89 63.08 -35.25
C TYR J 4773 -29.97 63.63 -34.34
N GLN J 4774 -30.22 64.94 -34.41
CA GLN J 4774 -31.27 65.51 -33.56
C GLN J 4774 -32.63 64.97 -33.94
N ILE J 4775 -32.88 64.79 -35.24
CA ILE J 4775 -34.15 64.21 -35.67
C ILE J 4775 -34.31 62.80 -35.12
N TRP J 4776 -33.24 62.00 -35.21
CA TRP J 4776 -33.31 60.64 -34.67
C TRP J 4776 -33.57 60.67 -33.17
N LYS J 4777 -32.88 61.55 -32.44
CA LYS J 4777 -33.07 61.63 -31.01
C LYS J 4777 -34.50 62.00 -30.66
N PHE J 4778 -35.06 62.98 -31.38
CA PHE J 4778 -36.42 63.41 -31.09
C PHE J 4778 -37.42 62.31 -31.43
N GLY J 4779 -37.15 61.55 -32.49
CA GLY J 4779 -37.99 60.40 -32.76
C GLY J 4779 -37.98 59.40 -31.61
N VAL J 4780 -36.79 59.10 -31.09
CA VAL J 4780 -36.70 58.19 -29.95
C VAL J 4780 -37.49 58.75 -28.76
N ILE J 4781 -37.30 60.03 -28.47
CA ILE J 4781 -37.96 60.64 -27.32
C ILE J 4781 -39.47 60.54 -27.47
N PHE J 4782 -40.00 60.97 -28.62
CA PHE J 4782 -41.44 60.95 -28.82
C PHE J 4782 -41.97 59.53 -28.80
N THR J 4783 -41.13 58.54 -29.13
CA THR J 4783 -41.55 57.16 -29.00
C THR J 4783 -41.56 56.72 -27.54
N ASP J 4784 -40.75 57.36 -26.70
CA ASP J 4784 -40.73 57.01 -25.28
C ASP J 4784 -42.10 57.16 -24.66
N ASN J 4785 -42.50 56.19 -23.84
CA ASN J 4785 -43.82 56.23 -23.22
C ASN J 4785 -43.92 57.32 -22.15
N SER J 4786 -42.94 57.39 -21.27
CA SER J 4786 -43.02 58.35 -20.16
C SER J 4786 -43.02 59.79 -20.68
N PHE J 4787 -42.18 60.08 -21.67
CA PHE J 4787 -42.19 61.40 -22.27
C PHE J 4787 -43.54 61.69 -22.91
N LEU J 4788 -44.14 60.69 -23.55
CA LEU J 4788 -45.45 60.89 -24.15
C LEU J 4788 -46.49 61.20 -23.09
N TYR J 4789 -46.41 60.53 -21.95
CA TYR J 4789 -47.36 60.82 -20.87
C TYR J 4789 -47.17 62.24 -20.35
N LEU J 4790 -45.93 62.68 -20.19
CA LEU J 4790 -45.69 64.04 -19.73
C LEU J 4790 -46.18 65.06 -20.74
N GLY J 4791 -45.99 64.77 -22.03
CA GLY J 4791 -46.51 65.65 -23.06
C GLY J 4791 -48.02 65.73 -23.04
N TRP J 4792 -48.68 64.59 -22.79
CA TRP J 4792 -50.12 64.61 -22.62
C TRP J 4792 -50.52 65.45 -21.42
N TYR J 4793 -49.76 65.34 -20.33
CA TYR J 4793 -50.01 66.18 -19.16
C TYR J 4793 -49.99 67.66 -19.55
N MET J 4794 -48.96 68.07 -20.29
CA MET J 4794 -48.91 69.46 -20.74
C MET J 4794 -50.07 69.83 -21.66
N VAL J 4795 -50.36 69.00 -22.65
CA VAL J 4795 -51.46 69.35 -23.55
C VAL J 4795 -52.74 69.52 -22.77
N MET J 4796 -52.94 68.67 -21.76
CA MET J 4796 -54.18 68.72 -21.01
C MET J 4796 -54.23 69.91 -20.08
N SER J 4797 -53.08 70.32 -19.53
CA SER J 4797 -53.05 71.55 -18.74
C SER J 4797 -53.33 72.77 -19.61
N LEU J 4798 -52.73 72.83 -20.78
CA LEU J 4798 -53.00 73.94 -21.69
C LEU J 4798 -54.47 73.97 -22.05
N LEU J 4799 -55.07 72.81 -22.29
CA LEU J 4799 -56.51 72.76 -22.53
C LEU J 4799 -57.29 73.20 -21.30
N GLY J 4800 -56.78 72.88 -20.10
CA GLY J 4800 -57.44 73.34 -18.89
C GLY J 4800 -57.51 74.85 -18.84
N HIS J 4801 -56.48 75.52 -19.32
CA HIS J 4801 -56.54 76.98 -19.41
C HIS J 4801 -57.67 77.42 -20.34
N TYR J 4802 -58.02 76.58 -21.32
CA TYR J 4802 -59.17 76.87 -22.17
C TYR J 4802 -60.47 76.66 -21.41
N ASN J 4803 -60.66 75.47 -20.86
CA ASN J 4803 -61.80 75.17 -20.00
C ASN J 4803 -61.27 74.55 -18.72
N ASN J 4804 -61.62 75.16 -17.59
CA ASN J 4804 -61.05 74.76 -16.30
C ASN J 4804 -61.31 73.30 -15.97
N PHE J 4805 -62.34 72.68 -16.55
CA PHE J 4805 -62.69 71.32 -16.17
C PHE J 4805 -61.69 70.31 -16.71
N PHE J 4806 -60.93 70.66 -17.73
CA PHE J 4806 -59.94 69.72 -18.26
C PHE J 4806 -58.87 69.41 -17.21
N PHE J 4807 -58.76 70.20 -16.16
CA PHE J 4807 -57.84 69.87 -15.08
C PHE J 4807 -58.28 68.62 -14.34
N ALA J 4808 -59.51 68.16 -14.58
CA ALA J 4808 -59.97 66.91 -13.98
C ALA J 4808 -59.13 65.73 -14.46
N ALA J 4809 -58.79 65.73 -15.75
CA ALA J 4809 -58.04 64.60 -16.29
C ALA J 4809 -56.74 64.37 -15.55
N HIS J 4810 -56.13 65.45 -15.04
CA HIS J 4810 -54.85 65.30 -14.35
C HIS J 4810 -54.99 64.48 -13.07
N LEU J 4811 -56.19 64.38 -12.53
CA LEU J 4811 -56.39 63.54 -11.35
C LEU J 4811 -56.04 62.09 -11.65
N LEU J 4812 -56.08 61.70 -12.91
CA LEU J 4812 -55.69 60.35 -13.29
C LEU J 4812 -54.22 60.08 -12.98
N ASP J 4813 -53.44 61.14 -12.75
CA ASP J 4813 -52.02 60.97 -12.51
C ASP J 4813 -51.74 60.12 -11.28
N ILE J 4814 -52.72 59.99 -10.39
CA ILE J 4814 -52.51 59.28 -9.12
C ILE J 4814 -52.06 57.85 -9.41
N ALA J 4815 -52.53 57.29 -10.51
CA ALA J 4815 -52.17 55.92 -10.86
C ALA J 4815 -50.65 55.75 -10.88
N MET J 4816 -49.95 56.66 -11.54
CA MET J 4816 -48.49 56.59 -11.60
C MET J 4816 -47.86 57.24 -10.37
N GLY J 4817 -48.57 58.16 -9.73
CA GLY J 4817 -48.02 58.83 -8.58
C GLY J 4817 -47.84 57.92 -7.38
N VAL J 4818 -48.81 57.04 -7.14
CA VAL J 4818 -48.81 56.18 -5.96
C VAL J 4818 -48.48 54.75 -6.39
N LYS J 4819 -47.50 54.16 -5.73
CA LYS J 4819 -47.13 52.78 -6.06
C LYS J 4819 -48.27 51.81 -5.76
N THR J 4820 -48.98 52.04 -4.66
CA THR J 4820 -50.05 51.12 -4.29
C THR J 4820 -51.13 51.06 -5.38
N LEU J 4821 -51.59 52.22 -5.83
CA LEU J 4821 -52.56 52.26 -6.92
C LEU J 4821 -51.98 51.76 -8.22
N ARG J 4822 -50.67 51.89 -8.42
CA ARG J 4822 -50.04 51.31 -9.60
C ARG J 4822 -50.09 49.79 -9.60
N THR J 4823 -49.80 49.14 -8.47
CA THR J 4823 -49.94 47.70 -8.36
C THR J 4823 -51.39 47.24 -8.45
N ILE J 4824 -52.31 47.95 -7.79
CA ILE J 4824 -53.72 47.58 -7.87
C ILE J 4824 -54.18 47.64 -9.33
N LEU J 4825 -53.80 48.68 -10.05
CA LEU J 4825 -54.19 48.79 -11.45
C LEU J 4825 -53.46 47.77 -12.31
N SER J 4826 -52.23 47.43 -11.96
CA SER J 4826 -51.53 46.37 -12.67
C SER J 4826 -52.26 45.05 -12.52
N SER J 4827 -52.97 44.88 -11.40
CA SER J 4827 -53.81 43.69 -11.25
C SER J 4827 -54.82 43.60 -12.39
N VAL J 4828 -55.46 44.73 -12.72
CA VAL J 4828 -56.42 44.73 -13.83
C VAL J 4828 -55.71 44.57 -15.16
N THR J 4829 -54.65 45.34 -15.39
CA THR J 4829 -54.03 45.36 -16.71
C THR J 4829 -53.24 44.09 -16.99
N HIS J 4830 -53.04 43.24 -15.98
CA HIS J 4830 -52.30 42.01 -16.20
C HIS J 4830 -53.00 41.12 -17.23
N ASN J 4831 -54.32 41.01 -17.12
CA ASN J 4831 -55.14 40.24 -18.04
C ASN J 4831 -56.01 41.15 -18.91
N GLY J 4832 -55.49 42.30 -19.32
CA GLY J 4832 -56.29 43.22 -20.10
C GLY J 4832 -56.77 42.62 -21.41
N LYS J 4833 -55.89 41.87 -22.08
CA LYS J 4833 -56.29 41.24 -23.33
C LYS J 4833 -57.44 40.28 -23.11
N GLN J 4834 -57.35 39.46 -22.07
CA GLN J 4834 -58.41 38.51 -21.78
C GLN J 4834 -59.70 39.23 -21.40
N LEU J 4835 -59.60 40.34 -20.67
CA LEU J 4835 -60.81 41.08 -20.31
C LEU J 4835 -61.48 41.66 -21.54
N VAL J 4836 -60.69 42.21 -22.46
CA VAL J 4836 -61.26 42.77 -23.68
C VAL J 4836 -61.93 41.67 -24.50
N MET J 4837 -61.27 40.52 -24.62
CA MET J 4837 -61.86 39.42 -25.38
C MET J 4837 -63.11 38.91 -24.70
N THR J 4838 -63.14 38.90 -23.37
CA THR J 4838 -64.36 38.50 -22.66
C THR J 4838 -65.50 39.45 -22.94
N VAL J 4839 -65.22 40.76 -22.97
CA VAL J 4839 -66.27 41.70 -23.31
C VAL J 4839 -66.74 41.49 -24.75
N GLY J 4840 -65.83 41.18 -25.67
CA GLY J 4840 -66.25 40.87 -27.03
C GLY J 4840 -67.14 39.64 -27.09
N LEU J 4841 -66.79 38.61 -26.32
CA LEU J 4841 -67.63 37.41 -26.27
C LEU J 4841 -69.00 37.74 -25.70
N LEU J 4842 -69.04 38.58 -24.67
CA LEU J 4842 -70.32 39.02 -24.14
C LEU J 4842 -71.15 39.72 -25.20
N ALA J 4843 -70.52 40.58 -26.00
CA ALA J 4843 -71.22 41.25 -27.08
C ALA J 4843 -71.78 40.25 -28.09
N VAL J 4844 -70.99 39.24 -28.45
CA VAL J 4844 -71.48 38.25 -29.41
C VAL J 4844 -72.67 37.47 -28.85
N VAL J 4845 -72.56 37.05 -27.58
CA VAL J 4845 -73.66 36.30 -26.96
C VAL J 4845 -74.91 37.15 -26.92
N VAL J 4846 -74.78 38.42 -26.53
CA VAL J 4846 -75.94 39.30 -26.48
C VAL J 4846 -76.51 39.49 -27.87
N TYR J 4847 -75.66 39.50 -28.89
CA TYR J 4847 -76.16 39.62 -30.26
C TYR J 4847 -76.98 38.41 -30.64
N LEU J 4848 -76.54 37.21 -30.26
CA LEU J 4848 -77.34 36.02 -30.55
C LEU J 4848 -78.68 36.07 -29.83
N TYR J 4849 -78.68 36.47 -28.56
CA TYR J 4849 -79.94 36.63 -27.85
C TYR J 4849 -80.82 37.65 -28.55
N THR J 4850 -80.23 38.72 -29.06
CA THR J 4850 -81.00 39.72 -29.79
C THR J 4850 -81.63 39.13 -31.04
N VAL J 4851 -80.87 38.30 -31.75
CA VAL J 4851 -81.42 37.68 -32.96
C VAL J 4851 -82.63 36.83 -32.59
N VAL J 4852 -82.52 36.02 -31.54
CA VAL J 4852 -83.64 35.18 -31.15
C VAL J 4852 -84.85 36.04 -30.77
N ALA J 4853 -84.62 37.08 -29.97
CA ALA J 4853 -85.74 37.92 -29.53
C ALA J 4853 -86.39 38.63 -30.70
N PHE J 4854 -85.58 39.16 -31.62
CA PHE J 4854 -86.13 39.85 -32.78
C PHE J 4854 -86.97 38.91 -33.63
N ASN J 4855 -86.52 37.66 -33.76
CA ASN J 4855 -87.26 36.74 -34.62
C ASN J 4855 -88.55 36.27 -33.97
N PHE J 4856 -88.54 36.03 -32.66
CA PHE J 4856 -89.68 35.38 -32.01
C PHE J 4856 -90.36 36.20 -30.92
N PHE J 4857 -89.61 36.78 -29.99
CA PHE J 4857 -90.19 37.41 -28.81
C PHE J 4857 -90.35 38.92 -28.98
N ARG J 4858 -90.66 39.35 -30.19
CA ARG J 4858 -90.71 40.79 -30.47
C ARG J 4858 -91.85 41.47 -29.72
N LYS J 4859 -92.98 40.77 -29.55
CA LYS J 4859 -94.16 41.42 -28.99
C LYS J 4859 -93.93 41.83 -27.53
N PHE J 4860 -93.00 41.17 -26.85
CA PHE J 4860 -92.81 41.42 -25.42
C PHE J 4860 -91.99 42.66 -25.13
N TYR J 4861 -91.42 43.31 -26.14
CA TYR J 4861 -90.49 44.41 -25.93
C TYR J 4861 -91.17 45.78 -25.99
N ASN J 4862 -92.43 45.86 -25.59
CA ASN J 4862 -93.12 47.15 -25.52
C ASN J 4862 -92.75 47.84 -24.21
N LYS J 4863 -92.10 49.01 -24.32
CA LYS J 4863 -91.67 49.77 -23.16
C LYS J 4863 -92.48 51.04 -22.95
N SER J 4864 -93.66 51.14 -23.54
CA SER J 4864 -94.51 52.31 -23.42
C SER J 4864 -95.79 51.92 -22.68
N GLU J 4865 -96.08 52.63 -21.60
CA GLU J 4865 -97.33 52.39 -20.88
C GLU J 4865 -98.51 52.98 -21.64
N ASP J 4866 -98.33 54.17 -22.22
CA ASP J 4866 -99.37 54.80 -23.02
C ASP J 4866 -99.70 53.92 -24.22
N GLU J 4867 -100.94 53.42 -24.28
CA GLU J 4867 -101.35 52.51 -25.34
C GLU J 4867 -101.23 53.17 -26.70
N ASP J 4868 -101.50 54.48 -26.76
CA ASP J 4868 -101.54 55.17 -28.05
C ASP J 4868 -100.17 55.19 -28.71
N GLU J 4869 -99.10 55.13 -27.92
CA GLU J 4869 -97.75 55.28 -28.45
C GLU J 4869 -96.89 54.10 -28.04
N PRO J 4870 -96.92 52.98 -28.76
CA PRO J 4870 -96.05 51.86 -28.42
C PRO J 4870 -94.60 52.13 -28.77
N ASP J 4871 -93.70 51.96 -27.80
CA ASP J 4871 -92.28 52.16 -28.01
C ASP J 4871 -91.55 50.84 -28.25
N MET J 4872 -91.89 50.18 -29.36
CA MET J 4872 -91.28 48.91 -29.68
C MET J 4872 -89.75 49.03 -29.65
N LYS J 4873 -89.13 48.31 -28.73
CA LYS J 4873 -87.68 48.30 -28.62
C LYS J 4873 -87.01 47.23 -29.45
N CYS J 4874 -87.78 46.37 -30.12
CA CYS J 4874 -87.21 45.30 -30.94
C CYS J 4874 -87.87 45.23 -32.31
N ASP J 4875 -88.24 46.37 -32.89
CA ASP J 4875 -88.79 46.35 -34.24
C ASP J 4875 -87.69 46.43 -35.29
N ASP J 4876 -86.47 46.73 -34.89
CA ASP J 4876 -85.32 46.67 -35.78
C ASP J 4876 -84.14 46.08 -35.03
N MET J 4877 -83.25 45.42 -35.78
CA MET J 4877 -82.17 44.69 -35.12
C MET J 4877 -81.23 45.64 -34.39
N MET J 4878 -80.94 46.80 -34.97
CA MET J 4878 -80.04 47.73 -34.30
C MET J 4878 -80.63 48.21 -32.98
N THR J 4879 -81.89 48.61 -32.99
CA THR J 4879 -82.53 49.05 -31.76
C THR J 4879 -82.60 47.92 -30.74
N CYS J 4880 -82.94 46.72 -31.18
CA CYS J 4880 -83.03 45.60 -30.25
C CYS J 4880 -81.67 45.27 -29.64
N TYR J 4881 -80.62 45.29 -30.45
CA TYR J 4881 -79.29 45.02 -29.93
C TYR J 4881 -78.85 46.08 -28.96
N LEU J 4882 -79.11 47.35 -29.26
CA LEU J 4882 -78.78 48.40 -28.30
C LEU J 4882 -79.56 48.20 -27.01
N PHE J 4883 -80.85 47.90 -27.10
CA PHE J 4883 -81.65 47.69 -25.91
C PHE J 4883 -81.10 46.56 -25.08
N HIS J 4884 -80.78 45.42 -25.69
CA HIS J 4884 -80.19 44.33 -24.93
C HIS J 4884 -78.88 44.77 -24.28
N MET J 4885 -77.89 45.14 -25.09
CA MET J 4885 -76.57 45.44 -24.54
C MET J 4885 -76.63 46.54 -23.48
N TYR J 4886 -77.65 47.40 -23.53
CA TYR J 4886 -77.69 48.52 -22.62
C TYR J 4886 -78.43 48.19 -21.33
N VAL J 4887 -79.65 47.68 -21.44
CA VAL J 4887 -80.47 47.46 -20.23
C VAL J 4887 -80.38 46.02 -19.74
N GLY J 4888 -80.37 45.04 -20.64
CA GLY J 4888 -80.37 43.66 -20.18
C GLY J 4888 -79.10 43.29 -19.45
N VAL J 4889 -77.94 43.68 -19.99
CA VAL J 4889 -76.69 43.36 -19.33
C VAL J 4889 -76.59 44.03 -17.98
N ARG J 4890 -77.03 45.28 -17.88
CA ARG J 4890 -76.96 46.00 -16.62
C ARG J 4890 -77.96 45.47 -15.60
N ALA J 4891 -79.10 44.99 -16.05
CA ALA J 4891 -80.14 44.55 -15.14
C ALA J 4891 -79.64 43.44 -14.23
N GLY J 4892 -80.11 43.44 -12.99
CA GLY J 4892 -79.68 42.43 -12.04
C GLY J 4892 -80.15 41.03 -12.41
N GLY J 4893 -81.36 40.91 -12.92
CA GLY J 4893 -81.92 39.63 -13.30
C GLY J 4893 -81.91 39.31 -14.77
N GLY J 4894 -81.24 40.10 -15.59
CA GLY J 4894 -81.23 39.88 -17.02
C GLY J 4894 -82.36 40.63 -17.71
N ILE J 4895 -82.53 40.31 -18.99
CA ILE J 4895 -83.51 41.01 -19.80
C ILE J 4895 -84.94 40.78 -19.32
N GLY J 4896 -85.21 39.63 -18.71
CA GLY J 4896 -86.55 39.35 -18.22
C GLY J 4896 -87.04 40.38 -17.23
N ASP J 4897 -86.13 41.05 -16.54
CA ASP J 4897 -86.52 42.11 -15.63
C ASP J 4897 -87.20 43.25 -16.38
N GLU J 4898 -86.66 43.60 -17.55
CA GLU J 4898 -87.18 44.75 -18.29
C GLU J 4898 -88.37 44.37 -19.15
N ILE J 4899 -88.25 43.32 -19.95
CA ILE J 4899 -89.29 42.98 -20.90
C ILE J 4899 -90.54 42.44 -20.20
N GLU J 4900 -91.66 42.41 -20.94
CA GLU J 4900 -92.97 42.17 -20.34
C GLU J 4900 -93.07 40.78 -19.74
N ASP J 4901 -94.02 40.62 -18.82
CA ASP J 4901 -94.23 39.32 -18.19
C ASP J 4901 -94.71 38.30 -19.23
N PRO J 4902 -94.24 37.05 -19.17
CA PRO J 4902 -94.65 36.05 -20.15
C PRO J 4902 -95.81 35.16 -19.72
N ALA J 4903 -96.40 35.38 -18.56
CA ALA J 4903 -97.41 34.46 -18.05
C ALA J 4903 -98.59 34.38 -19.00
N GLY J 4904 -99.15 33.18 -19.11
CA GLY J 4904 -100.34 32.97 -19.93
C GLY J 4904 -100.11 33.24 -21.39
N ASP J 4905 -99.01 32.73 -21.94
CA ASP J 4905 -98.70 32.90 -23.35
C ASP J 4905 -98.24 31.57 -23.93
N GLU J 4906 -98.45 31.41 -25.24
CA GLU J 4906 -98.07 30.16 -25.89
C GLU J 4906 -96.57 29.92 -25.80
N TYR J 4907 -95.78 30.99 -25.87
CA TYR J 4907 -94.33 30.89 -25.79
C TYR J 4907 -93.81 31.05 -24.38
N GLU J 4908 -94.63 30.77 -23.37
CA GLU J 4908 -94.21 31.01 -21.99
C GLU J 4908 -92.98 30.18 -21.63
N LEU J 4909 -92.99 28.89 -21.95
CA LEU J 4909 -91.85 28.05 -21.61
C LEU J 4909 -90.61 28.43 -22.41
N TYR J 4910 -90.77 28.65 -23.71
CA TYR J 4910 -89.65 29.08 -24.53
C TYR J 4910 -89.00 30.32 -23.93
N ARG J 4911 -89.81 31.28 -23.52
CA ARG J 4911 -89.25 32.54 -23.06
C ARG J 4911 -88.70 32.44 -21.64
N VAL J 4912 -89.30 31.62 -20.78
CA VAL J 4912 -88.69 31.48 -19.46
C VAL J 4912 -87.32 30.84 -19.61
N VAL J 4913 -87.18 29.88 -20.52
CA VAL J 4913 -85.84 29.39 -20.86
C VAL J 4913 -84.95 30.49 -21.41
N PHE J 4914 -85.49 31.34 -22.29
CA PHE J 4914 -84.72 32.47 -22.82
C PHE J 4914 -84.15 33.32 -21.70
N ASP J 4915 -85.00 33.76 -20.78
CA ASP J 4915 -84.57 34.64 -19.69
C ASP J 4915 -83.60 33.94 -18.74
N ILE J 4916 -83.89 32.69 -18.37
CA ILE J 4916 -83.00 31.99 -17.46
C ILE J 4916 -81.62 31.79 -18.08
N THR J 4917 -81.56 31.39 -19.34
CA THR J 4917 -80.27 31.23 -19.99
C THR J 4917 -79.53 32.55 -20.09
N PHE J 4918 -80.25 33.62 -20.43
CA PHE J 4918 -79.61 34.93 -20.44
C PHE J 4918 -79.00 35.25 -19.09
N PHE J 4919 -79.79 35.08 -18.03
CA PHE J 4919 -79.30 35.41 -16.69
C PHE J 4919 -78.09 34.57 -16.32
N PHE J 4920 -78.11 33.28 -16.65
CA PHE J 4920 -77.04 32.40 -16.21
C PHE J 4920 -75.76 32.60 -17.02
N PHE J 4921 -75.86 32.85 -18.32
CA PHE J 4921 -74.67 33.00 -19.14
C PHE J 4921 -74.10 34.41 -19.05
N VAL J 4922 -74.94 35.43 -19.27
CA VAL J 4922 -74.43 36.80 -19.28
C VAL J 4922 -74.20 37.31 -17.87
N ILE J 4923 -75.26 37.34 -17.06
CA ILE J 4923 -75.18 38.00 -15.77
C ILE J 4923 -74.31 37.22 -14.80
N VAL J 4924 -74.45 35.90 -14.77
CA VAL J 4924 -73.79 35.09 -13.74
C VAL J 4924 -72.40 34.68 -14.19
N ILE J 4925 -72.29 34.10 -15.37
CA ILE J 4925 -71.02 33.48 -15.77
C ILE J 4925 -70.03 34.54 -16.25
N LEU J 4926 -70.37 35.27 -17.30
CA LEU J 4926 -69.39 36.18 -17.90
C LEU J 4926 -68.86 37.19 -16.89
N LEU J 4927 -69.75 37.76 -16.08
CA LEU J 4927 -69.28 38.64 -15.02
C LEU J 4927 -68.41 37.88 -14.03
N ALA J 4928 -68.76 36.61 -13.77
CA ALA J 4928 -67.90 35.78 -12.93
C ALA J 4928 -66.55 35.57 -13.59
N ILE J 4929 -66.52 35.43 -14.92
CA ILE J 4929 -65.25 35.29 -15.62
C ILE J 4929 -64.40 36.54 -15.43
N ILE J 4930 -65.01 37.72 -15.54
CA ILE J 4930 -64.26 38.96 -15.37
C ILE J 4930 -63.69 39.05 -13.96
N GLN J 4931 -64.53 38.81 -12.96
CA GLN J 4931 -64.04 38.88 -11.59
C GLN J 4931 -62.95 37.84 -11.34
N GLY J 4932 -63.09 36.65 -11.91
CA GLY J 4932 -62.08 35.63 -11.75
C GLY J 4932 -60.77 36.02 -12.41
N LEU J 4933 -60.84 36.68 -13.56
CA LEU J 4933 -59.63 37.16 -14.21
C LEU J 4933 -58.90 38.15 -13.30
N ILE J 4934 -59.64 39.08 -12.70
CA ILE J 4934 -58.99 40.04 -11.80
C ILE J 4934 -58.38 39.32 -10.59
N ILE J 4935 -59.11 38.40 -9.98
CA ILE J 4935 -58.58 37.69 -8.82
C ILE J 4935 -57.34 36.89 -9.18
N ASP J 4936 -57.35 36.19 -10.32
CA ASP J 4936 -56.20 35.43 -10.74
C ASP J 4936 -55.01 36.34 -11.02
N ALA J 4937 -55.27 37.54 -11.56
CA ALA J 4937 -54.18 38.48 -11.76
C ALA J 4937 -53.55 38.86 -10.43
N PHE J 4938 -54.38 39.14 -9.42
CA PHE J 4938 -53.84 39.39 -8.08
C PHE J 4938 -52.96 38.25 -7.62
N GLY J 4939 -53.49 37.03 -7.69
CA GLY J 4939 -52.73 35.89 -7.22
C GLY J 4939 -51.42 35.71 -7.94
N GLU J 4940 -51.43 35.87 -9.27
CA GLU J 4940 -50.22 35.68 -10.05
C GLU J 4940 -49.18 36.75 -9.76
N LEU J 4941 -49.58 38.01 -9.60
CA LEU J 4941 -48.61 39.04 -9.25
C LEU J 4941 -47.98 38.76 -7.89
N ARG J 4942 -48.80 38.37 -6.91
CA ARG J 4942 -48.25 38.04 -5.60
C ARG J 4942 -47.28 36.87 -5.71
N ASP J 4943 -47.63 35.87 -6.51
CA ASP J 4943 -46.74 34.73 -6.69
C ASP J 4943 -45.43 35.14 -7.33
N GLN J 4944 -45.47 36.07 -8.30
CA GLN J 4944 -44.25 36.54 -8.92
C GLN J 4944 -43.34 37.22 -7.90
N GLN J 4945 -43.91 38.08 -7.07
CA GLN J 4945 -43.07 38.73 -6.05
C GLN J 4945 -42.49 37.72 -5.08
N GLU J 4946 -43.30 36.75 -4.64
CA GLU J 4946 -42.80 35.73 -3.73
C GLU J 4946 -41.71 34.90 -4.38
N GLN J 4947 -41.86 34.59 -5.67
CA GLN J 4947 -40.84 33.84 -6.38
C GLN J 4947 -39.54 34.61 -6.43
N VAL J 4948 -39.60 35.92 -6.70
CA VAL J 4948 -38.39 36.72 -6.69
C VAL J 4948 -37.71 36.63 -5.33
N LYS J 4949 -38.47 36.83 -4.26
CA LYS J 4949 -37.87 36.78 -2.93
C LYS J 4949 -37.26 35.41 -2.64
N GLU J 4950 -37.97 34.32 -2.97
CA GLU J 4950 -37.46 32.98 -2.69
C GLU J 4950 -36.20 32.69 -3.48
N ASP J 4951 -36.17 33.06 -4.76
CA ASP J 4951 -34.99 32.82 -5.57
C ASP J 4951 -33.80 33.59 -5.03
N MET J 4952 -34.01 34.84 -4.61
CA MET J 4952 -32.90 35.60 -4.06
C MET J 4952 -32.44 35.02 -2.72
N GLU J 4953 -33.36 34.50 -1.93
CA GLU J 4953 -33.00 34.02 -0.60
C GLU J 4953 -32.35 32.64 -0.61
N THR J 4954 -32.68 31.79 -1.58
CA THR J 4954 -32.25 30.39 -1.54
C THR J 4954 -31.15 30.06 -2.53
N LYS J 4955 -30.77 30.98 -3.41
CA LYS J 4955 -29.84 30.68 -4.47
C LYS J 4955 -28.94 31.88 -4.72
N CYS J 4956 -27.64 31.64 -4.84
CA CYS J 4956 -26.71 32.74 -5.09
C CYS J 4956 -26.96 33.32 -6.47
N PHE J 4957 -26.97 34.65 -6.55
CA PHE J 4957 -27.32 35.32 -7.80
C PHE J 4957 -26.28 35.04 -8.88
N ILE J 4958 -25.00 35.01 -8.51
CA ILE J 4958 -23.94 34.93 -9.51
C ILE J 4958 -23.68 33.48 -9.90
N CYS J 4959 -23.24 32.67 -8.95
CA CYS J 4959 -22.82 31.30 -9.24
C CYS J 4959 -24.00 30.34 -9.35
N GLY J 4960 -25.14 30.67 -8.76
CA GLY J 4960 -26.32 29.85 -8.89
C GLY J 4960 -26.35 28.64 -7.99
N ILE J 4961 -25.33 28.46 -7.16
CA ILE J 4961 -25.32 27.34 -6.22
C ILE J 4961 -26.39 27.55 -5.17
N GLY J 4962 -26.98 26.45 -4.71
CA GLY J 4962 -28.03 26.53 -3.72
C GLY J 4962 -27.53 27.02 -2.38
N SER J 4963 -28.48 27.50 -1.57
CA SER J 4963 -28.11 28.08 -0.29
C SER J 4963 -27.74 27.01 0.72
N ASP J 4964 -28.27 25.79 0.56
CA ASP J 4964 -28.00 24.74 1.53
C ASP J 4964 -26.53 24.35 1.54
N TYR J 4965 -25.94 24.15 0.35
CA TYR J 4965 -24.52 23.86 0.29
C TYR J 4965 -23.68 24.87 1.06
N PHE J 4966 -23.95 26.15 0.89
CA PHE J 4966 -23.25 27.19 1.61
C PHE J 4966 -23.55 27.15 3.10
N ASP J 4967 -24.81 26.91 3.47
CA ASP J 4967 -25.21 26.86 4.87
C ASP J 4967 -24.61 25.67 5.59
N THR J 4968 -24.02 24.72 4.87
CA THR J 4968 -23.21 23.69 5.53
C THR J 4968 -22.29 24.31 6.57
N THR J 4969 -21.66 25.43 6.24
CA THR J 4969 -20.91 26.21 7.20
C THR J 4969 -21.83 27.18 7.94
N PRO J 4970 -21.57 27.50 9.20
CA PRO J 4970 -22.44 28.44 9.91
C PRO J 4970 -22.50 29.79 9.19
N HIS J 4971 -23.72 30.26 8.96
CA HIS J 4971 -23.95 31.52 8.25
C HIS J 4971 -23.29 31.52 6.88
N GLY J 4972 -23.14 30.33 6.30
CA GLY J 4972 -22.35 30.21 5.08
C GLY J 4972 -22.95 30.98 3.92
N PHE J 4973 -24.26 30.84 3.71
CA PHE J 4973 -24.88 31.56 2.61
C PHE J 4973 -24.80 33.07 2.81
N GLU J 4974 -25.05 33.53 4.03
CA GLU J 4974 -24.99 34.96 4.29
C GLU J 4974 -23.61 35.50 4.00
N THR J 4975 -22.57 34.84 4.51
CA THR J 4975 -21.22 35.32 4.26
C THR J 4975 -20.85 35.21 2.78
N HIS J 4976 -21.30 34.15 2.11
CA HIS J 4976 -20.99 34.00 0.69
C HIS J 4976 -21.59 35.13 -0.13
N THR J 4977 -22.85 35.46 0.10
CA THR J 4977 -23.51 36.51 -0.66
C THR J 4977 -23.12 37.91 -0.19
N LEU J 4978 -22.53 38.05 0.99
CA LEU J 4978 -22.13 39.38 1.44
C LEU J 4978 -20.68 39.69 1.06
N GLU J 4979 -19.82 38.68 1.02
CA GLU J 4979 -18.40 38.89 0.78
C GLU J 4979 -17.89 38.18 -0.46
N GLU J 4980 -18.22 36.90 -0.65
CA GLU J 4980 -17.57 36.10 -1.68
C GLU J 4980 -18.10 36.43 -3.07
N HIS J 4981 -19.42 36.57 -3.22
CA HIS J 4981 -20.05 36.68 -4.53
C HIS J 4981 -21.05 37.85 -4.53
N ASN J 4982 -20.60 39.00 -4.05
CA ASN J 4982 -21.47 40.16 -3.97
C ASN J 4982 -21.55 40.86 -5.32
N LEU J 4983 -22.76 40.98 -5.85
CA LEU J 4983 -22.92 41.65 -7.15
C LEU J 4983 -22.51 43.11 -7.05
N ALA J 4984 -22.68 43.73 -5.89
CA ALA J 4984 -22.17 45.08 -5.71
C ALA J 4984 -20.67 45.11 -5.92
N ASN J 4985 -19.96 44.12 -5.38
CA ASN J 4985 -18.52 44.02 -5.62
C ASN J 4985 -18.22 43.76 -7.08
N TYR J 4986 -19.02 42.95 -7.77
CA TYR J 4986 -18.76 42.70 -9.18
C TYR J 4986 -18.92 43.97 -10.00
N MET J 4987 -19.84 44.85 -9.64
CA MET J 4987 -19.97 46.10 -10.38
C MET J 4987 -18.86 47.08 -9.99
N PHE J 4988 -18.50 47.11 -8.72
CA PHE J 4988 -17.38 47.96 -8.29
C PHE J 4988 -16.11 47.54 -9.00
N PHE J 4989 -15.98 46.26 -9.34
CA PHE J 4989 -14.78 45.83 -10.10
C PHE J 4989 -14.74 46.55 -11.44
N LEU J 4990 -15.85 46.49 -12.20
CA LEU J 4990 -15.86 47.11 -13.55
C LEU J 4990 -15.49 48.58 -13.40
N MET J 4991 -16.12 49.29 -12.46
CA MET J 4991 -15.81 50.72 -12.23
C MET J 4991 -14.33 50.86 -11.95
N TYR J 4992 -13.76 50.00 -11.10
CA TYR J 4992 -12.35 50.10 -10.74
C TYR J 4992 -11.47 49.81 -11.94
N LEU J 4993 -11.85 48.83 -12.75
CA LEU J 4993 -11.04 48.46 -13.94
C LEU J 4993 -11.05 49.62 -14.94
N ILE J 4994 -12.21 50.22 -15.17
CA ILE J 4994 -12.33 51.34 -16.14
C ILE J 4994 -11.42 52.48 -15.68
N ASN J 4995 -11.50 52.85 -14.40
CA ASN J 4995 -10.71 54.01 -13.90
C ASN J 4995 -9.22 53.68 -13.89
N LYS J 4996 -8.85 52.44 -13.56
CA LYS J 4996 -7.43 52.12 -13.48
C LYS J 4996 -6.76 52.20 -14.84
N ASP J 4997 -5.50 52.61 -14.85
CA ASP J 4997 -4.74 52.71 -16.09
C ASP J 4997 -4.31 51.32 -16.55
N GLU J 4998 -4.49 51.04 -17.84
CA GLU J 4998 -4.28 49.69 -18.34
C GLU J 4998 -2.89 49.17 -18.01
N THR J 4999 -1.88 50.05 -18.04
CA THR J 4999 -0.54 49.59 -17.75
C THR J 4999 -0.41 49.08 -16.32
N GLU J 5000 -1.25 49.56 -15.42
CA GLU J 5000 -1.20 49.13 -14.02
C GLU J 5000 -2.05 47.90 -13.74
N HIS J 5001 -2.82 47.42 -14.71
CA HIS J 5001 -3.65 46.25 -14.49
C HIS J 5001 -2.79 45.05 -14.10
N THR J 5002 -3.19 44.37 -13.04
CA THR J 5002 -2.53 43.13 -12.68
C THR J 5002 -2.88 42.03 -13.68
N GLY J 5003 -2.39 40.83 -13.44
CA GLY J 5003 -2.69 39.73 -14.34
C GLY J 5003 -4.17 39.41 -14.39
N GLN J 5004 -4.78 39.19 -13.24
CA GLN J 5004 -6.20 38.86 -13.20
C GLN J 5004 -7.05 40.03 -13.70
N GLU J 5005 -6.68 41.24 -13.31
CA GLU J 5005 -7.42 42.41 -13.75
C GLU J 5005 -7.37 42.55 -15.27
N SER J 5006 -6.19 42.32 -15.85
CA SER J 5006 -6.06 42.42 -17.30
C SER J 5006 -6.87 41.32 -17.98
N TYR J 5007 -6.85 40.11 -17.42
CA TYR J 5007 -7.66 39.02 -17.97
C TYR J 5007 -9.13 39.40 -18.00
N VAL J 5008 -9.68 39.82 -16.86
CA VAL J 5008 -11.14 40.14 -16.81
C VAL J 5008 -11.42 41.30 -17.76
N TRP J 5009 -10.49 42.25 -17.89
CA TRP J 5009 -10.70 43.43 -18.75
C TRP J 5009 -10.83 42.98 -20.20
N LYS J 5010 -9.92 42.13 -20.65
CA LYS J 5010 -9.95 41.64 -22.05
C LYS J 5010 -11.31 41.00 -22.31
N MET J 5011 -11.80 40.19 -21.35
CA MET J 5011 -13.09 39.48 -21.54
C MET J 5011 -14.24 40.48 -21.54
N TYR J 5012 -14.16 41.54 -20.73
CA TYR J 5012 -15.22 42.59 -20.73
C TYR J 5012 -15.26 43.24 -22.11
N GLN J 5013 -14.09 43.59 -22.65
CA GLN J 5013 -14.02 44.27 -23.97
C GLN J 5013 -14.47 43.31 -25.08
N GLU J 5014 -14.14 42.02 -24.96
CA GLU J 5014 -14.52 41.02 -26.00
C GLU J 5014 -15.91 40.48 -25.71
N ARG J 5015 -16.57 40.95 -24.65
CA ARG J 5015 -17.93 40.53 -24.34
C ARG J 5015 -18.01 39.02 -24.15
N CYS J 5016 -17.04 38.46 -23.43
CA CYS J 5016 -17.07 37.08 -23.00
C CYS J 5016 -17.28 37.04 -21.49
N TRP J 5017 -18.34 36.39 -21.05
CA TRP J 5017 -18.72 36.38 -19.65
C TRP J 5017 -18.32 35.09 -18.94
N ASP J 5018 -17.27 34.44 -19.42
CA ASP J 5018 -16.82 33.19 -18.81
C ASP J 5018 -16.09 33.42 -17.49
N PHE J 5019 -15.61 34.63 -17.23
CA PHE J 5019 -14.91 34.87 -15.97
C PHE J 5019 -15.88 34.87 -14.80
N PHE J 5020 -17.15 35.15 -15.06
CA PHE J 5020 -18.15 35.04 -14.00
C PHE J 5020 -18.23 33.59 -13.54
N PRO J 5021 -18.08 33.31 -12.25
CA PRO J 5021 -18.21 31.92 -11.80
C PRO J 5021 -19.63 31.43 -12.03
N ALA J 5022 -19.76 30.15 -12.38
CA ALA J 5022 -21.05 29.54 -12.63
C ALA J 5022 -21.00 28.09 -12.18
N GLY J 5023 -21.80 27.77 -11.17
CA GLY J 5023 -21.76 26.43 -10.61
C GLY J 5023 -20.47 26.10 -9.89
N ASP J 5024 -19.69 27.11 -9.50
CA ASP J 5024 -18.41 26.87 -8.84
C ASP J 5024 -18.12 28.04 -7.91
N CYS J 5025 -17.23 27.81 -6.97
CA CYS J 5025 -16.85 28.84 -6.01
C CYS J 5025 -15.51 28.46 -5.40
N PHE J 5026 -14.93 29.41 -4.66
CA PHE J 5026 -13.68 29.14 -3.97
C PHE J 5026 -13.84 27.98 -2.99
N ARG J 5027 -14.94 27.99 -2.23
CA ARG J 5027 -15.15 26.94 -1.24
C ARG J 5027 -15.28 25.58 -1.90
N LYS J 5028 -16.05 25.49 -2.98
CA LYS J 5028 -16.18 24.21 -3.68
C LYS J 5028 -14.86 23.78 -4.29
N GLN J 5029 -14.10 24.73 -4.83
CA GLN J 5029 -12.80 24.40 -5.41
C GLN J 5029 -11.87 23.80 -4.36
N TYR J 5030 -11.72 24.46 -3.23
CA TYR J 5030 -10.75 24.07 -2.22
C TYR J 5030 -11.45 23.48 -0.99
N GLU J 5031 -12.51 22.70 -1.24
CA GLU J 5031 -13.28 22.14 -0.14
C GLU J 5031 -12.41 21.37 0.83
N ASP J 5032 -11.60 20.43 0.32
CA ASP J 5032 -10.78 19.62 1.21
C ASP J 5032 -9.71 20.46 1.88
N GLN J 5033 -8.95 21.23 1.10
CA GLN J 5033 -7.87 22.04 1.68
C GLN J 5033 -8.42 23.04 2.70
N LEU J 5034 -9.51 23.73 2.36
CA LEU J 5034 -10.10 24.67 3.31
C LEU J 5034 -10.55 23.95 4.56
N SER J 5035 -11.18 22.79 4.40
CA SER J 5035 -11.64 22.01 5.53
C SER J 5035 -10.51 21.14 6.07
N GLY K 2 7.67 9.26 -132.78
CA GLY K 2 8.69 8.31 -133.14
C GLY K 2 9.20 7.51 -131.96
N SER K 3 10.03 8.16 -131.14
CA SER K 3 10.55 7.56 -129.91
C SER K 3 10.48 8.52 -128.73
N GLU K 4 9.48 9.39 -128.72
CA GLU K 4 9.37 10.41 -127.67
C GLU K 4 8.97 9.78 -126.33
N LEU K 5 8.11 8.77 -126.36
CA LEU K 5 7.80 8.04 -125.13
C LEU K 5 9.02 7.30 -124.62
N GLU K 6 9.82 6.72 -125.51
CA GLU K 6 11.09 6.16 -125.09
C GLU K 6 12.00 7.22 -124.46
N SER K 7 12.02 8.42 -125.01
CA SER K 7 12.81 9.49 -124.40
C SER K 7 12.32 9.80 -122.99
N ALA K 8 11.00 9.92 -122.82
CA ALA K 8 10.46 10.19 -121.49
C ALA K 8 10.80 9.06 -120.54
N MET K 9 10.67 7.81 -120.99
CA MET K 9 10.94 6.66 -120.14
C MET K 9 12.41 6.60 -119.74
N GLU K 10 13.31 6.87 -120.68
CA GLU K 10 14.74 6.83 -120.35
C GLU K 10 15.11 7.96 -119.41
N THR K 11 14.50 9.14 -119.59
CA THR K 11 14.71 10.21 -118.61
C THR K 11 14.24 9.78 -117.22
N LEU K 12 13.08 9.14 -117.15
CA LEU K 12 12.61 8.62 -115.87
C LEU K 12 13.63 7.68 -115.26
N ILE K 13 14.15 6.75 -116.06
CA ILE K 13 15.14 5.80 -115.57
C ILE K 13 16.35 6.52 -115.04
N ASN K 14 16.93 7.44 -115.82
CA ASN K 14 18.08 8.18 -115.36
C ASN K 14 17.80 8.82 -114.01
N VAL K 15 16.67 9.51 -113.90
CA VAL K 15 16.42 10.30 -112.69
C VAL K 15 16.30 9.39 -111.47
N PHE K 16 15.45 8.36 -111.52
CA PHE K 16 15.23 7.63 -110.28
C PHE K 16 16.41 6.71 -109.95
N HIS K 17 17.11 6.20 -110.97
CA HIS K 17 18.32 5.44 -110.64
C HIS K 17 19.38 6.35 -110.01
N ALA K 18 19.56 7.55 -110.56
CA ALA K 18 20.54 8.47 -109.98
C ALA K 18 20.17 8.83 -108.55
N HIS K 19 18.88 8.98 -108.27
CA HIS K 19 18.44 9.31 -106.92
C HIS K 19 18.52 8.12 -105.97
N SER K 20 18.44 6.89 -106.48
CA SER K 20 18.67 5.70 -105.66
C SER K 20 20.14 5.51 -105.31
N GLY K 21 21.03 5.66 -106.29
CA GLY K 21 22.42 5.29 -106.07
C GLY K 21 23.11 6.15 -105.04
N LYS K 22 22.93 7.47 -105.13
CA LYS K 22 23.67 8.38 -104.26
C LYS K 22 23.38 8.10 -102.79
N GLU K 23 22.17 7.64 -102.49
CA GLU K 23 21.74 7.59 -101.09
C GLU K 23 21.81 6.17 -100.54
N GLY K 24 21.57 5.16 -101.38
CA GLY K 24 21.57 3.81 -100.85
C GLY K 24 21.93 2.75 -101.87
N ASP K 25 21.25 1.60 -101.81
CA ASP K 25 21.49 0.54 -102.77
C ASP K 25 21.33 1.10 -104.17
N LYS K 26 22.24 0.70 -105.07
CA LYS K 26 22.48 1.48 -106.27
C LYS K 26 21.25 1.56 -107.16
N TYR K 27 20.35 0.58 -107.09
CA TYR K 27 19.27 0.48 -108.07
C TYR K 27 17.89 0.68 -107.46
N LYS K 28 17.50 -0.13 -106.48
CA LYS K 28 16.13 -0.05 -105.99
C LYS K 28 15.91 1.26 -105.24
N LEU K 29 14.71 1.39 -104.67
CA LEU K 29 14.29 2.60 -103.97
C LEU K 29 14.03 2.28 -102.51
N SER K 30 15.00 2.55 -101.65
CA SER K 30 14.82 2.42 -100.21
C SER K 30 13.96 3.57 -99.69
N LYS K 31 13.68 3.53 -98.39
CA LYS K 31 12.83 4.58 -97.81
C LYS K 31 13.50 5.94 -97.85
N LYS K 32 14.73 6.04 -97.36
CA LYS K 32 15.47 7.30 -97.39
C LYS K 32 15.73 7.75 -98.82
N GLU K 33 16.12 6.81 -99.68
CA GLU K 33 16.28 7.11 -101.09
C GLU K 33 15.01 7.75 -101.64
N LEU K 34 13.86 7.13 -101.39
CA LEU K 34 12.60 7.61 -101.93
C LEU K 34 12.24 8.97 -101.35
N LYS K 35 12.48 9.17 -100.06
CA LYS K 35 12.14 10.44 -99.44
C LYS K 35 12.94 11.58 -100.08
N ASP K 36 14.27 11.44 -100.13
CA ASP K 36 15.06 12.48 -100.79
C ASP K 36 14.72 12.58 -102.26
N LEU K 37 14.45 11.45 -102.89
CA LEU K 37 14.08 11.44 -104.30
C LEU K 37 12.87 12.32 -104.55
N LEU K 38 11.79 12.08 -103.79
CA LEU K 38 10.57 12.88 -103.97
C LEU K 38 10.86 14.35 -103.71
N GLN K 39 11.62 14.65 -102.66
CA GLN K 39 12.03 16.03 -102.44
C GLN K 39 12.63 16.62 -103.71
N THR K 40 13.53 15.87 -104.35
CA THR K 40 14.12 16.32 -105.60
C THR K 40 13.08 16.42 -106.70
N GLU K 41 12.14 15.48 -106.74
CA GLU K 41 11.22 15.32 -107.87
C GLU K 41 10.23 16.47 -107.94
N LEU K 42 9.40 16.62 -106.91
CA LEU K 42 8.27 17.53 -106.98
C LEU K 42 8.29 18.53 -105.84
N SER K 43 7.99 19.78 -106.16
CA SER K 43 7.88 20.86 -105.21
C SER K 43 6.65 21.70 -105.53
N GLY K 44 6.03 22.24 -104.48
CA GLY K 44 4.83 23.03 -104.64
C GLY K 44 3.57 22.23 -104.87
N PHE K 45 3.68 20.91 -105.03
CA PHE K 45 2.56 20.02 -105.24
C PHE K 45 2.48 18.91 -104.19
N LEU K 46 3.61 18.37 -103.76
CA LEU K 46 3.64 17.28 -102.80
C LEU K 46 3.19 17.76 -101.43
N ASP K 47 2.40 16.94 -100.74
CA ASP K 47 2.04 17.17 -99.35
C ASP K 47 2.81 16.26 -98.39
N VAL K 48 3.66 15.37 -98.92
CA VAL K 48 4.41 14.46 -98.07
C VAL K 48 5.59 15.16 -97.41
N GLN K 49 5.94 16.37 -97.85
CA GLN K 49 7.12 17.04 -97.31
C GLN K 49 7.02 17.23 -95.81
N LYS K 50 5.80 17.40 -95.29
CA LYS K 50 5.64 17.75 -93.89
C LYS K 50 6.19 16.67 -92.97
N ASP K 51 5.96 15.41 -93.30
CA ASP K 51 6.37 14.29 -92.44
C ASP K 51 7.08 13.24 -93.29
N ALA K 52 8.25 12.80 -92.82
CA ALA K 52 8.92 11.68 -93.46
C ALA K 52 8.30 10.36 -93.02
N ASP K 53 7.57 10.36 -91.90
CA ASP K 53 6.87 9.14 -91.49
C ASP K 53 5.73 8.83 -92.45
N ALA K 54 5.12 9.87 -93.04
CA ALA K 54 4.16 9.64 -94.11
C ALA K 54 4.83 8.96 -95.29
N VAL K 55 6.04 9.40 -95.65
CA VAL K 55 6.80 8.71 -96.68
C VAL K 55 7.03 7.27 -96.28
N ASP K 56 7.34 7.04 -95.00
CA ASP K 56 7.61 5.69 -94.53
C ASP K 56 6.39 4.79 -94.71
N LYS K 57 5.21 5.26 -94.29
CA LYS K 57 4.02 4.43 -94.37
C LYS K 57 3.58 4.25 -95.82
N VAL K 58 3.72 5.29 -96.64
CA VAL K 58 3.42 5.14 -98.07
C VAL K 58 4.36 4.12 -98.69
N MET K 59 5.63 4.12 -98.26
CA MET K 59 6.57 3.09 -98.67
C MET K 59 6.09 1.71 -98.23
N LYS K 60 5.61 1.61 -96.99
CA LYS K 60 5.15 0.33 -96.50
C LYS K 60 4.04 -0.22 -97.38
N GLU K 61 3.03 0.61 -97.69
CA GLU K 61 1.99 0.15 -98.60
C GLU K 61 2.55 -0.15 -99.98
N LEU K 62 3.27 0.80 -100.56
CA LEU K 62 3.91 0.66 -101.87
C LEU K 62 4.85 -0.53 -101.94
N ASP K 63 5.12 -1.18 -100.82
CA ASP K 63 5.89 -2.41 -100.80
C ASP K 63 5.02 -3.58 -100.37
N GLU K 64 3.83 -3.70 -100.99
CA GLU K 64 2.97 -4.84 -100.74
C GLU K 64 3.73 -6.16 -100.73
N ASN K 65 4.87 -6.23 -101.41
CA ASN K 65 5.73 -7.39 -101.34
C ASN K 65 6.43 -7.52 -99.98
N GLY K 66 6.32 -6.51 -99.13
CA GLY K 66 6.83 -6.58 -97.77
C GLY K 66 8.34 -6.74 -97.69
N ASP K 67 9.08 -5.93 -98.45
CA ASP K 67 10.52 -5.97 -98.43
C ASP K 67 11.16 -4.66 -97.99
N GLY K 68 10.39 -3.59 -97.84
CA GLY K 68 10.93 -2.30 -97.46
C GLY K 68 11.64 -1.56 -98.56
N GLU K 69 11.59 -2.05 -99.78
CA GLU K 69 12.25 -1.43 -100.93
C GLU K 69 11.23 -1.31 -102.06
N VAL K 70 11.10 -0.11 -102.62
CA VAL K 70 10.09 0.17 -103.63
C VAL K 70 10.58 -0.36 -104.98
N ASP K 71 9.82 -1.29 -105.55
CA ASP K 71 10.13 -1.81 -106.87
C ASP K 71 9.91 -0.74 -107.92
N PHE K 72 10.66 -0.86 -109.02
CA PHE K 72 10.57 0.14 -110.08
C PHE K 72 9.17 0.13 -110.70
N LYS K 73 8.62 -1.07 -110.94
CA LYS K 73 7.28 -1.16 -111.51
C LYS K 73 6.26 -0.52 -110.58
N GLU K 74 6.34 -0.79 -109.28
CA GLU K 74 5.40 -0.19 -108.35
C GLU K 74 5.53 1.32 -108.35
N TYR K 75 6.76 1.83 -108.32
CA TYR K 75 6.97 3.27 -108.28
C TYR K 75 6.43 3.94 -109.54
N VAL K 76 6.67 3.32 -110.70
CA VAL K 76 6.21 3.91 -111.96
C VAL K 76 4.69 3.88 -112.03
N VAL K 77 4.06 2.81 -111.55
CA VAL K 77 2.61 2.77 -111.55
C VAL K 77 2.05 3.84 -110.62
N LEU K 78 2.67 4.03 -109.45
CA LEU K 78 2.22 5.09 -108.55
C LEU K 78 2.36 6.46 -109.19
N VAL K 79 3.51 6.75 -109.80
CA VAL K 79 3.66 8.06 -110.43
C VAL K 79 2.74 8.20 -111.63
N ALA K 80 2.34 7.10 -112.26
CA ALA K 80 1.27 7.17 -113.26
C ALA K 80 -0.05 7.57 -112.62
N ALA K 81 -0.34 7.02 -111.44
CA ALA K 81 -1.50 7.49 -110.68
C ALA K 81 -1.36 8.97 -110.32
N LEU K 82 -0.14 9.44 -110.14
CA LEU K 82 0.06 10.85 -109.86
C LEU K 82 -0.17 11.69 -111.12
N THR K 83 0.18 11.14 -112.29
CA THR K 83 -0.21 11.75 -113.54
C THR K 83 -1.73 11.84 -113.63
N VAL K 84 -2.40 10.77 -113.21
CA VAL K 84 -3.86 10.78 -113.10
C VAL K 84 -4.31 11.94 -112.23
N ALA K 85 -3.70 12.09 -111.06
CA ALA K 85 -4.09 13.16 -110.15
C ALA K 85 -3.85 14.53 -110.77
N CYS K 86 -2.75 14.68 -111.51
CA CYS K 86 -2.45 15.97 -112.13
C CYS K 86 -3.41 16.29 -113.26
N ASN K 87 -3.81 15.29 -114.05
CA ASN K 87 -4.85 15.53 -115.06
C ASN K 87 -6.16 15.91 -114.39
N ASN K 88 -6.50 15.26 -113.29
CA ASN K 88 -7.69 15.65 -112.53
C ASN K 88 -7.56 17.08 -112.04
N PHE K 89 -6.36 17.48 -111.64
CA PHE K 89 -6.11 18.88 -111.27
C PHE K 89 -6.37 19.81 -112.44
N PHE K 90 -5.89 19.43 -113.62
CA PHE K 90 -6.14 20.24 -114.82
C PHE K 90 -7.64 20.42 -115.05
N TRP K 91 -8.41 19.33 -114.98
CA TRP K 91 -9.85 19.47 -115.20
C TRP K 91 -10.50 20.29 -114.08
N GLU K 92 -10.11 20.05 -112.83
CA GLU K 92 -10.68 20.80 -111.72
C GLU K 92 -10.47 22.29 -111.90
N THR K 93 -9.33 22.68 -112.49
CA THR K 93 -9.13 24.08 -112.82
C THR K 93 -10.28 24.57 -113.69
N SER K 94 -10.86 25.70 -113.30
CA SER K 94 -12.01 26.26 -114.01
C SER K 94 -12.36 27.64 -113.50
N GLY L 2 12.72 15.19 -110.96
CA GLY L 2 12.61 16.63 -110.84
C GLY L 2 11.55 17.21 -111.75
N SER L 3 11.70 18.50 -112.05
CA SER L 3 10.85 19.11 -113.06
C SER L 3 10.97 18.39 -114.39
N GLU L 4 12.11 17.73 -114.64
CA GLU L 4 12.24 16.90 -115.83
C GLU L 4 11.28 15.70 -115.76
N LEU L 5 11.12 15.10 -114.59
CA LEU L 5 10.17 14.00 -114.46
C LEU L 5 8.73 14.51 -114.58
N GLU L 6 8.48 15.71 -114.04
CA GLU L 6 7.22 16.39 -114.29
C GLU L 6 6.97 16.54 -115.79
N SER L 7 7.98 17.02 -116.52
CA SER L 7 7.85 17.17 -117.97
C SER L 7 7.64 15.82 -118.65
N ALA L 8 8.17 14.75 -118.05
CA ALA L 8 7.91 13.42 -118.59
C ALA L 8 6.43 13.08 -118.51
N MET L 9 5.81 13.33 -117.35
CA MET L 9 4.37 13.14 -117.28
C MET L 9 3.66 14.04 -118.27
N GLU L 10 4.15 15.27 -118.43
CA GLU L 10 3.53 16.20 -119.37
C GLU L 10 3.57 15.64 -120.78
N THR L 11 4.70 15.05 -121.15
CA THR L 11 4.84 14.44 -122.47
C THR L 11 3.85 13.30 -122.64
N LEU L 12 3.70 12.46 -121.60
CA LEU L 12 2.69 11.42 -121.67
C LEU L 12 1.31 12.00 -121.95
N ILE L 13 0.94 13.04 -121.21
CA ILE L 13 -0.39 13.64 -121.38
C ILE L 13 -0.52 14.21 -122.79
N ASN L 14 0.53 14.87 -123.27
CA ASN L 14 0.49 15.42 -124.62
C ASN L 14 0.21 14.34 -125.64
N VAL L 15 0.99 13.25 -125.61
CA VAL L 15 0.82 12.20 -126.60
C VAL L 15 -0.56 11.58 -126.48
N PHE L 16 -1.06 11.43 -125.25
CA PHE L 16 -2.38 10.83 -125.09
C PHE L 16 -3.45 11.69 -125.73
N HIS L 17 -3.49 12.98 -125.39
CA HIS L 17 -4.57 13.83 -125.89
C HIS L 17 -4.44 13.99 -127.40
N ALA L 18 -3.23 13.88 -127.95
CA ALA L 18 -3.06 14.00 -129.39
C ALA L 18 -3.89 12.94 -130.11
N HIS L 19 -3.68 11.67 -129.76
CA HIS L 19 -4.39 10.60 -130.48
C HIS L 19 -5.80 10.39 -129.94
N SER L 20 -6.13 10.94 -128.77
CA SER L 20 -7.51 10.87 -128.32
C SER L 20 -8.42 11.72 -129.19
N GLY L 21 -7.90 12.81 -129.73
CA GLY L 21 -8.61 13.66 -130.66
C GLY L 21 -8.23 13.46 -132.11
N LYS L 22 -7.20 12.66 -132.39
CA LYS L 22 -6.83 12.40 -133.78
C LYS L 22 -8.03 11.88 -134.58
N GLU L 23 -8.72 10.87 -134.07
CA GLU L 23 -9.96 10.40 -134.68
C GLU L 23 -11.19 11.02 -134.04
N GLY L 24 -11.00 11.96 -133.11
CA GLY L 24 -12.12 12.63 -132.48
C GLY L 24 -12.80 11.83 -131.38
N ASP L 25 -12.13 10.81 -130.84
CA ASP L 25 -12.73 10.01 -129.79
C ASP L 25 -12.65 10.73 -128.45
N LYS L 26 -13.23 11.93 -128.39
CA LYS L 26 -13.34 12.70 -127.15
C LYS L 26 -11.95 12.75 -126.49
N TYR L 27 -11.72 11.89 -125.50
CA TYR L 27 -10.46 11.84 -124.78
C TYR L 27 -10.05 10.40 -124.49
N LYS L 28 -10.38 9.49 -125.39
CA LYS L 28 -10.32 8.06 -125.14
C LYS L 28 -10.02 7.33 -126.45
N LEU L 29 -9.11 6.37 -126.38
CA LEU L 29 -8.46 5.82 -127.57
C LEU L 29 -9.26 4.65 -128.14
N SER L 30 -9.85 4.85 -129.30
CA SER L 30 -10.47 3.76 -130.03
C SER L 30 -9.42 2.73 -130.43
N LYS L 31 -9.87 1.65 -131.07
CA LYS L 31 -8.91 0.66 -131.55
C LYS L 31 -7.96 1.26 -132.58
N LYS L 32 -8.51 2.03 -133.52
CA LYS L 32 -7.69 2.63 -134.57
C LYS L 32 -6.75 3.70 -134.00
N GLU L 33 -7.30 4.60 -133.17
CA GLU L 33 -6.45 5.58 -132.52
C GLU L 33 -5.35 4.90 -131.72
N LEU L 34 -5.70 3.86 -130.97
CA LEU L 34 -4.73 3.15 -130.16
C LEU L 34 -3.63 2.55 -131.02
N LYS L 35 -4.01 1.88 -132.10
CA LYS L 35 -3.00 1.29 -132.98
C LYS L 35 -2.05 2.35 -133.52
N ASP L 36 -2.60 3.40 -134.12
CA ASP L 36 -1.76 4.44 -134.72
C ASP L 36 -0.86 5.09 -133.67
N LEU L 37 -1.46 5.48 -132.54
CA LEU L 37 -0.69 5.91 -131.38
C LEU L 37 0.51 5.00 -131.17
N LEU L 38 0.25 3.72 -130.92
CA LEU L 38 1.31 2.79 -130.54
C LEU L 38 2.45 2.81 -131.55
N GLN L 39 2.15 2.60 -132.84
CA GLN L 39 3.26 2.52 -133.78
C GLN L 39 3.91 3.87 -133.99
N THR L 40 3.25 4.94 -133.52
CA THR L 40 3.89 6.26 -133.57
C THR L 40 4.86 6.45 -132.39
N GLU L 41 4.37 6.29 -131.17
CA GLU L 41 5.22 6.60 -130.01
C GLU L 41 6.38 5.62 -129.89
N LEU L 42 6.12 4.32 -130.03
CA LEU L 42 7.17 3.33 -129.79
C LEU L 42 7.42 2.59 -131.09
N SER L 43 8.29 3.16 -131.93
CA SER L 43 8.68 2.58 -133.21
C SER L 43 9.84 1.64 -132.93
N GLY L 44 9.63 0.35 -133.17
CA GLY L 44 10.64 -0.64 -132.83
C GLY L 44 10.12 -1.68 -131.86
N PHE L 45 10.58 -1.59 -130.61
CA PHE L 45 10.27 -2.62 -129.61
C PHE L 45 8.78 -2.97 -129.58
N LEU L 46 7.91 -2.04 -129.98
CA LEU L 46 6.47 -2.26 -129.97
C LEU L 46 5.98 -2.62 -131.36
N ASP L 47 4.91 -3.42 -131.42
CA ASP L 47 4.32 -3.86 -132.67
C ASP L 47 2.79 -3.82 -132.56
N VAL L 48 2.15 -3.16 -133.52
CA VAL L 48 0.70 -3.22 -133.66
C VAL L 48 0.36 -3.67 -135.07
N GLN L 49 0.93 -2.98 -136.07
CA GLN L 49 0.72 -3.41 -137.45
C GLN L 49 1.30 -4.81 -137.66
N LYS L 50 2.50 -5.06 -137.13
CA LYS L 50 3.13 -6.36 -137.32
C LYS L 50 2.38 -7.46 -136.58
N ASP L 51 1.69 -7.12 -135.48
CA ASP L 51 1.00 -8.10 -134.65
C ASP L 51 -0.44 -7.63 -134.42
N ALA L 52 -1.31 -7.93 -135.38
CA ALA L 52 -2.71 -7.51 -135.26
C ALA L 52 -3.46 -8.36 -134.26
N ASP L 53 -3.13 -9.64 -134.15
CA ASP L 53 -3.71 -10.46 -133.09
C ASP L 53 -3.31 -9.92 -131.72
N ALA L 54 -2.06 -9.48 -131.58
CA ALA L 54 -1.64 -8.82 -130.35
C ALA L 54 -2.43 -7.54 -130.13
N VAL L 55 -2.70 -6.79 -131.20
CA VAL L 55 -3.51 -5.57 -131.06
C VAL L 55 -4.88 -5.92 -130.54
N ASP L 56 -5.48 -6.99 -131.04
CA ASP L 56 -6.83 -7.36 -130.59
C ASP L 56 -6.82 -7.83 -129.15
N LYS L 57 -5.86 -8.69 -128.79
CA LYS L 57 -5.76 -9.13 -127.41
C LYS L 57 -5.51 -7.95 -126.47
N VAL L 58 -4.73 -6.97 -126.94
CA VAL L 58 -4.45 -5.79 -126.15
C VAL L 58 -5.69 -4.91 -126.05
N MET L 59 -6.53 -4.92 -127.10
CA MET L 59 -7.80 -4.23 -127.01
C MET L 59 -8.66 -4.82 -125.90
N LYS L 60 -8.73 -6.15 -125.85
CA LYS L 60 -9.49 -6.78 -124.78
C LYS L 60 -8.87 -6.52 -123.41
N GLU L 61 -7.54 -6.62 -123.31
CA GLU L 61 -6.88 -6.49 -122.01
C GLU L 61 -6.95 -5.05 -121.50
N LEU L 62 -6.60 -4.08 -122.34
CA LEU L 62 -6.77 -2.68 -121.96
C LEU L 62 -8.19 -2.40 -121.58
N ASP L 63 -9.15 -2.84 -122.40
CA ASP L 63 -10.56 -2.63 -122.12
C ASP L 63 -11.12 -3.81 -121.33
N GLU L 64 -10.59 -3.99 -120.12
CA GLU L 64 -11.24 -4.89 -119.17
C GLU L 64 -12.70 -4.47 -118.96
N ASN L 65 -12.94 -3.17 -118.92
CA ASN L 65 -14.31 -2.66 -118.89
C ASN L 65 -15.07 -3.06 -120.15
N GLY L 66 -14.35 -3.40 -121.22
CA GLY L 66 -14.96 -3.79 -122.47
C GLY L 66 -15.41 -2.64 -123.34
N ASP L 67 -15.16 -1.40 -122.92
CA ASP L 67 -15.62 -0.25 -123.69
C ASP L 67 -14.96 -0.19 -125.06
N GLY L 68 -13.77 -0.76 -125.21
CA GLY L 68 -13.01 -0.67 -126.44
C GLY L 68 -12.23 0.63 -126.57
N GLU L 69 -12.47 1.60 -125.70
CA GLU L 69 -11.73 2.85 -125.66
C GLU L 69 -10.91 2.87 -124.38
N VAL L 70 -9.77 3.55 -124.41
CA VAL L 70 -8.84 3.58 -123.28
C VAL L 70 -8.70 5.01 -122.81
N ASP L 71 -8.91 5.22 -121.52
CA ASP L 71 -8.60 6.51 -120.90
C ASP L 71 -7.19 6.47 -120.32
N PHE L 72 -6.84 7.54 -119.59
CA PHE L 72 -5.46 7.74 -119.15
C PHE L 72 -4.99 6.66 -118.16
N LYS L 73 -5.80 6.32 -117.16
CA LYS L 73 -5.34 5.42 -116.09
C LYS L 73 -4.79 4.11 -116.64
N GLU L 74 -5.58 3.43 -117.47
CA GLU L 74 -5.25 2.05 -117.84
C GLU L 74 -3.88 1.96 -118.50
N TYR L 75 -3.71 2.63 -119.64
CA TYR L 75 -2.46 2.47 -120.35
C TYR L 75 -1.33 3.10 -119.55
N VAL L 76 -1.56 4.23 -118.87
CA VAL L 76 -0.41 4.78 -118.14
C VAL L 76 0.13 3.71 -117.21
N VAL L 77 -0.74 3.08 -116.42
CA VAL L 77 -0.27 2.03 -115.52
C VAL L 77 0.51 0.98 -116.30
N LEU L 78 -0.16 0.30 -117.22
CA LEU L 78 0.45 -0.93 -117.76
C LEU L 78 1.60 -0.63 -118.73
N VAL L 79 1.41 0.35 -119.62
CA VAL L 79 2.46 0.72 -120.57
C VAL L 79 3.68 1.24 -119.85
N ALA L 80 3.49 2.12 -118.86
CA ALA L 80 4.64 2.60 -118.10
C ALA L 80 5.35 1.42 -117.44
N ALA L 81 4.60 0.51 -116.82
CA ALA L 81 5.23 -0.63 -116.17
C ALA L 81 6.11 -1.40 -117.15
N LEU L 82 5.57 -1.77 -118.30
CA LEU L 82 6.36 -2.59 -119.23
C LEU L 82 7.54 -1.81 -119.79
N THR L 83 7.30 -0.56 -120.21
CA THR L 83 8.33 0.19 -120.90
C THR L 83 9.49 0.53 -119.99
N VAL L 84 9.23 0.68 -118.68
CA VAL L 84 10.33 0.91 -117.76
C VAL L 84 10.98 -0.41 -117.37
N ALA L 85 10.19 -1.47 -117.19
CA ALA L 85 10.76 -2.74 -116.76
C ALA L 85 11.68 -3.33 -117.81
N CYS L 86 11.49 -2.96 -119.08
CA CYS L 86 12.37 -3.46 -120.12
C CYS L 86 13.84 -3.17 -119.79
N ASN L 87 14.16 -1.92 -119.47
CA ASN L 87 15.55 -1.57 -119.20
C ASN L 87 16.03 -2.14 -117.86
N ASN L 88 15.12 -2.31 -116.91
CA ASN L 88 15.49 -2.96 -115.67
C ASN L 88 15.97 -4.38 -115.93
N PHE L 89 15.25 -5.11 -116.76
CA PHE L 89 15.72 -6.42 -117.19
C PHE L 89 17.03 -6.31 -117.96
N PHE L 90 17.14 -5.29 -118.83
CA PHE L 90 18.38 -5.11 -119.57
C PHE L 90 19.58 -5.04 -118.63
N TRP L 91 19.50 -4.20 -117.59
CA TRP L 91 20.59 -4.16 -116.64
C TRP L 91 20.75 -5.50 -115.92
N GLU L 92 19.65 -6.05 -115.41
CA GLU L 92 19.76 -7.27 -114.61
C GLU L 92 20.48 -8.37 -115.39
N THR L 93 19.86 -8.87 -116.46
CA THR L 93 20.52 -9.84 -117.33
C THR L 93 20.62 -9.29 -118.75
N SER L 94 19.48 -8.88 -119.30
CA SER L 94 19.40 -8.42 -120.68
C SER L 94 17.95 -8.21 -121.08
N GLY M 2 47.24 100.58 18.91
CA GLY M 2 46.38 100.84 20.05
C GLY M 2 45.65 102.16 19.93
N SER M 3 45.23 102.69 21.08
CA SER M 3 44.68 104.03 21.11
C SER M 3 45.69 105.04 20.57
N GLU M 4 46.98 104.73 20.65
CA GLU M 4 47.99 105.57 20.01
C GLU M 4 47.84 105.56 18.50
N LEU M 5 47.55 104.41 17.91
CA LEU M 5 47.33 104.35 16.47
C LEU M 5 46.03 105.06 16.10
N GLU M 6 45.01 104.93 16.96
CA GLU M 6 43.80 105.74 16.81
C GLU M 6 44.14 107.23 16.79
N SER M 7 44.97 107.67 17.74
CA SER M 7 45.39 109.06 17.79
C SER M 7 46.19 109.44 16.54
N ALA M 8 46.90 108.47 15.95
CA ALA M 8 47.59 108.74 14.70
C ALA M 8 46.60 109.09 13.60
N MET M 9 45.54 108.29 13.47
CA MET M 9 44.50 108.66 12.50
C MET M 9 43.91 110.02 12.86
N GLU M 10 43.73 110.28 14.15
CA GLU M 10 43.17 111.56 14.56
C GLU M 10 44.07 112.71 14.12
N THR M 11 45.38 112.53 14.25
CA THR M 11 46.32 113.56 13.80
C THR M 11 46.22 113.77 12.31
N LEU M 12 46.09 112.68 11.54
CA LEU M 12 45.88 112.84 10.11
C LEU M 12 44.66 113.69 9.82
N ILE M 13 43.54 113.38 10.48
CA ILE M 13 42.31 114.12 10.25
C ILE M 13 42.49 115.59 10.63
N ASN M 14 43.15 115.83 11.76
CA ASN M 14 43.40 117.20 12.19
C ASN M 14 44.15 117.97 11.13
N VAL M 15 45.27 117.43 10.66
CA VAL M 15 46.08 118.15 9.69
C VAL M 15 45.30 118.36 8.40
N PHE M 16 44.50 117.37 8.01
CA PHE M 16 43.73 117.52 6.78
C PHE M 16 42.74 118.67 6.89
N HIS M 17 41.92 118.67 7.94
CA HIS M 17 40.88 119.69 8.04
C HIS M 17 41.50 121.06 8.24
N ALA M 18 42.70 121.12 8.82
CA ALA M 18 43.36 122.40 8.99
C ALA M 18 43.57 123.10 7.66
N HIS M 19 44.22 122.42 6.71
CA HIS M 19 44.51 123.06 5.43
C HIS M 19 43.32 123.00 4.47
N SER M 20 42.32 122.17 4.76
CA SER M 20 41.13 122.20 3.93
C SER M 20 40.36 123.51 4.11
N GLY M 21 40.42 124.07 5.31
CA GLY M 21 39.83 125.35 5.62
C GLY M 21 40.81 126.50 5.65
N LYS M 22 42.12 126.23 5.57
CA LYS M 22 43.09 127.31 5.54
C LYS M 22 42.78 128.32 4.44
N GLU M 23 42.56 127.85 3.21
CA GLU M 23 42.10 128.72 2.13
C GLU M 23 40.58 128.69 1.97
N GLY M 24 39.87 128.00 2.85
CA GLY M 24 38.43 127.95 2.79
C GLY M 24 37.87 126.99 1.76
N ASP M 25 38.67 126.04 1.28
CA ASP M 25 38.19 125.09 0.30
C ASP M 25 37.34 124.01 0.95
N LYS M 26 36.26 124.42 1.63
CA LYS M 26 35.29 123.50 2.21
C LYS M 26 36.05 122.46 3.03
N TYR M 27 36.26 121.27 2.45
CA TYR M 27 36.95 120.18 3.12
C TYR M 27 37.87 119.44 2.15
N LYS M 28 38.44 120.17 1.20
CA LYS M 28 39.12 119.58 0.04
C LYS M 28 40.24 120.51 -0.40
N LEU M 29 41.39 119.92 -0.68
CA LEU M 29 42.65 120.66 -0.79
C LEU M 29 42.87 121.17 -2.21
N SER M 30 42.79 122.48 -2.39
CA SER M 30 43.17 123.11 -3.64
C SER M 30 44.65 122.87 -3.91
N LYS M 31 45.12 123.35 -5.06
CA LYS M 31 46.54 123.24 -5.36
C LYS M 31 47.37 124.01 -4.33
N LYS M 32 46.96 125.23 -4.01
CA LYS M 32 47.71 126.05 -3.06
C LYS M 32 47.64 125.46 -1.65
N GLU M 33 46.44 125.10 -1.20
CA GLU M 33 46.31 124.46 0.10
C GLU M 33 47.17 123.19 0.15
N LEU M 34 47.12 122.39 -0.90
CA LEU M 34 47.90 121.15 -0.95
C LEU M 34 49.38 121.43 -0.84
N LYS M 35 49.89 122.39 -1.62
CA LYS M 35 51.31 122.71 -1.55
C LYS M 35 51.71 123.13 -0.15
N ASP M 36 51.00 124.11 0.42
CA ASP M 36 51.36 124.62 1.74
C ASP M 36 51.28 123.52 2.78
N LEU M 37 50.17 122.77 2.79
CA LEU M 37 50.07 121.56 3.59
C LEU M 37 51.35 120.75 3.50
N LEU M 38 51.70 120.30 2.28
CA LEU M 38 52.83 119.39 2.12
C LEU M 38 54.09 119.93 2.76
N GLN M 39 54.49 121.17 2.41
CA GLN M 39 55.77 121.63 2.95
C GLN M 39 55.65 121.92 4.43
N THR M 40 54.43 121.97 4.96
CA THR M 40 54.27 122.09 6.41
C THR M 40 54.42 120.75 7.11
N GLU M 41 53.64 119.75 6.72
CA GLU M 41 53.65 118.49 7.45
C GLU M 41 54.97 117.76 7.29
N LEU M 42 55.50 117.67 6.07
CA LEU M 42 56.69 116.88 5.83
C LEU M 42 57.80 117.80 5.35
N SER M 43 58.50 118.41 6.30
CA SER M 43 59.61 119.31 6.02
C SER M 43 60.87 118.45 5.89
N GLY M 44 61.46 118.44 4.69
CA GLY M 44 62.57 117.56 4.44
C GLY M 44 62.32 116.60 3.29
N PHE M 45 62.12 115.33 3.62
CA PHE M 45 61.98 114.29 2.61
C PHE M 45 61.02 114.67 1.50
N LEU M 46 60.06 115.55 1.78
CA LEU M 46 59.07 115.96 0.79
C LEU M 46 59.45 117.32 0.21
N ASP M 47 59.06 117.54 -1.04
CA ASP M 47 59.34 118.79 -1.75
C ASP M 47 58.12 119.19 -2.56
N VAL M 48 57.68 120.45 -2.38
CA VAL M 48 56.66 121.05 -3.25
C VAL M 48 57.22 122.34 -3.81
N GLN M 49 57.70 123.23 -2.94
CA GLN M 49 58.33 124.45 -3.42
C GLN M 49 59.56 124.14 -4.26
N LYS M 50 60.38 123.19 -3.80
CA LYS M 50 61.60 122.84 -4.53
C LYS M 50 61.28 122.17 -5.85
N ASP M 51 60.14 121.47 -5.94
CA ASP M 51 59.77 120.71 -7.14
C ASP M 51 58.34 121.10 -7.54
N ALA M 52 58.22 122.20 -8.29
CA ALA M 52 56.91 122.66 -8.72
C ALA M 52 56.35 121.79 -9.83
N ASP M 53 57.21 121.28 -10.71
CA ASP M 53 56.75 120.31 -11.71
C ASP M 53 56.22 119.06 -11.03
N ALA M 54 56.89 118.62 -9.96
CA ALA M 54 56.38 117.51 -9.17
C ALA M 54 55.03 117.87 -8.55
N VAL M 55 54.88 119.11 -8.08
CA VAL M 55 53.61 119.53 -7.52
C VAL M 55 52.51 119.44 -8.57
N ASP M 56 52.80 119.86 -9.80
CA ASP M 56 51.79 119.81 -10.86
C ASP M 56 51.45 118.37 -11.22
N LYS M 57 52.45 117.53 -11.40
CA LYS M 57 52.19 116.13 -11.71
C LYS M 57 51.42 115.47 -10.58
N VAL M 58 51.71 115.86 -9.33
CA VAL M 58 50.98 115.32 -8.19
C VAL M 58 49.57 115.85 -8.15
N MET M 59 49.36 117.08 -8.64
CA MET M 59 48.00 117.59 -8.77
C MET M 59 47.20 116.73 -9.72
N LYS M 60 47.79 116.39 -10.87
CA LYS M 60 47.11 115.53 -11.81
C LYS M 60 46.88 114.13 -11.24
N GLU M 61 47.90 113.58 -10.58
CA GLU M 61 47.81 112.19 -10.09
C GLU M 61 46.82 112.08 -8.94
N LEU M 62 46.95 112.95 -7.94
CA LEU M 62 45.96 113.00 -6.86
C LEU M 62 44.56 113.19 -7.42
N ASP M 63 44.40 114.15 -8.32
CA ASP M 63 43.11 114.42 -8.94
C ASP M 63 42.96 113.61 -10.22
N GLU M 64 42.94 112.29 -10.07
CA GLU M 64 42.52 111.44 -11.18
C GLU M 64 41.13 111.82 -11.63
N ASN M 65 40.26 112.18 -10.68
CA ASN M 65 38.96 112.73 -11.03
C ASN M 65 39.09 114.04 -11.79
N GLY M 66 40.25 114.68 -11.67
CA GLY M 66 40.49 115.95 -12.35
C GLY M 66 39.92 117.15 -11.65
N ASP M 67 39.31 116.98 -10.48
CA ASP M 67 38.69 118.11 -9.78
C ASP M 67 39.73 119.16 -9.39
N GLY M 68 40.98 118.75 -9.20
CA GLY M 68 42.00 119.64 -8.70
C GLY M 68 42.00 119.80 -7.19
N GLU M 69 40.97 119.32 -6.52
CA GLU M 69 40.89 119.32 -5.06
C GLU M 69 40.98 117.88 -4.58
N VAL M 70 41.52 117.68 -3.38
CA VAL M 70 41.74 116.35 -2.83
C VAL M 70 40.94 116.20 -1.56
N ASP M 71 40.14 115.14 -1.49
CA ASP M 71 39.47 114.78 -0.24
C ASP M 71 40.33 113.76 0.52
N PHE M 72 39.75 113.23 1.60
CA PHE M 72 40.53 112.41 2.53
C PHE M 72 41.02 111.10 1.91
N LYS M 73 40.17 110.38 1.17
CA LYS M 73 40.54 109.04 0.70
C LYS M 73 41.85 109.05 -0.09
N GLU M 74 41.94 109.92 -1.10
CA GLU M 74 43.02 109.83 -2.07
C GLU M 74 44.39 109.95 -1.38
N TYR M 75 44.63 111.08 -0.74
CA TYR M 75 45.97 111.27 -0.18
C TYR M 75 46.18 110.31 0.98
N VAL M 76 45.16 110.03 1.80
CA VAL M 76 45.44 109.11 2.89
C VAL M 76 46.03 107.83 2.31
N VAL M 77 45.36 107.25 1.31
CA VAL M 77 45.87 106.03 0.71
C VAL M 77 47.32 106.23 0.27
N LEU M 78 47.54 107.14 -0.69
CA LEU M 78 48.84 107.15 -1.36
C LEU M 78 49.95 107.72 -0.48
N VAL M 79 49.68 108.82 0.22
CA VAL M 79 50.67 109.43 1.10
C VAL M 79 51.05 108.48 2.22
N ALA M 80 50.05 107.84 2.86
CA ALA M 80 50.38 106.87 3.90
C ALA M 80 51.24 105.76 3.32
N ALA M 81 50.87 105.23 2.15
CA ALA M 81 51.66 104.16 1.55
C ALA M 81 53.12 104.58 1.41
N LEU M 82 53.38 105.73 0.79
CA LEU M 82 54.76 106.12 0.53
C LEU M 82 55.50 106.43 1.84
N THR M 83 54.86 107.17 2.74
CA THR M 83 55.54 107.64 3.93
C THR M 83 55.88 106.49 4.86
N VAL M 84 55.07 105.42 4.86
CA VAL M 84 55.42 104.26 5.67
C VAL M 84 56.42 103.38 4.94
N ALA M 85 56.28 103.24 3.61
CA ALA M 85 57.18 102.35 2.87
C ALA M 85 58.61 102.87 2.89
N CYS M 86 58.79 104.18 3.09
CA CYS M 86 60.15 104.71 3.15
C CYS M 86 60.97 103.99 4.21
N ASN M 87 60.45 103.88 5.43
CA ASN M 87 61.22 103.25 6.50
C ASN M 87 61.33 101.74 6.30
N ASN M 88 60.33 101.14 5.66
CA ASN M 88 60.44 99.72 5.34
C ASN M 88 61.63 99.47 4.43
N PHE M 89 61.79 100.31 3.40
CA PHE M 89 62.99 100.23 2.58
C PHE M 89 64.24 100.52 3.40
N PHE M 90 64.17 101.51 4.30
CA PHE M 90 65.31 101.82 5.13
C PHE M 90 65.81 100.58 5.87
N TRP M 91 64.90 99.85 6.52
CA TRP M 91 65.33 98.62 7.18
C TRP M 91 65.83 97.60 6.16
N GLU M 92 65.07 97.37 5.09
CA GLU M 92 65.45 96.33 4.14
C GLU M 92 66.85 96.54 3.63
N THR M 93 67.08 97.60 2.86
CA THR M 93 68.42 97.96 2.41
C THR M 93 68.80 99.35 2.91
N SER M 94 67.96 100.33 2.62
CA SER M 94 68.23 101.72 2.94
C SER M 94 67.17 102.62 2.30
N GLY N 2 55.29 120.81 11.01
CA GLY N 2 56.70 120.58 10.79
C GLY N 2 57.00 119.14 10.42
N SER N 3 56.97 118.26 11.43
CA SER N 3 57.18 116.83 11.22
C SER N 3 56.15 116.00 11.98
N GLU N 4 54.94 116.53 12.16
CA GLU N 4 53.93 115.84 12.95
C GLU N 4 53.40 114.61 12.21
N LEU N 5 53.26 114.68 10.89
CA LEU N 5 52.89 113.50 10.13
C LEU N 5 53.98 112.44 10.20
N GLU N 6 55.25 112.86 10.15
CA GLU N 6 56.34 111.92 10.40
C GLU N 6 56.23 111.28 11.78
N SER N 7 55.85 112.07 12.79
CA SER N 7 55.67 111.50 14.12
C SER N 7 54.56 110.44 14.11
N ALA N 8 53.43 110.75 13.48
CA ALA N 8 52.34 109.79 13.41
C ALA N 8 52.79 108.53 12.67
N MET N 9 53.49 108.71 11.56
CA MET N 9 53.94 107.57 10.76
C MET N 9 54.93 106.69 11.53
N GLU N 10 55.87 107.32 12.25
CA GLU N 10 56.83 106.53 13.02
C GLU N 10 56.15 105.81 14.17
N THR N 11 55.17 106.44 14.80
CA THR N 11 54.39 105.74 15.82
C THR N 11 53.69 104.53 15.22
N LEU N 12 53.10 104.70 14.04
CA LEU N 12 52.47 103.57 13.35
C LEU N 12 53.49 102.45 13.14
N ILE N 13 54.67 102.79 12.65
CA ILE N 13 55.71 101.79 12.42
C ILE N 13 56.05 101.06 13.70
N ASN N 14 56.33 101.81 14.77
CA ASN N 14 56.65 101.17 16.03
C ASN N 14 55.56 100.18 16.42
N VAL N 15 54.30 100.61 16.36
CA VAL N 15 53.23 99.77 16.90
C VAL N 15 53.09 98.49 16.08
N PHE N 16 52.98 98.58 14.74
CA PHE N 16 52.69 97.35 14.02
C PHE N 16 53.92 96.46 13.92
N HIS N 17 55.13 97.02 13.89
CA HIS N 17 56.29 96.15 13.93
C HIS N 17 56.38 95.43 15.27
N ALA N 18 56.12 96.13 16.37
CA ALA N 18 56.18 95.49 17.68
C ALA N 18 55.14 94.39 17.78
N HIS N 19 53.96 94.61 17.20
CA HIS N 19 52.91 93.61 17.24
C HIS N 19 53.19 92.43 16.30
N SER N 20 53.96 92.64 15.23
CA SER N 20 54.40 91.54 14.38
C SER N 20 55.46 90.67 15.03
N GLY N 21 56.46 91.31 15.65
CA GLY N 21 57.62 90.56 16.12
C GLY N 21 57.28 89.59 17.23
N LYS N 22 56.52 90.04 18.22
CA LYS N 22 56.27 89.21 19.39
C LYS N 22 55.59 87.90 19.01
N GLU N 23 54.79 87.92 17.96
CA GLU N 23 53.92 86.77 17.69
C GLU N 23 54.45 85.92 16.54
N GLY N 24 55.12 86.53 15.57
CA GLY N 24 55.60 85.73 14.45
C GLY N 24 56.82 86.29 13.76
N ASP N 25 56.86 86.20 12.43
CA ASP N 25 57.98 86.75 11.68
C ASP N 25 58.14 88.22 12.05
N LYS N 26 59.39 88.64 12.21
CA LYS N 26 59.67 89.84 12.98
C LYS N 26 59.06 91.08 12.36
N TYR N 27 58.84 91.09 11.04
CA TYR N 27 58.48 92.32 10.35
C TYR N 27 57.07 92.28 9.75
N LYS N 28 56.79 91.32 8.87
CA LYS N 28 55.51 91.35 8.18
C LYS N 28 54.37 91.04 9.15
N LEU N 29 53.16 90.96 8.59
CA LEU N 29 51.96 90.74 9.38
C LEU N 29 51.31 89.42 8.95
N SER N 30 51.57 88.38 9.75
CA SER N 30 50.91 87.09 9.53
C SER N 30 49.46 87.16 10.02
N LYS N 31 48.73 86.06 9.85
CA LYS N 31 47.32 86.06 10.24
C LYS N 31 47.16 86.19 11.76
N LYS N 32 47.84 85.35 12.52
CA LYS N 32 47.79 85.42 13.98
C LYS N 32 48.33 86.75 14.49
N GLU N 33 49.46 87.18 13.92
CA GLU N 33 50.00 88.49 14.25
C GLU N 33 48.93 89.57 14.07
N LEU N 34 48.27 89.58 12.91
CA LEU N 34 47.29 90.61 12.61
C LEU N 34 46.09 90.52 13.54
N LYS N 35 45.65 89.31 13.84
CA LYS N 35 44.50 89.14 14.73
C LYS N 35 44.79 89.73 16.11
N ASP N 36 45.89 89.30 16.73
CA ASP N 36 46.23 89.87 18.02
C ASP N 36 46.54 91.35 17.92
N LEU N 37 47.15 91.76 16.82
CA LEU N 37 47.45 93.17 16.60
C LEU N 37 46.19 93.99 16.65
N LEU N 38 45.17 93.62 15.86
CA LEU N 38 43.93 94.37 15.84
C LEU N 38 43.29 94.39 17.22
N GLN N 39 43.29 93.24 17.91
CA GLN N 39 42.81 93.23 19.28
C GLN N 39 43.48 94.32 20.09
N THR N 40 44.81 94.42 19.96
CA THR N 40 45.54 95.47 20.66
C THR N 40 45.14 96.86 20.16
N GLU N 41 44.93 96.99 18.85
CA GLU N 41 44.77 98.29 18.21
C GLU N 41 43.46 98.95 18.61
N LEU N 42 42.33 98.32 18.27
CA LEU N 42 41.04 98.98 18.41
C LEU N 42 40.10 98.15 19.25
N SER N 43 39.37 98.85 20.11
CA SER N 43 38.34 98.26 20.97
C SER N 43 37.12 99.17 20.98
N GLY N 44 35.94 98.55 21.08
CA GLY N 44 34.69 99.27 21.07
C GLY N 44 34.24 99.72 19.70
N PHE N 45 35.06 99.52 18.67
CA PHE N 45 34.73 99.88 17.30
C PHE N 45 34.80 98.70 16.35
N LEU N 46 35.77 97.80 16.53
CA LEU N 46 35.94 96.66 15.65
C LEU N 46 34.79 95.67 15.81
N ASP N 47 34.34 95.11 14.69
CA ASP N 47 33.38 94.01 14.69
C ASP N 47 34.04 92.67 14.37
N VAL N 48 35.34 92.66 14.10
CA VAL N 48 36.03 91.43 13.77
C VAL N 48 36.31 90.59 15.01
N GLN N 49 36.13 91.15 16.20
CA GLN N 49 36.47 90.43 17.42
C GLN N 49 35.68 89.12 17.53
N LYS N 50 34.46 89.10 17.01
CA LYS N 50 33.59 87.95 17.21
C LYS N 50 34.19 86.68 16.64
N ASP N 51 34.78 86.77 15.45
CA ASP N 51 35.31 85.59 14.75
C ASP N 51 36.72 85.88 14.27
N ALA N 52 37.64 84.96 14.57
CA ALA N 52 38.99 85.05 14.00
C ALA N 52 39.01 84.55 12.56
N ASP N 53 38.00 83.77 12.16
CA ASP N 53 37.91 83.36 10.76
C ASP N 53 37.59 84.54 9.86
N ALA N 54 36.85 85.52 10.38
CA ALA N 54 36.66 86.76 9.65
C ALA N 54 37.99 87.47 9.45
N VAL N 55 38.83 87.49 10.48
CA VAL N 55 40.18 88.02 10.33
C VAL N 55 40.93 87.23 9.27
N ASP N 56 40.76 85.91 9.26
CA ASP N 56 41.45 85.08 8.29
C ASP N 56 41.05 85.44 6.86
N LYS N 57 39.75 85.56 6.60
CA LYS N 57 39.30 85.85 5.24
C LYS N 57 39.65 87.27 4.84
N VAL N 58 39.57 88.21 5.78
CA VAL N 58 40.00 89.58 5.48
C VAL N 58 41.47 89.60 5.14
N MET N 59 42.26 88.79 5.85
CA MET N 59 43.67 88.61 5.52
C MET N 59 43.83 88.04 4.12
N LYS N 60 43.01 87.05 3.77
CA LYS N 60 43.10 86.45 2.45
C LYS N 60 42.89 87.50 1.36
N GLU N 61 41.84 88.31 1.49
CA GLU N 61 41.64 89.39 0.53
C GLU N 61 42.79 90.39 0.58
N LEU N 62 43.10 90.90 1.77
CA LEU N 62 44.18 91.85 2.00
C LEU N 62 45.53 91.33 1.53
N ASP N 63 45.60 90.06 1.14
CA ASP N 63 46.81 89.49 0.56
C ASP N 63 46.55 89.13 -0.89
N GLU N 64 45.97 90.05 -1.66
CA GLU N 64 45.79 89.86 -3.09
C GLU N 64 47.03 89.29 -3.76
N ASN N 65 48.21 89.51 -3.19
CA ASN N 65 49.43 88.88 -3.67
C ASN N 65 49.47 87.38 -3.38
N GLY N 66 48.52 86.87 -2.60
CA GLY N 66 48.40 85.44 -2.36
C GLY N 66 49.58 84.83 -1.65
N ASP N 67 50.05 85.46 -0.58
CA ASP N 67 51.16 84.95 0.20
C ASP N 67 50.80 84.64 1.64
N GLY N 68 49.60 85.01 2.11
CA GLY N 68 49.21 84.77 3.47
C GLY N 68 49.83 85.72 4.48
N GLU N 69 50.53 86.74 4.03
CA GLU N 69 51.19 87.72 4.91
C GLU N 69 50.82 89.11 4.44
N VAL N 70 50.34 89.94 5.35
CA VAL N 70 49.85 91.26 5.01
C VAL N 70 51.03 92.22 4.84
N ASP N 71 51.16 92.78 3.65
CA ASP N 71 52.20 93.75 3.38
C ASP N 71 51.91 95.04 4.14
N PHE N 72 52.99 95.76 4.45
CA PHE N 72 52.85 97.00 5.21
C PHE N 72 52.06 98.03 4.42
N LYS N 73 52.34 98.15 3.12
CA LYS N 73 51.59 99.09 2.29
C LYS N 73 50.11 98.75 2.26
N GLU N 74 49.78 97.46 2.09
CA GLU N 74 48.39 97.06 2.07
C GLU N 74 47.72 97.37 3.40
N TYR N 75 48.39 97.05 4.51
CA TYR N 75 47.79 97.29 5.82
C TYR N 75 47.57 98.77 6.07
N VAL N 76 48.53 99.61 5.67
CA VAL N 76 48.40 101.04 5.90
C VAL N 76 47.29 101.62 5.03
N VAL N 77 47.16 101.13 3.80
CA VAL N 77 46.07 101.62 2.96
C VAL N 77 44.72 101.19 3.53
N LEU N 78 44.62 99.97 4.05
CA LEU N 78 43.38 99.55 4.68
C LEU N 78 43.05 100.40 5.91
N VAL N 79 44.04 100.64 6.78
CA VAL N 79 43.74 101.47 7.94
C VAL N 79 43.45 102.91 7.54
N ALA N 80 43.97 103.37 6.40
CA ALA N 80 43.53 104.64 5.86
C ALA N 80 42.06 104.59 5.45
N ALA N 81 41.63 103.49 4.84
CA ALA N 81 40.20 103.30 4.60
C ALA N 81 39.42 103.27 5.89
N LEU N 82 40.04 102.80 6.97
CA LEU N 82 39.36 102.81 8.27
C LEU N 82 39.28 104.23 8.82
N THR N 83 40.29 105.04 8.55
CA THR N 83 40.19 106.47 8.83
C THR N 83 39.04 107.09 8.05
N VAL N 84 38.90 106.67 6.80
CA VAL N 84 37.75 107.06 5.99
C VAL N 84 36.45 106.69 6.71
N ALA N 85 36.37 105.45 7.19
CA ALA N 85 35.15 105.00 7.87
C ALA N 85 34.90 105.81 9.13
N CYS N 86 35.96 106.15 9.87
CA CYS N 86 35.80 106.91 11.10
C CYS N 86 35.35 108.34 10.82
N ASN N 87 35.88 108.96 9.76
CA ASN N 87 35.39 110.28 9.38
C ASN N 87 33.92 110.21 8.97
N ASN N 88 33.55 109.16 8.24
CA ASN N 88 32.14 108.96 7.92
C ASN N 88 31.31 108.80 9.17
N PHE N 89 31.85 108.12 10.18
CA PHE N 89 31.19 108.02 11.49
C PHE N 89 30.99 109.40 12.10
N PHE N 90 32.03 110.23 12.05
CA PHE N 90 31.91 111.60 12.57
C PHE N 90 30.78 112.35 11.89
N TRP N 91 30.72 112.29 10.55
CA TRP N 91 29.64 113.00 9.87
C TRP N 91 28.28 112.40 10.20
N GLU N 92 28.19 111.06 10.22
CA GLU N 92 26.93 110.41 10.53
C GLU N 92 26.40 110.86 11.88
N THR N 93 27.31 111.11 12.83
CA THR N 93 26.89 111.66 14.11
C THR N 93 26.12 112.96 13.88
N SER N 94 24.94 113.06 14.49
CA SER N 94 24.08 114.22 14.31
C SER N 94 22.90 114.19 15.26
N GLY O 2 -23.58 -0.48 131.23
CA GLY O 2 -22.30 -0.79 131.82
C GLY O 2 -21.19 -0.91 130.79
N SER O 3 -21.18 -2.01 130.05
CA SER O 3 -20.22 -2.23 128.98
C SER O 3 -20.88 -2.78 127.72
N GLU O 4 -22.14 -2.40 127.48
CA GLU O 4 -22.89 -2.94 126.36
C GLU O 4 -22.36 -2.39 125.03
N LEU O 5 -21.97 -1.11 125.01
CA LEU O 5 -21.34 -0.57 123.81
C LEU O 5 -20.00 -1.24 123.55
N GLU O 6 -19.24 -1.53 124.59
CA GLU O 6 -18.03 -2.34 124.43
C GLU O 6 -18.36 -3.71 123.85
N SER O 7 -19.45 -4.33 124.28
CA SER O 7 -19.84 -5.61 123.72
C SER O 7 -20.15 -5.47 122.24
N ALA O 8 -20.91 -4.45 121.86
CA ALA O 8 -21.22 -4.24 120.45
C ALA O 8 -19.94 -4.02 119.65
N MET O 9 -19.04 -3.20 120.17
CA MET O 9 -17.80 -2.88 119.49
C MET O 9 -16.93 -4.11 119.31
N GLU O 10 -16.82 -4.95 120.34
CA GLU O 10 -16.00 -6.15 120.24
C GLU O 10 -16.62 -7.15 119.27
N THR O 11 -17.96 -7.24 119.25
CA THR O 11 -18.59 -8.08 118.24
C THR O 11 -18.28 -7.57 116.83
N LEU O 12 -18.32 -6.25 116.64
CA LEU O 12 -17.94 -5.67 115.36
C LEU O 12 -16.52 -6.10 114.98
N ILE O 13 -15.60 -5.95 115.93
CA ILE O 13 -14.21 -6.33 115.67
C ILE O 13 -14.10 -7.78 115.26
N ASN O 14 -14.70 -8.68 116.04
CA ASN O 14 -14.66 -10.10 115.71
C ASN O 14 -15.14 -10.30 114.27
N VAL O 15 -16.29 -9.74 113.94
CA VAL O 15 -16.89 -10.05 112.65
C VAL O 15 -16.02 -9.56 111.50
N PHE O 16 -15.61 -8.28 111.52
CA PHE O 16 -14.91 -7.81 110.32
C PHE O 16 -13.48 -8.34 110.25
N HIS O 17 -12.84 -8.57 111.40
CA HIS O 17 -11.53 -9.22 111.31
C HIS O 17 -11.64 -10.64 110.77
N ALA O 18 -12.64 -11.39 111.24
CA ALA O 18 -12.82 -12.75 110.74
C ALA O 18 -13.09 -12.76 109.25
N HIS O 19 -13.86 -11.77 108.77
CA HIS O 19 -14.16 -11.70 107.35
C HIS O 19 -12.97 -11.21 106.52
N SER O 20 -12.06 -10.44 107.11
CA SER O 20 -10.82 -10.06 106.44
C SER O 20 -9.84 -11.22 106.32
N GLY O 21 -9.65 -11.97 107.41
CA GLY O 21 -8.59 -12.97 107.44
C GLY O 21 -8.80 -14.09 106.45
N LYS O 22 -10.02 -14.63 106.40
CA LYS O 22 -10.27 -15.81 105.58
C LYS O 22 -9.96 -15.54 104.11
N GLU O 23 -10.16 -14.30 103.67
CA GLU O 23 -10.13 -14.02 102.24
C GLU O 23 -8.82 -13.37 101.82
N GLY O 24 -8.22 -12.56 102.69
CA GLY O 24 -7.00 -11.88 102.28
C GLY O 24 -6.07 -11.54 103.43
N ASP O 25 -5.46 -10.35 103.36
CA ASP O 25 -4.58 -9.91 104.43
C ASP O 25 -5.35 -9.96 105.74
N LYS O 26 -4.67 -10.44 106.79
CA LYS O 26 -5.38 -10.96 107.96
C LYS O 26 -6.22 -9.89 108.65
N TYR O 27 -5.85 -8.62 108.52
CA TYR O 27 -6.48 -7.57 109.32
C TYR O 27 -7.27 -6.57 108.50
N LYS O 28 -6.65 -5.89 107.55
CA LYS O 28 -7.35 -4.82 106.86
C LYS O 28 -8.45 -5.40 105.97
N LEU O 29 -9.10 -4.50 105.22
CA LEU O 29 -10.24 -4.86 104.37
C LEU O 29 -9.88 -4.58 102.93
N SER O 30 -9.48 -5.62 102.20
CA SER O 30 -9.25 -5.51 100.77
C SER O 30 -10.59 -5.45 100.03
N LYS O 31 -10.51 -5.30 98.70
CA LYS O 31 -11.74 -5.19 97.92
C LYS O 31 -12.55 -6.49 97.95
N LYS O 32 -11.91 -7.61 97.64
CA LYS O 32 -12.59 -8.90 97.67
C LYS O 32 -13.05 -9.25 99.08
N GLU O 33 -12.18 -9.00 100.07
CA GLU O 33 -12.57 -9.18 101.46
C GLU O 33 -13.85 -8.41 101.76
N LEU O 34 -13.88 -7.13 101.40
CA LEU O 34 -15.03 -6.28 101.70
C LEU O 34 -16.27 -6.75 100.96
N LYS O 35 -16.13 -7.16 99.71
CA LYS O 35 -17.28 -7.63 98.95
C LYS O 35 -17.92 -8.84 99.60
N ASP O 36 -17.11 -9.88 99.86
CA ASP O 36 -17.67 -11.05 100.54
C ASP O 36 -18.15 -10.70 101.93
N LEU O 37 -17.43 -9.80 102.61
CA LEU O 37 -17.83 -9.38 103.94
C LEU O 37 -19.23 -8.82 103.93
N LEU O 38 -19.49 -7.85 103.05
CA LEU O 38 -20.81 -7.24 102.98
C LEU O 38 -21.87 -8.27 102.66
N GLN O 39 -21.56 -9.16 101.70
CA GLN O 39 -22.48 -10.27 101.43
C GLN O 39 -22.85 -10.98 102.72
N THR O 40 -21.85 -11.28 103.54
CA THR O 40 -22.11 -11.91 104.83
C THR O 40 -22.90 -11.00 105.75
N GLU O 41 -22.60 -9.70 105.73
CA GLU O 41 -23.12 -8.76 106.71
C GLU O 41 -24.61 -8.54 106.54
N LEU O 42 -25.01 -8.00 105.38
CA LEU O 42 -26.37 -7.53 105.22
C LEU O 42 -27.03 -8.18 104.01
N SER O 43 -28.29 -8.56 104.18
CA SER O 43 -29.11 -9.13 103.13
C SER O 43 -30.50 -8.53 103.20
N GLY O 44 -31.13 -8.38 102.04
CA GLY O 44 -32.44 -7.77 101.94
C GLY O 44 -32.45 -6.26 102.05
N PHE O 45 -31.30 -5.65 102.33
CA PHE O 45 -31.18 -4.20 102.44
C PHE O 45 -30.14 -3.63 101.49
N LEU O 46 -29.02 -4.32 101.29
CA LEU O 46 -27.95 -3.85 100.42
C LEU O 46 -28.39 -3.84 98.97
N ASP O 47 -28.00 -2.79 98.24
CA ASP O 47 -28.17 -2.73 96.79
C ASP O 47 -26.87 -2.98 96.05
N VAL O 48 -25.76 -3.16 96.76
CA VAL O 48 -24.47 -3.38 96.11
C VAL O 48 -24.35 -4.80 95.58
N GLN O 49 -25.25 -5.70 95.97
CA GLN O 49 -25.12 -7.10 95.56
C GLN O 49 -25.11 -7.24 94.04
N LYS O 50 -25.81 -6.34 93.34
CA LYS O 50 -25.98 -6.52 91.90
C LYS O 50 -24.65 -6.48 91.17
N ASP O 51 -23.75 -5.58 91.56
CA ASP O 51 -22.47 -5.40 90.87
C ASP O 51 -21.35 -5.36 91.89
N ALA O 52 -20.30 -6.15 91.65
CA ALA O 52 -19.10 -6.06 92.47
C ALA O 52 -18.24 -4.87 92.05
N ASP O 53 -18.46 -4.35 90.84
CA ASP O 53 -17.74 -3.14 90.44
C ASP O 53 -18.22 -1.94 91.23
N ALA O 54 -19.49 -1.93 91.63
CA ALA O 54 -19.96 -0.91 92.57
C ALA O 54 -19.22 -1.01 93.89
N VAL O 55 -19.02 -2.24 94.38
CA VAL O 55 -18.19 -2.43 95.58
C VAL O 55 -16.79 -1.89 95.33
N ASP O 56 -16.25 -2.14 94.14
CA ASP O 56 -14.90 -1.66 93.83
C ASP O 56 -14.81 -0.14 93.89
N LYS O 57 -15.76 0.55 93.27
CA LYS O 57 -15.69 2.01 93.24
C LYS O 57 -15.97 2.60 94.62
N VAL O 58 -16.90 1.99 95.37
CA VAL O 58 -17.14 2.43 96.73
C VAL O 58 -15.90 2.24 97.57
N MET O 59 -15.18 1.14 97.34
CA MET O 59 -13.88 0.94 97.96
C MET O 59 -12.90 2.04 97.57
N LYS O 60 -12.89 2.40 96.29
CA LYS O 60 -11.97 3.43 95.83
C LYS O 60 -12.22 4.74 96.59
N GLU O 61 -13.47 5.16 96.68
CA GLU O 61 -13.78 6.35 97.45
C GLU O 61 -13.44 6.16 98.92
N LEU O 62 -13.95 5.09 99.53
CA LEU O 62 -13.70 4.74 100.92
C LEU O 62 -12.21 4.59 101.23
N ASP O 63 -11.37 4.62 100.22
CA ASP O 63 -9.93 4.62 100.41
C ASP O 63 -9.33 5.95 99.96
N GLU O 64 -9.94 7.05 100.40
CA GLU O 64 -9.39 8.38 100.12
C GLU O 64 -7.89 8.44 100.33
N ASN O 65 -7.33 7.58 101.18
CA ASN O 65 -5.89 7.46 101.33
C ASN O 65 -5.23 6.84 100.12
N GLY O 66 -6.00 6.32 99.17
CA GLY O 66 -5.47 5.81 97.91
C GLY O 66 -4.54 4.63 98.06
N ASP O 67 -4.95 3.64 98.86
CA ASP O 67 -4.17 2.44 99.06
C ASP O 67 -4.87 1.16 98.62
N GLY O 68 -6.15 1.24 98.26
CA GLY O 68 -6.89 0.05 97.86
C GLY O 68 -7.31 -0.85 98.99
N GLU O 69 -7.11 -0.43 100.23
CA GLU O 69 -7.46 -1.23 101.41
C GLU O 69 -8.26 -0.35 102.36
N VAL O 70 -9.42 -0.84 102.79
CA VAL O 70 -10.32 -0.05 103.62
C VAL O 70 -9.83 -0.07 105.05
N ASP O 71 -9.53 1.11 105.59
CA ASP O 71 -9.12 1.23 106.97
C ASP O 71 -10.30 0.93 107.90
N PHE O 72 -9.97 0.46 109.09
CA PHE O 72 -11.01 0.10 110.05
C PHE O 72 -11.83 1.32 110.45
N LYS O 73 -11.14 2.44 110.71
CA LYS O 73 -11.84 3.67 111.06
C LYS O 73 -12.78 4.11 109.95
N GLU O 74 -12.31 4.08 108.71
CA GLU O 74 -13.16 4.47 107.59
C GLU O 74 -14.37 3.55 107.49
N TYR O 75 -14.15 2.24 107.60
CA TYR O 75 -15.26 1.29 107.48
C TYR O 75 -16.28 1.49 108.58
N VAL O 76 -15.81 1.73 109.81
CA VAL O 76 -16.73 1.89 110.93
C VAL O 76 -17.51 3.20 110.78
N VAL O 77 -16.87 4.25 110.30
CA VAL O 77 -17.59 5.50 110.09
C VAL O 77 -18.64 5.32 109.00
N LEU O 78 -18.30 4.60 107.93
CA LEU O 78 -19.29 4.34 106.88
C LEU O 78 -20.47 3.54 107.42
N VAL O 79 -20.20 2.47 108.17
CA VAL O 79 -21.32 1.69 108.70
C VAL O 79 -22.10 2.49 109.74
N ALA O 80 -21.47 3.47 110.40
CA ALA O 80 -22.24 4.41 111.21
C ALA O 80 -23.16 5.26 110.35
N ALA O 81 -22.68 5.70 109.19
CA ALA O 81 -23.56 6.36 108.23
C ALA O 81 -24.68 5.43 107.78
N LEU O 82 -24.41 4.13 107.75
CA LEU O 82 -25.46 3.18 107.38
C LEU O 82 -26.46 3.02 108.52
N THR O 83 -25.99 3.13 109.77
CA THR O 83 -26.91 3.23 110.89
C THR O 83 -27.78 4.47 110.76
N VAL O 84 -27.18 5.57 110.32
CA VAL O 84 -27.91 6.78 110.00
C VAL O 84 -29.00 6.48 108.98
N ALA O 85 -28.63 5.78 107.90
CA ALA O 85 -29.61 5.46 106.86
C ALA O 85 -30.72 4.58 107.40
N CYS O 86 -30.38 3.64 108.28
CA CYS O 86 -31.39 2.74 108.83
C CYS O 86 -32.34 3.47 109.77
N ASN O 87 -31.82 4.41 110.57
CA ASN O 87 -32.71 5.23 111.39
C ASN O 87 -33.62 6.08 110.51
N ASN O 88 -33.08 6.63 109.42
CA ASN O 88 -33.91 7.35 108.47
C ASN O 88 -34.99 6.45 107.88
N PHE O 89 -34.63 5.18 107.63
CA PHE O 89 -35.62 4.20 107.19
C PHE O 89 -36.72 4.01 108.23
N PHE O 90 -36.33 3.92 109.50
CA PHE O 90 -37.31 3.79 110.57
C PHE O 90 -38.28 4.97 110.57
N TRP O 91 -37.76 6.19 110.46
CA TRP O 91 -38.65 7.34 110.45
C TRP O 91 -39.52 7.36 109.19
N GLU O 92 -38.93 7.07 108.04
CA GLU O 92 -39.68 7.04 106.80
C GLU O 92 -40.86 6.09 106.89
N THR O 93 -40.68 4.98 107.60
CA THR O 93 -41.81 4.08 107.84
C THR O 93 -42.95 4.85 108.48
N SER O 94 -44.14 4.71 107.92
CA SER O 94 -45.31 5.44 108.40
C SER O 94 -46.58 4.94 107.73
N GLY P 2 -22.68 -9.70 109.99
CA GLY P 2 -23.94 -10.38 109.74
C GLY P 2 -25.11 -9.72 110.43
N SER P 3 -26.16 -10.51 110.65
CA SER P 3 -27.26 -10.05 111.46
C SER P 3 -26.79 -9.67 112.86
N GLU P 4 -25.68 -10.24 113.31
CA GLU P 4 -25.09 -9.80 114.57
C GLU P 4 -24.58 -8.36 114.47
N LEU P 5 -23.97 -8.00 113.34
CA LEU P 5 -23.52 -6.62 113.16
C LEU P 5 -24.73 -5.68 113.02
N GLU P 6 -25.79 -6.15 112.35
CA GLU P 6 -27.05 -5.43 112.36
C GLU P 6 -27.53 -5.18 113.78
N SER P 7 -27.51 -6.22 114.62
CA SER P 7 -27.93 -6.08 116.00
C SER P 7 -27.00 -5.13 116.76
N ALA P 8 -25.73 -5.05 116.34
CA ALA P 8 -24.84 -4.08 116.95
C ALA P 8 -25.31 -2.66 116.67
N MET P 9 -25.66 -2.37 115.41
CA MET P 9 -26.24 -1.05 115.15
C MET P 9 -27.52 -0.85 115.94
N GLU P 10 -28.32 -1.91 116.06
CA GLU P 10 -29.57 -1.81 116.82
C GLU P 10 -29.28 -1.44 118.27
N THR P 11 -28.24 -2.04 118.85
CA THR P 11 -27.86 -1.71 120.22
C THR P 11 -27.44 -0.26 120.35
N LEU P 12 -26.67 0.23 119.37
CA LEU P 12 -26.32 1.65 119.37
C LEU P 12 -27.58 2.51 119.39
N ILE P 13 -28.53 2.20 118.51
CA ILE P 13 -29.75 3.01 118.44
C ILE P 13 -30.51 2.94 119.76
N ASN P 14 -30.59 1.74 120.33
CA ASN P 14 -31.27 1.58 121.62
C ASN P 14 -30.66 2.49 122.67
N VAL P 15 -29.34 2.40 122.84
CA VAL P 15 -28.70 3.19 123.88
C VAL P 15 -28.87 4.68 123.61
N PHE P 16 -28.82 5.08 122.34
CA PHE P 16 -28.97 6.49 122.02
C PHE P 16 -30.35 6.99 122.43
N HIS P 17 -31.41 6.31 121.98
CA HIS P 17 -32.74 6.80 122.25
C HIS P 17 -33.05 6.74 123.74
N ALA P 18 -32.41 5.81 124.46
CA ALA P 18 -32.63 5.73 125.90
C ALA P 18 -32.27 7.05 126.58
N HIS P 19 -31.05 7.53 126.38
CA HIS P 19 -30.63 8.75 127.05
C HIS P 19 -31.11 10.00 126.33
N SER P 20 -31.58 9.89 125.09
CA SER P 20 -32.15 11.06 124.44
C SER P 20 -33.47 11.44 125.10
N GLY P 21 -34.20 10.46 125.61
CA GLY P 21 -35.42 10.69 126.35
C GLY P 21 -35.28 10.60 127.86
N LYS P 22 -34.11 10.16 128.36
CA LYS P 22 -33.90 10.12 129.79
C LYS P 22 -34.20 11.46 130.45
N GLU P 23 -33.64 12.55 129.93
CA GLU P 23 -33.99 13.90 130.39
C GLU P 23 -35.05 14.54 129.51
N GLY P 24 -35.60 13.80 128.55
CA GLY P 24 -36.65 14.34 127.72
C GLY P 24 -36.18 15.24 126.59
N ASP P 25 -34.89 15.18 126.25
CA ASP P 25 -34.37 16.03 125.18
C ASP P 25 -34.74 15.46 123.82
N LYS P 26 -36.04 15.30 123.57
CA LYS P 26 -36.55 14.88 122.27
C LYS P 26 -35.78 13.64 121.83
N TYR P 27 -34.79 13.81 120.96
CA TYR P 27 -33.98 12.72 120.44
C TYR P 27 -32.51 13.13 120.33
N LYS P 28 -32.05 13.97 121.25
CA LYS P 28 -30.78 14.66 121.12
C LYS P 28 -30.21 14.91 122.51
N LEU P 29 -28.91 14.65 122.67
CA LEU P 29 -28.30 14.50 123.97
C LEU P 29 -27.81 15.84 124.51
N SER P 30 -28.46 16.33 125.57
CA SER P 30 -27.98 17.50 126.28
C SER P 30 -26.62 17.19 126.91
N LYS P 31 -26.04 18.20 127.57
CA LYS P 31 -24.78 17.95 128.26
C LYS P 31 -24.95 16.93 129.37
N LYS P 32 -26.02 17.06 130.16
CA LYS P 32 -26.26 16.12 131.26
C LYS P 32 -26.58 14.72 130.74
N GLU P 33 -27.50 14.63 129.78
CA GLU P 33 -27.79 13.33 129.18
C GLU P 33 -26.53 12.71 128.60
N LEU P 34 -25.72 13.51 127.91
CA LEU P 34 -24.50 13.01 127.31
C LEU P 34 -23.54 12.47 128.37
N LYS P 35 -23.33 13.23 129.45
CA LYS P 35 -22.45 12.77 130.50
C LYS P 35 -22.92 11.45 131.08
N ASP P 36 -24.19 11.40 131.50
CA ASP P 36 -24.71 10.19 132.14
C ASP P 36 -24.64 9.00 131.18
N LEU P 37 -25.10 9.20 129.94
CA LEU P 37 -24.89 8.22 128.89
C LEU P 37 -23.47 7.69 128.93
N LEU P 38 -22.49 8.58 128.75
CA LEU P 38 -21.11 8.14 128.61
C LEU P 38 -20.67 7.26 129.77
N GLN P 39 -20.85 7.73 131.02
CA GLN P 39 -20.33 6.91 132.11
C GLN P 39 -21.18 5.66 132.30
N THR P 40 -22.35 5.60 131.66
CA THR P 40 -23.12 4.37 131.69
C THR P 40 -22.62 3.36 130.66
N GLU P 41 -22.54 3.75 129.39
CA GLU P 41 -22.20 2.77 128.36
C GLU P 41 -20.76 2.31 128.49
N LEU P 42 -19.82 3.24 128.69
CA LEU P 42 -18.41 2.87 128.70
C LEU P 42 -17.83 3.16 130.08
N SER P 43 -17.99 2.19 130.98
CA SER P 43 -17.49 2.28 132.35
C SER P 43 -16.06 1.78 132.34
N GLY P 44 -15.12 2.67 132.65
CA GLY P 44 -13.71 2.32 132.53
C GLY P 44 -12.97 3.23 131.59
N PHE P 45 -12.61 2.71 130.42
CA PHE P 45 -11.76 3.42 129.48
C PHE P 45 -12.23 4.86 129.25
N LEU P 46 -13.52 5.12 129.44
CA LEU P 46 -14.09 6.45 129.23
C LEU P 46 -14.25 7.18 130.56
N ASP P 47 -14.14 8.50 130.52
CA ASP P 47 -14.26 9.35 131.71
C ASP P 47 -15.07 10.60 131.36
N VAL P 48 -16.11 10.87 132.16
CA VAL P 48 -16.83 12.13 132.08
C VAL P 48 -16.84 12.78 133.47
N GLN P 49 -17.27 12.01 134.48
CA GLN P 49 -17.22 12.52 135.84
C GLN P 49 -15.78 12.81 136.26
N LYS P 50 -14.87 11.89 135.93
CA LYS P 50 -13.47 12.06 136.31
C LYS P 50 -12.83 13.23 135.56
N ASP P 51 -13.31 13.52 134.36
CA ASP P 51 -12.73 14.57 133.51
C ASP P 51 -13.83 15.50 133.03
N ALA P 52 -14.18 16.48 133.87
CA ALA P 52 -15.24 17.42 133.52
C ALA P 52 -14.77 18.43 132.48
N ASP P 53 -13.49 18.82 132.52
CA ASP P 53 -12.95 19.66 131.46
C ASP P 53 -12.99 18.93 130.12
N ALA P 54 -12.70 17.62 130.14
CA ALA P 54 -12.85 16.82 128.94
C ALA P 54 -14.30 16.78 128.50
N VAL P 55 -15.24 16.69 129.45
CA VAL P 55 -16.65 16.71 129.09
C VAL P 55 -17.01 18.01 128.40
N ASP P 56 -16.49 19.14 128.90
CA ASP P 56 -16.80 20.43 128.29
C ASP P 56 -16.20 20.55 126.90
N LYS P 57 -14.93 20.18 126.76
CA LYS P 57 -14.29 20.21 125.45
C LYS P 57 -15.02 19.29 124.48
N VAL P 58 -15.50 18.14 124.97
CA VAL P 58 -16.24 17.21 124.12
C VAL P 58 -17.60 17.78 123.78
N MET P 59 -18.19 18.58 124.68
CA MET P 59 -19.42 19.27 124.35
C MET P 59 -19.20 20.21 123.18
N LYS P 60 -18.12 20.98 123.22
CA LYS P 60 -17.82 21.87 122.11
C LYS P 60 -17.51 21.09 120.84
N GLU P 61 -16.72 20.02 120.94
CA GLU P 61 -16.29 19.28 119.76
C GLU P 61 -17.45 18.55 119.12
N LEU P 62 -18.22 17.80 119.91
CA LEU P 62 -19.42 17.15 119.42
C LEU P 62 -20.36 18.17 118.79
N ASP P 63 -20.61 19.28 119.49
CA ASP P 63 -21.47 20.33 118.99
C ASP P 63 -20.65 21.37 118.23
N GLU P 64 -20.05 20.92 117.12
CA GLU P 64 -19.49 21.88 116.17
C GLU P 64 -20.55 22.85 115.70
N ASN P 65 -21.79 22.35 115.53
CA ASN P 65 -22.91 23.24 115.25
C ASN P 65 -23.16 24.19 116.42
N GLY P 66 -22.66 23.86 117.60
CA GLY P 66 -22.84 24.68 118.77
C GLY P 66 -24.17 24.51 119.46
N ASP P 67 -25.02 23.61 118.99
CA ASP P 67 -26.34 23.44 119.59
C ASP P 67 -26.25 22.98 121.04
N GLY P 68 -25.16 22.28 121.40
CA GLY P 68 -25.05 21.69 122.72
C GLY P 68 -25.74 20.37 122.86
N GLU P 69 -26.56 19.98 121.89
CA GLU P 69 -27.22 18.67 121.85
C GLU P 69 -26.61 17.87 120.71
N VAL P 70 -26.59 16.55 120.85
CA VAL P 70 -25.97 15.67 119.88
C VAL P 70 -27.03 14.73 119.32
N ASP P 71 -27.13 14.69 117.99
CA ASP P 71 -27.96 13.69 117.32
C ASP P 71 -27.10 12.48 116.96
N PHE P 72 -27.71 11.56 116.22
CA PHE P 72 -27.09 10.26 115.97
C PHE P 72 -25.80 10.35 115.15
N LYS P 73 -25.78 11.14 114.08
CA LYS P 73 -24.63 11.14 113.17
C LYS P 73 -23.32 11.44 113.89
N GLU P 74 -23.28 12.53 114.66
CA GLU P 74 -22.01 13.01 115.17
C GLU P 74 -21.32 11.97 116.04
N TYR P 75 -21.96 11.56 117.13
CA TYR P 75 -21.28 10.65 118.03
C TYR P 75 -21.10 9.30 117.36
N VAL P 76 -22.07 8.82 116.56
CA VAL P 76 -21.83 7.51 115.96
C VAL P 76 -20.51 7.55 115.22
N VAL P 77 -20.31 8.55 114.36
CA VAL P 77 -19.05 8.65 113.63
C VAL P 77 -17.87 8.61 114.60
N LEU P 78 -17.78 9.62 115.48
CA LEU P 78 -16.53 9.81 116.21
C LEU P 78 -16.32 8.76 117.29
N VAL P 79 -17.37 8.47 118.07
CA VAL P 79 -17.28 7.48 119.13
C VAL P 79 -16.98 6.10 118.56
N ALA P 80 -17.67 5.71 117.47
CA ALA P 80 -17.36 4.43 116.86
C ALA P 80 -15.90 4.39 116.42
N ALA P 81 -15.44 5.47 115.76
CA ALA P 81 -14.06 5.49 115.31
C ALA P 81 -13.09 5.24 116.47
N LEU P 82 -13.23 5.99 117.56
CA LEU P 82 -12.27 5.85 118.65
C LEU P 82 -12.40 4.48 119.32
N THR P 83 -13.63 4.04 119.59
CA THR P 83 -13.83 2.84 120.38
C THR P 83 -13.37 1.60 119.61
N VAL P 84 -13.44 1.64 118.28
CA VAL P 84 -12.93 0.52 117.51
C VAL P 84 -11.42 0.63 117.33
N ALA P 85 -10.92 1.85 117.13
CA ALA P 85 -9.49 2.03 116.88
C ALA P 85 -8.66 1.65 118.12
N CYS P 86 -9.27 1.72 119.31
CA CYS P 86 -8.53 1.33 120.51
C CYS P 86 -7.97 -0.08 120.38
N ASN P 87 -8.81 -1.05 120.00
CA ASN P 87 -8.34 -2.43 119.91
C ASN P 87 -7.42 -2.64 118.72
N ASN P 88 -7.61 -1.86 117.65
CA ASN P 88 -6.68 -1.93 116.53
C ASN P 88 -5.28 -1.56 116.99
N PHE P 89 -5.16 -0.48 117.76
CA PHE P 89 -3.87 -0.14 118.36
C PHE P 89 -3.40 -1.24 119.31
N PHE P 90 -4.33 -1.80 120.09
CA PHE P 90 -3.95 -2.89 120.99
C PHE P 90 -3.25 -4.01 120.23
N TRP P 91 -3.83 -4.48 119.13
CA TRP P 91 -3.15 -5.50 118.35
C TRP P 91 -1.85 -4.98 117.79
N GLU P 92 -1.88 -3.80 117.15
CA GLU P 92 -0.67 -3.30 116.50
C GLU P 92 0.50 -3.26 117.46
N THR P 93 0.45 -2.38 118.45
CA THR P 93 1.47 -2.35 119.49
C THR P 93 0.85 -2.60 120.85
N SER P 94 -0.16 -1.82 121.20
CA SER P 94 -0.79 -1.89 122.52
C SER P 94 -1.79 -0.74 122.67
CA CA Q . -44.38 -94.95 -9.91
CA CA R . -50.24 -90.20 -0.82
CA CA S . -81.96 -99.03 -5.84
CA CA T . -76.21 -95.31 3.27
ZN ZN U . -30.97 19.79 14.53
N1 CFF V . -29.61 35.68 31.34
C2 CFF V . -28.52 35.87 32.19
C10 CFF V . -29.31 35.47 29.92
C6 CFF V . -30.97 35.71 31.72
N3 CFF V . -28.77 36.07 33.53
O11 CFF V . -27.37 35.84 31.76
C12 CFF V . -27.66 36.28 34.46
C4 CFF V . -30.07 36.10 33.97
C5 CFF V . -31.13 35.92 33.11
N9 CFF V . -30.48 36.30 35.25
O13 CFF V . -31.85 35.53 30.89
N7 CFF V . -32.26 36.01 33.89
C8 CFF V . -31.81 36.23 35.16
C14 CFF V . -33.65 35.89 33.43
PG ATP W . -47.90 22.53 20.98
O1G ATP W . -47.89 22.60 19.47
O2G ATP W . -47.69 23.87 21.63
O3G ATP W . -49.11 21.81 21.51
PB ATP W . -46.34 20.05 21.33
O1B ATP W . -45.70 19.64 22.61
O2B ATP W . -47.56 19.35 20.86
O3B ATP W . -46.63 21.63 21.40
PA ATP W . -45.29 20.46 18.63
O1A ATP W . -44.97 21.91 18.55
O2A ATP W . -46.58 19.99 18.03
O3A ATP W . -45.24 20.01 20.16
O5' ATP W . -44.07 19.61 18.03
C5' ATP W . -42.91 20.31 17.53
C4' ATP W . -42.81 20.10 16.05
O4' ATP W . -41.67 20.87 15.54
C3' ATP W . -42.56 18.67 15.58
O3' ATP W . -43.20 18.41 14.34
C2' ATP W . -41.04 18.62 15.45
O2' ATP W . -40.57 17.61 14.59
C1' ATP W . -40.76 20.01 14.90
N9 ATP W . -39.42 20.50 15.15
C8 ATP W . -38.47 20.79 14.19
N7 ATP W . -37.34 21.20 14.72
C5 ATP W . -37.56 21.19 16.09
C6 ATP W . -36.74 21.53 17.18
N6 ATP W . -35.49 21.95 17.07
N1 ATP W . -37.27 21.39 18.42
C2 ATP W . -38.54 20.96 18.52
N3 ATP W . -39.39 20.62 17.57
C4 ATP W . -38.83 20.76 16.36
CA CA X . -15.55 24.95 40.95
PG ATP Y . 75.99 109.01 92.13
O1G ATP Y . 75.17 107.78 92.08
O2G ATP Y . 76.40 109.43 93.55
O3G ATP Y . 75.35 110.22 91.42
PB ATP Y . 78.86 109.39 91.32
O1B ATP Y . 79.89 108.32 91.33
O2B ATP Y . 78.97 110.42 92.44
O3B ATP Y . 77.38 108.80 91.35
PA ATP Y . 79.94 110.69 88.89
O1A ATP Y . 79.30 111.44 87.78
O2A ATP Y . 80.99 111.49 89.67
O3A ATP Y . 78.85 110.19 89.94
O5' ATP Y . 80.60 109.36 88.38
C5' ATP Y . 79.81 108.21 88.06
C4' ATP Y . 79.38 108.31 86.62
O4' ATP Y . 79.11 106.96 86.18
C3' ATP Y . 78.02 109.01 86.50
O3' ATP Y . 78.32 110.33 86.06
C2' ATP Y . 77.41 108.29 85.32
O2' ATP Y . 78.21 108.62 84.18
C1' ATP Y . 77.80 106.86 85.64
N9 ATP Y . 76.97 106.30 86.70
C8 ATP Y . 77.34 106.05 88.00
N7 ATP Y . 76.39 105.55 88.75
C5 ATP Y . 75.31 105.46 87.88
C6 ATP Y . 74.00 105.00 88.05
N6 ATP Y . 73.52 104.52 89.21
N1 ATP Y . 73.16 105.04 86.98
C2 ATP Y . 73.64 105.51 85.82
N3 ATP Y . 74.86 105.97 85.54
C4 ATP Y . 75.66 105.91 86.62
C1 PCW Z . -71.29 69.79 -28.35
C2 PCW Z . -70.21 68.78 -27.94
C3 PCW Z . -70.70 67.37 -28.31
C4 PCW Z . -70.05 72.18 -24.87
C5 PCW Z . -69.70 73.20 -23.73
C6 PCW Z . -69.65 71.56 -22.12
C7 PCW Z . -70.32 73.36 -20.99
C8 PCW Z . -71.70 73.39 -22.69
C11 PCW Z . -70.27 65.67 -26.63
C12 PCW Z . -70.67 64.91 -25.35
C13 PCW Z . -69.46 64.10 -24.81
C14 PCW Z . -70.01 62.97 -23.88
C15 PCW Z . -68.88 61.99 -23.47
C16 PCW Z . -69.53 60.61 -23.10
C17 PCW Z . -68.80 59.99 -21.87
C18 PCW Z . -67.91 58.78 -22.30
C19 PCW Z . -67.31 58.18 -21.00
C20 PCW Z . -66.92 58.90 -19.93
C21 PCW Z . -66.33 59.08 -18.50
C22 PCW Z . -64.98 58.34 -18.34
C23 PCW Z . -64.19 58.98 -17.16
C24 PCW Z . -63.45 57.88 -16.35
C25 PCW Z . -62.28 57.32 -17.20
C26 PCW Z . -62.16 55.78 -17.04
C27 PCW Z . -62.02 55.42 -15.53
C28 PCW Z . -60.88 54.41 -15.36
C31 PCW Z . -67.85 69.04 -27.82
C32 PCW Z . -66.53 68.47 -28.41
C33 PCW Z . -65.85 67.47 -27.44
C34 PCW Z . -65.54 68.11 -26.06
C35 PCW Z . -64.62 67.15 -25.25
C36 PCW Z . -65.51 66.17 -24.44
C37 PCW Z . -64.62 65.32 -23.51
C38 PCW Z . -65.48 64.17 -22.90
C39 PCW Z . -64.54 63.15 -22.26
C40 PCW Z . -64.52 61.89 -22.69
C41 PCW Z . -63.58 60.86 -22.05
C42 PCW Z . -62.86 60.10 -23.18
C43 PCW Z . -62.81 58.58 -22.85
C44 PCW Z . -64.20 57.94 -23.12
C45 PCW Z . -64.06 56.42 -23.46
C46 PCW Z . -64.69 55.55 -22.35
C47 PCW Z . -63.67 55.32 -21.20
C48 PCW Z . -62.66 54.24 -21.63
N PCW Z . -70.33 72.86 -22.40
O2 PCW Z . -69.03 69.04 -28.63
O3 PCW Z . -71.13 66.69 -27.13
O11 PCW Z . -69.27 65.39 -27.20
O31 PCW Z . -67.88 69.50 -26.73
O1P PCW Z . -72.52 70.74 -25.85
O2P PCW Z . -72.97 72.61 -27.41
O3P PCW Z . -70.93 71.07 -27.87
O4P PCW Z . -70.94 72.80 -25.80
P PCW Z . -71.90 71.80 -26.73
C1 PCW AA . -76.87 60.99 24.99
C2 PCW AA . -76.44 61.60 23.65
C3 PCW AA . -75.32 62.61 23.93
C4 PCW AA . -79.45 60.74 28.20
C5 PCW AA . -79.36 61.05 29.74
C6 PCW AA . -81.29 62.28 29.83
C7 PCW AA . -79.74 63.84 29.58
C8 PCW AA . -78.93 62.63 31.25
C11 PCW AA . -72.94 62.16 24.04
C12 PCW AA . -71.73 61.48 24.71
C13 PCW AA . -70.53 62.47 24.78
C14 PCW AA . -69.19 61.69 24.62
C15 PCW AA . -68.93 61.34 23.12
C16 PCW AA . -69.20 59.84 22.84
C17 PCW AA . -68.02 59.19 22.05
C18 PCW AA . -68.31 59.22 20.52
C19 PCW AA . -69.38 58.17 20.15
C20 PCW AA . -69.16 56.88 19.84
C21 PCW AA . -69.61 55.45 19.40
C22 PCW AA . -68.58 54.37 19.83
C23 PCW AA . -67.11 54.80 19.50
C24 PCW AA . -66.44 53.79 18.53
C25 PCW AA . -64.88 53.90 18.64
C26 PCW AA . -64.43 55.37 18.89
C27 PCW AA . -62.93 55.59 18.57
C28 PCW AA . -62.09 54.30 18.77
C31 PCW AA . -76.73 59.50 22.58
C32 PCW AA . -76.05 58.16 22.23
C33 PCW AA . -77.00 57.26 21.40
C34 PCW AA . -76.27 55.93 21.11
C35 PCW AA . -75.24 56.13 19.98
C36 PCW AA . -74.75 54.73 19.50
C37 PCW AA . -74.01 54.07 20.69
C38 PCW AA . -73.15 52.84 20.30
C39 PCW AA . -72.44 53.03 18.95
C40 PCW AA . -72.32 52.00 18.14
C41 PCW AA . -71.59 52.18 16.80
C42 PCW AA . -70.27 51.37 16.78
C43 PCW AA . -69.17 52.24 16.12
C44 PCW AA . -67.85 51.43 16.01
C45 PCW AA . -66.92 52.09 14.94
C46 PCW AA . -65.45 51.67 15.19
C47 PCW AA . -64.76 51.35 13.83
C48 PCW AA . -64.72 49.82 13.58
N PCW AA . -79.83 62.44 30.08
O2 PCW AA . -75.92 60.64 22.79
O3 PCW AA . -74.25 61.89 24.53
O11 PCW AA . -72.77 62.89 23.12
O31 PCW AA . -77.90 59.57 22.67
O1P PCW AA . -80.69 61.49 25.55
O2P PCW AA . -78.96 63.23 25.27
O3P PCW AA . -78.26 60.76 25.00
O4P PCW AA . -78.92 61.81 27.43
P PCW AA . -79.23 61.84 25.79
ZN ZN BA . -39.44 1.75 -0.65
N1 CFF CA . -53.33 -10.36 13.41
C2 CFF CA . -52.92 -11.47 14.18
C10 CFF CA . -52.39 -9.22 13.39
C6 CFF CA . -54.51 -10.25 12.67
N3 CFF CA . -53.77 -12.54 14.22
O11 CFF CA . -51.86 -11.46 14.79
C12 CFF CA . -53.41 -13.72 15.01
C4 CFF CA . -54.96 -12.50 13.52
C5 CFF CA . -55.31 -11.41 12.77
N9 CFF CA . -55.88 -13.50 13.46
O13 CFF CA . -54.75 -9.23 12.03
N7 CFF CA . -56.54 -11.73 12.21
C8 CFF CA . -56.82 -12.99 12.66
C14 CFF CA . -57.34 -10.87 11.34
PG ATP DA . -56.31 2.19 -7.78
O1G ATP DA . -55.72 3.58 -7.71
O2G ATP DA . -57.09 1.84 -6.53
O3G ATP DA . -57.09 1.95 -9.04
PB ATP DA . -54.02 0.78 -8.95
O1B ATP DA . -53.85 -0.71 -8.93
O2B ATP DA . -54.41 1.45 -10.22
O3B ATP DA . -55.07 1.18 -7.80
PA ATP DA . -52.33 2.98 -8.04
O1A ATP DA . -52.79 3.29 -6.66
O2A ATP DA . -52.82 3.85 -9.16
O3A ATP DA . -52.69 1.46 -8.38
O5' ATP DA . -50.73 2.92 -8.09
C5' ATP DA . -50.00 3.14 -6.85
C4' ATP DA . -49.21 4.42 -6.97
O4' ATP DA . -48.54 4.68 -5.72
C3' ATP DA . -48.10 4.43 -8.03
O3' ATP DA . -47.95 5.72 -8.60
C2' ATP DA . -46.87 4.02 -7.23
O2' ATP DA . -45.65 4.42 -7.81
C1' ATP DA . -47.14 4.76 -5.92
N9 ATP DA . -46.46 4.20 -4.76
C8 ATP DA . -45.51 4.82 -4.00
N7 ATP DA . -45.07 4.05 -3.02
C5 ATP DA . -45.79 2.88 -3.15
C6 ATP DA . -45.78 1.67 -2.41
N6 ATP DA . -45.00 1.46 -1.36
N1 ATP DA . -46.63 0.69 -2.81
C2 ATP DA . -47.41 0.92 -3.87
N3 ATP DA . -47.50 2.00 -4.64
C4 ATP DA . -46.65 2.95 -4.22
CA CA EA . -41.12 -26.34 12.38
PG ATP FA . -35.05 -84.30 133.51
O1G ATP FA . -35.03 -84.27 132.02
O2G ATP FA . -35.53 -85.64 134.09
O3G ATP FA . -35.87 -83.16 134.14
PB ATP FA . -32.74 -84.44 135.41
O1B ATP FA . -31.42 -85.04 135.10
O2B ATP FA . -33.64 -85.26 136.34
O3B ATP FA . -33.58 -84.12 134.10
PA ATP FA . -31.59 -82.28 137.09
O1A ATP FA . -32.00 -80.88 137.34
O2A ATP FA . -31.52 -83.16 138.33
O3A ATP FA . -32.59 -82.99 136.06
O5' ATP FA . -30.21 -82.35 136.34
C5' ATP FA . -30.09 -82.05 134.94
C4' ATP FA . -29.88 -80.57 134.77
O4' ATP FA . -29.22 -80.39 133.50
C3' ATP FA . -31.21 -79.85 134.60
O3' ATP FA . -31.48 -79.23 135.85
C2' ATP FA . -30.84 -78.72 133.65
O2' ATP FA . -29.93 -77.89 134.37
C1' ATP FA . -29.94 -79.49 132.68
N9 ATP FA . -30.73 -80.31 131.77
C8 ATP FA . -30.84 -81.68 131.78
N7 ATP FA . -31.62 -82.15 130.83
C5 ATP FA . -32.04 -81.02 130.15
C6 ATP FA . -32.87 -80.84 129.03
N6 ATP FA . -33.47 -81.85 128.38
N1 ATP FA . -33.09 -79.58 128.60
C2 ATP FA . -32.50 -78.57 129.24
N3 ATP FA . -31.69 -78.61 130.31
C4 ATP FA . -31.49 -79.87 130.71
C1 PCW GA . -77.91 66.04 18.16
C2 PCW GA . -76.74 65.07 17.90
C3 PCW GA . -76.26 65.24 16.46
C4 PCW GA . -79.60 63.00 20.84
C5 PCW GA . -80.31 62.08 21.89
C6 PCW GA . -80.10 60.21 20.57
C7 PCW GA . -81.98 59.82 21.69
C8 PCW GA . -82.35 61.84 20.94
C11 PCW GA . -75.74 63.18 15.31
C12 PCW GA . -76.18 61.96 14.47
C13 PCW GA . -75.07 60.87 14.46
C14 PCW GA . -75.30 59.95 13.23
C15 PCW GA . -74.11 58.96 13.05
C16 PCW GA . -74.05 58.53 11.54
C17 PCW GA . -73.68 57.01 11.44
C18 PCW GA . -72.22 56.82 10.93
C19 PCW GA . -72.01 55.30 10.77
C20 PCW GA . -72.49 54.36 11.59
C21 PCW GA . -72.72 52.89 12.08
C22 PCW GA . -71.39 52.12 12.21
C23 PCW GA . -71.60 50.93 13.19
C24 PCW GA . -70.81 49.69 12.70
C25 PCW GA . -69.29 49.95 12.88
C26 PCW GA . -68.50 49.39 11.67
C27 PCW GA . -68.82 47.89 11.46
C28 PCW GA . -67.50 47.12 11.25
C31 PCW GA . -75.13 64.23 19.44
C32 PCW GA . -73.60 64.19 19.70
C33 PCW GA . -72.97 62.84 19.25
C34 PCW GA . -73.62 61.62 19.96
C35 PCW GA . -72.77 60.36 19.69
C36 PCW GA . -73.28 59.69 18.39
C37 PCW GA . -72.55 58.34 18.17
C38 PCW GA . -72.87 57.81 16.75
C39 PCW GA . -71.90 56.67 16.43
C40 PCW GA . -71.07 56.77 15.39
C41 PCW GA . -70.09 55.63 15.06
C42 PCW GA . -68.70 56.24 14.82
C43 PCW GA . -68.03 55.57 13.60
C44 PCW GA . -68.65 56.13 12.29
C45 PCW GA . -67.63 56.04 11.11
C46 PCW GA . -68.13 55.04 10.03
C47 PCW GA . -67.71 53.60 10.41
C48 PCW GA . -66.20 53.40 10.09
N PCW GA . -81.15 61.01 21.27
O2 PCW GA . -75.69 65.35 18.78
O3 PCW GA . -76.71 64.15 15.67
O11 PCW GA . -74.60 63.29 15.63
O31 PCW GA . -75.83 63.34 19.82
O1P PCW GA . -80.34 64.39 18.26
O2P PCW GA . -81.00 66.40 19.55
O3P PCW GA . -78.47 65.78 19.41
O4P PCW GA . -80.21 64.29 20.85
P PCW GA . -80.03 65.22 19.49
C1 PCW HA . -99.46 17.18 8.03
C2 PCW HA . -98.89 18.40 8.77
C3 PCW HA . -98.67 18.00 10.23
C4 PCW HA . -102.60 15.04 6.40
C5 PCW HA . -103.32 13.68 6.73
C6 PCW HA . -105.44 14.53 6.68
C7 PCW HA . -104.95 14.61 8.84
C8 PCW HA . -104.40 12.53 8.30
C11 PCW HA . -96.67 17.01 11.17
C12 PCW HA . -95.68 15.82 11.29
C13 PCW HA . -95.30 15.59 12.79
C14 PCW HA . -93.82 15.11 12.88
C15 PCW HA . -92.83 16.32 12.73
C16 PCW HA . -92.16 16.31 11.32
C17 PCW HA . -90.62 16.49 11.43
C18 PCW HA . -90.22 17.99 11.29
C19 PCW HA . -90.36 18.43 9.81
C20 PCW HA . -89.41 18.35 8.87
C21 PCW HA . -88.85 18.57 7.42
C22 PCW HA . -87.70 17.58 7.10
C23 PCW HA . -86.66 17.48 8.27
C24 PCW HA . -85.24 17.91 7.80
C25 PCW HA . -84.16 17.31 8.76
C26 PCW HA . -84.67 17.27 10.23
C27 PCW HA . -83.51 17.11 11.25
C28 PCW HA . -82.31 16.35 10.64
C31 PCW HA . -97.61 18.99 6.85
C32 PCW HA . -96.27 18.76 6.11
C33 PCW HA . -96.20 19.63 4.83
C34 PCW HA . -94.86 19.34 4.12
C35 PCW HA . -93.72 20.07 4.86
C36 PCW HA . -92.44 20.02 3.97
C37 PCW HA . -92.03 18.53 3.83
C38 PCW HA . -90.60 18.32 3.29
C39 PCW HA . -89.60 19.35 3.84
C40 PCW HA . -88.66 19.81 3.03
C41 PCW HA . -87.65 20.84 3.58
C42 PCW HA . -86.23 20.22 3.65
C43 PCW HA . -85.56 20.66 4.97
C44 PCW HA . -84.10 20.13 5.03
C45 PCW HA . -83.30 20.96 6.08
C46 PCW HA . -82.06 20.13 6.56
C47 PCW HA . -80.82 21.06 6.67
C48 PCW HA . -79.92 20.93 5.42
N PCW HA . -104.50 13.85 7.62
O2 PCW HA . -97.66 18.79 8.25
O3 PCW HA . -97.73 16.93 10.24
O11 PCW HA . -96.53 17.96 11.87
O31 PCW HA . -98.59 19.31 6.25
O1P PCW HA . -102.84 18.06 6.33
O2P PCW HA . -102.29 18.15 8.73
O3P PCW HA . -100.40 17.58 7.06
O4P PCW HA . -102.42 15.82 7.59
P PCW HA . -102.01 17.43 7.43
ZN ZN IA . -30.60 14.25 -20.56
N1 CFF JA . -40.75 3.22 -38.23
C2 CFF JA . -40.21 2.13 -38.92
C10 CFF JA . -40.62 3.20 -36.77
C6 CFF JA . -41.42 4.33 -38.80
N3 CFF JA . -40.32 2.13 -40.29
O11 CFF JA . -39.66 1.23 -38.32
C12 CFF JA . -39.77 1.02 -41.06
C4 CFF JA . -40.95 3.18 -40.92
C5 CFF JA . -41.48 4.23 -40.21
N9 CFF JA . -41.14 3.30 -42.25
O13 CFF JA . -41.86 5.23 -38.10
N7 CFF JA . -42.03 5.07 -41.16
C8 CFF JA . -41.79 4.47 -42.36
C14 CFF JA . -42.71 6.34 -40.91
PG ATP KA . -40.75 26.50 -29.65
O1G ATP KA . -41.02 26.58 -28.17
O2G ATP KA . -41.66 25.55 -30.37
O3G ATP KA . -40.70 27.85 -30.30
PB ATP KA . -37.80 26.47 -29.57
O1B ATP KA . -36.93 26.05 -30.70
O2B ATP KA . -37.92 27.92 -29.23
O3B ATP KA . -39.27 25.88 -29.80
PA ATP KA . -38.00 25.60 -26.77
O1A ATP KA . -39.07 24.56 -26.76
O2A ATP KA . -38.35 26.98 -26.34
O3A ATP KA . -37.37 25.67 -28.25
O5' ATP KA . -36.74 25.08 -25.93
C5' ATP KA . -36.80 23.77 -25.33
C4' ATP KA . -36.80 23.92 -23.84
O4' ATP KA . -36.92 22.59 -23.23
C3' ATP KA . -35.52 24.51 -23.21
O3' ATP KA . -35.83 25.28 -22.07
C2' ATP KA . -34.71 23.27 -22.87
O2' ATP KA . -33.75 23.49 -21.85
C1' ATP KA . -35.82 22.34 -22.39
N9 ATP KA . -35.50 20.92 -22.46
C8 ATP KA . -35.38 20.05 -21.42
N7 ATP KA . -35.07 18.84 -21.80
C5 ATP KA . -34.97 18.91 -23.19
C6 ATP KA . -34.67 17.96 -24.17
N6 ATP KA . -34.39 16.69 -23.90
N1 ATP KA . -34.64 18.38 -25.45
C2 ATP KA . -34.93 19.66 -25.71
N3 ATP KA . -35.22 20.65 -24.87
C4 ATP KA . -35.23 20.19 -23.60
CA CA LA . -22.98 -3.65 -44.71
PG ATP MA . -38.43 -129.81 -88.44
O1G ATP MA . -37.82 -128.45 -88.41
O2G ATP MA . -38.36 -130.49 -89.81
O3G ATP MA . -39.88 -129.84 -87.94
PB ATP MA . -37.37 -132.35 -87.24
O1B ATP MA . -35.94 -132.64 -87.02
O2B ATP MA . -38.01 -133.09 -88.42
O3B ATP MA . -37.64 -130.80 -87.45
PA ATP MA . -38.28 -133.76 -84.80
O1A ATP MA . -39.40 -133.53 -83.87
O2A ATP MA . -38.28 -135.13 -85.48
O3A ATP MA . -38.24 -132.66 -85.95
O5' ATP MA . -36.88 -133.57 -84.10
C5' ATP MA . -36.37 -132.25 -83.79
C4' ATP MA . -36.90 -131.82 -82.45
O4' ATP MA . -35.97 -130.84 -81.94
C3' ATP MA . -38.20 -131.05 -82.59
O3' ATP MA . -39.23 -131.96 -82.22
C2' ATP MA . -38.10 -130.05 -81.45
O2' ATP MA . -38.13 -130.80 -80.25
C1' ATP MA . -36.64 -129.64 -81.60
N9 ATP MA . -36.45 -128.73 -82.72
C8 ATP MA . -35.85 -129.02 -83.92
N7 ATP MA . -35.81 -128.01 -84.76
C5 ATP MA . -36.43 -126.98 -84.05
C6 ATP MA . -36.70 -125.64 -84.39
N6 ATP MA . -36.38 -125.09 -85.56
N1 ATP MA . -37.32 -124.88 -83.46
C2 ATP MA . -37.65 -125.43 -82.29
N3 ATP MA . -37.44 -126.68 -81.87
C4 ATP MA . -36.82 -127.41 -82.81
C1 PCW NA . -100.00 24.95 11.58
C2 PCW NA . -98.53 24.55 11.42
C3 PCW NA . -97.65 25.75 11.83
C4 PCW NA . -100.85 22.34 8.14
C5 PCW NA . -101.36 21.41 6.99
C6 PCW NA . -99.72 22.11 5.54
C7 PCW NA . -101.40 21.62 4.19
C8 PCW NA . -102.40 22.90 5.65
C11 PCW NA . -95.75 26.15 10.39
C12 PCW NA . -95.13 26.78 9.13
C13 PCW NA . -93.74 26.16 8.83
C14 PCW NA . -92.94 27.16 7.93
C15 PCW NA . -91.46 26.69 7.77
C16 PCW NA . -90.58 27.94 7.43
C17 PCW NA . -89.50 27.56 6.37
C18 PCW NA . -88.09 27.50 7.03
C19 PCW NA . -87.08 27.21 5.90
C20 PCW NA . -87.31 26.40 4.84
C21 PCW NA . -86.95 25.69 3.50
C22 PCW NA . -85.59 24.94 3.60
C23 PCW NA . -85.55 23.84 2.50
C24 PCW NA . -84.12 23.74 1.90
C25 PCW NA . -83.17 23.12 2.97
C26 PCW NA . -81.79 23.83 2.95
C27 PCW NA . -81.19 23.79 1.51
C28 PCW NA . -79.72 23.36 1.60
C31 PCW NA . -97.51 22.41 11.64
C32 PCW NA . -96.43 21.66 12.46
C33 PCW NA . -95.09 21.54 11.69
C34 PCW NA . -95.26 20.82 10.32
C35 PCW NA . -93.85 20.50 9.74
C36 PCW NA . -93.37 21.70 8.89
C37 PCW NA . -92.05 21.34 8.17
C38 PCW NA . -91.44 22.62 7.54
C39 PCW NA . -90.00 22.32 7.13
C40 PCW NA . -89.00 23.02 7.67
C41 PCW NA . -87.55 22.73 7.26
C42 PCW NA . -86.70 22.62 8.55
C43 PCW NA . -85.34 23.36 8.35
C44 PCW NA . -85.57 24.90 8.46
C45 PCW NA . -84.27 25.61 8.94
C46 PCW NA . -83.70 26.53 7.81
C47 PCW NA . -82.81 25.69 6.86
C48 PCW NA . -81.43 25.46 7.53
N PCW NA . -101.21 22.01 5.62
O2 PCW NA . -98.23 23.47 12.26
O3 PCW NA . -97.13 26.37 10.67
O11 PCW NA . -95.08 25.51 11.12
O31 PCW NA . -97.74 22.11 10.52
O1P PCW NA . -101.07 25.27 8.86
O2P PCW NA . -103.11 24.78 10.18
O3P PCW NA . -100.82 23.92 11.06
O4P PCW NA . -101.97 22.84 8.87
P PCW NA . -101.77 24.25 9.73
C1 PCW OA . -87.56 29.99 -41.03
C2 PCW OA . -88.06 29.41 -39.70
C3 PCW OA . -88.27 27.91 -39.90
C4 PCW OA . -88.21 32.03 -44.57
C5 PCW OA . -88.20 31.65 -46.09
C6 PCW OA . -90.23 32.61 -46.57
C7 PCW OA . -90.76 30.50 -46.22
C8 PCW OA . -89.08 30.32 -47.64
C11 PCW OA . -86.64 26.14 -39.61
C12 PCW OA . -85.34 25.43 -40.03
C13 PCW OA . -85.55 23.89 -40.00
C14 PCW OA . -84.21 23.20 -39.58
C15 PCW OA . -84.02 23.29 -38.04
C16 PCW OA . -82.93 24.35 -37.67
C17 PCW OA . -81.88 23.77 -36.66
C18 PCW OA . -82.28 24.10 -35.20
C19 PCW OA . -82.02 25.60 -34.92
C20 PCW OA . -80.87 26.15 -34.46
C21 PCW OA . -79.96 27.32 -33.98
C22 PCW OA . -78.45 26.99 -34.17
C23 PCW OA . -78.10 25.56 -33.66
C24 PCW OA . -77.04 25.62 -32.52
C25 PCW OA . -76.30 24.24 -32.41
C26 PCW OA . -77.27 23.05 -32.71
C27 PCW OA . -76.72 21.69 -32.18
C28 PCW OA . -75.18 21.67 -32.15
C31 PCW OA . -86.59 30.87 -38.52
C32 PCW OA . -85.16 31.05 -37.97
C33 PCW OA . -85.04 32.40 -37.21
C34 PCW OA . -83.57 32.53 -36.71
C35 PCW OA . -83.37 31.64 -35.46
C36 PCW OA . -82.01 32.01 -34.80
C37 PCW OA . -80.90 31.65 -35.80
C38 PCW OA . -79.48 31.62 -35.19
C39 PCW OA . -79.46 31.02 -33.77
C40 PCW OA . -78.65 31.54 -32.87
C41 PCW OA . -78.63 30.95 -31.45
C42 PCW OA . -77.27 30.27 -31.18
C43 PCW OA . -77.52 28.94 -30.42
C44 PCW OA . -76.17 28.27 -30.05
C45 PCW OA . -76.39 27.24 -28.92
C46 PCW OA . -75.24 26.19 -28.90
C47 PCW OA . -74.82 25.90 -27.44
C48 PCW OA . -73.54 26.71 -27.06
N PCW OA . -89.56 31.29 -46.62
O2 PCW OA . -87.11 29.57 -38.70
O3 PCW OA . -87.03 27.34 -40.26
O11 PCW OA . -87.30 25.68 -38.73
O31 PCW OA . -87.25 31.82 -38.79
O1P PCW OA . -89.89 32.88 -42.19
O2P PCW OA . -90.49 30.53 -41.81
O3P PCW OA . -88.09 31.29 -41.23
O4P PCW OA . -88.95 31.07 -43.82
P PCW OA . -89.40 31.46 -42.26
C1 PCW PA . -65.00 73.78 -24.12
C2 PCW PA . -65.62 72.59 -24.87
C3 PCW PA . -64.95 72.49 -26.25
C4 PCW PA . -65.08 77.70 -22.81
C5 PCW PA . -64.26 79.00 -23.13
C6 PCW PA . -66.09 80.33 -23.46
C7 PCW PA . -65.58 79.70 -25.53
C8 PCW PA . -63.63 80.40 -24.74
C11 PCW PA . -62.93 71.27 -26.80
C12 PCW PA . -61.41 71.06 -26.67
C13 PCW PA . -60.80 70.74 -28.06
C14 PCW PA . -59.61 69.75 -27.90
C15 PCW PA . -60.13 68.28 -27.70
C16 PCW PA . -59.99 67.83 -26.21
C17 PCW PA . -59.31 66.43 -26.10
C18 PCW PA . -60.39 65.31 -26.03
C19 PCW PA . -61.05 65.31 -24.63
C20 PCW PA . -60.64 64.64 -23.55
C21 PCW PA . -60.74 64.17 -22.06
C22 PCW PA . -59.35 63.76 -21.49
C23 PCW PA . -58.56 62.84 -22.48
C24 PCW PA . -58.25 61.45 -21.84
C25 PCW PA . -57.05 60.79 -22.58
C26 PCW PA . -57.06 61.12 -24.10
C27 PCW PA . -56.17 60.13 -24.92
C28 PCW PA . -55.00 59.58 -24.08
C31 PCW PA . -65.73 71.35 -22.83
C32 PCW PA . -64.96 70.41 -21.89
C33 PCW PA . -65.84 70.00 -20.69
C34 PCW PA . -65.01 69.08 -19.77
C35 PCW PA . -64.91 67.67 -20.38
C36 PCW PA . -64.34 66.69 -19.32
C37 PCW PA . -62.90 67.16 -19.00
C38 PCW PA . -62.06 66.11 -18.23
C39 PCW PA . -62.32 64.68 -18.70
C40 PCW PA . -62.34 63.70 -17.81
C41 PCW PA . -62.60 62.26 -18.28
C42 PCW PA . -61.33 61.39 -18.09
C43 PCW PA . -61.16 60.48 -19.33
C44 PCW PA . -59.94 59.54 -19.13
C45 PCW PA . -60.06 58.33 -20.11
C46 PCW PA . -58.65 57.68 -20.34
C47 PCW PA . -58.78 56.14 -20.33
C48 PCW PA . -58.38 55.56 -18.95
N PCW PA . -64.89 79.84 -24.20
O2 PCW PA . -65.39 71.39 -24.21
O3 PCW PA . -63.57 72.28 -26.02
O11 PCW PA . -63.56 70.59 -27.53
O31 PCW PA . -66.60 72.05 -22.42
O1P PCW PA . -67.76 76.29 -23.02
O2P PCW PA . -67.19 75.59 -25.32
O3P PCW PA . -65.97 74.43 -23.35
O4P PCW PA . -65.47 77.03 -24.02
P PCW PA . -66.63 75.84 -23.94
ZN ZN QA . -22.09 32.34 -5.34
N1 CFF RA . -17.02 49.31 -20.29
C2 CFF RA . -15.78 49.50 -20.89
C10 CFF RA . -17.51 47.92 -20.21
C6 CFF RA . -17.85 50.31 -19.74
N3 CFF RA . -15.30 50.79 -20.96
O11 CFF RA . -15.14 48.55 -21.34
C12 CFF RA . -14.00 51.04 -21.59
C4 CFF RA . -16.05 51.81 -20.46
C5 CFF RA . -17.27 51.60 -19.87
N9 CFF RA . -15.71 53.13 -20.46
O13 CFF RA . -18.93 50.02 -19.23
N7 CFF RA . -17.72 52.85 -19.48
C8 CFF RA . -16.75 53.72 -19.86
C14 CFF RA . -18.99 53.13 -18.80
PG ATP SA . -32.29 46.89 -0.88
O1G ATP SA . -33.14 45.65 -0.96
O2G ATP SA . -32.21 47.63 -2.19
O3G ATP SA . -32.68 47.78 0.27
PB ATP SA . -30.07 45.81 0.73
O1B ATP SA . -28.73 46.45 0.87
O2B ATP SA . -31.03 45.87 1.88
O3B ATP SA . -30.79 46.38 -0.58
PA ATP SA . -30.92 43.14 -0.07
O1A ATP SA . -31.21 43.23 -1.54
O2A ATP SA . -32.07 43.18 0.87
O3A ATP SA . -29.87 44.28 0.33
O5' ATP SA . -30.04 41.82 0.21
C5' ATP SA . -29.67 40.98 -0.91
C4' ATP SA . -30.35 39.65 -0.78
O4' ATP SA . -30.03 38.85 -1.95
C3' ATP SA . -29.94 38.80 0.43
O3' ATP SA . -31.03 38.03 0.91
C2' ATP SA . -28.84 37.92 -0.16
O2' ATP SA . -28.63 36.72 0.57
C1' ATP SA . -29.40 37.64 -1.54
N9 ATP SA . -28.41 37.27 -2.54
C8 ATP SA . -28.31 36.08 -3.19
N7 ATP SA . -27.30 36.03 -4.03
C5 ATP SA . -26.70 37.28 -3.92
C6 ATP SA . -25.58 37.86 -4.54
N6 ATP SA . -24.84 37.23 -5.44
N1 ATP SA . -25.25 39.12 -4.19
C2 ATP SA . -26.01 39.76 -3.29
N3 ATP SA . -27.08 39.31 -2.63
C4 ATP SA . -27.38 38.06 -3.00
CA CA TA . 2.61 47.67 -16.14
PG ATP UA . 72.53 63.44 -129.85
O1G ATP UA . 72.28 63.53 -128.38
O2G ATP UA . 73.49 64.50 -130.38
O3G ATP UA . 71.24 63.45 -130.69
PB ATP UA . 74.13 61.40 -131.37
O1B ATP UA . 75.27 60.66 -130.81
O2B ATP UA . 74.49 62.52 -132.35
O3B ATP UA . 73.23 62.05 -130.23
PA ATP UA . 73.16 59.15 -133.02
O1A ATP UA . 71.80 58.72 -133.44
O2A ATP UA . 74.12 59.44 -134.17
O3A ATP UA . 73.08 60.44 -132.10
O5' ATP UA . 73.83 58.08 -132.08
C5' ATP UA . 73.43 57.93 -130.71
C4' ATP UA . 72.27 56.99 -130.63
O4' ATP UA . 72.27 56.44 -129.29
C3' ATP UA . 70.94 57.74 -130.72
O3' ATP UA . 70.47 57.52 -132.05
C2' ATP UA . 70.05 56.89 -129.82
O2' ATP UA . 69.92 55.63 -130.46
C1' ATP UA . 71.01 56.64 -128.67
N9 ATP UA . 71.16 57.81 -127.81
C8 ATP UA . 72.24 58.64 -127.73
N7 ATP UA . 72.10 59.62 -126.88
C5 ATP UA . 70.83 59.42 -126.36
C6 ATP UA . 70.08 60.12 -125.41
N6 ATP UA . 70.52 61.22 -124.76
N1 ATP UA . 68.84 59.67 -125.11
C2 ATP UA . 68.40 58.57 -125.74
N3 ATP UA . 69.02 57.83 -126.66
C4 ATP UA . 70.24 58.31 -126.92
C1 PCW VA . -93.36 28.74 -34.87
C2 PCW VA . -91.97 28.30 -34.36
C3 PCW VA . -92.08 27.92 -32.89
C4 PCW VA . -91.29 31.56 -37.52
C5 PCW VA . -90.73 32.58 -38.59
C6 PCW VA . -89.24 33.50 -37.09
C7 PCW VA . -89.73 35.19 -38.45
C8 PCW VA . -91.73 34.48 -37.94
C11 PCW VA . -90.26 28.69 -31.51
C12 PCW VA . -89.58 29.78 -30.65
C13 PCW VA . -88.09 29.43 -30.38
C14 PCW VA . -87.62 30.22 -29.13
C15 PCW VA . -86.20 29.75 -28.68
C16 PCW VA . -86.02 30.07 -27.16
C17 PCW VA . -84.58 30.58 -26.88
C18 PCW VA . -83.73 29.49 -26.15
C19 PCW VA . -82.37 30.14 -25.83
C20 PCW VA . -81.71 30.98 -26.64
C21 PCW VA . -80.52 31.91 -27.04
C22 PCW VA . -79.15 31.20 -26.90
C23 PCW VA . -78.11 31.93 -27.80
C24 PCW VA . -76.73 31.97 -27.09
C25 PCW VA . -76.13 30.54 -27.07
C26 PCW VA . -75.43 30.27 -25.71
C27 PCW VA . -74.37 31.36 -25.42
C28 PCW VA . -73.07 30.68 -24.96
C31 PCW VA . -90.22 27.26 -35.58
C32 PCW VA . -89.34 25.98 -35.59
C33 PCW VA . -87.95 26.21 -34.95
C34 PCW VA . -87.15 27.34 -35.65
C35 PCW VA . -85.68 27.33 -35.14
C36 PCW VA . -85.58 28.22 -33.89
C37 PCW VA . -84.10 28.35 -33.45
C38 PCW VA . -84.02 29.02 -32.06
C39 PCW VA . -82.61 28.84 -31.50
C40 PCW VA . -82.43 28.19 -30.37
C41 PCW VA . -81.00 28.00 -29.80
C42 PCW VA . -80.83 26.51 -29.40
C43 PCW VA . -80.09 26.41 -28.05
C44 PCW VA . -81.09 26.74 -26.89
C45 PCW VA . -80.66 26.04 -25.57
C46 PCW VA . -80.24 27.08 -24.50
C47 PCW VA . -78.74 27.46 -24.70
C48 PCW VA . -77.85 26.33 -24.12
N PCW VA . -90.36 33.91 -38.01
O2 PCW VA . -91.54 27.19 -35.10
O3 PCW VA . -91.53 28.95 -32.09
O11 PCW VA . -89.71 27.64 -31.66
O31 PCW VA . -89.78 28.29 -35.97
O1P PCW VA . -93.23 31.66 -35.21
O2P PCW VA . -95.06 31.03 -36.74
O3P PCW VA . -93.25 29.24 -36.17
O4P PCW VA . -92.68 31.38 -37.73
P PCW VA . -93.59 30.86 -36.43
CA CA WA . 18.32 1.78 -103.71
CA CA XA . 7.75 -3.44 -102.95
CA CA YA . -9.87 9.68 -127.98
CA CA ZA . -11.08 0.30 -121.62
CA CA AB . 39.80 122.40 1.63
CA CA BB . 41.02 114.82 -6.79
CA CA CB . 55.32 88.96 10.94
CA CA DB . 49.62 90.59 0.72
CA CA EB . -7.41 -7.83 104.79
CA CA FB . -8.40 3.78 102.89
CA CA GB . -32.32 13.65 123.86
CA CA HB . -24.13 19.16 118.17
#